data_4V96
#
_entry.id   4V96
#
_cell.length_a   163.530
_cell.length_b   287.360
_cell.length_c   323.140
_cell.angle_alpha   90.00
_cell.angle_beta   101.73
_cell.angle_gamma   90.00
#
_symmetry.space_group_name_H-M   'P 1 21 1'
#
loop_
_entity.id
_entity.type
_entity.pdbx_description
1 polymer ORF48
2 polymer ORF46
3 polymer BPP
#
loop_
_entity_poly.entity_id
_entity_poly.type
_entity_poly.pdbx_seq_one_letter_code
_entity_poly.pdbx_strand_id
1 'polypeptide(L)'
;MTEHFITLSTTEPNNNIGIVKLRHADVNSQAIVAQIVENGQPKNFEGLQPFFCLMAQEATGQGVSEESVVSFDAKNGTLK
YVASDNALQFVGRNEAYFSFRKQEGGRWIEQFSTRTFHYIVEKSIYSQPFKDSNYWWTFKELYRIFNKYIEDGKKSWEQF
VEANREILESIDPGGVLLAKVIDIEKIVNEKVPAGFKFVLEHDSEYQPEVKVTSYKNAIGTETDGFDSGPVFGGGTIYNV
PVSLSYDRQKVYVEMPKSYTLAGDIILIDDGTLLVIKETQVLCFKMSDAKITKGYVFVA
;
AA,AB,AC,AD,AE,AF,AG,AH,AI,AJ,AK,AL,AM,AN,AO,AP,AQ,AR
2 'polypeptide(L)'
;GYKFRDTTKQKHYRNLPFIPTSAMSYDGAWLEELIEGYQTLAVEGREMYSLSFETQDMQVGGVITNVKYPPRELTIKYKL
EDRDPRVLQEKFDTLKAFLIRQEDVPIIFNDDLEYTFYGRFKTADNVAGDTNSIISSFTVLCSDPFKHGKIQSVKNKVIE
VLPYPVKPDKLSFKLLTEGLLATDGNYRLKSSQAKKGDFLEFDFQTGDTFLNGKVNNNLLDLDSDFKNIRLTTGTDFSSS
NYELTIQYRKAVL
;
AS,AT,AU,AV,AW,AX
3 'polypeptide(L)'
;MASIKKVYRGMKNGAETINDDLEAINSELTSGGNVVHKTGDETIAGKKTFTGNVEVNGSLTLPTKSWSGELGGGIILSLR
KKGTTVEYSIGGEISSSILANSNLVNRSVPNEFCPRNRCSLVGHMVGGWNAFHIDIPSSGVCQWFGPTASSGTPRGTGTY
PIDSAWSHPQFEK
;
BA,BB,BC,BD,BE,BF,BG,BH,BI,BJ,BK,BL,BM,BN,BO,BP,BQ,BR,BS,BT,BU,BV,BW,BX,BY,BZ,Ba,Bb,Bc,Bd,Be,Bf,Bg,Bh,Bi,Bj,Bk,Bl,Bm,Bn,Bo,Bp,Bq,Br,Bs,Bt,Bu,Bv,Bw,Bx,By,Bz,B1,B2
#
# COMPACT_ATOMS: atom_id res chain seq x y z
N MET A 1 40.15 -57.97 -11.33
CA MET A 1 38.85 -58.42 -10.79
C MET A 1 38.02 -57.27 -10.24
N THR A 2 36.67 -57.39 -10.32
CA THR A 2 35.77 -56.33 -9.83
C THR A 2 35.46 -56.43 -8.35
N GLU A 3 35.35 -55.27 -7.70
CA GLU A 3 35.08 -55.19 -6.27
C GLU A 3 33.84 -54.38 -6.01
N HIS A 4 33.11 -54.72 -4.96
CA HIS A 4 31.87 -54.05 -4.57
C HIS A 4 31.98 -53.67 -3.10
N PHE A 5 32.26 -52.41 -2.82
CA PHE A 5 32.47 -51.94 -1.45
C PHE A 5 31.16 -51.60 -0.74
N ILE A 6 30.92 -52.21 0.43
CA ILE A 6 29.75 -51.94 1.26
C ILE A 6 30.15 -51.97 2.73
N THR A 7 29.47 -51.18 3.56
CA THR A 7 29.67 -51.18 5.02
C THR A 7 28.44 -51.90 5.61
N LEU A 8 28.66 -52.94 6.42
CA LEU A 8 27.56 -53.73 6.98
C LEU A 8 27.54 -53.64 8.51
N SER A 9 26.35 -53.41 9.10
CA SER A 9 26.23 -53.26 10.53
C SER A 9 25.74 -54.49 11.24
N THR A 10 26.16 -54.67 12.49
CA THR A 10 25.62 -55.77 13.30
C THR A 10 24.38 -55.28 14.10
N THR A 11 24.23 -53.97 14.24
CA THR A 11 23.18 -53.40 15.07
C THR A 11 22.01 -52.79 14.29
N GLU A 12 22.32 -51.95 13.31
CA GLU A 12 21.41 -51.25 12.39
C GLU A 12 21.08 -52.08 11.14
N PRO A 13 19.92 -51.82 10.50
CA PRO A 13 19.54 -52.55 9.28
C PRO A 13 20.38 -52.17 8.09
N ASN A 14 20.64 -53.11 7.18
CA ASN A 14 21.51 -52.83 6.03
C ASN A 14 20.83 -52.45 4.72
N ASN A 15 19.83 -51.60 4.82
CA ASN A 15 19.01 -51.18 3.69
C ASN A 15 19.56 -50.04 2.87
N ASN A 16 20.34 -49.18 3.54
CA ASN A 16 20.93 -48.02 2.90
C ASN A 16 22.19 -48.26 2.07
N ILE A 17 22.67 -49.52 2.01
CA ILE A 17 23.83 -49.90 1.19
C ILE A 17 23.44 -49.77 -0.29
N GLY A 18 24.44 -49.55 -1.14
CA GLY A 18 24.18 -49.40 -2.57
C GLY A 18 23.66 -50.69 -3.20
N ILE A 19 23.30 -50.63 -4.47
CA ILE A 19 22.85 -51.81 -5.17
C ILE A 19 24.07 -52.71 -5.54
N VAL A 20 24.12 -53.94 -4.99
CA VAL A 20 25.19 -54.88 -5.37
C VAL A 20 24.65 -55.68 -6.56
N LYS A 21 25.37 -55.67 -7.66
CA LYS A 21 24.86 -56.38 -8.83
C LYS A 21 25.88 -57.32 -9.33
N LEU A 22 25.57 -58.61 -9.30
CA LEU A 22 26.52 -59.61 -9.78
C LEU A 22 26.07 -60.24 -11.09
N ARG A 23 26.97 -60.87 -11.80
CA ARG A 23 26.64 -61.53 -13.06
C ARG A 23 26.66 -62.99 -12.80
N HIS A 24 25.69 -63.72 -13.34
CA HIS A 24 25.58 -65.14 -13.10
C HIS A 24 26.81 -66.00 -13.36
N ALA A 25 27.42 -65.85 -14.50
CA ALA A 25 28.56 -66.71 -14.73
C ALA A 25 29.83 -65.89 -14.66
N ASP A 26 30.35 -65.69 -13.44
CA ASP A 26 31.53 -64.84 -13.25
C ASP A 26 32.74 -65.48 -12.56
N VAL A 27 32.60 -66.77 -12.24
CA VAL A 27 33.64 -67.56 -11.57
C VAL A 27 34.15 -66.88 -10.28
N ASN A 28 35.46 -66.60 -10.20
CA ASN A 28 36.05 -65.97 -9.02
C ASN A 28 36.51 -64.53 -9.17
N SER A 29 35.78 -63.77 -9.95
CA SER A 29 36.14 -62.39 -10.18
C SER A 29 35.51 -61.33 -9.31
N GLN A 30 34.18 -61.42 -9.15
CA GLN A 30 33.40 -60.44 -8.40
C GLN A 30 33.51 -60.62 -6.90
N ALA A 31 34.12 -59.64 -6.23
CA ALA A 31 34.30 -59.71 -4.78
C ALA A 31 33.57 -58.64 -4.05
N ILE A 32 32.94 -59.01 -2.94
CA ILE A 32 32.21 -58.09 -2.06
C ILE A 32 33.19 -57.68 -0.94
N VAL A 33 33.61 -56.40 -0.92
CA VAL A 33 34.51 -55.84 0.09
C VAL A 33 33.65 -55.21 1.15
N ALA A 34 33.66 -55.77 2.35
CA ALA A 34 32.82 -55.22 3.41
C ALA A 34 33.53 -54.78 4.66
N GLN A 35 33.04 -53.66 5.16
CA GLN A 35 33.46 -53.03 6.39
C GLN A 35 32.40 -53.32 7.46
N ILE A 36 32.78 -54.12 8.44
CA ILE A 36 31.90 -54.48 9.53
C ILE A 36 31.93 -53.36 10.55
N VAL A 37 30.72 -52.96 10.96
CA VAL A 37 30.49 -51.86 11.87
C VAL A 37 29.58 -52.35 13.00
N GLU A 38 29.88 -51.96 14.25
CA GLU A 38 29.02 -52.26 15.39
C GLU A 38 28.74 -50.94 16.06
N ASN A 39 27.48 -50.51 16.10
CA ASN A 39 27.11 -49.24 16.74
C ASN A 39 27.92 -48.04 16.23
N GLY A 40 28.17 -48.01 14.91
CA GLY A 40 28.88 -46.92 14.24
C GLY A 40 30.38 -47.05 14.13
N GLN A 41 30.99 -47.82 15.05
CA GLN A 41 32.43 -48.04 15.08
C GLN A 41 32.84 -49.36 14.44
N PRO A 42 34.06 -49.47 13.85
CA PRO A 42 34.46 -50.74 13.20
C PRO A 42 34.45 -51.90 14.15
N LYS A 43 34.15 -53.09 13.66
CA LYS A 43 34.12 -54.24 14.56
C LYS A 43 35.36 -55.12 14.53
N ASN A 44 36.12 -55.21 15.65
CA ASN A 44 37.28 -56.13 15.70
C ASN A 44 36.76 -57.53 15.79
N PHE A 45 37.15 -58.41 14.89
CA PHE A 45 36.73 -59.81 15.00
C PHE A 45 37.96 -60.70 15.08
N GLU A 46 38.99 -60.22 15.82
CA GLU A 46 40.22 -60.99 15.97
C GLU A 46 39.90 -62.30 16.64
N GLY A 47 40.46 -63.39 16.12
CA GLY A 47 40.20 -64.72 16.66
C GLY A 47 38.92 -65.36 16.15
N LEU A 48 38.23 -64.66 15.27
CA LEU A 48 37.02 -65.19 14.67
C LEU A 48 37.20 -65.30 13.17
N GLN A 49 36.59 -66.32 12.59
CA GLN A 49 36.65 -66.57 11.16
C GLN A 49 35.30 -66.17 10.55
N PRO A 50 35.33 -65.30 9.52
CA PRO A 50 34.07 -64.87 8.89
C PRO A 50 33.56 -65.89 7.91
N PHE A 51 32.25 -65.97 7.82
CA PHE A 51 31.57 -66.89 6.93
C PHE A 51 30.51 -66.18 6.13
N PHE A 52 30.43 -66.48 4.84
CA PHE A 52 29.39 -65.94 4.00
C PHE A 52 28.18 -66.87 4.08
N CYS A 53 27.03 -66.34 4.51
CA CYS A 53 25.84 -67.15 4.65
C CYS A 53 24.75 -66.68 3.74
N LEU A 54 24.49 -67.45 2.70
CA LEU A 54 23.44 -67.15 1.76
C LEU A 54 22.21 -67.94 2.20
N MET A 55 21.09 -67.28 2.24
CA MET A 55 19.85 -67.89 2.68
C MET A 55 19.06 -68.44 1.57
N ALA A 56 18.45 -69.57 1.84
CA ALA A 56 17.71 -70.24 0.80
C ALA A 56 16.37 -69.63 0.61
N GLN A 57 15.83 -69.85 -0.56
CA GLN A 57 14.50 -69.35 -0.86
C GLN A 57 13.49 -70.11 -0.05
N GLU A 58 12.51 -69.38 0.45
CA GLU A 58 11.46 -69.93 1.28
C GLU A 58 10.54 -70.91 0.54
N ALA A 59 10.39 -70.72 -0.78
CA ALA A 59 9.51 -71.55 -1.58
C ALA A 59 9.97 -73.01 -1.70
N THR A 60 11.19 -73.21 -2.19
CA THR A 60 11.75 -74.53 -2.43
C THR A 60 12.61 -75.05 -1.31
N GLY A 61 13.21 -74.14 -0.57
CA GLY A 61 14.09 -74.51 0.53
C GLY A 61 15.44 -74.95 0.03
N GLN A 62 15.88 -74.38 -1.11
CA GLN A 62 17.17 -74.67 -1.75
C GLN A 62 17.96 -73.40 -1.95
N GLY A 63 19.27 -73.51 -1.81
CA GLY A 63 20.17 -72.39 -1.96
C GLY A 63 20.85 -71.94 -0.69
N VAL A 64 20.86 -72.78 0.38
CA VAL A 64 21.60 -72.36 1.58
C VAL A 64 23.06 -72.57 1.35
N SER A 65 23.89 -71.56 1.58
CA SER A 65 25.31 -71.75 1.34
C SER A 65 26.09 -71.12 2.48
N GLU A 66 26.91 -71.91 3.20
CA GLU A 66 27.82 -71.41 4.24
C GLU A 66 29.22 -71.56 3.66
N GLU A 67 29.94 -70.45 3.48
CA GLU A 67 31.28 -70.52 2.90
C GLU A 67 32.24 -69.67 3.66
N SER A 68 33.38 -70.25 4.03
CA SER A 68 34.43 -69.54 4.76
C SER A 68 35.05 -68.48 3.86
N VAL A 69 35.21 -67.26 4.38
CA VAL A 69 35.78 -66.13 3.65
C VAL A 69 37.30 -66.26 3.68
N VAL A 70 37.94 -66.15 2.53
CA VAL A 70 39.40 -66.29 2.43
C VAL A 70 40.22 -65.11 3.02
N SER A 71 39.93 -63.85 2.60
CA SER A 71 40.68 -62.65 3.00
C SER A 71 40.00 -61.72 3.96
N PHE A 72 40.67 -61.41 5.07
CA PHE A 72 40.09 -60.47 6.02
C PHE A 72 41.10 -59.76 6.87
N ASP A 73 40.76 -58.55 7.27
CA ASP A 73 41.57 -57.78 8.19
C ASP A 73 40.69 -57.66 9.39
N ALA A 74 40.89 -58.58 10.34
CA ALA A 74 40.05 -58.65 11.53
C ALA A 74 40.19 -57.43 12.41
N LYS A 75 41.40 -56.87 12.45
CA LYS A 75 41.73 -55.68 13.22
C LYS A 75 40.97 -54.47 12.70
N ASN A 76 41.01 -54.25 11.41
CA ASN A 76 40.36 -53.09 10.83
C ASN A 76 38.88 -53.33 10.50
N GLY A 77 38.38 -54.53 10.83
CA GLY A 77 36.99 -54.98 10.61
C GLY A 77 36.50 -55.08 9.18
N THR A 78 37.40 -55.49 8.28
CA THR A 78 37.09 -55.60 6.86
C THR A 78 37.24 -57.01 6.36
N LEU A 79 36.56 -57.30 5.28
CA LEU A 79 36.65 -58.60 4.65
C LEU A 79 36.45 -58.48 3.13
N LYS A 80 36.95 -59.47 2.41
CA LYS A 80 36.78 -59.62 0.98
C LYS A 80 36.30 -61.05 0.68
N TYR A 81 35.09 -61.13 0.15
CA TYR A 81 34.46 -62.38 -0.22
C TYR A 81 34.36 -62.46 -1.75
N VAL A 82 34.86 -63.56 -2.34
CA VAL A 82 34.71 -63.71 -3.79
C VAL A 82 33.45 -64.51 -4.08
N ALA A 83 32.50 -63.92 -4.81
CA ALA A 83 31.26 -64.63 -5.08
C ALA A 83 31.57 -66.03 -5.62
N SER A 84 30.88 -67.01 -5.07
CA SER A 84 31.02 -68.41 -5.44
C SER A 84 30.00 -68.71 -6.47
N ASP A 85 30.09 -69.87 -7.08
CA ASP A 85 29.08 -70.33 -8.02
C ASP A 85 27.76 -70.45 -7.29
N ASN A 86 27.81 -70.85 -5.99
CA ASN A 86 26.63 -70.99 -5.15
C ASN A 86 25.97 -69.66 -4.88
N ALA A 87 26.76 -68.62 -4.60
CA ALA A 87 26.23 -67.27 -4.40
C ALA A 87 25.58 -66.72 -5.67
N LEU A 88 26.01 -67.20 -6.82
CA LEU A 88 25.48 -66.67 -8.04
C LEU A 88 24.35 -67.49 -8.67
N GLN A 89 24.00 -68.65 -8.06
CA GLN A 89 23.01 -69.59 -8.56
C GLN A 89 21.65 -68.99 -8.88
N PHE A 90 21.04 -68.29 -7.91
CA PHE A 90 19.73 -67.76 -8.20
C PHE A 90 19.76 -66.42 -8.90
N VAL A 91 19.24 -66.40 -10.11
CA VAL A 91 19.18 -65.18 -10.88
C VAL A 91 17.98 -64.39 -10.38
N GLY A 92 18.28 -63.28 -9.74
CA GLY A 92 17.29 -62.41 -9.14
C GLY A 92 17.74 -61.88 -7.80
N ARG A 93 16.77 -61.53 -6.97
CA ARG A 93 17.09 -60.98 -5.67
C ARG A 93 17.52 -62.02 -4.68
N ASN A 94 18.68 -61.80 -4.08
CA ASN A 94 19.24 -62.68 -3.06
C ASN A 94 19.38 -62.00 -1.66
N GLU A 95 19.30 -62.79 -0.59
CA GLU A 95 19.37 -62.34 0.82
C GLU A 95 20.54 -63.05 1.49
N ALA A 96 21.52 -62.31 2.04
CA ALA A 96 22.66 -62.94 2.70
C ALA A 96 23.14 -62.20 3.93
N TYR A 97 24.05 -62.83 4.69
CA TYR A 97 24.68 -62.24 5.86
C TYR A 97 26.06 -62.82 6.17
N PHE A 98 26.83 -62.13 7.00
CA PHE A 98 28.14 -62.60 7.45
C PHE A 98 28.11 -62.99 8.91
N SER A 99 28.62 -64.18 9.17
CA SER A 99 28.68 -64.74 10.49
C SER A 99 30.12 -65.01 10.88
N PHE A 100 30.45 -64.70 12.11
CA PHE A 100 31.81 -64.80 12.61
C PHE A 100 31.88 -65.91 13.62
N ARG A 101 32.78 -66.87 13.43
CA ARG A 101 32.75 -68.03 14.30
C ARG A 101 34.04 -68.42 14.97
N LYS A 102 33.91 -69.06 16.17
CA LYS A 102 35.00 -69.60 16.96
C LYS A 102 34.64 -71.00 17.41
N GLN A 103 35.40 -71.97 16.93
CA GLN A 103 35.18 -73.39 17.16
C GLN A 103 36.38 -74.12 17.65
N GLU A 104 36.19 -74.75 18.80
CA GLU A 104 37.15 -75.61 19.46
C GLU A 104 36.80 -77.04 19.12
N GLY A 105 37.18 -77.41 17.91
CA GLY A 105 36.94 -78.73 17.38
C GLY A 105 35.59 -78.85 16.72
N GLY A 106 34.72 -79.58 17.39
CA GLY A 106 33.41 -79.86 16.86
C GLY A 106 32.33 -79.10 17.57
N ARG A 107 32.70 -77.98 18.21
CA ARG A 107 31.70 -77.19 18.93
C ARG A 107 32.00 -75.72 18.94
N TRP A 108 30.98 -74.89 18.74
CA TRP A 108 31.15 -73.45 18.73
C TRP A 108 31.30 -72.90 20.14
N ILE A 109 32.15 -71.88 20.29
CA ILE A 109 32.44 -71.18 21.54
C ILE A 109 31.63 -69.89 21.59
N GLU A 110 31.82 -69.04 20.57
CA GLU A 110 31.12 -67.77 20.41
C GLU A 110 30.91 -67.47 18.93
N GLN A 111 29.75 -66.93 18.63
CA GLN A 111 29.31 -66.50 17.32
C GLN A 111 28.49 -65.22 17.41
N PHE A 112 28.84 -64.25 16.55
CA PHE A 112 28.11 -63.03 16.31
C PHE A 112 27.99 -62.90 14.80
N SER A 113 27.19 -61.97 14.31
CA SER A 113 26.94 -61.87 12.87
C SER A 113 26.37 -60.52 12.45
N THR A 114 26.40 -60.18 11.13
CA THR A 114 25.81 -58.96 10.59
C THR A 114 24.32 -59.15 10.43
N ARG A 115 23.66 -58.09 10.02
CA ARG A 115 22.27 -58.06 9.71
C ARG A 115 22.21 -58.41 8.25
N THR A 116 21.10 -58.97 7.87
CA THR A 116 21.04 -59.35 6.48
C THR A 116 21.18 -58.14 5.57
N PHE A 117 21.48 -58.42 4.34
CA PHE A 117 21.54 -57.46 3.26
C PHE A 117 21.12 -58.22 2.02
N HIS A 118 20.73 -57.48 0.98
CA HIS A 118 20.32 -58.05 -0.30
C HIS A 118 21.29 -57.71 -1.40
N TYR A 119 21.33 -58.58 -2.42
CA TYR A 119 22.11 -58.41 -3.62
C TYR A 119 21.38 -58.95 -4.84
N ILE A 120 21.80 -58.54 -6.04
CA ILE A 120 21.11 -59.00 -7.23
C ILE A 120 22.04 -59.71 -8.19
N VAL A 121 21.60 -60.86 -8.68
CA VAL A 121 22.35 -61.55 -9.73
C VAL A 121 21.61 -61.34 -11.00
N GLU A 122 22.38 -60.85 -11.94
CA GLU A 122 21.95 -60.62 -13.30
C GLU A 122 22.30 -61.88 -14.05
N LYS A 123 21.45 -62.14 -15.06
CA LYS A 123 21.46 -63.24 -16.00
C LYS A 123 22.59 -63.15 -16.98
N SER A 124 23.23 -64.28 -17.24
CA SER A 124 24.36 -64.37 -18.14
C SER A 124 23.96 -65.23 -19.33
N ILE A 125 24.83 -65.30 -20.38
CA ILE A 125 24.61 -66.18 -21.54
C ILE A 125 24.62 -67.65 -21.13
N TYR A 126 25.42 -67.96 -20.07
CA TYR A 126 25.58 -69.26 -19.43
C TYR A 126 24.57 -69.43 -18.30
N SER A 127 24.15 -70.67 -18.05
CA SER A 127 23.16 -71.06 -17.04
C SER A 127 23.67 -72.30 -16.35
N GLN A 128 24.20 -72.13 -15.16
CA GLN A 128 24.80 -73.25 -14.44
C GLN A 128 23.81 -74.26 -13.90
N PRO A 129 23.97 -75.56 -14.24
CA PRO A 129 23.06 -76.58 -13.71
C PRO A 129 23.49 -77.02 -12.32
N PHE A 130 22.54 -76.99 -11.39
CA PHE A 130 22.82 -77.33 -10.02
C PHE A 130 22.17 -78.63 -9.61
N LYS A 131 22.96 -79.52 -9.03
CA LYS A 131 22.50 -80.81 -8.54
C LYS A 131 21.76 -80.59 -7.22
N ASP A 132 20.69 -81.34 -6.97
CA ASP A 132 19.95 -81.24 -5.71
C ASP A 132 20.82 -81.78 -4.57
N SER A 133 20.80 -81.07 -3.43
CA SER A 133 21.59 -81.35 -2.25
C SER A 133 21.37 -82.76 -1.70
N ASN A 134 22.49 -83.48 -1.38
CA ASN A 134 22.49 -84.85 -0.87
C ASN A 134 23.59 -85.13 0.16
N TYR A 135 23.79 -84.19 1.10
CA TYR A 135 24.79 -84.32 2.16
C TYR A 135 24.52 -85.53 3.04
N TRP A 136 23.24 -85.81 3.33
CA TRP A 136 22.80 -86.92 4.15
C TRP A 136 23.07 -88.25 3.47
N TRP A 137 22.74 -88.36 2.18
CA TRP A 137 22.94 -89.59 1.43
C TRP A 137 24.40 -89.96 1.31
N THR A 138 25.26 -88.97 0.99
CA THR A 138 26.71 -89.17 0.81
C THR A 138 27.33 -89.63 2.10
N PHE A 139 26.82 -89.07 3.21
CA PHE A 139 27.26 -89.43 4.55
C PHE A 139 26.80 -90.82 4.91
N LYS A 140 25.51 -91.13 4.75
CA LYS A 140 25.00 -92.44 5.11
C LYS A 140 25.57 -93.58 4.27
N GLU A 141 25.98 -93.26 3.03
CA GLU A 141 26.58 -94.25 2.15
C GLU A 141 28.03 -94.50 2.51
N LEU A 142 28.77 -93.43 2.87
CA LEU A 142 30.18 -93.57 3.29
C LEU A 142 30.26 -94.37 4.57
N TYR A 143 29.26 -94.18 5.44
CA TYR A 143 29.14 -94.90 6.71
C TYR A 143 28.78 -96.36 6.45
N ARG A 144 27.92 -96.62 5.46
CA ARG A 144 27.53 -97.97 5.08
C ARG A 144 28.72 -98.73 4.47
N ILE A 145 29.45 -98.08 3.55
CA ILE A 145 30.62 -98.65 2.86
C ILE A 145 31.73 -98.97 3.87
N PHE A 146 31.90 -98.09 4.85
CA PHE A 146 32.89 -98.31 5.89
C PHE A 146 32.47 -99.48 6.80
N ASN A 147 31.18 -99.58 7.11
CA ASN A 147 30.63 -100.67 7.93
C ASN A 147 30.63 -102.00 7.18
N LYS A 148 30.65 -101.94 5.84
CA LYS A 148 30.73 -103.11 4.96
C LYS A 148 32.18 -103.62 4.98
N TYR A 149 33.17 -102.68 5.10
CA TYR A 149 34.61 -103.00 5.19
C TYR A 149 34.91 -103.71 6.50
N ILE A 150 34.20 -103.34 7.57
CA ILE A 150 34.31 -103.98 8.89
C ILE A 150 33.84 -105.44 8.79
N GLU A 151 32.64 -105.67 8.25
CA GLU A 151 32.01 -106.99 8.11
C GLU A 151 32.84 -107.92 7.21
N ASP A 152 33.22 -107.42 6.04
CA ASP A 152 33.98 -108.18 5.05
C ASP A 152 35.45 -108.36 5.45
N GLY A 153 36.02 -107.33 6.09
CA GLY A 153 37.40 -107.35 6.57
C GLY A 153 37.63 -108.33 7.72
N LYS A 154 36.59 -108.53 8.57
CA LYS A 154 36.56 -109.45 9.73
C LYS A 154 36.58 -110.89 9.24
N LYS A 155 35.68 -111.17 8.28
CA LYS A 155 35.50 -112.46 7.63
C LYS A 155 36.75 -112.85 6.84
N SER A 156 37.43 -111.88 6.20
CA SER A 156 38.64 -112.14 5.43
C SER A 156 39.83 -112.42 6.33
N TRP A 157 39.89 -111.73 7.48
CA TRP A 157 40.96 -111.90 8.47
C TRP A 157 40.83 -113.23 9.20
N GLU A 158 39.61 -113.58 9.68
CA GLU A 158 39.37 -114.82 10.42
C GLU A 158 39.64 -116.08 9.61
N GLN A 159 39.40 -116.00 8.30
CA GLN A 159 39.68 -117.06 7.35
C GLN A 159 41.19 -117.18 7.11
N PHE A 160 41.90 -116.03 7.14
CA PHE A 160 43.36 -115.97 6.94
C PHE A 160 44.09 -116.63 8.10
N VAL A 161 43.69 -116.33 9.34
CA VAL A 161 44.28 -116.88 10.55
C VAL A 161 44.04 -118.41 10.62
N GLU A 162 42.78 -118.84 10.45
CA GLU A 162 42.39 -120.26 10.50
C GLU A 162 43.07 -121.14 9.44
N ALA A 163 43.33 -120.57 8.24
CA ALA A 163 44.03 -121.26 7.16
C ALA A 163 45.52 -121.40 7.49
N ASN A 164 46.05 -120.43 8.25
CA ASN A 164 47.44 -120.44 8.65
C ASN A 164 47.65 -120.94 10.08
N ARG A 165 46.60 -121.53 10.70
CA ARG A 165 46.62 -122.02 12.07
C ARG A 165 47.69 -123.08 12.30
N GLU A 166 47.83 -123.95 11.30
CA GLU A 166 48.77 -125.06 11.24
C GLU A 166 50.20 -124.58 11.25
N ILE A 167 50.46 -123.42 10.64
CA ILE A 167 51.80 -122.85 10.58
C ILE A 167 52.08 -121.88 11.76
N LEU A 168 51.02 -121.47 12.47
CA LEU A 168 51.11 -120.60 13.65
C LEU A 168 51.28 -121.41 14.94
N GLU A 169 50.93 -122.69 14.87
CA GLU A 169 51.08 -123.57 16.02
C GLU A 169 52.52 -124.05 16.12
N SER A 170 53.17 -124.24 14.97
CA SER A 170 54.54 -124.75 14.83
C SER A 170 55.59 -123.65 14.65
N ILE A 171 55.21 -122.40 14.90
CA ILE A 171 56.14 -121.27 14.76
C ILE A 171 57.18 -121.19 15.88
N ASP A 172 56.74 -121.28 17.16
CA ASP A 172 57.64 -121.22 18.29
C ASP A 172 57.42 -122.36 19.28
N PRO A 173 58.43 -123.26 19.42
CA PRO A 173 58.28 -124.35 20.39
C PRO A 173 58.54 -123.86 21.81
N GLY A 174 57.61 -124.19 22.71
CA GLY A 174 57.68 -123.84 24.12
C GLY A 174 57.45 -122.37 24.39
N GLY A 175 58.42 -121.54 24.02
CA GLY A 175 58.35 -120.09 24.19
C GLY A 175 59.69 -119.45 24.37
N VAL A 176 60.66 -119.83 23.53
CA VAL A 176 62.01 -119.29 23.61
C VAL A 176 62.05 -117.85 23.07
N LEU A 177 61.44 -117.64 21.87
CA LEU A 177 61.38 -116.33 21.22
C LEU A 177 60.40 -115.40 21.90
N LEU A 178 59.28 -115.95 22.40
CA LEU A 178 58.25 -115.18 23.09
C LEU A 178 58.77 -114.53 24.37
N ALA A 179 59.58 -115.28 25.14
CA ALA A 179 60.17 -114.84 26.42
C ALA A 179 61.05 -113.64 26.13
N LYS A 180 61.89 -113.75 25.07
CA LYS A 180 62.78 -112.71 24.62
C LYS A 180 62.09 -111.42 24.26
N VAL A 181 61.16 -111.50 23.29
CA VAL A 181 60.43 -110.34 22.77
C VAL A 181 59.65 -109.62 23.85
N ILE A 182 59.23 -110.35 24.91
CA ILE A 182 58.52 -109.76 26.04
C ILE A 182 59.46 -108.87 26.88
N ASP A 183 60.79 -109.17 26.86
CA ASP A 183 61.85 -108.38 27.51
C ASP A 183 62.17 -107.16 26.64
N ILE A 184 62.06 -107.29 25.30
CA ILE A 184 62.23 -106.20 24.35
C ILE A 184 60.98 -105.30 24.45
N GLU A 185 59.78 -105.90 24.54
CA GLU A 185 58.48 -105.21 24.69
C GLU A 185 58.48 -104.29 25.92
N LYS A 186 58.87 -104.80 27.10
CA LYS A 186 58.91 -103.94 28.29
C LYS A 186 59.91 -102.77 28.17
N ILE A 187 60.99 -102.96 27.41
CA ILE A 187 61.99 -101.92 27.24
C ILE A 187 61.59 -100.90 26.19
N VAL A 188 60.76 -101.34 25.25
CA VAL A 188 60.22 -100.46 24.21
C VAL A 188 59.08 -99.60 24.80
N ASN A 189 58.37 -100.16 25.78
CA ASN A 189 57.30 -99.48 26.48
C ASN A 189 57.86 -98.49 27.47
N GLU A 190 59.17 -98.48 27.68
CA GLU A 190 59.69 -97.56 28.68
C GLU A 190 60.72 -96.61 28.17
N LYS A 191 61.63 -97.11 27.33
CA LYS A 191 62.79 -96.36 26.86
C LYS A 191 62.68 -95.70 25.47
N VAL A 192 61.68 -96.09 24.64
CA VAL A 192 61.50 -95.52 23.31
C VAL A 192 60.14 -94.76 23.29
N PRO A 193 60.05 -93.57 22.59
CA PRO A 193 58.79 -92.83 22.53
C PRO A 193 57.87 -93.45 21.48
N ALA A 194 56.87 -94.20 21.93
CA ALA A 194 56.01 -94.85 20.97
C ALA A 194 54.52 -94.69 21.23
N GLY A 195 54.11 -95.12 22.42
CA GLY A 195 52.70 -95.09 22.81
C GLY A 195 51.89 -93.84 23.06
N PHE A 196 52.36 -93.04 24.02
CA PHE A 196 51.76 -91.81 24.54
C PHE A 196 52.04 -90.57 23.68
N LYS A 197 50.96 -90.03 23.11
CA LYS A 197 50.97 -88.88 22.20
C LYS A 197 50.18 -87.71 22.83
N PHE A 198 50.88 -86.60 23.15
CA PHE A 198 50.29 -85.38 23.74
C PHE A 198 50.49 -84.18 22.81
N VAL A 199 49.50 -83.29 22.74
CA VAL A 199 49.57 -82.14 21.83
C VAL A 199 49.71 -80.85 22.63
N LEU A 200 50.70 -80.00 22.27
CA LEU A 200 50.85 -78.70 22.92
C LEU A 200 50.62 -77.63 21.87
N GLU A 201 49.57 -76.83 22.06
CA GLU A 201 49.30 -75.70 21.19
C GLU A 201 50.16 -74.57 21.72
N HIS A 202 50.70 -73.73 20.82
CA HIS A 202 51.57 -72.65 21.25
C HIS A 202 51.44 -71.37 20.44
N ASP A 203 52.20 -70.34 20.81
CA ASP A 203 52.18 -69.00 20.22
C ASP A 203 53.29 -68.74 19.19
N SER A 204 54.24 -69.67 19.04
CA SER A 204 55.37 -69.52 18.10
C SER A 204 54.99 -69.94 16.72
N GLU A 205 55.62 -69.31 15.75
CA GLU A 205 55.41 -69.66 14.35
C GLU A 205 56.42 -70.74 13.93
N TYR A 206 57.36 -71.02 14.83
CA TYR A 206 58.46 -71.95 14.63
C TYR A 206 58.27 -73.32 15.31
N GLN A 207 59.40 -74.01 15.63
CA GLN A 207 59.32 -75.33 16.24
C GLN A 207 60.00 -75.31 17.60
N PRO A 208 59.30 -74.92 18.68
CA PRO A 208 59.94 -74.85 19.99
C PRO A 208 60.31 -76.17 20.60
N GLU A 209 61.47 -76.22 21.28
CA GLU A 209 61.97 -77.43 21.92
C GLU A 209 61.13 -77.73 23.15
N VAL A 210 60.81 -79.00 23.30
CA VAL A 210 60.06 -79.48 24.44
C VAL A 210 60.92 -80.50 25.21
N LYS A 211 60.87 -80.39 26.54
CA LYS A 211 61.54 -81.30 27.46
C LYS A 211 60.52 -81.81 28.48
N VAL A 212 60.40 -83.15 28.61
CA VAL A 212 59.42 -83.79 29.48
C VAL A 212 60.10 -84.55 30.62
N THR A 213 59.56 -84.41 31.85
CA THR A 213 60.03 -85.09 33.05
C THR A 213 58.87 -85.73 33.82
N SER A 214 59.14 -86.89 34.45
CA SER A 214 58.17 -87.65 35.24
C SER A 214 58.63 -87.83 36.66
N TYR A 215 57.76 -87.50 37.62
CA TYR A 215 58.06 -87.61 39.05
C TYR A 215 56.80 -87.79 39.89
N LYS A 216 56.96 -88.46 41.03
CA LYS A 216 55.89 -88.77 41.97
C LYS A 216 56.11 -88.01 43.28
N ASN A 217 55.02 -87.71 44.02
CA ASN A 217 55.01 -87.05 45.34
C ASN A 217 55.67 -85.66 45.42
N ALA A 218 55.44 -84.83 44.39
CA ALA A 218 55.92 -83.45 44.38
C ALA A 218 55.04 -82.67 45.33
N ILE A 219 55.45 -81.48 45.75
CA ILE A 219 54.71 -80.66 46.69
C ILE A 219 53.23 -80.49 46.34
N GLY A 220 52.37 -80.87 47.28
CA GLY A 220 50.92 -80.78 47.15
C GLY A 220 50.23 -81.85 46.34
N THR A 221 50.96 -82.94 46.04
CA THR A 221 50.41 -84.05 45.27
C THR A 221 50.24 -85.30 46.11
N GLU A 222 50.94 -85.35 47.25
CA GLU A 222 50.93 -86.42 48.25
C GLU A 222 49.48 -86.77 48.65
N THR A 223 49.18 -88.06 48.86
CA THR A 223 47.83 -88.55 49.22
C THR A 223 47.31 -88.01 50.55
N ASP A 224 48.14 -88.08 51.61
CA ASP A 224 47.77 -87.64 52.96
C ASP A 224 48.20 -86.18 53.31
N GLY A 225 48.25 -85.32 52.30
CA GLY A 225 48.59 -83.91 52.45
C GLY A 225 50.07 -83.59 52.36
N PHE A 226 50.42 -82.31 52.57
CA PHE A 226 51.79 -81.78 52.52
C PHE A 226 52.77 -82.52 53.44
N ASP A 227 53.95 -82.93 52.90
CA ASP A 227 55.03 -83.64 53.61
C ASP A 227 54.58 -84.98 54.26
N SER A 228 53.64 -85.69 53.61
CA SER A 228 53.16 -86.99 54.10
C SER A 228 53.79 -88.18 53.37
N GLY A 229 54.38 -87.91 52.21
CA GLY A 229 55.05 -88.91 51.39
C GLY A 229 56.39 -89.38 51.93
N PRO A 230 56.96 -90.45 51.33
CA PRO A 230 58.25 -90.98 51.82
C PRO A 230 59.45 -90.09 51.53
N VAL A 231 59.44 -89.40 50.36
CA VAL A 231 60.54 -88.50 49.97
C VAL A 231 60.00 -87.09 49.81
N PHE A 232 60.36 -86.19 50.75
CA PHE A 232 59.95 -84.81 50.74
C PHE A 232 60.51 -84.06 49.55
N GLY A 233 59.64 -83.35 48.84
CA GLY A 233 60.04 -82.57 47.67
C GLY A 233 59.80 -83.24 46.35
N GLY A 234 59.68 -84.57 46.39
CA GLY A 234 59.45 -85.41 45.21
C GLY A 234 60.39 -86.59 45.15
N GLY A 235 59.95 -87.64 44.49
CA GLY A 235 60.73 -88.87 44.33
C GLY A 235 61.80 -88.78 43.26
N THR A 236 61.99 -89.89 42.53
CA THR A 236 62.96 -89.95 41.46
C THR A 236 62.39 -89.22 40.26
N ILE A 237 63.22 -88.34 39.66
CA ILE A 237 62.87 -87.57 38.46
C ILE A 237 63.40 -88.31 37.26
N TYR A 238 62.50 -88.67 36.35
CA TYR A 238 62.87 -89.41 35.14
C TYR A 238 62.74 -88.50 33.93
N ASN A 239 63.83 -88.36 33.16
CA ASN A 239 63.76 -87.62 31.92
C ASN A 239 63.03 -88.55 30.94
N VAL A 240 61.93 -88.05 30.39
CA VAL A 240 61.09 -88.79 29.47
C VAL A 240 61.64 -88.63 28.06
N PRO A 241 61.96 -89.75 27.38
CA PRO A 241 62.41 -89.66 25.98
C PRO A 241 61.24 -89.25 25.10
N VAL A 242 61.46 -88.27 24.22
CA VAL A 242 60.38 -87.76 23.40
C VAL A 242 60.73 -87.81 21.92
N SER A 243 59.70 -87.88 21.10
CA SER A 243 59.81 -87.82 19.65
C SER A 243 58.96 -86.62 19.26
N LEU A 244 59.60 -85.55 18.76
CA LEU A 244 58.87 -84.32 18.45
C LEU A 244 58.51 -84.19 17.01
N SER A 245 57.32 -83.64 16.76
CA SER A 245 56.68 -83.49 15.47
C SER A 245 55.98 -82.14 15.48
N TYR A 246 56.08 -81.35 14.41
CA TYR A 246 55.48 -80.01 14.40
C TYR A 246 54.57 -79.63 13.23
N ASP A 247 53.46 -78.95 13.56
CA ASP A 247 52.51 -78.31 12.65
C ASP A 247 52.46 -76.83 13.09
N ARG A 248 51.76 -75.95 12.36
CA ARG A 248 51.67 -74.53 12.73
C ARG A 248 51.03 -74.38 14.11
N GLN A 249 51.80 -73.86 15.09
CA GLN A 249 51.36 -73.64 16.48
C GLN A 249 50.88 -74.90 17.25
N LYS A 250 51.43 -76.07 16.89
CA LYS A 250 51.12 -77.37 17.46
C LYS A 250 52.38 -78.23 17.47
N VAL A 251 52.72 -78.79 18.64
CA VAL A 251 53.83 -79.74 18.85
C VAL A 251 53.16 -81.04 19.22
N TYR A 252 53.58 -82.11 18.57
CA TYR A 252 53.10 -83.43 18.89
C TYR A 252 54.25 -84.08 19.64
N VAL A 253 54.00 -84.39 20.91
CA VAL A 253 54.98 -84.98 21.80
C VAL A 253 54.67 -86.46 21.95
N GLU A 254 55.54 -87.35 21.39
CA GLU A 254 55.42 -88.78 21.52
C GLU A 254 56.37 -89.31 22.57
N MET A 255 55.82 -90.05 23.56
CA MET A 255 56.53 -90.59 24.72
C MET A 255 56.31 -92.11 24.79
N PRO A 256 57.17 -92.91 25.51
CA PRO A 256 56.87 -94.35 25.64
C PRO A 256 55.56 -94.59 26.35
N LYS A 257 54.92 -95.72 26.05
CA LYS A 257 53.64 -96.20 26.60
C LYS A 257 53.57 -96.06 28.13
N SER A 258 54.66 -96.38 28.84
CA SER A 258 54.73 -96.37 30.32
C SER A 258 54.40 -95.04 30.95
N TYR A 259 54.67 -93.96 30.22
CA TYR A 259 54.43 -92.61 30.73
C TYR A 259 53.00 -92.12 30.46
N THR A 260 52.11 -93.00 29.92
CA THR A 260 50.70 -92.65 29.67
C THR A 260 50.04 -92.25 30.98
N LEU A 261 49.54 -91.00 31.02
CA LEU A 261 48.95 -90.44 32.22
C LEU A 261 47.82 -89.51 31.85
N ALA A 262 46.60 -89.94 32.14
CA ALA A 262 45.44 -89.12 31.87
C ALA A 262 44.89 -88.55 33.16
N GLY A 263 45.25 -87.29 33.45
CA GLY A 263 44.81 -86.62 34.67
C GLY A 263 44.36 -85.20 34.43
N ASP A 264 44.61 -84.32 35.41
CA ASP A 264 44.26 -82.90 35.31
C ASP A 264 45.37 -82.13 34.62
N ILE A 265 45.02 -81.40 33.55
CA ILE A 265 45.97 -80.61 32.76
C ILE A 265 46.03 -79.20 33.31
N ILE A 266 47.16 -78.86 33.94
CA ILE A 266 47.39 -77.56 34.55
C ILE A 266 48.33 -76.71 33.71
N LEU A 267 47.87 -75.54 33.31
CA LEU A 267 48.67 -74.63 32.52
C LEU A 267 49.20 -73.55 33.40
N ILE A 268 50.52 -73.38 33.37
CA ILE A 268 51.20 -72.33 34.13
C ILE A 268 51.25 -71.22 33.08
N ASP A 269 51.29 -69.93 33.53
CA ASP A 269 51.23 -68.71 32.72
C ASP A 269 52.58 -68.36 32.02
N ASP A 270 53.33 -69.42 31.63
CA ASP A 270 54.60 -69.35 30.93
C ASP A 270 54.75 -70.58 30.04
N GLY A 271 55.98 -70.92 29.70
CA GLY A 271 56.30 -72.09 28.89
C GLY A 271 56.32 -73.41 29.66
N THR A 272 55.30 -73.66 30.53
CA THR A 272 55.15 -74.92 31.29
C THR A 272 53.73 -75.44 31.45
N LEU A 273 53.55 -76.75 31.25
CA LEU A 273 52.27 -77.42 31.41
C LEU A 273 52.51 -78.70 32.22
N LEU A 274 51.64 -78.95 33.18
CA LEU A 274 51.69 -80.16 34.02
C LEU A 274 50.45 -81.01 33.79
N VAL A 275 50.62 -82.33 33.97
CA VAL A 275 49.55 -83.32 33.95
C VAL A 275 49.67 -84.00 35.29
N ILE A 276 48.69 -83.78 36.17
CA ILE A 276 48.70 -84.37 37.52
C ILE A 276 47.55 -85.37 37.70
N LYS A 277 47.90 -86.60 38.06
CA LYS A 277 46.95 -87.67 38.36
C LYS A 277 47.36 -88.22 39.72
N GLU A 278 46.68 -87.73 40.78
CA GLU A 278 46.92 -88.05 42.19
C GLU A 278 48.38 -87.63 42.49
N THR A 279 49.28 -88.60 42.78
CA THR A 279 50.68 -88.38 43.11
C THR A 279 51.64 -88.24 41.92
N GLN A 280 51.23 -88.78 40.78
CA GLN A 280 52.05 -88.80 39.58
C GLN A 280 51.90 -87.50 38.78
N VAL A 281 53.05 -86.91 38.41
CA VAL A 281 53.14 -85.65 37.64
C VAL A 281 53.99 -85.87 36.38
N LEU A 282 53.49 -85.35 35.25
CA LEU A 282 54.16 -85.34 33.95
C LEU A 282 54.34 -83.87 33.62
N CYS A 283 55.61 -83.42 33.54
CA CYS A 283 55.94 -82.00 33.35
C CYS A 283 56.50 -81.69 31.96
N PHE A 284 55.89 -80.71 31.23
CA PHE A 284 56.28 -80.27 29.89
C PHE A 284 56.85 -78.85 29.95
N LYS A 285 58.10 -78.67 29.55
CA LYS A 285 58.77 -77.38 29.55
C LYS A 285 59.09 -76.94 28.11
N MET A 286 58.57 -75.77 27.68
CA MET A 286 58.81 -75.22 26.34
C MET A 286 59.82 -74.08 26.33
N SER A 287 60.83 -74.23 25.49
CA SER A 287 61.80 -73.16 25.27
C SER A 287 61.29 -72.23 24.17
N ASP A 288 61.43 -70.93 24.38
CA ASP A 288 61.09 -69.90 23.39
C ASP A 288 59.64 -69.79 22.86
N ALA A 289 58.67 -70.27 23.62
CA ALA A 289 57.26 -70.05 23.31
C ALA A 289 56.42 -70.41 24.55
N LYS A 290 55.12 -70.06 24.51
CA LYS A 290 54.22 -70.28 25.62
C LYS A 290 53.20 -71.30 25.17
N ILE A 291 52.98 -72.33 26.00
CA ILE A 291 51.99 -73.36 25.75
C ILE A 291 50.65 -72.65 25.95
N THR A 292 49.72 -72.76 24.99
CA THR A 292 48.44 -72.08 25.11
C THR A 292 47.31 -73.05 25.45
N LYS A 293 47.52 -74.33 25.13
CA LYS A 293 46.56 -75.40 25.36
C LYS A 293 47.32 -76.71 25.27
N GLY A 294 46.89 -77.68 26.05
CA GLY A 294 47.49 -79.00 26.06
C GLY A 294 46.42 -80.06 26.18
N TYR A 295 46.55 -81.14 25.42
CA TYR A 295 45.58 -82.23 25.41
C TYR A 295 46.15 -83.49 24.82
N VAL A 296 45.59 -84.64 25.21
CA VAL A 296 45.99 -85.94 24.69
C VAL A 296 45.50 -86.07 23.25
N PHE A 297 46.37 -86.54 22.35
CA PHE A 297 46.03 -86.70 20.94
C PHE A 297 44.93 -87.72 20.69
N VAL A 298 43.95 -87.32 19.89
CA VAL A 298 42.83 -88.15 19.48
C VAL A 298 42.63 -88.10 17.99
N ALA A 299 42.48 -89.26 17.37
CA ALA A 299 42.28 -89.34 15.93
C ALA A 299 40.92 -89.95 15.59
N MET B 1 22.12 -91.55 -27.49
CA MET B 1 22.05 -90.64 -28.63
C MET B 1 20.76 -89.80 -28.59
N THR B 2 20.82 -88.57 -29.12
CA THR B 2 19.61 -87.74 -29.16
C THR B 2 19.14 -87.54 -30.59
N GLU B 3 17.82 -87.40 -30.76
CA GLU B 3 17.20 -87.18 -32.06
C GLU B 3 16.28 -85.98 -32.02
N HIS B 4 16.20 -85.26 -33.14
CA HIS B 4 15.36 -84.06 -33.23
C HIS B 4 14.44 -84.13 -34.46
N PHE B 5 13.14 -84.42 -34.25
CA PHE B 5 12.19 -84.54 -35.35
C PHE B 5 11.57 -83.21 -35.75
N ILE B 6 11.68 -82.86 -37.05
CA ILE B 6 11.12 -81.64 -37.65
C ILE B 6 10.59 -81.93 -39.05
N THR B 7 9.52 -81.23 -39.47
CA THR B 7 8.96 -81.32 -40.83
C THR B 7 9.45 -80.09 -41.64
N LEU B 8 10.09 -80.32 -42.80
CA LEU B 8 10.64 -79.23 -43.61
C LEU B 8 9.95 -79.13 -44.96
N SER B 9 9.61 -77.92 -45.39
CA SER B 9 8.88 -77.68 -46.64
C SER B 9 9.74 -77.18 -47.78
N THR B 10 9.36 -77.52 -49.00
CA THR B 10 10.06 -76.97 -50.16
C THR B 10 9.34 -75.70 -50.66
N THR B 11 8.08 -75.56 -50.29
CA THR B 11 7.23 -74.49 -50.81
C THR B 11 7.09 -73.31 -49.84
N GLU B 12 6.75 -73.61 -48.59
CA GLU B 12 6.52 -72.70 -47.47
C GLU B 12 7.79 -72.45 -46.65
N PRO B 13 7.93 -71.26 -46.00
CA PRO B 13 9.14 -70.98 -45.20
C PRO B 13 9.29 -71.88 -43.99
N ASN B 14 10.52 -72.15 -43.58
CA ASN B 14 10.67 -73.01 -42.41
C ASN B 14 11.06 -72.28 -41.12
N ASN B 15 10.55 -71.06 -40.91
CA ASN B 15 10.91 -70.27 -39.74
C ASN B 15 10.10 -70.54 -38.49
N ASN B 16 9.00 -71.28 -38.61
CA ASN B 16 8.16 -71.54 -37.43
C ASN B 16 8.35 -72.88 -36.79
N ILE B 17 9.16 -73.75 -37.40
CA ILE B 17 9.38 -75.11 -36.90
C ILE B 17 10.08 -75.13 -35.55
N GLY B 18 9.85 -76.20 -34.78
CA GLY B 18 10.40 -76.41 -33.44
C GLY B 18 11.89 -76.13 -33.38
N ILE B 19 12.33 -75.58 -32.24
CA ILE B 19 13.71 -75.19 -32.00
C ILE B 19 14.61 -76.39 -31.69
N VAL B 20 15.57 -76.65 -32.58
CA VAL B 20 16.53 -77.74 -32.44
C VAL B 20 17.72 -77.20 -31.66
N LYS B 21 18.08 -77.87 -30.58
CA LYS B 21 19.19 -77.45 -29.76
C LYS B 21 20.25 -78.53 -29.62
N LEU B 22 21.38 -78.34 -30.29
CA LEU B 22 22.48 -79.29 -30.26
C LEU B 22 23.55 -78.89 -29.25
N ARG B 23 24.44 -79.81 -28.94
CA ARG B 23 25.50 -79.59 -27.97
C ARG B 23 26.82 -79.73 -28.63
N HIS B 24 27.62 -78.70 -28.56
CA HIS B 24 28.92 -78.65 -29.21
C HIS B 24 29.92 -79.76 -28.87
N ALA B 25 30.11 -80.05 -27.60
CA ALA B 25 31.12 -81.02 -27.25
C ALA B 25 30.57 -82.36 -26.77
N ASP B 26 29.44 -82.77 -27.38
CA ASP B 26 28.75 -84.00 -27.01
C ASP B 26 29.49 -85.26 -27.37
N VAL B 27 29.57 -86.19 -26.41
CA VAL B 27 30.19 -87.50 -26.60
C VAL B 27 29.27 -88.39 -27.43
N ASN B 28 27.95 -88.35 -27.12
CA ASN B 28 26.93 -89.15 -27.77
C ASN B 28 26.50 -88.60 -29.12
N SER B 29 25.93 -89.45 -29.97
CA SER B 29 25.53 -88.95 -31.28
C SER B 29 24.22 -88.12 -31.25
N GLN B 30 24.14 -87.15 -32.17
CA GLN B 30 23.02 -86.22 -32.29
C GLN B 30 22.54 -86.22 -33.74
N ALA B 31 21.26 -86.56 -33.95
CA ALA B 31 20.73 -86.60 -35.31
C ALA B 31 19.49 -85.77 -35.48
N ILE B 32 19.32 -85.21 -36.68
CA ILE B 32 18.15 -84.44 -37.06
C ILE B 32 17.31 -85.32 -37.99
N VAL B 33 16.12 -85.69 -37.53
CA VAL B 33 15.18 -86.53 -38.27
C VAL B 33 14.21 -85.58 -38.95
N ALA B 34 14.19 -85.58 -40.29
CA ALA B 34 13.30 -84.67 -40.98
C ALA B 34 12.34 -85.30 -41.96
N GLN B 35 11.13 -84.78 -41.95
CA GLN B 35 10.05 -85.10 -42.86
C GLN B 35 9.92 -84.01 -43.96
N ILE B 36 10.29 -84.36 -45.19
CA ILE B 36 10.23 -83.48 -46.33
C ILE B 36 8.80 -83.40 -46.83
N VAL B 37 8.34 -82.17 -47.03
CA VAL B 37 6.98 -81.89 -47.43
C VAL B 37 6.97 -80.91 -48.56
N GLU B 38 6.03 -81.10 -49.50
CA GLU B 38 5.82 -80.20 -50.62
C GLU B 38 4.34 -79.86 -50.56
N ASN B 39 4.00 -78.59 -50.26
CA ASN B 39 2.62 -78.13 -50.13
C ASN B 39 1.83 -78.82 -49.00
N GLY B 40 2.49 -79.17 -47.90
CA GLY B 40 1.85 -79.82 -46.76
C GLY B 40 1.64 -81.32 -46.85
N GLN B 41 2.24 -81.93 -47.88
CA GLN B 41 2.19 -83.37 -48.11
C GLN B 41 3.60 -83.93 -48.28
N PRO B 42 3.88 -85.18 -47.86
CA PRO B 42 5.22 -85.75 -48.01
C PRO B 42 5.76 -85.66 -49.43
N LYS B 43 7.07 -85.51 -49.55
CA LYS B 43 7.72 -85.45 -50.87
C LYS B 43 8.53 -86.71 -51.21
N ASN B 44 8.17 -87.40 -52.29
CA ASN B 44 8.93 -88.56 -52.75
C ASN B 44 10.21 -88.06 -53.37
N PHE B 45 11.37 -88.54 -52.93
CA PHE B 45 12.62 -88.14 -53.59
C PHE B 45 13.37 -89.36 -54.09
N GLU B 46 12.63 -90.32 -54.63
CA GLU B 46 13.15 -91.56 -55.18
C GLU B 46 14.14 -91.24 -56.31
N GLY B 47 15.30 -91.88 -56.31
CA GLY B 47 16.33 -91.64 -57.32
C GLY B 47 17.17 -90.42 -57.01
N LEU B 48 16.89 -89.75 -55.90
CA LEU B 48 17.68 -88.60 -55.49
C LEU B 48 18.35 -88.83 -54.14
N GLN B 49 19.54 -88.28 -53.98
CA GLN B 49 20.35 -88.38 -52.77
C GLN B 49 20.31 -87.04 -52.01
N PRO B 50 19.89 -87.06 -50.72
CA PRO B 50 19.83 -85.82 -49.95
C PRO B 50 21.19 -85.36 -49.45
N PHE B 51 21.38 -84.05 -49.37
CA PHE B 51 22.62 -83.47 -48.89
C PHE B 51 22.36 -82.41 -47.87
N PHE B 52 23.16 -82.41 -46.81
CA PHE B 52 23.06 -81.41 -45.77
C PHE B 52 23.94 -80.24 -46.16
N CYS B 53 23.35 -79.07 -46.36
CA CYS B 53 24.11 -77.89 -46.77
C CYS B 53 24.06 -76.84 -45.70
N LEU B 54 25.16 -76.66 -45.02
CA LEU B 54 25.29 -75.67 -43.99
C LEU B 54 25.76 -74.35 -44.62
N MET B 55 25.06 -73.26 -44.31
CA MET B 55 25.34 -71.93 -44.86
C MET B 55 26.23 -71.06 -44.01
N ALA B 56 26.86 -70.12 -44.70
CA ALA B 56 27.77 -69.15 -44.12
C ALA B 56 27.02 -68.14 -43.27
N GLN B 62 32.63 -66.94 -42.64
CA GLN B 62 31.97 -67.66 -43.72
C GLN B 62 32.38 -69.13 -43.72
N GLY B 63 31.40 -70.00 -43.92
CA GLY B 63 31.62 -71.44 -43.96
C GLY B 63 30.50 -72.24 -44.57
N VAL B 64 30.56 -72.47 -45.91
CA VAL B 64 29.56 -73.28 -46.64
C VAL B 64 30.02 -74.74 -46.72
N SER B 65 29.19 -75.68 -46.23
CA SER B 65 29.59 -77.07 -46.11
C SER B 65 28.56 -78.08 -46.54
N GLU B 66 28.94 -78.97 -47.46
CA GLU B 66 28.01 -79.97 -47.98
C GLU B 66 28.39 -81.37 -47.54
N GLU B 67 27.41 -82.11 -47.02
CA GLU B 67 27.62 -83.47 -46.54
C GLU B 67 26.49 -84.37 -46.95
N SER B 68 26.82 -85.50 -47.56
CA SER B 68 25.80 -86.46 -47.95
C SER B 68 25.15 -87.09 -46.73
N VAL B 69 23.83 -87.19 -46.76
CA VAL B 69 23.05 -87.82 -45.69
C VAL B 69 23.10 -89.34 -45.84
N VAL B 70 23.42 -90.05 -44.77
CA VAL B 70 23.55 -91.51 -44.78
C VAL B 70 22.20 -92.30 -44.88
N SER B 71 21.22 -92.01 -44.00
CA SER B 71 19.94 -92.74 -43.96
C SER B 71 18.72 -91.98 -44.43
N PHE B 72 17.95 -92.57 -45.34
CA PHE B 72 16.73 -91.93 -45.80
C PHE B 72 15.69 -92.88 -46.33
N ASP B 73 14.44 -92.49 -46.19
CA ASP B 73 13.35 -93.26 -46.73
C ASP B 73 12.74 -92.33 -47.74
N ALA B 74 13.19 -92.45 -48.99
CA ALA B 74 12.80 -91.56 -50.07
C ALA B 74 11.32 -91.62 -50.37
N LYS B 75 10.72 -92.81 -50.21
CA LYS B 75 9.30 -93.07 -50.41
C LYS B 75 8.45 -92.33 -49.41
N ASN B 76 8.79 -92.43 -48.13
CA ASN B 76 8.00 -91.81 -47.10
C ASN B 76 8.40 -90.34 -46.85
N GLY B 77 9.38 -89.84 -47.62
CA GLY B 77 9.92 -88.48 -47.55
C GLY B 77 10.64 -88.09 -46.29
N THR B 78 11.34 -89.05 -45.68
CA THR B 78 12.04 -88.84 -44.42
C THR B 78 13.53 -89.04 -44.54
N LEU B 79 14.27 -88.39 -43.65
CA LEU B 79 15.71 -88.53 -43.60
C LEU B 79 16.25 -88.39 -42.18
N LYS B 80 17.43 -88.97 -41.94
CA LYS B 80 18.18 -88.86 -40.68
C LYS B 80 19.59 -88.40 -41.00
N TYR B 81 19.94 -87.22 -40.46
CA TYR B 81 21.27 -86.64 -40.59
C TYR B 81 21.96 -86.62 -39.23
N VAL B 82 23.17 -87.14 -39.17
CA VAL B 82 23.95 -87.14 -37.94
C VAL B 82 24.86 -85.92 -37.93
N ALA B 83 24.68 -85.04 -36.93
CA ALA B 83 25.44 -83.81 -36.89
C ALA B 83 26.91 -84.05 -36.87
N SER B 84 27.59 -83.49 -37.85
CA SER B 84 29.03 -83.60 -38.03
C SER B 84 29.72 -82.67 -37.08
N ASP B 85 31.03 -82.81 -36.93
CA ASP B 85 31.82 -81.85 -36.14
C ASP B 85 31.66 -80.49 -36.78
N ASN B 86 31.64 -80.43 -38.13
CA ASN B 86 31.44 -79.20 -38.87
C ASN B 86 30.10 -78.51 -38.53
N ALA B 87 29.01 -79.28 -38.54
CA ALA B 87 27.68 -78.77 -38.19
C ALA B 87 27.62 -78.27 -36.77
N LEU B 88 28.50 -78.73 -35.88
CA LEU B 88 28.47 -78.31 -34.48
C LEU B 88 29.46 -77.23 -34.07
N GLN B 89 30.35 -76.86 -34.99
CA GLN B 89 31.42 -75.91 -34.76
C GLN B 89 31.00 -74.51 -34.31
N PHE B 90 30.02 -73.91 -35.00
CA PHE B 90 29.58 -72.57 -34.66
C PHE B 90 28.60 -72.62 -33.51
N VAL B 91 29.04 -72.16 -32.36
CA VAL B 91 28.23 -72.20 -31.16
C VAL B 91 27.35 -70.97 -31.22
N GLY B 92 26.12 -71.19 -31.65
CA GLY B 92 25.13 -70.14 -31.81
C GLY B 92 24.09 -70.54 -32.82
N ARG B 93 23.59 -69.54 -33.47
CA ARG B 93 22.53 -69.86 -34.38
C ARG B 93 23.01 -70.19 -35.74
N ASN B 94 22.61 -71.36 -36.20
CA ASN B 94 23.00 -71.87 -37.51
C ASN B 94 21.86 -71.89 -38.52
N GLU B 95 22.21 -71.78 -39.80
CA GLU B 95 21.21 -71.85 -40.87
C GLU B 95 21.61 -72.90 -41.90
N ALA B 96 20.72 -73.84 -42.17
CA ALA B 96 21.01 -74.91 -43.11
C ALA B 96 19.83 -75.30 -44.00
N TYR B 97 20.12 -76.11 -45.03
CA TYR B 97 19.11 -76.64 -45.93
C TYR B 97 19.45 -78.01 -46.50
N PHE B 98 18.43 -78.72 -47.00
CA PHE B 98 18.60 -80.02 -47.66
C PHE B 98 18.40 -79.91 -49.14
N SER B 99 19.37 -80.42 -49.88
CA SER B 99 19.36 -80.43 -51.33
C SER B 99 19.37 -81.85 -51.84
N PHE B 100 18.56 -82.10 -52.87
CA PHE B 100 18.37 -83.44 -53.40
C PHE B 100 18.99 -83.52 -54.77
N ARG B 101 19.94 -84.45 -54.97
CA ARG B 101 20.72 -84.50 -56.20
C ARG B 101 20.85 -85.86 -56.89
N LYS B 102 21.18 -85.81 -58.17
CA LYS B 102 21.41 -86.97 -59.00
C LYS B 102 22.68 -86.80 -59.79
N GLN B 103 23.42 -87.87 -59.94
CA GLN B 103 24.68 -87.87 -60.63
C GLN B 103 24.63 -88.11 -62.11
N GLU B 104 25.18 -87.14 -62.86
CA GLU B 104 25.21 -87.10 -64.33
C GLU B 104 26.41 -86.29 -64.79
N GLY B 105 27.33 -86.97 -65.46
CA GLY B 105 28.57 -86.35 -65.94
C GLY B 105 29.69 -86.47 -64.94
N GLY B 106 29.52 -87.35 -63.94
CA GLY B 106 30.51 -87.58 -62.89
C GLY B 106 30.46 -86.56 -61.77
N ARG B 107 29.37 -85.79 -61.71
CA ARG B 107 29.14 -84.75 -60.71
C ARG B 107 27.68 -84.74 -60.29
N TRP B 108 27.42 -84.40 -59.02
CA TRP B 108 26.07 -84.34 -58.48
C TRP B 108 25.32 -83.10 -59.01
N ILE B 109 24.03 -83.25 -59.27
CA ILE B 109 23.21 -82.14 -59.74
C ILE B 109 21.96 -82.04 -58.88
N GLU B 110 21.63 -80.83 -58.42
CA GLU B 110 20.41 -80.68 -57.64
C GLU B 110 19.15 -80.64 -58.45
N GLN B 111 18.19 -81.52 -58.14
CA GLN B 111 16.91 -81.47 -58.82
C GLN B 111 16.02 -80.45 -58.09
N PHE B 112 16.24 -80.31 -56.78
CA PHE B 112 15.41 -79.47 -55.95
C PHE B 112 15.92 -79.48 -54.53
N SER B 113 15.33 -78.65 -53.68
CA SER B 113 15.83 -78.50 -52.32
C SER B 113 14.77 -77.98 -51.35
N THR B 114 15.02 -78.03 -50.02
CA THR B 114 14.11 -77.47 -49.02
C THR B 114 14.43 -75.99 -48.88
N ARG B 115 13.69 -75.35 -48.03
CA ARG B 115 13.87 -73.97 -47.72
C ARG B 115 14.75 -74.00 -46.52
N THR B 116 15.47 -72.95 -46.35
CA THR B 116 16.37 -72.95 -45.23
C THR B 116 15.59 -73.00 -43.92
N PHE B 117 16.28 -73.44 -42.89
CA PHE B 117 15.81 -73.51 -41.52
C PHE B 117 17.00 -73.22 -40.61
N HIS B 118 16.73 -72.93 -39.33
CA HIS B 118 17.71 -72.63 -38.30
C HIS B 118 17.75 -73.71 -37.22
N TYR B 119 18.94 -73.90 -36.62
CA TYR B 119 19.19 -74.77 -35.46
C TYR B 119 20.21 -74.13 -34.53
N ILE B 120 20.18 -74.46 -33.24
CA ILE B 120 21.11 -73.86 -32.31
C ILE B 120 22.10 -74.82 -31.69
N VAL B 121 23.37 -74.42 -31.67
CA VAL B 121 24.37 -75.21 -31.01
C VAL B 121 24.72 -74.52 -29.75
N GLU B 122 24.64 -75.26 -28.73
CA GLU B 122 24.99 -74.73 -27.47
C GLU B 122 26.27 -75.39 -27.04
N LYS B 123 26.91 -74.82 -26.03
CA LYS B 123 28.19 -75.29 -25.51
C LYS B 123 28.05 -76.30 -24.37
N SER B 124 29.07 -77.14 -24.16
CA SER B 124 29.09 -78.11 -23.06
C SER B 124 30.16 -77.67 -22.02
N ILE B 125 29.90 -76.54 -21.36
CA ILE B 125 30.84 -75.92 -20.44
C ILE B 125 30.92 -76.55 -19.05
N TYR B 126 29.76 -76.72 -18.39
CA TYR B 126 29.72 -77.26 -17.04
C TYR B 126 29.86 -78.77 -17.01
N SER B 127 30.83 -79.28 -16.21
CA SER B 127 31.16 -80.70 -16.04
C SER B 127 30.02 -81.50 -15.40
N GLN B 128 30.00 -82.85 -15.61
CA GLN B 128 29.02 -83.79 -15.06
C GLN B 128 28.94 -83.76 -13.51
N PRO B 129 30.05 -83.73 -12.73
CA PRO B 129 29.89 -83.61 -11.28
C PRO B 129 29.49 -82.17 -10.97
N PHE B 130 28.15 -81.91 -11.00
CA PHE B 130 27.56 -80.58 -10.78
C PHE B 130 27.63 -80.16 -9.33
N LYS B 131 27.76 -78.84 -9.10
CA LYS B 131 27.79 -78.30 -7.75
C LYS B 131 26.41 -78.43 -7.11
N ASP B 132 26.39 -78.80 -5.82
CA ASP B 132 25.18 -78.99 -5.04
C ASP B 132 24.48 -77.66 -4.83
N SER B 133 23.14 -77.70 -4.82
CA SER B 133 22.28 -76.53 -4.64
C SER B 133 22.54 -75.87 -3.29
N ASN B 134 22.75 -76.71 -2.27
CA ASN B 134 23.10 -76.25 -0.94
C ASN B 134 24.58 -76.51 -0.67
N TYR B 135 25.27 -75.53 -0.08
CA TYR B 135 26.67 -75.66 0.29
C TYR B 135 26.84 -75.50 1.80
N TRP B 136 27.53 -76.44 2.46
CA TRP B 136 27.80 -76.37 3.90
C TRP B 136 29.25 -76.65 4.23
N TRP B 137 29.95 -75.63 4.72
CA TRP B 137 31.34 -75.76 5.06
C TRP B 137 31.52 -76.78 6.17
N THR B 138 30.68 -76.69 7.22
CA THR B 138 30.70 -77.61 8.37
C THR B 138 30.49 -79.03 7.91
N PHE B 139 29.53 -79.28 7.01
CA PHE B 139 29.28 -80.65 6.54
C PHE B 139 30.34 -81.13 5.59
N LYS B 140 31.04 -80.20 4.95
CA LYS B 140 32.11 -80.55 4.03
C LYS B 140 33.36 -80.97 4.82
N GLU B 141 33.60 -80.24 5.91
CA GLU B 141 34.73 -80.49 6.79
C GLU B 141 34.53 -81.74 7.59
N LEU B 142 33.27 -82.04 7.97
CA LEU B 142 32.91 -83.25 8.71
C LEU B 142 33.11 -84.45 7.82
N TYR B 143 32.82 -84.30 6.52
CA TYR B 143 33.03 -85.39 5.60
C TYR B 143 34.50 -85.62 5.38
N ARG B 144 35.26 -84.51 5.30
CA ARG B 144 36.70 -84.50 5.09
C ARG B 144 37.38 -85.26 6.21
N ILE B 145 37.00 -84.94 7.46
CA ILE B 145 37.57 -85.54 8.65
C ILE B 145 37.23 -87.00 8.77
N PHE B 146 35.95 -87.32 8.54
CA PHE B 146 35.50 -88.69 8.63
C PHE B 146 36.17 -89.57 7.61
N ASN B 147 36.26 -89.09 6.36
CA ASN B 147 36.90 -89.82 5.28
C ASN B 147 38.39 -89.99 5.50
N LYS B 148 39.03 -88.98 6.13
CA LYS B 148 40.46 -89.06 6.46
C LYS B 148 40.69 -90.20 7.44
N TYR B 149 39.81 -90.32 8.46
CA TYR B 149 39.89 -91.36 9.48
C TYR B 149 39.77 -92.72 8.87
N ILE B 150 38.90 -92.84 7.87
CA ILE B 150 38.68 -94.10 7.18
C ILE B 150 39.93 -94.47 6.40
N GLU B 151 40.43 -93.58 5.51
CA GLU B 151 41.59 -93.83 4.66
C GLU B 151 42.90 -94.03 5.41
N ASP B 152 43.08 -93.28 6.50
CA ASP B 152 44.29 -93.40 7.32
C ASP B 152 44.25 -94.68 8.17
N GLY B 153 43.02 -95.08 8.56
CA GLY B 153 42.77 -96.30 9.34
C GLY B 153 42.96 -97.54 8.52
N LYS B 154 42.36 -97.56 7.32
CA LYS B 154 42.47 -98.67 6.38
C LYS B 154 43.92 -98.86 5.96
N LYS B 155 44.66 -97.75 5.71
CA LYS B 155 46.05 -97.78 5.27
C LYS B 155 46.93 -98.41 6.32
N SER B 156 46.64 -98.13 7.59
CA SER B 156 47.39 -98.66 8.72
C SER B 156 47.13 -100.15 8.95
N TRP B 157 45.87 -100.59 8.78
CA TRP B 157 45.47 -101.98 8.93
C TRP B 157 45.99 -102.83 7.77
N GLU B 158 45.89 -102.30 6.53
CA GLU B 158 46.36 -102.96 5.32
C GLU B 158 47.88 -103.12 5.34
N GLN B 159 48.58 -102.20 6.01
CA GLN B 159 50.03 -102.25 6.19
C GLN B 159 50.37 -103.40 7.15
N PHE B 160 49.49 -103.62 8.14
CA PHE B 160 49.64 -104.65 9.16
C PHE B 160 49.43 -106.00 8.56
N VAL B 161 48.35 -106.15 7.80
CA VAL B 161 48.07 -107.43 7.17
C VAL B 161 49.10 -107.81 6.09
N GLU B 162 49.66 -106.81 5.36
CA GLU B 162 50.67 -107.04 4.33
C GLU B 162 51.97 -107.52 4.94
N ALA B 163 52.40 -106.93 6.07
CA ALA B 163 53.64 -107.33 6.72
C ALA B 163 53.47 -108.60 7.56
N ASN B 164 52.21 -109.01 7.79
CA ASN B 164 51.81 -110.20 8.51
C ASN B 164 51.94 -111.43 7.58
N ARG B 165 51.37 -111.35 6.37
CA ARG B 165 51.49 -112.43 5.39
C ARG B 165 52.90 -112.49 4.76
N GLU B 166 53.68 -111.37 4.81
CA GLU B 166 55.03 -111.24 4.24
C GLU B 166 55.99 -112.26 4.83
N ILE B 167 55.74 -112.65 6.08
CA ILE B 167 56.53 -113.63 6.79
C ILE B 167 55.82 -114.98 6.88
N LEU B 168 54.52 -114.93 7.26
CA LEU B 168 53.66 -116.09 7.48
C LEU B 168 53.31 -116.91 6.23
N GLU B 169 52.91 -116.23 5.18
CA GLU B 169 52.46 -116.88 3.95
C GLU B 169 53.54 -117.04 2.89
N SER B 170 54.50 -116.12 2.85
CA SER B 170 55.51 -116.07 1.80
C SER B 170 56.66 -117.07 1.81
N ILE B 171 57.62 -116.92 2.74
CA ILE B 171 58.83 -117.74 2.72
C ILE B 171 58.84 -119.00 3.58
N ASP B 172 59.12 -118.83 4.89
CA ASP B 172 59.21 -119.86 5.94
C ASP B 172 59.18 -119.13 7.28
N PRO B 173 58.04 -119.20 8.03
CA PRO B 173 57.90 -118.43 9.27
C PRO B 173 58.97 -118.66 10.32
N GLY B 174 59.29 -119.94 10.57
CA GLY B 174 60.26 -120.41 11.53
C GLY B 174 61.60 -119.67 11.49
N GLY B 175 62.10 -119.46 10.27
CA GLY B 175 63.38 -118.84 10.01
C GLY B 175 63.44 -117.33 10.09
N VAL B 176 62.55 -116.67 9.34
CA VAL B 176 62.47 -115.22 9.23
C VAL B 176 62.19 -114.50 10.53
N LEU B 177 61.31 -115.06 11.39
CA LEU B 177 61.00 -114.44 12.68
C LEU B 177 62.20 -114.42 13.58
N LEU B 178 62.95 -115.54 13.61
CA LEU B 178 64.19 -115.66 14.37
C LEU B 178 65.24 -114.68 13.83
N ALA B 179 65.28 -114.52 12.51
CA ALA B 179 66.23 -113.64 11.81
C ALA B 179 65.93 -112.22 12.23
N LYS B 180 64.66 -111.87 12.18
CA LYS B 180 64.21 -110.54 12.55
C LYS B 180 64.46 -110.18 14.01
N VAL B 181 64.29 -111.14 14.91
CA VAL B 181 64.48 -110.89 16.32
C VAL B 181 65.93 -110.55 16.65
N ILE B 182 66.87 -111.30 16.08
CA ILE B 182 68.31 -111.14 16.30
C ILE B 182 68.87 -109.79 15.91
N ASP B 183 68.36 -109.19 14.82
CA ASP B 183 68.83 -107.86 14.40
C ASP B 183 68.21 -106.75 15.26
N ILE B 184 66.94 -106.96 15.70
CA ILE B 184 66.18 -106.06 16.59
C ILE B 184 66.90 -106.01 17.91
N GLU B 185 67.25 -107.22 18.43
CA GLU B 185 68.00 -107.47 19.66
C GLU B 185 69.33 -106.73 19.58
N LYS B 186 69.99 -106.73 18.39
CA LYS B 186 71.29 -106.08 18.13
C LYS B 186 71.18 -104.59 18.24
N ILE B 187 70.16 -104.01 17.57
CA ILE B 187 69.89 -102.57 17.56
C ILE B 187 69.53 -102.07 18.98
N VAL B 188 68.64 -102.80 19.71
CA VAL B 188 68.23 -102.43 21.07
C VAL B 188 69.41 -102.50 22.03
N ASN B 189 70.31 -103.44 21.78
CA ASN B 189 71.50 -103.64 22.60
C ASN B 189 72.52 -102.52 22.45
N GLU B 190 72.53 -101.82 21.30
CA GLU B 190 73.52 -100.77 21.04
C GLU B 190 72.99 -99.36 20.94
N LYS B 191 71.71 -99.21 20.52
CA LYS B 191 71.04 -97.92 20.34
C LYS B 191 70.08 -97.55 21.46
N VAL B 192 69.37 -98.52 22.02
CA VAL B 192 68.44 -98.21 23.10
C VAL B 192 69.27 -98.13 24.39
N PRO B 193 68.93 -97.22 25.35
CA PRO B 193 69.66 -97.19 26.63
C PRO B 193 68.87 -98.11 27.57
N ALA B 194 69.44 -99.30 27.86
CA ALA B 194 68.77 -100.30 28.68
C ALA B 194 69.67 -100.99 29.71
N GLY B 195 70.65 -101.75 29.21
CA GLY B 195 71.60 -102.56 29.98
C GLY B 195 72.50 -102.01 31.09
N PHE B 196 73.44 -101.10 30.70
CA PHE B 196 74.45 -100.45 31.56
C PHE B 196 73.92 -99.22 32.36
N LYS B 197 73.92 -99.35 33.70
CA LYS B 197 73.44 -98.35 34.67
C LYS B 197 74.61 -97.87 35.53
N PHE B 198 74.97 -96.58 35.40
CA PHE B 198 76.07 -95.95 36.12
C PHE B 198 75.56 -94.82 37.00
N VAL B 199 76.12 -94.66 38.19
CA VAL B 199 75.69 -93.63 39.13
C VAL B 199 76.77 -92.56 39.27
N LEU B 200 76.37 -91.29 39.20
CA LEU B 200 77.30 -90.17 39.36
C LEU B 200 76.82 -89.31 40.51
N GLU B 201 77.61 -89.26 41.58
CA GLU B 201 77.29 -88.42 42.72
C GLU B 201 77.81 -87.02 42.42
N HIS B 202 77.07 -85.98 42.82
CA HIS B 202 77.47 -84.61 42.55
C HIS B 202 77.23 -83.65 43.70
N ASP B 203 77.65 -82.39 43.52
CA ASP B 203 77.52 -81.32 44.51
C ASP B 203 76.24 -80.47 44.36
N SER B 204 75.63 -80.50 43.17
CA SER B 204 74.43 -79.72 42.85
C SER B 204 73.18 -80.28 43.52
N GLU B 205 72.22 -79.39 43.80
CA GLU B 205 70.95 -79.78 44.39
C GLU B 205 69.94 -80.10 43.29
N TYR B 206 70.26 -79.68 42.06
CA TYR B 206 69.40 -79.84 40.89
C TYR B 206 69.76 -81.05 39.99
N GLN B 207 69.32 -81.05 38.70
CA GLN B 207 69.55 -82.17 37.79
C GLN B 207 70.53 -81.79 36.70
N PRO B 208 71.83 -82.09 36.88
CA PRO B 208 72.80 -81.69 35.87
C PRO B 208 72.75 -82.55 34.61
N GLU B 209 72.98 -81.93 33.45
CA GLU B 209 72.96 -82.66 32.20
C GLU B 209 74.26 -83.46 32.06
N VAL B 210 74.11 -84.72 31.66
CA VAL B 210 75.25 -85.61 31.50
C VAL B 210 75.33 -86.03 30.02
N LYS B 211 76.56 -85.97 29.49
CA LYS B 211 76.86 -86.34 28.10
C LYS B 211 77.92 -87.44 28.13
N VAL B 212 77.60 -88.60 27.52
CA VAL B 212 78.50 -89.75 27.53
C VAL B 212 79.04 -90.02 26.12
N THR B 213 80.36 -90.27 26.03
CA THR B 213 81.08 -90.63 24.79
C THR B 213 81.95 -91.88 25.00
N SER B 214 82.04 -92.73 23.96
CA SER B 214 82.83 -93.96 23.97
C SER B 214 83.87 -93.91 22.86
N TYR B 215 85.11 -94.20 23.22
CA TYR B 215 86.21 -94.18 22.27
C TYR B 215 87.33 -95.13 22.71
N LYS B 216 88.02 -95.69 21.71
CA LYS B 216 89.12 -96.63 21.86
C LYS B 216 90.44 -95.93 21.45
N ASN B 217 91.55 -96.29 22.09
CA ASN B 217 92.91 -95.83 21.76
C ASN B 217 93.20 -94.38 21.99
N ALA B 218 92.54 -93.79 22.99
CA ALA B 218 92.87 -92.42 23.33
C ALA B 218 94.26 -92.38 23.93
N ILE B 219 94.86 -91.20 23.87
CA ILE B 219 96.17 -90.89 24.37
C ILE B 219 96.48 -91.56 25.72
N GLY B 220 97.55 -92.32 25.75
CA GLY B 220 97.97 -93.06 26.94
C GLY B 220 97.18 -94.30 27.32
N THR B 221 96.31 -94.81 26.41
CA THR B 221 95.53 -96.04 26.64
C THR B 221 95.95 -97.12 25.66
N GLU B 222 96.78 -96.77 24.67
CA GLU B 222 97.27 -97.71 23.65
C GLU B 222 98.03 -98.89 24.32
N THR B 223 97.83 -100.12 23.80
CA THR B 223 98.43 -101.36 24.34
C THR B 223 99.95 -101.33 24.38
N ASP B 224 100.59 -101.00 23.24
CA ASP B 224 102.05 -100.99 23.12
C ASP B 224 102.68 -99.59 23.35
N GLY B 225 102.05 -98.80 24.22
CA GLY B 225 102.52 -97.48 24.62
C GLY B 225 102.15 -96.36 23.68
N PHE B 226 102.56 -95.15 24.06
CA PHE B 226 102.29 -93.92 23.33
C PHE B 226 102.46 -93.99 21.82
N ASP B 227 101.40 -93.59 21.09
CA ASP B 227 101.33 -93.54 19.62
C ASP B 227 101.65 -94.90 18.97
N SER B 228 101.10 -95.98 19.55
CA SER B 228 101.28 -97.34 19.02
C SER B 228 100.01 -97.85 18.34
N GLY B 229 98.88 -97.18 18.59
CA GLY B 229 97.58 -97.52 18.02
C GLY B 229 97.44 -97.14 16.55
N PRO B 230 96.36 -97.60 15.89
CA PRO B 230 96.17 -97.27 14.46
C PRO B 230 95.86 -95.82 14.16
N VAL B 231 95.06 -95.17 15.02
CA VAL B 231 94.70 -93.77 14.85
C VAL B 231 95.21 -92.98 16.04
N PHE B 232 96.19 -92.10 15.78
CA PHE B 232 96.82 -91.28 16.80
C PHE B 232 95.81 -90.35 17.44
N GLY B 233 95.79 -90.38 18.76
CA GLY B 233 94.87 -89.55 19.53
C GLY B 233 93.55 -90.22 19.87
N GLY B 234 93.24 -91.34 19.20
CA GLY B 234 92.01 -92.08 19.45
C GLY B 234 91.14 -92.35 18.24
N GLY B 235 90.37 -93.44 18.30
CA GLY B 235 89.54 -93.88 17.19
C GLY B 235 88.28 -93.05 16.99
N THR B 236 87.23 -93.75 16.59
CA THR B 236 85.91 -93.17 16.36
C THR B 236 85.30 -92.89 17.72
N ILE B 237 84.73 -91.68 17.88
CA ILE B 237 84.07 -91.23 19.10
C ILE B 237 82.59 -91.48 18.90
N TYR B 238 82.00 -92.31 19.77
CA TYR B 238 80.59 -92.64 19.68
C TYR B 238 79.83 -91.91 20.76
N ASN B 239 78.79 -91.15 20.38
CA ASN B 239 77.94 -90.48 21.35
C ASN B 239 77.01 -91.57 21.87
N VAL B 240 77.10 -91.83 23.17
CA VAL B 240 76.36 -92.87 23.85
C VAL B 240 74.94 -92.42 24.17
N PRO B 241 73.89 -93.14 23.68
CA PRO B 241 72.52 -92.76 24.01
C PRO B 241 72.25 -93.04 25.46
N VAL B 242 71.72 -92.04 26.19
CA VAL B 242 71.50 -92.17 27.63
C VAL B 242 70.04 -91.95 28.04
N SER B 243 69.68 -92.54 29.16
CA SER B 243 68.38 -92.38 29.79
C SER B 243 68.76 -91.88 31.18
N LEU B 244 68.46 -90.62 31.48
CA LEU B 244 68.83 -90.00 32.75
C LEU B 244 67.70 -90.03 33.75
N SER B 245 68.07 -90.27 35.01
CA SER B 245 67.22 -90.42 36.18
C SER B 245 67.91 -89.69 37.34
N TYR B 246 67.14 -88.96 38.15
CA TYR B 246 67.74 -88.14 39.21
C TYR B 246 67.16 -88.31 40.60
N ASP B 247 68.07 -88.29 41.59
CA ASP B 247 67.81 -88.28 43.02
C ASP B 247 68.67 -87.15 43.60
N ARG B 248 68.57 -86.91 44.92
CA ARG B 248 69.32 -85.84 45.58
C ARG B 248 70.81 -86.15 45.47
N GLN B 249 71.56 -85.29 44.75
CA GLN B 249 73.01 -85.38 44.51
C GLN B 249 73.46 -86.69 43.85
N LYS B 250 72.57 -87.33 43.09
CA LYS B 250 72.81 -88.59 42.39
C LYS B 250 72.11 -88.59 41.02
N VAL B 251 72.88 -88.94 39.96
CA VAL B 251 72.39 -89.06 38.58
C VAL B 251 72.52 -90.52 38.21
N TYR B 252 71.43 -91.12 37.72
CA TYR B 252 71.47 -92.51 37.27
C TYR B 252 71.48 -92.48 35.76
N VAL B 253 72.60 -92.88 35.17
CA VAL B 253 72.83 -92.87 33.72
C VAL B 253 72.64 -94.29 33.16
N GLU B 254 71.60 -94.50 32.35
CA GLU B 254 71.34 -95.79 31.69
C GLU B 254 71.71 -95.69 30.22
N MET B 255 72.58 -96.57 29.76
CA MET B 255 73.09 -96.62 28.39
C MET B 255 72.80 -98.03 27.88
N PRO B 256 72.96 -98.30 26.56
CA PRO B 256 72.72 -99.67 26.08
C PRO B 256 73.77 -100.62 26.61
N LYS B 257 73.41 -101.90 26.69
CA LYS B 257 74.23 -103.00 27.17
C LYS B 257 75.58 -103.12 26.47
N SER B 258 75.68 -102.74 25.18
CA SER B 258 76.94 -102.84 24.43
C SER B 258 78.05 -101.93 24.97
N TYR B 259 77.62 -100.84 25.65
CA TYR B 259 78.54 -99.87 26.24
C TYR B 259 78.99 -100.21 27.66
N THR B 260 78.61 -101.42 28.14
CA THR B 260 79.01 -101.90 29.46
C THR B 260 80.53 -101.99 29.55
N LEU B 261 81.09 -101.42 30.63
CA LEU B 261 82.53 -101.36 30.83
C LEU B 261 82.84 -101.23 32.31
N ALA B 262 83.44 -102.28 32.87
CA ALA B 262 83.86 -102.23 34.27
C ALA B 262 85.38 -102.12 34.28
N GLY B 263 85.87 -100.91 34.49
CA GLY B 263 87.31 -100.71 34.51
C GLY B 263 87.72 -99.82 35.66
N ASP B 264 88.79 -99.02 35.48
CA ASP B 264 89.30 -98.05 36.46
C ASP B 264 88.53 -96.74 36.34
N ILE B 265 87.92 -96.29 37.45
CA ILE B 265 87.12 -95.06 37.48
C ILE B 265 88.03 -93.89 37.87
N ILE B 266 88.30 -92.99 36.93
CA ILE B 266 89.18 -91.85 37.13
C ILE B 266 88.39 -90.55 37.19
N LEU B 267 88.51 -89.84 38.30
CA LEU B 267 87.85 -88.55 38.50
C LEU B 267 88.83 -87.43 38.28
N ILE B 268 88.54 -86.58 37.29
CA ILE B 268 89.35 -85.40 36.96
C ILE B 268 88.86 -84.34 37.95
N ASP B 269 89.64 -83.24 38.09
CA ASP B 269 89.44 -82.08 39.01
C ASP B 269 88.33 -81.11 38.54
N ASP B 270 87.34 -81.62 37.76
CA ASP B 270 86.21 -80.85 37.24
C ASP B 270 84.99 -81.74 37.02
N GLY B 271 84.08 -81.27 36.15
CA GLY B 271 82.87 -81.98 35.78
C GLY B 271 83.10 -83.07 34.73
N THR B 272 84.15 -83.92 34.94
CA THR B 272 84.49 -85.06 34.08
C THR B 272 85.01 -86.30 34.82
N LEU B 273 84.43 -87.47 34.49
CA LEU B 273 84.76 -88.79 35.03
C LEU B 273 84.95 -89.76 33.88
N LEU B 274 86.04 -90.54 33.92
CA LEU B 274 86.36 -91.54 32.90
C LEU B 274 86.33 -92.93 33.50
N VAL B 275 85.99 -93.91 32.68
CA VAL B 275 86.09 -95.32 33.03
C VAL B 275 87.01 -95.86 31.94
N ILE B 276 88.18 -96.36 32.33
CA ILE B 276 89.18 -96.91 31.42
C ILE B 276 89.40 -98.42 31.70
N LYS B 277 89.25 -99.24 30.64
CA LYS B 277 89.52 -100.67 30.66
C LYS B 277 90.40 -100.95 29.45
N GLU B 278 91.71 -100.94 29.71
CA GLU B 278 92.77 -101.10 28.72
C GLU B 278 92.64 -99.93 27.70
N THR B 279 92.34 -100.23 26.42
CA THR B 279 92.26 -99.24 25.35
C THR B 279 90.87 -98.60 25.20
N GLN B 280 89.88 -99.08 25.96
CA GLN B 280 88.50 -98.60 25.86
C GLN B 280 88.21 -97.60 26.95
N VAL B 281 87.66 -96.44 26.56
CA VAL B 281 87.26 -95.36 27.48
C VAL B 281 85.76 -95.07 27.35
N LEU B 282 85.15 -94.81 28.50
CA LEU B 282 83.78 -94.35 28.62
C LEU B 282 83.86 -93.03 29.38
N CYS B 283 83.54 -91.93 28.69
CA CYS B 283 83.69 -90.57 29.18
C CYS B 283 82.39 -89.88 29.57
N PHE B 284 82.26 -89.47 30.86
CA PHE B 284 81.06 -88.77 31.37
C PHE B 284 81.42 -87.31 31.62
N LYS B 285 80.68 -86.38 30.96
CA LYS B 285 80.86 -84.95 31.13
C LYS B 285 79.60 -84.33 31.70
N MET B 286 79.74 -83.72 32.88
CA MET B 286 78.65 -83.09 33.59
C MET B 286 78.72 -81.56 33.41
N SER B 287 77.55 -80.97 33.08
CA SER B 287 77.39 -79.54 32.96
C SER B 287 76.89 -78.97 34.29
N ASP B 288 77.32 -77.76 34.63
CA ASP B 288 76.92 -76.99 35.82
C ASP B 288 76.97 -77.69 37.19
N ALA B 289 77.82 -78.71 37.32
CA ALA B 289 78.04 -79.44 38.57
C ALA B 289 79.36 -80.21 38.52
N LYS B 290 79.87 -80.59 39.68
CA LYS B 290 81.13 -81.31 39.83
C LYS B 290 80.85 -82.72 40.32
N ILE B 291 81.44 -83.72 39.64
CA ILE B 291 81.27 -85.13 40.01
C ILE B 291 82.11 -85.34 41.24
N THR B 292 81.54 -85.98 42.28
CA THR B 292 82.25 -86.27 43.52
C THR B 292 82.61 -87.75 43.65
N LYS B 293 81.78 -88.63 43.05
CA LYS B 293 81.95 -90.08 43.06
C LYS B 293 81.23 -90.70 41.87
N GLY B 294 81.77 -91.79 41.36
CA GLY B 294 81.20 -92.52 40.24
C GLY B 294 81.33 -94.01 40.44
N TYR B 295 80.24 -94.75 40.26
CA TYR B 295 80.22 -96.20 40.44
C TYR B 295 79.09 -96.84 39.66
N VAL B 296 79.26 -98.13 39.30
CA VAL B 296 78.25 -98.92 38.61
C VAL B 296 77.12 -99.21 39.59
N PHE B 297 75.87 -99.07 39.13
CA PHE B 297 74.69 -99.31 39.95
C PHE B 297 74.52 -100.78 40.29
N VAL B 298 74.41 -101.06 41.57
CA VAL B 298 74.18 -102.39 42.13
C VAL B 298 73.14 -102.23 43.24
N ALA B 299 72.08 -103.05 43.22
CA ALA B 299 71.03 -103.01 44.24
C ALA B 299 70.44 -104.40 44.49
N MET C 1 32.48 -59.45 21.18
CA MET C 1 31.04 -59.61 21.40
C MET C 1 30.22 -58.33 21.26
N THR C 2 29.00 -58.44 20.68
CA THR C 2 28.07 -57.33 20.53
C THR C 2 27.31 -56.97 21.80
N GLU C 3 27.11 -55.67 22.04
CA GLU C 3 26.38 -55.24 23.21
C GLU C 3 25.21 -54.38 22.81
N HIS C 4 24.13 -54.44 23.59
CA HIS C 4 22.93 -53.68 23.34
C HIS C 4 22.55 -52.94 24.59
N PHE C 5 22.92 -51.66 24.67
CA PHE C 5 22.68 -50.84 25.85
C PHE C 5 21.28 -50.28 25.84
N ILE C 6 20.54 -50.51 26.93
CA ILE C 6 19.20 -49.99 27.12
C ILE C 6 18.98 -49.59 28.56
N THR C 7 18.16 -48.57 28.79
CA THR C 7 17.78 -48.18 30.14
C THR C 7 16.35 -48.62 30.31
N LEU C 8 16.06 -49.38 31.35
CA LEU C 8 14.72 -49.89 31.57
C LEU C 8 14.14 -49.36 32.86
N SER C 9 12.89 -48.89 32.81
CA SER C 9 12.24 -48.33 33.97
C SER C 9 11.24 -49.29 34.54
N THR C 10 11.03 -49.18 35.84
CA THR C 10 10.00 -49.99 36.45
C THR C 10 8.69 -49.18 36.51
N THR C 11 8.76 -47.84 36.46
CA THR C 11 7.60 -46.98 36.65
C THR C 11 6.99 -46.45 35.39
N GLU C 12 7.83 -45.91 34.49
CA GLU C 12 7.44 -45.29 33.23
C GLU C 12 6.66 -46.30 32.35
N PRO C 13 5.39 -45.99 31.98
CA PRO C 13 4.60 -46.94 31.18
C PRO C 13 5.06 -47.05 29.74
N ASN C 14 6.14 -47.83 29.50
CA ASN C 14 6.63 -47.98 28.13
C ASN C 14 5.84 -49.06 27.37
N ASN C 15 5.75 -50.30 27.95
CA ASN C 15 5.08 -51.51 27.44
C ASN C 15 5.77 -52.12 26.18
N ASN C 16 6.03 -51.28 25.17
CA ASN C 16 6.63 -51.75 23.91
C ASN C 16 7.92 -51.06 23.46
N ILE C 17 8.18 -49.85 23.99
CA ILE C 17 9.38 -49.06 23.67
C ILE C 17 10.64 -49.82 24.12
N GLY C 18 11.57 -49.97 23.17
CA GLY C 18 12.83 -50.68 23.34
C GLY C 18 12.86 -51.99 22.56
N ILE C 19 13.49 -51.96 21.40
CA ILE C 19 13.60 -53.14 20.57
C ILE C 19 15.02 -53.67 20.61
N VAL C 20 15.14 -54.98 20.83
CA VAL C 20 16.40 -55.70 20.76
C VAL C 20 16.26 -56.65 19.55
N LYS C 21 17.21 -56.62 18.64
CA LYS C 21 17.13 -57.51 17.48
C LYS C 21 18.31 -58.46 17.39
N LEU C 22 18.09 -59.76 17.71
CA LEU C 22 19.15 -60.75 17.67
C LEU C 22 19.11 -61.68 16.48
N ARG C 23 20.16 -62.48 16.32
CA ARG C 23 20.26 -63.48 15.28
C ARG C 23 20.24 -64.84 15.91
N HIS C 24 19.52 -65.75 15.31
CA HIS C 24 19.39 -67.10 15.82
C HIS C 24 20.69 -67.87 16.08
N ALA C 25 21.61 -67.82 15.16
CA ALA C 25 22.80 -68.63 15.29
C ALA C 25 23.88 -68.13 16.26
N ASP C 26 23.79 -66.86 16.68
CA ASP C 26 24.78 -66.19 17.51
C ASP C 26 24.95 -66.68 18.93
N VAL C 27 26.02 -67.42 19.18
CA VAL C 27 26.24 -68.03 20.50
C VAL C 27 27.25 -67.26 21.31
N ASN C 28 26.97 -67.12 22.62
CA ASN C 28 27.83 -66.46 23.60
C ASN C 28 28.62 -65.23 23.23
N SER C 29 28.02 -64.37 22.41
CA SER C 29 28.69 -63.14 22.04
C SER C 29 27.71 -62.04 21.69
N GLN C 30 26.51 -62.11 22.29
CA GLN C 30 25.48 -61.07 22.16
C GLN C 30 24.89 -60.81 23.53
N ALA C 31 25.18 -59.62 24.10
CA ALA C 31 24.73 -59.28 25.44
C ALA C 31 23.88 -58.07 25.51
N ILE C 32 22.86 -58.10 26.34
CA ILE C 32 22.06 -56.91 26.57
C ILE C 32 22.48 -56.28 27.88
N VAL C 33 22.96 -55.05 27.79
CA VAL C 33 23.45 -54.25 28.93
C VAL C 33 22.33 -53.34 29.38
N ALA C 34 21.80 -53.54 30.59
CA ALA C 34 20.70 -52.68 31.02
C ALA C 34 20.90 -51.93 32.30
N GLN C 35 20.45 -50.69 32.27
CA GLN C 35 20.40 -49.80 33.40
C GLN C 35 18.95 -49.75 33.94
N ILE C 36 18.76 -50.22 35.14
CA ILE C 36 17.45 -50.26 35.76
C ILE C 36 17.21 -48.91 36.44
N VAL C 37 16.04 -48.35 36.18
CA VAL C 37 15.67 -47.04 36.70
C VAL C 37 14.29 -47.11 37.34
N GLU C 38 14.13 -46.46 38.47
CA GLU C 38 12.85 -46.32 39.14
C GLU C 38 12.66 -44.83 39.37
N ASN C 39 11.57 -44.26 38.78
CA ASN C 39 11.25 -42.83 38.93
C ASN C 39 12.37 -41.91 38.45
N GLY C 40 13.08 -42.34 37.41
CA GLY C 40 14.16 -41.57 36.78
C GLY C 40 15.51 -41.64 37.47
N GLN C 41 15.62 -42.51 38.45
CA GLN C 41 16.89 -42.70 39.14
C GLN C 41 17.23 -44.15 39.08
N PRO C 42 18.55 -44.48 39.06
CA PRO C 42 18.97 -45.87 39.09
C PRO C 42 18.28 -46.63 40.22
N LYS C 43 18.02 -47.94 40.02
CA LYS C 43 17.35 -48.75 41.05
C LYS C 43 18.30 -49.69 41.74
N ASN C 44 18.46 -49.57 43.07
CA ASN C 44 19.31 -50.49 43.83
C ASN C 44 18.56 -51.78 43.95
N PHE C 45 19.17 -52.89 43.55
CA PHE C 45 18.50 -54.18 43.73
C PHE C 45 19.37 -55.10 44.57
N GLU C 46 20.02 -54.52 45.58
CA GLU C 46 20.88 -55.29 46.47
C GLU C 46 20.05 -56.33 47.20
N GLY C 47 20.56 -57.55 47.27
CA GLY C 47 19.82 -58.63 47.92
C GLY C 47 18.78 -59.26 47.01
N LEU C 48 18.72 -58.80 45.77
CA LEU C 48 17.82 -59.39 44.79
C LEU C 48 18.61 -59.92 43.62
N GLN C 49 18.12 -61.01 43.05
CA GLN C 49 18.74 -61.68 41.93
C GLN C 49 17.93 -61.41 40.66
N PRO C 50 18.57 -60.83 39.61
CA PRO C 50 17.84 -60.55 38.37
C PRO C 50 17.63 -61.76 37.50
N PHE C 51 16.50 -61.79 36.81
CA PHE C 51 16.13 -62.86 35.94
C PHE C 51 15.67 -62.36 34.59
N PHE C 52 16.11 -63.03 33.54
CA PHE C 52 15.68 -62.68 32.19
C PHE C 52 14.41 -63.48 31.88
N CYS C 53 13.29 -62.80 31.64
CA CYS C 53 12.04 -63.49 31.37
C CYS C 53 11.60 -63.23 29.97
N LEU C 54 11.68 -64.26 29.16
CA LEU C 54 11.25 -64.18 27.77
C LEU C 54 9.85 -64.73 27.65
N MET C 55 8.97 -63.99 26.97
CA MET C 55 7.60 -64.41 26.71
C MET C 55 7.41 -64.82 25.22
N ALA C 56 7.82 -66.06 24.91
CA ALA C 56 7.77 -66.63 23.57
C ALA C 56 6.36 -66.95 23.20
N GLN C 57 6.02 -66.63 21.97
CA GLN C 57 4.73 -66.99 21.44
C GLN C 57 4.87 -68.44 21.03
N GLU C 58 3.73 -69.17 21.10
CA GLU C 58 3.57 -70.60 20.80
C GLU C 58 4.34 -71.57 21.73
N ALA C 59 4.98 -71.03 22.76
CA ALA C 59 5.70 -71.77 23.79
C ALA C 59 5.46 -71.16 25.17
N THR C 60 4.17 -71.15 25.60
CA THR C 60 3.71 -70.60 26.88
C THR C 60 3.27 -71.66 27.92
N GLY C 61 3.28 -71.25 29.20
CA GLY C 61 2.89 -72.05 30.35
C GLY C 61 2.86 -71.23 31.62
N GLN C 62 3.55 -71.74 32.67
CA GLN C 62 3.76 -71.13 33.99
C GLN C 62 5.20 -70.62 34.09
N GLY C 63 6.11 -71.34 33.50
CA GLY C 63 7.51 -70.95 33.39
C GLY C 63 7.84 -70.89 31.92
N VAL C 64 7.51 -69.78 31.26
CA VAL C 64 7.73 -69.60 29.82
C VAL C 64 9.23 -69.65 29.47
N SER C 65 10.03 -68.67 29.90
CA SER C 65 11.49 -68.79 29.70
C SER C 65 12.17 -67.90 30.71
N GLU C 66 12.53 -68.47 31.85
CA GLU C 66 13.21 -67.71 32.86
C GLU C 66 14.66 -68.17 32.98
N GLU C 67 15.60 -67.21 32.97
CA GLU C 67 17.02 -67.52 33.09
C GLU C 67 17.67 -66.54 34.03
N SER C 68 18.43 -67.04 35.00
CA SER C 68 19.14 -66.19 35.93
C SER C 68 20.26 -65.45 35.22
N VAL C 69 20.39 -64.16 35.52
CA VAL C 69 21.42 -63.30 34.96
C VAL C 69 22.70 -63.49 35.77
N VAL C 70 23.81 -63.71 35.09
CA VAL C 70 25.09 -63.93 35.77
C VAL C 70 25.82 -62.69 36.31
N SER C 71 25.91 -61.60 35.51
CA SER C 71 26.63 -60.37 35.89
C SER C 71 25.77 -59.17 36.19
N PHE C 72 25.92 -58.63 37.40
CA PHE C 72 25.16 -57.44 37.74
C PHE C 72 25.82 -56.58 38.79
N ASP C 73 25.54 -55.29 38.71
CA ASP C 73 26.01 -54.33 39.69
C ASP C 73 24.74 -53.81 40.29
N ALA C 74 24.31 -54.45 41.37
CA ALA C 74 23.06 -54.15 42.02
C ALA C 74 23.02 -52.76 42.58
N LYS C 75 24.16 -52.27 43.05
CA LYS C 75 24.33 -50.95 43.64
C LYS C 75 24.11 -49.85 42.60
N ASN C 76 24.72 -50.01 41.45
CA ASN C 76 24.62 -49.00 40.42
C ASN C 76 23.43 -49.23 39.48
N GLY C 77 22.62 -50.26 39.78
CA GLY C 77 21.43 -50.67 39.04
C GLY C 77 21.62 -51.15 37.61
N THR C 78 22.73 -51.83 37.35
CA THR C 78 23.07 -52.31 36.01
C THR C 78 23.17 -53.81 35.92
N LEU C 79 22.97 -54.33 34.72
CA LEU C 79 23.11 -55.74 34.49
C LEU C 79 23.57 -56.02 33.06
N LYS C 80 24.13 -57.19 32.89
CA LYS C 80 24.54 -57.73 31.60
C LYS C 80 24.03 -59.17 31.49
N TYR C 81 23.21 -59.40 30.46
CA TYR C 81 22.64 -60.69 30.15
C TYR C 81 23.19 -61.16 28.80
N VAL C 82 23.77 -62.34 28.77
CA VAL C 82 24.26 -62.88 27.51
C VAL C 82 23.18 -63.76 26.96
N ALA C 83 22.76 -63.48 25.72
CA ALA C 83 21.69 -64.28 25.11
C ALA C 83 22.04 -65.74 25.02
N SER C 84 21.23 -66.56 25.69
CA SER C 84 21.40 -68.00 25.77
C SER C 84 20.93 -68.66 24.49
N ASP C 85 21.24 -69.95 24.34
CA ASP C 85 20.70 -70.69 23.22
C ASP C 85 19.21 -70.73 23.39
N ASN C 86 18.73 -70.94 24.65
CA ASN C 86 17.31 -70.91 24.90
C ASN C 86 16.68 -69.60 24.45
N ALA C 87 17.30 -68.48 24.82
CA ALA C 87 16.81 -67.15 24.46
C ALA C 87 16.70 -66.95 22.99
N LEU C 88 17.54 -67.63 22.18
CA LEU C 88 17.56 -67.46 20.73
C LEU C 88 16.78 -68.46 19.88
N GLN C 89 16.29 -69.51 20.51
CA GLN C 89 15.54 -70.58 19.86
C GLN C 89 14.26 -70.15 19.13
N PHE C 90 13.44 -69.31 19.78
CA PHE C 90 12.16 -68.78 19.30
C PHE C 90 12.40 -67.67 18.27
N VAL C 91 12.37 -68.06 17.00
CA VAL C 91 12.63 -67.14 15.91
C VAL C 91 11.36 -66.38 15.67
N GLY C 92 11.44 -65.07 15.85
CA GLY C 92 10.29 -64.22 15.63
C GLY C 92 10.19 -63.03 16.53
N ARG C 93 9.02 -62.40 16.49
CA ARG C 93 8.82 -61.22 17.31
C ARG C 93 8.28 -61.61 18.68
N ASN C 94 9.15 -61.51 19.71
CA ASN C 94 8.80 -61.84 21.10
C ASN C 94 8.90 -60.58 21.98
N GLU C 95 8.50 -60.71 23.23
CA GLU C 95 8.58 -59.61 24.19
C GLU C 95 9.25 -60.15 25.47
N ALA C 96 10.09 -59.34 26.14
CA ALA C 96 10.79 -59.81 27.34
C ALA C 96 10.86 -58.77 28.45
N TYR C 97 11.17 -59.22 29.66
CA TYR C 97 11.32 -58.35 30.83
C TYR C 97 12.28 -58.91 31.88
N PHE C 98 12.74 -58.04 32.77
CA PHE C 98 13.63 -58.44 33.86
C PHE C 98 12.90 -58.41 35.19
N SER C 99 13.00 -59.51 35.91
CA SER C 99 12.39 -59.67 37.21
C SER C 99 13.44 -59.89 38.28
N PHE C 100 13.27 -59.25 39.41
CA PHE C 100 14.23 -59.29 40.48
C PHE C 100 13.64 -60.03 41.63
N ARG C 101 14.29 -61.07 42.14
CA ARG C 101 13.61 -61.75 43.21
C ARG C 101 14.42 -62.15 44.42
N LYS C 102 13.67 -62.38 45.54
CA LYS C 102 14.17 -62.85 46.82
C LYS C 102 13.34 -64.01 47.35
N GLN C 103 14.10 -65.03 47.75
CA GLN C 103 13.57 -66.28 48.21
C GLN C 103 14.11 -66.67 49.55
N GLU C 104 13.26 -67.34 50.32
CA GLU C 104 13.58 -67.82 51.65
C GLU C 104 13.86 -69.33 51.68
N GLY C 105 12.82 -70.16 51.79
CA GLY C 105 12.98 -71.61 51.83
C GLY C 105 12.44 -72.19 50.56
N GLY C 106 12.84 -71.59 49.43
CA GLY C 106 12.36 -71.98 48.12
C GLY C 106 10.99 -71.42 47.82
N ARG C 107 10.63 -70.40 48.60
CA ARG C 107 9.36 -69.68 48.50
C ARG C 107 9.61 -68.19 48.33
N TRP C 108 8.77 -67.56 47.55
CA TRP C 108 8.83 -66.16 47.20
C TRP C 108 8.54 -65.25 48.37
N ILE C 109 9.23 -64.10 48.42
CA ILE C 109 8.98 -63.11 49.46
C ILE C 109 8.74 -61.71 48.92
N GLU C 110 9.57 -61.30 47.95
CA GLU C 110 9.50 -60.01 47.23
C GLU C 110 9.92 -60.24 45.79
N GLN C 111 9.17 -59.66 44.84
CA GLN C 111 9.49 -59.71 43.41
C GLN C 111 9.05 -58.47 42.61
N PHE C 112 9.96 -57.51 42.38
CA PHE C 112 9.65 -56.37 41.53
C PHE C 112 10.23 -56.68 40.15
N SER C 113 9.91 -55.87 39.15
CA SER C 113 10.31 -56.18 37.78
C SER C 113 10.21 -54.95 36.87
N THR C 114 10.86 -54.97 35.69
CA THR C 114 10.84 -53.87 34.72
C THR C 114 9.63 -53.99 33.85
N ARG C 115 9.48 -52.99 32.98
CA ARG C 115 8.46 -52.93 31.95
C ARG C 115 8.93 -53.78 30.80
N THR C 116 7.98 -54.37 30.12
CA THR C 116 8.31 -55.21 29.00
C THR C 116 8.95 -54.35 27.92
N PHE C 117 9.75 -54.99 27.08
CA PHE C 117 10.41 -54.43 25.90
C PHE C 117 10.44 -55.54 24.84
N HIS C 118 10.72 -55.21 23.58
CA HIS C 118 10.71 -56.22 22.51
C HIS C 118 11.99 -56.98 22.29
N TYR C 119 11.84 -58.26 21.99
CA TYR C 119 12.94 -59.14 21.72
C TYR C 119 12.68 -59.82 20.40
N ILE C 120 13.50 -59.52 19.40
CA ILE C 120 13.28 -60.15 18.11
C ILE C 120 14.47 -60.98 17.69
N VAL C 121 14.20 -62.23 17.33
CA VAL C 121 15.25 -63.10 16.86
C VAL C 121 15.00 -63.34 15.44
N GLU C 122 15.98 -62.95 14.69
CA GLU C 122 16.01 -63.09 13.26
C GLU C 122 16.57 -64.48 12.96
N LYS C 123 16.01 -65.08 11.90
CA LYS C 123 16.35 -66.41 11.38
C LYS C 123 17.75 -66.45 10.77
N SER C 124 18.48 -67.56 10.96
CA SER C 124 19.81 -67.75 10.37
C SER C 124 19.71 -68.90 9.40
N ILE C 125 20.81 -69.15 8.66
CA ILE C 125 20.88 -70.28 7.71
C ILE C 125 20.74 -71.62 8.44
N TYR C 126 21.07 -71.61 9.75
CA TYR C 126 21.04 -72.73 10.67
C TYR C 126 19.64 -73.03 11.19
N SER C 127 18.75 -72.00 11.26
CA SER C 127 17.36 -72.15 11.71
C SER C 127 16.41 -72.51 10.57
N GLN C 128 16.66 -71.92 9.39
CA GLN C 128 15.82 -72.13 8.21
C GLN C 128 15.84 -73.56 7.71
N PRO C 129 14.66 -74.23 7.58
CA PRO C 129 14.62 -75.61 7.07
C PRO C 129 14.97 -75.64 5.59
N PHE C 130 15.76 -76.65 5.16
CA PHE C 130 16.21 -76.80 3.78
C PHE C 130 16.06 -78.23 3.30
N LYS C 131 15.93 -78.42 1.99
CA LYS C 131 15.76 -79.76 1.44
C LYS C 131 17.11 -80.40 1.17
N ASP C 132 17.25 -81.66 1.55
CA ASP C 132 18.44 -82.46 1.32
C ASP C 132 18.06 -83.92 1.23
N SER C 133 18.51 -84.58 0.15
CA SER C 133 18.23 -85.99 -0.13
C SER C 133 16.71 -86.26 -0.06
N ASN C 134 15.89 -85.49 -0.83
CA ASN C 134 14.42 -85.57 -0.91
C ASN C 134 13.62 -85.53 0.46
N TYR C 135 14.25 -84.96 1.50
CA TYR C 135 13.66 -84.75 2.84
C TYR C 135 13.99 -83.34 3.32
N TRP C 136 13.20 -82.80 4.27
CA TRP C 136 13.40 -81.48 4.84
C TRP C 136 14.19 -81.61 6.11
N TRP C 137 15.24 -80.79 6.26
CA TRP C 137 16.14 -80.83 7.40
C TRP C 137 16.47 -79.44 7.91
N THR C 138 16.87 -79.37 9.18
CA THR C 138 17.42 -78.17 9.82
C THR C 138 18.87 -78.51 10.14
N PHE C 139 19.73 -77.50 10.32
CA PHE C 139 21.16 -77.74 10.57
C PHE C 139 21.47 -78.65 11.79
N LYS C 140 20.85 -78.36 12.94
CA LYS C 140 21.02 -79.08 14.19
C LYS C 140 20.76 -80.59 14.01
N GLU C 141 19.74 -80.95 13.19
CA GLU C 141 19.36 -82.35 12.95
C GLU C 141 20.43 -83.11 12.23
N LEU C 142 20.91 -82.57 11.10
CA LEU C 142 21.95 -83.26 10.34
C LEU C 142 23.29 -83.26 11.09
N TYR C 143 23.65 -82.11 11.69
CA TYR C 143 24.90 -82.00 12.41
C TYR C 143 25.01 -83.05 13.49
N ARG C 144 23.88 -83.46 14.06
CA ARG C 144 23.85 -84.51 15.06
C ARG C 144 24.09 -85.87 14.45
N ILE C 145 23.43 -86.13 13.29
CA ILE C 145 23.52 -87.43 12.61
C ILE C 145 24.91 -87.64 12.06
N PHE C 146 25.51 -86.57 11.57
CA PHE C 146 26.86 -86.63 11.01
C PHE C 146 27.89 -86.89 12.11
N ASN C 147 27.73 -86.23 13.25
CA ASN C 147 28.63 -86.42 14.40
C ASN C 147 28.38 -87.78 15.07
N LYS C 148 27.19 -88.37 14.85
CA LYS C 148 26.87 -89.70 15.33
C LYS C 148 27.59 -90.71 14.46
N TYR C 149 27.63 -90.47 13.15
CA TYR C 149 28.32 -91.35 12.22
C TYR C 149 29.83 -91.34 12.51
N ILE C 150 30.37 -90.17 12.87
CA ILE C 150 31.79 -90.03 13.20
C ILE C 150 32.15 -90.75 14.50
N GLU C 151 31.28 -90.62 15.52
CA GLU C 151 31.50 -91.24 16.83
C GLU C 151 31.31 -92.75 16.82
N ASP C 152 30.26 -93.21 16.15
CA ASP C 152 29.98 -94.63 16.09
C ASP C 152 30.92 -95.34 15.13
N GLY C 153 31.42 -94.59 14.15
CA GLY C 153 32.38 -95.12 13.18
C GLY C 153 33.75 -95.34 13.82
N LYS C 154 34.16 -94.41 14.70
CA LYS C 154 35.45 -94.54 15.38
C LYS C 154 35.41 -95.72 16.33
N LYS C 155 34.27 -95.88 17.05
CA LYS C 155 34.05 -96.95 18.00
C LYS C 155 34.01 -98.31 17.32
N SER C 156 33.45 -98.38 16.12
CA SER C 156 33.35 -99.62 15.33
C SER C 156 34.69 -100.03 14.74
N TRP C 157 35.57 -99.05 14.49
CA TRP C 157 36.90 -99.31 13.96
C TRP C 157 37.83 -99.76 15.07
N GLU C 158 37.64 -99.17 16.25
CA GLU C 158 38.41 -99.51 17.44
C GLU C 158 38.12 -100.97 17.86
N GLN C 159 36.84 -101.38 17.74
CA GLN C 159 36.31 -102.72 17.99
C GLN C 159 36.88 -103.69 16.96
N PHE C 160 36.95 -103.25 15.67
CA PHE C 160 37.46 -104.02 14.54
C PHE C 160 38.91 -104.44 14.73
N VAL C 161 39.77 -103.50 15.13
CA VAL C 161 41.20 -103.78 15.32
C VAL C 161 41.44 -104.76 16.49
N GLU C 162 40.78 -104.52 17.66
CA GLU C 162 40.93 -105.35 18.85
C GLU C 162 40.41 -106.76 18.65
N ALA C 163 39.23 -106.89 18.03
CA ALA C 163 38.60 -108.20 17.79
C ALA C 163 39.45 -109.06 16.88
N ASN C 164 40.05 -108.46 15.84
CA ASN C 164 40.92 -109.14 14.89
C ASN C 164 42.25 -109.56 15.52
N ARG C 165 42.73 -108.76 16.48
CA ARG C 165 43.97 -109.06 17.18
C ARG C 165 43.78 -110.18 18.22
N GLU C 166 42.53 -110.37 18.71
CA GLU C 166 42.16 -111.43 19.65
C GLU C 166 42.22 -112.78 18.96
N ILE C 167 41.95 -112.81 17.63
CA ILE C 167 42.01 -114.03 16.83
C ILE C 167 43.50 -114.43 16.65
N LEU C 168 44.37 -113.44 16.38
CA LEU C 168 45.80 -113.67 16.13
C LEU C 168 46.61 -113.89 17.41
N GLU C 169 46.32 -113.11 18.45
CA GLU C 169 47.10 -113.14 19.68
C GLU C 169 46.61 -114.02 20.83
N SER C 170 45.27 -114.13 21.03
CA SER C 170 44.68 -114.85 22.17
C SER C 170 44.34 -116.30 21.84
N ILE C 171 44.08 -116.56 20.56
CA ILE C 171 43.75 -117.89 20.09
C ILE C 171 44.98 -118.76 19.80
N ASP C 172 46.16 -118.15 19.74
CA ASP C 172 47.38 -118.92 19.45
C ASP C 172 48.50 -118.77 20.49
N PRO C 173 49.13 -119.90 20.96
CA PRO C 173 50.24 -119.80 21.94
C PRO C 173 51.53 -119.17 21.35
N GLY C 174 51.73 -119.36 20.03
CA GLY C 174 52.82 -118.79 19.23
C GLY C 174 52.44 -117.62 18.33
N GLY C 175 51.14 -117.40 18.12
CA GLY C 175 50.62 -116.30 17.30
C GLY C 175 50.84 -114.94 17.94
N VAL C 176 50.83 -114.91 19.27
CA VAL C 176 51.07 -113.70 20.07
C VAL C 176 52.44 -113.11 19.73
N LEU C 177 53.45 -113.97 19.51
CA LEU C 177 54.84 -113.61 19.16
C LEU C 177 54.90 -112.78 17.87
N LEU C 178 54.19 -113.24 16.83
CA LEU C 178 54.16 -112.55 15.54
C LEU C 178 53.62 -111.14 15.70
N ALA C 179 52.49 -111.02 16.42
CA ALA C 179 51.84 -109.74 16.70
C ALA C 179 52.75 -108.73 17.41
N LYS C 180 53.66 -109.21 18.27
CA LYS C 180 54.58 -108.39 19.02
C LYS C 180 55.71 -107.95 18.11
N VAL C 181 56.33 -108.89 17.38
CA VAL C 181 57.48 -108.63 16.49
C VAL C 181 57.18 -107.58 15.46
N ILE C 182 56.04 -107.73 14.82
CA ILE C 182 55.55 -106.82 13.78
C ILE C 182 55.43 -105.36 14.28
N ASP C 183 54.96 -105.20 15.51
CA ASP C 183 54.79 -103.90 16.12
C ASP C 183 56.12 -103.31 16.54
N ILE C 184 57.03 -104.15 17.06
CA ILE C 184 58.36 -103.77 17.51
C ILE C 184 59.21 -103.31 16.33
N GLU C 185 59.21 -104.10 15.24
CA GLU C 185 60.01 -103.78 14.06
C GLU C 185 59.66 -102.44 13.42
N LYS C 186 58.37 -102.06 13.47
CA LYS C 186 57.93 -100.79 12.91
C LYS C 186 58.36 -99.59 13.79
N ILE C 187 58.42 -99.80 15.10
CA ILE C 187 58.86 -98.76 16.02
C ILE C 187 60.36 -98.62 15.89
N VAL C 188 61.04 -99.72 15.83
CA VAL C 188 62.48 -99.76 15.70
C VAL C 188 63.00 -99.14 14.38
N ASN C 189 62.20 -99.19 13.31
CA ASN C 189 62.61 -98.61 12.05
C ASN C 189 62.12 -97.14 11.92
N GLU C 190 61.32 -96.66 12.87
CA GLU C 190 60.82 -95.29 12.82
C GLU C 190 61.41 -94.41 13.91
N LYS C 191 61.46 -94.92 15.15
CA LYS C 191 61.93 -94.18 16.32
C LYS C 191 63.37 -94.42 16.75
N VAL C 192 63.94 -95.59 16.41
CA VAL C 192 65.31 -95.93 16.80
C VAL C 192 66.22 -95.58 15.62
N PRO C 193 67.46 -95.04 15.84
CA PRO C 193 68.38 -94.75 14.72
C PRO C 193 68.99 -96.10 14.28
N ALA C 194 68.32 -96.68 13.27
CA ALA C 194 68.58 -98.01 12.72
C ALA C 194 69.53 -98.34 11.56
N GLY C 195 69.07 -98.04 10.33
CA GLY C 195 69.72 -98.41 9.08
C GLY C 195 70.01 -97.27 8.12
N PHE C 196 69.72 -96.04 8.50
CA PHE C 196 70.11 -94.94 7.60
C PHE C 196 71.33 -94.15 8.12
N LYS C 197 72.44 -94.24 7.37
CA LYS C 197 73.74 -93.66 7.73
C LYS C 197 74.17 -92.67 6.65
N PHE C 198 74.38 -91.40 7.05
CA PHE C 198 74.82 -90.30 6.18
C PHE C 198 76.07 -89.70 6.77
N VAL C 199 77.02 -89.31 5.91
CA VAL C 199 78.30 -88.75 6.34
C VAL C 199 78.32 -87.26 6.01
N LEU C 200 78.77 -86.43 6.97
CA LEU C 200 78.91 -85.00 6.79
C LEU C 200 80.35 -84.64 7.06
N GLU C 201 81.04 -84.21 6.01
CA GLU C 201 82.42 -83.76 6.11
C GLU C 201 82.38 -82.32 6.55
N HIS C 202 83.34 -81.93 7.41
CA HIS C 202 83.37 -80.58 7.95
C HIS C 202 84.76 -79.98 8.13
N ASP C 203 84.83 -78.71 8.57
CA ASP C 203 86.06 -77.96 8.75
C ASP C 203 86.57 -77.97 10.20
N SER C 204 85.77 -78.57 11.13
CA SER C 204 86.17 -78.62 12.54
C SER C 204 87.13 -79.73 12.84
N GLU C 205 87.93 -79.50 13.86
CA GLU C 205 88.80 -80.55 14.31
C GLU C 205 88.11 -81.33 15.42
N TYR C 206 86.95 -80.81 15.86
CA TYR C 206 86.17 -81.35 16.97
C TYR C 206 84.91 -82.15 16.56
N GLN C 207 83.87 -82.20 17.43
CA GLN C 207 82.68 -83.02 17.22
C GLN C 207 81.42 -82.15 17.17
N PRO C 208 81.12 -81.52 16.01
CA PRO C 208 79.95 -80.63 15.92
C PRO C 208 78.59 -81.30 16.11
N GLU C 209 77.64 -80.64 16.78
CA GLU C 209 76.31 -81.20 16.99
C GLU C 209 75.52 -81.13 15.69
N VAL C 210 74.83 -82.22 15.37
CA VAL C 210 74.02 -82.29 14.16
C VAL C 210 72.56 -82.54 14.57
N LYS C 211 71.64 -81.78 13.97
CA LYS C 211 70.21 -81.92 14.19
C LYS C 211 69.54 -82.19 12.85
N VAL C 212 68.72 -83.26 12.79
CA VAL C 212 68.06 -83.67 11.55
C VAL C 212 66.54 -83.55 11.64
N THR C 213 65.90 -83.00 10.57
CA THR C 213 64.45 -82.83 10.43
C THR C 213 63.95 -83.34 9.06
N SER C 214 62.74 -83.93 9.02
CA SER C 214 62.13 -84.47 7.81
C SER C 214 60.78 -83.84 7.58
N TYR C 215 60.52 -83.42 6.33
CA TYR C 215 59.26 -82.77 5.97
C TYR C 215 58.99 -82.92 4.48
N LYS C 216 57.70 -82.91 4.13
CA LYS C 216 57.19 -83.09 2.80
C LYS C 216 56.55 -81.77 2.37
N ASN C 217 56.57 -81.46 1.05
CA ASN C 217 55.92 -80.29 0.46
C ASN C 217 56.43 -78.92 0.84
N ALA C 218 57.70 -78.80 1.17
CA ALA C 218 58.30 -77.51 1.47
C ALA C 218 58.33 -76.65 0.18
N ILE C 219 58.45 -75.32 0.34
CA ILE C 219 58.53 -74.31 -0.73
C ILE C 219 59.50 -74.80 -1.84
N GLY C 220 59.00 -74.91 -3.07
CA GLY C 220 59.77 -75.36 -4.23
C GLY C 220 59.86 -76.86 -4.45
N THR C 221 59.26 -77.67 -3.56
CA THR C 221 59.31 -79.14 -3.68
C THR C 221 58.00 -79.77 -4.11
N GLU C 222 56.91 -78.98 -4.16
CA GLU C 222 55.60 -79.48 -4.53
C GLU C 222 55.59 -80.05 -5.96
N THR C 223 54.86 -81.17 -6.17
CA THR C 223 54.77 -81.89 -7.46
C THR C 223 54.21 -81.03 -8.60
N ASP C 224 53.07 -80.37 -8.37
CA ASP C 224 52.41 -79.56 -9.40
C ASP C 224 52.77 -78.04 -9.33
N GLY C 225 53.99 -77.74 -8.89
CA GLY C 225 54.49 -76.37 -8.78
C GLY C 225 54.24 -75.66 -7.46
N PHE C 226 54.71 -74.43 -7.37
CA PHE C 226 54.59 -73.60 -6.17
C PHE C 226 53.15 -73.48 -5.65
N ASP C 227 52.93 -73.70 -4.34
CA ASP C 227 51.63 -73.60 -3.67
C ASP C 227 50.57 -74.51 -4.29
N SER C 228 50.99 -75.72 -4.69
CA SER C 228 50.06 -76.71 -5.26
C SER C 228 49.72 -77.81 -4.25
N GLY C 229 50.53 -77.89 -3.19
CA GLY C 229 50.37 -78.85 -2.10
C GLY C 229 49.22 -78.56 -1.15
N PRO C 230 48.84 -79.56 -0.31
CA PRO C 230 47.71 -79.34 0.62
C PRO C 230 48.00 -78.38 1.78
N VAL C 231 49.26 -78.31 2.21
CA VAL C 231 49.66 -77.41 3.32
C VAL C 231 50.76 -76.49 2.80
N PHE C 232 50.42 -75.21 2.58
CA PHE C 232 51.40 -74.24 2.08
C PHE C 232 52.57 -74.06 3.05
N GLY C 233 53.79 -74.16 2.56
CA GLY C 233 54.97 -73.98 3.41
C GLY C 233 55.60 -75.30 3.76
N GLY C 234 54.79 -76.35 3.71
CA GLY C 234 55.22 -77.71 4.02
C GLY C 234 54.35 -78.39 5.07
N GLY C 235 54.36 -79.72 5.06
CA GLY C 235 53.58 -80.50 6.02
C GLY C 235 54.22 -80.58 7.39
N THR C 236 53.91 -81.68 8.09
CA THR C 236 54.42 -81.93 9.42
C THR C 236 55.94 -82.06 9.37
N ILE C 237 56.64 -81.36 10.30
CA ILE C 237 58.10 -81.41 10.46
C ILE C 237 58.38 -82.45 11.54
N TYR C 238 59.16 -83.48 11.19
CA TYR C 238 59.50 -84.54 12.11
C TYR C 238 60.94 -84.38 12.55
N ASN C 239 61.20 -84.30 13.85
CA ASN C 239 62.56 -84.31 14.39
C ASN C 239 63.01 -85.75 14.25
N VAL C 240 64.09 -85.93 13.54
CA VAL C 240 64.63 -87.24 13.26
C VAL C 240 65.57 -87.68 14.40
N PRO C 241 65.30 -88.84 15.07
CA PRO C 241 66.21 -89.32 16.13
C PRO C 241 67.53 -89.72 15.50
N VAL C 242 68.63 -89.27 16.08
CA VAL C 242 69.96 -89.53 15.53
C VAL C 242 70.92 -90.18 16.48
N SER C 243 71.86 -90.93 15.91
CA SER C 243 72.95 -91.52 16.64
C SER C 243 74.21 -90.93 15.99
N LEU C 244 74.98 -90.13 16.73
CA LEU C 244 76.15 -89.45 16.16
C LEU C 244 77.45 -90.13 16.50
N SER C 245 78.35 -90.18 15.53
CA SER C 245 79.63 -90.85 15.55
C SER C 245 80.65 -89.92 14.88
N TYR C 246 81.87 -89.80 15.41
CA TYR C 246 82.85 -88.85 14.85
C TYR C 246 84.24 -89.38 14.55
N ASP C 247 84.79 -88.96 13.41
CA ASP C 247 86.15 -89.17 12.95
C ASP C 247 86.69 -87.77 12.62
N ARG C 248 87.96 -87.64 12.24
CA ARG C 248 88.57 -86.35 11.91
C ARG C 248 87.82 -85.71 10.73
N GLN C 249 87.13 -84.58 10.99
CA GLN C 249 86.37 -83.82 9.97
C GLN C 249 85.26 -84.61 9.25
N LYS C 250 84.67 -85.58 9.98
CA LYS C 250 83.61 -86.45 9.49
C LYS C 250 82.65 -86.78 10.63
N VAL C 251 81.35 -86.57 10.40
CA VAL C 251 80.27 -86.93 11.33
C VAL C 251 79.47 -88.02 10.64
N TYR C 252 79.25 -89.12 11.35
CA TYR C 252 78.42 -90.20 10.86
C TYR C 252 77.08 -90.06 11.57
N VAL C 253 76.03 -89.78 10.80
CA VAL C 253 74.68 -89.54 11.31
C VAL C 253 73.82 -90.77 11.02
N GLU C 254 73.44 -91.49 12.08
CA GLU C 254 72.60 -92.69 11.97
C GLU C 254 71.16 -92.40 12.36
N MET C 255 70.24 -92.68 11.46
CA MET C 255 68.83 -92.39 11.56
C MET C 255 68.02 -93.68 11.37
N PRO C 256 66.72 -93.75 11.78
CA PRO C 256 65.95 -94.98 11.53
C PRO C 256 65.76 -95.24 10.05
N LYS C 257 65.56 -96.52 9.66
CA LYS C 257 65.35 -96.96 8.27
C LYS C 257 64.25 -96.16 7.56
N SER C 258 63.13 -95.82 8.24
CA SER C 258 62.02 -95.06 7.63
C SER C 258 62.44 -93.73 7.02
N TYR C 259 63.53 -93.14 7.51
CA TYR C 259 64.03 -91.86 7.02
C TYR C 259 65.01 -91.97 5.85
N THR C 260 65.28 -93.21 5.36
CA THR C 260 66.13 -93.46 4.19
C THR C 260 65.63 -92.69 2.99
N LEU C 261 66.52 -91.90 2.39
CA LEU C 261 66.15 -91.01 1.31
C LEU C 261 67.34 -90.74 0.41
N ALA C 262 67.30 -91.36 -0.76
CA ALA C 262 68.36 -91.14 -1.73
C ALA C 262 67.88 -90.15 -2.76
N GLY C 263 68.35 -88.90 -2.67
CA GLY C 263 67.97 -87.85 -3.59
C GLY C 263 69.12 -86.93 -3.91
N ASP C 264 68.79 -85.67 -4.26
CA ASP C 264 69.79 -84.66 -4.60
C ASP C 264 70.30 -83.98 -3.33
N ILE C 265 71.62 -83.93 -3.20
CA ILE C 265 72.32 -83.33 -2.05
C ILE C 265 72.62 -81.86 -2.36
N ILE C 266 71.99 -80.96 -1.61
CA ILE C 266 72.16 -79.52 -1.78
C ILE C 266 72.84 -78.93 -0.56
N LEU C 267 73.98 -78.25 -0.79
CA LEU C 267 74.75 -77.62 0.25
C LEU C 267 74.50 -76.12 0.22
N ILE C 268 74.07 -75.58 1.37
CA ILE C 268 73.82 -74.15 1.56
C ILE C 268 75.12 -73.59 2.14
N ASP C 269 75.33 -72.25 1.94
CA ASP C 269 76.50 -71.43 2.33
C ASP C 269 77.08 -71.62 3.75
N ASP C 270 76.28 -72.16 4.69
CA ASP C 270 76.66 -72.33 6.09
C ASP C 270 76.64 -73.79 6.57
N GLY C 271 76.39 -74.00 7.85
CA GLY C 271 76.25 -75.31 8.47
C GLY C 271 74.87 -75.91 8.23
N THR C 272 74.41 -75.93 6.94
CA THR C 272 73.14 -76.54 6.52
C THR C 272 73.20 -77.28 5.19
N LEU C 273 72.65 -78.50 5.14
CA LEU C 273 72.62 -79.38 3.97
C LEU C 273 71.25 -80.04 3.85
N LEU C 274 70.74 -80.14 2.61
CA LEU C 274 69.45 -80.77 2.33
C LEU C 274 69.60 -81.92 1.39
N VAL C 275 68.72 -82.90 1.56
CA VAL C 275 68.59 -84.05 0.67
C VAL C 275 67.15 -83.97 0.19
N ILE C 276 66.96 -83.66 -1.10
CA ILE C 276 65.62 -83.52 -1.69
C ILE C 276 65.34 -84.63 -2.72
N LYS C 277 64.26 -85.38 -2.48
CA LYS C 277 63.80 -86.42 -3.40
C LYS C 277 62.34 -86.11 -3.67
N GLU C 278 62.09 -85.35 -4.75
CA GLU C 278 60.78 -84.88 -5.18
C GLU C 278 60.19 -84.02 -4.07
N THR C 279 59.08 -84.47 -3.44
CA THR C 279 58.41 -83.69 -2.37
C THR C 279 59.00 -83.86 -0.99
N GLN C 280 59.87 -84.85 -0.82
CA GLN C 280 60.43 -85.19 0.47
C GLN C 280 61.78 -84.52 0.69
N VAL C 281 61.97 -83.94 1.89
CA VAL C 281 63.22 -83.29 2.27
C VAL C 281 63.73 -83.83 3.58
N LEU C 282 65.04 -84.03 3.63
CA LEU C 282 65.75 -84.40 4.84
C LEU C 282 66.75 -83.27 5.08
N CYS C 283 66.57 -82.53 6.17
CA CYS C 283 67.38 -81.36 6.53
C CYS C 283 68.43 -81.66 7.62
N PHE C 284 69.68 -81.22 7.38
CA PHE C 284 70.81 -81.42 8.30
C PHE C 284 71.34 -80.08 8.76
N LYS C 285 71.30 -79.82 10.08
CA LYS C 285 71.78 -78.58 10.66
C LYS C 285 72.98 -78.83 11.59
N MET C 286 74.17 -78.25 11.21
CA MET C 286 75.45 -78.34 11.96
C MET C 286 75.72 -77.07 12.73
N SER C 287 75.96 -77.22 14.02
CA SER C 287 76.33 -76.10 14.88
C SER C 287 77.84 -76.07 15.07
N ASP C 288 78.43 -74.86 15.09
CA ASP C 288 79.86 -74.61 15.33
C ASP C 288 80.83 -75.12 14.25
N ALA C 289 80.30 -75.53 13.09
CA ALA C 289 81.15 -75.97 11.98
C ALA C 289 80.44 -75.84 10.64
N LYS C 290 81.22 -75.88 9.54
CA LYS C 290 80.73 -75.71 8.18
C LYS C 290 80.77 -77.03 7.45
N ILE C 291 79.64 -77.46 6.88
CA ILE C 291 79.57 -78.70 6.11
C ILE C 291 80.30 -78.44 4.81
N THR C 292 81.26 -79.32 4.46
CA THR C 292 82.06 -79.14 3.24
C THR C 292 81.61 -80.13 2.16
N LYS C 293 81.07 -81.30 2.59
CA LYS C 293 80.57 -82.37 1.74
C LYS C 293 79.59 -83.23 2.51
N GLY C 294 78.63 -83.80 1.80
CA GLY C 294 77.63 -84.69 2.37
C GLY C 294 77.31 -85.82 1.41
N TYR C 295 77.24 -87.05 1.93
CA TYR C 295 76.95 -88.24 1.12
C TYR C 295 76.48 -89.40 1.97
N VAL C 296 75.75 -90.34 1.37
CA VAL C 296 75.26 -91.55 2.05
C VAL C 296 76.48 -92.47 2.30
N PHE C 297 76.56 -93.07 3.50
CA PHE C 297 77.66 -93.97 3.87
C PHE C 297 77.68 -95.25 3.02
N VAL C 298 78.84 -95.51 2.40
CA VAL C 298 79.07 -96.70 1.56
C VAL C 298 80.09 -97.64 2.23
N ALA C 299 79.64 -98.89 2.50
CA ALA C 299 80.45 -99.92 3.12
C ALA C 299 80.58 -101.12 2.19
N MET D 1 11.65 -52.15 46.62
CA MET D 1 10.32 -52.21 46.03
C MET D 1 9.93 -50.94 45.23
N THR D 2 9.14 -51.14 44.16
CA THR D 2 8.65 -50.12 43.23
C THR D 2 7.53 -49.26 43.80
N GLU D 3 7.68 -47.93 43.69
CA GLU D 3 6.70 -46.99 44.22
C GLU D 3 6.02 -46.26 43.10
N HIS D 4 4.68 -46.20 43.15
CA HIS D 4 3.85 -45.52 42.15
C HIS D 4 3.15 -44.36 42.81
N PHE D 5 3.69 -43.15 42.59
CA PHE D 5 3.15 -41.94 43.19
C PHE D 5 1.97 -41.38 42.43
N ILE D 6 0.80 -41.40 43.07
CA ILE D 6 -0.45 -40.87 42.50
C ILE D 6 -1.20 -40.00 43.51
N THR D 7 -2.00 -39.05 43.01
CA THR D 7 -2.80 -38.19 43.89
C THR D 7 -4.25 -38.50 43.62
N LEU D 8 -5.00 -38.94 44.65
CA LEU D 8 -6.41 -39.31 44.52
C LEU D 8 -7.34 -38.33 45.24
N SER D 9 -8.41 -37.88 44.54
CA SER D 9 -9.40 -36.95 45.09
C SER D 9 -10.72 -37.66 45.39
N THR D 10 -11.40 -37.20 46.45
CA THR D 10 -12.70 -37.71 46.88
C THR D 10 -13.83 -36.92 46.18
N THR D 11 -13.59 -35.64 45.94
CA THR D 11 -14.58 -34.77 45.35
C THR D 11 -14.42 -34.55 43.84
N GLU D 12 -13.25 -34.91 43.27
CA GLU D 12 -12.99 -34.72 41.83
C GLU D 12 -12.69 -36.04 41.12
N PRO D 13 -12.99 -36.18 39.79
CA PRO D 13 -12.67 -37.43 39.08
C PRO D 13 -11.17 -37.58 38.89
N ASN D 14 -10.67 -38.79 39.08
CA ASN D 14 -9.24 -39.12 38.96
C ASN D 14 -8.87 -39.62 37.57
N ASN D 15 -9.03 -38.75 36.61
CA ASN D 15 -8.78 -39.08 35.22
C ASN D 15 -7.44 -38.57 34.76
N ASN D 16 -6.99 -37.46 35.35
CA ASN D 16 -5.74 -36.83 34.97
C ASN D 16 -4.47 -37.49 35.51
N ILE D 17 -4.62 -38.54 36.34
CA ILE D 17 -3.48 -39.32 36.85
C ILE D 17 -2.82 -40.10 35.72
N GLY D 18 -1.53 -40.42 35.89
CA GLY D 18 -0.81 -41.16 34.87
C GLY D 18 -1.25 -42.60 34.73
N ILE D 19 -0.63 -43.31 33.78
CA ILE D 19 -0.93 -44.72 33.59
C ILE D 19 -0.29 -45.52 34.73
N VAL D 20 -1.12 -46.01 35.65
CA VAL D 20 -0.56 -46.83 36.72
C VAL D 20 -0.56 -48.27 36.22
N LYS D 21 0.64 -48.80 35.87
CA LYS D 21 0.83 -50.12 35.28
C LYS D 21 1.57 -51.01 36.23
N LEU D 22 1.02 -52.22 36.47
CA LEU D 22 1.63 -53.20 37.38
C LEU D 22 1.79 -54.58 36.69
N ARG D 23 2.77 -55.39 37.13
CA ARG D 23 3.01 -56.74 36.57
C ARG D 23 2.18 -57.77 37.34
N HIS D 24 1.67 -58.81 36.65
CA HIS D 24 0.84 -59.85 37.24
C HIS D 24 1.50 -60.59 38.40
N ALA D 25 2.69 -61.16 38.16
CA ALA D 25 3.28 -61.91 39.27
C ALA D 25 4.38 -61.09 39.91
N ASP D 26 4.00 -60.25 40.88
CA ASP D 26 4.97 -59.39 41.55
C ASP D 26 5.01 -59.49 43.09
N VAL D 27 4.12 -60.33 43.64
CA VAL D 27 3.99 -60.58 45.09
C VAL D 27 3.91 -59.27 45.90
N ASN D 28 4.85 -59.02 46.84
CA ASN D 28 4.81 -57.83 47.67
C ASN D 28 5.92 -56.87 47.31
N SER D 29 5.75 -56.23 46.16
CA SER D 29 6.73 -55.27 45.68
C SER D 29 6.11 -54.02 45.06
N GLN D 30 5.06 -54.19 44.20
CA GLN D 30 4.37 -53.11 43.49
C GLN D 30 3.53 -52.28 44.45
N ALA D 31 4.12 -51.20 44.98
CA ALA D 31 3.46 -50.34 45.95
C ALA D 31 2.95 -49.07 45.34
N ILE D 32 1.74 -48.67 45.78
CA ILE D 32 1.04 -47.48 45.31
C ILE D 32 1.18 -46.51 46.47
N VAL D 33 1.66 -45.30 46.16
CA VAL D 33 1.79 -44.21 47.12
C VAL D 33 0.74 -43.19 46.67
N ALA D 34 -0.35 -43.10 47.45
CA ALA D 34 -1.48 -42.24 47.11
C ALA D 34 -1.64 -41.08 48.06
N GLN D 35 -1.78 -39.86 47.53
CA GLN D 35 -2.04 -38.66 48.31
C GLN D 35 -3.54 -38.39 48.23
N ILE D 36 -4.20 -38.34 49.36
CA ILE D 36 -5.64 -38.14 49.40
C ILE D 36 -5.95 -36.65 49.46
N VAL D 37 -6.84 -36.18 48.56
CA VAL D 37 -7.26 -34.79 48.42
C VAL D 37 -8.78 -34.69 48.50
N GLU D 38 -9.27 -33.67 49.21
CA GLU D 38 -10.70 -33.37 49.33
C GLU D 38 -10.85 -31.87 49.08
N ASN D 39 -11.56 -31.52 48.01
CA ASN D 39 -11.79 -30.14 47.59
C ASN D 39 -10.48 -29.33 47.43
N GLY D 40 -9.44 -30.01 46.93
CA GLY D 40 -8.12 -29.42 46.68
C GLY D 40 -7.12 -29.53 47.81
N GLN D 41 -7.62 -29.62 49.05
CA GLN D 41 -6.78 -29.71 50.24
C GLN D 41 -6.59 -31.17 50.71
N PRO D 42 -5.45 -31.51 51.36
CA PRO D 42 -5.24 -32.89 51.84
C PRO D 42 -6.26 -33.33 52.88
N LYS D 43 -6.56 -34.62 52.88
CA LYS D 43 -7.55 -35.22 53.76
C LYS D 43 -7.02 -35.92 55.02
N ASN D 44 -7.56 -35.55 56.21
CA ASN D 44 -7.20 -36.18 57.50
C ASN D 44 -8.18 -37.27 57.89
N PHE D 45 -7.77 -38.49 57.62
CA PHE D 45 -8.57 -39.66 57.95
C PHE D 45 -8.13 -40.24 59.29
N GLU D 46 -7.91 -39.35 60.24
CA GLU D 46 -7.50 -39.74 61.57
C GLU D 46 -8.62 -40.49 62.26
N GLY D 47 -8.31 -41.72 62.67
CA GLY D 47 -9.25 -42.61 63.32
C GLY D 47 -9.88 -43.62 62.37
N LEU D 48 -9.91 -43.29 61.09
CA LEU D 48 -10.49 -44.18 60.08
C LEU D 48 -9.36 -45.02 59.46
N GLN D 49 -9.57 -46.35 59.31
CA GLN D 49 -8.55 -47.22 58.71
C GLN D 49 -8.82 -47.36 57.23
N PRO D 50 -7.77 -47.12 56.40
CA PRO D 50 -7.92 -47.20 54.95
C PRO D 50 -8.08 -48.64 54.49
N PHE D 51 -8.83 -48.81 53.39
CA PHE D 51 -9.12 -50.08 52.74
C PHE D 51 -9.03 -49.97 51.22
N PHE D 52 -8.25 -50.87 50.60
CA PHE D 52 -8.15 -50.93 49.15
C PHE D 52 -9.38 -51.68 48.67
N CYS D 53 -10.25 -51.05 47.88
CA CYS D 53 -11.48 -51.69 47.42
C CYS D 53 -11.40 -51.90 45.92
N LEU D 54 -11.18 -53.15 45.45
CA LEU D 54 -11.14 -53.46 44.02
C LEU D 54 -12.49 -53.94 43.56
N MET D 55 -13.08 -53.26 42.58
CA MET D 55 -14.38 -53.64 42.06
C MET D 55 -14.26 -54.80 41.10
N ALA D 56 -15.17 -55.77 41.23
CA ALA D 56 -15.23 -56.96 40.37
C ALA D 56 -15.72 -56.62 38.98
N GLN D 57 -15.39 -57.49 38.02
CA GLN D 57 -15.81 -57.28 36.64
C GLN D 57 -17.29 -57.51 36.53
N GLU D 58 -17.99 -56.57 35.90
CA GLU D 58 -19.44 -56.63 35.76
C GLU D 58 -19.96 -57.88 35.05
N ALA D 59 -19.13 -58.46 34.17
CA ALA D 59 -19.50 -59.63 33.39
C ALA D 59 -19.70 -60.89 34.21
N THR D 60 -18.66 -61.27 34.97
CA THR D 60 -18.67 -62.49 35.77
C THR D 60 -19.07 -62.27 37.22
N GLY D 61 -18.77 -61.10 37.74
CA GLY D 61 -19.07 -60.81 39.13
C GLY D 61 -18.04 -61.41 40.06
N GLN D 62 -16.85 -61.67 39.54
CA GLN D 62 -15.75 -62.23 40.30
C GLN D 62 -14.61 -61.20 40.36
N GLY D 63 -13.97 -61.03 41.51
CA GLY D 63 -12.85 -60.11 41.64
C GLY D 63 -12.93 -59.02 42.68
N VAL D 64 -13.95 -59.04 43.57
CA VAL D 64 -14.12 -58.05 44.66
C VAL D 64 -13.06 -58.24 45.72
N SER D 65 -12.26 -57.23 45.95
CA SER D 65 -11.20 -57.35 46.91
C SER D 65 -11.27 -56.22 47.90
N GLU D 66 -11.46 -56.57 49.17
CA GLU D 66 -11.51 -55.64 50.30
C GLU D 66 -10.27 -55.93 51.14
N GLU D 67 -9.28 -55.02 51.04
CA GLU D 67 -7.97 -55.17 51.70
C GLU D 67 -7.62 -54.03 52.66
N SER D 68 -7.13 -54.38 53.90
CA SER D 68 -6.72 -53.39 54.89
C SER D 68 -5.34 -52.85 54.56
N VAL D 69 -5.21 -51.53 54.48
CA VAL D 69 -3.93 -50.93 54.16
C VAL D 69 -3.10 -50.84 55.44
N VAL D 70 -1.86 -51.39 55.38
CA VAL D 70 -0.93 -51.48 56.50
C VAL D 70 -0.23 -50.15 56.79
N SER D 71 0.55 -49.61 55.82
CA SER D 71 1.30 -48.37 55.95
C SER D 71 0.52 -47.19 55.41
N PHE D 72 0.37 -46.14 56.24
CA PHE D 72 -0.40 -44.93 55.93
C PHE D 72 -0.17 -43.84 56.98
N ASP D 73 -0.26 -42.57 56.56
CA ASP D 73 -0.13 -41.41 57.44
C ASP D 73 -1.44 -40.63 57.39
N ALA D 74 -2.27 -40.74 58.45
CA ALA D 74 -3.59 -40.09 58.48
C ALA D 74 -3.58 -38.58 58.55
N LYS D 75 -2.59 -38.00 59.26
CA LYS D 75 -2.49 -36.55 59.43
C LYS D 75 -2.21 -35.80 58.14
N ASN D 76 -1.29 -36.30 57.32
CA ASN D 76 -0.99 -35.60 56.06
C ASN D 76 -1.85 -36.07 54.90
N GLY D 77 -2.46 -37.25 55.06
CA GLY D 77 -3.33 -37.86 54.07
C GLY D 77 -2.62 -38.62 52.97
N THR D 78 -1.70 -39.50 53.36
CA THR D 78 -0.94 -40.31 52.42
C THR D 78 -1.06 -41.78 52.79
N LEU D 79 -1.00 -42.66 51.80
CA LEU D 79 -1.03 -44.10 52.07
C LEU D 79 -0.15 -44.86 51.10
N LYS D 80 0.40 -45.99 51.55
CA LYS D 80 1.25 -46.81 50.70
C LYS D 80 0.70 -48.23 50.65
N TYR D 81 -0.08 -48.50 49.60
CA TYR D 81 -0.69 -49.81 49.39
C TYR D 81 0.15 -50.66 48.45
N VAL D 82 0.63 -51.79 48.94
CA VAL D 82 1.37 -52.76 48.15
C VAL D 82 0.36 -53.71 47.53
N ALA D 83 0.35 -53.76 46.19
CA ALA D 83 -0.58 -54.59 45.44
C ALA D 83 -0.40 -56.02 45.90
N SER D 84 -1.53 -56.74 46.02
CA SER D 84 -1.59 -58.12 46.49
C SER D 84 -1.95 -59.01 45.31
N ASP D 85 -1.97 -60.32 45.55
CA ASP D 85 -2.35 -61.33 44.56
C ASP D 85 -3.77 -61.11 44.02
N ASN D 86 -4.71 -60.69 44.90
CA ASN D 86 -6.11 -60.43 44.55
C ASN D 86 -6.24 -59.16 43.73
N ALA D 87 -5.32 -58.20 43.96
CA ALA D 87 -5.28 -56.94 43.23
C ALA D 87 -4.79 -57.17 41.82
N LEU D 88 -3.82 -58.04 41.68
CA LEU D 88 -3.24 -58.32 40.39
C LEU D 88 -3.81 -59.59 39.76
N GLN D 89 -5.05 -60.00 40.08
CA GLN D 89 -5.57 -61.25 39.51
C GLN D 89 -6.04 -61.20 38.06
N PHE D 90 -6.61 -60.07 37.66
CA PHE D 90 -7.02 -59.93 36.28
C PHE D 90 -6.00 -59.18 35.46
N VAL D 91 -5.56 -59.80 34.37
CA VAL D 91 -4.62 -59.17 33.46
C VAL D 91 -5.42 -58.22 32.58
N GLY D 92 -5.07 -56.94 32.63
CA GLY D 92 -5.77 -55.91 31.88
C GLY D 92 -6.22 -54.78 32.78
N ARG D 93 -7.22 -54.03 32.30
CA ARG D 93 -7.76 -52.87 33.01
C ARG D 93 -8.50 -53.25 34.28
N ASN D 94 -8.28 -52.49 35.35
CA ASN D 94 -8.94 -52.74 36.64
C ASN D 94 -9.48 -51.44 37.24
N GLU D 95 -10.63 -51.54 37.89
CA GLU D 95 -11.34 -50.42 38.49
C GLU D 95 -11.33 -50.58 40.01
N ALA D 96 -10.63 -49.68 40.71
CA ALA D 96 -10.50 -49.70 42.17
C ALA D 96 -10.54 -48.30 42.80
N TYR D 97 -10.65 -48.24 44.13
CA TYR D 97 -10.70 -47.02 44.92
C TYR D 97 -10.27 -47.35 46.35
N PHE D 98 -10.11 -46.32 47.18
CA PHE D 98 -9.77 -46.48 48.60
C PHE D 98 -10.87 -45.97 49.51
N SER D 99 -11.26 -46.81 50.47
CA SER D 99 -12.29 -46.45 51.44
C SER D 99 -11.71 -46.37 52.85
N PHE D 100 -12.22 -45.44 53.65
CA PHE D 100 -11.74 -45.23 55.02
C PHE D 100 -12.91 -45.34 55.97
N ARG D 101 -12.80 -46.19 57.03
CA ARG D 101 -13.92 -46.38 57.97
C ARG D 101 -13.57 -46.58 59.42
N LYS D 102 -14.47 -46.15 60.31
CA LYS D 102 -14.39 -46.35 61.76
C LYS D 102 -15.34 -47.48 62.14
N GLN D 103 -14.92 -48.36 63.04
CA GLN D 103 -15.75 -49.49 63.46
C GLN D 103 -15.88 -49.61 64.96
N GLU D 104 -17.09 -49.98 65.40
CA GLU D 104 -17.43 -50.21 66.80
C GLU D 104 -17.75 -51.72 66.83
N GLY D 105 -16.68 -52.50 66.81
CA GLY D 105 -16.74 -53.95 66.79
C GLY D 105 -17.16 -54.59 65.48
N GLY D 106 -18.37 -54.25 65.05
CA GLY D 106 -18.92 -54.76 63.81
C GLY D 106 -19.58 -53.63 63.06
N ARG D 107 -20.32 -52.77 63.80
CA ARG D 107 -21.06 -51.64 63.25
C ARG D 107 -20.13 -50.52 62.78
N TRP D 108 -20.39 -50.03 61.58
CA TRP D 108 -19.64 -48.92 61.02
C TRP D 108 -20.12 -47.60 61.63
N ILE D 109 -19.16 -46.73 62.00
CA ILE D 109 -19.45 -45.41 62.58
C ILE D 109 -19.52 -44.37 61.47
N GLU D 110 -18.43 -44.22 60.73
CA GLU D 110 -18.34 -43.31 59.59
C GLU D 110 -17.42 -43.88 58.53
N GLN D 111 -17.72 -43.60 57.26
CA GLN D 111 -16.96 -44.08 56.12
C GLN D 111 -17.06 -43.12 54.97
N PHE D 112 -15.92 -42.83 54.33
CA PHE D 112 -15.81 -41.99 53.13
C PHE D 112 -14.86 -42.67 52.15
N SER D 113 -15.11 -42.50 50.86
CA SER D 113 -14.30 -43.14 49.84
C SER D 113 -13.82 -42.18 48.77
N THR D 114 -12.66 -42.51 48.15
CA THR D 114 -12.07 -41.74 47.04
C THR D 114 -12.79 -42.05 45.76
N ARG D 115 -12.62 -41.18 44.77
CA ARG D 115 -13.20 -41.42 43.47
C ARG D 115 -12.44 -42.54 42.77
N THR D 116 -13.17 -43.38 42.02
CA THR D 116 -12.59 -44.56 41.36
C THR D 116 -11.45 -44.20 40.42
N PHE D 117 -10.41 -45.02 40.44
CA PHE D 117 -9.27 -44.86 39.54
C PHE D 117 -9.05 -46.13 38.73
N HIS D 118 -8.33 -46.02 37.63
CA HIS D 118 -8.06 -47.16 36.77
C HIS D 118 -6.59 -47.52 36.73
N TYR D 119 -6.31 -48.82 36.76
CA TYR D 119 -4.94 -49.33 36.65
C TYR D 119 -4.91 -50.54 35.76
N ILE D 120 -3.80 -50.72 35.07
CA ILE D 120 -3.61 -51.83 34.14
C ILE D 120 -2.62 -52.85 34.69
N VAL D 121 -2.97 -54.15 34.55
CA VAL D 121 -2.13 -55.25 34.98
C VAL D 121 -1.53 -55.91 33.74
N GLU D 122 -0.20 -55.88 33.62
CA GLU D 122 0.54 -56.47 32.50
C GLU D 122 0.60 -57.98 32.66
N LYS D 123 0.76 -58.69 31.54
CA LYS D 123 0.88 -60.15 31.56
C LYS D 123 2.29 -60.57 31.97
N SER D 124 2.40 -61.59 32.81
CA SER D 124 3.68 -62.09 33.27
C SER D 124 3.86 -63.49 32.70
N ILE D 125 5.07 -64.08 32.83
CA ILE D 125 5.35 -65.47 32.41
C ILE D 125 4.50 -66.45 33.24
N TYR D 126 4.22 -66.07 34.52
CA TYR D 126 3.40 -66.80 35.49
C TYR D 126 1.94 -66.34 35.42
N SER D 127 1.01 -67.25 35.69
CA SER D 127 -0.45 -67.02 35.68
C SER D 127 -1.05 -67.70 36.91
N GLN D 128 -1.39 -66.91 37.92
CA GLN D 128 -1.89 -67.42 39.20
C GLN D 128 -3.30 -68.00 39.12
N PRO D 129 -3.49 -69.29 39.45
CA PRO D 129 -4.85 -69.84 39.41
C PRO D 129 -5.63 -69.44 40.64
N PHE D 130 -6.91 -69.06 40.44
CA PHE D 130 -7.78 -68.61 41.51
C PHE D 130 -9.00 -69.51 41.71
N LYS D 131 -9.32 -69.74 42.98
CA LYS D 131 -10.46 -70.54 43.41
C LYS D 131 -11.70 -69.67 43.45
N ASP D 132 -12.86 -70.22 43.06
CA ASP D 132 -14.12 -69.49 43.11
C ASP D 132 -14.55 -69.31 44.57
N SER D 133 -15.03 -68.09 44.89
CA SER D 133 -15.44 -67.70 46.22
C SER D 133 -16.51 -68.60 46.82
N ASN D 134 -16.38 -68.87 48.12
CA ASN D 134 -17.30 -69.73 48.89
C ASN D 134 -17.38 -69.32 50.37
N TYR D 135 -17.42 -68.00 50.64
CA TYR D 135 -17.53 -67.45 51.99
C TYR D 135 -18.81 -67.93 52.68
N TRP D 136 -19.91 -68.02 51.92
CA TRP D 136 -21.19 -68.47 52.46
C TRP D 136 -21.17 -69.94 52.85
N TRP D 137 -20.61 -70.78 51.97
CA TRP D 137 -20.55 -72.21 52.23
C TRP D 137 -19.70 -72.54 53.45
N THR D 138 -18.53 -71.91 53.56
CA THR D 138 -17.59 -72.13 54.65
C THR D 138 -18.21 -71.75 55.98
N PHE D 139 -18.98 -70.64 55.98
CA PHE D 139 -19.69 -70.16 57.15
C PHE D 139 -20.86 -71.05 57.53
N LYS D 140 -21.72 -71.38 56.55
CA LYS D 140 -22.88 -72.22 56.84
C LYS D 140 -22.47 -73.63 57.32
N GLU D 141 -21.33 -74.13 56.81
CA GLU D 141 -20.81 -75.42 57.23
C GLU D 141 -20.29 -75.35 58.64
N LEU D 142 -19.47 -74.32 58.94
CA LEU D 142 -18.94 -74.15 60.28
C LEU D 142 -20.08 -74.03 61.30
N TYR D 143 -21.17 -73.35 60.91
CA TYR D 143 -22.34 -73.17 61.77
C TYR D 143 -23.08 -74.47 61.94
N ARG D 144 -23.36 -75.18 60.83
CA ARG D 144 -24.11 -76.42 60.97
C ARG D 144 -23.39 -77.50 61.77
N ILE D 145 -22.04 -77.46 61.74
CA ILE D 145 -21.19 -78.38 62.47
C ILE D 145 -21.25 -78.03 63.94
N PHE D 146 -21.18 -76.73 64.24
CA PHE D 146 -21.30 -76.22 65.58
C PHE D 146 -22.69 -76.50 66.13
N ASN D 147 -23.73 -76.39 65.29
CA ASN D 147 -25.09 -76.66 65.73
C ASN D 147 -25.37 -78.14 66.02
N LYS D 148 -24.79 -79.04 65.18
CA LYS D 148 -24.89 -80.49 65.35
C LYS D 148 -24.10 -80.91 66.57
N TYR D 149 -23.05 -80.15 66.90
CA TYR D 149 -22.26 -80.36 68.10
C TYR D 149 -23.09 -80.09 69.32
N ILE D 150 -24.04 -79.15 69.20
CA ILE D 150 -24.92 -78.76 70.29
C ILE D 150 -25.99 -79.83 70.54
N GLU D 151 -26.67 -80.31 69.47
CA GLU D 151 -27.73 -81.31 69.62
C GLU D 151 -27.19 -82.60 70.23
N ASP D 152 -26.08 -83.08 69.67
CA ASP D 152 -25.47 -84.32 70.10
C ASP D 152 -24.70 -84.20 71.38
N GLY D 153 -24.16 -83.02 71.66
CA GLY D 153 -23.43 -82.70 72.89
C GLY D 153 -24.34 -82.72 74.11
N LYS D 154 -25.58 -82.26 73.94
CA LYS D 154 -26.63 -82.25 74.96
C LYS D 154 -27.09 -83.69 75.23
N LYS D 155 -27.28 -84.47 74.13
CA LYS D 155 -27.72 -85.86 74.16
C LYS D 155 -26.64 -86.76 74.80
N SER D 156 -25.36 -86.53 74.48
CA SER D 156 -24.26 -87.31 75.04
C SER D 156 -24.01 -86.97 76.50
N TRP D 157 -24.27 -85.71 76.88
CA TRP D 157 -24.08 -85.28 78.26
C TRP D 157 -25.19 -85.84 79.15
N GLU D 158 -26.46 -85.76 78.67
CA GLU D 158 -27.64 -86.23 79.38
C GLU D 158 -27.52 -87.73 79.74
N GLN D 159 -27.03 -88.52 78.79
CA GLN D 159 -26.80 -89.96 78.92
C GLN D 159 -25.64 -90.27 79.85
N PHE D 160 -24.62 -89.37 79.90
CA PHE D 160 -23.47 -89.51 80.76
C PHE D 160 -23.85 -89.34 82.23
N VAL D 161 -24.67 -88.33 82.53
CA VAL D 161 -25.14 -88.04 83.88
C VAL D 161 -26.08 -89.17 84.38
N GLU D 162 -27.09 -89.57 83.56
CA GLU D 162 -28.02 -90.64 83.93
C GLU D 162 -27.36 -92.01 84.14
N ALA D 163 -26.26 -92.30 83.43
CA ALA D 163 -25.50 -93.54 83.59
C ALA D 163 -24.74 -93.53 84.92
N ASN D 164 -24.30 -92.34 85.35
CA ASN D 164 -23.58 -92.16 86.61
C ASN D 164 -24.47 -91.61 87.74
N ARG D 165 -25.80 -91.72 87.57
CA ARG D 165 -26.79 -91.24 88.54
C ARG D 165 -26.63 -91.92 89.91
N GLU D 166 -26.36 -93.23 89.90
CA GLU D 166 -26.17 -94.04 91.10
C GLU D 166 -25.05 -93.47 91.96
N ILE D 167 -23.89 -93.25 91.32
CA ILE D 167 -22.70 -92.75 91.99
C ILE D 167 -22.79 -91.29 92.44
N LEU D 168 -23.69 -90.51 91.79
CA LEU D 168 -23.95 -89.10 92.10
C LEU D 168 -24.91 -88.91 93.28
N GLU D 169 -25.76 -89.91 93.55
CA GLU D 169 -26.71 -89.87 94.66
C GLU D 169 -26.00 -90.33 95.96
N SER D 170 -25.04 -91.25 95.82
CA SER D 170 -24.26 -91.83 96.93
C SER D 170 -22.91 -91.14 97.12
N ILE D 171 -22.75 -89.95 96.56
CA ILE D 171 -21.51 -89.16 96.65
C ILE D 171 -21.34 -88.52 98.04
N ASP D 172 -22.42 -87.91 98.56
CA ASP D 172 -22.38 -87.26 99.86
C ASP D 172 -23.63 -87.59 100.69
N PRO D 173 -23.45 -88.27 101.85
CA PRO D 173 -24.60 -88.57 102.70
C PRO D 173 -25.00 -87.34 103.52
N GLY D 174 -26.29 -87.02 103.46
CA GLY D 174 -26.86 -85.90 104.19
C GLY D 174 -26.47 -84.54 103.65
N GLY D 175 -25.18 -84.24 103.68
CA GLY D 175 -24.65 -82.96 103.21
C GLY D 175 -23.49 -82.46 104.04
N VAL D 176 -22.54 -83.38 104.37
CA VAL D 176 -21.32 -83.12 105.16
C VAL D 176 -20.49 -82.03 104.44
N LEU D 177 -20.18 -82.33 103.17
CA LEU D 177 -19.39 -81.51 102.28
C LEU D 177 -20.17 -80.40 101.66
N LEU D 178 -21.43 -80.65 101.25
CA LEU D 178 -22.24 -79.62 100.61
C LEU D 178 -22.39 -78.34 101.44
N ALA D 179 -22.55 -78.49 102.77
CA ALA D 179 -22.68 -77.38 103.71
C ALA D 179 -21.33 -76.64 103.78
N LYS D 180 -20.23 -77.40 103.87
CA LYS D 180 -18.84 -76.91 103.96
C LYS D 180 -18.34 -76.19 102.71
N VAL D 181 -18.62 -76.77 101.53
CA VAL D 181 -18.24 -76.21 100.24
C VAL D 181 -19.00 -74.94 99.93
N ILE D 182 -20.27 -74.88 100.36
CA ILE D 182 -21.07 -73.67 100.17
C ILE D 182 -20.51 -72.45 100.94
N ASP D 183 -19.83 -72.71 102.08
CA ASP D 183 -19.16 -71.73 102.95
C ASP D 183 -17.81 -71.32 102.33
N ILE D 184 -17.19 -72.24 101.53
CA ILE D 184 -15.92 -71.96 100.84
C ILE D 184 -16.19 -71.19 99.55
N GLU D 185 -17.38 -71.40 98.95
CA GLU D 185 -17.87 -70.75 97.75
C GLU D 185 -18.15 -69.28 98.05
N LYS D 186 -18.84 -69.00 99.17
CA LYS D 186 -19.17 -67.62 99.55
C LYS D 186 -17.96 -66.72 99.75
N ILE D 187 -16.83 -67.29 100.21
CA ILE D 187 -15.60 -66.52 100.44
C ILE D 187 -14.75 -66.39 99.21
N VAL D 188 -14.91 -67.32 98.26
CA VAL D 188 -14.22 -67.31 96.98
C VAL D 188 -14.94 -66.32 96.01
N ASN D 189 -16.26 -66.16 96.21
CA ASN D 189 -17.09 -65.23 95.47
C ASN D 189 -16.98 -63.79 96.02
N GLU D 190 -16.28 -63.61 97.15
CA GLU D 190 -16.09 -62.29 97.76
C GLU D 190 -14.63 -61.87 97.81
N LYS D 191 -13.76 -62.85 98.09
CA LYS D 191 -12.33 -62.67 98.33
C LYS D 191 -11.37 -62.98 97.17
N VAL D 192 -11.82 -63.79 96.20
CA VAL D 192 -10.99 -64.13 95.05
C VAL D 192 -11.57 -63.33 93.86
N PRO D 193 -10.71 -62.85 92.89
CA PRO D 193 -11.22 -62.14 91.70
C PRO D 193 -11.55 -63.22 90.64
N ALA D 194 -12.85 -63.58 90.62
CA ALA D 194 -13.42 -64.68 89.82
C ALA D 194 -14.14 -64.43 88.49
N GLY D 195 -15.41 -64.04 88.56
CA GLY D 195 -16.31 -63.92 87.42
C GLY D 195 -16.62 -62.58 86.80
N PHE D 196 -16.60 -61.53 87.61
CA PHE D 196 -16.90 -60.16 87.17
C PHE D 196 -15.66 -59.53 86.49
N LYS D 197 -15.77 -59.33 85.17
CA LYS D 197 -14.72 -58.79 84.31
C LYS D 197 -15.13 -57.44 83.68
N PHE D 198 -14.32 -56.40 83.94
CA PHE D 198 -14.55 -55.05 83.43
C PHE D 198 -13.38 -54.58 82.58
N VAL D 199 -13.69 -53.94 81.43
CA VAL D 199 -12.67 -53.46 80.52
C VAL D 199 -12.52 -51.95 80.63
N LEU D 200 -11.28 -51.49 80.76
CA LEU D 200 -10.96 -50.08 80.82
C LEU D 200 -10.01 -49.71 79.70
N GLU D 201 -10.47 -48.86 78.78
CA GLU D 201 -9.65 -48.37 77.68
C GLU D 201 -8.87 -47.13 78.15
N HIS D 202 -7.60 -47.04 77.78
CA HIS D 202 -6.75 -45.93 78.17
C HIS D 202 -5.94 -45.35 77.00
N ASP D 203 -5.28 -44.20 77.25
CA ASP D 203 -4.43 -43.49 76.28
C ASP D 203 -2.96 -43.95 76.35
N SER D 204 -2.55 -44.55 77.49
CA SER D 204 -1.19 -45.03 77.71
C SER D 204 -0.84 -46.24 76.85
N GLU D 205 0.44 -46.38 76.52
CA GLU D 205 0.94 -47.49 75.72
C GLU D 205 1.37 -48.64 76.63
N TYR D 206 1.53 -48.33 77.92
CA TYR D 206 1.99 -49.28 78.92
C TYR D 206 0.87 -49.99 79.75
N GLN D 207 1.19 -50.40 80.98
CA GLN D 207 0.26 -51.11 81.85
C GLN D 207 0.00 -50.27 83.08
N PRO D 208 -1.08 -49.47 83.06
CA PRO D 208 -1.37 -48.61 84.22
C PRO D 208 -1.96 -49.39 85.40
N GLU D 209 -1.61 -48.97 86.62
CA GLU D 209 -2.10 -49.62 87.83
C GLU D 209 -3.52 -49.20 88.09
N VAL D 210 -4.39 -50.20 88.33
CA VAL D 210 -5.81 -49.95 88.61
C VAL D 210 -6.14 -50.42 90.02
N LYS D 211 -6.82 -49.54 90.77
CA LYS D 211 -7.27 -49.80 92.14
C LYS D 211 -8.80 -49.66 92.20
N VAL D 212 -9.48 -50.73 92.63
CA VAL D 212 -10.94 -50.76 92.70
C VAL D 212 -11.43 -50.79 94.13
N THR D 213 -12.42 -49.91 94.42
CA THR D 213 -13.06 -49.77 95.73
C THR D 213 -14.59 -49.83 95.60
N SER D 214 -15.24 -50.43 96.60
CA SER D 214 -16.70 -50.57 96.62
C SER D 214 -17.27 -49.94 97.88
N TYR D 215 -18.30 -49.12 97.71
CA TYR D 215 -18.95 -48.40 98.82
C TYR D 215 -20.41 -48.07 98.50
N LYS D 216 -21.20 -47.94 99.54
CA LYS D 216 -22.62 -47.66 99.44
C LYS D 216 -22.93 -46.30 100.08
N ASN D 217 -24.01 -45.63 99.63
CA ASN D 217 -24.52 -44.36 100.16
C ASN D 217 -23.55 -43.16 100.12
N ALA D 218 -22.84 -43.01 99.00
CA ALA D 218 -21.95 -41.87 98.78
C ALA D 218 -22.82 -40.67 98.41
N ILE D 219 -22.25 -39.47 98.39
CA ILE D 219 -22.99 -38.25 98.07
C ILE D 219 -23.73 -38.32 96.72
N GLY D 220 -25.05 -38.10 96.76
CA GLY D 220 -25.92 -38.10 95.59
C GLY D 220 -26.37 -39.46 95.11
N THR D 221 -26.14 -40.51 95.91
CA THR D 221 -26.54 -41.89 95.56
C THR D 221 -27.64 -42.45 96.45
N GLU D 222 -27.90 -41.80 97.59
CA GLU D 222 -28.91 -42.20 98.58
C GLU D 222 -30.31 -42.17 97.97
N THR D 223 -31.13 -43.15 98.36
CA THR D 223 -32.51 -43.33 97.87
C THR D 223 -33.44 -42.14 98.15
N ASP D 224 -33.43 -41.61 99.40
CA ASP D 224 -34.30 -40.50 99.82
C ASP D 224 -33.65 -39.11 99.72
N GLY D 225 -32.70 -38.95 98.81
CA GLY D 225 -32.00 -37.69 98.57
C GLY D 225 -30.73 -37.49 99.38
N PHE D 226 -30.16 -36.28 99.29
CA PHE D 226 -28.91 -35.90 99.97
C PHE D 226 -29.04 -35.99 101.50
N ASP D 227 -28.04 -36.62 102.16
CA ASP D 227 -27.93 -36.81 103.62
C ASP D 227 -29.16 -37.55 104.22
N SER D 228 -29.67 -38.54 103.48
CA SER D 228 -30.81 -39.34 103.94
C SER D 228 -30.37 -40.72 104.46
N GLY D 229 -29.16 -41.13 104.08
CA GLY D 229 -28.58 -42.41 104.46
C GLY D 229 -28.14 -42.49 105.91
N PRO D 230 -27.82 -43.70 106.42
CA PRO D 230 -27.41 -43.83 107.83
C PRO D 230 -26.04 -43.23 108.14
N VAL D 231 -25.08 -43.34 107.21
CA VAL D 231 -23.73 -42.80 107.38
C VAL D 231 -23.45 -41.76 106.30
N PHE D 232 -23.37 -40.50 106.72
CA PHE D 232 -23.11 -39.38 105.84
C PHE D 232 -21.71 -39.44 105.26
N GLY D 233 -21.60 -39.24 103.96
CA GLY D 233 -20.33 -39.27 103.23
C GLY D 233 -20.06 -40.60 102.52
N GLY D 234 -20.71 -41.66 103.01
CA GLY D 234 -20.56 -43.01 102.50
C GLY D 234 -20.33 -44.03 103.60
N GLY D 235 -20.74 -45.27 103.33
CA GLY D 235 -20.60 -46.37 104.28
C GLY D 235 -19.20 -46.93 104.39
N THR D 236 -19.13 -48.25 104.49
CA THR D 236 -17.86 -48.95 104.59
C THR D 236 -17.27 -49.04 103.19
N ILE D 237 -15.97 -48.71 103.09
CA ILE D 237 -15.19 -48.72 101.85
C ILE D 237 -14.43 -50.05 101.78
N TYR D 238 -14.76 -50.88 100.79
CA TYR D 238 -14.14 -52.19 100.62
C TYR D 238 -13.13 -52.18 99.49
N ASN D 239 -11.90 -52.60 99.78
CA ASN D 239 -10.84 -52.71 98.78
C ASN D 239 -11.08 -53.99 97.97
N VAL D 240 -11.48 -53.83 96.69
CA VAL D 240 -11.83 -54.93 95.80
C VAL D 240 -10.58 -55.67 95.28
N PRO D 241 -10.47 -57.00 95.56
CA PRO D 241 -9.32 -57.77 95.05
C PRO D 241 -9.39 -57.87 93.55
N VAL D 242 -8.26 -57.62 92.87
CA VAL D 242 -8.19 -57.56 91.41
C VAL D 242 -7.14 -58.48 90.77
N SER D 243 -7.48 -59.04 89.61
CA SER D 243 -6.59 -59.86 88.79
C SER D 243 -6.48 -59.13 87.45
N LEU D 244 -5.38 -58.36 87.32
CA LEU D 244 -5.09 -57.49 86.18
C LEU D 244 -4.55 -58.25 84.98
N SER D 245 -5.11 -57.91 83.82
CA SER D 245 -4.76 -58.44 82.51
C SER D 245 -4.65 -57.26 81.54
N TYR D 246 -3.62 -57.26 80.70
CA TYR D 246 -3.38 -56.13 79.82
C TYR D 246 -3.21 -56.46 78.35
N ASP D 247 -3.76 -55.57 77.50
CA ASP D 247 -3.65 -55.56 76.04
C ASP D 247 -3.29 -54.14 75.63
N ARG D 248 -3.06 -53.88 74.33
CA ARG D 248 -2.71 -52.53 73.87
C ARG D 248 -3.88 -51.59 74.13
N GLN D 249 -3.65 -50.58 74.98
CA GLN D 249 -4.64 -49.57 75.38
C GLN D 249 -5.94 -50.13 76.01
N LYS D 250 -5.88 -51.35 76.58
CA LYS D 250 -7.00 -52.05 77.24
C LYS D 250 -6.54 -52.77 78.51
N VAL D 251 -7.30 -52.57 79.63
CA VAL D 251 -7.06 -53.19 80.93
C VAL D 251 -8.26 -54.07 81.27
N TYR D 252 -8.00 -55.37 81.46
CA TYR D 252 -9.03 -56.32 81.85
C TYR D 252 -8.96 -56.52 83.35
N VAL D 253 -9.95 -55.97 84.05
CA VAL D 253 -10.02 -56.00 85.50
C VAL D 253 -10.94 -57.12 85.96
N GLU D 254 -10.36 -58.21 86.52
CA GLU D 254 -11.20 -59.30 87.05
C GLU D 254 -11.45 -59.10 88.52
N MET D 255 -12.70 -59.31 88.91
CA MET D 255 -13.17 -59.06 90.27
C MET D 255 -14.05 -60.20 90.80
N PRO D 256 -14.22 -60.34 92.15
CA PRO D 256 -15.06 -61.40 92.70
C PRO D 256 -16.52 -61.29 92.27
N LYS D 257 -17.20 -62.43 92.23
CA LYS D 257 -18.61 -62.54 91.83
C LYS D 257 -19.59 -61.63 92.62
N SER D 258 -19.29 -61.34 93.90
CA SER D 258 -20.14 -60.51 94.75
C SER D 258 -20.11 -59.05 94.35
N TYR D 259 -19.01 -58.62 93.72
CA TYR D 259 -18.86 -57.25 93.27
C TYR D 259 -19.46 -57.01 91.86
N THR D 260 -20.23 -57.98 91.33
CA THR D 260 -20.89 -57.86 90.02
C THR D 260 -21.94 -56.75 90.12
N LEU D 261 -21.76 -55.70 89.35
CA LEU D 261 -22.64 -54.54 89.38
C LEU D 261 -22.84 -53.96 87.99
N ALA D 262 -24.06 -54.10 87.48
CA ALA D 262 -24.38 -53.57 86.16
C ALA D 262 -25.29 -52.34 86.30
N GLY D 263 -24.67 -51.17 86.28
CA GLY D 263 -25.38 -49.89 86.42
C GLY D 263 -24.95 -48.85 85.42
N ASP D 264 -24.99 -47.57 85.83
CA ASP D 264 -24.59 -46.47 84.97
C ASP D 264 -23.09 -46.23 85.07
N ILE D 265 -22.41 -46.19 83.91
CA ILE D 265 -20.97 -45.98 83.83
C ILE D 265 -20.69 -44.50 83.67
N ILE D 266 -20.15 -43.87 84.71
CA ILE D 266 -19.84 -42.44 84.72
C ILE D 266 -18.33 -42.24 84.64
N LEU D 267 -17.89 -41.53 83.60
CA LEU D 267 -16.48 -41.27 83.40
C LEU D 267 -16.16 -39.81 83.72
N ILE D 268 -15.34 -39.59 84.75
CA ILE D 268 -14.84 -38.26 85.11
C ILE D 268 -13.64 -38.08 84.16
N ASP D 269 -13.37 -36.83 83.72
CA ASP D 269 -12.32 -36.48 82.74
C ASP D 269 -10.84 -36.56 83.23
N ASP D 270 -10.47 -37.73 83.80
CA ASP D 270 -9.14 -38.04 84.34
C ASP D 270 -9.07 -39.54 84.60
N GLY D 271 -8.12 -39.95 85.43
CA GLY D 271 -7.91 -41.34 85.84
C GLY D 271 -8.90 -41.89 86.86
N THR D 272 -10.20 -41.61 86.68
CA THR D 272 -11.27 -42.11 87.54
C THR D 272 -12.60 -42.41 86.77
N LEU D 273 -13.17 -43.61 87.02
CA LEU D 273 -14.42 -44.11 86.44
C LEU D 273 -15.29 -44.72 87.53
N LEU D 274 -16.62 -44.55 87.41
CA LEU D 274 -17.57 -45.07 88.38
C LEU D 274 -18.68 -45.89 87.77
N VAL D 275 -19.12 -46.91 88.50
CA VAL D 275 -20.27 -47.71 88.10
C VAL D 275 -21.24 -47.54 89.24
N ILE D 276 -22.34 -46.82 88.98
CA ILE D 276 -23.35 -46.54 90.00
C ILE D 276 -24.69 -47.21 89.68
N LYS D 277 -25.16 -48.05 90.60
CA LYS D 277 -26.44 -48.73 90.54
C LYS D 277 -27.14 -48.45 91.86
N GLU D 278 -28.04 -47.45 91.84
CA GLU D 278 -28.81 -46.94 92.98
C GLU D 278 -27.80 -46.42 94.01
N THR D 279 -27.71 -47.07 95.18
CA THR D 279 -26.81 -46.68 96.28
C THR D 279 -25.41 -47.26 96.20
N GLN D 280 -25.28 -48.39 95.48
CA GLN D 280 -24.01 -49.10 95.33
C GLN D 280 -23.13 -48.46 94.26
N VAL D 281 -21.88 -48.15 94.63
CA VAL D 281 -20.87 -47.53 93.76
C VAL D 281 -19.64 -48.40 93.70
N LEU D 282 -19.11 -48.56 92.49
CA LEU D 282 -17.88 -49.31 92.23
C LEU D 282 -16.93 -48.34 91.56
N CYS D 283 -15.89 -47.95 92.28
CA CYS D 283 -14.92 -46.95 91.84
C CYS D 283 -13.68 -47.57 91.20
N PHE D 284 -13.24 -46.97 90.09
CA PHE D 284 -12.07 -47.41 89.34
C PHE D 284 -11.03 -46.30 89.26
N LYS D 285 -9.96 -46.44 90.03
CA LYS D 285 -8.88 -45.45 90.05
C LYS D 285 -7.67 -45.95 89.29
N MET D 286 -7.22 -45.16 88.32
CA MET D 286 -6.09 -45.51 87.47
C MET D 286 -4.95 -44.53 87.58
N SER D 287 -3.73 -45.03 87.75
CA SER D 287 -2.52 -44.23 87.88
C SER D 287 -1.78 -44.10 86.57
N ASP D 288 -1.11 -42.96 86.38
CA ASP D 288 -0.29 -42.61 85.21
C ASP D 288 -0.93 -42.76 83.81
N ALA D 289 -2.28 -42.79 83.74
CA ALA D 289 -3.02 -42.90 82.48
C ALA D 289 -4.44 -42.36 82.61
N LYS D 290 -5.05 -41.95 81.48
CA LYS D 290 -6.40 -41.40 81.42
C LYS D 290 -7.36 -42.42 80.83
N ILE D 291 -8.50 -42.64 81.50
CA ILE D 291 -9.52 -43.58 81.03
C ILE D 291 -10.32 -42.93 79.90
N THR D 292 -10.48 -43.64 78.78
CA THR D 292 -11.21 -43.17 77.60
C THR D 292 -12.60 -43.80 77.51
N LYS D 293 -12.70 -45.11 77.82
CA LYS D 293 -13.94 -45.88 77.75
C LYS D 293 -13.93 -46.98 78.79
N GLY D 294 -15.11 -47.25 79.35
CA GLY D 294 -15.32 -48.31 80.33
C GLY D 294 -16.57 -49.12 80.05
N TYR D 295 -16.44 -50.45 80.04
CA TYR D 295 -17.54 -51.36 79.76
C TYR D 295 -17.31 -52.77 80.32
N VAL D 296 -18.39 -53.50 80.56
CA VAL D 296 -18.32 -54.89 81.04
C VAL D 296 -17.90 -55.81 79.90
N PHE D 297 -16.95 -56.71 80.17
CA PHE D 297 -16.43 -57.64 79.17
C PHE D 297 -17.47 -58.60 78.62
N VAL D 298 -17.46 -58.80 77.29
CA VAL D 298 -18.35 -59.72 76.59
C VAL D 298 -17.60 -60.53 75.54
N ALA D 299 -17.86 -61.83 75.48
CA ALA D 299 -17.20 -62.70 74.52
C ALA D 299 -18.19 -63.64 73.84
N MET E 1 -2.27 -89.86 37.19
CA MET E 1 -1.27 -89.84 36.13
C MET E 1 -1.77 -89.15 34.86
N THR E 2 -0.86 -88.43 34.18
CA THR E 2 -1.19 -87.71 32.95
C THR E 2 -0.48 -88.33 31.77
N GLU E 3 -1.22 -88.53 30.67
CA GLU E 3 -0.70 -89.13 29.44
C GLU E 3 -0.84 -88.20 28.25
N HIS E 4 0.16 -88.24 27.36
CA HIS E 4 0.21 -87.46 26.13
C HIS E 4 0.37 -88.39 24.93
N PHE E 5 -0.68 -88.44 24.10
CA PHE E 5 -0.74 -89.30 22.92
C PHE E 5 -0.46 -88.48 21.67
N ILE E 6 0.69 -88.76 21.03
CA ILE E 6 1.16 -88.10 19.82
C ILE E 6 1.69 -89.09 18.77
N THR E 7 1.93 -88.60 17.54
CA THR E 7 2.46 -89.39 16.42
C THR E 7 3.76 -88.75 15.91
N LEU E 8 4.84 -89.53 15.91
CA LEU E 8 6.17 -89.10 15.46
C LEU E 8 6.53 -89.67 14.09
N SER E 9 7.32 -88.91 13.29
CA SER E 9 7.76 -89.31 11.95
C SER E 9 9.29 -89.33 11.86
N THR E 10 9.83 -90.25 11.04
CA THR E 10 11.27 -90.41 10.80
C THR E 10 11.71 -89.69 9.50
N THR E 11 10.75 -89.40 8.60
CA THR E 11 11.00 -88.73 7.31
C THR E 11 10.68 -87.22 7.31
N GLU E 12 9.54 -86.84 7.90
CA GLU E 12 9.13 -85.43 7.99
C GLU E 12 9.47 -84.82 9.35
N PRO E 13 10.01 -83.58 9.39
CA PRO E 13 10.37 -82.96 10.70
C PRO E 13 9.17 -82.77 11.62
N ASN E 14 9.35 -83.14 12.91
CA ASN E 14 8.29 -83.04 13.91
C ASN E 14 8.28 -81.65 14.54
N ASN E 15 7.39 -80.79 14.05
CA ASN E 15 7.23 -79.41 14.51
C ASN E 15 5.76 -78.98 14.51
N ASN E 16 4.95 -79.55 13.59
CA ASN E 16 3.52 -79.27 13.47
C ASN E 16 2.69 -80.06 14.50
N ILE E 17 3.35 -81.00 15.22
CA ILE E 17 2.76 -81.85 16.25
C ILE E 17 2.21 -81.02 17.43
N GLY E 18 1.23 -81.60 18.12
CA GLY E 18 0.54 -81.00 19.25
C GLY E 18 1.45 -80.57 20.39
N ILE E 19 1.05 -79.51 21.10
CA ILE E 19 1.80 -78.92 22.22
C ILE E 19 1.73 -79.82 23.46
N VAL E 20 2.91 -80.25 23.93
CA VAL E 20 3.03 -81.13 25.10
C VAL E 20 3.62 -80.38 26.31
N LYS E 21 2.77 -80.06 27.29
CA LYS E 21 3.14 -79.36 28.51
C LYS E 21 3.32 -80.36 29.64
N LEU E 22 4.45 -80.27 30.34
CA LEU E 22 4.76 -81.18 31.44
C LEU E 22 5.20 -80.40 32.68
N ARG E 23 4.55 -80.66 33.83
CA ARG E 23 4.88 -79.98 35.10
C ARG E 23 6.19 -80.49 35.69
N HIS E 24 6.95 -79.57 36.29
CA HIS E 24 8.26 -79.82 36.89
C HIS E 24 8.27 -80.73 38.13
N ALA E 25 7.69 -80.26 39.24
CA ALA E 25 7.62 -81.02 40.49
C ALA E 25 6.20 -81.61 40.63
N ASP E 26 5.78 -82.38 39.63
CA ASP E 26 4.44 -82.97 39.62
C ASP E 26 4.37 -84.22 40.48
N VAL E 27 3.24 -84.36 41.18
CA VAL E 27 2.87 -85.46 42.06
C VAL E 27 2.63 -86.73 41.20
N ASN E 28 1.88 -86.58 40.08
CA ASN E 28 1.57 -87.66 39.15
C ASN E 28 2.75 -88.02 38.24
N SER E 29 2.93 -89.31 37.94
CA SER E 29 3.97 -89.77 37.02
C SER E 29 3.50 -89.50 35.58
N GLN E 30 4.12 -88.51 34.94
CA GLN E 30 3.79 -88.07 33.58
C GLN E 30 4.37 -89.02 32.54
N ALA E 31 3.53 -89.42 31.57
CA ALA E 31 3.92 -90.35 30.52
C ALA E 31 3.59 -89.86 29.12
N ILE E 32 4.41 -90.26 28.13
CA ILE E 32 4.21 -89.91 26.73
C ILE E 32 4.08 -91.20 25.91
N VAL E 33 2.96 -91.35 25.18
CA VAL E 33 2.72 -92.49 24.29
C VAL E 33 2.82 -91.99 22.84
N ALA E 34 3.82 -92.54 22.09
CA ALA E 34 4.15 -92.14 20.72
C ALA E 34 4.03 -93.28 19.71
N GLN E 35 3.42 -93.00 18.55
CA GLN E 35 3.26 -93.94 17.43
C GLN E 35 4.37 -93.66 16.40
N ILE E 36 5.35 -94.59 16.30
CA ILE E 36 6.47 -94.48 15.36
C ILE E 36 5.93 -94.69 13.95
N VAL E 37 6.30 -93.79 13.08
CA VAL E 37 5.88 -93.81 11.70
C VAL E 37 7.09 -93.68 10.77
N GLU E 38 7.12 -94.48 9.69
CA GLU E 38 8.09 -94.39 8.61
C GLU E 38 7.26 -94.23 7.34
N ASN E 39 7.32 -93.01 6.74
CA ASN E 39 6.56 -92.63 5.55
C ASN E 39 5.03 -92.61 5.77
N GLY E 40 4.58 -92.29 6.97
CA GLY E 40 3.16 -92.21 7.29
C GLY E 40 2.51 -93.52 7.72
N GLN E 41 3.32 -94.56 7.86
CA GLN E 41 2.87 -95.91 8.26
C GLN E 41 3.65 -96.41 9.47
N PRO E 42 3.06 -97.21 10.39
CA PRO E 42 3.80 -97.68 11.56
C PRO E 42 5.09 -98.45 11.21
N LYS E 43 6.07 -98.39 12.03
CA LYS E 43 7.33 -99.12 11.83
C LYS E 43 7.55 -100.12 12.99
N ASN E 44 7.91 -101.36 12.61
CA ASN E 44 8.19 -102.46 13.53
C ASN E 44 9.67 -102.44 13.91
N PHE E 45 9.94 -102.16 15.18
CA PHE E 45 11.30 -102.08 15.74
C PHE E 45 11.62 -103.33 16.57
N GLU E 46 11.18 -104.51 16.07
CA GLU E 46 11.39 -105.81 16.70
C GLU E 46 12.91 -106.14 16.79
N GLY E 47 13.38 -106.32 18.02
CA GLY E 47 14.79 -106.59 18.30
C GLY E 47 15.55 -105.34 18.74
N LEU E 48 14.93 -104.17 18.50
CA LEU E 48 15.49 -102.85 18.84
C LEU E 48 14.81 -102.26 20.08
N GLN E 49 15.60 -101.64 20.97
CA GLN E 49 15.10 -101.01 22.19
C GLN E 49 15.07 -99.48 22.06
N PRO E 50 13.90 -98.83 22.30
CA PRO E 50 13.85 -97.36 22.19
C PRO E 50 14.63 -96.65 23.30
N PHE E 51 15.26 -95.52 22.94
CA PHE E 51 16.07 -94.69 23.84
C PHE E 51 15.69 -93.21 23.76
N PHE E 52 15.29 -92.64 24.90
CA PHE E 52 14.95 -91.23 25.00
C PHE E 52 16.26 -90.46 25.13
N CYS E 53 16.52 -89.62 24.13
CA CYS E 53 17.75 -88.83 24.11
C CYS E 53 17.45 -87.34 24.19
N LEU E 54 17.96 -86.69 25.23
CA LEU E 54 17.80 -85.26 25.43
C LEU E 54 19.02 -84.52 24.89
N MET E 55 18.76 -83.51 24.04
CA MET E 55 19.78 -82.69 23.40
C MET E 55 20.11 -81.44 24.21
N ALA E 56 21.35 -80.93 24.08
CA ALA E 56 21.82 -79.72 24.76
C ALA E 56 21.37 -78.45 24.03
N VAL E 64 23.17 -83.42 27.56
CA VAL E 64 23.01 -84.71 26.89
C VAL E 64 22.76 -85.89 27.86
N SER E 65 21.67 -86.67 27.66
CA SER E 65 21.32 -87.82 28.49
C SER E 65 20.58 -88.89 27.68
N GLU E 66 20.92 -90.18 27.89
CA GLU E 66 20.31 -91.33 27.23
C GLU E 66 19.52 -92.13 28.28
N GLU E 67 18.27 -92.42 27.99
CA GLU E 67 17.42 -93.17 28.91
C GLU E 67 16.71 -94.31 28.18
N SER E 68 16.84 -95.53 28.69
CA SER E 68 16.19 -96.71 28.09
C SER E 68 14.70 -96.73 28.44
N VAL E 69 13.86 -96.96 27.42
CA VAL E 69 12.41 -97.04 27.59
C VAL E 69 12.06 -98.49 27.94
N VAL E 70 11.35 -98.69 29.07
CA VAL E 70 10.95 -100.00 29.56
C VAL E 70 9.69 -100.51 28.86
N SER E 71 8.63 -99.69 28.81
CA SER E 71 7.35 -100.03 28.19
C SER E 71 7.30 -99.65 26.71
N PHE E 72 7.26 -100.66 25.84
CA PHE E 72 7.21 -100.51 24.40
C PHE E 72 6.60 -101.73 23.71
N ASP E 73 5.91 -101.50 22.60
CA ASP E 73 5.31 -102.55 21.79
C ASP E 73 6.01 -102.54 20.42
N ALA E 74 6.90 -103.53 20.21
CA ALA E 74 7.72 -103.68 19.01
C ALA E 74 6.93 -104.04 17.74
N LYS E 75 5.79 -104.72 17.90
CA LYS E 75 4.94 -105.16 16.78
C LYS E 75 4.07 -104.03 16.18
N ASN E 76 3.43 -103.21 17.05
CA ASN E 76 2.55 -102.10 16.64
C ASN E 76 3.19 -100.73 16.50
N GLY E 77 4.40 -100.56 17.05
CA GLY E 77 5.11 -99.29 17.02
C GLY E 77 4.61 -98.26 18.01
N THR E 78 4.18 -98.71 19.21
CA THR E 78 3.69 -97.85 20.30
C THR E 78 4.63 -98.00 21.50
N LEU E 79 5.19 -96.88 22.02
CA LEU E 79 6.10 -96.87 23.18
C LEU E 79 5.67 -95.87 24.25
N LYS E 80 5.72 -96.29 25.52
CA LYS E 80 5.35 -95.46 26.66
C LYS E 80 6.57 -95.07 27.49
N TYR E 81 6.91 -93.77 27.47
CA TYR E 81 8.04 -93.23 28.23
C TYR E 81 7.54 -92.37 29.39
N VAL E 82 8.02 -92.68 30.61
CA VAL E 82 7.69 -91.95 31.83
C VAL E 82 8.72 -90.85 32.02
N ALA E 83 8.24 -89.62 32.23
CA ALA E 83 9.07 -88.43 32.41
C ALA E 83 9.87 -88.55 33.70
N SER E 84 11.20 -88.52 33.56
CA SER E 84 12.13 -88.62 34.68
C SER E 84 12.57 -87.24 35.15
N ASP E 85 13.39 -87.19 36.23
CA ASP E 85 13.95 -85.98 36.82
C ASP E 85 14.94 -85.30 35.87
N ASN E 86 15.64 -86.10 35.03
CA ASN E 86 16.58 -85.61 34.02
C ASN E 86 15.81 -84.98 32.86
N ALA E 87 14.62 -85.55 32.51
CA ALA E 87 13.75 -85.05 31.45
C ALA E 87 13.09 -83.72 31.86
N LEU E 88 12.71 -83.61 33.13
CA LEU E 88 12.09 -82.44 33.72
C LEU E 88 13.15 -81.63 34.47
N GLN E 89 14.24 -81.30 33.79
CA GLN E 89 15.36 -80.56 34.39
C GLN E 89 15.27 -79.08 34.06
N PHE E 90 15.22 -78.75 32.78
CA PHE E 90 15.17 -77.37 32.29
C PHE E 90 13.74 -76.91 32.07
N VAL E 91 13.38 -75.76 32.65
CA VAL E 91 12.07 -75.13 32.51
C VAL E 91 12.05 -74.31 31.20
N GLY E 92 11.23 -74.78 30.26
CA GLY E 92 11.08 -74.18 28.94
C GLY E 92 10.98 -75.22 27.83
N ARG E 93 11.19 -74.79 26.57
CA ARG E 93 11.11 -75.67 25.39
C ARG E 93 12.36 -76.54 25.27
N ASN E 94 12.19 -77.86 25.50
CA ASN E 94 13.25 -78.86 25.43
C ASN E 94 13.14 -79.70 24.15
N GLU E 95 14.28 -80.02 23.53
CA GLU E 95 14.36 -80.81 22.31
C GLU E 95 14.84 -82.23 22.60
N ALA E 96 14.10 -83.23 22.12
CA ALA E 96 14.42 -84.65 22.31
C ALA E 96 13.96 -85.50 21.14
N TYR E 97 14.44 -86.75 21.09
CA TYR E 97 14.11 -87.72 20.04
C TYR E 97 14.25 -89.15 20.57
N PHE E 98 13.66 -90.11 19.86
CA PHE E 98 13.75 -91.52 20.21
C PHE E 98 14.68 -92.27 19.26
N SER E 99 15.69 -92.95 19.83
CA SER E 99 16.70 -93.71 19.09
C SER E 99 16.53 -95.21 19.32
N PHE E 100 16.50 -96.00 18.24
CA PHE E 100 16.36 -97.45 18.31
C PHE E 100 17.73 -98.11 18.16
N ARG E 101 18.16 -98.85 19.20
CA ARG E 101 19.47 -99.50 19.24
C ARG E 101 19.41 -101.02 19.48
N LYS E 102 20.45 -101.72 19.03
CA LYS E 102 20.62 -103.16 19.22
C LYS E 102 22.05 -103.41 19.71
N GLN E 103 22.17 -104.16 20.82
CA GLN E 103 23.46 -104.47 21.45
C GLN E 103 24.31 -105.43 20.61
N GLU E 104 25.53 -104.97 20.23
CA GLU E 104 26.51 -105.72 19.46
C GLU E 104 27.92 -105.44 19.99
N GLY E 105 28.55 -106.48 20.51
CA GLY E 105 29.88 -106.39 21.12
C GLY E 105 29.89 -105.72 22.48
N GLY E 106 28.76 -105.82 23.20
CA GLY E 106 28.57 -105.25 24.53
C GLY E 106 28.29 -103.76 24.55
N ARG E 107 27.91 -103.20 23.38
CA ARG E 107 27.59 -101.79 23.21
C ARG E 107 26.42 -101.60 22.27
N TRP E 108 25.53 -100.65 22.60
CA TRP E 108 24.34 -100.35 21.81
C TRP E 108 24.72 -99.53 20.58
N ILE E 109 24.28 -99.99 19.38
CA ILE E 109 24.55 -99.32 18.10
C ILE E 109 23.22 -98.90 17.46
N GLU E 110 23.13 -97.62 17.03
CA GLU E 110 21.93 -97.03 16.41
C GLU E 110 21.69 -97.54 14.98
N GLN E 111 20.44 -97.97 14.69
CA GLN E 111 20.02 -98.44 13.38
C GLN E 111 19.23 -97.33 12.69
N PHE E 112 18.15 -96.86 13.35
CA PHE E 112 17.32 -95.76 12.87
C PHE E 112 16.74 -94.97 14.07
N SER E 113 16.53 -93.66 13.88
CA SER E 113 16.00 -92.79 14.93
C SER E 113 14.91 -91.84 14.41
N THR E 114 13.95 -91.49 15.28
CA THR E 114 12.88 -90.55 14.96
C THR E 114 13.44 -89.14 14.97
N ARG E 115 12.82 -88.23 14.19
CA ARG E 115 13.27 -86.86 14.12
C ARG E 115 12.96 -86.10 15.39
N THR E 116 13.78 -85.10 15.72
CA THR E 116 13.67 -84.31 16.95
C THR E 116 12.36 -83.56 17.05
N PHE E 117 11.77 -83.58 18.26
CA PHE E 117 10.52 -82.90 18.59
C PHE E 117 10.72 -82.03 19.83
N HIS E 118 9.86 -81.03 19.99
CA HIS E 118 9.95 -80.14 21.14
C HIS E 118 8.88 -80.43 22.17
N TYR E 119 9.25 -80.36 23.45
CA TYR E 119 8.31 -80.53 24.56
C TYR E 119 8.59 -79.46 25.61
N ILE E 120 7.55 -78.78 26.09
CA ILE E 120 7.71 -77.71 27.06
C ILE E 120 7.54 -78.21 28.49
N VAL E 121 8.47 -77.81 29.38
CA VAL E 121 8.47 -78.14 30.80
C VAL E 121 7.93 -76.93 31.60
N GLU E 122 6.70 -77.08 32.11
CA GLU E 122 6.00 -76.08 32.91
C GLU E 122 6.49 -76.13 34.36
N LYS E 123 6.57 -74.99 35.04
CA LYS E 123 7.06 -74.94 36.41
C LYS E 123 5.93 -74.93 37.45
N SER E 124 6.06 -75.76 38.50
CA SER E 124 5.06 -75.89 39.57
C SER E 124 5.36 -74.88 40.67
N ILE E 125 4.68 -73.73 40.62
CA ILE E 125 4.95 -72.64 41.55
C ILE E 125 3.85 -72.40 42.57
N TYR E 126 2.61 -72.22 42.11
CA TYR E 126 1.49 -71.92 43.01
C TYR E 126 0.96 -73.17 43.70
N SER E 127 0.85 -73.10 45.06
CA SER E 127 0.40 -74.19 45.94
C SER E 127 -1.08 -74.54 45.72
N GLN E 128 -1.46 -75.79 46.08
CA GLN E 128 -2.83 -76.32 45.98
C GLN E 128 -3.88 -75.50 46.75
N PRO E 129 -3.66 -75.02 47.99
CA PRO E 129 -4.67 -74.15 48.61
C PRO E 129 -4.60 -72.78 47.93
N PHE E 130 -5.35 -72.63 46.81
CA PHE E 130 -5.40 -71.40 45.99
C PHE E 130 -6.16 -70.29 46.65
N LYS E 131 -5.78 -69.04 46.36
CA LYS E 131 -6.46 -67.88 46.91
C LYS E 131 -7.85 -67.75 46.25
N ASP E 132 -8.86 -67.36 47.07
CA ASP E 132 -10.25 -67.18 46.61
C ASP E 132 -10.31 -66.00 45.66
N SER E 133 -11.18 -66.07 44.64
CA SER E 133 -11.27 -65.01 43.65
C SER E 133 -11.77 -63.72 44.28
N ASN E 134 -12.74 -63.85 45.15
CA ASN E 134 -13.22 -62.69 45.88
C ASN E 134 -12.57 -62.71 47.28
N TYR E 135 -12.01 -61.55 47.71
CA TYR E 135 -11.38 -61.45 49.02
C TYR E 135 -12.07 -60.40 49.89
N TRP E 136 -12.57 -60.79 51.07
CA TRP E 136 -13.27 -59.87 51.95
C TRP E 136 -12.68 -59.88 53.30
N TRP E 137 -12.05 -58.78 53.68
CA TRP E 137 -11.41 -58.66 54.96
C TRP E 137 -12.41 -58.89 56.09
N THR E 138 -13.58 -58.22 55.98
CA THR E 138 -14.62 -58.33 56.98
C THR E 138 -15.00 -59.77 57.17
N PHE E 139 -15.29 -60.50 56.06
CA PHE E 139 -15.72 -61.90 56.15
C PHE E 139 -14.67 -62.88 56.63
N LYS E 140 -13.38 -62.53 56.46
CA LYS E 140 -12.23 -63.33 56.89
C LYS E 140 -12.01 -63.14 58.38
N GLU E 141 -12.28 -61.92 58.87
CA GLU E 141 -12.17 -61.55 60.27
C GLU E 141 -13.36 -62.08 61.06
N LEU E 142 -14.55 -62.13 60.41
CA LEU E 142 -15.78 -62.68 61.00
C LEU E 142 -15.62 -64.17 61.17
N TYR E 143 -14.92 -64.81 60.22
CA TYR E 143 -14.72 -66.25 60.34
C TYR E 143 -13.73 -66.57 61.41
N ARG E 144 -12.60 -65.83 61.43
CA ARG E 144 -11.53 -65.99 62.39
C ARG E 144 -12.06 -65.85 63.82
N ILE E 145 -12.94 -64.85 64.03
CA ILE E 145 -13.53 -64.52 65.33
C ILE E 145 -14.60 -65.51 65.72
N PHE E 146 -15.33 -66.04 64.74
CA PHE E 146 -16.37 -67.00 65.03
C PHE E 146 -15.78 -68.34 65.36
N ASN E 147 -14.75 -68.75 64.60
CA ASN E 147 -14.06 -70.00 64.83
C ASN E 147 -13.32 -69.99 66.15
N LYS E 148 -12.80 -68.84 66.57
CA LYS E 148 -12.12 -68.72 67.85
C LYS E 148 -13.11 -68.98 68.97
N TYR E 149 -14.32 -68.42 68.86
CA TYR E 149 -15.35 -68.60 69.89
C TYR E 149 -15.76 -70.06 70.03
N ILE E 150 -15.87 -70.75 68.88
CA ILE E 150 -16.22 -72.16 68.83
C ILE E 150 -15.11 -73.00 69.49
N GLU E 151 -13.88 -72.87 68.99
CA GLU E 151 -12.73 -73.63 69.47
C GLU E 151 -12.38 -73.39 70.92
N ASP E 152 -12.47 -72.12 71.38
CA ASP E 152 -12.16 -71.74 72.77
C ASP E 152 -13.26 -72.20 73.70
N GLY E 153 -14.49 -72.24 73.16
CA GLY E 153 -15.69 -72.69 73.86
C GLY E 153 -15.65 -74.20 74.06
N LYS E 154 -15.46 -74.91 72.94
CA LYS E 154 -15.34 -76.35 72.88
C LYS E 154 -14.25 -76.84 73.82
N LYS E 155 -13.05 -76.23 73.78
CA LYS E 155 -11.94 -76.59 74.66
C LYS E 155 -12.27 -76.40 76.14
N SER E 156 -13.07 -75.35 76.48
CA SER E 156 -13.48 -75.05 77.85
C SER E 156 -14.47 -76.08 78.38
N TRP E 157 -15.36 -76.54 77.51
CA TRP E 157 -16.36 -77.54 77.87
C TRP E 157 -15.74 -78.93 78.03
N GLU E 158 -14.82 -79.29 77.14
CA GLU E 158 -14.07 -80.55 77.16
C GLU E 158 -13.19 -80.63 78.43
N GLN E 159 -12.71 -79.47 78.91
CA GLN E 159 -11.88 -79.31 80.11
C GLN E 159 -12.76 -79.61 81.33
N PHE E 160 -14.05 -79.18 81.26
CA PHE E 160 -15.04 -79.36 82.30
C PHE E 160 -15.45 -80.80 82.41
N VAL E 161 -15.77 -81.43 81.29
CA VAL E 161 -16.18 -82.82 81.34
C VAL E 161 -15.02 -83.74 81.73
N GLU E 162 -13.76 -83.40 81.37
CA GLU E 162 -12.59 -84.21 81.73
C GLU E 162 -12.38 -84.22 83.23
N ALA E 163 -12.72 -83.10 83.90
CA ALA E 163 -12.62 -82.99 85.34
C ALA E 163 -13.71 -83.77 86.06
N ASN E 164 -14.88 -83.99 85.44
CA ASN E 164 -15.97 -84.81 86.00
C ASN E 164 -15.67 -86.31 85.80
N ARG E 165 -15.25 -86.66 84.59
CA ARG E 165 -14.90 -88.01 84.18
C ARG E 165 -13.74 -88.58 85.03
N GLU E 166 -12.68 -87.78 85.28
CA GLU E 166 -11.48 -88.24 85.99
C GLU E 166 -11.67 -88.56 87.48
N ILE E 167 -12.85 -88.23 88.02
CA ILE E 167 -13.12 -88.51 89.42
C ILE E 167 -14.29 -89.47 89.64
N LEU E 168 -15.43 -89.21 88.96
CA LEU E 168 -16.63 -90.05 89.09
C LEU E 168 -16.44 -91.46 88.55
N GLU E 169 -15.98 -91.51 87.30
CA GLU E 169 -15.80 -92.72 86.57
C GLU E 169 -14.46 -93.44 86.80
N SER E 170 -13.40 -92.66 87.05
CA SER E 170 -12.04 -93.16 87.14
C SER E 170 -11.61 -93.93 88.40
N ILE E 171 -11.41 -93.21 89.52
CA ILE E 171 -10.87 -93.83 90.74
C ILE E 171 -11.86 -94.38 91.79
N ASP E 172 -12.46 -93.48 92.58
CA ASP E 172 -13.43 -93.73 93.66
C ASP E 172 -13.96 -92.35 94.02
N PRO E 173 -15.27 -92.10 93.87
CA PRO E 173 -15.81 -90.76 94.18
C PRO E 173 -15.86 -90.52 95.69
N GLY E 174 -16.05 -91.61 96.44
CA GLY E 174 -16.18 -91.59 97.89
C GLY E 174 -15.11 -90.83 98.65
N GLY E 175 -13.84 -91.15 98.40
CA GLY E 175 -12.73 -90.54 99.13
C GLY E 175 -11.86 -89.53 98.41
N VAL E 176 -11.82 -89.62 97.08
CA VAL E 176 -11.02 -88.75 96.18
C VAL E 176 -11.59 -87.34 96.17
N LEU E 177 -12.95 -87.20 96.20
CA LEU E 177 -13.61 -85.89 96.26
C LEU E 177 -13.35 -85.25 97.64
N LEU E 178 -13.30 -86.08 98.69
CA LEU E 178 -12.98 -85.68 100.06
C LEU E 178 -11.52 -85.26 100.15
N ALA E 179 -10.64 -85.93 99.38
CA ALA E 179 -9.19 -85.69 99.35
C ALA E 179 -8.87 -84.38 98.64
N LYS E 180 -9.72 -84.01 97.69
CA LYS E 180 -9.57 -82.79 96.91
C LYS E 180 -9.99 -81.58 97.72
N VAL E 181 -11.17 -81.64 98.35
CA VAL E 181 -11.71 -80.55 99.14
C VAL E 181 -10.87 -80.17 100.33
N ILE E 182 -10.17 -81.15 100.94
CA ILE E 182 -9.31 -80.90 102.10
C ILE E 182 -8.09 -80.06 101.72
N ASP E 183 -7.60 -80.25 100.46
CA ASP E 183 -6.47 -79.50 99.91
C ASP E 183 -6.88 -78.10 99.59
N ILE E 184 -8.09 -77.91 99.04
CA ILE E 184 -8.68 -76.61 98.73
C ILE E 184 -8.91 -75.84 100.03
N GLU E 185 -9.49 -76.51 101.02
CA GLU E 185 -9.77 -75.97 102.34
C GLU E 185 -8.49 -75.46 103.01
N LYS E 186 -7.36 -76.18 102.80
CA LYS E 186 -6.03 -75.85 103.32
C LYS E 186 -5.50 -74.59 102.69
N ILE E 187 -5.53 -74.51 101.35
CA ILE E 187 -5.06 -73.37 100.59
C ILE E 187 -5.90 -72.11 100.91
N VAL E 188 -7.23 -72.23 100.95
CA VAL E 188 -8.14 -71.11 101.26
C VAL E 188 -7.96 -70.62 102.73
N ASN E 189 -7.58 -71.54 103.62
CA ASN E 189 -7.33 -71.25 105.03
C ASN E 189 -6.04 -70.45 105.22
N GLU E 190 -5.06 -70.58 104.30
CA GLU E 190 -3.74 -69.93 104.45
C GLU E 190 -3.45 -68.82 103.44
N LYS E 191 -4.03 -68.90 102.24
CA LYS E 191 -3.82 -67.94 101.15
C LYS E 191 -4.96 -66.93 100.97
N VAL E 192 -6.20 -67.35 101.16
CA VAL E 192 -7.34 -66.44 101.01
C VAL E 192 -7.51 -65.72 102.36
N PRO E 193 -7.74 -64.38 102.36
CA PRO E 193 -7.91 -63.67 103.64
C PRO E 193 -9.40 -63.64 103.98
N ALA E 194 -9.85 -64.51 104.89
CA ALA E 194 -11.28 -64.57 105.24
C ALA E 194 -11.60 -64.73 106.72
N GLY E 195 -10.87 -65.62 107.40
CA GLY E 195 -11.10 -65.96 108.81
C GLY E 195 -10.84 -64.88 109.83
N PHE E 196 -9.56 -64.70 110.21
CA PHE E 196 -9.07 -63.74 111.19
C PHE E 196 -9.25 -62.28 110.72
N LYS E 197 -9.80 -61.42 111.59
CA LYS E 197 -10.06 -60.00 111.30
C LYS E 197 -9.57 -59.13 112.46
N PHE E 198 -8.78 -58.08 112.14
CA PHE E 198 -8.18 -57.16 113.10
C PHE E 198 -8.53 -55.72 112.80
N VAL E 199 -8.77 -54.92 113.84
CA VAL E 199 -9.15 -53.51 113.68
C VAL E 199 -8.00 -52.60 114.11
N LEU E 200 -7.67 -51.59 113.29
CA LEU E 200 -6.63 -50.63 113.61
C LEU E 200 -7.23 -49.24 113.56
N GLU E 201 -7.27 -48.58 114.72
CA GLU E 201 -7.77 -47.22 114.83
C GLU E 201 -6.62 -46.27 114.48
N HIS E 202 -6.92 -45.19 113.77
CA HIS E 202 -5.89 -44.26 113.35
C HIS E 202 -6.32 -42.79 113.47
N ASP E 203 -5.38 -41.87 113.21
CA ASP E 203 -5.57 -40.42 113.29
C ASP E 203 -6.01 -39.78 111.95
N SER E 204 -5.72 -40.46 110.83
CA SER E 204 -6.06 -39.99 109.47
C SER E 204 -7.56 -40.04 109.18
N GLU E 205 -8.03 -39.16 108.29
CA GLU E 205 -9.43 -39.11 107.90
C GLU E 205 -9.65 -39.99 106.65
N TYR E 206 -8.54 -40.39 106.01
CA TYR E 206 -8.56 -41.16 104.77
C TYR E 206 -8.34 -42.69 104.98
N GLN E 207 -7.90 -43.41 103.93
CA GLN E 207 -7.66 -44.86 103.95
C GLN E 207 -6.18 -45.19 103.88
N PRO E 208 -5.51 -45.40 105.03
CA PRO E 208 -4.08 -45.71 104.99
C PRO E 208 -3.78 -47.14 104.58
N GLU E 209 -2.67 -47.33 103.86
CA GLU E 209 -2.29 -48.67 103.42
C GLU E 209 -1.67 -49.45 104.57
N VAL E 210 -2.14 -50.69 104.77
CA VAL E 210 -1.66 -51.56 105.82
C VAL E 210 -0.99 -52.78 105.20
N LYS E 211 0.21 -53.12 105.69
CA LYS E 211 0.99 -54.26 105.25
C LYS E 211 1.25 -55.18 106.44
N VAL E 212 0.85 -56.46 106.32
CA VAL E 212 0.98 -57.43 107.42
C VAL E 212 2.03 -58.49 107.09
N THR E 213 2.92 -58.77 108.06
CA THR E 213 3.99 -59.77 107.99
C THR E 213 3.94 -60.71 109.19
N SER E 214 4.20 -62.01 108.97
CA SER E 214 4.19 -63.03 110.02
C SER E 214 5.54 -63.72 110.09
N TYR E 215 6.10 -63.78 111.29
CA TYR E 215 7.40 -64.40 111.52
C TYR E 215 7.50 -64.97 112.93
N LYS E 216 8.21 -66.09 113.04
CA LYS E 216 8.41 -66.81 114.29
C LYS E 216 9.87 -66.68 114.73
N ASN E 217 10.12 -66.84 116.04
CA ASN E 217 11.45 -66.77 116.68
C ASN E 217 12.22 -65.46 116.43
N ALA E 218 11.47 -64.33 116.44
CA ALA E 218 12.00 -62.98 116.25
C ALA E 218 12.89 -62.59 117.44
N ILE E 219 13.58 -61.43 117.37
CA ILE E 219 14.47 -60.98 118.43
C ILE E 219 13.76 -60.73 119.78
N GLY E 220 14.22 -61.44 120.82
CA GLY E 220 13.67 -61.35 122.18
C GLY E 220 12.31 -61.98 122.40
N THR E 221 11.94 -62.95 121.54
CA THR E 221 10.66 -63.67 121.63
C THR E 221 10.84 -65.20 121.61
N GLU E 222 12.09 -65.69 121.62
CA GLU E 222 12.41 -67.12 121.62
C GLU E 222 12.06 -67.74 122.98
N THR E 223 11.74 -69.04 122.96
CA THR E 223 11.32 -69.80 124.15
C THR E 223 12.37 -69.85 125.26
N ASP E 224 13.61 -70.24 124.91
CA ASP E 224 14.70 -70.39 125.88
C ASP E 224 15.63 -69.16 126.00
N GLY E 225 15.04 -67.97 125.87
CA GLY E 225 15.76 -66.69 125.98
C GLY E 225 16.37 -66.21 124.68
N PHE E 226 17.27 -65.22 124.77
CA PHE E 226 17.95 -64.61 123.61
C PHE E 226 18.90 -65.58 122.88
N ASP E 227 18.82 -65.61 121.52
CA ASP E 227 19.64 -66.44 120.64
C ASP E 227 19.59 -67.94 121.01
N SER E 228 18.39 -68.44 121.30
CA SER E 228 18.16 -69.85 121.64
C SER E 228 17.46 -70.60 120.52
N GLY E 229 16.84 -69.87 119.61
CA GLY E 229 16.11 -70.41 118.47
C GLY E 229 16.99 -70.97 117.36
N PRO E 230 16.39 -71.67 116.37
CA PRO E 230 17.19 -72.27 115.28
C PRO E 230 17.82 -71.25 114.32
N VAL E 231 17.09 -70.17 114.02
CA VAL E 231 17.56 -69.10 113.13
C VAL E 231 17.60 -67.79 113.92
N PHE E 232 18.82 -67.26 114.11
CA PHE E 232 19.03 -66.03 114.85
C PHE E 232 18.40 -64.81 114.15
N GLY E 233 17.68 -63.97 114.90
CA GLY E 233 17.06 -62.75 114.38
C GLY E 233 15.68 -62.88 113.80
N GLY E 234 15.17 -64.12 113.75
CA GLY E 234 13.86 -64.46 113.21
C GLY E 234 13.90 -65.50 112.08
N GLY E 235 12.84 -66.28 111.97
CA GLY E 235 12.71 -67.31 110.94
C GLY E 235 12.33 -66.76 109.58
N THR E 236 11.41 -67.47 108.92
CA THR E 236 10.90 -67.10 107.60
C THR E 236 9.85 -66.01 107.81
N ILE E 237 9.93 -64.93 107.00
CA ILE E 237 9.01 -63.79 107.05
C ILE E 237 7.98 -63.96 105.95
N TYR E 238 6.72 -64.16 106.36
CA TYR E 238 5.63 -64.40 105.42
C TYR E 238 4.81 -63.15 105.22
N ASN E 239 4.58 -62.79 103.96
CA ASN E 239 3.73 -61.66 103.61
C ASN E 239 2.28 -62.16 103.67
N VAL E 240 1.54 -61.64 104.66
CA VAL E 240 0.17 -62.03 104.92
C VAL E 240 -0.80 -61.40 103.93
N PRO E 241 -1.57 -62.23 103.16
CA PRO E 241 -2.56 -61.67 102.22
C PRO E 241 -3.67 -60.99 103.00
N VAL E 242 -4.00 -59.75 102.62
CA VAL E 242 -4.97 -58.94 103.33
C VAL E 242 -6.14 -58.48 102.48
N SER E 243 -7.28 -58.27 103.15
CA SER E 243 -8.49 -57.72 102.57
C SER E 243 -8.87 -56.54 103.40
N LEU E 244 -8.50 -55.36 102.91
CA LEU E 244 -8.72 -54.11 103.62
C LEU E 244 -10.16 -53.57 103.47
N SER E 245 -10.68 -53.07 104.59
CA SER E 245 -12.01 -52.49 104.72
C SER E 245 -11.86 -51.21 105.55
N TYR E 246 -12.56 -50.13 105.17
CA TYR E 246 -12.39 -48.86 105.88
C TYR E 246 -13.66 -48.17 106.34
N ASP E 247 -13.55 -47.55 107.53
CA ASP E 247 -14.55 -46.69 108.18
C ASP E 247 -13.80 -45.45 108.69
N ARG E 248 -14.54 -44.49 109.30
CA ARG E 248 -13.93 -43.25 109.81
C ARG E 248 -12.94 -43.59 110.91
N GLN E 249 -11.64 -43.32 110.66
CA GLN E 249 -10.52 -43.57 111.60
C GLN E 249 -10.37 -45.04 112.06
N LYS E 250 -10.86 -45.99 111.23
CA LYS E 250 -10.83 -47.42 111.49
C LYS E 250 -10.54 -48.21 110.21
N VAL E 251 -9.57 -49.14 110.29
CA VAL E 251 -9.17 -50.04 109.21
C VAL E 251 -9.49 -51.45 109.66
N TYR E 252 -10.25 -52.20 108.85
CA TYR E 252 -10.58 -53.58 109.15
C TYR E 252 -9.69 -54.46 108.29
N VAL E 253 -8.68 -55.05 108.90
CA VAL E 253 -7.72 -55.90 108.20
C VAL E 253 -8.15 -57.38 108.26
N GLU E 254 -8.68 -57.90 107.15
CA GLU E 254 -9.10 -59.30 107.06
C GLU E 254 -7.95 -60.15 106.58
N MET E 255 -7.69 -61.24 107.30
CA MET E 255 -6.58 -62.12 107.00
C MET E 255 -6.98 -63.58 106.97
N PRO E 256 -6.12 -64.51 106.46
CA PRO E 256 -6.50 -65.94 106.44
C PRO E 256 -6.61 -66.52 107.86
N LYS E 257 -7.52 -67.49 108.04
CA LYS E 257 -7.73 -68.13 109.35
C LYS E 257 -6.53 -68.89 109.94
N SER E 258 -5.45 -69.11 109.14
CA SER E 258 -4.21 -69.74 109.64
C SER E 258 -3.32 -68.73 110.37
N TYR E 259 -3.47 -67.44 110.03
CA TYR E 259 -2.71 -66.35 110.63
C TYR E 259 -3.41 -65.78 111.89
N THR E 260 -4.43 -66.50 112.39
CA THR E 260 -5.14 -66.10 113.61
C THR E 260 -4.19 -66.14 114.78
N LEU E 261 -4.15 -65.05 115.56
CA LEU E 261 -3.24 -64.91 116.70
C LEU E 261 -3.82 -63.97 117.76
N ALA E 262 -4.14 -64.52 118.92
CA ALA E 262 -4.64 -63.74 120.03
C ALA E 262 -3.56 -63.70 121.11
N GLY E 263 -2.77 -62.63 121.09
CA GLY E 263 -1.67 -62.43 122.01
C GLY E 263 -1.58 -61.01 122.55
N ASP E 264 -0.38 -60.62 122.98
CA ASP E 264 -0.13 -59.29 123.53
C ASP E 264 -0.05 -58.26 122.41
N ILE E 265 -0.86 -57.20 122.49
CA ILE E 265 -0.91 -56.12 121.50
C ILE E 265 0.05 -55.00 121.93
N ILE E 266 1.15 -54.83 121.20
CA ILE E 266 2.16 -53.81 121.50
C ILE E 266 2.14 -52.70 120.45
N LEU E 267 1.89 -51.47 120.88
CA LEU E 267 1.87 -50.32 119.98
C LEU E 267 3.16 -49.54 120.14
N ILE E 268 3.91 -49.42 119.04
CA ILE E 268 5.17 -48.66 119.00
C ILE E 268 4.76 -47.19 118.78
N ASP E 269 5.70 -46.25 119.03
CA ASP E 269 5.54 -44.77 118.94
C ASP E 269 5.49 -44.22 117.48
N ASP E 270 5.03 -45.05 116.53
CA ASP E 270 4.89 -44.69 115.12
C ASP E 270 3.77 -45.48 114.45
N GLY E 271 3.83 -45.59 113.13
CA GLY E 271 2.87 -46.34 112.32
C GLY E 271 3.15 -47.83 112.29
N THR E 272 3.39 -48.44 113.49
CA THR E 272 3.64 -49.89 113.66
C THR E 272 3.03 -50.49 114.94
N LEU E 273 2.39 -51.66 114.81
CA LEU E 273 1.73 -52.44 115.86
C LEU E 273 2.10 -53.92 115.75
N LEU E 274 2.31 -54.56 116.88
CA LEU E 274 2.66 -55.98 116.92
C LEU E 274 1.69 -56.78 117.75
N VAL E 275 1.49 -58.05 117.37
CA VAL E 275 0.70 -59.03 118.11
C VAL E 275 1.64 -60.20 118.38
N ILE E 276 2.06 -60.34 119.66
CA ILE E 276 3.01 -61.38 120.08
C ILE E 276 2.34 -62.43 120.99
N LYS E 277 2.46 -63.71 120.59
CA LYS E 277 1.98 -64.86 121.34
C LYS E 277 3.14 -65.85 121.36
N GLU E 278 3.93 -65.80 122.45
CA GLU E 278 5.13 -66.60 122.69
C GLU E 278 6.10 -66.25 121.55
N THR E 279 6.41 -67.22 120.66
CA THR E 279 7.33 -67.05 119.53
C THR E 279 6.75 -66.41 118.26
N GLN E 280 5.46 -66.64 118.02
CA GLN E 280 4.77 -66.15 116.84
C GLN E 280 4.48 -64.64 116.95
N VAL E 281 4.97 -63.86 115.97
CA VAL E 281 4.76 -62.41 115.93
C VAL E 281 4.02 -62.03 114.64
N LEU E 282 2.97 -61.22 114.76
CA LEU E 282 2.19 -60.70 113.64
C LEU E 282 2.37 -59.19 113.63
N CYS E 283 3.08 -58.68 112.61
CA CYS E 283 3.41 -57.27 112.48
C CYS E 283 2.42 -56.51 111.60
N PHE E 284 2.06 -55.31 112.04
CA PHE E 284 1.16 -54.42 111.30
C PHE E 284 1.85 -53.10 110.98
N LYS E 285 2.22 -52.90 109.71
CA LYS E 285 2.86 -51.65 109.28
C LYS E 285 1.89 -50.78 108.50
N MET E 286 1.71 -49.52 108.95
CA MET E 286 0.78 -48.58 108.33
C MET E 286 1.50 -47.35 107.78
N SER E 287 1.13 -46.97 106.55
CA SER E 287 1.70 -45.83 105.84
C SER E 287 0.84 -44.58 105.98
N ASP E 288 1.49 -43.40 105.95
CA ASP E 288 0.88 -42.07 106.03
C ASP E 288 -0.15 -41.81 107.16
N ALA E 289 -0.09 -42.59 108.25
CA ALA E 289 -0.97 -42.45 109.41
C ALA E 289 -0.37 -43.16 110.63
N LYS E 290 -0.80 -42.75 111.84
CA LYS E 290 -0.31 -43.34 113.09
C LYS E 290 -1.41 -44.16 113.75
N ILE E 291 -1.07 -45.35 114.22
CA ILE E 291 -2.02 -46.23 114.87
C ILE E 291 -2.23 -45.72 116.30
N THR E 292 -3.50 -45.63 116.73
CA THR E 292 -3.87 -45.17 118.08
C THR E 292 -4.34 -46.33 118.97
N LYS E 293 -4.98 -47.35 118.36
CA LYS E 293 -5.52 -48.52 119.04
C LYS E 293 -5.59 -49.70 118.08
N GLY E 294 -5.40 -50.91 118.62
CA GLY E 294 -5.47 -52.16 117.87
C GLY E 294 -6.16 -53.26 118.65
N TYR E 295 -7.16 -53.91 118.05
CA TYR E 295 -7.92 -54.98 118.68
C TYR E 295 -8.56 -55.93 117.67
N VAL E 296 -8.81 -57.18 118.08
CA VAL E 296 -9.45 -58.18 117.23
C VAL E 296 -10.95 -57.83 117.06
N PHE E 297 -11.45 -57.94 115.83
CA PHE E 297 -12.83 -57.63 115.51
C PHE E 297 -13.77 -58.74 115.96
N VAL E 298 -14.98 -58.34 116.43
CA VAL E 298 -16.07 -59.29 116.73
C VAL E 298 -17.43 -58.73 116.29
N MET F 1 -15.17 -34.49 58.52
CA MET F 1 -15.97 -35.16 57.50
C MET F 1 -16.06 -34.38 56.19
N THR F 2 -16.35 -35.10 55.09
CA THR F 2 -16.49 -34.61 53.71
C THR F 2 -17.74 -33.75 53.48
N GLU F 3 -17.55 -32.55 52.91
CA GLU F 3 -18.63 -31.61 52.64
C GLU F 3 -18.80 -31.30 51.17
N HIS F 4 -20.08 -31.08 50.77
CA HIS F 4 -20.52 -30.76 49.42
C HIS F 4 -21.28 -29.45 49.47
N PHE F 5 -20.68 -28.41 48.88
CA PHE F 5 -21.24 -27.06 48.90
C PHE F 5 -22.15 -26.76 47.71
N ILE F 6 -23.36 -26.22 47.98
CA ILE F 6 -24.33 -25.79 46.96
C ILE F 6 -24.98 -24.49 47.36
N THR F 7 -25.33 -23.67 46.36
CA THR F 7 -26.09 -22.44 46.57
C THR F 7 -27.38 -22.61 45.79
N LEU F 8 -28.40 -23.18 46.44
CA LEU F 8 -29.70 -23.45 45.81
C LEU F 8 -30.66 -22.26 45.81
N SER F 9 -31.35 -22.04 44.69
CA SER F 9 -32.30 -20.96 44.52
C SER F 9 -33.74 -21.49 44.52
N THR F 10 -34.73 -20.59 44.64
CA THR F 10 -36.18 -20.89 44.61
C THR F 10 -36.87 -20.09 43.49
N THR F 11 -36.14 -19.13 42.89
CA THR F 11 -36.66 -18.27 41.82
C THR F 11 -35.95 -18.53 40.49
N GLU F 12 -34.62 -18.62 40.50
CA GLU F 12 -33.81 -18.87 39.31
C GLU F 12 -34.15 -20.25 38.65
N PRO F 13 -34.59 -20.27 37.37
CA PRO F 13 -34.96 -21.56 36.74
C PRO F 13 -33.75 -22.42 36.35
N ASN F 14 -33.19 -23.12 37.35
CA ASN F 14 -32.05 -24.00 37.12
C ASN F 14 -32.49 -25.37 36.58
N ASN F 15 -33.41 -26.07 37.31
CA ASN F 15 -33.98 -27.41 37.06
C ASN F 15 -32.95 -28.56 37.22
N ASN F 16 -31.77 -28.43 36.59
CA ASN F 16 -30.76 -29.49 36.61
C ASN F 16 -29.34 -29.05 37.05
N ILE F 17 -29.06 -27.73 37.01
CA ILE F 17 -27.77 -27.13 37.41
C ILE F 17 -27.56 -27.38 38.91
N GLY F 18 -26.40 -27.96 39.23
CA GLY F 18 -26.01 -28.37 40.58
C GLY F 18 -25.96 -29.88 40.65
N ILE F 19 -24.76 -30.43 40.68
CA ILE F 19 -24.54 -31.87 40.74
C ILE F 19 -23.80 -32.27 42.01
N VAL F 20 -24.37 -33.22 42.75
CA VAL F 20 -23.80 -33.77 43.98
C VAL F 20 -23.65 -35.27 43.77
N LYS F 21 -22.41 -35.73 43.64
CA LYS F 21 -22.12 -37.13 43.42
C LYS F 21 -21.44 -37.75 44.63
N LEU F 22 -22.08 -38.82 45.15
CA LEU F 22 -21.64 -39.57 46.34
C LEU F 22 -21.43 -41.04 45.99
N ARG F 23 -20.81 -41.82 46.93
CA ARG F 23 -20.58 -43.27 46.81
C ARG F 23 -21.54 -44.00 47.72
N HIS F 24 -21.84 -45.27 47.40
CA HIS F 24 -22.74 -46.10 48.19
C HIS F 24 -22.27 -46.31 49.64
N ALA F 25 -20.97 -46.56 49.82
CA ALA F 25 -20.41 -46.81 51.14
C ALA F 25 -20.10 -45.48 51.80
N ASP F 26 -21.07 -44.83 52.46
CA ASP F 26 -20.76 -43.52 53.03
C ASP F 26 -21.52 -43.20 54.29
N VAL F 27 -21.53 -44.16 55.18
CA VAL F 27 -22.24 -43.98 56.44
C VAL F 27 -21.60 -42.81 57.19
N ASN F 28 -22.43 -41.84 57.58
CA ASN F 28 -22.11 -40.62 58.31
C ASN F 28 -20.88 -39.81 58.00
N SER F 29 -20.61 -39.57 56.72
CA SER F 29 -19.44 -38.79 56.36
C SER F 29 -19.79 -37.69 55.38
N GLN F 30 -20.30 -38.07 54.20
CA GLN F 30 -20.64 -37.11 53.16
C GLN F 30 -21.88 -36.31 53.57
N ALA F 31 -21.69 -34.99 53.76
CA ALA F 31 -22.73 -34.07 54.14
C ALA F 31 -22.85 -32.98 53.13
N ILE F 32 -24.09 -32.52 52.92
CA ILE F 32 -24.47 -31.50 51.94
C ILE F 32 -24.67 -30.19 52.67
N VAL F 33 -23.85 -29.18 52.32
CA VAL F 33 -23.94 -27.83 52.87
C VAL F 33 -24.59 -26.95 51.81
N ALA F 34 -25.82 -26.49 52.09
CA ALA F 34 -26.62 -25.73 51.13
C ALA F 34 -26.98 -24.33 51.61
N GLN F 35 -26.97 -23.36 50.68
CA GLN F 35 -27.33 -21.96 50.91
C GLN F 35 -28.61 -21.69 50.14
N ILE F 36 -29.68 -21.32 50.84
CA ILE F 36 -30.96 -21.07 50.20
C ILE F 36 -31.08 -19.60 49.80
N VAL F 37 -31.36 -19.35 48.50
CA VAL F 37 -31.44 -18.00 47.96
C VAL F 37 -32.75 -17.76 47.20
N GLU F 38 -33.42 -16.62 47.46
CA GLU F 38 -34.65 -16.21 46.81
C GLU F 38 -34.46 -14.81 46.27
N ASN F 39 -34.59 -14.65 44.94
CA ASN F 39 -34.45 -13.37 44.25
C ASN F 39 -33.08 -12.69 44.52
N GLY F 40 -32.03 -13.50 44.64
CA GLY F 40 -30.67 -13.02 44.85
C GLY F 40 -30.29 -12.75 46.30
N GLN F 41 -31.22 -12.94 47.20
CA GLN F 41 -30.95 -12.71 48.61
C GLN F 41 -31.22 -13.98 49.41
N PRO F 42 -30.46 -14.25 50.50
CA PRO F 42 -30.72 -15.46 51.29
C PRO F 42 -32.13 -15.53 51.89
N LYS F 43 -32.77 -16.69 51.78
CA LYS F 43 -34.14 -16.95 52.25
C LYS F 43 -34.21 -17.43 53.70
N ASN F 44 -35.06 -16.79 54.54
CA ASN F 44 -35.26 -17.17 55.95
C ASN F 44 -36.45 -18.10 56.05
N PHE F 45 -36.18 -19.38 56.36
CA PHE F 45 -37.20 -20.43 56.50
C PHE F 45 -37.64 -20.67 57.94
N GLU F 46 -37.48 -19.63 58.79
CA GLU F 46 -37.85 -19.66 60.19
C GLU F 46 -39.27 -20.15 60.39
N GLY F 47 -39.41 -21.17 61.24
CA GLY F 47 -40.71 -21.77 61.55
C GLY F 47 -41.09 -22.93 60.65
N LEU F 48 -40.37 -23.09 59.51
CA LEU F 48 -40.59 -24.18 58.54
C LEU F 48 -39.47 -25.21 58.64
N GLN F 49 -39.83 -26.49 58.90
CA GLN F 49 -38.85 -27.56 59.05
C GLN F 49 -38.25 -27.97 57.69
N PRO F 50 -36.91 -27.93 57.54
CA PRO F 50 -36.29 -28.36 56.28
C PRO F 50 -36.36 -29.88 56.10
N PHE F 51 -36.51 -30.31 54.84
CA PHE F 51 -36.62 -31.72 54.47
C PHE F 51 -35.83 -32.04 53.21
N PHE F 52 -35.11 -33.16 53.22
CA PHE F 52 -34.38 -33.58 52.04
C PHE F 52 -35.29 -34.48 51.23
N CYS F 53 -35.72 -33.98 50.08
CA CYS F 53 -36.59 -34.75 49.23
C CYS F 53 -35.79 -35.35 48.11
N LEU F 54 -35.92 -36.66 47.93
CA LEU F 54 -35.22 -37.38 46.89
C LEU F 54 -36.19 -38.14 45.98
N MET F 55 -36.04 -37.91 44.67
CA MET F 55 -36.83 -38.55 43.62
C MET F 55 -36.02 -39.67 42.98
N ALA F 56 -36.10 -40.84 43.63
CA ALA F 56 -35.38 -42.03 43.25
C ALA F 56 -35.99 -42.71 42.05
N GLN F 57 -35.13 -43.25 41.19
CA GLN F 57 -35.58 -43.96 39.99
C GLN F 57 -36.13 -45.33 40.37
N GLU F 58 -37.33 -45.68 39.84
CA GLU F 58 -38.02 -46.95 40.08
C GLU F 58 -38.21 -47.30 41.59
N ALA F 59 -38.50 -46.27 42.39
CA ALA F 59 -38.74 -46.36 43.82
C ALA F 59 -39.60 -45.17 44.23
N THR F 60 -40.68 -44.95 43.45
CA THR F 60 -41.62 -43.84 43.62
C THR F 60 -42.96 -44.25 44.24
N GLY F 61 -43.61 -43.28 44.88
CA GLY F 61 -44.91 -43.41 45.52
C GLY F 61 -45.47 -42.06 45.88
N GLN F 62 -45.90 -41.90 47.15
CA GLN F 62 -46.39 -40.62 47.68
C GLN F 62 -45.27 -39.99 48.49
N GLY F 63 -44.59 -40.80 49.26
CA GLY F 63 -43.43 -40.39 50.03
C GLY F 63 -42.25 -41.14 49.46
N VAL F 64 -41.77 -40.71 48.28
CA VAL F 64 -40.63 -41.33 47.58
C VAL F 64 -39.45 -41.42 48.54
N SER F 65 -38.98 -40.26 49.05
CA SER F 65 -37.90 -40.16 50.04
C SER F 65 -37.93 -38.77 50.65
N GLU F 66 -38.16 -38.70 51.97
CA GLU F 66 -38.22 -37.47 52.71
C GLU F 66 -37.60 -37.66 54.08
N GLU F 67 -36.59 -36.84 54.37
CA GLU F 67 -35.85 -36.90 55.64
C GLU F 67 -35.69 -35.51 56.23
N SER F 68 -36.01 -35.37 57.52
CA SER F 68 -35.89 -34.09 58.20
C SER F 68 -34.43 -33.72 58.44
N VAL F 69 -34.06 -32.48 58.06
CA VAL F 69 -32.70 -31.98 58.24
C VAL F 69 -32.56 -31.47 59.67
N VAL F 70 -31.56 -32.00 60.37
CA VAL F 70 -31.31 -31.67 61.77
C VAL F 70 -30.43 -30.44 61.97
N SER F 71 -29.35 -30.30 61.17
CA SER F 71 -28.44 -29.18 61.27
C SER F 71 -28.83 -28.13 60.27
N PHE F 72 -29.23 -26.94 60.77
CA PHE F 72 -29.69 -25.83 59.94
C PHE F 72 -29.74 -24.52 60.70
N ASP F 73 -29.52 -23.41 59.99
CA ASP F 73 -29.63 -22.04 60.49
C ASP F 73 -30.64 -21.29 59.62
N ALA F 74 -31.88 -21.21 60.10
CA ALA F 74 -32.99 -20.59 59.36
C ALA F 74 -32.86 -19.08 59.20
N LYS F 75 -32.10 -18.43 60.08
CA LYS F 75 -31.91 -16.98 60.07
C LYS F 75 -31.08 -16.53 58.88
N ASN F 76 -30.08 -17.34 58.49
CA ASN F 76 -29.22 -16.99 57.35
C ASN F 76 -29.50 -17.80 56.07
N GLY F 77 -30.37 -18.82 56.19
CA GLY F 77 -30.75 -19.71 55.09
C GLY F 77 -29.69 -20.71 54.71
N THR F 78 -29.09 -21.37 55.72
CA THR F 78 -28.03 -22.38 55.57
C THR F 78 -28.43 -23.67 56.24
N LEU F 79 -28.07 -24.81 55.65
CA LEU F 79 -28.38 -26.13 56.20
C LEU F 79 -27.28 -27.14 55.91
N LYS F 80 -27.21 -28.17 56.74
CA LYS F 80 -26.25 -29.22 56.54
C LYS F 80 -26.95 -30.56 56.68
N TYR F 81 -26.91 -31.34 55.59
CA TYR F 81 -27.53 -32.65 55.51
C TYR F 81 -26.50 -33.75 55.28
N VAL F 82 -26.36 -34.64 56.27
CA VAL F 82 -25.48 -35.79 56.20
C VAL F 82 -26.25 -36.92 55.55
N ALA F 83 -25.69 -37.47 54.47
CA ALA F 83 -26.32 -38.53 53.71
C ALA F 83 -26.54 -39.79 54.56
N SER F 84 -27.81 -40.22 54.64
CA SER F 84 -28.23 -41.39 55.41
C SER F 84 -28.17 -42.67 54.59
N ASP F 85 -28.40 -43.82 55.26
CA ASP F 85 -28.43 -45.15 54.64
C ASP F 85 -29.50 -45.20 53.58
N ASN F 86 -30.64 -44.53 53.80
CA ASN F 86 -31.72 -44.50 52.82
C ASN F 86 -31.32 -43.71 51.59
N ALA F 87 -30.62 -42.58 51.79
CA ALA F 87 -30.18 -41.69 50.72
C ALA F 87 -29.17 -42.35 49.80
N LEU F 88 -28.29 -43.20 50.38
CA LEU F 88 -27.23 -43.92 49.67
C LEU F 88 -27.64 -45.30 49.17
N GLN F 89 -28.88 -45.72 49.48
CA GLN F 89 -29.45 -46.99 49.06
C GLN F 89 -29.66 -47.04 47.53
N PHE F 90 -30.13 -45.92 46.94
CA PHE F 90 -30.44 -45.84 45.53
C PHE F 90 -29.24 -45.51 44.67
N VAL F 91 -28.62 -46.55 44.11
CA VAL F 91 -27.46 -46.35 43.26
C VAL F 91 -27.92 -45.99 41.89
N GLY F 92 -27.38 -44.91 41.36
CA GLY F 92 -27.73 -44.43 40.02
C GLY F 92 -27.87 -42.92 39.96
N ARG F 93 -28.45 -42.43 38.84
CA ARG F 93 -28.65 -40.99 38.61
C ARG F 93 -30.03 -40.57 39.08
N ASN F 94 -30.07 -39.90 40.25
CA ASN F 94 -31.31 -39.45 40.90
C ASN F 94 -31.41 -37.90 40.96
N GLU F 95 -32.62 -37.41 41.26
CA GLU F 95 -32.91 -35.99 41.37
C GLU F 95 -33.32 -35.74 42.80
N ALA F 96 -32.89 -34.60 43.39
CA ALA F 96 -33.24 -34.23 44.77
C ALA F 96 -33.48 -32.74 44.91
N TYR F 97 -34.12 -32.32 46.01
CA TYR F 97 -34.45 -30.92 46.33
C TYR F 97 -34.75 -30.79 47.81
N PHE F 98 -34.79 -29.56 48.33
CA PHE F 98 -35.10 -29.36 49.74
C PHE F 98 -36.44 -28.68 49.94
N SER F 99 -37.28 -29.26 50.79
CA SER F 99 -38.62 -28.75 51.09
C SER F 99 -38.61 -28.06 52.42
N PHE F 100 -39.52 -27.11 52.61
CA PHE F 100 -39.65 -26.43 53.90
C PHE F 100 -41.15 -26.33 54.16
N ARG F 101 -41.66 -27.03 55.19
CA ARG F 101 -43.10 -27.04 55.55
C ARG F 101 -43.44 -26.74 57.00
N LYS F 102 -44.59 -26.08 57.18
CA LYS F 102 -45.13 -25.74 58.47
C LYS F 102 -46.49 -26.40 58.52
N GLN F 103 -46.74 -27.19 59.57
CA GLN F 103 -47.97 -27.94 59.81
C GLN F 103 -48.56 -27.66 61.19
N GLU F 104 -49.89 -27.50 61.24
CA GLU F 104 -50.64 -27.20 62.46
C GLU F 104 -50.90 -28.41 63.33
N GLY F 105 -51.85 -29.24 62.91
CA GLY F 105 -52.24 -30.45 63.60
C GLY F 105 -52.32 -31.50 62.54
N GLY F 106 -51.15 -32.00 62.17
CA GLY F 106 -51.01 -33.01 61.12
C GLY F 106 -51.06 -32.39 59.74
N ARG F 107 -52.13 -31.63 59.46
CA ARG F 107 -52.34 -30.99 58.17
C ARG F 107 -51.38 -29.84 57.89
N TRP F 108 -51.05 -29.65 56.60
CA TRP F 108 -50.11 -28.63 56.14
C TRP F 108 -50.70 -27.26 56.04
N ILE F 109 -49.85 -26.25 56.24
CA ILE F 109 -50.22 -24.84 56.15
C ILE F 109 -49.52 -24.21 54.94
N GLU F 110 -48.17 -24.23 54.94
CA GLU F 110 -47.33 -23.64 53.91
C GLU F 110 -46.17 -24.59 53.61
N GLN F 111 -45.78 -24.72 52.32
CA GLN F 111 -44.63 -25.55 51.93
C GLN F 111 -43.88 -25.03 50.69
N PHE F 112 -42.73 -24.38 50.89
CA PHE F 112 -41.97 -23.93 49.73
C PHE F 112 -40.73 -24.80 49.56
N SER F 113 -40.36 -25.08 48.30
CA SER F 113 -39.23 -25.91 47.99
C SER F 113 -38.26 -25.27 46.98
N THR F 114 -36.95 -25.66 47.06
CA THR F 114 -35.88 -25.18 46.16
C THR F 114 -35.94 -25.86 44.83
N ARG F 115 -35.11 -25.41 43.88
CA ARG F 115 -35.03 -26.01 42.56
C ARG F 115 -34.37 -27.37 42.66
N THR F 116 -34.63 -28.23 41.67
CA THR F 116 -34.08 -29.58 41.64
C THR F 116 -32.58 -29.58 41.28
N PHE F 117 -31.83 -30.45 41.96
CA PHE F 117 -30.40 -30.63 41.71
C PHE F 117 -30.13 -32.11 41.51
N HIS F 118 -29.11 -32.42 40.73
CA HIS F 118 -28.82 -33.81 40.48
C HIS F 118 -28.15 -34.42 41.69
N TYR F 119 -28.59 -35.63 42.05
CA TYR F 119 -28.06 -36.41 43.18
C TYR F 119 -27.73 -37.84 42.71
N ILE F 120 -26.50 -38.00 42.24
CA ILE F 120 -26.08 -39.29 41.71
C ILE F 120 -25.28 -40.13 42.74
N VAL F 121 -25.58 -41.44 42.81
CA VAL F 121 -24.90 -42.34 43.74
C VAL F 121 -24.09 -43.37 42.96
N GLU F 122 -22.75 -43.33 43.12
CA GLU F 122 -21.80 -44.25 42.48
C GLU F 122 -21.78 -45.58 43.22
N LYS F 123 -21.76 -46.68 42.46
CA LYS F 123 -21.71 -48.03 43.01
C LYS F 123 -20.37 -48.28 43.74
N SER F 124 -20.42 -48.96 44.89
CA SER F 124 -19.27 -49.30 45.73
C SER F 124 -18.99 -50.79 45.64
N ILE F 125 -17.95 -51.27 46.33
CA ILE F 125 -17.61 -52.69 46.37
C ILE F 125 -18.73 -53.46 47.13
N TYR F 126 -19.43 -52.73 48.03
CA TYR F 126 -20.50 -53.23 48.89
C TYR F 126 -21.87 -53.26 48.22
N SER F 127 -22.12 -52.38 47.23
CA SER F 127 -23.37 -52.32 46.47
C SER F 127 -23.36 -53.30 45.28
N GLN F 128 -22.21 -53.45 44.62
CA GLN F 128 -22.04 -54.31 43.47
C GLN F 128 -22.29 -55.78 43.78
N PRO F 129 -23.21 -56.45 43.06
CA PRO F 129 -23.45 -57.88 43.29
C PRO F 129 -22.29 -58.73 42.81
N PHE F 130 -21.92 -59.77 43.58
CA PHE F 130 -20.79 -60.67 43.29
C PHE F 130 -21.16 -62.12 43.48
N LYS F 131 -20.51 -63.01 42.73
CA LYS F 131 -20.76 -64.45 42.75
C LYS F 131 -19.96 -65.13 43.84
N ASP F 132 -20.68 -65.76 44.78
CA ASP F 132 -20.07 -66.50 45.88
C ASP F 132 -20.85 -67.77 46.09
N SER F 133 -20.11 -68.88 46.22
CA SER F 133 -20.65 -70.21 46.44
C SER F 133 -21.82 -70.52 45.46
N ASN F 134 -21.54 -70.35 44.15
CA ASN F 134 -22.47 -70.61 43.03
C ASN F 134 -23.72 -69.70 43.00
N TYR F 135 -23.85 -68.73 43.94
CA TYR F 135 -25.00 -67.83 44.00
C TYR F 135 -24.54 -66.38 43.92
N TRP F 136 -25.46 -65.46 43.57
CA TRP F 136 -25.17 -64.02 43.49
C TRP F 136 -25.57 -63.37 44.80
N TRP F 137 -24.66 -62.58 45.37
CA TRP F 137 -24.85 -61.92 46.66
C TRP F 137 -24.41 -60.49 46.64
N THR F 138 -24.94 -59.70 47.58
CA THR F 138 -24.49 -58.33 47.87
C THR F 138 -23.91 -58.38 49.26
N PHE F 139 -23.04 -57.45 49.60
CA PHE F 139 -22.37 -57.44 50.90
C PHE F 139 -23.33 -57.44 52.11
N LYS F 140 -24.33 -56.56 52.05
CA LYS F 140 -25.35 -56.35 53.06
C LYS F 140 -26.10 -57.64 53.41
N GLU F 141 -26.32 -58.51 52.42
CA GLU F 141 -27.01 -59.77 52.59
C GLU F 141 -26.16 -60.73 53.41
N LEU F 142 -24.90 -60.96 52.95
CA LEU F 142 -23.98 -61.88 53.62
C LEU F 142 -23.58 -61.43 54.99
N TYR F 143 -23.28 -60.12 55.14
CA TYR F 143 -22.86 -59.55 56.41
C TYR F 143 -23.89 -59.74 57.50
N ARG F 144 -25.18 -59.70 57.12
CA ARG F 144 -26.33 -59.91 58.01
C ARG F 144 -26.40 -61.39 58.41
N ILE F 145 -26.23 -62.30 57.43
CA ILE F 145 -26.29 -63.75 57.64
C ILE F 145 -25.15 -64.23 58.51
N PHE F 146 -23.95 -63.69 58.30
CA PHE F 146 -22.76 -64.06 59.06
C PHE F 146 -22.84 -63.60 60.49
N ASN F 147 -23.33 -62.36 60.70
CA ASN F 147 -23.47 -61.80 62.05
C ASN F 147 -24.61 -62.48 62.81
N LYS F 148 -25.59 -63.06 62.09
CA LYS F 148 -26.70 -63.84 62.66
C LYS F 148 -26.10 -65.13 63.19
N TYR F 149 -25.24 -65.77 62.38
CA TYR F 149 -24.60 -67.01 62.75
C TYR F 149 -23.81 -66.81 64.05
N ILE F 150 -23.10 -65.66 64.17
CA ILE F 150 -22.31 -65.35 65.37
C ILE F 150 -23.23 -65.08 66.58
N GLU F 151 -24.29 -64.28 66.37
CA GLU F 151 -25.24 -63.90 67.43
C GLU F 151 -26.04 -65.10 67.93
N ASP F 152 -26.59 -65.89 67.02
CA ASP F 152 -27.38 -67.06 67.39
C ASP F 152 -26.51 -68.16 67.90
N GLY F 153 -25.26 -68.22 67.40
CA GLY F 153 -24.26 -69.20 67.83
C GLY F 153 -23.81 -68.98 69.26
N LYS F 154 -23.64 -67.70 69.65
CA LYS F 154 -23.23 -67.35 71.01
C LYS F 154 -24.35 -67.68 71.98
N LYS F 155 -25.58 -67.34 71.60
CA LYS F 155 -26.79 -67.58 72.38
C LYS F 155 -27.06 -69.06 72.58
N SER F 156 -26.83 -69.86 71.53
CA SER F 156 -27.04 -71.31 71.55
C SER F 156 -25.97 -72.00 72.40
N TRP F 157 -24.77 -71.42 72.48
CA TRP F 157 -23.69 -71.98 73.29
C TRP F 157 -23.89 -71.65 74.75
N GLU F 158 -24.38 -70.44 75.01
CA GLU F 158 -24.69 -69.96 76.35
C GLU F 158 -25.79 -70.83 76.97
N GLN F 159 -26.76 -71.21 76.13
CA GLN F 159 -27.89 -72.07 76.50
C GLN F 159 -27.42 -73.52 76.64
N PHE F 160 -26.46 -73.96 75.79
CA PHE F 160 -25.89 -75.30 75.81
C PHE F 160 -25.27 -75.60 77.16
N VAL F 161 -24.42 -74.67 77.65
CA VAL F 161 -23.73 -74.81 78.92
C VAL F 161 -24.74 -74.71 80.09
N GLU F 162 -25.67 -73.75 80.02
CA GLU F 162 -26.70 -73.51 81.03
C GLU F 162 -27.57 -74.75 81.24
N ALA F 163 -28.09 -75.34 80.13
CA ALA F 163 -28.95 -76.51 80.18
C ALA F 163 -28.23 -77.72 80.74
N ASN F 164 -26.95 -77.91 80.34
CA ASN F 164 -26.11 -79.02 80.78
C ASN F 164 -25.71 -78.94 82.24
N ARG F 165 -25.52 -77.70 82.74
CA ARG F 165 -25.20 -77.50 84.14
C ARG F 165 -26.41 -77.79 85.03
N GLU F 166 -27.64 -77.62 84.51
CA GLU F 166 -28.88 -77.88 85.26
C GLU F 166 -29.16 -79.38 85.39
N ILE F 167 -28.58 -80.16 84.47
CA ILE F 167 -28.72 -81.60 84.43
C ILE F 167 -28.07 -82.25 85.67
N LEU F 168 -26.75 -82.05 85.85
CA LEU F 168 -26.05 -82.65 86.99
C LEU F 168 -26.21 -81.94 88.34
N GLU F 169 -26.65 -80.68 88.30
CA GLU F 169 -26.77 -79.92 89.54
C GLU F 169 -28.13 -79.74 90.10
N SER F 170 -29.16 -79.70 89.23
CA SER F 170 -30.52 -79.43 89.70
C SER F 170 -31.30 -80.72 89.86
N ILE F 171 -30.89 -81.75 89.12
CA ILE F 171 -31.55 -83.05 89.17
C ILE F 171 -30.90 -83.99 90.22
N ASP F 172 -29.81 -83.53 90.89
CA ASP F 172 -29.17 -84.35 91.91
C ASP F 172 -28.98 -83.69 93.28
N PRO F 173 -29.26 -84.40 94.42
CA PRO F 173 -29.05 -83.80 95.77
C PRO F 173 -27.58 -83.61 96.13
N GLY F 174 -26.72 -84.54 95.69
CA GLY F 174 -25.27 -84.50 95.85
C GLY F 174 -24.52 -84.10 94.58
N GLY F 175 -25.22 -83.92 93.46
CA GLY F 175 -24.63 -83.51 92.18
C GLY F 175 -24.23 -82.04 92.13
N VAL F 176 -24.89 -81.20 92.97
CA VAL F 176 -24.62 -79.76 93.13
C VAL F 176 -23.17 -79.63 93.58
N LEU F 177 -22.77 -80.46 94.57
CA LEU F 177 -21.44 -80.54 95.16
C LEU F 177 -20.39 -80.78 94.08
N LEU F 178 -20.66 -81.76 93.22
CA LEU F 178 -19.76 -82.18 92.17
C LEU F 178 -19.27 -81.03 91.29
N ALA F 179 -20.20 -80.24 90.71
CA ALA F 179 -19.84 -79.16 89.81
C ALA F 179 -19.11 -78.02 90.50
N LYS F 180 -19.62 -77.61 91.69
CA LYS F 180 -19.06 -76.53 92.48
C LYS F 180 -17.61 -76.77 92.86
N VAL F 181 -17.26 -78.02 93.21
CA VAL F 181 -15.89 -78.41 93.57
C VAL F 181 -14.92 -78.32 92.40
N ILE F 182 -15.39 -78.67 91.21
CA ILE F 182 -14.61 -78.60 89.98
C ILE F 182 -14.40 -77.12 89.58
N ASP F 183 -15.48 -76.32 89.71
CA ASP F 183 -15.48 -74.89 89.41
C ASP F 183 -14.53 -74.12 90.31
N ILE F 184 -14.58 -74.42 91.63
CA ILE F 184 -13.75 -73.77 92.63
C ILE F 184 -12.26 -74.14 92.48
N GLU F 185 -11.99 -75.32 91.91
CA GLU F 185 -10.65 -75.84 91.70
C GLU F 185 -9.83 -74.98 90.74
N LYS F 186 -10.37 -74.75 89.52
CA LYS F 186 -9.65 -73.95 88.51
C LYS F 186 -9.46 -72.51 88.90
N ILE F 187 -10.32 -72.00 89.79
CA ILE F 187 -10.19 -70.65 90.28
C ILE F 187 -8.92 -70.64 91.14
N VAL F 188 -8.79 -71.67 91.97
CA VAL F 188 -7.63 -71.86 92.83
C VAL F 188 -6.36 -72.21 92.05
N ASN F 189 -6.52 -72.81 90.85
CA ASN F 189 -5.39 -73.18 90.00
C ASN F 189 -4.93 -72.03 89.09
N GLU F 190 -5.70 -70.92 89.07
CA GLU F 190 -5.39 -69.77 88.22
C GLU F 190 -5.21 -68.47 89.00
N LYS F 191 -6.07 -68.22 90.01
CA LYS F 191 -6.09 -66.97 90.75
C LYS F 191 -5.43 -67.00 92.12
N VAL F 192 -5.37 -68.18 92.74
CA VAL F 192 -4.79 -68.29 94.08
C VAL F 192 -3.30 -68.69 93.89
N PRO F 193 -2.35 -67.99 94.57
CA PRO F 193 -0.93 -68.33 94.39
C PRO F 193 -0.51 -69.51 95.27
N ALA F 194 -0.63 -70.74 94.77
CA ALA F 194 -0.24 -71.89 95.59
C ALA F 194 0.57 -73.00 94.92
N GLY F 195 0.17 -73.39 93.71
CA GLY F 195 0.73 -74.50 92.93
C GLY F 195 2.16 -74.44 92.44
N PHE F 196 2.71 -73.22 92.25
CA PHE F 196 4.06 -72.98 91.73
C PHE F 196 4.94 -72.17 92.69
N LYS F 197 6.21 -72.58 92.87
CA LYS F 197 7.13 -71.88 93.77
C LYS F 197 8.49 -71.64 93.12
N PHE F 198 8.97 -70.38 93.19
CA PHE F 198 10.25 -69.99 92.61
C PHE F 198 11.09 -69.25 93.62
N VAL F 199 12.39 -69.56 93.64
CA VAL F 199 13.34 -68.96 94.58
C VAL F 199 14.20 -67.90 93.87
N LEU F 200 14.32 -66.73 94.51
CA LEU F 200 15.11 -65.62 93.99
C LEU F 200 16.14 -65.18 95.02
N GLU F 201 17.42 -65.42 94.72
CA GLU F 201 18.52 -65.03 95.61
C GLU F 201 18.93 -63.59 95.32
N HIS F 202 19.18 -62.81 96.39
CA HIS F 202 19.54 -61.40 96.26
C HIS F 202 20.71 -60.96 97.14
N ASP F 203 21.10 -59.68 97.01
CA ASP F 203 22.21 -59.06 97.74
C ASP F 203 21.75 -58.37 98.99
N SER F 204 20.47 -57.94 99.02
CA SER F 204 19.86 -57.22 100.13
C SER F 204 19.70 -58.05 101.39
N GLU F 205 19.77 -57.40 102.55
CA GLU F 205 19.62 -58.07 103.85
C GLU F 205 18.16 -58.00 104.30
N TYR F 206 17.33 -57.23 103.58
CA TYR F 206 15.94 -57.01 103.92
C TYR F 206 14.95 -57.82 103.05
N GLN F 207 13.70 -57.32 102.92
CA GLN F 207 12.62 -57.98 102.17
C GLN F 207 12.28 -57.21 100.90
N PRO F 208 12.85 -57.61 99.73
CA PRO F 208 12.53 -56.88 98.49
C PRO F 208 11.20 -57.28 97.87
N GLU F 209 10.45 -56.29 97.34
CA GLU F 209 9.16 -56.53 96.71
C GLU F 209 9.34 -57.10 95.34
N VAL F 210 8.60 -58.17 95.04
CA VAL F 210 8.68 -58.84 93.74
C VAL F 210 7.33 -58.75 93.05
N LYS F 211 7.36 -58.43 91.75
CA LYS F 211 6.17 -58.34 90.89
C LYS F 211 6.35 -59.33 89.73
N VAL F 212 5.35 -60.20 89.52
CA VAL F 212 5.43 -61.21 88.46
C VAL F 212 4.36 -61.00 87.40
N THR F 213 4.78 -61.08 86.12
CA THR F 213 3.94 -60.94 84.93
C THR F 213 4.19 -62.08 83.93
N SER F 214 3.12 -62.56 83.28
CA SER F 214 3.20 -63.64 82.29
C SER F 214 2.65 -63.18 80.97
N TYR F 215 3.40 -63.45 79.89
CA TYR F 215 3.05 -63.07 78.52
C TYR F 215 3.64 -63.99 77.45
N LYS F 216 2.93 -64.17 76.36
CA LYS F 216 3.42 -65.02 75.27
C LYS F 216 3.79 -64.18 74.04
N ASN F 217 4.57 -64.75 73.09
CA ASN F 217 5.03 -64.11 71.84
C ASN F 217 5.70 -62.75 72.04
N ALA F 218 6.56 -62.66 73.07
CA ALA F 218 7.31 -61.46 73.42
C ALA F 218 8.38 -61.15 72.38
N ILE F 219 9.06 -60.02 72.52
CA ILE F 219 10.11 -59.62 71.58
C ILE F 219 11.27 -60.64 71.48
N GLY F 220 11.44 -61.20 70.29
CA GLY F 220 12.46 -62.20 69.99
C GLY F 220 12.29 -63.57 70.63
N THR F 221 11.03 -64.00 70.85
CA THR F 221 10.69 -65.31 71.44
C THR F 221 9.71 -66.10 70.56
N GLU F 222 9.27 -65.49 69.45
CA GLU F 222 8.33 -66.07 68.48
C GLU F 222 8.99 -67.24 67.77
N THR F 223 8.19 -68.24 67.43
CA THR F 223 8.63 -69.48 66.79
C THR F 223 9.37 -69.31 65.45
N ASP F 224 8.78 -68.52 64.53
CA ASP F 224 9.36 -68.33 63.19
C ASP F 224 10.22 -67.05 63.03
N GLY F 225 10.87 -66.63 64.12
CA GLY F 225 11.75 -65.48 64.13
C GLY F 225 11.10 -64.19 64.59
N PHE F 226 11.78 -63.07 64.35
CA PHE F 226 11.32 -61.74 64.73
C PHE F 226 10.08 -61.31 63.94
N ASP F 227 9.07 -60.76 64.64
CA ASP F 227 7.80 -60.26 64.06
C ASP F 227 7.08 -61.32 63.20
N SER F 228 7.08 -62.56 63.68
CA SER F 228 6.43 -63.66 62.98
C SER F 228 5.14 -64.07 63.71
N GLY F 229 5.03 -63.66 64.99
CA GLY F 229 3.89 -63.93 65.86
C GLY F 229 2.67 -63.10 65.54
N PRO F 230 1.46 -63.49 66.02
CA PRO F 230 0.24 -62.74 65.69
C PRO F 230 0.14 -61.34 66.28
N VAL F 231 0.69 -61.14 67.48
CA VAL F 231 0.71 -59.85 68.16
C VAL F 231 2.16 -59.41 68.37
N PHE F 232 2.60 -58.41 67.63
CA PHE F 232 3.96 -57.92 67.70
C PHE F 232 4.28 -57.29 69.05
N GLY F 233 5.41 -57.67 69.64
CA GLY F 233 5.91 -57.12 70.90
C GLY F 233 5.38 -57.72 72.19
N GLY F 234 4.63 -58.81 72.05
CA GLY F 234 4.01 -59.52 73.16
C GLY F 234 2.50 -59.50 73.08
N GLY F 235 1.86 -60.62 73.39
CA GLY F 235 0.40 -60.71 73.35
C GLY F 235 -0.28 -60.06 74.53
N THR F 236 -0.91 -60.90 75.37
CA THR F 236 -1.64 -60.46 76.56
C THR F 236 -0.75 -60.65 77.76
N ILE F 237 -0.62 -59.58 78.57
CA ILE F 237 0.17 -59.59 79.81
C ILE F 237 -0.75 -59.84 81.00
N TYR F 238 -0.43 -60.87 81.80
CA TYR F 238 -1.21 -61.24 82.96
C TYR F 238 -0.40 -60.94 84.23
N ASN F 239 -0.96 -60.12 85.14
CA ASN F 239 -0.31 -59.81 86.41
C ASN F 239 -0.56 -60.98 87.33
N VAL F 240 0.51 -61.77 87.55
CA VAL F 240 0.49 -63.02 88.32
C VAL F 240 0.29 -62.77 89.83
N PRO F 241 -0.78 -63.35 90.46
CA PRO F 241 -0.97 -63.15 91.91
C PRO F 241 0.12 -63.91 92.64
N VAL F 242 0.73 -63.25 93.63
CA VAL F 242 1.87 -63.81 94.37
C VAL F 242 1.70 -63.80 95.89
N SER F 243 2.31 -64.82 96.54
CA SER F 243 2.40 -64.97 98.00
C SER F 243 3.88 -65.02 98.33
N LEU F 244 4.39 -63.94 98.94
CA LEU F 244 5.80 -63.77 99.24
C LEU F 244 6.24 -64.27 100.62
N SER F 245 7.36 -64.99 100.67
CA SER F 245 7.97 -65.51 101.90
C SER F 245 9.47 -65.27 101.80
N TYR F 246 10.07 -64.78 102.88
CA TYR F 246 11.48 -64.39 102.83
C TYR F 246 12.37 -65.05 103.85
N ASP F 247 13.63 -65.29 103.44
CA ASP F 247 14.73 -65.80 104.27
C ASP F 247 15.94 -64.89 104.04
N ARG F 248 17.09 -65.19 104.68
CA ARG F 248 18.28 -64.34 104.51
C ARG F 248 18.77 -64.43 103.07
N GLN F 249 18.69 -63.31 102.33
CA GLN F 249 19.10 -63.21 100.93
C GLN F 249 18.36 -64.20 99.97
N LYS F 250 17.09 -64.60 100.30
CA LYS F 250 16.23 -65.52 99.52
C LYS F 250 14.78 -65.09 99.53
N VAL F 251 14.17 -65.09 98.34
CA VAL F 251 12.76 -64.74 98.18
C VAL F 251 12.02 -65.89 97.57
N TYR F 252 11.03 -66.41 98.29
CA TYR F 252 10.18 -67.50 97.83
C TYR F 252 8.88 -66.92 97.29
N VAL F 253 8.76 -66.96 95.96
CA VAL F 253 7.60 -66.44 95.24
C VAL F 253 6.63 -67.58 94.90
N GLU F 254 5.45 -67.58 95.55
CA GLU F 254 4.42 -68.59 95.31
C GLU F 254 3.41 -68.08 94.30
N MET F 255 3.15 -68.88 93.26
CA MET F 255 2.27 -68.51 92.14
C MET F 255 1.24 -69.59 91.83
N PRO F 256 0.12 -69.29 91.10
CA PRO F 256 -0.87 -70.34 90.81
C PRO F 256 -0.38 -71.49 89.91
N LYS F 257 -1.18 -72.57 89.86
CA LYS F 257 -0.88 -73.76 89.07
C LYS F 257 -0.75 -73.45 87.58
N SER F 258 -1.61 -72.56 87.05
CA SER F 258 -1.62 -72.21 85.63
C SER F 258 -0.35 -71.52 85.12
N TYR F 259 0.42 -70.93 86.03
CA TYR F 259 1.63 -70.22 85.67
C TYR F 259 2.89 -71.05 85.84
N THR F 260 2.73 -72.37 86.01
CA THR F 260 3.86 -73.29 86.15
C THR F 260 4.59 -73.39 84.81
N LEU F 261 5.85 -72.95 84.80
CA LEU F 261 6.67 -72.92 83.58
C LEU F 261 8.10 -73.34 83.87
N ALA F 262 8.56 -74.41 83.20
CA ALA F 262 9.92 -74.92 83.35
C ALA F 262 10.68 -74.69 82.05
N GLY F 263 11.45 -73.61 82.04
CA GLY F 263 12.25 -73.22 80.89
C GLY F 263 13.62 -72.71 81.26
N ASP F 264 14.20 -71.89 80.37
CA ASP F 264 15.53 -71.31 80.54
C ASP F 264 15.45 -70.07 81.41
N ILE F 265 16.32 -69.99 82.41
CA ILE F 265 16.39 -68.88 83.35
C ILE F 265 17.43 -67.86 82.87
N ILE F 266 16.96 -66.65 82.56
CA ILE F 266 17.81 -65.59 82.06
C ILE F 266 17.85 -64.44 83.05
N LEU F 267 19.05 -64.07 83.47
CA LEU F 267 19.25 -62.99 84.43
C LEU F 267 19.75 -61.78 83.68
N ILE F 268 19.06 -60.66 83.86
CA ILE F 268 19.41 -59.36 83.26
C ILE F 268 20.20 -58.56 84.31
N ASP F 269 21.07 -57.65 83.83
CA ASP F 269 21.99 -56.79 84.60
C ASP F 269 21.51 -56.18 85.95
N ASP F 270 20.19 -56.00 86.12
CA ASP F 270 19.56 -55.36 87.30
C ASP F 270 18.66 -56.33 88.07
N GLY F 271 17.69 -55.79 88.80
CA GLY F 271 16.67 -56.54 89.53
C GLY F 271 15.57 -57.09 88.63
N THR F 272 15.95 -57.80 87.54
CA THR F 272 15.03 -58.45 86.61
C THR F 272 15.52 -59.82 86.10
N LEU F 273 14.62 -60.83 86.13
CA LEU F 273 14.88 -62.21 85.72
C LEU F 273 13.71 -62.75 84.91
N LEU F 274 14.02 -63.54 83.88
CA LEU F 274 13.02 -64.14 83.01
C LEU F 274 13.15 -65.64 82.96
N VAL F 275 12.01 -66.32 82.79
CA VAL F 275 11.93 -67.75 82.57
C VAL F 275 11.25 -67.90 81.22
N ILE F 276 12.02 -68.34 80.20
CA ILE F 276 11.51 -68.47 78.82
C ILE F 276 11.45 -69.93 78.37
N LYS F 277 10.27 -70.37 77.96
CA LYS F 277 10.04 -71.70 77.41
C LYS F 277 9.34 -71.49 76.08
N GLU F 278 10.15 -71.44 74.99
CA GLU F 278 9.74 -71.18 73.60
C GLU F 278 9.14 -69.77 73.62
N THR F 279 7.80 -69.64 73.34
CA THR F 279 7.02 -68.39 73.29
C THR F 279 6.53 -67.83 74.66
N GLN F 280 6.29 -68.73 75.64
CA GLN F 280 5.83 -68.35 76.97
C GLN F 280 6.98 -67.80 77.84
N VAL F 281 6.79 -66.59 78.37
CA VAL F 281 7.77 -65.88 79.19
C VAL F 281 7.13 -65.49 80.54
N LEU F 282 7.85 -65.74 81.63
CA LEU F 282 7.46 -65.40 82.99
C LEU F 282 8.50 -64.41 83.49
N CYS F 283 8.05 -63.18 83.76
CA CYS F 283 8.90 -62.05 84.17
C CYS F 283 8.88 -61.78 85.68
N PHE F 284 10.07 -61.60 86.28
CA PHE F 284 10.24 -61.32 87.70
C PHE F 284 10.94 -59.97 87.91
N LYS F 285 10.22 -59.00 88.49
CA LYS F 285 10.74 -57.66 88.72
C LYS F 285 10.89 -57.37 90.20
N MET F 286 12.13 -57.15 90.62
CA MET F 286 12.46 -56.93 92.03
C MET F 286 12.97 -55.53 92.28
N SER F 287 12.40 -54.90 93.31
CA SER F 287 12.72 -53.53 93.70
C SER F 287 13.62 -53.49 94.93
N ASP F 288 14.53 -52.49 94.97
CA ASP F 288 15.48 -52.21 96.06
C ASP F 288 16.58 -53.28 96.27
N ALA F 289 16.67 -54.28 95.37
CA ALA F 289 17.69 -55.34 95.44
C ALA F 289 18.08 -55.90 94.07
N LYS F 290 19.24 -56.60 94.01
CA LYS F 290 19.78 -57.18 92.79
C LYS F 290 19.71 -58.68 92.84
N ILE F 291 19.10 -59.30 91.81
CA ILE F 291 18.98 -60.75 91.72
C ILE F 291 20.34 -61.35 91.37
N THR F 292 20.76 -62.37 92.14
CA THR F 292 22.03 -63.05 91.92
C THR F 292 21.82 -64.41 91.31
N LYS F 293 20.73 -65.08 91.69
CA LYS F 293 20.37 -66.41 91.23
C LYS F 293 18.85 -66.60 91.28
N GLY F 294 18.35 -67.43 90.37
CA GLY F 294 16.95 -67.77 90.28
C GLY F 294 16.77 -69.22 89.91
N TYR F 295 15.89 -69.93 90.62
CA TYR F 295 15.62 -71.35 90.38
C TYR F 295 14.28 -71.78 90.97
N VAL F 296 13.69 -72.83 90.40
CA VAL F 296 12.42 -73.40 90.87
C VAL F 296 12.69 -74.07 92.22
N PHE F 297 11.77 -73.90 93.19
CA PHE F 297 11.90 -74.49 94.52
C PHE F 297 11.84 -76.01 94.51
N VAL F 298 12.87 -76.64 95.11
CA VAL F 298 13.05 -78.09 95.28
C VAL F 298 13.94 -78.37 96.50
N ALA F 299 13.37 -79.03 97.52
CA ALA F 299 14.05 -79.37 98.78
C ALA F 299 13.71 -80.77 99.25
N MET G 1 -42.86 -17.20 52.22
CA MET G 1 -43.31 -17.73 50.92
C MET G 1 -42.54 -17.17 49.73
N THR G 2 -42.40 -17.99 48.67
CA THR G 2 -41.68 -17.69 47.43
C THR G 2 -42.44 -16.75 46.51
N GLU G 3 -41.78 -15.69 46.05
CA GLU G 3 -42.39 -14.68 45.19
C GLU G 3 -41.79 -14.72 43.81
N HIS G 4 -42.66 -14.74 42.78
CA HIS G 4 -42.27 -14.77 41.37
C HIS G 4 -42.72 -13.49 40.71
N PHE G 5 -41.77 -12.57 40.51
CA PHE G 5 -42.04 -11.25 39.94
C PHE G 5 -42.08 -11.26 38.43
N ILE G 6 -43.25 -10.98 37.86
CA ILE G 6 -43.49 -10.90 36.41
C ILE G 6 -44.30 -9.68 36.03
N THR G 7 -44.23 -9.29 34.73
CA THR G 7 -45.00 -8.16 34.21
C THR G 7 -45.89 -8.69 33.08
N LEU G 8 -47.22 -8.60 33.26
CA LEU G 8 -48.19 -9.08 32.26
C LEU G 8 -48.92 -7.95 31.52
N SER G 9 -48.99 -8.04 30.18
CA SER G 9 -49.62 -7.04 29.30
C SER G 9 -50.92 -7.51 28.65
N THR G 10 -51.92 -6.62 28.66
CA THR G 10 -53.23 -6.86 28.07
C THR G 10 -53.19 -6.62 26.56
N THR G 11 -52.36 -5.68 26.14
CA THR G 11 -52.25 -5.32 24.74
C THR G 11 -51.05 -5.94 24.01
N GLU G 12 -50.06 -6.47 24.75
CA GLU G 12 -48.87 -7.07 24.13
C GLU G 12 -48.72 -8.54 24.51
N PRO G 13 -48.09 -9.37 23.65
CA PRO G 13 -47.91 -10.78 24.02
C PRO G 13 -46.89 -10.95 25.15
N ASN G 14 -47.19 -11.85 26.10
CA ASN G 14 -46.36 -12.20 27.27
C ASN G 14 -45.37 -13.32 26.99
N ASN G 15 -44.48 -13.07 26.02
CA ASN G 15 -43.50 -14.04 25.60
C ASN G 15 -42.11 -13.77 26.16
N ASN G 16 -41.80 -12.48 26.35
CA ASN G 16 -40.50 -12.05 26.84
C ASN G 16 -40.28 -12.18 28.35
N ILE G 17 -41.29 -12.68 29.09
CA ILE G 17 -41.17 -12.93 30.53
C ILE G 17 -40.26 -14.14 30.75
N GLY G 18 -39.68 -14.21 31.93
CA GLY G 18 -38.80 -15.32 32.27
C GLY G 18 -39.55 -16.63 32.47
N ILE G 19 -38.80 -17.70 32.74
CA ILE G 19 -39.42 -19.00 32.98
C ILE G 19 -40.10 -19.01 34.35
N VAL G 20 -41.42 -19.16 34.35
CA VAL G 20 -42.15 -19.25 35.61
C VAL G 20 -42.22 -20.72 35.97
N LYS G 21 -41.41 -21.14 36.95
CA LYS G 21 -41.33 -22.54 37.35
C LYS G 21 -41.80 -22.70 38.76
N LEU G 22 -42.77 -23.61 38.96
CA LEU G 22 -43.34 -23.92 40.28
C LEU G 22 -43.31 -25.42 40.60
N ARG G 23 -43.27 -25.80 41.89
CA ARG G 23 -43.26 -27.21 42.31
C ARG G 23 -44.67 -27.75 42.49
N HIS G 24 -44.91 -29.03 42.17
CA HIS G 24 -46.23 -29.65 42.26
C HIS G 24 -46.87 -29.59 43.64
N ALA G 25 -46.18 -30.10 44.65
CA ALA G 25 -46.81 -30.10 45.95
C ALA G 25 -46.25 -28.98 46.79
N ASP G 26 -46.83 -27.78 46.66
CA ASP G 26 -46.34 -26.63 47.39
C ASP G 26 -47.39 -25.89 48.25
N VAL G 27 -48.62 -26.37 48.20
CA VAL G 27 -49.76 -25.80 48.94
C VAL G 27 -49.92 -24.28 48.69
N ASN G 28 -49.83 -23.46 49.74
CA ASN G 28 -49.98 -22.01 49.61
C ASN G 28 -48.69 -21.31 49.93
N SER G 29 -47.73 -21.48 49.04
CA SER G 29 -46.43 -20.87 49.18
C SER G 29 -45.99 -20.18 47.90
N GLN G 30 -46.13 -20.86 46.74
CA GLN G 30 -45.71 -20.36 45.42
C GLN G 30 -46.59 -19.22 44.95
N ALA G 31 -46.19 -17.98 45.28
CA ALA G 31 -46.96 -16.79 44.94
C ALA G 31 -46.41 -16.11 43.74
N ILE G 32 -47.30 -15.64 42.86
CA ILE G 32 -46.96 -14.95 41.61
C ILE G 32 -47.31 -13.47 41.73
N VAL G 33 -46.26 -12.63 41.74
CA VAL G 33 -46.42 -11.18 41.78
C VAL G 33 -46.41 -10.65 40.34
N ALA G 34 -47.58 -10.24 39.85
CA ALA G 34 -47.76 -9.79 38.49
C ALA G 34 -48.10 -8.32 38.39
N GLN G 35 -47.36 -7.59 37.54
CA GLN G 35 -47.60 -6.18 37.27
C GLN G 35 -48.41 -6.10 35.99
N ILE G 36 -49.59 -5.51 36.06
CA ILE G 36 -50.46 -5.42 34.90
C ILE G 36 -50.12 -4.16 34.10
N VAL G 37 -49.94 -4.31 32.79
CA VAL G 37 -49.60 -3.23 31.86
C VAL G 37 -50.58 -3.19 30.70
N GLU G 38 -50.99 -1.98 30.30
CA GLU G 38 -51.87 -1.75 29.17
C GLU G 38 -51.25 -0.64 28.35
N ASN G 39 -50.86 -0.97 27.11
CA ASN G 39 -50.20 -0.05 26.18
C ASN G 39 -48.95 0.64 26.79
N GLY G 40 -48.21 -0.13 27.57
CA GLY G 40 -46.98 0.31 28.22
C GLY G 40 -47.13 0.88 29.62
N GLN G 41 -48.31 1.46 29.90
CA GLN G 41 -48.60 2.07 31.19
C GLN G 41 -49.36 1.11 32.14
N PRO G 42 -49.18 1.24 33.49
CA PRO G 42 -49.90 0.34 34.41
C PRO G 42 -51.41 0.51 34.34
N LYS G 43 -52.16 -0.60 34.48
CA LYS G 43 -53.62 -0.59 34.39
C LYS G 43 -54.32 -0.58 35.75
N ASN G 44 -55.26 0.37 35.96
CA ASN G 44 -56.05 0.51 37.20
C ASN G 44 -57.34 -0.24 37.07
N PHE G 45 -57.40 -1.41 37.70
CA PHE G 45 -58.59 -2.26 37.71
C PHE G 45 -59.43 -2.00 38.96
N GLU G 46 -59.53 -0.72 39.31
CA GLU G 46 -60.28 -0.30 40.46
C GLU G 46 -61.75 -0.63 40.26
N GLY G 47 -62.31 -1.38 41.21
CA GLY G 47 -63.71 -1.80 41.20
C GLY G 47 -63.95 -3.12 40.50
N LEU G 48 -62.87 -3.75 40.07
CA LEU G 48 -62.88 -5.02 39.36
C LEU G 48 -62.10 -6.04 40.15
N GLN G 49 -62.71 -7.21 40.38
CA GLN G 49 -62.06 -8.31 41.12
C GLN G 49 -61.20 -9.12 40.13
N PRO G 50 -59.91 -9.39 40.48
CA PRO G 50 -59.05 -10.20 39.61
C PRO G 50 -59.39 -11.67 39.81
N PHE G 51 -59.20 -12.45 38.74
CA PHE G 51 -59.46 -13.89 38.70
C PHE G 51 -58.35 -14.59 37.96
N PHE G 52 -57.76 -15.61 38.59
CA PHE G 52 -56.75 -16.40 37.90
C PHE G 52 -57.51 -17.41 37.02
N CYS G 53 -57.26 -17.40 35.71
CA CYS G 53 -57.95 -18.30 34.77
C CYS G 53 -56.97 -19.26 34.11
N LEU G 54 -57.02 -20.54 34.48
CA LEU G 54 -56.14 -21.55 33.90
C LEU G 54 -56.92 -22.31 32.88
N MET G 55 -56.41 -22.33 31.67
CA MET G 55 -57.05 -23.00 30.55
C MET G 55 -56.72 -24.50 30.57
N ALA G 56 -57.76 -25.33 30.35
CA ALA G 56 -57.65 -26.80 30.34
C ALA G 56 -56.90 -27.31 29.13
N GLN G 57 -56.37 -28.53 29.24
CA GLN G 57 -55.62 -29.13 28.14
C GLN G 57 -56.56 -29.52 27.06
N GLU G 58 -56.22 -29.14 25.82
CA GLU G 58 -57.07 -29.38 24.66
C GLU G 58 -57.39 -30.85 24.43
N ALA G 59 -56.47 -31.74 24.83
CA ALA G 59 -56.61 -33.18 24.63
C ALA G 59 -57.76 -33.80 25.42
N THR G 60 -57.75 -33.62 26.74
CA THR G 60 -58.74 -34.23 27.63
C THR G 60 -59.91 -33.31 27.97
N GLY G 61 -59.63 -32.02 27.97
CA GLY G 61 -60.63 -31.01 28.31
C GLY G 61 -60.83 -30.94 29.80
N GLN G 62 -59.76 -31.20 30.57
CA GLN G 62 -59.78 -31.18 32.02
C GLN G 62 -58.70 -30.24 32.52
N GLY G 63 -58.93 -29.64 33.69
CA GLY G 63 -57.97 -28.76 34.35
C GLY G 63 -58.23 -27.28 34.23
N VAL G 64 -59.53 -26.88 34.16
CA VAL G 64 -59.96 -25.47 34.10
C VAL G 64 -59.92 -24.95 35.52
N SER G 65 -59.51 -23.69 35.70
CA SER G 65 -59.46 -23.11 37.04
C SER G 65 -59.83 -21.65 37.01
N GLU G 66 -60.97 -21.33 37.63
CA GLU G 66 -61.48 -19.98 37.78
C GLU G 66 -61.39 -19.69 39.26
N GLU G 67 -60.28 -19.03 39.67
CA GLU G 67 -59.95 -18.75 41.06
C GLU G 67 -59.94 -17.24 41.36
N SER G 68 -60.54 -16.82 42.50
CA SER G 68 -60.57 -15.41 42.92
C SER G 68 -59.28 -15.04 43.61
N VAL G 69 -58.64 -13.96 43.15
CA VAL G 69 -57.38 -13.52 43.71
C VAL G 69 -57.67 -12.71 44.97
N VAL G 70 -57.04 -13.10 46.10
CA VAL G 70 -57.25 -12.50 47.41
C VAL G 70 -56.47 -11.17 47.58
N SER G 71 -55.12 -11.22 47.44
CA SER G 71 -54.25 -10.05 47.59
C SER G 71 -53.94 -9.41 46.26
N PHE G 72 -54.20 -8.09 46.17
CA PHE G 72 -54.02 -7.28 44.96
C PHE G 72 -54.13 -5.78 45.27
N ASP G 73 -53.42 -4.95 44.47
CA ASP G 73 -53.46 -3.50 44.57
C ASP G 73 -53.97 -2.94 43.24
N ALA G 74 -55.22 -2.51 43.21
CA ALA G 74 -55.84 -2.02 41.98
C ALA G 74 -55.29 -0.69 41.46
N LYS G 75 -54.87 0.19 42.40
CA LYS G 75 -54.37 1.54 42.10
C LYS G 75 -53.10 1.52 41.26
N ASN G 76 -52.14 0.66 41.64
CA ASN G 76 -50.89 0.59 40.91
C ASN G 76 -50.88 -0.48 39.83
N GLY G 77 -51.82 -1.42 39.90
CA GLY G 77 -51.97 -2.52 38.96
C GLY G 77 -51.07 -3.70 39.22
N THR G 78 -51.08 -4.18 40.46
CA THR G 78 -50.27 -5.32 40.89
C THR G 78 -51.16 -6.33 41.58
N LEU G 79 -50.80 -7.60 41.47
CA LEU G 79 -51.54 -8.65 42.14
C LEU G 79 -50.60 -9.76 42.61
N LYS G 80 -50.97 -10.41 43.71
CA LYS G 80 -50.15 -11.49 44.25
C LYS G 80 -51.00 -12.73 44.35
N TYR G 81 -50.93 -13.56 43.31
CA TYR G 81 -51.69 -14.80 43.26
C TYR G 81 -50.84 -15.96 43.74
N VAL G 82 -51.30 -16.63 44.80
CA VAL G 82 -50.65 -17.81 45.33
C VAL G 82 -51.24 -19.01 44.63
N ALA G 83 -50.38 -19.79 43.99
CA ALA G 83 -50.77 -20.94 43.20
C ALA G 83 -51.52 -21.86 44.14
N SER G 84 -52.62 -22.44 43.63
CA SER G 84 -53.51 -23.34 44.36
C SER G 84 -53.32 -24.72 43.77
N ASP G 85 -53.89 -25.70 44.43
CA ASP G 85 -53.83 -27.10 44.02
C ASP G 85 -54.27 -27.30 42.57
N ASN G 86 -55.32 -26.56 42.14
CA ASN G 86 -55.87 -26.64 40.78
C ASN G 86 -54.95 -26.00 39.76
N ALA G 87 -54.12 -25.02 40.23
CA ALA G 87 -53.14 -24.35 39.39
C ALA G 87 -51.94 -25.28 39.15
N LEU G 88 -51.55 -26.04 40.17
CA LEU G 88 -50.43 -26.99 40.13
C LEU G 88 -50.91 -28.45 39.92
N GLN G 89 -52.00 -28.64 39.15
CA GLN G 89 -52.59 -29.96 38.92
C GLN G 89 -51.73 -30.77 37.95
N PHE G 90 -51.44 -30.15 36.80
CA PHE G 90 -50.70 -30.81 35.75
C PHE G 90 -49.22 -30.52 35.82
N VAL G 91 -48.43 -31.59 35.86
CA VAL G 91 -46.99 -31.45 35.86
C VAL G 91 -46.56 -31.18 34.42
N GLY G 92 -45.93 -30.03 34.21
CA GLY G 92 -45.49 -29.62 32.89
C GLY G 92 -45.92 -28.22 32.54
N ARG G 93 -46.04 -27.95 31.24
CA ARG G 93 -46.41 -26.63 30.71
C ARG G 93 -47.89 -26.34 30.88
N ASN G 94 -48.24 -25.12 31.39
CA ASN G 94 -49.63 -24.66 31.61
C ASN G 94 -49.94 -23.26 31.00
N GLU G 95 -51.15 -23.12 30.42
CA GLU G 95 -51.60 -21.89 29.79
C GLU G 95 -52.60 -21.23 30.71
N ALA G 96 -52.27 -20.03 31.22
CA ALA G 96 -53.13 -19.29 32.12
C ALA G 96 -53.11 -17.80 31.80
N TYR G 97 -54.05 -17.06 32.39
CA TYR G 97 -54.19 -15.62 32.25
C TYR G 97 -54.95 -15.08 33.47
N PHE G 98 -55.04 -13.77 33.59
CA PHE G 98 -55.78 -13.12 34.66
C PHE G 98 -56.89 -12.29 34.10
N SER G 99 -58.09 -12.48 34.64
CA SER G 99 -59.26 -11.75 34.20
C SER G 99 -59.79 -10.88 35.33
N PHE G 100 -60.27 -9.66 34.99
CA PHE G 100 -60.78 -8.73 35.99
C PHE G 100 -62.20 -8.40 35.66
N ARG G 101 -63.12 -8.63 36.61
CA ARG G 101 -64.54 -8.38 36.34
C ARG G 101 -65.25 -7.64 37.46
N LYS G 102 -66.32 -6.93 37.09
CA LYS G 102 -67.11 -6.20 38.05
C LYS G 102 -68.48 -6.82 38.02
N GLN G 103 -68.83 -7.38 39.17
CA GLN G 103 -70.06 -8.15 39.36
C GLN G 103 -71.14 -7.43 40.14
N GLU G 104 -72.38 -7.70 39.75
CA GLU G 104 -73.56 -7.23 40.46
C GLU G 104 -74.64 -8.28 40.36
N GLY G 105 -75.08 -8.78 41.52
CA GLY G 105 -76.09 -9.82 41.62
C GLY G 105 -75.60 -11.14 41.07
N GLY G 106 -75.68 -11.27 39.75
CA GLY G 106 -75.24 -12.45 39.03
C GLY G 106 -74.62 -12.13 37.69
N ARG G 107 -75.15 -11.08 37.03
CA ARG G 107 -74.68 -10.64 35.71
C ARG G 107 -73.39 -9.85 35.79
N TRP G 108 -72.59 -9.93 34.72
CA TRP G 108 -71.31 -9.24 34.61
C TRP G 108 -71.52 -7.88 33.97
N ILE G 109 -70.89 -6.82 34.52
CA ILE G 109 -71.00 -5.46 33.99
C ILE G 109 -69.90 -5.21 32.96
N GLU G 110 -68.64 -5.32 33.38
CA GLU G 110 -67.48 -5.19 32.54
C GLU G 110 -66.39 -6.15 32.96
N GLN G 111 -65.59 -6.59 31.98
CA GLN G 111 -64.49 -7.54 32.15
C GLN G 111 -63.40 -7.37 31.09
N PHE G 112 -62.13 -7.38 31.53
CA PHE G 112 -60.96 -7.31 30.68
C PHE G 112 -59.95 -8.33 31.16
N SER G 113 -59.20 -8.93 30.25
CA SER G 113 -58.23 -9.97 30.57
C SER G 113 -56.85 -9.70 30.00
N THR G 114 -55.82 -10.25 30.68
CA THR G 114 -54.43 -10.13 30.23
C THR G 114 -54.18 -11.18 29.17
N ARG G 115 -53.16 -10.95 28.34
CA ARG G 115 -52.81 -11.94 27.33
C ARG G 115 -52.19 -13.20 28.01
N THR G 116 -52.36 -14.38 27.36
CA THR G 116 -51.92 -15.68 27.87
C THR G 116 -50.40 -15.76 28.12
N PHE G 117 -50.03 -16.28 29.29
CA PHE G 117 -48.65 -16.53 29.66
C PHE G 117 -48.49 -18.02 29.96
N HIS G 118 -47.25 -18.49 29.94
CA HIS G 118 -46.98 -19.90 30.14
C HIS G 118 -46.13 -20.13 31.36
N TYR G 119 -46.47 -21.17 32.11
CA TYR G 119 -45.69 -21.52 33.29
C TYR G 119 -45.53 -23.02 33.36
N ILE G 120 -44.40 -23.46 33.92
CA ILE G 120 -44.07 -24.88 34.05
C ILE G 120 -44.18 -25.36 35.49
N VAL G 121 -44.79 -26.54 35.68
CA VAL G 121 -44.94 -27.15 36.98
C VAL G 121 -43.97 -28.33 37.07
N GLU G 122 -43.04 -28.25 38.06
CA GLU G 122 -42.03 -29.27 38.31
C GLU G 122 -42.60 -30.44 39.06
N LYS G 123 -42.05 -31.63 38.82
CA LYS G 123 -42.51 -32.86 39.47
C LYS G 123 -42.08 -32.89 40.93
N SER G 124 -42.96 -33.32 41.84
CA SER G 124 -42.65 -33.41 43.25
C SER G 124 -42.67 -34.87 43.63
N ILE G 125 -42.21 -35.21 44.86
CA ILE G 125 -42.24 -36.58 45.41
C ILE G 125 -43.71 -37.03 45.59
N TYR G 126 -44.60 -36.05 45.87
CA TYR G 126 -46.04 -36.22 46.04
C TYR G 126 -46.77 -36.00 44.72
N SER G 127 -47.88 -36.71 44.52
CA SER G 127 -48.73 -36.64 43.32
C SER G 127 -50.18 -36.59 43.77
N GLN G 128 -50.78 -35.41 43.69
CA GLN G 128 -52.14 -35.18 44.14
C GLN G 128 -53.20 -35.83 43.26
N PRO G 129 -54.05 -36.73 43.80
CA PRO G 129 -55.09 -37.32 42.96
C PRO G 129 -56.27 -36.35 42.84
N PHE G 130 -56.80 -36.21 41.61
CA PHE G 130 -57.91 -35.31 41.33
C PHE G 130 -59.14 -36.05 40.84
N LYS G 131 -60.28 -35.73 41.46
CA LYS G 131 -61.58 -36.29 41.14
C LYS G 131 -62.06 -35.67 39.83
N ASP G 132 -62.71 -36.46 38.96
CA ASP G 132 -63.27 -35.96 37.71
C ASP G 132 -64.42 -35.01 38.04
N SER G 133 -64.49 -33.90 37.32
CA SER G 133 -65.47 -32.83 37.51
C SER G 133 -66.92 -33.30 37.37
N ASN G 134 -67.78 -32.94 38.36
CA ASN G 134 -69.21 -33.31 38.40
C ASN G 134 -70.07 -32.17 38.93
N TYR G 135 -69.81 -30.95 38.43
CA TYR G 135 -70.50 -29.73 38.83
C TYR G 135 -71.96 -29.77 38.41
N TRP G 136 -72.25 -30.42 37.27
CA TRP G 136 -73.60 -30.59 36.76
C TRP G 136 -74.37 -31.62 37.59
N TRP G 137 -73.72 -32.75 37.90
CA TRP G 137 -74.32 -33.82 38.68
C TRP G 137 -74.67 -33.36 40.09
N THR G 138 -73.79 -32.59 40.73
CA THR G 138 -74.01 -32.09 42.09
C THR G 138 -75.19 -31.14 42.18
N PHE G 139 -75.40 -30.35 41.11
CA PHE G 139 -76.49 -29.39 40.99
C PHE G 139 -77.79 -30.10 40.70
N LYS G 140 -77.72 -31.13 39.88
CA LYS G 140 -78.87 -31.95 39.52
C LYS G 140 -79.37 -32.74 40.75
N GLU G 141 -78.44 -33.42 41.46
CA GLU G 141 -78.74 -34.20 42.66
C GLU G 141 -79.36 -33.29 43.72
N LEU G 142 -78.82 -32.07 43.91
CA LEU G 142 -79.36 -31.13 44.88
C LEU G 142 -80.80 -30.75 44.53
N TYR G 143 -81.03 -30.39 43.26
CA TYR G 143 -82.32 -29.99 42.73
C TYR G 143 -83.33 -31.10 42.87
N ARG G 144 -82.87 -32.35 42.69
CA ARG G 144 -83.71 -33.54 42.80
C ARG G 144 -84.16 -33.78 44.26
N ILE G 145 -83.21 -33.71 45.20
CA ILE G 145 -83.45 -33.91 46.63
C ILE G 145 -84.38 -32.82 47.17
N PHE G 146 -84.23 -31.60 46.67
CA PHE G 146 -85.08 -30.50 47.06
C PHE G 146 -86.49 -30.70 46.54
N ASN G 147 -86.62 -31.20 45.31
CA ASN G 147 -87.94 -31.48 44.74
C ASN G 147 -88.61 -32.72 45.38
N LYS G 148 -87.78 -33.63 45.93
CA LYS G 148 -88.24 -34.82 46.67
C LYS G 148 -88.81 -34.36 48.01
N TYR G 149 -88.22 -33.29 48.61
CA TYR G 149 -88.68 -32.69 49.85
C TYR G 149 -90.02 -31.99 49.64
N ILE G 150 -90.23 -31.41 48.45
CA ILE G 150 -91.49 -30.75 48.12
C ILE G 150 -92.61 -31.79 47.98
N GLU G 151 -92.34 -32.90 47.24
CA GLU G 151 -93.27 -34.00 46.99
C GLU G 151 -93.67 -34.72 48.29
N ASP G 152 -92.68 -35.08 49.12
CA ASP G 152 -92.89 -35.77 50.38
C ASP G 152 -93.44 -34.83 51.45
N GLY G 153 -93.05 -33.56 51.39
CA GLY G 153 -93.52 -32.53 52.29
C GLY G 153 -94.99 -32.19 52.12
N LYS G 154 -95.49 -32.23 50.86
CA LYS G 154 -96.89 -31.93 50.54
C LYS G 154 -97.82 -33.02 51.10
N LYS G 155 -97.43 -34.30 50.93
CA LYS G 155 -98.16 -35.47 51.43
C LYS G 155 -98.22 -35.46 52.95
N SER G 156 -97.04 -35.30 53.58
CA SER G 156 -96.94 -35.31 55.04
C SER G 156 -97.77 -34.20 55.66
N TRP G 157 -97.85 -33.06 54.98
CA TRP G 157 -98.63 -31.91 55.41
C TRP G 157 -100.14 -32.15 55.23
N GLU G 158 -100.56 -32.62 54.01
CA GLU G 158 -101.96 -32.92 53.65
C GLU G 158 -102.59 -33.93 54.59
N GLN G 159 -101.81 -34.92 55.03
CA GLN G 159 -102.22 -35.97 55.96
C GLN G 159 -102.32 -35.44 57.39
N PHE G 160 -101.45 -34.47 57.73
CA PHE G 160 -101.43 -33.84 59.06
C PHE G 160 -102.67 -33.01 59.30
N VAL G 161 -103.05 -32.19 58.32
CA VAL G 161 -104.23 -31.32 58.39
C VAL G 161 -105.51 -32.16 58.48
N GLU G 162 -105.67 -33.13 57.55
CA GLU G 162 -106.85 -34.00 57.49
C GLU G 162 -107.07 -34.85 58.72
N ALA G 163 -105.98 -35.30 59.38
CA ALA G 163 -106.04 -36.11 60.59
C ALA G 163 -106.53 -35.24 61.77
N ASN G 164 -106.16 -33.96 61.76
CA ASN G 164 -106.55 -33.03 62.82
C ASN G 164 -107.70 -32.10 62.40
N ARG G 165 -108.42 -32.46 61.32
CA ARG G 165 -109.54 -31.67 60.78
C ARG G 165 -110.66 -31.39 61.79
N GLU G 166 -111.06 -32.38 62.56
CA GLU G 166 -112.15 -32.19 63.49
C GLU G 166 -111.89 -31.25 64.64
N ILE G 167 -110.67 -31.25 65.14
CA ILE G 167 -110.37 -30.35 66.25
C ILE G 167 -110.15 -28.94 65.71
N LEU G 168 -109.78 -28.84 64.40
CA LEU G 168 -109.56 -27.58 63.70
C LEU G 168 -110.86 -26.88 63.37
N GLU G 169 -111.91 -27.65 63.21
CA GLU G 169 -113.23 -27.11 62.92
C GLU G 169 -113.85 -26.63 64.24
N SER G 170 -113.51 -27.29 65.37
CA SER G 170 -114.02 -26.99 66.70
C SER G 170 -113.11 -26.09 67.53
N ILE G 171 -112.19 -25.40 66.85
CA ILE G 171 -111.22 -24.52 67.49
C ILE G 171 -111.86 -23.19 67.93
N ASP G 172 -112.66 -22.58 67.06
CA ASP G 172 -113.31 -21.31 67.35
C ASP G 172 -114.77 -21.34 66.92
N PRO G 173 -115.71 -21.21 67.87
CA PRO G 173 -117.13 -21.19 67.49
C PRO G 173 -117.53 -19.83 66.91
N GLY G 174 -118.19 -19.89 65.76
CA GLY G 174 -118.68 -18.72 65.04
C GLY G 174 -117.58 -17.91 64.39
N GLY G 175 -116.81 -17.20 65.21
CA GLY G 175 -115.71 -16.38 64.75
C GLY G 175 -115.44 -15.18 65.66
N VAL G 176 -115.48 -15.40 66.97
CA VAL G 176 -115.25 -14.36 67.98
C VAL G 176 -113.77 -13.94 68.02
N LEU G 177 -112.84 -14.93 68.11
CA LEU G 177 -111.39 -14.70 68.17
C LEU G 177 -110.82 -14.32 66.81
N LEU G 178 -111.42 -14.84 65.72
CA LEU G 178 -111.00 -14.58 64.35
C LEU G 178 -111.21 -13.13 63.99
N ALA G 179 -112.34 -12.54 64.42
CA ALA G 179 -112.70 -11.15 64.16
C ALA G 179 -111.80 -10.20 64.93
N LYS G 180 -111.23 -10.68 66.05
CA LYS G 180 -110.30 -9.94 66.89
C LYS G 180 -108.91 -9.98 66.27
N VAL G 181 -108.47 -11.18 65.87
CA VAL G 181 -107.16 -11.41 65.28
C VAL G 181 -106.96 -10.61 64.00
N ILE G 182 -108.02 -10.45 63.19
CA ILE G 182 -107.99 -9.63 61.98
C ILE G 182 -107.79 -8.13 62.30
N ASP G 183 -108.32 -7.67 63.46
CA ASP G 183 -108.16 -6.29 63.96
C ASP G 183 -106.73 -6.02 64.49
N ILE G 184 -106.05 -7.08 65.00
CA ILE G 184 -104.65 -7.05 65.46
C ILE G 184 -103.77 -7.06 64.20
N GLU G 185 -104.10 -7.91 63.24
CA GLU G 185 -103.43 -8.05 61.94
C GLU G 185 -103.41 -6.68 61.24
N LYS G 186 -104.54 -5.97 61.34
CA LYS G 186 -104.83 -4.64 60.80
C LYS G 186 -103.73 -3.68 61.27
N ILE G 187 -103.43 -3.77 62.57
CA ILE G 187 -102.44 -2.95 63.25
C ILE G 187 -100.98 -3.35 62.93
N VAL G 188 -100.70 -4.65 63.00
CA VAL G 188 -99.36 -5.20 62.74
C VAL G 188 -98.88 -4.98 61.31
N ASN G 189 -99.83 -4.86 60.38
CA ASN G 189 -99.54 -4.59 58.97
C ASN G 189 -99.30 -3.11 58.71
N GLU G 190 -99.61 -2.22 59.68
CA GLU G 190 -99.45 -0.78 59.53
C GLU G 190 -98.39 -0.17 60.47
N LYS G 191 -98.26 -0.73 61.68
CA LYS G 191 -97.39 -0.21 62.73
C LYS G 191 -96.15 -1.05 63.04
N VAL G 192 -96.18 -2.34 62.73
CA VAL G 192 -95.04 -3.18 63.02
C VAL G 192 -94.24 -3.20 61.69
N PRO G 193 -92.87 -3.19 61.74
CA PRO G 193 -92.06 -3.23 60.52
C PRO G 193 -91.60 -4.68 60.42
N ALA G 194 -92.33 -5.47 59.61
CA ALA G 194 -91.96 -6.88 59.43
C ALA G 194 -92.19 -7.40 58.02
N GLY G 195 -93.08 -6.75 57.28
CA GLY G 195 -93.41 -7.17 55.93
C GLY G 195 -92.53 -6.84 54.74
N PHE G 196 -92.58 -5.55 54.33
CA PHE G 196 -91.87 -5.00 53.19
C PHE G 196 -90.41 -4.76 53.54
N LYS G 197 -89.50 -5.39 52.79
CA LYS G 197 -88.05 -5.27 53.00
C LYS G 197 -87.37 -4.57 51.80
N PHE G 198 -86.61 -3.49 52.08
CA PHE G 198 -85.90 -2.72 51.06
C PHE G 198 -84.41 -2.67 51.37
N VAL G 199 -83.57 -2.84 50.34
CA VAL G 199 -82.12 -2.84 50.48
C VAL G 199 -81.54 -1.54 49.96
N LEU G 200 -80.68 -0.93 50.77
CA LEU G 200 -80.00 0.30 50.39
C LEU G 200 -78.50 0.10 50.45
N GLU G 201 -77.85 0.20 49.29
CA GLU G 201 -76.40 0.08 49.20
C GLU G 201 -75.77 1.45 49.44
N HIS G 202 -74.69 1.49 50.22
CA HIS G 202 -74.00 2.73 50.54
C HIS G 202 -72.49 2.64 50.36
N ASP G 203 -71.81 3.80 50.43
CA ASP G 203 -70.36 3.93 50.31
C ASP G 203 -69.65 3.80 51.66
N SER G 204 -70.37 4.04 52.76
CA SER G 204 -69.85 3.98 54.13
C SER G 204 -69.50 2.56 54.57
N GLU G 205 -68.52 2.45 55.46
CA GLU G 205 -68.07 1.17 55.98
C GLU G 205 -68.81 0.86 57.28
N TYR G 206 -69.50 1.86 57.82
CA TYR G 206 -70.23 1.75 59.09
C TYR G 206 -71.76 1.51 58.95
N GLN G 207 -72.55 1.93 59.96
CA GLN G 207 -74.00 1.73 59.96
C GLN G 207 -74.73 3.05 59.92
N PRO G 208 -75.12 3.49 58.71
CA PRO G 208 -75.81 4.79 58.61
C PRO G 208 -77.27 4.73 59.05
N GLU G 209 -77.75 5.80 59.67
CA GLU G 209 -79.13 5.88 60.13
C GLU G 209 -80.02 6.19 58.96
N VAL G 210 -81.13 5.44 58.86
CA VAL G 210 -82.12 5.61 57.79
C VAL G 210 -83.47 6.00 58.38
N LYS G 211 -84.09 7.02 57.78
CA LYS G 211 -85.41 7.51 58.16
C LYS G 211 -86.35 7.43 56.96
N VAL G 212 -87.49 6.72 57.13
CA VAL G 212 -88.44 6.52 56.05
C VAL G 212 -89.76 7.23 56.33
N THR G 213 -90.25 7.95 55.30
CA THR G 213 -91.52 8.70 55.31
C THR G 213 -92.37 8.36 54.10
N SER G 214 -93.70 8.34 54.29
CA SER G 214 -94.66 8.03 53.23
C SER G 214 -95.64 9.17 53.05
N TYR G 215 -95.83 9.62 51.80
CA TYR G 215 -96.72 10.73 51.47
C TYR G 215 -97.27 10.63 50.04
N LYS G 216 -98.44 11.23 49.81
CA LYS G 216 -99.12 11.22 48.52
C LYS G 216 -99.21 12.64 47.96
N ASN G 217 -99.30 12.79 46.63
CA ASN G 217 -99.46 14.07 45.89
C ASN G 217 -98.37 15.13 46.11
N ALA G 218 -97.11 14.71 46.11
CA ALA G 218 -95.97 15.62 46.20
C ALA G 218 -95.78 16.27 44.83
N ILE G 219 -94.96 17.31 44.74
CA ILE G 219 -94.71 18.03 43.48
C ILE G 219 -94.27 17.11 42.31
N GLY G 220 -95.03 17.16 41.22
CA GLY G 220 -94.75 16.38 40.02
C GLY G 220 -95.23 14.94 40.03
N THR G 221 -96.03 14.56 41.06
CA THR G 221 -96.56 13.20 41.19
C THR G 221 -98.06 13.11 40.97
N GLU G 222 -98.74 14.29 41.01
CA GLU G 222 -100.19 14.42 40.82
C GLU G 222 -100.61 13.97 39.43
N THR G 223 -101.74 13.27 39.38
CA THR G 223 -102.30 12.70 38.17
C THR G 223 -102.56 13.70 37.03
N ASP G 224 -103.18 14.85 37.35
CA ASP G 224 -103.54 15.88 36.37
C ASP G 224 -102.53 17.05 36.23
N GLY G 225 -101.25 16.75 36.48
CA GLY G 225 -100.16 17.72 36.37
C GLY G 225 -99.88 18.50 37.64
N PHE G 226 -99.01 19.53 37.52
CA PHE G 226 -98.59 20.37 38.64
C PHE G 226 -99.75 21.16 39.27
N ASP G 227 -99.85 21.15 40.62
CA ASP G 227 -100.88 21.83 41.43
C ASP G 227 -102.32 21.42 41.06
N SER G 228 -102.52 20.13 40.76
CA SER G 228 -103.84 19.60 40.42
C SER G 228 -104.46 18.82 41.57
N GLY G 229 -103.62 18.43 42.54
CA GLY G 229 -104.04 17.67 43.71
C GLY G 229 -104.84 18.46 44.72
N PRO G 230 -105.49 17.79 45.71
CA PRO G 230 -106.29 18.53 46.71
C PRO G 230 -105.45 19.36 47.68
N VAL G 231 -104.27 18.84 48.09
CA VAL G 231 -103.37 19.54 49.01
C VAL G 231 -102.04 19.80 48.31
N PHE G 232 -101.78 21.08 48.00
CA PHE G 232 -100.57 21.51 47.32
C PHE G 232 -99.33 21.29 48.21
N GLY G 233 -98.29 20.71 47.62
CA GLY G 233 -97.04 20.43 48.32
C GLY G 233 -96.90 18.99 48.80
N GLY G 234 -98.06 18.33 48.98
CA GLY G 234 -98.15 16.96 49.47
C GLY G 234 -99.18 16.78 50.56
N GLY G 235 -99.70 15.57 50.69
CA GLY G 235 -100.72 15.25 51.68
C GLY G 235 -100.18 15.03 53.08
N THR G 236 -100.72 14.03 53.77
CA THR G 236 -100.29 13.68 55.11
C THR G 236 -98.99 12.91 55.00
N ILE G 237 -98.00 13.31 55.82
CA ILE G 237 -96.66 12.69 55.87
C ILE G 237 -96.66 11.69 57.03
N TYR G 238 -96.49 10.41 56.71
CA TYR G 238 -96.49 9.34 57.71
C TYR G 238 -95.09 8.85 58.00
N ASN G 239 -94.71 8.85 59.28
CA ASN G 239 -93.40 8.35 59.70
C ASN G 239 -93.45 6.82 59.73
N VAL G 240 -92.73 6.19 58.78
CA VAL G 240 -92.71 4.74 58.60
C VAL G 240 -91.86 4.04 59.65
N PRO G 241 -92.46 3.13 60.47
CA PRO G 241 -91.68 2.39 61.48
C PRO G 241 -90.73 1.45 60.79
N VAL G 242 -89.47 1.43 61.26
CA VAL G 242 -88.39 0.66 60.64
C VAL G 242 -87.65 -0.29 61.58
N SER G 243 -87.25 -1.45 61.05
CA SER G 243 -86.40 -2.43 61.74
C SER G 243 -85.13 -2.56 60.88
N LEU G 244 -84.09 -1.81 61.26
CA LEU G 244 -82.81 -1.74 60.55
C LEU G 244 -81.89 -2.92 60.80
N SER G 245 -81.37 -3.47 59.70
CA SER G 245 -80.42 -4.58 59.67
C SER G 245 -79.24 -4.14 58.82
N TYR G 246 -78.02 -4.48 59.23
CA TYR G 246 -76.82 -4.03 58.52
C TYR G 246 -75.83 -5.13 58.11
N ASP G 247 -75.29 -4.97 56.91
CA ASP G 247 -74.23 -5.79 56.32
C ASP G 247 -73.19 -4.82 55.75
N ARG G 248 -72.05 -5.33 55.23
CA ARG G 248 -71.02 -4.45 54.69
C ARG G 248 -71.56 -3.71 53.48
N GLN G 249 -71.62 -2.38 53.58
CA GLN G 249 -72.13 -1.48 52.54
C GLN G 249 -73.59 -1.77 52.08
N LYS G 250 -74.41 -2.41 52.95
CA LYS G 250 -75.83 -2.76 52.71
C LYS G 250 -76.67 -2.54 53.95
N VAL G 251 -77.83 -1.86 53.79
CA VAL G 251 -78.81 -1.59 54.85
C VAL G 251 -80.12 -2.27 54.50
N TYR G 252 -80.57 -3.18 55.37
CA TYR G 252 -81.84 -3.88 55.17
C TYR G 252 -82.91 -3.17 55.99
N VAL G 253 -83.79 -2.47 55.31
CA VAL G 253 -84.84 -1.68 55.91
C VAL G 253 -86.16 -2.45 55.91
N GLU G 254 -86.58 -2.95 57.08
CA GLU G 254 -87.87 -3.65 57.18
C GLU G 254 -88.98 -2.69 57.53
N MET G 255 -90.09 -2.82 56.84
CA MET G 255 -91.22 -1.92 56.95
C MET G 255 -92.56 -2.67 57.02
N PRO G 256 -93.65 -2.04 57.55
CA PRO G 256 -94.93 -2.74 57.62
C PRO G 256 -95.49 -3.10 56.25
N LYS G 257 -96.33 -4.15 56.21
CA LYS G 257 -96.94 -4.65 54.99
C LYS G 257 -97.75 -3.61 54.19
N SER G 258 -98.35 -2.61 54.87
CA SER G 258 -99.16 -1.56 54.24
C SER G 258 -98.33 -0.59 53.42
N TYR G 259 -97.06 -0.45 53.78
CA TYR G 259 -96.16 0.44 53.07
C TYR G 259 -95.47 -0.21 51.86
N THR G 260 -95.89 -1.45 51.49
CA THR G 260 -95.34 -2.17 50.35
C THR G 260 -95.66 -1.37 49.10
N LEU G 261 -94.61 -0.92 48.40
CA LEU G 261 -94.79 -0.09 47.21
C LEU G 261 -93.75 -0.45 46.16
N ALA G 262 -94.20 -1.03 45.05
CA ALA G 262 -93.28 -1.40 43.98
C ALA G 262 -93.50 -0.47 42.80
N GLY G 263 -92.64 0.56 42.72
CA GLY G 263 -92.70 1.55 41.66
C GLY G 263 -91.34 1.90 41.08
N ASP G 264 -91.18 3.14 40.65
CA ASP G 264 -89.93 3.61 40.06
C ASP G 264 -88.99 4.07 41.17
N ILE G 265 -87.75 3.54 41.16
CA ILE G 265 -86.73 3.88 42.15
C ILE G 265 -85.89 5.03 41.62
N ILE G 266 -86.06 6.21 42.22
CA ILE G 266 -85.33 7.41 41.82
C ILE G 266 -84.27 7.75 42.86
N LEU G 267 -83.01 7.79 42.42
CA LEU G 267 -81.90 8.09 43.31
C LEU G 267 -81.37 9.49 43.01
N ILE G 268 -81.51 10.40 43.99
CA ILE G 268 -80.94 11.75 43.92
C ILE G 268 -79.48 11.53 44.35
N ASP G 269 -78.53 12.33 43.78
CA ASP G 269 -77.07 12.18 43.99
C ASP G 269 -76.53 12.62 45.39
N ASP G 270 -77.11 12.04 46.46
CA ASP G 270 -76.77 12.28 47.87
C ASP G 270 -77.48 11.22 48.73
N GLY G 271 -77.61 11.49 50.03
CA GLY G 271 -78.26 10.62 50.99
C GLY G 271 -79.79 10.62 50.96
N THR G 272 -80.37 10.59 49.74
CA THR G 272 -81.83 10.54 49.52
C THR G 272 -82.25 9.68 48.30
N LEU G 273 -83.23 8.76 48.53
CA LEU G 273 -83.79 7.83 47.53
C LEU G 273 -85.31 7.84 47.64
N LEU G 274 -85.99 7.71 46.49
CA LEU G 274 -87.45 7.71 46.41
C LEU G 274 -88.01 6.53 45.65
N VAL G 275 -89.16 6.05 46.09
CA VAL G 275 -89.89 5.01 45.38
C VAL G 275 -91.22 5.66 45.06
N ILE G 276 -91.43 5.94 43.76
CA ILE G 276 -92.65 6.61 43.28
C ILE G 276 -93.50 5.69 42.41
N LYS G 277 -94.77 5.50 42.82
CA LYS G 277 -95.78 4.73 42.09
C LYS G 277 -97.00 5.64 42.01
N GLU G 278 -97.15 6.30 40.86
CA GLU G 278 -98.19 7.28 40.54
C GLU G 278 -98.03 8.44 41.53
N THR G 279 -99.03 8.64 42.42
CA THR G 279 -99.10 9.70 43.42
C THR G 279 -98.42 9.36 44.74
N GLN G 280 -98.30 8.04 45.04
CA GLN G 280 -97.70 7.54 46.27
C GLN G 280 -96.17 7.55 46.20
N VAL G 281 -95.54 8.18 47.21
CA VAL G 281 -94.08 8.31 47.33
C VAL G 281 -93.62 7.73 48.67
N LEU G 282 -92.50 6.99 48.63
CA LEU G 282 -91.86 6.43 49.80
C LEU G 282 -90.44 6.97 49.80
N CYS G 283 -90.16 7.85 50.77
CA CYS G 283 -88.87 8.54 50.88
C CYS G 283 -87.91 7.86 51.82
N PHE G 284 -86.63 7.78 51.40
CA PHE G 284 -85.55 7.17 52.16
C PHE G 284 -84.43 8.17 52.41
N LYS G 285 -84.33 8.65 53.65
CA LYS G 285 -83.31 9.62 54.04
C LYS G 285 -82.22 8.95 54.85
N MET G 286 -80.97 9.10 54.40
CA MET G 286 -79.82 8.49 55.06
C MET G 286 -78.80 9.52 55.53
N SER G 287 -78.32 9.34 56.77
CA SER G 287 -77.36 10.21 57.43
C SER G 287 -75.94 9.69 57.36
N ASP G 288 -74.99 10.61 57.15
CA ASP G 288 -73.54 10.39 57.09
C ASP G 288 -73.04 9.36 56.07
N ALA G 289 -73.85 9.09 55.03
CA ALA G 289 -73.48 8.17 53.95
C ALA G 289 -74.28 8.46 52.67
N LYS G 290 -73.71 8.08 51.51
CA LYS G 290 -74.32 8.30 50.20
C LYS G 290 -74.88 7.00 49.66
N ILE G 291 -76.13 7.04 49.19
CA ILE G 291 -76.80 5.86 48.62
C ILE G 291 -76.28 5.65 47.20
N THR G 292 -75.87 4.40 46.89
CA THR G 292 -75.35 4.01 45.58
C THR G 292 -76.41 3.26 44.77
N LYS G 293 -77.17 2.39 45.43
CA LYS G 293 -78.20 1.54 44.82
C LYS G 293 -79.32 1.26 45.80
N GLY G 294 -80.52 1.15 45.28
CA GLY G 294 -81.71 0.82 46.05
C GLY G 294 -82.60 -0.17 45.33
N TYR G 295 -83.00 -1.24 46.01
CA TYR G 295 -83.84 -2.29 45.44
C TYR G 295 -84.60 -3.06 46.50
N VAL G 296 -85.73 -3.65 46.11
CA VAL G 296 -86.56 -4.45 47.03
C VAL G 296 -85.86 -5.79 47.25
N PHE G 297 -85.81 -6.23 48.52
CA PHE G 297 -85.15 -7.48 48.89
C PHE G 297 -85.79 -8.72 48.27
N VAL G 298 -84.95 -9.60 47.73
CA VAL G 298 -85.38 -10.86 47.14
C VAL G 298 -84.39 -11.96 47.51
N ALA G 299 -84.91 -13.12 47.86
CA ALA G 299 -84.08 -14.26 48.25
C ALA G 299 -84.33 -15.45 47.34
N MET H 1 -59.80 -54.44 51.40
CA MET H 1 -58.67 -55.36 51.49
C MET H 1 -57.91 -55.43 50.17
N THR H 2 -56.66 -54.97 50.18
CA THR H 2 -55.77 -54.99 49.02
C THR H 2 -54.75 -56.12 49.16
N GLU H 3 -54.56 -56.89 48.07
CA GLU H 3 -53.64 -58.03 48.06
C GLU H 3 -52.54 -57.88 47.01
N HIS H 4 -51.34 -58.37 47.35
CA HIS H 4 -50.15 -58.36 46.49
C HIS H 4 -49.60 -59.76 46.32
N PHE H 5 -49.67 -60.28 45.08
CA PHE H 5 -49.20 -61.62 44.74
C PHE H 5 -47.84 -61.55 44.08
N ILE H 6 -46.82 -62.11 44.76
CA ILE H 6 -45.42 -62.15 44.31
C ILE H 6 -44.78 -63.52 44.55
N THR H 7 -43.59 -63.76 43.95
CA THR H 7 -42.84 -65.01 44.09
C THR H 7 -41.43 -64.71 44.61
N LEU H 8 -41.07 -65.32 45.75
CA LEU H 8 -39.78 -65.15 46.40
C LEU H 8 -38.85 -66.33 46.17
N SER H 9 -37.52 -66.09 46.17
CA SER H 9 -36.51 -67.12 45.97
C SER H 9 -35.50 -67.13 47.12
N THR H 10 -34.96 -68.31 47.45
CA THR H 10 -33.97 -68.52 48.52
C THR H 10 -32.55 -68.56 47.95
N THR H 11 -32.42 -68.82 46.64
CA THR H 11 -31.14 -68.91 45.96
C THR H 11 -30.80 -67.60 45.23
N GLU H 12 -31.71 -67.10 44.37
CA GLU H 12 -31.52 -65.86 43.60
C GLU H 12 -31.95 -64.61 44.38
N PRO H 13 -31.15 -63.51 44.36
CA PRO H 13 -31.54 -62.30 45.09
C PRO H 13 -32.84 -61.68 44.61
N ASN H 14 -33.71 -61.31 45.56
CA ASN H 14 -34.99 -60.71 45.24
C ASN H 14 -34.87 -59.20 45.07
N ASN H 15 -34.78 -58.77 43.81
CA ASN H 15 -34.64 -57.37 43.39
C ASN H 15 -35.43 -57.09 42.11
N ASN H 16 -35.53 -58.11 41.22
CA ASN H 16 -36.27 -58.03 39.94
C ASN H 16 -37.78 -58.26 40.15
N ILE H 17 -38.20 -58.55 41.39
CA ILE H 17 -39.59 -58.76 41.78
C ILE H 17 -40.43 -57.47 41.57
N GLY H 18 -41.74 -57.65 41.35
CA GLY H 18 -42.68 -56.57 41.11
C GLY H 18 -42.75 -55.55 42.24
N ILE H 19 -43.05 -54.29 41.88
CA ILE H 19 -43.13 -53.17 42.82
C ILE H 19 -44.38 -53.26 43.71
N VAL H 20 -44.14 -53.34 45.02
CA VAL H 20 -45.19 -53.44 46.02
C VAL H 20 -45.34 -52.18 46.87
N LYS H 21 -46.41 -51.40 46.59
CA LYS H 21 -46.72 -50.15 47.27
C LYS H 21 -47.78 -50.41 48.33
N LEU H 22 -47.51 -49.94 49.55
CA LEU H 22 -48.41 -50.11 50.68
C LEU H 22 -48.68 -48.78 51.39
N ARG H 23 -49.96 -48.42 51.54
CA ARG H 23 -50.40 -47.17 52.19
C ARG H 23 -50.17 -47.22 53.70
N HIS H 24 -49.73 -46.08 54.27
CA HIS H 24 -49.40 -45.93 55.68
C HIS H 24 -50.61 -46.05 56.63
N ALA H 25 -51.52 -45.04 56.60
CA ALA H 25 -52.71 -45.01 57.45
C ALA H 25 -53.93 -45.53 56.67
N ASP H 26 -53.80 -46.75 56.12
CA ASP H 26 -54.87 -47.37 55.36
C ASP H 26 -55.90 -48.04 56.26
N VAL H 27 -57.19 -47.85 55.92
CA VAL H 27 -58.33 -48.43 56.63
C VAL H 27 -58.39 -49.95 56.35
N ASN H 28 -58.19 -50.33 55.07
CA ASN H 28 -58.19 -51.72 54.62
C ASN H 28 -56.96 -52.49 55.07
N SER H 29 -57.16 -53.76 55.46
CA SER H 29 -56.08 -54.65 55.89
C SER H 29 -55.32 -55.12 54.66
N GLN H 30 -54.10 -54.56 54.47
CA GLN H 30 -53.22 -54.89 53.34
C GLN H 30 -52.52 -56.23 53.57
N ALA H 31 -52.55 -57.10 52.54
CA ALA H 31 -51.96 -58.43 52.62
C ALA H 31 -51.01 -58.72 51.47
N ILE H 32 -49.99 -59.56 51.75
CA ILE H 32 -48.99 -60.00 50.77
C ILE H 32 -49.01 -61.52 50.69
N VAL H 33 -49.22 -62.03 49.46
CA VAL H 33 -49.22 -63.46 49.16
C VAL H 33 -47.92 -63.78 48.42
N ALA H 34 -47.13 -64.69 49.01
CA ALA H 34 -45.83 -65.05 48.47
C ALA H 34 -45.68 -66.54 48.25
N GLN H 35 -45.13 -66.92 47.09
CA GLN H 35 -44.85 -68.31 46.78
C GLN H 35 -43.35 -68.58 46.98
N ILE H 36 -43.03 -69.40 48.00
CA ILE H 36 -41.64 -69.76 48.37
C ILE H 36 -41.07 -70.66 47.32
N VAL H 37 -39.88 -70.33 46.90
CA VAL H 37 -39.18 -71.05 45.87
C VAL H 37 -37.76 -71.43 46.34
N GLU H 38 -37.32 -72.66 46.04
CA GLU H 38 -35.96 -73.14 46.26
C GLU H 38 -35.50 -73.65 44.89
N ASN H 39 -34.55 -72.93 44.27
CA ASN H 39 -34.02 -73.22 42.93
C ASN H 39 -35.06 -73.10 41.80
N GLY H 40 -36.03 -72.19 41.95
CA GLY H 40 -37.06 -71.94 40.96
C GLY H 40 -38.30 -72.83 41.04
N GLN H 41 -38.35 -73.66 42.09
CA GLN H 41 -39.46 -74.60 42.34
C GLN H 41 -40.02 -74.42 43.74
N PRO H 42 -41.34 -74.63 43.97
CA PRO H 42 -41.88 -74.43 45.32
C PRO H 42 -41.19 -75.28 46.43
N LYS H 43 -41.18 -74.82 47.61
CA LYS H 43 -40.59 -75.55 48.75
C LYS H 43 -41.67 -75.78 49.82
N ASN H 44 -41.71 -77.02 50.32
CA ASN H 44 -42.63 -77.47 51.38
C ASN H 44 -41.99 -77.23 52.74
N PHE H 45 -42.58 -76.33 53.52
CA PHE H 45 -42.12 -75.95 54.85
C PHE H 45 -42.99 -76.58 55.94
N GLU H 46 -43.41 -77.85 55.71
CA GLU H 46 -44.25 -78.63 56.64
C GLU H 46 -43.57 -78.82 57.99
N GLY H 47 -44.21 -78.32 59.05
CA GLY H 47 -43.69 -78.35 60.41
C GLY H 47 -43.00 -77.06 60.83
N LEU H 48 -42.71 -76.19 59.83
CA LEU H 48 -42.06 -74.89 60.02
C LEU H 48 -43.07 -73.75 59.92
N GLN H 49 -42.96 -72.76 60.81
CA GLN H 49 -43.83 -71.57 60.82
C GLN H 49 -43.12 -70.35 60.23
N PRO H 50 -43.71 -69.69 59.20
CA PRO H 50 -43.06 -68.49 58.62
C PRO H 50 -43.06 -67.29 59.56
N PHE H 51 -41.98 -66.50 59.52
CA PHE H 51 -41.76 -65.31 60.34
C PHE H 51 -41.34 -64.10 59.51
N PHE H 52 -42.14 -63.03 59.57
CA PHE H 52 -41.85 -61.78 58.88
C PHE H 52 -40.83 -61.03 59.72
N CYS H 53 -39.64 -60.81 59.16
CA CYS H 53 -38.55 -60.13 59.84
C CYS H 53 -38.19 -58.82 59.15
N LEU H 54 -38.38 -57.71 59.86
CA LEU H 54 -38.05 -56.39 59.34
C LEU H 54 -36.64 -55.99 59.80
N MET H 55 -35.84 -55.46 58.87
CA MET H 55 -34.49 -55.01 59.16
C MET H 55 -34.48 -53.61 59.80
N ALA H 56 -33.50 -53.34 60.68
CA ALA H 56 -33.37 -52.07 61.37
C ALA H 56 -33.04 -50.91 60.42
N GLN H 57 -33.58 -49.72 60.71
CA GLN H 57 -33.40 -48.50 59.91
C GLN H 57 -32.18 -47.67 60.35
N GLU H 58 -31.36 -48.22 61.27
CA GLU H 58 -30.13 -47.62 61.84
C GLU H 58 -30.39 -46.28 62.50
N VAL H 64 -35.24 -54.02 64.45
CA VAL H 64 -35.48 -55.42 64.10
C VAL H 64 -36.74 -55.91 64.81
N SER H 65 -37.75 -56.32 64.03
CA SER H 65 -39.01 -56.86 64.55
C SER H 65 -39.37 -58.19 63.89
N GLU H 66 -39.77 -59.18 64.71
CA GLU H 66 -40.15 -60.53 64.27
C GLU H 66 -41.64 -60.72 64.49
N GLU H 67 -42.36 -61.12 63.44
CA GLU H 67 -43.80 -61.33 63.50
C GLU H 67 -44.18 -62.69 62.94
N SER H 68 -44.96 -63.46 63.70
CA SER H 68 -45.42 -64.79 63.27
C SER H 68 -46.56 -64.68 62.26
N VAL H 69 -46.46 -65.42 61.15
CA VAL H 69 -47.49 -65.43 60.12
C VAL H 69 -48.54 -66.49 60.48
N VAL H 70 -49.81 -66.07 60.56
CA VAL H 70 -50.93 -66.93 60.93
C VAL H 70 -51.43 -67.75 59.73
N SER H 71 -51.71 -67.09 58.59
CA SER H 71 -52.19 -67.74 57.37
C SER H 71 -51.06 -68.19 56.46
N PHE H 72 -50.90 -69.51 56.33
CA PHE H 72 -49.87 -70.14 55.50
C PHE H 72 -50.27 -71.54 55.06
N ASP H 73 -49.82 -71.94 53.87
CA ASP H 73 -50.05 -73.27 53.31
C ASP H 73 -48.70 -73.98 53.19
N ALA H 74 -48.43 -74.92 54.11
CA ALA H 74 -47.17 -75.66 54.20
C ALA H 74 -46.94 -76.65 53.05
N LYS H 75 -48.03 -77.16 52.44
CA LYS H 75 -47.96 -78.12 51.34
C LYS H 75 -47.60 -77.50 49.99
N ASN H 76 -48.23 -76.36 49.63
CA ASN H 76 -48.01 -75.66 48.35
C ASN H 76 -46.96 -74.54 48.34
N GLY H 77 -46.54 -74.10 49.51
CA GLY H 77 -45.56 -73.05 49.67
C GLY H 77 -46.10 -71.65 49.43
N THR H 78 -47.32 -71.40 49.89
CA THR H 78 -47.95 -70.09 49.76
C THR H 78 -48.32 -69.58 51.13
N LEU H 79 -47.95 -68.34 51.43
CA LEU H 79 -48.22 -67.70 52.73
C LEU H 79 -48.83 -66.32 52.59
N LYS H 80 -49.78 -66.00 53.48
CA LYS H 80 -50.48 -64.72 53.47
C LYS H 80 -50.15 -63.92 54.75
N TYR H 81 -49.40 -62.83 54.58
CA TYR H 81 -49.03 -61.95 55.69
C TYR H 81 -49.77 -60.64 55.59
N VAL H 82 -50.43 -60.25 56.70
CA VAL H 82 -51.18 -59.01 56.82
C VAL H 82 -50.25 -57.94 57.38
N ALA H 83 -50.21 -56.79 56.69
CA ALA H 83 -49.35 -55.66 57.05
C ALA H 83 -49.78 -55.06 58.38
N SER H 84 -48.86 -55.06 59.33
CA SER H 84 -49.10 -54.53 60.67
C SER H 84 -48.60 -53.08 60.77
N ASP H 85 -48.83 -52.44 61.93
CA ASP H 85 -48.41 -51.06 62.24
C ASP H 85 -46.89 -50.97 62.34
N ASN H 86 -46.22 -52.07 62.74
CA ASN H 86 -44.77 -52.17 62.82
C ASN H 86 -44.17 -52.28 61.41
N ALA H 87 -44.88 -52.97 60.49
CA ALA H 87 -44.47 -53.13 59.09
C ALA H 87 -44.62 -51.81 58.32
N LEU H 88 -45.68 -51.06 58.63
CA LEU H 88 -45.98 -49.76 58.03
C LEU H 88 -45.49 -48.64 58.97
N GLN H 89 -44.22 -48.69 59.37
CA GLN H 89 -43.64 -47.73 60.30
C GLN H 89 -42.89 -46.64 59.54
N PHE H 90 -41.89 -47.04 58.75
CA PHE H 90 -41.06 -46.12 58.00
C PHE H 90 -41.60 -45.89 56.59
N VAL H 91 -41.75 -44.61 56.20
CA VAL H 91 -42.20 -44.19 54.88
C VAL H 91 -41.02 -44.22 53.90
N GLY H 92 -41.09 -45.12 52.93
CA GLY H 92 -40.06 -45.33 51.91
C GLY H 92 -39.78 -46.78 51.64
N ARG H 93 -38.61 -47.08 51.02
CA ARG H 93 -38.20 -48.45 50.68
C ARG H 93 -37.71 -49.23 51.91
N ASN H 94 -38.51 -50.22 52.34
CA ASN H 94 -38.22 -51.06 53.50
C ASN H 94 -37.77 -52.45 53.06
N GLU H 95 -36.77 -53.01 53.78
CA GLU H 95 -36.19 -54.31 53.50
C GLU H 95 -36.65 -55.32 54.55
N ALA H 96 -37.15 -56.46 54.08
CA ALA H 96 -37.64 -57.56 54.92
C ALA H 96 -37.44 -58.93 54.26
N TYR H 97 -37.60 -60.01 55.03
CA TYR H 97 -37.47 -61.39 54.57
C TYR H 97 -38.33 -62.34 55.41
N PHE H 98 -38.59 -63.55 54.90
CA PHE H 98 -39.35 -64.56 55.63
C PHE H 98 -38.46 -65.68 56.12
N SER H 99 -38.53 -65.95 57.43
CA SER H 99 -37.74 -66.97 58.12
C SER H 99 -38.61 -68.13 58.59
N PHE H 100 -38.20 -69.36 58.30
CA PHE H 100 -38.94 -70.57 58.70
C PHE H 100 -38.28 -71.19 59.93
N ARG H 101 -39.05 -71.27 61.03
CA ARG H 101 -38.57 -71.77 62.32
C ARG H 101 -39.39 -72.94 62.88
N LYS H 102 -38.75 -73.76 63.72
CA LYS H 102 -39.38 -74.88 64.41
C LYS H 102 -38.97 -74.83 65.87
N GLN H 103 -39.97 -74.92 66.77
CA GLN H 103 -39.79 -74.87 68.22
C GLN H 103 -39.21 -76.17 68.79
N GLU H 104 -38.02 -76.06 69.38
CA GLU H 104 -37.32 -77.18 70.02
C GLU H 104 -36.72 -76.72 71.35
N GLY H 105 -37.35 -77.12 72.45
CA GLY H 105 -36.97 -76.75 73.80
C GLY H 105 -37.56 -75.43 74.26
N GLY H 106 -38.71 -75.07 73.68
CA GLY H 106 -39.42 -73.84 73.99
C GLY H 106 -38.89 -72.57 73.34
N ARG H 107 -38.01 -72.72 72.33
CA ARG H 107 -37.37 -71.63 71.58
C ARG H 107 -37.34 -71.94 70.07
N TRP H 108 -37.70 -70.95 69.23
CA TRP H 108 -37.72 -71.10 67.77
C TRP H 108 -36.31 -71.05 67.18
N ILE H 109 -35.97 -72.08 66.38
CA ILE H 109 -34.66 -72.19 65.72
C ILE H 109 -34.83 -72.17 64.20
N GLU H 110 -34.06 -71.32 63.51
CA GLU H 110 -34.10 -71.15 62.05
C GLU H 110 -33.49 -72.35 61.29
N GLN H 111 -34.23 -72.86 60.29
CA GLN H 111 -33.79 -73.95 59.42
C GLN H 111 -33.34 -73.37 58.09
N PHE H 112 -34.23 -72.63 57.41
CA PHE H 112 -33.95 -71.95 56.16
C PHE H 112 -34.78 -70.66 56.04
N SER H 113 -34.23 -69.65 55.35
CA SER H 113 -34.90 -68.36 55.16
C SER H 113 -34.79 -67.85 53.72
N THR H 114 -35.82 -67.10 53.27
CA THR H 114 -35.86 -66.48 51.95
C THR H 114 -34.96 -65.26 51.93
N ARG H 115 -34.43 -64.89 50.76
CA ARG H 115 -33.55 -63.73 50.62
C ARG H 115 -34.32 -62.44 50.78
N THR H 116 -33.65 -61.39 51.24
CA THR H 116 -34.27 -60.08 51.51
C THR H 116 -34.84 -59.43 50.26
N PHE H 117 -36.04 -58.86 50.40
CA PHE H 117 -36.77 -58.15 49.35
C PHE H 117 -37.17 -56.76 49.81
N HIS H 118 -37.43 -55.87 48.87
CA HIS H 118 -37.81 -54.51 49.17
C HIS H 118 -39.29 -54.24 48.95
N TYR H 119 -39.92 -53.51 49.87
CA TYR H 119 -41.32 -53.10 49.75
C TYR H 119 -41.44 -51.63 50.13
N ILE H 120 -42.11 -50.84 49.30
CA ILE H 120 -42.26 -49.40 49.55
C ILE H 120 -43.54 -49.07 50.32
N VAL H 121 -43.40 -48.22 51.34
CA VAL H 121 -44.51 -47.73 52.17
C VAL H 121 -44.73 -46.25 51.84
N GLU H 122 -45.90 -45.92 51.27
CA GLU H 122 -46.25 -44.55 50.91
C GLU H 122 -47.19 -43.92 51.94
N LYS H 123 -47.10 -42.59 52.08
CA LYS H 123 -47.93 -41.83 53.01
C LYS H 123 -49.35 -41.65 52.50
N SER H 124 -50.33 -41.71 53.40
CA SER H 124 -51.71 -41.41 53.03
C SER H 124 -51.88 -39.93 53.40
N ILE H 125 -51.44 -39.03 52.49
CA ILE H 125 -51.44 -37.58 52.70
C ILE H 125 -52.73 -36.86 52.24
N TYR H 126 -53.14 -37.07 50.99
CA TYR H 126 -54.33 -36.45 50.43
C TYR H 126 -55.60 -37.17 50.86
N SER H 127 -56.57 -36.40 51.43
CA SER H 127 -57.84 -36.89 51.95
C SER H 127 -58.77 -37.45 50.87
N GLN H 128 -59.74 -38.31 51.27
CA GLN H 128 -60.75 -38.93 50.40
C GLN H 128 -61.62 -37.92 49.63
N PRO H 129 -62.13 -36.80 50.23
CA PRO H 129 -62.85 -35.83 49.40
C PRO H 129 -61.83 -35.05 48.55
N PHE H 130 -61.49 -35.61 47.36
CA PHE H 130 -60.51 -35.07 46.41
C PHE H 130 -61.00 -33.83 45.72
N LYS H 131 -60.07 -32.94 45.37
CA LYS H 131 -60.39 -31.70 44.66
C LYS H 131 -60.76 -32.05 43.21
N ASP H 132 -61.81 -31.39 42.68
CA ASP H 132 -62.30 -31.60 41.32
C ASP H 132 -61.27 -31.13 40.31
N SER H 133 -61.14 -31.85 39.19
CA SER H 133 -60.19 -31.55 38.12
C SER H 133 -60.42 -30.15 37.54
N ASN H 134 -61.70 -29.80 37.40
CA ASN H 134 -62.07 -28.47 36.96
C ASN H 134 -62.52 -27.66 38.20
N TYR H 135 -62.18 -26.37 38.23
CA TYR H 135 -62.51 -25.47 39.32
C TYR H 135 -63.32 -24.29 38.79
N TRP H 136 -64.46 -23.99 39.40
CA TRP H 136 -65.21 -22.83 38.94
C TRP H 136 -65.76 -22.04 40.09
N TRP H 137 -65.25 -20.82 40.27
CA TRP H 137 -65.69 -19.98 41.37
C TRP H 137 -67.17 -19.64 41.26
N THR H 138 -67.60 -19.30 40.04
CA THR H 138 -68.99 -18.96 39.74
C THR H 138 -69.93 -20.07 40.09
N PHE H 139 -69.62 -21.32 39.69
CA PHE H 139 -70.50 -22.47 39.94
C PHE H 139 -70.65 -22.84 41.38
N LYS H 140 -69.56 -22.75 42.15
CA LYS H 140 -69.66 -23.06 43.57
C LYS H 140 -70.30 -21.93 44.35
N GLU H 141 -70.20 -20.71 43.82
CA GLU H 141 -70.89 -19.56 44.41
C GLU H 141 -72.39 -19.71 44.15
N LEU H 142 -72.77 -20.24 42.97
CA LEU H 142 -74.17 -20.50 42.63
C LEU H 142 -74.67 -21.62 43.50
N TYR H 143 -73.77 -22.57 43.81
CA TYR H 143 -74.10 -23.72 44.63
C TYR H 143 -74.36 -23.30 46.04
N ARG H 144 -73.49 -22.47 46.62
CA ARG H 144 -73.70 -22.09 48.00
C ARG H 144 -74.93 -21.24 48.19
N ILE H 145 -75.28 -20.44 47.17
CA ILE H 145 -76.43 -19.55 47.20
C ILE H 145 -77.70 -20.35 47.10
N PHE H 146 -77.72 -21.31 46.17
CA PHE H 146 -78.86 -22.18 45.98
C PHE H 146 -79.06 -23.11 47.17
N ASN H 147 -77.97 -23.61 47.77
CA ASN H 147 -78.05 -24.45 48.96
C ASN H 147 -78.46 -23.60 50.17
N LYS H 148 -78.07 -22.33 50.20
CA LYS H 148 -78.47 -21.41 51.27
C LYS H 148 -79.99 -21.22 51.21
N TYR H 149 -80.56 -21.04 49.99
CA TYR H 149 -82.00 -20.85 49.82
C TYR H 149 -82.78 -22.07 50.29
N ILE H 150 -82.25 -23.25 50.00
CA ILE H 150 -82.85 -24.52 50.39
C ILE H 150 -82.82 -24.68 51.89
N GLU H 151 -81.64 -24.59 52.49
CA GLU H 151 -81.46 -24.78 53.92
C GLU H 151 -82.20 -23.77 54.77
N ASP H 152 -82.12 -22.48 54.38
CA ASP H 152 -82.79 -21.39 55.08
C ASP H 152 -84.29 -21.40 54.79
N GLY H 153 -84.68 -21.93 53.63
CA GLY H 153 -86.09 -22.03 53.25
C GLY H 153 -86.81 -23.11 54.01
N LYS H 154 -86.22 -24.31 54.03
CA LYS H 154 -86.79 -25.47 54.71
C LYS H 154 -86.85 -25.30 56.24
N LYS H 155 -85.86 -24.64 56.85
CA LYS H 155 -85.85 -24.45 58.30
C LYS H 155 -86.97 -23.51 58.81
N SER H 156 -87.42 -22.59 57.95
CA SER H 156 -88.52 -21.66 58.25
C SER H 156 -89.86 -22.39 58.16
N TRP H 157 -89.95 -23.36 57.23
CA TRP H 157 -91.13 -24.20 57.07
C TRP H 157 -91.19 -25.22 58.20
N GLU H 158 -90.02 -25.77 58.58
CA GLU H 158 -89.86 -26.75 59.66
C GLU H 158 -90.19 -26.13 61.01
N GLN H 159 -89.98 -24.80 61.12
CA GLN H 159 -90.30 -24.03 62.32
C GLN H 159 -91.82 -23.85 62.36
N PHE H 160 -92.43 -23.66 61.16
CA PHE H 160 -93.87 -23.47 60.98
C PHE H 160 -94.63 -24.76 61.31
N VAL H 161 -94.18 -25.89 60.74
CA VAL H 161 -94.80 -27.18 60.98
C VAL H 161 -94.65 -27.65 62.44
N GLU H 162 -93.53 -27.30 63.10
CA GLU H 162 -93.27 -27.68 64.49
C GLU H 162 -94.13 -26.91 65.47
N ALA H 163 -94.32 -25.60 65.20
CA ALA H 163 -95.11 -24.69 66.03
C ALA H 163 -96.60 -25.01 65.94
N ASN H 164 -97.05 -25.54 64.76
CA ASN H 164 -98.43 -25.95 64.51
C ASN H 164 -98.78 -27.20 65.29
N ARG H 165 -97.93 -28.23 65.22
CA ARG H 165 -98.16 -29.49 65.96
C ARG H 165 -97.94 -29.36 67.46
N GLU H 166 -97.22 -28.30 67.90
CA GLU H 166 -96.88 -28.06 69.30
C GLU H 166 -98.10 -27.71 70.15
N ILE H 167 -99.03 -26.99 69.55
CA ILE H 167 -100.24 -26.54 70.23
C ILE H 167 -101.48 -27.31 69.84
N LEU H 168 -101.53 -27.75 68.58
CA LEU H 168 -102.64 -28.47 67.97
C LEU H 168 -102.78 -29.94 68.39
N GLU H 169 -101.67 -30.70 68.38
CA GLU H 169 -101.75 -32.12 68.69
C GLU H 169 -101.24 -32.54 70.07
N SER H 170 -100.36 -31.73 70.67
CA SER H 170 -99.75 -32.01 71.98
C SER H 170 -100.63 -31.93 73.23
N ILE H 171 -101.04 -30.70 73.64
CA ILE H 171 -101.77 -30.50 74.89
C ILE H 171 -103.31 -30.52 74.84
N ASP H 172 -103.92 -29.39 74.42
CA ASP H 172 -105.36 -29.13 74.31
C ASP H 172 -105.54 -27.85 73.50
N PRO H 173 -106.03 -27.96 72.23
CA PRO H 173 -106.15 -26.77 71.36
C PRO H 173 -106.98 -25.64 71.89
N GLY H 174 -108.18 -25.98 72.43
CA GLY H 174 -109.14 -25.05 72.99
C GLY H 174 -108.57 -24.02 73.95
N GLY H 175 -107.70 -24.49 74.84
CA GLY H 175 -107.09 -23.64 75.85
C GLY H 175 -105.93 -22.76 75.42
N VAL H 176 -104.92 -23.39 74.82
CA VAL H 176 -103.66 -22.77 74.39
C VAL H 176 -103.80 -21.66 73.35
N LEU H 177 -104.71 -21.85 72.37
CA LEU H 177 -105.00 -20.89 71.30
C LEU H 177 -105.58 -19.61 71.88
N LEU H 178 -106.44 -19.75 72.89
CA LEU H 178 -107.07 -18.62 73.57
C LEU H 178 -106.03 -17.92 74.46
N ALA H 179 -105.14 -18.71 75.10
CA ALA H 179 -104.11 -18.25 76.02
C ALA H 179 -103.06 -17.41 75.31
N LYS H 180 -102.80 -17.76 74.06
CA LYS H 180 -101.82 -17.06 73.26
C LYS H 180 -102.37 -15.75 72.75
N VAL H 181 -103.66 -15.72 72.41
CA VAL H 181 -104.27 -14.52 71.87
C VAL H 181 -104.29 -13.39 72.89
N ILE H 182 -104.67 -13.72 74.14
CA ILE H 182 -104.79 -12.78 75.25
C ILE H 182 -103.52 -12.01 75.60
N ASP H 183 -102.36 -12.68 75.52
CA ASP H 183 -101.09 -12.03 75.83
C ASP H 183 -100.61 -11.16 74.67
N ILE H 184 -100.94 -11.60 73.43
CA ILE H 184 -100.61 -10.91 72.18
C ILE H 184 -101.34 -9.56 72.13
N GLU H 185 -102.67 -9.57 72.36
CA GLU H 185 -103.49 -8.36 72.40
C GLU H 185 -103.10 -7.45 73.57
N LYS H 186 -102.51 -8.03 74.64
CA LYS H 186 -102.02 -7.25 75.78
C LYS H 186 -100.77 -6.48 75.37
N ILE H 187 -99.84 -7.17 74.71
CA ILE H 187 -98.58 -6.60 74.23
C ILE H 187 -98.82 -5.51 73.16
N VAL H 188 -99.72 -5.76 72.21
CA VAL H 188 -100.08 -4.79 71.16
C VAL H 188 -100.78 -3.55 71.77
N ASN H 189 -101.56 -3.76 72.83
CA ASN H 189 -102.27 -2.68 73.53
C ASN H 189 -101.31 -1.73 74.30
N GLU H 190 -100.12 -2.23 74.70
CA GLU H 190 -99.16 -1.44 75.50
C GLU H 190 -97.88 -1.04 74.77
N LYS H 191 -97.41 -1.87 73.81
CA LYS H 191 -96.18 -1.65 73.06
C LYS H 191 -96.39 -1.09 71.65
N VAL H 192 -97.45 -1.51 70.96
CA VAL H 192 -97.71 -1.03 69.60
C VAL H 192 -98.45 0.30 69.74
N PRO H 193 -98.18 1.31 68.86
CA PRO H 193 -98.85 2.61 68.99
C PRO H 193 -100.04 2.62 68.02
N ALA H 194 -101.25 2.34 68.52
CA ALA H 194 -102.43 2.28 67.66
C ALA H 194 -103.70 2.92 68.20
N GLY H 195 -104.00 2.68 69.48
CA GLY H 195 -105.21 3.16 70.15
C GLY H 195 -105.52 4.64 70.36
N PHE H 196 -104.72 5.29 71.23
CA PHE H 196 -104.88 6.71 71.60
C PHE H 196 -104.19 7.59 70.55
N LYS H 197 -104.88 8.66 70.10
CA LYS H 197 -104.35 9.61 69.12
C LYS H 197 -104.54 11.05 69.61
N PHE H 198 -103.44 11.84 69.61
CA PHE H 198 -103.41 13.23 70.09
C PHE H 198 -102.87 14.17 69.03
N VAL H 199 -103.44 15.38 68.95
CA VAL H 199 -103.02 16.36 67.95
C VAL H 199 -102.27 17.52 68.62
N LEU H 200 -101.12 17.92 68.07
CA LEU H 200 -100.34 19.03 68.58
C LEU H 200 -100.14 20.04 67.47
N GLU H 201 -100.70 21.23 67.66
CA GLU H 201 -100.57 22.31 66.70
C GLU H 201 -99.27 23.04 67.02
N HIS H 202 -98.55 23.48 65.99
CA HIS H 202 -97.28 24.16 66.19
C HIS H 202 -97.05 25.34 65.26
N ASP H 203 -95.95 26.07 65.47
CA ASP H 203 -95.55 27.26 64.71
C ASP H 203 -94.66 26.97 63.51
N SER H 204 -93.98 25.81 63.53
CA SER H 204 -93.06 25.38 62.47
C SER H 204 -93.78 24.96 61.18
N GLU H 205 -93.11 25.12 60.05
CA GLU H 205 -93.66 24.72 58.76
C GLU H 205 -93.28 23.27 58.46
N TYR H 206 -92.28 22.75 59.18
CA TYR H 206 -91.74 21.40 59.00
C TYR H 206 -92.33 20.33 59.94
N GLN H 207 -91.61 19.20 60.15
CA GLN H 207 -92.07 18.08 60.98
C GLN H 207 -91.24 17.97 62.26
N PRO H 208 -91.71 18.57 63.36
CA PRO H 208 -90.93 18.51 64.61
C PRO H 208 -91.01 17.16 65.30
N GLU H 209 -89.90 16.75 65.93
CA GLU H 209 -89.86 15.48 66.63
C GLU H 209 -90.58 15.58 67.95
N VAL H 210 -91.48 14.64 68.21
CA VAL H 210 -92.24 14.59 69.45
C VAL H 210 -91.85 13.35 70.24
N LYS H 211 -91.60 13.53 71.53
CA LYS H 211 -91.24 12.46 72.45
C LYS H 211 -92.26 12.46 73.59
N VAL H 212 -92.90 11.31 73.81
CA VAL H 212 -93.93 11.16 74.82
C VAL H 212 -93.45 10.28 75.98
N THR H 213 -93.68 10.74 77.22
CA THR H 213 -93.32 10.06 78.46
C THR H 213 -94.52 9.97 79.39
N SER H 214 -94.67 8.83 80.09
CA SER H 214 -95.76 8.59 81.03
C SER H 214 -95.19 8.30 82.42
N TYR H 215 -95.72 9.01 83.41
CA TYR H 215 -95.29 8.87 84.80
C TYR H 215 -96.41 9.22 85.76
N LYS H 216 -96.42 8.53 86.90
CA LYS H 216 -97.43 8.70 87.94
C LYS H 216 -96.75 9.29 89.19
N ASN H 217 -97.56 9.97 90.04
CA ASN H 217 -97.14 10.63 91.28
C ASN H 217 -96.03 11.67 91.12
N ALA H 218 -96.11 12.45 90.02
CA ALA H 218 -95.19 13.53 89.67
C ALA H 218 -95.31 14.70 90.67
N ILE H 219 -94.43 15.72 90.55
CA ILE H 219 -94.44 16.87 91.44
C ILE H 219 -95.76 17.68 91.37
N GLY H 220 -96.42 17.82 92.52
CA GLY H 220 -97.68 18.55 92.66
C GLY H 220 -98.91 17.90 92.07
N THR H 221 -98.88 16.56 91.88
CA THR H 221 -100.00 15.79 91.34
C THR H 221 -100.39 14.59 92.19
N GLU H 222 -99.77 14.47 93.39
CA GLU H 222 -100.05 13.39 94.33
C GLU H 222 -101.42 13.60 94.96
N THR H 223 -102.06 12.48 95.37
CA THR H 223 -103.41 12.45 95.96
C THR H 223 -103.52 13.24 97.27
N ASP H 224 -102.61 12.99 98.22
CA ASP H 224 -102.63 13.64 99.54
C ASP H 224 -101.73 14.89 99.65
N GLY H 225 -101.60 15.64 98.55
CA GLY H 225 -100.79 16.87 98.51
C GLY H 225 -99.33 16.64 98.17
N PHE H 226 -98.50 17.68 98.39
CA PHE H 226 -97.05 17.65 98.10
C PHE H 226 -96.27 16.66 98.98
N ASP H 227 -95.38 15.86 98.36
CA ASP H 227 -94.53 14.86 99.01
C ASP H 227 -95.32 13.86 99.86
N SER H 228 -96.43 13.37 99.30
CA SER H 228 -97.29 12.40 99.98
C SER H 228 -97.22 11.02 99.33
N GLY H 229 -96.73 10.97 98.09
CA GLY H 229 -96.59 9.73 97.31
C GLY H 229 -95.46 8.82 97.77
N PRO H 230 -95.38 7.58 97.23
CA PRO H 230 -94.31 6.65 97.66
C PRO H 230 -92.90 7.05 97.23
N VAL H 231 -92.78 7.60 96.01
CA VAL H 231 -91.50 8.04 95.45
C VAL H 231 -91.60 9.53 95.16
N PHE H 232 -90.80 10.32 95.89
CA PHE H 232 -90.78 11.77 95.74
C PHE H 232 -90.26 12.20 94.37
N GLY H 233 -90.95 13.15 93.74
CA GLY H 233 -90.58 13.71 92.43
C GLY H 233 -91.11 12.96 91.22
N GLY H 234 -91.81 11.85 91.45
CA GLY H 234 -92.39 11.00 90.42
C GLY H 234 -91.95 9.55 90.47
N GLY H 235 -92.81 8.64 90.00
CA GLY H 235 -92.51 7.21 89.97
C GLY H 235 -91.60 6.80 88.83
N THR H 236 -91.97 5.68 88.18
CA THR H 236 -91.24 5.15 87.02
C THR H 236 -91.68 5.94 85.79
N ILE H 237 -90.70 6.38 84.98
CA ILE H 237 -90.91 7.15 83.74
C ILE H 237 -90.86 6.17 82.57
N TYR H 238 -91.97 6.08 81.85
CA TYR H 238 -92.09 5.16 80.72
C TYR H 238 -92.03 5.92 79.41
N ASN H 239 -91.15 5.48 78.50
CA ASN H 239 -91.03 6.08 77.18
C ASN H 239 -92.14 5.48 76.32
N VAL H 240 -93.11 6.32 75.96
CA VAL H 240 -94.29 5.91 75.20
C VAL H 240 -93.96 5.72 73.71
N PRO H 241 -94.15 4.50 73.15
CA PRO H 241 -93.90 4.30 71.72
C PRO H 241 -94.87 5.11 70.89
N VAL H 242 -94.36 5.86 69.91
CA VAL H 242 -95.19 6.76 69.08
C VAL H 242 -95.15 6.48 67.58
N SER H 243 -96.27 6.81 66.93
CA SER H 243 -96.45 6.72 65.48
C SER H 243 -96.83 8.11 65.00
N LEU H 244 -95.83 8.85 64.53
CA LEU H 244 -96.00 10.22 64.11
C LEU H 244 -96.58 10.36 62.70
N SER H 245 -97.47 11.32 62.55
CA SER H 245 -98.16 11.69 61.32
C SER H 245 -98.17 13.22 61.23
N TYR H 246 -97.92 13.79 60.04
CA TYR H 246 -97.81 15.24 59.92
C TYR H 246 -98.66 15.89 58.83
N ASP H 247 -99.18 17.07 59.16
CA ASP H 247 -99.91 17.98 58.28
C ASP H 247 -99.31 19.39 58.51
N ARG H 248 -99.80 20.42 57.77
CA ARG H 248 -99.30 21.78 57.92
C ARG H 248 -99.62 22.30 59.32
N GLN H 249 -98.57 22.57 60.12
CA GLN H 249 -98.63 23.06 61.51
C GLN H 249 -99.42 22.15 62.49
N LYS H 250 -99.49 20.84 62.16
CA LYS H 250 -100.20 19.83 62.94
C LYS H 250 -99.44 18.52 62.96
N VAL H 251 -99.26 17.95 64.17
CA VAL H 251 -98.60 16.66 64.41
C VAL H 251 -99.65 15.72 64.99
N TYR H 252 -99.83 14.55 64.38
CA TYR H 252 -100.76 13.56 64.88
C TYR H 252 -99.95 12.48 65.57
N VAL H 253 -99.97 12.50 66.89
CA VAL H 253 -99.21 11.56 67.70
C VAL H 253 -100.05 10.35 68.06
N GLU H 254 -99.76 9.19 67.45
CA GLU H 254 -100.49 7.96 67.75
C GLU H 254 -99.72 7.17 68.81
N MET H 255 -100.44 6.73 69.83
CA MET H 255 -99.84 6.04 70.96
C MET H 255 -100.63 4.77 71.29
N PRO H 256 -100.10 3.85 72.14
CA PRO H 256 -100.87 2.65 72.48
C PRO H 256 -102.16 2.92 73.26
N LYS H 257 -103.11 1.97 73.17
CA LYS H 257 -104.40 2.06 73.85
C LYS H 257 -104.30 2.06 75.38
N SER H 258 -103.22 1.50 75.97
CA SER H 258 -103.02 1.49 77.43
C SER H 258 -102.65 2.87 77.97
N TYR H 259 -102.03 3.70 77.11
CA TYR H 259 -101.60 5.06 77.44
C TYR H 259 -102.69 6.13 77.19
N THR H 260 -103.93 5.67 76.96
CA THR H 260 -105.06 6.56 76.78
C THR H 260 -105.32 7.32 78.08
N LEU H 261 -105.48 8.66 77.96
CA LEU H 261 -105.70 9.54 79.11
C LEU H 261 -106.47 10.80 78.70
N ALA H 262 -107.70 10.95 79.22
CA ALA H 262 -108.49 12.13 78.92
C ALA H 262 -108.57 12.96 80.21
N GLY H 263 -107.69 13.95 80.31
CA GLY H 263 -107.58 14.84 81.47
C GLY H 263 -107.37 16.29 81.10
N ASP H 264 -106.82 17.06 82.04
CA ASP H 264 -106.57 18.50 81.85
C ASP H 264 -105.35 18.72 80.97
N ILE H 265 -105.52 19.52 79.91
CA ILE H 265 -104.46 19.86 78.96
C ILE H 265 -103.77 21.16 79.41
N ILE H 266 -102.51 21.06 79.83
CA ILE H 266 -101.73 22.20 80.31
C ILE H 266 -100.59 22.51 79.33
N LEU H 267 -100.59 23.71 78.77
CA LEU H 267 -99.53 24.13 77.85
C LEU H 267 -98.56 25.05 78.58
N ILE H 268 -97.28 24.65 78.64
CA ILE H 268 -96.21 25.41 79.29
C ILE H 268 -95.75 26.43 78.22
N ASP H 269 -94.99 27.47 78.65
CA ASP H 269 -94.46 28.60 77.85
C ASP H 269 -93.27 28.21 76.90
N ASP H 270 -93.19 26.94 76.51
CA ASP H 270 -92.15 26.41 75.62
C ASP H 270 -92.67 25.22 74.79
N GLY H 271 -91.75 24.40 74.30
CA GLY H 271 -92.03 23.19 73.53
C GLY H 271 -92.41 22.01 74.41
N THR H 272 -93.32 22.22 75.38
CA THR H 272 -93.85 21.18 76.29
C THR H 272 -95.34 21.33 76.64
N LEU H 273 -96.08 20.20 76.58
CA LEU H 273 -97.53 20.06 76.87
C LEU H 273 -97.80 18.86 77.76
N LEU H 274 -98.77 18.98 78.65
CA LEU H 274 -99.10 17.91 79.57
C LEU H 274 -100.56 17.55 79.55
N VAL H 275 -100.85 16.29 79.84
CA VAL H 275 -102.21 15.78 80.01
C VAL H 275 -102.22 15.14 81.40
N ILE H 276 -102.90 15.83 82.35
CA ILE H 276 -102.98 15.39 83.75
C ILE H 276 -104.40 14.95 84.16
N LYS H 277 -104.49 13.72 84.67
CA LYS H 277 -105.72 13.12 85.18
C LYS H 277 -105.33 12.51 86.54
N GLU H 278 -105.58 13.29 87.60
CA GLU H 278 -105.26 12.97 88.99
C GLU H 278 -103.72 12.79 89.06
N THR H 279 -103.26 11.58 89.40
CA THR H 279 -101.84 11.24 89.53
C THR H 279 -101.11 10.93 88.21
N GLN H 280 -101.84 10.39 87.22
CA GLN H 280 -101.29 10.00 85.92
C GLN H 280 -101.04 11.21 85.04
N VAL H 281 -99.79 11.37 84.59
CA VAL H 281 -99.38 12.49 83.73
C VAL H 281 -98.78 11.94 82.45
N LEU H 282 -99.20 12.52 81.32
CA LEU H 282 -98.71 12.19 79.99
C LEU H 282 -98.04 13.45 79.43
N CYS H 283 -96.72 13.39 79.29
CA CYS H 283 -95.91 14.52 78.84
C CYS H 283 -95.62 14.49 77.36
N PHE H 284 -95.70 15.66 76.71
CA PHE H 284 -95.42 15.83 75.30
C PHE H 284 -94.28 16.81 75.10
N LYS H 285 -93.09 16.31 74.76
CA LYS H 285 -91.92 17.16 74.53
C LYS H 285 -91.65 17.27 73.03
N MET H 286 -91.60 18.51 72.54
CA MET H 286 -91.38 18.77 71.13
C MET H 286 -90.10 19.56 70.90
N SER H 287 -89.31 19.13 69.90
CA SER H 287 -88.04 19.72 69.53
C SER H 287 -88.19 20.71 68.38
N ASP H 288 -87.32 21.74 68.35
CA ASP H 288 -87.23 22.79 67.32
C ASP H 288 -88.55 23.51 66.89
N ALA H 289 -89.58 23.48 67.76
CA ALA H 289 -90.87 24.12 67.52
C ALA H 289 -91.64 24.32 68.83
N LYS H 290 -92.58 25.28 68.83
CA LYS H 290 -93.40 25.63 69.98
C LYS H 290 -94.83 25.15 69.79
N ILE H 291 -95.37 24.46 70.80
CA ILE H 291 -96.73 23.97 70.76
C ILE H 291 -97.66 25.17 71.00
N THR H 292 -98.70 25.31 70.14
CA THR H 292 -99.69 26.39 70.22
C THR H 292 -101.03 25.89 70.77
N LYS H 293 -101.39 24.63 70.47
CA LYS H 293 -102.64 23.99 70.87
C LYS H 293 -102.46 22.48 70.94
N GLY H 294 -103.18 21.85 71.87
CA GLY H 294 -103.17 20.40 72.06
C GLY H 294 -104.56 19.86 72.35
N TYR H 295 -104.98 18.83 71.61
CA TYR H 295 -106.30 18.21 71.76
C TYR H 295 -106.35 16.78 71.25
N VAL H 296 -107.26 15.97 71.81
CA VAL H 296 -107.43 14.57 71.39
C VAL H 296 -108.09 14.54 70.01
N PHE H 297 -107.58 13.68 69.12
CA PHE H 297 -108.09 13.51 67.76
C PHE H 297 -109.43 12.79 67.80
N VAL H 298 -110.43 13.39 67.15
CA VAL H 298 -111.78 12.86 67.12
C VAL H 298 -112.16 12.26 65.76
N ALA H 299 -112.41 10.93 65.78
CA ALA H 299 -112.78 10.09 64.65
C ALA H 299 -113.70 8.98 65.16
N MET I 1 -61.34 1.83 31.04
CA MET I 1 -61.44 0.66 30.16
C MET I 1 -60.33 0.60 29.12
N THR I 2 -60.06 -0.63 28.61
CA THR I 2 -59.03 -0.93 27.61
C THR I 2 -59.35 -0.40 26.20
N GLU I 3 -58.39 0.33 25.60
CA GLU I 3 -58.55 0.92 24.27
C GLU I 3 -57.53 0.41 23.30
N HIS I 4 -57.96 0.31 22.02
CA HIS I 4 -57.16 -0.16 20.90
C HIS I 4 -57.16 0.92 19.83
N PHE I 5 -56.00 1.55 19.62
CA PHE I 5 -55.88 2.66 18.67
C PHE I 5 -55.49 2.22 17.29
N ILE I 6 -56.26 2.66 16.28
CA ILE I 6 -56.01 2.37 14.86
C ILE I 6 -56.25 3.63 14.04
N THR I 7 -55.44 3.82 12.99
CA THR I 7 -55.61 4.92 12.05
C THR I 7 -55.99 4.28 10.72
N LEU I 8 -57.29 4.11 10.49
CA LEU I 8 -57.82 3.46 9.29
C LEU I 8 -57.97 4.40 8.09
N SER I 9 -57.59 3.92 6.89
CA SER I 9 -57.69 4.70 5.66
C SER I 9 -58.79 4.17 4.76
N THR I 10 -59.20 5.01 3.81
CA THR I 10 -60.21 4.69 2.80
C THR I 10 -59.61 4.70 1.40
N THR I 11 -58.39 5.22 1.26
CA THR I 11 -57.69 5.35 -0.01
C THR I 11 -56.48 4.42 -0.12
N GLU I 12 -55.66 4.38 0.95
CA GLU I 12 -54.45 3.56 1.02
C GLU I 12 -54.76 2.06 0.96
N PRO I 13 -54.20 1.32 -0.04
CA PRO I 13 -54.54 -0.12 -0.18
C PRO I 13 -53.87 -1.00 0.85
N ASN I 14 -54.42 -1.02 2.08
CA ASN I 14 -53.86 -1.84 3.17
C ASN I 14 -54.31 -3.29 3.08
N ASN I 15 -55.67 -3.53 3.02
CA ASN I 15 -56.37 -4.83 2.96
C ASN I 15 -56.27 -5.68 4.26
N ASN I 16 -55.06 -5.84 4.79
CA ASN I 16 -54.82 -6.68 5.97
C ASN I 16 -54.04 -6.00 7.11
N ILE I 17 -53.30 -4.91 6.81
CA ILE I 17 -52.52 -4.12 7.78
C ILE I 17 -53.49 -3.51 8.82
N GLY I 18 -53.20 -3.79 10.09
CA GLY I 18 -54.01 -3.36 11.22
C GLY I 18 -54.63 -4.58 11.87
N ILE I 19 -54.21 -4.85 13.10
CA ILE I 19 -54.70 -6.00 13.85
C ILE I 19 -55.32 -5.58 15.17
N VAL I 20 -56.46 -6.23 15.50
CA VAL I 20 -57.18 -6.08 16.75
C VAL I 20 -57.12 -7.46 17.43
N LYS I 21 -56.55 -7.51 18.61
CA LYS I 21 -56.47 -8.78 19.28
C LYS I 21 -57.17 -8.64 20.60
N LEU I 22 -58.29 -9.39 20.72
CA LEU I 22 -59.17 -9.43 21.90
C LEU I 22 -59.34 -10.86 22.39
N ARG I 23 -60.04 -11.03 23.53
CA ARG I 23 -60.35 -12.35 24.09
C ARG I 23 -61.85 -12.48 24.18
N HIS I 24 -62.35 -13.71 24.30
CA HIS I 24 -63.77 -14.04 24.37
C HIS I 24 -64.52 -13.40 25.53
N ALA I 25 -64.03 -13.57 26.74
CA ALA I 25 -64.74 -13.08 27.90
C ALA I 25 -64.38 -11.61 28.20
N ASP I 26 -64.87 -10.65 27.41
CA ASP I 26 -64.49 -9.27 27.65
C ASP I 26 -65.64 -8.30 27.56
N VAL I 27 -66.61 -8.54 28.42
CA VAL I 27 -67.81 -7.75 28.45
C VAL I 27 -67.46 -6.28 28.69
N ASN I 28 -68.00 -5.40 27.83
CA ASN I 28 -67.89 -3.95 27.87
C ASN I 28 -66.64 -3.26 28.40
N SER I 29 -65.46 -3.70 27.93
CA SER I 29 -64.21 -3.10 28.38
C SER I 29 -63.32 -2.74 27.19
N GLN I 30 -63.10 -3.72 26.29
CA GLN I 30 -62.26 -3.57 25.10
C GLN I 30 -62.99 -2.76 24.04
N ALA I 31 -62.49 -1.54 23.80
CA ALA I 31 -63.06 -0.63 22.81
C ALA I 31 -62.02 -0.29 21.76
N ILE I 32 -62.46 -0.09 20.54
CA ILE I 32 -61.61 0.24 19.41
C ILE I 32 -61.75 1.72 19.14
N VAL I 33 -60.63 2.43 19.21
CA VAL I 33 -60.59 3.86 18.91
C VAL I 33 -59.97 4.01 17.54
N ALA I 34 -60.74 4.52 16.60
CA ALA I 34 -60.26 4.63 15.23
C ALA I 34 -60.25 6.03 14.72
N GLN I 35 -59.28 6.32 13.83
CA GLN I 35 -59.11 7.60 13.14
C GLN I 35 -59.31 7.35 11.66
N ILE I 36 -60.32 7.96 11.08
CA ILE I 36 -60.57 7.79 9.67
C ILE I 36 -59.80 8.82 8.85
N VAL I 37 -59.04 8.35 7.87
CA VAL I 37 -58.21 9.21 7.04
C VAL I 37 -58.47 8.92 5.55
N GLU I 38 -58.66 10.00 4.76
CA GLU I 38 -58.87 9.93 3.31
C GLU I 38 -57.85 10.82 2.64
N ASN I 39 -57.00 10.22 1.79
CA ASN I 39 -55.94 10.93 1.05
C ASN I 39 -54.99 11.73 1.97
N GLY I 40 -54.70 11.17 3.15
CA GLY I 40 -53.78 11.78 4.10
C GLY I 40 -54.38 12.81 5.01
N GLN I 41 -55.66 13.07 4.88
CA GLN I 41 -56.34 14.04 5.72
C GLN I 41 -57.50 13.36 6.44
N PRO I 42 -57.86 13.76 7.68
CA PRO I 42 -59.01 13.14 8.36
C PRO I 42 -60.35 13.33 7.61
N LYS I 43 -61.13 12.24 7.52
CA LYS I 43 -62.42 12.21 6.80
C LYS I 43 -63.62 12.52 7.69
N ASN I 44 -64.47 13.50 7.24
CA ASN I 44 -65.70 13.94 7.93
C ASN I 44 -66.90 13.16 7.43
N PHE I 45 -67.45 12.30 8.31
CA PHE I 45 -68.60 11.45 8.02
C PHE I 45 -69.92 12.06 8.54
N GLU I 46 -69.96 13.40 8.55
CA GLU I 46 -71.11 14.16 9.02
C GLU I 46 -72.39 13.78 8.28
N GLY I 47 -73.39 13.37 9.04
CA GLY I 47 -74.69 12.95 8.52
C GLY I 47 -74.80 11.47 8.23
N LEU I 48 -73.65 10.75 8.27
CA LEU I 48 -73.58 9.30 8.02
C LEU I 48 -73.35 8.52 9.31
N GLN I 49 -74.21 7.52 9.57
CA GLN I 49 -74.13 6.68 10.77
C GLN I 49 -73.02 5.63 10.66
N PRO I 50 -72.04 5.64 11.60
CA PRO I 50 -70.97 4.64 11.57
C PRO I 50 -71.46 3.26 11.98
N PHE I 51 -70.88 2.21 11.36
CA PHE I 51 -71.23 0.81 11.62
C PHE I 51 -70.02 -0.07 11.68
N PHE I 52 -69.96 -0.93 12.69
CA PHE I 52 -68.90 -1.91 12.80
C PHE I 52 -69.37 -3.15 12.05
N CYS I 53 -68.63 -3.49 10.98
CA CYS I 53 -68.92 -4.65 10.15
C CYS I 53 -67.91 -5.71 10.38
N LEU I 54 -68.39 -6.92 10.64
CA LEU I 54 -67.53 -8.06 10.91
C LEU I 54 -67.83 -9.22 10.00
N MET I 55 -66.78 -9.79 9.42
CA MET I 55 -66.82 -10.92 8.52
C MET I 55 -66.19 -12.13 9.20
N ALA I 56 -67.04 -12.94 9.85
CA ALA I 56 -66.65 -14.13 10.60
C ALA I 56 -66.82 -15.39 9.76
N GLN I 57 -65.89 -16.35 9.94
CA GLN I 57 -65.95 -17.63 9.22
C GLN I 57 -67.07 -18.52 9.78
N GLU I 58 -67.69 -19.30 8.86
CA GLU I 58 -68.80 -20.23 9.12
C GLU I 58 -70.01 -19.55 9.82
N ALA I 59 -70.20 -18.25 9.57
CA ALA I 59 -71.27 -17.44 10.14
C ALA I 59 -71.56 -16.28 9.19
N THR I 60 -71.69 -16.59 7.89
CA THR I 60 -71.92 -15.63 6.81
C THR I 60 -73.35 -15.66 6.25
N GLY I 61 -73.75 -14.53 5.67
CA GLY I 61 -75.06 -14.33 5.04
C GLY I 61 -75.08 -13.02 4.28
N GLN I 62 -76.15 -12.23 4.51
CA GLN I 62 -76.33 -10.90 3.92
C GLN I 62 -75.99 -9.85 4.98
N GLY I 63 -76.34 -10.16 6.22
CA GLY I 63 -76.00 -9.36 7.38
C GLY I 63 -75.16 -10.22 8.28
N VAL I 64 -73.89 -10.45 7.89
CA VAL I 64 -72.94 -11.29 8.64
C VAL I 64 -72.87 -10.78 10.07
N SER I 65 -72.48 -9.51 10.27
CA SER I 65 -72.41 -8.84 11.57
C SER I 65 -72.29 -7.34 11.33
N GLU I 66 -73.26 -6.58 11.84
CA GLU I 66 -73.27 -5.13 11.71
C GLU I 66 -73.82 -4.49 12.97
N GLU I 67 -73.05 -3.59 13.59
CA GLU I 67 -73.46 -2.92 14.81
C GLU I 67 -73.22 -1.41 14.73
N SER I 68 -74.23 -0.62 15.08
CA SER I 68 -74.13 0.83 15.05
C SER I 68 -73.19 1.34 16.14
N VAL I 69 -72.25 2.21 15.76
CA VAL I 69 -71.29 2.81 16.69
C VAL I 69 -71.99 4.01 17.36
N VAL I 70 -72.02 4.01 18.69
CA VAL I 70 -72.68 5.05 19.48
C VAL I 70 -71.79 6.25 19.76
N SER I 71 -70.52 6.01 20.13
CA SER I 71 -69.57 7.06 20.44
C SER I 71 -68.72 7.38 19.22
N PHE I 72 -68.84 8.61 18.72
CA PHE I 72 -68.14 9.08 17.53
C PHE I 72 -68.19 10.59 17.37
N ASP I 73 -67.12 11.14 16.75
CA ASP I 73 -66.99 12.55 16.40
C ASP I 73 -66.78 12.66 14.90
N ALA I 74 -67.87 12.91 14.16
CA ALA I 74 -67.84 12.98 12.70
C ALA I 74 -67.06 14.16 12.13
N LYS I 75 -66.90 15.23 12.92
CA LYS I 75 -66.19 16.43 12.51
C LYS I 75 -64.70 16.22 12.38
N ASN I 76 -64.13 15.37 13.24
CA ASN I 76 -62.70 15.10 13.19
C ASN I 76 -62.34 13.70 12.63
N GLY I 77 -63.35 12.87 12.37
CA GLY I 77 -63.17 11.52 11.84
C GLY I 77 -62.64 10.53 12.86
N THR I 78 -63.24 10.52 14.07
CA THR I 78 -62.85 9.65 15.17
C THR I 78 -64.06 8.89 15.70
N LEU I 79 -63.84 7.62 16.06
CA LEU I 79 -64.90 6.81 16.65
C LEU I 79 -64.40 5.84 17.72
N LYS I 80 -65.30 5.47 18.65
CA LYS I 80 -65.01 4.53 19.74
C LYS I 80 -66.09 3.43 19.80
N TYR I 81 -65.71 2.22 19.31
CA TYR I 81 -66.59 1.06 19.31
C TYR I 81 -66.17 0.10 20.42
N VAL I 82 -67.10 -0.19 21.35
CA VAL I 82 -66.87 -1.16 22.42
C VAL I 82 -67.36 -2.52 21.90
N ALA I 83 -66.49 -3.54 21.98
CA ALA I 83 -66.80 -4.88 21.49
C ALA I 83 -67.93 -5.52 22.30
N SER I 84 -69.02 -5.88 21.60
CA SER I 84 -70.21 -6.49 22.20
C SER I 84 -70.08 -8.00 22.32
N ASP I 85 -71.12 -8.63 22.91
CA ASP I 85 -71.21 -10.08 23.11
C ASP I 85 -71.19 -10.78 21.76
N ASN I 86 -71.83 -10.16 20.73
CA ASN I 86 -71.87 -10.71 19.39
C ASN I 86 -70.49 -10.66 18.77
N ALA I 87 -69.78 -9.53 18.95
CA ALA I 87 -68.45 -9.31 18.40
C ALA I 87 -67.41 -10.33 18.91
N LEU I 88 -67.51 -10.69 20.20
CA LEU I 88 -66.60 -11.61 20.87
C LEU I 88 -67.02 -13.07 20.74
N GLN I 89 -68.25 -13.32 20.25
CA GLN I 89 -68.81 -14.66 20.07
C GLN I 89 -67.96 -15.55 19.15
N PHE I 90 -67.41 -14.94 18.06
CA PHE I 90 -66.63 -15.64 17.05
C PHE I 90 -65.15 -15.74 17.39
N VAL I 91 -64.78 -16.86 17.99
CA VAL I 91 -63.39 -17.11 18.39
C VAL I 91 -62.65 -17.57 17.17
N GLY I 92 -61.58 -16.86 16.83
CA GLY I 92 -60.77 -17.14 15.67
C GLY I 92 -60.25 -15.90 14.97
N ARG I 93 -59.66 -16.11 13.78
CA ARG I 93 -59.07 -15.03 12.99
C ARG I 93 -60.10 -14.48 12.01
N ASN I 94 -60.72 -13.33 12.35
CA ASN I 94 -61.77 -12.72 11.54
C ASN I 94 -61.32 -11.42 10.85
N GLU I 95 -62.14 -10.93 9.88
CA GLU I 95 -61.92 -9.70 9.11
C GLU I 95 -63.01 -8.69 9.49
N ALA I 96 -62.66 -7.42 9.75
CA ALA I 96 -63.64 -6.39 10.10
C ALA I 96 -63.32 -5.05 9.44
N TYR I 97 -64.31 -4.15 9.37
CA TYR I 97 -64.17 -2.81 8.78
C TYR I 97 -65.29 -1.91 9.28
N PHE I 98 -65.17 -0.61 9.04
CA PHE I 98 -66.22 0.31 9.46
C PHE I 98 -66.94 0.94 8.27
N SER I 99 -68.30 0.88 8.28
CA SER I 99 -69.20 1.44 7.26
C SER I 99 -69.84 2.71 7.76
N PHE I 100 -70.11 3.62 6.84
CA PHE I 100 -70.74 4.90 7.15
C PHE I 100 -71.87 5.11 6.20
N ARG I 101 -73.12 5.14 6.71
CA ARG I 101 -74.27 5.35 5.81
C ARG I 101 -75.35 6.25 6.34
N LYS I 102 -75.95 7.01 5.41
CA LYS I 102 -77.08 7.90 5.62
C LYS I 102 -78.21 7.33 4.78
N GLN I 103 -79.29 6.89 5.44
CA GLN I 103 -80.49 6.30 4.83
C GLN I 103 -81.80 7.08 5.21
N GLU I 104 -82.87 6.90 4.39
CA GLU I 104 -84.16 7.53 4.65
C GLU I 104 -85.06 6.59 5.43
N GLY I 105 -85.56 5.56 4.76
CA GLY I 105 -86.45 4.58 5.36
C GLY I 105 -86.12 3.22 4.79
N GLY I 106 -84.96 2.72 5.19
CA GLY I 106 -84.45 1.46 4.67
C GLY I 106 -83.58 1.67 3.45
N ARG I 107 -84.01 2.60 2.55
CA ARG I 107 -83.27 2.95 1.33
C ARG I 107 -82.06 3.79 1.69
N TRP I 108 -80.86 3.31 1.30
CA TRP I 108 -79.61 4.03 1.54
C TRP I 108 -79.26 4.90 0.35
N ILE I 109 -78.70 6.08 0.62
CA ILE I 109 -78.29 6.93 -0.48
C ILE I 109 -76.80 6.77 -0.67
N GLU I 110 -76.00 7.09 0.36
CA GLU I 110 -74.55 7.00 0.27
C GLU I 110 -74.01 6.07 1.35
N GLN I 111 -72.98 5.26 1.04
CA GLN I 111 -72.32 4.38 2.02
C GLN I 111 -70.83 4.14 1.74
N PHE I 112 -69.94 4.84 2.41
CA PHE I 112 -68.51 4.61 2.20
C PHE I 112 -67.94 3.84 3.37
N SER I 113 -66.98 2.95 3.08
CA SER I 113 -66.36 2.12 4.12
C SER I 113 -64.83 2.19 4.11
N THR I 114 -64.24 1.92 5.29
CA THR I 114 -62.78 1.89 5.49
C THR I 114 -62.16 0.59 4.99
N ARG I 115 -60.82 0.52 4.95
CA ARG I 115 -60.13 -0.69 4.53
C ARG I 115 -60.31 -1.77 5.58
N THR I 116 -60.16 -3.03 5.17
CA THR I 116 -60.33 -4.17 6.07
C THR I 116 -59.13 -4.30 7.03
N PHE I 117 -59.44 -4.62 8.29
CA PHE I 117 -58.43 -4.86 9.32
C PHE I 117 -58.70 -6.20 9.98
N HIS I 118 -57.66 -6.84 10.48
CA HIS I 118 -57.88 -8.11 11.13
C HIS I 118 -58.44 -7.88 12.49
N TYR I 119 -59.40 -8.72 12.85
CA TYR I 119 -60.09 -8.69 14.13
C TYR I 119 -60.04 -10.10 14.70
N ILE I 120 -59.02 -10.38 15.53
CA ILE I 120 -58.88 -11.72 16.09
C ILE I 120 -59.36 -11.84 17.55
N VAL I 121 -60.09 -12.93 17.85
CA VAL I 121 -60.62 -13.21 19.19
C VAL I 121 -59.95 -14.48 19.74
N GLU I 122 -59.20 -14.33 20.85
CA GLU I 122 -58.54 -15.43 21.52
C GLU I 122 -59.56 -16.16 22.39
N LYS I 123 -59.44 -17.47 22.48
CA LYS I 123 -60.32 -18.29 23.33
C LYS I 123 -60.10 -17.99 24.82
N SER I 124 -61.18 -18.02 25.62
CA SER I 124 -61.14 -17.78 27.08
C SER I 124 -61.46 -19.11 27.78
N ILE I 125 -61.45 -19.12 29.14
CA ILE I 125 -61.82 -20.34 29.90
C ILE I 125 -63.33 -20.61 29.84
N TYR I 126 -64.07 -19.58 29.41
CA TYR I 126 -65.52 -19.58 29.25
C TYR I 126 -65.93 -20.09 27.88
N SER I 127 -65.07 -19.89 26.84
CA SER I 127 -65.31 -20.35 25.47
C SER I 127 -64.86 -21.79 25.25
N GLN I 128 -63.71 -22.17 25.85
CA GLN I 128 -63.12 -23.50 25.70
C GLN I 128 -64.01 -24.61 26.28
N PRO I 129 -64.38 -25.63 25.46
CA PRO I 129 -65.21 -26.72 25.97
C PRO I 129 -64.43 -27.61 26.91
N PHE I 130 -65.09 -28.09 27.98
CA PHE I 130 -64.47 -28.93 28.99
C PHE I 130 -65.38 -30.08 29.39
N LYS I 131 -64.80 -31.14 29.96
CA LYS I 131 -65.50 -32.34 30.36
C LYS I 131 -65.99 -32.31 31.81
N ASP I 132 -67.29 -32.47 32.01
CA ASP I 132 -67.91 -32.50 33.33
C ASP I 132 -69.05 -33.51 33.31
N SER I 133 -69.11 -34.37 34.35
CA SER I 133 -70.14 -35.41 34.51
C SER I 133 -70.32 -36.27 33.26
N ASN I 134 -69.21 -36.78 32.69
CA ASN I 134 -69.10 -37.62 31.47
C ASN I 134 -69.51 -36.95 30.15
N TYR I 135 -69.89 -35.66 30.18
CA TYR I 135 -70.34 -34.89 29.02
C TYR I 135 -69.43 -33.68 28.81
N TRP I 136 -69.44 -33.12 27.59
CA TRP I 136 -68.66 -31.93 27.22
C TRP I 136 -69.56 -30.73 27.35
N TRP I 137 -69.05 -29.69 28.02
CA TRP I 137 -69.82 -28.48 28.28
C TRP I 137 -69.01 -27.23 28.00
N THR I 138 -69.72 -26.11 27.73
CA THR I 138 -69.15 -24.77 27.59
C THR I 138 -69.83 -23.92 28.67
N PHE I 139 -69.09 -23.04 29.36
CA PHE I 139 -69.58 -22.24 30.48
C PHE I 139 -71.04 -21.74 30.41
N LYS I 140 -71.40 -21.15 29.26
CA LYS I 140 -72.71 -20.58 28.98
C LYS I 140 -73.84 -21.59 29.17
N GLU I 141 -73.61 -22.85 28.69
CA GLU I 141 -74.56 -23.97 28.78
C GLU I 141 -74.84 -24.39 30.23
N LEU I 142 -73.80 -24.46 31.06
CA LEU I 142 -74.00 -24.82 32.44
C LEU I 142 -74.60 -23.66 33.19
N TYR I 143 -74.07 -22.44 32.95
CA TYR I 143 -74.52 -21.23 33.64
C TYR I 143 -76.01 -20.96 33.46
N ARG I 144 -76.56 -21.35 32.31
CA ARG I 144 -78.00 -21.20 32.09
C ARG I 144 -78.82 -22.26 32.83
N ILE I 145 -78.32 -23.51 32.89
CA ILE I 145 -79.01 -24.62 33.56
C ILE I 145 -79.02 -24.43 35.06
N PHE I 146 -77.89 -23.99 35.62
CA PHE I 146 -77.76 -23.75 37.05
C PHE I 146 -78.66 -22.61 37.53
N ASN I 147 -78.74 -21.52 36.73
CA ASN I 147 -79.60 -20.36 37.01
C ASN I 147 -81.07 -20.70 36.80
N LYS I 148 -81.34 -21.73 35.98
CA LYS I 148 -82.69 -22.25 35.74
C LYS I 148 -83.12 -23.06 36.96
N TYR I 149 -82.19 -23.82 37.55
CA TYR I 149 -82.46 -24.61 38.74
C TYR I 149 -82.80 -23.69 39.91
N ILE I 150 -82.14 -22.55 40.01
CA ILE I 150 -82.38 -21.59 41.08
C ILE I 150 -83.76 -20.94 40.92
N GLU I 151 -84.07 -20.51 39.69
CA GLU I 151 -85.31 -19.86 39.32
C GLU I 151 -86.50 -20.76 39.54
N ASP I 152 -86.45 -21.96 38.95
CA ASP I 152 -87.52 -22.96 39.03
C ASP I 152 -87.65 -23.58 40.44
N GLY I 153 -86.54 -23.66 41.18
CA GLY I 153 -86.54 -24.13 42.57
C GLY I 153 -87.12 -23.08 43.50
N LYS I 154 -86.92 -21.80 43.14
CA LYS I 154 -87.43 -20.65 43.88
C LYS I 154 -88.95 -20.56 43.73
N LYS I 155 -89.47 -20.81 42.52
CA LYS I 155 -90.89 -20.79 42.25
C LYS I 155 -91.59 -22.01 42.84
N SER I 156 -90.91 -23.18 42.77
CA SER I 156 -91.45 -24.45 43.29
C SER I 156 -91.57 -24.37 44.79
N TRP I 157 -90.74 -23.59 45.44
CA TRP I 157 -90.81 -23.44 46.89
C TRP I 157 -91.88 -22.41 47.26
N GLU I 158 -92.00 -21.38 46.45
CA GLU I 158 -92.99 -20.32 46.61
C GLU I 158 -94.40 -20.91 46.46
N GLN I 159 -94.53 -21.83 45.48
CA GLN I 159 -95.75 -22.57 45.17
C GLN I 159 -96.07 -23.51 46.34
N PHE I 160 -95.03 -24.17 46.91
CA PHE I 160 -95.11 -25.11 48.03
C PHE I 160 -95.69 -24.48 49.26
N VAL I 161 -95.16 -23.33 49.65
CA VAL I 161 -95.63 -22.58 50.83
C VAL I 161 -97.04 -21.97 50.63
N GLU I 162 -97.36 -21.57 49.39
CA GLU I 162 -98.65 -20.98 49.04
C GLU I 162 -99.76 -22.04 49.07
N ALA I 163 -99.51 -23.20 48.41
CA ALA I 163 -100.44 -24.32 48.33
C ALA I 163 -100.65 -24.99 49.69
N ASN I 164 -99.59 -25.10 50.51
CA ASN I 164 -99.69 -25.71 51.84
C ASN I 164 -100.37 -24.83 52.85
N ARG I 165 -100.28 -23.50 52.65
CA ARG I 165 -100.90 -22.51 53.54
C ARG I 165 -102.41 -22.52 53.41
N GLU I 166 -102.92 -22.60 52.17
CA GLU I 166 -104.35 -22.63 51.89
C GLU I 166 -105.07 -23.94 52.29
N ILE I 167 -104.30 -25.00 52.60
CA ILE I 167 -104.85 -26.27 53.08
C ILE I 167 -105.38 -26.08 54.52
N LEU I 168 -104.58 -25.43 55.38
CA LEU I 168 -104.96 -25.12 56.77
C LEU I 168 -105.81 -23.83 56.89
N GLU I 169 -105.68 -22.92 55.92
CA GLU I 169 -106.35 -21.62 55.94
C GLU I 169 -107.63 -21.44 55.11
N SER I 170 -107.66 -21.96 53.86
CA SER I 170 -108.80 -21.76 52.97
C SER I 170 -109.80 -22.90 53.09
N ILE I 171 -109.33 -24.07 53.51
CA ILE I 171 -110.17 -25.25 53.65
C ILE I 171 -110.80 -25.37 55.06
N ASP I 172 -110.43 -24.45 55.99
CA ASP I 172 -111.02 -24.46 57.34
C ASP I 172 -111.63 -23.11 57.78
N PRO I 173 -112.88 -23.11 58.38
CA PRO I 173 -113.49 -21.84 58.83
C PRO I 173 -112.79 -21.22 60.05
N GLY I 174 -112.28 -22.09 60.93
CA GLY I 174 -111.53 -21.74 62.13
C GLY I 174 -110.03 -21.97 62.00
N GLY I 175 -109.58 -22.55 60.89
CA GLY I 175 -108.17 -22.83 60.62
C GLY I 175 -107.35 -21.61 60.22
N VAL I 176 -108.04 -20.59 59.66
CA VAL I 176 -107.47 -19.29 59.26
C VAL I 176 -106.85 -18.66 60.50
N LEU I 177 -107.55 -18.75 61.65
CA LEU I 177 -107.13 -18.21 62.95
C LEU I 177 -105.76 -18.78 63.37
N LEU I 178 -105.57 -20.10 63.25
CA LEU I 178 -104.32 -20.75 63.65
C LEU I 178 -103.14 -20.29 62.81
N ALA I 179 -103.39 -20.08 61.51
CA ALA I 179 -102.41 -19.62 60.53
C ALA I 179 -102.00 -18.18 60.81
N LYS I 180 -102.95 -17.32 61.20
CA LYS I 180 -102.68 -15.92 61.49
C LYS I 180 -101.96 -15.74 62.82
N VAL I 181 -102.30 -16.56 63.82
CA VAL I 181 -101.70 -16.47 65.16
C VAL I 181 -100.26 -16.96 65.20
N ILE I 182 -100.03 -18.09 64.54
CA ILE I 182 -98.72 -18.73 64.50
C ILE I 182 -97.57 -17.85 63.98
N ASP I 183 -97.87 -16.98 62.99
CA ASP I 183 -96.92 -16.03 62.39
C ASP I 183 -96.87 -14.67 63.11
N ILE I 184 -98.00 -14.25 63.73
CA ILE I 184 -98.06 -12.99 64.47
C ILE I 184 -97.29 -13.14 65.79
N GLU I 185 -97.26 -14.36 66.35
CA GLU I 185 -96.50 -14.66 67.56
C GLU I 185 -94.99 -14.60 67.24
N LYS I 186 -94.65 -14.98 65.99
CA LYS I 186 -93.29 -14.95 65.47
C LYS I 186 -92.87 -13.49 65.28
N ILE I 187 -93.80 -12.63 64.87
CA ILE I 187 -93.51 -11.21 64.68
C ILE I 187 -93.35 -10.51 66.03
N VAL I 188 -94.24 -10.82 66.98
CA VAL I 188 -94.24 -10.22 68.32
C VAL I 188 -93.00 -10.46 69.20
N ASN I 189 -92.36 -11.62 69.05
CA ASN I 189 -91.19 -11.94 69.84
C ASN I 189 -89.88 -11.55 69.08
N GLU I 190 -89.99 -10.94 67.88
CA GLU I 190 -88.82 -10.52 67.07
C GLU I 190 -88.75 -9.02 66.84
N LYS I 191 -89.87 -8.39 66.46
CA LYS I 191 -89.94 -6.96 66.15
C LYS I 191 -90.49 -6.08 67.28
N VAL I 192 -91.27 -6.66 68.21
CA VAL I 192 -91.90 -5.90 69.31
C VAL I 192 -91.06 -6.17 70.59
N PRO I 193 -90.85 -5.16 71.50
CA PRO I 193 -90.10 -5.42 72.75
C PRO I 193 -91.07 -6.21 73.65
N ALA I 194 -90.88 -7.53 73.67
CA ALA I 194 -91.77 -8.45 74.36
C ALA I 194 -91.50 -8.85 75.82
N GLY I 195 -90.56 -9.79 76.03
CA GLY I 195 -90.28 -10.32 77.35
C GLY I 195 -88.80 -10.56 77.62
N PHE I 196 -88.03 -9.47 77.52
CA PHE I 196 -86.60 -9.46 77.81
C PHE I 196 -86.16 -8.09 78.33
N LYS I 197 -86.05 -8.00 79.66
CA LYS I 197 -85.66 -6.79 80.38
C LYS I 197 -84.22 -6.83 80.87
N PHE I 198 -83.50 -5.74 80.63
CA PHE I 198 -82.12 -5.58 81.08
C PHE I 198 -81.95 -4.27 81.80
N VAL I 199 -81.52 -4.35 83.07
CA VAL I 199 -81.31 -3.22 83.97
C VAL I 199 -79.90 -2.68 83.80
N LEU I 200 -79.80 -1.36 83.54
CA LEU I 200 -78.54 -0.65 83.39
C LEU I 200 -78.44 0.47 84.42
N GLU I 201 -77.54 0.32 85.39
CA GLU I 201 -77.32 1.30 86.44
C GLU I 201 -76.34 2.37 85.95
N HIS I 202 -76.64 3.64 86.23
CA HIS I 202 -75.82 4.76 85.80
C HIS I 202 -75.55 5.81 86.89
N ASP I 203 -74.75 6.83 86.53
CA ASP I 203 -74.35 7.92 87.42
C ASP I 203 -75.26 9.11 87.29
N SER I 204 -75.91 9.26 86.13
CA SER I 204 -76.81 10.38 85.82
C SER I 204 -78.10 10.38 86.64
N GLU I 205 -78.62 11.58 86.89
CA GLU I 205 -79.85 11.75 87.65
C GLU I 205 -81.04 11.82 86.70
N TYR I 206 -80.77 11.90 85.40
CA TYR I 206 -81.79 12.02 84.38
C TYR I 206 -82.12 10.70 83.64
N GLN I 207 -82.62 10.81 82.39
CA GLN I 207 -83.02 9.68 81.53
C GLN I 207 -82.08 9.54 80.33
N PRO I 208 -81.01 8.73 80.43
CA PRO I 208 -80.09 8.58 79.31
C PRO I 208 -80.64 7.69 78.19
N GLU I 209 -80.35 8.05 76.93
CA GLU I 209 -80.82 7.28 75.78
C GLU I 209 -79.95 6.06 75.59
N VAL I 210 -80.59 4.91 75.41
CA VAL I 210 -79.90 3.63 75.22
C VAL I 210 -80.25 3.09 73.84
N LYS I 211 -79.21 2.62 73.13
CA LYS I 211 -79.33 2.02 71.80
C LYS I 211 -78.77 0.59 71.87
N VAL I 212 -79.57 -0.39 71.43
CA VAL I 212 -79.15 -1.80 71.48
C VAL I 212 -79.01 -2.41 70.10
N THR I 213 -77.88 -3.13 69.87
CA THR I 213 -77.54 -3.84 68.63
C THR I 213 -77.11 -5.28 68.90
N SER I 214 -77.53 -6.21 68.02
CA SER I 214 -77.19 -7.63 68.15
C SER I 214 -76.45 -8.10 66.92
N TYR I 215 -75.34 -8.81 67.12
CA TYR I 215 -74.49 -9.35 66.05
C TYR I 215 -73.75 -10.63 66.47
N LYS I 216 -73.55 -11.53 65.51
CA LYS I 216 -72.86 -12.79 65.74
C LYS I 216 -71.47 -12.75 65.10
N ASN I 217 -70.52 -13.58 65.59
CA ASN I 217 -69.14 -13.73 65.08
C ASN I 217 -68.35 -12.43 65.02
N ALA I 218 -68.45 -11.62 66.09
CA ALA I 218 -67.76 -10.34 66.23
C ALA I 218 -66.26 -10.55 66.43
N ILE I 219 -65.47 -9.47 66.44
CA ILE I 219 -64.04 -9.55 66.62
C ILE I 219 -63.60 -10.25 67.93
N GLY I 220 -62.93 -11.38 67.79
CA GLY I 220 -62.44 -12.16 68.92
C GLY I 220 -63.50 -12.90 69.73
N THR I 221 -64.61 -13.30 69.10
CA THR I 221 -65.71 -14.05 69.73
C THR I 221 -66.02 -15.34 69.00
N GLU I 222 -65.35 -15.57 67.85
CA GLU I 222 -65.54 -16.76 67.01
C GLU I 222 -65.08 -18.03 67.75
N THR I 223 -65.78 -19.14 67.48
CA THR I 223 -65.55 -20.44 68.11
C THR I 223 -64.13 -21.01 67.95
N ASP I 224 -63.61 -21.01 66.72
CA ASP I 224 -62.28 -21.58 66.42
C ASP I 224 -61.13 -20.56 66.39
N GLY I 225 -61.27 -19.48 67.17
CA GLY I 225 -60.27 -18.42 67.30
C GLY I 225 -60.49 -17.21 66.41
N PHE I 226 -59.46 -16.38 66.27
CA PHE I 226 -59.49 -15.16 65.47
C PHE I 226 -59.59 -15.49 63.96
N ASP I 227 -60.47 -14.77 63.23
CA ASP I 227 -60.72 -14.92 61.79
C ASP I 227 -61.00 -16.38 61.38
N SER I 228 -61.81 -17.06 62.18
CA SER I 228 -62.21 -18.43 61.91
C SER I 228 -63.67 -18.49 61.45
N GLY I 229 -64.42 -17.43 61.75
CA GLY I 229 -65.83 -17.30 61.40
C GLY I 229 -66.08 -17.02 59.93
N PRO I 230 -67.35 -17.23 59.44
CA PRO I 230 -67.63 -17.01 58.01
C PRO I 230 -67.54 -15.55 57.54
N VAL I 231 -67.91 -14.61 58.42
CA VAL I 231 -67.85 -13.17 58.12
C VAL I 231 -66.92 -12.48 59.10
N PHE I 232 -65.74 -12.09 58.61
CA PHE I 232 -64.74 -11.44 59.43
C PHE I 232 -65.19 -10.08 59.98
N GLY I 233 -65.00 -9.88 61.28
CA GLY I 233 -65.30 -8.62 61.96
C GLY I 233 -66.75 -8.42 62.41
N GLY I 234 -67.55 -9.48 62.33
CA GLY I 234 -68.95 -9.47 62.72
C GLY I 234 -69.87 -9.73 61.54
N GLY I 235 -70.89 -10.55 61.74
CA GLY I 235 -71.83 -10.88 60.68
C GLY I 235 -72.82 -9.77 60.37
N THR I 236 -74.10 -10.06 60.61
CA THR I 236 -75.18 -9.12 60.38
C THR I 236 -75.50 -8.44 61.69
N ILE I 237 -75.64 -7.10 61.63
CA ILE I 237 -75.95 -6.24 62.79
C ILE I 237 -77.44 -5.89 62.80
N TYR I 238 -78.14 -6.25 63.87
CA TYR I 238 -79.56 -6.00 63.97
C TYR I 238 -79.82 -4.93 65.02
N ASN I 239 -80.52 -3.83 64.62
CA ASN I 239 -80.88 -2.76 65.54
C ASN I 239 -82.07 -3.24 66.33
N VAL I 240 -81.83 -3.56 67.60
CA VAL I 240 -82.81 -4.13 68.52
C VAL I 240 -83.88 -3.09 68.90
N PRO I 241 -85.19 -3.37 68.62
CA PRO I 241 -86.24 -2.42 69.01
C PRO I 241 -86.36 -2.43 70.52
N VAL I 242 -86.40 -1.23 71.11
CA VAL I 242 -86.42 -1.07 72.57
C VAL I 242 -87.57 -0.21 73.08
N SER I 243 -88.04 -0.55 74.30
CA SER I 243 -89.05 0.18 75.06
C SER I 243 -88.38 0.54 76.37
N LEU I 244 -88.09 1.84 76.53
CA LEU I 244 -87.36 2.35 77.68
C LEU I 244 -88.22 2.74 78.90
N SER I 245 -87.76 2.32 80.08
CA SER I 245 -88.38 2.55 81.39
C SER I 245 -87.29 3.08 82.35
N TYR I 246 -87.60 4.14 83.11
CA TYR I 246 -86.60 4.78 83.98
C TYR I 246 -86.98 4.97 85.45
N ASP I 247 -85.97 4.76 86.33
CA ASP I 247 -86.03 4.98 87.78
C ASP I 247 -84.77 5.78 88.15
N ARG I 248 -84.60 6.16 89.42
CA ARG I 248 -83.42 6.92 89.85
C ARG I 248 -82.16 6.08 89.65
N GLN I 249 -81.27 6.56 88.74
CA GLN I 249 -80.01 5.90 88.39
C GLN I 249 -80.15 4.44 87.87
N LYS I 250 -81.30 4.13 87.25
CA LYS I 250 -81.62 2.82 86.70
C LYS I 250 -82.41 2.96 85.39
N VAL I 251 -81.99 2.20 84.36
CA VAL I 251 -82.63 2.12 83.03
C VAL I 251 -83.12 0.69 82.80
N TYR I 252 -84.43 0.52 82.59
CA TYR I 252 -85.06 -0.77 82.30
C TYR I 252 -85.30 -0.82 80.80
N VAL I 253 -84.53 -1.67 80.11
CA VAL I 253 -84.58 -1.83 78.65
C VAL I 253 -85.41 -3.06 78.30
N GLU I 254 -86.50 -2.84 77.58
CA GLU I 254 -87.37 -3.94 77.18
C GLU I 254 -87.07 -4.28 75.74
N MET I 255 -86.83 -5.56 75.49
CA MET I 255 -86.42 -6.03 74.16
C MET I 255 -87.22 -7.28 73.75
N PRO I 256 -87.29 -7.60 72.43
CA PRO I 256 -88.02 -8.81 72.01
C PRO I 256 -87.42 -10.11 72.58
N LYS I 257 -88.27 -11.13 72.72
CA LYS I 257 -87.94 -12.45 73.28
C LYS I 257 -86.91 -13.23 72.44
N SER I 258 -86.77 -12.89 71.15
CA SER I 258 -85.77 -13.52 70.29
C SER I 258 -84.36 -13.05 70.64
N TYR I 259 -84.24 -11.84 71.18
CA TYR I 259 -82.94 -11.31 71.58
C TYR I 259 -82.56 -11.69 73.01
N THR I 260 -83.23 -12.71 73.58
CA THR I 260 -82.96 -13.19 74.95
C THR I 260 -81.61 -13.88 74.94
N LEU I 261 -80.66 -13.35 75.71
CA LEU I 261 -79.30 -13.85 75.78
C LEU I 261 -78.75 -13.79 77.20
N ALA I 262 -78.41 -14.95 77.75
CA ALA I 262 -77.83 -15.04 79.09
C ALA I 262 -76.37 -15.47 78.97
N GLY I 263 -75.48 -14.48 79.04
CA GLY I 263 -74.05 -14.70 78.93
C GLY I 263 -73.24 -13.85 79.89
N ASP I 264 -71.98 -13.61 79.55
CA ASP I 264 -71.06 -12.83 80.34
C ASP I 264 -71.25 -11.34 80.09
N ILE I 265 -71.36 -10.57 81.18
CA ILE I 265 -71.56 -9.12 81.13
C ILE I 265 -70.21 -8.42 81.23
N ILE I 266 -69.84 -7.70 80.16
CA ILE I 266 -68.58 -6.99 80.09
C ILE I 266 -68.82 -5.50 80.03
N LEU I 267 -68.22 -4.77 80.96
CA LEU I 267 -68.35 -3.32 81.05
C LEU I 267 -67.09 -2.68 80.53
N ILE I 268 -67.25 -1.77 79.56
CA ILE I 268 -66.14 -1.02 78.95
C ILE I 268 -66.10 0.32 79.69
N ASP I 269 -64.92 0.97 79.71
CA ASP I 269 -64.54 2.24 80.38
C ASP I 269 -65.56 3.42 80.33
N ASP I 270 -66.43 3.44 79.29
CA ASP I 270 -67.40 4.51 79.06
C ASP I 270 -68.87 4.06 79.18
N GLY I 271 -69.75 4.73 78.45
CA GLY I 271 -71.17 4.38 78.37
C GLY I 271 -71.43 3.25 77.38
N THR I 272 -70.70 2.12 77.51
CA THR I 272 -70.87 0.91 76.68
C THR I 272 -70.71 -0.40 77.47
N LEU I 273 -71.65 -1.34 77.26
CA LEU I 273 -71.72 -2.65 77.92
C LEU I 273 -72.07 -3.74 76.91
N LEU I 274 -71.44 -4.91 77.04
CA LEU I 274 -71.68 -6.05 76.17
C LEU I 274 -72.11 -7.26 76.95
N VAL I 275 -72.97 -8.09 76.32
CA VAL I 275 -73.41 -9.38 76.83
C VAL I 275 -72.97 -10.38 75.77
N ILE I 276 -71.95 -11.19 76.11
CA ILE I 276 -71.39 -12.17 75.17
C ILE I 276 -71.72 -13.62 75.52
N LYS I 277 -72.39 -14.31 74.59
CA LYS I 277 -72.68 -15.73 74.69
C LYS I 277 -72.06 -16.52 73.54
N GLU I 278 -70.80 -16.96 73.75
CA GLU I 278 -69.94 -17.63 72.77
C GLU I 278 -69.85 -16.58 71.66
N THR I 279 -70.41 -16.87 70.47
CA THR I 279 -70.42 -15.99 69.30
C THR I 279 -71.42 -14.83 69.31
N GLN I 280 -72.61 -15.05 69.91
CA GLN I 280 -73.68 -14.06 69.99
C GLN I 280 -73.33 -12.94 70.96
N VAL I 281 -73.35 -11.68 70.47
CA VAL I 281 -73.03 -10.48 71.25
C VAL I 281 -74.21 -9.50 71.20
N LEU I 282 -74.58 -8.97 72.36
CA LEU I 282 -75.64 -7.97 72.52
C LEU I 282 -74.96 -6.72 73.07
N CYS I 283 -74.98 -5.65 72.27
CA CYS I 283 -74.32 -4.38 72.59
C CYS I 283 -75.28 -3.30 73.12
N PHE I 284 -74.89 -2.62 74.22
CA PHE I 284 -75.64 -1.55 74.86
C PHE I 284 -74.86 -0.25 74.85
N LYS I 285 -75.37 0.76 74.13
CA LYS I 285 -74.71 2.05 74.01
C LYS I 285 -75.55 3.14 74.66
N MET I 286 -74.98 3.78 75.68
CA MET I 286 -75.65 4.80 76.46
C MET I 286 -75.00 6.17 76.30
N SER I 287 -75.84 7.17 76.02
CA SER I 287 -75.42 8.55 75.80
C SER I 287 -75.69 9.45 77.01
N ASP I 288 -74.80 10.43 77.26
CA ASP I 288 -74.85 11.41 78.34
C ASP I 288 -74.70 10.85 79.77
N ALA I 289 -74.37 9.55 79.91
CA ALA I 289 -74.18 8.91 81.22
C ALA I 289 -73.19 7.74 81.17
N LYS I 290 -72.68 7.32 82.35
CA LYS I 290 -71.71 6.24 82.49
C LYS I 290 -72.35 5.03 83.15
N ILE I 291 -72.25 3.85 82.51
CA ILE I 291 -72.79 2.61 83.05
C ILE I 291 -71.92 2.15 84.23
N THR I 292 -72.56 1.83 85.35
CA THR I 292 -71.86 1.37 86.55
C THR I 292 -72.05 -0.11 86.76
N LYS I 293 -73.25 -0.61 86.40
CA LYS I 293 -73.64 -2.01 86.54
C LYS I 293 -74.69 -2.37 85.50
N GLY I 294 -74.67 -3.61 85.08
CA GLY I 294 -75.62 -4.16 84.12
C GLY I 294 -76.01 -5.58 84.49
N TYR I 295 -77.32 -5.87 84.49
CA TYR I 295 -77.83 -7.19 84.85
C TYR I 295 -79.23 -7.42 84.32
N VAL I 296 -79.58 -8.70 84.11
CA VAL I 296 -80.92 -9.09 83.64
C VAL I 296 -81.89 -8.87 84.79
N PHE I 297 -83.10 -8.33 84.48
CA PHE I 297 -84.13 -8.05 85.48
C PHE I 297 -84.62 -9.28 86.23
N VAL I 298 -84.47 -9.26 87.57
CA VAL I 298 -84.93 -10.28 88.52
C VAL I 298 -85.68 -9.52 89.62
N ALA I 299 -86.93 -9.92 89.90
CA ALA I 299 -87.75 -9.29 90.93
C ALA I 299 -88.13 -10.28 92.02
N MET J 1 -67.91 11.73 0.37
CA MET J 1 -67.59 10.57 -0.47
C MET J 1 -66.09 10.40 -0.74
N THR J 2 -65.66 9.13 -0.88
CA THR J 2 -64.26 8.72 -1.12
C THR J 2 -63.80 8.97 -2.56
N GLU J 3 -62.66 9.63 -2.72
CA GLU J 3 -62.12 9.96 -4.03
C GLU J 3 -60.86 9.19 -4.31
N HIS J 4 -60.76 8.59 -5.51
CA HIS J 4 -59.59 7.80 -5.94
C HIS J 4 -58.92 8.49 -7.11
N PHE J 5 -57.82 9.18 -6.84
CA PHE J 5 -57.10 9.96 -7.83
C PHE J 5 -56.14 9.15 -8.67
N ILE J 6 -56.44 9.03 -9.98
CA ILE J 6 -55.60 8.28 -10.93
C ILE J 6 -55.41 9.05 -12.23
N THR J 7 -54.34 8.74 -12.97
CA THR J 7 -54.06 9.38 -14.26
C THR J 7 -54.10 8.30 -15.33
N LEU J 8 -55.04 8.41 -16.29
CA LEU J 8 -55.22 7.42 -17.37
C LEU J 8 -54.82 7.95 -18.74
N SER J 9 -54.04 7.14 -19.46
CA SER J 9 -53.48 7.48 -20.77
C SER J 9 -54.13 6.68 -21.88
N THR J 10 -54.31 7.33 -23.03
CA THR J 10 -54.88 6.74 -24.23
C THR J 10 -53.78 6.08 -25.06
N THR J 11 -52.59 6.67 -25.05
CA THR J 11 -51.48 6.19 -25.84
C THR J 11 -50.46 5.32 -25.07
N GLU J 12 -50.52 5.34 -23.72
CA GLU J 12 -49.59 4.55 -22.91
C GLU J 12 -50.31 3.55 -22.01
N PRO J 13 -49.66 2.40 -21.65
CA PRO J 13 -50.32 1.44 -20.75
C PRO J 13 -50.44 1.97 -19.33
N ASN J 14 -51.60 1.72 -18.69
CA ASN J 14 -51.93 2.15 -17.31
C ASN J 14 -51.56 1.09 -16.24
N ASN J 15 -50.26 0.75 -16.22
CA ASN J 15 -49.71 -0.23 -15.31
C ASN J 15 -49.11 0.40 -14.07
N ASN J 16 -48.55 1.60 -14.23
CA ASN J 16 -47.89 2.32 -13.13
C ASN J 16 -48.83 3.00 -12.13
N ILE J 17 -50.14 2.93 -12.36
CA ILE J 17 -51.14 3.47 -11.43
C ILE J 17 -51.20 2.61 -10.18
N GLY J 18 -51.63 3.21 -9.10
CA GLY J 18 -51.75 2.49 -7.83
C GLY J 18 -52.86 1.47 -7.85
N ILE J 19 -52.98 0.73 -6.76
CA ILE J 19 -54.04 -0.26 -6.59
C ILE J 19 -55.38 0.47 -6.38
N VAL J 20 -56.30 0.31 -7.33
CA VAL J 20 -57.60 0.95 -7.15
C VAL J 20 -58.47 -0.09 -6.47
N LYS J 21 -58.76 0.15 -5.17
CA LYS J 21 -59.52 -0.79 -4.38
C LYS J 21 -60.81 -0.19 -3.96
N LEU J 22 -61.93 -0.89 -4.23
CA LEU J 22 -63.29 -0.48 -3.87
C LEU J 22 -64.04 -1.57 -3.08
N ARG J 23 -65.00 -1.18 -2.23
CA ARG J 23 -65.78 -2.14 -1.43
C ARG J 23 -67.04 -2.54 -2.17
N HIS J 24 -67.49 -3.80 -2.04
CA HIS J 24 -68.68 -4.30 -2.74
C HIS J 24 -70.00 -3.56 -2.45
N ALA J 25 -70.29 -3.32 -1.19
CA ALA J 25 -71.57 -2.68 -0.90
C ALA J 25 -71.33 -1.22 -0.55
N ASP J 26 -71.10 -0.36 -1.56
CA ASP J 26 -70.81 1.04 -1.28
C ASP J 26 -71.72 2.09 -1.91
N VAL J 27 -72.66 1.62 -2.72
CA VAL J 27 -73.62 2.46 -3.42
C VAL J 27 -72.95 3.60 -4.21
N ASN J 28 -73.28 4.87 -3.89
CA ASN J 28 -72.73 6.02 -4.59
C ASN J 28 -71.83 6.81 -3.66
N SER J 29 -70.68 6.22 -3.35
CA SER J 29 -69.68 6.85 -2.51
C SER J 29 -68.32 6.78 -3.15
N GLN J 30 -67.93 5.56 -3.63
CA GLN J 30 -66.63 5.27 -4.23
C GLN J 30 -66.43 5.92 -5.61
N ALA J 31 -65.81 7.10 -5.62
CA ALA J 31 -65.61 7.88 -6.85
C ALA J 31 -64.20 7.83 -7.34
N ILE J 32 -64.09 7.72 -8.66
CA ILE J 32 -62.82 7.64 -9.36
C ILE J 32 -62.53 8.91 -10.13
N VAL J 33 -61.55 9.67 -9.63
CA VAL J 33 -61.10 10.91 -10.24
C VAL J 33 -59.96 10.59 -11.19
N ALA J 34 -60.23 10.69 -12.48
CA ALA J 34 -59.25 10.35 -13.51
C ALA J 34 -58.81 11.54 -14.33
N GLN J 35 -57.51 11.65 -14.55
CA GLN J 35 -56.92 12.66 -15.41
C GLN J 35 -56.60 11.96 -16.73
N ILE J 36 -57.17 12.45 -17.82
CA ILE J 36 -56.96 11.85 -19.12
C ILE J 36 -55.72 12.48 -19.78
N VAL J 37 -54.81 11.61 -20.28
CA VAL J 37 -53.56 12.02 -20.91
C VAL J 37 -53.43 11.36 -22.29
N GLU J 38 -52.93 12.12 -23.27
CA GLU J 38 -52.68 11.64 -24.62
C GLU J 38 -51.30 12.13 -25.01
N ASN J 39 -50.36 11.20 -25.22
CA ASN J 39 -48.97 11.49 -25.57
C ASN J 39 -48.29 12.46 -24.57
N GLY J 40 -48.63 12.29 -23.30
CA GLY J 40 -48.07 13.07 -22.19
C GLY J 40 -48.88 14.30 -21.79
N GLN J 41 -49.58 14.89 -22.77
CA GLN J 41 -50.39 16.09 -22.58
C GLN J 41 -51.86 15.79 -22.28
N PRO J 42 -52.57 16.66 -21.52
CA PRO J 42 -53.99 16.41 -21.21
C PRO J 42 -54.86 16.41 -22.46
N LYS J 43 -55.86 15.53 -22.51
CA LYS J 43 -56.74 15.44 -23.68
C LYS J 43 -58.07 16.16 -23.51
N ASN J 44 -58.43 17.03 -24.50
CA ASN J 44 -59.68 17.78 -24.50
C ASN J 44 -60.75 17.01 -25.25
N PHE J 45 -61.69 16.45 -24.49
CA PHE J 45 -62.82 15.71 -25.04
C PHE J 45 -64.07 16.61 -25.11
N GLU J 46 -63.83 17.85 -25.55
CA GLU J 46 -64.85 18.84 -25.70
C GLU J 46 -65.85 18.40 -26.78
N GLY J 47 -67.12 18.26 -26.37
CA GLY J 47 -68.22 17.84 -27.24
C GLY J 47 -68.47 16.34 -27.26
N LEU J 48 -67.70 15.62 -26.43
CA LEU J 48 -67.80 14.17 -26.31
C LEU J 48 -68.19 13.81 -24.87
N GLN J 49 -69.18 12.91 -24.69
CA GLN J 49 -69.64 12.48 -23.37
C GLN J 49 -68.87 11.24 -22.94
N PRO J 50 -68.32 11.26 -21.70
CA PRO J 50 -67.54 10.12 -21.24
C PRO J 50 -68.45 8.99 -20.79
N PHE J 51 -67.99 7.75 -21.05
CA PHE J 51 -68.68 6.52 -20.71
C PHE J 51 -67.76 5.52 -20.01
N PHE J 52 -68.18 5.05 -18.81
CA PHE J 52 -67.41 4.03 -18.08
C PHE J 52 -67.71 2.70 -18.71
N CYS J 53 -66.68 2.00 -19.18
CA CYS J 53 -66.89 0.73 -19.87
C CYS J 53 -66.20 -0.37 -19.13
N LEU J 54 -66.99 -1.25 -18.49
CA LEU J 54 -66.47 -2.38 -17.74
C LEU J 54 -66.60 -3.61 -18.59
N MET J 55 -65.49 -4.28 -18.83
CA MET J 55 -65.49 -5.49 -19.62
C MET J 55 -65.93 -6.69 -18.79
N ALA J 56 -66.78 -7.55 -19.37
CA ALA J 56 -67.27 -8.74 -18.70
C ALA J 56 -66.19 -9.79 -18.58
N GLN J 57 -66.38 -10.74 -17.66
CA GLN J 57 -65.43 -11.82 -17.45
C GLN J 57 -65.48 -12.77 -18.61
N GLU J 58 -64.31 -13.11 -19.12
CA GLU J 58 -64.18 -13.95 -20.30
C GLU J 58 -64.80 -15.35 -20.11
N ALA J 59 -64.84 -15.84 -18.86
CA ALA J 59 -65.35 -17.15 -18.54
C ALA J 59 -66.84 -17.32 -18.79
N THR J 60 -67.65 -16.45 -18.16
CA THR J 60 -69.11 -16.53 -18.23
C THR J 60 -69.71 -15.61 -19.27
N GLY J 61 -69.03 -14.51 -19.54
CA GLY J 61 -69.50 -13.50 -20.47
C GLY J 61 -70.58 -12.63 -19.85
N GLN J 62 -70.49 -12.43 -18.53
CA GLN J 62 -71.45 -11.62 -17.77
C GLN J 62 -70.69 -10.50 -17.05
N GLY J 63 -71.33 -9.34 -16.93
CA GLY J 63 -70.79 -8.18 -16.21
C GLY J 63 -70.34 -6.99 -17.04
N VAL J 64 -70.98 -6.76 -18.20
CA VAL J 64 -70.66 -5.62 -19.09
C VAL J 64 -71.38 -4.41 -18.56
N SER J 65 -70.67 -3.29 -18.43
CA SER J 65 -71.30 -2.07 -17.96
C SER J 65 -70.90 -0.93 -18.82
N GLU J 66 -71.91 -0.33 -19.44
CA GLU J 66 -71.82 0.86 -20.26
C GLU J 66 -72.58 1.91 -19.48
N GLU J 67 -71.84 2.77 -18.78
CA GLU J 67 -72.42 3.80 -17.92
C GLU J 67 -71.99 5.19 -18.34
N SER J 68 -72.96 6.15 -18.36
CA SER J 68 -72.68 7.54 -18.70
C SER J 68 -72.10 8.25 -17.49
N VAL J 69 -70.98 8.93 -17.70
CA VAL J 69 -70.30 9.64 -16.63
C VAL J 69 -70.99 10.99 -16.43
N VAL J 70 -71.47 11.27 -15.21
CA VAL J 70 -72.20 12.49 -14.88
C VAL J 70 -71.28 13.72 -14.76
N SER J 71 -70.34 13.70 -13.80
CA SER J 71 -69.43 14.80 -13.53
C SER J 71 -68.12 14.62 -14.25
N PHE J 72 -67.71 15.64 -15.03
CA PHE J 72 -66.50 15.65 -15.86
C PHE J 72 -66.19 17.06 -16.38
N ASP J 73 -64.90 17.36 -16.58
CA ASP J 73 -64.43 18.61 -17.14
C ASP J 73 -63.68 18.32 -18.43
N ALA J 74 -64.33 18.55 -19.56
CA ALA J 74 -63.74 18.24 -20.86
C ALA J 74 -62.56 19.12 -21.30
N LYS J 75 -62.50 20.39 -20.82
CA LYS J 75 -61.47 21.37 -21.16
C LYS J 75 -60.11 21.00 -20.60
N ASN J 76 -60.06 20.56 -19.34
CA ASN J 76 -58.80 20.18 -18.72
C ASN J 76 -58.49 18.69 -18.84
N GLY J 77 -59.51 17.90 -19.14
CA GLY J 77 -59.40 16.45 -19.30
C GLY J 77 -59.46 15.67 -18.00
N THR J 78 -60.46 15.95 -17.17
CA THR J 78 -60.65 15.26 -15.89
C THR J 78 -62.08 14.74 -15.79
N LEU J 79 -62.26 13.63 -15.10
CA LEU J 79 -63.60 13.09 -14.90
C LEU J 79 -63.74 12.46 -13.53
N LYS J 80 -64.96 12.46 -12.99
CA LYS J 80 -65.20 11.88 -11.69
C LYS J 80 -66.33 10.86 -11.81
N TYR J 81 -65.95 9.59 -12.01
CA TYR J 81 -66.92 8.53 -12.12
C TYR J 81 -67.15 7.86 -10.77
N VAL J 82 -68.42 7.88 -10.29
CA VAL J 82 -68.78 7.22 -9.04
C VAL J 82 -69.17 5.81 -9.38
N ALA J 83 -68.46 4.85 -8.80
CA ALA J 83 -68.69 3.44 -9.07
C ALA J 83 -70.15 3.20 -8.69
N SER J 84 -70.79 2.36 -9.49
CA SER J 84 -72.19 1.96 -9.35
C SER J 84 -72.10 0.53 -8.94
N ASP J 85 -73.20 -0.01 -8.42
CA ASP J 85 -73.34 -1.40 -8.00
C ASP J 85 -73.04 -2.42 -9.09
N ASN J 86 -73.22 -2.01 -10.37
CA ASN J 86 -72.94 -2.88 -11.49
C ASN J 86 -71.44 -2.93 -11.75
N ALA J 87 -70.72 -1.79 -11.43
CA ALA J 87 -69.26 -1.65 -11.60
C ALA J 87 -68.57 -2.60 -10.63
N LEU J 88 -68.95 -2.52 -9.36
CA LEU J 88 -68.45 -3.39 -8.31
C LEU J 88 -69.39 -4.60 -8.04
N GLN J 89 -69.69 -5.34 -9.12
CA GLN J 89 -70.55 -6.52 -9.08
C GLN J 89 -69.74 -7.72 -8.66
N PHE J 90 -68.61 -7.89 -9.31
CA PHE J 90 -67.75 -9.02 -9.06
C PHE J 90 -66.69 -8.70 -8.03
N VAL J 91 -66.61 -9.53 -7.00
CA VAL J 91 -65.62 -9.36 -5.95
C VAL J 91 -64.30 -9.90 -6.49
N GLY J 92 -63.30 -9.04 -6.54
CA GLY J 92 -61.99 -9.38 -7.08
C GLY J 92 -61.57 -8.43 -8.17
N ARG J 93 -60.62 -8.89 -9.00
CA ARG J 93 -60.03 -8.09 -10.07
C ARG J 93 -61.03 -7.78 -11.17
N ASN J 94 -61.06 -6.51 -11.64
CA ASN J 94 -61.95 -6.09 -12.72
C ASN J 94 -61.19 -5.29 -13.79
N GLU J 95 -61.57 -5.46 -15.07
CA GLU J 95 -60.94 -4.83 -16.22
C GLU J 95 -61.91 -3.84 -16.84
N ALA J 96 -61.57 -2.55 -16.80
CA ALA J 96 -62.42 -1.46 -17.32
C ALA J 96 -61.60 -0.34 -17.99
N TYR J 97 -62.29 0.55 -18.69
CA TYR J 97 -61.70 1.71 -19.38
C TYR J 97 -62.79 2.77 -19.55
N PHE J 98 -62.41 3.95 -20.04
CA PHE J 98 -63.35 5.03 -20.28
C PHE J 98 -63.40 5.37 -21.77
N SER J 99 -64.60 5.50 -22.32
CA SER J 99 -64.76 5.85 -23.73
C SER J 99 -65.47 7.19 -23.86
N PHE J 100 -65.12 7.97 -24.89
CA PHE J 100 -65.71 9.30 -25.12
C PHE J 100 -66.30 9.32 -26.52
N ARG J 101 -67.58 9.63 -26.66
CA ARG J 101 -68.20 9.66 -27.99
C ARG J 101 -69.16 10.80 -28.15
N LYS J 102 -69.40 11.18 -29.42
CA LYS J 102 -70.37 12.20 -29.80
C LYS J 102 -71.43 11.58 -30.72
N GLN J 103 -72.70 11.76 -30.35
CA GLN J 103 -73.81 11.16 -31.05
C GLN J 103 -74.75 12.15 -31.74
N GLU J 104 -75.41 11.65 -32.79
CA GLU J 104 -76.41 12.37 -33.56
C GLU J 104 -77.57 11.40 -33.75
N GLY J 105 -78.41 11.34 -32.72
CA GLY J 105 -79.56 10.46 -32.66
C GLY J 105 -79.13 9.06 -32.27
N GLY J 106 -79.05 8.20 -33.28
CA GLY J 106 -78.63 6.81 -33.10
C GLY J 106 -77.37 6.46 -33.86
N ARG J 107 -76.55 7.48 -34.18
CA ARG J 107 -75.32 7.33 -34.95
C ARG J 107 -74.16 8.02 -34.26
N TRP J 108 -73.03 7.28 -34.20
CA TRP J 108 -71.80 7.76 -33.60
C TRP J 108 -71.00 8.57 -34.61
N ILE J 109 -70.55 9.76 -34.21
CA ILE J 109 -69.77 10.64 -35.07
C ILE J 109 -68.28 10.33 -34.90
N GLU J 110 -67.79 10.47 -33.67
CA GLU J 110 -66.40 10.18 -33.29
C GLU J 110 -66.28 9.60 -31.89
N GLN J 111 -65.26 8.75 -31.67
CA GLN J 111 -64.98 8.05 -30.41
C GLN J 111 -63.52 7.70 -30.20
N PHE J 112 -63.09 7.88 -28.97
CA PHE J 112 -61.75 7.52 -28.54
C PHE J 112 -61.82 6.98 -27.12
N SER J 113 -61.00 5.97 -26.83
CA SER J 113 -61.01 5.31 -25.54
C SER J 113 -59.61 5.32 -24.92
N THR J 114 -59.55 5.29 -23.57
CA THR J 114 -58.32 5.19 -22.78
C THR J 114 -57.91 3.76 -22.66
N ARG J 115 -56.61 3.53 -22.46
CA ARG J 115 -56.06 2.20 -22.26
C ARG J 115 -56.67 1.55 -21.02
N THR J 116 -56.90 0.22 -21.10
CA THR J 116 -57.57 -0.53 -20.05
C THR J 116 -56.84 -0.46 -18.74
N PHE J 117 -57.59 -0.32 -17.64
CA PHE J 117 -57.01 -0.31 -16.31
C PHE J 117 -57.63 -1.39 -15.44
N HIS J 118 -56.95 -1.76 -14.36
CA HIS J 118 -57.44 -2.80 -13.45
C HIS J 118 -57.78 -2.25 -12.11
N TYR J 119 -58.88 -2.73 -11.54
CA TYR J 119 -59.28 -2.34 -10.19
C TYR J 119 -59.81 -3.54 -9.44
N ILE J 120 -59.63 -3.55 -8.13
CA ILE J 120 -60.04 -4.66 -7.29
C ILE J 120 -61.24 -4.30 -6.42
N VAL J 121 -62.19 -5.22 -6.32
CA VAL J 121 -63.37 -5.04 -5.50
C VAL J 121 -63.25 -5.94 -4.26
N GLU J 122 -63.27 -5.31 -3.05
CA GLU J 122 -63.16 -5.96 -1.75
C GLU J 122 -64.50 -6.57 -1.33
N LYS J 123 -64.46 -7.68 -0.59
CA LYS J 123 -65.68 -8.34 -0.12
C LYS J 123 -66.33 -7.54 0.98
N SER J 124 -67.66 -7.45 0.97
CA SER J 124 -68.41 -6.72 2.00
C SER J 124 -69.26 -7.73 2.75
N ILE J 125 -69.88 -7.34 3.88
CA ILE J 125 -70.79 -8.20 4.65
C ILE J 125 -72.02 -8.56 3.79
N TYR J 126 -72.43 -7.62 2.90
CA TYR J 126 -73.53 -7.72 1.94
C TYR J 126 -73.03 -8.28 0.61
N SER J 127 -73.90 -9.02 -0.08
CA SER J 127 -73.62 -9.63 -1.39
C SER J 127 -74.85 -9.44 -2.27
N GLN J 128 -74.74 -8.52 -3.21
CA GLN J 128 -75.85 -8.14 -4.08
C GLN J 128 -76.22 -9.20 -5.09
N PRO J 129 -77.48 -9.70 -5.07
CA PRO J 129 -77.86 -10.70 -6.07
C PRO J 129 -78.17 -10.01 -7.39
N PHE J 130 -77.64 -10.58 -8.48
CA PHE J 130 -77.82 -10.04 -9.82
C PHE J 130 -78.62 -10.96 -10.69
N LYS J 131 -79.59 -10.36 -11.38
CA LYS J 131 -80.48 -11.05 -12.31
C LYS J 131 -79.72 -11.25 -13.62
N ASP J 132 -79.91 -12.40 -14.28
CA ASP J 132 -79.27 -12.66 -15.56
C ASP J 132 -79.84 -11.73 -16.61
N SER J 133 -78.98 -11.18 -17.47
CA SER J 133 -79.32 -10.22 -18.52
C SER J 133 -80.33 -10.77 -19.52
N ASN J 134 -81.33 -9.95 -19.88
CA ASN J 134 -82.42 -10.28 -20.79
C ASN J 134 -82.91 -9.06 -21.57
N TYR J 135 -81.98 -8.23 -22.08
CA TYR J 135 -82.30 -7.03 -22.86
C TYR J 135 -83.07 -7.37 -24.13
N TRP J 136 -82.71 -8.50 -24.78
CA TRP J 136 -83.37 -8.97 -26.00
C TRP J 136 -84.78 -9.44 -25.72
N TRP J 137 -84.96 -10.23 -24.65
CA TRP J 137 -86.28 -10.76 -24.29
C TRP J 137 -87.27 -9.67 -23.94
N THR J 138 -86.86 -8.71 -23.09
CA THR J 138 -87.71 -7.61 -22.62
C THR J 138 -88.12 -6.73 -23.79
N PHE J 139 -87.17 -6.52 -24.72
CA PHE J 139 -87.38 -5.75 -25.92
C PHE J 139 -88.30 -6.44 -26.90
N LYS J 140 -88.07 -7.74 -27.17
CA LYS J 140 -88.93 -8.49 -28.09
C LYS J 140 -90.34 -8.75 -27.54
N GLU J 141 -90.51 -8.77 -26.19
CA GLU J 141 -91.80 -8.94 -25.53
C GLU J 141 -92.57 -7.64 -25.65
N LEU J 142 -91.85 -6.52 -25.47
CA LEU J 142 -92.46 -5.20 -25.63
C LEU J 142 -92.95 -5.02 -27.08
N TYR J 143 -92.19 -5.52 -28.05
CA TYR J 143 -92.55 -5.42 -29.45
C TYR J 143 -93.70 -6.33 -29.78
N ARG J 144 -93.75 -7.49 -29.13
CA ARG J 144 -94.81 -8.48 -29.31
C ARG J 144 -96.14 -7.97 -28.75
N ILE J 145 -96.12 -7.42 -27.50
CA ILE J 145 -97.32 -6.89 -26.83
C ILE J 145 -97.89 -5.71 -27.61
N PHE J 146 -97.01 -4.89 -28.17
CA PHE J 146 -97.41 -3.75 -28.96
C PHE J 146 -98.05 -4.21 -30.27
N ASN J 147 -97.51 -5.27 -30.90
CA ASN J 147 -98.09 -5.79 -32.13
C ASN J 147 -99.38 -6.56 -31.90
N LYS J 148 -99.57 -7.06 -30.66
CA LYS J 148 -100.78 -7.72 -30.20
C LYS J 148 -101.87 -6.63 -30.11
N TYR J 149 -101.49 -5.45 -29.58
CA TYR J 149 -102.38 -4.31 -29.45
C TYR J 149 -102.85 -3.83 -30.81
N ILE J 150 -101.99 -3.93 -31.82
CA ILE J 150 -102.35 -3.53 -33.18
C ILE J 150 -103.37 -4.52 -33.76
N GLU J 151 -103.13 -5.84 -33.60
CA GLU J 151 -103.98 -6.94 -34.06
C GLU J 151 -105.37 -6.90 -33.38
N ASP J 152 -105.38 -6.79 -32.05
CA ASP J 152 -106.61 -6.76 -31.26
C ASP J 152 -107.34 -5.43 -31.38
N GLY J 153 -106.56 -4.35 -31.50
CA GLY J 153 -107.11 -3.01 -31.62
C GLY J 153 -107.83 -2.78 -32.94
N LYS J 154 -107.35 -3.41 -34.01
CA LYS J 154 -107.94 -3.31 -35.35
C LYS J 154 -109.26 -4.02 -35.38
N LYS J 155 -109.27 -5.24 -34.80
CA LYS J 155 -110.44 -6.12 -34.71
C LYS J 155 -111.56 -5.48 -33.90
N SER J 156 -111.22 -4.86 -32.75
CA SER J 156 -112.16 -4.20 -31.85
C SER J 156 -112.73 -2.92 -32.46
N TRP J 157 -111.91 -2.21 -33.24
CA TRP J 157 -112.32 -0.97 -33.91
C TRP J 157 -113.26 -1.27 -35.08
N GLU J 158 -112.91 -2.27 -35.91
CA GLU J 158 -113.68 -2.68 -37.08
C GLU J 158 -115.11 -3.08 -36.71
N GLN J 159 -115.24 -3.79 -35.58
CA GLN J 159 -116.50 -4.27 -35.05
C GLN J 159 -117.33 -3.12 -34.46
N PHE J 160 -116.63 -2.12 -33.91
CA PHE J 160 -117.25 -0.94 -33.34
C PHE J 160 -117.92 -0.07 -34.40
N VAL J 161 -117.20 0.18 -35.51
CA VAL J 161 -117.71 1.00 -36.61
C VAL J 161 -118.90 0.28 -37.31
N GLU J 162 -118.72 -1.02 -37.65
CA GLU J 162 -119.76 -1.81 -38.32
C GLU J 162 -121.04 -1.98 -37.53
N ALA J 163 -120.94 -2.02 -36.18
CA ALA J 163 -122.10 -2.11 -35.27
C ALA J 163 -122.87 -0.79 -35.26
N ASN J 164 -122.15 0.33 -35.39
CA ASN J 164 -122.76 1.65 -35.40
C ASN J 164 -122.88 2.21 -36.82
N ARG J 165 -122.82 1.33 -37.84
CA ARG J 165 -122.87 1.74 -39.25
C ARG J 165 -124.16 2.49 -39.63
N GLU J 166 -125.31 1.94 -39.25
CA GLU J 166 -126.57 2.61 -39.60
C GLU J 166 -126.64 3.98 -38.99
N ILE J 167 -126.27 4.06 -37.70
CA ILE J 167 -126.28 5.29 -36.90
C ILE J 167 -125.41 6.37 -37.52
N LEU J 168 -124.26 5.99 -38.08
CA LEU J 168 -123.36 6.93 -38.74
C LEU J 168 -123.85 7.32 -40.14
N GLU J 169 -124.69 6.47 -40.76
CA GLU J 169 -125.23 6.80 -42.08
C GLU J 169 -126.39 7.79 -41.96
N SER J 170 -127.16 7.70 -40.86
CA SER J 170 -128.32 8.55 -40.55
C SER J 170 -127.96 9.72 -39.61
N ILE J 171 -126.68 10.01 -39.48
CA ILE J 171 -126.11 11.06 -38.64
C ILE J 171 -126.34 12.46 -39.24
N ASP J 172 -126.06 12.62 -40.55
CA ASP J 172 -126.22 13.88 -41.27
C ASP J 172 -126.89 13.65 -42.61
N PRO J 173 -128.07 14.25 -42.79
CA PRO J 173 -128.75 14.12 -44.07
C PRO J 173 -128.17 15.09 -45.10
N GLY J 174 -127.83 14.54 -46.27
CA GLY J 174 -127.29 15.30 -47.39
C GLY J 174 -125.85 15.75 -47.16
N GLY J 175 -125.69 16.74 -46.29
CA GLY J 175 -124.39 17.29 -45.93
C GLY J 175 -124.46 18.77 -45.60
N VAL J 176 -125.44 19.14 -44.76
CA VAL J 176 -125.68 20.54 -44.37
C VAL J 176 -124.55 21.07 -43.51
N LEU J 177 -124.26 20.33 -42.44
CA LEU J 177 -123.18 20.73 -41.56
C LEU J 177 -121.82 20.22 -41.92
N LEU J 178 -121.78 19.14 -42.75
CA LEU J 178 -120.51 18.63 -43.26
C LEU J 178 -119.81 19.77 -44.03
N ALA J 179 -120.59 20.49 -44.87
CA ALA J 179 -120.13 21.64 -45.63
C ALA J 179 -119.70 22.70 -44.63
N LYS J 180 -120.54 22.92 -43.59
CA LYS J 180 -120.30 23.89 -42.52
C LYS J 180 -119.00 23.63 -41.75
N VAL J 181 -118.71 22.35 -41.47
CA VAL J 181 -117.50 21.90 -40.77
C VAL J 181 -116.27 22.03 -41.66
N ILE J 182 -116.46 21.87 -42.98
CA ILE J 182 -115.41 22.04 -43.99
C ILE J 182 -114.89 23.50 -43.96
N ASP J 183 -115.82 24.46 -43.76
CA ASP J 183 -115.54 25.90 -43.66
C ASP J 183 -114.77 26.23 -42.37
N ILE J 184 -115.07 25.51 -41.28
CA ILE J 184 -114.38 25.63 -39.99
C ILE J 184 -113.00 24.97 -40.14
N GLU J 185 -112.92 23.77 -40.76
CA GLU J 185 -111.66 23.05 -41.01
C GLU J 185 -110.67 23.94 -41.79
N LYS J 186 -111.17 24.58 -42.84
CA LYS J 186 -110.45 25.48 -43.72
C LYS J 186 -109.73 26.55 -42.93
N ILE J 187 -110.41 27.18 -41.98
CA ILE J 187 -109.84 28.25 -41.19
C ILE J 187 -108.97 27.75 -40.07
N VAL J 188 -109.33 26.63 -39.47
CA VAL J 188 -108.51 26.04 -38.41
C VAL J 188 -107.13 25.57 -38.95
N ASN J 189 -107.06 25.20 -40.26
CA ASN J 189 -105.84 24.78 -40.94
C ASN J 189 -104.96 25.96 -41.37
N GLU J 190 -105.45 27.18 -41.22
CA GLU J 190 -104.67 28.33 -41.63
C GLU J 190 -104.56 29.43 -40.59
N LYS J 191 -105.45 29.38 -39.58
CA LYS J 191 -105.42 30.36 -38.49
C LYS J 191 -105.05 29.78 -37.14
N VAL J 192 -105.27 28.48 -36.92
CA VAL J 192 -104.92 27.92 -35.62
C VAL J 192 -103.57 27.19 -35.82
N PRO J 193 -102.63 27.24 -34.84
CA PRO J 193 -101.36 26.49 -34.98
C PRO J 193 -101.58 25.04 -34.49
N ALA J 194 -101.67 24.10 -35.43
CA ALA J 194 -101.90 22.72 -35.02
C ALA J 194 -101.13 21.72 -35.87
N GLY J 195 -101.33 21.79 -37.19
CA GLY J 195 -100.72 20.88 -38.15
C GLY J 195 -99.21 20.69 -38.27
N PHE J 196 -98.52 21.74 -38.74
CA PHE J 196 -97.07 21.78 -38.95
C PHE J 196 -96.35 22.03 -37.63
N LYS J 197 -95.23 21.35 -37.44
CA LYS J 197 -94.41 21.49 -36.24
C LYS J 197 -92.93 21.51 -36.64
N PHE J 198 -92.16 22.48 -36.10
CA PHE J 198 -90.75 22.68 -36.41
C PHE J 198 -89.91 22.85 -35.14
N VAL J 199 -88.72 22.24 -35.11
CA VAL J 199 -87.84 22.32 -33.95
C VAL J 199 -86.67 23.24 -34.25
N LEU J 200 -86.38 24.14 -33.33
CA LEU J 200 -85.26 25.05 -33.43
C LEU J 200 -84.34 24.89 -32.23
N GLU J 201 -83.11 24.43 -32.48
CA GLU J 201 -82.10 24.30 -31.44
C GLU J 201 -81.37 25.63 -31.27
N HIS J 202 -81.12 26.02 -30.02
CA HIS J 202 -80.44 27.27 -29.71
C HIS J 202 -79.32 27.11 -28.67
N ASP J 203 -78.53 28.19 -28.50
CA ASP J 203 -77.41 28.27 -27.55
C ASP J 203 -77.85 28.78 -26.16
N SER J 204 -78.99 29.48 -26.11
CA SER J 204 -79.53 30.04 -24.88
C SER J 204 -80.05 28.98 -23.92
N GLU J 205 -79.99 29.28 -22.61
CA GLU J 205 -80.45 28.38 -21.57
C GLU J 205 -81.91 28.65 -21.24
N TYR J 206 -82.41 29.79 -21.71
CA TYR J 206 -83.77 30.25 -21.46
C TYR J 206 -84.79 29.95 -22.60
N GLN J 207 -85.84 30.77 -22.70
CA GLN J 207 -86.88 30.56 -23.71
C GLN J 207 -86.90 31.74 -24.66
N PRO J 208 -86.23 31.60 -25.81
CA PRO J 208 -86.21 32.72 -26.77
C PRO J 208 -87.50 32.88 -27.56
N GLU J 209 -87.86 34.14 -27.84
CA GLU J 209 -89.08 34.44 -28.59
C GLU J 209 -88.84 34.18 -30.06
N VAL J 210 -89.77 33.47 -30.70
CA VAL J 210 -89.70 33.15 -32.12
C VAL J 210 -90.86 33.77 -32.86
N LYS J 211 -90.56 34.42 -34.00
CA LYS J 211 -91.55 35.05 -34.87
C LYS J 211 -91.43 34.44 -36.28
N VAL J 212 -92.54 33.86 -36.78
CA VAL J 212 -92.57 33.19 -38.08
C VAL J 212 -93.40 33.94 -39.09
N THR J 213 -92.82 34.11 -40.30
CA THR J 213 -93.44 34.79 -41.43
C THR J 213 -93.38 33.93 -42.69
N SER J 214 -94.41 34.01 -43.54
CA SER J 214 -94.51 33.26 -44.79
C SER J 214 -94.67 34.21 -45.96
N TYR J 215 -93.85 34.03 -47.01
CA TYR J 215 -93.88 34.87 -48.20
C TYR J 215 -93.37 34.14 -49.44
N LYS J 216 -93.81 34.59 -50.60
CA LYS J 216 -93.46 34.01 -51.90
C LYS J 216 -92.69 35.04 -52.75
N ASN J 217 -91.84 34.56 -53.68
CA ASN J 217 -91.05 35.38 -54.63
C ASN J 217 -90.12 36.43 -54.04
N ALA J 218 -89.38 36.04 -52.98
CA ALA J 218 -88.38 36.89 -52.37
C ALA J 218 -87.13 36.86 -53.27
N ILE J 219 -86.15 37.74 -53.02
CA ILE J 219 -84.92 37.80 -53.79
C ILE J 219 -84.17 36.45 -53.88
N GLY J 220 -83.93 35.99 -55.11
CA GLY J 220 -83.24 34.75 -55.42
C GLY J 220 -84.05 33.48 -55.31
N THR J 221 -85.38 33.60 -55.21
CA THR J 221 -86.28 32.44 -55.10
C THR J 221 -87.19 32.28 -56.30
N GLU J 222 -87.31 33.32 -57.14
CA GLU J 222 -88.15 33.36 -58.34
C GLU J 222 -87.71 32.28 -59.34
N THR J 223 -88.69 31.68 -60.01
CA THR J 223 -88.49 30.59 -60.96
C THR J 223 -87.59 30.97 -62.17
N ASP J 224 -87.85 32.13 -62.79
CA ASP J 224 -87.11 32.60 -63.97
C ASP J 224 -85.95 33.58 -63.66
N GLY J 225 -85.35 33.42 -62.48
CA GLY J 225 -84.21 34.23 -62.05
C GLY J 225 -84.58 35.50 -61.30
N PHE J 226 -83.57 36.35 -61.02
CA PHE J 226 -83.74 37.61 -60.31
C PHE J 226 -84.65 38.61 -61.05
N ASP J 227 -85.60 39.22 -60.29
CA ASP J 227 -86.58 40.21 -60.78
C ASP J 227 -87.45 39.69 -61.95
N SER J 228 -87.84 38.40 -61.87
CA SER J 228 -88.68 37.78 -62.89
C SER J 228 -90.13 37.63 -62.41
N GLY J 229 -90.33 37.72 -61.10
CA GLY J 229 -91.63 37.60 -60.46
C GLY J 229 -92.55 38.79 -60.66
N PRO J 230 -93.85 38.65 -60.32
CA PRO J 230 -94.80 39.77 -60.52
C PRO J 230 -94.58 40.94 -59.56
N VAL J 231 -94.19 40.67 -58.31
CA VAL J 231 -93.93 41.71 -57.29
C VAL J 231 -92.49 41.61 -56.83
N PHE J 232 -91.67 42.60 -57.23
CA PHE J 232 -90.26 42.66 -56.89
C PHE J 232 -90.07 42.85 -55.40
N GLY J 233 -89.17 42.07 -54.80
CA GLY J 233 -88.86 42.15 -53.38
C GLY J 233 -89.56 41.10 -52.54
N GLY J 234 -90.68 40.59 -53.07
CA GLY J 234 -91.50 39.58 -52.41
C GLY J 234 -92.98 39.93 -52.43
N GLY J 235 -93.82 38.90 -52.36
CA GLY J 235 -95.27 39.05 -52.37
C GLY J 235 -95.85 39.49 -51.05
N THR J 236 -97.00 38.90 -50.71
CA THR J 236 -97.69 39.21 -49.46
C THR J 236 -96.99 38.45 -48.34
N ILE J 237 -96.70 39.16 -47.24
CA ILE J 237 -96.02 38.65 -46.06
C ILE J 237 -97.09 38.29 -45.04
N TYR J 238 -97.19 37.01 -44.70
CA TYR J 238 -98.19 36.52 -43.76
C TYR J 238 -97.57 36.20 -42.42
N ASN J 239 -98.13 36.78 -41.35
CA ASN J 239 -97.68 36.53 -39.98
C ASN J 239 -98.26 35.19 -39.54
N VAL J 240 -97.35 34.19 -39.40
CA VAL J 240 -97.73 32.82 -39.05
C VAL J 240 -98.07 32.66 -37.58
N PRO J 241 -99.33 32.24 -37.24
CA PRO J 241 -99.70 32.03 -35.84
C PRO J 241 -98.91 30.87 -35.25
N VAL J 242 -98.33 31.08 -34.07
CA VAL J 242 -97.44 30.12 -33.41
C VAL J 242 -97.86 29.71 -32.01
N SER J 243 -97.60 28.43 -31.67
CA SER J 243 -97.83 27.88 -30.34
C SER J 243 -96.48 27.32 -29.90
N LEU J 244 -95.73 28.15 -29.17
CA LEU J 244 -94.39 27.82 -28.73
C LEU J 244 -94.33 26.92 -27.50
N SER J 245 -93.49 25.92 -27.61
CA SER J 245 -93.20 24.94 -26.57
C SER J 245 -91.69 24.94 -26.35
N TYR J 246 -91.25 24.80 -25.09
CA TYR J 246 -89.82 24.87 -24.78
C TYR J 246 -89.24 23.73 -23.96
N ASP J 247 -88.03 23.33 -24.33
CA ASP J 247 -87.20 22.32 -23.66
C ASP J 247 -85.80 22.91 -23.55
N ARG J 248 -84.86 22.22 -22.88
CA ARG J 248 -83.50 22.75 -22.73
C ARG J 248 -82.84 22.87 -24.12
N GLN J 249 -82.50 24.10 -24.52
CA GLN J 249 -81.88 24.42 -25.81
C GLN J 249 -82.67 23.96 -27.07
N LYS J 250 -84.02 23.78 -26.92
CA LYS J 250 -84.94 23.37 -27.99
C LYS J 250 -86.26 24.14 -27.92
N VAL J 251 -86.72 24.66 -29.08
CA VAL J 251 -87.99 25.40 -29.25
C VAL J 251 -88.87 24.62 -30.21
N TYR J 252 -90.04 24.22 -29.74
CA TYR J 252 -91.02 23.51 -30.56
C TYR J 252 -92.04 24.52 -31.06
N VAL J 253 -91.94 24.84 -32.35
CA VAL J 253 -92.78 25.81 -33.01
C VAL J 253 -93.94 25.14 -33.73
N GLU J 254 -95.16 25.22 -33.17
CA GLU J 254 -96.35 24.66 -33.81
C GLU J 254 -97.01 25.70 -34.67
N MET J 255 -97.38 25.27 -35.87
CA MET J 255 -97.96 26.14 -36.88
C MET J 255 -99.18 25.51 -37.57
N PRO J 256 -100.05 26.32 -38.22
CA PRO J 256 -101.21 25.74 -38.91
C PRO J 256 -100.84 24.79 -40.05
N LYS J 257 -101.70 23.83 -40.36
CA LYS J 257 -101.41 22.87 -41.43
C LYS J 257 -101.18 23.47 -42.85
N SER J 258 -101.66 24.71 -43.12
CA SER J 258 -101.52 25.36 -44.43
C SER J 258 -100.09 25.84 -44.63
N TYR J 259 -99.41 26.05 -43.51
CA TYR J 259 -98.04 26.51 -43.58
C TYR J 259 -97.02 25.37 -43.64
N THR J 260 -97.49 24.12 -43.85
CA THR J 260 -96.60 22.97 -43.95
C THR J 260 -95.72 23.13 -45.18
N LEU J 261 -94.40 23.20 -44.97
CA LEU J 261 -93.44 23.38 -46.06
C LEU J 261 -92.19 22.58 -45.82
N ALA J 262 -91.97 21.55 -46.64
CA ALA J 262 -90.79 20.71 -46.52
C ALA J 262 -89.82 21.00 -47.67
N GLY J 263 -88.84 21.87 -47.38
CA GLY J 263 -87.84 22.28 -48.37
C GLY J 263 -86.43 22.29 -47.84
N ASP J 264 -85.61 23.21 -48.36
CA ASP J 264 -84.21 23.39 -47.97
C ASP J 264 -84.19 24.21 -46.71
N ILE J 265 -83.45 23.76 -45.69
CA ILE J 265 -83.31 24.50 -44.44
C ILE J 265 -81.99 25.29 -44.50
N ILE J 266 -82.10 26.61 -44.62
CA ILE J 266 -80.94 27.49 -44.72
C ILE J 266 -80.78 28.26 -43.41
N LEU J 267 -79.62 28.08 -42.77
CA LEU J 267 -79.34 28.75 -41.50
C LEU J 267 -78.33 29.86 -41.73
N ILE J 268 -78.76 31.13 -41.52
CA ILE J 268 -77.88 32.29 -41.58
C ILE J 268 -77.23 32.31 -40.19
N ASP J 269 -75.95 32.76 -40.10
CA ASP J 269 -75.10 32.77 -38.88
C ASP J 269 -75.50 33.81 -37.78
N ASP J 270 -76.80 33.76 -37.36
CA ASP J 270 -77.42 34.59 -36.33
C ASP J 270 -78.80 34.01 -36.00
N GLY J 271 -79.64 34.83 -35.38
CA GLY J 271 -81.01 34.50 -35.02
C GLY J 271 -82.03 34.49 -36.14
N THR J 272 -81.65 33.89 -37.29
CA THR J 272 -82.52 33.76 -38.48
C THR J 272 -82.31 32.45 -39.25
N LEU J 273 -83.41 31.73 -39.54
CA LEU J 273 -83.47 30.45 -40.27
C LEU J 273 -84.56 30.49 -41.31
N LEU J 274 -84.32 29.87 -42.47
CA LEU J 274 -85.27 29.84 -43.56
C LEU J 274 -85.56 28.45 -44.07
N VAL J 275 -86.79 28.23 -44.50
CA VAL J 275 -87.18 27.00 -45.15
C VAL J 275 -87.65 27.43 -46.52
N ILE J 276 -86.85 27.11 -47.54
CA ILE J 276 -87.13 27.49 -48.93
C ILE J 276 -87.46 26.28 -49.79
N LYS J 277 -88.64 26.30 -50.41
CA LYS J 277 -89.11 25.30 -51.35
C LYS J 277 -89.59 26.07 -52.59
N GLU J 278 -88.68 26.14 -53.59
CA GLU J 278 -88.87 26.87 -54.86
C GLU J 278 -89.06 28.36 -54.51
N THR J 279 -90.27 28.92 -54.78
CA THR J 279 -90.62 30.32 -54.53
C THR J 279 -91.14 30.61 -53.12
N GLN J 280 -91.68 29.58 -52.45
CA GLN J 280 -92.24 29.69 -51.12
C GLN J 280 -91.14 29.66 -50.04
N VAL J 281 -91.16 30.67 -49.14
CA VAL J 281 -90.19 30.83 -48.05
C VAL J 281 -90.95 30.92 -46.73
N LEU J 282 -90.40 30.23 -45.72
CA LEU J 282 -90.91 30.27 -44.35
C LEU J 282 -89.76 30.75 -43.48
N CYS J 283 -89.87 31.96 -42.96
CA CYS J 283 -88.84 32.62 -42.18
C CYS J 283 -89.01 32.45 -40.67
N PHE J 284 -87.90 32.17 -39.98
CA PHE J 284 -87.87 31.97 -38.54
C PHE J 284 -86.96 32.96 -37.87
N LYS J 285 -87.52 33.96 -37.20
CA LYS J 285 -86.74 34.99 -36.52
C LYS J 285 -86.75 34.77 -35.02
N MET J 286 -85.56 34.69 -34.42
CA MET J 286 -85.41 34.45 -32.99
C MET J 286 -84.69 35.59 -32.28
N SER J 287 -85.20 35.99 -31.12
CA SER J 287 -84.67 37.07 -30.30
C SER J 287 -83.85 36.57 -29.13
N ASP J 288 -82.76 37.30 -28.82
CA ASP J 288 -81.82 37.07 -27.73
C ASP J 288 -81.15 35.68 -27.69
N ALA J 289 -81.12 34.97 -28.83
CA ALA J 289 -80.46 33.67 -28.94
C ALA J 289 -80.08 33.36 -30.39
N LYS J 290 -79.06 32.49 -30.57
CA LYS J 290 -78.56 32.08 -31.89
C LYS J 290 -79.04 30.67 -32.21
N ILE J 291 -79.56 30.49 -33.43
CA ILE J 291 -80.05 29.19 -33.89
C ILE J 291 -78.86 28.33 -34.30
N THR J 292 -78.80 27.08 -33.80
CA THR J 292 -77.73 26.14 -34.10
C THR J 292 -78.15 25.09 -35.12
N LYS J 293 -79.39 24.60 -35.00
CA LYS J 293 -79.98 23.58 -35.86
C LYS J 293 -81.49 23.78 -36.01
N GLY J 294 -82.00 23.46 -37.20
CA GLY J 294 -83.42 23.55 -37.50
C GLY J 294 -83.90 22.34 -38.28
N TYR J 295 -84.99 21.71 -37.83
CA TYR J 295 -85.55 20.52 -38.47
C TYR J 295 -87.02 20.32 -38.14
N VAL J 296 -87.75 19.61 -39.01
CA VAL J 296 -89.16 19.31 -38.80
C VAL J 296 -89.28 18.22 -37.74
N PHE J 297 -90.19 18.38 -36.78
CA PHE J 297 -90.39 17.44 -35.68
C PHE J 297 -90.78 16.04 -36.12
N VAL J 298 -90.13 15.04 -35.52
CA VAL J 298 -90.39 13.62 -35.76
C VAL J 298 -90.49 12.83 -34.48
N ALA J 299 -91.50 11.98 -34.36
CA ALA J 299 -91.69 11.17 -33.16
C ALA J 299 -91.79 9.69 -33.51
N MET K 1 -93.37 -21.69 1.44
CA MET K 1 -92.69 -21.72 2.74
C MET K 1 -91.39 -22.53 2.71
N THR K 2 -90.40 -22.10 3.50
CA THR K 2 -89.09 -22.76 3.55
C THR K 2 -88.94 -23.60 4.82
N GLU K 3 -88.39 -24.82 4.68
CA GLU K 3 -88.22 -25.76 5.78
C GLU K 3 -86.76 -26.18 5.98
N HIS K 4 -86.36 -26.38 7.24
CA HIS K 4 -85.02 -26.79 7.64
C HIS K 4 -85.09 -28.04 8.51
N PHE K 5 -84.55 -29.15 7.98
CA PHE K 5 -84.55 -30.43 8.66
C PHE K 5 -83.19 -30.73 9.27
N ILE K 6 -83.16 -30.78 10.62
CA ILE K 6 -81.96 -31.05 11.42
C ILE K 6 -82.23 -32.05 12.56
N THR K 7 -81.15 -32.53 13.20
CA THR K 7 -81.21 -33.47 14.32
C THR K 7 -80.49 -32.89 15.55
N LEU K 8 -81.23 -32.80 16.67
CA LEU K 8 -80.72 -32.25 17.94
C LEU K 8 -80.43 -33.34 18.97
N SER K 9 -79.43 -33.10 19.86
CA SER K 9 -79.03 -34.03 20.92
C SER K 9 -79.12 -33.37 22.29
N THR K 10 -79.47 -34.17 23.32
CA THR K 10 -79.58 -33.72 24.72
C THR K 10 -78.29 -34.03 25.49
N THR K 11 -77.48 -34.96 24.97
CA THR K 11 -76.22 -35.39 25.59
C THR K 11 -75.01 -34.65 24.98
N GLU K 12 -74.85 -34.73 23.65
CA GLU K 12 -73.73 -34.09 22.96
C GLU K 12 -74.03 -32.64 22.56
N PRO K 13 -73.06 -31.69 22.73
CA PRO K 13 -73.33 -30.29 22.37
C PRO K 13 -73.63 -30.08 20.89
N ASN K 14 -74.68 -29.30 20.59
CA ASN K 14 -75.09 -29.02 19.21
C ASN K 14 -74.36 -27.83 18.61
N ASN K 15 -73.28 -28.12 17.87
CA ASN K 15 -72.45 -27.11 17.23
C ASN K 15 -71.97 -27.54 15.83
N ASN K 16 -71.77 -28.86 15.64
CA ASN K 16 -71.35 -29.44 14.35
C ASN K 16 -72.52 -29.61 13.37
N ILE K 17 -73.76 -29.34 13.84
CA ILE K 17 -74.99 -29.42 13.05
C ILE K 17 -74.98 -28.41 11.89
N GLY K 18 -75.73 -28.72 10.83
CA GLY K 18 -75.82 -27.94 9.61
C GLY K 18 -76.20 -26.49 9.82
N ILE K 19 -75.68 -25.62 8.93
CA ILE K 19 -75.90 -24.17 8.96
C ILE K 19 -77.33 -23.83 8.50
N VAL K 20 -78.08 -23.17 9.39
CA VAL K 20 -79.46 -22.77 9.16
C VAL K 20 -79.63 -21.26 9.03
N LYS K 21 -79.84 -20.81 7.78
CA LYS K 21 -80.01 -19.40 7.43
C LYS K 21 -81.48 -19.07 7.32
N LEU K 22 -81.90 -17.99 7.97
CA LEU K 22 -83.29 -17.56 7.96
C LEU K 22 -83.39 -16.07 7.63
N ARG K 23 -84.23 -15.70 6.62
CA ARG K 23 -84.42 -14.30 6.22
C ARG K 23 -85.24 -13.50 7.23
N HIS K 24 -84.86 -12.23 7.43
CA HIS K 24 -85.47 -11.32 8.39
C HIS K 24 -86.92 -10.92 8.04
N ALA K 25 -87.11 -10.13 6.98
CA ALA K 25 -88.43 -9.68 6.55
C ALA K 25 -88.94 -10.57 5.40
N ASP K 26 -88.98 -11.88 5.65
CA ASP K 26 -89.46 -12.86 4.67
C ASP K 26 -90.97 -12.95 4.69
N VAL K 27 -91.55 -13.03 3.48
CA VAL K 27 -93.00 -13.16 3.28
C VAL K 27 -93.45 -14.58 3.66
N ASN K 28 -92.66 -15.60 3.26
CA ASN K 28 -92.93 -17.01 3.53
C ASN K 28 -92.69 -17.37 5.00
N SER K 29 -93.56 -18.21 5.58
CA SER K 29 -93.47 -18.67 6.95
C SER K 29 -92.37 -19.73 7.04
N GLN K 30 -91.22 -19.34 7.60
CA GLN K 30 -90.05 -20.21 7.76
C GLN K 30 -90.24 -21.17 8.92
N ALA K 31 -89.96 -22.46 8.68
CA ALA K 31 -90.14 -23.51 9.68
C ALA K 31 -88.89 -24.37 9.86
N ILE K 32 -88.72 -24.89 11.09
CA ILE K 32 -87.61 -25.77 11.47
C ILE K 32 -88.17 -27.08 12.00
N VAL K 33 -87.75 -28.19 11.38
CA VAL K 33 -88.12 -29.54 11.78
C VAL K 33 -86.90 -30.17 12.46
N ALA K 34 -87.09 -30.60 13.72
CA ALA K 34 -86.02 -31.17 14.53
C ALA K 34 -86.37 -32.54 15.11
N GLN K 35 -85.41 -33.49 15.02
CA GLN K 35 -85.54 -34.83 15.58
C GLN K 35 -84.83 -34.88 16.94
N ILE K 36 -85.61 -34.99 18.06
CA ILE K 36 -85.07 -35.05 19.43
C ILE K 36 -84.40 -36.42 19.62
N VAL K 37 -83.11 -36.40 20.05
CA VAL K 37 -82.26 -37.58 20.17
C VAL K 37 -81.53 -37.67 21.54
N GLU K 38 -81.94 -38.66 22.43
CA GLU K 38 -81.31 -38.89 23.73
C GLU K 38 -80.39 -40.10 23.58
N ASN K 39 -79.05 -39.83 23.63
CA ASN K 39 -77.99 -40.83 23.44
C ASN K 39 -77.97 -41.45 22.03
N GLY K 40 -78.32 -40.67 21.01
CA GLY K 40 -78.31 -41.15 19.63
C GLY K 40 -79.57 -41.86 19.16
N GLN K 41 -80.61 -41.87 19.99
CA GLN K 41 -81.89 -42.52 19.71
C GLN K 41 -83.05 -41.55 19.94
N PRO K 42 -84.16 -41.62 19.18
CA PRO K 42 -85.28 -40.69 19.41
C PRO K 42 -85.84 -40.73 20.84
N LYS K 43 -86.37 -39.66 21.32
CA LYS K 43 -86.97 -39.59 22.67
C LYS K 43 -88.45 -39.23 22.55
N ASN K 44 -89.29 -39.97 23.29
CA ASN K 44 -90.74 -39.77 23.36
C ASN K 44 -91.08 -38.80 24.48
N PHE K 45 -91.58 -37.61 24.11
CA PHE K 45 -91.96 -36.54 25.02
C PHE K 45 -93.47 -36.48 25.21
N GLU K 46 -94.13 -37.66 25.27
CA GLU K 46 -95.58 -37.81 25.45
C GLU K 46 -96.04 -37.19 26.76
N GLY K 47 -96.93 -36.20 26.64
CA GLY K 47 -97.46 -35.45 27.78
C GLY K 47 -96.75 -34.13 28.00
N LEU K 48 -95.57 -33.96 27.37
CA LEU K 48 -94.73 -32.76 27.46
C LEU K 48 -94.88 -31.91 26.20
N GLN K 49 -94.94 -30.57 26.38
CA GLN K 49 -95.06 -29.62 25.27
C GLN K 49 -93.72 -28.93 25.00
N PRO K 50 -93.20 -28.97 23.74
CA PRO K 50 -91.93 -28.28 23.45
C PRO K 50 -92.05 -26.74 23.49
N PHE K 51 -90.98 -26.08 23.97
CA PHE K 51 -90.89 -24.63 24.10
C PHE K 51 -89.60 -24.08 23.50
N PHE K 52 -89.74 -23.17 22.53
CA PHE K 52 -88.62 -22.53 21.89
C PHE K 52 -88.15 -21.39 22.80
N CYS K 53 -86.91 -21.50 23.29
CA CYS K 53 -86.35 -20.51 24.21
C CYS K 53 -85.16 -19.80 23.58
N LEU K 54 -85.28 -18.48 23.40
CA LEU K 54 -84.21 -17.65 22.85
C LEU K 54 -83.43 -16.96 23.97
N MET K 55 -82.11 -16.85 23.81
CA MET K 55 -81.26 -16.17 24.80
C MET K 55 -80.80 -14.81 24.30
N ALA K 56 -80.77 -13.82 25.20
CA ALA K 56 -80.34 -12.46 24.86
C ALA K 56 -78.82 -12.38 24.63
N GLN K 57 -78.03 -13.20 25.37
CA GLN K 57 -76.56 -13.29 25.32
C GLN K 57 -75.84 -11.95 25.53
N VAL K 64 -84.62 -12.41 25.97
CA VAL K 64 -85.09 -13.69 26.47
C VAL K 64 -86.60 -13.85 26.19
N SER K 65 -86.97 -14.90 25.43
CA SER K 65 -88.37 -15.16 25.07
C SER K 65 -88.68 -16.66 25.01
N GLU K 66 -89.85 -17.04 25.55
CA GLU K 66 -90.34 -18.42 25.57
C GLU K 66 -91.57 -18.53 24.68
N GLU K 67 -91.54 -19.46 23.72
CA GLU K 67 -92.64 -19.63 22.77
C GLU K 67 -93.08 -21.08 22.71
N SER K 68 -94.39 -21.32 22.83
CA SER K 68 -94.96 -22.67 22.77
C SER K 68 -95.06 -23.17 21.34
N VAL K 69 -94.59 -24.41 21.10
CA VAL K 69 -94.63 -25.04 19.78
C VAL K 69 -95.99 -25.74 19.61
N VAL K 70 -96.73 -25.39 18.55
CA VAL K 70 -98.06 -25.93 18.25
C VAL K 70 -97.95 -27.31 17.55
N SER K 71 -97.16 -27.40 16.46
CA SER K 71 -96.98 -28.62 15.70
C SER K 71 -95.83 -29.47 16.22
N PHE K 72 -96.15 -30.64 16.76
CA PHE K 72 -95.19 -31.59 17.33
C PHE K 72 -95.75 -33.01 17.34
N ASP K 73 -94.87 -33.99 17.17
CA ASP K 73 -95.21 -35.42 17.23
C ASP K 73 -94.51 -36.03 18.44
N ALA K 74 -95.29 -36.28 19.51
CA ALA K 74 -94.80 -36.82 20.79
C ALA K 74 -94.32 -38.27 20.73
N LYS K 75 -94.87 -39.06 19.79
CA LYS K 75 -94.53 -40.49 19.62
C LYS K 75 -93.19 -40.71 18.90
N ASN K 76 -92.94 -39.98 17.79
CA ASN K 76 -91.71 -40.10 16.98
C ASN K 76 -90.55 -39.16 17.32
N GLY K 77 -90.84 -38.12 18.09
CA GLY K 77 -89.84 -37.12 18.48
C GLY K 77 -89.50 -36.11 17.39
N THR K 78 -90.50 -35.71 16.58
CA THR K 78 -90.36 -34.72 15.50
C THR K 78 -91.23 -33.52 15.84
N LEU K 79 -90.65 -32.31 15.85
CA LEU K 79 -91.38 -31.07 16.12
C LEU K 79 -91.15 -30.00 15.06
N LYS K 80 -92.22 -29.27 14.71
CA LYS K 80 -92.19 -28.23 13.69
C LYS K 80 -92.45 -26.86 14.31
N TYR K 81 -91.41 -26.02 14.35
CA TYR K 81 -91.51 -24.66 14.89
C TYR K 81 -91.42 -23.64 13.77
N VAL K 82 -92.41 -22.72 13.73
CA VAL K 82 -92.49 -21.64 12.75
C VAL K 82 -91.79 -20.42 13.34
N ALA K 83 -90.86 -19.84 12.56
CA ALA K 83 -90.07 -18.68 12.94
C ALA K 83 -90.96 -17.46 13.09
N SER K 84 -90.97 -16.90 14.30
CA SER K 84 -91.77 -15.73 14.64
C SER K 84 -90.95 -14.45 14.49
N ASP K 85 -91.59 -13.28 14.72
CA ASP K 85 -90.96 -11.94 14.67
C ASP K 85 -89.96 -11.77 15.81
N ASN K 86 -90.20 -12.45 16.95
CA ASN K 86 -89.31 -12.44 18.11
C ASN K 86 -88.07 -13.29 17.83
N ALA K 87 -88.23 -14.39 17.07
CA ALA K 87 -87.13 -15.29 16.67
C ALA K 87 -86.23 -14.62 15.63
N LEU K 88 -86.84 -13.84 14.73
CA LEU K 88 -86.16 -13.09 13.67
C LEU K 88 -86.00 -11.63 14.11
N GLN K 89 -85.41 -11.42 15.29
CA GLN K 89 -85.23 -10.09 15.84
C GLN K 89 -83.83 -9.59 15.57
N PHE K 90 -82.83 -10.34 16.03
CA PHE K 90 -81.43 -9.97 15.89
C PHE K 90 -80.81 -10.57 14.63
N VAL K 91 -80.18 -9.72 13.80
CA VAL K 91 -79.48 -10.12 12.58
C VAL K 91 -78.08 -10.61 12.95
N GLY K 92 -77.86 -11.91 12.75
CA GLY K 92 -76.60 -12.60 13.06
C GLY K 92 -76.82 -13.96 13.68
N ARG K 93 -75.77 -14.51 14.33
CA ARG K 93 -75.81 -15.82 14.97
C ARG K 93 -76.57 -15.78 16.31
N ASN K 94 -77.75 -16.40 16.34
CA ASN K 94 -78.61 -16.47 17.51
C ASN K 94 -78.57 -17.85 18.14
N GLU K 95 -78.57 -17.89 19.49
CA GLU K 95 -78.52 -19.13 20.26
C GLU K 95 -79.88 -19.44 20.87
N ALA K 96 -80.37 -20.66 20.66
CA ALA K 96 -81.66 -21.13 21.17
C ALA K 96 -81.65 -22.63 21.48
N TYR K 97 -82.68 -23.10 22.21
CA TYR K 97 -82.84 -24.51 22.59
C TYR K 97 -84.33 -24.84 22.79
N PHE K 98 -84.66 -26.14 22.80
CA PHE K 98 -86.04 -26.59 23.02
C PHE K 98 -86.19 -27.21 24.41
N SER K 99 -87.16 -26.70 25.17
CA SER K 99 -87.46 -27.15 26.53
C SER K 99 -88.81 -27.86 26.60
N PHE K 100 -88.85 -29.05 27.22
CA PHE K 100 -90.07 -29.83 27.37
C PHE K 100 -90.66 -29.65 28.76
N ARG K 101 -91.89 -29.12 28.83
CA ARG K 101 -92.58 -28.81 30.08
C ARG K 101 -93.95 -29.47 30.23
N LYS K 102 -94.40 -29.66 31.50
CA LYS K 102 -95.71 -30.21 31.84
C LYS K 102 -96.32 -29.35 32.96
N GLN K 103 -97.63 -29.01 32.83
CA GLN K 103 -98.35 -28.20 33.81
C GLN K 103 -98.69 -28.91 35.12
N GLU K 104 -98.14 -28.41 36.23
CA GLU K 104 -98.38 -28.87 37.60
C GLU K 104 -98.57 -27.68 38.55
N GLY K 105 -99.80 -27.43 38.93
CA GLY K 105 -100.17 -26.31 39.81
C GLY K 105 -100.45 -25.03 39.07
N GLY K 106 -100.82 -25.15 37.79
CA GLY K 106 -101.15 -24.02 36.93
C GLY K 106 -99.94 -23.30 36.35
N ARG K 107 -98.76 -23.94 36.42
CA ARG K 107 -97.49 -23.41 35.90
C ARG K 107 -96.67 -24.52 35.26
N TRP K 108 -96.00 -24.21 34.14
CA TRP K 108 -95.16 -25.16 33.39
C TRP K 108 -93.84 -25.41 34.11
N ILE K 109 -93.51 -26.69 34.34
CA ILE K 109 -92.26 -27.12 35.00
C ILE K 109 -91.42 -27.97 34.04
N GLU K 110 -90.12 -27.63 33.90
CA GLU K 110 -89.19 -28.32 33.00
C GLU K 110 -88.80 -29.71 33.51
N GLN K 111 -88.86 -30.73 32.62
CA GLN K 111 -88.47 -32.10 32.92
C GLN K 111 -87.09 -32.36 32.32
N PHE K 112 -86.97 -32.15 30.99
CA PHE K 112 -85.71 -32.28 30.24
C PHE K 112 -85.67 -31.30 29.06
N SER K 113 -84.47 -30.83 28.69
CA SER K 113 -84.29 -29.88 27.58
C SER K 113 -83.12 -30.26 26.67
N THR K 114 -83.23 -29.91 25.37
CA THR K 114 -82.17 -30.15 24.38
C THR K 114 -81.07 -29.11 24.56
N ARG K 115 -79.84 -29.45 24.15
CA ARG K 115 -78.70 -28.55 24.26
C ARG K 115 -78.79 -27.42 23.25
N THR K 116 -78.21 -26.27 23.61
CA THR K 116 -78.26 -25.05 22.78
C THR K 116 -77.60 -25.21 21.43
N PHE K 117 -78.25 -24.67 20.40
CA PHE K 117 -77.79 -24.67 19.01
C PHE K 117 -77.80 -23.25 18.44
N HIS K 118 -77.02 -23.02 17.39
CA HIS K 118 -76.94 -21.71 16.77
C HIS K 118 -77.70 -21.66 15.46
N TYR K 119 -78.41 -20.56 15.21
CA TYR K 119 -79.12 -20.33 13.95
C TYR K 119 -78.86 -18.89 13.50
N ILE K 120 -78.48 -18.71 12.23
CA ILE K 120 -78.18 -17.39 11.72
C ILE K 120 -79.39 -16.74 11.05
N VAL K 121 -79.64 -15.45 11.39
CA VAL K 121 -80.72 -14.64 10.83
C VAL K 121 -80.14 -13.72 9.74
N GLU K 122 -80.45 -14.02 8.47
CA GLU K 122 -80.02 -13.29 7.28
C GLU K 122 -80.91 -12.04 7.12
N LYS K 123 -80.33 -10.93 6.68
CA LYS K 123 -81.09 -9.70 6.49
C LYS K 123 -81.62 -9.58 5.05
N SER K 124 -82.86 -9.06 4.91
CA SER K 124 -83.48 -8.84 3.61
C SER K 124 -83.24 -7.37 3.22
N ILE K 125 -82.11 -7.10 2.55
CA ILE K 125 -81.72 -5.74 2.15
C ILE K 125 -82.05 -5.41 0.70
N TYR K 126 -81.59 -6.26 -0.24
CA TYR K 126 -81.84 -6.04 -1.66
C TYR K 126 -83.23 -6.46 -2.10
N SER K 127 -83.94 -5.53 -2.81
CA SER K 127 -85.29 -5.65 -3.32
C SER K 127 -85.42 -6.75 -4.38
N GLN K 128 -86.65 -7.27 -4.57
CA GLN K 128 -87.02 -8.30 -5.55
C GLN K 128 -86.64 -7.93 -7.01
N PRO K 129 -86.89 -6.70 -7.53
CA PRO K 129 -86.43 -6.41 -8.88
C PRO K 129 -84.91 -6.17 -8.85
N PHE K 130 -84.11 -7.25 -9.06
CA PHE K 130 -82.64 -7.22 -9.06
C PHE K 130 -82.07 -6.59 -10.31
N LYS K 131 -80.93 -5.90 -10.16
CA LYS K 131 -80.23 -5.26 -11.27
C LYS K 131 -79.67 -6.33 -12.19
N ASP K 132 -79.75 -6.09 -13.51
CA ASP K 132 -79.26 -7.02 -14.54
C ASP K 132 -77.75 -7.13 -14.47
N SER K 133 -77.23 -8.34 -14.73
CA SER K 133 -75.79 -8.63 -14.70
C SER K 133 -75.05 -7.76 -15.69
N ASN K 134 -75.66 -7.55 -16.87
CA ASN K 134 -75.14 -6.64 -17.88
C ASN K 134 -75.94 -5.35 -17.87
N TYR K 135 -75.24 -4.22 -18.02
CA TYR K 135 -75.85 -2.91 -18.06
C TYR K 135 -75.43 -2.17 -19.31
N TRP K 136 -76.39 -1.76 -20.12
CA TRP K 136 -76.11 -1.03 -21.34
C TRP K 136 -76.92 0.25 -21.40
N TRP K 137 -76.23 1.39 -21.39
CA TRP K 137 -76.91 2.68 -21.45
C TRP K 137 -77.68 2.84 -22.76
N THR K 138 -77.03 2.47 -23.88
CA THR K 138 -77.59 2.55 -25.22
C THR K 138 -78.89 1.75 -25.29
N PHE K 139 -78.89 0.50 -24.80
CA PHE K 139 -80.09 -0.33 -24.86
C PHE K 139 -81.15 0.07 -23.88
N LYS K 140 -80.73 0.73 -22.79
CA LYS K 140 -81.66 1.21 -21.80
C LYS K 140 -82.42 2.46 -22.33
N GLU K 141 -81.69 3.34 -23.06
CA GLU K 141 -82.22 4.54 -23.69
C GLU K 141 -83.11 4.18 -24.85
N LEU K 142 -82.76 3.12 -25.58
CA LEU K 142 -83.55 2.62 -26.71
C LEU K 142 -84.86 2.06 -26.19
N TYR K 143 -84.82 1.44 -25.00
CA TYR K 143 -86.06 0.92 -24.42
C TYR K 143 -86.94 2.05 -23.97
N ARG K 144 -86.32 3.08 -23.39
CA ARG K 144 -86.99 4.27 -22.88
C ARG K 144 -87.75 4.93 -24.01
N ILE K 145 -87.08 5.15 -25.15
CA ILE K 145 -87.64 5.82 -26.31
C ILE K 145 -88.79 5.07 -26.93
N PHE K 146 -88.57 3.77 -27.16
CA PHE K 146 -89.54 2.88 -27.77
C PHE K 146 -90.80 2.74 -26.92
N ASN K 147 -90.63 2.61 -25.60
CA ASN K 147 -91.76 2.51 -24.67
C ASN K 147 -92.51 3.82 -24.57
N LYS K 148 -91.79 4.95 -24.66
CA LYS K 148 -92.42 6.27 -24.64
C LYS K 148 -93.33 6.40 -25.84
N TYR K 149 -92.86 5.98 -27.04
CA TYR K 149 -93.63 6.07 -28.27
C TYR K 149 -94.89 5.23 -28.20
N ILE K 150 -94.78 4.04 -27.62
CA ILE K 150 -95.89 3.13 -27.45
C ILE K 150 -96.92 3.69 -26.49
N GLU K 151 -96.47 4.05 -25.28
CA GLU K 151 -97.37 4.57 -24.25
C GLU K 151 -98.06 5.87 -24.60
N ASP K 152 -97.33 6.80 -25.26
CA ASP K 152 -97.86 8.11 -25.69
C ASP K 152 -98.81 7.94 -26.87
N GLY K 153 -98.51 6.97 -27.73
CA GLY K 153 -99.31 6.61 -28.89
C GLY K 153 -100.62 5.93 -28.54
N LYS K 154 -100.58 4.89 -27.68
CA LYS K 154 -101.77 4.14 -27.27
C LYS K 154 -102.76 5.00 -26.48
N LYS K 155 -102.26 5.95 -25.67
CA LYS K 155 -103.12 6.84 -24.89
C LYS K 155 -103.80 7.93 -25.74
N SER K 156 -103.17 8.32 -26.86
CA SER K 156 -103.74 9.32 -27.77
C SER K 156 -104.79 8.65 -28.68
N TRP K 157 -104.69 7.33 -28.88
CA TRP K 157 -105.66 6.58 -29.65
C TRP K 157 -106.87 6.24 -28.77
N GLU K 158 -106.61 5.83 -27.53
CA GLU K 158 -107.63 5.47 -26.54
C GLU K 158 -108.51 6.67 -26.22
N GLN K 159 -107.94 7.88 -26.21
CA GLN K 159 -108.74 9.06 -25.97
C GLN K 159 -109.62 9.39 -27.21
N PHE K 160 -109.16 8.99 -28.41
CA PHE K 160 -109.93 9.20 -29.63
C PHE K 160 -111.13 8.29 -29.65
N VAL K 161 -110.91 7.01 -29.34
CA VAL K 161 -111.97 6.01 -29.30
C VAL K 161 -112.97 6.32 -28.18
N GLU K 162 -112.48 6.73 -26.99
CA GLU K 162 -113.34 7.08 -25.86
C GLU K 162 -114.28 8.24 -26.19
N ALA K 163 -113.78 9.23 -26.95
CA ALA K 163 -114.56 10.41 -27.34
C ALA K 163 -115.66 9.96 -28.31
N ASN K 164 -115.30 9.12 -29.29
CA ASN K 164 -116.23 8.53 -30.26
C ASN K 164 -117.41 7.81 -29.63
N ARG K 165 -117.14 6.98 -28.63
CA ARG K 165 -118.12 6.22 -27.87
C ARG K 165 -118.93 7.14 -26.95
N GLU K 166 -118.34 8.30 -26.57
CA GLU K 166 -118.93 9.31 -25.69
C GLU K 166 -120.17 9.93 -26.33
N ILE K 167 -120.16 10.06 -27.67
CA ILE K 167 -121.25 10.69 -28.44
C ILE K 167 -122.28 9.65 -28.90
N LEU K 168 -121.79 8.69 -29.69
CA LEU K 168 -122.57 7.66 -30.35
C LEU K 168 -123.38 6.76 -29.43
N GLU K 169 -122.70 5.95 -28.67
CA GLU K 169 -123.30 4.94 -27.81
C GLU K 169 -124.12 5.46 -26.62
N SER K 170 -123.75 6.63 -26.09
CA SER K 170 -124.34 7.18 -24.89
C SER K 170 -125.73 7.83 -24.97
N ILE K 171 -125.82 9.03 -25.54
CA ILE K 171 -127.08 9.79 -25.53
C ILE K 171 -127.99 9.70 -26.75
N ASP K 172 -127.65 10.44 -27.82
CA ASP K 172 -128.33 10.56 -29.11
C ASP K 172 -127.39 11.25 -30.07
N PRO K 173 -126.81 10.49 -31.04
CA PRO K 173 -125.81 11.08 -31.95
C PRO K 173 -126.25 12.32 -32.73
N GLY K 174 -127.43 12.24 -33.30
CA GLY K 174 -128.02 13.28 -34.13
C GLY K 174 -127.96 14.68 -33.55
N GLY K 175 -128.26 14.77 -32.25
CA GLY K 175 -128.36 16.00 -31.48
C GLY K 175 -127.07 16.57 -30.96
N VAL K 176 -126.26 15.73 -30.29
CA VAL K 176 -124.96 16.12 -29.69
C VAL K 176 -123.98 16.61 -30.75
N LEU K 177 -124.06 16.03 -31.95
CA LEU K 177 -123.24 16.38 -33.09
C LEU K 177 -123.39 17.81 -33.51
N LEU K 178 -124.62 18.26 -33.74
CA LEU K 178 -124.84 19.64 -34.13
C LEU K 178 -124.69 20.56 -32.93
N ALA K 179 -124.89 20.03 -31.69
CA ALA K 179 -124.72 20.81 -30.47
C ALA K 179 -123.27 21.20 -30.26
N LYS K 180 -122.37 20.31 -30.67
CA LYS K 180 -120.95 20.55 -30.56
C LYS K 180 -120.49 21.50 -31.64
N VAL K 181 -121.08 21.42 -32.82
CA VAL K 181 -120.69 22.28 -33.92
C VAL K 181 -121.02 23.75 -33.65
N ILE K 182 -122.23 24.01 -33.14
CA ILE K 182 -122.73 25.34 -32.85
C ILE K 182 -121.90 26.15 -31.85
N ASP K 183 -121.32 25.49 -30.84
CA ASP K 183 -120.49 26.22 -29.88
C ASP K 183 -119.06 26.42 -30.38
N ILE K 184 -118.60 25.49 -31.25
CA ILE K 184 -117.29 25.53 -31.93
C ILE K 184 -117.36 26.70 -32.91
N GLU K 185 -118.49 26.82 -33.61
CA GLU K 185 -118.79 27.92 -34.53
C GLU K 185 -118.74 29.23 -33.74
N LYS K 186 -119.36 29.25 -32.55
CA LYS K 186 -119.40 30.43 -31.66
C LYS K 186 -118.01 30.89 -31.20
N ILE K 187 -117.18 29.93 -30.79
CA ILE K 187 -115.80 30.14 -30.34
C ILE K 187 -114.97 30.67 -31.53
N VAL K 188 -115.08 30.02 -32.69
CA VAL K 188 -114.38 30.41 -33.90
C VAL K 188 -114.72 31.84 -34.35
N ASN K 189 -116.00 32.21 -34.24
CA ASN K 189 -116.46 33.52 -34.65
C ASN K 189 -115.98 34.64 -33.71
N GLU K 190 -115.56 34.30 -32.47
CA GLU K 190 -115.11 35.34 -31.53
C GLU K 190 -113.63 35.34 -31.26
N LYS K 191 -113.04 34.14 -31.21
CA LYS K 191 -111.61 33.94 -30.87
C LYS K 191 -110.71 33.76 -32.08
N VAL K 192 -111.15 33.03 -33.12
CA VAL K 192 -110.33 32.80 -34.31
C VAL K 192 -110.43 34.05 -35.20
N PRO K 193 -109.29 34.57 -35.76
CA PRO K 193 -109.37 35.80 -36.57
C PRO K 193 -109.51 35.42 -38.05
N ALA K 194 -110.76 35.41 -38.54
CA ALA K 194 -110.98 35.02 -39.93
C ALA K 194 -111.98 35.86 -40.70
N GLY K 195 -113.09 36.21 -40.07
CA GLY K 195 -114.19 36.95 -40.69
C GLY K 195 -114.11 38.37 -41.22
N PHE K 196 -113.86 39.32 -40.31
CA PHE K 196 -113.78 40.77 -40.56
C PHE K 196 -112.32 41.13 -40.92
N LYS K 197 -112.15 41.81 -42.06
CA LYS K 197 -110.83 42.21 -42.55
C LYS K 197 -110.78 43.71 -42.81
N PHE K 198 -109.77 44.40 -42.22
CA PHE K 198 -109.56 45.83 -42.32
C PHE K 198 -108.18 46.17 -42.89
N VAL K 199 -108.10 47.20 -43.73
CA VAL K 199 -106.85 47.60 -44.35
C VAL K 199 -106.36 48.91 -43.76
N LEU K 200 -105.08 48.97 -43.39
CA LEU K 200 -104.47 50.19 -42.86
C LEU K 200 -103.31 50.58 -43.73
N GLU K 201 -103.42 51.72 -44.41
CA GLU K 201 -102.35 52.25 -45.25
C GLU K 201 -101.40 53.02 -44.35
N HIS K 202 -100.09 52.92 -44.61
CA HIS K 202 -99.10 53.60 -43.79
C HIS K 202 -97.95 54.21 -44.58
N ASP K 203 -97.06 54.93 -43.90
CA ASP K 203 -95.90 55.63 -44.46
C ASP K 203 -94.63 54.78 -44.46
N SER K 204 -94.56 53.77 -43.58
CA SER K 204 -93.41 52.88 -43.43
C SER K 204 -93.23 51.92 -44.62
N GLU K 205 -91.99 51.52 -44.87
CA GLU K 205 -91.67 50.58 -45.93
C GLU K 205 -91.71 49.15 -45.40
N TYR K 206 -91.67 49.00 -44.08
CA TYR K 206 -91.64 47.73 -43.38
C TYR K 206 -93.04 47.23 -42.90
N GLN K 207 -93.05 46.32 -41.90
CA GLN K 207 -94.27 45.72 -41.34
C GLN K 207 -94.52 46.21 -39.93
N PRO K 208 -95.36 47.24 -39.77
CA PRO K 208 -95.60 47.76 -38.42
C PRO K 208 -96.54 46.88 -37.60
N GLU K 209 -96.32 46.81 -36.29
CA GLU K 209 -97.15 45.99 -35.44
C GLU K 209 -98.46 46.71 -35.16
N VAL K 210 -99.58 45.99 -35.35
CA VAL K 210 -100.90 46.55 -35.11
C VAL K 210 -101.57 45.81 -33.96
N LYS K 211 -102.14 46.58 -33.02
CA LYS K 211 -102.86 46.04 -31.87
C LYS K 211 -104.28 46.59 -31.89
N VAL K 212 -105.26 45.67 -31.85
CA VAL K 212 -106.68 46.04 -31.92
C VAL K 212 -107.38 45.77 -30.58
N THR K 213 -108.19 46.77 -30.14
CA THR K 213 -108.98 46.73 -28.92
C THR K 213 -110.44 47.10 -29.22
N SER K 214 -111.40 46.42 -28.57
CA SER K 214 -112.83 46.66 -28.70
C SER K 214 -113.44 47.04 -27.38
N TYR K 215 -114.18 48.13 -27.36
CA TYR K 215 -114.82 48.65 -26.15
C TYR K 215 -116.08 49.45 -26.48
N LYS K 216 -117.07 49.35 -25.60
CA LYS K 216 -118.34 50.05 -25.75
C LYS K 216 -118.45 51.15 -24.69
N ASN K 217 -119.28 52.17 -24.95
CA ASN K 217 -119.57 53.31 -24.07
C ASN K 217 -118.33 54.13 -23.67
N ALA K 218 -117.39 54.30 -24.62
CA ALA K 218 -116.14 55.06 -24.47
C ALA K 218 -116.44 56.55 -24.30
N ILE K 219 -115.43 57.37 -24.00
CA ILE K 219 -115.61 58.82 -23.79
C ILE K 219 -116.17 59.55 -25.03
N GLY K 220 -117.30 60.22 -24.87
CA GLY K 220 -117.98 60.98 -25.94
C GLY K 220 -118.64 60.16 -27.03
N THR K 221 -119.01 58.90 -26.71
CA THR K 221 -119.68 57.98 -27.64
C THR K 221 -120.93 57.33 -27.04
N GLU K 222 -121.33 57.76 -25.83
CA GLU K 222 -122.52 57.22 -25.14
C GLU K 222 -123.77 57.77 -25.83
N THR K 223 -124.86 56.99 -25.75
CA THR K 223 -126.14 57.32 -26.39
C THR K 223 -126.77 58.63 -25.91
N ASP K 224 -126.89 58.79 -24.58
CA ASP K 224 -127.52 59.96 -23.97
C ASP K 224 -126.55 61.10 -23.58
N GLY K 225 -125.46 61.25 -24.34
CA GLY K 225 -124.47 62.29 -24.10
C GLY K 225 -123.32 61.86 -23.19
N PHE K 226 -122.52 62.83 -22.73
CA PHE K 226 -121.36 62.61 -21.87
C PHE K 226 -121.76 62.10 -20.47
N ASP K 227 -121.04 61.06 -19.98
CA ASP K 227 -121.24 60.43 -18.67
C ASP K 227 -122.70 59.96 -18.44
N SER K 228 -123.31 59.37 -19.46
CA SER K 228 -124.68 58.87 -19.38
C SER K 228 -124.74 57.34 -19.32
N GLY K 229 -123.63 56.70 -19.70
CA GLY K 229 -123.47 55.25 -19.72
C GLY K 229 -123.31 54.60 -18.36
N PRO K 230 -123.37 53.25 -18.28
CA PRO K 230 -123.25 52.58 -16.96
C PRO K 230 -121.86 52.67 -16.33
N VAL K 231 -120.81 52.60 -17.15
CA VAL K 231 -119.43 52.68 -16.68
C VAL K 231 -118.76 53.90 -17.33
N PHE K 232 -118.39 54.87 -16.51
CA PHE K 232 -117.76 56.10 -17.00
C PHE K 232 -116.38 55.84 -17.60
N GLY K 233 -116.09 56.43 -18.76
CA GLY K 233 -114.79 56.33 -19.43
C GLY K 233 -114.57 55.13 -20.33
N GLY K 234 -115.57 54.26 -20.39
CA GLY K 234 -115.55 53.05 -21.20
C GLY K 234 -115.85 51.77 -20.43
N GLY K 235 -116.50 50.83 -21.10
CA GLY K 235 -116.83 49.53 -20.52
C GLY K 235 -115.63 48.60 -20.44
N THR K 236 -115.87 47.32 -20.75
CA THR K 236 -114.84 46.29 -20.77
C THR K 236 -114.05 46.44 -22.06
N ILE K 237 -112.71 46.42 -21.94
CA ILE K 237 -111.77 46.55 -23.07
C ILE K 237 -111.33 45.14 -23.47
N TYR K 238 -111.67 44.75 -24.69
CA TYR K 238 -111.34 43.42 -25.18
C TYR K 238 -110.21 43.48 -26.16
N ASN K 239 -109.21 42.63 -25.93
CA ASN K 239 -108.06 42.52 -26.83
C ASN K 239 -108.49 41.62 -27.98
N VAL K 240 -108.60 42.23 -29.17
CA VAL K 240 -109.06 41.57 -30.39
C VAL K 240 -107.98 40.71 -31.00
N PRO K 241 -108.22 39.38 -31.14
CA PRO K 241 -107.24 38.50 -31.78
C PRO K 241 -107.08 38.88 -33.24
N VAL K 242 -105.83 39.07 -33.69
CA VAL K 242 -105.54 39.50 -35.06
C VAL K 242 -104.68 38.54 -35.87
N SER K 243 -104.91 38.53 -37.20
CA SER K 243 -104.12 37.78 -38.17
C SER K 243 -103.57 38.82 -39.14
N LEU K 244 -102.31 39.21 -38.92
CA LEU K 244 -101.68 40.24 -39.73
C LEU K 244 -101.13 39.71 -41.05
N SER K 245 -101.33 40.51 -42.10
CA SER K 245 -100.88 40.28 -43.47
C SER K 245 -100.31 41.61 -44.01
N TYR K 246 -99.19 41.55 -44.74
CA TYR K 246 -98.56 42.78 -45.20
C TYR K 246 -98.22 42.86 -46.68
N ASP K 247 -98.39 44.08 -47.23
CA ASP K 247 -98.03 44.49 -48.60
C ASP K 247 -97.29 45.84 -48.48
N ARG K 248 -96.84 46.41 -49.62
CA ARG K 248 -96.11 47.68 -49.60
C ARG K 248 -97.02 48.78 -49.11
N GLN K 249 -96.70 49.37 -47.94
CA GLN K 249 -97.44 50.46 -47.29
C GLN K 249 -98.92 50.12 -46.97
N LYS K 250 -99.22 48.82 -46.79
CA LYS K 250 -100.55 48.29 -46.50
C LYS K 250 -100.49 47.11 -45.52
N VAL K 251 -101.32 47.16 -44.46
CA VAL K 251 -101.45 46.12 -43.44
C VAL K 251 -102.86 45.59 -43.52
N TYR K 252 -103.01 44.27 -43.67
CA TYR K 252 -104.32 43.63 -43.74
C TYR K 252 -104.58 42.99 -42.39
N VAL K 253 -105.42 43.64 -41.59
CA VAL K 253 -105.76 43.18 -40.26
C VAL K 253 -106.99 42.27 -40.28
N GLU K 254 -106.79 40.96 -40.13
CA GLU K 254 -107.89 40.02 -40.11
C GLU K 254 -108.33 39.77 -38.68
N MET K 255 -109.63 39.88 -38.44
CA MET K 255 -110.19 39.73 -37.09
C MET K 255 -111.37 38.75 -37.05
N PRO K 256 -111.87 38.28 -35.87
CA PRO K 256 -113.00 37.33 -35.91
C PRO K 256 -114.29 37.96 -36.41
N LYS K 257 -115.25 37.11 -36.82
CA LYS K 257 -116.54 37.56 -37.35
C LYS K 257 -117.31 38.49 -36.40
N SER K 258 -117.26 38.19 -35.08
CA SER K 258 -117.97 38.92 -34.03
C SER K 258 -117.54 40.36 -33.88
N TYR K 259 -116.27 40.66 -34.24
CA TYR K 259 -115.72 42.01 -34.13
C TYR K 259 -115.96 42.89 -35.37
N THR K 260 -116.83 42.41 -36.28
CA THR K 260 -117.20 43.15 -37.48
C THR K 260 -117.93 44.44 -37.11
N LEU K 261 -117.48 45.57 -37.68
CA LEU K 261 -118.04 46.89 -37.40
C LEU K 261 -117.85 47.84 -38.58
N ALA K 262 -118.97 48.25 -39.18
CA ALA K 262 -118.93 49.20 -40.29
C ALA K 262 -119.52 50.51 -39.79
N GLY K 263 -118.63 51.43 -39.43
CA GLY K 263 -119.02 52.73 -38.90
C GLY K 263 -118.18 53.86 -39.44
N ASP K 264 -118.10 54.96 -38.66
CA ASP K 264 -117.33 56.15 -39.02
C ASP K 264 -115.84 55.91 -38.75
N ILE K 265 -115.00 56.10 -39.76
CA ILE K 265 -113.55 55.91 -39.68
C ILE K 265 -112.89 57.24 -39.30
N ILE K 266 -112.36 57.32 -38.09
CA ILE K 266 -111.71 58.54 -37.59
C ILE K 266 -110.20 58.33 -37.46
N LEU K 267 -109.42 59.13 -38.18
CA LEU K 267 -107.97 59.06 -38.13
C LEU K 267 -107.46 60.20 -37.26
N ILE K 268 -106.76 59.84 -36.17
CA ILE K 268 -106.15 60.81 -35.24
C ILE K 268 -104.82 61.20 -35.92
N ASP K 269 -104.18 62.27 -35.41
CA ASP K 269 -102.92 62.90 -35.89
C ASP K 269 -101.64 62.09 -35.49
N ASP K 270 -101.78 60.77 -35.30
CA ASP K 270 -100.69 59.86 -34.95
C ASP K 270 -100.92 58.44 -35.45
N GLY K 271 -100.25 57.47 -34.83
CA GLY K 271 -100.38 56.05 -35.13
C GLY K 271 -101.60 55.42 -34.49
N THR K 272 -102.78 56.07 -34.60
CA THR K 272 -104.07 55.59 -34.09
C THR K 272 -105.30 55.94 -34.99
N LEU K 273 -106.17 54.92 -35.20
CA LEU K 273 -107.38 54.98 -36.02
C LEU K 273 -108.53 54.32 -35.27
N LEU K 274 -109.72 54.91 -35.39
CA LEU K 274 -110.91 54.39 -34.73
C LEU K 274 -112.03 54.12 -35.72
N VAL K 275 -112.84 53.11 -35.39
CA VAL K 275 -114.04 52.77 -36.13
C VAL K 275 -115.18 52.86 -35.10
N ILE K 276 -116.01 53.91 -35.22
CA ILE K 276 -117.12 54.17 -34.29
C ILE K 276 -118.48 53.99 -34.95
N LYS K 277 -119.31 53.13 -34.36
CA LYS K 277 -120.69 52.86 -34.76
C LYS K 277 -121.52 52.96 -33.48
N GLU K 278 -121.98 54.17 -33.24
CA GLU K 278 -122.74 54.48 -32.09
C GLU K 278 -121.88 54.30 -30.88
N THR K 279 -122.22 53.48 -29.94
CA THR K 279 -121.43 53.19 -28.75
C THR K 279 -120.22 52.28 -28.91
N GLN K 280 -120.29 51.36 -29.87
CA GLN K 280 -119.23 50.39 -30.14
C GLN K 280 -118.05 51.04 -30.85
N VAL K 281 -116.85 50.94 -30.23
CA VAL K 281 -115.62 51.52 -30.78
C VAL K 281 -114.59 50.41 -30.99
N LEU K 282 -113.96 50.40 -32.17
CA LEU K 282 -112.91 49.47 -32.55
C LEU K 282 -111.65 50.31 -32.79
N CYS K 283 -110.66 50.14 -31.90
CA CYS K 283 -109.43 50.92 -31.93
C CYS K 283 -108.28 50.21 -32.62
N PHE K 284 -107.55 50.95 -33.45
CA PHE K 284 -106.40 50.43 -34.17
C PHE K 284 -105.12 51.18 -33.79
N LYS K 285 -104.27 50.55 -32.97
CA LYS K 285 -103.02 51.18 -32.53
C LYS K 285 -101.82 50.57 -33.28
N MET K 286 -101.06 51.45 -33.98
CA MET K 286 -99.92 51.02 -34.77
C MET K 286 -98.61 51.60 -34.25
N SER K 287 -97.59 50.74 -34.16
CA SER K 287 -96.25 51.06 -33.66
C SER K 287 -95.31 51.41 -34.81
N ASP K 288 -94.34 52.29 -34.54
CA ASP K 288 -93.28 52.74 -35.46
C ASP K 288 -93.70 53.12 -36.90
N ALA K 289 -94.94 53.62 -37.07
CA ALA K 289 -95.47 54.07 -38.35
C ALA K 289 -96.76 54.86 -38.15
N LYS K 290 -97.09 55.73 -39.12
CA LYS K 290 -98.28 56.58 -39.10
C LYS K 290 -99.31 56.09 -40.09
N ILE K 291 -100.56 55.96 -39.64
CA ILE K 291 -101.66 55.54 -40.49
C ILE K 291 -102.05 56.71 -41.39
N THR K 292 -102.19 56.46 -42.70
CA THR K 292 -102.56 57.48 -43.69
C THR K 292 -104.01 57.32 -44.17
N LYS K 293 -104.49 56.06 -44.21
CA LYS K 293 -105.84 55.71 -44.65
C LYS K 293 -106.26 54.39 -44.01
N GLY K 294 -107.55 54.27 -43.75
CA GLY K 294 -108.14 53.06 -43.19
C GLY K 294 -109.49 52.76 -43.83
N TYR K 295 -109.67 51.51 -44.28
CA TYR K 295 -110.90 51.07 -44.93
C TYR K 295 -111.10 49.57 -44.84
N VAL K 296 -112.37 49.13 -44.89
CA VAL K 296 -112.72 47.72 -44.85
C VAL K 296 -112.31 47.06 -46.17
N PHE K 297 -111.69 45.87 -46.08
CA PHE K 297 -111.25 45.11 -47.25
C PHE K 297 -112.41 44.54 -48.00
N VAL K 298 -112.45 44.81 -49.30
CA VAL K 298 -113.46 44.32 -50.22
C VAL K 298 -112.79 43.83 -51.50
N ALA K 299 -113.17 42.64 -51.98
CA ALA K 299 -112.60 42.09 -53.22
C ALA K 299 -113.67 41.99 -54.31
N MET L 1 -58.65 15.12 -32.18
CA MET L 1 -58.53 13.67 -32.32
C MET L 1 -57.13 13.13 -31.98
N THR L 2 -57.09 11.83 -31.58
CA THR L 2 -55.88 11.08 -31.22
C THR L 2 -54.96 10.73 -32.40
N GLU L 3 -53.67 11.06 -32.28
CA GLU L 3 -52.66 10.80 -33.31
C GLU L 3 -51.54 9.88 -32.86
N HIS L 4 -51.03 9.10 -33.81
CA HIS L 4 -49.96 8.13 -33.63
C HIS L 4 -48.88 8.48 -34.63
N PHE L 5 -47.72 8.86 -34.15
CA PHE L 5 -46.62 9.29 -35.00
C PHE L 5 -45.65 8.17 -35.27
N ILE L 6 -45.31 7.95 -36.55
CA ILE L 6 -44.37 6.90 -37.01
C ILE L 6 -43.51 7.45 -38.12
N THR L 7 -42.23 7.07 -38.14
CA THR L 7 -41.31 7.45 -39.21
C THR L 7 -40.95 6.16 -39.93
N LEU L 8 -41.74 5.81 -40.95
CA LEU L 8 -41.57 4.57 -41.71
C LEU L 8 -40.54 4.67 -42.83
N SER L 9 -39.75 3.62 -42.97
CA SER L 9 -38.70 3.53 -43.97
C SER L 9 -39.06 2.52 -45.04
N THR L 10 -38.36 2.62 -46.16
CA THR L 10 -38.48 1.71 -47.30
C THR L 10 -37.16 0.97 -47.52
N THR L 11 -36.08 1.40 -46.85
CA THR L 11 -34.75 0.82 -47.00
C THR L 11 -34.30 0.07 -45.75
N GLU L 12 -34.46 0.70 -44.57
CA GLU L 12 -34.07 0.12 -43.29
C GLU L 12 -34.85 -1.18 -42.97
N PRO L 13 -34.15 -2.33 -42.78
CA PRO L 13 -34.86 -3.60 -42.53
C PRO L 13 -35.45 -3.69 -41.12
N ASN L 14 -36.59 -3.04 -40.89
CA ASN L 14 -37.26 -3.05 -39.59
C ASN L 14 -38.10 -4.34 -39.40
N ASN L 15 -39.02 -4.62 -40.37
CA ASN L 15 -39.97 -5.76 -40.44
C ASN L 15 -41.09 -5.67 -39.35
N ASN L 16 -40.71 -5.50 -38.08
CA ASN L 16 -41.67 -5.47 -36.98
C ASN L 16 -41.62 -4.23 -36.05
N ILE L 17 -40.51 -3.46 -36.09
CA ILE L 17 -40.29 -2.24 -35.30
C ILE L 17 -41.34 -1.20 -35.70
N GLY L 18 -42.06 -0.70 -34.67
CA GLY L 18 -43.13 0.27 -34.81
C GLY L 18 -44.46 -0.36 -34.50
N ILE L 19 -45.07 0.04 -33.37
CA ILE L 19 -46.37 -0.48 -32.95
C ILE L 19 -47.40 0.64 -33.01
N VAL L 20 -48.62 0.28 -33.40
CA VAL L 20 -49.76 1.19 -33.40
C VAL L 20 -50.83 0.43 -32.65
N LYS L 21 -51.19 0.92 -31.48
CA LYS L 21 -52.20 0.26 -30.68
C LYS L 21 -53.41 1.15 -30.56
N LEU L 22 -54.58 0.58 -30.82
CA LEU L 22 -55.85 1.28 -30.76
C LEU L 22 -56.99 0.28 -30.40
N ARG L 23 -58.20 0.78 -30.07
CA ARG L 23 -59.35 -0.05 -29.67
C ARG L 23 -60.34 -0.25 -30.78
N HIS L 24 -61.22 -1.23 -30.62
CA HIS L 24 -62.27 -1.60 -31.55
C HIS L 24 -63.32 -0.48 -31.70
N ALA L 25 -63.76 0.08 -30.60
CA ALA L 25 -64.77 1.13 -30.63
C ALA L 25 -64.12 2.52 -30.75
N ASP L 26 -63.55 2.90 -31.91
CA ASP L 26 -62.92 4.21 -32.00
C ASP L 26 -63.24 4.88 -33.32
N VAL L 27 -64.48 5.25 -33.46
CA VAL L 27 -64.95 5.87 -34.70
C VAL L 27 -64.27 7.22 -34.91
N ASN L 28 -63.71 7.44 -36.11
CA ASN L 28 -63.04 8.68 -36.53
C ASN L 28 -62.12 9.41 -35.56
N SER L 29 -61.52 8.74 -34.59
CA SER L 29 -60.67 9.48 -33.68
C SER L 29 -59.25 9.08 -33.97
N GLN L 30 -59.00 7.77 -33.97
CA GLN L 30 -57.69 7.18 -34.18
C GLN L 30 -57.10 7.52 -35.55
N ALA L 31 -55.94 8.20 -35.55
CA ALA L 31 -55.28 8.69 -36.76
C ALA L 31 -53.82 8.34 -36.77
N ILE L 32 -53.32 7.89 -37.92
CA ILE L 32 -51.92 7.51 -38.12
C ILE L 32 -51.15 8.56 -38.91
N VAL L 33 -50.20 9.23 -38.26
CA VAL L 33 -49.37 10.23 -38.91
C VAL L 33 -48.01 9.60 -39.22
N ALA L 34 -47.73 9.34 -40.51
CA ALA L 34 -46.49 8.69 -40.92
C ALA L 34 -45.59 9.55 -41.79
N GLN L 35 -44.28 9.41 -41.59
CA GLN L 35 -43.26 10.10 -42.35
C GLN L 35 -42.55 9.04 -43.18
N ILE L 36 -42.54 9.18 -44.50
CA ILE L 36 -41.91 8.22 -45.38
C ILE L 36 -40.48 8.63 -45.68
N VAL L 37 -39.54 7.73 -45.40
CA VAL L 37 -38.11 7.99 -45.55
C VAL L 37 -37.43 6.89 -46.36
N GLU L 38 -36.57 7.29 -47.34
CA GLU L 38 -35.79 6.37 -48.17
C GLU L 38 -34.34 6.79 -48.10
N ASN L 39 -33.48 5.88 -47.61
CA ASN L 39 -32.04 6.10 -47.47
C ASN L 39 -31.69 7.35 -46.63
N GLY L 40 -32.49 7.59 -45.60
CA GLY L 40 -32.28 8.70 -44.68
C GLY L 40 -32.86 10.03 -45.10
N GLN L 41 -33.46 10.08 -46.28
CA GLN L 41 -34.05 11.31 -46.76
C GLN L 41 -35.55 11.09 -47.03
N PRO L 42 -36.41 12.09 -46.82
CA PRO L 42 -37.86 11.91 -47.10
C PRO L 42 -38.13 11.63 -48.58
N LYS L 43 -38.92 10.58 -48.90
CA LYS L 43 -39.22 10.23 -50.30
C LYS L 43 -40.55 10.78 -50.78
N ASN L 44 -40.47 11.45 -51.93
CA ASN L 44 -41.58 12.09 -52.61
C ASN L 44 -42.34 11.07 -53.41
N PHE L 45 -43.60 10.82 -53.01
CA PHE L 45 -44.50 9.87 -53.66
C PHE L 45 -45.50 10.55 -54.62
N GLU L 46 -45.03 11.63 -55.23
CA GLU L 46 -45.78 12.43 -56.19
C GLU L 46 -46.25 11.54 -57.35
N GLY L 47 -47.56 11.59 -57.65
CA GLY L 47 -48.14 10.83 -58.74
C GLY L 47 -48.56 9.41 -58.37
N LEU L 48 -48.35 9.08 -57.10
CA LEU L 48 -48.67 7.79 -56.55
C LEU L 48 -49.69 7.97 -55.43
N GLN L 49 -50.76 7.19 -55.51
CA GLN L 49 -51.81 7.22 -54.53
C GLN L 49 -51.46 6.33 -53.32
N PRO L 50 -51.46 6.91 -52.10
CA PRO L 50 -51.18 6.12 -50.89
C PRO L 50 -52.36 5.23 -50.49
N PHE L 51 -52.05 4.12 -49.83
CA PHE L 51 -53.03 3.13 -49.40
C PHE L 51 -52.62 2.51 -48.08
N PHE L 52 -53.60 2.23 -47.23
CA PHE L 52 -53.34 1.57 -45.95
C PHE L 52 -53.55 0.08 -46.16
N CYS L 53 -52.47 -0.68 -46.16
CA CYS L 53 -52.56 -2.11 -46.41
C CYS L 53 -52.48 -2.85 -45.13
N LEU L 54 -53.54 -3.57 -44.81
CA LEU L 54 -53.60 -4.33 -43.56
C LEU L 54 -53.64 -5.84 -43.80
N MET L 55 -52.75 -6.57 -43.11
CA MET L 55 -52.67 -8.03 -43.17
C MET L 55 -53.28 -8.63 -41.90
N ALA L 56 -54.60 -8.79 -41.98
CA ALA L 56 -55.43 -9.29 -40.89
C ALA L 56 -55.30 -10.79 -40.75
N GLN L 57 -55.15 -11.27 -39.53
CA GLN L 57 -55.12 -12.71 -39.27
C GLN L 57 -56.60 -13.12 -39.29
N GLU L 58 -56.92 -14.35 -39.77
CA GLU L 58 -58.32 -14.82 -39.85
C GLU L 58 -59.21 -14.16 -40.95
N ALA L 59 -58.60 -13.27 -41.75
CA ALA L 59 -59.29 -12.66 -42.90
C ALA L 59 -58.41 -12.30 -44.09
N THR L 60 -57.76 -13.32 -44.71
CA THR L 60 -56.86 -13.14 -45.88
C THR L 60 -57.48 -13.57 -47.22
N GLY L 61 -56.94 -13.01 -48.30
CA GLY L 61 -57.34 -13.28 -49.68
C GLY L 61 -56.34 -12.66 -50.64
N GLN L 62 -56.86 -11.94 -51.66
CA GLN L 62 -56.05 -11.20 -52.62
C GLN L 62 -56.06 -9.71 -52.25
N GLY L 63 -57.18 -9.25 -51.74
CA GLY L 63 -57.33 -7.91 -51.21
C GLY L 63 -57.69 -8.07 -49.77
N VAL L 64 -56.71 -8.39 -48.94
CA VAL L 64 -56.90 -8.61 -47.51
C VAL L 64 -57.60 -7.40 -46.89
N SER L 65 -56.98 -6.22 -46.99
CA SER L 65 -57.54 -4.93 -46.54
C SER L 65 -56.76 -3.81 -47.18
N GLU L 66 -57.42 -3.02 -48.00
CA GLU L 66 -56.74 -1.92 -48.66
C GLU L 66 -57.72 -0.79 -48.84
N GLU L 67 -57.30 0.41 -48.41
CA GLU L 67 -58.11 1.63 -48.55
C GLU L 67 -57.25 2.84 -48.85
N SER L 68 -57.76 3.73 -49.71
CA SER L 68 -57.06 4.94 -50.15
C SER L 68 -56.89 5.94 -49.02
N VAL L 69 -55.67 6.48 -48.87
CA VAL L 69 -55.40 7.49 -47.84
C VAL L 69 -55.75 8.85 -48.45
N VAL L 70 -56.66 9.60 -47.79
CA VAL L 70 -57.16 10.87 -48.31
C VAL L 70 -56.29 12.09 -47.96
N SER L 71 -55.80 12.14 -46.70
CA SER L 71 -54.98 13.25 -46.24
C SER L 71 -53.52 12.89 -46.37
N PHE L 72 -52.79 13.60 -47.22
CA PHE L 72 -51.38 13.34 -47.50
C PHE L 72 -50.68 14.47 -48.24
N ASP L 73 -49.36 14.60 -48.01
CA ASP L 73 -48.49 15.56 -48.68
C ASP L 73 -47.34 14.80 -49.34
N ALA L 74 -47.48 14.55 -50.64
CA ALA L 74 -46.47 13.81 -51.42
C ALA L 74 -45.13 14.57 -51.62
N LYS L 75 -45.16 15.90 -51.49
CA LYS L 75 -44.00 16.78 -51.65
C LYS L 75 -42.98 16.57 -50.54
N ASN L 76 -43.46 16.29 -49.30
CA ASN L 76 -42.59 16.10 -48.12
C ASN L 76 -42.56 14.66 -47.58
N GLY L 77 -43.41 13.79 -48.13
CA GLY L 77 -43.51 12.39 -47.75
C GLY L 77 -44.22 12.17 -46.42
N THR L 78 -45.35 12.86 -46.21
CA THR L 78 -46.15 12.77 -44.99
C THR L 78 -47.57 12.39 -45.33
N LEU L 79 -48.22 11.61 -44.46
CA LEU L 79 -49.60 11.20 -44.64
C LEU L 79 -50.32 11.07 -43.30
N LYS L 80 -51.65 11.19 -43.33
CA LYS L 80 -52.48 11.07 -42.14
C LYS L 80 -53.63 10.13 -42.47
N TYR L 81 -53.57 8.92 -41.92
CA TYR L 81 -54.63 7.99 -42.17
C TYR L 81 -55.51 7.83 -40.92
N VAL L 82 -56.83 8.07 -41.06
CA VAL L 82 -57.77 7.88 -39.97
C VAL L 82 -58.31 6.46 -40.07
N ALA L 83 -58.24 5.72 -38.96
CA ALA L 83 -58.67 4.33 -38.82
C ALA L 83 -60.16 4.18 -39.09
N SER L 84 -60.48 3.41 -40.14
CA SER L 84 -61.84 3.16 -40.56
C SER L 84 -62.40 1.94 -39.84
N ASP L 85 -63.74 1.83 -39.84
CA ASP L 85 -64.50 0.75 -39.23
C ASP L 85 -64.10 -0.61 -39.72
N ASN L 86 -63.49 -0.69 -40.92
CA ASN L 86 -62.93 -1.93 -41.46
C ASN L 86 -61.61 -2.25 -40.74
N ALA L 87 -60.75 -1.23 -40.47
CA ALA L 87 -59.47 -1.42 -39.77
C ALA L 87 -59.64 -1.81 -38.29
N LEU L 88 -60.72 -1.32 -37.68
CA LEU L 88 -61.07 -1.56 -36.27
C LEU L 88 -61.73 -2.91 -36.08
N GLN L 89 -62.30 -3.46 -37.16
CA GLN L 89 -63.06 -4.70 -37.18
C GLN L 89 -62.27 -5.92 -36.66
N PHE L 90 -61.00 -6.02 -37.07
CA PHE L 90 -60.12 -7.14 -36.73
C PHE L 90 -59.40 -6.97 -35.41
N VAL L 91 -60.01 -7.53 -34.35
CA VAL L 91 -59.43 -7.44 -33.01
C VAL L 91 -58.33 -8.46 -32.89
N GLY L 92 -57.13 -8.01 -32.57
CA GLY L 92 -55.97 -8.88 -32.42
C GLY L 92 -54.67 -8.31 -32.94
N ARG L 93 -53.60 -9.13 -32.88
CA ARG L 93 -52.25 -8.71 -33.29
C ARG L 93 -52.08 -8.84 -34.79
N ASN L 94 -52.15 -7.70 -35.50
CA ASN L 94 -52.09 -7.67 -36.95
C ASN L 94 -50.86 -6.89 -37.45
N GLU L 95 -50.58 -7.01 -38.76
CA GLU L 95 -49.46 -6.38 -39.44
C GLU L 95 -50.02 -5.47 -40.53
N ALA L 96 -49.46 -4.26 -40.68
CA ALA L 96 -49.89 -3.27 -41.67
C ALA L 96 -48.71 -2.53 -42.29
N TYR L 97 -48.94 -1.88 -43.44
CA TYR L 97 -47.94 -1.12 -44.18
C TYR L 97 -48.65 -0.17 -45.13
N PHE L 98 -47.92 0.83 -45.62
CA PHE L 98 -48.47 1.78 -46.56
C PHE L 98 -47.95 1.51 -47.98
N SER L 99 -48.85 1.51 -48.96
CA SER L 99 -48.46 1.30 -50.33
C SER L 99 -48.77 2.53 -51.16
N PHE L 100 -47.92 2.83 -52.16
CA PHE L 100 -48.09 3.96 -53.07
C PHE L 100 -48.06 3.43 -54.48
N ARG L 101 -49.17 3.56 -55.24
CA ARG L 101 -49.19 3.04 -56.61
C ARG L 101 -49.60 4.04 -57.67
N LYS L 102 -49.26 3.70 -58.93
CA LYS L 102 -49.63 4.47 -60.11
C LYS L 102 -50.40 3.52 -61.05
N GLN L 103 -51.74 3.58 -60.91
CA GLN L 103 -52.67 2.76 -61.65
C GLN L 103 -53.30 3.56 -62.75
N GLU L 104 -53.39 2.95 -63.94
CA GLU L 104 -54.00 3.62 -65.07
C GLU L 104 -55.24 2.88 -65.52
N GLY L 105 -55.04 1.92 -66.42
CA GLY L 105 -56.13 1.14 -67.00
C GLY L 105 -56.14 -0.27 -66.48
N GLY L 106 -56.64 -0.43 -65.26
CA GLY L 106 -56.73 -1.73 -64.61
C GLY L 106 -55.38 -2.18 -64.07
N ARG L 107 -54.38 -2.31 -64.97
CA ARG L 107 -53.00 -2.67 -64.64
C ARG L 107 -52.19 -1.50 -64.11
N TRP L 108 -51.31 -1.81 -63.17
CA TRP L 108 -50.51 -0.82 -62.48
C TRP L 108 -49.16 -0.68 -63.11
N ILE L 109 -48.61 0.54 -63.12
CA ILE L 109 -47.28 0.77 -63.64
C ILE L 109 -46.28 0.56 -62.55
N GLU L 110 -46.22 1.48 -61.57
CA GLU L 110 -45.26 1.46 -60.47
C GLU L 110 -45.96 1.39 -59.11
N GLN L 111 -45.41 0.62 -58.15
CA GLN L 111 -45.96 0.49 -56.78
C GLN L 111 -44.89 0.21 -55.70
N PHE L 112 -44.49 1.20 -54.92
CA PHE L 112 -43.50 0.96 -53.88
C PHE L 112 -44.18 1.02 -52.52
N SER L 113 -43.74 0.16 -51.58
CA SER L 113 -44.32 0.04 -50.26
C SER L 113 -43.29 0.18 -49.15
N THR L 114 -43.77 0.66 -47.97
CA THR L 114 -42.99 0.85 -46.74
C THR L 114 -42.84 -0.46 -46.00
N ARG L 115 -41.94 -0.51 -45.01
CA ARG L 115 -41.72 -1.70 -44.18
C ARG L 115 -42.96 -1.97 -43.33
N THR L 116 -43.12 -3.22 -42.90
CA THR L 116 -44.26 -3.61 -42.09
C THR L 116 -44.16 -3.11 -40.64
N PHE L 117 -45.29 -2.66 -40.10
CA PHE L 117 -45.38 -2.21 -38.71
C PHE L 117 -46.52 -2.92 -38.04
N HIS L 118 -46.42 -3.08 -36.75
CA HIS L 118 -47.46 -3.79 -36.03
C HIS L 118 -48.69 -2.95 -35.86
N TYR L 119 -49.83 -3.52 -36.23
CA TYR L 119 -51.12 -2.88 -36.07
C TYR L 119 -51.91 -3.74 -35.09
N ILE L 120 -51.87 -3.37 -33.81
CA ILE L 120 -52.56 -4.12 -32.79
C ILE L 120 -53.85 -3.42 -32.38
N VAL L 121 -54.93 -4.19 -32.43
CA VAL L 121 -56.27 -3.76 -32.09
C VAL L 121 -56.70 -4.49 -30.79
N GLU L 122 -56.99 -3.68 -29.77
CA GLU L 122 -57.45 -4.13 -28.47
C GLU L 122 -58.99 -4.20 -28.51
N LYS L 123 -59.55 -5.19 -27.82
CA LYS L 123 -61.01 -5.38 -27.72
C LYS L 123 -61.68 -4.22 -26.99
N SER L 124 -62.97 -4.01 -27.25
CA SER L 124 -63.81 -3.03 -26.59
C SER L 124 -64.97 -3.79 -25.93
N ILE L 125 -65.85 -3.09 -25.19
CA ILE L 125 -67.04 -3.71 -24.58
C ILE L 125 -68.06 -4.08 -25.68
N TYR L 126 -67.96 -3.38 -26.82
CA TYR L 126 -68.77 -3.53 -28.00
C TYR L 126 -68.38 -4.72 -28.87
N SER L 127 -67.08 -5.10 -28.83
CA SER L 127 -66.51 -6.23 -29.58
C SER L 127 -66.64 -7.56 -28.81
N GLN L 128 -66.45 -7.52 -27.48
CA GLN L 128 -66.55 -8.71 -26.65
C GLN L 128 -67.97 -9.30 -26.59
N PRO L 129 -68.13 -10.60 -26.93
CA PRO L 129 -69.45 -11.24 -26.85
C PRO L 129 -69.88 -11.45 -25.41
N PHE L 130 -71.17 -11.28 -25.16
CA PHE L 130 -71.78 -11.39 -23.84
C PHE L 130 -73.03 -12.23 -23.85
N LYS L 131 -73.38 -12.80 -22.70
CA LYS L 131 -74.55 -13.64 -22.55
C LYS L 131 -75.78 -12.82 -22.14
N ASP L 132 -76.79 -12.81 -23.02
CA ASP L 132 -78.04 -12.10 -22.79
C ASP L 132 -79.19 -12.97 -23.22
N SER L 133 -80.17 -13.17 -22.32
CA SER L 133 -81.37 -13.96 -22.53
C SER L 133 -81.02 -15.40 -23.03
N ASN L 134 -80.13 -16.07 -22.28
CA ASN L 134 -79.62 -17.44 -22.55
C ASN L 134 -78.77 -17.59 -23.81
N TYR L 135 -78.66 -16.54 -24.65
CA TYR L 135 -77.88 -16.58 -25.89
C TYR L 135 -76.67 -15.65 -25.84
N TRP L 136 -75.67 -15.90 -26.71
CA TRP L 136 -74.46 -15.09 -26.79
C TRP L 136 -74.64 -14.02 -27.83
N TRP L 137 -74.31 -12.76 -27.50
CA TRP L 137 -74.53 -11.62 -28.41
C TRP L 137 -73.32 -10.71 -28.60
N THR L 138 -73.29 -9.94 -29.67
CA THR L 138 -72.31 -8.87 -29.78
C THR L 138 -73.13 -7.56 -29.82
N PHE L 139 -72.56 -6.42 -29.46
CA PHE L 139 -73.31 -5.15 -29.42
C PHE L 139 -74.00 -4.78 -30.74
N LYS L 140 -73.23 -4.77 -31.84
CA LYS L 140 -73.69 -4.42 -33.17
C LYS L 140 -74.91 -5.22 -33.61
N GLU L 141 -74.98 -6.51 -33.20
CA GLU L 141 -76.08 -7.42 -33.53
C GLU L 141 -77.36 -7.00 -32.81
N LEU L 142 -77.25 -6.78 -31.50
CA LEU L 142 -78.34 -6.43 -30.62
C LEU L 142 -78.86 -5.01 -30.89
N TYR L 143 -77.95 -4.07 -31.21
CA TYR L 143 -78.26 -2.67 -31.52
C TYR L 143 -79.02 -2.55 -32.83
N ARG L 144 -78.73 -3.47 -33.76
CA ARG L 144 -79.36 -3.51 -35.07
C ARG L 144 -80.81 -3.96 -34.92
N ILE L 145 -81.06 -5.01 -34.10
CA ILE L 145 -82.40 -5.59 -33.88
C ILE L 145 -83.30 -4.63 -33.12
N PHE L 146 -82.72 -3.94 -32.14
CA PHE L 146 -83.49 -2.97 -31.37
C PHE L 146 -83.90 -1.77 -32.22
N ASN L 147 -83.02 -1.31 -33.09
CA ASN L 147 -83.32 -0.20 -34.00
C ASN L 147 -84.30 -0.61 -35.09
N LYS L 148 -84.40 -1.92 -35.36
CA LYS L 148 -85.35 -2.45 -36.34
C LYS L 148 -86.71 -2.47 -35.67
N TYR L 149 -86.74 -2.81 -34.37
CA TYR L 149 -87.98 -2.83 -33.62
C TYR L 149 -88.57 -1.43 -33.50
N ILE L 150 -87.71 -0.44 -33.26
CA ILE L 150 -88.15 0.93 -33.09
C ILE L 150 -88.65 1.57 -34.39
N GLU L 151 -88.13 1.14 -35.52
CA GLU L 151 -88.46 1.71 -36.79
C GLU L 151 -89.62 1.02 -37.47
N ASP L 152 -89.70 -0.32 -37.33
CA ASP L 152 -90.83 -1.11 -37.82
C ASP L 152 -92.05 -0.92 -36.92
N GLY L 153 -91.80 -0.58 -35.64
CA GLY L 153 -92.84 -0.29 -34.67
C GLY L 153 -93.55 1.00 -34.99
N LYS L 154 -92.79 2.01 -35.38
CA LYS L 154 -93.35 3.33 -35.74
C LYS L 154 -94.18 3.21 -37.01
N LYS L 155 -93.67 2.45 -37.98
CA LYS L 155 -94.30 2.25 -39.27
C LYS L 155 -95.61 1.48 -39.14
N SER L 156 -95.64 0.50 -38.23
CA SER L 156 -96.81 -0.32 -37.96
C SER L 156 -97.88 0.48 -37.25
N TRP L 157 -97.49 1.44 -36.40
CA TRP L 157 -98.44 2.29 -35.67
C TRP L 157 -99.04 3.36 -36.57
N GLU L 158 -98.22 3.98 -37.45
CA GLU L 158 -98.73 5.00 -38.34
C GLU L 158 -99.66 4.41 -39.40
N GLN L 159 -99.49 3.11 -39.68
CA GLN L 159 -100.37 2.39 -40.59
C GLN L 159 -101.65 1.99 -39.82
N PHE L 160 -101.52 1.64 -38.53
CA PHE L 160 -102.64 1.27 -37.66
C PHE L 160 -103.67 2.38 -37.58
N VAL L 161 -103.22 3.61 -37.32
CA VAL L 161 -104.09 4.78 -37.22
C VAL L 161 -104.68 5.12 -38.61
N GLU L 162 -103.84 5.10 -39.68
CA GLU L 162 -104.23 5.39 -41.05
C GLU L 162 -105.35 4.46 -41.52
N ALA L 163 -105.18 3.14 -41.32
CA ALA L 163 -106.17 2.15 -41.74
C ALA L 163 -107.46 2.27 -40.93
N ASN L 164 -107.33 2.52 -39.60
CA ASN L 164 -108.47 2.67 -38.70
C ASN L 164 -109.26 3.91 -38.95
N ARG L 165 -108.56 4.96 -39.32
CA ARG L 165 -109.20 6.22 -39.63
C ARG L 165 -110.02 6.10 -40.90
N GLU L 166 -109.53 5.31 -41.87
CA GLU L 166 -110.21 5.14 -43.16
C GLU L 166 -111.41 4.21 -43.17
N ILE L 167 -111.60 3.49 -42.06
CA ILE L 167 -112.78 2.67 -41.83
C ILE L 167 -113.96 3.62 -41.47
N LEU L 168 -113.69 4.57 -40.58
CA LEU L 168 -114.67 5.52 -40.09
C LEU L 168 -115.03 6.60 -41.09
N GLU L 169 -114.03 7.22 -41.70
CA GLU L 169 -114.30 8.36 -42.58
C GLU L 169 -114.36 8.14 -44.09
N SER L 170 -113.67 7.12 -44.58
CA SER L 170 -113.67 6.95 -46.03
C SER L 170 -114.81 6.05 -46.49
N ILE L 171 -115.23 5.15 -45.62
CA ILE L 171 -116.30 4.19 -45.91
C ILE L 171 -117.70 4.72 -45.50
N ASP L 172 -117.76 5.95 -44.95
CA ASP L 172 -119.05 6.55 -44.57
C ASP L 172 -119.30 7.95 -45.14
N PRO L 173 -120.53 8.23 -45.70
CA PRO L 173 -120.83 9.57 -46.23
C PRO L 173 -120.98 10.65 -45.13
N GLY L 174 -121.53 10.24 -43.98
CA GLY L 174 -121.68 11.05 -42.78
C GLY L 174 -120.63 10.76 -41.70
N GLY L 175 -119.79 9.72 -41.88
CA GLY L 175 -118.75 9.34 -40.92
C GLY L 175 -117.54 10.27 -40.90
N VAL L 176 -117.28 10.96 -42.04
CA VAL L 176 -116.21 11.96 -42.25
C VAL L 176 -116.42 13.07 -41.24
N LEU L 177 -117.69 13.44 -41.06
CA LEU L 177 -118.18 14.48 -40.15
C LEU L 177 -117.74 14.23 -38.72
N LEU L 178 -118.04 13.03 -38.19
CA LEU L 178 -117.73 12.63 -36.82
C LEU L 178 -116.21 12.74 -36.53
N ALA L 179 -115.40 12.29 -37.50
CA ALA L 179 -113.94 12.30 -37.46
C ALA L 179 -113.44 13.73 -37.43
N LYS L 180 -113.97 14.57 -38.30
CA LYS L 180 -113.51 15.95 -38.38
C LYS L 180 -113.84 16.81 -37.21
N VAL L 181 -115.08 16.68 -36.68
CA VAL L 181 -115.57 17.46 -35.54
C VAL L 181 -114.79 17.14 -34.28
N ILE L 182 -114.55 15.85 -34.06
CA ILE L 182 -113.83 15.34 -32.88
C ILE L 182 -112.35 15.84 -32.77
N ASP L 183 -111.75 16.09 -33.94
CA ASP L 183 -110.40 16.62 -34.10
C ASP L 183 -110.38 18.12 -33.92
N ILE L 184 -111.39 18.81 -34.47
CA ILE L 184 -111.50 20.26 -34.34
C ILE L 184 -111.70 20.62 -32.87
N GLU L 185 -112.62 19.89 -32.20
CA GLU L 185 -112.97 20.13 -30.81
C GLU L 185 -111.80 20.03 -29.87
N LYS L 186 -110.93 19.05 -30.13
CA LYS L 186 -109.73 18.80 -29.35
C LYS L 186 -108.71 19.95 -29.50
N ILE L 187 -108.54 20.47 -30.74
CA ILE L 187 -107.63 21.57 -31.05
C ILE L 187 -108.05 22.84 -30.31
N VAL L 188 -109.36 23.09 -30.33
CA VAL L 188 -110.01 24.22 -29.66
C VAL L 188 -109.85 24.12 -28.09
N ASN L 189 -109.70 22.89 -27.57
CA ASN L 189 -109.53 22.62 -26.14
C ASN L 189 -108.10 22.82 -25.74
N GLU L 190 -107.18 22.88 -26.71
CA GLU L 190 -105.77 23.02 -26.39
C GLU L 190 -105.05 24.25 -26.95
N LYS L 191 -105.49 24.74 -28.12
CA LYS L 191 -104.88 25.88 -28.79
C LYS L 191 -105.73 27.15 -28.78
N VAL L 192 -107.06 27.00 -28.69
CA VAL L 192 -107.95 28.17 -28.69
C VAL L 192 -108.20 28.61 -27.20
N PRO L 193 -108.05 29.94 -26.84
CA PRO L 193 -108.31 30.37 -25.45
C PRO L 193 -109.80 30.54 -25.22
N ALA L 194 -110.47 29.49 -24.75
CA ALA L 194 -111.90 29.55 -24.51
C ALA L 194 -112.37 28.96 -23.17
N GLY L 195 -111.87 27.77 -22.84
CA GLY L 195 -112.26 27.02 -21.63
C GLY L 195 -112.03 27.50 -20.21
N PHE L 196 -110.76 27.70 -19.86
CA PHE L 196 -110.28 28.12 -18.55
C PHE L 196 -110.40 29.66 -18.40
N LYS L 197 -110.84 30.11 -17.21
CA LYS L 197 -111.05 31.54 -16.90
C LYS L 197 -110.40 31.89 -15.58
N PHE L 198 -109.64 33.00 -15.57
CA PHE L 198 -108.89 33.45 -14.39
C PHE L 198 -108.89 34.95 -14.28
N VAL L 199 -109.10 35.46 -13.06
CA VAL L 199 -109.13 36.89 -12.79
C VAL L 199 -107.90 37.35 -12.01
N LEU L 200 -107.26 38.43 -12.50
CA LEU L 200 -106.08 39.01 -11.88
C LEU L 200 -106.34 40.47 -11.50
N GLU L 201 -106.30 40.77 -10.20
CA GLU L 201 -106.51 42.12 -9.68
C GLU L 201 -105.16 42.84 -9.56
N HIS L 202 -105.09 44.12 -9.97
CA HIS L 202 -103.87 44.89 -9.93
C HIS L 202 -104.03 46.31 -9.37
N ASP L 203 -102.90 47.04 -9.28
CA ASP L 203 -102.84 48.40 -8.75
C ASP L 203 -102.93 49.46 -9.84
N SER L 204 -102.57 49.07 -11.07
CA SER L 204 -102.57 49.95 -12.25
C SER L 204 -103.98 50.35 -12.69
N GLU L 205 -104.08 51.56 -13.26
CA GLU L 205 -105.34 52.10 -13.76
C GLU L 205 -105.50 51.77 -15.24
N TYR L 206 -104.43 51.25 -15.85
CA TYR L 206 -104.40 50.94 -17.27
C TYR L 206 -104.62 49.43 -17.60
N GLN L 207 -104.08 48.97 -18.75
CA GLN L 207 -104.19 47.61 -19.25
C GLN L 207 -102.83 46.92 -19.26
N PRO L 208 -102.48 46.18 -18.17
CA PRO L 208 -101.18 45.52 -18.14
C PRO L 208 -101.15 44.24 -18.97
N GLU L 209 -100.01 43.97 -19.64
CA GLU L 209 -99.85 42.78 -20.47
C GLU L 209 -99.58 41.58 -19.58
N VAL L 210 -100.32 40.50 -19.83
CA VAL L 210 -100.19 39.26 -19.09
C VAL L 210 -99.71 38.16 -20.04
N LYS L 211 -98.70 37.39 -19.58
CA LYS L 211 -98.12 36.27 -20.29
C LYS L 211 -98.28 35.04 -19.41
N VAL L 212 -98.86 33.98 -19.98
CA VAL L 212 -99.11 32.74 -19.23
C VAL L 212 -98.31 31.56 -19.80
N THR L 213 -97.65 30.79 -18.88
CA THR L 213 -96.83 29.61 -19.18
C THR L 213 -97.20 28.43 -18.27
N SER L 214 -97.22 27.20 -18.84
CA SER L 214 -97.53 25.99 -18.09
C SER L 214 -96.39 25.02 -18.15
N TYR L 215 -96.00 24.45 -16.99
CA TYR L 215 -94.89 23.50 -16.87
C TYR L 215 -95.05 22.53 -15.70
N LYS L 216 -94.56 21.30 -15.85
CA LYS L 216 -94.65 20.26 -14.81
C LYS L 216 -93.28 20.02 -14.19
N ASN L 217 -93.23 19.49 -12.92
CA ASN L 217 -92.02 19.15 -12.16
C ASN L 217 -91.02 20.31 -12.01
N ALA L 218 -91.56 21.49 -11.69
CA ALA L 218 -90.78 22.72 -11.48
C ALA L 218 -89.96 22.64 -10.18
N ILE L 219 -89.11 23.62 -9.95
CA ILE L 219 -88.29 23.65 -8.74
C ILE L 219 -89.09 23.62 -7.42
N GLY L 220 -88.89 22.55 -6.66
CA GLY L 220 -89.55 22.34 -5.38
C GLY L 220 -91.04 22.02 -5.44
N THR L 221 -91.49 21.36 -6.52
CA THR L 221 -92.91 20.95 -6.72
C THR L 221 -93.04 19.45 -7.01
N GLU L 222 -91.90 18.76 -7.12
CA GLU L 222 -91.83 17.32 -7.41
C GLU L 222 -92.41 16.52 -6.25
N THR L 223 -93.05 15.40 -6.57
CA THR L 223 -93.73 14.51 -5.64
C THR L 223 -92.85 13.96 -4.51
N ASP L 224 -91.67 13.42 -4.85
CA ASP L 224 -90.76 12.82 -3.87
C ASP L 224 -89.63 13.75 -3.37
N GLY L 225 -89.90 15.05 -3.33
CA GLY L 225 -88.98 16.07 -2.84
C GLY L 225 -88.15 16.76 -3.91
N PHE L 226 -87.09 17.47 -3.49
CA PHE L 226 -86.20 18.19 -4.39
C PHE L 226 -85.37 17.25 -5.26
N ASP L 227 -85.27 17.56 -6.57
CA ASP L 227 -84.53 16.80 -7.59
C ASP L 227 -84.92 15.30 -7.61
N SER L 228 -86.21 15.04 -7.50
CA SER L 228 -86.72 13.67 -7.54
C SER L 228 -87.42 13.38 -8.85
N GLY L 229 -87.79 14.45 -9.56
CA GLY L 229 -88.48 14.39 -10.84
C GLY L 229 -87.58 13.99 -12.01
N PRO L 230 -88.14 13.57 -13.16
CA PRO L 230 -87.30 13.14 -14.29
C PRO L 230 -86.48 14.25 -14.94
N VAL L 231 -87.02 15.47 -14.98
CA VAL L 231 -86.32 16.62 -15.58
C VAL L 231 -86.13 17.69 -14.51
N PHE L 232 -84.89 17.85 -14.05
CA PHE L 232 -84.54 18.81 -13.02
C PHE L 232 -84.78 20.26 -13.46
N GLY L 233 -85.47 21.03 -12.59
CA GLY L 233 -85.73 22.45 -12.79
C GLY L 233 -86.95 22.81 -13.62
N GLY L 234 -87.76 21.79 -13.96
CA GLY L 234 -88.97 21.93 -14.75
C GLY L 234 -88.88 21.19 -16.07
N GLY L 235 -89.95 20.52 -16.47
CA GLY L 235 -89.97 19.77 -17.72
C GLY L 235 -90.11 20.63 -18.97
N THR L 236 -91.24 20.44 -19.67
CA THR L 236 -91.58 21.18 -20.90
C THR L 236 -92.43 22.37 -20.54
N ILE L 237 -92.07 23.52 -21.10
CA ILE L 237 -92.79 24.76 -20.84
C ILE L 237 -93.65 25.10 -22.05
N TYR L 238 -94.93 25.32 -21.80
CA TYR L 238 -95.89 25.61 -22.84
C TYR L 238 -96.38 27.04 -22.73
N ASN L 239 -96.23 27.81 -23.81
CA ASN L 239 -96.71 29.19 -23.86
C ASN L 239 -98.21 29.12 -24.08
N VAL L 240 -98.98 29.44 -23.02
CA VAL L 240 -100.44 29.35 -23.00
C VAL L 240 -101.11 30.45 -23.86
N PRO L 241 -101.92 30.09 -24.88
CA PRO L 241 -102.61 31.11 -25.67
C PRO L 241 -103.68 31.76 -24.80
N VAL L 242 -103.73 33.09 -24.84
CA VAL L 242 -104.62 33.89 -23.99
C VAL L 242 -105.44 34.92 -24.74
N SER L 243 -106.67 35.17 -24.24
CA SER L 243 -107.59 36.20 -24.71
C SER L 243 -107.84 37.10 -23.52
N LEU L 244 -107.29 38.32 -23.63
CA LEU L 244 -107.29 39.40 -22.64
C LEU L 244 -108.53 40.28 -22.67
N SER L 245 -109.04 40.53 -21.49
CA SER L 245 -110.22 41.33 -21.24
C SER L 245 -109.91 42.22 -20.03
N TYR L 246 -110.23 43.50 -20.11
CA TYR L 246 -109.90 44.45 -19.04
C TYR L 246 -111.04 45.29 -18.48
N ASP L 247 -111.01 45.49 -17.16
CA ASP L 247 -111.92 46.35 -16.38
C ASP L 247 -111.02 47.14 -15.42
N ARG L 248 -111.62 48.04 -14.60
CA ARG L 248 -110.85 48.85 -13.66
C ARG L 248 -110.15 47.96 -12.64
N GLN L 249 -108.80 47.95 -12.67
CA GLN L 249 -107.94 47.18 -11.77
C GLN L 249 -108.23 45.66 -11.79
N LYS L 250 -108.76 45.16 -12.92
CA LYS L 250 -109.09 43.74 -13.08
C LYS L 250 -108.77 43.31 -14.51
N VAL L 251 -108.00 42.21 -14.66
CA VAL L 251 -107.59 41.57 -15.92
C VAL L 251 -108.19 40.16 -15.99
N TYR L 252 -108.94 39.90 -17.06
CA TYR L 252 -109.57 38.60 -17.29
C TYR L 252 -108.82 37.85 -18.36
N VAL L 253 -108.17 36.78 -17.94
CA VAL L 253 -107.36 35.90 -18.78
C VAL L 253 -108.06 34.61 -19.15
N GLU L 254 -108.47 34.50 -20.42
CA GLU L 254 -109.14 33.33 -20.95
C GLU L 254 -108.12 32.42 -21.54
N MET L 255 -108.21 31.15 -21.19
CA MET L 255 -107.21 30.17 -21.61
C MET L 255 -107.83 28.89 -22.15
N PRO L 256 -107.11 28.02 -22.89
CA PRO L 256 -107.73 26.79 -23.37
C PRO L 256 -108.19 25.87 -22.24
N LYS L 257 -109.19 25.03 -22.55
CA LYS L 257 -109.78 24.08 -21.61
C LYS L 257 -108.72 23.08 -21.06
N SER L 258 -107.71 22.71 -21.86
CA SER L 258 -106.68 21.78 -21.40
C SER L 258 -105.85 22.32 -20.26
N TYR L 259 -105.70 23.63 -20.18
CA TYR L 259 -104.91 24.27 -19.13
C TYR L 259 -105.69 24.51 -17.85
N THR L 260 -106.87 23.88 -17.73
CA THR L 260 -107.73 24.01 -16.54
C THR L 260 -107.07 23.32 -15.37
N LEU L 261 -106.76 24.08 -14.32
CA LEU L 261 -106.11 23.50 -13.17
C LEU L 261 -106.53 24.29 -11.93
N ALA L 262 -107.07 23.57 -10.96
CA ALA L 262 -107.52 24.15 -9.71
C ALA L 262 -106.59 23.73 -8.59
N GLY L 263 -105.72 24.66 -8.20
CA GLY L 263 -104.76 24.40 -7.13
C GLY L 263 -104.59 25.57 -6.19
N ASP L 264 -103.42 25.63 -5.54
CA ASP L 264 -103.08 26.69 -4.59
C ASP L 264 -102.54 27.89 -5.33
N ILE L 265 -103.07 29.07 -4.98
CA ILE L 265 -102.70 30.35 -5.57
C ILE L 265 -101.60 31.00 -4.75
N ILE L 266 -100.42 31.16 -5.34
CA ILE L 266 -99.27 31.74 -4.67
C ILE L 266 -98.89 33.05 -5.33
N LEU L 267 -98.87 34.12 -4.53
CA LEU L 267 -98.52 35.45 -5.00
C LEU L 267 -97.10 35.76 -4.56
N ILE L 268 -96.26 36.14 -5.53
CA ILE L 268 -94.86 36.53 -5.30
C ILE L 268 -94.87 38.05 -5.19
N ASP L 269 -93.83 38.60 -4.54
CA ASP L 269 -93.59 40.03 -4.22
C ASP L 269 -93.84 41.09 -5.34
N ASP L 270 -93.75 40.66 -6.61
CA ASP L 270 -93.88 41.53 -7.78
C ASP L 270 -95.10 41.19 -8.65
N GLY L 271 -95.00 41.48 -9.95
CA GLY L 271 -96.01 41.17 -10.95
C GLY L 271 -95.91 39.71 -11.42
N THR L 272 -95.90 38.75 -10.47
CA THR L 272 -95.89 37.31 -10.73
C THR L 272 -96.75 36.48 -9.75
N LEU L 273 -97.58 35.59 -10.30
CA LEU L 273 -98.52 34.71 -9.56
C LEU L 273 -98.48 33.30 -10.14
N LEU L 274 -98.53 32.31 -9.25
CA LEU L 274 -98.51 30.90 -9.63
C LEU L 274 -99.72 30.17 -9.11
N VAL L 275 -100.15 29.17 -9.86
CA VAL L 275 -101.21 28.24 -9.48
C VAL L 275 -100.56 26.87 -9.50
N ILE L 276 -100.37 26.28 -8.31
CA ILE L 276 -99.69 24.98 -8.19
C ILE L 276 -100.62 23.89 -7.69
N LYS L 277 -100.73 22.81 -8.45
CA LYS L 277 -101.51 21.64 -8.10
C LYS L 277 -100.55 20.45 -8.23
N GLU L 278 -99.94 20.07 -7.09
CA GLU L 278 -98.93 19.01 -6.97
C GLU L 278 -97.77 19.45 -7.87
N THR L 279 -97.50 18.72 -8.96
CA THR L 279 -96.42 18.98 -9.91
C THR L 279 -96.71 20.02 -10.99
N GLN L 280 -97.98 20.08 -11.44
CA GLN L 280 -98.43 21.01 -12.48
C GLN L 280 -98.49 22.45 -11.97
N VAL L 281 -97.77 23.35 -12.64
CA VAL L 281 -97.69 24.77 -12.29
C VAL L 281 -98.12 25.64 -13.49
N LEU L 282 -98.95 26.64 -13.21
CA LEU L 282 -99.45 27.61 -14.18
C LEU L 282 -98.94 28.96 -13.72
N CYS L 283 -98.08 29.57 -14.55
CA CYS L 283 -97.41 30.85 -14.25
C CYS L 283 -98.04 32.06 -14.94
N PHE L 284 -98.24 33.16 -14.18
CA PHE L 284 -98.82 34.42 -14.66
C PHE L 284 -97.83 35.56 -14.47
N LYS L 285 -97.34 36.12 -15.58
CA LYS L 285 -96.37 37.23 -15.57
C LYS L 285 -96.99 38.49 -16.09
N MET L 286 -97.03 39.50 -15.24
CA MET L 286 -97.63 40.79 -15.55
C MET L 286 -96.62 41.93 -15.56
N SER L 287 -96.67 42.72 -16.63
CA SER L 287 -95.77 43.84 -16.85
C SER L 287 -96.45 45.18 -16.57
N ASP L 288 -95.68 46.13 -16.03
CA ASP L 288 -96.10 47.50 -15.69
C ASP L 288 -97.13 47.61 -14.55
N ALA L 289 -97.42 46.51 -13.84
CA ALA L 289 -98.37 46.49 -12.72
C ALA L 289 -98.07 45.41 -11.68
N LYS L 290 -98.63 45.56 -10.46
CA LYS L 290 -98.45 44.66 -9.33
C LYS L 290 -99.72 43.89 -9.04
N ILE L 291 -99.64 42.54 -9.02
CA ILE L 291 -100.79 41.68 -8.74
C ILE L 291 -101.13 41.78 -7.25
N THR L 292 -102.41 42.01 -6.96
CA THR L 292 -102.89 42.12 -5.59
C THR L 292 -103.66 40.88 -5.19
N LYS L 293 -104.40 40.31 -6.14
CA LYS L 293 -105.25 39.14 -5.94
C LYS L 293 -105.38 38.37 -7.24
N GLY L 294 -105.54 37.06 -7.11
CA GLY L 294 -105.73 36.16 -8.23
C GLY L 294 -106.70 35.04 -7.85
N TYR L 295 -107.65 34.76 -8.74
CA TYR L 295 -108.66 33.72 -8.48
C TYR L 295 -109.30 33.24 -9.77
N VAL L 296 -109.84 32.03 -9.77
CA VAL L 296 -110.50 31.48 -10.94
C VAL L 296 -111.92 32.02 -11.08
N PHE L 297 -112.53 31.79 -12.25
CA PHE L 297 -113.94 32.10 -12.44
C PHE L 297 -114.78 30.79 -12.67
N VAL L 298 -115.92 30.66 -11.94
CA VAL L 298 -116.84 29.50 -12.02
C VAL L 298 -117.60 29.30 -13.35
N MET M 1 -39.10 5.55 -57.37
CA MET M 1 -38.82 4.14 -57.07
C MET M 1 -37.74 3.92 -56.00
N THR M 2 -37.89 2.82 -55.22
CA THR M 2 -36.98 2.44 -54.12
C THR M 2 -35.65 1.85 -54.59
N GLU M 3 -34.56 2.36 -54.04
CA GLU M 3 -33.21 1.95 -54.41
C GLU M 3 -32.55 1.23 -53.27
N HIS M 4 -31.96 0.05 -53.55
CA HIS M 4 -31.24 -0.77 -52.57
C HIS M 4 -29.79 -0.82 -52.95
N PHE M 5 -28.96 -0.04 -52.27
CA PHE M 5 -27.55 0.05 -52.60
C PHE M 5 -26.72 -1.07 -52.01
N ILE M 6 -26.16 -1.93 -52.88
CA ILE M 6 -25.32 -3.04 -52.48
C ILE M 6 -24.06 -3.14 -53.33
N THR M 7 -23.00 -3.72 -52.78
CA THR M 7 -21.74 -3.92 -53.51
C THR M 7 -21.53 -5.42 -53.62
N LEU M 8 -21.47 -5.94 -54.86
CA LEU M 8 -21.28 -7.38 -55.09
C LEU M 8 -19.92 -7.73 -55.68
N SER M 9 -19.28 -8.80 -55.17
CA SER M 9 -17.97 -9.27 -55.63
C SER M 9 -18.02 -10.55 -56.46
N THR M 10 -17.03 -10.74 -57.31
CA THR M 10 -16.89 -11.93 -58.14
C THR M 10 -15.88 -12.88 -57.46
N THR M 11 -15.00 -12.28 -56.68
CA THR M 11 -13.92 -12.99 -56.05
C THR M 11 -14.06 -13.18 -54.54
N GLU M 12 -14.97 -12.42 -53.90
CA GLU M 12 -15.17 -12.52 -52.45
C GLU M 12 -16.62 -12.90 -52.10
N PRO M 13 -16.87 -13.59 -50.97
CA PRO M 13 -18.26 -13.93 -50.60
C PRO M 13 -19.04 -12.70 -50.20
N ASN M 14 -20.32 -12.59 -50.64
CA ASN M 14 -21.23 -11.45 -50.38
C ASN M 14 -22.09 -11.63 -49.12
N ASN M 15 -21.41 -11.86 -48.00
CA ASN M 15 -22.02 -12.10 -46.71
C ASN M 15 -22.17 -10.86 -45.87
N ASN M 16 -21.23 -9.91 -46.02
CA ASN M 16 -21.22 -8.67 -45.26
C ASN M 16 -22.21 -7.60 -45.73
N ILE M 17 -22.93 -7.87 -46.84
CA ILE M 17 -23.96 -6.94 -47.33
C ILE M 17 -25.15 -6.95 -46.38
N GLY M 18 -25.89 -5.87 -46.39
CA GLY M 18 -27.06 -5.72 -45.54
C GLY M 18 -28.19 -6.65 -45.95
N ILE M 19 -29.26 -6.59 -45.19
CA ILE M 19 -30.45 -7.37 -45.48
C ILE M 19 -31.19 -6.73 -46.67
N VAL M 20 -31.23 -7.44 -47.79
CA VAL M 20 -31.93 -6.94 -48.97
C VAL M 20 -33.36 -7.45 -48.83
N LYS M 21 -34.28 -6.55 -48.44
CA LYS M 21 -35.67 -6.91 -48.21
C LYS M 21 -36.56 -6.22 -49.21
N LEU M 22 -37.37 -7.02 -49.91
CA LEU M 22 -38.31 -6.52 -50.93
C LEU M 22 -39.74 -7.01 -50.64
N ARG M 23 -40.75 -6.25 -51.08
CA ARG M 23 -42.17 -6.59 -50.87
C ARG M 23 -42.68 -7.42 -52.04
N HIS M 24 -43.57 -8.40 -51.77
CA HIS M 24 -44.12 -9.32 -52.78
C HIS M 24 -44.82 -8.63 -53.95
N ALA M 25 -45.74 -7.72 -53.69
CA ALA M 25 -46.43 -7.14 -54.82
C ALA M 25 -45.97 -5.70 -54.99
N ASP M 26 -44.87 -5.50 -55.74
CA ASP M 26 -44.30 -4.16 -55.93
C ASP M 26 -44.10 -3.69 -57.37
N VAL M 27 -44.44 -4.54 -58.30
CA VAL M 27 -44.29 -4.30 -59.73
C VAL M 27 -42.89 -3.83 -60.13
N ASN M 28 -42.78 -2.65 -60.76
CA ASN M 28 -41.48 -2.14 -61.19
C ASN M 28 -41.11 -0.92 -60.37
N SER M 29 -40.79 -1.16 -59.10
CA SER M 29 -40.40 -0.14 -58.17
C SER M 29 -39.13 -0.51 -57.43
N GLN M 30 -39.06 -1.77 -56.89
CA GLN M 30 -37.96 -2.30 -56.08
C GLN M 30 -36.69 -2.59 -56.89
N ALA M 31 -35.82 -1.59 -56.97
CA ALA M 31 -34.58 -1.62 -57.74
C ALA M 31 -33.37 -1.88 -56.89
N ILE M 32 -32.48 -2.71 -57.41
CA ILE M 32 -31.24 -3.10 -56.74
C ILE M 32 -30.03 -2.46 -57.42
N VAL M 33 -29.56 -1.34 -56.87
CA VAL M 33 -28.36 -0.68 -57.36
C VAL M 33 -27.11 -1.40 -56.87
N ALA M 34 -26.48 -2.13 -57.78
CA ALA M 34 -25.33 -2.93 -57.45
C ALA M 34 -24.01 -2.46 -58.05
N GLN M 35 -22.97 -2.42 -57.20
CA GLN M 35 -21.62 -2.08 -57.62
C GLN M 35 -20.87 -3.38 -57.77
N ILE M 36 -20.33 -3.60 -58.96
CA ILE M 36 -19.58 -4.82 -59.29
C ILE M 36 -18.09 -4.63 -59.05
N VAL M 37 -17.57 -5.44 -58.15
CA VAL M 37 -16.20 -5.37 -57.74
C VAL M 37 -15.50 -6.71 -57.92
N GLU M 38 -14.23 -6.67 -58.30
CA GLU M 38 -13.39 -7.83 -58.61
C GLU M 38 -12.03 -7.56 -57.99
N ASN M 39 -11.64 -8.41 -57.02
CA ASN M 39 -10.37 -8.29 -56.29
C ASN M 39 -10.15 -6.89 -55.69
N GLY M 40 -11.25 -6.29 -55.21
CA GLY M 40 -11.26 -4.98 -54.58
C GLY M 40 -11.48 -3.79 -55.50
N GLN M 41 -11.13 -3.95 -56.80
CA GLN M 41 -11.31 -2.91 -57.82
C GLN M 41 -12.61 -3.08 -58.62
N PRO M 42 -13.23 -1.98 -59.12
CA PRO M 42 -14.49 -2.13 -59.89
C PRO M 42 -14.30 -2.91 -61.18
N LYS M 43 -15.29 -3.73 -61.59
CA LYS M 43 -15.14 -4.54 -62.80
C LYS M 43 -15.80 -3.90 -64.00
N ASN M 44 -15.09 -3.87 -65.16
CA ASN M 44 -15.60 -3.33 -66.44
C ASN M 44 -16.16 -4.42 -67.30
N PHE M 45 -17.48 -4.49 -67.38
CA PHE M 45 -18.15 -5.51 -68.19
C PHE M 45 -18.56 -4.98 -69.58
N GLU M 46 -17.66 -4.17 -70.14
CA GLU M 46 -17.85 -3.54 -71.43
C GLU M 46 -17.99 -4.59 -72.51
N GLY M 47 -19.13 -4.52 -73.20
CA GLY M 47 -19.43 -5.44 -74.28
C GLY M 47 -20.21 -6.66 -73.83
N LEU M 48 -20.49 -6.72 -72.51
CA LEU M 48 -21.24 -7.82 -71.92
C LEU M 48 -22.56 -7.34 -71.35
N GLN M 49 -23.61 -8.11 -71.57
CA GLN M 49 -24.94 -7.84 -71.07
C GLN M 49 -25.13 -8.49 -69.70
N PRO M 50 -25.49 -7.66 -68.68
CA PRO M 50 -25.71 -8.21 -67.34
C PRO M 50 -27.07 -8.85 -67.25
N PHE M 51 -27.15 -9.86 -66.40
CA PHE M 51 -28.36 -10.64 -66.18
C PHE M 51 -28.62 -10.92 -64.73
N PHE M 52 -29.90 -10.89 -64.37
CA PHE M 52 -30.29 -11.27 -63.04
C PHE M 52 -30.58 -12.76 -63.07
N CYS M 53 -29.85 -13.53 -62.26
CA CYS M 53 -30.03 -14.97 -62.23
C CYS M 53 -30.48 -15.48 -60.87
N LEU M 54 -31.77 -15.82 -60.78
CA LEU M 54 -32.38 -16.36 -59.58
C LEU M 54 -32.47 -17.88 -59.72
N MET M 55 -31.82 -18.63 -58.81
CA MET M 55 -31.84 -20.09 -58.84
C MET M 55 -33.16 -20.65 -58.33
N ALA M 56 -33.57 -21.83 -58.85
CA ALA M 56 -34.80 -22.52 -58.46
C ALA M 56 -34.79 -22.94 -57.00
N GLN M 57 -35.97 -23.32 -56.49
CA GLN M 57 -36.13 -23.74 -55.10
C GLN M 57 -35.59 -25.12 -54.96
N GLU M 58 -34.63 -25.30 -54.05
CA GLU M 58 -34.01 -26.62 -53.94
C GLU M 58 -34.98 -27.78 -53.71
N ALA M 59 -35.98 -27.53 -52.86
CA ALA M 59 -37.00 -28.51 -52.49
C ALA M 59 -37.91 -28.92 -53.63
N THR M 60 -38.53 -27.95 -54.30
CA THR M 60 -39.50 -28.17 -55.37
C THR M 60 -38.89 -28.17 -56.76
N GLY M 61 -37.83 -27.38 -56.93
CA GLY M 61 -37.16 -27.25 -58.22
C GLY M 61 -37.88 -26.29 -59.14
N GLN M 62 -38.58 -25.34 -58.56
CA GLN M 62 -39.35 -24.35 -59.29
C GLN M 62 -38.85 -22.96 -58.91
N GLY M 63 -38.88 -22.04 -59.85
CA GLY M 63 -38.52 -20.65 -59.60
C GLY M 63 -37.19 -20.18 -60.13
N VAL M 64 -36.78 -20.74 -61.28
CA VAL M 64 -35.53 -20.39 -61.93
C VAL M 64 -35.77 -19.27 -62.90
N SER M 65 -34.97 -18.20 -62.85
CA SER M 65 -35.14 -17.08 -63.77
C SER M 65 -33.83 -16.44 -64.23
N GLU M 66 -33.79 -16.04 -65.53
CA GLU M 66 -32.70 -15.28 -66.13
C GLU M 66 -33.32 -14.13 -66.87
N GLU M 67 -33.01 -12.91 -66.39
CA GLU M 67 -33.54 -11.63 -66.89
C GLU M 67 -32.44 -10.65 -67.33
N SER M 68 -32.68 -9.92 -68.45
CA SER M 68 -31.76 -8.92 -69.00
C SER M 68 -31.87 -7.68 -68.15
N VAL M 69 -30.71 -7.13 -67.76
CA VAL M 69 -30.71 -5.92 -66.96
C VAL M 69 -30.90 -4.73 -67.88
N VAL M 70 -31.88 -3.86 -67.62
CA VAL M 70 -32.17 -2.72 -68.49
C VAL M 70 -31.12 -1.61 -68.34
N SER M 71 -31.05 -0.98 -67.13
CA SER M 71 -30.15 0.12 -66.80
C SER M 71 -28.90 -0.38 -66.12
N PHE M 72 -27.73 0.04 -66.64
CA PHE M 72 -26.40 -0.36 -66.17
C PHE M 72 -25.30 0.48 -66.81
N ASP M 73 -24.17 0.64 -66.12
CA ASP M 73 -23.00 1.36 -66.62
C ASP M 73 -21.82 0.42 -66.59
N ALA M 74 -21.41 -0.06 -67.77
CA ALA M 74 -20.31 -1.02 -67.88
C ALA M 74 -18.91 -0.49 -67.51
N LYS M 75 -18.65 0.79 -67.80
CA LYS M 75 -17.37 1.46 -67.58
C LYS M 75 -17.00 1.53 -66.10
N ASN M 76 -17.96 1.92 -65.25
CA ASN M 76 -17.70 2.04 -63.83
C ASN M 76 -18.04 0.79 -63.04
N GLY M 77 -18.84 -0.10 -63.65
CA GLY M 77 -19.26 -1.36 -63.05
C GLY M 77 -20.42 -1.25 -62.10
N THR M 78 -21.49 -0.59 -62.54
CA THR M 78 -22.70 -0.41 -61.74
C THR M 78 -23.89 -0.88 -62.51
N LEU M 79 -24.90 -1.38 -61.82
CA LEU M 79 -26.15 -1.79 -62.48
C LEU M 79 -27.35 -1.49 -61.63
N LYS M 80 -28.49 -1.26 -62.23
CA LYS M 80 -29.71 -0.99 -61.48
C LYS M 80 -30.80 -1.93 -61.95
N TYR M 81 -30.85 -3.13 -61.36
CA TYR M 81 -31.88 -4.11 -61.70
C TYR M 81 -33.14 -3.89 -60.89
N VAL M 82 -34.29 -3.81 -61.59
CA VAL M 82 -35.62 -3.69 -60.98
C VAL M 82 -36.25 -5.06 -60.96
N ALA M 83 -36.61 -5.50 -59.76
CA ALA M 83 -37.18 -6.79 -59.46
C ALA M 83 -38.44 -7.00 -60.28
N SER M 84 -38.62 -8.21 -60.79
CA SER M 84 -39.78 -8.58 -61.56
C SER M 84 -40.54 -9.65 -60.80
N ASP M 85 -41.81 -9.89 -61.20
CA ASP M 85 -42.75 -10.91 -60.69
C ASP M 85 -42.04 -12.26 -60.38
N ASN M 86 -41.16 -12.71 -61.29
CA ASN M 86 -40.41 -13.96 -61.17
C ASN M 86 -39.37 -13.85 -60.09
N ALA M 87 -38.82 -12.63 -59.88
CA ALA M 87 -37.81 -12.38 -58.84
C ALA M 87 -38.43 -12.40 -57.44
N LEU M 88 -39.54 -11.72 -57.24
CA LEU M 88 -40.23 -11.71 -55.95
C LEU M 88 -41.45 -12.67 -55.96
N GLN M 89 -41.23 -13.87 -56.51
CA GLN M 89 -42.23 -14.92 -56.64
C GLN M 89 -42.44 -15.59 -55.28
N PHE M 90 -41.33 -16.04 -54.69
CA PHE M 90 -41.36 -16.74 -53.42
C PHE M 90 -41.20 -15.84 -52.24
N VAL M 91 -42.13 -15.93 -51.29
CA VAL M 91 -42.08 -15.14 -50.07
C VAL M 91 -41.09 -15.83 -49.15
N GLY M 92 -40.04 -15.11 -48.78
CA GLY M 92 -39.00 -15.64 -47.92
C GLY M 92 -37.62 -15.46 -48.51
N ARG M 93 -36.67 -16.28 -48.07
CA ARG M 93 -35.28 -16.21 -48.50
C ARG M 93 -35.09 -16.66 -49.92
N ASN M 94 -34.31 -15.90 -50.70
CA ASN M 94 -34.03 -16.24 -52.09
C ASN M 94 -32.51 -16.17 -52.37
N GLU M 95 -32.03 -17.06 -53.23
CA GLU M 95 -30.62 -17.17 -53.59
C GLU M 95 -30.47 -16.85 -55.06
N ALA M 96 -29.75 -15.75 -55.36
CA ALA M 96 -29.53 -15.24 -56.71
C ALA M 96 -28.12 -14.67 -56.90
N TYR M 97 -27.76 -14.41 -58.17
CA TYR M 97 -26.48 -13.83 -58.58
C TYR M 97 -26.67 -13.09 -59.91
N PHE M 98 -25.69 -12.26 -60.28
CA PHE M 98 -25.70 -11.51 -61.53
C PHE M 98 -24.63 -12.11 -62.45
N SER M 99 -25.02 -12.38 -63.70
CA SER M 99 -24.06 -12.91 -64.66
C SER M 99 -23.85 -11.92 -65.75
N PHE M 100 -22.63 -11.82 -66.27
CA PHE M 100 -22.33 -10.92 -67.38
C PHE M 100 -21.97 -11.77 -68.57
N ARG M 101 -22.78 -11.65 -69.64
CA ARG M 101 -22.63 -12.51 -70.81
C ARG M 101 -22.50 -11.77 -72.11
N LYS M 102 -21.53 -12.18 -72.94
CA LYS M 102 -21.38 -11.68 -74.30
C LYS M 102 -21.79 -12.82 -75.24
N GLN M 103 -22.92 -12.63 -75.95
CA GLN M 103 -23.50 -13.62 -76.85
C GLN M 103 -23.50 -13.10 -78.27
N GLU M 104 -23.04 -13.96 -79.21
CA GLU M 104 -23.01 -13.67 -80.64
C GLU M 104 -24.09 -14.50 -81.32
N GLY M 105 -25.30 -13.95 -81.24
CA GLY M 105 -26.52 -14.53 -81.79
C GLY M 105 -27.16 -15.70 -81.09
N GLY M 106 -26.42 -16.79 -81.02
CA GLY M 106 -26.89 -18.02 -80.38
C GLY M 106 -25.78 -18.63 -79.56
N ARG M 107 -24.52 -18.41 -80.01
CA ARG M 107 -23.32 -18.93 -79.35
C ARG M 107 -22.76 -17.99 -78.28
N TRP M 108 -22.23 -18.59 -77.23
CA TRP M 108 -21.70 -17.84 -76.11
C TRP M 108 -20.21 -17.64 -76.31
N ILE M 109 -19.73 -16.38 -76.19
CA ILE M 109 -18.31 -16.05 -76.33
C ILE M 109 -17.62 -16.14 -74.97
N GLU M 110 -18.08 -15.30 -74.04
CA GLU M 110 -17.60 -15.28 -72.66
C GLU M 110 -18.71 -14.90 -71.69
N GLN M 111 -18.59 -15.37 -70.44
CA GLN M 111 -19.53 -15.10 -69.36
C GLN M 111 -18.85 -15.22 -68.00
N PHE M 112 -19.04 -14.18 -67.15
CA PHE M 112 -18.54 -14.13 -65.76
C PHE M 112 -19.66 -13.72 -64.77
N SER M 113 -19.77 -14.49 -63.67
CA SER M 113 -20.80 -14.34 -62.65
C SER M 113 -20.25 -13.84 -61.31
N THR M 114 -21.07 -13.05 -60.59
CA THR M 114 -20.74 -12.56 -59.26
C THR M 114 -21.08 -13.64 -58.26
N ARG M 115 -20.46 -13.59 -57.08
CA ARG M 115 -20.74 -14.54 -56.03
C ARG M 115 -22.20 -14.40 -55.57
N THR M 116 -22.82 -15.55 -55.24
CA THR M 116 -24.24 -15.61 -54.86
C THR M 116 -24.57 -14.75 -53.66
N PHE M 117 -25.70 -14.04 -53.74
CA PHE M 117 -26.19 -13.21 -52.65
C PHE M 117 -27.58 -13.65 -52.22
N HIS M 118 -27.98 -13.26 -51.01
CA HIS M 118 -29.26 -13.64 -50.46
C HIS M 118 -30.15 -12.44 -50.27
N TYR M 119 -31.42 -12.59 -50.62
CA TYR M 119 -32.40 -11.53 -50.41
C TYR M 119 -33.68 -12.12 -49.91
N ILE M 120 -34.41 -11.34 -49.11
CA ILE M 120 -35.67 -11.78 -48.53
C ILE M 120 -36.86 -11.04 -49.14
N VAL M 121 -37.92 -11.78 -49.41
CA VAL M 121 -39.15 -11.24 -49.96
C VAL M 121 -40.21 -11.25 -48.88
N GLU M 122 -40.71 -10.05 -48.55
CA GLU M 122 -41.74 -9.84 -47.53
C GLU M 122 -43.14 -10.15 -48.08
N LYS M 123 -44.02 -10.63 -47.20
CA LYS M 123 -45.39 -10.97 -47.56
C LYS M 123 -46.20 -9.72 -47.84
N SER M 124 -47.01 -9.72 -48.88
CA SER M 124 -47.87 -8.60 -49.21
C SER M 124 -49.31 -9.07 -49.04
N ILE M 125 -50.29 -8.14 -49.09
CA ILE M 125 -51.73 -8.48 -49.03
C ILE M 125 -52.11 -9.34 -50.25
N TYR M 126 -51.44 -9.08 -51.40
CA TYR M 126 -51.58 -9.77 -52.70
C TYR M 126 -50.62 -10.95 -52.77
N SER M 127 -51.05 -12.03 -53.46
CA SER M 127 -50.26 -13.25 -53.67
C SER M 127 -50.42 -13.70 -55.13
N GLN M 128 -49.42 -13.44 -55.97
CA GLN M 128 -49.55 -13.79 -57.38
C GLN M 128 -49.48 -15.26 -57.68
N PRO M 129 -50.50 -15.80 -58.36
CA PRO M 129 -50.49 -17.22 -58.69
C PRO M 129 -49.58 -17.48 -59.88
N PHE M 130 -48.79 -18.55 -59.80
CA PHE M 130 -47.85 -18.93 -60.84
C PHE M 130 -48.21 -20.24 -61.48
N LYS M 131 -48.15 -20.26 -62.81
CA LYS M 131 -48.42 -21.44 -63.59
C LYS M 131 -47.21 -22.33 -63.49
N ASP M 132 -47.46 -23.60 -63.17
CA ASP M 132 -46.40 -24.60 -63.05
C ASP M 132 -45.77 -24.77 -64.43
N SER M 133 -44.46 -24.53 -64.50
CA SER M 133 -43.69 -24.59 -65.73
C SER M 133 -44.00 -25.83 -66.61
N ASN M 134 -44.37 -25.57 -67.89
CA ASN M 134 -44.70 -26.60 -68.90
C ASN M 134 -44.14 -26.25 -70.29
N TYR M 135 -42.89 -25.80 -70.35
CA TYR M 135 -42.22 -25.45 -71.60
C TYR M 135 -42.11 -26.65 -72.53
N TRP M 136 -41.81 -27.82 -71.97
CA TRP M 136 -41.68 -29.04 -72.75
C TRP M 136 -43.01 -29.49 -73.31
N TRP M 137 -44.06 -29.47 -72.51
CA TRP M 137 -45.39 -29.89 -72.98
C TRP M 137 -45.93 -29.01 -74.10
N THR M 138 -45.81 -27.70 -73.94
CA THR M 138 -46.30 -26.72 -74.90
C THR M 138 -45.57 -26.86 -76.21
N PHE M 139 -44.24 -27.05 -76.14
CA PHE M 139 -43.39 -27.17 -77.32
C PHE M 139 -43.62 -28.46 -78.08
N LYS M 140 -43.88 -29.56 -77.36
CA LYS M 140 -44.11 -30.81 -78.06
C LYS M 140 -45.54 -30.97 -78.57
N GLU M 141 -46.53 -30.35 -77.90
CA GLU M 141 -47.92 -30.41 -78.36
C GLU M 141 -48.07 -29.68 -79.66
N LEU M 142 -47.32 -28.55 -79.78
CA LEU M 142 -47.24 -27.75 -80.99
C LEU M 142 -46.60 -28.58 -82.10
N TYR M 143 -45.60 -29.40 -81.76
CA TYR M 143 -44.89 -30.26 -82.68
C TYR M 143 -45.78 -31.42 -83.05
N ARG M 144 -46.60 -31.88 -82.08
CA ARG M 144 -47.52 -32.99 -82.26
C ARG M 144 -48.64 -32.61 -83.22
N ILE M 145 -49.29 -31.46 -82.93
CA ILE M 145 -50.39 -30.98 -83.76
C ILE M 145 -49.96 -30.60 -85.20
N PHE M 146 -48.69 -30.13 -85.35
CA PHE M 146 -48.12 -29.80 -86.64
C PHE M 146 -47.87 -31.07 -87.44
N ASN M 147 -47.41 -32.15 -86.77
CA ASN M 147 -47.19 -33.42 -87.44
C ASN M 147 -48.50 -34.16 -87.77
N LYS M 148 -49.59 -33.83 -87.02
CA LYS M 148 -50.93 -34.35 -87.26
C LYS M 148 -51.45 -33.69 -88.54
N TYR M 149 -51.08 -32.42 -88.78
CA TYR M 149 -51.46 -31.66 -89.98
C TYR M 149 -50.77 -32.24 -91.21
N ILE M 150 -49.54 -32.72 -91.04
CA ILE M 150 -48.79 -33.30 -92.13
C ILE M 150 -49.42 -34.66 -92.53
N GLU M 151 -49.75 -35.52 -91.54
CA GLU M 151 -50.38 -36.83 -91.72
C GLU M 151 -51.77 -36.71 -92.39
N ASP M 152 -52.62 -35.83 -91.85
CA ASP M 152 -53.98 -35.61 -92.35
C ASP M 152 -53.98 -34.83 -93.66
N GLY M 153 -53.00 -33.94 -93.81
CA GLY M 153 -52.82 -33.12 -95.01
C GLY M 153 -52.39 -33.89 -96.23
N LYS M 154 -51.53 -34.92 -96.04
CA LYS M 154 -51.09 -35.74 -97.14
C LYS M 154 -52.22 -36.62 -97.63
N LYS M 155 -53.06 -37.14 -96.70
CA LYS M 155 -54.21 -38.02 -96.97
C LYS M 155 -55.33 -37.28 -97.70
N SER M 156 -55.62 -36.03 -97.27
CA SER M 156 -56.64 -35.16 -97.87
C SER M 156 -56.24 -34.66 -99.26
N TRP M 157 -54.93 -34.37 -99.47
CA TRP M 157 -54.40 -33.90 -100.75
C TRP M 157 -54.42 -35.02 -101.82
N GLU M 158 -54.02 -36.25 -101.45
CA GLU M 158 -54.04 -37.41 -102.35
C GLU M 158 -55.49 -37.72 -102.77
N GLN M 159 -56.44 -37.53 -101.82
CA GLN M 159 -57.86 -37.73 -102.06
C GLN M 159 -58.41 -36.69 -103.03
N PHE M 160 -57.78 -35.61 -103.05
CA PHE M 160 -58.19 -34.49 -103.89
C PHE M 160 -57.71 -34.66 -105.32
N VAL M 161 -56.42 -34.96 -105.50
CA VAL M 161 -55.82 -35.14 -106.82
C VAL M 161 -56.45 -36.35 -107.53
N GLU M 162 -56.53 -37.50 -106.86
CA GLU M 162 -57.08 -38.74 -107.42
C GLU M 162 -58.57 -38.67 -107.79
N ALA M 163 -59.33 -37.82 -107.09
CA ALA M 163 -60.75 -37.60 -107.39
C ALA M 163 -60.88 -36.76 -108.68
N ASN M 164 -59.90 -35.86 -108.92
CA ASN M 164 -59.88 -34.99 -110.08
C ASN M 164 -58.89 -35.50 -111.15
N ARG M 165 -58.68 -36.84 -111.19
CA ARG M 165 -57.74 -37.57 -112.07
C ARG M 165 -58.01 -37.34 -113.55
N GLU M 166 -59.24 -37.57 -113.99
CA GLU M 166 -59.65 -37.44 -115.39
C GLU M 166 -59.61 -36.00 -115.85
N ILE M 167 -59.94 -35.08 -114.94
CA ILE M 167 -59.97 -33.65 -115.23
C ILE M 167 -58.58 -33.13 -115.51
N LEU M 168 -57.61 -33.62 -114.75
CA LEU M 168 -56.20 -33.22 -114.85
C LEU M 168 -55.51 -33.78 -116.10
N GLU M 169 -56.08 -34.83 -116.69
CA GLU M 169 -55.51 -35.46 -117.88
C GLU M 169 -56.10 -34.81 -119.14
N SER M 170 -57.36 -34.38 -119.05
CA SER M 170 -58.12 -33.75 -120.15
C SER M 170 -58.10 -32.23 -120.11
N ILE M 171 -57.19 -31.65 -119.34
CA ILE M 171 -57.07 -30.21 -119.16
C ILE M 171 -56.43 -29.53 -120.37
N ASP M 172 -55.31 -30.09 -120.87
CA ASP M 172 -54.62 -29.52 -122.00
C ASP M 172 -54.27 -30.60 -123.02
N PRO M 173 -54.83 -30.49 -124.25
CA PRO M 173 -54.49 -31.49 -125.27
C PRO M 173 -53.13 -31.17 -125.89
N GLY M 174 -52.29 -32.20 -125.93
CA GLY M 174 -50.93 -32.13 -126.49
C GLY M 174 -49.98 -31.34 -125.61
N GLY M 175 -50.17 -30.03 -125.60
CA GLY M 175 -49.35 -29.12 -124.82
C GLY M 175 -49.24 -27.76 -125.46
N VAL M 176 -50.37 -27.20 -125.88
CA VAL M 176 -50.42 -25.87 -126.47
C VAL M 176 -50.24 -24.79 -125.40
N LEU M 177 -50.91 -24.92 -124.24
CA LEU M 177 -50.81 -23.97 -123.13
C LEU M 177 -49.50 -24.14 -122.41
N LEU M 178 -49.06 -25.39 -122.24
CA LEU M 178 -47.83 -25.73 -121.53
C LEU M 178 -46.63 -25.06 -122.18
N ALA M 179 -46.59 -25.06 -123.53
CA ALA M 179 -45.51 -24.46 -124.32
C ALA M 179 -45.56 -22.95 -124.27
N LYS M 180 -46.75 -22.39 -124.03
CA LYS M 180 -46.95 -20.95 -123.93
C LYS M 180 -46.52 -20.46 -122.55
N VAL M 181 -46.88 -21.21 -121.50
CA VAL M 181 -46.58 -20.91 -120.10
C VAL M 181 -45.09 -21.02 -119.82
N ILE M 182 -44.43 -22.00 -120.47
CA ILE M 182 -42.99 -22.24 -120.36
C ILE M 182 -42.16 -21.08 -120.90
N ASP M 183 -42.76 -20.26 -121.81
CA ASP M 183 -42.18 -19.05 -122.42
C ASP M 183 -42.42 -17.84 -121.51
N ILE M 184 -43.52 -17.88 -120.73
CA ILE M 184 -43.89 -16.84 -119.76
C ILE M 184 -42.96 -16.98 -118.57
N GLU M 185 -42.84 -18.21 -118.04
CA GLU M 185 -41.96 -18.45 -116.90
C GLU M 185 -40.49 -18.29 -117.25
N LYS M 186 -40.16 -18.37 -118.54
CA LYS M 186 -38.79 -18.17 -118.99
C LYS M 186 -38.41 -16.71 -118.72
N ILE M 187 -39.33 -15.77 -119.02
CA ILE M 187 -39.11 -14.34 -118.82
C ILE M 187 -39.37 -13.88 -117.39
N VAL M 188 -40.23 -14.60 -116.66
CA VAL M 188 -40.53 -14.29 -115.26
C VAL M 188 -39.32 -14.69 -114.40
N ASN M 189 -38.63 -15.75 -114.80
CA ASN M 189 -37.47 -16.21 -114.08
C ASN M 189 -36.21 -15.38 -114.33
N GLU M 190 -36.29 -14.34 -115.13
CA GLU M 190 -35.09 -13.52 -115.36
C GLU M 190 -35.31 -12.02 -115.27
N LYS M 191 -36.59 -11.60 -115.33
CA LYS M 191 -36.98 -10.19 -115.25
C LYS M 191 -37.71 -9.83 -113.98
N VAL M 192 -38.38 -10.80 -113.35
CA VAL M 192 -39.14 -10.59 -112.11
C VAL M 192 -38.26 -11.20 -110.99
N PRO M 193 -38.25 -10.63 -109.75
CA PRO M 193 -37.51 -11.26 -108.63
C PRO M 193 -38.32 -12.49 -108.15
N ALA M 194 -37.80 -13.66 -108.54
CA ALA M 194 -38.46 -14.94 -108.36
C ALA M 194 -38.34 -15.89 -107.19
N GLY M 195 -37.23 -16.64 -107.14
CA GLY M 195 -37.01 -17.67 -106.14
C GLY M 195 -35.69 -17.51 -105.43
N PHE M 196 -34.77 -16.74 -106.03
CA PHE M 196 -33.43 -16.51 -105.48
C PHE M 196 -33.32 -15.41 -104.40
N LYS M 197 -33.21 -15.82 -103.10
CA LYS M 197 -33.13 -14.93 -101.95
C LYS M 197 -31.73 -14.95 -101.35
N PHE M 198 -31.10 -13.76 -101.25
CA PHE M 198 -29.76 -13.58 -100.65
C PHE M 198 -29.83 -12.61 -99.45
N VAL M 199 -29.16 -12.96 -98.35
CA VAL M 199 -29.18 -12.15 -97.14
C VAL M 199 -27.87 -11.39 -97.00
N LEU M 200 -27.98 -10.08 -96.74
CA LEU M 200 -26.83 -9.22 -96.52
C LEU M 200 -26.93 -8.57 -95.16
N GLU M 201 -25.99 -8.90 -94.27
CA GLU M 201 -25.93 -8.32 -92.94
C GLU M 201 -25.12 -7.02 -93.00
N HIS M 202 -25.61 -6.00 -92.32
CA HIS M 202 -24.95 -4.69 -92.31
C HIS M 202 -24.81 -4.10 -90.92
N ASP M 203 -24.05 -3.01 -90.81
CA ASP M 203 -23.79 -2.27 -89.57
C ASP M 203 -24.83 -1.17 -89.32
N SER M 204 -25.50 -0.71 -90.40
CA SER M 204 -26.51 0.36 -90.33
C SER M 204 -27.79 -0.09 -89.59
N GLU M 205 -28.48 0.87 -88.95
CA GLU M 205 -29.73 0.60 -88.23
C GLU M 205 -30.91 0.78 -89.16
N TYR M 206 -30.67 1.41 -90.31
CA TYR M 206 -31.70 1.74 -91.29
C TYR M 206 -31.82 0.74 -92.47
N GLN M 207 -32.32 1.22 -93.64
CA GLN M 207 -32.52 0.38 -94.81
C GLN M 207 -31.62 0.84 -95.93
N PRO M 208 -30.44 0.21 -96.08
CA PRO M 208 -29.52 0.64 -97.15
C PRO M 208 -29.93 0.18 -98.53
N GLU M 209 -29.64 1.00 -99.55
CA GLU M 209 -29.98 0.70 -100.95
C GLU M 209 -28.97 -0.31 -101.45
N VAL M 210 -29.47 -1.41 -102.06
CA VAL M 210 -28.65 -2.46 -102.64
C VAL M 210 -28.88 -2.52 -104.13
N LYS M 211 -27.78 -2.54 -104.90
CA LYS M 211 -27.79 -2.63 -106.34
C LYS M 211 -27.01 -3.89 -106.77
N VAL M 212 -27.67 -4.78 -107.51
CA VAL M 212 -27.06 -6.05 -107.94
C VAL M 212 -26.83 -6.07 -109.44
N THR M 213 -25.62 -6.50 -109.85
CA THR M 213 -25.20 -6.62 -111.24
C THR M 213 -24.61 -8.00 -111.51
N SER M 214 -24.84 -8.53 -112.72
CA SER M 214 -24.37 -9.85 -113.14
C SER M 214 -23.51 -9.74 -114.39
N TYR M 215 -22.31 -10.33 -114.36
CA TYR M 215 -21.37 -10.30 -115.48
C TYR M 215 -20.45 -11.52 -115.49
N LYS M 216 -19.98 -11.87 -116.68
CA LYS M 216 -19.11 -13.02 -116.90
C LYS M 216 -17.73 -12.55 -117.39
N ASN M 217 -16.68 -13.35 -117.13
CA ASN M 217 -15.30 -13.13 -117.57
C ASN M 217 -14.64 -11.82 -117.14
N ALA M 218 -14.83 -11.45 -115.87
CA ALA M 218 -14.19 -10.27 -115.28
C ALA M 218 -12.73 -10.64 -114.98
N ILE M 219 -11.89 -9.66 -114.64
CA ILE M 219 -10.48 -9.90 -114.32
C ILE M 219 -10.26 -10.95 -113.21
N GLY M 220 -9.49 -11.99 -113.53
CA GLY M 220 -9.15 -13.07 -112.62
C GLY M 220 -10.20 -14.16 -112.46
N THR M 221 -11.22 -14.16 -113.34
CA THR M 221 -12.30 -15.18 -113.28
C THR M 221 -12.31 -16.11 -114.48
N GLU M 222 -11.59 -15.73 -115.56
CA GLU M 222 -11.50 -16.50 -116.80
C GLU M 222 -10.89 -17.89 -116.55
N THR M 223 -11.40 -18.89 -117.27
CA THR M 223 -10.99 -20.29 -117.15
C THR M 223 -9.51 -20.54 -117.46
N ASP M 224 -9.00 -19.97 -118.56
CA ASP M 224 -7.61 -20.15 -119.00
C ASP M 224 -6.64 -19.02 -118.56
N GLY M 225 -6.93 -18.42 -117.40
CA GLY M 225 -6.12 -17.36 -116.80
C GLY M 225 -6.47 -15.96 -117.27
N PHE M 226 -5.64 -14.98 -116.86
CA PHE M 226 -5.81 -13.56 -117.20
C PHE M 226 -5.78 -13.28 -118.71
N ASP M 227 -6.75 -12.48 -119.21
CA ASP M 227 -6.91 -12.08 -120.62
C ASP M 227 -7.02 -13.28 -121.59
N SER M 228 -7.72 -14.33 -121.17
CA SER M 228 -7.93 -15.52 -121.99
C SER M 228 -9.34 -15.58 -122.58
N GLY M 229 -10.24 -14.79 -121.99
CA GLY M 229 -11.64 -14.73 -122.41
C GLY M 229 -11.87 -13.97 -123.71
N PRO M 230 -13.09 -14.06 -124.28
CA PRO M 230 -13.35 -13.37 -125.56
C PRO M 230 -13.40 -11.84 -125.47
N VAL M 231 -13.94 -11.32 -124.36
CA VAL M 231 -14.06 -9.89 -124.10
C VAL M 231 -13.24 -9.51 -122.87
N PHE M 232 -12.13 -8.78 -123.08
CA PHE M 232 -11.24 -8.34 -122.01
C PHE M 232 -11.92 -7.33 -121.12
N GLY M 233 -11.81 -7.51 -119.80
CA GLY M 233 -12.41 -6.60 -118.83
C GLY M 233 -13.73 -7.10 -118.26
N GLY M 234 -14.41 -7.96 -119.03
CA GLY M 234 -15.71 -8.51 -118.69
C GLY M 234 -16.71 -8.42 -119.83
N GLY M 235 -17.69 -9.31 -119.82
CA GLY M 235 -18.73 -9.36 -120.84
C GLY M 235 -19.81 -8.31 -120.67
N THR M 236 -21.04 -8.74 -120.94
CA THR M 236 -22.20 -7.87 -120.82
C THR M 236 -22.58 -7.80 -119.34
N ILE M 237 -22.82 -6.57 -118.86
CA ILE M 237 -23.19 -6.27 -117.48
C ILE M 237 -24.70 -6.16 -117.42
N TYR M 238 -25.35 -7.06 -116.66
CA TYR M 238 -26.81 -7.09 -116.53
C TYR M 238 -27.26 -6.54 -115.19
N ASN M 239 -28.16 -5.55 -115.22
CA ASN M 239 -28.71 -4.97 -114.01
C ASN M 239 -29.80 -5.91 -113.48
N VAL M 240 -29.52 -6.54 -112.33
CA VAL M 240 -30.38 -7.54 -111.71
C VAL M 240 -31.59 -6.91 -111.01
N PRO M 241 -32.84 -7.25 -111.45
CA PRO M 241 -34.04 -6.72 -110.79
C PRO M 241 -34.14 -7.29 -109.38
N VAL M 242 -34.41 -6.41 -108.41
CA VAL M 242 -34.43 -6.75 -106.99
C VAL M 242 -35.72 -6.35 -106.27
N SER M 243 -36.11 -7.17 -105.28
CA SER M 243 -37.26 -6.95 -104.38
C SER M 243 -36.71 -7.00 -102.99
N LEU M 244 -36.32 -5.83 -102.52
CA LEU M 244 -35.72 -5.61 -101.23
C LEU M 244 -36.69 -5.76 -100.05
N SER M 245 -36.26 -6.54 -99.07
CA SER M 245 -36.98 -6.79 -97.83
C SER M 245 -36.02 -6.54 -96.67
N TYR M 246 -36.47 -5.77 -95.67
CA TYR M 246 -35.59 -5.36 -94.58
C TYR M 246 -35.99 -5.79 -93.17
N ASP M 247 -34.96 -6.16 -92.38
CA ASP M 247 -35.05 -6.50 -90.97
C ASP M 247 -33.90 -5.75 -90.26
N ARG M 248 -33.81 -5.83 -88.91
CA ARG M 248 -32.77 -5.13 -88.17
C ARG M 248 -31.41 -5.67 -88.59
N GLN M 249 -30.56 -4.80 -89.19
CA GLN M 249 -29.21 -5.14 -89.68
C GLN M 249 -29.15 -6.32 -90.69
N LYS M 250 -30.28 -6.59 -91.40
CA LYS M 250 -30.40 -7.64 -92.43
C LYS M 250 -31.22 -7.15 -93.63
N VAL M 251 -30.69 -7.40 -94.85
CA VAL M 251 -31.31 -7.05 -96.13
C VAL M 251 -31.60 -8.34 -96.89
N TYR M 252 -32.87 -8.57 -97.21
CA TYR M 252 -33.28 -9.74 -97.96
C TYR M 252 -33.43 -9.33 -99.42
N VAL M 253 -32.46 -9.76 -100.23
CA VAL M 253 -32.37 -9.45 -101.67
C VAL M 253 -32.99 -10.56 -102.52
N GLU M 254 -34.26 -10.37 -102.95
CA GLU M 254 -34.92 -11.34 -103.81
C GLU M 254 -34.62 -11.05 -105.26
N MET M 255 -34.18 -12.09 -105.95
CA MET M 255 -33.75 -11.97 -107.33
C MET M 255 -34.35 -13.04 -108.21
N PRO M 256 -34.35 -12.82 -109.55
CA PRO M 256 -34.89 -13.82 -110.46
C PRO M 256 -34.18 -15.17 -110.39
N LYS M 257 -34.92 -16.24 -110.67
CA LYS M 257 -34.44 -17.62 -110.65
C LYS M 257 -33.23 -17.85 -111.59
N SER M 258 -33.10 -17.08 -112.69
CA SER M 258 -32.00 -17.22 -113.65
C SER M 258 -30.68 -16.76 -113.07
N TYR M 259 -30.75 -15.84 -112.11
CA TYR M 259 -29.56 -15.31 -111.46
C TYR M 259 -29.09 -16.15 -110.28
N THR M 260 -29.68 -17.35 -110.09
CA THR M 260 -29.31 -18.26 -109.00
C THR M 260 -27.88 -18.69 -109.20
N LEU M 261 -27.01 -18.35 -108.23
CA LEU M 261 -25.60 -18.66 -108.31
C LEU M 261 -25.04 -19.01 -106.95
N ALA M 262 -24.66 -20.28 -106.77
CA ALA M 262 -24.09 -20.73 -105.52
C ALA M 262 -22.60 -21.02 -105.71
N GLY M 263 -21.79 -20.04 -105.34
CA GLY M 263 -20.33 -20.11 -105.45
C GLY M 263 -19.60 -19.60 -104.23
N ASP M 264 -18.43 -18.99 -104.44
CA ASP M 264 -17.62 -18.46 -103.36
C ASP M 264 -18.05 -17.03 -103.04
N ILE M 265 -18.34 -16.77 -101.76
CA ILE M 265 -18.75 -15.45 -101.28
C ILE M 265 -17.52 -14.68 -100.83
N ILE M 266 -17.15 -13.65 -101.60
CA ILE M 266 -15.99 -12.81 -101.31
C ILE M 266 -16.45 -11.44 -100.81
N LEU M 267 -16.04 -11.09 -99.60
CA LEU M 267 -16.41 -9.81 -99.00
C LEU M 267 -15.23 -8.86 -99.00
N ILE M 268 -15.34 -7.75 -99.75
CA ILE M 268 -14.33 -6.69 -99.77
C ILE M 268 -14.73 -5.84 -98.54
N ASP M 269 -13.72 -5.24 -97.85
CA ASP M 269 -13.87 -4.47 -96.59
C ASP M 269 -14.56 -3.07 -96.75
N ASP M 270 -15.76 -3.05 -97.36
CA ASP M 270 -16.59 -1.87 -97.60
C ASP M 270 -17.98 -2.34 -98.06
N GLY M 271 -18.73 -1.44 -98.68
CA GLY M 271 -20.07 -1.71 -99.21
C GLY M 271 -20.11 -2.47 -100.53
N THR M 272 -19.29 -3.53 -100.64
CA THR M 272 -19.25 -4.40 -101.82
C THR M 272 -18.98 -5.90 -101.48
N LEU M 273 -19.81 -6.79 -102.04
CA LEU M 273 -19.76 -8.27 -101.87
C LEU M 273 -19.91 -8.93 -103.22
N LEU M 274 -19.19 -10.06 -103.41
CA LEU M 274 -19.24 -10.81 -104.65
C LEU M 274 -19.53 -12.28 -104.46
N VAL M 275 -20.25 -12.86 -105.42
CA VAL M 275 -20.50 -14.29 -105.45
C VAL M 275 -19.89 -14.74 -106.77
N ILE M 276 -18.78 -15.48 -106.68
CA ILE M 276 -18.05 -15.95 -107.87
C ILE M 276 -18.10 -17.47 -107.99
N LYS M 277 -18.61 -17.94 -109.13
CA LYS M 277 -18.68 -19.34 -109.48
C LYS M 277 -18.07 -19.45 -110.87
N GLU M 278 -16.78 -19.82 -110.92
CA GLU M 278 -15.97 -19.95 -112.13
C GLU M 278 -15.90 -18.56 -112.78
N THR M 279 -16.48 -18.39 -113.98
CA THR M 279 -16.49 -17.14 -114.74
C THR M 279 -17.62 -16.19 -114.42
N GLN M 280 -18.73 -16.73 -113.88
CA GLN M 280 -19.92 -15.98 -113.52
C GLN M 280 -19.76 -15.26 -112.17
N VAL M 281 -20.00 -13.94 -112.18
CA VAL M 281 -19.89 -13.08 -111.00
C VAL M 281 -21.22 -12.37 -110.76
N LEU M 282 -21.63 -12.33 -109.49
CA LEU M 282 -22.82 -11.63 -109.05
C LEU M 282 -22.36 -10.62 -108.02
N CYS M 283 -22.43 -9.33 -108.40
CA CYS M 283 -21.94 -8.23 -107.59
C CYS M 283 -23.04 -7.58 -106.75
N PHE M 284 -22.72 -7.29 -105.48
CA PHE M 284 -23.65 -6.66 -104.54
C PHE M 284 -23.09 -5.35 -104.05
N LYS M 285 -23.66 -4.24 -104.53
CA LYS M 285 -23.23 -2.90 -104.13
C LYS M 285 -24.21 -2.28 -103.15
N MET M 286 -23.71 -1.85 -101.99
CA MET M 286 -24.54 -1.25 -100.96
C MET M 286 -24.12 0.17 -100.63
N SER M 287 -25.10 1.07 -100.51
CA SER M 287 -24.90 2.49 -100.22
C SER M 287 -25.18 2.83 -98.77
N ASP M 288 -24.36 3.75 -98.23
CA ASP M 288 -24.42 4.29 -96.86
C ASP M 288 -24.35 3.26 -95.72
N ALA M 289 -23.82 2.06 -96.01
CA ALA M 289 -23.64 1.01 -95.02
C ALA M 289 -22.55 0.02 -95.44
N LYS M 290 -21.94 -0.65 -94.45
CA LYS M 290 -20.87 -1.64 -94.65
C LYS M 290 -21.42 -3.06 -94.47
N ILE M 291 -21.11 -3.95 -95.42
CA ILE M 291 -21.55 -5.33 -95.36
C ILE M 291 -20.64 -6.10 -94.38
N THR M 292 -21.26 -6.84 -93.45
CA THR M 292 -20.56 -7.64 -92.44
C THR M 292 -20.54 -9.12 -92.80
N LYS M 293 -21.67 -9.63 -93.32
CA LYS M 293 -21.85 -11.04 -93.69
C LYS M 293 -22.81 -11.17 -94.86
N GLY M 294 -22.55 -12.16 -95.69
CA GLY M 294 -23.39 -12.47 -96.86
C GLY M 294 -23.59 -13.96 -97.03
N TYR M 295 -24.87 -14.37 -97.18
CA TYR M 295 -25.22 -15.78 -97.33
C TYR M 295 -26.59 -15.97 -98.01
N VAL M 296 -26.80 -17.14 -98.62
CA VAL M 296 -28.06 -17.50 -99.26
C VAL M 296 -29.08 -17.83 -98.16
N PHE M 297 -30.28 -17.29 -98.30
CA PHE M 297 -31.36 -17.46 -97.34
C PHE M 297 -31.77 -18.90 -97.09
N VAL M 298 -31.93 -19.23 -95.80
CA VAL M 298 -32.39 -20.55 -95.35
C VAL M 298 -33.41 -20.36 -94.23
N ALA M 299 -34.58 -21.02 -94.36
CA ALA M 299 -35.65 -20.96 -93.36
C ALA M 299 -35.39 -21.98 -92.25
N MET N 1 -68.66 -23.15 -61.69
CA MET N 1 -69.54 -23.36 -60.55
C MET N 1 -68.73 -23.70 -59.28
N THR N 2 -68.57 -22.72 -58.38
CA THR N 2 -67.90 -22.95 -57.08
C THR N 2 -68.93 -22.92 -55.95
N GLU N 3 -68.86 -23.92 -55.04
CA GLU N 3 -69.80 -24.05 -53.93
C GLU N 3 -69.11 -24.00 -52.57
N HIS N 4 -69.80 -23.39 -51.57
CA HIS N 4 -69.33 -23.27 -50.19
C HIS N 4 -70.38 -23.86 -49.25
N PHE N 5 -70.01 -24.97 -48.58
CA PHE N 5 -70.88 -25.70 -47.66
C PHE N 5 -70.62 -25.27 -46.20
N ILE N 6 -71.66 -24.69 -45.56
CA ILE N 6 -71.59 -24.17 -44.19
C ILE N 6 -72.85 -24.47 -43.34
N THR N 7 -72.76 -24.21 -42.01
CA THR N 7 -73.84 -24.41 -41.04
C THR N 7 -74.05 -23.12 -40.25
N LEU N 8 -75.27 -22.57 -40.34
CA LEU N 8 -75.67 -21.34 -39.64
C LEU N 8 -76.32 -21.66 -38.29
N SER N 9 -76.53 -20.62 -37.45
CA SER N 9 -77.18 -20.75 -36.14
C SER N 9 -78.00 -19.50 -35.84
N THR N 10 -79.20 -19.69 -35.28
CA THR N 10 -80.12 -18.61 -34.87
C THR N 10 -79.89 -18.21 -33.42
N THR N 11 -79.29 -19.12 -32.62
CA THR N 11 -79.00 -18.90 -31.22
C THR N 11 -77.56 -18.44 -30.98
N GLU N 12 -76.58 -19.19 -31.51
CA GLU N 12 -75.16 -18.86 -31.35
C GLU N 12 -74.65 -17.92 -32.45
N PRO N 13 -73.84 -16.88 -32.11
CA PRO N 13 -73.34 -15.96 -33.14
C PRO N 13 -72.47 -16.64 -34.18
N ASN N 14 -72.67 -16.28 -35.46
CA ASN N 14 -71.97 -16.86 -36.59
C ASN N 14 -70.66 -16.16 -36.88
N ASN N 15 -69.58 -16.70 -36.28
CA ASN N 15 -68.19 -16.21 -36.40
C ASN N 15 -67.18 -17.36 -36.48
N ASN N 16 -67.51 -18.50 -35.84
CA ASN N 16 -66.69 -19.71 -35.83
C ASN N 16 -66.83 -20.52 -37.13
N ILE N 17 -67.66 -19.99 -38.04
CA ILE N 17 -67.93 -20.51 -39.37
C ILE N 17 -66.64 -20.41 -40.22
N GLY N 18 -66.42 -21.40 -41.10
CA GLY N 18 -65.27 -21.45 -42.00
C GLY N 18 -65.14 -20.23 -42.89
N ILE N 19 -63.90 -19.94 -43.32
CA ILE N 19 -63.60 -18.78 -44.17
C ILE N 19 -64.13 -18.96 -45.59
N VAL N 20 -65.01 -18.05 -46.00
CA VAL N 20 -65.64 -18.06 -47.32
C VAL N 20 -65.19 -16.89 -48.16
N LYS N 21 -64.29 -17.14 -49.09
CA LYS N 21 -63.85 -16.11 -50.01
C LYS N 21 -64.46 -16.25 -51.36
N LEU N 22 -64.94 -15.15 -51.87
CA LEU N 22 -65.65 -15.09 -53.13
C LEU N 22 -65.01 -14.08 -54.05
N ARG N 23 -64.68 -14.49 -55.28
CA ARG N 23 -64.03 -13.69 -56.33
C ARG N 23 -64.98 -12.59 -56.86
N HIS N 24 -64.44 -11.37 -57.04
CA HIS N 24 -65.19 -10.20 -57.48
C HIS N 24 -65.79 -10.28 -58.89
N ALA N 25 -64.94 -10.30 -59.93
CA ALA N 25 -65.37 -10.37 -61.32
C ALA N 25 -65.23 -11.81 -61.83
N ASP N 26 -65.86 -12.76 -61.12
CA ASP N 26 -65.84 -14.17 -61.48
C ASP N 26 -66.86 -14.50 -62.55
N VAL N 27 -66.44 -15.32 -63.53
CA VAL N 27 -67.28 -15.77 -64.64
C VAL N 27 -68.30 -16.81 -64.11
N ASN N 28 -67.82 -17.74 -63.26
CA ASN N 28 -68.63 -18.81 -62.66
C ASN N 28 -69.58 -18.29 -61.60
N SER N 29 -70.79 -18.86 -61.57
CA SER N 29 -71.83 -18.50 -60.61
C SER N 29 -71.48 -19.16 -59.26
N GLN N 30 -71.02 -18.32 -58.32
CA GLN N 30 -70.64 -18.76 -56.98
C GLN N 30 -71.88 -18.97 -56.11
N ALA N 31 -71.92 -20.10 -55.40
CA ALA N 31 -73.06 -20.47 -54.57
C ALA N 31 -72.66 -20.83 -53.14
N ILE N 32 -73.56 -20.55 -52.17
CA ILE N 32 -73.36 -20.85 -50.76
C ILE N 32 -74.50 -21.74 -50.26
N VAL N 33 -74.14 -22.90 -49.69
CA VAL N 33 -75.07 -23.85 -49.12
C VAL N 33 -74.96 -23.78 -47.61
N ALA N 34 -76.10 -23.53 -46.94
CA ALA N 34 -76.10 -23.39 -45.49
C ALA N 34 -77.20 -24.19 -44.82
N GLN N 35 -76.88 -24.76 -43.65
CA GLN N 35 -77.77 -25.54 -42.81
C GLN N 35 -78.27 -24.68 -41.62
N ILE N 36 -79.58 -24.43 -41.57
CA ILE N 36 -80.23 -23.65 -40.51
C ILE N 36 -80.39 -24.53 -39.29
N VAL N 37 -79.90 -24.02 -38.16
CA VAL N 37 -79.83 -24.74 -36.89
C VAL N 37 -80.37 -23.90 -35.71
N GLU N 38 -81.50 -24.37 -35.11
CA GLU N 38 -82.10 -23.73 -33.94
C GLU N 38 -81.77 -24.62 -32.75
N ASN N 39 -80.87 -24.11 -31.88
CA ASN N 39 -80.37 -24.81 -30.69
C ASN N 39 -79.56 -26.09 -31.02
N GLY N 40 -78.82 -26.07 -32.13
CA GLY N 40 -78.00 -27.20 -32.53
C GLY N 40 -78.68 -28.28 -33.34
N GLN N 41 -79.95 -28.05 -33.70
CA GLN N 41 -80.78 -28.98 -34.46
C GLN N 41 -81.39 -28.29 -35.67
N PRO N 42 -81.60 -28.99 -36.82
CA PRO N 42 -82.17 -28.32 -37.99
C PRO N 42 -83.54 -27.66 -37.74
N LYS N 43 -83.89 -26.63 -38.42
CA LYS N 43 -85.19 -25.97 -38.28
C LYS N 43 -85.94 -26.00 -39.61
N ASN N 44 -87.22 -26.38 -39.52
CA ASN N 44 -88.14 -26.47 -40.67
C ASN N 44 -88.84 -25.14 -40.87
N PHE N 45 -88.53 -24.49 -42.01
CA PHE N 45 -89.08 -23.19 -42.37
C PHE N 45 -90.17 -23.33 -43.44
N GLU N 46 -90.98 -24.42 -43.34
CA GLU N 46 -92.08 -24.72 -44.26
C GLU N 46 -93.12 -23.59 -44.29
N GLY N 47 -93.32 -23.00 -45.46
CA GLY N 47 -94.22 -21.88 -45.66
C GLY N 47 -93.51 -20.53 -45.67
N LEU N 48 -92.24 -20.52 -45.21
CA LEU N 48 -91.39 -19.34 -45.14
C LEU N 48 -90.32 -19.35 -46.24
N GLN N 49 -90.08 -18.19 -46.86
CA GLN N 49 -89.10 -18.03 -47.93
C GLN N 49 -87.82 -17.34 -47.40
N PRO N 50 -86.62 -17.94 -47.59
CA PRO N 50 -85.39 -17.29 -47.13
C PRO N 50 -85.02 -16.04 -47.94
N PHE N 51 -84.46 -15.04 -47.26
CA PHE N 51 -84.04 -13.76 -47.85
C PHE N 51 -82.62 -13.36 -47.44
N PHE N 52 -81.75 -13.19 -48.45
CA PHE N 52 -80.37 -12.76 -48.26
C PHE N 52 -80.35 -11.23 -48.07
N CYS N 53 -80.18 -10.81 -46.81
CA CYS N 53 -80.16 -9.40 -46.44
C CYS N 53 -78.72 -8.91 -46.24
N LEU N 54 -78.37 -7.83 -46.95
CA LEU N 54 -77.03 -7.23 -46.93
C LEU N 54 -76.90 -6.12 -45.90
N MET N 55 -75.71 -5.99 -45.30
CA MET N 55 -75.41 -4.98 -44.30
C MET N 55 -74.04 -4.36 -44.59
N ALA N 56 -73.98 -3.01 -44.67
CA ALA N 56 -72.74 -2.30 -44.94
C ALA N 56 -72.57 -1.10 -44.01
N GLN N 62 -71.88 1.75 -46.93
CA GLN N 62 -73.33 1.95 -46.94
C GLN N 62 -74.01 1.22 -48.10
N GLY N 63 -75.11 0.51 -47.78
CA GLY N 63 -75.89 -0.25 -48.75
C GLY N 63 -76.62 -1.44 -48.17
N VAL N 64 -77.96 -1.36 -48.11
CA VAL N 64 -78.84 -2.42 -47.64
C VAL N 64 -79.72 -2.94 -48.78
N SER N 65 -79.60 -4.23 -49.08
CA SER N 65 -80.33 -4.89 -50.16
C SER N 65 -80.91 -6.22 -49.73
N GLU N 66 -82.15 -6.51 -50.17
CA GLU N 66 -82.86 -7.76 -49.85
C GLU N 66 -83.06 -8.56 -51.11
N GLU N 67 -82.64 -9.83 -51.09
CA GLU N 67 -82.73 -10.72 -52.25
C GLU N 67 -83.39 -12.03 -51.86
N SER N 68 -84.40 -12.44 -52.64
CA SER N 68 -85.14 -13.68 -52.42
C SER N 68 -84.34 -14.89 -52.90
N VAL N 69 -84.25 -15.93 -52.07
CA VAL N 69 -83.54 -17.17 -52.41
C VAL N 69 -84.50 -18.11 -53.14
N VAL N 70 -84.11 -18.55 -54.34
CA VAL N 70 -84.92 -19.42 -55.20
C VAL N 70 -84.78 -20.90 -54.78
N SER N 71 -83.54 -21.40 -54.64
CA SER N 71 -83.26 -22.78 -54.25
C SER N 71 -83.14 -22.95 -52.75
N PHE N 72 -84.11 -23.68 -52.16
CA PHE N 72 -84.18 -23.95 -50.72
C PHE N 72 -84.98 -25.21 -50.43
N ASP N 73 -84.60 -25.93 -49.38
CA ASP N 73 -85.29 -27.12 -48.92
C ASP N 73 -85.90 -26.82 -47.55
N ALA N 74 -87.23 -26.61 -47.50
CA ALA N 74 -87.99 -26.26 -46.31
C ALA N 74 -88.09 -27.38 -45.26
N LYS N 75 -88.01 -28.66 -45.71
CA LYS N 75 -88.10 -29.83 -44.83
C LYS N 75 -86.82 -30.12 -44.04
N ASN N 76 -85.64 -30.06 -44.71
CA ASN N 76 -84.32 -30.33 -44.11
C ASN N 76 -83.54 -29.13 -43.57
N GLY N 77 -83.94 -27.93 -43.94
CA GLY N 77 -83.27 -26.71 -43.53
C GLY N 77 -81.98 -26.40 -44.27
N THR N 78 -81.91 -26.74 -45.58
CA THR N 78 -80.76 -26.49 -46.45
C THR N 78 -81.18 -25.52 -47.55
N LEU N 79 -80.41 -24.43 -47.72
CA LEU N 79 -80.69 -23.42 -48.74
C LEU N 79 -79.47 -23.08 -49.57
N LYS N 80 -79.68 -22.89 -50.88
CA LYS N 80 -78.62 -22.56 -51.83
C LYS N 80 -78.81 -21.15 -52.41
N TYR N 81 -77.92 -20.22 -52.02
CA TYR N 81 -77.95 -18.85 -52.51
C TYR N 81 -76.80 -18.60 -53.48
N VAL N 82 -77.12 -18.06 -54.66
CA VAL N 82 -76.15 -17.72 -55.72
C VAL N 82 -75.73 -16.26 -55.52
N ALA N 83 -74.40 -16.03 -55.49
CA ALA N 83 -73.81 -14.71 -55.29
C ALA N 83 -74.12 -13.79 -56.46
N SER N 84 -74.78 -12.66 -56.15
CA SER N 84 -75.15 -11.66 -57.15
C SER N 84 -74.11 -10.54 -57.20
N ASP N 85 -74.27 -9.58 -58.13
CA ASP N 85 -73.40 -8.41 -58.31
C ASP N 85 -73.51 -7.44 -57.13
N ASN N 86 -74.70 -7.42 -56.48
CA ASN N 86 -74.97 -6.61 -55.29
C ASN N 86 -74.23 -7.20 -54.09
N ALA N 87 -74.16 -8.56 -54.03
CA ALA N 87 -73.45 -9.30 -52.97
C ALA N 87 -71.92 -9.11 -53.11
N LEU N 88 -71.43 -9.08 -54.37
CA LEU N 88 -70.02 -8.88 -54.72
C LEU N 88 -69.76 -7.40 -55.06
N GLN N 89 -70.10 -6.53 -54.13
CA GLN N 89 -69.97 -5.09 -54.33
C GLN N 89 -68.70 -4.55 -53.66
N PHE N 90 -68.62 -4.71 -52.34
CA PHE N 90 -67.48 -4.23 -51.55
C PHE N 90 -66.40 -5.29 -51.37
N VAL N 91 -65.14 -4.92 -51.67
CA VAL N 91 -63.97 -5.78 -51.52
C VAL N 91 -63.48 -5.75 -50.06
N GLY N 92 -63.59 -6.89 -49.38
CA GLY N 92 -63.22 -7.06 -47.97
C GLY N 92 -64.24 -7.88 -47.21
N ARG N 93 -64.20 -7.82 -45.85
CA ARG N 93 -65.12 -8.58 -44.99
C ARG N 93 -66.48 -7.94 -44.94
N ASN N 94 -67.46 -8.60 -45.57
CA ASN N 94 -68.83 -8.16 -45.64
C ASN N 94 -69.68 -8.95 -44.66
N GLU N 95 -70.68 -8.27 -44.06
CA GLU N 95 -71.60 -8.86 -43.10
C GLU N 95 -72.99 -8.95 -43.71
N ALA N 96 -73.62 -10.13 -43.59
CA ALA N 96 -74.95 -10.42 -44.12
C ALA N 96 -75.68 -11.48 -43.27
N TYR N 97 -77.01 -11.60 -43.46
CA TYR N 97 -77.84 -12.57 -42.72
C TYR N 97 -79.05 -13.02 -43.53
N PHE N 98 -79.57 -14.23 -43.22
CA PHE N 98 -80.75 -14.80 -43.87
C PHE N 98 -82.00 -14.56 -43.00
N SER N 99 -83.09 -14.11 -43.64
CA SER N 99 -84.36 -13.80 -42.97
C SER N 99 -85.51 -14.61 -43.57
N PHE N 100 -86.31 -15.27 -42.70
CA PHE N 100 -87.47 -16.08 -43.12
C PHE N 100 -88.74 -15.28 -43.00
N ARG N 101 -89.42 -15.08 -44.15
CA ARG N 101 -90.64 -14.28 -44.25
C ARG N 101 -91.83 -14.99 -44.89
N LYS N 102 -93.04 -14.52 -44.55
CA LYS N 102 -94.30 -15.02 -45.09
C LYS N 102 -95.20 -13.82 -45.44
N GLN N 103 -95.85 -13.84 -46.62
CA GLN N 103 -96.73 -12.75 -47.07
C GLN N 103 -98.07 -12.66 -46.35
N GLU N 104 -98.31 -11.52 -45.65
CA GLU N 104 -99.56 -11.21 -44.94
C GLU N 104 -99.90 -9.73 -45.13
N GLY N 105 -100.92 -9.46 -45.95
CA GLY N 105 -101.36 -8.10 -46.25
C GLY N 105 -100.63 -7.48 -47.43
N GLY N 106 -100.10 -8.33 -48.30
CA GLY N 106 -99.36 -7.95 -49.51
C GLY N 106 -97.93 -7.52 -49.28
N ARG N 107 -97.39 -7.83 -48.09
CA ARG N 107 -96.03 -7.50 -47.71
C ARG N 107 -95.41 -8.65 -46.90
N TRP N 108 -94.11 -8.91 -47.10
CA TRP N 108 -93.37 -9.96 -46.40
C TRP N 108 -93.09 -9.53 -44.95
N ILE N 109 -93.49 -10.38 -43.99
CA ILE N 109 -93.31 -10.16 -42.55
C ILE N 109 -92.39 -11.22 -41.95
N GLU N 110 -91.35 -10.76 -41.22
CA GLU N 110 -90.35 -11.60 -40.57
C GLU N 110 -90.91 -12.41 -39.38
N GLN N 111 -90.67 -13.73 -39.41
CA GLN N 111 -91.06 -14.69 -38.36
C GLN N 111 -89.86 -14.91 -37.46
N PHE N 112 -88.76 -15.42 -38.05
CA PHE N 112 -87.48 -15.67 -37.39
C PHE N 112 -86.34 -15.49 -38.41
N SER N 113 -85.16 -15.08 -37.92
CA SER N 113 -83.98 -14.82 -38.74
C SER N 113 -82.71 -15.41 -38.15
N THR N 114 -81.78 -15.80 -39.02
CA THR N 114 -80.47 -16.33 -38.61
C THR N 114 -79.58 -15.14 -38.28
N ARG N 115 -78.61 -15.38 -37.40
CA ARG N 115 -77.67 -14.36 -36.95
C ARG N 115 -76.70 -13.97 -38.05
N THR N 116 -76.15 -12.75 -37.99
CA THR N 116 -75.24 -12.22 -39.01
C THR N 116 -73.94 -13.01 -39.11
N PHE N 117 -73.50 -13.24 -40.35
CA PHE N 117 -72.25 -13.95 -40.62
C PHE N 117 -71.36 -13.11 -41.54
N HIS N 118 -70.07 -13.41 -41.55
CA HIS N 118 -69.12 -12.68 -42.37
C HIS N 118 -68.66 -13.46 -43.57
N TYR N 119 -68.54 -12.79 -44.72
CA TYR N 119 -68.02 -13.40 -45.94
C TYR N 119 -67.08 -12.39 -46.61
N ILE N 120 -65.90 -12.86 -46.99
CA ILE N 120 -64.89 -12.01 -47.61
C ILE N 120 -64.97 -12.01 -49.13
N VAL N 121 -64.88 -10.81 -49.72
CA VAL N 121 -64.89 -10.63 -51.16
C VAL N 121 -63.46 -10.45 -51.65
N GLU N 122 -62.96 -11.44 -52.42
CA GLU N 122 -61.63 -11.48 -53.01
C GLU N 122 -61.60 -10.66 -54.30
N LYS N 123 -60.57 -9.83 -54.46
CA LYS N 123 -60.41 -8.98 -55.64
C LYS N 123 -59.64 -9.72 -56.74
N SER N 124 -60.27 -9.90 -57.93
CA SER N 124 -59.63 -10.56 -59.09
C SER N 124 -58.74 -9.53 -59.81
N ILE N 125 -57.39 -9.68 -59.64
CA ILE N 125 -56.38 -8.78 -60.22
C ILE N 125 -55.49 -9.48 -61.22
N TYR N 126 -54.83 -10.55 -60.80
CA TYR N 126 -53.94 -11.27 -61.69
C TYR N 126 -54.70 -12.01 -62.77
N SER N 127 -54.32 -11.76 -64.06
CA SER N 127 -54.94 -12.31 -65.27
C SER N 127 -54.81 -13.82 -65.38
N GLN N 128 -55.76 -14.47 -66.13
CA GLN N 128 -55.79 -15.92 -66.38
C GLN N 128 -54.52 -16.48 -67.06
N PRO N 129 -53.93 -15.83 -68.10
CA PRO N 129 -52.66 -16.35 -68.64
C PRO N 129 -51.55 -16.02 -67.63
N PHE N 130 -51.35 -16.90 -66.61
CA PHE N 130 -50.39 -16.70 -65.52
C PHE N 130 -48.96 -16.83 -65.95
N LYS N 131 -48.06 -16.11 -65.28
CA LYS N 131 -46.63 -16.19 -65.58
C LYS N 131 -46.08 -17.54 -65.12
N ASP N 132 -45.21 -18.15 -65.96
CA ASP N 132 -44.62 -19.47 -65.69
C ASP N 132 -43.69 -19.39 -64.50
N SER N 133 -43.66 -20.46 -63.68
CA SER N 133 -42.84 -20.56 -62.49
C SER N 133 -41.38 -20.40 -62.81
N ASN N 134 -40.97 -21.05 -63.89
CA ASN N 134 -39.61 -20.93 -64.36
C ASN N 134 -39.61 -19.98 -65.57
N TYR N 135 -38.71 -19.02 -65.55
CA TYR N 135 -38.63 -18.04 -66.61
C TYR N 135 -37.40 -18.19 -67.50
N TRP N 136 -37.60 -18.59 -68.77
CA TRP N 136 -36.54 -18.72 -69.77
C TRP N 136 -36.92 -18.02 -71.04
N TRP N 137 -36.31 -16.87 -71.32
CA TRP N 137 -36.68 -16.08 -72.50
C TRP N 137 -36.37 -16.77 -73.80
N THR N 138 -35.26 -17.49 -73.83
CA THR N 138 -34.83 -18.24 -74.99
C THR N 138 -35.85 -19.31 -75.32
N PHE N 139 -36.48 -19.95 -74.31
CA PHE N 139 -37.50 -20.99 -74.60
C PHE N 139 -38.81 -20.43 -75.13
N LYS N 140 -39.16 -19.23 -74.70
CA LYS N 140 -40.38 -18.57 -75.13
C LYS N 140 -40.21 -18.01 -76.55
N GLU N 141 -38.98 -17.57 -76.87
CA GLU N 141 -38.62 -16.99 -78.16
C GLU N 141 -38.33 -18.09 -79.15
N LEU N 142 -37.92 -19.24 -78.66
CA LEU N 142 -37.77 -20.34 -79.58
C LEU N 142 -39.15 -20.80 -80.00
N TYR N 143 -40.15 -20.64 -79.11
CA TYR N 143 -41.52 -21.05 -79.41
C TYR N 143 -42.14 -20.15 -80.42
N ARG N 144 -41.97 -18.84 -80.26
CA ARG N 144 -42.56 -17.89 -81.18
C ARG N 144 -42.04 -18.02 -82.62
N ILE N 145 -40.73 -18.34 -82.79
CA ILE N 145 -40.12 -18.52 -84.10
C ILE N 145 -40.64 -19.80 -84.77
N PHE N 146 -40.75 -20.89 -83.99
CA PHE N 146 -41.25 -22.17 -84.46
C PHE N 146 -42.73 -22.09 -84.81
N ASN N 147 -43.54 -21.43 -83.94
CA ASN N 147 -44.96 -21.23 -84.18
C ASN N 147 -45.19 -20.32 -85.40
N LYS N 148 -44.28 -19.37 -85.65
CA LYS N 148 -44.35 -18.47 -86.82
C LYS N 148 -44.11 -19.27 -88.11
N TYR N 149 -43.09 -20.18 -88.09
CA TYR N 149 -42.76 -21.02 -89.25
C TYR N 149 -43.94 -21.91 -89.59
N ILE N 150 -44.57 -22.47 -88.57
CA ILE N 150 -45.69 -23.39 -88.78
C ILE N 150 -46.99 -22.71 -89.26
N GLU N 151 -47.27 -21.50 -88.76
CA GLU N 151 -48.45 -20.72 -89.15
C GLU N 151 -48.30 -20.08 -90.52
N ASP N 152 -47.08 -19.58 -90.85
CA ASP N 152 -46.77 -18.95 -92.13
C ASP N 152 -46.67 -19.99 -93.25
N GLY N 153 -46.23 -21.19 -92.89
CA GLY N 153 -46.15 -22.31 -93.80
C GLY N 153 -47.53 -22.85 -94.16
N LYS N 154 -48.41 -23.03 -93.14
CA LYS N 154 -49.79 -23.52 -93.32
C LYS N 154 -50.59 -22.57 -94.19
N LYS N 155 -50.46 -21.26 -93.93
CA LYS N 155 -51.14 -20.19 -94.65
C LYS N 155 -50.78 -20.22 -96.13
N SER N 156 -49.49 -20.43 -96.44
CA SER N 156 -48.99 -20.48 -97.82
C SER N 156 -49.48 -21.72 -98.59
N TRP N 157 -49.54 -22.87 -97.89
CA TRP N 157 -50.02 -24.11 -98.46
C TRP N 157 -51.54 -24.08 -98.66
N GLU N 158 -52.27 -23.54 -97.65
CA GLU N 158 -53.73 -23.43 -97.71
C GLU N 158 -54.16 -22.48 -98.82
N GLN N 159 -53.31 -21.49 -99.13
CA GLN N 159 -53.49 -20.52 -100.21
C GLN N 159 -53.33 -21.24 -101.55
N PHE N 160 -52.40 -22.22 -101.59
CA PHE N 160 -52.14 -23.02 -102.76
C PHE N 160 -53.29 -23.97 -103.03
N VAL N 161 -53.71 -24.72 -102.02
CA VAL N 161 -54.82 -25.64 -102.20
C VAL N 161 -56.15 -24.92 -102.55
N GLU N 162 -56.37 -23.70 -102.00
CA GLU N 162 -57.58 -22.91 -102.30
C GLU N 162 -57.55 -22.47 -103.76
N ALA N 163 -56.35 -22.10 -104.26
CA ALA N 163 -56.13 -21.65 -105.64
C ALA N 163 -56.35 -22.77 -106.64
N ASN N 164 -56.11 -24.01 -106.22
CA ASN N 164 -56.36 -25.18 -107.04
C ASN N 164 -57.86 -25.44 -107.14
N ARG N 165 -58.52 -25.69 -105.98
CA ARG N 165 -59.96 -25.96 -105.94
C ARG N 165 -60.81 -24.81 -106.48
N GLU N 166 -60.21 -23.60 -106.58
CA GLU N 166 -60.79 -22.34 -107.04
C GLU N 166 -61.20 -22.49 -108.47
N ILE N 167 -60.42 -23.30 -109.21
CA ILE N 167 -60.60 -23.51 -110.63
C ILE N 167 -60.99 -24.94 -110.99
N LEU N 168 -60.14 -25.89 -110.59
CA LEU N 168 -60.23 -27.32 -110.89
C LEU N 168 -61.60 -27.89 -110.52
N GLU N 169 -62.04 -27.62 -109.29
CA GLU N 169 -63.26 -28.19 -108.73
C GLU N 169 -64.52 -27.33 -108.85
N SER N 170 -64.34 -26.02 -109.04
CA SER N 170 -65.43 -25.05 -109.04
C SER N 170 -66.21 -24.87 -110.32
N ILE N 171 -65.64 -24.15 -111.30
CA ILE N 171 -66.38 -23.77 -112.51
C ILE N 171 -66.32 -24.69 -113.73
N ASP N 172 -65.20 -24.61 -114.48
CA ASP N 172 -64.85 -25.34 -115.69
C ASP N 172 -63.38 -25.13 -115.96
N PRO N 173 -62.52 -26.11 -115.63
CA PRO N 173 -61.07 -25.88 -115.73
C PRO N 173 -60.55 -25.45 -117.13
N GLY N 174 -60.99 -26.13 -118.15
CA GLY N 174 -60.54 -25.84 -119.52
C GLY N 174 -60.56 -24.37 -119.90
N GLY N 175 -61.59 -23.67 -119.48
CA GLY N 175 -61.73 -22.25 -119.80
C GLY N 175 -60.96 -21.33 -118.91
N VAL N 176 -61.24 -21.42 -117.60
CA VAL N 176 -60.66 -20.53 -116.57
C VAL N 176 -59.17 -20.53 -116.51
N LEU N 177 -58.57 -21.68 -116.77
CA LEU N 177 -57.11 -21.78 -116.78
C LEU N 177 -56.56 -20.95 -117.92
N LEU N 178 -57.15 -21.11 -119.10
CA LEU N 178 -56.77 -20.36 -120.28
C LEU N 178 -57.02 -18.86 -120.12
N ALA N 179 -58.09 -18.53 -119.38
CA ALA N 179 -58.50 -17.16 -119.09
C ALA N 179 -57.44 -16.51 -118.24
N LYS N 180 -56.93 -17.25 -117.26
CA LYS N 180 -55.91 -16.76 -116.38
C LYS N 180 -54.59 -16.48 -117.07
N VAL N 181 -54.24 -17.31 -118.06
CA VAL N 181 -52.98 -17.11 -118.76
C VAL N 181 -52.96 -15.83 -119.58
N ILE N 182 -54.06 -15.56 -120.28
CA ILE N 182 -54.21 -14.40 -121.15
C ILE N 182 -54.09 -13.04 -120.45
N ASP N 183 -54.58 -12.95 -119.19
CA ASP N 183 -54.45 -11.71 -118.45
C ASP N 183 -53.03 -11.57 -117.89
N ILE N 184 -52.38 -12.73 -117.64
CA ILE N 184 -51.00 -12.83 -117.14
C ILE N 184 -50.08 -12.36 -118.27
N GLU N 185 -50.36 -12.84 -119.47
CA GLU N 185 -49.67 -12.45 -120.68
C GLU N 185 -49.81 -10.93 -120.91
N LYS N 186 -50.98 -10.34 -120.58
CA LYS N 186 -51.28 -8.91 -120.71
C LYS N 186 -50.45 -8.08 -119.74
N ILE N 187 -50.40 -8.52 -118.49
CA ILE N 187 -49.67 -7.77 -117.47
C ILE N 187 -48.17 -7.78 -117.71
N VAL N 188 -47.66 -8.91 -118.24
CA VAL N 188 -46.26 -9.10 -118.57
C VAL N 188 -45.87 -8.28 -119.80
N ASN N 189 -46.83 -8.11 -120.69
CA ASN N 189 -46.68 -7.32 -121.90
C ASN N 189 -46.57 -5.82 -121.61
N GLU N 190 -47.14 -5.33 -120.51
CA GLU N 190 -47.15 -3.89 -120.21
C GLU N 190 -46.31 -3.45 -119.00
N LYS N 191 -46.15 -4.36 -118.01
CA LYS N 191 -45.40 -4.09 -116.78
C LYS N 191 -44.01 -4.71 -116.74
N VAL N 192 -43.85 -5.90 -117.29
CA VAL N 192 -42.56 -6.56 -117.27
C VAL N 192 -41.76 -6.02 -118.45
N PRO N 193 -40.43 -5.77 -118.30
CA PRO N 193 -39.64 -5.29 -119.43
C PRO N 193 -39.07 -6.52 -120.16
N ALA N 194 -39.63 -6.83 -121.33
CA ALA N 194 -39.14 -7.98 -122.10
C ALA N 194 -39.14 -7.71 -123.60
N GLY N 195 -40.30 -7.33 -124.16
CA GLY N 195 -40.50 -7.11 -125.59
C GLY N 195 -39.73 -6.18 -126.51
N PHE N 196 -39.78 -4.87 -126.20
CA PHE N 196 -39.16 -3.78 -126.95
C PHE N 196 -37.73 -3.57 -126.39
N LYS N 197 -36.73 -3.49 -127.28
CA LYS N 197 -35.32 -3.29 -126.92
C LYS N 197 -34.70 -2.15 -127.73
N PHE N 198 -34.07 -1.18 -127.04
CA PHE N 198 -33.45 0.00 -127.64
C PHE N 198 -31.99 0.14 -127.24
N VAL N 199 -31.13 0.56 -128.17
CA VAL N 199 -29.70 0.72 -127.91
C VAL N 199 -29.33 2.21 -127.87
N LEU N 200 -28.58 2.61 -126.85
CA LEU N 200 -28.13 3.98 -126.72
C LEU N 200 -26.61 3.99 -126.63
N GLU N 201 -25.98 4.57 -127.66
CA GLU N 201 -24.52 4.69 -127.70
C GLU N 201 -24.14 5.94 -126.93
N HIS N 202 -23.04 5.88 -126.17
CA HIS N 202 -22.61 7.01 -125.37
C HIS N 202 -21.11 7.25 -125.39
N ASP N 203 -20.67 8.33 -124.74
CA ASP N 203 -19.27 8.75 -124.64
C ASP N 203 -18.56 8.19 -123.39
N SER N 204 -19.34 7.83 -122.34
CA SER N 204 -18.81 7.30 -121.07
C SER N 204 -18.25 5.90 -121.20
N GLU N 205 -17.28 5.58 -120.34
CA GLU N 205 -16.67 4.25 -120.32
C GLU N 205 -17.41 3.35 -119.32
N TYR N 206 -18.23 3.96 -118.45
CA TYR N 206 -18.97 3.28 -117.41
C TYR N 206 -20.45 2.95 -117.78
N GLN N 207 -21.33 2.75 -116.77
CA GLN N 207 -22.73 2.38 -116.97
C GLN N 207 -23.66 3.52 -116.55
N PRO N 208 -24.08 4.36 -117.51
CA PRO N 208 -24.96 5.49 -117.14
C PRO N 208 -26.41 5.06 -116.87
N GLU N 209 -27.06 5.72 -115.91
CA GLU N 209 -28.44 5.39 -115.57
C GLU N 209 -29.39 5.96 -116.61
N VAL N 210 -30.31 5.12 -117.09
CA VAL N 210 -31.28 5.52 -118.10
C VAL N 210 -32.69 5.45 -117.53
N LYS N 211 -33.48 6.51 -117.74
CA LYS N 211 -34.87 6.62 -117.30
C LYS N 211 -35.75 6.88 -118.51
N VAL N 212 -36.77 6.04 -118.69
CA VAL N 212 -37.67 6.12 -119.84
C VAL N 212 -39.09 6.51 -119.42
N THR N 213 -39.68 7.48 -120.16
CA THR N 213 -41.04 7.99 -119.96
C THR N 213 -41.83 7.97 -121.27
N SER N 214 -43.14 7.64 -121.20
CA SER N 214 -44.04 7.57 -122.36
C SER N 214 -45.20 8.53 -122.19
N TYR N 215 -45.44 9.36 -123.20
CA TYR N 215 -46.52 10.36 -123.17
C TYR N 215 -47.00 10.70 -124.57
N LYS N 216 -48.29 10.99 -124.69
CA LYS N 216 -48.95 11.35 -125.94
C LYS N 216 -49.37 12.81 -125.94
N ASN N 217 -49.55 13.41 -127.13
CA ASN N 217 -49.97 14.81 -127.35
C ASN N 217 -49.07 15.85 -126.66
N ALA N 218 -47.74 15.58 -126.65
CA ALA N 218 -46.71 16.45 -126.07
C ALA N 218 -46.60 17.75 -126.86
N ILE N 219 -45.80 18.72 -126.37
CA ILE N 219 -45.63 20.01 -127.04
C ILE N 219 -45.02 19.90 -128.47
N GLY N 220 -45.75 20.41 -129.46
CA GLY N 220 -45.35 20.39 -130.86
C GLY N 220 -45.44 19.05 -131.57
N THR N 221 -46.27 18.12 -131.05
CA THR N 221 -46.47 16.78 -131.62
C THR N 221 -47.94 16.43 -131.82
N GLU N 222 -48.85 17.41 -131.62
CA GLU N 222 -50.29 17.22 -131.80
C GLU N 222 -50.63 17.15 -133.28
N THR N 223 -51.72 16.45 -133.61
CA THR N 223 -52.17 16.22 -134.98
C THR N 223 -52.51 17.50 -135.76
N ASP N 224 -53.35 18.37 -135.18
CA ASP N 224 -53.79 19.61 -135.83
C ASP N 224 -52.98 20.87 -135.43
N GLY N 225 -51.67 20.69 -135.22
CA GLY N 225 -50.76 21.78 -134.87
C GLY N 225 -50.64 22.04 -133.39
N PHE N 226 -50.05 23.19 -133.02
CA PHE N 226 -49.83 23.60 -131.62
C PHE N 226 -51.13 23.87 -130.86
N ASP N 227 -51.22 23.35 -129.62
CA ASP N 227 -52.38 23.50 -128.72
C ASP N 227 -53.72 23.09 -129.37
N SER N 228 -53.71 21.96 -130.09
CA SER N 228 -54.91 21.43 -130.75
C SER N 228 -55.44 20.17 -130.04
N GLY N 229 -54.59 19.57 -129.21
CA GLY N 229 -54.88 18.37 -128.44
C GLY N 229 -55.81 18.58 -127.27
N PRO N 230 -56.34 17.48 -126.66
CA PRO N 230 -57.27 17.64 -125.53
C PRO N 230 -56.64 18.19 -124.25
N VAL N 231 -55.40 17.79 -123.97
CA VAL N 231 -54.67 18.26 -122.78
C VAL N 231 -53.41 18.97 -123.23
N PHE N 232 -53.35 20.29 -123.01
CA PHE N 232 -52.22 21.12 -123.40
C PHE N 232 -50.95 20.74 -122.66
N GLY N 233 -49.84 20.62 -123.39
CA GLY N 233 -48.51 20.32 -122.84
C GLY N 233 -48.16 18.86 -122.69
N GLY N 234 -49.12 17.99 -123.05
CA GLY N 234 -48.97 16.54 -122.97
C GLY N 234 -50.01 15.85 -122.10
N GLY N 235 -50.34 14.60 -122.44
CA GLY N 235 -51.32 13.82 -121.69
C GLY N 235 -50.75 13.22 -120.42
N THR N 236 -51.08 11.95 -120.17
CA THR N 236 -50.60 11.21 -119.00
C THR N 236 -49.17 10.74 -119.29
N ILE N 237 -48.26 10.97 -118.31
CA ILE N 237 -46.84 10.59 -118.39
C ILE N 237 -46.66 9.28 -117.67
N TYR N 238 -46.24 8.24 -118.40
CA TYR N 238 -46.06 6.92 -117.84
C TYR N 238 -44.59 6.60 -117.67
N ASN N 239 -44.22 6.15 -116.46
CA ASN N 239 -42.85 5.75 -116.17
C ASN N 239 -42.68 4.33 -116.67
N VAL N 240 -41.85 4.19 -117.71
CA VAL N 240 -41.63 2.91 -118.39
C VAL N 240 -40.68 2.01 -117.61
N PRO N 241 -41.13 0.78 -117.21
CA PRO N 241 -40.24 -0.14 -116.49
C PRO N 241 -39.13 -0.60 -117.43
N VAL N 242 -37.88 -0.54 -116.95
CA VAL N 242 -36.72 -0.88 -117.76
C VAL N 242 -35.83 -2.00 -117.20
N SER N 243 -35.20 -2.75 -118.11
CA SER N 243 -34.23 -3.78 -117.80
C SER N 243 -32.93 -3.39 -118.50
N LEU N 244 -32.02 -2.79 -117.75
CA LEU N 244 -30.76 -2.29 -118.29
C LEU N 244 -29.68 -3.36 -118.44
N SER N 245 -28.97 -3.27 -119.57
CA SER N 245 -27.88 -4.15 -119.97
C SER N 245 -26.76 -3.27 -120.53
N TYR N 246 -25.50 -3.56 -120.20
CA TYR N 246 -24.39 -2.70 -120.63
C TYR N 246 -23.22 -3.39 -121.31
N ASP N 247 -22.67 -2.70 -122.33
CA ASP N 247 -21.46 -3.04 -123.08
C ASP N 247 -20.61 -1.76 -123.18
N ARG N 248 -19.42 -1.84 -123.82
CA ARG N 248 -18.54 -0.69 -123.96
C ARG N 248 -19.21 0.38 -124.80
N GLN N 249 -19.50 1.55 -124.19
CA GLN N 249 -20.16 2.72 -124.83
C GLN N 249 -21.55 2.41 -125.44
N LYS N 250 -22.24 1.39 -124.91
CA LYS N 250 -23.55 0.92 -125.35
C LYS N 250 -24.43 0.48 -124.18
N VAL N 251 -25.67 1.00 -124.14
CA VAL N 251 -26.68 0.67 -123.13
C VAL N 251 -27.83 -0.02 -123.85
N TYR N 252 -28.22 -1.21 -123.39
CA TYR N 252 -29.33 -1.94 -123.97
C TYR N 252 -30.54 -1.78 -123.05
N VAL N 253 -31.50 -0.98 -123.49
CA VAL N 253 -32.72 -0.68 -122.74
C VAL N 253 -33.88 -1.59 -123.12
N GLU N 254 -34.15 -2.59 -122.28
CA GLU N 254 -35.26 -3.51 -122.51
C GLU N 254 -36.50 -2.97 -121.85
N MET N 255 -37.58 -2.93 -122.59
CA MET N 255 -38.85 -2.38 -122.12
C MET N 255 -40.00 -3.33 -122.42
N PRO N 256 -41.21 -3.16 -121.82
CA PRO N 256 -42.32 -4.06 -122.17
C PRO N 256 -42.72 -3.89 -123.64
N LYS N 257 -43.28 -4.96 -124.22
CA LYS N 257 -43.71 -5.02 -125.63
C LYS N 257 -44.78 -3.97 -125.97
N SER N 258 -45.60 -3.52 -124.97
CA SER N 258 -46.64 -2.52 -125.19
C SER N 258 -46.07 -1.13 -125.49
N TYR N 259 -44.85 -0.87 -125.00
CA TYR N 259 -44.15 0.42 -125.19
C TYR N 259 -43.31 0.47 -126.48
N THR N 260 -43.48 -0.53 -127.36
CA THR N 260 -42.83 -0.58 -128.65
C THR N 260 -43.25 0.61 -129.50
N LEU N 261 -42.26 1.32 -130.09
CA LEU N 261 -42.51 2.48 -130.93
C LEU N 261 -41.39 2.66 -131.95
N ALA N 262 -41.74 2.51 -133.23
CA ALA N 262 -40.76 2.69 -134.30
C ALA N 262 -41.10 3.99 -135.03
N GLY N 263 -40.43 5.07 -134.62
CA GLY N 263 -40.64 6.40 -135.18
C GLY N 263 -39.35 7.16 -135.42
N ASP N 264 -39.45 8.48 -135.49
CA ASP N 264 -38.31 9.36 -135.75
C ASP N 264 -37.45 9.49 -134.49
N ILE N 265 -36.15 9.21 -134.63
CA ILE N 265 -35.19 9.29 -133.53
C ILE N 265 -34.54 10.68 -133.51
N ILE N 266 -34.87 11.49 -132.49
CA ILE N 266 -34.36 12.84 -132.36
C ILE N 266 -33.39 12.94 -131.18
N LEU N 267 -32.15 13.33 -131.46
CA LEU N 267 -31.13 13.48 -130.43
C LEU N 267 -30.96 14.96 -130.12
N ILE N 268 -31.20 15.33 -128.83
CA ILE N 268 -31.05 16.71 -128.34
C ILE N 268 -29.55 16.85 -128.03
N ASP N 269 -29.07 18.12 -127.85
CA ASP N 269 -27.68 18.53 -127.58
C ASP N 269 -27.17 18.23 -126.14
N ASP N 270 -27.77 17.21 -125.48
CA ASP N 270 -27.43 16.78 -124.13
C ASP N 270 -27.70 15.29 -123.92
N GLY N 271 -27.86 14.90 -122.66
CA GLY N 271 -28.18 13.54 -122.25
C GLY N 271 -29.66 13.20 -122.38
N THR N 272 -30.27 13.53 -123.54
CA THR N 272 -31.68 13.24 -123.86
C THR N 272 -31.94 12.88 -125.35
N LEU N 273 -32.74 11.81 -125.58
CA LEU N 273 -33.14 11.27 -126.88
C LEU N 273 -34.63 11.00 -126.91
N LEU N 274 -35.27 11.27 -128.05
CA LEU N 274 -36.70 11.04 -128.21
C LEU N 274 -36.99 10.14 -129.38
N VAL N 275 -38.09 9.38 -129.27
CA VAL N 275 -38.63 8.54 -130.33
C VAL N 275 -40.06 9.02 -130.53
N ILE N 276 -40.31 9.74 -131.64
CA ILE N 276 -41.62 10.33 -131.97
C ILE N 276 -42.27 9.64 -133.18
N LYS N 277 -43.50 9.16 -132.97
CA LYS N 277 -44.33 8.55 -134.00
C LYS N 277 -45.70 9.22 -133.88
N GLU N 278 -45.88 10.30 -134.70
CA GLU N 278 -47.06 11.15 -134.74
C GLU N 278 -47.14 11.78 -133.33
N THR N 279 -48.23 11.50 -132.58
CA THR N 279 -48.47 12.00 -131.23
C THR N 279 -47.74 11.30 -130.09
N GLN N 280 -47.48 9.99 -130.25
CA GLN N 280 -46.83 9.17 -129.22
C GLN N 280 -45.33 9.46 -129.15
N VAL N 281 -44.84 9.85 -127.95
CA VAL N 281 -43.42 10.17 -127.71
C VAL N 281 -42.86 9.27 -126.62
N LEU N 282 -41.67 8.71 -126.88
CA LEU N 282 -40.93 7.86 -125.95
C LEU N 282 -39.61 8.58 -125.65
N CYS N 283 -39.48 9.05 -124.41
CA CYS N 283 -38.33 9.84 -123.98
C CYS N 283 -37.26 9.01 -123.28
N PHE N 284 -35.99 9.28 -123.61
CA PHE N 284 -34.84 8.60 -123.03
C PHE N 284 -33.93 9.60 -122.32
N LYS N 285 -33.95 9.60 -120.99
CA LYS N 285 -33.11 10.49 -120.21
C LYS N 285 -31.94 9.74 -119.59
N MET N 286 -30.71 10.20 -119.88
CA MET N 286 -29.50 9.56 -119.40
C MET N 286 -28.69 10.49 -118.50
N SER N 287 -28.22 9.94 -117.37
CA SER N 287 -27.44 10.68 -116.37
C SER N 287 -25.94 10.48 -116.56
N ASP N 288 -25.13 11.50 -116.18
CA ASP N 288 -23.66 11.52 -116.22
C ASP N 288 -22.99 10.99 -117.52
N ALA N 289 -23.65 11.18 -118.68
CA ALA N 289 -23.13 10.77 -119.99
C ALA N 289 -23.99 11.38 -121.09
N LYS N 290 -23.39 11.54 -122.29
CA LYS N 290 -24.04 12.13 -123.46
C LYS N 290 -24.34 11.05 -124.50
N ILE N 291 -25.57 11.04 -124.99
CA ILE N 291 -25.99 10.08 -126.01
C ILE N 291 -25.40 10.55 -127.34
N THR N 292 -24.77 9.61 -128.09
CA THR N 292 -24.17 9.88 -129.40
C THR N 292 -25.01 9.31 -130.55
N LYS N 293 -25.67 8.17 -130.31
CA LYS N 293 -26.52 7.46 -131.27
C LYS N 293 -27.59 6.66 -130.56
N GLY N 294 -28.73 6.51 -131.20
CA GLY N 294 -29.86 5.74 -130.68
C GLY N 294 -30.55 4.97 -131.79
N TYR N 295 -30.77 3.67 -131.57
CA TYR N 295 -31.41 2.79 -132.56
C TYR N 295 -32.03 1.56 -131.91
N VAL N 296 -33.08 1.00 -132.55
CA VAL N 296 -33.75 -0.20 -132.06
C VAL N 296 -32.82 -1.40 -132.28
N PHE N 297 -32.74 -2.28 -131.26
CA PHE N 297 -31.90 -3.46 -131.30
C PHE N 297 -32.43 -4.50 -132.26
N VAL N 298 -31.57 -4.91 -133.21
CA VAL N 298 -31.86 -5.92 -134.22
C VAL N 298 -30.70 -6.95 -134.21
N ALA N 299 -31.03 -8.24 -134.07
CA ALA N 299 -30.04 -9.33 -134.09
C ALA N 299 -30.67 -10.60 -134.61
N MET O 1 -12.58 -9.89 -68.30
CA MET O 1 -12.45 -11.23 -67.73
C MET O 1 -11.89 -11.25 -66.30
N THR O 2 -12.32 -12.25 -65.53
CA THR O 2 -11.88 -12.38 -64.14
C THR O 2 -10.60 -13.20 -63.98
N GLU O 3 -9.65 -12.69 -63.20
CA GLU O 3 -8.40 -13.41 -62.94
C GLU O 3 -8.32 -13.88 -61.49
N HIS O 4 -7.69 -15.05 -61.30
CA HIS O 4 -7.46 -15.66 -60.00
C HIS O 4 -5.98 -15.87 -59.78
N PHE O 5 -5.38 -15.14 -58.84
CA PHE O 5 -3.94 -15.22 -58.59
C PHE O 5 -3.56 -16.23 -57.53
N ILE O 6 -2.61 -17.15 -57.86
CA ILE O 6 -2.09 -18.18 -56.95
C ILE O 6 -0.60 -18.29 -57.13
N THR O 7 0.12 -18.47 -56.01
CA THR O 7 1.56 -18.68 -56.03
C THR O 7 1.78 -20.11 -55.59
N LEU O 8 1.82 -21.04 -56.54
CA LEU O 8 1.97 -22.45 -56.26
C LEU O 8 3.43 -22.90 -56.08
N SER O 9 3.66 -23.79 -55.10
CA SER O 9 4.99 -24.32 -54.82
C SER O 9 5.07 -25.78 -55.21
N THR O 10 6.32 -26.26 -55.33
CA THR O 10 6.65 -27.64 -55.65
C THR O 10 7.42 -28.29 -54.50
N THR O 11 7.87 -27.48 -53.53
CA THR O 11 8.64 -27.95 -52.38
C THR O 11 7.85 -27.84 -51.08
N GLU O 12 7.22 -26.68 -50.85
CA GLU O 12 6.44 -26.40 -49.65
C GLU O 12 5.24 -27.36 -49.49
N PRO O 13 5.16 -28.17 -48.39
CA PRO O 13 4.06 -29.13 -48.24
C PRO O 13 2.73 -28.47 -47.89
N ASN O 14 2.06 -27.89 -48.88
CA ASN O 14 0.77 -27.23 -48.70
C ASN O 14 -0.38 -28.25 -48.67
N ASN O 15 -0.47 -29.12 -49.72
CA ASN O 15 -1.47 -30.18 -49.96
C ASN O 15 -2.87 -29.62 -50.28
N ASN O 16 -3.42 -28.80 -49.38
CA ASN O 16 -4.77 -28.27 -49.57
C ASN O 16 -4.93 -26.73 -49.55
N ILE O 17 -3.96 -26.01 -48.94
CA ILE O 17 -4.02 -24.54 -48.82
C ILE O 17 -3.79 -23.85 -50.16
N GLY O 18 -4.64 -22.87 -50.46
CA GLY O 18 -4.63 -22.15 -51.73
C GLY O 18 -5.94 -22.43 -52.43
N ILE O 19 -6.93 -21.58 -52.13
CA ILE O 19 -8.29 -21.71 -52.61
C ILE O 19 -8.56 -20.92 -53.88
N VAL O 20 -9.32 -21.55 -54.80
CA VAL O 20 -9.81 -20.99 -56.06
C VAL O 20 -11.27 -21.39 -56.36
N LYS O 21 -12.15 -20.39 -56.36
CA LYS O 21 -13.56 -20.68 -56.53
C LYS O 21 -14.19 -20.06 -57.77
N LEU O 22 -14.85 -20.92 -58.57
CA LEU O 22 -15.56 -20.54 -59.79
C LEU O 22 -17.00 -21.04 -59.77
N ARG O 23 -17.75 -20.78 -60.86
CA ARG O 23 -19.12 -21.26 -61.01
C ARG O 23 -19.45 -21.81 -62.41
N HIS O 24 -20.46 -22.68 -62.50
CA HIS O 24 -20.83 -23.42 -63.70
C HIS O 24 -20.86 -22.67 -65.02
N ALA O 25 -21.64 -21.61 -65.08
CA ALA O 25 -21.84 -20.81 -66.28
C ALA O 25 -20.76 -19.73 -66.46
N ASP O 26 -19.52 -20.10 -66.80
CA ASP O 26 -18.51 -19.07 -66.94
C ASP O 26 -17.62 -19.32 -68.10
N VAL O 27 -18.23 -19.31 -69.25
CA VAL O 27 -17.52 -19.57 -70.48
C VAL O 27 -16.41 -18.53 -70.66
N ASN O 28 -15.19 -19.03 -70.93
CA ASN O 28 -14.01 -18.25 -71.25
C ASN O 28 -13.75 -16.92 -70.57
N SER O 29 -13.88 -16.86 -69.27
CA SER O 29 -13.66 -15.58 -68.62
C SER O 29 -12.76 -15.77 -67.43
N GLN O 30 -13.18 -16.68 -66.53
CA GLN O 30 -12.53 -17.02 -65.29
C GLN O 30 -11.25 -17.81 -65.57
N ALA O 31 -10.10 -17.12 -65.47
CA ALA O 31 -8.77 -17.65 -65.73
C ALA O 31 -7.92 -17.61 -64.49
N ILE O 32 -7.07 -18.65 -64.32
CA ILE O 32 -6.14 -18.87 -63.20
C ILE O 32 -4.73 -18.42 -63.56
N VAL O 33 -4.25 -17.40 -62.86
CA VAL O 33 -2.91 -16.89 -63.04
C VAL O 33 -2.05 -17.48 -61.93
N ALA O 34 -1.09 -18.32 -62.30
CA ALA O 34 -0.25 -19.04 -61.35
C ALA O 34 1.24 -18.72 -61.46
N GLN O 35 1.91 -18.61 -60.31
CA GLN O 35 3.34 -18.38 -60.20
C GLN O 35 3.95 -19.66 -59.64
N ILE O 36 4.86 -20.27 -60.39
CA ILE O 36 5.50 -21.52 -59.94
C ILE O 36 6.79 -21.21 -59.18
N VAL O 37 6.88 -21.71 -57.95
CA VAL O 37 8.00 -21.44 -57.07
C VAL O 37 8.59 -22.75 -56.53
N GLU O 38 9.94 -22.88 -56.59
CA GLU O 38 10.68 -24.03 -56.07
C GLU O 38 11.75 -23.52 -55.12
N ASN O 39 11.65 -23.95 -53.85
CA ASN O 39 12.59 -23.58 -52.78
C ASN O 39 12.71 -22.05 -52.59
N GLY O 40 11.59 -21.35 -52.75
CA GLY O 40 11.51 -19.90 -52.56
C GLY O 40 11.89 -19.07 -53.77
N GLN O 41 12.28 -19.72 -54.86
CA GLN O 41 12.66 -19.00 -56.06
C GLN O 41 11.77 -19.44 -57.23
N PRO O 42 11.44 -18.55 -58.19
CA PRO O 42 10.62 -18.98 -59.34
C PRO O 42 11.26 -20.08 -60.19
N LYS O 43 10.46 -21.10 -60.55
CA LYS O 43 10.89 -22.27 -61.32
C LYS O 43 10.75 -22.12 -62.83
N ASN O 44 11.83 -22.41 -63.60
CA ASN O 44 11.83 -22.35 -65.07
C ASN O 44 11.49 -23.70 -65.66
N PHE O 45 10.32 -23.79 -66.27
CA PHE O 45 9.83 -25.02 -66.87
C PHE O 45 10.07 -25.06 -68.41
N GLU O 46 11.15 -24.36 -68.86
CA GLU O 46 11.54 -24.30 -70.27
C GLU O 46 11.70 -25.67 -70.87
N GLY O 47 11.00 -25.91 -71.97
CA GLY O 47 11.05 -27.20 -72.65
C GLY O 47 9.96 -28.17 -72.20
N LEU O 48 9.27 -27.84 -71.09
CA LEU O 48 8.19 -28.65 -70.53
C LEU O 48 6.84 -27.98 -70.74
N GLN O 49 5.88 -28.74 -71.31
CA GLN O 49 4.53 -28.25 -71.58
C GLN O 49 3.65 -28.30 -70.33
N PRO O 50 3.14 -27.13 -69.89
CA PRO O 50 2.27 -27.12 -68.70
C PRO O 50 0.91 -27.79 -68.99
N PHE O 51 0.31 -28.40 -67.95
CA PHE O 51 -0.98 -29.09 -68.03
C PHE O 51 -1.83 -28.84 -66.80
N PHE O 52 -3.13 -28.60 -67.00
CA PHE O 52 -4.04 -28.43 -65.88
C PHE O 52 -4.62 -29.78 -65.55
N CYS O 53 -4.23 -30.32 -64.42
CA CYS O 53 -4.72 -31.62 -63.98
C CYS O 53 -5.78 -31.44 -62.95
N LEU O 54 -6.92 -32.06 -63.19
CA LEU O 54 -8.06 -31.97 -62.29
C LEU O 54 -8.51 -33.33 -61.80
N MET O 55 -8.58 -33.48 -60.47
CA MET O 55 -9.04 -34.69 -59.80
C MET O 55 -10.47 -34.50 -59.36
N ALA O 56 -11.33 -34.77 -60.32
CA ALA O 56 -12.76 -34.62 -60.18
C ALA O 56 -13.35 -35.76 -59.38
N GLN O 57 -14.34 -35.44 -58.56
CA GLN O 57 -15.10 -36.42 -57.77
C GLN O 57 -16.03 -37.23 -58.69
N GLU O 58 -16.21 -38.54 -58.40
CA GLU O 58 -17.07 -39.49 -59.13
C GLU O 58 -16.94 -39.47 -60.69
N ALA O 59 -15.72 -39.16 -61.16
CA ALA O 59 -15.35 -39.09 -62.57
C ALA O 59 -13.84 -39.30 -62.68
N THR O 60 -13.36 -40.38 -62.02
CA THR O 60 -11.96 -40.76 -61.98
C THR O 60 -11.66 -41.96 -62.89
N GLY O 61 -10.40 -42.05 -63.34
CA GLY O 61 -9.88 -43.11 -64.19
C GLY O 61 -8.37 -43.01 -64.27
N GLN O 62 -7.83 -43.07 -65.51
CA GLN O 62 -6.40 -42.94 -65.76
C GLN O 62 -6.09 -41.52 -66.28
N GLY O 63 -7.04 -40.97 -67.02
CA GLY O 63 -6.97 -39.60 -67.48
C GLY O 63 -8.19 -38.91 -66.91
N VAL O 64 -8.17 -38.62 -65.60
CA VAL O 64 -9.31 -37.99 -64.92
C VAL O 64 -9.66 -36.69 -65.66
N SER O 65 -8.70 -35.75 -65.76
CA SER O 65 -8.85 -34.49 -66.49
C SER O 65 -7.46 -33.87 -66.68
N GLU O 66 -7.10 -33.64 -67.93
CA GLU O 66 -5.83 -33.04 -68.30
C GLU O 66 -5.99 -32.16 -69.54
N GLU O 67 -5.63 -30.87 -69.40
CA GLU O 67 -5.74 -29.89 -70.48
C GLU O 67 -4.45 -29.08 -70.60
N SER O 68 -3.95 -28.94 -71.81
CA SER O 68 -2.72 -28.20 -72.06
C SER O 68 -2.91 -26.69 -71.90
N VAL O 69 -1.99 -26.06 -71.15
CA VAL O 69 -2.06 -24.61 -70.93
C VAL O 69 -1.37 -23.92 -72.09
N VAL O 70 -2.09 -23.00 -72.75
CA VAL O 70 -1.61 -22.29 -73.92
C VAL O 70 -0.83 -21.01 -73.59
N SER O 71 -1.32 -20.22 -72.63
CA SER O 71 -0.67 -18.97 -72.23
C SER O 71 0.23 -19.22 -71.06
N PHE O 72 1.55 -19.03 -71.26
CA PHE O 72 2.56 -19.27 -70.24
C PHE O 72 3.92 -18.65 -70.58
N ASP O 73 4.68 -18.27 -69.55
CA ASP O 73 6.04 -17.75 -69.65
C ASP O 73 6.96 -18.64 -68.81
N ALA O 74 7.63 -19.59 -69.47
CA ALA O 74 8.50 -20.55 -68.81
C ALA O 74 9.77 -19.96 -68.21
N LYS O 75 10.20 -18.78 -68.70
CA LYS O 75 11.41 -18.12 -68.24
C LYS O 75 11.24 -17.56 -66.83
N ASN O 76 10.03 -17.07 -66.50
CA ASN O 76 9.78 -16.51 -65.17
C ASN O 76 8.91 -17.39 -64.27
N GLY O 77 8.39 -18.49 -64.82
CA GLY O 77 7.55 -19.46 -64.12
C GLY O 77 6.14 -18.98 -63.86
N THR O 78 5.50 -18.37 -64.87
CA THR O 78 4.15 -17.83 -64.82
C THR O 78 3.28 -18.47 -65.90
N LEU O 79 2.01 -18.71 -65.61
CA LEU O 79 1.06 -19.28 -66.56
C LEU O 79 -0.35 -18.72 -66.36
N LYS O 80 -1.18 -18.79 -67.40
CA LYS O 80 -2.56 -18.33 -67.35
C LYS O 80 -3.45 -19.38 -67.97
N TYR O 81 -4.23 -20.07 -67.14
CA TYR O 81 -5.11 -21.09 -67.64
C TYR O 81 -6.56 -20.65 -67.53
N VAL O 82 -7.26 -20.63 -68.66
CA VAL O 82 -8.68 -20.27 -68.70
C VAL O 82 -9.49 -21.54 -68.58
N ALA O 83 -10.40 -21.55 -67.61
CA ALA O 83 -11.26 -22.69 -67.30
C ALA O 83 -12.20 -23.02 -68.46
N SER O 84 -12.09 -24.25 -68.95
CA SER O 84 -12.88 -24.78 -70.06
C SER O 84 -14.22 -25.32 -69.59
N ASP O 85 -15.06 -25.73 -70.57
CA ASP O 85 -16.37 -26.32 -70.31
C ASP O 85 -16.25 -27.61 -69.51
N ASN O 86 -15.17 -28.38 -69.76
CA ASN O 86 -14.88 -29.62 -69.04
C ASN O 86 -14.54 -29.32 -67.60
N ALA O 87 -13.75 -28.25 -67.36
CA ALA O 87 -13.30 -27.83 -66.04
C ALA O 87 -14.46 -27.43 -65.16
N LEU O 88 -15.46 -26.79 -65.76
CA LEU O 88 -16.62 -26.29 -65.06
C LEU O 88 -17.77 -27.30 -65.00
N GLN O 89 -17.65 -28.44 -65.70
CA GLN O 89 -18.66 -29.50 -65.73
C GLN O 89 -18.91 -30.11 -64.34
N PHE O 90 -17.84 -30.28 -63.54
CA PHE O 90 -17.89 -30.91 -62.23
C PHE O 90 -18.24 -29.93 -61.10
N VAL O 91 -19.53 -29.85 -60.79
CA VAL O 91 -20.01 -28.93 -59.76
C VAL O 91 -19.81 -29.60 -58.43
N GLY O 92 -19.02 -28.95 -57.58
CA GLY O 92 -18.72 -29.46 -56.25
C GLY O 92 -17.35 -29.06 -55.73
N ARG O 93 -16.79 -29.90 -54.85
CA ARG O 93 -15.50 -29.65 -54.25
C ARG O 93 -14.42 -30.58 -54.83
N ASN O 94 -13.60 -30.01 -55.73
CA ASN O 94 -12.57 -30.76 -56.44
C ASN O 94 -11.14 -30.33 -56.09
N GLU O 95 -10.16 -31.18 -56.47
CA GLU O 95 -8.75 -30.95 -56.23
C GLU O 95 -8.08 -30.86 -57.60
N ALA O 96 -7.13 -29.92 -57.76
CA ALA O 96 -6.41 -29.71 -59.01
C ALA O 96 -4.96 -29.35 -58.76
N TYR O 97 -4.12 -29.47 -59.81
CA TYR O 97 -2.69 -29.18 -59.78
C TYR O 97 -2.18 -28.98 -61.21
N PHE O 98 -0.98 -28.42 -61.34
CA PHE O 98 -0.39 -28.21 -62.66
C PHE O 98 0.81 -29.11 -62.89
N SER O 99 0.80 -29.82 -64.03
CA SER O 99 1.88 -30.74 -64.43
C SER O 99 2.73 -30.10 -65.49
N PHE O 100 3.98 -30.51 -65.57
CA PHE O 100 4.90 -29.99 -66.58
C PHE O 100 5.66 -31.17 -67.14
N ARG O 101 5.47 -31.50 -68.42
CA ARG O 101 6.17 -32.64 -68.97
C ARG O 101 6.95 -32.33 -70.24
N LYS O 102 8.10 -33.06 -70.43
CA LYS O 102 8.98 -33.00 -71.61
C LYS O 102 8.80 -34.33 -72.39
N GLN O 103 7.64 -34.43 -73.05
CA GLN O 103 7.24 -35.60 -73.83
C GLN O 103 7.98 -35.63 -75.14
N GLU O 104 8.54 -36.80 -75.46
CA GLU O 104 9.27 -37.01 -76.70
C GLU O 104 8.29 -37.43 -77.81
N GLY O 105 7.52 -38.47 -77.55
CA GLY O 105 6.53 -39.02 -78.47
C GLY O 105 6.03 -40.33 -77.92
N GLY O 106 4.84 -40.27 -77.32
CA GLY O 106 4.19 -41.39 -76.67
C GLY O 106 4.70 -41.55 -75.25
N ARG O 107 5.98 -41.92 -75.14
CA ARG O 107 6.63 -42.06 -73.84
C ARG O 107 7.17 -40.72 -73.39
N TRP O 108 7.12 -40.49 -72.06
CA TRP O 108 7.58 -39.25 -71.45
C TRP O 108 8.96 -39.41 -70.89
N ILE O 109 9.62 -38.27 -70.61
CA ILE O 109 10.88 -38.28 -69.94
C ILE O 109 10.90 -37.65 -68.54
N GLU O 110 10.62 -36.34 -68.49
CA GLU O 110 10.63 -35.61 -67.24
C GLU O 110 9.25 -35.00 -67.01
N GLN O 111 8.61 -35.23 -65.83
CA GLN O 111 7.29 -34.66 -65.50
C GLN O 111 7.16 -34.21 -64.06
N PHE O 112 7.39 -32.93 -63.77
CA PHE O 112 7.26 -32.44 -62.40
C PHE O 112 5.97 -31.68 -62.23
N SER O 113 5.33 -31.83 -61.06
CA SER O 113 4.05 -31.20 -60.78
C SER O 113 4.04 -30.36 -59.50
N THR O 114 3.14 -29.36 -59.46
CA THR O 114 2.94 -28.47 -58.32
C THR O 114 2.09 -29.16 -57.26
N ARG O 115 2.03 -28.57 -56.04
CA ARG O 115 1.23 -29.06 -54.95
C ARG O 115 -0.25 -28.92 -55.30
N THR O 116 -1.08 -29.74 -54.65
CA THR O 116 -2.51 -29.71 -54.90
C THR O 116 -3.20 -28.49 -54.29
N PHE O 117 -4.14 -27.92 -55.05
CA PHE O 117 -4.93 -26.78 -54.60
C PHE O 117 -6.39 -27.08 -54.78
N HIS O 118 -7.20 -26.49 -53.95
CA HIS O 118 -8.62 -26.76 -54.01
C HIS O 118 -9.25 -26.01 -55.16
N TYR O 119 -9.96 -26.75 -56.02
CA TYR O 119 -10.66 -26.22 -57.20
C TYR O 119 -12.15 -26.48 -57.03
N ILE O 120 -12.87 -25.50 -56.47
CA ILE O 120 -14.29 -25.63 -56.20
C ILE O 120 -15.12 -24.83 -57.16
N VAL O 121 -16.17 -25.49 -57.67
CA VAL O 121 -17.12 -24.98 -58.65
C VAL O 121 -18.52 -24.89 -58.05
N GLU O 122 -19.06 -23.68 -58.04
CA GLU O 122 -20.38 -23.44 -57.51
C GLU O 122 -21.43 -23.69 -58.58
N LYS O 123 -22.63 -24.14 -58.19
CA LYS O 123 -23.74 -24.37 -59.14
C LYS O 123 -24.22 -23.07 -59.79
N SER O 124 -24.83 -23.17 -60.99
CA SER O 124 -25.45 -22.04 -61.69
C SER O 124 -26.96 -22.32 -61.98
N ILE O 125 -27.64 -21.37 -62.62
CA ILE O 125 -29.06 -21.56 -62.97
C ILE O 125 -29.22 -22.67 -64.00
N TYR O 126 -28.14 -22.84 -64.76
CA TYR O 126 -28.01 -23.80 -65.85
C TYR O 126 -27.69 -25.21 -65.38
N SER O 127 -26.81 -25.36 -64.34
CA SER O 127 -26.43 -26.64 -63.73
C SER O 127 -27.54 -27.20 -62.82
N GLN O 128 -28.24 -26.32 -62.12
CA GLN O 128 -29.32 -26.77 -61.26
C GLN O 128 -30.51 -27.29 -62.07
N PRO O 129 -30.92 -28.52 -61.73
CA PRO O 129 -32.12 -29.12 -62.36
C PRO O 129 -33.41 -28.45 -61.84
N PHE O 130 -34.36 -28.18 -62.75
CA PHE O 130 -35.64 -27.53 -62.47
C PHE O 130 -36.82 -28.33 -63.00
N LYS O 131 -37.93 -28.27 -62.30
CA LYS O 131 -39.10 -29.06 -62.65
C LYS O 131 -39.97 -28.42 -63.74
N ASP O 132 -40.16 -29.14 -64.85
CA ASP O 132 -40.98 -28.70 -65.99
C ASP O 132 -41.82 -29.86 -66.51
N SER O 133 -43.13 -29.62 -66.69
CA SER O 133 -44.10 -30.62 -67.18
C SER O 133 -44.02 -31.92 -66.34
N ASN O 134 -44.09 -31.79 -64.98
CA ASN O 134 -43.96 -32.88 -63.99
C ASN O 134 -42.72 -33.81 -64.16
N TYR O 135 -41.67 -33.31 -64.88
CA TYR O 135 -40.36 -33.94 -65.10
C TYR O 135 -39.22 -32.96 -64.77
N TRP O 136 -38.08 -33.52 -64.38
CA TRP O 136 -36.89 -32.77 -63.98
C TRP O 136 -36.00 -32.61 -65.17
N TRP O 137 -35.56 -31.38 -65.40
CA TRP O 137 -34.75 -31.05 -66.57
C TRP O 137 -33.58 -30.15 -66.19
N THR O 138 -32.70 -29.93 -67.15
CA THR O 138 -31.64 -28.93 -67.05
C THR O 138 -31.78 -28.09 -68.31
N PHE O 139 -31.23 -26.85 -68.35
CA PHE O 139 -31.39 -25.97 -69.53
C PHE O 139 -30.91 -26.57 -70.87
N LYS O 140 -29.70 -27.10 -70.87
CA LYS O 140 -29.06 -27.71 -72.04
C LYS O 140 -29.89 -28.83 -72.66
N GLU O 141 -30.62 -29.61 -71.83
CA GLU O 141 -31.46 -30.74 -72.26
C GLU O 141 -32.67 -30.22 -73.02
N LEU O 142 -33.38 -29.22 -72.46
CA LEU O 142 -34.55 -28.67 -73.15
C LEU O 142 -34.18 -27.93 -74.40
N TYR O 143 -33.10 -27.14 -74.36
CA TYR O 143 -32.60 -26.36 -75.49
C TYR O 143 -32.25 -27.26 -76.68
N ARG O 144 -31.75 -28.47 -76.41
CA ARG O 144 -31.39 -29.46 -77.42
C ARG O 144 -32.68 -30.01 -78.06
N ILE O 145 -33.70 -30.34 -77.26
CA ILE O 145 -34.98 -30.90 -77.73
C ILE O 145 -35.79 -29.91 -78.54
N PHE O 146 -35.80 -28.65 -78.10
CA PHE O 146 -36.52 -27.58 -78.78
C PHE O 146 -35.90 -27.28 -80.12
N ASN O 147 -34.57 -27.21 -80.18
CA ASN O 147 -33.87 -26.95 -81.42
C ASN O 147 -34.00 -28.12 -82.38
N LYS O 148 -34.22 -29.34 -81.84
CA LYS O 148 -34.44 -30.56 -82.61
C LYS O 148 -35.84 -30.54 -83.20
N TYR O 149 -36.83 -30.02 -82.45
CA TYR O 149 -38.19 -29.87 -82.94
C TYR O 149 -38.23 -28.90 -84.10
N ILE O 150 -37.43 -27.80 -84.02
CA ILE O 150 -37.34 -26.80 -85.09
C ILE O 150 -36.68 -27.38 -86.36
N GLU O 151 -35.52 -28.05 -86.21
CA GLU O 151 -34.74 -28.67 -87.29
C GLU O 151 -35.55 -29.75 -87.99
N ASP O 152 -36.18 -30.68 -87.23
CA ASP O 152 -36.94 -31.82 -87.78
C ASP O 152 -38.29 -31.42 -88.29
N GLY O 153 -38.86 -30.39 -87.69
CA GLY O 153 -40.14 -29.83 -88.09
C GLY O 153 -40.07 -29.22 -89.48
N LYS O 154 -39.00 -28.44 -89.76
CA LYS O 154 -38.76 -27.78 -91.04
C LYS O 154 -38.41 -28.75 -92.16
N LYS O 155 -37.67 -29.80 -91.82
CA LYS O 155 -37.33 -30.85 -92.76
C LYS O 155 -38.60 -31.62 -93.13
N SER O 156 -39.49 -31.82 -92.13
CA SER O 156 -40.78 -32.52 -92.29
C SER O 156 -41.77 -31.71 -93.14
N TRP O 157 -41.70 -30.37 -93.05
CA TRP O 157 -42.57 -29.49 -93.82
C TRP O 157 -42.07 -29.35 -95.24
N GLU O 158 -40.73 -29.27 -95.40
CA GLU O 158 -40.06 -29.16 -96.71
C GLU O 158 -40.39 -30.37 -97.55
N GLN O 159 -40.36 -31.55 -96.93
CA GLN O 159 -40.72 -32.80 -97.56
C GLN O 159 -42.28 -32.84 -97.77
N PHE O 160 -43.11 -32.39 -96.79
CA PHE O 160 -44.55 -32.40 -97.03
C PHE O 160 -44.96 -31.65 -98.31
N VAL O 161 -44.40 -30.46 -98.51
CA VAL O 161 -44.73 -29.67 -99.69
C VAL O 161 -44.19 -30.32 -100.97
N GLU O 162 -42.93 -30.80 -100.93
CA GLU O 162 -42.25 -31.44 -102.04
C GLU O 162 -42.96 -32.68 -102.51
N ALA O 163 -43.36 -33.55 -101.57
CA ALA O 163 -44.07 -34.79 -101.91
C ALA O 163 -45.44 -34.53 -102.52
N ASN O 164 -46.18 -33.55 -101.94
CA ASN O 164 -47.50 -33.14 -102.40
C ASN O 164 -47.46 -32.40 -103.72
N ARG O 165 -46.28 -31.90 -104.07
CA ARG O 165 -46.06 -31.23 -105.33
C ARG O 165 -45.99 -32.28 -106.43
N GLU O 166 -45.17 -33.33 -106.24
CA GLU O 166 -44.99 -34.40 -107.24
C GLU O 166 -46.21 -35.26 -107.56
N ILE O 167 -47.24 -35.21 -106.69
CA ILE O 167 -48.50 -35.91 -106.88
C ILE O 167 -49.29 -35.23 -108.05
N LEU O 168 -49.46 -33.91 -107.95
CA LEU O 168 -50.13 -33.11 -108.95
C LEU O 168 -49.19 -32.83 -110.14
N GLU O 169 -47.94 -32.47 -109.85
CA GLU O 169 -46.93 -32.04 -110.80
C GLU O 169 -46.32 -33.04 -111.77
N SER O 170 -45.80 -34.15 -111.26
CA SER O 170 -45.12 -35.12 -112.09
C SER O 170 -46.06 -36.21 -112.61
N ILE O 171 -47.00 -36.68 -111.75
CA ILE O 171 -47.93 -37.76 -112.08
C ILE O 171 -48.98 -37.35 -113.14
N ASP O 172 -48.96 -36.06 -113.57
CA ASP O 172 -49.87 -35.59 -114.61
C ASP O 172 -49.20 -34.88 -115.81
N PRO O 173 -49.58 -35.23 -117.08
CA PRO O 173 -49.02 -34.54 -118.28
C PRO O 173 -49.49 -33.07 -118.43
N GLY O 174 -50.74 -32.81 -118.03
CA GLY O 174 -51.36 -31.49 -117.97
C GLY O 174 -51.45 -30.90 -116.56
N GLY O 175 -51.01 -31.64 -115.54
CA GLY O 175 -51.02 -31.16 -114.15
C GLY O 175 -49.88 -30.19 -113.85
N VAL O 176 -48.79 -30.27 -114.64
CA VAL O 176 -47.61 -29.37 -114.55
C VAL O 176 -48.09 -27.97 -114.90
N LEU O 177 -48.93 -27.89 -115.95
CA LEU O 177 -49.54 -26.67 -116.47
C LEU O 177 -50.35 -25.98 -115.37
N LEU O 178 -51.10 -26.76 -114.58
CA LEU O 178 -51.92 -26.21 -113.52
C LEU O 178 -51.07 -25.60 -112.43
N ALA O 179 -50.06 -26.33 -112.01
CA ALA O 179 -49.17 -25.94 -110.93
C ALA O 179 -48.35 -24.69 -111.28
N LYS O 180 -47.84 -24.64 -112.54
CA LYS O 180 -47.02 -23.54 -113.04
C LYS O 180 -47.78 -22.26 -113.04
N VAL O 181 -49.05 -22.34 -113.48
CA VAL O 181 -49.94 -21.19 -113.54
C VAL O 181 -50.25 -20.57 -112.20
N ILE O 182 -50.45 -21.40 -111.16
CA ILE O 182 -50.71 -20.86 -109.82
C ILE O 182 -49.49 -20.05 -109.30
N ASP O 183 -48.28 -20.57 -109.61
CA ASP O 183 -47.01 -19.98 -109.23
C ASP O 183 -46.80 -18.65 -109.90
N ILE O 184 -47.10 -18.58 -111.21
CA ILE O 184 -46.97 -17.34 -111.96
C ILE O 184 -48.01 -16.32 -111.44
N GLU O 185 -49.26 -16.78 -111.18
CA GLU O 185 -50.38 -16.01 -110.65
C GLU O 185 -50.01 -15.33 -109.32
N LYS O 186 -49.26 -16.04 -108.46
CA LYS O 186 -48.82 -15.47 -107.19
C LYS O 186 -47.67 -14.47 -107.35
N ILE O 187 -46.71 -14.76 -108.24
CA ILE O 187 -45.58 -13.84 -108.45
C ILE O 187 -46.07 -12.53 -109.02
N VAL O 188 -47.10 -12.60 -109.89
CA VAL O 188 -47.72 -11.41 -110.46
C VAL O 188 -48.57 -10.63 -109.44
N ASN O 189 -49.15 -11.35 -108.49
CA ASN O 189 -49.94 -10.77 -107.41
C ASN O 189 -49.01 -10.10 -106.36
N GLU O 190 -47.74 -10.52 -106.25
CA GLU O 190 -46.84 -10.02 -105.22
C GLU O 190 -45.68 -9.15 -105.68
N LYS O 191 -45.08 -9.50 -106.81
CA LYS O 191 -43.90 -8.80 -107.33
C LYS O 191 -44.17 -7.82 -108.47
N VAL O 192 -45.26 -8.02 -109.22
CA VAL O 192 -45.57 -7.18 -110.38
C VAL O 192 -46.58 -6.10 -109.93
N PRO O 193 -46.46 -4.80 -110.41
CA PRO O 193 -47.43 -3.75 -110.03
C PRO O 193 -48.71 -3.93 -110.85
N ALA O 194 -49.74 -4.47 -110.21
CA ALA O 194 -50.96 -4.78 -110.93
C ALA O 194 -52.33 -4.26 -110.47
N GLY O 195 -52.99 -5.01 -109.58
CA GLY O 195 -54.36 -4.82 -109.11
C GLY O 195 -54.65 -3.70 -108.13
N PHE O 196 -53.63 -2.98 -107.71
CA PHE O 196 -53.81 -1.90 -106.76
C PHE O 196 -53.34 -0.54 -107.27
N LYS O 197 -54.22 0.45 -107.25
CA LYS O 197 -53.93 1.79 -107.74
C LYS O 197 -54.31 2.83 -106.70
N PHE O 198 -53.37 3.74 -106.39
CA PHE O 198 -53.58 4.81 -105.42
C PHE O 198 -53.21 6.14 -105.99
N VAL O 199 -54.07 7.15 -105.74
CA VAL O 199 -53.88 8.51 -106.23
C VAL O 199 -53.32 9.43 -105.16
N LEU O 200 -52.27 10.19 -105.53
CA LEU O 200 -51.63 11.15 -104.64
C LEU O 200 -51.62 12.54 -105.27
N GLU O 201 -52.43 13.45 -104.72
CA GLU O 201 -52.51 14.83 -105.19
C GLU O 201 -51.38 15.66 -104.57
N HIS O 202 -50.72 16.51 -105.37
CA HIS O 202 -49.60 17.33 -104.89
C HIS O 202 -49.65 18.78 -105.34
N ASP O 203 -48.68 19.59 -104.88
CA ASP O 203 -48.57 21.02 -105.18
C ASP O 203 -47.67 21.29 -106.36
N SER O 204 -46.74 20.36 -106.65
CA SER O 204 -45.78 20.48 -107.74
C SER O 204 -46.41 20.38 -109.13
N GLU O 205 -45.80 21.05 -110.10
CA GLU O 205 -46.27 21.05 -111.48
C GLU O 205 -45.56 19.94 -112.27
N TYR O 206 -44.55 19.33 -111.66
CA TYR O 206 -43.74 18.29 -112.28
C TYR O 206 -44.13 16.85 -111.90
N GLN O 207 -43.16 15.91 -112.00
CA GLN O 207 -43.34 14.49 -111.72
C GLN O 207 -42.49 14.09 -110.48
N PRO O 208 -43.11 14.14 -109.27
CA PRO O 208 -42.34 13.80 -108.06
C PRO O 208 -42.15 12.30 -107.90
N GLU O 209 -40.98 11.89 -107.40
CA GLU O 209 -40.68 10.46 -107.20
C GLU O 209 -41.37 9.97 -105.95
N VAL O 210 -42.05 8.83 -106.07
CA VAL O 210 -42.76 8.22 -104.96
C VAL O 210 -42.14 6.86 -104.65
N LYS O 211 -41.90 6.62 -103.35
CA LYS O 211 -41.35 5.38 -102.83
C LYS O 211 -42.37 4.76 -101.87
N VAL O 212 -42.74 3.49 -102.12
CA VAL O 212 -43.73 2.82 -101.29
C VAL O 212 -43.11 1.64 -100.54
N THR O 213 -43.42 1.57 -99.21
CA THR O 213 -42.97 0.52 -98.29
C THR O 213 -44.14 -0.04 -97.47
N SER O 214 -44.13 -1.37 -97.24
CA SER O 214 -45.17 -2.02 -96.46
C SER O 214 -44.56 -2.73 -95.28
N TYR O 215 -45.16 -2.54 -94.10
CA TYR O 215 -44.69 -3.12 -92.85
C TYR O 215 -45.82 -3.35 -91.83
N LYS O 216 -45.70 -4.41 -91.06
CA LYS O 216 -46.69 -4.76 -90.04
C LYS O 216 -46.12 -4.49 -88.65
N ASN O 217 -47.01 -4.30 -87.64
CA ASN O 217 -46.66 -4.05 -86.23
C ASN O 217 -45.70 -2.88 -85.99
N ALA O 218 -45.97 -1.75 -86.70
CA ALA O 218 -45.19 -0.51 -86.61
C ALA O 218 -45.41 0.17 -85.27
N ILE O 219 -44.66 1.24 -85.00
CA ILE O 219 -44.78 1.97 -83.74
C ILE O 219 -46.21 2.52 -83.46
N GLY O 220 -46.83 2.02 -82.41
CA GLY O 220 -48.17 2.42 -82.00
C GLY O 220 -49.32 1.96 -82.90
N THR O 221 -49.16 0.79 -83.55
CA THR O 221 -50.19 0.19 -84.42
C THR O 221 -50.50 -1.26 -84.02
N GLU O 222 -49.79 -1.77 -82.99
CA GLU O 222 -49.95 -3.14 -82.49
C GLU O 222 -51.31 -3.29 -81.82
N THR O 223 -51.89 -4.50 -81.94
CA THR O 223 -53.20 -4.87 -81.42
C THR O 223 -53.38 -4.68 -79.90
N ASP O 224 -52.43 -5.19 -79.09
CA ASP O 224 -52.53 -5.10 -77.63
C ASP O 224 -51.77 -3.90 -76.99
N GLY O 225 -51.64 -2.82 -77.75
CA GLY O 225 -50.98 -1.60 -77.28
C GLY O 225 -49.53 -1.46 -77.69
N PHE O 226 -48.82 -0.52 -77.06
CA PHE O 226 -47.40 -0.25 -77.34
C PHE O 226 -46.51 -1.41 -76.88
N ASP O 227 -45.53 -1.80 -77.73
CA ASP O 227 -44.57 -2.89 -77.48
C ASP O 227 -45.25 -4.21 -77.06
N SER O 228 -46.34 -4.54 -77.77
CA SER O 228 -47.08 -5.77 -77.52
C SER O 228 -46.87 -6.77 -78.65
N GLY O 229 -46.42 -6.27 -79.80
CA GLY O 229 -46.16 -7.06 -80.98
C GLY O 229 -44.88 -7.89 -80.90
N PRO O 230 -44.69 -8.89 -81.79
CA PRO O 230 -43.49 -9.74 -81.70
C PRO O 230 -42.18 -9.04 -82.03
N VAL O 231 -42.21 -8.06 -82.93
CA VAL O 231 -41.01 -7.31 -83.31
C VAL O 231 -41.24 -5.83 -83.02
N PHE O 232 -40.54 -5.32 -82.01
CA PHE O 232 -40.66 -3.93 -81.59
C PHE O 232 -40.20 -2.95 -82.66
N GLY O 233 -41.03 -1.94 -82.93
CA GLY O 233 -40.74 -0.86 -83.87
C GLY O 233 -41.01 -1.10 -85.34
N GLY O 234 -41.70 -2.22 -85.62
CA GLY O 234 -42.05 -2.65 -86.97
C GLY O 234 -41.40 -3.96 -87.34
N GLY O 235 -42.16 -4.86 -87.97
CA GLY O 235 -41.64 -6.17 -88.37
C GLY O 235 -40.71 -6.10 -89.56
N THR O 236 -41.15 -6.71 -90.66
CA THR O 236 -40.36 -6.75 -91.87
C THR O 236 -40.87 -5.67 -92.80
N ILE O 237 -39.92 -4.92 -93.37
CA ILE O 237 -40.21 -3.82 -94.29
C ILE O 237 -40.04 -4.31 -95.71
N TYR O 238 -41.09 -4.19 -96.50
CA TYR O 238 -41.08 -4.65 -97.88
C TYR O 238 -41.12 -3.45 -98.82
N ASN O 239 -40.12 -3.36 -99.71
CA ASN O 239 -40.07 -2.30 -100.71
C ASN O 239 -41.06 -2.70 -101.80
N VAL O 240 -42.21 -1.97 -101.85
CA VAL O 240 -43.31 -2.23 -102.77
C VAL O 240 -42.95 -1.86 -104.20
N PRO O 241 -42.99 -2.81 -105.18
CA PRO O 241 -42.69 -2.46 -106.56
C PRO O 241 -43.80 -1.58 -107.09
N VAL O 242 -43.42 -0.47 -107.74
CA VAL O 242 -44.37 0.52 -108.23
C VAL O 242 -44.19 0.85 -109.71
N SER O 243 -45.32 1.19 -110.35
CA SER O 243 -45.41 1.66 -111.74
C SER O 243 -46.07 3.02 -111.63
N LEU O 244 -45.29 4.06 -111.89
CA LEU O 244 -45.73 5.44 -111.76
C LEU O 244 -46.37 6.04 -113.04
N SER O 245 -47.51 6.70 -112.84
CA SER O 245 -48.33 7.37 -113.84
C SER O 245 -48.59 8.83 -113.39
N TYR O 246 -48.41 9.81 -114.26
CA TYR O 246 -48.56 11.22 -113.85
C TYR O 246 -49.51 12.06 -114.68
N ASP O 247 -50.26 12.95 -113.98
CA ASP O 247 -51.15 13.96 -114.56
C ASP O 247 -50.83 15.28 -113.85
N ARG O 248 -51.52 16.38 -114.21
CA ARG O 248 -51.29 17.68 -113.56
C ARG O 248 -51.67 17.60 -112.09
N GLN O 249 -50.66 17.74 -111.21
CA GLN O 249 -50.81 17.71 -109.75
C GLN O 249 -51.45 16.39 -109.21
N LYS O 250 -51.24 15.28 -109.93
CA LYS O 250 -51.76 13.95 -109.58
C LYS O 250 -50.75 12.86 -109.93
N VAL O 251 -50.49 11.94 -108.97
CA VAL O 251 -49.59 10.79 -109.13
C VAL O 251 -50.42 9.53 -108.94
N TYR O 252 -50.42 8.66 -109.95
CA TYR O 252 -51.12 7.37 -109.92
C TYR O 252 -50.07 6.30 -109.64
N VAL O 253 -50.16 5.71 -108.46
CA VAL O 253 -49.19 4.72 -108.04
C VAL O 253 -49.80 3.36 -108.20
N GLU O 254 -49.22 2.54 -109.09
CA GLU O 254 -49.72 1.19 -109.36
C GLU O 254 -48.89 0.19 -108.57
N MET O 255 -49.56 -0.67 -107.82
CA MET O 255 -48.88 -1.62 -106.93
C MET O 255 -49.42 -3.03 -107.10
N PRO O 256 -48.67 -4.08 -106.67
CA PRO O 256 -49.20 -5.45 -106.79
C PRO O 256 -50.47 -5.65 -105.98
N LYS O 257 -51.37 -6.50 -106.49
CA LYS O 257 -52.67 -6.79 -105.87
C LYS O 257 -52.58 -7.35 -104.41
N SER O 258 -51.41 -7.86 -103.99
CA SER O 258 -51.24 -8.38 -102.62
C SER O 258 -51.15 -7.27 -101.58
N TYR O 259 -50.60 -6.11 -102.00
CA TYR O 259 -50.44 -4.91 -101.16
C TYR O 259 -51.72 -4.05 -101.10
N THR O 260 -52.87 -4.61 -101.58
CA THR O 260 -54.18 -3.95 -101.54
C THR O 260 -54.61 -3.83 -100.08
N LEU O 261 -54.80 -2.60 -99.62
CA LEU O 261 -55.15 -2.30 -98.24
C LEU O 261 -56.13 -1.15 -98.17
N ALA O 262 -57.32 -1.41 -97.62
CA ALA O 262 -58.33 -0.37 -97.46
C ALA O 262 -58.46 -0.03 -95.97
N GLY O 263 -57.79 1.05 -95.57
CA GLY O 263 -57.78 1.53 -94.20
C GLY O 263 -57.89 3.03 -94.08
N ASP O 264 -57.40 3.57 -92.96
CA ASP O 264 -57.42 5.00 -92.67
C ASP O 264 -56.26 5.69 -93.33
N ILE O 265 -56.55 6.80 -94.04
CA ILE O 265 -55.55 7.61 -94.75
C ILE O 265 -55.10 8.75 -93.84
N ILE O 266 -53.81 8.72 -93.47
CA ILE O 266 -53.24 9.72 -92.58
C ILE O 266 -52.19 10.53 -93.32
N LEU O 267 -52.36 11.85 -93.34
CA LEU O 267 -51.43 12.74 -94.01
C LEU O 267 -50.57 13.42 -92.97
N ILE O 268 -49.25 13.33 -93.14
CA ILE O 268 -48.26 13.95 -92.25
C ILE O 268 -47.88 15.28 -92.91
N ASP O 269 -47.42 16.25 -92.09
CA ASP O 269 -47.03 17.64 -92.41
C ASP O 269 -46.21 17.90 -93.71
N ASP O 270 -45.46 16.88 -94.19
CA ASP O 270 -44.58 16.97 -95.34
C ASP O 270 -45.03 16.06 -96.51
N GLY O 271 -44.07 15.62 -97.31
CA GLY O 271 -44.27 14.69 -98.42
C GLY O 271 -44.33 13.25 -97.95
N THR O 272 -45.20 12.96 -96.95
CA THR O 272 -45.43 11.60 -96.42
C THR O 272 -46.89 11.32 -96.05
N LEU O 273 -47.42 10.16 -96.49
CA LEU O 273 -48.79 9.69 -96.27
C LEU O 273 -48.81 8.21 -95.90
N LEU O 274 -49.69 7.84 -94.98
CA LEU O 274 -49.83 6.46 -94.53
C LEU O 274 -51.24 5.96 -94.69
N VAL O 275 -51.36 4.66 -94.95
CA VAL O 275 -52.63 3.95 -95.01
C VAL O 275 -52.52 2.86 -93.94
N ILE O 276 -53.26 3.01 -92.84
CA ILE O 276 -53.20 2.09 -91.71
C ILE O 276 -54.50 1.32 -91.53
N LYS O 277 -54.41 -0.01 -91.54
CA LYS O 277 -55.53 -0.90 -91.29
C LYS O 277 -55.08 -1.85 -90.20
N GLU O 278 -55.41 -1.49 -88.93
CA GLU O 278 -55.02 -2.20 -87.70
C GLU O 278 -53.49 -2.17 -87.67
N THR O 279 -52.84 -3.35 -87.80
CA THR O 279 -51.38 -3.51 -87.78
C THR O 279 -50.64 -3.23 -89.08
N GLN O 280 -51.30 -3.55 -90.22
CA GLN O 280 -50.74 -3.36 -91.55
C GLN O 280 -50.70 -1.87 -91.94
N VAL O 281 -49.50 -1.38 -92.26
CA VAL O 281 -49.24 0.01 -92.64
C VAL O 281 -48.59 0.04 -94.04
N LEU O 282 -49.11 0.92 -94.90
CA LEU O 282 -48.60 1.16 -96.25
C LEU O 282 -48.12 2.61 -96.27
N CYS O 283 -46.80 2.79 -96.44
CA CYS O 283 -46.15 4.09 -96.41
C CYS O 283 -45.83 4.66 -97.79
N PHE O 284 -46.16 5.96 -98.00
CA PHE O 284 -45.92 6.69 -99.25
C PHE O 284 -44.99 7.88 -99.00
N LYS O 285 -43.79 7.83 -99.58
CA LYS O 285 -42.80 8.89 -99.43
C LYS O 285 -42.56 9.59 -100.74
N MET O 286 -42.84 10.89 -100.77
CA MET O 286 -42.71 11.70 -101.95
C MET O 286 -41.63 12.77 -101.81
N SER O 287 -40.76 12.85 -102.82
CA SER O 287 -39.65 13.79 -102.87
C SER O 287 -39.94 14.97 -103.79
N ASP O 288 -39.43 16.16 -103.41
CA ASP O 288 -39.57 17.42 -104.14
C ASP O 288 -41.00 18.00 -104.26
N ALA O 289 -41.97 17.42 -103.54
CA ALA O 289 -43.36 17.89 -103.54
C ALA O 289 -44.09 17.58 -102.23
N LYS O 290 -45.23 18.28 -101.99
CA LYS O 290 -46.05 18.13 -100.79
C LYS O 290 -47.37 17.47 -101.13
N ILE O 291 -47.71 16.39 -100.44
CA ILE O 291 -48.98 15.66 -100.65
C ILE O 291 -50.11 16.49 -100.06
N THR O 292 -51.17 16.69 -100.85
CA THR O 292 -52.34 17.46 -100.43
C THR O 292 -53.51 16.54 -100.11
N LYS O 293 -53.64 15.46 -100.90
CA LYS O 293 -54.72 14.49 -100.78
C LYS O 293 -54.25 13.13 -101.26
N GLY O 294 -54.81 12.08 -100.67
CA GLY O 294 -54.53 10.71 -101.02
C GLY O 294 -55.78 9.86 -100.95
N TYR O 295 -56.01 9.06 -101.99
CA TYR O 295 -57.19 8.19 -102.06
C TYR O 295 -56.99 7.06 -103.07
N VAL O 296 -57.71 5.95 -102.87
CA VAL O 296 -57.67 4.78 -103.76
C VAL O 296 -58.36 5.18 -105.06
N PHE O 297 -57.78 4.78 -106.22
CA PHE O 297 -58.32 5.09 -107.54
C PHE O 297 -59.64 4.39 -107.81
N VAL O 298 -60.62 5.15 -108.34
CA VAL O 298 -61.95 4.64 -108.71
C VAL O 298 -62.28 4.93 -110.17
N ALA O 299 -63.00 4.02 -110.84
CA ALA O 299 -63.41 4.15 -112.24
C ALA O 299 -64.93 4.22 -112.37
N MET P 1 14.07 -29.59 -62.91
CA MET P 1 13.62 -30.65 -61.99
C MET P 1 13.63 -30.25 -60.52
N THR P 2 12.66 -30.82 -59.76
CA THR P 2 12.43 -30.56 -58.33
C THR P 2 13.44 -31.22 -57.41
N GLU P 3 13.99 -30.42 -56.49
CA GLU P 3 14.99 -30.87 -55.53
C GLU P 3 14.45 -30.79 -54.13
N HIS P 4 14.62 -31.86 -53.36
CA HIS P 4 14.19 -31.95 -51.98
C HIS P 4 15.41 -32.08 -51.10
N PHE P 5 15.78 -31.00 -50.43
CA PHE P 5 16.95 -30.99 -49.58
C PHE P 5 16.67 -31.52 -48.20
N ILE P 6 17.34 -32.62 -47.83
CA ILE P 6 17.20 -33.25 -46.52
C ILE P 6 18.56 -33.69 -45.97
N THR P 7 18.68 -33.77 -44.65
CA THR P 7 19.92 -34.21 -43.99
C THR P 7 19.61 -35.51 -43.27
N LEU P 8 20.29 -36.60 -43.65
CA LEU P 8 20.08 -37.92 -43.05
C LEU P 8 21.26 -38.39 -42.18
N SER P 9 20.95 -38.89 -40.97
CA SER P 9 21.94 -39.38 -40.02
C SER P 9 21.91 -40.89 -39.90
N THR P 10 23.09 -41.48 -39.69
CA THR P 10 23.30 -42.92 -39.52
C THR P 10 23.19 -43.29 -38.03
N THR P 11 23.61 -42.38 -37.17
CA THR P 11 23.61 -42.59 -35.74
C THR P 11 22.42 -41.97 -35.01
N GLU P 12 21.68 -41.05 -35.64
CA GLU P 12 20.55 -40.39 -34.99
C GLU P 12 19.23 -40.64 -35.74
N PRO P 13 18.06 -40.63 -35.05
CA PRO P 13 16.78 -40.80 -35.77
C PRO P 13 16.44 -39.58 -36.62
N ASN P 14 15.91 -39.82 -37.84
CA ASN P 14 15.54 -38.79 -38.83
C ASN P 14 14.09 -38.35 -38.72
N ASN P 15 13.74 -37.85 -37.54
CA ASN P 15 12.39 -37.41 -37.23
C ASN P 15 12.19 -35.92 -37.43
N ASN P 16 13.25 -35.15 -37.21
CA ASN P 16 13.20 -33.70 -37.31
C ASN P 16 13.26 -33.14 -38.74
N ILE P 17 13.37 -34.02 -39.76
CA ILE P 17 13.35 -33.61 -41.16
C ILE P 17 11.94 -33.16 -41.55
N GLY P 18 11.88 -32.32 -42.56
CA GLY P 18 10.59 -31.82 -43.05
C GLY P 18 9.79 -32.88 -43.75
N ILE P 19 8.58 -32.52 -44.16
CA ILE P 19 7.70 -33.42 -44.89
C ILE P 19 8.21 -33.62 -46.32
N VAL P 20 8.63 -34.84 -46.63
CA VAL P 20 9.09 -35.14 -47.98
C VAL P 20 7.86 -35.61 -48.76
N LYS P 21 7.34 -34.73 -49.61
CA LYS P 21 6.15 -35.00 -50.39
C LYS P 21 6.48 -34.98 -51.85
N LEU P 22 6.02 -36.00 -52.57
CA LEU P 22 6.23 -36.15 -54.00
C LEU P 22 5.05 -36.83 -54.71
N ARG P 23 4.68 -36.35 -55.91
CA ARG P 23 3.52 -36.86 -56.65
C ARG P 23 3.78 -38.20 -57.32
N HIS P 24 2.72 -39.03 -57.44
CA HIS P 24 2.72 -40.37 -58.01
C HIS P 24 3.28 -40.47 -59.42
N ALA P 25 2.67 -39.78 -60.39
CA ALA P 25 3.18 -39.91 -61.75
C ALA P 25 4.12 -38.75 -62.04
N ASP P 26 5.41 -38.91 -61.69
CA ASP P 26 6.40 -37.86 -61.88
C ASP P 26 7.63 -38.23 -62.69
N VAL P 27 7.76 -39.51 -63.04
CA VAL P 27 8.86 -40.04 -63.83
C VAL P 27 10.26 -39.61 -63.28
N ASN P 28 11.06 -38.84 -64.08
CA ASN P 28 12.41 -38.43 -63.69
C ASN P 28 12.46 -36.94 -63.42
N SER P 29 11.95 -36.54 -62.24
CA SER P 29 11.87 -35.14 -61.82
C SER P 29 12.18 -34.98 -60.37
N GLN P 30 11.50 -35.76 -59.51
CA GLN P 30 11.62 -35.73 -58.06
C GLN P 30 12.98 -36.20 -57.49
N ALA P 31 13.94 -35.27 -57.37
CA ALA P 31 15.28 -35.53 -56.85
C ALA P 31 15.33 -35.22 -55.39
N ILE P 32 15.85 -36.19 -54.59
CA ILE P 32 16.02 -36.12 -53.14
C ILE P 32 17.50 -35.85 -52.87
N VAL P 33 17.81 -34.65 -52.41
CA VAL P 33 19.17 -34.25 -52.12
C VAL P 33 19.42 -34.50 -50.65
N ALA P 34 20.17 -35.57 -50.34
CA ALA P 34 20.48 -36.01 -48.99
C ALA P 34 21.93 -35.75 -48.56
N GLN P 35 22.10 -35.14 -47.38
CA GLN P 35 23.40 -34.90 -46.76
C GLN P 35 23.56 -35.97 -45.69
N ILE P 36 24.60 -36.80 -45.81
CA ILE P 36 24.82 -37.89 -44.88
C ILE P 36 25.64 -37.40 -43.69
N VAL P 37 25.18 -37.69 -42.47
CA VAL P 37 25.80 -37.29 -41.21
C VAL P 37 26.01 -38.51 -40.32
N GLU P 38 27.18 -38.57 -39.66
CA GLU P 38 27.52 -39.62 -38.73
C GLU P 38 28.10 -38.95 -37.49
N ASN P 39 27.38 -39.07 -36.36
CA ASN P 39 27.76 -38.47 -35.08
C ASN P 39 27.96 -36.94 -35.18
N GLY P 40 27.12 -36.30 -35.99
CA GLY P 40 27.13 -34.85 -36.20
C GLY P 40 27.98 -34.38 -37.36
N GLN P 41 29.04 -35.13 -37.69
CA GLN P 41 29.96 -34.79 -38.77
C GLN P 41 29.61 -35.50 -40.10
N PRO P 42 29.94 -34.90 -41.27
CA PRO P 42 29.62 -35.55 -42.55
C PRO P 42 30.37 -36.86 -42.75
N LYS P 43 29.72 -37.85 -43.38
CA LYS P 43 30.32 -39.17 -43.59
C LYS P 43 30.89 -39.35 -45.00
N ASN P 44 32.16 -39.81 -45.10
CA ASN P 44 32.84 -40.08 -46.37
C ASN P 44 32.67 -41.53 -46.76
N PHE P 45 31.79 -41.79 -47.71
CA PHE P 45 31.51 -43.12 -48.19
C PHE P 45 32.33 -43.44 -49.44
N GLU P 46 33.59 -42.99 -49.40
CA GLU P 46 34.51 -43.18 -50.49
C GLU P 46 34.77 -44.66 -50.74
N GLY P 47 34.42 -45.09 -51.95
CA GLY P 47 34.56 -46.48 -52.38
C GLY P 47 33.35 -47.35 -52.09
N LEU P 48 32.24 -46.68 -51.69
CA LEU P 48 30.96 -47.31 -51.35
C LEU P 48 29.83 -46.76 -52.22
N GLN P 49 29.16 -47.67 -52.95
CA GLN P 49 28.06 -47.35 -53.85
C GLN P 49 26.78 -47.13 -53.07
N PRO P 50 26.20 -45.92 -53.17
CA PRO P 50 24.94 -45.62 -52.46
C PRO P 50 23.78 -46.38 -53.08
N PHE P 51 22.84 -46.80 -52.24
CA PHE P 51 21.66 -47.54 -52.67
C PHE P 51 20.41 -47.04 -52.01
N PHE P 52 19.36 -46.81 -52.81
CA PHE P 52 18.08 -46.40 -52.27
C PHE P 52 17.34 -47.67 -51.84
N CYS P 53 16.99 -47.76 -50.55
CA CYS P 53 16.31 -48.96 -50.06
C CYS P 53 14.90 -48.60 -49.64
N LEU P 54 13.93 -49.16 -50.31
CA LEU P 54 12.54 -48.88 -49.96
C LEU P 54 11.99 -50.15 -49.36
N MET P 55 11.52 -50.05 -48.12
CA MET P 55 10.95 -51.21 -47.44
C MET P 55 9.50 -51.42 -47.82
N ALA P 56 9.14 -52.69 -47.99
CA ALA P 56 7.79 -53.09 -48.37
C ALA P 56 6.80 -52.99 -47.22
N GLN P 57 5.52 -52.95 -47.57
CA GLN P 57 4.47 -52.88 -46.57
C GLN P 57 4.32 -54.21 -45.89
N GLU P 58 4.30 -54.21 -44.56
CA GLU P 58 4.24 -55.44 -43.77
C GLU P 58 2.99 -56.27 -44.06
N ALA P 59 1.89 -55.63 -44.49
CA ALA P 59 0.64 -56.33 -44.74
C ALA P 59 0.69 -57.30 -45.91
N THR P 60 1.12 -56.81 -47.07
CA THR P 60 1.18 -57.60 -48.31
C THR P 60 2.53 -58.18 -48.60
N GLY P 61 3.57 -57.48 -48.16
CA GLY P 61 4.95 -57.88 -48.41
C GLY P 61 5.38 -57.51 -49.80
N GLN P 62 4.81 -56.44 -50.35
CA GLN P 62 5.13 -55.99 -51.69
C GLN P 62 5.61 -54.55 -51.67
N GLY P 63 6.49 -54.22 -52.60
CA GLY P 63 7.01 -52.88 -52.81
C GLY P 63 8.42 -52.62 -52.37
N VAL P 64 9.30 -53.65 -52.45
CA VAL P 64 10.71 -53.53 -52.07
C VAL P 64 11.50 -52.91 -53.21
N SER P 65 12.35 -51.96 -52.89
CA SER P 65 13.16 -51.34 -53.92
C SER P 65 14.60 -51.20 -53.52
N GLU P 66 15.46 -51.77 -54.36
CA GLU P 66 16.90 -51.74 -54.21
C GLU P 66 17.44 -51.08 -55.49
N GLU P 67 17.82 -49.78 -55.39
CA GLU P 67 18.26 -49.01 -56.55
C GLU P 67 19.63 -48.38 -56.36
N SER P 68 20.45 -48.42 -57.42
CA SER P 68 21.77 -47.81 -57.44
C SER P 68 21.62 -46.32 -57.64
N VAL P 69 22.22 -45.53 -56.75
CA VAL P 69 22.16 -44.07 -56.88
C VAL P 69 23.24 -43.65 -57.87
N VAL P 70 22.84 -42.90 -58.92
CA VAL P 70 23.73 -42.46 -59.99
C VAL P 70 24.61 -41.27 -59.61
N SER P 71 23.99 -40.13 -59.24
CA SER P 71 24.70 -38.90 -58.87
C SER P 71 24.90 -38.81 -57.36
N PHE P 72 26.15 -38.61 -56.94
CA PHE P 72 26.57 -38.55 -55.54
C PHE P 72 28.01 -38.05 -55.39
N ASP P 73 28.31 -37.41 -54.26
CA ASP P 73 29.65 -36.93 -53.91
C ASP P 73 30.09 -37.60 -52.62
N ALA P 74 30.98 -38.59 -52.71
CA ALA P 74 31.43 -39.34 -51.55
C ALA P 74 32.31 -38.55 -50.58
N LYS P 75 33.10 -37.60 -51.08
CA LYS P 75 34.04 -36.81 -50.29
C LYS P 75 33.35 -35.92 -49.26
N ASN P 76 32.28 -35.24 -49.67
CA ASN P 76 31.55 -34.36 -48.77
C ASN P 76 30.37 -35.04 -48.08
N GLY P 77 29.93 -36.16 -48.64
CA GLY P 77 28.82 -36.96 -48.10
C GLY P 77 27.46 -36.47 -48.52
N THR P 78 27.27 -36.28 -49.83
CA THR P 78 26.00 -35.83 -50.40
C THR P 78 25.58 -36.77 -51.51
N LEU P 79 24.29 -36.91 -51.71
CA LEU P 79 23.77 -37.72 -52.82
C LEU P 79 22.50 -37.12 -53.41
N LYS P 80 22.24 -37.37 -54.69
CA LYS P 80 21.03 -36.89 -55.34
C LYS P 80 20.31 -38.05 -55.98
N TYR P 81 19.34 -38.62 -55.27
CA TYR P 81 18.55 -39.74 -55.76
C TYR P 81 17.24 -39.24 -56.40
N VAL P 82 17.02 -39.59 -57.69
CA VAL P 82 15.80 -39.23 -58.43
C VAL P 82 14.79 -40.36 -58.27
N ALA P 83 13.60 -40.00 -57.74
CA ALA P 83 12.51 -40.92 -57.46
C ALA P 83 12.28 -41.79 -58.69
N SER P 84 11.90 -43.04 -58.48
CA SER P 84 11.67 -43.97 -59.58
C SER P 84 10.22 -44.37 -59.51
N ASP P 85 9.75 -45.09 -60.55
CA ASP P 85 8.41 -45.67 -60.65
C ASP P 85 8.14 -46.59 -59.45
N ASN P 86 9.16 -47.38 -59.02
CA ASN P 86 9.06 -48.30 -57.88
C ASN P 86 9.06 -47.54 -56.57
N ALA P 87 9.70 -46.36 -56.55
CA ALA P 87 9.76 -45.49 -55.37
C ALA P 87 8.41 -44.86 -55.14
N LEU P 88 7.78 -44.46 -56.22
CA LEU P 88 6.48 -43.82 -56.23
C LEU P 88 5.38 -44.84 -56.56
N GLN P 89 5.52 -46.09 -56.08
CA GLN P 89 4.53 -47.12 -56.36
C GLN P 89 3.29 -46.94 -55.47
N PHE P 90 3.48 -46.84 -54.15
CA PHE P 90 2.35 -46.72 -53.25
C PHE P 90 1.97 -45.28 -52.93
N VAL P 91 0.69 -44.94 -53.07
CA VAL P 91 0.22 -43.61 -52.74
C VAL P 91 0.03 -43.57 -51.23
N GLY P 92 0.71 -42.65 -50.58
CA GLY P 92 0.66 -42.52 -49.13
C GLY P 92 2.02 -42.57 -48.50
N ARG P 93 2.07 -42.91 -47.23
CA ARG P 93 3.31 -42.98 -46.45
C ARG P 93 4.21 -44.13 -46.89
N ASN P 94 5.53 -43.88 -46.97
CA ASN P 94 6.51 -44.89 -47.35
C ASN P 94 7.75 -44.84 -46.46
N GLU P 95 8.30 -46.01 -46.14
CA GLU P 95 9.44 -46.18 -45.25
C GLU P 95 10.65 -46.60 -46.07
N ALA P 96 11.67 -45.73 -46.14
CA ALA P 96 12.88 -45.99 -46.90
C ALA P 96 14.14 -45.47 -46.19
N TYR P 97 15.34 -45.89 -46.64
CA TYR P 97 16.65 -45.51 -46.11
C TYR P 97 17.72 -45.63 -47.21
N PHE P 98 18.99 -45.41 -46.85
CA PHE P 98 20.09 -45.52 -47.81
C PHE P 98 21.20 -46.47 -47.32
N SER P 99 21.69 -47.31 -48.23
CA SER P 99 22.77 -48.25 -47.97
C SER P 99 23.97 -47.92 -48.82
N PHE P 100 25.16 -48.15 -48.29
CA PHE P 100 26.41 -47.87 -49.01
C PHE P 100 27.29 -49.09 -48.88
N ARG P 101 27.55 -49.77 -50.01
CA ARG P 101 28.33 -51.01 -49.98
C ARG P 101 29.46 -51.14 -50.97
N LYS P 102 30.48 -51.96 -50.58
CA LYS P 102 31.68 -52.29 -51.35
C LYS P 102 31.59 -53.74 -51.90
N GLN P 103 31.70 -53.90 -53.22
CA GLN P 103 31.57 -55.24 -53.81
C GLN P 103 32.75 -55.68 -54.64
N GLU P 104 33.23 -56.91 -54.37
CA GLU P 104 34.30 -57.60 -55.08
C GLU P 104 33.84 -59.01 -55.50
N GLY P 105 33.51 -59.14 -56.79
CA GLY P 105 33.01 -60.36 -57.40
C GLY P 105 31.50 -60.46 -57.28
N GLY P 106 31.05 -60.85 -56.10
CA GLY P 106 29.64 -60.99 -55.78
C GLY P 106 29.38 -60.85 -54.31
N ARG P 107 30.43 -60.97 -53.49
CA ARG P 107 30.34 -60.85 -52.04
C ARG P 107 30.51 -59.41 -51.56
N TRP P 108 29.84 -59.07 -50.45
CA TRP P 108 29.93 -57.74 -49.89
C TRP P 108 31.12 -57.64 -48.94
N ILE P 109 31.89 -56.55 -49.02
CA ILE P 109 33.04 -56.35 -48.14
C ILE P 109 32.74 -55.48 -46.90
N GLU P 110 32.11 -54.33 -47.10
CA GLU P 110 31.59 -53.50 -46.02
C GLU P 110 30.35 -52.75 -46.46
N GLN P 111 29.40 -52.56 -45.52
CA GLN P 111 28.16 -51.83 -45.77
C GLN P 111 27.68 -51.12 -44.52
N PHE P 112 27.20 -49.89 -44.71
CA PHE P 112 26.62 -49.09 -43.64
C PHE P 112 25.35 -48.41 -44.12
N SER P 113 24.36 -48.37 -43.24
CA SER P 113 23.04 -47.83 -43.55
C SER P 113 22.64 -46.62 -42.69
N THR P 114 21.95 -45.65 -43.34
CA THR P 114 21.38 -44.44 -42.69
C THR P 114 20.12 -44.85 -41.97
N ARG P 115 19.71 -44.07 -40.98
CA ARG P 115 18.48 -44.36 -40.26
C ARG P 115 17.25 -44.12 -41.16
N THR P 116 16.23 -44.98 -41.03
CA THR P 116 15.01 -44.92 -41.86
C THR P 116 14.31 -43.59 -41.79
N PHE P 117 13.83 -43.12 -42.93
CA PHE P 117 13.07 -41.86 -43.05
C PHE P 117 11.71 -42.13 -43.70
N HIS P 118 10.78 -41.21 -43.50
CA HIS P 118 9.44 -41.37 -44.07
C HIS P 118 9.14 -40.31 -45.11
N TYR P 119 8.50 -40.72 -46.20
CA TYR P 119 8.08 -39.79 -47.24
C TYR P 119 6.70 -40.12 -47.70
N ILE P 120 5.96 -39.10 -48.11
CA ILE P 120 4.58 -39.27 -48.57
C ILE P 120 4.45 -39.10 -50.09
N VAL P 121 3.69 -40.00 -50.72
CA VAL P 121 3.44 -39.98 -52.15
C VAL P 121 2.01 -39.48 -52.37
N GLU P 122 1.88 -38.34 -53.08
CA GLU P 122 0.60 -37.71 -53.39
C GLU P 122 -0.08 -38.40 -54.56
N LYS P 123 -1.43 -38.41 -54.54
CA LYS P 123 -2.21 -39.03 -55.60
C LYS P 123 -2.16 -38.19 -56.87
N SER P 124 -2.01 -38.84 -58.02
CA SER P 124 -1.97 -38.17 -59.31
C SER P 124 -3.21 -38.60 -60.07
N ILE P 125 -3.49 -37.97 -61.24
CA ILE P 125 -4.61 -38.36 -62.10
C ILE P 125 -4.37 -39.77 -62.66
N TYR P 126 -3.06 -40.11 -62.87
CA TYR P 126 -2.55 -41.40 -63.37
C TYR P 126 -2.25 -42.32 -62.19
N SER P 127 -2.43 -43.64 -62.42
CA SER P 127 -2.18 -44.72 -61.46
C SER P 127 -1.50 -45.85 -62.22
N GLN P 128 -0.20 -45.99 -62.00
CA GLN P 128 0.62 -46.97 -62.69
C GLN P 128 0.31 -48.39 -62.23
N PRO P 129 -0.08 -49.30 -63.17
CA PRO P 129 -0.33 -50.68 -62.76
C PRO P 129 0.98 -51.44 -62.59
N PHE P 130 1.09 -52.21 -61.52
CA PHE P 130 2.28 -52.98 -61.18
C PHE P 130 2.00 -54.46 -61.16
N LYS P 131 2.82 -55.24 -61.86
CA LYS P 131 2.65 -56.68 -61.89
C LYS P 131 3.38 -57.31 -60.72
N ASP P 132 2.82 -58.41 -60.20
CA ASP P 132 3.38 -59.14 -59.07
C ASP P 132 4.76 -59.67 -59.42
N SER P 133 5.71 -59.45 -58.52
CA SER P 133 7.11 -59.85 -58.69
C SER P 133 7.28 -61.33 -59.01
N ASN P 134 8.12 -61.67 -60.02
CA ASN P 134 8.40 -63.05 -60.43
C ASN P 134 9.91 -63.32 -60.64
N TYR P 135 10.79 -62.79 -59.75
CA TYR P 135 12.22 -62.95 -59.88
C TYR P 135 12.67 -64.41 -59.93
N TRP P 136 12.07 -65.23 -59.07
CA TRP P 136 12.37 -66.65 -58.97
C TRP P 136 11.91 -67.42 -60.20
N TRP P 137 10.71 -67.10 -60.68
CA TRP P 137 10.14 -67.74 -61.86
C TRP P 137 10.92 -67.45 -63.11
N THR P 138 11.38 -66.18 -63.26
CA THR P 138 12.17 -65.73 -64.41
C THR P 138 13.52 -66.43 -64.43
N PHE P 139 14.09 -66.66 -63.24
CA PHE P 139 15.37 -67.33 -63.06
C PHE P 139 15.29 -68.82 -63.28
N LYS P 140 14.19 -69.46 -62.84
CA LYS P 140 13.96 -70.88 -63.04
C LYS P 140 13.73 -71.19 -64.53
N GLU P 141 12.81 -70.44 -65.17
CA GLU P 141 12.50 -70.60 -66.57
C GLU P 141 13.71 -70.39 -67.45
N LEU P 142 14.60 -69.43 -67.11
CA LEU P 142 15.81 -69.21 -67.90
C LEU P 142 16.76 -70.41 -67.76
N TYR P 143 16.76 -71.02 -66.56
CA TYR P 143 17.58 -72.18 -66.21
C TYR P 143 17.03 -73.43 -66.83
N ARG P 144 15.71 -73.58 -66.88
CA ARG P 144 15.04 -74.73 -67.49
C ARG P 144 15.25 -74.72 -69.02
N ILE P 145 15.08 -73.54 -69.66
CA ILE P 145 15.25 -73.35 -71.09
C ILE P 145 16.70 -73.60 -71.51
N PHE P 146 17.64 -73.18 -70.66
CA PHE P 146 19.05 -73.42 -70.92
C PHE P 146 19.37 -74.90 -70.77
N ASN P 147 18.73 -75.59 -69.81
CA ASN P 147 18.95 -77.04 -69.66
C ASN P 147 18.23 -77.85 -70.72
N LYS P 148 17.17 -77.28 -71.32
CA LYS P 148 16.48 -77.90 -72.43
C LYS P 148 17.40 -77.83 -73.66
N TYR P 149 18.24 -76.75 -73.75
CA TYR P 149 19.20 -76.56 -74.84
C TYR P 149 20.32 -77.56 -74.72
N ILE P 150 20.72 -77.88 -73.48
CA ILE P 150 21.75 -78.85 -73.17
C ILE P 150 21.30 -80.24 -73.68
N GLU P 151 20.13 -80.69 -73.22
CA GLU P 151 19.52 -81.97 -73.53
C GLU P 151 19.28 -82.17 -75.04
N ASP P 152 18.68 -81.17 -75.68
CA ASP P 152 18.37 -81.22 -77.10
C ASP P 152 19.62 -80.99 -77.97
N GLY P 153 20.56 -80.21 -77.45
CA GLY P 153 21.82 -79.91 -78.13
C GLY P 153 22.75 -81.09 -78.22
N LYS P 154 22.75 -81.93 -77.17
CA LYS P 154 23.56 -83.14 -77.10
C LYS P 154 23.04 -84.19 -78.09
N LYS P 155 21.70 -84.31 -78.16
CA LYS P 155 20.95 -85.23 -79.03
C LYS P 155 21.09 -84.89 -80.51
N SER P 156 21.07 -83.60 -80.84
CA SER P 156 21.23 -83.11 -82.20
C SER P 156 22.67 -83.28 -82.69
N TRP P 157 23.64 -83.13 -81.79
CA TRP P 157 25.05 -83.28 -82.13
C TRP P 157 25.43 -84.73 -82.31
N GLU P 158 24.90 -85.63 -81.44
CA GLU P 158 25.15 -87.07 -81.47
C GLU P 158 24.69 -87.67 -82.79
N GLN P 159 23.53 -87.22 -83.28
CA GLN P 159 22.93 -87.68 -84.53
C GLN P 159 23.70 -87.14 -85.73
N PHE P 160 24.25 -85.95 -85.61
CA PHE P 160 25.05 -85.30 -86.64
C PHE P 160 26.35 -86.05 -86.86
N VAL P 161 27.06 -86.39 -85.76
CA VAL P 161 28.34 -87.10 -85.82
C VAL P 161 28.15 -88.51 -86.38
N GLU P 162 27.15 -89.26 -85.85
CA GLU P 162 26.86 -90.63 -86.28
C GLU P 162 26.45 -90.77 -87.74
N ALA P 163 25.76 -89.75 -88.28
CA ALA P 163 25.35 -89.72 -89.69
C ALA P 163 26.56 -89.47 -90.59
N ASN P 164 27.53 -88.69 -90.10
CA ASN P 164 28.75 -88.37 -90.83
C ASN P 164 29.95 -89.21 -90.38
N ARG P 165 29.67 -90.33 -89.69
CA ARG P 165 30.72 -91.21 -89.16
C ARG P 165 31.60 -91.80 -90.25
N GLU P 166 30.98 -92.28 -91.34
CA GLU P 166 31.70 -92.89 -92.45
C GLU P 166 32.68 -91.94 -93.13
N ILE P 167 32.28 -90.65 -93.24
CA ILE P 167 33.08 -89.57 -93.83
C ILE P 167 34.26 -89.19 -92.94
N LEU P 168 33.98 -89.17 -91.64
CA LEU P 168 34.93 -88.81 -90.59
C LEU P 168 35.99 -89.90 -90.37
N GLU P 169 35.72 -91.14 -90.81
CA GLU P 169 36.70 -92.22 -90.70
C GLU P 169 37.63 -92.22 -91.90
N SER P 170 37.10 -91.82 -93.06
CA SER P 170 37.82 -91.75 -94.33
C SER P 170 38.34 -90.35 -94.64
N ILE P 171 38.43 -89.50 -93.61
CA ILE P 171 38.90 -88.12 -93.73
C ILE P 171 40.43 -88.04 -93.89
N ASP P 172 41.17 -88.81 -93.10
CA ASP P 172 42.61 -88.83 -93.18
C ASP P 172 43.12 -90.26 -93.05
N PRO P 173 43.78 -90.78 -94.10
CA PRO P 173 44.30 -92.14 -94.03
C PRO P 173 45.58 -92.20 -93.19
N GLY P 174 45.60 -93.14 -92.24
CA GLY P 174 46.72 -93.37 -91.35
C GLY P 174 46.91 -92.28 -90.32
N GLY P 175 47.37 -91.12 -90.78
CA GLY P 175 47.58 -89.96 -89.93
C GLY P 175 48.70 -89.05 -90.40
N VAL P 176 48.72 -88.79 -91.72
CA VAL P 176 49.72 -87.93 -92.34
C VAL P 176 49.52 -86.47 -91.94
N LEU P 177 48.29 -85.98 -92.13
CA LEU P 177 47.93 -84.60 -91.78
C LEU P 177 47.78 -84.36 -90.27
N LEU P 178 47.31 -85.40 -89.54
CA LEU P 178 47.15 -85.31 -88.09
C LEU P 178 48.51 -85.06 -87.42
N ALA P 179 49.57 -85.69 -87.93
CA ALA P 179 50.93 -85.53 -87.40
C ALA P 179 51.51 -84.16 -87.75
N LYS P 180 51.04 -83.59 -88.86
CA LYS P 180 51.45 -82.28 -89.33
C LYS P 180 50.71 -81.18 -88.57
N VAL P 181 49.44 -81.44 -88.21
CA VAL P 181 48.60 -80.50 -87.45
C VAL P 181 48.95 -80.47 -85.93
N ILE P 182 49.58 -81.54 -85.42
CA ILE P 182 50.04 -81.63 -84.04
C ILE P 182 51.31 -80.78 -83.91
N ASP P 183 52.16 -80.81 -84.95
CA ASP P 183 53.40 -80.03 -85.03
C ASP P 183 53.11 -78.52 -85.09
N ILE P 184 52.04 -78.15 -85.81
CA ILE P 184 51.57 -76.77 -86.01
C ILE P 184 50.91 -76.16 -84.76
N GLU P 185 50.19 -76.99 -83.97
CA GLU P 185 49.53 -76.53 -82.74
C GLU P 185 50.51 -76.24 -81.59
N LYS P 186 51.72 -76.83 -81.66
CA LYS P 186 52.76 -76.60 -80.66
C LYS P 186 53.33 -75.19 -80.80
N ILE P 187 53.26 -74.64 -82.03
CA ILE P 187 53.73 -73.29 -82.37
C ILE P 187 52.71 -72.25 -81.89
N VAL P 188 51.41 -72.54 -82.14
CA VAL P 188 50.30 -71.68 -81.77
C VAL P 188 50.10 -71.57 -80.24
N ASN P 189 50.52 -72.61 -79.49
CA ASN P 189 50.42 -72.66 -78.03
C ASN P 189 51.59 -71.97 -77.34
N GLU P 190 52.62 -71.59 -78.10
CA GLU P 190 53.81 -70.98 -77.52
C GLU P 190 54.15 -69.57 -78.05
N LYS P 191 54.00 -69.33 -79.38
CA LYS P 191 54.38 -68.06 -80.00
C LYS P 191 53.30 -67.02 -80.32
N VAL P 192 52.01 -67.34 -80.06
CA VAL P 192 50.89 -66.42 -80.26
C VAL P 192 49.93 -66.53 -79.02
N PRO P 193 49.05 -65.50 -78.69
CA PRO P 193 48.10 -65.64 -77.55
C PRO P 193 46.97 -66.60 -77.97
N ALA P 194 46.64 -67.57 -77.10
CA ALA P 194 45.61 -68.54 -77.48
C ALA P 194 44.55 -68.77 -76.44
N GLY P 195 44.96 -69.31 -75.29
CA GLY P 195 44.05 -69.67 -74.23
C GLY P 195 44.44 -69.32 -72.81
N PHE P 196 45.31 -68.32 -72.64
CA PHE P 196 45.64 -67.86 -71.29
C PHE P 196 45.30 -66.37 -71.15
N LYS P 197 44.22 -66.05 -70.39
CA LYS P 197 43.71 -64.68 -70.21
C LYS P 197 43.81 -64.21 -68.77
N PHE P 198 44.56 -63.10 -68.56
CA PHE P 198 44.78 -62.47 -67.26
C PHE P 198 44.23 -61.05 -67.25
N VAL P 199 43.55 -60.67 -66.18
CA VAL P 199 42.93 -59.36 -66.05
C VAL P 199 43.73 -58.48 -65.13
N LEU P 200 44.01 -57.26 -65.57
CA LEU P 200 44.73 -56.28 -64.78
C LEU P 200 43.90 -55.02 -64.61
N GLU P 201 43.49 -54.74 -63.36
CA GLU P 201 42.72 -53.56 -63.04
C GLU P 201 43.69 -52.39 -62.79
N HIS P 202 43.36 -51.22 -63.33
CA HIS P 202 44.21 -50.03 -63.20
C HIS P 202 43.43 -48.78 -62.78
N ASP P 203 44.17 -47.72 -62.44
CA ASP P 203 43.63 -46.41 -62.04
C ASP P 203 43.41 -45.48 -63.23
N SER P 204 44.11 -45.73 -64.35
CA SER P 204 44.03 -44.92 -65.57
C SER P 204 42.69 -45.06 -66.27
N GLU P 205 42.27 -43.99 -66.98
CA GLU P 205 41.02 -43.98 -67.70
C GLU P 205 41.24 -44.42 -69.14
N TYR P 206 42.51 -44.47 -69.55
CA TYR P 206 42.91 -44.82 -70.91
C TYR P 206 43.36 -46.29 -71.10
N GLN P 207 44.23 -46.55 -72.10
CA GLN P 207 44.71 -47.90 -72.41
C GLN P 207 46.21 -47.98 -72.18
N PRO P 208 46.61 -48.45 -70.97
CA PRO P 208 48.05 -48.54 -70.67
C PRO P 208 48.73 -49.71 -71.35
N GLU P 209 49.99 -49.53 -71.73
CA GLU P 209 50.75 -50.58 -72.39
C GLU P 209 51.25 -51.56 -71.34
N VAL P 210 51.12 -52.85 -71.62
CA VAL P 210 51.56 -53.90 -70.71
C VAL P 210 52.60 -54.77 -71.41
N LYS P 211 53.69 -55.07 -70.70
CA LYS P 211 54.76 -55.93 -71.20
C LYS P 211 54.92 -57.12 -70.27
N VAL P 212 54.80 -58.34 -70.83
CA VAL P 212 54.88 -59.58 -70.04
C VAL P 212 56.15 -60.36 -70.35
N THR P 213 56.84 -60.81 -69.28
CA THR P 213 58.07 -61.61 -69.35
C THR P 213 57.95 -62.86 -68.47
N SER P 214 58.55 -63.97 -68.91
CA SER P 214 58.53 -65.25 -68.19
C SER P 214 59.94 -65.72 -67.90
N TYR P 215 60.22 -66.07 -66.64
CA TYR P 215 61.54 -66.52 -66.21
C TYR P 215 61.46 -67.45 -65.00
N LYS P 216 62.45 -68.33 -64.86
CA LYS P 216 62.53 -69.31 -63.78
C LYS P 216 63.76 -69.02 -62.92
N ASN P 217 63.71 -69.42 -61.63
CA ASN P 217 64.79 -69.30 -60.64
C ASN P 217 65.31 -67.88 -60.37
N ALA P 218 64.38 -66.93 -60.23
CA ALA P 218 64.73 -65.56 -59.88
C ALA P 218 65.00 -65.53 -58.37
N ILE P 219 65.56 -64.44 -57.87
CA ILE P 219 65.88 -64.28 -56.45
C ILE P 219 64.67 -64.56 -55.52
N GLY P 220 64.85 -65.51 -54.60
CA GLY P 220 63.84 -65.89 -53.62
C GLY P 220 62.76 -66.84 -54.10
N THR P 221 62.96 -67.44 -55.30
CA THR P 221 61.99 -68.39 -55.86
C THR P 221 62.53 -69.81 -55.94
N GLU P 222 63.86 -69.96 -55.82
CA GLU P 222 64.54 -71.25 -55.90
C GLU P 222 64.06 -72.21 -54.80
N THR P 223 63.94 -73.48 -55.14
CA THR P 223 63.46 -74.54 -54.27
C THR P 223 64.30 -74.76 -53.01
N ASP P 224 65.64 -74.77 -53.14
CA ASP P 224 66.55 -75.01 -52.01
C ASP P 224 67.13 -73.72 -51.38
N GLY P 225 66.36 -72.62 -51.46
CA GLY P 225 66.73 -71.32 -50.89
C GLY P 225 67.52 -70.42 -51.84
N PHE P 226 68.01 -69.29 -51.32
CA PHE P 226 68.78 -68.30 -52.07
C PHE P 226 70.09 -68.86 -52.65
N ASP P 227 70.36 -68.57 -53.94
CA ASP P 227 71.54 -69.00 -54.70
C ASP P 227 71.73 -70.53 -54.74
N SER P 228 70.62 -71.26 -54.83
CA SER P 228 70.65 -72.73 -54.89
C SER P 228 70.43 -73.25 -56.31
N GLY P 229 69.88 -72.39 -57.17
CA GLY P 229 69.60 -72.73 -58.56
C GLY P 229 70.81 -72.80 -59.46
N PRO P 230 70.65 -73.32 -60.70
CA PRO P 230 71.80 -73.45 -61.60
C PRO P 230 72.35 -72.12 -62.14
N VAL P 231 71.45 -71.17 -62.41
CA VAL P 231 71.80 -69.83 -62.90
C VAL P 231 71.37 -68.78 -61.90
N PHE P 232 72.36 -68.15 -61.26
CA PHE P 232 72.13 -67.12 -60.25
C PHE P 232 71.55 -65.86 -60.89
N GLY P 233 70.51 -65.31 -60.28
CA GLY P 233 69.84 -64.11 -60.78
C GLY P 233 68.59 -64.37 -61.57
N GLY P 234 68.52 -65.58 -62.15
CA GLY P 234 67.40 -66.03 -62.98
C GLY P 234 67.85 -66.69 -64.26
N GLY P 235 67.02 -67.56 -64.80
CA GLY P 235 67.31 -68.29 -66.03
C GLY P 235 67.12 -67.49 -67.30
N THR P 236 66.57 -68.14 -68.32
CA THR P 236 66.30 -67.50 -69.60
C THR P 236 65.03 -66.68 -69.44
N ILE P 237 65.08 -65.42 -69.91
CA ILE P 237 63.97 -64.46 -69.86
C ILE P 237 63.27 -64.49 -71.20
N TYR P 238 62.00 -64.91 -71.20
CA TYR P 238 61.22 -65.02 -72.43
C TYR P 238 60.21 -63.88 -72.54
N ASN P 239 60.24 -63.16 -73.67
CA ASN P 239 59.29 -62.09 -73.94
C ASN P 239 57.97 -62.72 -74.39
N VAL P 240 56.94 -62.60 -73.54
CA VAL P 240 55.63 -63.21 -73.76
C VAL P 240 54.78 -62.41 -74.78
N PRO P 241 54.38 -63.08 -75.90
CA PRO P 241 53.53 -62.39 -76.88
C PRO P 241 52.15 -62.14 -76.30
N VAL P 242 51.64 -60.92 -76.47
CA VAL P 242 50.39 -60.47 -75.88
C VAL P 242 49.35 -59.92 -76.86
N SER P 243 48.07 -60.15 -76.55
CA SER P 243 46.94 -59.61 -77.29
C SER P 243 46.11 -58.86 -76.26
N LEU P 244 46.32 -57.53 -76.21
CA LEU P 244 45.69 -56.60 -75.29
C LEU P 244 44.30 -56.16 -75.71
N SER P 245 43.35 -56.34 -74.81
CA SER P 245 41.95 -55.96 -74.93
C SER P 245 41.71 -54.98 -73.82
N TYR P 246 40.88 -54.00 -74.02
CA TYR P 246 40.66 -53.00 -72.99
C TYR P 246 39.20 -52.67 -72.70
N ASP P 247 38.92 -52.46 -71.42
CA ASP P 247 37.62 -52.02 -70.89
C ASP P 247 37.93 -50.87 -69.92
N ARG P 248 36.88 -50.23 -69.33
CA ARG P 248 37.09 -49.13 -68.40
C ARG P 248 37.81 -49.66 -67.16
N GLN P 249 39.05 -49.16 -66.93
CA GLN P 249 39.93 -49.52 -65.82
C GLN P 249 40.27 -51.04 -65.73
N LYS P 250 40.19 -51.76 -66.87
CA LYS P 250 40.50 -53.21 -66.97
C LYS P 250 41.26 -53.50 -68.27
N VAL P 251 42.36 -54.29 -68.16
CA VAL P 251 43.21 -54.75 -69.27
C VAL P 251 43.13 -56.26 -69.35
N TYR P 252 42.67 -56.78 -70.48
CA TYR P 252 42.59 -58.22 -70.69
C TYR P 252 43.81 -58.64 -71.46
N VAL P 253 44.73 -59.31 -70.78
CA VAL P 253 46.01 -59.77 -71.32
C VAL P 253 45.91 -61.22 -71.78
N GLU P 254 45.84 -61.44 -73.12
CA GLU P 254 45.81 -62.79 -73.65
C GLU P 254 47.22 -63.23 -73.98
N MET P 255 47.50 -64.46 -73.57
CA MET P 255 48.82 -65.06 -73.68
C MET P 255 48.74 -66.49 -74.21
N PRO P 256 49.85 -67.02 -74.79
CA PRO P 256 49.82 -68.40 -75.30
C PRO P 256 49.55 -69.44 -74.21
N LYS P 257 48.97 -70.58 -74.59
CA LYS P 257 48.64 -71.69 -73.68
C LYS P 257 49.83 -72.22 -72.84
N SER P 258 51.07 -72.11 -73.36
CA SER P 258 52.27 -72.59 -72.67
C SER P 258 52.62 -71.73 -71.47
N TYR P 259 52.22 -70.46 -71.52
CA TYR P 259 52.50 -69.54 -70.42
C TYR P 259 51.46 -69.58 -69.30
N THR P 260 50.52 -70.56 -69.35
CA THR P 260 49.48 -70.73 -68.34
C THR P 260 50.14 -71.01 -67.00
N LEU P 261 49.91 -70.11 -66.02
CA LEU P 261 50.51 -70.25 -64.69
C LEU P 261 49.56 -69.78 -63.61
N ALA P 262 49.07 -70.72 -62.80
CA ALA P 262 48.15 -70.37 -61.71
C ALA P 262 48.85 -70.50 -60.37
N GLY P 263 49.37 -69.37 -59.86
CA GLY P 263 50.10 -69.32 -58.61
C GLY P 263 49.73 -68.17 -57.71
N ASP P 264 50.71 -67.66 -56.95
CA ASP P 264 50.50 -66.55 -56.03
C ASP P 264 50.65 -65.23 -56.77
N ILE P 265 49.64 -64.35 -56.67
CA ILE P 265 49.63 -63.05 -57.32
C ILE P 265 50.19 -62.01 -56.36
N ILE P 266 51.39 -61.52 -56.65
CA ILE P 266 52.07 -60.54 -55.83
C ILE P 266 52.06 -59.18 -56.50
N LEU P 267 51.48 -58.20 -55.84
CA LEU P 267 51.38 -56.85 -56.39
C LEU P 267 52.34 -55.92 -55.66
N ILE P 268 53.33 -55.39 -56.39
CA ILE P 268 54.26 -54.38 -55.87
C ILE P 268 53.44 -53.09 -56.04
N ASP P 269 53.67 -52.08 -55.16
CA ASP P 269 52.91 -50.81 -55.08
C ASP P 269 53.23 -49.76 -56.22
N ASP P 270 53.19 -50.22 -57.48
CA ASP P 270 53.44 -49.44 -58.70
C ASP P 270 52.95 -50.23 -59.91
N GLY P 271 53.44 -49.86 -61.10
CA GLY P 271 53.11 -50.52 -62.35
C GLY P 271 53.81 -51.86 -62.59
N THR P 272 53.85 -52.72 -61.57
CA THR P 272 54.44 -54.07 -61.64
C THR P 272 53.68 -55.13 -60.79
N LEU P 273 53.36 -56.28 -61.40
CA LEU P 273 52.65 -57.42 -60.81
C LEU P 273 53.35 -58.71 -61.19
N LEU P 274 53.37 -59.67 -60.27
CA LEU P 274 54.00 -60.98 -60.48
C LEU P 274 53.09 -62.15 -60.18
N VAL P 275 53.22 -63.22 -60.94
CA VAL P 275 52.51 -64.45 -60.68
C VAL P 275 53.62 -65.46 -60.45
N ILE P 276 53.77 -65.91 -59.20
CA ILE P 276 54.82 -66.85 -58.81
C ILE P 276 54.23 -68.19 -58.41
N LYS P 277 54.67 -69.25 -59.07
CA LYS P 277 54.31 -70.63 -58.76
C LYS P 277 55.63 -71.40 -58.67
N GLU P 278 56.10 -71.57 -57.43
CA GLU P 278 57.33 -72.23 -57.15
C GLU P 278 58.43 -71.38 -57.76
N THR P 279 59.27 -71.97 -58.61
CA THR P 279 60.36 -71.32 -59.34
C THR P 279 59.98 -70.48 -60.55
N GLN P 280 58.80 -70.78 -61.15
CA GLN P 280 58.30 -70.09 -62.34
C GLN P 280 57.64 -68.76 -61.98
N VAL P 281 58.09 -67.67 -62.65
CA VAL P 281 57.60 -66.31 -62.45
C VAL P 281 57.10 -65.75 -63.76
N LEU P 282 55.95 -65.08 -63.71
CA LEU P 282 55.35 -64.39 -64.83
C LEU P 282 55.19 -62.94 -64.43
N CYS P 283 55.99 -62.07 -65.05
CA CYS P 283 56.05 -60.66 -64.72
C CYS P 283 55.16 -59.79 -65.61
N PHE P 284 54.45 -58.83 -65.01
CA PHE P 284 53.55 -57.91 -65.70
C PHE P 284 53.97 -56.48 -65.45
N LYS P 285 54.57 -55.85 -66.45
CA LYS P 285 54.99 -54.46 -66.34
C LYS P 285 54.05 -53.53 -67.15
N MET P 286 53.52 -52.51 -66.45
CA MET P 286 52.56 -51.55 -67.02
C MET P 286 53.09 -50.13 -67.02
N SER P 287 52.94 -49.46 -68.16
CA SER P 287 53.39 -48.09 -68.38
C SER P 287 52.27 -47.09 -68.18
N ASP P 288 52.62 -45.90 -67.67
CA ASP P 288 51.76 -44.75 -67.41
C ASP P 288 50.47 -45.02 -66.58
N ALA P 289 50.47 -46.08 -65.76
CA ALA P 289 49.33 -46.44 -64.91
C ALA P 289 49.73 -47.37 -63.78
N LYS P 290 48.97 -47.35 -62.67
CA LYS P 290 49.22 -48.18 -61.50
C LYS P 290 48.23 -49.36 -61.43
N ILE P 291 48.75 -50.58 -61.20
CA ILE P 291 47.92 -51.78 -61.11
C ILE P 291 47.29 -51.82 -59.71
N THR P 292 45.96 -52.03 -59.67
CA THR P 292 45.20 -52.10 -58.42
C THR P 292 44.87 -53.54 -58.02
N LYS P 293 44.44 -54.36 -59.02
CA LYS P 293 44.07 -55.76 -58.83
C LYS P 293 44.42 -56.63 -60.05
N GLY P 294 44.93 -57.83 -59.80
CA GLY P 294 45.29 -58.77 -60.85
C GLY P 294 44.70 -60.14 -60.57
N TYR P 295 44.06 -60.75 -61.57
CA TYR P 295 43.44 -62.06 -61.45
C TYR P 295 43.26 -62.75 -62.79
N VAL P 296 43.18 -64.08 -62.79
CA VAL P 296 42.97 -64.86 -64.02
C VAL P 296 41.52 -64.74 -64.43
N PHE P 297 41.27 -64.49 -65.72
CA PHE P 297 39.93 -64.31 -66.26
C PHE P 297 39.03 -65.53 -66.11
N VAL P 298 37.80 -65.30 -65.67
CA VAL P 298 36.80 -66.35 -65.51
C VAL P 298 35.46 -65.90 -66.06
N ALA P 299 34.80 -66.78 -66.81
CA ALA P 299 33.50 -66.47 -67.40
C ALA P 299 32.49 -67.57 -67.11
N MET Q 1 -13.59 -58.44 -75.97
CA MET Q 1 -14.75 -57.54 -76.00
C MET Q 1 -15.46 -57.41 -74.65
N THR Q 2 -15.24 -56.27 -73.97
CA THR Q 2 -15.83 -55.89 -72.68
C THR Q 2 -17.24 -55.33 -72.91
N GLU Q 3 -18.20 -55.76 -72.07
CA GLU Q 3 -19.59 -55.35 -72.19
C GLU Q 3 -20.09 -54.64 -70.92
N HIS Q 4 -20.95 -53.63 -71.12
CA HIS Q 4 -21.58 -52.84 -70.06
C HIS Q 4 -23.09 -52.90 -70.22
N PHE Q 5 -23.76 -53.56 -69.27
CA PHE Q 5 -25.20 -53.73 -69.30
C PHE Q 5 -25.85 -52.75 -68.34
N ILE Q 6 -26.64 -51.83 -68.90
CA ILE Q 6 -27.36 -50.78 -68.16
C ILE Q 6 -28.81 -50.63 -68.65
N THR Q 7 -29.62 -49.87 -67.89
CA THR Q 7 -31.01 -49.58 -68.20
C THR Q 7 -31.23 -48.07 -68.28
N LEU Q 8 -31.72 -47.59 -69.44
CA LEU Q 8 -31.96 -46.17 -69.72
C LEU Q 8 -33.45 -45.82 -69.65
N SER Q 9 -33.77 -44.58 -69.23
CA SER Q 9 -35.14 -44.07 -69.11
C SER Q 9 -35.34 -42.82 -69.96
N THR Q 10 -36.56 -42.65 -70.50
CA THR Q 10 -36.95 -41.51 -71.32
C THR Q 10 -37.62 -40.43 -70.48
N THR Q 11 -38.17 -40.83 -69.32
CA THR Q 11 -38.88 -39.95 -68.42
C THR Q 11 -37.97 -39.40 -67.30
N GLU Q 12 -37.32 -40.30 -66.54
CA GLU Q 12 -36.44 -39.92 -65.43
C GLU Q 12 -35.00 -39.69 -65.86
N PRO Q 13 -34.33 -38.62 -65.36
CA PRO Q 13 -32.94 -38.35 -65.76
C PRO Q 13 -31.97 -39.46 -65.43
N ASN Q 14 -31.09 -39.82 -66.38
CA ASN Q 14 -30.11 -40.88 -66.20
C ASN Q 14 -28.83 -40.35 -65.54
N ASN Q 15 -28.74 -40.55 -64.21
CA ASN Q 15 -27.64 -40.13 -63.34
C ASN Q 15 -27.33 -41.15 -62.25
N ASN Q 16 -28.38 -41.87 -61.78
CA ASN Q 16 -28.25 -42.90 -60.73
C ASN Q 16 -27.73 -44.24 -61.28
N ILE Q 17 -27.65 -44.33 -62.62
CA ILE Q 17 -27.14 -45.49 -63.36
C ILE Q 17 -25.67 -45.79 -63.04
N GLY Q 18 -25.25 -47.02 -63.26
CA GLY Q 18 -23.90 -47.47 -62.98
C GLY Q 18 -22.81 -46.71 -63.73
N ILE Q 19 -21.62 -46.63 -63.11
CA ILE Q 19 -20.45 -45.97 -63.67
C ILE Q 19 -19.83 -46.80 -64.79
N VAL Q 20 -19.76 -46.20 -65.99
CA VAL Q 20 -19.24 -46.85 -67.18
C VAL Q 20 -17.89 -46.29 -67.64
N LYS Q 21 -16.83 -47.08 -67.41
CA LYS Q 21 -15.46 -46.72 -67.79
C LYS Q 21 -15.07 -47.43 -69.08
N LEU Q 22 -14.54 -46.67 -70.04
CA LEU Q 22 -14.15 -47.19 -71.34
C LEU Q 22 -12.73 -46.78 -71.72
N ARG Q 23 -11.86 -47.76 -72.06
CA ARG Q 23 -10.46 -47.51 -72.43
C ARG Q 23 -10.33 -46.88 -73.81
N HIS Q 24 -9.37 -45.95 -73.93
CA HIS Q 24 -9.12 -45.19 -75.16
C HIS Q 24 -8.58 -46.02 -76.33
N ALA Q 25 -7.32 -46.49 -76.22
CA ALA Q 25 -6.69 -47.29 -77.27
C ALA Q 25 -6.79 -48.78 -76.93
N ASP Q 26 -8.03 -49.24 -76.70
CA ASP Q 26 -8.30 -50.64 -76.37
C ASP Q 26 -8.34 -51.49 -77.63
N VAL Q 27 -7.73 -52.68 -77.55
CA VAL Q 27 -7.69 -53.66 -78.63
C VAL Q 27 -9.08 -54.30 -78.81
N ASN Q 28 -9.72 -54.66 -77.67
CA ASN Q 28 -11.05 -55.27 -77.62
C ASN Q 28 -12.16 -54.27 -77.96
N SER Q 29 -13.17 -54.75 -78.68
CA SER Q 29 -14.32 -53.95 -79.09
C SER Q 29 -15.25 -53.81 -77.88
N GLN Q 30 -15.26 -52.60 -77.30
CA GLN Q 30 -16.09 -52.26 -76.14
C GLN Q 30 -17.53 -52.01 -76.56
N ALA Q 31 -18.46 -52.63 -75.84
CA ALA Q 31 -19.87 -52.51 -76.20
C ALA Q 31 -20.74 -52.16 -75.01
N ILE Q 32 -21.84 -51.46 -75.27
CA ILE Q 32 -22.80 -51.05 -74.26
C ILE Q 32 -24.15 -51.62 -74.66
N VAL Q 33 -24.75 -52.39 -73.77
CA VAL Q 33 -26.09 -52.96 -74.01
C VAL Q 33 -27.05 -52.22 -73.08
N ALA Q 34 -28.06 -51.60 -73.69
CA ALA Q 34 -29.03 -50.77 -72.97
C ALA Q 34 -30.47 -51.25 -73.17
N GLN Q 35 -31.24 -51.26 -72.08
CA GLN Q 35 -32.67 -51.60 -72.09
C GLN Q 35 -33.49 -50.30 -72.06
N ILE Q 36 -34.16 -49.97 -73.20
CA ILE Q 36 -35.00 -48.76 -73.34
C ILE Q 36 -36.21 -48.93 -72.42
N VAL Q 37 -36.53 -47.86 -71.75
CA VAL Q 37 -37.64 -47.84 -70.82
C VAL Q 37 -38.46 -46.54 -71.01
N GLU Q 38 -39.79 -46.65 -71.08
CA GLU Q 38 -40.73 -45.52 -71.09
C GLU Q 38 -41.64 -45.74 -69.88
N ASN Q 39 -41.47 -44.87 -68.85
CA ASN Q 39 -42.18 -44.93 -67.57
C ASN Q 39 -41.85 -46.19 -66.76
N GLY Q 40 -40.60 -46.68 -66.87
CA GLY Q 40 -40.12 -47.85 -66.14
C GLY Q 40 -40.40 -49.20 -66.77
N GLN Q 41 -40.98 -49.19 -67.98
CA GLN Q 41 -41.34 -50.39 -68.74
C GLN Q 41 -40.68 -50.37 -70.12
N PRO Q 42 -40.30 -51.54 -70.71
CA PRO Q 42 -39.64 -51.51 -72.02
C PRO Q 42 -40.48 -50.82 -73.13
N LYS Q 43 -39.87 -50.26 -74.09
CA LYS Q 43 -40.55 -49.60 -75.21
C LYS Q 43 -40.11 -50.26 -76.52
N ASN Q 44 -41.12 -50.56 -77.36
CA ASN Q 44 -40.96 -51.16 -78.68
C ASN Q 44 -40.75 -50.08 -79.72
N PHE Q 45 -39.55 -50.05 -80.29
CA PHE Q 45 -39.16 -49.07 -81.29
C PHE Q 45 -39.14 -49.70 -82.69
N GLU Q 46 -40.14 -50.56 -82.98
CA GLU Q 46 -40.31 -51.26 -84.25
C GLU Q 46 -40.49 -50.27 -85.41
N GLY Q 47 -39.60 -50.36 -86.40
CA GLY Q 47 -39.59 -49.47 -87.56
C GLY Q 47 -38.62 -48.32 -87.41
N LEU Q 48 -38.18 -48.07 -86.16
CA LEU Q 48 -37.24 -47.02 -85.81
C LEU Q 48 -35.84 -47.58 -85.64
N GLN Q 49 -34.82 -46.79 -86.05
CA GLN Q 49 -33.42 -47.16 -85.91
C GLN Q 49 -32.73 -46.32 -84.83
N PRO Q 50 -32.10 -46.94 -83.81
CA PRO Q 50 -31.41 -46.16 -82.77
C PRO Q 50 -30.15 -45.45 -83.29
N PHE Q 51 -29.89 -44.26 -82.73
CA PHE Q 51 -28.76 -43.41 -83.10
C PHE Q 51 -28.01 -42.88 -81.88
N PHE Q 52 -26.73 -43.17 -81.84
CA PHE Q 52 -25.88 -42.70 -80.77
C PHE Q 52 -25.46 -41.26 -81.07
N CYS Q 53 -25.84 -40.34 -80.18
CA CYS Q 53 -25.51 -38.93 -80.38
C CYS Q 53 -24.59 -38.43 -79.31
N LEU Q 54 -23.43 -37.93 -79.73
CA LEU Q 54 -22.45 -37.36 -78.81
C LEU Q 54 -22.54 -35.83 -78.81
N MET Q 55 -22.40 -35.23 -77.63
CA MET Q 55 -22.43 -33.78 -77.44
C MET Q 55 -21.07 -33.11 -77.67
N ALA Q 56 -21.08 -31.79 -77.95
CA ALA Q 56 -19.87 -31.00 -78.21
C ALA Q 56 -18.98 -30.86 -76.98
N GLN Q 57 -17.66 -31.08 -77.15
CA GLN Q 57 -16.66 -30.98 -76.09
C GLN Q 57 -15.39 -30.32 -76.59
N GLN Q 62 -16.15 -28.28 -79.84
CA GLN Q 62 -16.97 -28.97 -80.84
C GLN Q 62 -16.72 -30.47 -80.87
N GLY Q 63 -17.80 -31.24 -81.03
CA GLY Q 63 -17.77 -32.69 -81.11
C GLY Q 63 -19.14 -33.36 -81.26
N VAL Q 64 -20.05 -32.76 -82.08
CA VAL Q 64 -21.39 -33.32 -82.34
C VAL Q 64 -21.33 -34.36 -83.46
N SER Q 65 -21.60 -35.62 -83.12
CA SER Q 65 -21.57 -36.74 -84.06
C SER Q 65 -22.76 -37.67 -83.86
N GLU Q 66 -23.37 -38.09 -84.97
CA GLU Q 66 -24.50 -39.01 -84.99
C GLU Q 66 -24.08 -40.33 -85.59
N GLU Q 67 -24.31 -41.41 -84.87
CA GLU Q 67 -23.91 -42.73 -85.33
C GLU Q 67 -25.06 -43.72 -85.31
N SER Q 68 -25.27 -44.42 -86.43
CA SER Q 68 -26.32 -45.43 -86.54
C SER Q 68 -25.92 -46.73 -85.84
N VAL Q 69 -26.81 -47.26 -85.00
CA VAL Q 69 -26.58 -48.51 -84.27
C VAL Q 69 -27.02 -49.68 -85.16
N VAL Q 70 -26.10 -50.64 -85.39
CA VAL Q 70 -26.34 -51.82 -86.24
C VAL Q 70 -27.08 -52.93 -85.48
N SER Q 71 -26.58 -53.30 -84.27
CA SER Q 71 -27.17 -54.34 -83.44
C SER Q 71 -28.23 -53.79 -82.48
N PHE Q 72 -29.50 -54.16 -82.71
CA PHE Q 72 -30.64 -53.74 -81.90
C PHE Q 72 -31.81 -54.70 -82.01
N ASP Q 73 -32.59 -54.83 -80.93
CA ASP Q 73 -33.79 -55.66 -80.91
C ASP Q 73 -35.00 -54.75 -80.70
N ALA Q 74 -35.77 -54.52 -81.78
CA ALA Q 74 -36.94 -53.64 -81.80
C ALA Q 74 -38.14 -54.14 -80.97
N LYS Q 75 -38.28 -55.47 -80.82
CA LYS Q 75 -39.38 -56.09 -80.08
C LYS Q 75 -39.22 -56.00 -78.56
N ASN Q 76 -38.01 -56.32 -78.04
CA ASN Q 76 -37.70 -56.32 -76.59
C ASN Q 76 -37.11 -55.03 -76.03
N GLY Q 77 -36.60 -54.18 -76.92
CA GLY Q 77 -35.95 -52.92 -76.56
C GLY Q 77 -34.54 -53.10 -76.01
N THR Q 78 -33.71 -53.90 -76.70
CA THR Q 78 -32.33 -54.15 -76.29
C THR Q 78 -31.39 -53.81 -77.45
N LEU Q 79 -30.61 -52.73 -77.30
CA LEU Q 79 -29.67 -52.30 -78.33
C LEU Q 79 -28.24 -52.46 -77.87
N LYS Q 80 -27.36 -52.84 -78.80
CA LYS Q 80 -25.94 -53.04 -78.55
C LYS Q 80 -25.13 -52.05 -79.38
N TYR Q 81 -24.51 -51.08 -78.69
CA TYR Q 81 -23.66 -50.06 -79.28
C TYR Q 81 -22.19 -50.41 -79.14
N VAL Q 82 -21.43 -50.27 -80.25
CA VAL Q 82 -19.98 -50.53 -80.33
C VAL Q 82 -19.26 -49.20 -80.17
N ALA Q 83 -18.34 -49.15 -79.21
CA ALA Q 83 -17.57 -47.94 -78.95
C ALA Q 83 -16.68 -47.62 -80.14
N SER Q 84 -17.03 -46.58 -80.90
CA SER Q 84 -16.23 -46.21 -82.05
C SER Q 84 -15.08 -45.27 -81.63
N ASP Q 85 -14.21 -44.92 -82.61
CA ASP Q 85 -13.07 -44.00 -82.43
C ASP Q 85 -13.56 -42.57 -82.15
N ASN Q 86 -14.74 -42.21 -82.69
CA ASN Q 86 -15.37 -40.91 -82.48
C ASN Q 86 -15.95 -40.84 -81.05
N ALA Q 87 -16.46 -41.99 -80.52
CA ALA Q 87 -17.01 -42.11 -79.15
C ALA Q 87 -15.89 -42.03 -78.12
N LEU Q 88 -14.74 -42.63 -78.44
CA LEU Q 88 -13.54 -42.66 -77.60
C LEU Q 88 -12.55 -41.59 -78.09
N GLN Q 89 -13.03 -40.33 -78.20
CA GLN Q 89 -12.20 -39.24 -78.67
C GLN Q 89 -11.68 -38.41 -77.53
N PHE Q 90 -12.60 -37.90 -76.70
CA PHE Q 90 -12.29 -37.05 -75.56
C PHE Q 90 -12.10 -37.85 -74.29
N VAL Q 91 -10.96 -37.63 -73.62
CA VAL Q 91 -10.61 -38.27 -72.35
C VAL Q 91 -11.27 -37.52 -71.20
N GLY Q 92 -12.20 -38.22 -70.54
CA GLY Q 92 -12.98 -37.69 -69.43
C GLY Q 92 -14.44 -38.10 -69.46
N ARG Q 93 -15.29 -37.31 -68.78
CA ARG Q 93 -16.73 -37.55 -68.71
C ARG Q 93 -17.44 -36.99 -69.94
N ASN Q 94 -17.96 -37.91 -70.77
CA ASN Q 94 -18.66 -37.59 -72.02
C ASN Q 94 -20.16 -37.80 -71.86
N GLU Q 95 -20.95 -36.90 -72.44
CA GLU Q 95 -22.41 -36.94 -72.39
C GLU Q 95 -22.96 -37.39 -73.73
N ALA Q 96 -23.86 -38.38 -73.71
CA ALA Q 96 -24.49 -38.94 -74.90
C ALA Q 96 -25.90 -39.46 -74.61
N TYR Q 97 -26.68 -39.74 -75.67
CA TYR Q 97 -28.04 -40.25 -75.60
C TYR Q 97 -28.38 -41.02 -76.86
N PHE Q 98 -29.46 -41.82 -76.81
CA PHE Q 98 -29.92 -42.59 -77.97
C PHE Q 98 -31.23 -42.02 -78.55
N SER Q 99 -31.26 -41.73 -79.86
CA SER Q 99 -32.46 -41.21 -80.52
C SER Q 99 -32.98 -42.20 -81.57
N PHE Q 100 -34.29 -42.40 -81.63
CA PHE Q 100 -34.90 -43.35 -82.57
C PHE Q 100 -35.56 -42.62 -83.73
N ARG Q 101 -35.04 -42.86 -84.94
CA ARG Q 101 -35.49 -42.16 -86.14
C ARG Q 101 -36.14 -43.05 -87.23
N LYS Q 102 -37.00 -42.44 -88.07
CA LYS Q 102 -37.66 -43.07 -89.21
C LYS Q 102 -37.41 -42.15 -90.40
N GLN Q 103 -36.83 -42.71 -91.50
CA GLN Q 103 -36.55 -41.98 -92.73
C GLN Q 103 -37.75 -41.85 -93.64
N GLU Q 104 -38.19 -40.60 -93.84
CA GLU Q 104 -39.32 -40.20 -94.66
C GLU Q 104 -38.93 -39.00 -95.51
N GLY Q 105 -38.82 -39.24 -96.81
CA GLY Q 105 -38.42 -38.21 -97.77
C GLY Q 105 -36.92 -38.13 -97.97
N GLY Q 106 -36.23 -39.23 -97.66
CA GLY Q 106 -34.78 -39.35 -97.80
C GLY Q 106 -33.98 -38.72 -96.67
N ARG Q 107 -34.65 -38.40 -95.56
CA ARG Q 107 -34.04 -37.80 -94.37
C ARG Q 107 -34.64 -38.41 -93.10
N TRP Q 108 -33.78 -38.70 -92.12
CA TRP Q 108 -34.20 -39.28 -90.84
C TRP Q 108 -34.86 -38.24 -89.95
N ILE Q 109 -36.06 -38.55 -89.45
CA ILE Q 109 -36.85 -37.69 -88.56
C ILE Q 109 -37.01 -38.40 -87.20
N GLU Q 110 -36.63 -37.72 -86.10
CA GLU Q 110 -36.70 -38.24 -84.73
C GLU Q 110 -38.13 -38.31 -84.21
N GLN Q 111 -38.50 -39.47 -83.61
CA GLN Q 111 -39.82 -39.71 -83.02
C GLN Q 111 -39.75 -39.50 -81.52
N PHE Q 112 -38.88 -40.24 -80.85
CA PHE Q 112 -38.61 -40.14 -79.41
C PHE Q 112 -37.16 -40.49 -79.10
N SER Q 113 -36.59 -39.89 -78.04
CA SER Q 113 -35.21 -40.12 -77.63
C SER Q 113 -35.06 -40.31 -76.12
N THR Q 114 -34.06 -41.11 -75.72
CA THR Q 114 -33.73 -41.38 -74.32
C THR Q 114 -33.01 -40.19 -73.72
N ARG Q 115 -33.08 -40.04 -72.36
CA ARG Q 115 -32.44 -38.94 -71.63
C ARG Q 115 -30.94 -39.11 -71.56
N THR Q 116 -30.20 -38.00 -71.61
CA THR Q 116 -28.74 -37.99 -71.63
C THR Q 116 -28.12 -38.66 -70.42
N PHE Q 117 -27.05 -39.43 -70.66
CA PHE Q 117 -26.29 -40.15 -69.65
C PHE Q 117 -24.80 -39.85 -69.80
N HIS Q 118 -24.04 -40.01 -68.73
CA HIS Q 118 -22.61 -39.76 -68.76
C HIS Q 118 -21.81 -41.04 -68.82
N TYR Q 119 -20.74 -41.05 -69.62
CA TYR Q 119 -19.83 -42.19 -69.71
C TYR Q 119 -18.40 -41.66 -69.70
N ILE Q 120 -17.55 -42.26 -68.86
CA ILE Q 120 -16.16 -41.81 -68.73
C ILE Q 120 -15.22 -42.59 -69.64
N VAL Q 121 -14.36 -41.86 -70.36
CA VAL Q 121 -13.36 -42.42 -71.26
C VAL Q 121 -12.00 -42.41 -70.58
N GLU Q 122 -11.52 -43.62 -70.24
CA GLU Q 122 -10.25 -43.86 -69.57
C GLU Q 122 -9.11 -43.91 -70.58
N LYS Q 123 -7.93 -43.42 -70.20
CA LYS Q 123 -6.75 -43.40 -71.07
C LYS Q 123 -5.89 -44.67 -70.91
N SER Q 124 -5.33 -45.18 -72.02
CA SER Q 124 -4.45 -46.37 -71.98
C SER Q 124 -3.01 -45.82 -72.14
N ILE Q 125 -2.36 -45.46 -71.03
CA ILE Q 125 -1.04 -44.85 -71.12
C ILE Q 125 0.15 -45.80 -70.90
N TYR Q 126 0.13 -46.54 -69.80
CA TYR Q 126 1.19 -47.45 -69.43
C TYR Q 126 1.22 -48.73 -70.27
N SER Q 127 2.42 -49.08 -70.79
CA SER Q 127 2.72 -50.24 -71.63
C SER Q 127 2.44 -51.60 -70.95
N GLN Q 128 2.16 -52.65 -71.77
CA GLN Q 128 1.90 -54.02 -71.33
C GLN Q 128 3.05 -54.65 -70.52
N PRO Q 129 4.36 -54.50 -70.88
CA PRO Q 129 5.41 -55.03 -70.00
C PRO Q 129 5.51 -54.13 -68.76
N PHE Q 130 4.65 -54.41 -67.74
CA PHE Q 130 4.57 -53.62 -66.50
C PHE Q 130 5.76 -53.83 -65.60
N LYS Q 131 6.08 -52.81 -64.80
CA LYS Q 131 7.17 -52.91 -63.85
C LYS Q 131 6.75 -53.80 -62.67
N ASP Q 132 7.67 -54.66 -62.17
CA ASP Q 132 7.44 -55.61 -61.07
C ASP Q 132 7.25 -54.84 -59.77
N SER Q 133 6.38 -55.38 -58.89
CA SER Q 133 6.07 -54.79 -57.58
C SER Q 133 7.32 -54.57 -56.75
N ASN Q 134 8.24 -55.56 -56.78
CA ASN Q 134 9.52 -55.51 -56.09
C ASN Q 134 10.64 -55.37 -57.13
N TYR Q 135 11.59 -54.47 -56.84
CA TYR Q 135 12.73 -54.22 -57.70
C TYR Q 135 14.01 -54.50 -56.95
N TRP Q 136 14.87 -55.37 -57.51
CA TRP Q 136 16.14 -55.72 -56.88
C TRP Q 136 17.29 -55.56 -57.85
N TRP Q 137 18.21 -54.65 -57.52
CA TRP Q 137 19.35 -54.41 -58.39
C TRP Q 137 20.24 -55.64 -58.51
N THR Q 138 20.48 -56.28 -57.36
CA THR Q 138 21.30 -57.49 -57.29
C THR Q 138 20.71 -58.60 -58.15
N PHE Q 139 19.38 -58.80 -58.10
CA PHE Q 139 18.72 -59.85 -58.89
C PHE Q 139 18.61 -59.51 -60.36
N LYS Q 140 18.63 -58.21 -60.68
CA LYS Q 140 18.56 -57.77 -62.06
C LYS Q 140 19.94 -57.70 -62.72
N GLU Q 141 21.02 -57.77 -61.92
CA GLU Q 141 22.40 -57.85 -62.38
C GLU Q 141 22.80 -59.31 -62.51
N LEU Q 142 22.27 -60.16 -61.61
CA LEU Q 142 22.53 -61.60 -61.60
C LEU Q 142 21.88 -62.23 -62.82
N TYR Q 143 20.72 -61.72 -63.21
CA TYR Q 143 20.06 -62.23 -64.39
C TYR Q 143 20.82 -61.80 -65.63
N ARG Q 144 21.35 -60.57 -65.61
CA ARG Q 144 22.12 -59.96 -66.69
C ARG Q 144 23.34 -60.79 -66.97
N ILE Q 145 24.09 -61.16 -65.92
CA ILE Q 145 25.32 -61.92 -66.02
C ILE Q 145 25.06 -63.35 -66.51
N PHE Q 146 24.03 -63.99 -65.96
CA PHE Q 146 23.66 -65.36 -66.31
C PHE Q 146 23.17 -65.46 -67.72
N ASN Q 147 22.37 -64.49 -68.17
CA ASN Q 147 21.87 -64.47 -69.54
C ASN Q 147 22.98 -64.18 -70.52
N LYS Q 148 23.97 -63.36 -70.11
CA LYS Q 148 25.12 -63.06 -70.94
C LYS Q 148 25.94 -64.34 -71.16
N TYR Q 149 26.14 -65.13 -70.10
CA TYR Q 149 26.90 -66.36 -70.18
C TYR Q 149 26.24 -67.37 -71.11
N ILE Q 150 24.92 -67.50 -70.99
CA ILE Q 150 24.17 -68.48 -71.77
C ILE Q 150 24.03 -68.06 -73.21
N GLU Q 151 24.10 -66.77 -73.47
CA GLU Q 151 23.97 -66.29 -74.83
C GLU Q 151 25.32 -66.31 -75.54
N ASP Q 152 26.37 -65.81 -74.86
CA ASP Q 152 27.72 -65.75 -75.41
C ASP Q 152 28.28 -67.14 -75.62
N GLY Q 153 27.80 -68.07 -74.80
CA GLY Q 153 28.16 -69.48 -74.84
C GLY Q 153 27.56 -70.20 -76.02
N LYS Q 154 26.25 -70.07 -76.17
CA LYS Q 154 25.52 -70.63 -77.29
C LYS Q 154 26.12 -70.14 -78.64
N LYS Q 155 26.49 -68.83 -78.73
CA LYS Q 155 27.06 -68.17 -79.92
C LYS Q 155 28.41 -68.78 -80.28
N SER Q 156 29.21 -69.08 -79.24
CA SER Q 156 30.52 -69.70 -79.41
C SER Q 156 30.38 -71.16 -79.89
N TRP Q 157 29.36 -71.87 -79.38
CA TRP Q 157 29.09 -73.25 -79.74
C TRP Q 157 28.46 -73.35 -81.12
N GLU Q 158 27.50 -72.46 -81.40
CA GLU Q 158 26.80 -72.40 -82.70
C GLU Q 158 27.77 -72.06 -83.83
N GLN Q 159 28.81 -71.28 -83.51
CA GLN Q 159 29.87 -70.90 -84.44
C GLN Q 159 30.72 -72.15 -84.76
N PHE Q 160 30.92 -72.99 -83.74
CA PHE Q 160 31.68 -74.21 -83.85
C PHE Q 160 30.94 -75.25 -84.69
N VAL Q 161 29.64 -75.45 -84.44
CA VAL Q 161 28.85 -76.39 -85.21
C VAL Q 161 28.83 -75.95 -86.67
N GLU Q 162 28.57 -74.64 -86.92
CA GLU Q 162 28.45 -74.07 -88.26
C GLU Q 162 29.71 -74.23 -89.09
N ALA Q 163 30.88 -74.07 -88.45
CA ALA Q 163 32.17 -74.21 -89.10
C ALA Q 163 32.52 -75.66 -89.44
N ASN Q 164 31.92 -76.61 -88.69
CA ASN Q 164 32.12 -78.04 -88.91
C ASN Q 164 31.36 -78.55 -90.12
N ARG Q 165 30.05 -78.20 -90.22
CA ARG Q 165 29.23 -78.59 -91.37
C ARG Q 165 29.64 -77.89 -92.67
N GLU Q 166 30.41 -76.78 -92.56
CA GLU Q 166 30.94 -75.98 -93.65
C GLU Q 166 32.06 -76.70 -94.37
N ILE Q 167 32.80 -77.54 -93.64
CA ILE Q 167 33.91 -78.32 -94.15
C ILE Q 167 33.46 -79.76 -94.45
N LEU Q 168 32.93 -80.44 -93.42
CA LEU Q 168 32.51 -81.84 -93.48
C LEU Q 168 31.27 -82.12 -94.33
N GLU Q 169 30.14 -81.54 -93.97
CA GLU Q 169 28.87 -81.78 -94.64
C GLU Q 169 28.70 -81.13 -96.00
N SER Q 170 29.38 -79.99 -96.20
CA SER Q 170 29.21 -79.14 -97.37
C SER Q 170 29.85 -79.56 -98.68
N ILE Q 171 31.17 -79.40 -98.80
CA ILE Q 171 31.84 -79.63 -100.07
C ILE Q 171 32.43 -81.02 -100.34
N ASP Q 172 33.63 -81.27 -99.77
CA ASP Q 172 34.43 -82.49 -99.84
C ASP Q 172 35.49 -82.38 -98.75
N PRO Q 173 35.35 -83.16 -97.66
CA PRO Q 173 36.26 -83.01 -96.52
C PRO Q 173 37.76 -83.10 -96.83
N GLY Q 174 38.15 -84.17 -97.52
CA GLY Q 174 39.53 -84.45 -97.86
C GLY Q 174 40.28 -83.24 -98.37
N GLY Q 175 39.86 -82.74 -99.52
CA GLY Q 175 40.45 -81.61 -100.22
C GLY Q 175 40.54 -80.34 -99.39
N VAL Q 176 39.42 -80.01 -98.72
CA VAL Q 176 39.31 -78.80 -97.92
C VAL Q 176 40.30 -78.82 -96.74
N LEU Q 177 40.44 -79.98 -96.09
CA LEU Q 177 41.37 -80.11 -94.95
C LEU Q 177 42.79 -79.85 -95.32
N LEU Q 178 43.22 -80.38 -96.48
CA LEU Q 178 44.58 -80.19 -96.94
C LEU Q 178 44.81 -78.72 -97.29
N ALA Q 179 43.86 -78.14 -98.04
CA ALA Q 179 43.91 -76.77 -98.50
C ALA Q 179 44.19 -75.76 -97.41
N LYS Q 180 43.38 -75.82 -96.33
CA LYS Q 180 43.53 -74.87 -95.23
C LYS Q 180 44.74 -75.10 -94.39
N VAL Q 181 45.17 -76.35 -94.25
CA VAL Q 181 46.36 -76.68 -93.48
C VAL Q 181 47.60 -76.08 -94.13
N ILE Q 182 47.64 -76.15 -95.46
CA ILE Q 182 48.70 -75.59 -96.28
C ILE Q 182 48.64 -74.06 -96.18
N ASP Q 183 47.42 -73.50 -96.13
CA ASP Q 183 47.22 -72.07 -95.93
C ASP Q 183 47.70 -71.63 -94.54
N ILE Q 184 47.40 -72.40 -93.49
CA ILE Q 184 47.87 -72.10 -92.13
C ILE Q 184 49.40 -72.24 -92.10
N GLU Q 185 49.91 -73.32 -92.77
CA GLU Q 185 51.35 -73.64 -92.92
C GLU Q 185 52.08 -72.44 -93.53
N LYS Q 186 51.51 -71.89 -94.61
CA LYS Q 186 52.05 -70.72 -95.27
C LYS Q 186 52.07 -69.48 -94.36
N ILE Q 187 51.01 -69.32 -93.53
CA ILE Q 187 50.87 -68.18 -92.61
C ILE Q 187 51.89 -68.22 -91.48
N VAL Q 188 51.98 -69.37 -90.80
CA VAL Q 188 52.92 -69.59 -89.70
C VAL Q 188 54.38 -69.53 -90.14
N ASN Q 189 54.63 -69.77 -91.46
CA ASN Q 189 55.98 -69.74 -92.02
C ASN Q 189 56.35 -68.36 -92.54
N GLU Q 190 55.42 -67.40 -92.42
CA GLU Q 190 55.63 -66.03 -92.89
C GLU Q 190 55.37 -64.98 -91.81
N LYS Q 191 54.45 -65.28 -90.88
CA LYS Q 191 54.01 -64.33 -89.85
C LYS Q 191 54.41 -64.71 -88.42
N VAL Q 192 54.41 -66.01 -88.10
CA VAL Q 192 54.74 -66.47 -86.75
C VAL Q 192 56.27 -66.60 -86.65
N PRO Q 193 56.91 -66.08 -85.57
CA PRO Q 193 58.38 -66.19 -85.47
C PRO Q 193 58.75 -67.47 -84.71
N ALA Q 194 59.09 -68.54 -85.46
CA ALA Q 194 59.45 -69.83 -84.88
C ALA Q 194 60.61 -70.52 -85.57
N GLY Q 195 60.52 -70.66 -86.89
CA GLY Q 195 61.50 -71.37 -87.71
C GLY Q 195 62.97 -71.00 -87.63
N PHE Q 196 63.29 -69.73 -87.92
CA PHE Q 196 64.68 -69.24 -87.91
C PHE Q 196 65.04 -68.63 -86.56
N LYS Q 197 66.28 -68.86 -86.08
CA LYS Q 197 66.79 -68.34 -84.81
C LYS Q 197 68.19 -67.76 -84.97
N PHE Q 198 68.41 -66.56 -84.44
CA PHE Q 198 69.69 -65.82 -84.51
C PHE Q 198 70.12 -65.32 -83.13
N VAL Q 199 71.42 -65.38 -82.85
CA VAL Q 199 71.96 -64.95 -81.56
C VAL Q 199 72.76 -63.66 -81.70
N LEU Q 200 72.52 -62.70 -80.82
CA LEU Q 200 73.24 -61.43 -80.82
C LEU Q 200 73.88 -61.22 -79.47
N GLU Q 201 75.22 -61.22 -79.45
CA GLU Q 201 75.99 -60.99 -78.23
C GLU Q 201 76.12 -59.49 -78.04
N HIS Q 202 76.04 -59.02 -76.79
CA HIS Q 202 76.12 -57.59 -76.50
C HIS Q 202 76.95 -57.26 -75.27
N ASP Q 203 77.14 -55.95 -75.02
CA ASP Q 203 77.92 -55.42 -73.89
C ASP Q 203 77.07 -55.13 -72.64
N SER Q 204 75.74 -54.95 -72.83
CA SER Q 204 74.78 -54.64 -71.76
C SER Q 204 74.53 -55.83 -70.83
N GLU Q 205 74.19 -55.54 -69.58
CA GLU Q 205 73.88 -56.57 -68.60
C GLU Q 205 72.38 -56.86 -68.61
N TYR Q 206 71.59 -55.96 -69.21
CA TYR Q 206 70.13 -56.04 -69.28
C TYR Q 206 69.58 -56.66 -70.58
N GLN Q 207 68.29 -56.37 -70.93
CA GLN Q 207 67.63 -56.93 -72.12
C GLN Q 207 67.38 -55.84 -73.15
N PRO Q 208 68.29 -55.68 -74.14
CA PRO Q 208 68.11 -54.63 -75.14
C PRO Q 208 67.05 -54.98 -76.17
N GLU Q 209 66.29 -53.97 -76.60
CA GLU Q 209 65.24 -54.20 -77.59
C GLU Q 209 65.83 -54.35 -78.97
N VAL Q 210 65.40 -55.40 -79.67
CA VAL Q 210 65.87 -55.70 -81.01
C VAL Q 210 64.72 -55.58 -82.00
N LYS Q 211 64.96 -54.86 -83.09
CA LYS Q 211 64.00 -54.63 -84.17
C LYS Q 211 64.60 -55.18 -85.47
N VAL Q 212 63.86 -56.09 -86.12
CA VAL Q 212 64.33 -56.73 -87.34
C VAL Q 212 63.52 -56.28 -88.55
N THR Q 213 64.23 -55.91 -89.64
CA THR Q 213 63.68 -55.47 -90.92
C THR Q 213 64.29 -56.27 -92.07
N SER Q 214 63.47 -56.62 -93.07
CA SER Q 214 63.88 -57.37 -94.25
C SER Q 214 63.61 -56.56 -95.51
N TYR Q 215 64.63 -56.43 -96.37
CA TYR Q 215 64.54 -55.69 -97.61
C TYR Q 215 65.50 -56.22 -98.66
N LYS Q 216 65.06 -56.15 -99.92
CA LYS Q 216 65.82 -56.62 -101.09
C LYS Q 216 66.27 -55.40 -101.93
N ASN Q 217 67.35 -55.57 -102.72
CA ASN Q 217 67.95 -54.56 -103.61
C ASN Q 217 68.35 -53.25 -102.90
N ALA Q 218 68.88 -53.36 -101.67
CA ALA Q 218 69.34 -52.25 -100.83
C ALA Q 218 70.57 -51.58 -101.43
N ILE Q 219 71.05 -50.46 -100.84
CA ILE Q 219 72.20 -49.71 -101.34
C ILE Q 219 73.52 -50.55 -101.35
N GLY Q 220 74.10 -50.71 -102.54
CA GLY Q 220 75.33 -51.47 -102.75
C GLY Q 220 75.23 -52.97 -102.67
N THR Q 221 74.01 -53.54 -102.82
CA THR Q 221 73.76 -54.98 -102.78
C THR Q 221 73.04 -55.51 -104.02
N GLU Q 222 72.85 -54.63 -105.02
CA GLU Q 222 72.21 -54.97 -106.29
C GLU Q 222 73.15 -55.86 -107.11
N THR Q 223 72.57 -56.74 -107.94
CA THR Q 223 73.30 -57.72 -108.75
C THR Q 223 74.31 -57.09 -109.73
N ASP Q 224 73.86 -56.11 -110.52
CA ASP Q 224 74.69 -55.46 -111.53
C ASP Q 224 75.35 -54.13 -111.09
N GLY Q 225 75.75 -54.06 -109.81
CA GLY Q 225 76.41 -52.90 -109.23
C GLY Q 225 75.46 -51.84 -108.69
N PHE Q 226 75.99 -50.63 -108.43
CA PHE Q 226 75.24 -49.49 -107.89
C PHE Q 226 74.16 -48.96 -108.84
N ASP Q 227 72.95 -48.73 -108.29
CA ASP Q 227 71.77 -48.19 -108.99
C ASP Q 227 71.41 -49.01 -110.26
N SER Q 228 71.46 -50.34 -110.13
CA SER Q 228 71.13 -51.26 -111.21
C SER Q 228 69.79 -51.97 -111.01
N GLY Q 229 69.28 -51.94 -109.78
CA GLY Q 229 68.01 -52.56 -109.42
C GLY Q 229 66.78 -51.79 -109.88
N PRO Q 230 65.57 -52.40 -109.76
CA PRO Q 230 64.35 -51.70 -110.19
C PRO Q 230 63.97 -50.49 -109.33
N VAL Q 231 64.18 -50.57 -108.02
CA VAL Q 231 63.88 -49.47 -107.10
C VAL Q 231 65.15 -49.04 -106.39
N PHE Q 232 65.59 -47.81 -106.68
CA PHE Q 232 66.80 -47.24 -106.10
C PHE Q 232 66.68 -47.05 -104.59
N GLY Q 233 67.71 -47.46 -103.85
CA GLY Q 233 67.80 -47.33 -102.40
C GLY Q 233 67.23 -48.47 -101.59
N GLY Q 234 66.62 -49.44 -102.28
CA GLY Q 234 65.99 -50.61 -101.68
C GLY Q 234 64.52 -50.78 -102.03
N GLY Q 235 64.04 -52.01 -102.04
CA GLY Q 235 62.66 -52.33 -102.37
C GLY Q 235 61.72 -52.09 -101.21
N THR Q 236 60.80 -53.05 -101.00
CA THR Q 236 59.83 -53.01 -99.91
C THR Q 236 60.52 -53.43 -98.61
N ILE Q 237 60.32 -52.65 -97.53
CA ILE Q 237 60.89 -52.89 -96.19
C ILE Q 237 59.83 -53.59 -95.36
N TYR Q 238 60.13 -54.82 -94.95
CA TYR Q 238 59.19 -55.61 -94.16
C TYR Q 238 59.62 -55.67 -92.70
N ASN Q 239 58.68 -55.36 -91.80
CA ASN Q 239 58.94 -55.43 -90.37
C ASN Q 239 58.77 -56.88 -89.95
N VAL Q 240 59.90 -57.52 -89.59
CA VAL Q 240 59.93 -58.93 -89.24
C VAL Q 240 59.36 -59.19 -87.84
N PRO Q 241 58.30 -60.01 -87.71
CA PRO Q 241 57.76 -60.33 -86.39
C PRO Q 241 58.77 -61.18 -85.60
N VAL Q 242 59.07 -60.75 -84.35
CA VAL Q 242 60.06 -61.39 -83.49
C VAL Q 242 59.51 -61.86 -82.13
N SER Q 243 60.10 -62.94 -81.60
CA SER Q 243 59.81 -63.48 -80.26
C SER Q 243 61.14 -63.63 -79.54
N LEU Q 244 61.54 -62.56 -78.87
CA LEU Q 244 62.80 -62.39 -78.16
C LEU Q 244 62.98 -63.25 -76.89
N SER Q 245 64.21 -63.68 -76.66
CA SER Q 245 64.63 -64.51 -75.54
C SER Q 245 65.97 -63.97 -75.06
N TYR Q 246 66.16 -63.91 -73.74
CA TYR Q 246 67.39 -63.32 -73.21
C TYR Q 246 68.15 -64.15 -72.19
N ASP Q 247 69.49 -64.07 -72.29
CA ASP Q 247 70.49 -64.65 -71.39
C ASP Q 247 71.52 -63.54 -71.10
N ARG Q 248 72.53 -63.85 -70.27
CA ARG Q 248 73.55 -62.86 -69.91
C ARG Q 248 74.37 -62.52 -71.14
N GLN Q 249 74.31 -61.24 -71.56
CA GLN Q 249 75.02 -60.69 -72.72
C GLN Q 249 74.69 -61.43 -74.06
N LYS Q 250 73.48 -62.03 -74.16
CA LYS Q 250 73.01 -62.77 -75.32
C LYS Q 250 71.49 -62.59 -75.53
N VAL Q 251 71.10 -62.27 -76.77
CA VAL Q 251 69.71 -62.09 -77.20
C VAL Q 251 69.43 -63.18 -78.23
N TYR Q 252 68.37 -63.97 -78.02
CA TYR Q 252 67.97 -65.00 -78.96
C TYR Q 252 66.76 -64.48 -79.73
N VAL Q 253 66.98 -64.10 -80.99
CA VAL Q 253 65.96 -63.53 -81.87
C VAL Q 253 65.37 -64.63 -82.74
N GLU Q 254 64.06 -64.89 -82.60
CA GLU Q 254 63.36 -65.90 -83.41
C GLU Q 254 62.55 -65.22 -84.50
N MET Q 255 62.60 -65.81 -85.70
CA MET Q 255 61.98 -65.27 -86.91
C MET Q 255 61.25 -66.33 -87.73
N PRO Q 256 60.22 -65.96 -88.54
CA PRO Q 256 59.50 -66.96 -89.36
C PRO Q 256 60.40 -67.67 -90.39
N LYS Q 257 59.91 -68.82 -90.93
CA LYS Q 257 60.63 -69.65 -91.90
C LYS Q 257 60.95 -69.00 -93.24
N SER Q 258 60.14 -68.02 -93.64
CA SER Q 258 60.33 -67.28 -94.89
C SER Q 258 61.47 -66.29 -94.78
N TYR Q 259 61.76 -65.82 -93.55
CA TYR Q 259 62.83 -64.84 -93.28
C TYR Q 259 64.20 -65.49 -93.00
N THR Q 260 64.30 -66.82 -93.20
CA THR Q 260 65.56 -67.56 -93.02
C THR Q 260 66.61 -67.09 -94.04
N LEU Q 261 67.80 -66.72 -93.55
CA LEU Q 261 68.87 -66.19 -94.41
C LEU Q 261 70.25 -66.52 -93.86
N ALA Q 262 71.00 -67.36 -94.58
CA ALA Q 262 72.36 -67.72 -94.20
C ALA Q 262 73.30 -67.08 -95.21
N GLY Q 263 73.83 -65.91 -94.84
CA GLY Q 263 74.74 -65.13 -95.67
C GLY Q 263 75.88 -64.51 -94.87
N ASP Q 264 76.45 -63.42 -95.40
CA ASP Q 264 77.58 -62.73 -94.78
C ASP Q 264 77.10 -61.87 -93.63
N ILE Q 265 77.72 -62.05 -92.44
CA ILE Q 265 77.37 -61.32 -91.22
C ILE Q 265 78.27 -60.07 -91.11
N ILE Q 266 77.68 -58.89 -91.26
CA ILE Q 266 78.43 -57.63 -91.21
C ILE Q 266 78.05 -56.84 -89.96
N LEU Q 267 79.03 -56.55 -89.11
CA LEU Q 267 78.82 -55.78 -87.90
C LEU Q 267 79.31 -54.35 -88.11
N ILE Q 268 78.40 -53.38 -87.98
CA ILE Q 268 78.69 -51.95 -88.12
C ILE Q 268 79.24 -51.52 -86.75
N ASP Q 269 79.88 -50.31 -86.72
CA ASP Q 269 80.54 -49.68 -85.55
C ASP Q 269 79.53 -49.10 -84.50
N ASP Q 270 78.30 -49.63 -84.45
CA ASP Q 270 77.25 -49.21 -83.51
C ASP Q 270 76.29 -50.38 -83.18
N GLY Q 271 75.08 -50.04 -82.73
CA GLY Q 271 74.05 -51.01 -82.41
C GLY Q 271 73.29 -51.51 -83.62
N THR Q 272 74.03 -51.91 -84.69
CA THR Q 272 73.46 -52.48 -85.92
C THR Q 272 74.31 -53.59 -86.57
N LEU Q 273 73.62 -54.67 -87.00
CA LEU Q 273 74.18 -55.87 -87.63
C LEU Q 273 73.35 -56.26 -88.85
N LEU Q 274 74.02 -56.69 -89.92
CA LEU Q 274 73.35 -57.10 -91.14
C LEU Q 274 73.71 -58.52 -91.54
N VAL Q 275 72.76 -59.20 -92.20
CA VAL Q 275 72.95 -60.52 -92.79
C VAL Q 275 72.61 -60.35 -94.27
N ILE Q 276 73.66 -60.38 -95.13
CA ILE Q 276 73.52 -60.18 -96.58
C ILE Q 276 73.82 -61.45 -97.38
N LYS Q 277 72.85 -61.85 -98.22
CA LYS Q 277 72.95 -62.98 -99.14
C LYS Q 277 72.47 -62.44 -100.49
N GLU Q 278 73.45 -62.01 -101.31
CA GLU Q 278 73.26 -61.42 -102.64
C GLU Q 278 72.46 -60.12 -102.40
N THR Q 279 71.22 -60.07 -102.94
CA THR Q 279 70.32 -58.91 -102.84
C THR Q 279 69.50 -58.79 -101.55
N GLN Q 280 69.09 -59.92 -100.94
CA GLN Q 280 68.29 -59.93 -99.71
C GLN Q 280 69.11 -59.53 -98.47
N VAL Q 281 68.67 -58.47 -97.75
CA VAL Q 281 69.36 -57.98 -96.55
C VAL Q 281 68.43 -58.07 -95.34
N LEU Q 282 68.91 -58.72 -94.25
CA LEU Q 282 68.21 -58.86 -92.98
C LEU Q 282 68.94 -57.99 -91.95
N CYS Q 283 68.26 -56.91 -91.53
CA CYS Q 283 68.83 -55.91 -90.61
C CYS Q 283 68.44 -56.15 -89.16
N PHE Q 284 69.39 -55.98 -88.24
CA PHE Q 284 69.18 -56.15 -86.81
C PHE Q 284 69.54 -54.86 -86.09
N LYS Q 285 68.54 -54.10 -85.69
CA LYS Q 285 68.77 -52.84 -84.98
C LYS Q 285 68.54 -53.03 -83.49
N MET Q 286 69.55 -52.69 -82.68
CA MET Q 286 69.48 -52.86 -81.24
C MET Q 286 69.60 -51.52 -80.52
N SER Q 287 68.72 -51.31 -79.52
CA SER Q 287 68.65 -50.10 -78.72
C SER Q 287 69.42 -50.23 -77.42
N ASP Q 288 69.97 -49.10 -76.91
CA ASP Q 288 70.72 -48.96 -75.65
C ASP Q 288 71.85 -49.97 -75.36
N ALA Q 289 72.41 -50.61 -76.40
CA ALA Q 289 73.50 -51.58 -76.30
C ALA Q 289 74.20 -51.75 -77.64
N LYS Q 290 75.47 -52.21 -77.60
CA LYS Q 290 76.29 -52.43 -78.78
C LYS Q 290 76.47 -53.92 -79.04
N ILE Q 291 76.24 -54.32 -80.29
CA ILE Q 291 76.40 -55.72 -80.69
C ILE Q 291 77.90 -56.02 -80.80
N THR Q 292 78.34 -57.14 -80.22
CA THR Q 292 79.75 -57.57 -80.23
C THR Q 292 79.98 -58.76 -81.18
N LYS Q 293 78.96 -59.63 -81.31
CA LYS Q 293 79.00 -60.83 -82.15
C LYS Q 293 77.58 -61.21 -82.57
N GLY Q 294 77.47 -61.78 -83.77
CA GLY Q 294 76.20 -62.25 -84.33
C GLY Q 294 76.38 -63.55 -85.08
N TYR Q 295 75.55 -64.55 -84.77
CA TYR Q 295 75.62 -65.87 -85.39
C TYR Q 295 74.29 -66.62 -85.32
N VAL Q 296 74.06 -67.53 -86.27
CA VAL Q 296 72.85 -68.36 -86.30
C VAL Q 296 72.93 -69.39 -85.17
N PHE Q 297 71.81 -69.58 -84.45
CA PHE Q 297 71.72 -70.50 -83.34
C PHE Q 297 71.82 -71.95 -83.80
N VAL Q 298 72.77 -72.67 -83.21
CA VAL Q 298 73.04 -74.08 -83.44
C VAL Q 298 73.28 -74.75 -82.09
N ALA Q 299 72.55 -75.85 -81.82
CA ALA Q 299 72.68 -76.61 -80.57
C ALA Q 299 72.43 -78.10 -80.77
N MET R 1 35.06 -46.16 -41.25
CA MET R 1 33.89 -46.92 -40.82
C MET R 1 33.14 -46.28 -39.63
N THR R 2 31.83 -46.63 -39.49
CA THR R 2 30.93 -46.15 -38.43
C THR R 2 31.25 -46.67 -37.03
N GLU R 3 31.37 -45.76 -36.06
CA GLU R 3 31.69 -46.08 -34.67
C GLU R 3 30.61 -45.66 -33.70
N HIS R 4 30.44 -46.46 -32.63
CA HIS R 4 29.47 -46.25 -31.56
C HIS R 4 30.22 -46.18 -30.25
N PHE R 5 30.23 -45.01 -29.62
CA PHE R 5 30.97 -44.81 -28.38
C PHE R 5 30.13 -45.04 -27.13
N ILE R 6 30.64 -45.88 -26.21
CA ILE R 6 29.99 -46.22 -24.93
C ILE R 6 31.02 -46.27 -23.83
N THR R 7 30.65 -45.80 -22.64
CA THR R 7 31.51 -45.88 -21.46
C THR R 7 30.83 -46.84 -20.50
N LEU R 8 31.19 -48.12 -20.59
CA LEU R 8 30.60 -49.18 -19.76
C LEU R 8 31.29 -49.35 -18.40
N SER R 9 30.49 -49.55 -17.32
CA SER R 9 31.03 -49.74 -15.98
C SER R 9 30.77 -51.13 -15.52
N THR R 10 31.51 -51.53 -14.46
CA THR R 10 31.41 -52.83 -13.81
C THR R 10 30.89 -52.69 -12.38
N THR R 11 30.81 -51.45 -11.87
CA THR R 11 30.36 -51.17 -10.51
C THR R 11 29.05 -50.41 -10.46
N GLU R 12 28.90 -49.38 -11.31
CA GLU R 12 27.70 -48.55 -11.38
C GLU R 12 26.47 -49.39 -11.83
N PRO R 13 25.38 -49.46 -11.00
CA PRO R 13 24.21 -50.29 -11.36
C PRO R 13 23.36 -49.71 -12.48
N ASN R 14 23.81 -49.83 -13.74
CA ASN R 14 23.07 -49.29 -14.88
C ASN R 14 21.93 -50.22 -15.33
N ASN R 15 22.25 -51.51 -15.62
CA ASN R 15 21.37 -52.60 -16.10
C ASN R 15 20.86 -52.39 -17.55
N ASN R 16 20.31 -51.21 -17.85
CA ASN R 16 19.73 -50.94 -19.17
C ASN R 16 20.22 -49.66 -19.86
N ILE R 17 20.83 -48.72 -19.08
CA ILE R 17 21.41 -47.46 -19.57
C ILE R 17 22.54 -47.76 -20.55
N GLY R 18 22.42 -47.17 -21.73
CA GLY R 18 23.37 -47.37 -22.82
C GLY R 18 22.70 -48.16 -23.93
N ILE R 19 22.47 -47.49 -25.05
CA ILE R 19 21.86 -48.11 -26.21
C ILE R 19 22.76 -47.99 -27.44
N VAL R 20 22.89 -49.10 -28.18
CA VAL R 20 23.63 -49.17 -29.44
C VAL R 20 22.64 -49.63 -30.53
N LYS R 21 22.36 -48.74 -31.48
CA LYS R 21 21.35 -49.04 -32.48
C LYS R 21 21.96 -49.37 -33.82
N LEU R 22 21.73 -50.59 -34.33
CA LEU R 22 22.26 -51.00 -35.62
C LEU R 22 21.17 -51.50 -36.58
N ARG R 23 21.54 -51.85 -37.83
CA ARG R 23 20.64 -52.41 -38.85
C ARG R 23 21.16 -53.76 -39.32
N HIS R 24 20.29 -54.61 -39.87
CA HIS R 24 20.60 -55.94 -40.35
C HIS R 24 21.71 -56.04 -41.41
N ALA R 25 21.63 -55.24 -42.42
CA ALA R 25 22.61 -55.38 -43.48
C ALA R 25 23.85 -54.50 -43.25
N ASP R 26 24.68 -54.79 -42.26
CA ASP R 26 25.80 -53.89 -42.05
C ASP R 26 27.10 -54.59 -41.86
N VAL R 27 27.46 -55.34 -42.89
CA VAL R 27 28.67 -56.15 -42.88
C VAL R 27 29.91 -55.28 -42.74
N ASN R 28 30.73 -55.55 -41.73
CA ASN R 28 32.00 -54.90 -41.41
C ASN R 28 32.17 -53.40 -41.43
N SER R 29 31.24 -52.69 -40.83
CA SER R 29 31.36 -51.25 -40.82
C SER R 29 31.07 -50.73 -39.44
N GLN R 30 29.88 -51.12 -38.94
CA GLN R 30 29.40 -50.72 -37.62
C GLN R 30 30.19 -51.40 -36.49
N ALA R 31 31.04 -50.62 -35.78
CA ALA R 31 31.89 -51.08 -34.68
C ALA R 31 31.57 -50.35 -33.39
N ILE R 32 31.66 -51.05 -32.26
CA ILE R 32 31.38 -50.54 -30.92
C ILE R 32 32.68 -50.22 -30.22
N VAL R 33 32.88 -48.97 -29.89
CA VAL R 33 34.04 -48.51 -29.15
C VAL R 33 33.62 -48.33 -27.72
N ALA R 34 34.17 -49.16 -26.84
CA ALA R 34 33.79 -49.20 -25.43
C ALA R 34 34.94 -48.86 -24.48
N GLN R 35 34.64 -48.07 -23.43
CA GLN R 35 35.57 -47.69 -22.38
C GLN R 35 35.13 -48.42 -21.13
N ILE R 36 36.01 -49.27 -20.59
CA ILE R 36 35.67 -50.06 -19.42
C ILE R 36 36.13 -49.35 -18.16
N VAL R 37 35.21 -49.09 -17.23
CA VAL R 37 35.55 -48.41 -15.97
C VAL R 37 35.11 -49.19 -14.75
N GLU R 38 35.87 -49.09 -13.66
CA GLU R 38 35.57 -49.73 -12.38
C GLU R 38 35.76 -48.68 -11.30
N ASN R 39 34.70 -48.39 -10.54
CA ASN R 39 34.72 -47.42 -9.44
C ASN R 39 35.21 -46.02 -9.88
N GLY R 40 34.83 -45.62 -11.09
CA GLY R 40 35.16 -44.32 -11.64
C GLY R 40 36.52 -44.20 -12.30
N GLN R 41 37.27 -45.30 -12.31
CA GLN R 41 38.59 -45.30 -12.93
C GLN R 41 38.63 -46.37 -14.03
N PRO R 42 39.40 -46.17 -15.12
CA PRO R 42 39.47 -47.21 -16.17
C PRO R 42 40.04 -48.54 -15.69
N LYS R 43 39.39 -49.65 -16.09
CA LYS R 43 39.78 -51.01 -15.68
C LYS R 43 40.77 -51.67 -16.64
N ASN R 44 41.87 -52.24 -16.09
CA ASN R 44 42.91 -52.97 -16.85
C ASN R 44 42.60 -54.45 -16.89
N PHE R 45 42.24 -54.95 -18.07
CA PHE R 45 41.91 -56.35 -18.26
C PHE R 45 43.06 -57.18 -18.82
N GLU R 46 44.30 -56.73 -18.51
CA GLU R 46 45.53 -57.38 -18.94
C GLU R 46 45.55 -58.85 -18.59
N GLY R 47 45.75 -59.66 -19.62
CA GLY R 47 45.78 -61.11 -19.49
C GLY R 47 44.44 -61.80 -19.69
N LEU R 48 43.35 -61.02 -19.66
CA LEU R 48 42.00 -61.55 -19.84
C LEU R 48 41.51 -61.22 -21.24
N GLN R 49 40.99 -62.20 -22.00
CA GLN R 49 40.49 -62.02 -23.37
C GLN R 49 39.08 -61.43 -23.36
N PRO R 50 38.87 -60.26 -24.03
CA PRO R 50 37.53 -59.67 -24.08
C PRO R 50 36.59 -60.45 -24.99
N PHE R 51 35.31 -60.51 -24.64
CA PHE R 51 34.28 -61.25 -25.38
C PHE R 51 32.99 -60.45 -25.49
N PHE R 52 32.36 -60.46 -26.68
CA PHE R 52 31.07 -59.81 -26.85
C PHE R 52 29.99 -60.83 -26.59
N CYS R 53 29.29 -60.65 -25.50
CA CYS R 53 28.23 -61.56 -25.15
C CYS R 53 26.91 -60.94 -25.51
N LEU R 54 26.10 -61.68 -26.25
CA LEU R 54 24.78 -61.23 -26.68
C LEU R 54 23.67 -62.16 -26.23
N MET R 55 22.64 -61.59 -25.60
CA MET R 55 21.47 -62.31 -25.12
C MET R 55 20.30 -62.05 -26.06
N ALA R 56 20.25 -62.87 -27.11
CA ALA R 56 19.27 -62.78 -28.17
C ALA R 56 17.90 -63.32 -27.80
N GLN R 57 16.88 -62.68 -28.33
CA GLN R 57 15.49 -63.09 -28.15
C GLN R 57 15.17 -64.38 -28.94
N GLU R 58 14.57 -65.40 -28.28
CA GLU R 58 14.18 -66.71 -28.89
C GLU R 58 15.36 -67.40 -29.65
N ALA R 59 16.57 -67.27 -29.11
CA ALA R 59 17.78 -67.86 -29.63
C ALA R 59 18.77 -68.06 -28.46
N THR R 60 18.25 -68.66 -27.37
CA THR R 60 18.99 -68.89 -26.14
C THR R 60 19.36 -70.36 -25.96
N GLY R 61 20.44 -70.59 -25.20
CA GLY R 61 20.98 -71.90 -24.85
C GLY R 61 22.01 -71.79 -23.76
N GLN R 62 23.20 -72.41 -23.98
CA GLN R 62 24.32 -72.35 -23.06
C GLN R 62 25.36 -71.36 -23.57
N GLY R 63 25.49 -71.30 -24.88
CA GLY R 63 26.35 -70.33 -25.53
C GLY R 63 25.45 -69.55 -26.45
N VAL R 64 24.61 -68.65 -25.90
CA VAL R 64 23.65 -67.84 -26.66
C VAL R 64 24.37 -67.15 -27.80
N SER R 65 25.37 -66.31 -27.50
CA SER R 65 26.22 -65.62 -28.48
C SER R 65 27.47 -65.10 -27.75
N GLU R 66 28.65 -65.57 -28.18
CA GLU R 66 29.92 -65.16 -27.63
C GLU R 66 30.96 -65.06 -28.73
N GLU R 67 31.56 -63.86 -28.88
CA GLU R 67 32.56 -63.59 -29.91
C GLU R 67 33.77 -62.87 -29.31
N SER R 68 34.96 -63.35 -29.63
CA SER R 68 36.18 -62.74 -29.12
C SER R 68 36.47 -61.41 -29.82
N VAL R 69 36.77 -60.39 -29.02
CA VAL R 69 37.12 -59.08 -29.53
C VAL R 69 38.61 -59.08 -29.87
N VAL R 70 38.94 -58.73 -31.13
CA VAL R 70 40.30 -58.72 -31.64
C VAL R 70 41.05 -57.40 -31.40
N SER R 71 40.35 -56.27 -31.58
CA SER R 71 40.92 -54.93 -31.40
C SER R 71 40.61 -54.45 -29.99
N PHE R 72 41.66 -54.28 -29.16
CA PHE R 72 41.53 -53.86 -27.77
C PHE R 72 42.85 -53.40 -27.17
N ASP R 73 42.78 -52.47 -26.21
CA ASP R 73 43.92 -51.98 -25.42
C ASP R 73 43.63 -52.22 -23.94
N ALA R 74 44.16 -53.32 -23.40
CA ALA R 74 43.93 -53.72 -22.02
C ALA R 74 44.57 -52.79 -20.98
N LYS R 75 45.59 -52.03 -21.37
CA LYS R 75 46.29 -51.12 -20.46
C LYS R 75 45.43 -49.91 -20.10
N ASN R 76 44.60 -49.44 -21.04
CA ASN R 76 43.75 -48.29 -20.79
C ASN R 76 42.26 -48.62 -20.62
N GLY R 77 41.91 -49.88 -20.87
CA GLY R 77 40.53 -50.37 -20.76
C GLY R 77 39.62 -49.95 -21.89
N THR R 78 40.13 -50.03 -23.14
CA THR R 78 39.40 -49.66 -24.37
C THR R 78 39.35 -50.84 -25.31
N LEU R 79 38.23 -51.00 -26.03
CA LEU R 79 38.07 -52.08 -27.01
C LEU R 79 37.24 -51.63 -28.21
N LYS R 80 37.39 -52.29 -29.36
CA LYS R 80 36.64 -51.98 -30.57
C LYS R 80 36.12 -53.29 -31.14
N TYR R 81 34.83 -53.49 -31.05
CA TYR R 81 34.25 -54.71 -31.58
C TYR R 81 33.42 -54.42 -32.81
N VAL R 82 33.75 -55.02 -33.95
CA VAL R 82 32.96 -54.82 -35.15
C VAL R 82 31.88 -55.90 -35.16
N ALA R 83 30.62 -55.50 -35.36
CA ALA R 83 29.48 -56.43 -35.39
C ALA R 83 29.55 -57.39 -36.58
N SER R 84 29.48 -58.69 -36.28
CA SER R 84 29.57 -59.72 -37.29
C SER R 84 28.19 -60.19 -37.76
N ASP R 85 28.13 -61.05 -38.80
CA ASP R 85 26.90 -61.62 -39.40
C ASP R 85 26.02 -62.22 -38.32
N ASN R 86 26.62 -62.92 -37.34
CA ASN R 86 25.88 -63.51 -36.24
C ASN R 86 25.26 -62.43 -35.40
N ALA R 87 26.02 -61.38 -35.12
CA ALA R 87 25.59 -60.23 -34.32
C ALA R 87 24.38 -59.48 -34.91
N LEU R 88 24.31 -59.41 -36.26
CA LEU R 88 23.28 -58.66 -36.98
C LEU R 88 22.09 -59.47 -37.43
N GLN R 89 22.18 -60.79 -37.35
CA GLN R 89 21.08 -61.66 -37.75
C GLN R 89 19.86 -61.55 -36.82
N PHE R 90 20.08 -61.26 -35.51
CA PHE R 90 18.96 -61.13 -34.58
C PHE R 90 18.29 -59.77 -34.65
N VAL R 91 17.24 -59.68 -35.48
CA VAL R 91 16.53 -58.45 -35.67
C VAL R 91 15.56 -58.31 -34.54
N GLY R 92 15.69 -57.21 -33.80
CA GLY R 92 14.83 -56.91 -32.67
C GLY R 92 15.52 -56.21 -31.54
N ARG R 93 14.87 -56.23 -30.37
CA ARG R 93 15.40 -55.60 -29.16
C ARG R 93 16.12 -56.64 -28.31
N ASN R 94 17.45 -56.56 -28.30
CA ASN R 94 18.31 -57.49 -27.57
C ASN R 94 19.13 -56.83 -26.46
N GLU R 95 19.73 -57.66 -25.60
CA GLU R 95 20.58 -57.23 -24.50
C GLU R 95 21.98 -57.80 -24.76
N ALA R 96 23.03 -57.02 -24.50
CA ALA R 96 24.43 -57.44 -24.69
C ALA R 96 25.32 -56.89 -23.58
N TYR R 97 26.53 -57.48 -23.42
CA TYR R 97 27.54 -57.10 -22.43
C TYR R 97 28.89 -57.64 -22.84
N PHE R 98 29.95 -57.16 -22.20
CA PHE R 98 31.29 -57.62 -22.50
C PHE R 98 31.91 -58.40 -21.36
N SER R 99 32.43 -59.59 -21.69
CA SER R 99 33.10 -60.50 -20.77
C SER R 99 34.59 -60.42 -20.93
N PHE R 100 35.31 -60.65 -19.85
CA PHE R 100 36.75 -60.66 -19.87
C PHE R 100 37.22 -61.89 -19.12
N ARG R 101 37.96 -62.79 -19.78
CA ARG R 101 38.41 -63.99 -19.09
C ARG R 101 39.76 -64.48 -19.50
N LYS R 102 40.51 -65.01 -18.51
CA LYS R 102 41.80 -65.67 -18.69
C LYS R 102 41.60 -67.18 -18.54
N GLN R 103 42.18 -67.96 -19.45
CA GLN R 103 41.96 -69.39 -19.47
C GLN R 103 43.25 -70.22 -19.57
N GLU R 104 43.30 -71.35 -18.85
CA GLU R 104 44.42 -72.27 -18.89
C GLU R 104 44.25 -73.17 -20.12
N GLY R 105 43.02 -73.62 -20.34
CA GLY R 105 42.67 -74.48 -21.45
C GLY R 105 41.54 -75.40 -21.05
N GLY R 106 40.32 -74.90 -21.21
CA GLY R 106 39.11 -75.62 -20.85
C GLY R 106 38.66 -75.24 -19.46
N ARG R 107 39.61 -75.13 -18.53
CA ARG R 107 39.31 -74.73 -17.16
C ARG R 107 39.29 -73.21 -17.03
N TRP R 108 38.32 -72.72 -16.26
CA TRP R 108 38.12 -71.30 -16.04
C TRP R 108 38.88 -70.70 -14.85
N ILE R 109 39.79 -69.74 -15.16
CA ILE R 109 40.62 -69.09 -14.16
C ILE R 109 39.90 -67.93 -13.47
N GLU R 110 39.45 -66.90 -14.24
CA GLU R 110 38.76 -65.69 -13.74
C GLU R 110 37.91 -65.09 -14.87
N GLN R 111 36.70 -64.57 -14.56
CA GLN R 111 35.85 -63.93 -15.58
C GLN R 111 34.99 -62.77 -15.07
N PHE R 112 35.40 -61.53 -15.34
CA PHE R 112 34.59 -60.40 -14.91
C PHE R 112 33.87 -59.79 -16.11
N SER R 113 32.62 -59.35 -15.92
CA SER R 113 31.77 -58.81 -16.97
C SER R 113 31.24 -57.43 -16.68
N THR R 114 30.98 -56.67 -17.76
CA THR R 114 30.42 -55.32 -17.72
C THR R 114 28.94 -55.41 -17.58
N ARG R 115 28.31 -54.30 -17.17
CA ARG R 115 26.87 -54.25 -17.03
C ARG R 115 26.20 -54.33 -18.40
N THR R 116 24.94 -54.77 -18.38
CA THR R 116 24.17 -54.96 -19.60
C THR R 116 23.80 -53.63 -20.28
N PHE R 117 23.87 -53.63 -21.62
CA PHE R 117 23.48 -52.49 -22.44
C PHE R 117 22.54 -52.97 -23.53
N HIS R 118 21.70 -52.07 -24.01
CA HIS R 118 20.74 -52.42 -25.02
C HIS R 118 21.34 -52.50 -26.39
N TYR R 119 21.13 -53.64 -27.04
CA TYR R 119 21.64 -53.92 -28.39
C TYR R 119 20.48 -54.19 -29.35
N ILE R 120 20.01 -53.16 -30.05
CA ILE R 120 18.88 -53.29 -30.97
C ILE R 120 19.27 -53.26 -32.45
N VAL R 121 18.72 -54.21 -33.20
CA VAL R 121 18.98 -54.35 -34.63
C VAL R 121 17.70 -54.09 -35.42
N GLU R 122 17.68 -53.00 -36.23
CA GLU R 122 16.56 -52.62 -37.06
C GLU R 122 16.53 -53.52 -38.29
N LYS R 123 15.34 -53.86 -38.77
CA LYS R 123 15.15 -54.68 -39.97
C LYS R 123 15.60 -53.91 -41.22
N SER R 124 16.19 -54.61 -42.19
CA SER R 124 16.67 -54.05 -43.48
C SER R 124 15.76 -54.55 -44.61
N ILE R 125 16.00 -54.12 -45.85
CA ILE R 125 15.24 -54.62 -47.00
C ILE R 125 15.57 -56.09 -47.27
N TYR R 126 16.77 -56.48 -46.84
CA TYR R 126 17.34 -57.81 -46.96
C TYR R 126 16.81 -58.78 -45.93
N SER R 127 16.42 -58.29 -44.73
CA SER R 127 15.85 -59.12 -43.64
C SER R 127 14.33 -59.29 -43.77
N GLN R 128 13.62 -58.23 -44.20
CA GLN R 128 12.18 -58.23 -44.35
C GLN R 128 11.68 -59.22 -45.38
N PRO R 129 10.76 -60.15 -45.00
CA PRO R 129 10.22 -61.12 -45.97
C PRO R 129 9.30 -60.44 -46.98
N PHE R 130 9.36 -60.85 -48.25
CA PHE R 130 8.58 -60.29 -49.37
C PHE R 130 8.03 -61.37 -50.28
N LYS R 131 6.92 -61.09 -50.95
CA LYS R 131 6.30 -62.05 -51.87
C LYS R 131 6.89 -61.96 -53.28
N ASP R 132 7.24 -63.10 -53.86
CA ASP R 132 7.74 -63.17 -55.24
C ASP R 132 7.34 -64.48 -55.78
N SER R 133 6.89 -64.48 -57.02
CA SER R 133 6.50 -65.69 -57.69
C SER R 133 5.58 -66.57 -56.80
N ASN R 134 4.47 -65.98 -56.24
CA ASN R 134 3.44 -66.67 -55.42
C ASN R 134 3.86 -67.18 -54.01
N TYR R 135 5.15 -67.06 -53.67
CA TYR R 135 5.70 -67.53 -52.39
C TYR R 135 6.37 -66.42 -51.60
N TRP R 136 6.63 -66.64 -50.30
CA TRP R 136 7.30 -65.70 -49.42
C TRP R 136 8.76 -66.02 -49.39
N TRP R 137 9.59 -64.98 -49.56
CA TRP R 137 11.04 -65.11 -49.62
C TRP R 137 11.74 -64.00 -48.86
N THR R 138 12.97 -64.27 -48.47
CA THR R 138 13.89 -63.30 -47.90
C THR R 138 15.05 -63.21 -48.92
N PHE R 139 15.81 -62.11 -48.88
CA PHE R 139 16.90 -61.89 -49.82
C PHE R 139 17.95 -63.01 -49.83
N LYS R 140 18.44 -63.41 -48.65
CA LYS R 140 19.48 -64.42 -48.52
C LYS R 140 19.14 -65.74 -49.21
N GLU R 141 17.91 -66.21 -49.06
CA GLU R 141 17.53 -67.49 -49.64
C GLU R 141 17.26 -67.43 -51.13
N LEU R 142 16.88 -66.26 -51.63
CA LEU R 142 16.72 -66.18 -53.09
C LEU R 142 18.09 -66.09 -53.75
N TYR R 143 18.97 -65.27 -53.16
CA TYR R 143 20.33 -65.06 -53.61
C TYR R 143 21.08 -66.39 -53.66
N ARG R 144 20.73 -67.30 -52.73
CA ARG R 144 21.27 -68.66 -52.63
C ARG R 144 20.94 -69.49 -53.87
N ILE R 145 19.65 -69.49 -54.29
CA ILE R 145 19.21 -70.27 -55.46
C ILE R 145 19.70 -69.63 -56.70
N PHE R 146 19.75 -68.31 -56.70
CA PHE R 146 20.17 -67.56 -57.88
C PHE R 146 21.61 -67.80 -58.23
N ASN R 147 22.46 -67.88 -57.21
CA ASN R 147 23.85 -68.15 -57.47
C ASN R 147 24.11 -69.64 -57.65
N LYS R 148 23.15 -70.48 -57.23
CA LYS R 148 23.19 -71.91 -57.44
C LYS R 148 22.89 -72.16 -58.92
N TYR R 149 21.91 -71.43 -59.50
CA TYR R 149 21.60 -71.52 -60.93
C TYR R 149 22.77 -71.07 -61.77
N ILE R 150 23.44 -69.99 -61.34
CA ILE R 150 24.62 -69.44 -61.98
C ILE R 150 25.82 -70.43 -61.94
N GLU R 151 26.04 -71.12 -60.79
CA GLU R 151 27.16 -72.07 -60.63
C GLU R 151 26.92 -73.41 -61.29
N ASP R 152 25.70 -73.94 -61.16
CA ASP R 152 25.36 -75.24 -61.75
C ASP R 152 25.16 -75.12 -63.24
N GLY R 153 24.79 -73.93 -63.69
CA GLY R 153 24.62 -73.65 -65.11
C GLY R 153 25.95 -73.62 -65.81
N LYS R 154 26.97 -73.02 -65.17
CA LYS R 154 28.30 -72.92 -65.75
C LYS R 154 28.92 -74.31 -65.84
N LYS R 155 28.74 -75.11 -64.79
CA LYS R 155 29.27 -76.47 -64.68
C LYS R 155 28.62 -77.39 -65.71
N SER R 156 27.30 -77.22 -65.94
CA SER R 156 26.55 -78.03 -66.90
C SER R 156 26.92 -77.70 -68.34
N TRP R 157 27.32 -76.42 -68.60
CA TRP R 157 27.75 -75.97 -69.92
C TRP R 157 29.16 -76.45 -70.21
N GLU R 158 30.01 -76.44 -69.17
CA GLU R 158 31.38 -76.92 -69.27
C GLU R 158 31.39 -78.42 -69.63
N GLN R 159 30.40 -79.17 -69.11
CA GLN R 159 30.20 -80.61 -69.34
C GLN R 159 29.55 -80.85 -70.67
N PHE R 160 28.73 -79.91 -71.11
CA PHE R 160 28.05 -79.99 -72.40
C PHE R 160 29.07 -79.93 -73.54
N VAL R 161 30.02 -78.99 -73.46
CA VAL R 161 31.06 -78.82 -74.47
C VAL R 161 32.03 -80.02 -74.43
N GLU R 162 32.45 -80.42 -73.21
CA GLU R 162 33.36 -81.56 -72.98
C GLU R 162 32.79 -82.88 -73.55
N ALA R 163 31.52 -83.21 -73.23
CA ALA R 163 30.81 -84.43 -73.66
C ALA R 163 30.58 -84.44 -75.16
N ASN R 164 30.31 -83.25 -75.75
CA ASN R 164 30.08 -83.14 -77.19
C ASN R 164 31.37 -83.18 -78.00
N ARG R 165 32.45 -82.58 -77.49
CA ARG R 165 33.74 -82.63 -78.17
C ARG R 165 34.22 -84.08 -78.31
N GLU R 166 34.06 -84.86 -77.24
CA GLU R 166 34.46 -86.25 -77.23
C GLU R 166 33.61 -87.17 -78.14
N ILE R 167 32.51 -86.66 -78.69
CA ILE R 167 31.72 -87.48 -79.61
C ILE R 167 32.47 -87.45 -80.96
N LEU R 168 32.98 -86.24 -81.29
CA LEU R 168 33.71 -85.87 -82.50
C LEU R 168 35.19 -86.22 -82.49
N GLU R 169 35.90 -85.89 -81.43
CA GLU R 169 37.35 -86.12 -81.44
C GLU R 169 37.78 -87.47 -80.92
N SER R 170 36.92 -88.12 -80.13
CA SER R 170 37.27 -89.40 -79.51
C SER R 170 37.16 -90.55 -80.47
N ILE R 171 35.92 -90.85 -80.89
CA ILE R 171 35.70 -91.97 -81.80
C ILE R 171 36.06 -91.56 -83.25
N ASP R 172 37.29 -91.00 -83.39
CA ASP R 172 37.85 -90.52 -84.64
C ASP R 172 39.40 -90.62 -84.81
N PRO R 173 39.96 -91.45 -85.76
CA PRO R 173 41.43 -91.44 -85.97
C PRO R 173 41.92 -90.15 -86.65
N GLY R 174 41.10 -89.63 -87.60
CA GLY R 174 41.33 -88.39 -88.36
C GLY R 174 40.36 -87.23 -88.07
N GLY R 175 39.34 -87.48 -87.22
CA GLY R 175 38.35 -86.47 -86.81
C GLY R 175 38.88 -85.49 -85.79
N VAL R 176 39.99 -85.86 -85.11
CA VAL R 176 40.71 -84.99 -84.16
C VAL R 176 41.34 -83.85 -84.96
N LEU R 177 41.82 -84.17 -86.19
CA LEU R 177 42.39 -83.23 -87.16
C LEU R 177 41.36 -82.18 -87.52
N LEU R 178 40.11 -82.62 -87.77
CA LEU R 178 38.96 -81.79 -88.10
C LEU R 178 38.67 -80.86 -86.93
N ALA R 179 38.68 -81.43 -85.73
CA ALA R 179 38.46 -80.74 -84.49
C ALA R 179 39.56 -79.66 -84.39
N LYS R 180 40.86 -80.03 -84.48
CA LYS R 180 41.99 -79.08 -84.40
C LYS R 180 42.07 -77.93 -85.37
N VAL R 181 41.95 -78.25 -86.65
CA VAL R 181 42.03 -77.29 -87.74
C VAL R 181 40.97 -76.21 -87.61
N ILE R 182 39.82 -76.55 -87.05
CA ILE R 182 38.77 -75.57 -86.88
C ILE R 182 39.20 -74.50 -85.86
N ASP R 183 39.86 -74.96 -84.78
CA ASP R 183 40.32 -74.14 -83.67
C ASP R 183 41.59 -73.36 -84.00
N ILE R 184 42.50 -73.98 -84.76
CA ILE R 184 43.75 -73.32 -85.18
C ILE R 184 43.40 -72.16 -86.13
N GLU R 185 42.43 -72.40 -87.04
CA GLU R 185 41.90 -71.43 -88.00
C GLU R 185 41.33 -70.24 -87.26
N LYS R 186 40.54 -70.49 -86.21
CA LYS R 186 39.93 -69.43 -85.41
C LYS R 186 40.99 -68.50 -84.80
N ILE R 187 42.10 -69.08 -84.32
CA ILE R 187 43.17 -68.33 -83.67
C ILE R 187 43.97 -67.53 -84.69
N VAL R 188 44.27 -68.16 -85.83
CA VAL R 188 45.03 -67.55 -86.92
C VAL R 188 44.26 -66.45 -87.62
N ASN R 189 42.91 -66.55 -87.59
CA ASN R 189 42.01 -65.57 -88.16
C ASN R 189 41.77 -64.41 -87.21
N GLU R 190 42.12 -64.56 -85.91
CA GLU R 190 41.90 -63.51 -84.92
C GLU R 190 43.19 -62.88 -84.38
N LYS R 191 44.21 -63.70 -84.11
CA LYS R 191 45.46 -63.25 -83.50
C LYS R 191 46.62 -63.07 -84.45
N VAL R 192 46.61 -63.73 -85.61
CA VAL R 192 47.71 -63.67 -86.56
C VAL R 192 47.30 -62.66 -87.67
N PRO R 193 48.21 -61.81 -88.22
CA PRO R 193 47.81 -60.91 -89.33
C PRO R 193 47.85 -61.78 -90.61
N ALA R 194 46.69 -61.96 -91.28
CA ALA R 194 46.59 -62.85 -92.44
C ALA R 194 45.96 -62.30 -93.75
N GLY R 195 44.62 -62.31 -93.82
CA GLY R 195 43.88 -61.94 -95.02
C GLY R 195 43.19 -60.60 -95.01
N PHE R 196 43.91 -59.54 -94.60
CA PHE R 196 43.44 -58.16 -94.60
C PHE R 196 44.61 -57.20 -94.70
N LYS R 197 44.67 -56.46 -95.81
CA LYS R 197 45.75 -55.52 -96.10
C LYS R 197 45.20 -54.13 -96.40
N PHE R 198 45.75 -53.13 -95.72
CA PHE R 198 45.35 -51.73 -95.87
C PHE R 198 46.55 -50.84 -96.16
N VAL R 199 46.39 -49.92 -97.12
CA VAL R 199 47.44 -49.00 -97.54
C VAL R 199 47.23 -47.61 -96.94
N LEU R 200 48.30 -47.05 -96.37
CA LEU R 200 48.26 -45.71 -95.79
C LEU R 200 49.35 -44.84 -96.40
N GLU R 201 48.94 -43.83 -97.18
CA GLU R 201 49.86 -42.89 -97.82
C GLU R 201 50.22 -41.77 -96.84
N HIS R 202 51.50 -41.39 -96.78
CA HIS R 202 51.98 -40.34 -95.86
C HIS R 202 52.94 -39.34 -96.51
N ASP R 203 53.35 -38.33 -95.72
CA ASP R 203 54.25 -37.26 -96.14
C ASP R 203 55.71 -37.56 -95.84
N SER R 204 55.96 -38.41 -94.83
CA SER R 204 57.30 -38.80 -94.39
C SER R 204 58.07 -39.64 -95.40
N GLU R 205 59.40 -39.51 -95.40
CA GLU R 205 60.27 -40.27 -96.31
C GLU R 205 60.73 -41.56 -95.64
N TYR R 206 60.45 -41.70 -94.35
CA TYR R 206 60.89 -42.85 -93.56
C TYR R 206 59.79 -43.90 -93.31
N GLN R 207 59.92 -44.67 -92.20
CA GLN R 207 58.99 -45.73 -91.81
C GLN R 207 58.23 -45.35 -90.54
N PRO R 208 57.02 -44.74 -90.67
CA PRO R 208 56.27 -44.35 -89.46
C PRO R 208 55.57 -45.54 -88.80
N GLU R 209 55.52 -45.53 -87.45
CA GLU R 209 54.90 -46.61 -86.69
C GLU R 209 53.40 -46.46 -86.70
N VAL R 210 52.70 -47.56 -87.00
CA VAL R 210 51.24 -47.57 -87.07
C VAL R 210 50.70 -48.52 -85.99
N LYS R 211 49.66 -48.04 -85.27
CA LYS R 211 48.97 -48.79 -84.24
C LYS R 211 47.51 -48.91 -84.63
N VAL R 212 46.99 -50.14 -84.66
CA VAL R 212 45.61 -50.38 -85.07
C VAL R 212 44.78 -50.94 -83.91
N THR R 213 43.58 -50.36 -83.71
CA THR R 213 42.61 -50.74 -82.68
C THR R 213 41.21 -50.93 -83.26
N SER R 214 40.49 -51.94 -82.79
CA SER R 214 39.14 -52.24 -83.25
C SER R 214 38.18 -52.17 -82.10
N TYR R 215 37.06 -51.47 -82.28
CA TYR R 215 36.03 -51.28 -81.27
C TYR R 215 34.65 -51.11 -81.87
N LYS R 216 33.65 -51.62 -81.18
CA LYS R 216 32.26 -51.52 -81.62
C LYS R 216 31.54 -50.52 -80.72
N ASN R 217 30.42 -49.93 -81.22
CA ASN R 217 29.56 -48.97 -80.50
C ASN R 217 30.28 -47.72 -79.99
N ALA R 218 31.18 -47.16 -80.83
CA ALA R 218 31.95 -45.94 -80.52
C ALA R 218 31.05 -44.71 -80.53
N ILE R 219 31.61 -43.54 -80.17
CA ILE R 219 30.85 -42.29 -80.14
C ILE R 219 30.20 -41.92 -81.49
N GLY R 220 28.86 -41.91 -81.50
CA GLY R 220 28.07 -41.57 -82.67
C GLY R 220 28.09 -42.57 -83.81
N THR R 221 28.23 -43.87 -83.47
CA THR R 221 28.23 -44.96 -84.45
C THR R 221 27.21 -46.04 -84.13
N GLU R 222 26.50 -45.88 -82.99
CA GLU R 222 25.48 -46.82 -82.52
C GLU R 222 24.28 -46.82 -83.46
N THR R 223 23.64 -47.98 -83.60
CA THR R 223 22.50 -48.22 -84.48
C THR R 223 21.27 -47.32 -84.22
N ASP R 224 20.85 -47.19 -82.96
CA ASP R 224 19.67 -46.40 -82.60
C ASP R 224 19.96 -44.94 -82.16
N GLY R 225 21.07 -44.38 -82.67
CA GLY R 225 21.51 -43.01 -82.40
C GLY R 225 22.51 -42.85 -81.27
N PHE R 226 22.69 -41.62 -80.79
CA PHE R 226 23.62 -41.29 -79.70
C PHE R 226 23.18 -41.90 -78.37
N ASP R 227 24.12 -42.51 -77.64
CA ASP R 227 23.92 -43.15 -76.32
C ASP R 227 22.77 -44.16 -76.32
N SER R 228 22.71 -44.98 -77.38
CA SER R 228 21.69 -46.01 -77.52
C SER R 228 22.29 -47.40 -77.31
N GLY R 229 23.61 -47.49 -77.46
CA GLY R 229 24.38 -48.73 -77.30
C GLY R 229 24.54 -49.17 -75.85
N PRO R 230 24.95 -50.45 -75.61
CA PRO R 230 25.08 -50.94 -74.23
C PRO R 230 26.21 -50.31 -73.43
N VAL R 231 27.32 -49.97 -74.11
CA VAL R 231 28.47 -49.34 -73.45
C VAL R 231 28.76 -48.01 -74.10
N PHE R 232 28.46 -46.94 -73.35
CA PHE R 232 28.63 -45.58 -73.81
C PHE R 232 30.10 -45.20 -74.07
N GLY R 233 30.33 -44.55 -75.21
CA GLY R 233 31.65 -44.07 -75.63
C GLY R 233 32.61 -45.17 -76.02
N GLY R 234 32.08 -46.22 -76.65
CA GLY R 234 32.85 -47.38 -77.12
C GLY R 234 32.92 -48.56 -76.17
N GLY R 235 32.71 -49.76 -76.71
CA GLY R 235 32.73 -50.99 -75.92
C GLY R 235 34.12 -51.45 -75.55
N THR R 236 34.48 -52.63 -76.06
CA THR R 236 35.78 -53.23 -75.80
C THR R 236 36.70 -52.85 -76.97
N ILE R 237 37.92 -52.39 -76.62
CA ILE R 237 38.95 -51.97 -77.57
C ILE R 237 39.96 -53.09 -77.75
N TYR R 238 40.11 -53.61 -78.95
CA TYR R 238 41.05 -54.69 -79.22
C TYR R 238 42.25 -54.16 -79.94
N ASN R 239 43.45 -54.40 -79.39
CA ASN R 239 44.69 -53.99 -80.06
C ASN R 239 44.96 -55.00 -81.15
N VAL R 240 44.78 -54.54 -82.40
CA VAL R 240 44.92 -55.37 -83.59
C VAL R 240 46.39 -55.73 -83.88
N PRO R 241 46.74 -57.04 -83.94
CA PRO R 241 48.13 -57.41 -84.24
C PRO R 241 48.40 -57.08 -85.71
N VAL R 242 49.54 -56.42 -85.96
CA VAL R 242 49.88 -55.94 -87.30
C VAL R 242 51.25 -56.39 -87.80
N SER R 243 51.34 -56.53 -89.13
CA SER R 243 52.55 -56.85 -89.87
C SER R 243 52.77 -55.69 -90.84
N LEU R 244 53.76 -54.86 -90.53
CA LEU R 244 54.05 -53.64 -91.28
C LEU R 244 55.01 -53.85 -92.44
N SER R 245 54.62 -53.27 -93.58
CA SER R 245 55.38 -53.26 -94.83
C SER R 245 55.47 -51.80 -95.29
N TYR R 246 56.64 -51.42 -95.84
CA TYR R 246 56.90 -50.05 -96.25
C TYR R 246 57.48 -49.85 -97.65
N ASP R 247 56.98 -48.81 -98.34
CA ASP R 247 57.45 -48.31 -99.64
C ASP R 247 57.60 -46.80 -99.49
N ARG R 248 58.04 -46.11 -100.57
CA ARG R 248 58.19 -44.65 -100.52
C ARG R 248 56.84 -43.98 -100.30
N GLN R 249 56.66 -43.31 -99.14
CA GLN R 249 55.43 -42.61 -98.75
C GLN R 249 54.17 -43.51 -98.73
N LYS R 250 54.35 -44.81 -98.46
CA LYS R 250 53.29 -45.82 -98.40
C LYS R 250 53.55 -46.85 -97.30
N VAL R 251 52.52 -47.12 -96.48
CA VAL R 251 52.57 -48.12 -95.40
C VAL R 251 51.53 -49.20 -95.68
N TYR R 252 51.98 -50.46 -95.76
CA TYR R 252 51.10 -51.61 -95.99
C TYR R 252 50.89 -52.29 -94.64
N VAL R 253 49.66 -52.23 -94.14
CA VAL R 253 49.31 -52.77 -92.83
C VAL R 253 48.57 -54.09 -92.99
N GLU R 254 49.19 -55.20 -92.57
CA GLU R 254 48.62 -56.56 -92.62
C GLU R 254 47.89 -56.82 -91.30
N MET R 255 46.64 -57.32 -91.37
CA MET R 255 45.82 -57.59 -90.19
C MET R 255 45.07 -58.92 -90.31
N PRO R 256 44.62 -59.52 -89.18
CA PRO R 256 43.91 -60.79 -89.23
C PRO R 256 42.57 -60.76 -90.00
N LYS R 257 42.11 -61.96 -90.39
CA LYS R 257 40.90 -62.19 -91.16
C LYS R 257 39.61 -61.76 -90.47
N SER R 258 39.58 -61.77 -89.14
CA SER R 258 38.41 -61.36 -88.36
C SER R 258 38.22 -59.85 -88.40
N TYR R 259 39.33 -59.10 -88.56
CA TYR R 259 39.29 -57.64 -88.58
C TYR R 259 39.03 -57.05 -90.00
N THR R 260 38.60 -57.94 -90.95
CA THR R 260 38.27 -57.55 -92.34
C THR R 260 37.01 -56.71 -92.32
N LEU R 261 37.16 -55.43 -92.67
CA LEU R 261 36.07 -54.46 -92.64
C LEU R 261 36.13 -53.53 -93.84
N ALA R 262 35.06 -53.56 -94.66
CA ALA R 262 34.93 -52.71 -95.83
C ALA R 262 33.82 -51.68 -95.58
N GLY R 263 34.24 -50.48 -95.17
CA GLY R 263 33.36 -49.38 -94.86
C GLY R 263 33.86 -48.05 -95.35
N ASP R 264 33.37 -46.98 -94.73
CA ASP R 264 33.72 -45.60 -95.07
C ASP R 264 35.03 -45.19 -94.42
N ILE R 265 35.93 -44.63 -95.22
CA ILE R 265 37.26 -44.18 -94.79
C ILE R 265 37.18 -42.70 -94.43
N ILE R 266 37.45 -42.40 -93.16
CA ILE R 266 37.42 -41.03 -92.64
C ILE R 266 38.82 -40.61 -92.20
N LEU R 267 39.31 -39.51 -92.77
CA LEU R 267 40.63 -38.98 -92.44
C LEU R 267 40.47 -37.77 -91.54
N ILE R 268 41.17 -37.80 -90.40
CA ILE R 268 41.18 -36.71 -89.41
C ILE R 268 42.43 -35.89 -89.69
N ASP R 269 42.40 -34.58 -89.31
CA ASP R 269 43.42 -33.52 -89.49
C ASP R 269 44.91 -33.90 -89.25
N ASP R 270 45.16 -34.93 -88.42
CA ASP R 270 46.51 -35.37 -88.05
C ASP R 270 46.84 -36.79 -88.56
N GLY R 271 47.72 -37.48 -87.83
CA GLY R 271 48.11 -38.86 -88.12
C GLY R 271 47.10 -39.86 -87.59
N THR R 272 45.81 -39.69 -87.94
CA THR R 272 44.71 -40.59 -87.55
C THR R 272 43.66 -40.78 -88.67
N LEU R 273 43.28 -42.06 -88.94
CA LEU R 273 42.32 -42.49 -89.96
C LEU R 273 41.40 -43.57 -89.41
N LEU R 274 40.11 -43.51 -89.77
CA LEU R 274 39.11 -44.50 -89.34
C LEU R 274 38.44 -45.19 -90.48
N VAL R 275 38.02 -46.42 -90.27
CA VAL R 275 37.23 -47.21 -91.22
C VAL R 275 35.97 -47.58 -90.45
N ILE R 276 34.83 -46.98 -90.81
CA ILE R 276 33.57 -47.19 -90.11
C ILE R 276 32.54 -47.90 -91.00
N LYS R 277 32.01 -49.02 -90.52
CA LYS R 277 30.96 -49.78 -91.19
C LYS R 277 29.88 -49.98 -90.12
N GLU R 278 28.89 -49.08 -90.10
CA GLU R 278 27.79 -49.04 -89.13
C GLU R 278 28.44 -48.84 -87.77
N THR R 279 28.31 -49.85 -86.86
CA THR R 279 28.85 -49.87 -85.48
C THR R 279 30.35 -50.20 -85.34
N GLN R 280 30.85 -51.09 -86.22
CA GLN R 280 32.25 -51.53 -86.21
C GLN R 280 33.19 -50.44 -86.75
N VAL R 281 34.18 -50.06 -85.92
CA VAL R 281 35.17 -49.04 -86.24
C VAL R 281 36.58 -49.62 -86.13
N LEU R 282 37.40 -49.36 -87.13
CA LEU R 282 38.80 -49.77 -87.19
C LEU R 282 39.63 -48.49 -87.21
N CYS R 283 40.42 -48.27 -86.17
CA CYS R 283 41.21 -47.06 -85.98
C CYS R 283 42.69 -47.25 -86.32
N PHE R 284 43.27 -46.28 -87.07
CA PHE R 284 44.67 -46.28 -87.49
C PHE R 284 45.39 -45.05 -86.93
N LYS R 285 46.36 -45.27 -86.05
CA LYS R 285 47.12 -44.19 -85.42
C LYS R 285 48.58 -44.24 -85.87
N MET R 286 49.02 -43.17 -86.51
CA MET R 286 50.37 -43.08 -87.04
C MET R 286 51.19 -41.98 -86.35
N SER R 287 52.41 -42.35 -85.96
CA SER R 287 53.35 -41.46 -85.27
C SER R 287 54.44 -40.93 -86.19
N ASP R 288 54.86 -39.67 -85.96
CA ASP R 288 55.92 -38.95 -86.70
C ASP R 288 55.60 -38.63 -88.19
N ALA R 289 54.36 -38.88 -88.63
CA ALA R 289 53.93 -38.62 -90.00
C ALA R 289 52.43 -38.28 -90.11
N LYS R 290 52.03 -37.68 -91.24
CA LYS R 290 50.66 -37.26 -91.53
C LYS R 290 50.06 -38.10 -92.65
N ILE R 291 48.89 -38.71 -92.38
CA ILE R 291 48.19 -39.54 -93.37
C ILE R 291 47.57 -38.63 -94.43
N THR R 292 47.81 -38.96 -95.71
CA THR R 292 47.28 -38.19 -96.84
C THR R 292 46.13 -38.93 -97.51
N LYS R 293 46.25 -40.27 -97.57
CA LYS R 293 45.26 -41.15 -98.19
C LYS R 293 45.27 -42.52 -97.54
N GLY R 294 44.11 -43.16 -97.53
CA GLY R 294 43.94 -44.49 -96.98
C GLY R 294 42.98 -45.32 -97.81
N TYR R 295 43.36 -46.55 -98.14
CA TYR R 295 42.54 -47.44 -98.95
C TYR R 295 42.94 -48.90 -98.79
N VAL R 296 41.99 -49.82 -99.03
CA VAL R 296 42.23 -51.26 -98.95
C VAL R 296 43.12 -51.66 -100.14
N PHE R 297 44.11 -52.54 -99.89
CA PHE R 297 45.02 -52.99 -100.92
C PHE R 297 44.33 -53.86 -101.99
N VAL R 298 44.48 -53.44 -103.27
CA VAL R 298 43.93 -54.13 -104.45
C VAL R 298 45.07 -54.53 -105.39
N ALA R 299 45.18 -55.84 -105.67
CA ALA R 299 46.20 -56.41 -106.56
C ALA R 299 45.57 -57.15 -107.73
N HIS S 12 -70.98 -17.88 -8.71
CA HIS S 12 -70.30 -17.71 -10.00
C HIS S 12 -68.78 -17.50 -9.87
N TYR S 13 -68.08 -17.30 -11.01
CA TYR S 13 -66.62 -17.15 -11.10
C TYR S 13 -66.13 -15.79 -10.62
N ARG S 14 -65.16 -15.80 -9.72
CA ARG S 14 -64.56 -14.58 -9.17
C ARG S 14 -63.04 -14.72 -9.19
N ASN S 15 -62.34 -13.73 -9.76
CA ASN S 15 -60.87 -13.73 -9.84
C ASN S 15 -60.32 -13.01 -8.61
N LEU S 16 -60.30 -13.75 -7.50
CA LEU S 16 -59.86 -13.24 -6.20
C LEU S 16 -58.34 -13.25 -6.06
N PRO S 17 -57.74 -12.11 -5.61
CA PRO S 17 -56.29 -12.11 -5.40
C PRO S 17 -55.92 -12.93 -4.16
N PHE S 18 -54.96 -13.84 -4.31
CA PHE S 18 -54.53 -14.70 -3.20
C PHE S 18 -53.41 -14.06 -2.40
N ILE S 19 -53.56 -14.03 -1.07
CA ILE S 19 -52.52 -13.49 -0.19
C ILE S 19 -51.90 -14.64 0.65
N PRO S 20 -50.62 -15.05 0.38
CA PRO S 20 -50.02 -16.16 1.14
C PRO S 20 -49.79 -15.89 2.62
N THR S 21 -49.37 -16.94 3.35
CA THR S 21 -49.13 -16.91 4.80
C THR S 21 -48.02 -15.95 5.21
N SER S 22 -46.93 -15.90 4.42
CA SER S 22 -45.78 -15.02 4.68
C SER S 22 -45.64 -14.01 3.57
N ALA S 23 -46.72 -13.29 3.32
CA ALA S 23 -46.79 -12.27 2.27
C ALA S 23 -46.14 -10.97 2.71
N MET S 24 -45.45 -10.26 1.78
CA MET S 24 -44.79 -8.99 2.10
C MET S 24 -45.61 -7.76 1.72
N SER S 25 -45.69 -6.77 2.62
CA SER S 25 -46.38 -5.52 2.33
C SER S 25 -45.25 -4.49 2.15
N TYR S 26 -45.09 -4.00 0.90
CA TYR S 26 -44.07 -3.03 0.57
C TYR S 26 -44.81 -1.72 0.45
N ASP S 27 -44.57 -0.77 1.37
CA ASP S 27 -45.20 0.56 1.39
C ASP S 27 -46.74 0.49 1.55
N GLY S 28 -47.18 -0.38 2.47
CA GLY S 28 -48.60 -0.56 2.79
C GLY S 28 -49.40 -1.44 1.83
N ALA S 29 -48.88 -1.66 0.60
CA ALA S 29 -49.55 -2.46 -0.42
C ALA S 29 -48.92 -3.85 -0.62
N TRP S 30 -49.76 -4.87 -0.91
CA TRP S 30 -49.29 -6.25 -1.15
C TRP S 30 -48.89 -6.38 -2.61
N LEU S 31 -47.72 -6.93 -2.87
CA LEU S 31 -47.26 -7.06 -4.25
C LEU S 31 -48.08 -8.05 -5.04
N GLU S 32 -48.58 -9.10 -4.38
CA GLU S 32 -49.42 -10.15 -4.98
C GLU S 32 -50.80 -9.64 -5.34
N GLU S 33 -51.20 -8.55 -4.69
CA GLU S 33 -52.44 -7.86 -4.96
C GLU S 33 -52.22 -6.86 -6.09
N LEU S 34 -51.02 -6.25 -6.12
CA LEU S 34 -50.61 -5.29 -7.12
C LEU S 34 -50.46 -5.93 -8.48
N ILE S 35 -49.64 -6.98 -8.54
CA ILE S 35 -49.33 -7.69 -9.77
C ILE S 35 -50.03 -9.04 -9.78
N GLU S 36 -50.87 -9.25 -10.78
CA GLU S 36 -51.59 -10.49 -10.97
C GLU S 36 -50.61 -11.59 -11.38
N GLY S 37 -50.61 -12.69 -10.65
CA GLY S 37 -49.71 -13.79 -10.95
C GLY S 37 -48.55 -13.89 -9.99
N TYR S 38 -48.33 -12.79 -9.23
CA TYR S 38 -47.29 -12.70 -8.23
C TYR S 38 -47.71 -13.40 -6.95
N GLN S 39 -46.74 -14.07 -6.31
CA GLN S 39 -46.97 -14.78 -5.07
C GLN S 39 -45.63 -14.90 -4.31
N THR S 40 -45.59 -14.46 -3.03
CA THR S 40 -44.39 -14.57 -2.17
C THR S 40 -44.41 -15.95 -1.52
N LEU S 41 -43.43 -16.77 -1.92
CA LEU S 41 -43.27 -18.16 -1.50
C LEU S 41 -42.61 -18.31 -0.13
N ALA S 42 -41.46 -17.67 0.07
CA ALA S 42 -40.79 -17.73 1.35
C ALA S 42 -40.03 -16.46 1.62
N VAL S 43 -39.87 -16.12 2.92
CA VAL S 43 -39.11 -14.96 3.35
C VAL S 43 -38.10 -15.42 4.37
N GLU S 44 -36.82 -15.15 4.07
CA GLU S 44 -35.71 -15.55 4.93
C GLU S 44 -34.89 -14.37 5.51
N GLY S 45 -34.35 -14.59 6.72
CA GLY S 45 -33.46 -13.68 7.43
C GLY S 45 -34.02 -12.96 8.64
N ARG S 46 -35.32 -12.99 8.77
CA ARG S 46 -35.97 -12.28 9.86
C ARG S 46 -36.08 -13.05 11.15
N GLU S 47 -36.00 -14.36 11.05
CA GLU S 47 -36.14 -15.29 12.16
C GLU S 47 -34.91 -15.58 12.97
N MET S 48 -33.77 -15.26 12.44
CA MET S 48 -32.50 -15.29 13.17
C MET S 48 -31.54 -14.21 12.75
N TYR S 49 -30.85 -13.62 13.73
CA TYR S 49 -29.93 -12.52 13.49
C TYR S 49 -28.52 -12.85 13.93
N SER S 50 -27.54 -12.38 13.16
CA SER S 50 -26.10 -12.57 13.41
C SER S 50 -25.46 -11.26 13.86
N LEU S 51 -24.43 -11.36 14.72
CA LEU S 51 -23.74 -10.19 15.27
C LEU S 51 -22.31 -10.04 14.75
N SER S 52 -21.83 -8.79 14.73
CA SER S 52 -20.47 -8.47 14.32
C SER S 52 -19.61 -8.27 15.56
N PHE S 53 -18.42 -8.87 15.59
CA PHE S 53 -17.53 -8.80 16.76
C PHE S 53 -16.15 -8.31 16.43
N GLU S 54 -15.60 -7.46 17.34
CA GLU S 54 -14.24 -6.94 17.27
C GLU S 54 -13.45 -7.63 18.37
N THR S 55 -12.48 -8.44 17.99
CA THR S 55 -11.73 -9.23 18.97
C THR S 55 -10.27 -8.88 19.05
N GLN S 56 -9.77 -8.67 20.28
CA GLN S 56 -8.37 -8.40 20.58
C GLN S 56 -7.76 -9.63 21.27
N ASP S 57 -7.28 -10.56 20.45
CA ASP S 57 -6.72 -11.80 20.91
C ASP S 57 -5.37 -11.61 21.56
N MET S 58 -5.13 -12.36 22.64
CA MET S 58 -3.87 -12.38 23.37
C MET S 58 -3.28 -13.79 23.46
N GLN S 59 -2.35 -14.01 24.41
CA GLN S 59 -1.68 -15.30 24.60
C GLN S 59 -2.67 -16.39 24.94
N VAL S 60 -3.56 -16.12 25.88
CA VAL S 60 -4.59 -17.08 26.28
C VAL S 60 -5.96 -16.46 26.10
N GLY S 61 -6.77 -17.05 25.23
CA GLY S 61 -8.10 -16.56 24.90
C GLY S 61 -8.07 -15.31 24.04
N GLY S 62 -9.00 -14.39 24.31
CA GLY S 62 -9.12 -13.13 23.60
C GLY S 62 -10.34 -12.34 24.03
N VAL S 63 -10.14 -11.06 24.37
CA VAL S 63 -11.21 -10.14 24.81
C VAL S 63 -11.94 -9.48 23.67
N ILE S 64 -13.24 -9.23 23.85
CA ILE S 64 -14.10 -8.58 22.86
C ILE S 64 -13.98 -7.07 23.01
N THR S 65 -13.47 -6.41 21.96
CA THR S 65 -13.28 -4.96 21.94
C THR S 65 -14.62 -4.26 21.79
N ASN S 66 -15.36 -4.60 20.71
CA ASN S 66 -16.65 -4.00 20.40
C ASN S 66 -17.63 -4.96 19.70
N VAL S 67 -18.91 -4.88 20.10
CA VAL S 67 -20.01 -5.64 19.53
C VAL S 67 -20.89 -4.72 18.67
N LYS S 68 -20.94 -5.01 17.36
CA LYS S 68 -21.70 -4.23 16.37
C LYS S 68 -22.95 -4.95 15.90
N TYR S 69 -23.95 -4.20 15.44
CA TYR S 69 -25.22 -4.72 14.94
C TYR S 69 -25.34 -4.41 13.46
N PRO S 70 -24.96 -5.37 12.61
CA PRO S 70 -24.96 -5.10 11.16
C PRO S 70 -26.35 -4.91 10.55
N PRO S 71 -26.50 -4.12 9.46
CA PRO S 71 -27.83 -3.95 8.86
C PRO S 71 -28.19 -5.19 8.08
N ARG S 72 -29.33 -5.83 8.43
CA ARG S 72 -29.76 -7.08 7.80
C ARG S 72 -30.62 -7.00 6.53
N GLU S 73 -30.33 -7.91 5.60
CA GLU S 73 -31.01 -8.06 4.31
C GLU S 73 -31.99 -9.19 4.41
N LEU S 74 -33.19 -8.99 3.88
CA LEU S 74 -34.21 -10.02 3.90
C LEU S 74 -34.37 -10.54 2.49
N THR S 75 -34.12 -11.82 2.31
CA THR S 75 -34.26 -12.42 1.00
C THR S 75 -35.70 -12.95 0.85
N ILE S 76 -36.37 -12.56 -0.24
CA ILE S 76 -37.77 -12.90 -0.52
C ILE S 76 -37.92 -13.66 -1.82
N LYS S 77 -38.34 -14.93 -1.68
CA LYS S 77 -38.57 -15.88 -2.76
C LYS S 77 -39.98 -15.70 -3.31
N TYR S 78 -40.08 -15.38 -4.59
CA TYR S 78 -41.34 -15.10 -5.25
C TYR S 78 -41.57 -15.92 -6.52
N LYS S 79 -42.83 -15.96 -7.00
CA LYS S 79 -43.25 -16.64 -8.22
C LYS S 79 -44.16 -15.71 -8.99
N LEU S 80 -43.77 -15.37 -10.22
CA LEU S 80 -44.55 -14.51 -11.11
C LEU S 80 -44.80 -15.26 -12.41
N GLU S 81 -46.07 -15.36 -12.80
CA GLU S 81 -46.44 -16.14 -13.97
C GLU S 81 -47.57 -15.50 -14.77
N ASP S 82 -47.49 -15.65 -16.11
CA ASP S 82 -48.48 -15.17 -17.08
C ASP S 82 -48.31 -15.90 -18.38
N ARG S 83 -49.43 -16.20 -19.02
CA ARG S 83 -49.41 -16.93 -20.27
C ARG S 83 -48.76 -16.14 -21.41
N ASP S 84 -49.00 -14.83 -21.46
CA ASP S 84 -48.50 -13.93 -22.50
C ASP S 84 -47.15 -13.34 -22.14
N PRO S 85 -46.12 -13.54 -23.01
CA PRO S 85 -44.79 -13.00 -22.69
C PRO S 85 -44.70 -11.49 -22.67
N ARG S 86 -45.54 -10.80 -23.47
CA ARG S 86 -45.57 -9.34 -23.55
C ARG S 86 -46.05 -8.76 -22.23
N VAL S 87 -47.14 -9.35 -21.67
CA VAL S 87 -47.75 -8.89 -20.42
C VAL S 87 -46.85 -9.17 -19.29
N LEU S 88 -46.18 -10.32 -19.33
CA LEU S 88 -45.25 -10.75 -18.29
C LEU S 88 -44.14 -9.73 -18.12
N GLN S 89 -43.62 -9.21 -19.23
CA GLN S 89 -42.57 -8.20 -19.25
C GLN S 89 -43.06 -6.91 -18.63
N GLU S 90 -44.32 -6.50 -18.96
CA GLU S 90 -44.99 -5.32 -18.42
C GLU S 90 -45.21 -5.47 -16.92
N LYS S 91 -45.50 -6.71 -16.48
CA LYS S 91 -45.73 -7.04 -15.07
C LYS S 91 -44.47 -6.82 -14.27
N PHE S 92 -43.31 -7.17 -14.84
CA PHE S 92 -42.03 -6.96 -14.18
C PHE S 92 -41.68 -5.51 -14.13
N ASP S 93 -42.01 -4.76 -15.20
CA ASP S 93 -41.73 -3.34 -15.30
C ASP S 93 -42.42 -2.58 -14.20
N THR S 94 -43.63 -3.06 -13.79
CA THR S 94 -44.44 -2.52 -12.70
C THR S 94 -43.83 -2.93 -11.38
N LEU S 95 -43.35 -4.18 -11.28
CA LEU S 95 -42.73 -4.70 -10.07
C LEU S 95 -41.47 -3.91 -9.71
N LYS S 96 -40.61 -3.65 -10.70
CA LYS S 96 -39.36 -2.92 -10.52
C LYS S 96 -39.64 -1.49 -10.08
N ALA S 97 -40.58 -0.82 -10.78
CA ALA S 97 -40.99 0.56 -10.47
C ALA S 97 -41.47 0.71 -9.05
N PHE S 98 -42.14 -0.34 -8.53
CA PHE S 98 -42.66 -0.31 -7.19
C PHE S 98 -41.59 -0.59 -6.17
N LEU S 99 -40.72 -1.57 -6.46
CA LEU S 99 -39.65 -1.95 -5.55
C LEU S 99 -38.54 -0.92 -5.44
N ILE S 100 -37.95 -0.52 -6.58
CA ILE S 100 -36.86 0.45 -6.63
C ILE S 100 -37.35 1.77 -6.02
N ARG S 101 -36.89 2.04 -4.79
CA ARG S 101 -37.25 3.23 -4.05
C ARG S 101 -36.01 4.07 -3.65
N GLN S 102 -36.16 5.43 -3.64
CA GLN S 102 -35.10 6.39 -3.30
C GLN S 102 -34.89 6.51 -1.79
N GLU S 103 -35.98 6.31 -1.01
CA GLU S 103 -35.95 6.33 0.45
C GLU S 103 -36.45 5.06 1.07
N ASP S 104 -36.18 4.82 2.35
CA ASP S 104 -36.62 3.61 3.04
C ASP S 104 -38.17 3.51 3.13
N VAL S 105 -38.68 2.29 3.14
CA VAL S 105 -40.11 2.00 3.09
C VAL S 105 -40.53 1.06 4.23
N PRO S 106 -41.75 1.27 4.78
CA PRO S 106 -42.27 0.40 5.84
C PRO S 106 -42.76 -0.95 5.31
N ILE S 107 -42.22 -2.02 5.90
CA ILE S 107 -42.47 -3.42 5.52
C ILE S 107 -43.11 -4.21 6.67
N ILE S 108 -44.21 -4.89 6.36
CA ILE S 108 -44.91 -5.76 7.31
C ILE S 108 -45.19 -7.10 6.66
N PHE S 109 -45.14 -8.18 7.44
CA PHE S 109 -45.39 -9.52 6.89
C PHE S 109 -46.72 -10.07 7.36
N ASN S 110 -47.36 -10.92 6.54
CA ASN S 110 -48.68 -11.47 6.87
C ASN S 110 -48.68 -12.43 8.08
N ASP S 111 -47.52 -12.97 8.39
CA ASP S 111 -47.41 -13.86 9.55
C ASP S 111 -46.98 -13.11 10.81
N ASP S 112 -46.30 -11.96 10.66
CA ASP S 112 -45.85 -11.13 11.77
C ASP S 112 -46.37 -9.71 11.55
N LEU S 113 -47.68 -9.56 11.77
CA LEU S 113 -48.41 -8.32 11.52
C LEU S 113 -48.22 -7.22 12.57
N GLU S 114 -47.87 -7.60 13.80
CA GLU S 114 -47.71 -6.62 14.87
C GLU S 114 -46.48 -5.70 14.65
N TYR S 115 -45.38 -6.24 14.13
CA TYR S 115 -44.18 -5.45 13.94
C TYR S 115 -44.14 -4.80 12.57
N THR S 116 -43.13 -3.94 12.36
CA THR S 116 -42.90 -3.18 11.14
C THR S 116 -41.39 -2.99 10.90
N PHE S 117 -40.94 -3.36 9.70
CA PHE S 117 -39.54 -3.19 9.29
C PHE S 117 -39.41 -1.93 8.48
N TYR S 118 -38.20 -1.40 8.36
CA TYR S 118 -38.01 -0.20 7.54
C TYR S 118 -36.79 -0.37 6.68
N GLY S 119 -37.06 -0.81 5.45
CA GLY S 119 -36.01 -1.11 4.48
C GLY S 119 -36.21 -0.52 3.10
N ARG S 120 -35.44 -1.03 2.16
CA ARG S 120 -35.38 -0.56 0.77
C ARG S 120 -34.90 -1.73 -0.13
N PHE S 121 -35.44 -1.86 -1.34
CA PHE S 121 -35.01 -2.93 -2.26
C PHE S 121 -33.52 -2.81 -2.60
N LYS S 122 -32.77 -3.91 -2.58
CA LYS S 122 -31.34 -3.88 -2.87
C LYS S 122 -30.93 -4.62 -4.16
N THR S 123 -30.86 -5.95 -4.11
CA THR S 123 -30.39 -6.77 -5.22
C THR S 123 -31.38 -7.87 -5.54
N ALA S 124 -31.62 -8.09 -6.83
CA ALA S 124 -32.51 -9.15 -7.32
C ALA S 124 -31.70 -10.30 -7.86
N ASP S 125 -32.12 -11.54 -7.56
CA ASP S 125 -31.44 -12.76 -8.00
C ASP S 125 -31.70 -12.98 -9.48
N ASN S 126 -30.75 -13.69 -10.16
CA ASN S 126 -30.83 -14.00 -11.60
C ASN S 126 -32.18 -14.57 -12.00
N VAL S 127 -32.69 -14.09 -13.14
CA VAL S 127 -34.02 -14.44 -13.65
C VAL S 127 -33.92 -15.05 -15.05
N ALA S 128 -34.53 -16.24 -15.25
CA ALA S 128 -34.58 -16.98 -16.51
C ALA S 128 -35.41 -16.27 -17.60
N GLY S 129 -34.99 -16.42 -18.86
CA GLY S 129 -35.65 -15.81 -20.02
C GLY S 129 -36.53 -16.73 -20.84
N ASP S 130 -37.17 -17.73 -20.18
CA ASP S 130 -38.08 -18.72 -20.77
C ASP S 130 -39.24 -19.15 -19.80
N THR S 131 -39.89 -20.30 -20.10
CA THR S 131 -40.98 -20.94 -19.34
C THR S 131 -42.31 -20.15 -19.33
N ASN S 132 -42.28 -18.84 -18.97
CA ASN S 132 -43.46 -17.97 -18.80
C ASN S 132 -44.05 -18.14 -17.40
N SER S 133 -43.35 -18.91 -16.54
CA SER S 133 -43.69 -19.13 -15.13
C SER S 133 -42.37 -19.10 -14.37
N ILE S 134 -42.04 -17.91 -13.86
CA ILE S 134 -40.75 -17.63 -13.24
C ILE S 134 -40.74 -17.59 -11.71
N ILE S 135 -39.71 -18.20 -11.15
CA ILE S 135 -39.49 -18.31 -9.72
C ILE S 135 -38.04 -17.91 -9.39
N SER S 136 -37.87 -16.84 -8.61
CA SER S 136 -36.56 -16.34 -8.14
C SER S 136 -36.73 -15.59 -6.81
N SER S 137 -35.77 -14.72 -6.47
CA SER S 137 -35.79 -13.99 -5.21
C SER S 137 -35.19 -12.61 -5.34
N PHE S 138 -35.26 -11.82 -4.25
CA PHE S 138 -34.67 -10.49 -4.14
C PHE S 138 -34.45 -10.10 -2.68
N THR S 139 -33.37 -9.36 -2.41
CA THR S 139 -32.99 -8.93 -1.07
C THR S 139 -33.45 -7.52 -0.80
N VAL S 140 -33.87 -7.31 0.44
CA VAL S 140 -34.36 -6.01 0.93
C VAL S 140 -33.50 -5.58 2.14
N LEU S 141 -32.57 -4.64 1.90
CA LEU S 141 -31.64 -4.13 2.90
C LEU S 141 -32.32 -3.24 3.90
N CYS S 142 -32.31 -3.67 5.15
CA CYS S 142 -32.91 -2.87 6.22
C CYS S 142 -31.79 -2.14 6.91
N SER S 143 -31.80 -0.79 6.80
CA SER S 143 -30.79 0.03 7.44
C SER S 143 -30.85 -0.18 8.96
N ASP S 144 -32.07 -0.28 9.52
CA ASP S 144 -32.27 -0.57 10.94
C ASP S 144 -32.70 -2.02 11.03
N PRO S 145 -31.89 -2.87 11.71
CA PRO S 145 -32.23 -4.30 11.77
C PRO S 145 -33.40 -4.66 12.68
N PHE S 146 -33.89 -3.69 13.44
CA PHE S 146 -34.99 -3.92 14.36
C PHE S 146 -36.36 -3.75 13.70
N LYS S 147 -37.30 -4.65 14.07
CA LYS S 147 -38.72 -4.57 13.68
C LYS S 147 -39.43 -3.78 14.79
N HIS S 148 -40.22 -2.79 14.43
CA HIS S 148 -40.83 -1.98 15.46
C HIS S 148 -42.30 -2.23 15.57
N GLY S 149 -42.75 -2.38 16.81
CA GLY S 149 -44.17 -2.62 17.06
C GLY S 149 -44.99 -1.35 17.01
N LYS S 150 -45.99 -1.31 17.87
CA LYS S 150 -46.89 -0.18 17.90
C LYS S 150 -46.28 0.98 18.65
N ILE S 151 -46.66 2.19 18.26
CA ILE S 151 -46.19 3.40 18.93
C ILE S 151 -47.08 3.67 20.15
N GLN S 152 -46.48 3.91 21.30
CA GLN S 152 -47.29 4.15 22.50
C GLN S 152 -46.74 5.24 23.42
N SER S 153 -47.62 6.00 24.07
CA SER S 153 -47.14 7.06 24.96
C SER S 153 -47.38 6.65 26.39
N VAL S 154 -46.31 6.60 27.19
CA VAL S 154 -46.38 6.19 28.60
C VAL S 154 -45.93 7.35 29.46
N LYS S 155 -46.58 7.56 30.61
CA LYS S 155 -46.22 8.64 31.51
C LYS S 155 -45.15 8.26 32.53
N ASN S 156 -44.13 9.12 32.63
CA ASN S 156 -42.99 9.06 33.55
C ASN S 156 -41.98 7.90 33.41
N LYS S 157 -42.44 6.64 33.52
CA LYS S 157 -41.59 5.46 33.50
C LYS S 157 -42.10 4.35 32.61
N VAL S 158 -41.17 3.57 32.04
CA VAL S 158 -41.48 2.39 31.19
C VAL S 158 -41.38 1.13 32.04
N ILE S 159 -42.48 0.40 32.12
CA ILE S 159 -42.54 -0.84 32.91
C ILE S 159 -42.80 -2.08 32.05
N GLU S 160 -42.96 -1.86 30.72
CA GLU S 160 -43.18 -2.93 29.75
C GLU S 160 -41.95 -3.82 29.59
N VAL S 161 -42.17 -5.10 29.32
CA VAL S 161 -41.08 -6.05 29.09
C VAL S 161 -40.40 -5.78 27.72
N LEU S 162 -39.29 -5.01 27.77
CA LEU S 162 -38.53 -4.62 26.58
C LEU S 162 -37.36 -5.57 26.33
N PRO S 163 -37.37 -6.29 25.17
CA PRO S 163 -36.32 -7.28 24.90
C PRO S 163 -34.98 -6.67 24.55
N TYR S 164 -35.02 -5.44 24.02
CA TYR S 164 -33.84 -4.71 23.61
C TYR S 164 -33.98 -3.27 24.04
N PRO S 165 -32.85 -2.59 24.37
CA PRO S 165 -32.92 -1.16 24.72
C PRO S 165 -33.48 -0.35 23.55
N VAL S 166 -34.49 0.48 23.84
CA VAL S 166 -35.18 1.25 22.80
C VAL S 166 -34.86 2.71 22.85
N LYS S 167 -34.52 3.28 21.71
CA LYS S 167 -34.32 4.71 21.57
C LYS S 167 -35.72 5.31 21.42
N PRO S 168 -36.10 6.34 22.23
CA PRO S 168 -37.47 6.88 22.15
C PRO S 168 -37.79 7.61 20.84
N ASP S 169 -39.05 8.08 20.72
CA ASP S 169 -39.52 8.79 19.54
C ASP S 169 -39.77 10.27 19.87
N LYS S 170 -40.32 10.55 21.06
CA LYS S 170 -40.64 11.89 21.53
C LYS S 170 -40.64 11.86 23.04
N LEU S 171 -40.22 12.97 23.67
CA LEU S 171 -40.23 13.16 25.13
C LEU S 171 -40.88 14.49 25.47
N SER S 172 -42.10 14.41 25.99
CA SER S 172 -42.88 15.60 26.32
C SER S 172 -42.75 16.01 27.81
N PHE S 173 -41.82 16.94 28.08
CA PHE S 173 -41.56 17.44 29.43
C PHE S 173 -42.43 18.63 29.78
N LYS S 174 -42.83 18.71 31.05
CA LYS S 174 -43.61 19.81 31.58
C LYS S 174 -43.04 20.14 32.92
N LEU S 175 -42.27 21.22 32.97
CA LEU S 175 -41.59 21.66 34.18
C LEU S 175 -42.53 22.13 35.32
N LEU S 176 -42.00 22.10 36.56
CA LEU S 176 -42.71 22.52 37.76
C LEU S 176 -41.80 23.38 38.63
N THR S 177 -40.48 23.10 38.57
CA THR S 177 -39.46 23.83 39.32
C THR S 177 -38.71 24.82 38.41
N GLU S 178 -37.53 25.28 38.86
CA GLU S 178 -36.70 26.26 38.17
C GLU S 178 -36.07 25.69 36.91
N GLY S 179 -35.24 24.66 37.09
CA GLY S 179 -34.54 24.01 36.00
C GLY S 179 -34.92 22.57 35.74
N LEU S 180 -34.50 22.05 34.58
CA LEU S 180 -34.78 20.69 34.16
C LEU S 180 -33.53 19.82 34.30
N LEU S 181 -33.67 18.70 35.01
CA LEU S 181 -32.60 17.73 35.20
C LEU S 181 -33.21 16.35 35.22
N ALA S 182 -33.40 15.77 34.03
CA ALA S 182 -33.98 14.45 33.83
C ALA S 182 -32.92 13.37 34.03
N THR S 183 -33.18 12.40 34.91
CA THR S 183 -32.23 11.32 35.17
C THR S 183 -32.92 9.99 35.46
N ASP S 184 -32.25 8.90 35.12
CA ASP S 184 -32.74 7.54 35.36
C ASP S 184 -31.71 6.73 36.14
N GLY S 185 -30.55 7.36 36.37
CA GLY S 185 -29.44 6.74 37.09
C GLY S 185 -28.18 6.65 36.25
N ASN S 186 -28.35 6.39 34.95
CA ASN S 186 -27.24 6.26 33.99
C ASN S 186 -27.14 7.49 33.11
N TYR S 187 -28.26 7.85 32.45
CA TYR S 187 -28.31 9.01 31.58
C TYR S 187 -28.79 10.22 32.35
N ARG S 188 -28.26 11.39 32.03
CA ARG S 188 -28.61 12.65 32.68
C ARG S 188 -28.87 13.62 31.54
N LEU S 189 -30.09 14.19 31.50
CA LEU S 189 -30.50 15.16 30.50
C LEU S 189 -30.59 16.44 31.26
N LYS S 190 -29.70 17.40 30.94
CA LYS S 190 -29.58 18.73 31.58
C LYS S 190 -30.12 19.85 30.70
N SER S 191 -30.72 20.85 31.35
CA SER S 191 -31.27 22.05 30.69
C SER S 191 -31.26 23.23 31.67
N SER S 192 -30.13 23.91 31.75
CA SER S 192 -29.97 25.06 32.64
C SER S 192 -30.69 26.25 32.04
N GLN S 193 -31.21 27.12 32.91
CA GLN S 193 -31.97 28.33 32.53
C GLN S 193 -33.12 28.07 31.55
N ALA S 194 -33.87 27.01 31.86
CA ALA S 194 -35.02 26.53 31.09
C ALA S 194 -36.26 27.42 31.32
N LYS S 195 -37.34 27.17 30.57
CA LYS S 195 -38.60 27.89 30.68
C LYS S 195 -39.29 27.51 31.99
N LYS S 196 -39.11 28.36 33.00
CA LYS S 196 -39.64 28.17 34.35
C LYS S 196 -41.16 28.18 34.39
N GLY S 197 -41.73 27.27 35.15
CA GLY S 197 -43.17 27.18 35.38
C GLY S 197 -44.01 26.68 34.24
N ASP S 198 -44.35 25.38 34.32
CA ASP S 198 -45.23 24.62 33.42
C ASP S 198 -45.20 24.94 31.92
N PHE S 199 -43.99 24.98 31.34
CA PHE S 199 -43.85 25.22 29.91
C PHE S 199 -43.37 23.94 29.24
N LEU S 200 -44.17 23.43 28.28
CA LEU S 200 -43.91 22.19 27.55
C LEU S 200 -42.68 22.27 26.68
N GLU S 201 -41.85 21.23 26.75
CA GLU S 201 -40.61 21.10 25.98
C GLU S 201 -40.59 19.76 25.27
N PHE S 202 -40.78 19.79 23.94
CA PHE S 202 -40.78 18.59 23.14
C PHE S 202 -39.38 18.23 22.72
N ASP S 203 -39.01 16.99 22.98
CA ASP S 203 -37.73 16.43 22.57
C ASP S 203 -38.04 15.30 21.58
N PHE S 204 -38.06 15.65 20.30
CA PHE S 204 -38.35 14.73 19.21
C PHE S 204 -37.05 14.10 18.76
N GLN S 205 -36.86 12.82 19.16
CA GLN S 205 -35.67 12.02 18.91
C GLN S 205 -35.36 11.84 17.43
N THR S 206 -36.40 11.67 16.58
CA THR S 206 -36.24 11.49 15.13
C THR S 206 -36.32 12.82 14.32
N GLY S 207 -35.77 13.90 14.88
CA GLY S 207 -35.77 15.22 14.26
C GLY S 207 -35.00 16.24 15.09
N ASP S 208 -35.71 17.20 15.69
CA ASP S 208 -35.16 18.29 16.48
C ASP S 208 -35.94 18.56 17.78
N THR S 209 -35.56 19.61 18.54
CA THR S 209 -36.22 20.00 19.80
C THR S 209 -37.18 21.18 19.64
N PHE S 210 -38.24 21.22 20.47
CA PHE S 210 -39.25 22.29 20.43
C PHE S 210 -39.44 22.90 21.80
N LEU S 211 -39.80 24.19 21.85
CA LEU S 211 -40.09 24.93 23.07
C LEU S 211 -41.49 25.51 22.90
N ASN S 212 -42.43 24.99 23.72
CA ASN S 212 -43.85 25.33 23.68
C ASN S 212 -44.25 24.95 22.25
N GLY S 213 -44.63 25.93 21.44
CA GLY S 213 -45.00 25.70 20.05
C GLY S 213 -43.91 25.87 19.00
N LYS S 214 -43.06 26.89 19.20
CA LYS S 214 -41.96 27.26 18.30
C LYS S 214 -40.76 26.32 18.37
N VAL S 215 -40.03 26.22 17.24
CA VAL S 215 -38.85 25.36 17.13
C VAL S 215 -37.64 26.03 17.76
N ASN S 216 -37.09 25.42 18.79
CA ASN S 216 -35.88 25.92 19.44
C ASN S 216 -34.86 24.81 19.54
N ASN S 217 -34.13 24.61 18.44
CA ASN S 217 -33.15 23.54 18.32
C ASN S 217 -31.77 23.92 18.86
N ASN S 218 -31.42 25.21 18.80
CA ASN S 218 -30.11 25.72 19.19
C ASN S 218 -29.90 25.92 20.69
N LEU S 219 -30.90 26.44 21.39
CA LEU S 219 -30.75 26.79 22.80
C LEU S 219 -31.28 25.81 23.83
N LEU S 220 -32.39 25.10 23.52
CA LEU S 220 -33.09 24.19 24.43
C LEU S 220 -32.22 23.38 25.43
N ASP S 221 -31.32 22.52 24.92
CA ASP S 221 -30.47 21.67 25.75
C ASP S 221 -29.11 22.29 26.06
N LEU S 222 -28.56 21.92 27.23
CA LEU S 222 -27.25 22.35 27.72
C LEU S 222 -26.14 21.53 27.04
N ASP S 223 -24.87 21.92 27.22
CA ASP S 223 -23.71 21.24 26.62
C ASP S 223 -23.53 19.79 27.08
N SER S 224 -23.81 19.51 28.35
CA SER S 224 -23.65 18.17 28.93
C SER S 224 -24.99 17.38 28.96
N ASP S 225 -25.88 17.61 27.98
CA ASP S 225 -27.17 16.93 27.88
C ASP S 225 -27.06 15.67 27.02
N PHE S 226 -28.02 14.75 27.15
CA PHE S 226 -28.01 13.52 26.36
C PHE S 226 -29.20 13.42 25.37
N LYS S 227 -28.93 12.93 24.14
CA LYS S 227 -29.93 12.67 23.08
C LYS S 227 -29.77 11.25 22.52
N ASN S 228 -28.85 10.50 23.13
CA ASN S 228 -28.52 9.12 22.82
C ASN S 228 -29.09 8.19 23.91
N ILE S 229 -30.12 8.67 24.63
CA ILE S 229 -30.80 7.96 25.72
C ILE S 229 -31.46 6.66 25.23
N ARG S 230 -31.43 5.62 26.05
CA ARG S 230 -32.04 4.35 25.70
C ARG S 230 -32.88 3.83 26.84
N LEU S 231 -34.05 3.33 26.51
CA LEU S 231 -35.01 2.80 27.48
C LEU S 231 -34.88 1.31 27.67
N THR S 232 -34.74 0.89 28.93
CA THR S 232 -34.67 -0.51 29.30
C THR S 232 -36.05 -0.89 29.84
N THR S 233 -36.21 -2.13 30.23
CA THR S 233 -37.47 -2.64 30.76
C THR S 233 -37.88 -1.97 32.07
N GLY S 234 -36.90 -1.44 32.81
CA GLY S 234 -37.17 -0.75 34.06
C GLY S 234 -36.59 0.64 34.18
N THR S 235 -36.78 1.47 33.15
CA THR S 235 -36.26 2.82 33.16
C THR S 235 -37.27 3.76 33.81
N ASP S 236 -36.83 4.53 34.82
CA ASP S 236 -37.68 5.47 35.56
C ASP S 236 -37.16 6.91 35.51
N PHE S 237 -38.04 7.84 35.14
CA PHE S 237 -37.71 9.25 35.05
C PHE S 237 -38.55 10.08 36.02
N SER S 238 -39.59 9.44 36.61
CA SER S 238 -40.52 10.09 37.54
C SER S 238 -39.83 10.95 38.58
N SER S 239 -40.20 12.24 38.60
CA SER S 239 -39.69 13.24 39.56
C SER S 239 -40.75 14.30 39.86
N SER S 240 -40.60 14.97 41.01
CA SER S 240 -41.50 16.04 41.45
C SER S 240 -41.26 17.35 40.69
N ASN S 241 -40.13 17.43 39.95
CA ASN S 241 -39.72 18.61 39.19
C ASN S 241 -40.32 18.73 37.79
N TYR S 242 -40.70 17.60 37.18
CA TYR S 242 -41.24 17.58 35.83
C TYR S 242 -42.23 16.46 35.59
N GLU S 243 -43.25 16.71 34.76
CA GLU S 243 -44.23 15.72 34.33
C GLU S 243 -43.92 15.29 32.85
N LEU S 244 -43.45 14.04 32.68
CA LEU S 244 -42.99 13.51 31.39
C LEU S 244 -43.92 12.48 30.81
N THR S 245 -44.07 12.48 29.46
CA THR S 245 -44.84 11.52 28.65
C THR S 245 -43.90 11.05 27.53
N ILE S 246 -43.35 9.84 27.71
CA ILE S 246 -42.43 9.20 26.79
C ILE S 246 -43.21 8.47 25.71
N GLN S 247 -42.93 8.82 24.46
CA GLN S 247 -43.52 8.20 23.29
C GLN S 247 -42.42 7.35 22.69
N TYR S 248 -42.71 6.04 22.62
CA TYR S 248 -41.78 5.03 22.11
C TYR S 248 -42.51 3.85 21.45
N ARG S 249 -41.73 3.04 20.73
CA ARG S 249 -42.18 1.83 20.05
C ARG S 249 -41.17 0.72 20.29
N LYS S 250 -41.68 -0.45 20.74
CA LYS S 250 -40.90 -1.63 21.09
C LYS S 250 -40.09 -2.12 19.89
N ALA S 251 -38.78 -2.37 20.10
CA ALA S 251 -37.90 -2.84 19.03
C ALA S 251 -37.46 -4.28 19.31
N VAL S 252 -37.59 -5.14 18.29
CA VAL S 252 -37.26 -6.56 18.32
C VAL S 252 -36.34 -6.91 17.13
N LEU S 253 -35.46 -7.94 17.29
CA LEU S 253 -34.55 -8.45 16.25
C LEU S 253 -35.01 -9.82 15.78
N HIS T 12 -54.73 -39.67 31.30
CA HIS T 12 -53.43 -39.09 31.64
C HIS T 12 -52.77 -38.38 30.46
N TYR T 13 -52.65 -37.06 30.57
CA TYR T 13 -51.95 -36.24 29.59
C TYR T 13 -51.18 -35.13 30.30
N ARG T 14 -49.87 -35.08 30.07
CA ARG T 14 -48.99 -34.07 30.63
C ARG T 14 -48.06 -33.57 29.53
N ASN T 15 -47.99 -32.24 29.32
CA ASN T 15 -47.10 -31.67 28.31
C ASN T 15 -45.75 -31.34 28.96
N LEU T 16 -44.94 -32.39 29.15
CA LEU T 16 -43.64 -32.31 29.80
C LEU T 16 -42.54 -31.77 28.90
N PRO T 17 -41.77 -30.75 29.36
CA PRO T 17 -40.66 -30.26 28.54
C PRO T 17 -39.51 -31.27 28.49
N PHE T 18 -39.06 -31.60 27.29
CA PHE T 18 -38.00 -32.59 27.11
C PHE T 18 -36.62 -31.95 27.14
N ILE T 19 -35.72 -32.50 27.97
CA ILE T 19 -34.34 -32.01 28.04
C ILE T 19 -33.38 -33.07 27.46
N PRO T 20 -32.79 -32.81 26.25
CA PRO T 20 -31.89 -33.80 25.63
C PRO T 20 -30.58 -34.03 26.38
N THR T 21 -29.84 -35.05 25.96
CA THR T 21 -28.58 -35.49 26.56
C THR T 21 -27.50 -34.41 26.58
N SER T 22 -27.37 -33.65 25.49
CA SER T 22 -26.40 -32.58 25.37
C SER T 22 -27.10 -31.25 25.27
N ALA T 23 -28.02 -31.00 26.20
CA ALA T 23 -28.80 -29.77 26.29
C ALA T 23 -27.94 -28.60 26.77
N MET T 24 -28.20 -27.40 26.21
CA MET T 24 -27.48 -26.18 26.62
C MET T 24 -28.25 -25.31 27.60
N SER T 25 -27.57 -24.92 28.70
CA SER T 25 -28.08 -24.03 29.73
C SER T 25 -27.41 -22.64 29.63
N TYR T 26 -28.07 -21.74 28.88
CA TYR T 26 -27.64 -20.37 28.65
C TYR T 26 -28.16 -19.53 29.78
N ASP T 27 -27.24 -18.89 30.50
CA ASP T 27 -27.53 -18.03 31.65
C ASP T 27 -28.36 -18.75 32.75
N GLY T 28 -28.05 -20.02 32.97
CA GLY T 28 -28.73 -20.83 33.98
C GLY T 28 -30.05 -21.46 33.55
N ALA T 29 -30.65 -20.97 32.44
CA ALA T 29 -31.94 -21.48 31.96
C ALA T 29 -31.77 -22.34 30.72
N TRP T 30 -32.60 -23.43 30.55
CA TRP T 30 -32.58 -24.32 29.38
C TRP T 30 -33.44 -23.72 28.29
N LEU T 31 -32.89 -23.60 27.09
CA LEU T 31 -33.65 -23.00 25.99
C LEU T 31 -34.83 -23.85 25.59
N GLU T 32 -34.68 -25.18 25.66
CA GLU T 32 -35.72 -26.16 25.33
C GLU T 32 -36.87 -26.14 26.34
N GLU T 33 -36.60 -25.59 27.52
CA GLU T 33 -37.59 -25.41 28.56
C GLU T 33 -38.28 -24.06 28.36
N LEU T 34 -37.49 -23.06 27.92
CA LEU T 34 -37.92 -21.70 27.66
C LEU T 34 -38.89 -21.67 26.48
N ILE T 35 -38.45 -22.21 25.34
CA ILE T 35 -39.21 -22.22 24.10
C ILE T 35 -39.74 -23.61 23.82
N GLU T 36 -41.07 -23.73 23.72
CA GLU T 36 -41.74 -24.99 23.43
C GLU T 36 -41.47 -25.35 21.97
N GLY T 37 -40.97 -26.55 21.74
CA GLY T 37 -40.68 -26.99 20.39
C GLY T 37 -39.20 -26.97 20.08
N TYR T 38 -38.41 -26.28 20.93
CA TYR T 38 -36.97 -26.20 20.83
C TYR T 38 -36.34 -27.48 21.35
N GLN T 39 -35.27 -27.92 20.68
CA GLN T 39 -34.54 -29.10 21.07
C GLN T 39 -33.10 -29.00 20.60
N THR T 40 -32.13 -29.22 21.52
CA THR T 40 -30.70 -29.19 21.18
C THR T 40 -30.32 -30.57 20.65
N LEU T 41 -29.93 -30.61 19.38
CA LEU T 41 -29.57 -31.85 18.71
C LEU T 41 -28.13 -32.27 18.90
N ALA T 42 -27.20 -31.35 18.59
CA ALA T 42 -25.78 -31.62 18.76
C ALA T 42 -25.05 -30.36 19.12
N VAL T 43 -23.95 -30.52 19.86
CA VAL T 43 -23.05 -29.44 20.25
C VAL T 43 -21.66 -29.83 19.89
N GLU T 44 -21.02 -29.00 19.06
CA GLU T 44 -19.68 -29.26 18.57
C GLU T 44 -18.65 -28.19 19.01
N GLY T 45 -17.40 -28.66 19.16
CA GLY T 45 -16.24 -27.83 19.45
C GLY T 45 -15.63 -27.97 20.81
N ARG T 46 -16.38 -28.58 21.71
CA ARG T 46 -15.92 -28.69 23.09
C ARG T 46 -15.06 -29.88 23.36
N GLU T 47 -15.25 -30.92 22.59
CA GLU T 47 -14.50 -32.15 22.71
C GLU T 47 -13.08 -32.15 22.24
N MET T 48 -12.72 -31.22 21.40
CA MET T 48 -11.38 -31.16 20.83
C MET T 48 -10.99 -29.73 20.59
N TYR T 49 -9.78 -29.36 20.97
CA TYR T 49 -9.28 -28.00 20.84
C TYR T 49 -8.05 -27.90 19.96
N SER T 50 -7.97 -26.82 19.17
CA SER T 50 -6.86 -26.55 18.26
C SER T 50 -6.02 -25.39 18.79
N LEU T 51 -4.70 -25.43 18.51
CA LEU T 51 -3.77 -24.41 19.00
C LEU T 51 -3.22 -23.55 17.88
N SER T 52 -2.85 -22.30 18.21
CA SER T 52 -2.25 -21.36 17.29
C SER T 52 -0.74 -21.35 17.47
N PHE T 53 0.02 -21.42 16.37
CA PHE T 53 1.48 -21.47 16.44
C PHE T 53 2.17 -20.42 15.64
N GLU T 54 3.26 -19.87 16.22
CA GLU T 54 4.13 -18.88 15.57
C GLU T 54 5.43 -19.58 15.25
N THR T 55 5.79 -19.66 13.97
CA THR T 55 7.01 -20.38 13.59
C THR T 55 7.95 -19.56 12.75
N GLN T 56 9.24 -19.61 13.12
CA GLN T 56 10.30 -18.96 12.36
C GLN T 56 11.17 -20.06 11.72
N ASP T 57 10.76 -20.45 10.50
CA ASP T 57 11.41 -21.49 9.71
C ASP T 57 12.82 -21.09 9.29
N MET T 58 13.73 -22.08 9.24
CA MET T 58 15.11 -21.88 8.81
C MET T 58 15.46 -22.86 7.71
N GLN T 59 16.76 -23.09 7.48
CA GLN T 59 17.25 -23.99 6.44
C GLN T 59 16.75 -25.41 6.65
N VAL T 60 16.89 -25.92 7.88
CA VAL T 60 16.43 -27.26 8.22
C VAL T 60 15.45 -27.18 9.37
N GLY T 61 14.23 -27.63 9.13
CA GLY T 61 13.16 -27.58 10.13
C GLY T 61 12.64 -26.17 10.35
N GLY T 62 12.31 -25.88 11.59
CA GLY T 62 11.79 -24.57 11.98
C GLY T 62 11.34 -24.54 13.43
N VAL T 63 11.84 -23.55 14.17
CA VAL T 63 11.55 -23.38 15.60
C VAL T 63 10.29 -22.58 15.90
N ILE T 64 9.55 -23.01 16.95
CA ILE T 64 8.31 -22.40 17.40
C ILE T 64 8.62 -21.17 18.24
N THR T 65 8.20 -20.00 17.76
CA THR T 65 8.41 -18.72 18.44
C THR T 65 7.48 -18.61 19.64
N ASN T 66 6.16 -18.73 19.39
CA ASN T 66 5.12 -18.61 20.40
C ASN T 66 3.89 -19.49 20.14
N VAL T 67 3.36 -20.05 21.24
CA VAL T 67 2.15 -20.87 21.24
C VAL T 67 0.98 -20.09 21.86
N LYS T 68 -0.05 -19.82 21.06
CA LYS T 68 -1.24 -19.07 21.45
C LYS T 68 -2.46 -19.97 21.63
N TYR T 69 -3.41 -19.54 22.47
CA TYR T 69 -4.64 -20.26 22.77
C TYR T 69 -5.83 -19.46 22.26
N PRO T 70 -6.29 -19.78 21.03
CA PRO T 70 -7.35 -18.97 20.43
C PRO T 70 -8.72 -19.09 21.12
N PRO T 71 -9.59 -18.05 21.06
CA PRO T 71 -10.91 -18.15 21.70
C PRO T 71 -11.80 -19.01 20.87
N ARG T 72 -12.30 -20.08 21.45
CA ARG T 72 -13.12 -21.02 20.71
C ARG T 72 -14.60 -20.72 20.75
N GLU T 73 -15.27 -21.03 19.64
CA GLU T 73 -16.70 -20.88 19.46
C GLU T 73 -17.33 -22.25 19.32
N LEU T 74 -18.43 -22.46 20.06
CA LEU T 74 -19.13 -23.74 20.08
C LEU T 74 -20.37 -23.70 19.21
N THR T 75 -20.33 -24.50 18.12
CA THR T 75 -21.45 -24.62 17.20
C THR T 75 -22.46 -25.62 17.75
N ILE T 76 -23.71 -25.11 17.96
CA ILE T 76 -24.85 -25.84 18.51
C ILE T 76 -26.00 -25.98 17.49
N LYS T 77 -26.38 -27.24 17.18
CA LYS T 77 -27.44 -27.61 16.23
C LYS T 77 -28.75 -27.83 16.97
N TYR T 78 -29.76 -27.07 16.57
CA TYR T 78 -31.06 -27.07 17.21
C TYR T 78 -32.21 -27.32 16.24
N LYS T 79 -33.39 -27.66 16.80
CA LYS T 79 -34.61 -27.91 16.05
C LYS T 79 -35.74 -27.21 16.73
N LEU T 80 -36.36 -26.29 15.99
CA LEU T 80 -37.49 -25.49 16.46
C LEU T 80 -38.69 -25.78 15.58
N GLU T 81 -39.81 -26.23 16.17
CA GLU T 81 -41.02 -26.56 15.40
C GLU T 81 -42.33 -26.14 16.08
N ASP T 82 -43.28 -25.69 15.26
CA ASP T 82 -44.63 -25.30 15.68
C ASP T 82 -45.57 -25.38 14.50
N ARG T 83 -46.78 -25.82 14.75
CA ARG T 83 -47.79 -25.97 13.71
C ARG T 83 -48.21 -24.61 13.11
N ASP T 84 -48.34 -23.56 13.96
CA ASP T 84 -48.75 -22.22 13.55
C ASP T 84 -47.56 -21.35 13.19
N PRO T 85 -47.52 -20.81 11.95
CA PRO T 85 -46.38 -19.98 11.53
C PRO T 85 -46.22 -18.67 12.29
N ARG T 86 -47.33 -18.10 12.81
CA ARG T 86 -47.39 -16.83 13.57
C ARG T 86 -46.67 -17.04 14.89
N VAL T 87 -47.00 -18.16 15.57
CA VAL T 87 -46.42 -18.53 16.85
C VAL T 87 -44.97 -18.84 16.73
N LEU T 88 -44.63 -19.52 15.65
CA LEU T 88 -43.25 -19.92 15.36
C LEU T 88 -42.35 -18.69 15.26
N GLN T 89 -42.84 -17.64 14.62
CA GLN T 89 -42.13 -16.38 14.48
C GLN T 89 -41.90 -15.74 15.85
N GLU T 90 -42.95 -15.77 16.72
CA GLU T 90 -42.92 -15.25 18.09
C GLU T 90 -41.92 -16.04 18.93
N LYS T 91 -41.83 -17.35 18.66
CA LYS T 91 -40.92 -18.26 19.37
C LYS T 91 -39.47 -17.91 19.07
N PHE T 92 -39.18 -17.50 17.83
CA PHE T 92 -37.85 -17.09 17.45
C PHE T 92 -37.51 -15.78 18.06
N ASP T 93 -38.49 -14.87 18.12
CA ASP T 93 -38.32 -13.52 18.68
C ASP T 93 -37.84 -13.56 20.10
N THR T 94 -38.24 -14.61 20.84
CA THR T 94 -37.84 -14.85 22.22
C THR T 94 -36.46 -15.52 22.28
N LEU T 95 -36.22 -16.46 21.35
CA LEU T 95 -34.97 -17.17 21.26
C LEU T 95 -33.85 -16.15 21.02
N LYS T 96 -34.07 -15.19 20.09
CA LYS T 96 -33.07 -14.17 19.78
C LYS T 96 -32.83 -13.26 20.97
N ALA T 97 -33.94 -12.77 21.58
CA ALA T 97 -33.89 -11.87 22.72
C ALA T 97 -33.11 -12.45 23.87
N PHE T 98 -33.22 -13.77 24.04
CA PHE T 98 -32.52 -14.46 25.11
C PHE T 98 -31.06 -14.65 24.79
N LEU T 99 -30.74 -15.00 23.53
CA LEU T 99 -29.38 -15.23 23.09
C LEU T 99 -28.55 -13.97 22.96
N ILE T 100 -29.05 -12.99 22.19
CA ILE T 100 -28.35 -11.75 21.98
C ILE T 100 -28.12 -11.07 23.33
N ARG T 101 -26.86 -11.15 23.80
CA ARG T 101 -26.43 -10.60 25.07
C ARG T 101 -25.26 -9.61 24.89
N GLN T 102 -25.24 -8.53 25.70
CA GLN T 102 -24.20 -7.49 25.65
C GLN T 102 -22.94 -7.91 26.41
N GLU T 103 -23.10 -8.72 27.47
CA GLU T 103 -22.00 -9.22 28.28
C GLU T 103 -21.89 -10.76 28.22
N ASP T 104 -20.77 -11.33 28.69
CA ASP T 104 -20.55 -12.78 28.67
C ASP T 104 -21.54 -13.54 29.60
N VAL T 105 -21.86 -14.78 29.25
CA VAL T 105 -22.84 -15.56 29.97
C VAL T 105 -22.33 -16.99 30.32
N PRO T 106 -22.67 -17.49 31.55
CA PRO T 106 -22.26 -18.84 31.95
C PRO T 106 -23.07 -19.92 31.27
N ILE T 107 -22.37 -20.84 30.62
CA ILE T 107 -23.00 -21.92 29.86
C ILE T 107 -22.57 -23.28 30.41
N ILE T 108 -23.54 -24.13 30.75
CA ILE T 108 -23.31 -25.49 31.26
C ILE T 108 -24.06 -26.48 30.36
N PHE T 109 -23.48 -27.67 30.13
CA PHE T 109 -24.12 -28.71 29.31
C PHE T 109 -24.67 -29.88 30.13
N ASN T 110 -25.74 -30.51 29.66
CA ASN T 110 -26.38 -31.60 30.38
C ASN T 110 -25.51 -32.84 30.48
N ASP T 111 -24.58 -33.00 29.55
CA ASP T 111 -23.69 -34.15 29.59
C ASP T 111 -22.40 -33.83 30.35
N ASP T 112 -22.04 -32.55 30.40
CA ASP T 112 -20.85 -32.07 31.11
C ASP T 112 -21.30 -31.08 32.22
N LEU T 113 -21.91 -31.58 33.32
CA LEU T 113 -22.48 -30.72 34.35
C LEU T 113 -21.53 -30.06 35.33
N GLU T 114 -20.32 -30.62 35.47
CA GLU T 114 -19.30 -30.13 36.40
C GLU T 114 -18.75 -28.76 36.00
N TYR T 115 -18.26 -28.69 34.78
CA TYR T 115 -17.60 -27.52 34.25
C TYR T 115 -18.66 -26.51 33.86
N THR T 116 -18.21 -25.28 33.56
CA THR T 116 -19.01 -24.11 33.18
C THR T 116 -18.17 -23.26 32.22
N PHE T 117 -18.73 -22.97 31.05
CA PHE T 117 -18.10 -22.15 30.03
C PHE T 117 -18.55 -20.73 30.16
N TYR T 118 -17.80 -19.79 29.60
CA TYR T 118 -18.24 -18.39 29.68
C TYR T 118 -18.13 -17.75 28.33
N GLY T 119 -19.25 -17.70 27.63
CA GLY T 119 -19.30 -17.15 26.28
C GLY T 119 -20.45 -16.22 26.01
N ARG T 120 -20.75 -16.07 24.73
CA ARG T 120 -21.78 -15.16 24.25
C ARG T 120 -22.21 -15.59 22.85
N PHE T 121 -23.48 -15.36 22.50
CA PHE T 121 -24.01 -15.69 21.19
C PHE T 121 -23.32 -14.86 20.10
N LYS T 122 -22.83 -15.51 19.04
CA LYS T 122 -22.14 -14.81 17.96
C LYS T 122 -22.89 -14.79 16.63
N THR T 123 -22.83 -15.88 15.86
CA THR T 123 -23.44 -15.93 14.53
C THR T 123 -24.39 -17.09 14.40
N ALA T 124 -25.56 -16.84 13.79
CA ALA T 124 -26.56 -17.87 13.56
C ALA T 124 -26.52 -18.31 12.10
N ASP T 125 -26.64 -19.62 11.85
CA ASP T 125 -26.63 -20.18 10.49
C ASP T 125 -27.95 -19.88 9.80
N ASN T 126 -27.92 -19.82 8.44
CA ASN T 126 -29.08 -19.53 7.59
C ASN T 126 -30.30 -20.37 7.99
N VAL T 127 -31.46 -19.71 8.01
CA VAL T 127 -32.72 -20.30 8.44
C VAL T 127 -33.78 -20.23 7.32
N ALA T 128 -34.40 -21.38 6.98
CA ALA T 128 -35.42 -21.52 5.93
C ALA T 128 -36.73 -20.85 6.32
N GLY T 129 -37.45 -20.30 5.33
CA GLY T 129 -38.71 -19.58 5.54
C GLY T 129 -39.98 -20.34 5.19
N ASP T 130 -39.95 -21.69 5.37
CA ASP T 130 -41.04 -22.63 5.10
C ASP T 130 -41.02 -23.87 6.06
N THR T 131 -41.76 -24.95 5.69
CA THR T 131 -41.86 -26.25 6.40
C THR T 131 -42.67 -26.18 7.71
N ASN T 132 -42.32 -25.23 8.61
CA ASN T 132 -42.91 -25.06 9.95
C ASN T 132 -42.19 -25.95 10.98
N SER T 133 -41.12 -26.63 10.52
CA SER T 133 -40.25 -27.48 11.34
C SER T 133 -38.84 -27.23 10.86
N ILE T 134 -38.19 -26.26 11.50
CA ILE T 134 -36.85 -25.81 11.16
C ILE T 134 -35.71 -26.44 11.99
N ILE T 135 -34.63 -26.79 11.29
CA ILE T 135 -33.41 -27.35 11.86
C ILE T 135 -32.20 -26.56 11.33
N SER T 136 -31.49 -25.86 12.22
CA SER T 136 -30.27 -25.12 11.86
C SER T 136 -29.31 -25.08 13.05
N SER T 137 -28.38 -24.11 13.06
CA SER T 137 -27.38 -24.02 14.11
C SER T 137 -27.01 -22.58 14.40
N PHE T 138 -26.22 -22.36 15.47
CA PHE T 138 -25.67 -21.07 15.91
C PHE T 138 -24.41 -21.25 16.76
N THR T 139 -23.46 -20.32 16.64
CA THR T 139 -22.19 -20.39 17.35
C THR T 139 -22.19 -19.50 18.54
N VAL T 140 -21.55 -19.96 19.62
CA VAL T 140 -21.38 -19.21 20.87
C VAL T 140 -19.91 -18.99 21.14
N LEU T 141 -19.43 -17.78 20.87
CA LEU T 141 -18.03 -17.43 21.03
C LEU T 141 -17.65 -17.31 22.49
N CYS T 142 -16.71 -18.16 22.90
CA CYS T 142 -16.20 -18.16 24.27
C CYS T 142 -14.87 -17.43 24.28
N SER T 143 -14.86 -16.27 24.94
CA SER T 143 -13.67 -15.43 25.09
C SER T 143 -12.54 -16.21 25.79
N ASP T 144 -12.89 -17.01 26.82
CA ASP T 144 -11.96 -17.88 27.54
C ASP T 144 -12.26 -19.29 27.08
N PRO T 145 -11.27 -20.01 26.47
CA PRO T 145 -11.55 -21.36 25.95
C PRO T 145 -11.63 -22.44 27.03
N PHE T 146 -11.30 -22.09 28.25
CA PHE T 146 -11.33 -23.05 29.32
C PHE T 146 -12.70 -23.16 29.98
N LYS T 147 -13.09 -24.41 30.36
CA LYS T 147 -14.32 -24.69 31.10
C LYS T 147 -13.90 -24.72 32.56
N HIS T 148 -14.65 -24.08 33.44
CA HIS T 148 -14.25 -24.05 34.86
C HIS T 148 -15.16 -24.83 35.75
N GLY T 149 -14.57 -25.61 36.62
CA GLY T 149 -15.34 -26.41 37.55
C GLY T 149 -15.79 -25.65 38.79
N LYS T 150 -15.83 -26.38 39.91
CA LYS T 150 -16.25 -25.81 41.19
C LYS T 150 -15.13 -24.92 41.71
N ILE T 151 -15.50 -23.92 42.53
CA ILE T 151 -14.54 -23.02 43.16
C ILE T 151 -13.98 -23.68 44.43
N GLN T 152 -12.65 -23.71 44.58
CA GLN T 152 -12.03 -24.38 45.72
C GLN T 152 -11.14 -23.46 46.54
N SER T 153 -11.20 -23.60 47.88
CA SER T 153 -10.41 -22.82 48.82
C SER T 153 -9.43 -23.75 49.53
N VAL T 154 -8.14 -23.59 49.20
CA VAL T 154 -7.05 -24.43 49.71
C VAL T 154 -6.04 -23.58 50.46
N LYS T 155 -5.52 -24.08 51.59
CA LYS T 155 -4.54 -23.33 52.37
C LYS T 155 -3.10 -23.60 51.94
N ASN T 156 -2.35 -22.51 51.70
CA ASN T 156 -0.92 -22.44 51.36
C ASN T 156 -0.49 -23.06 50.01
N LYS T 157 -0.71 -24.37 49.80
CA LYS T 157 -0.27 -25.07 48.61
C LYS T 157 -1.34 -25.84 47.89
N VAL T 158 -1.20 -25.94 46.56
CA VAL T 158 -2.11 -26.72 45.69
C VAL T 158 -1.46 -28.07 45.41
N ILE T 159 -2.16 -29.14 45.78
CA ILE T 159 -1.67 -30.50 45.59
C ILE T 159 -2.58 -31.32 44.67
N GLU T 160 -3.69 -30.71 44.22
CA GLU T 160 -4.66 -31.34 43.33
C GLU T 160 -4.09 -31.54 41.92
N VAL T 161 -4.54 -32.60 41.24
CA VAL T 161 -4.08 -32.89 39.88
C VAL T 161 -4.68 -31.87 38.89
N LEU T 162 -3.90 -30.83 38.57
CA LEU T 162 -4.31 -29.76 37.67
C LEU T 162 -3.84 -30.04 36.23
N PRO T 163 -4.79 -30.19 35.27
CA PRO T 163 -4.40 -30.54 33.89
C PRO T 163 -3.76 -29.38 33.14
N TYR T 164 -4.11 -28.16 33.55
CA TYR T 164 -3.60 -26.95 32.93
C TYR T 164 -3.26 -25.96 34.02
N PRO T 165 -2.24 -25.09 33.79
CA PRO T 165 -1.92 -24.05 34.76
C PRO T 165 -3.12 -23.10 34.95
N VAL T 166 -3.51 -22.90 36.21
CA VAL T 166 -4.68 -22.11 36.55
C VAL T 166 -4.33 -20.76 37.14
N LYS T 167 -4.96 -19.72 36.62
CA LYS T 167 -4.83 -18.39 37.18
C LYS T 167 -5.81 -18.34 38.37
N PRO T 168 -5.38 -17.92 39.58
CA PRO T 168 -6.29 -17.93 40.74
C PRO T 168 -7.45 -16.94 40.65
N ASP T 169 -8.31 -16.95 41.67
CA ASP T 169 -9.47 -16.06 41.73
C ASP T 169 -9.32 -15.06 42.87
N LYS T 170 -8.77 -15.53 44.02
CA LYS T 170 -8.54 -14.74 45.22
C LYS T 170 -7.38 -15.34 46.01
N LEU T 171 -6.53 -14.47 46.57
CA LEU T 171 -5.39 -14.85 47.41
C LEU T 171 -5.51 -14.11 48.74
N SER T 172 -5.90 -14.85 49.78
CA SER T 172 -6.08 -14.27 51.10
C SER T 172 -4.84 -14.47 51.96
N PHE T 173 -4.00 -13.42 52.06
CA PHE T 173 -2.77 -13.44 52.84
C PHE T 173 -2.99 -12.93 54.25
N LYS T 174 -2.30 -13.54 55.22
CA LYS T 174 -2.36 -13.13 56.62
C LYS T 174 -0.93 -13.12 57.14
N LEU T 175 -0.36 -11.91 57.25
CA LEU T 175 1.02 -11.70 57.68
C LEU T 175 1.32 -12.13 59.11
N LEU T 176 2.61 -12.37 59.41
CA LEU T 176 3.11 -12.76 60.73
C LEU T 176 4.39 -12.00 61.04
N THR T 177 5.19 -11.72 59.99
CA THR T 177 6.46 -10.97 60.09
C THR T 177 6.27 -9.50 59.66
N GLU T 178 7.37 -8.78 59.37
CA GLU T 178 7.36 -7.38 59.00
C GLU T 178 6.83 -7.14 57.57
N GLY T 179 7.46 -7.80 56.60
CA GLY T 179 7.11 -7.66 55.19
C GLY T 179 6.59 -8.93 54.54
N LEU T 180 5.95 -8.77 53.37
CA LEU T 180 5.38 -9.86 52.59
C LEU T 180 6.24 -10.19 51.37
N LEU T 181 6.64 -11.46 51.25
CA LEU T 181 7.44 -11.95 50.14
C LEU T 181 6.99 -13.37 49.80
N ALA T 182 5.92 -13.46 48.99
CA ALA T 182 5.35 -14.72 48.55
C ALA T 182 6.14 -15.29 47.37
N THR T 183 6.57 -16.55 47.48
CA THR T 183 7.32 -17.21 46.43
C THR T 183 7.02 -18.70 46.34
N ASP T 184 7.16 -19.25 45.12
CA ASP T 184 6.94 -20.66 44.84
C ASP T 184 8.13 -21.23 44.07
N GLY T 185 9.07 -20.35 43.74
CA GLY T 185 10.27 -20.71 43.00
C GLY T 185 10.39 -19.99 41.67
N ASN T 186 9.24 -19.76 41.00
CA ASN T 186 9.17 -19.08 39.71
C ASN T 186 8.65 -17.66 39.87
N TYR T 187 7.47 -17.52 40.50
CA TYR T 187 6.83 -16.23 40.73
C TYR T 187 7.20 -15.68 42.09
N ARG T 188 7.43 -14.37 42.16
CA ARG T 188 7.80 -13.69 43.41
C ARG T 188 6.78 -12.56 43.50
N LEU T 189 6.02 -12.55 44.60
CA LEU T 189 5.03 -11.50 44.88
C LEU T 189 5.65 -10.77 46.07
N LYS T 190 5.99 -9.49 45.91
CA LYS T 190 6.55 -8.75 47.03
C LYS T 190 5.85 -7.44 47.34
N SER T 191 5.74 -7.15 48.65
CA SER T 191 5.07 -5.99 49.20
C SER T 191 5.86 -5.40 50.35
N SER T 192 6.65 -4.37 50.03
CA SER T 192 7.45 -3.64 51.01
C SER T 192 6.53 -2.69 51.78
N GLN T 193 6.88 -2.42 53.06
CA GLN T 193 6.12 -1.57 53.98
C GLN T 193 4.64 -1.98 54.12
N ALA T 194 4.42 -3.30 54.21
CA ALA T 194 3.11 -3.92 54.36
C ALA T 194 2.59 -3.80 55.81
N LYS T 195 1.31 -4.14 56.06
CA LYS T 195 0.70 -4.09 57.39
C LYS T 195 1.12 -5.29 58.23
N LYS T 196 2.21 -5.12 58.99
CA LYS T 196 2.78 -6.14 59.86
C LYS T 196 1.96 -6.33 61.12
N GLY T 197 2.03 -7.54 61.68
CA GLY T 197 1.34 -7.87 62.92
C GLY T 197 -0.06 -8.40 62.73
N ASP T 198 -0.18 -9.45 61.92
CA ASP T 198 -1.44 -10.16 61.60
C ASP T 198 -2.55 -9.29 61.00
N PHE T 199 -2.42 -8.95 59.70
CA PHE T 199 -3.42 -8.18 58.96
C PHE T 199 -3.69 -8.79 57.58
N LEU T 200 -4.98 -9.04 57.27
CA LEU T 200 -5.44 -9.66 56.02
C LEU T 200 -5.30 -8.79 54.80
N GLU T 201 -4.79 -9.37 53.71
CA GLU T 201 -4.60 -8.72 52.42
C GLU T 201 -5.22 -9.57 51.30
N PHE T 202 -6.34 -9.10 50.77
CA PHE T 202 -7.05 -9.80 49.69
C PHE T 202 -6.45 -9.39 48.35
N ASP T 203 -6.08 -10.38 47.54
CA ASP T 203 -5.56 -10.16 46.19
C ASP T 203 -6.54 -10.83 45.23
N PHE T 204 -7.61 -10.10 44.88
CA PHE T 204 -8.68 -10.56 43.99
C PHE T 204 -8.23 -10.43 42.55
N GLN T 205 -7.90 -11.58 41.95
CA GLN T 205 -7.38 -11.72 40.59
C GLN T 205 -8.33 -11.19 39.52
N THR T 206 -9.65 -11.39 39.70
CA THR T 206 -10.68 -10.92 38.75
C THR T 206 -11.26 -9.51 39.11
N GLY T 207 -10.40 -8.62 39.61
CA GLY T 207 -10.76 -7.26 39.99
C GLY T 207 -9.56 -6.45 40.44
N ASP T 208 -9.51 -6.13 41.75
CA ASP T 208 -8.48 -5.30 42.39
C ASP T 208 -7.98 -5.88 43.73
N THR T 209 -7.08 -5.14 44.45
CA THR T 209 -6.52 -5.56 45.75
C THR T 209 -7.19 -4.88 46.93
N PHE T 210 -7.25 -5.57 48.09
CA PHE T 210 -7.87 -5.05 49.31
C PHE T 210 -6.93 -5.15 50.48
N LEU T 211 -7.02 -4.20 51.42
CA LEU T 211 -6.24 -4.17 52.65
C LEU T 211 -7.24 -4.17 53.80
N ASN T 212 -7.26 -5.27 54.56
CA ASN T 212 -8.19 -5.52 55.66
C ASN T 212 -9.57 -5.40 54.97
N GLY T 213 -10.36 -4.40 55.35
CA GLY T 213 -11.67 -4.16 54.76
C GLY T 213 -11.74 -3.19 53.59
N LYS T 214 -10.96 -2.11 53.67
CA LYS T 214 -10.90 -1.04 52.68
C LYS T 214 -10.14 -1.40 51.41
N VAL T 215 -10.50 -0.78 50.30
CA VAL T 215 -9.87 -1.01 49.00
C VAL T 215 -8.57 -0.23 48.88
N ASN T 216 -7.44 -0.92 48.66
CA ASN T 216 -6.15 -0.25 48.47
C ASN T 216 -5.45 -0.76 47.22
N ASN T 217 -5.96 -0.37 46.06
CA ASN T 217 -5.46 -0.85 44.77
C ASN T 217 -4.13 -0.23 44.31
N ASN T 218 -3.89 1.04 44.68
CA ASN T 218 -2.73 1.82 44.24
C ASN T 218 -1.43 1.57 45.00
N LEU T 219 -1.50 1.41 46.32
CA LEU T 219 -0.28 1.26 47.13
C LEU T 219 0.11 -0.16 47.54
N LEU T 220 -0.89 -1.04 47.73
CA LEU T 220 -0.71 -2.42 48.18
C LEU T 220 0.51 -3.19 47.73
N ASP T 221 0.68 -3.38 46.42
CA ASP T 221 1.81 -4.13 45.87
C ASP T 221 2.96 -3.23 45.45
N LEU T 222 4.19 -3.78 45.53
CA LEU T 222 5.43 -3.12 45.16
C LEU T 222 5.59 -3.12 43.63
N ASP T 223 6.58 -2.39 43.10
CA ASP T 223 6.84 -2.27 41.67
C ASP T 223 7.19 -3.59 40.97
N SER T 224 7.97 -4.44 41.66
CA SER T 224 8.38 -5.73 41.09
C SER T 224 7.52 -6.92 41.58
N ASP T 225 6.22 -6.67 41.82
CA ASP T 225 5.28 -7.72 42.26
C ASP T 225 4.61 -8.38 41.07
N PHE T 226 4.04 -9.59 41.28
CA PHE T 226 3.37 -10.34 40.22
C PHE T 226 1.86 -10.50 40.46
N LYS T 227 1.07 -10.38 39.37
CA LYS T 227 -0.40 -10.56 39.35
C LYS T 227 -0.82 -11.48 38.18
N ASN T 228 0.19 -12.03 37.51
CA ASN T 228 0.07 -12.94 36.38
C ASN T 228 0.48 -14.36 36.81
N ILE T 229 0.42 -14.63 38.13
CA ILE T 229 0.81 -15.91 38.72
C ILE T 229 -0.10 -17.07 38.26
N ARG T 230 0.49 -18.26 38.03
CA ARG T 230 -0.26 -19.42 37.58
C ARG T 230 0.07 -20.61 38.45
N LEU T 231 -0.97 -21.36 38.80
CA LEU T 231 -0.86 -22.52 39.67
C LEU T 231 -0.73 -23.81 38.89
N THR T 232 0.32 -24.57 39.21
CA THR T 232 0.57 -25.87 38.62
C THR T 232 0.09 -26.92 39.62
N THR T 233 0.17 -28.20 39.25
CA THR T 233 -0.26 -29.29 40.09
C THR T 233 0.54 -29.38 41.39
N GLY T 234 1.76 -28.85 41.40
CA GLY T 234 2.60 -28.88 42.60
C GLY T 234 3.15 -27.53 43.03
N THR T 235 2.27 -26.52 43.13
CA THR T 235 2.67 -25.17 43.52
C THR T 235 2.62 -25.01 45.03
N ASP T 236 3.74 -24.59 45.64
CA ASP T 236 3.82 -24.41 47.09
C ASP T 236 4.22 -22.99 47.48
N PHE T 237 3.42 -22.38 48.34
CA PHE T 237 3.65 -21.03 48.83
C PHE T 237 3.88 -21.00 50.34
N SER T 238 3.63 -22.14 51.01
CA SER T 238 3.75 -22.29 52.46
C SER T 238 5.04 -21.70 53.03
N SER T 239 4.88 -20.76 53.97
CA SER T 239 5.98 -20.08 54.66
C SER T 239 5.59 -19.71 56.09
N SER T 240 6.60 -19.52 56.94
CA SER T 240 6.42 -19.14 58.34
C SER T 240 6.05 -17.66 58.50
N ASN T 241 6.21 -16.87 57.42
CA ASN T 241 5.94 -15.43 57.39
C ASN T 241 4.48 -15.05 57.14
N TYR T 242 3.73 -15.91 56.47
CA TYR T 242 2.33 -15.62 56.11
C TYR T 242 1.48 -16.88 56.02
N GLU T 243 0.20 -16.75 56.40
CA GLU T 243 -0.81 -17.81 56.31
C GLU T 243 -1.75 -17.47 55.13
N LEU T 244 -1.46 -18.06 53.95
CA LEU T 244 -2.15 -17.82 52.68
C LEU T 244 -3.24 -18.84 52.35
N THR T 245 -4.40 -18.34 51.91
CA THR T 245 -5.54 -19.15 51.50
C THR T 245 -5.81 -18.88 50.02
N ILE T 246 -5.60 -19.91 49.17
CA ILE T 246 -5.77 -19.84 47.71
C ILE T 246 -7.19 -20.16 47.33
N GLN T 247 -7.72 -19.41 46.39
CA GLN T 247 -9.05 -19.64 45.88
C GLN T 247 -8.93 -19.72 44.36
N TYR T 248 -9.16 -20.92 43.81
CA TYR T 248 -9.02 -21.21 42.39
C TYR T 248 -10.12 -22.13 41.88
N ARG T 249 -10.25 -22.22 40.56
CA ARG T 249 -11.22 -23.08 39.89
C ARG T 249 -10.47 -23.90 38.87
N LYS T 250 -10.64 -25.23 38.90
CA LYS T 250 -9.98 -26.13 37.96
C LYS T 250 -10.34 -25.78 36.49
N ALA T 251 -9.32 -25.51 35.64
CA ALA T 251 -9.56 -25.15 34.23
C ALA T 251 -9.21 -26.28 33.31
N VAL T 252 -10.12 -26.61 32.39
CA VAL T 252 -9.96 -27.69 31.43
C VAL T 252 -10.30 -27.16 30.00
N LEU T 253 -9.66 -27.67 28.91
CA LEU T 253 -9.96 -27.25 27.52
C LEU T 253 -10.86 -28.22 26.79
N HIS U 12 -13.88 -67.09 32.12
CA HIS U 12 -12.73 -66.31 31.66
C HIS U 12 -13.12 -65.00 30.94
N TYR U 13 -12.76 -63.88 31.56
CA TYR U 13 -12.95 -62.55 30.99
C TYR U 13 -11.85 -61.61 31.43
N ARG U 14 -11.17 -61.00 30.46
CA ARG U 14 -10.09 -60.05 30.72
C ARG U 14 -10.29 -58.83 29.80
N ASN U 15 -10.30 -57.61 30.37
CA ASN U 15 -10.43 -56.39 29.59
C ASN U 15 -9.03 -55.87 29.23
N LEU U 16 -8.44 -56.50 28.21
CA LEU U 16 -7.10 -56.20 27.74
C LEU U 16 -7.04 -55.00 26.82
N PRO U 17 -6.11 -54.04 27.06
CA PRO U 17 -6.00 -52.88 26.17
C PRO U 17 -5.37 -53.29 24.84
N PHE U 18 -6.00 -52.91 23.74
CA PHE U 18 -5.53 -53.25 22.40
C PHE U 18 -4.58 -52.20 21.86
N ILE U 19 -3.40 -52.64 21.39
CA ILE U 19 -2.43 -51.72 20.78
C ILE U 19 -2.31 -52.00 19.27
N PRO U 20 -2.83 -51.08 18.39
CA PRO U 20 -2.80 -51.34 16.95
C PRO U 20 -1.41 -51.33 16.34
N THR U 21 -1.31 -51.76 15.07
CA THR U 21 -0.06 -51.85 14.32
C THR U 21 0.70 -50.53 14.18
N SER U 22 -0.03 -49.42 13.92
CA SER U 22 0.56 -48.11 13.75
C SER U 22 0.20 -47.16 14.89
N ALA U 23 0.24 -47.66 16.13
CA ALA U 23 -0.08 -46.88 17.32
C ALA U 23 1.03 -45.88 17.64
N MET U 24 0.69 -44.69 18.23
CA MET U 24 1.68 -43.68 18.62
C MET U 24 1.92 -43.58 20.12
N SER U 25 3.18 -43.40 20.47
CA SER U 25 3.67 -43.34 21.83
C SER U 25 3.95 -41.84 22.00
N TYR U 26 3.06 -41.15 22.71
CA TYR U 26 3.20 -39.72 22.96
C TYR U 26 3.78 -39.69 24.35
N ASP U 27 4.97 -39.09 24.47
CA ASP U 27 5.70 -38.96 25.74
C ASP U 27 5.90 -40.30 26.48
N GLY U 28 6.24 -41.33 25.72
CA GLY U 28 6.49 -42.67 26.24
C GLY U 28 5.26 -43.54 26.48
N ALA U 29 4.07 -42.90 26.61
CA ALA U 29 2.81 -43.58 26.88
C ALA U 29 1.91 -43.73 25.65
N TRP U 30 1.17 -44.87 25.55
CA TRP U 30 0.24 -45.15 24.45
C TRP U 30 -1.08 -44.53 24.78
N LEU U 31 -1.64 -43.79 23.85
CA LEU U 31 -2.91 -43.13 24.11
C LEU U 31 -4.07 -44.11 24.25
N GLU U 32 -4.02 -45.22 23.49
CA GLU U 32 -5.06 -46.26 23.50
C GLU U 32 -5.07 -46.98 24.81
N GLU U 33 -3.90 -47.02 25.46
CA GLU U 33 -3.72 -47.63 26.76
C GLU U 33 -4.20 -46.67 27.84
N LEU U 34 -3.97 -45.37 27.60
CA LEU U 34 -4.35 -44.30 28.49
C LEU U 34 -5.86 -44.15 28.55
N ILE U 35 -6.48 -44.01 27.39
CA ILE U 35 -7.91 -43.81 27.28
C ILE U 35 -8.57 -45.08 26.73
N GLU U 36 -9.51 -45.64 27.50
CA GLU U 36 -10.26 -46.82 27.10
C GLU U 36 -11.20 -46.44 25.96
N GLY U 37 -11.13 -47.16 24.86
CA GLY U 37 -12.01 -46.86 23.72
C GLY U 37 -11.27 -46.17 22.60
N TYR U 38 -10.06 -45.67 22.90
CA TYR U 38 -9.20 -45.02 21.94
C TYR U 38 -8.49 -46.05 21.08
N GLN U 39 -8.35 -45.75 19.79
CA GLN U 39 -7.66 -46.64 18.86
C GLN U 39 -7.07 -45.82 17.72
N THR U 40 -5.77 -46.01 17.42
CA THR U 40 -5.10 -45.34 16.30
C THR U 40 -5.36 -46.15 15.03
N LEU U 41 -6.06 -45.52 14.08
CA LEU U 41 -6.45 -46.12 12.81
C LEU U 41 -5.38 -45.98 11.73
N ALA U 42 -4.90 -44.77 11.50
CA ALA U 42 -3.87 -44.54 10.51
C ALA U 42 -3.04 -43.35 10.87
N VAL U 43 -1.78 -43.37 10.45
CA VAL U 43 -0.85 -42.26 10.62
C VAL U 43 -0.25 -41.93 9.28
N GLU U 44 -0.43 -40.67 8.86
CA GLU U 44 0.04 -40.18 7.57
C GLU U 44 1.12 -39.06 7.71
N GLY U 45 2.03 -39.06 6.72
CA GLY U 45 3.08 -38.04 6.60
C GLY U 45 4.49 -38.48 6.85
N ARG U 46 4.63 -39.62 7.46
CA ARG U 46 5.96 -40.08 7.80
C ARG U 46 6.67 -40.85 6.71
N GLU U 47 5.91 -41.50 5.87
CA GLU U 47 6.39 -42.27 4.75
C GLU U 47 6.95 -41.53 3.59
N MET U 48 6.57 -40.29 3.42
CA MET U 48 6.97 -39.47 2.29
C MET U 48 7.12 -38.04 2.69
N TYR U 49 8.25 -37.45 2.28
CA TYR U 49 8.60 -36.08 2.62
C TYR U 49 8.78 -35.20 1.39
N SER U 50 8.30 -33.96 1.50
CA SER U 50 8.34 -32.93 0.46
C SER U 50 9.38 -31.87 0.81
N LEU U 51 10.03 -31.31 -0.21
CA LEU U 51 11.06 -30.29 -0.01
C LEU U 51 10.61 -28.92 -0.49
N SER U 52 11.17 -27.87 0.12
CA SER U 52 10.89 -26.49 -0.24
C SER U 52 12.01 -25.98 -1.13
N PHE U 53 11.66 -25.29 -2.23
CA PHE U 53 12.66 -24.81 -3.18
C PHE U 53 12.58 -23.33 -3.45
N GLU U 54 13.76 -22.69 -3.57
CA GLU U 54 13.90 -21.29 -3.95
C GLU U 54 14.45 -21.26 -5.36
N THR U 55 13.64 -20.81 -6.31
CA THR U 55 14.03 -20.82 -7.71
C THR U 55 14.14 -19.43 -8.29
N GLN U 56 15.27 -19.20 -8.98
CA GLN U 56 15.54 -17.94 -9.67
C GLN U 56 15.48 -18.24 -11.17
N ASP U 57 14.27 -18.17 -11.72
CA ASP U 57 14.01 -18.43 -13.13
C ASP U 57 14.61 -17.35 -14.03
N MET U 58 15.12 -17.76 -15.19
CA MET U 58 15.71 -16.85 -16.17
C MET U 58 15.07 -17.07 -17.54
N GLN U 59 15.74 -16.64 -18.61
CA GLN U 59 15.22 -16.75 -19.97
C GLN U 59 15.00 -18.21 -20.34
N VAL U 60 16.00 -19.07 -20.09
CA VAL U 60 15.90 -20.48 -20.38
C VAL U 60 16.12 -21.28 -19.12
N GLY U 61 15.11 -22.05 -18.72
CA GLY U 61 15.16 -22.87 -17.51
C GLY U 61 15.05 -22.02 -16.25
N GLY U 62 15.79 -22.39 -15.22
CA GLY U 62 15.83 -21.69 -13.95
C GLY U 62 16.68 -22.40 -12.92
N VAL U 63 17.60 -21.66 -12.28
CA VAL U 63 18.53 -22.17 -11.26
C VAL U 63 17.94 -22.18 -9.87
N ILE U 64 18.29 -23.19 -9.08
CA ILE U 64 17.83 -23.35 -7.70
C ILE U 64 18.74 -22.53 -6.78
N THR U 65 18.16 -21.51 -6.14
CA THR U 65 18.87 -20.62 -5.22
C THR U 65 19.17 -21.35 -3.93
N ASN U 66 18.13 -21.87 -3.27
CA ASN U 66 18.23 -22.56 -1.99
C ASN U 66 17.19 -23.68 -1.80
N VAL U 67 17.64 -24.79 -1.19
CA VAL U 67 16.80 -25.94 -0.85
C VAL U 67 16.56 -25.98 0.68
N LYS U 68 15.29 -25.83 1.07
CA LYS U 68 14.86 -25.80 2.48
C LYS U 68 14.16 -27.10 2.88
N TYR U 69 14.22 -27.43 4.18
CA TYR U 69 13.58 -28.63 4.74
C TYR U 69 12.49 -28.20 5.70
N PRO U 70 11.25 -28.16 5.20
CA PRO U 70 10.15 -27.66 6.03
C PRO U 70 9.79 -28.55 7.23
N PRO U 71 9.26 -27.98 8.32
CA PRO U 71 8.89 -28.82 9.47
C PRO U 71 7.61 -29.56 9.17
N ARG U 72 7.67 -30.88 9.21
CA ARG U 72 6.50 -31.67 8.89
C ARG U 72 5.59 -31.98 10.04
N GLU U 73 4.30 -32.04 9.73
CA GLU U 73 3.24 -32.38 10.66
C GLU U 73 2.63 -33.72 10.25
N LEU U 74 2.47 -34.59 11.23
CA LEU U 74 1.97 -35.94 11.02
C LEU U 74 0.51 -36.02 11.41
N THR U 75 -0.34 -36.22 10.43
CA THR U 75 -1.75 -36.34 10.73
C THR U 75 -2.07 -37.75 11.22
N ILE U 76 -2.79 -37.80 12.35
CA ILE U 76 -3.19 -39.07 12.95
C ILE U 76 -4.71 -39.27 13.08
N LYS U 77 -5.19 -40.36 12.45
CA LYS U 77 -6.58 -40.79 12.41
C LYS U 77 -6.88 -41.74 13.57
N TYR U 78 -7.81 -41.34 14.43
CA TYR U 78 -8.16 -42.09 15.64
C TYR U 78 -9.67 -42.35 15.76
N LYS U 79 -10.03 -43.28 16.66
CA LYS U 79 -11.43 -43.63 16.95
C LYS U 79 -11.59 -43.74 18.44
N LEU U 80 -12.43 -42.88 19.00
CA LEU U 80 -12.72 -42.85 20.43
C LEU U 80 -14.22 -43.15 20.64
N GLU U 81 -14.55 -44.20 21.40
CA GLU U 81 -15.95 -44.57 21.60
C GLU U 81 -16.27 -44.99 23.03
N ASP U 82 -17.49 -44.67 23.48
CA ASP U 82 -18.04 -45.03 24.78
C ASP U 82 -19.53 -44.93 24.74
N ARG U 83 -20.19 -45.87 25.41
CA ARG U 83 -21.65 -45.92 25.44
C ARG U 83 -22.26 -44.71 26.16
N ASP U 84 -21.62 -44.24 27.25
CA ASP U 84 -22.09 -43.13 28.06
C ASP U 84 -21.56 -41.79 27.60
N PRO U 85 -22.45 -40.83 27.26
CA PRO U 85 -21.97 -39.53 26.77
C PRO U 85 -21.19 -38.71 27.77
N ARG U 86 -21.48 -38.86 29.08
CA ARG U 86 -20.83 -38.14 30.17
C ARG U 86 -19.38 -38.56 30.25
N VAL U 87 -19.14 -39.89 30.16
CA VAL U 87 -17.82 -40.49 30.26
C VAL U 87 -17.01 -40.14 29.06
N LEU U 88 -17.67 -40.16 27.91
CA LEU U 88 -17.03 -39.86 26.64
C LEU U 88 -16.41 -38.48 26.65
N GLN U 89 -17.13 -37.50 27.21
CA GLN U 89 -16.68 -36.13 27.34
C GLN U 89 -15.45 -36.06 28.24
N GLU U 90 -15.47 -36.80 29.36
CA GLU U 90 -14.38 -36.91 30.34
C GLU U 90 -13.17 -37.54 29.69
N LYS U 91 -13.40 -38.50 28.78
CA LYS U 91 -12.35 -39.21 28.05
C LYS U 91 -11.59 -38.25 27.15
N PHE U 92 -12.32 -37.34 26.51
CA PHE U 92 -11.71 -36.35 25.65
C PHE U 92 -10.93 -35.36 26.44
N ASP U 93 -11.47 -34.97 27.62
CA ASP U 93 -10.85 -33.99 28.50
C ASP U 93 -9.48 -34.45 28.93
N THR U 94 -9.32 -35.78 29.08
CA THR U 94 -8.08 -36.46 29.44
C THR U 94 -7.16 -36.47 28.23
N LEU U 95 -7.74 -36.74 27.05
CA LEU U 95 -6.99 -36.79 25.80
C LEU U 95 -6.32 -35.45 25.48
N LYS U 96 -7.10 -34.36 25.60
CA LYS U 96 -6.63 -33.00 25.34
C LYS U 96 -5.51 -32.63 26.31
N ALA U 97 -5.73 -32.90 27.61
CA ALA U 97 -4.76 -32.61 28.66
C ALA U 97 -3.44 -33.28 28.42
N PHE U 98 -3.48 -34.49 27.85
CA PHE U 98 -2.27 -35.23 27.57
C PHE U 98 -1.60 -34.73 26.31
N LEU U 99 -2.39 -34.44 25.26
CA LEU U 99 -1.85 -33.97 24.00
C LEU U 99 -1.28 -32.56 24.06
N ILE U 100 -2.11 -31.59 24.52
CA ILE U 100 -1.71 -30.17 24.62
C ILE U 100 -0.52 -30.07 25.53
N ARG U 101 0.65 -29.83 24.90
CA ARG U 101 1.93 -29.70 25.59
C ARG U 101 2.63 -28.36 25.27
N GLN U 102 3.33 -27.78 26.28
CA GLN U 102 4.04 -26.49 26.15
C GLN U 102 5.41 -26.65 25.49
N GLU U 103 6.06 -27.83 25.69
CA GLU U 103 7.36 -28.16 25.11
C GLU U 103 7.27 -29.37 24.17
N ASP U 104 8.31 -29.60 23.35
CA ASP U 104 8.34 -30.72 22.40
C ASP U 104 8.36 -32.09 23.13
N VAL U 105 7.73 -33.11 22.51
CA VAL U 105 7.58 -34.44 23.09
C VAL U 105 8.13 -35.54 22.17
N PRO U 106 8.77 -36.58 22.76
CA PRO U 106 9.27 -37.71 21.96
C PRO U 106 8.15 -38.66 21.54
N ILE U 107 7.97 -38.79 20.19
CA ILE U 107 6.95 -39.65 19.57
C ILE U 107 7.62 -40.82 18.87
N ILE U 108 7.14 -42.03 19.18
CA ILE U 108 7.59 -43.30 18.59
C ILE U 108 6.35 -44.04 18.10
N PHE U 109 6.48 -44.76 16.97
CA PHE U 109 5.34 -45.49 16.43
C PHE U 109 5.50 -46.97 16.57
N ASN U 110 4.40 -47.74 16.74
CA ASN U 110 4.45 -49.19 16.94
C ASN U 110 5.02 -49.96 15.76
N ASP U 111 4.91 -49.40 14.56
CA ASP U 111 5.44 -50.07 13.39
C ASP U 111 6.88 -49.64 13.09
N ASP U 112 7.26 -48.42 13.53
CA ASP U 112 8.63 -47.92 13.36
C ASP U 112 9.21 -47.62 14.77
N LEU U 113 9.60 -48.70 15.49
CA LEU U 113 10.06 -48.59 16.86
C LEU U 113 11.48 -48.16 17.02
N GLU U 114 12.25 -48.38 15.97
CA GLU U 114 13.67 -48.03 15.95
C GLU U 114 13.97 -46.52 16.13
N TYR U 115 13.18 -45.67 15.45
CA TYR U 115 13.39 -44.23 15.45
C TYR U 115 12.48 -43.54 16.43
N THR U 116 12.69 -42.22 16.61
CA THR U 116 11.98 -41.34 17.54
C THR U 116 11.82 -39.97 16.90
N PHE U 117 10.58 -39.47 16.87
CA PHE U 117 10.23 -38.15 16.38
C PHE U 117 10.14 -37.19 17.54
N TYR U 118 10.30 -35.90 17.29
CA TYR U 118 10.18 -34.95 18.37
C TYR U 118 9.27 -33.82 17.96
N GLY U 119 8.01 -33.93 18.36
CA GLY U 119 6.99 -32.99 17.99
C GLY U 119 6.10 -32.54 19.12
N ARG U 120 4.94 -32.01 18.74
CA ARG U 120 3.98 -31.42 19.65
C ARG U 120 2.60 -31.42 18.98
N PHE U 121 1.54 -31.54 19.77
CA PHE U 121 0.19 -31.51 19.23
C PHE U 121 -0.10 -30.12 18.66
N LYS U 122 -0.68 -30.05 17.44
CA LYS U 122 -0.99 -28.75 16.81
C LYS U 122 -2.49 -28.48 16.64
N THR U 123 -3.11 -29.12 15.64
CA THR U 123 -4.51 -28.86 15.30
C THR U 123 -5.31 -30.15 15.24
N ALA U 124 -6.52 -30.14 15.80
CA ALA U 124 -7.41 -31.29 15.76
C ALA U 124 -8.52 -31.05 14.74
N ASP U 125 -8.87 -32.09 13.97
CA ASP U 125 -9.91 -32.01 12.96
C ASP U 125 -11.29 -31.99 13.62
N ASN U 126 -12.29 -31.40 12.93
CA ASN U 126 -13.67 -31.27 13.38
C ASN U 126 -14.23 -32.60 13.90
N VAL U 127 -14.95 -32.52 15.01
CA VAL U 127 -15.52 -33.67 15.71
C VAL U 127 -17.03 -33.52 15.88
N ALA U 128 -17.81 -34.54 15.44
CA ALA U 128 -19.28 -34.59 15.52
C ALA U 128 -19.76 -34.70 16.96
N GLY U 129 -20.91 -34.07 17.25
CA GLY U 129 -21.53 -34.02 18.59
C GLY U 129 -22.68 -34.98 18.83
N ASP U 130 -22.63 -36.17 18.18
CA ASP U 130 -23.61 -37.26 18.28
C ASP U 130 -22.94 -38.67 18.13
N THR U 131 -23.76 -39.70 17.81
CA THR U 131 -23.35 -41.10 17.59
C THR U 131 -22.87 -41.81 18.88
N ASN U 132 -21.88 -41.22 19.60
CA ASN U 132 -21.22 -41.79 20.80
C ASN U 132 -20.08 -42.74 20.38
N SER U 133 -19.73 -42.67 19.09
CA SER U 133 -18.65 -43.43 18.50
C SER U 133 -18.08 -42.57 17.40
N ILE U 134 -17.16 -41.68 17.79
CA ILE U 134 -16.54 -40.75 16.84
C ILE U 134 -15.28 -41.33 16.19
N ILE U 135 -14.96 -40.78 15.02
CA ILE U 135 -13.78 -41.09 14.23
C ILE U 135 -13.30 -39.79 13.53
N SER U 136 -12.12 -39.29 13.93
CA SER U 136 -11.55 -38.08 13.34
C SER U 136 -10.03 -38.14 13.37
N SER U 137 -9.35 -36.99 13.26
CA SER U 137 -7.90 -36.93 13.21
C SER U 137 -7.35 -35.71 13.90
N PHE U 138 -6.02 -35.64 14.02
CA PHE U 138 -5.27 -34.51 14.58
C PHE U 138 -3.84 -34.51 14.07
N THR U 139 -3.28 -33.30 13.91
CA THR U 139 -1.92 -33.12 13.38
C THR U 139 -0.95 -32.87 14.48
N VAL U 140 0.22 -33.42 14.29
CA VAL U 140 1.31 -33.34 15.25
C VAL U 140 2.52 -32.67 14.55
N LEU U 141 2.74 -31.39 14.86
CA LEU U 141 3.80 -30.63 14.25
C LEU U 141 5.14 -30.97 14.82
N CYS U 142 6.00 -31.45 13.95
CA CYS U 142 7.37 -31.78 14.34
C CYS U 142 8.29 -30.70 13.84
N SER U 143 8.86 -29.96 14.79
CA SER U 143 9.79 -28.87 14.50
C SER U 143 11.02 -29.40 13.71
N ASP U 144 11.51 -30.59 14.07
CA ASP U 144 12.59 -31.25 13.37
C ASP U 144 11.97 -32.37 12.58
N PRO U 145 12.08 -32.32 11.23
CA PRO U 145 11.44 -33.36 10.41
C PRO U 145 12.12 -34.72 10.43
N PHE U 146 13.30 -34.79 11.03
CA PHE U 146 14.05 -36.04 11.09
C PHE U 146 13.64 -36.92 12.26
N LYS U 147 13.60 -38.25 12.03
CA LYS U 147 13.37 -39.28 13.05
C LYS U 147 14.75 -39.74 13.50
N HIS U 148 14.96 -39.88 14.81
CA HIS U 148 16.30 -40.26 15.26
C HIS U 148 16.33 -41.58 15.93
N GLY U 149 17.28 -42.40 15.52
CA GLY U 149 17.45 -43.68 16.14
C GLY U 149 18.15 -43.59 17.49
N LYS U 150 18.96 -44.64 17.75
CA LYS U 150 19.72 -44.78 18.97
C LYS U 150 20.92 -43.85 19.00
N ILE U 151 21.37 -43.52 20.21
CA ILE U 151 22.52 -42.66 20.41
C ILE U 151 23.79 -43.51 20.35
N GLN U 152 24.77 -43.10 19.53
CA GLN U 152 25.99 -43.90 19.37
C GLN U 152 27.24 -43.12 19.69
N SER U 153 28.21 -43.77 20.35
CA SER U 153 29.47 -43.17 20.73
C SER U 153 30.59 -43.83 19.92
N VAL U 154 31.18 -43.05 19.01
CA VAL U 154 32.23 -43.55 18.12
C VAL U 154 33.55 -42.82 18.39
N LYS U 155 34.67 -43.49 18.11
CA LYS U 155 35.97 -42.89 18.31
C LYS U 155 36.57 -42.33 17.04
N ASN U 156 36.81 -41.00 17.02
CA ASN U 156 37.43 -40.20 15.95
C ASN U 156 36.67 -40.04 14.61
N LYS U 157 36.35 -41.16 13.94
CA LYS U 157 35.73 -41.13 12.62
C LYS U 157 34.43 -41.91 12.56
N VAL U 158 33.49 -41.42 11.74
CA VAL U 158 32.21 -42.07 11.49
C VAL U 158 32.28 -42.82 10.17
N ILE U 159 32.08 -44.14 10.23
CA ILE U 159 32.13 -45.01 9.05
C ILE U 159 30.80 -45.68 8.72
N GLU U 160 29.80 -45.42 9.56
CA GLU U 160 28.46 -45.93 9.43
C GLU U 160 27.74 -45.32 8.23
N VAL U 161 26.87 -46.11 7.57
CA VAL U 161 26.10 -45.62 6.42
C VAL U 161 25.04 -44.62 6.88
N LEU U 162 25.38 -43.33 6.74
CA LEU U 162 24.50 -42.22 7.11
C LEU U 162 23.69 -41.69 5.93
N PRO U 163 22.33 -41.81 5.98
CA PRO U 163 21.51 -41.42 4.83
C PRO U 163 21.42 -39.93 4.65
N TYR U 164 21.58 -39.20 5.74
CA TYR U 164 21.50 -37.75 5.74
C TYR U 164 22.62 -37.21 6.63
N PRO U 165 23.18 -36.02 6.29
CA PRO U 165 24.20 -35.41 7.16
C PRO U 165 23.63 -35.15 8.55
N VAL U 166 24.35 -35.63 9.59
CA VAL U 166 23.88 -35.56 10.97
C VAL U 166 24.62 -34.53 11.78
N LYS U 167 23.89 -33.69 12.51
CA LYS U 167 24.49 -32.73 13.42
C LYS U 167 24.76 -33.54 14.71
N PRO U 168 26.01 -33.50 15.26
CA PRO U 168 26.30 -34.32 16.46
C PRO U 168 25.57 -33.89 17.73
N ASP U 169 25.82 -34.63 18.81
CA ASP U 169 25.20 -34.37 20.10
C ASP U 169 26.24 -33.93 21.12
N LYS U 170 27.46 -34.50 21.04
CA LYS U 170 28.57 -34.20 21.95
C LYS U 170 29.90 -34.56 21.28
N LEU U 171 30.92 -33.73 21.53
CA LEU U 171 32.27 -33.96 21.03
C LEU U 171 33.24 -33.95 22.20
N SER U 172 33.73 -35.13 22.55
CA SER U 172 34.65 -35.22 23.66
C SER U 172 36.09 -35.26 23.17
N PHE U 173 36.77 -34.11 23.22
CA PHE U 173 38.15 -33.97 22.79
C PHE U 173 39.13 -34.17 23.93
N LYS U 174 40.25 -34.83 23.65
CA LYS U 174 41.31 -34.96 24.63
C LYS U 174 42.61 -34.71 23.93
N LEU U 175 43.18 -33.55 24.25
CA LEU U 175 44.42 -33.05 23.67
C LEU U 175 45.68 -33.87 23.97
N LEU U 176 46.70 -33.69 23.14
CA LEU U 176 47.99 -34.35 23.27
C LEU U 176 49.11 -33.35 22.99
N THR U 177 48.85 -32.39 22.08
CA THR U 177 49.80 -31.34 21.69
C THR U 177 49.47 -30.00 22.40
N GLU U 178 50.01 -28.88 21.90
CA GLU U 178 49.81 -27.54 22.47
C GLU U 178 48.39 -27.01 22.23
N GLY U 179 48.00 -26.93 20.96
CA GLY U 179 46.70 -26.40 20.58
C GLY U 179 45.78 -27.39 19.89
N LEU U 180 44.49 -27.03 19.80
CA LEU U 180 43.45 -27.85 19.18
C LEU U 180 43.07 -27.31 17.81
N LEU U 181 43.12 -28.19 16.80
CA LEU U 181 42.78 -27.88 15.42
C LEU U 181 42.11 -29.09 14.78
N ALA U 182 40.81 -29.25 15.03
CA ALA U 182 40.01 -30.34 14.51
C ALA U 182 39.58 -30.06 13.08
N THR U 183 39.85 -30.98 12.16
CA THR U 183 39.48 -30.83 10.76
C THR U 183 39.11 -32.15 10.11
N ASP U 184 38.24 -32.07 9.09
CA ASP U 184 37.78 -33.22 8.32
C ASP U 184 37.93 -32.94 6.83
N GLY U 185 38.35 -31.71 6.50
CA GLY U 185 38.53 -31.26 5.13
C GLY U 185 37.66 -30.07 4.79
N ASN U 186 36.41 -30.08 5.31
CA ASN U 186 35.43 -29.01 5.08
C ASN U 186 35.31 -28.10 6.29
N TYR U 187 35.05 -28.69 7.47
CA TYR U 187 34.90 -27.94 8.71
C TYR U 187 36.21 -27.88 9.46
N ARG U 188 36.51 -26.73 10.06
CA ARG U 188 37.72 -26.52 10.83
C ARG U 188 37.22 -26.00 12.18
N LEU U 189 37.58 -26.71 13.25
CA LEU U 189 37.23 -26.32 14.62
C LEU U 189 38.58 -25.95 15.23
N LYS U 190 38.76 -24.70 15.66
CA LYS U 190 40.02 -24.31 16.27
C LYS U 190 39.91 -23.60 17.59
N SER U 191 40.86 -23.91 18.47
CA SER U 191 40.93 -23.42 19.84
C SER U 191 42.37 -23.06 20.21
N SER U 192 42.71 -21.78 20.07
CA SER U 192 44.02 -21.26 20.42
C SER U 192 44.12 -21.12 21.94
N GLN U 193 45.33 -21.26 22.49
CA GLN U 193 45.64 -21.18 23.93
C GLN U 193 44.77 -22.13 24.77
N ALA U 194 44.59 -23.37 24.25
CA ALA U 194 43.82 -24.43 24.89
C ALA U 194 44.61 -25.09 26.03
N LYS U 195 43.95 -25.96 26.82
CA LYS U 195 44.57 -26.67 27.94
C LYS U 195 45.40 -27.85 27.42
N LYS U 196 46.68 -27.60 27.17
CA LYS U 196 47.63 -28.61 26.67
C LYS U 196 48.06 -29.58 27.75
N GLY U 197 48.39 -30.79 27.33
CA GLY U 197 48.86 -31.83 28.24
C GLY U 197 47.77 -32.71 28.79
N ASP U 198 46.99 -33.31 27.88
CA ASP U 198 45.88 -34.24 28.16
C ASP U 198 44.78 -33.68 29.08
N PHE U 199 43.91 -32.82 28.51
CA PHE U 199 42.77 -32.24 29.20
C PHE U 199 41.51 -32.25 28.32
N LEU U 200 40.42 -32.83 28.87
CA LEU U 200 39.14 -33.04 28.20
C LEU U 200 38.36 -31.76 27.97
N GLU U 201 37.79 -31.64 26.77
CA GLU U 201 36.99 -30.49 26.35
C GLU U 201 35.69 -31.00 25.73
N PHE U 202 34.58 -30.84 26.45
CA PHE U 202 33.27 -31.27 25.99
C PHE U 202 32.63 -30.19 25.14
N ASP U 203 32.19 -30.56 23.93
CA ASP U 203 31.51 -29.64 23.02
C ASP U 203 30.11 -30.19 22.80
N PHE U 204 29.21 -29.95 23.77
CA PHE U 204 27.82 -30.42 23.76
C PHE U 204 27.02 -29.57 22.79
N GLN U 205 26.66 -30.17 21.64
CA GLN U 205 25.96 -29.53 20.52
C GLN U 205 24.58 -29.02 20.89
N THR U 206 23.85 -29.75 21.75
CA THR U 206 22.50 -29.37 22.20
C THR U 206 22.49 -28.56 23.54
N GLY U 207 23.49 -27.68 23.70
CA GLY U 207 23.62 -26.85 24.90
C GLY U 207 24.78 -25.90 24.79
N ASP U 208 25.81 -26.12 25.62
CA ASP U 208 27.01 -25.28 25.71
C ASP U 208 28.32 -26.08 25.75
N THR U 209 29.47 -25.40 25.90
CA THR U 209 30.80 -26.03 25.96
C THR U 209 31.32 -26.19 27.39
N PHE U 210 32.15 -27.21 27.63
CA PHE U 210 32.74 -27.49 28.94
C PHE U 210 34.25 -27.64 28.84
N LEU U 211 34.96 -27.28 29.91
CA LEU U 211 36.42 -27.43 30.04
C LEU U 211 36.66 -28.27 31.28
N ASN U 212 37.17 -29.50 31.08
CA ASN U 212 37.39 -30.50 32.12
C ASN U 212 36.01 -30.68 32.74
N GLY U 213 35.85 -30.31 34.01
CA GLY U 213 34.56 -30.40 34.69
C GLY U 213 33.68 -29.16 34.68
N LYS U 214 34.30 -27.99 34.81
CA LYS U 214 33.63 -26.69 34.86
C LYS U 214 33.11 -26.19 33.51
N VAL U 215 32.03 -25.41 33.55
CA VAL U 215 31.39 -24.86 32.35
C VAL U 215 32.17 -23.66 31.85
N ASN U 216 32.72 -23.75 30.64
CA ASN U 216 33.46 -22.65 30.04
C ASN U 216 33.07 -22.21 28.64
N ASN U 217 32.15 -21.24 28.53
CA ASN U 217 31.63 -20.75 27.25
C ASN U 217 32.35 -19.58 26.56
N ASN U 218 32.71 -18.55 27.35
CA ASN U 218 33.35 -17.34 26.85
C ASN U 218 34.72 -17.55 26.20
N LEU U 219 35.55 -18.41 26.80
CA LEU U 219 36.92 -18.60 26.31
C LEU U 219 37.18 -19.84 25.47
N LEU U 220 36.52 -20.98 25.79
CA LEU U 220 36.71 -22.31 25.16
C LEU U 220 37.08 -22.30 23.66
N ASP U 221 36.16 -21.85 22.79
CA ASP U 221 36.39 -21.84 21.34
C ASP U 221 36.91 -20.50 20.86
N LEU U 222 37.70 -20.54 19.77
CA LEU U 222 38.26 -19.35 19.12
C LEU U 222 37.18 -18.68 18.25
N ASP U 223 37.44 -17.46 17.77
CA ASP U 223 36.50 -16.69 16.96
C ASP U 223 36.13 -17.37 15.63
N SER U 224 37.09 -18.02 14.97
CA SER U 224 36.86 -18.69 13.69
C SER U 224 36.60 -20.21 13.83
N ASP U 225 35.97 -20.63 14.95
CA ASP U 225 35.64 -22.04 15.20
C ASP U 225 34.26 -22.38 14.66
N PHE U 226 33.97 -23.68 14.48
CA PHE U 226 32.68 -24.14 13.97
C PHE U 226 31.87 -24.95 15.00
N LYS U 227 30.54 -24.71 15.03
CA LYS U 227 29.54 -25.38 15.88
C LYS U 227 28.33 -25.84 15.03
N ASN U 228 28.43 -25.62 13.72
CA ASN U 228 27.44 -25.98 12.72
C ASN U 228 27.94 -27.18 11.91
N ILE U 229 28.86 -27.98 12.48
CA ILE U 229 29.48 -29.14 11.84
C ILE U 229 28.47 -30.27 11.58
N ARG U 230 28.61 -30.95 10.45
CA ARG U 230 27.73 -32.06 10.12
C ARG U 230 28.52 -33.27 9.73
N LEU U 231 27.98 -34.44 10.04
CA LEU U 231 28.65 -35.71 9.81
C LEU U 231 28.10 -36.47 8.64
N THR U 232 28.97 -36.75 7.66
CA THR U 232 28.63 -37.52 6.48
C THR U 232 29.00 -38.97 6.76
N THR U 233 28.71 -39.85 5.82
CA THR U 233 28.99 -41.28 5.93
C THR U 233 30.48 -41.57 6.05
N GLY U 234 31.32 -40.67 5.53
CA GLY U 234 32.76 -40.86 5.59
C GLY U 234 33.52 -39.70 6.17
N THR U 235 33.10 -39.22 7.35
CA THR U 235 33.75 -38.09 8.01
C THR U 235 34.87 -38.58 8.91
N ASP U 236 36.08 -38.06 8.69
CA ASP U 236 37.25 -38.44 9.48
C ASP U 236 37.89 -37.26 10.19
N PHE U 237 38.09 -37.39 11.49
CA PHE U 237 38.71 -36.36 12.31
C PHE U 237 40.01 -36.86 12.95
N SER U 238 40.29 -38.17 12.84
CA SER U 238 41.46 -38.82 13.43
C SER U 238 42.76 -38.07 13.19
N SER U 239 43.44 -37.70 14.29
CA SER U 239 44.71 -36.98 14.28
C SER U 239 45.57 -37.38 15.47
N SER U 240 46.89 -37.17 15.34
CA SER U 240 47.87 -37.47 16.38
C SER U 240 47.86 -36.43 17.51
N ASN U 241 47.18 -35.28 17.28
CA ASN U 241 47.09 -34.17 18.24
C ASN U 241 45.98 -34.29 19.28
N TYR U 242 44.92 -35.05 18.97
CA TYR U 242 43.77 -35.19 19.86
C TYR U 242 43.05 -36.52 19.70
N GLU U 243 42.41 -36.99 20.80
CA GLU U 243 41.59 -38.19 20.81
C GLU U 243 40.12 -37.80 21.02
N LEU U 244 39.33 -37.88 19.94
CA LEU U 244 37.91 -37.52 19.88
C LEU U 244 36.94 -38.68 20.06
N THR U 245 35.99 -38.48 20.98
CA THR U 245 34.91 -39.43 21.23
C THR U 245 33.65 -38.73 20.72
N ILE U 246 33.27 -39.07 19.47
CA ILE U 246 32.12 -38.50 18.75
C ILE U 246 30.80 -39.15 19.15
N GLN U 247 29.80 -38.32 19.39
CA GLN U 247 28.52 -38.83 19.82
C GLN U 247 27.43 -38.24 18.95
N TYR U 248 26.66 -39.12 18.32
CA TYR U 248 25.62 -38.74 17.37
C TYR U 248 24.45 -39.73 17.36
N ARG U 249 23.36 -39.33 16.70
CA ARG U 249 22.15 -40.13 16.52
C ARG U 249 21.80 -40.13 15.05
N LYS U 250 21.61 -41.32 14.46
CA LYS U 250 21.26 -41.45 13.05
C LYS U 250 19.91 -40.75 12.73
N ALA U 251 19.95 -39.77 11.81
CA ALA U 251 18.75 -39.03 11.42
C ALA U 251 18.26 -39.48 10.05
N VAL U 252 16.95 -39.79 9.97
CA VAL U 252 16.25 -40.27 8.79
C VAL U 252 14.98 -39.43 8.59
N LEU U 253 14.50 -39.31 7.32
CA LEU U 253 13.26 -38.62 6.92
C LEU U 253 12.24 -39.63 6.46
N TYR V 13 12.21 -71.63 -9.09
CA TYR V 13 11.72 -70.32 -8.61
C TYR V 13 12.85 -69.29 -8.57
N ARG V 14 12.62 -68.14 -9.21
CA ARG V 14 13.57 -67.04 -9.26
C ARG V 14 12.83 -65.74 -8.98
N ASN V 15 13.33 -64.93 -8.02
CA ASN V 15 12.72 -63.65 -7.68
C ASN V 15 13.34 -62.54 -8.53
N LEU V 16 12.89 -62.46 -9.79
CA LEU V 16 13.39 -61.53 -10.79
C LEU V 16 12.79 -60.14 -10.64
N PRO V 17 13.63 -59.06 -10.64
CA PRO V 17 13.07 -57.71 -10.54
C PRO V 17 12.41 -57.29 -11.85
N PHE V 18 11.18 -56.78 -11.76
CA PHE V 18 10.44 -56.34 -12.94
C PHE V 18 10.69 -54.87 -13.26
N ILE V 19 11.07 -54.57 -14.51
CA ILE V 19 11.29 -53.19 -14.94
C ILE V 19 10.19 -52.76 -15.94
N PRO V 20 9.26 -51.82 -15.55
CA PRO V 20 8.18 -51.41 -16.47
C PRO V 20 8.66 -50.64 -17.67
N THR V 21 7.75 -50.46 -18.66
CA THR V 21 7.98 -49.80 -19.95
C THR V 21 8.48 -48.36 -19.84
N SER V 22 7.93 -47.63 -18.87
CA SER V 22 8.28 -46.23 -18.62
C SER V 22 8.92 -46.09 -17.23
N ALA V 23 9.92 -46.90 -16.97
CA ALA V 23 10.65 -46.91 -15.72
C ALA V 23 11.59 -45.71 -15.61
N MET V 24 11.84 -45.25 -14.39
CA MET V 24 12.73 -44.11 -14.18
C MET V 24 14.07 -44.51 -13.61
N SER V 25 15.15 -44.02 -14.24
CA SER V 25 16.52 -44.25 -13.77
C SER V 25 17.02 -42.98 -13.07
N TYR V 26 17.02 -43.01 -11.74
CA TYR V 26 17.48 -41.89 -10.90
C TYR V 26 18.91 -42.20 -10.53
N ASP V 27 19.84 -41.32 -10.96
CA ASP V 27 21.28 -41.45 -10.71
C ASP V 27 21.87 -42.78 -11.21
N GLY V 28 21.45 -43.19 -12.40
CA GLY V 28 21.91 -44.42 -13.04
C GLY V 28 21.25 -45.71 -12.58
N ALA V 29 20.58 -45.66 -11.40
CA ALA V 29 19.94 -46.84 -10.82
C ALA V 29 18.40 -46.81 -10.91
N TRP V 30 17.79 -47.99 -11.09
CA TRP V 30 16.33 -48.16 -11.19
C TRP V 30 15.75 -48.28 -9.82
N LEU V 31 14.70 -47.51 -9.52
CA LEU V 31 14.11 -47.57 -8.17
C LEU V 31 13.41 -48.88 -7.92
N GLU V 32 12.77 -49.46 -8.95
CA GLU V 32 12.06 -50.73 -8.79
C GLU V 32 12.98 -51.88 -8.57
N GLU V 33 14.28 -51.72 -8.97
CA GLU V 33 15.37 -52.69 -8.81
C GLU V 33 15.94 -52.49 -7.41
N LEU V 34 15.99 -51.23 -6.95
CA LEU V 34 16.49 -50.84 -5.65
C LEU V 34 15.58 -51.33 -4.55
N ILE V 35 14.29 -50.98 -4.66
CA ILE V 35 13.30 -51.33 -3.65
C ILE V 35 12.35 -52.39 -4.19
N GLU V 36 12.28 -53.53 -3.47
CA GLU V 36 11.42 -54.64 -3.82
C GLU V 36 9.95 -54.25 -3.58
N GLY V 37 9.10 -54.39 -4.58
CA GLY V 37 7.69 -54.03 -4.43
C GLY V 37 7.35 -52.73 -5.11
N TYR V 38 8.41 -51.94 -5.45
CA TYR V 38 8.28 -50.68 -6.15
C TYR V 38 8.02 -50.92 -7.63
N GLN V 39 7.15 -50.08 -8.23
CA GLN V 39 6.84 -50.16 -9.64
C GLN V 39 6.40 -48.82 -10.15
N THR V 40 7.03 -48.34 -11.24
CA THR V 40 6.68 -47.07 -11.89
C THR V 40 5.48 -47.32 -12.80
N LEU V 41 4.37 -46.67 -12.50
CA LEU V 41 3.12 -46.83 -13.24
C LEU V 41 2.99 -45.89 -14.44
N ALA V 42 3.19 -44.60 -14.22
CA ALA V 42 3.14 -43.63 -15.29
C ALA V 42 4.06 -42.48 -15.02
N VAL V 43 4.53 -41.86 -16.09
CA VAL V 43 5.39 -40.68 -16.07
C VAL V 43 4.77 -39.63 -16.98
N GLU V 44 4.46 -38.47 -16.39
CA GLU V 44 3.85 -37.35 -17.09
C GLU V 44 4.73 -36.09 -17.14
N GLY V 45 4.63 -35.36 -18.24
CA GLY V 45 5.30 -34.08 -18.45
C GLY V 45 6.32 -33.97 -19.55
N ARG V 46 6.78 -35.12 -20.01
CA ARG V 46 7.82 -35.17 -21.02
C ARG V 46 7.31 -34.98 -22.41
N GLU V 47 6.15 -35.51 -22.66
CA GLU V 47 5.55 -35.50 -23.95
C GLU V 47 5.03 -34.18 -24.48
N MET V 48 4.73 -33.26 -23.60
CA MET V 48 4.17 -31.96 -23.98
C MET V 48 4.72 -30.89 -23.07
N TYR V 49 5.18 -29.78 -23.69
CA TYR V 49 5.78 -28.66 -22.98
C TYR V 49 5.01 -27.37 -23.18
N SER V 50 4.87 -26.56 -22.10
CA SER V 50 4.18 -25.27 -22.13
C SER V 50 5.19 -24.12 -22.04
N LEU V 51 4.88 -22.99 -22.69
CA LEU V 51 5.76 -21.82 -22.69
C LEU V 51 5.22 -20.65 -21.90
N SER V 52 6.14 -19.81 -21.37
CA SER V 52 5.81 -18.62 -20.62
C SER V 52 5.92 -17.39 -21.54
N PHE V 53 4.91 -16.52 -21.52
CA PHE V 53 4.88 -15.36 -22.41
C PHE V 53 4.68 -14.06 -21.69
N GLU V 54 5.41 -13.03 -22.15
CA GLU V 54 5.30 -11.66 -21.65
C GLU V 54 4.60 -10.85 -22.73
N THR V 55 3.38 -10.39 -22.44
CA THR V 55 2.57 -9.69 -23.44
C THR V 55 2.30 -8.24 -23.03
N GLN V 56 2.54 -7.33 -23.99
CA GLN V 56 2.25 -5.91 -23.83
C GLN V 56 1.07 -5.57 -24.74
N ASP V 57 -0.13 -5.78 -24.19
CA ASP V 57 -1.38 -5.54 -24.91
C ASP V 57 -1.65 -4.06 -25.15
N MET V 58 -2.24 -3.76 -26.30
CA MET V 58 -2.59 -2.38 -26.65
C MET V 58 -4.05 -2.29 -27.11
N GLN V 59 -4.40 -1.24 -27.88
CA GLN V 59 -5.74 -1.03 -28.38
C GLN V 59 -6.22 -2.18 -29.26
N VAL V 60 -5.38 -2.58 -30.22
CA VAL V 60 -5.72 -3.67 -31.11
C VAL V 60 -4.63 -4.72 -31.03
N GLY V 61 -5.02 -5.92 -30.62
CA GLY V 61 -4.10 -7.03 -30.44
C GLY V 61 -3.21 -6.86 -29.22
N GLY V 62 -1.96 -7.29 -29.36
CA GLY V 62 -0.94 -7.20 -28.32
C GLY V 62 0.35 -7.86 -28.73
N VAL V 63 1.47 -7.14 -28.58
CA VAL V 63 2.81 -7.62 -28.93
C VAL V 63 3.46 -8.42 -27.82
N ILE V 64 4.25 -9.46 -28.21
CA ILE V 64 4.97 -10.32 -27.28
C ILE V 64 6.30 -9.67 -26.93
N THR V 65 6.45 -9.32 -25.64
CA THR V 65 7.66 -8.68 -25.12
C THR V 65 8.80 -9.69 -25.05
N ASN V 66 8.58 -10.80 -24.31
CA ASN V 66 9.57 -11.86 -24.11
C ASN V 66 8.96 -13.26 -23.98
N VAL V 67 9.65 -14.25 -24.57
CA VAL V 67 9.29 -15.67 -24.50
C VAL V 67 10.27 -16.42 -23.59
N LYS V 68 9.75 -16.96 -22.47
CA LYS V 68 10.51 -17.68 -21.46
C LYS V 68 10.25 -19.19 -21.51
N TYR V 69 11.23 -19.98 -21.06
CA TYR V 69 11.19 -21.43 -21.01
C TYR V 69 11.20 -21.87 -19.56
N PRO V 70 10.02 -22.11 -18.98
CA PRO V 70 9.97 -22.44 -17.55
C PRO V 70 10.57 -23.80 -17.19
N PRO V 71 11.12 -23.98 -15.95
CA PRO V 71 11.68 -25.28 -15.57
C PRO V 71 10.56 -26.26 -15.34
N ARG V 72 10.62 -27.37 -16.08
CA ARG V 72 9.67 -28.47 -16.15
C ARG V 72 9.83 -29.48 -15.01
N GLU V 73 8.72 -29.81 -14.32
CA GLU V 73 8.67 -30.86 -13.31
C GLU V 73 7.87 -32.05 -13.85
N LEU V 74 8.43 -33.26 -13.68
CA LEU V 74 7.85 -34.50 -14.16
C LEU V 74 7.26 -35.28 -13.01
N THR V 75 5.97 -35.54 -13.08
CA THR V 75 5.28 -36.31 -12.05
C THR V 75 5.39 -37.80 -12.34
N ILE V 76 5.81 -38.58 -11.32
CA ILE V 76 6.07 -40.02 -11.36
C ILE V 76 5.07 -40.79 -10.49
N LYS V 77 4.09 -41.44 -11.13
CA LYS V 77 3.10 -42.27 -10.46
C LYS V 77 3.72 -43.64 -10.19
N TYR V 78 3.73 -44.04 -8.90
CA TYR V 78 4.36 -45.28 -8.46
C TYR V 78 3.45 -46.13 -7.57
N LYS V 79 3.85 -47.39 -7.36
CA LYS V 79 3.16 -48.33 -6.51
C LYS V 79 4.18 -49.12 -5.72
N LEU V 80 4.12 -48.96 -4.40
CA LEU V 80 4.98 -49.66 -3.48
C LEU V 80 4.14 -50.52 -2.53
N GLU V 81 4.45 -51.81 -2.45
CA GLU V 81 3.68 -52.71 -1.63
C GLU V 81 4.53 -53.73 -0.91
N ASP V 82 4.11 -54.10 0.31
CA ASP V 82 4.72 -55.13 1.14
C ASP V 82 3.72 -55.65 2.13
N ARG V 83 3.73 -56.96 2.35
CA ARG V 83 2.81 -57.62 3.27
C ARG V 83 3.04 -57.16 4.74
N ASP V 84 4.32 -56.97 5.13
CA ASP V 84 4.73 -56.54 6.46
C ASP V 84 4.81 -55.05 6.63
N PRO V 85 4.05 -54.46 7.57
CA PRO V 85 4.06 -53.01 7.75
C PRO V 85 5.38 -52.41 8.21
N ARG V 86 6.17 -53.18 8.96
CA ARG V 86 7.45 -52.71 9.50
C ARG V 86 8.44 -52.54 8.34
N VAL V 87 8.45 -53.52 7.42
CA VAL V 87 9.36 -53.54 6.27
C VAL V 87 8.97 -52.46 5.32
N LEU V 88 7.67 -52.27 5.14
CA LEU V 88 7.13 -51.25 4.23
C LEU V 88 7.62 -49.87 4.61
N GLN V 89 7.67 -49.59 5.91
CA GLN V 89 8.14 -48.33 6.43
C GLN V 89 9.63 -48.16 6.12
N GLU V 90 10.41 -49.24 6.30
CA GLU V 90 11.85 -49.29 6.02
C GLU V 90 12.10 -49.09 4.53
N LYS V 91 11.20 -49.62 3.69
CA LYS V 91 11.28 -49.51 2.24
C LYS V 91 11.16 -48.07 1.79
N PHE V 92 10.28 -47.32 2.44
CA PHE V 92 10.10 -45.92 2.13
C PHE V 92 11.27 -45.12 2.58
N ASP V 93 11.83 -45.49 3.74
CA ASP V 93 12.97 -44.79 4.32
C ASP V 93 14.16 -44.82 3.38
N THR V 94 14.28 -45.93 2.62
CA THR V 94 15.31 -46.14 1.61
C THR V 94 14.99 -45.31 0.39
N LEU V 95 13.70 -45.27 0.02
CA LEU V 95 13.22 -44.52 -1.14
C LEU V 95 13.50 -43.03 -1.01
N LYS V 96 13.18 -42.47 0.16
CA LYS V 96 13.36 -41.06 0.47
C LYS V 96 14.83 -40.70 0.42
N ALA V 97 15.66 -41.52 1.10
CA ALA V 97 17.10 -41.32 1.18
C ALA V 97 17.74 -41.27 -0.20
N PHE V 98 17.21 -42.07 -1.12
CA PHE V 98 17.74 -42.12 -2.47
C PHE V 98 17.26 -40.94 -3.29
N LEU V 99 15.97 -40.60 -3.17
CA LEU V 99 15.39 -39.49 -3.93
C LEU V 99 15.88 -38.12 -3.48
N ILE V 100 15.76 -37.81 -2.17
CA ILE V 100 16.17 -36.53 -1.61
C ILE V 100 17.64 -36.33 -1.87
N ARG V 101 17.94 -35.45 -2.83
CA ARG V 101 19.30 -35.12 -3.23
C ARG V 101 19.62 -33.63 -3.12
N GLN V 102 20.88 -33.29 -2.74
CA GLN V 102 21.35 -31.91 -2.56
C GLN V 102 21.71 -31.25 -3.89
N GLU V 103 22.17 -32.07 -4.86
CA GLU V 103 22.53 -31.60 -6.20
C GLU V 103 21.70 -32.25 -7.29
N ASP V 104 21.75 -31.71 -8.52
CA ASP V 104 20.97 -32.26 -9.63
C ASP V 104 21.44 -33.68 -10.02
N VAL V 105 20.53 -34.51 -10.54
CA VAL V 105 20.82 -35.90 -10.86
C VAL V 105 20.40 -36.26 -12.29
N PRO V 106 21.20 -37.11 -12.99
CA PRO V 106 20.86 -37.54 -14.34
C PRO V 106 19.75 -38.59 -14.36
N ILE V 107 18.69 -38.28 -15.13
CA ILE V 107 17.45 -39.07 -15.26
C ILE V 107 17.22 -39.57 -16.70
N ILE V 108 17.07 -40.88 -16.85
CA ILE V 108 16.83 -41.52 -18.14
C ILE V 108 15.60 -42.41 -17.98
N PHE V 109 14.76 -42.49 -19.02
CA PHE V 109 13.57 -43.34 -18.96
C PHE V 109 13.71 -44.60 -19.81
N ASN V 110 13.03 -45.69 -19.41
CA ASN V 110 13.12 -46.96 -20.13
C ASN V 110 12.51 -46.89 -21.53
N ASP V 111 11.60 -45.93 -21.76
CA ASP V 111 11.00 -45.78 -23.06
C ASP V 111 11.76 -44.78 -23.96
N ASP V 112 12.52 -43.86 -23.36
CA ASP V 112 13.32 -42.87 -24.09
C ASP V 112 14.74 -42.93 -23.54
N LEU V 113 15.44 -44.00 -23.92
CA LEU V 113 16.77 -44.31 -23.43
C LEU V 113 17.86 -43.47 -24.06
N GLU V 114 17.56 -42.95 -25.24
CA GLU V 114 18.51 -42.16 -25.98
C GLU V 114 18.91 -40.82 -25.32
N TYR V 115 17.95 -40.14 -24.65
CA TYR V 115 18.14 -38.83 -24.02
C TYR V 115 18.34 -38.96 -22.52
N THR V 116 18.69 -37.84 -21.86
CA THR V 116 19.00 -37.76 -20.42
C THR V 116 18.51 -36.42 -19.88
N PHE V 117 17.71 -36.46 -18.82
CA PHE V 117 17.20 -35.29 -18.12
C PHE V 117 18.10 -35.00 -16.92
N TYR V 118 18.06 -33.77 -16.42
CA TYR V 118 18.87 -33.45 -15.27
C TYR V 118 18.04 -32.69 -14.27
N GLY V 119 17.52 -33.42 -13.31
CA GLY V 119 16.65 -32.87 -12.29
C GLY V 119 16.94 -33.32 -10.88
N ARG V 120 15.95 -33.15 -10.02
CA ARG V 120 16.05 -33.42 -8.60
C ARG V 120 14.64 -33.66 -8.05
N PHE V 121 14.53 -34.49 -7.01
CA PHE V 121 13.25 -34.73 -6.39
C PHE V 121 12.72 -33.44 -5.72
N LYS V 122 11.43 -33.10 -5.92
CA LYS V 122 10.85 -31.88 -5.34
C LYS V 122 9.76 -32.15 -4.28
N THR V 123 8.58 -32.54 -4.70
CA THR V 123 7.44 -32.72 -3.81
C THR V 123 6.79 -34.08 -4.00
N ALA V 124 6.41 -34.74 -2.91
CA ALA V 124 5.73 -36.03 -2.97
C ALA V 124 4.26 -35.84 -2.63
N ASP V 125 3.39 -36.56 -3.35
CA ASP V 125 1.94 -36.49 -3.13
C ASP V 125 1.56 -37.26 -1.86
N ASN V 126 0.43 -36.88 -1.22
CA ASN V 126 -0.08 -37.50 0.00
C ASN V 126 -0.15 -39.03 -0.10
N VAL V 127 0.26 -39.70 0.97
CA VAL V 127 0.36 -41.14 1.06
C VAL V 127 -0.49 -41.68 2.23
N ALA V 128 -1.36 -42.68 1.97
CA ALA V 128 -2.24 -43.28 2.99
C ALA V 128 -1.47 -44.13 4.02
N GLY V 129 -1.94 -44.17 5.26
CA GLY V 129 -1.31 -44.88 6.37
C GLY V 129 -1.95 -46.20 6.76
N ASP V 130 -2.49 -46.93 5.76
CA ASP V 130 -3.17 -48.25 5.87
C ASP V 130 -2.96 -49.11 4.58
N THR V 131 -3.82 -50.14 4.37
CA THR V 131 -3.85 -51.07 3.20
C THR V 131 -2.66 -52.02 3.09
N ASN V 132 -1.41 -51.49 3.17
CA ASN V 132 -0.14 -52.22 3.01
C ASN V 132 0.25 -52.30 1.52
N SER V 133 -0.53 -51.62 0.66
CA SER V 133 -0.29 -51.50 -0.78
C SER V 133 -0.57 -50.05 -1.17
N ILE V 134 0.52 -49.27 -1.29
CA ILE V 134 0.49 -47.83 -1.58
C ILE V 134 0.59 -47.47 -3.07
N ILE V 135 -0.26 -46.55 -3.52
CA ILE V 135 -0.23 -46.02 -4.87
C ILE V 135 -0.38 -44.49 -4.83
N SER V 136 0.71 -43.77 -5.14
CA SER V 136 0.72 -42.30 -5.17
C SER V 136 1.71 -41.79 -6.22
N SER V 137 2.18 -40.55 -6.06
CA SER V 137 3.08 -39.92 -7.01
C SER V 137 4.06 -38.99 -6.35
N PHE V 138 5.01 -38.47 -7.14
CA PHE V 138 6.01 -37.49 -6.73
C PHE V 138 6.54 -36.75 -7.93
N THR V 139 6.83 -35.44 -7.75
CA THR V 139 7.33 -34.56 -8.81
C THR V 139 8.82 -34.42 -8.75
N VAL V 140 9.41 -34.38 -9.93
CA VAL V 140 10.87 -34.27 -10.10
C VAL V 140 11.14 -33.00 -10.92
N LEU V 141 11.61 -31.95 -10.25
CA LEU V 141 11.90 -30.66 -10.87
C LEU V 141 13.20 -30.66 -11.63
N CYS V 142 13.13 -30.38 -12.91
CA CYS V 142 14.26 -30.30 -13.81
C CYS V 142 14.55 -28.84 -14.05
N SER V 143 15.68 -28.37 -13.52
CA SER V 143 16.12 -27.00 -13.68
C SER V 143 16.27 -26.66 -15.18
N ASP V 144 16.78 -27.61 -15.99
CA ASP V 144 16.87 -27.45 -17.43
C ASP V 144 15.76 -28.29 -18.04
N PRO V 145 14.81 -27.67 -18.76
CA PRO V 145 13.69 -28.45 -19.32
C PRO V 145 14.05 -29.32 -20.52
N PHE V 146 15.26 -29.18 -21.03
CA PHE V 146 15.70 -29.98 -22.16
C PHE V 146 16.30 -31.32 -21.77
N LYS V 147 16.00 -32.36 -22.57
CA LYS V 147 16.58 -33.70 -22.46
C LYS V 147 17.79 -33.75 -23.40
N HIS V 148 18.93 -34.24 -22.93
CA HIS V 148 20.11 -34.27 -23.78
C HIS V 148 20.56 -35.65 -24.23
N GLY V 149 20.81 -35.79 -25.52
CA GLY V 149 21.29 -37.03 -26.09
C GLY V 149 22.77 -37.24 -25.84
N LYS V 150 23.40 -38.00 -26.75
CA LYS V 150 24.82 -38.36 -26.68
C LYS V 150 25.68 -37.12 -26.97
N ILE V 151 26.91 -37.13 -26.45
CA ILE V 151 27.86 -36.06 -26.67
C ILE V 151 28.57 -36.27 -28.01
N GLN V 152 28.60 -35.23 -28.85
CA GLN V 152 29.19 -35.34 -30.18
C GLN V 152 30.29 -34.34 -30.42
N SER V 153 31.35 -34.77 -31.10
CA SER V 153 32.51 -33.95 -31.43
C SER V 153 32.59 -33.78 -32.96
N VAL V 154 32.32 -32.55 -33.42
CA VAL V 154 32.25 -32.20 -34.84
C VAL V 154 33.25 -31.10 -35.15
N LYS V 155 33.92 -31.23 -36.32
CA LYS V 155 34.91 -30.24 -36.74
C LYS V 155 34.32 -29.07 -37.54
N ASN V 156 34.62 -27.83 -37.10
CA ASN V 156 34.28 -26.53 -37.70
C ASN V 156 32.79 -26.16 -37.73
N LYS V 157 31.96 -26.95 -38.40
CA LYS V 157 30.53 -26.64 -38.58
C LYS V 157 29.59 -27.74 -38.16
N VAL V 158 28.39 -27.37 -37.69
CA VAL V 158 27.33 -28.32 -37.31
C VAL V 158 26.32 -28.40 -38.46
N ILE V 159 26.14 -29.61 -38.98
CA ILE V 159 25.23 -29.87 -40.10
C ILE V 159 24.08 -30.80 -39.74
N GLU V 160 24.07 -31.27 -38.48
CA GLU V 160 23.05 -32.16 -37.94
C GLU V 160 21.72 -31.45 -37.76
N VAL V 161 20.61 -32.19 -37.93
CA VAL V 161 19.26 -31.63 -37.76
C VAL V 161 18.97 -31.36 -36.26
N LEU V 162 19.18 -30.10 -35.85
CA LEU V 162 19.00 -29.63 -34.47
C LEU V 162 17.60 -29.04 -34.27
N PRO V 163 16.77 -29.65 -33.39
CA PRO V 163 15.39 -29.17 -33.22
C PRO V 163 15.29 -27.88 -32.45
N TYR V 164 16.27 -27.63 -31.61
CA TYR V 164 16.33 -26.42 -30.79
C TYR V 164 17.77 -25.92 -30.78
N PRO V 165 17.98 -24.59 -30.68
CA PRO V 165 19.35 -24.06 -30.58
C PRO V 165 20.06 -24.62 -29.35
N VAL V 166 21.26 -25.16 -29.55
CA VAL V 166 22.03 -25.82 -28.50
C VAL V 166 23.22 -25.01 -28.03
N LYS V 167 23.36 -24.88 -26.70
CA LYS V 167 24.54 -24.23 -26.11
C LYS V 167 25.63 -25.31 -26.10
N PRO V 168 26.86 -25.04 -26.63
CA PRO V 168 27.90 -26.08 -26.67
C PRO V 168 28.42 -26.51 -25.30
N ASP V 169 29.35 -27.47 -25.29
CA ASP V 169 29.92 -27.98 -24.05
C ASP V 169 31.39 -27.63 -23.99
N LYS V 170 32.09 -27.68 -25.14
CA LYS V 170 33.51 -27.40 -25.28
C LYS V 170 33.81 -26.95 -26.71
N LEU V 171 34.69 -25.95 -26.83
CA LEU V 171 35.15 -25.40 -28.10
C LEU V 171 36.68 -25.45 -28.16
N SER V 172 37.20 -26.39 -28.94
CA SER V 172 38.64 -26.56 -29.06
C SER V 172 39.17 -25.86 -30.32
N PHE V 173 39.72 -24.64 -30.15
CA PHE V 173 40.30 -23.87 -31.24
C PHE V 173 41.78 -24.16 -31.38
N LYS V 174 42.28 -24.11 -32.61
CA LYS V 174 43.70 -24.28 -32.93
C LYS V 174 44.05 -23.20 -33.94
N LEU V 175 44.74 -22.15 -33.49
CA LEU V 175 45.11 -21.01 -34.31
C LEU V 175 46.11 -21.33 -35.42
N LEU V 176 46.13 -20.47 -36.45
CA LEU V 176 47.04 -20.58 -37.59
C LEU V 176 47.60 -19.22 -37.95
N THR V 177 46.80 -18.16 -37.72
CA THR V 177 47.19 -16.76 -37.98
C THR V 177 47.60 -16.04 -36.68
N GLU V 178 47.62 -14.69 -36.69
CA GLU V 178 48.04 -13.88 -35.55
C GLU V 178 47.00 -13.86 -34.42
N GLY V 179 45.77 -13.45 -34.76
CA GLY V 179 44.68 -13.34 -33.81
C GLY V 179 43.50 -14.26 -34.08
N LEU V 180 42.63 -14.41 -33.06
CA LEU V 180 41.42 -15.24 -33.09
C LEU V 180 40.17 -14.38 -33.25
N LEU V 181 39.37 -14.68 -34.29
CA LEU V 181 38.13 -13.99 -34.60
C LEU V 181 37.12 -14.99 -35.16
N ALA V 182 36.47 -15.72 -34.24
CA ALA V 182 35.48 -16.73 -34.58
C ALA V 182 34.12 -16.08 -34.85
N THR V 183 33.53 -16.40 -36.01
CA THR V 183 32.24 -15.85 -36.40
C THR V 183 31.40 -16.85 -37.19
N ASP V 184 30.08 -16.72 -37.08
CA ASP V 184 29.11 -17.54 -37.80
C ASP V 184 28.08 -16.67 -38.49
N GLY V 185 28.18 -15.37 -38.28
CA GLY V 185 27.26 -14.39 -38.86
C GLY V 185 26.50 -13.59 -37.82
N ASN V 186 26.14 -14.26 -36.71
CA ASN V 186 25.40 -13.66 -35.61
C ASN V 186 26.32 -13.40 -34.41
N TYR V 187 27.01 -14.46 -33.95
CA TYR V 187 27.92 -14.40 -32.80
C TYR V 187 29.33 -14.13 -33.27
N ARG V 188 30.06 -13.29 -32.53
CA ARG V 188 31.45 -12.96 -32.83
C ARG V 188 32.16 -13.21 -31.50
N LEU V 189 33.10 -14.17 -31.49
CA LEU V 189 33.86 -14.49 -30.28
C LEU V 189 35.27 -14.20 -30.68
N LYS V 190 35.86 -13.16 -30.08
CA LYS V 190 37.21 -12.72 -30.42
C LYS V 190 38.14 -12.60 -29.22
N SER V 191 39.44 -12.84 -29.46
CA SER V 191 40.50 -12.75 -28.46
C SER V 191 41.75 -12.12 -29.08
N SER V 192 41.97 -10.84 -28.77
CA SER V 192 43.12 -10.05 -29.22
C SER V 192 44.36 -10.47 -28.44
N GLN V 193 45.55 -10.31 -29.07
CA GLN V 193 46.86 -10.66 -28.54
C GLN V 193 46.94 -12.12 -28.06
N ALA V 194 46.34 -13.02 -28.86
CA ALA V 194 46.28 -14.46 -28.62
C ALA V 194 47.63 -15.13 -28.92
N LYS V 195 47.76 -16.42 -28.54
CA LYS V 195 48.96 -17.22 -28.78
C LYS V 195 49.00 -17.71 -30.23
N LYS V 196 49.67 -16.92 -31.09
CA LYS V 196 49.79 -17.23 -32.51
C LYS V 196 50.80 -18.34 -32.76
N GLY V 197 50.61 -19.08 -33.86
CA GLY V 197 51.51 -20.16 -34.26
C GLY V 197 51.21 -21.51 -33.63
N ASP V 198 50.00 -22.04 -33.93
CA ASP V 198 49.49 -23.35 -33.51
C ASP V 198 49.41 -23.59 -32.00
N PHE V 199 48.46 -22.91 -31.33
CA PHE V 199 48.27 -23.06 -29.89
C PHE V 199 46.79 -23.25 -29.56
N LEU V 200 46.47 -24.34 -28.84
CA LEU V 200 45.12 -24.73 -28.46
C LEU V 200 44.54 -23.90 -27.33
N GLU V 201 43.29 -23.47 -27.49
CA GLU V 201 42.55 -22.76 -26.44
C GLU V 201 41.21 -23.41 -26.25
N PHE V 202 41.03 -24.02 -25.10
CA PHE V 202 39.80 -24.71 -24.73
C PHE V 202 38.81 -23.72 -24.15
N ASP V 203 37.59 -23.73 -24.69
CA ASP V 203 36.49 -22.90 -24.22
C ASP V 203 35.39 -23.82 -23.69
N PHE V 204 35.55 -24.22 -22.42
CA PHE V 204 34.63 -25.13 -21.73
C PHE V 204 33.43 -24.32 -21.23
N GLN V 205 32.32 -24.48 -21.94
CA GLN V 205 31.05 -23.77 -21.70
C GLN V 205 30.46 -24.03 -20.32
N THR V 206 30.60 -25.27 -19.81
CA THR V 206 30.09 -25.66 -18.48
C THR V 206 31.14 -25.54 -17.34
N GLY V 207 31.97 -24.50 -17.42
CA GLY V 207 33.02 -24.23 -16.44
C GLY V 207 33.76 -22.94 -16.73
N ASP V 208 35.03 -23.07 -17.13
CA ASP V 208 35.94 -21.96 -17.42
C ASP V 208 36.76 -22.14 -18.71
N THR V 209 37.67 -21.20 -19.03
CA THR V 209 38.51 -21.25 -20.23
C THR V 209 39.93 -21.75 -19.92
N PHE V 210 40.57 -22.39 -20.91
CA PHE V 210 41.94 -22.91 -20.77
C PHE V 210 42.82 -22.42 -21.91
N LEU V 211 44.12 -22.26 -21.61
CA LEU V 211 45.14 -21.86 -22.58
C LEU V 211 46.18 -22.96 -22.59
N ASN V 212 46.29 -23.69 -23.72
CA ASN V 212 47.17 -24.83 -23.91
C ASN V 212 46.77 -25.78 -22.77
N GLY V 213 47.65 -26.03 -21.82
CA GLY V 213 47.37 -26.88 -20.67
C GLY V 213 46.85 -26.21 -19.41
N LYS V 214 47.42 -25.05 -19.09
CA LYS V 214 47.11 -24.25 -17.89
C LYS V 214 45.77 -23.52 -17.97
N VAL V 215 45.15 -23.30 -16.80
CA VAL V 215 43.87 -22.60 -16.69
C VAL V 215 44.07 -21.10 -16.78
N ASN V 216 43.49 -20.48 -17.79
CA ASN V 216 43.56 -19.03 -17.95
C ASN V 216 42.16 -18.49 -18.17
N ASN V 217 41.45 -18.26 -17.06
CA ASN V 217 40.08 -17.80 -17.08
C ASN V 217 39.94 -16.27 -17.15
N ASN V 218 40.93 -15.54 -16.63
CA ASN V 218 40.91 -14.07 -16.56
C ASN V 218 41.30 -13.34 -17.83
N LEU V 219 42.34 -13.83 -18.53
CA LEU V 219 42.87 -13.14 -19.70
C LEU V 219 42.43 -13.63 -21.07
N LEU V 220 42.22 -14.95 -21.23
CA LEU V 220 41.90 -15.61 -22.51
C LEU V 220 41.04 -14.82 -23.51
N ASP V 221 39.79 -14.49 -23.13
CA ASP V 221 38.86 -13.76 -23.99
C ASP V 221 38.93 -12.25 -23.81
N LEU V 222 38.63 -11.53 -24.89
CA LEU V 222 38.59 -10.07 -24.94
C LEU V 222 37.27 -9.58 -24.33
N ASP V 223 37.14 -8.26 -24.10
CA ASP V 223 35.97 -7.65 -23.50
C ASP V 223 34.67 -7.82 -24.31
N SER V 224 34.77 -7.75 -25.65
CA SER V 224 33.63 -7.89 -26.56
C SER V 224 33.46 -9.32 -27.12
N ASP V 225 33.83 -10.34 -26.33
CA ASP V 225 33.73 -11.75 -26.75
C ASP V 225 32.40 -12.36 -26.30
N PHE V 226 32.00 -13.48 -26.92
CA PHE V 226 30.76 -14.16 -26.58
C PHE V 226 30.98 -15.56 -25.98
N LYS V 227 30.19 -15.89 -24.95
CA LYS V 227 30.17 -17.18 -24.23
C LYS V 227 28.72 -17.70 -24.11
N ASN V 228 27.78 -16.97 -24.71
CA ASN V 228 26.35 -17.26 -24.75
C ASN V 228 25.95 -17.74 -26.16
N ILE V 229 26.95 -18.24 -26.91
CA ILE V 229 26.77 -18.73 -28.29
C ILE V 229 25.84 -19.94 -28.36
N ARG V 230 24.97 -19.98 -29.39
CA ARG V 230 24.05 -21.08 -29.57
C ARG V 230 24.16 -21.63 -30.98
N LEU V 231 24.14 -22.95 -31.09
CA LEU V 231 24.26 -23.66 -32.34
C LEU V 231 22.91 -24.00 -32.96
N THR V 232 22.73 -23.61 -34.22
CA THR V 232 21.53 -23.92 -34.99
C THR V 232 21.88 -25.10 -35.89
N THR V 233 20.90 -25.57 -36.65
CA THR V 233 21.08 -26.70 -37.56
C THR V 233 22.10 -26.42 -38.67
N GLY V 234 22.32 -25.15 -38.98
CA GLY V 234 23.26 -24.76 -40.02
C GLY V 234 24.28 -23.73 -39.60
N THR V 235 24.94 -23.96 -38.45
CA THR V 235 25.94 -23.02 -37.93
C THR V 235 27.32 -23.35 -38.49
N ASP V 236 27.97 -22.38 -39.12
CA ASP V 236 29.29 -22.57 -39.72
C ASP V 236 30.33 -21.61 -39.14
N PHE V 237 31.45 -22.17 -38.69
CA PHE V 237 32.55 -21.40 -38.14
C PHE V 237 33.82 -21.57 -38.94
N SER V 238 33.82 -22.53 -39.90
CA SER V 238 34.98 -22.86 -40.74
C SER V 238 35.69 -21.65 -41.32
N SER V 239 37.00 -21.54 -41.02
CA SER V 239 37.87 -20.46 -41.48
C SER V 239 39.31 -20.95 -41.65
N SER V 240 40.08 -20.23 -42.48
CA SER V 240 41.49 -20.53 -42.75
C SER V 240 42.41 -20.12 -41.60
N ASN V 241 41.88 -19.32 -40.65
CA ASN V 241 42.62 -18.80 -39.48
C ASN V 241 42.68 -19.74 -38.29
N TYR V 242 41.71 -20.65 -38.15
CA TYR V 242 41.62 -21.56 -37.01
C TYR V 242 40.94 -22.87 -37.35
N GLU V 243 41.34 -23.97 -36.68
CA GLU V 243 40.73 -25.29 -36.83
C GLU V 243 39.93 -25.54 -35.53
N LEU V 244 38.60 -25.49 -35.62
CA LEU V 244 37.70 -25.65 -34.48
C LEU V 244 37.08 -27.03 -34.37
N THR V 245 37.05 -27.57 -33.14
CA THR V 245 36.40 -28.84 -32.82
C THR V 245 35.32 -28.52 -31.81
N ILE V 246 34.06 -28.60 -32.25
CA ILE V 246 32.88 -28.31 -31.44
C ILE V 246 32.43 -29.57 -30.71
N GLN V 247 32.07 -29.40 -29.43
CA GLN V 247 31.57 -30.48 -28.59
C GLN V 247 30.22 -30.03 -28.05
N TYR V 248 29.15 -30.72 -28.50
CA TYR V 248 27.78 -30.40 -28.13
C TYR V 248 26.94 -31.66 -27.92
N ARG V 249 25.77 -31.47 -27.31
CA ARG V 249 24.81 -32.53 -27.04
C ARG V 249 23.47 -32.06 -27.54
N LYS V 250 22.81 -32.89 -28.36
CA LYS V 250 21.48 -32.59 -28.90
C LYS V 250 20.43 -32.36 -27.79
N ALA V 251 19.82 -31.18 -27.77
CA ALA V 251 18.81 -30.83 -26.77
C ALA V 251 17.41 -30.84 -27.36
N VAL V 252 16.49 -31.55 -26.71
CA VAL V 252 15.09 -31.72 -27.09
C VAL V 252 14.16 -31.39 -25.91
N LEU V 253 12.93 -30.91 -26.18
CA LEU V 253 11.90 -30.59 -25.17
C LEU V 253 10.76 -31.59 -25.24
N TYR W 13 -2.56 -52.68 -50.10
CA TYR W 13 -3.38 -51.58 -49.58
C TYR W 13 -2.55 -50.29 -49.57
N ARG W 14 -3.16 -49.15 -49.18
CA ARG W 14 -2.46 -47.87 -49.14
C ARG W 14 -2.62 -47.20 -47.77
N ASN W 15 -1.51 -46.78 -47.15
CA ASN W 15 -1.55 -46.08 -45.85
C ASN W 15 -1.61 -44.57 -46.10
N LEU W 16 -2.82 -44.09 -46.42
CA LEU W 16 -3.10 -42.71 -46.75
C LEU W 16 -3.26 -41.82 -45.51
N PRO W 17 -2.58 -40.66 -45.46
CA PRO W 17 -2.75 -39.76 -44.29
C PRO W 17 -4.12 -39.08 -44.34
N PHE W 18 -4.85 -39.14 -43.23
CA PHE W 18 -6.18 -38.57 -43.13
C PHE W 18 -6.15 -37.11 -42.69
N ILE W 19 -6.84 -36.23 -43.45
CA ILE W 19 -6.93 -34.81 -43.09
C ILE W 19 -8.37 -34.47 -42.66
N PRO W 20 -8.61 -34.19 -41.36
CA PRO W 20 -9.98 -33.91 -40.88
C PRO W 20 -10.55 -32.60 -41.39
N THR W 21 -11.87 -32.41 -41.21
CA THR W 21 -12.65 -31.26 -41.65
C THR W 21 -12.13 -29.93 -41.14
N SER W 22 -11.71 -29.90 -39.88
CA SER W 22 -11.20 -28.72 -39.21
C SER W 22 -9.74 -28.91 -38.83
N ALA W 23 -8.92 -29.31 -39.83
CA ALA W 23 -7.49 -29.54 -39.67
C ALA W 23 -6.72 -28.23 -39.57
N MET W 24 -5.54 -28.26 -38.97
CA MET W 24 -4.74 -27.04 -38.83
C MET W 24 -3.47 -27.11 -39.61
N SER W 25 -3.23 -26.07 -40.42
CA SER W 25 -2.06 -25.88 -41.26
C SER W 25 -1.12 -24.91 -40.49
N TYR W 26 -0.14 -25.49 -39.79
CA TYR W 26 0.81 -24.69 -39.02
C TYR W 26 2.03 -24.52 -39.89
N ASP W 27 2.39 -23.28 -40.19
CA ASP W 27 3.51 -22.95 -41.07
C ASP W 27 3.45 -23.65 -42.45
N GLY W 28 2.25 -23.66 -43.02
CA GLY W 28 2.00 -24.26 -44.33
C GLY W 28 1.85 -25.78 -44.36
N ALA W 29 2.31 -26.47 -43.28
CA ALA W 29 2.24 -27.92 -43.20
C ALA W 29 1.14 -28.43 -42.27
N TRP W 30 0.52 -29.59 -42.61
CA TRP W 30 -0.52 -30.22 -41.78
C TRP W 30 0.13 -31.10 -40.75
N LEU W 31 -0.27 -30.96 -39.49
CA LEU W 31 0.35 -31.75 -38.43
C LEU W 31 0.02 -33.24 -38.53
N GLU W 32 -1.21 -33.55 -38.99
CA GLU W 32 -1.72 -34.92 -39.15
C GLU W 32 -1.01 -35.64 -40.25
N GLU W 33 -0.42 -34.86 -41.17
CA GLU W 33 0.37 -35.32 -42.30
C GLU W 33 1.81 -35.52 -41.84
N LEU W 34 2.27 -34.62 -40.97
CA LEU W 34 3.61 -34.64 -40.40
C LEU W 34 3.80 -35.84 -39.49
N ILE W 35 2.90 -35.98 -38.51
CA ILE W 35 2.98 -37.04 -37.52
C ILE W 35 1.89 -38.07 -37.78
N GLU W 36 2.30 -39.33 -38.00
CA GLU W 36 1.39 -40.44 -38.24
C GLU W 36 0.64 -40.77 -36.95
N GLY W 37 -0.69 -40.79 -37.00
CA GLY W 37 -1.50 -41.09 -35.83
C GLY W 37 -2.14 -39.87 -35.23
N TYR W 38 -1.62 -38.68 -35.62
CA TYR W 38 -2.13 -37.39 -35.18
C TYR W 38 -3.43 -37.07 -35.92
N GLN W 39 -4.38 -36.46 -35.20
CA GLN W 39 -5.66 -36.08 -35.79
C GLN W 39 -6.22 -34.91 -35.03
N THR W 40 -6.61 -33.85 -35.75
CA THR W 40 -7.23 -32.66 -35.14
C THR W 40 -8.72 -32.93 -34.98
N LEU W 41 -9.18 -32.97 -33.74
CA LEU W 41 -10.57 -33.27 -33.40
C LEU W 41 -11.47 -32.05 -33.43
N ALA W 42 -11.09 -30.99 -32.71
CA ALA W 42 -11.89 -29.78 -32.70
C ALA W 42 -11.00 -28.56 -32.55
N VAL W 43 -11.48 -27.42 -33.06
CA VAL W 43 -10.81 -26.14 -32.93
C VAL W 43 -11.78 -25.14 -32.38
N GLU W 44 -11.43 -24.54 -31.22
CA GLU W 44 -12.27 -23.57 -30.53
C GLU W 44 -11.66 -22.17 -30.42
N GLY W 45 -12.54 -21.15 -30.47
CA GLY W 45 -12.21 -19.75 -30.25
C GLY W 45 -12.29 -18.82 -31.44
N ARG W 46 -12.32 -19.42 -32.60
CA ARG W 46 -12.29 -18.62 -33.81
C ARG W 46 -13.65 -18.13 -34.27
N GLU W 47 -14.68 -18.87 -33.93
CA GLU W 47 -16.00 -18.53 -34.29
C GLU W 47 -16.70 -17.42 -33.56
N MET W 48 -16.16 -17.02 -32.41
CA MET W 48 -16.76 -16.03 -31.51
C MET W 48 -15.67 -15.29 -30.79
N TYR W 49 -15.79 -13.95 -30.79
CA TYR W 49 -14.80 -13.07 -30.18
C TYR W 49 -15.37 -12.20 -29.10
N SER W 50 -14.60 -12.00 -28.02
CA SER W 50 -14.95 -11.18 -26.86
C SER W 50 -14.14 -9.89 -26.85
N LEU W 51 -14.74 -8.81 -26.36
CA LEU W 51 -14.08 -7.51 -26.30
C LEU W 51 -13.76 -7.09 -24.89
N SER W 52 -12.69 -6.28 -24.75
CA SER W 52 -12.25 -5.72 -23.47
C SER W 52 -12.78 -4.30 -23.33
N PHE W 53 -13.36 -3.97 -22.17
CA PHE W 53 -13.94 -2.64 -21.95
C PHE W 53 -13.41 -1.93 -20.74
N GLU W 54 -13.22 -0.60 -20.88
CA GLU W 54 -12.81 0.30 -19.79
C GLU W 54 -14.03 1.16 -19.46
N THR W 55 -14.59 0.96 -18.27
CA THR W 55 -15.80 1.66 -17.88
C THR W 55 -15.62 2.61 -16.71
N GLN W 56 -16.10 3.85 -16.88
CA GLN W 56 -16.08 4.88 -15.85
C GLN W 56 -17.52 5.10 -15.38
N ASP W 57 -17.94 4.28 -14.41
CA ASP W 57 -19.27 4.33 -13.84
C ASP W 57 -19.54 5.60 -13.04
N MET W 58 -20.78 6.10 -13.10
CA MET W 58 -21.20 7.28 -12.37
C MET W 58 -22.47 6.98 -11.58
N GLN W 59 -23.22 8.01 -11.17
CA GLN W 59 -24.45 7.87 -10.40
C GLN W 59 -25.49 7.08 -11.15
N VAL W 60 -25.71 7.40 -12.42
CA VAL W 60 -26.66 6.69 -13.25
C VAL W 60 -25.97 6.17 -14.48
N GLY W 61 -25.95 4.86 -14.63
CA GLY W 61 -25.30 4.18 -15.74
C GLY W 61 -23.79 4.21 -15.63
N GLY W 62 -23.13 4.39 -16.76
CA GLY W 62 -21.67 4.43 -16.83
C GLY W 62 -21.16 4.51 -18.25
N VAL W 63 -20.26 5.46 -18.51
CA VAL W 63 -19.68 5.70 -19.83
C VAL W 63 -18.45 4.84 -20.09
N ILE W 64 -18.28 4.43 -21.36
CA ILE W 64 -17.16 3.61 -21.80
C ILE W 64 -15.97 4.50 -22.11
N THR W 65 -14.89 4.32 -21.36
CA THR W 65 -13.66 5.09 -21.52
C THR W 65 -12.92 4.64 -22.77
N ASN W 66 -12.61 3.32 -22.86
CA ASN W 66 -11.88 2.72 -23.98
C ASN W 66 -12.28 1.28 -24.28
N VAL W 67 -12.37 0.95 -25.58
CA VAL W 67 -12.65 -0.40 -26.09
C VAL W 67 -11.38 -1.02 -26.69
N LYS W 68 -10.94 -2.12 -26.09
CA LYS W 68 -9.73 -2.84 -26.46
C LYS W 68 -10.04 -4.16 -27.17
N TYR W 69 -9.12 -4.61 -28.03
CA TYR W 69 -9.23 -5.86 -28.78
C TYR W 69 -8.17 -6.80 -28.29
N PRO W 70 -8.54 -7.69 -27.34
CA PRO W 70 -7.54 -8.59 -26.75
C PRO W 70 -6.98 -9.63 -27.72
N PRO W 71 -5.71 -10.07 -27.56
CA PRO W 71 -5.17 -11.09 -28.47
C PRO W 71 -5.78 -12.43 -28.11
N ARG W 72 -6.45 -13.04 -29.07
CA ARG W 72 -7.11 -14.31 -28.81
C ARG W 72 -6.25 -15.52 -29.06
N GLU W 73 -6.49 -16.54 -28.25
CA GLU W 73 -5.84 -17.83 -28.31
C GLU W 73 -6.85 -18.90 -28.72
N LEU W 74 -6.48 -19.72 -29.70
CA LEU W 74 -7.35 -20.75 -30.22
C LEU W 74 -6.94 -22.08 -29.65
N THR W 75 -7.91 -22.78 -29.01
CA THR W 75 -7.68 -24.10 -28.41
C THR W 75 -7.85 -25.19 -29.48
N ILE W 76 -6.84 -26.09 -29.59
CA ILE W 76 -6.76 -27.17 -30.58
C ILE W 76 -6.82 -28.49 -29.82
N LYS W 77 -7.91 -29.24 -30.03
CA LYS W 77 -8.13 -30.58 -29.45
C LYS W 77 -7.63 -31.61 -30.44
N TYR W 78 -6.66 -32.42 -30.01
CA TYR W 78 -6.01 -33.39 -30.87
C TYR W 78 -5.98 -34.80 -30.28
N LYS W 79 -5.66 -35.81 -31.13
CA LYS W 79 -5.56 -37.21 -30.74
C LYS W 79 -4.38 -37.81 -31.45
N LEU W 80 -3.40 -38.24 -30.67
CA LEU W 80 -2.20 -38.91 -31.14
C LEU W 80 -2.16 -40.32 -30.59
N GLU W 81 -2.01 -41.29 -31.48
CA GLU W 81 -1.98 -42.68 -31.07
C GLU W 81 -0.93 -43.50 -31.83
N ASP W 82 -0.29 -44.43 -31.08
CA ASP W 82 0.67 -45.39 -31.60
C ASP W 82 0.74 -46.60 -30.72
N ARG W 83 0.85 -47.77 -31.33
CA ARG W 83 0.91 -49.02 -30.58
C ARG W 83 2.18 -49.13 -29.71
N ASP W 84 3.32 -48.64 -30.23
CA ASP W 84 4.62 -48.70 -29.55
C ASP W 84 4.88 -47.47 -28.70
N PRO W 85 5.13 -47.66 -27.39
CA PRO W 85 5.34 -46.50 -26.52
C PRO W 85 6.62 -45.71 -26.80
N ARG W 86 7.66 -46.38 -27.35
CA ARG W 86 8.92 -45.72 -27.65
C ARG W 86 8.74 -44.75 -28.82
N VAL W 87 7.99 -45.19 -29.85
CA VAL W 87 7.73 -44.41 -31.06
C VAL W 87 6.85 -43.27 -30.72
N LEU W 88 5.87 -43.52 -29.85
CA LEU W 88 4.92 -42.50 -29.41
C LEU W 88 5.63 -41.32 -28.78
N GLN W 89 6.65 -41.60 -27.98
CA GLN W 89 7.46 -40.58 -27.33
C GLN W 89 8.21 -39.76 -28.38
N GLU W 90 8.77 -40.44 -29.41
CA GLU W 90 9.50 -39.85 -30.52
C GLU W 90 8.57 -38.97 -31.35
N LYS W 91 7.31 -39.41 -31.48
CA LYS W 91 6.27 -38.69 -32.24
C LYS W 91 5.96 -37.35 -31.59
N PHE W 92 5.94 -37.33 -30.24
CA PHE W 92 5.70 -36.11 -29.51
C PHE W 92 6.86 -35.18 -29.62
N ASP W 93 8.09 -35.74 -29.60
CA ASP W 93 9.33 -34.98 -29.69
C ASP W 93 9.39 -34.18 -30.97
N THR W 94 8.81 -34.75 -32.06
CA THR W 94 8.69 -34.13 -33.38
C THR W 94 7.60 -33.08 -33.35
N LEU W 95 6.49 -33.38 -32.67
CA LEU W 95 5.35 -32.46 -32.54
C LEU W 95 5.75 -31.17 -31.85
N LYS W 96 6.45 -31.30 -30.71
CA LYS W 96 6.90 -30.17 -29.91
C LYS W 96 7.85 -29.30 -30.70
N ALA W 97 8.85 -29.93 -31.35
CA ALA W 97 9.86 -29.25 -32.17
C ALA W 97 9.23 -28.41 -33.25
N PHE W 98 8.13 -28.89 -33.80
CA PHE W 98 7.43 -28.19 -34.86
C PHE W 98 6.60 -27.05 -34.32
N LEU W 99 5.89 -27.31 -33.22
CA LEU W 99 5.02 -26.29 -32.63
C LEU W 99 5.77 -25.13 -31.99
N ILE W 100 6.70 -25.44 -31.06
CA ILE W 100 7.50 -24.45 -30.34
C ILE W 100 8.30 -23.64 -31.34
N ARG W 101 7.84 -22.39 -31.56
CA ARG W 101 8.44 -21.45 -32.49
C ARG W 101 8.82 -20.12 -31.82
N GLN W 102 9.95 -19.51 -32.26
CA GLN W 102 10.48 -18.23 -31.73
C GLN W 102 9.76 -17.02 -32.34
N GLU W 103 9.26 -17.17 -33.57
CA GLU W 103 8.52 -16.12 -34.27
C GLU W 103 7.09 -16.53 -34.63
N ASP W 104 6.24 -15.56 -35.01
CA ASP W 104 4.84 -15.84 -35.37
C ASP W 104 4.73 -16.72 -36.63
N VAL W 105 3.68 -17.52 -36.72
CA VAL W 105 3.50 -18.46 -37.82
C VAL W 105 2.10 -18.34 -38.47
N PRO W 106 2.05 -18.44 -39.82
CA PRO W 106 0.76 -18.39 -40.54
C PRO W 106 -0.05 -19.69 -40.40
N ILE W 107 -1.29 -19.53 -39.88
CA ILE W 107 -2.24 -20.61 -39.58
C ILE W 107 -3.49 -20.55 -40.44
N ILE W 108 -3.79 -21.65 -41.14
CA ILE W 108 -4.97 -21.78 -41.99
C ILE W 108 -5.73 -23.03 -41.61
N PHE W 109 -7.07 -22.99 -41.59
CA PHE W 109 -7.88 -24.17 -41.24
C PHE W 109 -8.50 -24.82 -42.47
N ASN W 110 -8.73 -26.14 -42.43
CA ASN W 110 -9.29 -26.87 -43.57
C ASN W 110 -10.74 -26.48 -43.88
N ASP W 111 -11.44 -25.95 -42.87
CA ASP W 111 -12.81 -25.51 -43.07
C ASP W 111 -12.94 -24.03 -43.46
N ASP W 112 -11.93 -23.21 -43.12
CA ASP W 112 -11.90 -21.79 -43.46
C ASP W 112 -10.57 -21.50 -44.13
N LEU W 113 -10.49 -21.94 -45.40
CA LEU W 113 -9.26 -21.86 -46.21
C LEU W 113 -9.00 -20.49 -46.77
N GLU W 114 -10.05 -19.68 -46.86
CA GLU W 114 -10.00 -18.32 -47.38
C GLU W 114 -9.09 -17.37 -46.55
N TYR W 115 -9.17 -17.46 -45.23
CA TYR W 115 -8.44 -16.58 -44.33
C TYR W 115 -7.15 -17.25 -43.84
N THR W 116 -6.32 -16.48 -43.09
CA THR W 116 -5.02 -16.88 -42.52
C THR W 116 -4.81 -16.14 -41.20
N PHE W 117 -4.56 -16.90 -40.14
CA PHE W 117 -4.26 -16.38 -38.80
C PHE W 117 -2.76 -16.26 -38.63
N TYR W 118 -2.32 -15.44 -37.69
CA TYR W 118 -0.89 -15.35 -37.46
C TYR W 118 -0.61 -15.42 -35.97
N GLY W 119 -0.27 -16.61 -35.53
CA GLY W 119 -0.01 -16.85 -34.12
C GLY W 119 1.22 -17.66 -33.81
N ARG W 120 1.23 -18.23 -32.62
CA ARG W 120 2.35 -18.99 -32.10
C ARG W 120 1.86 -19.95 -31.03
N PHE W 121 2.52 -21.11 -30.90
CA PHE W 121 2.15 -22.09 -29.88
C PHE W 121 2.38 -21.50 -28.48
N LYS W 122 1.39 -21.64 -27.57
CA LYS W 122 1.50 -21.09 -26.23
C LYS W 122 1.61 -22.14 -25.14
N THR W 123 0.49 -22.73 -24.71
CA THR W 123 0.53 -23.71 -23.63
C THR W 123 -0.22 -24.99 -24.02
N ALA W 124 0.24 -26.14 -23.49
CA ALA W 124 -0.40 -27.43 -23.73
C ALA W 124 -1.01 -27.96 -22.45
N ASP W 125 -2.22 -28.52 -22.56
CA ASP W 125 -2.94 -29.09 -21.43
C ASP W 125 -2.29 -30.42 -21.02
N ASN W 126 -2.51 -30.85 -19.75
CA ASN W 126 -1.95 -32.07 -19.14
C ASN W 126 -2.16 -33.30 -20.03
N VAL W 127 -1.12 -34.12 -20.13
CA VAL W 127 -1.07 -35.30 -20.98
C VAL W 127 -0.78 -36.56 -20.16
N ALA W 128 -1.65 -37.59 -20.29
CA ALA W 128 -1.54 -38.87 -19.57
C ALA W 128 -0.34 -39.70 -20.03
N GLY W 129 0.27 -40.43 -19.08
CA GLY W 129 1.45 -41.26 -19.32
C GLY W 129 1.19 -42.76 -19.44
N ASP W 130 0.02 -43.13 -19.99
CA ASP W 130 -0.44 -44.52 -20.24
C ASP W 130 -1.38 -44.60 -21.51
N THR W 131 -2.14 -45.72 -21.63
CA THR W 131 -3.12 -46.02 -22.70
C THR W 131 -2.49 -46.30 -24.07
N ASN W 132 -1.58 -45.41 -24.54
CA ASN W 132 -0.90 -45.47 -25.86
C ASN W 132 -1.79 -44.81 -26.95
N SER W 133 -2.92 -44.25 -26.55
CA SER W 133 -3.82 -43.52 -27.44
C SER W 133 -4.29 -42.32 -26.63
N ILE W 134 -3.60 -41.20 -26.81
CA ILE W 134 -3.83 -40.01 -26.01
C ILE W 134 -4.56 -38.86 -26.69
N ILE W 135 -5.54 -38.33 -25.97
CA ILE W 135 -6.35 -37.23 -26.44
C ILE W 135 -6.05 -36.07 -25.50
N SER W 136 -5.60 -34.96 -26.08
CA SER W 136 -5.30 -33.76 -25.32
C SER W 136 -5.67 -32.55 -26.14
N SER W 137 -5.24 -31.38 -25.68
CA SER W 137 -5.51 -30.11 -26.35
C SER W 137 -4.37 -29.14 -26.09
N PHE W 138 -4.09 -28.25 -27.04
CA PHE W 138 -3.04 -27.24 -26.84
C PHE W 138 -3.55 -25.94 -27.41
N THR W 139 -3.13 -24.83 -26.82
CA THR W 139 -3.56 -23.52 -27.28
C THR W 139 -2.53 -22.73 -28.05
N VAL W 140 -3.00 -21.98 -29.07
CA VAL W 140 -2.18 -21.17 -29.97
C VAL W 140 -2.57 -19.70 -29.89
N LEU W 141 -1.71 -18.89 -29.28
CA LEU W 141 -1.93 -17.46 -29.07
C LEU W 141 -1.65 -16.65 -30.29
N CYS W 142 -2.67 -15.91 -30.71
CA CYS W 142 -2.57 -15.05 -31.88
C CYS W 142 -2.44 -13.62 -31.43
N SER W 143 -1.26 -13.04 -31.69
CA SER W 143 -0.95 -11.65 -31.34
C SER W 143 -1.94 -10.70 -32.03
N ASP W 144 -2.29 -10.96 -33.30
CA ASP W 144 -3.29 -10.20 -34.03
C ASP W 144 -4.54 -11.07 -34.08
N PRO W 145 -5.66 -10.62 -33.45
CA PRO W 145 -6.86 -11.45 -33.43
C PRO W 145 -7.61 -11.55 -34.75
N PHE W 146 -7.18 -10.79 -35.75
CA PHE W 146 -7.82 -10.81 -37.05
C PHE W 146 -7.26 -11.89 -37.96
N LYS W 147 -8.13 -12.50 -38.77
CA LYS W 147 -7.71 -13.46 -39.78
C LYS W 147 -7.74 -12.75 -41.09
N HIS W 148 -6.64 -12.76 -41.83
CA HIS W 148 -6.53 -12.05 -43.11
C HIS W 148 -6.68 -12.88 -44.35
N GLY W 149 -7.44 -12.35 -45.28
CA GLY W 149 -7.68 -13.00 -46.55
C GLY W 149 -6.55 -12.82 -47.53
N LYS W 150 -6.91 -12.84 -48.83
CA LYS W 150 -5.93 -12.69 -49.90
C LYS W 150 -5.43 -11.26 -49.98
N ILE W 151 -4.26 -11.06 -50.58
CA ILE W 151 -3.68 -9.74 -50.74
C ILE W 151 -4.25 -9.09 -52.00
N GLN W 152 -4.76 -7.85 -51.87
CA GLN W 152 -5.38 -7.18 -53.00
C GLN W 152 -4.75 -5.84 -53.31
N SER W 153 -4.60 -5.56 -54.61
CA SER W 153 -4.01 -4.31 -55.11
C SER W 153 -5.10 -3.53 -55.85
N VAL W 154 -5.51 -2.40 -55.25
CA VAL W 154 -6.59 -1.55 -55.74
C VAL W 154 -6.10 -0.14 -55.99
N LYS W 155 -6.52 0.46 -57.11
CA LYS W 155 -6.12 1.83 -57.46
C LYS W 155 -7.01 2.90 -56.88
N ASN W 156 -6.40 3.88 -56.19
CA ASN W 156 -6.98 5.09 -55.58
C ASN W 156 -7.96 4.88 -54.41
N LYS W 157 -9.07 4.16 -54.64
CA LYS W 157 -10.12 3.97 -53.65
C LYS W 157 -10.52 2.54 -53.42
N VAL W 158 -10.91 2.23 -52.17
CA VAL W 158 -11.42 0.91 -51.76
C VAL W 158 -12.95 0.93 -51.75
N ILE W 159 -13.56 0.04 -52.55
CA ILE W 159 -15.02 -0.03 -52.67
C ILE W 159 -15.57 -1.37 -52.19
N GLU W 160 -14.68 -2.29 -51.80
CA GLU W 160 -15.03 -3.62 -51.32
C GLU W 160 -15.72 -3.57 -49.96
N VAL W 161 -16.63 -4.53 -49.70
CA VAL W 161 -17.34 -4.60 -48.42
C VAL W 161 -16.39 -5.08 -47.32
N LEU W 162 -15.83 -4.12 -46.56
CA LEU W 162 -14.89 -4.37 -45.48
C LEU W 162 -15.61 -4.43 -44.12
N PRO W 163 -15.56 -5.60 -43.44
CA PRO W 163 -16.30 -5.75 -42.17
C PRO W 163 -15.68 -5.01 -41.02
N TYR W 164 -14.36 -4.81 -41.10
CA TYR W 164 -13.60 -4.12 -40.07
C TYR W 164 -12.60 -3.20 -40.74
N PRO W 165 -12.28 -2.05 -40.12
CA PRO W 165 -11.27 -1.15 -40.67
C PRO W 165 -9.92 -1.86 -40.80
N VAL W 166 -9.33 -1.78 -41.99
CA VAL W 166 -8.08 -2.48 -42.30
C VAL W 166 -6.89 -1.55 -42.40
N LYS W 167 -5.80 -1.91 -41.73
CA LYS W 167 -4.55 -1.17 -41.83
C LYS W 167 -3.88 -1.71 -43.12
N PRO W 168 -3.45 -0.82 -44.05
CA PRO W 168 -2.86 -1.32 -45.33
C PRO W 168 -1.54 -2.05 -45.18
N ASP W 169 -0.99 -2.51 -46.31
CA ASP W 169 0.27 -3.23 -46.35
C ASP W 169 1.32 -2.42 -47.09
N LYS W 170 0.90 -1.76 -48.18
CA LYS W 170 1.75 -0.95 -49.03
C LYS W 170 0.90 0.12 -49.74
N LEU W 171 1.44 1.34 -49.84
CA LEU W 171 0.83 2.48 -50.52
C LEU W 171 1.79 3.00 -51.59
N SER W 172 1.49 2.69 -52.84
CA SER W 172 2.33 3.11 -53.95
C SER W 172 1.81 4.41 -54.58
N PHE W 173 2.44 5.54 -54.20
CA PHE W 173 2.09 6.87 -54.70
C PHE W 173 2.91 7.24 -55.92
N LYS W 174 2.28 7.92 -56.88
CA LYS W 174 2.94 8.40 -58.09
C LYS W 174 2.48 9.83 -58.29
N LEU W 175 3.35 10.79 -57.95
CA LEU W 175 3.07 12.21 -58.04
C LEU W 175 2.85 12.73 -59.46
N LEU W 176 2.18 13.88 -59.56
CA LEU W 176 1.89 14.55 -60.83
C LEU W 176 2.10 16.05 -60.68
N THR W 177 1.84 16.58 -59.47
CA THR W 177 2.00 18.00 -59.15
C THR W 177 3.27 18.26 -58.32
N GLU W 178 3.30 19.43 -57.66
CA GLU W 178 4.36 20.01 -56.82
C GLU W 178 4.63 19.21 -55.56
N GLY W 179 3.61 19.03 -54.72
CA GLY W 179 3.71 18.32 -53.46
C GLY W 179 2.65 17.24 -53.29
N LEU W 180 2.84 16.41 -52.24
CA LEU W 180 1.94 15.31 -51.91
C LEU W 180 1.09 15.64 -50.69
N LEU W 181 -0.23 15.53 -50.84
CA LEU W 181 -1.21 15.77 -49.79
C LEU W 181 -2.37 14.80 -49.94
N ALA W 182 -2.16 13.57 -49.45
CA ALA W 182 -3.15 12.50 -49.51
C ALA W 182 -4.20 12.66 -48.41
N THR W 183 -5.47 12.64 -48.79
CA THR W 183 -6.58 12.78 -47.84
C THR W 183 -7.80 11.97 -48.24
N ASP W 184 -8.59 11.56 -47.24
CA ASP W 184 -9.81 10.79 -47.42
C ASP W 184 -10.96 11.42 -46.64
N GLY W 185 -10.65 12.46 -45.89
CA GLY W 185 -11.61 13.19 -45.06
C GLY W 185 -11.26 13.16 -43.60
N ASN W 186 -10.71 12.02 -43.12
CA ASN W 186 -10.32 11.84 -41.73
C ASN W 186 -8.80 11.89 -41.57
N TYR W 187 -8.08 11.09 -42.36
CA TYR W 187 -6.62 11.04 -42.32
C TYR W 187 -6.02 11.94 -43.37
N ARG W 188 -4.93 12.62 -43.02
CA ARG W 188 -4.23 13.54 -43.91
C ARG W 188 -2.79 13.05 -43.87
N LEU W 189 -2.24 12.75 -45.05
CA LEU W 189 -0.86 12.28 -45.22
C LEU W 189 -0.21 13.43 -45.95
N LYS W 190 0.82 14.04 -45.31
CA LYS W 190 1.57 15.20 -45.78
C LYS W 190 3.00 14.84 -46.19
N SER W 191 3.48 15.39 -47.33
CA SER W 191 4.89 15.30 -47.75
C SER W 191 5.33 16.57 -48.47
N SER W 192 5.86 17.52 -47.70
CA SER W 192 6.36 18.78 -48.25
C SER W 192 7.72 18.56 -48.90
N GLN W 193 8.02 19.35 -49.95
CA GLN W 193 9.26 19.30 -50.73
C GLN W 193 9.57 17.90 -51.28
N ALA W 194 8.51 17.22 -51.76
CA ALA W 194 8.56 15.88 -52.33
C ALA W 194 9.18 15.88 -53.74
N LYS W 195 9.44 14.68 -54.31
CA LYS W 195 10.00 14.52 -55.66
C LYS W 195 8.91 14.72 -56.71
N LYS W 196 8.76 15.98 -57.17
CA LYS W 196 7.76 16.36 -58.16
C LYS W 196 8.16 15.93 -59.56
N GLY W 197 7.16 15.70 -60.40
CA GLY W 197 7.38 15.30 -61.79
C GLY W 197 7.47 13.82 -62.01
N ASP W 198 6.41 13.10 -61.59
CA ASP W 198 6.24 11.66 -61.72
C ASP W 198 7.35 10.78 -61.11
N PHE W 199 7.35 10.68 -59.77
CA PHE W 199 8.28 9.85 -59.03
C PHE W 199 7.56 9.00 -57.97
N LEU W 200 7.79 7.67 -58.02
CA LEU W 200 7.16 6.67 -57.14
C LEU W 200 7.62 6.75 -55.71
N GLU W 201 6.64 6.66 -54.82
CA GLU W 201 6.75 6.70 -53.39
C GLU W 201 6.14 5.46 -52.79
N PHE W 202 6.96 4.62 -52.15
CA PHE W 202 6.45 3.42 -51.48
C PHE W 202 6.30 3.69 -49.99
N ASP W 203 5.14 3.34 -49.43
CA ASP W 203 4.86 3.52 -48.02
C ASP W 203 4.45 2.16 -47.48
N PHE W 204 5.47 1.32 -47.20
CA PHE W 204 5.31 -0.04 -46.71
C PHE W 204 4.98 -0.01 -45.24
N GLN W 205 3.70 -0.26 -44.93
CA GLN W 205 3.11 -0.23 -43.60
C GLN W 205 3.75 -1.21 -42.63
N THR W 206 4.13 -2.41 -43.11
CA THR W 206 4.77 -3.46 -42.30
C THR W 206 6.34 -3.42 -42.33
N GLY W 207 6.90 -2.21 -42.37
CA GLY W 207 8.33 -1.98 -42.41
C GLY W 207 8.68 -0.51 -42.36
N ASP W 208 9.19 0.01 -43.49
CA ASP W 208 9.63 1.39 -43.63
C ASP W 208 9.20 2.04 -44.95
N THR W 209 9.60 3.32 -45.17
CA THR W 209 9.28 4.09 -46.39
C THR W 209 10.38 4.01 -47.43
N PHE W 210 10.00 4.17 -48.71
CA PHE W 210 10.93 4.13 -49.83
C PHE W 210 10.71 5.31 -50.76
N LEU W 211 11.75 5.72 -51.48
CA LEU W 211 11.72 6.80 -52.48
C LEU W 211 12.34 6.24 -53.74
N ASN W 212 11.52 6.09 -54.80
CA ASN W 212 11.88 5.52 -56.09
C ASN W 212 12.38 4.11 -55.70
N GLY W 213 13.65 3.83 -55.91
CA GLY W 213 14.25 2.55 -55.56
C GLY W 213 14.90 2.43 -54.19
N LYS W 214 15.59 3.49 -53.77
CA LYS W 214 16.32 3.56 -52.50
C LYS W 214 15.43 3.77 -51.27
N VAL W 215 15.87 3.27 -50.10
CA VAL W 215 15.17 3.40 -48.82
C VAL W 215 15.42 4.81 -48.28
N ASN W 216 14.37 5.60 -48.07
CA ASN W 216 14.50 6.95 -47.51
C ASN W 216 13.54 7.11 -46.34
N ASN W 217 13.99 6.81 -45.12
CA ASN W 217 13.16 6.86 -43.92
C ASN W 217 13.09 8.24 -43.30
N ASN W 218 14.23 8.96 -43.31
CA ASN W 218 14.40 10.25 -42.64
C ASN W 218 13.66 11.41 -43.28
N LEU W 219 13.65 11.48 -44.62
CA LEU W 219 13.06 12.61 -45.32
C LEU W 219 11.67 12.42 -45.90
N LEU W 220 11.35 11.22 -46.43
CA LEU W 220 10.09 10.90 -47.11
C LEU W 220 8.82 11.60 -46.59
N ASP W 221 8.40 11.31 -45.34
CA ASP W 221 7.20 11.91 -44.77
C ASP W 221 7.49 13.14 -43.92
N LEU W 222 6.53 14.07 -43.87
CA LEU W 222 6.60 15.30 -43.08
C LEU W 222 6.26 14.98 -41.62
N ASP W 223 6.47 15.94 -40.70
CA ASP W 223 6.23 15.77 -39.27
C ASP W 223 4.77 15.50 -38.91
N SER W 224 3.83 16.14 -39.61
CA SER W 224 2.40 15.98 -39.36
C SER W 224 1.71 14.97 -40.31
N ASP W 225 2.47 13.95 -40.76
CA ASP W 225 1.95 12.91 -41.66
C ASP W 225 1.37 11.74 -40.88
N PHE W 226 0.54 10.91 -41.52
CA PHE W 226 -0.07 9.75 -40.87
C PHE W 226 0.41 8.40 -41.43
N LYS W 227 0.67 7.42 -40.53
CA LYS W 227 1.08 6.05 -40.86
C LYS W 227 0.21 5.03 -40.08
N ASN W 228 -0.82 5.56 -39.42
CA ASN W 228 -1.79 4.82 -38.63
C ASN W 228 -3.16 4.84 -39.34
N ILE W 229 -3.13 5.07 -40.67
CA ILE W 229 -4.33 5.16 -41.51
C ILE W 229 -5.08 3.82 -41.59
N ARG W 230 -6.42 3.89 -41.61
CA ARG W 230 -7.25 2.70 -41.67
C ARG W 230 -8.26 2.83 -42.78
N LEU W 231 -8.43 1.74 -43.51
CA LEU W 231 -9.35 1.67 -44.65
C LEU W 231 -10.71 1.14 -44.26
N THR W 232 -11.74 1.91 -44.59
CA THR W 232 -13.14 1.55 -44.36
C THR W 232 -13.67 1.05 -45.69
N THR W 233 -14.93 0.62 -45.70
CA THR W 233 -15.59 0.10 -46.89
C THR W 233 -15.73 1.16 -47.99
N GLY W 234 -15.74 2.43 -47.61
CA GLY W 234 -15.86 3.52 -48.57
C GLY W 234 -14.78 4.59 -48.48
N THR W 235 -13.51 4.16 -48.44
CA THR W 235 -12.38 5.09 -48.35
C THR W 235 -11.93 5.53 -49.72
N ASP W 236 -11.89 6.85 -49.96
CA ASP W 236 -11.48 7.40 -51.24
C ASP W 236 -10.31 8.36 -51.12
N PHE W 237 -9.27 8.11 -51.92
CA PHE W 237 -8.07 8.94 -51.93
C PHE W 237 -7.85 9.58 -53.30
N SER W 238 -8.63 9.16 -54.31
CA SER W 238 -8.54 9.62 -55.70
C SER W 238 -8.41 11.14 -55.83
N SER W 239 -7.31 11.57 -56.46
CA SER W 239 -7.01 12.98 -56.72
C SER W 239 -6.23 13.15 -58.04
N SER W 240 -6.31 14.36 -58.62
CA SER W 240 -5.61 14.69 -59.86
C SER W 240 -4.11 14.91 -59.64
N ASN W 241 -3.68 15.03 -58.36
CA ASN W 241 -2.29 15.27 -57.96
C ASN W 241 -1.42 14.03 -57.86
N TYR W 242 -2.02 12.86 -57.61
CA TYR W 242 -1.29 11.60 -57.43
C TYR W 242 -2.08 10.38 -57.85
N GLU W 243 -1.37 9.32 -58.30
CA GLU W 243 -1.97 8.04 -58.68
C GLU W 243 -1.55 6.99 -57.65
N LEU W 244 -2.49 6.66 -56.76
CA LEU W 244 -2.26 5.73 -55.64
C LEU W 244 -2.68 4.31 -55.94
N THR W 245 -1.83 3.36 -55.56
CA THR W 245 -2.11 1.94 -55.66
C THR W 245 -2.04 1.41 -54.24
N ILE W 246 -3.22 1.09 -53.67
CA ILE W 246 -3.37 0.59 -52.31
C ILE W 246 -3.21 -0.91 -52.31
N GLN W 247 -2.49 -1.44 -51.33
CA GLN W 247 -2.29 -2.87 -51.19
C GLN W 247 -2.73 -3.21 -49.75
N TYR W 248 -3.81 -3.98 -49.64
CA TYR W 248 -4.39 -4.36 -48.36
C TYR W 248 -4.86 -5.82 -48.37
N ARG W 249 -5.20 -6.32 -47.17
CA ARG W 249 -5.70 -7.67 -46.97
C ARG W 249 -6.92 -7.58 -46.07
N LYS W 250 -8.04 -8.16 -46.52
CA LYS W 250 -9.31 -8.17 -45.78
C LYS W 250 -9.15 -8.81 -44.38
N ALA W 251 -9.43 -8.03 -43.33
CA ALA W 251 -9.31 -8.54 -41.96
C ALA W 251 -10.69 -8.79 -41.35
N VAL W 252 -10.85 -9.99 -40.77
CA VAL W 252 -12.08 -10.49 -40.14
C VAL W 252 -11.75 -11.03 -38.75
N LEU W 253 -12.73 -10.97 -37.81
CA LEU W 253 -12.62 -11.50 -36.45
C LEU W 253 -13.51 -12.71 -36.29
N TYR X 13 -43.83 -24.70 -51.09
CA TYR X 13 -42.77 -24.58 -50.08
C TYR X 13 -42.17 -23.19 -50.09
N ARG X 14 -42.04 -22.58 -48.91
CA ARG X 14 -41.46 -21.23 -48.74
C ARG X 14 -40.49 -21.28 -47.57
N ASN X 15 -39.25 -20.78 -47.78
CA ASN X 15 -38.22 -20.75 -46.74
C ASN X 15 -38.32 -19.44 -45.96
N LEU X 16 -39.31 -19.37 -45.08
CA LEU X 16 -39.62 -18.20 -44.28
C LEU X 16 -38.72 -18.07 -43.05
N PRO X 17 -38.13 -16.88 -42.82
CA PRO X 17 -37.31 -16.69 -41.62
C PRO X 17 -38.20 -16.62 -40.38
N PHE X 18 -37.86 -17.40 -39.35
CA PHE X 18 -38.65 -17.44 -38.12
C PHE X 18 -38.19 -16.40 -37.12
N ILE X 19 -39.14 -15.61 -36.59
CA ILE X 19 -38.82 -14.60 -35.57
C ILE X 19 -39.40 -15.02 -34.20
N PRO X 20 -38.54 -15.46 -33.23
CA PRO X 20 -39.05 -15.94 -31.94
C PRO X 20 -39.68 -14.88 -31.09
N THR X 21 -40.33 -15.30 -29.98
CA THR X 21 -41.09 -14.43 -29.07
C THR X 21 -40.26 -13.30 -28.50
N SER X 22 -39.03 -13.63 -28.05
CA SER X 22 -38.12 -12.67 -27.44
C SER X 22 -36.92 -12.40 -28.33
N ALA X 23 -37.18 -12.14 -29.60
CA ALA X 23 -36.14 -11.86 -30.56
C ALA X 23 -35.51 -10.49 -30.35
N MET X 24 -34.18 -10.35 -30.56
CA MET X 24 -33.50 -9.06 -30.40
C MET X 24 -33.30 -8.37 -31.72
N SER X 25 -33.50 -7.05 -31.73
CA SER X 25 -33.30 -6.23 -32.90
C SER X 25 -32.05 -5.37 -32.59
N TYR X 26 -30.91 -5.74 -33.17
CA TYR X 26 -29.62 -5.05 -33.05
C TYR X 26 -29.58 -4.09 -34.24
N ASP X 27 -29.53 -2.78 -33.99
CA ASP X 27 -29.46 -1.73 -35.01
C ASP X 27 -30.60 -1.80 -36.05
N GLY X 28 -31.82 -2.03 -35.55
CA GLY X 28 -33.03 -2.11 -36.37
C GLY X 28 -33.26 -3.40 -37.15
N ALA X 29 -32.21 -4.24 -37.25
CA ALA X 29 -32.29 -5.50 -37.98
C ALA X 29 -32.31 -6.71 -37.04
N TRP X 30 -33.07 -7.75 -37.41
CA TRP X 30 -33.17 -9.00 -36.63
C TRP X 30 -32.03 -9.89 -37.03
N LEU X 31 -31.32 -10.43 -36.04
CA LEU X 31 -30.18 -11.31 -36.33
C LEU X 31 -30.61 -12.63 -36.98
N GLU X 32 -31.79 -13.17 -36.58
CA GLU X 32 -32.39 -14.40 -37.11
C GLU X 32 -32.83 -14.22 -38.55
N GLU X 33 -33.07 -12.98 -38.93
CA GLU X 33 -33.42 -12.64 -40.30
C GLU X 33 -32.14 -12.47 -41.11
N LEU X 34 -31.10 -11.95 -40.46
CA LEU X 34 -29.79 -11.71 -41.07
C LEU X 34 -29.10 -13.01 -41.38
N ILE X 35 -28.97 -13.86 -40.35
CA ILE X 35 -28.28 -15.15 -40.42
C ILE X 35 -29.28 -16.33 -40.50
N GLU X 36 -29.23 -17.07 -41.59
CA GLU X 36 -30.08 -18.24 -41.75
C GLU X 36 -29.63 -19.31 -40.74
N GLY X 37 -30.56 -19.79 -39.91
CA GLY X 37 -30.22 -20.82 -38.93
C GLY X 37 -30.06 -20.28 -37.52
N TYR X 38 -29.99 -18.94 -37.41
CA TYR X 38 -29.89 -18.26 -36.14
C TYR X 38 -31.27 -18.19 -35.48
N GLN X 39 -31.30 -18.32 -34.15
CA GLN X 39 -32.54 -18.24 -33.40
C GLN X 39 -32.25 -17.78 -31.99
N THR X 40 -32.98 -16.76 -31.53
CA THR X 40 -32.84 -16.24 -30.17
C THR X 40 -33.70 -17.11 -29.24
N LEU X 41 -33.04 -17.84 -28.33
CA LEU X 41 -33.70 -18.75 -27.40
C LEU X 41 -34.21 -18.06 -26.15
N ALA X 42 -33.33 -17.35 -25.46
CA ALA X 42 -33.74 -16.61 -24.27
C ALA X 42 -32.93 -15.36 -24.12
N VAL X 43 -33.50 -14.37 -23.45
CA VAL X 43 -32.82 -13.11 -23.14
C VAL X 43 -32.98 -12.82 -21.68
N GLU X 44 -31.86 -12.69 -20.98
CA GLU X 44 -31.83 -12.47 -19.54
C GLU X 44 -31.26 -11.11 -19.10
N GLY X 45 -31.78 -10.61 -17.97
CA GLY X 45 -31.32 -9.38 -17.31
C GLY X 45 -32.22 -8.17 -17.40
N ARG X 46 -33.14 -8.25 -18.29
CA ARG X 46 -34.01 -7.11 -18.52
C ARG X 46 -35.18 -7.05 -17.55
N GLU X 47 -35.65 -8.21 -17.16
CA GLU X 47 -36.77 -8.37 -16.29
C GLU X 47 -36.62 -7.92 -14.85
N MET X 48 -35.40 -7.92 -14.36
CA MET X 48 -35.07 -7.57 -12.99
C MET X 48 -33.74 -6.85 -12.93
N TYR X 49 -33.70 -5.80 -12.12
CA TYR X 49 -32.53 -4.96 -11.99
C TYR X 49 -32.03 -4.89 -10.56
N SER X 50 -30.70 -4.88 -10.41
CA SER X 50 -30.01 -4.80 -9.11
C SER X 50 -29.41 -3.41 -8.92
N LEU X 51 -29.37 -2.96 -7.66
CA LEU X 51 -28.84 -1.65 -7.32
C LEU X 51 -27.54 -1.73 -6.54
N SER X 52 -26.70 -0.70 -6.71
CA SER X 52 -25.42 -0.58 -6.01
C SER X 52 -25.59 0.33 -4.80
N PHE X 53 -25.07 -0.08 -3.65
CA PHE X 53 -25.23 0.69 -2.42
C PHE X 53 -23.93 1.02 -1.74
N GLU X 54 -23.84 2.26 -1.22
CA GLU X 54 -22.71 2.74 -0.42
C GLU X 54 -23.21 2.84 1.02
N THR X 55 -22.67 1.99 1.90
CA THR X 55 -23.14 1.93 3.27
C THR X 55 -22.07 2.35 4.28
N GLN X 56 -22.46 3.24 5.21
CA GLN X 56 -21.61 3.69 6.30
C GLN X 56 -22.16 3.07 7.58
N ASP X 57 -21.73 1.84 7.85
CA ASP X 57 -22.18 1.07 9.02
C ASP X 57 -21.63 1.66 10.32
N MET X 58 -22.44 1.62 11.37
CA MET X 58 -22.07 2.14 12.68
C MET X 58 -22.33 1.06 13.74
N GLN X 59 -22.43 1.48 15.02
CA GLN X 59 -22.64 0.56 16.14
C GLN X 59 -23.95 -0.18 16.00
N VAL X 60 -25.03 0.53 15.69
CA VAL X 60 -26.33 -0.09 15.51
C VAL X 60 -26.86 0.25 14.14
N GLY X 61 -27.08 -0.77 13.32
CA GLY X 61 -27.55 -0.60 11.95
C GLY X 61 -26.47 -0.07 11.03
N GLY X 62 -26.87 0.79 10.11
CA GLY X 62 -25.98 1.42 9.14
C GLY X 62 -26.73 2.24 8.11
N VAL X 63 -26.31 3.50 7.94
CA VAL X 63 -26.92 4.46 7.02
C VAL X 63 -26.38 4.35 5.61
N ILE X 64 -27.26 4.57 4.62
CA ILE X 64 -26.91 4.50 3.20
C ILE X 64 -26.33 5.84 2.76
N THR X 65 -25.06 5.83 2.36
CA THR X 65 -24.36 7.04 1.91
C THR X 65 -24.86 7.45 0.53
N ASN X 66 -24.77 6.53 -0.44
CA ASN X 66 -25.18 6.77 -1.83
C ASN X 66 -25.73 5.52 -2.54
N VAL X 67 -26.79 5.74 -3.34
CA VAL X 67 -27.41 4.71 -4.17
C VAL X 67 -27.06 4.92 -5.64
N LYS X 68 -26.35 3.95 -6.22
CA LYS X 68 -25.87 3.99 -7.60
C LYS X 68 -26.67 3.06 -8.50
N TYR X 69 -26.71 3.39 -9.80
CA TYR X 69 -27.41 2.62 -10.83
C TYR X 69 -26.40 2.04 -11.79
N PRO X 70 -25.97 0.78 -11.55
CA PRO X 70 -24.92 0.19 -12.37
C PRO X 70 -25.32 -0.08 -13.82
N PRO X 71 -24.38 -0.05 -14.79
CA PRO X 71 -24.76 -0.33 -16.19
C PRO X 71 -24.98 -1.80 -16.37
N ARG X 72 -26.18 -2.16 -16.77
CA ARG X 72 -26.52 -3.55 -16.91
C ARG X 72 -26.21 -4.14 -18.27
N GLU X 73 -25.86 -5.41 -18.26
CA GLU X 73 -25.58 -6.20 -19.45
C GLU X 73 -26.61 -7.30 -19.59
N LEU X 74 -27.13 -7.43 -20.81
CA LEU X 74 -28.17 -8.41 -21.12
C LEU X 74 -27.56 -9.58 -21.83
N THR X 75 -27.65 -10.74 -21.20
CA THR X 75 -27.14 -11.97 -21.79
C THR X 75 -28.19 -12.58 -22.76
N ILE X 76 -27.75 -12.92 -23.99
CA ILE X 76 -28.62 -13.43 -25.08
C ILE X 76 -28.23 -14.86 -25.49
N LYS X 77 -29.09 -15.83 -25.18
CA LYS X 77 -28.91 -17.24 -25.51
C LYS X 77 -29.42 -17.46 -26.92
N TYR X 78 -28.56 -17.95 -27.79
CA TYR X 78 -28.86 -18.17 -29.18
C TYR X 78 -28.49 -19.55 -29.66
N LYS X 79 -29.01 -19.93 -30.83
CA LYS X 79 -28.66 -21.18 -31.50
C LYS X 79 -28.52 -20.98 -33.00
N LEU X 80 -27.30 -21.26 -33.49
CA LEU X 80 -26.95 -21.17 -34.90
C LEU X 80 -26.65 -22.61 -35.40
N GLU X 81 -27.26 -22.98 -36.52
CA GLU X 81 -27.08 -24.32 -37.08
C GLU X 81 -27.06 -24.33 -38.60
N ASP X 82 -26.19 -25.17 -39.16
CA ASP X 82 -26.01 -25.35 -40.59
C ASP X 82 -25.36 -26.70 -40.83
N ARG X 83 -25.76 -27.35 -41.89
CA ARG X 83 -25.22 -28.66 -42.22
C ARG X 83 -23.74 -28.61 -42.58
N ASP X 84 -23.34 -27.56 -43.32
CA ASP X 84 -21.98 -27.36 -43.83
C ASP X 84 -21.11 -26.58 -42.90
N PRO X 85 -19.98 -27.17 -42.47
CA PRO X 85 -19.09 -26.47 -41.54
C PRO X 85 -18.40 -25.24 -42.10
N ARG X 86 -18.18 -25.18 -43.45
CA ARG X 86 -17.54 -24.05 -44.10
C ARG X 86 -18.46 -22.84 -44.05
N VAL X 87 -19.75 -23.07 -44.31
CA VAL X 87 -20.76 -22.03 -44.34
C VAL X 87 -21.03 -21.55 -42.95
N LEU X 88 -21.08 -22.47 -41.99
CA LEU X 88 -21.30 -22.12 -40.58
C LEU X 88 -20.24 -21.11 -40.10
N GLN X 89 -18.97 -21.34 -40.46
CA GLN X 89 -17.85 -20.46 -40.12
C GLN X 89 -18.09 -19.06 -40.70
N GLU X 90 -18.54 -19.01 -41.98
CA GLU X 90 -18.88 -17.78 -42.70
C GLU X 90 -20.05 -17.07 -42.03
N LYS X 91 -21.01 -17.85 -41.50
CA LYS X 91 -22.20 -17.35 -40.81
C LYS X 91 -21.80 -16.60 -39.56
N PHE X 92 -20.80 -17.13 -38.85
CA PHE X 92 -20.32 -16.51 -37.63
C PHE X 92 -19.56 -15.25 -37.94
N ASP X 93 -18.80 -15.27 -39.05
CA ASP X 93 -17.98 -14.14 -39.50
C ASP X 93 -18.85 -12.93 -39.77
N THR X 94 -20.09 -13.18 -40.25
CA THR X 94 -21.10 -12.16 -40.52
C THR X 94 -21.72 -11.70 -39.21
N LEU X 95 -21.98 -12.64 -38.30
CA LEU X 95 -22.54 -12.33 -36.99
C LEU X 95 -21.61 -11.41 -36.19
N LYS X 96 -20.30 -11.73 -36.15
CA LYS X 96 -19.31 -10.95 -35.41
C LYS X 96 -19.23 -9.54 -35.96
N ALA X 97 -19.13 -9.43 -37.28
CA ALA X 97 -19.05 -8.16 -37.99
C ALA X 97 -20.23 -7.27 -37.69
N PHE X 98 -21.41 -7.88 -37.52
CA PHE X 98 -22.60 -7.12 -37.24
C PHE X 98 -22.67 -6.72 -35.78
N LEU X 99 -22.30 -7.65 -34.87
CA LEU X 99 -22.34 -7.38 -33.44
C LEU X 99 -21.30 -6.39 -32.98
N ILE X 100 -20.02 -6.67 -33.28
CA ILE X 100 -18.89 -5.82 -32.88
C ILE X 100 -19.06 -4.44 -33.48
N ARG X 101 -19.44 -3.50 -32.59
CA ARG X 101 -19.69 -2.12 -32.93
C ARG X 101 -18.83 -1.14 -32.10
N GLN X 102 -18.39 -0.02 -32.74
CA GLN X 102 -17.55 1.02 -32.12
C GLN X 102 -18.38 2.02 -31.31
N GLU X 103 -19.66 2.22 -31.68
CA GLU X 103 -20.57 3.10 -30.96
C GLU X 103 -21.79 2.34 -30.44
N ASP X 104 -22.56 2.94 -29.52
CA ASP X 104 -23.75 2.32 -28.95
C ASP X 104 -24.84 2.13 -30.01
N VAL X 105 -25.64 1.06 -29.87
CA VAL X 105 -26.66 0.69 -30.86
C VAL X 105 -28.05 0.53 -30.23
N PRO X 106 -29.11 0.97 -30.96
CA PRO X 106 -30.48 0.83 -30.46
C PRO X 106 -31.00 -0.61 -30.55
N ILE X 107 -31.46 -1.11 -29.38
CA ILE X 107 -31.94 -2.49 -29.21
C ILE X 107 -33.39 -2.58 -28.83
N ILE X 108 -34.13 -3.41 -29.55
CA ILE X 108 -35.55 -3.58 -29.28
C ILE X 108 -35.85 -5.08 -29.29
N PHE X 109 -36.66 -5.53 -28.32
CA PHE X 109 -37.03 -6.95 -28.22
C PHE X 109 -38.40 -7.26 -28.78
N ASN X 110 -38.59 -8.47 -29.36
CA ASN X 110 -39.87 -8.84 -29.98
C ASN X 110 -41.05 -8.92 -29.02
N ASP X 111 -40.79 -9.06 -27.73
CA ASP X 111 -41.84 -9.12 -26.71
C ASP X 111 -42.08 -7.76 -26.03
N ASP X 112 -41.11 -6.84 -26.10
CA ASP X 112 -41.26 -5.50 -25.53
C ASP X 112 -40.86 -4.49 -26.60
N LEU X 113 -41.74 -4.34 -27.58
CA LEU X 113 -41.50 -3.50 -28.76
C LEU X 113 -41.65 -2.02 -28.51
N GLU X 114 -42.39 -1.68 -27.46
CA GLU X 114 -42.65 -0.31 -27.07
C GLU X 114 -41.38 0.49 -26.69
N TYR X 115 -40.46 -0.14 -25.98
CA TYR X 115 -39.24 0.51 -25.50
C TYR X 115 -38.07 0.18 -26.39
N THR X 116 -36.95 0.91 -26.17
CA THR X 116 -35.70 0.81 -26.92
C THR X 116 -34.53 0.95 -25.95
N PHE X 117 -33.63 -0.04 -25.97
CA PHE X 117 -32.40 -0.05 -25.17
C PHE X 117 -31.26 0.50 -26.01
N TYR X 118 -30.19 0.96 -25.36
CA TYR X 118 -29.07 1.48 -26.10
C TYR X 118 -27.80 0.91 -25.54
N GLY X 119 -27.33 -0.15 -26.19
CA GLY X 119 -26.13 -0.85 -25.76
C GLY X 119 -25.14 -1.19 -26.84
N ARG X 120 -24.27 -2.14 -26.55
CA ARG X 120 -23.19 -2.56 -27.44
C ARG X 120 -22.77 -3.99 -27.09
N PHE X 121 -22.33 -4.76 -28.09
CA PHE X 121 -21.88 -6.12 -27.86
C PHE X 121 -20.63 -6.10 -26.97
N LYS X 122 -20.58 -6.96 -25.92
CA LYS X 122 -19.44 -7.00 -25.01
C LYS X 122 -18.64 -8.31 -25.08
N THR X 123 -19.15 -9.38 -24.48
CA THR X 123 -18.43 -10.65 -24.38
C THR X 123 -19.28 -11.81 -24.86
N ALA X 124 -18.68 -12.72 -25.62
CA ALA X 124 -19.36 -13.91 -26.12
C ALA X 124 -18.91 -15.12 -25.34
N ASP X 125 -19.86 -16.00 -24.99
CA ASP X 125 -19.58 -17.22 -24.22
C ASP X 125 -18.89 -18.25 -25.11
N ASN X 126 -18.11 -19.17 -24.49
CA ASN X 126 -17.36 -20.23 -25.16
C ASN X 126 -18.21 -20.98 -26.15
N VAL X 127 -17.62 -21.26 -27.31
CA VAL X 127 -18.28 -21.88 -28.45
C VAL X 127 -17.56 -23.16 -28.88
N ALA X 128 -18.32 -24.28 -28.96
CA ALA X 128 -17.81 -25.60 -29.33
C ALA X 128 -17.40 -25.68 -30.81
N GLY X 129 -16.36 -26.47 -31.11
CA GLY X 129 -15.82 -26.63 -32.46
C GLY X 129 -16.21 -27.90 -33.18
N ASP X 130 -17.45 -28.39 -32.91
CA ASP X 130 -18.04 -29.60 -33.50
C ASP X 130 -19.61 -29.49 -33.56
N THR X 131 -20.30 -30.65 -33.70
CA THR X 131 -21.76 -30.84 -33.77
C THR X 131 -22.37 -30.31 -35.09
N ASN X 132 -22.13 -29.02 -35.44
CA ASN X 132 -22.69 -28.32 -36.60
C ASN X 132 -24.05 -27.70 -36.23
N SER X 133 -24.41 -27.79 -34.94
CA SER X 133 -25.61 -27.19 -34.35
C SER X 133 -25.19 -26.64 -32.99
N ILE X 134 -24.77 -25.37 -33.00
CA ILE X 134 -24.24 -24.70 -31.84
C ILE X 134 -25.24 -23.82 -31.07
N ILE X 135 -25.21 -23.97 -29.73
CA ILE X 135 -26.04 -23.25 -28.77
C ILE X 135 -25.13 -22.64 -27.68
N SER X 136 -25.08 -21.30 -27.61
CA SER X 136 -24.31 -20.57 -26.59
C SER X 136 -24.97 -19.21 -26.32
N SER X 137 -24.22 -18.25 -25.77
CA SER X 137 -24.76 -16.95 -25.42
C SER X 137 -23.74 -15.84 -25.62
N PHE X 138 -24.18 -14.58 -25.43
CA PHE X 138 -23.34 -13.39 -25.51
C PHE X 138 -23.99 -12.25 -24.74
N THR X 139 -23.16 -11.44 -24.08
CA THR X 139 -23.63 -10.30 -23.28
C THR X 139 -23.57 -9.02 -24.06
N VAL X 140 -24.58 -8.19 -23.83
CA VAL X 140 -24.72 -6.89 -24.47
C VAL X 140 -24.77 -5.82 -23.39
N LEU X 141 -23.67 -5.11 -23.22
CA LEU X 141 -23.54 -4.08 -22.20
C LEU X 141 -24.30 -2.83 -22.60
N CYS X 142 -25.28 -2.46 -21.78
CA CYS X 142 -26.00 -1.21 -21.98
C CYS X 142 -25.44 -0.18 -21.01
N SER X 143 -24.82 0.86 -21.56
CA SER X 143 -24.24 1.94 -20.79
C SER X 143 -25.34 2.63 -19.96
N ASP X 144 -26.55 2.78 -20.55
CA ASP X 144 -27.72 3.36 -19.89
C ASP X 144 -28.73 2.24 -19.61
N PRO X 145 -28.96 1.89 -18.31
CA PRO X 145 -29.86 0.77 -17.96
C PRO X 145 -31.36 1.03 -18.10
N PHE X 146 -31.70 2.21 -18.56
CA PHE X 146 -33.10 2.51 -18.79
C PHE X 146 -33.49 2.20 -20.23
N LYS X 147 -34.68 1.60 -20.41
CA LYS X 147 -35.30 1.37 -21.70
C LYS X 147 -36.17 2.63 -21.99
N HIS X 148 -36.00 3.23 -23.18
CA HIS X 148 -36.73 4.46 -23.52
C HIS X 148 -37.83 4.25 -24.53
N GLY X 149 -39.02 4.71 -24.15
CA GLY X 149 -40.17 4.62 -25.02
C GLY X 149 -40.16 5.66 -26.11
N LYS X 150 -41.37 6.02 -26.56
CA LYS X 150 -41.56 6.99 -27.64
C LYS X 150 -41.20 8.38 -27.17
N ILE X 151 -40.86 9.26 -28.12
CA ILE X 151 -40.53 10.65 -27.81
C ILE X 151 -41.81 11.46 -27.74
N GLN X 152 -41.99 12.24 -26.66
CA GLN X 152 -43.22 13.00 -26.48
C GLN X 152 -42.95 14.48 -26.28
N SER X 153 -43.81 15.33 -26.86
CA SER X 153 -43.69 16.77 -26.77
C SER X 153 -44.91 17.32 -26.02
N VAL X 154 -44.67 17.80 -24.80
CA VAL X 154 -45.70 18.29 -23.87
C VAL X 154 -45.48 19.76 -23.55
N LYS X 155 -46.56 20.54 -23.49
CA LYS X 155 -46.47 21.95 -23.15
C LYS X 155 -46.56 22.23 -21.66
N ASN X 156 -45.57 22.99 -21.15
CA ASN X 156 -45.42 23.51 -19.77
C ASN X 156 -45.20 22.49 -18.64
N LYS X 157 -46.12 21.52 -18.48
CA LYS X 157 -46.07 20.55 -17.38
C LYS X 157 -46.23 19.12 -17.82
N VAL X 158 -45.57 18.20 -17.10
CA VAL X 158 -45.68 16.75 -17.31
C VAL X 158 -46.66 16.16 -16.30
N ILE X 159 -47.74 15.55 -16.82
CA ILE X 159 -48.77 14.95 -15.95
C ILE X 159 -48.89 13.44 -16.13
N GLU X 160 -48.07 12.90 -17.05
CA GLU X 160 -48.02 11.48 -17.36
C GLU X 160 -47.44 10.68 -16.19
N VAL X 161 -47.92 9.44 -16.03
CA VAL X 161 -47.43 8.55 -14.97
C VAL X 161 -45.99 8.08 -15.29
N LEU X 162 -45.00 8.78 -14.72
CA LEU X 162 -43.58 8.49 -14.91
C LEU X 162 -43.05 7.58 -13.79
N PRO X 163 -42.59 6.34 -14.14
CA PRO X 163 -42.14 5.40 -13.10
C PRO X 163 -40.81 5.79 -12.49
N TYR X 164 -39.99 6.50 -13.28
CA TYR X 164 -38.67 6.94 -12.85
C TYR X 164 -38.47 8.38 -13.28
N PRO X 165 -37.70 9.18 -12.49
CA PRO X 165 -37.39 10.55 -12.92
C PRO X 165 -36.64 10.55 -14.24
N VAL X 166 -37.13 11.35 -15.20
CA VAL X 166 -36.57 11.38 -16.54
C VAL X 166 -35.82 12.67 -16.84
N LYS X 167 -34.64 12.54 -17.41
CA LYS X 167 -33.86 13.68 -17.87
C LYS X 167 -34.45 14.04 -19.26
N PRO X 168 -34.81 15.32 -19.52
CA PRO X 168 -35.41 15.66 -20.83
C PRO X 168 -34.47 15.54 -22.01
N ASP X 169 -34.99 15.79 -23.21
CA ASP X 169 -34.21 15.71 -24.45
C ASP X 169 -34.02 17.10 -25.04
N LYS X 170 -35.08 17.93 -24.97
CA LYS X 170 -35.11 19.31 -25.48
C LYS X 170 -36.11 20.13 -24.68
N LEU X 171 -35.72 21.37 -24.33
CA LEU X 171 -36.57 22.33 -23.62
C LEU X 171 -36.74 23.60 -24.47
N SER X 172 -37.88 23.71 -25.13
CA SER X 172 -38.13 24.86 -25.97
C SER X 172 -38.86 25.96 -25.20
N PHE X 173 -38.15 27.07 -24.92
CA PHE X 173 -38.69 28.22 -24.20
C PHE X 173 -39.08 29.33 -25.13
N LYS X 174 -40.16 30.05 -24.80
CA LYS X 174 -40.64 31.20 -25.55
C LYS X 174 -40.95 32.30 -24.54
N LEU X 175 -40.08 33.31 -24.48
CA LEU X 175 -40.14 34.45 -23.56
C LEU X 175 -41.35 35.36 -23.74
N LEU X 176 -41.74 36.03 -22.66
CA LEU X 176 -42.84 36.99 -22.68
C LEU X 176 -42.47 38.23 -21.89
N THR X 177 -41.68 38.05 -20.81
CA THR X 177 -41.22 39.13 -19.93
C THR X 177 -39.74 39.50 -20.24
N GLU X 178 -39.07 40.23 -19.33
CA GLU X 178 -37.69 40.69 -19.48
C GLU X 178 -36.67 39.55 -19.37
N GLY X 179 -36.69 38.85 -18.24
CA GLY X 179 -35.77 37.75 -17.96
C GLY X 179 -36.42 36.39 -17.83
N LEU X 180 -35.59 35.34 -17.91
CA LEU X 180 -36.02 33.95 -17.81
C LEU X 180 -35.64 33.34 -16.47
N LEU X 181 -36.64 32.79 -15.79
CA LEU X 181 -36.46 32.12 -14.50
C LEU X 181 -37.42 30.94 -14.41
N ALA X 182 -37.00 29.80 -14.98
CA ALA X 182 -37.77 28.57 -14.99
C ALA X 182 -37.61 27.83 -13.66
N THR X 183 -38.74 27.48 -13.04
CA THR X 183 -38.73 26.78 -11.75
C THR X 183 -39.89 25.80 -11.62
N ASP X 184 -39.67 24.74 -10.84
CA ASP X 184 -40.67 23.71 -10.57
C ASP X 184 -40.78 23.48 -9.05
N GLY X 185 -39.93 24.15 -8.30
CA GLY X 185 -39.88 24.05 -6.84
C GLY X 185 -38.55 23.56 -6.34
N ASN X 186 -37.91 22.63 -7.08
CA ASN X 186 -36.62 22.05 -6.74
C ASN X 186 -35.51 22.62 -7.61
N TYR X 187 -35.69 22.54 -8.93
CA TYR X 187 -34.73 23.04 -9.91
C TYR X 187 -35.05 24.45 -10.33
N ARG X 188 -34.02 25.28 -10.48
CA ARG X 188 -34.17 26.68 -10.88
C ARG X 188 -33.25 26.83 -12.07
N LEU X 189 -33.80 27.23 -13.22
CA LEU X 189 -33.04 27.47 -14.44
C LEU X 189 -33.13 28.97 -14.59
N LYS X 190 -31.98 29.68 -14.51
CA LYS X 190 -31.94 31.14 -14.63
C LYS X 190 -31.14 31.60 -15.84
N SER X 191 -31.59 32.69 -16.49
CA SER X 191 -30.94 33.34 -17.64
C SER X 191 -31.11 34.85 -17.58
N SER X 192 -30.12 35.52 -16.98
CA SER X 192 -30.10 36.98 -16.87
C SER X 192 -29.70 37.58 -18.21
N GLN X 193 -30.22 38.79 -18.50
CA GLN X 193 -30.00 39.56 -19.72
C GLN X 193 -30.32 38.75 -21.00
N ALA X 194 -31.44 38.01 -20.93
CA ALA X 194 -31.96 37.17 -22.01
C ALA X 194 -32.63 38.02 -23.10
N LYS X 195 -32.98 37.39 -24.24
CA LYS X 195 -33.63 38.06 -25.37
C LYS X 195 -35.12 38.23 -25.07
N LYS X 196 -35.49 39.38 -24.51
CA LYS X 196 -36.87 39.71 -24.15
C LYS X 196 -37.71 40.07 -25.38
N GLY X 197 -39.02 39.85 -25.28
CA GLY X 197 -39.96 40.18 -26.35
C GLY X 197 -40.15 39.09 -27.36
N ASP X 198 -40.59 37.91 -26.88
CA ASP X 198 -40.86 36.70 -27.65
C ASP X 198 -39.69 36.15 -28.49
N PHE X 199 -38.72 35.53 -27.79
CA PHE X 199 -37.54 34.92 -28.40
C PHE X 199 -37.41 33.46 -27.98
N LEU X 200 -37.39 32.55 -28.96
CA LEU X 200 -37.29 31.10 -28.75
C LEU X 200 -35.87 30.68 -28.52
N GLU X 201 -35.67 29.84 -27.50
CA GLU X 201 -34.37 29.28 -27.17
C GLU X 201 -34.46 27.79 -26.84
N PHE X 202 -33.65 27.00 -27.53
CA PHE X 202 -33.63 25.56 -27.35
C PHE X 202 -32.56 25.14 -26.37
N ASP X 203 -32.97 24.31 -25.41
CA ASP X 203 -32.05 23.74 -24.45
C ASP X 203 -32.08 22.27 -24.78
N PHE X 204 -31.12 21.86 -25.62
CA PHE X 204 -30.97 20.47 -26.06
C PHE X 204 -30.07 19.76 -25.06
N GLN X 205 -30.69 18.91 -24.22
CA GLN X 205 -30.05 18.16 -23.13
C GLN X 205 -28.97 17.19 -23.60
N THR X 206 -29.16 16.60 -24.79
CA THR X 206 -28.18 15.65 -25.36
C THR X 206 -27.19 16.32 -26.38
N GLY X 207 -26.77 17.54 -26.09
CA GLY X 207 -25.87 18.32 -26.92
C GLY X 207 -25.51 19.66 -26.31
N ASP X 208 -25.99 20.74 -26.96
CA ASP X 208 -25.71 22.13 -26.56
C ASP X 208 -26.98 23.02 -26.57
N THR X 209 -26.82 24.33 -26.29
CA THR X 209 -27.94 25.29 -26.27
C THR X 209 -28.03 26.14 -27.55
N PHE X 210 -29.24 26.55 -27.92
CA PHE X 210 -29.48 27.36 -29.12
C PHE X 210 -30.24 28.64 -28.76
N LEU X 211 -30.05 29.72 -29.57
CA LEU X 211 -30.73 31.01 -29.40
C LEU X 211 -31.31 31.40 -30.73
N ASN X 212 -32.65 31.39 -30.84
CA ASN X 212 -33.41 31.67 -32.05
C ASN X 212 -32.88 30.62 -33.04
N GLY X 213 -32.21 31.07 -34.09
CA GLY X 213 -31.61 30.17 -35.08
C GLY X 213 -30.16 29.75 -34.88
N LYS X 214 -29.33 30.69 -34.43
CA LYS X 214 -27.90 30.52 -34.22
C LYS X 214 -27.55 29.74 -32.94
N VAL X 215 -26.41 29.03 -32.96
CA VAL X 215 -25.94 28.25 -31.81
C VAL X 215 -25.25 29.18 -30.82
N ASN X 216 -25.81 29.26 -29.60
CA ASN X 216 -25.23 30.09 -28.56
C ASN X 216 -25.07 29.26 -27.30
N ASN X 217 -23.95 28.53 -27.25
CA ASN X 217 -23.62 27.63 -26.15
C ASN X 217 -22.91 28.33 -24.98
N ASN X 218 -22.16 29.40 -25.25
CA ASN X 218 -21.35 30.12 -24.27
C ASN X 218 -22.12 31.11 -23.39
N LEU X 219 -23.05 31.87 -23.98
CA LEU X 219 -23.75 32.92 -23.26
C LEU X 219 -25.15 32.62 -22.73
N LEU X 220 -25.92 31.77 -23.45
CA LEU X 220 -27.32 31.46 -23.13
C LEU X 220 -27.72 31.38 -21.65
N ASP X 221 -27.13 30.43 -20.90
CA ASP X 221 -27.45 30.22 -19.49
C ASP X 221 -26.52 30.99 -18.56
N LEU X 222 -27.04 31.36 -17.39
CA LEU X 222 -26.32 32.07 -16.32
C LEU X 222 -25.46 31.06 -15.53
N ASP X 223 -24.57 31.53 -14.66
CA ASP X 223 -23.69 30.68 -13.87
C ASP X 223 -24.41 29.74 -12.89
N SER X 224 -25.52 30.21 -12.30
CA SER X 224 -26.31 29.42 -11.35
C SER X 224 -27.53 28.71 -12.00
N ASP X 225 -27.41 28.34 -13.29
CA ASP X 225 -28.47 27.65 -14.03
C ASP X 225 -28.34 26.14 -13.92
N PHE X 226 -29.41 25.40 -14.18
CA PHE X 226 -29.40 23.95 -14.11
C PHE X 226 -29.59 23.26 -15.48
N LYS X 227 -28.82 22.18 -15.73
CA LYS X 227 -28.89 21.34 -16.94
C LYS X 227 -28.95 19.85 -16.55
N ASN X 228 -29.09 19.59 -15.24
CA ASN X 228 -29.21 18.27 -14.63
C ASN X 228 -30.63 18.06 -14.12
N ILE X 229 -31.59 18.82 -14.68
CA ILE X 229 -33.01 18.78 -14.31
C ILE X 229 -33.64 17.42 -14.60
N ARG X 230 -34.52 16.95 -13.70
CA ARG X 230 -35.20 15.68 -13.86
C ARG X 230 -36.70 15.87 -13.70
N LEU X 231 -37.46 15.22 -14.56
CA LEU X 231 -38.91 15.28 -14.58
C LEU X 231 -39.55 14.15 -13.80
N THR X 232 -40.44 14.51 -12.88
CA THR X 232 -41.20 13.55 -12.08
C THR X 232 -42.59 13.48 -12.69
N THR X 233 -43.43 12.63 -12.14
CA THR X 233 -44.80 12.45 -12.61
C THR X 233 -45.65 13.71 -12.45
N GLY X 234 -45.28 14.58 -11.52
CA GLY X 234 -46.02 15.83 -11.30
C GLY X 234 -45.16 17.08 -11.36
N THR X 235 -44.34 17.22 -12.41
CA THR X 235 -43.47 18.39 -12.57
C THR X 235 -44.17 19.50 -13.32
N ASP X 236 -44.23 20.69 -12.72
CA ASP X 236 -44.90 21.85 -13.32
C ASP X 236 -43.97 23.03 -13.48
N PHE X 237 -43.92 23.57 -14.69
CA PHE X 237 -43.09 24.72 -15.01
C PHE X 237 -43.93 25.90 -15.48
N SER X 238 -45.24 25.66 -15.72
CA SER X 238 -46.19 26.67 -16.22
C SER X 238 -46.10 28.02 -15.49
N SER X 239 -45.82 29.08 -16.26
CA SER X 239 -45.69 30.45 -15.76
C SER X 239 -46.16 31.45 -16.82
N SER X 240 -46.53 32.66 -16.36
CA SER X 240 -46.97 33.74 -17.23
C SER X 240 -45.81 34.42 -17.99
N ASN X 241 -44.56 34.14 -17.56
CA ASN X 241 -43.33 34.71 -18.13
C ASN X 241 -42.78 33.98 -19.36
N TYR X 242 -43.10 32.71 -19.52
CA TYR X 242 -42.59 31.89 -20.61
C TYR X 242 -43.52 30.74 -21.00
N GLU X 243 -43.47 30.33 -22.29
CA GLU X 243 -44.23 29.19 -22.82
C GLU X 243 -43.26 28.06 -23.17
N LEU X 244 -43.22 27.02 -22.32
CA LEU X 244 -42.33 25.87 -22.42
C LEU X 244 -42.89 24.72 -23.26
N THR X 245 -42.03 24.04 -24.01
CA THR X 245 -42.42 22.87 -24.78
C THR X 245 -41.38 21.84 -24.40
N ILE X 246 -41.75 20.93 -23.49
CA ILE X 246 -40.87 19.87 -22.98
C ILE X 246 -40.85 18.70 -23.94
N GLN X 247 -39.66 18.17 -24.23
CA GLN X 247 -39.50 17.02 -25.08
C GLN X 247 -38.75 15.97 -24.28
N TYR X 248 -39.43 14.87 -23.97
CA TYR X 248 -38.87 13.80 -23.15
C TYR X 248 -39.27 12.41 -23.66
N ARG X 249 -38.58 11.38 -23.16
CA ARG X 249 -38.83 9.99 -23.47
C ARG X 249 -38.96 9.22 -22.17
N LYS X 250 -40.06 8.47 -22.01
CA LYS X 250 -40.31 7.67 -20.81
C LYS X 250 -39.21 6.63 -20.57
N ALA X 251 -38.49 6.74 -19.43
CA ALA X 251 -37.43 5.78 -19.06
C ALA X 251 -37.92 4.76 -18.00
N VAL X 252 -37.70 3.46 -18.29
CA VAL X 252 -38.11 2.31 -17.48
C VAL X 252 -36.92 1.39 -17.25
N LEU X 253 -36.88 0.67 -16.10
CA LEU X 253 -35.82 -0.28 -15.75
C LEU X 253 -36.31 -1.69 -15.84
N ALA Y 2 66.49 -53.33 3.96
CA ALA Y 2 66.25 -54.13 5.16
C ALA Y 2 67.13 -55.40 5.18
N SER Y 3 67.30 -55.97 6.37
CA SER Y 3 68.03 -57.22 6.51
C SER Y 3 67.05 -58.37 6.24
N ILE Y 4 67.29 -59.12 5.19
CA ILE Y 4 66.40 -60.22 4.85
C ILE Y 4 67.17 -61.55 4.79
N LYS Y 5 66.43 -62.66 4.83
CA LYS Y 5 67.02 -63.99 4.78
C LYS Y 5 66.73 -64.62 3.43
N LYS Y 6 67.64 -65.47 2.98
CA LYS Y 6 67.52 -66.16 1.70
C LYS Y 6 66.32 -67.08 1.64
N VAL Y 7 65.65 -67.10 0.49
CA VAL Y 7 64.54 -68.01 0.23
C VAL Y 7 64.98 -69.00 -0.86
N TYR Y 8 64.74 -70.30 -0.66
CA TYR Y 8 65.19 -71.30 -1.61
C TYR Y 8 64.38 -72.58 -1.56
N ARG Y 9 64.45 -73.38 -2.63
CA ARG Y 9 63.74 -74.66 -2.77
C ARG Y 9 64.14 -75.60 -1.67
N GLY Y 10 63.16 -76.27 -1.09
CA GLY Y 10 63.41 -77.24 -0.03
C GLY Y 10 63.81 -76.63 1.28
N MET Y 11 63.58 -75.32 1.41
CA MET Y 11 63.94 -74.53 2.57
C MET Y 11 63.16 -74.94 3.79
N LYS Y 12 63.82 -74.93 4.95
CA LYS Y 12 63.14 -75.22 6.21
C LYS Y 12 62.42 -73.92 6.63
N ASN Y 13 61.11 -74.05 6.96
CA ASN Y 13 60.31 -72.92 7.46
C ASN Y 13 60.15 -71.78 6.42
N GLY Y 14 59.77 -72.15 5.20
CA GLY Y 14 59.67 -71.27 4.04
C GLY Y 14 58.66 -70.15 4.18
N ALA Y 15 57.41 -70.49 4.55
CA ALA Y 15 56.33 -69.52 4.70
C ALA Y 15 56.70 -68.40 5.72
N GLU Y 16 57.34 -68.79 6.81
CA GLU Y 16 57.78 -67.89 7.87
C GLU Y 16 58.85 -66.94 7.38
N THR Y 17 59.86 -67.45 6.65
CA THR Y 17 60.97 -66.65 6.12
C THR Y 17 60.47 -65.63 5.09
N ILE Y 18 59.58 -66.08 4.19
CA ILE Y 18 58.97 -65.21 3.19
C ILE Y 18 58.25 -64.07 3.90
N ASN Y 19 57.47 -64.40 4.95
CA ASN Y 19 56.73 -63.41 5.72
C ASN Y 19 57.64 -62.46 6.47
N ASP Y 20 58.67 -62.98 7.13
CA ASP Y 20 59.65 -62.16 7.87
C ASP Y 20 60.32 -61.16 6.95
N ASP Y 21 60.71 -61.60 5.73
CA ASP Y 21 61.34 -60.73 4.73
C ASP Y 21 60.40 -59.63 4.25
N LEU Y 22 59.14 -59.99 3.89
CA LEU Y 22 58.12 -59.04 3.47
C LEU Y 22 57.87 -57.99 4.57
N GLU Y 23 57.85 -58.43 5.85
CA GLU Y 23 57.70 -57.53 7.00
C GLU Y 23 58.91 -56.60 7.21
N ALA Y 24 60.13 -57.14 7.08
CA ALA Y 24 61.37 -56.35 7.22
C ALA Y 24 61.41 -55.24 6.14
N ILE Y 25 61.04 -55.60 4.91
CA ILE Y 25 61.02 -54.66 3.79
C ILE Y 25 59.91 -53.63 3.96
N ASN Y 26 58.69 -54.10 4.31
CA ASN Y 26 57.53 -53.23 4.49
C ASN Y 26 57.74 -52.20 5.59
N SER Y 27 58.52 -52.57 6.62
CA SER Y 27 58.85 -51.68 7.73
C SER Y 27 59.60 -50.43 7.26
N GLU Y 28 60.50 -50.56 6.30
CA GLU Y 28 61.30 -49.45 5.80
C GLU Y 28 60.55 -48.56 4.81
N LEU Y 29 59.38 -49.02 4.32
CA LEU Y 29 58.50 -48.20 3.47
C LEU Y 29 57.78 -47.15 4.31
N THR Y 30 57.72 -47.35 5.64
CA THR Y 30 57.05 -46.42 6.56
C THR Y 30 58.05 -45.57 7.39
N SER Y 31 59.14 -46.17 7.90
CA SER Y 31 60.14 -45.44 8.70
C SER Y 31 61.52 -46.10 8.71
N GLY Y 32 62.57 -45.29 8.89
CA GLY Y 32 63.94 -45.75 9.06
C GLY Y 32 64.63 -46.25 7.80
N GLY Y 33 65.69 -47.03 8.00
CA GLY Y 33 66.52 -47.51 6.91
C GLY Y 33 67.19 -46.35 6.19
N ASN Y 34 67.41 -46.53 4.89
CA ASN Y 34 68.05 -45.49 4.08
C ASN Y 34 67.07 -44.74 3.17
N VAL Y 35 65.76 -44.84 3.45
CA VAL Y 35 64.74 -44.18 2.64
C VAL Y 35 64.19 -42.93 3.33
N VAL Y 36 64.00 -41.86 2.53
CA VAL Y 36 63.40 -40.61 2.98
C VAL Y 36 61.88 -40.79 2.94
N HIS Y 37 61.21 -40.38 4.02
CA HIS Y 37 59.78 -40.58 4.19
C HIS Y 37 59.00 -39.28 4.20
N LYS Y 38 57.67 -39.37 4.06
CA LYS Y 38 56.79 -38.22 4.08
C LYS Y 38 56.45 -37.76 5.50
N THR Y 39 56.97 -38.48 6.52
CA THR Y 39 56.83 -38.08 7.94
C THR Y 39 58.18 -38.35 8.61
N GLY Y 40 58.37 -37.80 9.81
CA GLY Y 40 59.56 -38.02 10.62
C GLY Y 40 60.74 -37.09 10.42
N ASP Y 41 61.53 -36.96 11.50
CA ASP Y 41 62.76 -36.16 11.53
C ASP Y 41 63.86 -37.03 10.95
N GLU Y 42 64.45 -36.59 9.83
CA GLU Y 42 65.48 -37.39 9.15
C GLU Y 42 66.63 -36.54 8.66
N THR Y 43 67.84 -37.14 8.67
CA THR Y 43 69.06 -36.52 8.17
C THR Y 43 69.35 -37.13 6.80
N ILE Y 44 69.56 -36.27 5.82
CA ILE Y 44 69.77 -36.68 4.43
C ILE Y 44 71.13 -36.22 3.91
N ALA Y 45 71.99 -37.18 3.57
CA ALA Y 45 73.30 -36.95 3.00
C ALA Y 45 73.18 -37.00 1.45
N GLY Y 46 74.17 -36.43 0.77
CA GLY Y 46 74.28 -36.43 -0.69
C GLY Y 46 73.83 -35.17 -1.41
N LYS Y 47 74.22 -35.06 -2.70
CA LYS Y 47 73.79 -33.93 -3.54
C LYS Y 47 72.37 -34.21 -4.05
N LYS Y 48 71.39 -33.48 -3.52
CA LYS Y 48 70.01 -33.64 -3.93
C LYS Y 48 69.61 -32.50 -4.87
N THR Y 49 69.41 -32.83 -6.15
CA THR Y 49 69.04 -31.87 -7.16
C THR Y 49 67.53 -31.94 -7.42
N PHE Y 50 66.81 -30.86 -7.11
CA PHE Y 50 65.37 -30.78 -7.33
C PHE Y 50 65.11 -30.05 -8.63
N THR Y 51 64.56 -30.76 -9.61
CA THR Y 51 64.29 -30.20 -10.94
C THR Y 51 62.91 -29.53 -11.02
N GLY Y 52 62.07 -29.79 -10.02
CA GLY Y 52 60.73 -29.24 -9.94
C GLY Y 52 60.60 -28.09 -8.95
N ASN Y 53 59.37 -27.89 -8.44
CA ASN Y 53 59.03 -26.82 -7.49
C ASN Y 53 59.11 -27.29 -6.04
N VAL Y 54 60.04 -26.70 -5.27
CA VAL Y 54 60.22 -26.99 -3.85
C VAL Y 54 59.46 -25.93 -3.07
N GLU Y 55 58.45 -26.36 -2.32
CA GLU Y 55 57.65 -25.46 -1.51
C GLU Y 55 57.85 -25.71 -0.03
N VAL Y 56 58.38 -24.70 0.70
CA VAL Y 56 58.61 -24.78 2.16
C VAL Y 56 57.49 -24.02 2.87
N ASN Y 57 56.69 -24.75 3.67
CA ASN Y 57 55.59 -24.23 4.49
C ASN Y 57 56.02 -23.98 5.95
N GLY Y 58 56.98 -24.75 6.43
CA GLY Y 58 57.52 -24.52 7.75
C GLY Y 58 58.64 -23.50 7.70
N SER Y 59 59.82 -23.91 8.15
CA SER Y 59 61.00 -23.04 8.13
C SER Y 59 62.06 -23.60 7.19
N LEU Y 60 62.88 -22.70 6.67
CA LEU Y 60 64.05 -23.07 5.88
C LEU Y 60 65.24 -22.53 6.67
N THR Y 61 66.05 -23.42 7.23
CA THR Y 61 67.19 -23.01 8.04
C THR Y 61 68.50 -23.22 7.30
N LEU Y 62 69.28 -22.14 7.12
CA LEU Y 62 70.59 -22.19 6.47
C LEU Y 62 71.71 -21.93 7.48
N PRO Y 63 73.01 -22.18 7.09
CA PRO Y 63 74.13 -21.85 7.98
C PRO Y 63 74.19 -20.34 8.32
N THR Y 64 74.16 -20.04 9.63
CA THR Y 64 74.15 -18.70 10.20
C THR Y 64 75.36 -18.43 11.10
N LYS Y 65 75.85 -17.19 11.10
CA LYS Y 65 76.96 -16.71 11.92
C LYS Y 65 76.81 -15.20 12.12
N SER Y 66 77.06 -14.71 13.34
CA SER Y 66 76.94 -13.30 13.66
C SER Y 66 78.27 -12.66 14.03
N TRP Y 67 78.39 -11.36 13.75
CA TRP Y 67 79.59 -10.58 14.06
C TRP Y 67 79.25 -9.10 14.13
N SER Y 68 79.88 -8.39 15.06
CA SER Y 68 79.79 -6.94 15.15
C SER Y 68 81.12 -6.38 15.59
N GLY Y 69 81.46 -5.20 15.09
CA GLY Y 69 82.72 -4.56 15.43
C GLY Y 69 82.75 -3.11 15.05
N GLU Y 70 83.61 -2.34 15.73
CA GLU Y 70 83.81 -0.94 15.40
C GLU Y 70 84.85 -0.90 14.29
N LEU Y 71 84.38 -0.60 13.06
CA LEU Y 71 85.24 -0.54 11.88
C LEU Y 71 86.33 0.52 12.04
N GLY Y 72 85.94 1.65 12.60
CA GLY Y 72 86.82 2.77 12.83
C GLY Y 72 85.97 4.01 12.98
N GLY Y 73 86.55 5.04 13.56
CA GLY Y 73 85.92 6.34 13.78
C GLY Y 73 84.57 6.34 14.47
N GLY Y 74 84.29 5.29 15.27
CA GLY Y 74 83.03 5.15 15.97
C GLY Y 74 81.92 4.46 15.18
N ILE Y 75 82.18 4.11 13.90
CA ILE Y 75 81.22 3.42 13.05
C ILE Y 75 81.21 1.92 13.42
N ILE Y 76 80.04 1.41 13.80
CA ILE Y 76 79.85 0.01 14.18
C ILE Y 76 79.08 -0.73 13.10
N LEU Y 77 79.64 -1.86 12.63
CA LEU Y 77 78.97 -2.69 11.64
C LEU Y 77 78.56 -3.99 12.30
N SER Y 78 77.28 -4.34 12.15
CA SER Y 78 76.71 -5.58 12.67
C SER Y 78 76.32 -6.46 11.50
N LEU Y 79 76.77 -7.71 11.51
CA LEU Y 79 76.54 -8.66 10.44
C LEU Y 79 75.94 -9.96 10.90
N ARG Y 80 75.17 -10.57 9.98
CA ARG Y 80 74.64 -11.91 10.12
C ARG Y 80 74.67 -12.59 8.77
N LYS Y 81 75.49 -13.64 8.67
CA LYS Y 81 75.59 -14.46 7.48
C LYS Y 81 74.48 -15.50 7.56
N LYS Y 82 73.73 -15.68 6.45
CA LYS Y 82 72.68 -16.71 6.35
C LYS Y 82 72.80 -17.27 4.95
N GLY Y 83 73.36 -18.47 4.83
CA GLY Y 83 73.57 -19.06 3.53
C GLY Y 83 74.64 -18.33 2.73
N THR Y 84 74.24 -17.77 1.57
CA THR Y 84 75.14 -17.06 0.65
C THR Y 84 74.99 -15.53 0.68
N THR Y 85 74.25 -15.06 1.67
CA THR Y 85 73.92 -13.67 1.89
C THR Y 85 74.34 -13.24 3.29
N VAL Y 86 74.79 -11.98 3.36
CA VAL Y 86 75.14 -11.30 4.60
C VAL Y 86 74.20 -10.14 4.81
N GLU Y 87 73.50 -10.16 5.94
CA GLU Y 87 72.62 -9.07 6.36
C GLU Y 87 73.46 -8.11 7.20
N TYR Y 88 73.44 -6.83 6.84
CA TYR Y 88 74.23 -5.83 7.57
C TYR Y 88 73.38 -4.73 8.19
N SER Y 89 73.96 -4.06 9.20
CA SER Y 89 73.39 -2.91 9.84
C SER Y 89 74.51 -1.99 10.29
N ILE Y 90 74.45 -0.73 9.86
CA ILE Y 90 75.42 0.30 10.20
C ILE Y 90 74.89 1.08 11.38
N GLY Y 91 75.77 1.31 12.35
CA GLY Y 91 75.43 2.07 13.54
C GLY Y 91 76.60 2.82 14.13
N GLY Y 92 76.43 3.23 15.38
CA GLY Y 92 77.40 4.01 16.13
C GLY Y 92 77.29 5.49 15.82
N GLU Y 93 78.32 6.23 16.18
CA GLU Y 93 78.38 7.67 15.94
C GLU Y 93 79.79 8.04 15.59
N ILE Y 94 79.99 8.89 14.57
CA ILE Y 94 81.35 9.32 14.19
C ILE Y 94 81.97 10.09 15.34
N SER Y 95 83.14 9.63 15.79
CA SER Y 95 83.83 10.13 16.98
C SER Y 95 85.02 11.06 16.73
N SER Y 96 85.65 10.90 15.55
CA SER Y 96 86.87 11.57 15.13
C SER Y 96 86.81 11.85 13.64
N SER Y 97 87.75 12.65 13.12
CA SER Y 97 87.84 13.00 11.71
C SER Y 97 88.08 11.73 10.88
N ILE Y 98 87.17 11.45 9.95
CA ILE Y 98 87.28 10.32 9.02
C ILE Y 98 87.50 10.99 7.68
N LEU Y 99 88.69 10.84 7.08
CA LEU Y 99 89.01 11.51 5.83
C LEU Y 99 88.25 10.94 4.65
N ALA Y 100 87.94 11.75 3.62
CA ALA Y 100 87.26 11.26 2.41
C ALA Y 100 88.03 10.07 1.82
N ASN Y 101 87.30 9.01 1.43
CA ASN Y 101 87.87 7.83 0.79
C ASN Y 101 88.96 7.08 1.59
N SER Y 102 88.88 7.15 2.92
CA SER Y 102 89.85 6.54 3.80
C SER Y 102 89.44 5.18 4.29
N ASN Y 103 90.43 4.33 4.56
CA ASN Y 103 90.22 3.01 5.12
C ASN Y 103 89.82 3.16 6.58
N LEU Y 104 88.87 2.32 7.02
CA LEU Y 104 88.44 2.24 8.41
C LEU Y 104 89.29 1.13 9.01
N VAL Y 105 90.23 1.53 9.86
CA VAL Y 105 91.32 0.68 10.33
C VAL Y 105 91.35 0.25 11.79
N ASN Y 106 90.18 0.24 12.46
CA ASN Y 106 90.11 -0.30 13.81
C ASN Y 106 89.95 -1.81 13.72
N ARG Y 107 88.86 -2.25 13.07
CA ARG Y 107 88.58 -3.66 12.87
C ARG Y 107 88.11 -3.93 11.44
N SER Y 108 88.59 -5.03 10.84
CA SER Y 108 88.18 -5.44 9.49
C SER Y 108 87.06 -6.45 9.62
N VAL Y 109 86.33 -6.66 8.53
CA VAL Y 109 85.32 -7.70 8.46
C VAL Y 109 86.06 -9.06 8.32
N PRO Y 110 85.76 -10.07 9.17
CA PRO Y 110 86.42 -11.38 9.05
C PRO Y 110 86.16 -12.04 7.69
N ASN Y 111 87.12 -12.86 7.21
CA ASN Y 111 87.08 -13.50 5.89
C ASN Y 111 85.80 -14.26 5.60
N GLU Y 112 85.23 -14.91 6.62
CA GLU Y 112 83.98 -15.67 6.43
C GLU Y 112 82.79 -14.79 6.09
N PHE Y 113 82.87 -13.50 6.41
CA PHE Y 113 81.83 -12.53 6.07
C PHE Y 113 82.20 -11.70 4.85
N CYS Y 114 83.39 -11.92 4.29
CA CYS Y 114 83.89 -11.15 3.17
C CYS Y 114 83.28 -11.52 1.82
N PRO Y 115 82.96 -10.50 1.01
CA PRO Y 115 82.38 -10.74 -0.32
C PRO Y 115 83.44 -11.17 -1.35
N ARG Y 116 83.02 -11.60 -2.54
CA ARG Y 116 83.96 -11.97 -3.61
C ARG Y 116 84.41 -10.73 -4.34
N ASN Y 117 83.52 -9.73 -4.40
CA ASN Y 117 83.76 -8.44 -5.03
C ASN Y 117 83.48 -7.31 -4.08
N ARG Y 118 83.92 -6.12 -4.48
CA ARG Y 118 83.71 -4.91 -3.72
C ARG Y 118 82.21 -4.61 -3.59
N CYS Y 119 81.73 -4.50 -2.36
CA CYS Y 119 80.34 -4.20 -2.07
C CYS Y 119 80.19 -2.81 -1.52
N SER Y 120 79.34 -1.98 -2.16
CA SER Y 120 79.11 -0.59 -1.76
C SER Y 120 77.84 -0.47 -0.95
N LEU Y 121 78.00 -0.22 0.35
CA LEU Y 121 76.90 -0.16 1.29
C LEU Y 121 76.46 1.27 1.54
N VAL Y 122 75.36 1.65 0.91
CA VAL Y 122 74.83 3.00 0.97
C VAL Y 122 74.14 3.27 2.32
N GLY Y 123 74.44 4.43 2.89
CA GLY Y 123 73.88 4.85 4.16
C GLY Y 123 73.44 6.30 4.18
N HIS Y 124 72.80 6.68 5.29
CA HIS Y 124 72.28 8.02 5.51
C HIS Y 124 72.69 8.53 6.89
N MET Y 125 72.97 9.83 6.99
CA MET Y 125 73.32 10.49 8.23
C MET Y 125 72.06 11.11 8.84
N VAL Y 126 71.73 10.74 10.09
CA VAL Y 126 70.55 11.29 10.79
C VAL Y 126 70.52 12.84 10.70
N GLY Y 127 69.32 13.40 10.59
CA GLY Y 127 69.07 14.84 10.73
C GLY Y 127 69.33 15.78 9.57
N GLY Y 128 69.66 15.22 8.43
CA GLY Y 128 69.87 16.00 7.21
C GLY Y 128 69.59 15.14 6.00
N TRP Y 129 69.95 15.62 4.80
CA TRP Y 129 69.76 14.88 3.55
C TRP Y 129 71.05 14.11 3.09
N ASN Y 130 72.06 14.04 3.96
CA ASN Y 130 73.37 13.47 3.61
C ASN Y 130 73.44 11.96 3.52
N ALA Y 131 73.99 11.49 2.40
CA ALA Y 131 74.23 10.07 2.18
C ALA Y 131 75.72 9.78 2.05
N PHE Y 132 76.11 8.54 2.30
CA PHE Y 132 77.48 8.10 2.14
C PHE Y 132 77.42 6.65 1.69
N HIS Y 133 78.58 6.06 1.46
CA HIS Y 133 78.71 4.63 1.31
C HIS Y 133 79.98 4.15 1.96
N ILE Y 134 80.00 2.88 2.34
CA ILE Y 134 81.14 2.17 2.89
C ILE Y 134 81.31 0.95 2.01
N ASP Y 135 82.50 0.81 1.45
CA ASP Y 135 82.87 -0.35 0.65
C ASP Y 135 83.43 -1.45 1.53
N ILE Y 136 82.93 -2.67 1.33
CA ILE Y 136 83.53 -3.86 1.91
C ILE Y 136 84.18 -4.62 0.74
N PRO Y 137 85.52 -4.58 0.67
CA PRO Y 137 86.22 -5.37 -0.34
C PRO Y 137 86.39 -6.80 0.20
N SER Y 138 86.86 -7.69 -0.66
CA SER Y 138 87.09 -9.09 -0.31
C SER Y 138 88.09 -9.26 0.81
N SER Y 139 89.00 -8.29 0.98
CA SER Y 139 89.97 -8.30 2.07
C SER Y 139 89.33 -7.95 3.44
N GLY Y 140 88.15 -7.36 3.42
CA GLY Y 140 87.50 -6.95 4.65
C GLY Y 140 87.93 -5.61 5.22
N VAL Y 141 88.91 -4.95 4.58
CA VAL Y 141 89.32 -3.60 5.00
C VAL Y 141 88.28 -2.60 4.44
N CYS Y 142 87.37 -2.16 5.30
CA CYS Y 142 86.30 -1.28 4.89
C CYS Y 142 86.82 0.13 4.60
N GLN Y 143 86.15 0.80 3.66
CA GLN Y 143 86.56 2.12 3.18
C GLN Y 143 85.39 3.11 3.12
N TRP Y 144 85.61 4.28 3.70
CA TRP Y 144 84.62 5.35 3.79
C TRP Y 144 84.64 6.19 2.52
N PHE Y 145 83.50 6.26 1.81
CA PHE Y 145 83.40 7.03 0.58
C PHE Y 145 82.52 8.28 0.66
N GLY Y 146 82.23 8.70 1.88
CA GLY Y 146 81.64 9.99 2.12
C GLY Y 146 82.76 11.02 2.06
N PRO Y 147 82.46 12.31 2.30
CA PRO Y 147 83.54 13.29 2.34
C PRO Y 147 84.16 13.21 3.74
N THR Y 148 85.11 14.10 4.03
CA THR Y 148 85.65 14.13 5.37
C THR Y 148 84.51 14.46 6.35
N ALA Y 149 84.43 13.72 7.47
CA ALA Y 149 83.40 13.88 8.49
C ALA Y 149 84.00 13.64 9.88
N SER Y 150 83.58 14.44 10.87
CA SER Y 150 84.10 14.32 12.24
C SER Y 150 83.02 14.10 13.31
N SER Y 151 81.75 13.96 12.89
CA SER Y 151 80.58 13.81 13.78
C SER Y 151 79.36 13.32 12.97
N GLY Y 152 78.29 12.94 13.66
CA GLY Y 152 77.10 12.46 12.98
C GLY Y 152 76.79 10.99 13.25
N THR Y 153 75.58 10.61 12.87
CA THR Y 153 75.00 9.30 13.15
C THR Y 153 74.70 8.55 11.82
N PRO Y 154 75.62 7.61 11.41
CA PRO Y 154 75.45 6.86 10.16
C PRO Y 154 74.57 5.64 10.35
N ARG Y 155 73.65 5.43 9.39
CA ARG Y 155 72.67 4.35 9.45
C ARG Y 155 72.44 3.71 8.08
N GLY Y 156 72.01 2.46 8.07
CA GLY Y 156 71.71 1.75 6.84
C GLY Y 156 71.69 0.26 7.07
N THR Y 157 70.60 -0.35 6.63
CA THR Y 157 70.37 -1.78 6.76
C THR Y 157 70.13 -2.36 5.37
N GLY Y 158 70.72 -3.50 5.10
CA GLY Y 158 70.51 -4.18 3.83
C GLY Y 158 71.23 -5.50 3.80
N THR Y 159 71.59 -5.96 2.58
CA THR Y 159 72.34 -7.19 2.39
C THR Y 159 73.41 -7.06 1.30
N TYR Y 160 74.38 -7.97 1.32
CA TYR Y 160 75.38 -8.11 0.27
C TYR Y 160 75.67 -9.59 0.09
N PRO Y 161 76.14 -10.01 -1.12
CA PRO Y 161 76.34 -11.45 -1.34
C PRO Y 161 77.72 -11.94 -0.95
N ILE Y 162 77.81 -13.25 -0.75
CA ILE Y 162 79.09 -13.77 -0.36
C ILE Y 162 80.04 -14.42 -1.43
N ASP Y 163 79.53 -14.75 -2.60
CA ASP Y 163 80.29 -15.44 -3.62
C ASP Y 163 80.07 -14.88 -5.01
N SER Y 164 80.98 -15.22 -5.94
CA SER Y 164 80.88 -14.88 -7.35
C SER Y 164 81.55 -15.98 -8.18
N ALA Y 165 81.12 -16.15 -9.44
CA ALA Y 165 81.65 -17.18 -10.34
C ALA Y 165 83.14 -17.05 -10.61
N ALA Z 2 60.95 -51.68 -8.35
CA ALA Z 2 61.85 -52.69 -8.90
C ALA Z 2 61.14 -53.58 -9.94
N SER Z 3 61.93 -54.23 -10.80
CA SER Z 3 61.39 -55.13 -11.80
C SER Z 3 61.27 -56.50 -11.15
N ILE Z 4 60.04 -56.95 -10.95
CA ILE Z 4 59.79 -58.24 -10.31
C ILE Z 4 59.03 -59.18 -11.23
N LYS Z 5 59.00 -60.45 -10.88
CA LYS Z 5 58.28 -61.45 -11.64
C LYS Z 5 57.05 -61.91 -10.86
N LYS Z 6 56.01 -62.28 -11.59
CA LYS Z 6 54.74 -62.75 -11.02
C LYS Z 6 54.91 -64.05 -10.26
N VAL Z 7 54.25 -64.13 -9.10
CA VAL Z 7 54.19 -65.34 -8.28
C VAL Z 7 52.76 -65.90 -8.35
N TYR Z 8 52.64 -67.22 -8.60
CA TYR Z 8 51.32 -67.83 -8.73
C TYR Z 8 51.33 -69.29 -8.44
N ARG Z 9 50.13 -69.84 -8.16
CA ARG Z 9 49.89 -71.26 -7.92
C ARG Z 9 50.34 -72.11 -9.09
N GLY Z 10 50.98 -73.23 -8.77
CA GLY Z 10 51.52 -74.17 -9.75
C GLY Z 10 52.65 -73.61 -10.59
N MET Z 11 53.34 -72.59 -10.04
CA MET Z 11 54.43 -71.90 -10.70
C MET Z 11 55.68 -72.74 -10.75
N LYS Z 12 56.45 -72.60 -11.82
CA LYS Z 12 57.71 -73.33 -11.93
C LYS Z 12 58.80 -72.48 -11.24
N ASN Z 13 59.62 -73.14 -10.41
CA ASN Z 13 60.73 -72.51 -9.69
C ASN Z 13 60.30 -71.29 -8.82
N GLY Z 14 59.33 -71.56 -7.95
CA GLY Z 14 58.70 -70.56 -7.11
C GLY Z 14 59.60 -69.87 -6.11
N ALA Z 15 60.35 -70.67 -5.31
CA ALA Z 15 61.26 -70.19 -4.28
C ALA Z 15 62.33 -69.22 -4.84
N GLU Z 16 62.89 -69.55 -6.02
CA GLU Z 16 63.87 -68.71 -6.70
C GLU Z 16 63.25 -67.38 -7.07
N THR Z 17 62.05 -67.40 -7.69
CA THR Z 17 61.32 -66.20 -8.12
C THR Z 17 60.95 -65.29 -6.94
N ILE Z 18 60.44 -65.89 -5.85
CA ILE Z 18 60.10 -65.16 -4.62
C ILE Z 18 61.37 -64.47 -4.07
N ASN Z 19 62.52 -65.24 -4.02
CA ASN Z 19 63.80 -64.71 -3.55
C ASN Z 19 64.31 -63.59 -4.45
N ASP Z 20 64.32 -63.80 -5.77
CA ASP Z 20 64.76 -62.78 -6.73
C ASP Z 20 63.95 -61.48 -6.58
N ASP Z 21 62.62 -61.60 -6.36
CA ASP Z 21 61.72 -60.46 -6.15
C ASP Z 21 62.07 -59.71 -4.88
N LEU Z 22 62.24 -60.46 -3.76
CA LEU Z 22 62.60 -59.88 -2.47
C LEU Z 22 63.94 -59.13 -2.53
N GLU Z 23 64.91 -59.69 -3.29
CA GLU Z 23 66.21 -59.07 -3.47
C GLU Z 23 66.13 -57.80 -4.33
N ALA Z 24 65.37 -57.84 -5.43
CA ALA Z 24 65.14 -56.69 -6.31
C ALA Z 24 64.54 -55.52 -5.53
N ILE Z 25 63.52 -55.82 -4.71
CA ILE Z 25 62.83 -54.82 -3.90
C ILE Z 25 63.74 -54.24 -2.82
N ASN Z 26 64.46 -55.12 -2.09
CA ASN Z 26 65.36 -54.72 -1.01
C ASN Z 26 66.48 -53.80 -1.49
N SER Z 27 66.96 -54.05 -2.72
CA SER Z 27 68.00 -53.25 -3.35
C SER Z 27 67.64 -51.75 -3.43
N GLU Z 28 66.38 -51.47 -3.77
CA GLU Z 28 65.88 -50.12 -3.93
C GLU Z 28 65.61 -49.39 -2.62
N LEU Z 29 65.57 -50.14 -1.49
CA LEU Z 29 65.45 -49.53 -0.16
C LEU Z 29 66.75 -48.87 0.29
N THR Z 30 67.87 -49.25 -0.37
CA THR Z 30 69.19 -48.69 -0.05
C THR Z 30 69.68 -47.69 -1.10
N SER Z 31 69.48 -47.99 -2.41
CA SER Z 31 69.90 -47.07 -3.48
C SER Z 31 69.13 -47.28 -4.80
N GLY Z 32 69.05 -46.22 -5.61
CA GLY Z 32 68.46 -46.28 -6.94
C GLY Z 32 66.95 -46.30 -7.01
N GLY Z 33 66.45 -46.77 -8.16
CA GLY Z 33 65.02 -46.84 -8.45
C GLY Z 33 64.38 -45.46 -8.44
N ASN Z 34 63.13 -45.39 -7.99
CA ASN Z 34 62.43 -44.11 -7.92
C ASN Z 34 62.29 -43.57 -6.50
N VAL Z 35 63.08 -44.10 -5.55
CA VAL Z 35 63.00 -43.67 -4.16
C VAL Z 35 64.16 -42.75 -3.76
N VAL Z 36 63.84 -41.70 -2.98
CA VAL Z 36 64.81 -40.77 -2.43
C VAL Z 36 65.41 -41.40 -1.17
N HIS Z 37 66.74 -41.36 -1.06
CA HIS Z 37 67.47 -42.00 0.02
C HIS Z 37 68.18 -40.99 0.91
N LYS Z 38 68.61 -41.45 2.09
CA LYS Z 38 69.34 -40.64 3.07
C LYS Z 38 70.83 -40.51 2.72
N THR Z 39 71.29 -41.15 1.63
CA THR Z 39 72.66 -41.03 1.11
C THR Z 39 72.54 -40.95 -0.41
N GLY Z 40 73.61 -40.55 -1.10
CA GLY Z 40 73.68 -40.56 -2.57
C GLY Z 40 73.29 -39.27 -3.25
N ASP Z 41 73.90 -39.06 -4.42
CA ASP Z 41 73.62 -37.93 -5.30
C ASP Z 41 72.40 -38.35 -6.13
N GLU Z 42 71.29 -37.61 -6.01
CA GLU Z 42 70.04 -37.98 -6.69
C GLU Z 42 69.32 -36.78 -7.29
N THR Z 43 68.65 -36.98 -8.42
CA THR Z 43 67.82 -35.96 -9.05
C THR Z 43 66.36 -36.27 -8.74
N ILE Z 44 65.65 -35.26 -8.22
CA ILE Z 44 64.26 -35.39 -7.79
C ILE Z 44 63.32 -34.47 -8.59
N ALA Z 45 62.38 -35.07 -9.30
CA ALA Z 45 61.38 -34.34 -10.07
C ALA Z 45 60.08 -34.23 -9.25
N GLY Z 46 59.20 -33.31 -9.65
CA GLY Z 46 57.90 -33.10 -9.03
C GLY Z 46 57.81 -31.95 -8.04
N LYS Z 47 56.56 -31.58 -7.68
CA LYS Z 47 56.33 -30.53 -6.68
C LYS Z 47 56.47 -31.14 -5.28
N LYS Z 48 57.56 -30.81 -4.59
CA LYS Z 48 57.78 -31.31 -3.24
C LYS Z 48 57.45 -30.23 -2.23
N THR Z 49 56.38 -30.44 -1.47
CA THR Z 49 55.93 -29.49 -0.46
C THR Z 49 56.36 -29.96 0.94
N PHE Z 50 57.23 -29.18 1.59
CA PHE Z 50 57.72 -29.48 2.93
C PHE Z 50 56.90 -28.69 3.95
N THR Z 51 56.13 -29.40 4.77
CA THR Z 51 55.27 -28.78 5.78
C THR Z 51 56.00 -28.53 7.10
N GLY Z 52 57.14 -29.18 7.26
CA GLY Z 52 57.96 -29.04 8.46
C GLY Z 52 59.14 -28.10 8.29
N ASN Z 53 60.18 -28.34 9.09
CA ASN Z 53 61.41 -27.55 9.09
C ASN Z 53 62.50 -28.17 8.19
N VAL Z 54 62.90 -27.43 7.14
CA VAL Z 54 63.96 -27.85 6.23
C VAL Z 54 65.26 -27.18 6.69
N GLU Z 55 66.24 -27.98 7.08
CA GLU Z 55 67.53 -27.48 7.54
C GLU Z 55 68.64 -27.87 6.58
N VAL Z 56 69.29 -26.87 5.96
CA VAL Z 56 70.41 -27.08 5.04
C VAL Z 56 71.72 -26.77 5.76
N ASN Z 57 72.56 -27.81 5.92
CA ASN Z 57 73.89 -27.73 6.55
C ASN Z 57 74.99 -27.53 5.51
N GLY Z 58 74.81 -28.11 4.32
CA GLY Z 58 75.74 -27.92 3.21
C GLY Z 58 75.45 -26.62 2.49
N SER Z 59 75.23 -26.71 1.17
CA SER Z 59 74.88 -25.55 0.37
C SER Z 59 73.45 -25.68 -0.17
N LEU Z 60 72.86 -24.52 -0.46
CA LEU Z 60 71.59 -24.40 -1.14
C LEU Z 60 71.90 -23.65 -2.42
N THR Z 61 71.78 -24.31 -3.54
CA THR Z 61 72.07 -23.69 -4.83
C THR Z 61 70.80 -23.45 -5.63
N LEU Z 62 70.57 -22.19 -5.98
CA LEU Z 62 69.41 -21.80 -6.79
C LEU Z 62 69.82 -21.45 -8.23
N PRO Z 63 68.86 -21.28 -9.18
CA PRO Z 63 69.21 -20.87 -10.54
C PRO Z 63 69.87 -19.52 -10.57
N THR Z 64 71.03 -19.47 -11.22
CA THR Z 64 71.87 -18.30 -11.31
C THR Z 64 72.15 -17.88 -12.75
N LYS Z 65 72.15 -16.58 -12.98
CA LYS Z 65 72.47 -15.99 -14.26
C LYS Z 65 73.11 -14.63 -14.01
N SER Z 66 74.14 -14.30 -14.78
CA SER Z 66 74.84 -13.04 -14.64
C SER Z 66 74.72 -12.18 -15.88
N TRP Z 67 74.80 -10.87 -15.68
CA TRP Z 67 74.72 -9.88 -16.74
C TRP Z 67 75.33 -8.56 -16.27
N SER Z 68 76.02 -7.88 -17.17
CA SER Z 68 76.54 -6.55 -16.93
C SER Z 68 76.43 -5.75 -18.21
N GLY Z 69 76.19 -4.46 -18.08
CA GLY Z 69 76.08 -3.59 -19.24
C GLY Z 69 76.11 -2.14 -18.87
N GLU Z 70 76.50 -1.30 -19.83
CA GLU Z 70 76.50 0.13 -19.65
C GLU Z 70 75.09 0.61 -19.97
N LEU Z 71 74.35 1.00 -18.92
CA LEU Z 71 72.96 1.47 -19.07
C LEU Z 71 72.86 2.71 -19.92
N GLY Z 72 73.79 3.62 -19.70
CA GLY Z 72 73.87 4.90 -20.39
C GLY Z 72 74.73 5.82 -19.55
N GLY Z 73 75.24 6.86 -20.18
CA GLY Z 73 76.07 7.88 -19.57
C GLY Z 73 77.30 7.40 -18.82
N GLY Z 74 77.81 6.19 -19.12
CA GLY Z 74 78.96 5.61 -18.43
C GLY Z 74 78.62 4.80 -17.18
N ILE Z 75 77.33 4.76 -16.80
CA ILE Z 75 76.87 4.00 -15.64
C ILE Z 75 76.78 2.52 -16.03
N ILE Z 76 77.50 1.66 -15.29
CA ILE Z 76 77.55 0.22 -15.52
C ILE Z 76 76.78 -0.50 -14.42
N LEU Z 77 75.81 -1.35 -14.82
CA LEU Z 77 75.05 -2.15 -13.88
C LEU Z 77 75.45 -3.59 -14.04
N SER Z 78 75.81 -4.23 -12.92
CA SER Z 78 76.18 -5.64 -12.88
C SER Z 78 75.12 -6.37 -12.08
N LEU Z 79 74.59 -7.45 -12.66
CA LEU Z 79 73.50 -8.23 -12.08
C LEU Z 79 73.81 -9.69 -11.96
N ARG Z 80 73.24 -10.30 -10.92
CA ARG Z 80 73.25 -11.74 -10.72
C ARG Z 80 71.90 -12.16 -10.19
N LYS Z 81 71.18 -12.93 -11.00
CA LYS Z 81 69.90 -13.50 -10.60
C LYS Z 81 70.22 -14.77 -9.82
N LYS Z 82 69.55 -14.95 -8.66
CA LYS Z 82 69.69 -16.14 -7.84
C LYS Z 82 68.29 -16.44 -7.32
N GLY Z 83 67.61 -17.42 -7.93
CA GLY Z 83 66.25 -17.70 -7.51
C GLY Z 83 65.26 -16.63 -7.94
N THR Z 84 64.54 -16.02 -6.95
CA THR Z 84 63.55 -14.97 -7.22
C THR Z 84 64.05 -13.55 -6.85
N THR Z 85 65.37 -13.45 -6.68
CA THR Z 85 66.07 -12.25 -6.29
C THR Z 85 67.20 -11.96 -7.27
N VAL Z 86 67.39 -10.67 -7.49
CA VAL Z 86 68.48 -10.15 -8.31
C VAL Z 86 69.39 -9.32 -7.44
N GLU Z 87 70.67 -9.70 -7.41
CA GLU Z 87 71.72 -8.96 -6.73
C GLU Z 87 72.31 -7.95 -7.73
N TYR Z 88 72.35 -6.68 -7.35
CA TYR Z 88 72.89 -5.66 -8.23
C TYR Z 88 74.10 -4.93 -7.65
N SER Z 89 74.88 -4.35 -8.55
CA SER Z 89 76.01 -3.50 -8.22
C SER Z 89 76.14 -2.42 -9.27
N ILE Z 90 76.15 -1.16 -8.81
CA ILE Z 90 76.28 0.01 -9.67
C ILE Z 90 77.72 0.43 -9.70
N GLY Z 91 78.21 0.71 -10.90
CA GLY Z 91 79.57 1.16 -11.11
C GLY Z 91 79.74 2.06 -12.31
N GLY Z 92 80.98 2.19 -12.73
CA GLY Z 92 81.39 3.05 -13.84
C GLY Z 92 81.57 4.49 -13.39
N GLU Z 93 81.59 5.41 -14.34
CA GLU Z 93 81.74 6.82 -14.06
C GLU Z 93 80.91 7.60 -15.05
N ILE Z 94 80.16 8.64 -14.59
CA ILE Z 94 79.34 9.47 -15.50
C ILE Z 94 80.28 10.16 -16.51
N SER Z 95 80.01 9.94 -17.80
CA SER Z 95 80.87 10.36 -18.91
C SER Z 95 80.39 11.60 -19.69
N SER Z 96 79.07 11.83 -19.67
CA SER Z 96 78.32 12.86 -20.40
C SER Z 96 77.12 13.34 -19.58
N SER Z 97 76.47 14.43 -20.01
CA SER Z 97 75.29 14.98 -19.33
C SER Z 97 74.17 13.97 -19.26
N ILE Z 98 73.71 13.64 -18.04
CA ILE Z 98 72.56 12.77 -17.83
C ILE Z 98 71.51 13.68 -17.24
N LEU Z 99 70.43 13.91 -17.98
CA LEU Z 99 69.40 14.86 -17.54
C LEU Z 99 68.56 14.31 -16.39
N ALA Z 100 68.04 15.17 -15.49
CA ALA Z 100 67.18 14.72 -14.38
C ALA Z 100 66.01 13.92 -14.91
N ASN Z 101 65.70 12.79 -14.24
CA ASN Z 101 64.57 11.91 -14.55
C ASN Z 101 64.54 11.36 -16.00
N SER Z 102 65.71 11.20 -16.60
CA SER Z 102 65.88 10.72 -17.95
C SER Z 102 66.10 9.22 -18.00
N ASN Z 103 65.65 8.60 -19.09
CA ASN Z 103 65.88 7.19 -19.37
C ASN Z 103 67.33 7.00 -19.75
N LEU Z 104 67.92 5.91 -19.29
CA LEU Z 104 69.28 5.51 -19.62
C LEU Z 104 69.11 4.58 -20.81
N VAL Z 105 69.51 5.08 -21.99
CA VAL Z 105 69.19 4.47 -23.27
C VAL Z 105 70.31 3.82 -24.08
N ASN Z 106 71.40 3.39 -23.42
CA ASN Z 106 72.43 2.63 -24.12
C ASN Z 106 72.02 1.16 -24.16
N ARG Z 107 71.85 0.56 -22.99
CA ARG Z 107 71.44 -0.82 -22.85
C ARG Z 107 70.36 -0.97 -21.78
N SER Z 108 69.35 -1.81 -22.05
CA SER Z 108 68.28 -2.09 -21.09
C SER Z 108 68.64 -3.35 -20.33
N VAL Z 109 67.97 -3.56 -19.19
CA VAL Z 109 68.11 -4.79 -18.42
C VAL Z 109 67.29 -5.86 -19.18
N PRO Z 110 67.89 -7.05 -19.49
CA PRO Z 110 67.13 -8.11 -20.18
C PRO Z 110 65.92 -8.58 -19.38
N ASN Z 111 64.86 -9.04 -20.08
CA ASN Z 111 63.58 -9.45 -19.49
C ASN Z 111 63.71 -10.43 -18.34
N GLU Z 112 64.64 -11.38 -18.43
CA GLU Z 112 64.84 -12.37 -17.38
C GLU Z 112 65.33 -11.77 -16.07
N PHE Z 113 65.92 -10.58 -16.13
CA PHE Z 113 66.36 -9.85 -14.94
C PHE Z 113 65.37 -8.78 -14.51
N CYS Z 114 64.29 -8.59 -15.29
CA CYS Z 114 63.31 -7.54 -15.04
C CYS Z 114 62.33 -7.84 -13.91
N PRO Z 115 62.03 -6.82 -13.09
CA PRO Z 115 61.10 -6.98 -11.97
C PRO Z 115 59.62 -6.93 -12.42
N ARG Z 116 58.67 -7.23 -11.53
CA ARG Z 116 57.25 -7.12 -11.90
C ARG Z 116 56.79 -5.69 -11.72
N ASN Z 117 57.41 -4.99 -10.77
CA ASN Z 117 57.13 -3.61 -10.47
C ASN Z 117 58.39 -2.77 -10.53
N ARG Z 118 58.19 -1.46 -10.53
CA ARG Z 118 59.26 -0.51 -10.56
C ARG Z 118 60.11 -0.65 -9.30
N CYS Z 119 61.41 -0.87 -9.50
CA CYS Z 119 62.35 -0.99 -8.39
C CYS Z 119 63.27 0.20 -8.34
N SER Z 120 63.33 0.88 -7.18
CA SER Z 120 64.15 2.09 -6.96
C SER Z 120 65.46 1.74 -6.28
N LEU Z 121 66.54 1.80 -7.05
CA LEU Z 121 67.87 1.44 -6.58
C LEU Z 121 68.65 2.64 -6.13
N VAL Z 122 68.72 2.82 -4.81
CA VAL Z 122 69.38 3.96 -4.19
C VAL Z 122 70.91 3.81 -4.24
N GLY Z 123 71.58 4.90 -4.60
CA GLY Z 123 73.04 4.93 -4.70
C GLY Z 123 73.65 6.19 -4.13
N HIS Z 124 74.98 6.21 -4.09
CA HIS Z 124 75.77 7.32 -3.57
C HIS Z 124 76.90 7.67 -4.53
N MET Z 125 77.21 8.96 -4.63
CA MET Z 125 78.30 9.48 -5.46
C MET Z 125 79.54 9.64 -4.59
N VAL Z 126 80.66 8.98 -4.97
CA VAL Z 126 81.94 9.08 -4.25
C VAL Z 126 82.29 10.56 -3.96
N GLY Z 127 82.89 10.80 -2.80
CA GLY Z 127 83.50 12.08 -2.45
C GLY Z 127 82.65 13.24 -1.96
N GLY Z 128 81.39 12.99 -1.75
CA GLY Z 128 80.47 14.00 -1.21
C GLY Z 128 79.33 13.32 -0.50
N TRP Z 129 78.29 14.07 -0.16
CA TRP Z 129 77.10 13.53 0.51
C TRP Z 129 75.93 13.21 -0.45
N ASN Z 130 76.18 13.25 -1.77
CA ASN Z 130 75.15 13.09 -2.78
C ASN Z 130 74.61 11.69 -3.01
N ALA Z 131 73.29 11.56 -2.98
CA ALA Z 131 72.61 10.31 -3.28
C ALA Z 131 71.73 10.44 -4.53
N PHE Z 132 71.44 9.32 -5.17
CA PHE Z 132 70.56 9.28 -6.33
C PHE Z 132 69.81 7.97 -6.25
N HIS Z 133 68.92 7.74 -7.20
CA HIS Z 133 68.36 6.44 -7.44
C HIS Z 133 68.18 6.20 -8.92
N ILE Z 134 68.17 4.93 -9.31
CA ILE Z 134 67.91 4.45 -10.66
C ILE Z 134 66.76 3.48 -10.53
N ASP Z 135 65.70 3.74 -11.29
CA ASP Z 135 64.54 2.86 -11.36
C ASP Z 135 64.74 1.83 -12.47
N ILE Z 136 64.45 0.57 -12.13
CA ILE Z 136 64.36 -0.51 -13.10
C ILE Z 136 62.87 -0.86 -13.19
N PRO Z 137 62.20 -0.45 -14.28
CA PRO Z 137 60.81 -0.86 -14.50
C PRO Z 137 60.79 -2.27 -15.11
N SER Z 138 59.60 -2.87 -15.20
CA SER Z 138 59.44 -4.20 -15.78
C SER Z 138 59.93 -4.29 -17.24
N SER Z 139 59.91 -3.15 -17.96
CA SER Z 139 60.40 -3.07 -19.33
C SER Z 139 61.96 -3.12 -19.40
N GLY Z 140 62.63 -2.91 -18.26
CA GLY Z 140 64.09 -2.87 -18.23
C GLY Z 140 64.74 -1.59 -18.70
N VAL Z 141 63.92 -0.60 -19.12
CA VAL Z 141 64.44 0.71 -19.50
C VAL Z 141 64.68 1.51 -18.22
N CYS Z 142 65.95 1.53 -17.80
CA CYS Z 142 66.33 2.17 -16.55
C CYS Z 142 66.22 3.69 -16.64
N GLN Z 143 65.90 4.32 -15.50
CA GLN Z 143 65.67 5.75 -15.42
C GLN Z 143 66.41 6.39 -14.25
N TRP Z 144 67.13 7.46 -14.56
CA TRP Z 144 67.94 8.21 -13.62
C TRP Z 144 67.09 9.24 -12.89
N PHE Z 145 67.03 9.14 -11.55
CA PHE Z 145 66.26 10.04 -10.70
C PHE Z 145 67.07 10.97 -9.80
N GLY Z 146 68.33 11.14 -10.16
CA GLY Z 146 69.17 12.16 -9.59
C GLY Z 146 68.88 13.43 -10.37
N PRO Z 147 69.57 14.54 -10.06
CA PRO Z 147 69.38 15.73 -10.88
C PRO Z 147 70.26 15.58 -12.12
N THR Z 148 70.30 16.62 -12.97
CA THR Z 148 71.20 16.57 -14.12
C THR Z 148 72.63 16.42 -13.56
N ALA Z 149 73.43 15.53 -14.17
CA ALA Z 149 74.82 15.26 -13.76
C ALA Z 149 75.67 14.94 -15.00
N SER Z 150 76.91 15.43 -15.06
CA SER Z 150 77.82 15.21 -16.19
C SER Z 150 79.17 14.55 -15.84
N SER Z 151 79.34 14.20 -14.55
CA SER Z 151 80.57 13.61 -13.99
C SER Z 151 80.32 13.09 -12.57
N GLY Z 152 81.21 12.21 -12.10
CA GLY Z 152 81.11 11.58 -10.78
C GLY Z 152 81.10 10.07 -10.88
N THR Z 153 81.20 9.43 -9.72
CA THR Z 153 81.35 8.00 -9.53
C THR Z 153 80.18 7.40 -8.72
N PRO Z 154 79.16 6.83 -9.43
CA PRO Z 154 77.98 6.25 -8.76
C PRO Z 154 78.21 4.83 -8.27
N ARG Z 155 77.76 4.55 -7.04
CA ARG Z 155 77.96 3.26 -6.38
C ARG Z 155 76.73 2.83 -5.58
N GLY Z 156 76.59 1.53 -5.38
CA GLY Z 156 75.48 0.99 -4.61
C GLY Z 156 75.27 -0.48 -4.92
N THR Z 157 75.23 -1.27 -3.86
CA THR Z 157 75.05 -2.71 -3.94
C THR Z 157 73.82 -3.06 -3.11
N GLY Z 158 73.00 -3.95 -3.64
CA GLY Z 158 71.84 -4.43 -2.93
C GLY Z 158 71.13 -5.49 -3.74
N THR Z 159 69.81 -5.62 -3.51
CA THR Z 159 68.97 -6.57 -4.25
C THR Z 159 67.60 -5.98 -4.58
N TYR Z 160 66.92 -6.61 -5.55
CA TYR Z 160 65.54 -6.33 -5.89
C TYR Z 160 64.85 -7.65 -6.25
N PRO Z 161 63.50 -7.73 -6.12
CA PRO Z 161 62.85 -9.01 -6.39
C PRO Z 161 62.38 -9.18 -7.83
N ILE Z 162 62.22 -10.45 -8.19
CA ILE Z 162 61.79 -10.69 -9.55
C ILE Z 162 60.26 -10.90 -9.83
N ASP Z 163 59.46 -11.15 -8.79
CA ASP Z 163 58.02 -11.43 -8.89
C ASP Z 163 57.16 -10.64 -7.92
N SER Z 164 55.86 -10.58 -8.19
CA SER Z 164 54.90 -9.89 -7.33
C SER Z 164 53.55 -10.58 -7.32
N ALA AA 2 53.31 -50.39 2.88
CA ALA AA 2 52.15 -50.93 2.19
C ALA AA 2 51.31 -51.82 3.11
N SER AA 3 50.03 -51.99 2.75
CA SER AA 3 49.13 -52.87 3.49
C SER AA 3 49.36 -54.28 2.96
N ILE AA 4 49.95 -55.15 3.80
CA ILE AA 4 50.24 -56.52 3.41
C ILE AA 4 49.53 -57.52 4.29
N LYS AA 5 49.41 -58.73 3.80
CA LYS AA 5 48.78 -59.78 4.56
C LYS AA 5 49.81 -60.79 5.05
N LYS AA 6 49.53 -61.39 6.21
CA LYS AA 6 50.36 -62.42 6.83
C LYS AA 6 50.50 -63.65 5.95
N VAL AA 7 51.73 -64.19 5.91
CA VAL AA 7 52.04 -65.42 5.20
C VAL AA 7 52.45 -66.44 6.26
N TYR AA 8 51.93 -67.67 6.17
CA TYR AA 8 52.24 -68.73 7.14
C TYR AA 8 52.00 -70.12 6.61
N ARG AA 9 52.58 -71.11 7.29
CA ARG AA 9 52.42 -72.54 7.01
C ARG AA 9 50.92 -72.97 7.03
N GLY AA 10 50.54 -73.75 6.03
CA GLY AA 10 49.17 -74.25 5.85
C GLY AA 10 48.17 -73.20 5.48
N MET AA 11 48.68 -72.05 5.03
CA MET AA 11 47.88 -70.90 4.65
C MET AA 11 47.03 -71.17 3.44
N LYS AA 12 45.85 -70.55 3.45
CA LYS AA 12 44.92 -70.65 2.34
C LYS AA 12 45.33 -69.62 1.30
N ASN AA 13 45.51 -70.06 0.04
CA ASN AA 13 45.84 -69.16 -1.07
C ASN AA 13 47.18 -68.40 -0.94
N GLY AA 14 48.23 -69.14 -0.62
CA GLY AA 14 49.56 -68.62 -0.35
C GLY AA 14 50.23 -67.83 -1.46
N ALA AA 15 50.38 -68.45 -2.69
CA ALA AA 15 51.01 -67.85 -3.87
C ALA AA 15 50.36 -66.50 -4.23
N GLU AA 16 49.03 -66.41 -4.13
CA GLU AA 16 48.27 -65.19 -4.36
C GLU AA 16 48.66 -64.13 -3.35
N THR AA 17 48.64 -64.46 -2.03
CA THR AA 17 48.98 -63.53 -0.94
C THR AA 17 50.43 -63.05 -1.07
N ILE AA 18 51.39 -63.99 -1.33
CA ILE AA 18 52.80 -63.64 -1.55
C ILE AA 18 52.93 -62.63 -2.69
N ASN AA 19 52.22 -62.90 -3.80
CA ASN AA 19 52.25 -62.03 -4.95
C ASN AA 19 51.63 -60.68 -4.66
N ASP AA 20 50.43 -60.67 -4.02
CA ASP AA 20 49.73 -59.44 -3.63
C ASP AA 20 50.61 -58.57 -2.77
N ASP AA 21 51.32 -59.18 -1.77
CA ASP AA 21 52.26 -58.49 -0.89
C ASP AA 21 53.44 -57.88 -1.64
N LEU AA 22 54.11 -58.68 -2.50
CA LEU AA 22 55.23 -58.22 -3.32
C LEU AA 22 54.81 -57.05 -4.21
N GLU AA 23 53.59 -57.13 -4.80
CA GLU AA 23 53.04 -56.08 -5.64
C GLU AA 23 52.70 -54.83 -4.84
N ALA AA 24 52.09 -54.98 -3.64
CA ALA AA 24 51.75 -53.85 -2.76
C ALA AA 24 53.02 -53.08 -2.38
N ILE AA 25 54.08 -53.83 -2.00
CA ILE AA 25 55.37 -53.25 -1.61
C ILE AA 25 56.07 -52.59 -2.79
N ASN AA 26 56.15 -53.30 -3.93
CA ASN AA 26 56.80 -52.79 -5.13
C ASN AA 26 56.16 -51.51 -5.63
N SER AA 27 54.83 -51.40 -5.44
CA SER AA 27 54.04 -50.23 -5.83
C SER AA 27 54.55 -48.96 -5.17
N GLU AA 28 54.85 -49.04 -3.86
CA GLU AA 28 55.32 -47.93 -3.05
C GLU AA 28 56.76 -47.51 -3.33
N LEU AA 29 57.54 -48.37 -4.01
CA LEU AA 29 58.90 -48.03 -4.45
C LEU AA 29 58.85 -47.06 -5.65
N THR AA 30 57.69 -46.96 -6.32
CA THR AA 30 57.51 -46.06 -7.47
C THR AA 30 56.66 -44.83 -7.15
N SER AA 31 55.56 -44.98 -6.38
CA SER AA 31 54.69 -43.86 -6.01
C SER AA 31 53.84 -44.12 -4.76
N GLY AA 32 53.45 -43.04 -4.07
CA GLY AA 32 52.57 -43.09 -2.91
C GLY AA 32 53.17 -43.62 -1.63
N GLY AA 33 52.31 -44.08 -0.73
CA GLY AA 33 52.73 -44.60 0.57
C GLY AA 33 53.38 -43.50 1.39
N ASN AA 34 54.34 -43.89 2.25
CA ASN AA 34 55.03 -42.91 3.08
C ASN AA 34 56.46 -42.64 2.60
N VAL AA 35 56.77 -43.00 1.36
CA VAL AA 35 58.11 -42.79 0.84
C VAL AA 35 58.18 -41.64 -0.15
N VAL AA 36 59.26 -40.85 -0.06
CA VAL AA 36 59.53 -39.73 -0.97
C VAL AA 36 60.19 -40.33 -2.23
N HIS AA 37 59.70 -39.89 -3.40
CA HIS AA 37 60.15 -40.42 -4.68
C HIS AA 37 60.85 -39.40 -5.53
N LYS AA 38 61.53 -39.88 -6.59
CA LYS AA 38 62.25 -39.03 -7.53
C LYS AA 38 61.32 -38.41 -8.60
N THR AA 39 60.02 -38.74 -8.55
CA THR AA 39 59.01 -38.12 -9.41
C THR AA 39 57.75 -37.89 -8.55
N GLY AA 40 56.80 -37.12 -9.08
CA GLY AA 40 55.52 -36.87 -8.45
C GLY AA 40 55.42 -35.72 -7.46
N ASP AA 41 54.21 -35.20 -7.34
CA ASP AA 41 53.86 -34.12 -6.41
C ASP AA 41 53.60 -34.77 -5.06
N GLU AA 42 54.38 -34.40 -4.04
CA GLU AA 42 54.24 -35.03 -2.72
C GLU AA 42 54.37 -34.01 -1.58
N THR AA 43 53.67 -34.26 -0.46
CA THR AA 43 53.77 -33.45 0.75
C THR AA 43 54.62 -34.21 1.76
N ILE AA 44 55.65 -33.54 2.30
CA ILE AA 44 56.61 -34.12 3.22
C ILE AA 44 56.59 -33.43 4.59
N ALA AA 45 56.23 -34.20 5.63
CA ALA AA 45 56.19 -33.74 7.02
C ALA AA 45 57.52 -34.09 7.71
N GLY AA 46 57.81 -33.41 8.82
CA GLY AA 46 58.99 -33.65 9.64
C GLY AA 46 60.17 -32.72 9.40
N LYS AA 47 61.12 -32.77 10.33
CA LYS AA 47 62.35 -31.99 10.24
C LYS AA 47 63.32 -32.72 9.31
N LYS AA 48 63.52 -32.18 8.11
CA LYS AA 48 64.44 -32.76 7.14
C LYS AA 48 65.73 -31.96 7.13
N THR AA 49 66.80 -32.57 7.64
CA THR AA 49 68.13 -31.97 7.72
C THR AA 49 69.01 -32.48 6.58
N PHE AA 50 69.39 -31.58 5.68
CA PHE AA 50 70.24 -31.92 4.55
C PHE AA 50 71.67 -31.53 4.86
N THR AA 51 72.55 -32.52 4.94
CA THR AA 51 73.96 -32.32 5.31
C THR AA 51 74.83 -32.03 4.08
N GLY AA 52 74.30 -32.37 2.91
CA GLY AA 52 74.98 -32.16 1.63
C GLY AA 52 74.54 -30.92 0.88
N ASN AA 53 74.73 -30.95 -0.44
CA ASN AA 53 74.38 -29.85 -1.34
C ASN AA 53 72.98 -30.00 -1.93
N VAL AA 54 72.09 -29.04 -1.61
CA VAL AA 54 70.72 -29.02 -2.12
C VAL AA 54 70.71 -28.06 -3.33
N GLU AA 55 70.38 -28.58 -4.50
CA GLU AA 55 70.32 -27.78 -5.71
C GLU AA 55 68.90 -27.69 -6.25
N VAL AA 56 68.33 -26.47 -6.30
CA VAL AA 56 66.97 -26.24 -6.82
C VAL AA 56 67.07 -25.67 -8.23
N ASN AA 57 66.58 -26.43 -9.21
CA ASN AA 57 66.54 -26.05 -10.62
C ASN AA 57 65.20 -25.43 -11.01
N GLY AA 58 64.11 -25.84 -10.36
CA GLY AA 58 62.79 -25.26 -10.57
C GLY AA 58 62.62 -23.98 -9.77
N SER AA 59 61.63 -23.95 -8.88
CA SER AA 59 61.38 -22.82 -7.99
C SER AA 59 61.52 -23.28 -6.53
N LEU AA 60 61.83 -22.33 -5.67
CA LEU AA 60 61.87 -22.50 -4.25
C LEU AA 60 60.82 -21.53 -3.72
N THR AA 61 59.73 -22.05 -3.19
CA THR AA 61 58.66 -21.20 -2.68
C THR AA 61 58.60 -21.20 -1.16
N LEU AA 62 58.73 -20.03 -0.56
CA LEU AA 62 58.66 -19.85 0.89
C LEU AA 62 57.33 -19.17 1.31
N PRO AA 63 57.01 -19.13 2.64
CA PRO AA 63 55.80 -18.42 3.08
C PRO AA 63 55.86 -16.93 2.74
N THR AA 64 54.80 -16.46 2.06
CA THR AA 64 54.66 -15.10 1.56
C THR AA 64 53.40 -14.43 2.09
N LYS AA 65 53.50 -13.13 2.33
CA LYS AA 65 52.41 -12.28 2.80
C LYS AA 65 52.70 -10.85 2.34
N SER AA 66 51.66 -10.14 1.88
CA SER AA 66 51.80 -8.78 1.41
C SER AA 66 51.06 -7.77 2.24
N TRP AA 67 51.56 -6.55 2.26
CA TRP AA 67 50.95 -5.45 2.99
C TRP AA 67 51.45 -4.12 2.42
N SER AA 68 50.57 -3.13 2.41
CA SER AA 68 50.88 -1.76 2.04
C SER AA 68 50.05 -0.83 2.89
N GLY AA 69 50.61 0.33 3.22
CA GLY AA 69 49.90 1.31 4.02
C GLY AA 69 50.58 2.66 3.99
N GLU AA 70 49.81 3.71 4.27
CA GLU AA 70 50.36 5.05 4.37
C GLU AA 70 50.85 5.21 5.80
N LEU AA 71 52.18 5.21 5.96
CA LEU AA 71 52.82 5.34 7.27
C LEU AA 71 52.46 6.65 7.94
N GLY AA 72 52.44 7.70 7.15
CA GLY AA 72 52.15 9.04 7.61
C GLY AA 72 52.73 10.01 6.60
N GLY AA 73 52.23 11.23 6.64
CA GLY AA 73 52.65 12.33 5.78
C GLY AA 73 52.65 12.06 4.28
N GLY AA 74 51.83 11.09 3.84
CA GLY AA 74 51.76 10.72 2.42
C GLY AA 74 52.76 9.65 1.98
N ILE AA 75 53.66 9.22 2.89
CA ILE AA 75 54.63 8.17 2.59
C ILE AA 75 53.95 6.80 2.64
N ILE AA 76 54.03 6.06 1.54
CA ILE AA 76 53.43 4.72 1.43
C ILE AA 76 54.51 3.66 1.43
N LEU AA 77 54.38 2.66 2.32
CA LEU AA 77 55.31 1.54 2.37
C LEU AA 77 54.61 0.30 1.90
N SER AA 78 55.22 -0.41 0.95
CA SER AA 78 54.72 -1.67 0.42
C SER AA 78 55.67 -2.77 0.81
N LEU AA 79 55.14 -3.85 1.40
CA LEU AA 79 55.91 -4.96 1.91
C LEU AA 79 55.47 -6.30 1.38
N ARG AA 80 56.44 -7.22 1.26
CA ARG AA 80 56.21 -8.61 0.96
C ARG AA 80 57.18 -9.44 1.75
N LYS AA 81 56.63 -10.21 2.68
CA LYS AA 81 57.39 -11.15 3.47
C LYS AA 81 57.57 -12.42 2.65
N LYS AA 82 58.80 -12.96 2.63
CA LYS AA 82 59.11 -14.22 1.96
C LYS AA 82 60.10 -14.91 2.87
N GLY AA 83 59.64 -15.91 3.60
CA GLY AA 83 60.51 -16.60 4.54
C GLY AA 83 60.88 -15.71 5.70
N THR AA 84 62.20 -15.56 5.95
CA THR AA 84 62.75 -14.73 7.03
C THR AA 84 63.20 -13.33 6.56
N THR AA 85 62.76 -12.95 5.36
CA THR AA 85 63.10 -11.69 4.73
C THR AA 85 61.85 -10.93 4.32
N VAL AA 86 61.93 -9.61 4.45
CA VAL AA 86 60.87 -8.70 4.02
C VAL AA 86 61.41 -7.82 2.91
N GLU AA 87 60.74 -7.86 1.76
CA GLU AA 87 61.05 -6.99 0.62
C GLU AA 87 60.20 -5.72 0.76
N TYR AA 88 60.85 -4.56 0.72
CA TYR AA 88 60.14 -3.30 0.86
C TYR AA 88 60.27 -2.39 -0.36
N SER AA 89 59.31 -1.47 -0.48
CA SER AA 89 59.30 -0.44 -1.49
C SER AA 89 58.64 0.80 -0.91
N ILE AA 90 59.37 1.92 -0.97
CA ILE AA 90 58.89 3.21 -0.48
C ILE AA 90 58.31 3.99 -1.62
N GLY AA 91 57.16 4.59 -1.39
CA GLY AA 91 56.47 5.39 -2.39
C GLY AA 91 55.64 6.50 -1.78
N GLY AA 92 54.75 7.03 -2.61
CA GLY AA 92 53.88 8.13 -2.27
C GLY AA 92 54.57 9.45 -2.47
N GLU AA 93 54.00 10.50 -1.90
CA GLU AA 93 54.53 11.84 -2.00
C GLU AA 93 54.27 12.54 -0.68
N ILE AA 94 55.27 13.25 -0.12
CA ILE AA 94 55.09 13.98 1.15
C ILE AA 94 54.00 15.02 0.98
N SER AA 95 52.99 14.96 1.84
CA SER AA 95 51.79 15.79 1.75
C SER AA 95 51.72 16.99 2.69
N SER AA 96 52.36 16.85 3.85
CA SER AA 96 52.35 17.77 4.97
C SER AA 96 53.71 17.78 5.64
N SER AA 97 53.93 18.72 6.57
CA SER AA 97 55.19 18.85 7.31
C SER AA 97 55.50 17.59 8.11
N ILE AA 98 56.65 16.98 7.84
CA ILE AA 98 57.12 15.81 8.57
C ILE AA 98 58.34 16.32 9.30
N LEU AA 99 58.27 16.43 10.63
CA LEU AA 99 59.37 16.97 11.43
C LEU AA 99 60.57 16.03 11.45
N ALA AA 100 61.80 16.58 11.59
CA ALA AA 100 63.01 15.75 11.66
C ALA AA 100 62.88 14.77 12.82
N ASN AA 101 63.27 13.52 12.58
CA ASN AA 101 63.31 12.44 13.58
C ASN AA 101 61.96 12.14 14.25
N SER AA 102 60.86 12.35 13.52
CA SER AA 102 59.50 12.17 14.03
C SER AA 102 58.93 10.82 13.65
N ASN AA 103 58.03 10.32 14.50
CA ASN AA 103 57.31 9.08 14.25
C ASN AA 103 56.26 9.30 13.18
N LEU AA 104 56.11 8.31 12.28
CA LEU AA 104 55.09 8.32 11.25
C LEU AA 104 53.92 7.58 11.87
N VAL AA 105 52.88 8.34 12.19
CA VAL AA 105 51.77 7.90 13.04
C VAL AA 105 50.39 7.69 12.40
N ASN AA 106 50.34 7.47 11.07
CA ASN AA 106 49.07 7.11 10.43
C ASN AA 106 48.85 5.61 10.60
N ARG AA 107 49.78 4.82 10.06
CA ARG AA 107 49.72 3.38 10.16
C ARG AA 107 51.08 2.79 10.53
N SER AA 108 51.08 1.77 11.40
CA SER AA 108 52.31 1.08 11.78
C SER AA 108 52.43 -0.17 10.92
N VAL AA 109 53.64 -0.72 10.88
CA VAL AA 109 53.90 -1.98 10.21
C VAL AA 109 53.34 -3.09 11.14
N PRO AA 110 52.49 -4.01 10.63
CA PRO AA 110 51.96 -5.11 11.46
C PRO AA 110 53.08 -6.00 12.03
N ASN AA 111 52.86 -6.60 13.22
CA ASN AA 111 53.84 -7.42 13.95
C ASN AA 111 54.47 -8.51 13.12
N GLU AA 112 53.70 -9.15 12.23
CA GLU AA 112 54.22 -10.23 11.39
C GLU AA 112 55.25 -9.75 10.39
N PHE AA 113 55.28 -8.44 10.09
CA PHE AA 113 56.28 -7.85 9.22
C PHE AA 113 57.39 -7.16 9.99
N CYS AA 114 57.28 -7.14 11.33
CA CYS AA 114 58.23 -6.43 12.18
C CYS AA 114 59.56 -7.15 12.38
N PRO AA 115 60.67 -6.38 12.34
CA PRO AA 115 61.99 -6.96 12.55
C PRO AA 115 62.28 -7.24 14.05
N ARG AA 116 63.39 -7.90 14.34
CA ARG AA 116 63.83 -8.15 15.71
C ARG AA 116 64.57 -6.93 16.21
N ASN AA 117 65.24 -6.25 15.29
CA ASN AA 117 65.99 -5.06 15.61
C ASN AA 117 65.63 -3.90 14.73
N ARG AA 118 66.06 -2.70 15.12
CA ARG AA 118 65.80 -1.51 14.37
C ARG AA 118 66.43 -1.60 12.98
N CYS AA 119 65.58 -1.45 11.97
CA CYS AA 119 66.01 -1.50 10.59
C CYS AA 119 65.96 -0.13 9.96
N SER AA 120 67.11 0.33 9.42
CA SER AA 120 67.23 1.64 8.81
C SER AA 120 67.12 1.53 7.30
N LEU AA 121 66.01 2.00 6.76
CA LEU AA 121 65.72 1.90 5.33
C LEU AA 121 66.08 3.19 4.60
N VAL AA 122 67.20 3.15 3.90
CA VAL AA 122 67.74 4.30 3.17
C VAL AA 122 66.96 4.56 1.87
N GLY AA 123 66.64 5.83 1.64
CA GLY AA 123 65.91 6.25 0.45
C GLY AA 123 66.46 7.52 -0.17
N HIS AA 124 65.89 7.87 -1.33
CA HIS AA 124 66.27 9.04 -2.11
C HIS AA 124 65.03 9.83 -2.54
N MET AA 125 65.16 11.15 -2.57
CA MET AA 125 64.10 12.05 -3.01
C MET AA 125 64.31 12.39 -4.49
N VAL AA 126 63.30 12.10 -5.33
CA VAL AA 126 63.36 12.40 -6.77
C VAL AA 126 63.84 13.86 -7.01
N GLY AA 127 64.61 14.07 -8.08
CA GLY AA 127 64.97 15.39 -8.58
C GLY AA 127 66.11 16.18 -7.96
N GLY AA 128 66.79 15.60 -6.99
CA GLY AA 128 67.95 16.22 -6.37
C GLY AA 128 68.89 15.16 -5.83
N TRP AA 129 69.86 15.56 -5.01
CA TRP AA 129 70.82 14.62 -4.41
C TRP AA 129 70.45 14.17 -2.97
N ASN AA 130 69.23 14.49 -2.53
CA ASN AA 130 68.78 14.24 -1.16
C ASN AA 130 68.46 12.81 -0.79
N ALA AA 131 69.05 12.35 0.32
CA ALA AA 131 68.77 11.03 0.87
C ALA AA 131 68.14 11.14 2.26
N PHE AA 132 67.43 10.11 2.67
CA PHE AA 132 66.83 10.04 3.99
C PHE AA 132 66.88 8.57 4.41
N HIS AA 133 66.41 8.30 5.62
CA HIS AA 133 66.12 6.94 6.04
C HIS AA 133 64.87 6.92 6.91
N ILE AA 134 64.20 5.78 6.93
CA ILE AA 134 63.04 5.50 7.76
C ILE AA 134 63.42 4.27 8.56
N ASP AA 135 63.33 4.38 9.89
CA ASP AA 135 63.56 3.26 10.79
C ASP AA 135 62.29 2.48 11.03
N ILE AA 136 62.39 1.15 10.99
CA ILE AA 136 61.31 0.27 11.36
C ILE AA 136 61.80 -0.46 12.60
N PRO AA 137 61.31 -0.05 13.79
CA PRO AA 137 61.65 -0.78 15.01
C PRO AA 137 60.77 -2.03 15.09
N SER AA 138 61.06 -2.87 16.08
CA SER AA 138 60.32 -4.11 16.29
C SER AA 138 58.85 -3.87 16.63
N SER AA 139 58.52 -2.68 17.15
CA SER AA 139 57.14 -2.28 17.44
C SER AA 139 56.36 -1.87 16.19
N GLY AA 140 57.08 -1.62 15.10
CA GLY AA 140 56.43 -1.22 13.85
C GLY AA 140 56.09 0.25 13.70
N VAL AA 141 56.36 1.07 14.74
CA VAL AA 141 56.13 2.53 14.66
C VAL AA 141 57.33 3.12 13.93
N CYS AA 142 57.13 3.42 12.64
CA CYS AA 142 58.20 3.92 11.80
C CYS AA 142 58.57 5.35 12.13
N GLN AA 143 59.84 5.67 11.92
CA GLN AA 143 60.40 6.97 12.27
C GLN AA 143 61.21 7.56 11.13
N TRP AA 144 60.90 8.82 10.81
CA TRP AA 144 61.52 9.58 9.75
C TRP AA 144 62.81 10.22 10.25
N PHE AA 145 63.94 9.88 9.61
CA PHE AA 145 65.25 10.40 9.98
C PHE AA 145 65.89 11.37 9.00
N GLY AA 146 65.07 11.87 8.08
CA GLY AA 146 65.47 12.98 7.24
C GLY AA 146 65.28 14.27 8.05
N PRO AA 147 65.52 15.44 7.44
CA PRO AA 147 65.24 16.68 8.17
C PRO AA 147 63.75 16.96 8.01
N THR AA 148 63.29 18.10 8.55
CA THR AA 148 61.90 18.49 8.37
C THR AA 148 61.67 18.63 6.86
N ALA AA 149 60.56 18.04 6.35
CA ALA AA 149 60.19 18.06 4.93
C ALA AA 149 58.67 18.19 4.81
N SER AA 150 58.19 18.98 3.84
CA SER AA 150 56.75 19.19 3.62
C SER AA 150 56.27 18.86 2.20
N SER AA 151 57.18 18.35 1.35
CA SER AA 151 56.91 17.99 -0.06
C SER AA 151 58.01 17.08 -0.61
N GLY AA 152 57.78 16.53 -1.80
CA GLY AA 152 58.75 15.65 -2.43
C GLY AA 152 58.32 14.20 -2.56
N THR AA 153 59.12 13.46 -3.35
CA THR AA 153 58.84 12.10 -3.76
C THR AA 153 59.92 11.09 -3.24
N PRO AA 154 59.64 10.40 -2.10
CA PRO AA 154 60.59 9.44 -1.50
C PRO AA 154 60.51 8.08 -2.15
N ARG AA 155 61.67 7.49 -2.43
CA ARG AA 155 61.79 6.20 -3.13
C ARG AA 155 62.90 5.35 -2.53
N GLY AA 156 62.79 4.04 -2.70
CA GLY AA 156 63.81 3.11 -2.21
C GLY AA 156 63.25 1.71 -2.11
N THR AA 157 63.97 0.78 -2.71
CA THR AA 157 63.60 -0.63 -2.72
C THR AA 157 64.75 -1.43 -2.13
N GLY AA 158 64.43 -2.40 -1.30
CA GLY AA 158 65.44 -3.28 -0.73
C GLY AA 158 64.80 -4.34 0.12
N THR AA 159 65.56 -4.85 1.11
CA THR AA 159 65.06 -5.83 2.07
C THR AA 159 65.55 -5.59 3.49
N TYR AA 160 64.87 -6.20 4.47
CA TYR AA 160 65.29 -6.23 5.86
C TYR AA 160 64.94 -7.60 6.44
N PRO AA 161 65.63 -8.05 7.51
CA PRO AA 161 65.34 -9.38 8.04
C PRO AA 161 64.27 -9.43 9.12
N ILE AA 162 63.71 -10.62 9.27
CA ILE AA 162 62.67 -10.76 10.25
C ILE AA 162 63.06 -11.23 11.70
N ASP AA 163 64.26 -11.77 11.90
CA ASP AA 163 64.71 -12.27 13.22
C ASP AA 163 66.18 -11.97 13.46
N SER AA 164 66.63 -12.14 14.73
CA SER AA 164 68.03 -11.96 15.11
C SER AA 164 68.53 -13.08 16.02
N ALA BA 2 21.63 -39.51 74.70
CA ALA BA 2 20.25 -39.72 75.14
C ALA BA 2 20.15 -40.91 76.11
N SER BA 3 19.26 -40.81 77.11
CA SER BA 3 19.06 -41.90 78.06
C SER BA 3 18.14 -42.94 77.42
N ILE BA 4 18.70 -44.11 77.10
CA ILE BA 4 17.97 -45.20 76.44
C ILE BA 4 17.95 -46.48 77.27
N LYS BA 5 16.86 -47.26 77.12
CA LYS BA 5 16.70 -48.53 77.81
C LYS BA 5 17.25 -49.67 76.96
N LYS BA 6 17.75 -50.70 77.63
CA LYS BA 6 18.33 -51.88 76.98
C LYS BA 6 17.24 -52.81 76.45
N VAL BA 7 17.44 -53.29 75.22
CA VAL BA 7 16.56 -54.22 74.51
C VAL BA 7 17.14 -55.65 74.60
N TYR BA 8 16.32 -56.58 75.07
CA TYR BA 8 16.69 -57.99 75.26
C TYR BA 8 15.55 -58.92 74.87
N ARG BA 9 15.85 -60.20 74.61
CA ARG BA 9 14.80 -61.14 74.23
C ARG BA 9 13.88 -61.46 75.41
N GLY BA 10 12.59 -61.59 75.15
CA GLY BA 10 11.58 -61.85 76.19
C GLY BA 10 11.33 -60.65 77.05
N MET BA 11 11.41 -59.48 76.45
CA MET BA 11 11.21 -58.23 77.15
C MET BA 11 9.72 -57.87 77.24
N LYS BA 12 9.26 -57.49 78.45
CA LYS BA 12 7.89 -57.02 78.68
C LYS BA 12 7.85 -55.58 78.12
N ASN BA 13 6.94 -55.35 77.14
CA ASN BA 13 6.78 -54.07 76.44
C ASN BA 13 7.90 -53.81 75.45
N GLY BA 14 8.19 -54.81 74.64
CA GLY BA 14 9.21 -54.70 73.60
C GLY BA 14 8.90 -53.58 72.61
N ALA BA 15 7.67 -53.57 72.10
CA ALA BA 15 7.22 -52.54 71.16
C ALA BA 15 7.30 -51.12 71.76
N GLU BA 16 6.95 -51.00 73.03
CA GLU BA 16 6.90 -49.74 73.72
C GLU BA 16 8.28 -49.19 74.01
N THR BA 17 9.20 -50.07 74.44
CA THR BA 17 10.57 -49.71 74.81
C THR BA 17 11.33 -49.21 73.62
N ILE BA 18 11.19 -49.89 72.48
CA ILE BA 18 11.88 -49.49 71.28
C ILE BA 18 11.37 -48.11 70.83
N ASN BA 19 10.04 -47.91 70.83
CA ASN BA 19 9.43 -46.64 70.44
C ASN BA 19 9.91 -45.47 71.28
N ASP BA 20 10.01 -45.67 72.60
CA ASP BA 20 10.48 -44.64 73.52
C ASP BA 20 11.97 -44.34 73.33
N ASP BA 21 12.76 -45.37 72.96
CA ASP BA 21 14.19 -45.24 72.69
C ASP BA 21 14.43 -44.48 71.39
N LEU BA 22 13.62 -44.77 70.37
CA LEU BA 22 13.71 -44.10 69.08
C LEU BA 22 13.29 -42.64 69.18
N GLU BA 23 12.26 -42.36 69.99
CA GLU BA 23 11.73 -41.01 70.20
C GLU BA 23 12.72 -40.15 70.99
N ALA BA 24 13.45 -40.77 71.95
CA ALA BA 24 14.45 -40.11 72.79
C ALA BA 24 15.67 -39.69 71.97
N ILE BA 25 16.04 -40.53 71.00
CA ILE BA 25 17.16 -40.29 70.09
C ILE BA 25 16.75 -39.20 69.10
N ASN BA 26 15.56 -39.34 68.48
CA ASN BA 26 15.04 -38.37 67.51
C ASN BA 26 14.83 -36.98 68.11
N SER BA 27 14.51 -36.90 69.41
CA SER BA 27 14.32 -35.63 70.13
C SER BA 27 15.64 -34.86 70.21
N GLU BA 28 16.76 -35.59 70.42
CA GLU BA 28 18.10 -35.02 70.48
C GLU BA 28 18.62 -34.61 69.12
N LEU BA 29 18.07 -35.19 68.03
CA LEU BA 29 18.44 -34.86 66.66
C LEU BA 29 17.92 -33.51 66.21
N THR BA 30 16.89 -32.98 66.90
CA THR BA 30 16.25 -31.71 66.59
C THR BA 30 16.63 -30.61 67.60
N SER BA 31 16.59 -30.93 68.90
CA SER BA 31 16.87 -29.99 69.99
C SER BA 31 17.52 -30.62 71.22
N GLY BA 32 18.39 -29.85 71.86
CA GLY BA 32 19.08 -30.24 73.08
C GLY BA 32 20.14 -31.32 72.93
N GLY BA 33 20.36 -32.06 74.01
CA GLY BA 33 21.35 -33.13 74.05
C GLY BA 33 22.77 -32.61 74.13
N ASN BA 34 23.70 -33.33 73.46
CA ASN BA 34 25.12 -32.98 73.43
C ASN BA 34 25.60 -32.69 72.01
N VAL BA 35 24.66 -32.48 71.08
CA VAL BA 35 24.97 -32.16 69.68
C VAL BA 35 24.61 -30.74 69.28
N VAL BA 36 25.43 -30.16 68.39
CA VAL BA 36 25.24 -28.79 67.90
C VAL BA 36 24.20 -28.82 66.76
N HIS BA 37 23.13 -28.02 66.90
CA HIS BA 37 22.03 -27.94 65.94
C HIS BA 37 22.09 -26.70 65.05
N LYS BA 38 21.39 -26.76 63.91
CA LYS BA 38 21.27 -25.68 62.94
C LYS BA 38 20.26 -24.62 63.41
N THR BA 39 19.51 -24.94 64.48
CA THR BA 39 18.50 -24.04 65.07
C THR BA 39 18.61 -24.03 66.59
N GLY BA 40 18.40 -22.84 67.15
CA GLY BA 40 18.40 -22.62 68.59
C GLY BA 40 19.72 -22.13 69.14
N ASP BA 41 19.65 -21.52 70.35
CA ASP BA 41 20.81 -20.99 71.05
C ASP BA 41 21.45 -22.09 71.89
N GLU BA 42 22.71 -22.41 71.59
CA GLU BA 42 23.45 -23.49 72.26
C GLU BA 42 24.85 -23.07 72.69
N THR BA 43 25.39 -23.73 73.73
CA THR BA 43 26.74 -23.51 74.27
C THR BA 43 27.64 -24.68 73.87
N ILE BA 44 28.78 -24.36 73.26
CA ILE BA 44 29.77 -25.33 72.75
C ILE BA 44 31.09 -25.21 73.51
N ALA BA 45 31.65 -26.35 73.91
CA ALA BA 45 32.90 -26.44 74.64
C ALA BA 45 33.90 -27.34 73.92
N GLY BA 46 35.18 -27.01 74.05
CA GLY BA 46 36.26 -27.76 73.44
C GLY BA 46 36.88 -27.05 72.26
N LYS BA 47 38.09 -27.51 71.86
CA LYS BA 47 38.85 -26.94 70.74
C LYS BA 47 38.24 -27.36 69.41
N LYS BA 48 37.55 -26.42 68.75
CA LYS BA 48 36.88 -26.64 67.46
C LYS BA 48 37.72 -26.09 66.33
N THR BA 49 38.31 -26.99 65.51
CA THR BA 49 39.18 -26.64 64.39
C THR BA 49 38.40 -26.68 63.06
N PHE BA 50 38.15 -25.50 62.49
CA PHE BA 50 37.43 -25.35 61.22
C PHE BA 50 38.42 -25.30 60.09
N THR BA 51 38.51 -26.39 59.31
CA THR BA 51 39.42 -26.47 58.18
C THR BA 51 38.86 -25.73 56.97
N GLY BA 52 37.53 -25.66 56.91
CA GLY BA 52 36.81 -24.97 55.84
C GLY BA 52 36.66 -23.48 56.07
N ASN BA 53 35.80 -22.85 55.26
CA ASN BA 53 35.54 -21.41 55.33
C ASN BA 53 34.35 -21.11 56.26
N VAL BA 54 34.53 -20.13 57.15
CA VAL BA 54 33.50 -19.73 58.12
C VAL BA 54 32.89 -18.39 57.72
N GLU BA 55 31.56 -18.32 57.69
CA GLU BA 55 30.82 -17.11 57.35
C GLU BA 55 29.88 -16.75 58.50
N VAL BA 56 29.97 -15.51 59.00
CA VAL BA 56 29.14 -14.99 60.09
C VAL BA 56 28.29 -13.82 59.55
N ASN BA 57 26.97 -13.94 59.70
CA ASN BA 57 26.01 -12.94 59.24
C ASN BA 57 25.61 -12.01 60.40
N GLY BA 58 25.69 -12.54 61.63
CA GLY BA 58 25.37 -11.81 62.85
C GLY BA 58 26.57 -11.01 63.37
N SER BA 59 26.76 -11.02 64.70
CA SER BA 59 27.83 -10.29 65.36
C SER BA 59 28.79 -11.25 66.06
N LEU BA 60 30.10 -11.01 65.91
CA LEU BA 60 31.13 -11.82 66.55
C LEU BA 60 31.59 -11.14 67.85
N THR BA 61 31.54 -11.90 68.95
CA THR BA 61 31.93 -11.42 70.28
C THR BA 61 33.21 -12.10 70.75
N LEU BA 62 34.15 -11.29 71.24
CA LEU BA 62 35.44 -11.78 71.73
C LEU BA 62 35.71 -11.22 73.14
N PRO BA 63 36.61 -11.85 73.95
CA PRO BA 63 36.90 -11.29 75.29
C PRO BA 63 37.34 -9.81 75.26
N THR BA 64 36.67 -8.97 76.07
CA THR BA 64 36.91 -7.52 76.11
C THR BA 64 37.27 -6.99 77.50
N LYS BA 65 38.28 -6.11 77.56
CA LYS BA 65 38.73 -5.47 78.79
C LYS BA 65 39.20 -4.04 78.46
N SER BA 66 38.71 -3.06 79.21
CA SER BA 66 39.04 -1.64 79.00
C SER BA 66 39.91 -1.06 80.11
N TRP BA 67 40.74 -0.07 79.76
CA TRP BA 67 41.65 0.63 80.67
C TRP BA 67 41.90 2.06 80.21
N SER BA 68 41.94 3.01 81.16
CA SER BA 68 42.20 4.42 80.88
C SER BA 68 42.95 5.05 82.05
N GLY BA 69 43.96 5.86 81.73
CA GLY BA 69 44.80 6.53 82.72
C GLY BA 69 45.83 7.46 82.11
N GLU BA 70 46.26 8.47 82.89
CA GLU BA 70 47.26 9.46 82.49
C GLU BA 70 48.65 8.84 82.57
N LEU BA 71 49.32 8.70 81.41
CA LEU BA 71 50.67 8.12 81.31
C LEU BA 71 51.74 9.02 81.93
N GLY BA 72 51.64 10.33 81.66
CA GLY BA 72 52.58 11.32 82.16
C GLY BA 72 52.45 12.68 81.49
N GLY BA 73 52.21 13.70 82.31
CA GLY BA 73 52.08 15.08 81.85
C GLY BA 73 50.83 15.40 81.08
N GLY BA 74 49.68 14.98 81.60
CA GLY BA 74 48.37 15.22 81.01
C GLY BA 74 48.04 14.43 79.75
N ILE BA 75 48.81 13.35 79.48
CA ILE BA 75 48.59 12.50 78.30
C ILE BA 75 47.83 11.24 78.74
N ILE BA 76 46.52 11.19 78.43
CA ILE BA 76 45.64 10.08 78.80
C ILE BA 76 45.47 9.13 77.62
N LEU BA 77 45.76 7.84 77.85
CA LEU BA 77 45.64 6.78 76.85
C LEU BA 77 44.50 5.84 77.19
N SER BA 78 43.57 5.66 76.25
CA SER BA 78 42.41 4.77 76.39
C SER BA 78 42.68 3.47 75.64
N LEU BA 79 42.73 2.36 76.36
CA LEU BA 79 43.01 1.05 75.78
C LEU BA 79 41.86 0.09 75.93
N ARG BA 80 41.66 -0.75 74.90
CA ARG BA 80 40.64 -1.79 74.90
C ARG BA 80 41.12 -3.02 74.12
N LYS BA 81 41.21 -4.16 74.82
CA LYS BA 81 41.67 -5.43 74.29
C LYS BA 81 40.52 -6.24 73.68
N LYS BA 82 40.76 -6.78 72.48
CA LYS BA 82 39.81 -7.62 71.74
C LYS BA 82 40.54 -8.87 71.22
N GLY BA 83 40.74 -9.82 72.14
CA GLY BA 83 41.43 -11.07 71.85
C GLY BA 83 42.93 -10.91 71.76
N THR BA 84 43.43 -10.74 70.53
CA THR BA 84 44.86 -10.61 70.21
C THR BA 84 45.25 -9.22 69.70
N THR BA 85 44.28 -8.30 69.61
CA THR BA 85 44.50 -6.93 69.13
C THR BA 85 43.95 -5.92 70.13
N VAL BA 86 44.76 -4.92 70.49
CA VAL BA 86 44.39 -3.87 71.44
C VAL BA 86 44.21 -2.55 70.70
N GLU BA 87 43.06 -1.89 70.91
CA GLU BA 87 42.71 -0.62 70.29
C GLU BA 87 43.14 0.52 71.21
N TYR BA 88 43.96 1.45 70.70
CA TYR BA 88 44.47 2.59 71.47
C TYR BA 88 43.83 3.91 71.05
N SER BA 89 43.73 4.87 71.99
CA SER BA 89 43.18 6.20 71.75
C SER BA 89 43.93 7.22 72.62
N ILE BA 90 44.62 8.16 71.97
CA ILE BA 90 45.40 9.20 72.65
C ILE BA 90 44.53 10.45 72.82
N GLY BA 91 44.48 10.96 74.05
CA GLY BA 91 43.71 12.14 74.39
C GLY BA 91 44.35 13.00 75.47
N GLY BA 92 43.60 14.01 75.90
CA GLY BA 92 44.03 14.94 76.93
C GLY BA 92 44.78 16.15 76.37
N GLU BA 93 45.57 16.81 77.23
CA GLU BA 93 46.36 17.99 76.89
C GLU BA 93 47.64 18.01 77.76
N ILE BA 94 48.79 18.32 77.13
CA ILE BA 94 50.10 18.38 77.80
C ILE BA 94 50.18 19.56 78.78
N SER BA 95 50.33 19.26 80.08
CA SER BA 95 50.40 20.24 81.17
C SER BA 95 51.85 20.53 81.58
N SER BA 96 52.60 19.48 81.97
CA SER BA 96 54.00 19.58 82.39
C SER BA 96 54.97 19.31 81.24
N SER BA 97 56.26 19.62 81.44
CA SER BA 97 57.29 19.42 80.44
C SER BA 97 57.81 17.99 80.43
N ILE BA 98 57.72 17.33 79.27
CA ILE BA 98 58.19 15.96 79.04
C ILE BA 98 59.43 16.05 78.15
N LEU BA 99 60.55 15.53 78.66
CA LEU BA 99 61.85 15.52 77.99
C LEU BA 99 61.87 14.58 76.78
N ALA BA 100 62.81 14.81 75.84
CA ALA BA 100 62.98 13.98 74.65
C ALA BA 100 63.60 12.64 75.05
N ASN BA 101 63.04 11.52 74.54
CA ASN BA 101 63.46 10.14 74.83
C ASN BA 101 63.44 9.78 76.33
N SER BA 102 62.40 10.27 77.04
CA SER BA 102 62.20 10.04 78.48
C SER BA 102 60.97 9.19 78.76
N ASN BA 103 61.00 8.44 79.85
CA ASN BA 103 59.93 7.54 80.28
C ASN BA 103 58.84 8.28 81.06
N LEU BA 104 57.57 7.97 80.73
CA LEU BA 104 56.40 8.55 81.41
C LEU BA 104 56.13 7.70 82.66
N VAL BA 105 56.40 8.30 83.83
CA VAL BA 105 56.34 7.62 85.13
C VAL BA 105 55.11 7.90 86.02
N ASN BA 106 54.04 8.51 85.47
CA ASN BA 106 52.83 8.80 86.24
C ASN BA 106 52.02 7.56 86.52
N ARG BA 107 51.68 6.81 85.46
CA ARG BA 107 50.94 5.55 85.51
C ARG BA 107 51.45 4.60 84.41
N SER BA 108 51.65 3.34 84.75
CA SER BA 108 52.15 2.32 83.83
C SER BA 108 51.00 1.49 83.25
N VAL BA 109 51.20 0.95 82.05
CA VAL BA 109 50.22 0.12 81.35
C VAL BA 109 50.19 -1.29 81.97
N PRO BA 110 48.99 -1.81 82.37
CA PRO BA 110 48.92 -3.15 82.98
C PRO BA 110 49.45 -4.27 82.08
N ASN BA 111 49.97 -5.35 82.70
CA ASN BA 111 50.56 -6.49 82.01
C ASN BA 111 49.65 -7.18 80.99
N GLU BA 112 48.33 -7.19 81.24
CA GLU BA 112 47.34 -7.81 80.34
C GLU BA 112 47.15 -7.04 79.02
N PHE BA 113 47.66 -5.79 78.96
CA PHE BA 113 47.62 -4.91 77.79
C PHE BA 113 49.02 -4.76 77.16
N CYS BA 114 50.07 -5.21 77.88
CA CYS BA 114 51.46 -5.15 77.43
C CYS BA 114 51.77 -6.16 76.30
N PRO BA 115 52.31 -5.69 75.14
CA PRO BA 115 52.65 -6.60 74.05
C PRO BA 115 53.98 -7.33 74.25
N ARG BA 116 54.23 -8.42 73.49
CA ARG BA 116 55.48 -9.18 73.57
C ARG BA 116 56.65 -8.36 73.02
N ASN BA 117 56.42 -7.67 71.88
CA ASN BA 117 57.40 -6.80 71.23
C ASN BA 117 57.02 -5.32 71.41
N ARG BA 118 58.01 -4.42 71.27
CA ARG BA 118 57.79 -2.98 71.42
C ARG BA 118 56.94 -2.42 70.28
N CYS BA 119 55.84 -1.74 70.61
CA CYS BA 119 54.91 -1.17 69.64
C CYS BA 119 54.92 0.35 69.65
N SER BA 120 54.97 0.97 68.46
CA SER BA 120 55.00 2.41 68.27
C SER BA 120 53.61 2.96 67.92
N LEU BA 121 53.13 3.94 68.68
CA LEU BA 121 51.81 4.53 68.43
C LEU BA 121 51.95 5.93 67.83
N VAL BA 122 51.78 6.03 66.50
CA VAL BA 122 51.89 7.29 65.78
C VAL BA 122 50.70 8.23 66.09
N GLY BA 123 51.02 9.45 66.50
CA GLY BA 123 50.05 10.49 66.85
C GLY BA 123 50.31 11.83 66.18
N HIS BA 124 49.35 12.76 66.29
CA HIS BA 124 49.44 14.11 65.70
C HIS BA 124 49.04 15.17 66.69
N MET BA 125 49.80 16.28 66.70
CA MET BA 125 49.57 17.42 67.59
C MET BA 125 48.63 18.42 66.94
N VAL BA 126 47.60 18.84 67.70
CA VAL BA 126 46.60 19.80 67.25
C VAL BA 126 47.20 21.19 67.10
N GLY BA 127 47.03 21.79 65.92
CA GLY BA 127 47.53 23.11 65.60
C GLY BA 127 48.54 23.12 64.49
N GLY BA 128 49.51 22.22 64.57
CA GLY BA 128 50.58 22.14 63.60
C GLY BA 128 50.73 20.82 62.88
N TRP BA 129 51.82 20.69 62.10
CA TRP BA 129 52.16 19.49 61.35
C TRP BA 129 53.00 18.53 62.22
N ASN BA 130 53.04 18.78 63.53
CA ASN BA 130 53.80 18.03 64.52
C ASN BA 130 53.29 16.60 64.74
N ALA BA 131 54.22 15.64 64.75
CA ALA BA 131 53.95 14.21 64.93
C ALA BA 131 54.76 13.65 66.11
N PHE BA 132 54.23 12.59 66.73
CA PHE BA 132 54.88 11.94 67.87
C PHE BA 132 54.55 10.45 67.93
N HIS BA 133 55.40 9.68 68.61
CA HIS BA 133 55.18 8.25 68.81
C HIS BA 133 55.59 7.82 70.21
N ILE BA 134 54.74 7.01 70.85
CA ILE BA 134 54.98 6.49 72.20
C ILE BA 134 55.19 4.98 72.11
N ASP BA 135 56.34 4.50 72.60
CA ASP BA 135 56.68 3.09 72.57
C ASP BA 135 56.16 2.37 73.83
N ILE BA 136 55.50 1.22 73.64
CA ILE BA 136 54.99 0.42 74.76
C ILE BA 136 55.86 -0.85 74.92
N PRO BA 137 56.76 -0.90 75.91
CA PRO BA 137 57.57 -2.10 76.11
C PRO BA 137 56.78 -3.16 76.86
N SER BA 138 57.37 -4.33 77.06
CA SER BA 138 56.67 -5.39 77.77
C SER BA 138 56.62 -5.16 79.29
N SER BA 139 57.43 -4.21 79.79
CA SER BA 139 57.46 -3.81 81.20
C SER BA 139 56.19 -3.06 81.59
N GLY BA 140 55.79 -2.09 80.77
CA GLY BA 140 54.58 -1.29 80.99
C GLY BA 140 54.81 0.20 80.93
N VAL BA 141 56.01 0.66 81.39
CA VAL BA 141 56.39 2.07 81.43
C VAL BA 141 56.59 2.60 80.02
N CYS BA 142 55.63 3.41 79.56
CA CYS BA 142 55.62 4.03 78.24
C CYS BA 142 56.71 5.09 78.11
N GLN BA 143 57.34 5.15 76.94
CA GLN BA 143 58.42 6.10 76.68
C GLN BA 143 58.07 7.07 75.54
N TRP BA 144 58.15 8.40 75.83
CA TRP BA 144 57.91 9.46 74.85
C TRP BA 144 59.15 9.59 73.97
N PHE BA 145 59.03 9.17 72.71
CA PHE BA 145 60.13 9.19 71.73
C PHE BA 145 60.22 10.45 70.87
N GLY BA 146 59.31 11.39 71.08
CA GLY BA 146 59.31 12.68 70.40
C GLY BA 146 60.25 13.68 71.05
N PRO BA 147 60.26 14.96 70.59
CA PRO BA 147 61.15 15.95 71.19
C PRO BA 147 60.59 16.54 72.49
N THR BA 148 61.36 17.41 73.15
CA THR BA 148 60.95 18.06 74.40
C THR BA 148 59.77 19.01 74.15
N ALA BA 149 58.64 18.78 74.85
CA ALA BA 149 57.42 19.58 74.73
C ALA BA 149 56.80 19.83 76.08
N SER BA 150 56.16 21.01 76.24
CA SER BA 150 55.52 21.44 77.48
C SER BA 150 54.02 21.71 77.29
N SER BA 151 53.61 22.05 76.05
CA SER BA 151 52.21 22.34 75.70
C SER BA 151 51.81 21.72 74.36
N GLY BA 152 50.51 21.46 74.23
CA GLY BA 152 49.91 20.91 73.01
C GLY BA 152 48.86 19.86 73.27
N THR BA 153 48.03 19.57 72.24
CA THR BA 153 46.96 18.58 72.34
C THR BA 153 47.31 17.27 71.60
N PRO BA 154 47.61 16.16 72.33
CA PRO BA 154 47.94 14.90 71.66
C PRO BA 154 46.69 14.13 71.21
N ARG BA 155 46.72 13.63 69.96
CA ARG BA 155 45.61 12.85 69.38
C ARG BA 155 46.14 11.70 68.52
N GLY BA 156 45.40 10.59 68.49
CA GLY BA 156 45.77 9.41 67.72
C GLY BA 156 44.96 8.18 68.10
N THR BA 157 44.34 7.53 67.10
CA THR BA 157 43.52 6.32 67.30
C THR BA 157 43.88 5.27 66.25
N GLY BA 158 44.05 4.04 66.72
CA GLY BA 158 44.39 2.88 65.90
C GLY BA 158 44.38 1.56 66.65
N THR BA 159 45.18 0.59 66.18
CA THR BA 159 45.29 -0.75 66.77
C THR BA 159 46.75 -1.18 66.82
N TYR BA 160 47.10 -2.00 67.81
CA TYR BA 160 48.45 -2.54 67.97
C TYR BA 160 48.43 -4.01 68.41
N PRO BA 161 49.32 -4.88 67.87
CA PRO BA 161 49.31 -6.30 68.28
C PRO BA 161 49.82 -6.52 69.70
N ILE BA 162 49.47 -7.67 70.29
CA ILE BA 162 49.87 -8.05 71.65
C ILE BA 162 50.78 -9.30 71.67
N ASP BA 163 50.70 -10.14 70.62
CA ASP BA 163 51.45 -11.39 70.48
C ASP BA 163 52.36 -11.42 69.24
N SER BA 164 53.41 -12.27 69.28
CA SER BA 164 54.36 -12.41 68.16
C SER BA 164 54.86 -13.83 67.86
N ALA BA 165 55.73 -14.36 68.74
CA ALA BA 165 56.38 -15.66 68.66
C ALA BA 165 56.01 -16.44 69.91
N ALA CA 2 27.01 -43.95 61.77
CA ALA CA 2 27.22 -45.17 62.56
C ALA CA 2 26.93 -46.43 61.76
N SER CA 3 27.75 -47.47 61.95
CA SER CA 3 27.57 -48.72 61.25
C SER CA 3 26.45 -49.55 61.92
N ILE CA 4 25.34 -49.75 61.18
CA ILE CA 4 24.17 -50.46 61.68
C ILE CA 4 23.78 -51.66 60.81
N LYS CA 5 23.17 -52.67 61.42
CA LYS CA 5 22.71 -53.87 60.73
C LYS CA 5 21.24 -53.77 60.38
N LYS CA 6 20.86 -54.42 59.30
CA LYS CA 6 19.47 -54.42 58.81
C LYS CA 6 18.55 -55.30 59.65
N VAL CA 7 17.33 -54.81 59.88
CA VAL CA 7 16.29 -55.49 60.65
C VAL CA 7 15.20 -55.99 59.68
N TYR CA 8 14.90 -57.29 59.75
CA TYR CA 8 13.90 -57.95 58.89
C TYR CA 8 13.05 -58.96 59.65
N ARG CA 9 11.92 -59.39 59.06
CA ARG CA 9 11.06 -60.38 59.69
C ARG CA 9 11.73 -61.72 59.62
N GLY CA 10 11.56 -62.47 60.69
CA GLY CA 10 12.14 -63.80 60.87
C GLY CA 10 13.64 -63.77 61.04
N MET CA 11 14.14 -62.72 61.70
CA MET CA 11 15.55 -62.52 61.93
C MET CA 11 16.00 -63.19 63.21
N LYS CA 12 17.13 -63.93 63.14
CA LYS CA 12 17.72 -64.57 64.31
C LYS CA 12 18.46 -63.47 65.12
N ASN CA 13 18.25 -63.47 66.45
CA ASN CA 13 18.78 -62.50 67.41
C ASN CA 13 18.30 -61.09 67.07
N GLY CA 14 16.99 -60.94 66.99
CA GLY CA 14 16.33 -59.68 66.65
C GLY CA 14 16.51 -58.61 67.70
N ALA CA 15 16.19 -58.97 68.95
CA ALA CA 15 16.31 -58.07 70.09
C ALA CA 15 17.76 -57.60 70.31
N GLU CA 16 18.72 -58.50 70.04
CA GLU CA 16 20.16 -58.25 70.16
C GLU CA 16 20.62 -57.23 69.12
N THR CA 17 20.16 -57.38 67.86
CA THR CA 17 20.49 -56.52 66.74
C THR CA 17 19.98 -55.11 66.97
N ILE CA 18 18.69 -54.98 67.37
CA ILE CA 18 18.07 -53.68 67.63
C ILE CA 18 18.82 -52.91 68.73
N ASN CA 19 19.13 -53.60 69.84
CA ASN CA 19 19.86 -53.02 70.96
C ASN CA 19 21.24 -52.51 70.54
N ASP CA 20 21.97 -53.33 69.75
CA ASP CA 20 23.30 -52.98 69.26
C ASP CA 20 23.26 -51.79 68.30
N ASP CA 21 22.18 -51.69 67.51
CA ASP CA 21 21.97 -50.61 66.57
C ASP CA 21 21.64 -49.32 67.31
N LEU CA 22 20.80 -49.42 68.34
CA LEU CA 22 20.42 -48.26 69.13
C LEU CA 22 21.60 -47.70 69.93
N GLU CA 23 22.45 -48.61 70.46
CA GLU CA 23 23.63 -48.25 71.25
C GLU CA 23 24.70 -47.55 70.39
N ALA CA 24 24.86 -48.03 69.13
CA ALA CA 24 25.82 -47.49 68.16
C ALA CA 24 25.44 -46.08 67.75
N ILE CA 25 24.12 -45.84 67.62
CA ILE CA 25 23.55 -44.55 67.27
C ILE CA 25 23.69 -43.58 68.46
N ASN CA 26 23.31 -44.04 69.68
CA ASN CA 26 23.38 -43.24 70.88
C ASN CA 26 24.82 -42.84 71.24
N SER CA 27 25.81 -43.68 70.85
CA SER CA 27 27.24 -43.42 71.09
C SER CA 27 27.71 -42.20 70.29
N GLU CA 28 27.21 -42.06 69.07
CA GLU CA 28 27.52 -40.95 68.19
C GLU CA 28 26.85 -39.65 68.63
N LEU CA 29 25.77 -39.76 69.45
CA LEU CA 29 25.06 -38.58 69.98
C LEU CA 29 25.83 -37.87 71.10
N THR CA 30 26.76 -38.58 71.74
CA THR CA 30 27.59 -38.08 72.85
C THR CA 30 29.02 -37.74 72.40
N SER CA 31 29.67 -38.65 71.64
CA SER CA 31 31.05 -38.48 71.17
C SER CA 31 31.35 -39.19 69.85
N GLY CA 32 32.24 -38.58 69.07
CA GLY CA 32 32.73 -39.12 67.81
C GLY CA 32 31.76 -39.05 66.64
N GLY CA 33 32.04 -39.85 65.62
CA GLY CA 33 31.23 -39.92 64.40
C GLY CA 33 31.48 -38.74 63.48
N ASN CA 34 30.49 -38.44 62.63
CA ASN CA 34 30.59 -37.31 61.69
C ASN CA 34 29.64 -36.18 62.10
N VAL CA 35 29.58 -35.90 63.41
CA VAL CA 35 28.69 -34.91 64.00
C VAL CA 35 29.40 -34.02 65.03
N VAL CA 36 29.14 -32.70 64.96
CA VAL CA 36 29.70 -31.69 65.86
C VAL CA 36 28.99 -31.78 67.21
N HIS CA 37 29.77 -31.87 68.30
CA HIS CA 37 29.29 -31.99 69.68
C HIS CA 37 29.49 -30.74 70.52
N LYS CA 38 28.75 -30.63 71.63
CA LYS CA 38 28.83 -29.53 72.58
C LYS CA 38 30.04 -29.68 73.50
N THR CA 39 30.65 -30.88 73.52
CA THR CA 39 31.82 -31.17 74.35
C THR CA 39 32.87 -31.95 73.56
N GLY CA 40 34.13 -31.65 73.84
CA GLY CA 40 35.27 -32.31 73.22
C GLY CA 40 35.91 -31.55 72.07
N ASP CA 41 37.16 -31.91 71.77
CA ASP CA 41 37.96 -31.32 70.70
C ASP CA 41 37.68 -32.07 69.39
N GLU CA 42 37.12 -31.34 68.41
CA GLU CA 42 36.75 -31.91 67.12
C GLU CA 42 37.18 -31.05 65.96
N THR CA 43 37.39 -31.68 64.79
CA THR CA 43 37.77 -31.01 63.54
C THR CA 43 36.55 -30.95 62.61
N ILE CA 44 36.24 -29.74 62.12
CA ILE CA 44 35.09 -29.46 61.25
C ILE CA 44 35.55 -29.00 59.87
N ALA CA 45 34.98 -29.60 58.82
CA ALA CA 45 35.27 -29.30 57.43
C ALA CA 45 34.01 -28.84 56.70
N GLY CA 46 34.18 -27.96 55.72
CA GLY CA 46 33.08 -27.45 54.93
C GLY CA 46 32.73 -26.00 55.22
N LYS CA 47 32.06 -25.35 54.26
CA LYS CA 47 31.63 -23.95 54.35
C LYS CA 47 30.42 -23.81 55.28
N LYS CA 48 30.68 -23.33 56.50
CA LYS CA 48 29.67 -23.14 57.54
C LYS CA 48 29.20 -21.70 57.61
N THR CA 49 27.90 -21.48 57.44
CA THR CA 49 27.27 -20.16 57.45
C THR CA 49 26.47 -19.95 58.73
N PHE CA 50 26.94 -19.07 59.60
CA PHE CA 50 26.26 -18.74 60.86
C PHE CA 50 25.42 -17.49 60.68
N THR CA 51 24.10 -17.66 60.55
CA THR CA 51 23.15 -16.56 60.36
C THR CA 51 22.91 -15.79 61.66
N GLY CA 52 23.03 -16.49 62.80
CA GLY CA 52 22.88 -15.91 64.13
C GLY CA 52 24.15 -15.28 64.65
N ASN CA 53 24.12 -14.79 65.90
CA ASN CA 53 25.27 -14.15 66.54
C ASN CA 53 26.19 -15.18 67.19
N VAL CA 54 27.51 -15.05 66.96
CA VAL CA 54 28.53 -15.97 67.48
C VAL CA 54 29.33 -15.31 68.60
N GLU CA 55 29.50 -16.04 69.71
CA GLU CA 55 30.26 -15.56 70.86
C GLU CA 55 31.42 -16.52 71.14
N VAL CA 56 32.63 -15.96 71.30
CA VAL CA 56 33.84 -16.73 71.60
C VAL CA 56 34.36 -16.27 72.97
N ASN CA 57 34.50 -17.24 73.89
CA ASN CA 57 34.98 -16.98 75.24
C ASN CA 57 36.47 -17.27 75.35
N GLY CA 58 36.95 -18.22 74.56
CA GLY CA 58 38.35 -18.61 74.50
C GLY CA 58 39.16 -17.74 73.55
N SER CA 59 40.02 -18.38 72.76
CA SER CA 59 40.88 -17.69 71.80
C SER CA 59 40.55 -18.07 70.36
N LEU CA 60 40.48 -17.07 69.48
CA LEU CA 60 40.22 -17.28 68.05
C LEU CA 60 41.54 -17.32 67.30
N THR CA 61 41.83 -18.46 66.68
CA THR CA 61 43.05 -18.68 65.92
C THR CA 61 42.79 -18.54 64.42
N LEU CA 62 43.62 -17.75 63.75
CA LEU CA 62 43.52 -17.51 62.31
C LEU CA 62 44.84 -17.87 61.63
N PRO CA 63 44.88 -18.15 60.30
CA PRO CA 63 46.17 -18.47 59.64
C PRO CA 63 47.20 -17.34 59.80
N THR CA 64 48.36 -17.67 60.38
CA THR CA 64 49.43 -16.72 60.67
C THR CA 64 50.69 -16.96 59.86
N LYS CA 65 51.20 -15.90 59.24
CA LYS CA 65 52.41 -15.91 58.44
C LYS CA 65 53.20 -14.64 58.73
N SER CA 66 54.49 -14.79 59.07
CA SER CA 66 55.36 -13.68 59.41
C SER CA 66 56.49 -13.48 58.41
N TRP CA 67 56.90 -12.22 58.22
CA TRP CA 67 57.97 -11.81 57.32
C TRP CA 67 58.62 -10.52 57.80
N SER CA 68 59.94 -10.44 57.70
CA SER CA 68 60.73 -9.27 58.08
C SER CA 68 61.92 -9.13 57.13
N GLY CA 69 62.18 -7.90 56.69
CA GLY CA 69 63.27 -7.59 55.78
C GLY CA 69 63.54 -6.12 55.64
N GLU CA 70 64.80 -5.78 55.30
CA GLU CA 70 65.26 -4.40 55.11
C GLU CA 70 64.85 -3.91 53.73
N LEU CA 71 63.74 -3.15 53.65
CA LEU CA 71 63.16 -2.61 52.40
C LEU CA 71 64.14 -1.79 51.56
N GLY CA 72 64.92 -0.93 52.23
CA GLY CA 72 65.91 -0.09 51.57
C GLY CA 72 66.37 1.07 52.42
N GLY CA 73 67.67 1.32 52.37
CA GLY CA 73 68.29 2.43 53.11
C GLY CA 73 68.46 2.21 54.60
N GLY CA 74 68.07 1.02 55.08
CA GLY CA 74 68.17 0.66 56.49
C GLY CA 74 66.85 0.58 57.22
N ILE CA 75 65.72 0.62 56.47
CA ILE CA 75 64.38 0.55 57.04
C ILE CA 75 63.88 -0.89 56.99
N ILE CA 76 63.69 -1.50 58.17
CA ILE CA 76 63.24 -2.89 58.31
C ILE CA 76 61.76 -2.89 58.68
N LEU CA 77 60.95 -3.57 57.86
CA LEU CA 77 59.51 -3.69 58.07
C LEU CA 77 59.16 -5.10 58.51
N SER CA 78 58.49 -5.21 59.65
CA SER CA 78 58.04 -6.48 60.22
C SER CA 78 56.55 -6.64 59.95
N LEU CA 79 56.21 -7.70 59.20
CA LEU CA 79 54.83 -7.99 58.83
C LEU CA 79 54.34 -9.29 59.44
N ARG CA 80 53.05 -9.31 59.83
CA ARG CA 80 52.39 -10.48 60.41
C ARG CA 80 50.95 -10.53 59.94
N LYS CA 81 50.65 -11.50 59.07
CA LYS CA 81 49.34 -11.70 58.47
C LYS CA 81 48.43 -12.53 59.38
N LYS CA 82 47.20 -12.04 59.58
CA LYS CA 82 46.17 -12.71 60.36
C LYS CA 82 44.83 -12.61 59.64
N GLY CA 83 44.53 -13.63 58.86
CA GLY CA 83 43.30 -13.71 58.08
C GLY CA 83 43.32 -12.80 56.88
N THR CA 84 42.60 -11.67 56.99
CA THR CA 84 42.49 -10.67 55.92
C THR CA 84 43.06 -9.30 56.35
N THR CA 85 43.84 -9.28 57.46
CA THR CA 85 44.46 -8.07 58.01
C THR CA 85 45.94 -8.34 58.32
N VAL CA 86 46.81 -7.46 57.83
CA VAL CA 86 48.23 -7.59 58.04
C VAL CA 86 48.68 -6.52 59.01
N GLU CA 87 49.44 -6.92 60.05
CA GLU CA 87 49.97 -6.03 61.09
C GLU CA 87 51.40 -5.63 60.73
N TYR CA 88 51.64 -4.33 60.55
CA TYR CA 88 52.96 -3.80 60.17
C TYR CA 88 53.70 -3.19 61.36
N SER CA 89 55.05 -3.24 61.31
CA SER CA 89 55.93 -2.67 62.32
C SER CA 89 57.20 -2.11 61.67
N ILE CA 90 57.34 -0.78 61.71
CA ILE CA 90 58.49 -0.09 61.11
C ILE CA 90 59.60 0.03 62.15
N GLY CA 91 60.81 -0.35 61.74
CA GLY CA 91 61.99 -0.31 62.60
C GLY CA 91 63.29 -0.17 61.84
N GLY CA 92 64.38 -0.07 62.58
CA GLY CA 92 65.73 0.06 62.02
C GLY CA 92 66.34 1.44 62.19
N GLU CA 93 67.26 1.78 61.27
CA GLU CA 93 67.99 3.04 61.25
C GLU CA 93 68.41 3.37 59.82
N ILE CA 94 68.13 4.60 59.37
CA ILE CA 94 68.48 5.07 58.03
C ILE CA 94 70.00 5.25 57.93
N SER CA 95 70.63 4.46 57.04
CA SER CA 95 72.07 4.44 56.80
C SER CA 95 72.46 5.27 55.57
N SER CA 96 71.84 4.97 54.40
CA SER CA 96 72.09 5.65 53.13
C SER CA 96 71.01 6.68 52.81
N SER CA 97 71.37 7.69 52.00
CA SER CA 97 70.48 8.76 51.59
C SER CA 97 69.36 8.25 50.67
N ILE CA 98 68.10 8.43 51.12
CA ILE CA 98 66.90 8.03 50.39
C ILE CA 98 66.23 9.29 49.84
N LEU CA 99 66.05 9.32 48.51
CA LEU CA 99 65.44 10.43 47.78
C LEU CA 99 63.93 10.51 48.04
N ALA CA 100 63.34 11.71 47.85
CA ALA CA 100 61.91 11.93 48.02
C ALA CA 100 61.14 11.30 46.85
N ASN CA 101 60.05 10.58 47.15
CA ASN CA 101 59.21 9.87 46.20
C ASN CA 101 59.97 8.82 45.36
N SER CA 102 60.89 8.09 46.03
CA SER CA 102 61.75 7.07 45.42
C SER CA 102 61.41 5.65 45.87
N ASN CA 103 61.72 4.66 45.02
CA ASN CA 103 61.47 3.25 45.28
C ASN CA 103 62.56 2.60 46.13
N LEU CA 104 62.15 1.68 47.03
CA LEU CA 104 63.04 0.91 47.89
C LEU CA 104 63.24 -0.45 47.22
N VAL CA 105 64.45 -0.66 46.70
CA VAL CA 105 64.81 -1.84 45.91
C VAL CA 105 65.70 -2.91 46.59
N ASN CA 106 66.00 -2.75 47.89
CA ASN CA 106 66.85 -3.70 48.63
C ASN CA 106 66.12 -5.03 48.88
N ARG CA 107 64.85 -4.95 49.31
CA ARG CA 107 64.01 -6.11 49.59
C ARG CA 107 62.56 -5.78 49.24
N SER CA 108 61.91 -6.68 48.48
CA SER CA 108 60.53 -6.53 48.03
C SER CA 108 59.57 -7.30 48.91
N VAL CA 109 58.35 -6.75 49.11
CA VAL CA 109 57.31 -7.36 49.93
C VAL CA 109 56.71 -8.57 49.19
N PRO CA 110 56.68 -9.78 49.83
CA PRO CA 110 56.12 -10.97 49.15
C PRO CA 110 54.67 -10.81 48.73
N ASN CA 111 54.26 -11.47 47.62
CA ASN CA 111 52.91 -11.40 47.04
C ASN CA 111 51.77 -11.76 47.99
N GLU CA 112 52.03 -12.66 48.95
CA GLU CA 112 51.05 -13.10 49.95
C GLU CA 112 50.73 -12.02 51.01
N PHE CA 113 51.57 -10.97 51.08
CA PHE CA 113 51.44 -9.81 51.97
C PHE CA 113 50.99 -8.55 51.22
N CYS CA 114 51.07 -8.57 49.88
CA CYS CA 114 50.69 -7.46 48.99
C CYS CA 114 49.19 -7.20 48.97
N PRO CA 115 48.74 -5.94 49.26
CA PRO CA 115 47.29 -5.64 49.23
C PRO CA 115 46.76 -5.37 47.83
N ARG CA 116 45.42 -5.44 47.67
CA ARG CA 116 44.73 -5.19 46.41
C ARG CA 116 44.76 -3.69 46.09
N ASN CA 117 44.55 -2.85 47.12
CA ASN CA 117 44.58 -1.39 47.04
C ASN CA 117 45.88 -0.82 47.64
N ARG CA 118 46.32 0.36 47.17
CA ARG CA 118 47.54 1.01 47.66
C ARG CA 118 47.33 1.56 49.08
N CYS CA 119 48.06 0.99 50.06
CA CYS CA 119 47.97 1.37 51.47
C CYS CA 119 49.14 2.22 51.92
N SER CA 120 48.84 3.23 52.77
CA SER CA 120 49.83 4.16 53.32
C SER CA 120 50.13 3.85 54.79
N LEU CA 121 51.42 3.67 55.12
CA LEU CA 121 51.81 3.37 56.48
C LEU CA 121 52.41 4.59 57.17
N VAL CA 122 51.60 5.28 57.98
CA VAL CA 122 52.01 6.49 58.69
C VAL CA 122 52.99 6.12 59.81
N GLY CA 123 54.15 6.78 59.80
CA GLY CA 123 55.21 6.57 60.78
C GLY CA 123 55.74 7.88 61.38
N HIS CA 124 56.61 7.76 62.40
CA HIS CA 124 57.21 8.89 63.09
C HIS CA 124 58.72 8.72 63.24
N MET CA 125 59.45 9.83 63.04
CA MET CA 125 60.91 9.88 63.14
C MET CA 125 61.33 10.29 64.55
N VAL CA 126 62.21 9.49 65.18
CA VAL CA 126 62.71 9.73 66.52
C VAL CA 126 63.66 10.92 66.51
N GLY CA 127 63.36 11.90 67.36
CA GLY CA 127 64.17 13.11 67.49
C GLY CA 127 63.37 14.39 67.45
N GLY CA 128 62.53 14.53 66.43
CA GLY CA 128 61.68 15.69 66.23
C GLY CA 128 60.22 15.38 65.97
N TRP CA 129 59.50 16.36 65.40
CA TRP CA 129 58.09 16.28 65.05
C TRP CA 129 57.93 15.79 63.59
N ASN CA 130 58.94 15.08 63.09
CA ASN CA 130 58.99 14.58 61.71
C ASN CA 130 58.12 13.35 61.48
N ALA CA 131 57.34 13.37 60.38
CA ALA CA 131 56.44 12.29 59.99
C ALA CA 131 56.72 11.78 58.58
N PHE CA 132 56.43 10.49 58.32
CA PHE CA 132 56.64 9.85 57.01
C PHE CA 132 55.59 8.78 56.74
N HIS CA 133 55.42 8.42 55.47
CA HIS CA 133 54.51 7.36 55.08
C HIS CA 133 55.10 6.54 53.93
N ILE CA 134 54.98 5.21 54.01
CA ILE CA 134 55.47 4.30 52.98
C ILE CA 134 54.29 3.62 52.31
N ASP CA 135 54.22 3.71 50.97
CA ASP CA 135 53.14 3.12 50.21
C ASP CA 135 53.47 1.71 49.75
N ILE CA 136 52.50 0.78 49.88
CA ILE CA 136 52.66 -0.61 49.45
C ILE CA 136 51.73 -0.86 48.24
N PRO CA 137 52.30 -1.02 47.03
CA PRO CA 137 51.44 -1.29 45.86
C PRO CA 137 51.12 -2.77 45.72
N SER CA 138 50.41 -3.14 44.64
CA SER CA 138 50.06 -4.53 44.37
C SER CA 138 51.29 -5.33 43.92
N SER CA 139 52.31 -4.64 43.38
CA SER CA 139 53.56 -5.26 42.90
C SER CA 139 54.43 -5.74 44.05
N GLY CA 140 54.69 -4.86 45.03
CA GLY CA 140 55.50 -5.17 46.19
C GLY CA 140 56.65 -4.20 46.46
N VAL CA 141 57.02 -3.41 45.43
CA VAL CA 141 58.10 -2.43 45.53
C VAL CA 141 57.61 -1.18 46.27
N CYS CA 142 58.00 -1.06 47.55
CA CYS CA 142 57.63 0.05 48.42
C CYS CA 142 58.25 1.37 48.00
N GLN CA 143 57.55 2.48 48.27
CA GLN CA 143 58.01 3.82 47.93
C GLN CA 143 58.05 4.76 49.13
N TRP CA 144 59.16 5.48 49.30
CA TRP CA 144 59.36 6.45 50.36
C TRP CA 144 58.70 7.76 49.93
N PHE CA 145 57.51 8.05 50.47
CA PHE CA 145 56.73 9.24 50.13
C PHE CA 145 57.06 10.50 50.95
N GLY CA 146 58.03 10.38 51.84
CA GLY CA 146 58.51 11.51 52.64
C GLY CA 146 59.57 12.32 51.91
N PRO CA 147 60.19 13.33 52.57
CA PRO CA 147 61.26 14.10 51.89
C PRO CA 147 62.61 13.39 51.89
N THR CA 148 63.61 13.97 51.21
CA THR CA 148 64.96 13.40 51.12
C THR CA 148 65.60 13.37 52.52
N ALA CA 149 65.81 12.14 53.04
CA ALA CA 149 66.41 11.89 54.36
C ALA CA 149 67.63 10.98 54.22
N SER CA 150 68.66 11.25 55.00
CA SER CA 150 69.90 10.49 54.99
C SER CA 150 70.13 9.74 56.31
N SER CA 151 69.62 10.29 57.42
CA SER CA 151 69.75 9.72 58.75
C SER CA 151 68.48 9.91 59.58
N GLY CA 152 68.23 8.98 60.51
CA GLY CA 152 67.07 9.00 61.39
C GLY CA 152 66.56 7.63 61.78
N THR CA 153 65.67 7.59 62.80
CA THR CA 153 65.08 6.34 63.29
C THR CA 153 63.61 6.21 62.89
N PRO CA 154 63.27 5.26 61.97
CA PRO CA 154 61.87 5.10 61.57
C PRO CA 154 61.10 4.18 62.52
N ARG CA 155 59.94 4.63 63.01
CA ARG CA 155 59.09 3.84 63.91
C ARG CA 155 57.63 4.02 63.54
N GLY CA 156 56.82 2.97 63.76
CA GLY CA 156 55.40 2.96 63.44
C GLY CA 156 54.81 1.57 63.44
N THR CA 157 53.72 1.37 64.22
CA THR CA 157 53.04 0.08 64.33
C THR CA 157 51.52 0.26 64.18
N GLY CA 158 50.91 -0.58 63.36
CA GLY CA 158 49.48 -0.57 63.08
C GLY CA 158 49.02 -1.76 62.27
N THR CA 159 47.91 -1.58 61.53
CA THR CA 159 47.29 -2.60 60.69
C THR CA 159 46.89 -2.01 59.35
N TYR CA 160 46.86 -2.85 58.31
CA TYR CA 160 46.44 -2.44 56.97
C TYR CA 160 45.66 -3.55 56.24
N PRO CA 161 44.58 -3.22 55.52
CA PRO CA 161 43.81 -4.25 54.81
C PRO CA 161 44.55 -4.85 53.61
N ILE CA 162 44.21 -6.10 53.25
CA ILE CA 162 44.81 -6.81 52.12
C ILE CA 162 43.83 -6.96 50.93
N ASP CA 163 42.52 -6.93 51.22
CA ASP CA 163 41.43 -7.06 50.24
C ASP CA 163 40.59 -5.78 50.14
N SER CA 164 40.05 -5.50 48.95
CA SER CA 164 39.21 -4.33 48.69
C SER CA 164 37.97 -4.70 47.85
N ALA CA 165 38.16 -4.97 46.54
CA ALA CA 165 37.09 -5.35 45.62
C ALA CA 165 37.16 -6.84 45.32
N ALA DA 2 14.45 -36.27 62.37
CA ALA DA 2 14.11 -37.26 61.36
C ALA DA 2 12.65 -37.65 61.45
N SER DA 3 12.01 -37.85 60.30
CA SER DA 3 10.60 -38.25 60.26
C SER DA 3 10.49 -39.75 60.55
N ILE DA 4 10.06 -40.09 61.77
CA ILE DA 4 9.96 -41.49 62.21
C ILE DA 4 8.52 -41.90 62.48
N LYS DA 5 8.21 -43.19 62.28
CA LYS DA 5 6.87 -43.74 62.52
C LYS DA 5 6.77 -44.33 63.91
N LYS DA 6 5.55 -44.29 64.48
CA LYS DA 6 5.30 -44.81 65.82
C LYS DA 6 5.27 -46.34 65.83
N VAL DA 7 5.95 -46.94 66.83
CA VAL DA 7 6.03 -48.37 67.05
C VAL DA 7 5.07 -48.74 68.22
N TYR DA 8 4.12 -49.63 67.97
CA TYR DA 8 3.14 -50.04 68.97
C TYR DA 8 2.95 -51.54 69.00
N ARG DA 9 2.33 -52.07 70.07
CA ARG DA 9 2.05 -53.49 70.24
C ARG DA 9 0.97 -53.95 69.25
N GLY DA 10 1.23 -55.07 68.58
CA GLY DA 10 0.33 -55.66 67.59
C GLY DA 10 0.27 -54.86 66.31
N MET DA 11 1.44 -54.35 65.91
CA MET DA 11 1.63 -53.54 64.73
C MET DA 11 1.92 -54.40 63.53
N LYS DA 12 1.20 -54.17 62.43
CA LYS DA 12 1.47 -54.94 61.23
C LYS DA 12 2.73 -54.41 60.54
N ASN DA 13 3.62 -55.35 60.15
CA ASN DA 13 4.93 -55.11 59.54
C ASN DA 13 5.79 -54.21 60.41
N GLY DA 14 6.13 -54.75 61.60
CA GLY DA 14 6.93 -54.08 62.61
C GLY DA 14 8.41 -54.05 62.28
N ALA DA 15 8.94 -55.19 61.77
CA ALA DA 15 10.35 -55.32 61.39
C ALA DA 15 10.80 -54.24 60.38
N GLU DA 16 9.93 -53.94 59.38
CA GLU DA 16 10.17 -52.93 58.35
C GLU DA 16 10.17 -51.52 58.95
N THR DA 17 9.20 -51.25 59.84
CA THR DA 17 9.02 -49.94 60.49
C THR DA 17 10.25 -49.57 61.30
N ILE DA 18 10.75 -50.52 62.13
CA ILE DA 18 11.93 -50.30 62.97
C ILE DA 18 13.15 -50.02 62.13
N ASN DA 19 13.38 -50.87 61.11
CA ASN DA 19 14.51 -50.73 60.21
C ASN DA 19 14.52 -49.39 59.49
N ASP DA 20 13.34 -48.94 59.01
CA ASP DA 20 13.18 -47.67 58.30
C ASP DA 20 13.40 -46.48 59.22
N ASP DA 21 13.01 -46.64 60.51
CA ASP DA 21 13.19 -45.60 61.52
C ASP DA 21 14.66 -45.45 61.87
N LEU DA 22 15.37 -46.59 62.00
CA LEU DA 22 16.79 -46.63 62.33
C LEU DA 22 17.64 -46.07 61.20
N GLU DA 23 17.27 -46.38 59.96
CA GLU DA 23 17.97 -45.91 58.77
C GLU DA 23 17.79 -44.40 58.56
N ALA DA 24 16.60 -43.89 58.91
CA ALA DA 24 16.26 -42.46 58.81
C ALA DA 24 17.05 -41.63 59.81
N ILE DA 25 17.25 -42.20 61.01
CA ILE DA 25 18.00 -41.59 62.09
C ILE DA 25 19.49 -41.62 61.75
N ASN DA 26 19.99 -42.78 61.29
CA ASN DA 26 21.40 -42.96 60.91
C ASN DA 26 21.83 -42.06 59.74
N SER DA 27 20.88 -41.77 58.81
CA SER DA 27 21.10 -40.89 57.66
C SER DA 27 21.37 -39.46 58.12
N GLU DA 28 20.63 -39.01 59.15
CA GLU DA 28 20.78 -37.68 59.73
C GLU DA 28 22.05 -37.54 60.55
N LEU DA 29 22.68 -38.66 60.94
CA LEU DA 29 23.91 -38.67 61.71
C LEU DA 29 25.13 -38.38 60.83
N THR DA 30 24.97 -38.55 59.50
CA THR DA 30 26.04 -38.35 58.52
C THR DA 30 25.82 -37.09 57.68
N SER DA 31 24.58 -36.87 57.18
CA SER DA 31 24.24 -35.73 56.33
C SER DA 31 22.82 -35.22 56.51
N GLY DA 32 22.66 -33.90 56.36
CA GLY DA 32 21.38 -33.22 56.41
C GLY DA 32 20.78 -33.09 57.80
N GLY DA 33 19.45 -33.05 57.83
CA GLY DA 33 18.69 -32.92 59.07
C GLY DA 33 18.82 -31.54 59.69
N ASN DA 34 18.69 -31.48 61.02
CA ASN DA 34 18.77 -30.24 61.79
C ASN DA 34 20.06 -30.17 62.60
N VAL DA 35 20.89 -31.23 62.50
CA VAL DA 35 22.15 -31.32 63.21
C VAL DA 35 23.36 -30.88 62.36
N VAL DA 36 24.36 -30.27 63.01
CA VAL DA 36 25.61 -29.79 62.38
C VAL DA 36 26.60 -30.95 62.29
N HIS DA 37 27.14 -31.17 61.08
CA HIS DA 37 28.07 -32.26 60.78
C HIS DA 37 29.51 -31.80 60.63
N LYS DA 38 30.46 -32.75 60.72
CA LYS DA 38 31.89 -32.50 60.56
C LYS DA 38 32.29 -32.28 59.10
N THR DA 39 31.41 -32.69 58.16
CA THR DA 39 31.66 -32.55 56.71
C THR DA 39 30.44 -32.00 56.00
N GLY DA 40 30.70 -31.17 54.98
CA GLY DA 40 29.66 -30.57 54.15
C GLY DA 40 29.33 -29.12 54.47
N ASP DA 41 28.80 -28.41 53.47
CA ASP DA 41 28.37 -27.01 53.57
C ASP DA 41 26.99 -26.94 54.21
N GLU DA 42 26.91 -26.31 55.39
CA GLU DA 42 25.67 -26.20 56.17
C GLU DA 42 25.43 -24.78 56.68
N THR DA 43 24.16 -24.44 56.91
CA THR DA 43 23.74 -23.14 57.44
C THR DA 43 23.24 -23.31 58.87
N ILE DA 44 23.81 -22.54 59.81
CA ILE DA 44 23.52 -22.59 61.24
C ILE DA 44 22.87 -21.28 61.71
N ALA DA 45 21.79 -21.41 62.49
CA ALA DA 45 21.05 -20.28 63.04
C ALA DA 45 20.97 -20.39 64.56
N GLY DA 46 21.00 -19.23 65.23
CA GLY DA 46 20.93 -19.17 66.68
C GLY DA 46 22.19 -18.63 67.32
N LYS DA 47 22.06 -18.15 68.57
CA LYS DA 47 23.16 -17.60 69.35
C LYS DA 47 24.07 -18.72 69.86
N LYS DA 48 25.22 -18.94 69.18
CA LYS DA 48 26.19 -19.97 69.51
C LYS DA 48 27.34 -19.42 70.35
N THR DA 49 27.51 -19.95 71.57
CA THR DA 49 28.54 -19.53 72.51
C THR DA 49 29.64 -20.59 72.63
N PHE DA 50 30.85 -20.25 72.17
CA PHE DA 50 31.99 -21.15 72.23
C PHE DA 50 32.86 -20.84 73.44
N THR DA 51 32.80 -21.70 74.46
CA THR DA 51 33.57 -21.54 75.70
C THR DA 51 35.04 -21.94 75.51
N GLY DA 52 35.28 -22.85 74.56
CA GLY DA 52 36.62 -23.33 74.22
C GLY DA 52 37.36 -22.43 73.25
N ASN DA 53 38.45 -22.95 72.68
CA ASN DA 53 39.28 -22.21 71.72
C ASN DA 53 38.90 -22.56 70.27
N VAL DA 54 38.52 -21.53 69.50
CA VAL DA 54 38.12 -21.69 68.11
C VAL DA 54 39.33 -21.51 67.20
N GLU DA 55 39.51 -22.44 66.25
CA GLU DA 55 40.61 -22.39 65.29
C GLU DA 55 40.05 -22.41 63.87
N VAL DA 56 40.45 -21.43 63.04
CA VAL DA 56 40.00 -21.32 61.66
C VAL DA 56 41.23 -21.46 60.76
N ASN DA 57 41.13 -22.37 59.78
CA ASN DA 57 42.20 -22.63 58.81
C ASN DA 57 41.89 -22.01 57.45
N GLY DA 58 40.59 -21.86 57.16
CA GLY DA 58 40.10 -21.27 55.93
C GLY DA 58 40.01 -19.76 56.02
N SER DA 59 38.86 -19.21 55.59
CA SER DA 59 38.61 -17.77 55.59
C SER DA 59 37.41 -17.41 56.44
N LEU DA 60 37.55 -16.33 57.23
CA LEU DA 60 36.47 -15.83 58.08
C LEU DA 60 35.79 -14.65 57.41
N THR DA 61 34.48 -14.76 57.19
CA THR DA 61 33.67 -13.73 56.53
C THR DA 61 32.75 -13.04 57.54
N LEU DA 62 32.76 -11.72 57.54
CA LEU DA 62 31.94 -10.87 58.42
C LEU DA 62 31.11 -9.90 57.59
N PRO DA 63 29.99 -9.33 58.11
CA PRO DA 63 29.21 -8.37 57.31
C PRO DA 63 30.06 -7.16 56.83
N THR DA 64 30.14 -6.97 55.50
CA THR DA 64 30.96 -5.92 54.86
C THR DA 64 30.12 -4.86 54.16
N LYS DA 65 30.48 -3.58 54.38
CA LYS DA 65 29.85 -2.42 53.75
C LYS DA 65 30.93 -1.41 53.40
N SER DA 66 30.94 -0.93 52.15
CA SER DA 66 31.93 0.01 51.66
C SER DA 66 31.35 1.40 51.38
N TRP DA 67 32.16 2.44 51.60
CA TRP DA 67 31.78 3.83 51.37
C TRP DA 67 33.01 4.66 50.99
N SER DA 68 32.82 5.59 50.04
CA SER DA 68 33.86 6.50 49.56
C SER DA 68 33.25 7.83 49.13
N GLY DA 69 33.87 8.93 49.54
CA GLY DA 69 33.42 10.28 49.22
C GLY DA 69 34.37 11.37 49.68
N GLU DA 70 34.33 12.53 49.00
CA GLU DA 70 35.15 13.71 49.29
C GLU DA 70 34.57 14.46 50.48
N LEU DA 71 35.26 14.37 51.65
CA LEU DA 71 34.84 15.00 52.90
C LEU DA 71 34.79 16.52 52.85
N GLY DA 72 35.80 17.12 52.21
CA GLY DA 72 35.91 18.57 52.07
C GLY DA 72 37.31 19.02 51.69
N GLY DA 73 37.37 19.95 50.75
CA GLY DA 73 38.60 20.54 50.25
C GLY DA 73 39.38 19.70 49.25
N GLY DA 74 38.86 18.52 48.94
CA GLY DA 74 39.48 17.60 47.99
C GLY DA 74 40.03 16.33 48.62
N ILE DA 75 39.72 16.11 49.91
CA ILE DA 75 40.17 14.93 50.65
C ILE DA 75 39.11 13.83 50.58
N ILE DA 76 39.45 12.71 49.91
CA ILE DA 76 38.56 11.57 49.73
C ILE DA 76 38.93 10.47 50.72
N LEU DA 77 37.96 10.05 51.54
CA LEU DA 77 38.12 8.99 52.54
C LEU DA 77 37.39 7.73 52.10
N SER DA 78 38.12 6.61 52.10
CA SER DA 78 37.58 5.30 51.74
C SER DA 78 37.39 4.46 53.00
N LEU DA 79 36.13 4.14 53.31
CA LEU DA 79 35.76 3.38 54.50
C LEU DA 79 35.20 2.01 54.14
N ARG DA 80 35.58 0.99 54.93
CA ARG DA 80 35.10 -0.38 54.77
C ARG DA 80 34.94 -1.03 56.14
N LYS DA 81 33.70 -1.33 56.52
CA LYS DA 81 33.37 -1.93 57.80
C LYS DA 81 33.43 -3.44 57.74
N LYS DA 82 34.07 -4.03 58.76
CA LYS DA 82 34.23 -5.47 58.93
C LYS DA 82 33.92 -5.84 60.39
N GLY DA 83 32.64 -6.10 60.64
CA GLY DA 83 32.16 -6.44 61.96
C GLY DA 83 32.06 -5.24 62.89
N THR DA 84 33.01 -5.14 63.85
CA THR DA 84 33.08 -4.07 64.85
C THR DA 84 34.29 -3.13 64.63
N THR DA 85 34.95 -3.26 63.47
CA THR DA 85 36.13 -2.47 63.09
C THR DA 85 35.98 -1.92 61.67
N VAL DA 86 36.20 -0.62 61.51
CA VAL DA 86 36.11 0.08 60.22
C VAL DA 86 37.52 0.45 59.74
N GLU DA 87 37.85 0.03 58.50
CA GLU DA 87 39.15 0.28 57.87
C GLU DA 87 39.07 1.57 57.07
N TYR DA 88 39.97 2.52 57.37
CA TYR DA 88 40.00 3.83 56.70
C TYR DA 88 41.17 3.96 55.72
N SER DA 89 40.99 4.78 54.67
CA SER DA 89 42.01 5.07 53.67
C SER DA 89 41.87 6.51 53.18
N ILE DA 90 42.89 7.33 53.47
CA ILE DA 90 42.93 8.75 53.10
C ILE DA 90 43.63 8.90 51.75
N GLY DA 91 43.00 9.65 50.85
CA GLY DA 91 43.52 9.91 49.52
C GLY DA 91 42.98 11.18 48.89
N GLY DA 92 43.48 11.48 47.69
CA GLY DA 92 43.06 12.65 46.93
C GLY DA 92 44.11 13.75 46.88
N GLU DA 93 43.65 15.00 46.71
CA GLU DA 93 44.49 16.20 46.64
C GLU DA 93 43.73 17.42 47.14
N ILE DA 94 44.36 18.21 48.02
CA ILE DA 94 43.77 19.44 48.57
C ILE DA 94 43.74 20.53 47.49
N SER DA 95 42.52 20.91 47.06
CA SER DA 95 42.27 21.91 46.03
C SER DA 95 41.97 23.29 46.63
N SER DA 96 40.99 23.38 47.54
CA SER DA 96 40.59 24.62 48.22
C SER DA 96 41.21 24.74 49.62
N SER DA 97 41.32 25.98 50.11
CA SER DA 97 41.90 26.27 51.42
C SER DA 97 41.00 25.80 52.56
N ILE DA 98 41.55 24.94 53.43
CA ILE DA 98 40.86 24.40 54.61
C ILE DA 98 41.47 25.05 55.85
N LEU DA 99 40.61 25.68 56.66
CA LEU DA 99 41.00 26.38 57.88
C LEU DA 99 41.40 25.43 59.00
N ALA DA 100 42.20 25.92 59.97
CA ALA DA 100 42.64 25.14 61.12
C ALA DA 100 41.49 24.98 62.10
N ASN DA 101 41.26 23.74 62.60
CA ASN DA 101 40.17 23.36 63.51
C ASN DA 101 38.77 23.69 62.96
N SER DA 102 38.58 23.46 61.65
CA SER DA 102 37.33 23.71 60.94
C SER DA 102 36.63 22.43 60.51
N ASN DA 103 35.31 22.50 60.31
CA ASN DA 103 34.45 21.38 59.93
C ASN DA 103 34.42 21.19 58.40
N LEU DA 104 34.49 19.93 57.96
CA LEU DA 104 34.41 19.54 56.56
C LEU DA 104 32.94 19.37 56.20
N VAL DA 105 32.43 20.26 55.35
CA VAL DA 105 31.00 20.35 55.00
C VAL DA 105 30.56 19.77 53.64
N ASN DA 106 31.51 19.27 52.82
CA ASN DA 106 31.21 18.71 51.48
C ASN DA 106 30.37 17.44 51.55
N ARG DA 107 30.86 16.44 52.30
CA ARG DA 107 30.18 15.15 52.50
C ARG DA 107 30.40 14.66 53.93
N SER DA 108 29.31 14.23 54.57
CA SER DA 108 29.32 13.71 55.94
C SER DA 108 29.36 12.19 55.96
N VAL DA 109 30.03 11.62 56.97
CA VAL DA 109 30.17 10.17 57.15
C VAL DA 109 28.82 9.55 57.57
N PRO DA 110 28.32 8.51 56.86
CA PRO DA 110 27.03 7.90 57.23
C PRO DA 110 27.03 7.32 58.65
N ASN DA 111 25.86 7.33 59.31
CA ASN DA 111 25.67 6.86 60.70
C ASN DA 111 26.13 5.43 60.98
N GLU DA 112 26.02 4.54 59.96
CA GLU DA 112 26.44 3.14 60.06
C GLU DA 112 27.97 2.97 60.15
N PHE DA 113 28.73 4.02 59.77
CA PHE DA 113 30.20 4.07 59.82
C PHE DA 113 30.69 4.97 60.97
N CYS DA 114 29.78 5.74 61.59
CA CYS DA 114 30.06 6.65 62.69
C CYS DA 114 30.35 5.92 64.00
N PRO DA 115 31.50 6.22 64.66
CA PRO DA 115 31.79 5.58 65.95
C PRO DA 115 31.08 6.24 67.14
N ARG DA 116 31.02 5.54 68.28
CA ARG DA 116 30.39 6.03 69.51
C ARG DA 116 31.22 7.16 70.13
N ASN DA 117 32.55 7.02 70.07
CA ASN DA 117 33.53 8.00 70.58
C ASN DA 117 34.31 8.69 69.45
N ARG DA 118 34.94 9.84 69.75
CA ARG DA 118 35.73 10.62 68.78
C ARG DA 118 37.04 9.90 68.45
N CYS DA 119 37.24 9.56 67.16
CA CYS DA 119 38.43 8.85 66.68
C CYS DA 119 39.31 9.75 65.84
N SER DA 120 40.63 9.72 66.12
CA SER DA 120 41.63 10.51 65.42
C SER DA 120 42.38 9.66 64.38
N LEU DA 121 42.30 10.06 63.10
CA LEU DA 121 42.96 9.32 62.03
C LEU DA 121 44.23 10.05 61.58
N VAL DA 122 45.39 9.58 62.05
CA VAL DA 122 46.69 10.19 61.75
C VAL DA 122 47.10 9.92 60.29
N GLY DA 123 47.50 10.98 59.60
CA GLY DA 123 47.94 10.93 58.22
C GLY DA 123 49.25 11.67 57.98
N HIS DA 124 49.81 11.54 56.76
CA HIS DA 124 51.07 12.18 56.37
C HIS DA 124 50.96 12.86 55.00
N MET DA 125 51.52 14.08 54.91
CA MET DA 125 51.53 14.89 53.70
C MET DA 125 52.74 14.56 52.84
N VAL DA 126 52.50 14.28 51.56
CA VAL DA 126 53.54 13.91 50.59
C VAL DA 126 54.44 15.12 50.29
N GLY DA 127 55.74 14.94 50.48
CA GLY DA 127 56.72 15.98 50.20
C GLY DA 127 57.54 16.45 51.38
N GLY DA 128 56.95 16.46 52.56
CA GLY DA 128 57.61 16.92 53.78
C GLY DA 128 57.38 16.06 55.00
N TRP DA 129 57.79 16.57 56.17
CA TRP DA 129 57.64 15.91 57.48
C TRP DA 129 56.32 16.35 58.14
N ASN DA 130 55.29 16.63 57.32
CA ASN DA 130 54.00 17.13 57.77
C ASN DA 130 53.00 16.03 58.12
N ALA DA 131 52.32 16.18 59.26
CA ALA DA 131 51.31 15.24 59.78
C ALA DA 131 49.97 15.94 60.04
N PHE DA 132 48.87 15.18 59.98
CA PHE DA 132 47.51 15.69 60.21
C PHE DA 132 46.60 14.61 60.79
N HIS DA 133 45.55 15.03 61.50
CA HIS DA 133 44.56 14.11 62.06
C HIS DA 133 43.14 14.64 61.85
N ILE DA 134 42.21 13.75 61.51
CA ILE DA 134 40.81 14.09 61.28
C ILE DA 134 39.94 13.40 62.33
N ASP DA 135 39.14 14.19 63.04
CA ASP DA 135 38.26 13.69 64.09
C ASP DA 135 36.85 13.39 63.54
N ILE DA 136 36.32 12.20 63.86
CA ILE DA 136 34.99 11.77 63.43
C ILE DA 136 34.09 11.55 64.64
N PRO DA 137 33.04 12.39 64.82
CA PRO DA 137 32.15 12.21 65.96
C PRO DA 137 30.97 11.29 65.63
N SER DA 138 29.97 11.23 66.52
CA SER DA 138 28.77 10.42 66.32
C SER DA 138 27.84 11.01 65.26
N SER DA 139 27.96 12.34 65.02
CA SER DA 139 27.15 13.07 64.04
C SER DA 139 27.53 12.75 62.59
N GLY DA 140 28.83 12.79 62.29
CA GLY DA 140 29.35 12.50 60.95
C GLY DA 140 30.15 13.62 60.33
N VAL DA 141 30.01 14.84 60.86
CA VAL DA 141 30.73 16.02 60.37
C VAL DA 141 32.19 15.98 60.82
N CYS DA 142 33.09 15.67 59.88
CA CYS DA 142 34.53 15.56 60.12
C CYS DA 142 35.16 16.91 60.39
N GLN DA 143 36.27 16.92 61.14
CA GLN DA 143 37.00 18.13 61.48
C GLN DA 143 38.49 18.01 61.19
N TRP DA 144 39.02 18.97 60.40
CA TRP DA 144 40.44 19.04 60.07
C TRP DA 144 41.16 19.75 61.22
N PHE DA 145 41.93 18.99 62.01
CA PHE DA 145 42.65 19.53 63.17
C PHE DA 145 44.10 19.95 62.90
N GLY DA 146 44.50 19.94 61.63
CA GLY DA 146 45.82 20.38 61.21
C GLY DA 146 45.85 21.88 60.97
N PRO DA 147 46.97 22.43 60.46
CA PRO DA 147 47.03 23.87 60.19
C PRO DA 147 46.27 24.26 58.93
N THR DA 148 46.14 25.58 58.68
CA THR DA 148 45.45 26.08 57.50
C THR DA 148 46.24 25.74 56.23
N ALA DA 149 45.76 24.73 55.47
CA ALA DA 149 46.43 24.27 54.25
C ALA DA 149 45.55 24.47 53.03
N SER DA 150 46.16 24.80 51.89
CA SER DA 150 45.47 25.05 50.62
C SER DA 150 45.86 24.03 49.54
N SER DA 151 47.08 23.46 49.65
CA SER DA 151 47.62 22.48 48.71
C SER DA 151 48.40 21.38 49.42
N GLY DA 152 48.40 20.17 48.82
CA GLY DA 152 49.12 19.02 49.35
C GLY DA 152 48.40 17.71 49.13
N THR DA 153 49.15 16.60 49.24
CA THR DA 153 48.60 15.25 49.06
C THR DA 153 48.36 14.53 50.40
N PRO DA 154 47.08 14.29 50.78
CA PRO DA 154 46.81 13.58 52.04
C PRO DA 154 46.81 12.05 51.86
N ARG DA 155 47.54 11.35 52.74
CA ARG DA 155 47.64 9.88 52.71
C ARG DA 155 47.60 9.30 54.12
N GLY DA 156 47.06 8.09 54.25
CA GLY DA 156 46.94 7.39 55.53
C GLY DA 156 45.98 6.23 55.50
N THR DA 157 46.44 5.05 55.94
CA THR DA 157 45.64 3.82 55.98
C THR DA 157 45.81 3.11 57.33
N GLY DA 158 44.68 2.69 57.90
CA GLY DA 158 44.63 1.99 59.18
C GLY DA 158 43.24 1.48 59.52
N THR DA 159 42.98 1.34 60.84
CA THR DA 159 41.72 0.86 61.39
C THR DA 159 41.31 1.69 62.59
N TYR DA 160 40.00 1.82 62.82
CA TYR DA 160 39.46 2.54 63.97
C TYR DA 160 38.22 1.84 64.56
N PRO DA 161 38.06 1.78 65.91
CA PRO DA 161 36.87 1.13 66.49
C PRO DA 161 35.57 1.91 66.25
N ILE DA 162 34.43 1.19 66.25
CA ILE DA 162 33.10 1.78 66.05
C ILE DA 162 32.27 1.79 67.37
N ASP DA 163 32.57 0.84 68.26
CA ASP DA 163 31.90 0.68 69.57
C ASP DA 163 32.84 1.04 70.73
N SER DA 164 32.24 1.45 71.87
CA SER DA 164 32.97 1.82 73.09
C SER DA 164 32.19 1.38 74.34
N ALA EA 2 -50.55 9.61 67.16
CA ALA EA 2 -51.82 9.58 66.44
C ALA EA 2 -52.97 9.20 67.36
N SER EA 3 -54.15 9.79 67.15
CA SER EA 3 -55.33 9.47 67.96
C SER EA 3 -55.94 8.17 67.48
N ILE EA 4 -55.82 7.12 68.29
CA ILE EA 4 -56.30 5.77 67.96
C ILE EA 4 -57.36 5.26 68.93
N LYS EA 5 -58.30 4.46 68.40
CA LYS EA 5 -59.38 3.89 69.19
C LYS EA 5 -58.94 2.54 69.76
N LYS EA 6 -59.50 2.20 70.91
CA LYS EA 6 -59.21 0.95 71.60
C LYS EA 6 -59.94 -0.23 70.98
N VAL EA 7 -59.18 -1.33 70.78
CA VAL EA 7 -59.65 -2.59 70.23
C VAL EA 7 -59.89 -3.58 71.39
N TYR EA 8 -61.11 -4.16 71.44
CA TYR EA 8 -61.51 -5.10 72.48
C TYR EA 8 -62.34 -6.23 71.89
N ARG EA 9 -62.53 -7.29 72.68
CA ARG EA 9 -63.31 -8.47 72.33
C ARG EA 9 -64.78 -8.12 72.23
N GLY EA 10 -65.42 -8.58 71.17
CA GLY EA 10 -66.84 -8.34 70.93
C GLY EA 10 -67.14 -6.90 70.61
N MET EA 11 -66.27 -6.30 69.82
CA MET EA 11 -66.42 -4.92 69.41
C MET EA 11 -67.31 -4.85 68.15
N LYS EA 12 -68.27 -3.91 68.16
CA LYS EA 12 -69.13 -3.66 66.99
C LYS EA 12 -68.30 -2.80 66.03
N ASN EA 13 -68.12 -3.29 64.79
CA ASN EA 13 -67.28 -2.69 63.74
C ASN EA 13 -65.77 -2.83 64.00
N GLY EA 14 -65.34 -4.07 64.23
CA GLY EA 14 -63.97 -4.46 64.51
C GLY EA 14 -63.03 -4.15 63.37
N ALA EA 15 -63.30 -4.70 62.18
CA ALA EA 15 -62.47 -4.46 61.00
C ALA EA 15 -62.36 -2.95 60.63
N GLU EA 16 -63.46 -2.21 60.81
CA GLU EA 16 -63.58 -0.78 60.50
C GLU EA 16 -62.67 0.05 61.38
N THR EA 17 -62.73 -0.21 62.70
CA THR EA 17 -61.95 0.43 63.76
C THR EA 17 -60.47 0.21 63.56
N ILE EA 18 -60.06 -1.04 63.24
CA ILE EA 18 -58.66 -1.41 63.01
C ILE EA 18 -58.12 -0.68 61.78
N ASN EA 19 -58.90 -0.66 60.69
CA ASN EA 19 -58.56 0.01 59.45
C ASN EA 19 -58.32 1.50 59.65
N ASP EA 20 -59.20 2.17 60.43
CA ASP EA 20 -59.08 3.59 60.72
C ASP EA 20 -57.86 3.89 61.59
N ASP EA 21 -57.51 2.96 62.50
CA ASP EA 21 -56.36 3.07 63.39
C ASP EA 21 -55.06 2.90 62.61
N LEU EA 22 -55.04 1.96 61.66
CA LEU EA 22 -53.88 1.70 60.83
C LEU EA 22 -53.64 2.86 59.85
N GLU EA 23 -54.71 3.45 59.32
CA GLU EA 23 -54.64 4.58 58.38
C GLU EA 23 -54.17 5.85 59.07
N ALA EA 24 -54.57 6.03 60.36
CA ALA EA 24 -54.20 7.18 61.19
C ALA EA 24 -52.71 7.14 61.54
N ILE EA 25 -52.18 5.93 61.79
CA ILE EA 25 -50.78 5.70 62.09
C ILE EA 25 -49.94 5.90 60.82
N ASN EA 26 -50.37 5.28 59.71
CA ASN EA 26 -49.68 5.39 58.42
C ASN EA 26 -49.63 6.83 57.89
N SER EA 27 -50.64 7.67 58.24
CA SER EA 27 -50.70 9.08 57.84
C SER EA 27 -49.57 9.86 58.46
N GLU EA 28 -49.26 9.54 59.72
CA GLU EA 28 -48.20 10.21 60.45
C GLU EA 28 -46.82 9.72 60.05
N LEU EA 29 -46.73 8.53 59.43
CA LEU EA 29 -45.46 7.96 58.95
C LEU EA 29 -44.95 8.67 57.70
N THR EA 30 -45.84 9.38 56.98
CA THR EA 30 -45.53 10.10 55.75
C THR EA 30 -45.48 11.62 55.94
N SER EA 31 -46.45 12.18 56.69
CA SER EA 31 -46.56 13.63 56.93
C SER EA 31 -47.15 13.97 58.28
N GLY EA 32 -46.65 15.07 58.85
CA GLY EA 32 -47.15 15.60 60.12
C GLY EA 32 -46.82 14.78 61.34
N GLY EA 33 -47.69 14.89 62.36
CA GLY EA 33 -47.53 14.21 63.65
C GLY EA 33 -46.43 14.82 64.48
N ASN EA 34 -45.70 13.96 65.22
CA ASN EA 34 -44.60 14.39 66.09
C ASN EA 34 -43.26 13.78 65.66
N VAL EA 35 -43.20 13.26 64.42
CA VAL EA 35 -42.00 12.65 63.86
C VAL EA 35 -41.38 13.47 62.73
N VAL EA 36 -40.04 13.44 62.66
CA VAL EA 36 -39.28 14.16 61.65
C VAL EA 36 -39.24 13.32 60.37
N HIS EA 37 -39.68 13.91 59.25
CA HIS EA 37 -39.73 13.25 57.95
C HIS EA 37 -38.60 13.67 57.00
N LYS EA 38 -38.37 12.82 55.99
CA LYS EA 38 -37.36 13.02 54.95
C LYS EA 38 -37.87 14.03 53.91
N THR EA 39 -39.15 14.38 53.97
CA THR EA 39 -39.79 15.33 53.05
C THR EA 39 -40.68 16.32 53.80
N GLY EA 40 -40.62 17.57 53.35
CA GLY EA 40 -41.41 18.66 53.89
C GLY EA 40 -40.68 19.52 54.89
N ASP EA 41 -41.20 20.74 55.11
CA ASP EA 41 -40.66 21.71 56.06
C ASP EA 41 -41.28 21.45 57.43
N GLU EA 42 -40.41 21.15 58.41
CA GLU EA 42 -40.85 20.84 59.77
C GLU EA 42 -40.01 21.58 60.81
N THR EA 43 -40.61 21.81 62.01
CA THR EA 43 -39.94 22.45 63.13
C THR EA 43 -39.62 21.39 64.19
N ILE EA 44 -38.35 21.37 64.63
CA ILE EA 44 -37.81 20.41 65.60
C ILE EA 44 -37.38 21.12 66.87
N ALA EA 45 -37.78 20.56 68.02
CA ALA EA 45 -37.47 21.08 69.35
C ALA EA 45 -36.75 20.03 70.19
N GLY EA 46 -35.84 20.50 71.04
CA GLY EA 46 -35.06 19.63 71.91
C GLY EA 46 -33.62 19.50 71.52
N LYS EA 47 -32.80 19.02 72.47
CA LYS EA 47 -31.35 18.83 72.28
C LYS EA 47 -31.08 17.59 71.44
N LYS EA 48 -30.75 17.80 70.15
CA LYS EA 48 -30.46 16.72 69.21
C LYS EA 48 -28.96 16.49 69.10
N THR EA 49 -28.49 15.32 69.54
CA THR EA 49 -27.07 15.00 69.53
C THR EA 49 -26.78 14.08 68.34
N PHE EA 50 -26.04 14.60 67.34
CA PHE EA 50 -25.66 13.83 66.17
C PHE EA 50 -24.30 13.22 66.39
N THR EA 51 -24.24 11.89 66.60
CA THR EA 51 -22.98 11.17 66.82
C THR EA 51 -22.26 10.88 65.51
N GLY EA 52 -23.04 10.78 64.42
CA GLY EA 52 -22.52 10.55 63.08
C GLY EA 52 -22.11 11.83 62.36
N ASN EA 53 -21.89 11.71 61.04
CA ASN EA 53 -21.50 12.83 60.20
C ASN EA 53 -22.70 13.54 59.57
N VAL EA 54 -22.72 14.88 59.67
CA VAL EA 54 -23.82 15.68 59.15
C VAL EA 54 -23.40 16.39 57.87
N GLU EA 55 -24.22 16.31 56.82
CA GLU EA 55 -23.95 16.97 55.54
C GLU EA 55 -25.11 17.89 55.18
N VAL EA 56 -24.81 19.15 54.87
CA VAL EA 56 -25.80 20.16 54.48
C VAL EA 56 -25.50 20.62 53.05
N ASN EA 57 -26.50 20.49 52.16
CA ASN EA 57 -26.41 20.88 50.74
C ASN EA 57 -26.97 22.28 50.53
N GLY EA 58 -27.91 22.68 51.39
CA GLY EA 58 -28.56 23.99 51.37
C GLY EA 58 -27.77 25.03 52.12
N SER EA 59 -28.49 25.89 52.86
CA SER EA 59 -27.89 26.97 53.63
C SER EA 59 -28.14 26.79 55.12
N LEU EA 60 -27.10 27.01 55.93
CA LEU EA 60 -27.16 26.91 57.38
C LEU EA 60 -27.39 28.28 57.99
N THR EA 61 -28.43 28.40 58.82
CA THR EA 61 -28.79 29.65 59.49
C THR EA 61 -28.53 29.56 60.99
N LEU EA 62 -27.85 30.56 61.54
CA LEU EA 62 -27.50 30.62 62.96
C LEU EA 62 -27.92 31.98 63.54
N PRO EA 63 -28.06 32.12 64.89
CA PRO EA 63 -28.38 33.44 65.47
C PRO EA 63 -27.36 34.54 65.07
N THR EA 64 -27.86 35.64 64.49
CA THR EA 64 -27.05 36.75 64.00
C THR EA 64 -27.42 38.09 64.64
N LYS EA 65 -26.39 38.87 65.01
CA LYS EA 65 -26.52 40.19 65.60
C LYS EA 65 -25.38 41.07 65.11
N SER EA 66 -25.70 42.27 64.60
CA SER EA 66 -24.70 43.20 64.07
C SER EA 66 -24.53 44.45 64.93
N TRP EA 67 -23.30 45.01 64.94
CA TRP EA 67 -22.95 46.22 65.69
C TRP EA 67 -21.85 47.00 64.98
N SER EA 68 -21.96 48.32 64.98
CA SER EA 68 -20.97 49.22 64.37
C SER EA 68 -20.91 50.52 65.17
N GLY EA 69 -19.69 50.99 65.40
CA GLY EA 69 -19.45 52.22 66.15
C GLY EA 69 -17.98 52.61 66.22
N GLU EA 70 -17.72 53.91 66.41
CA GLU EA 70 -16.38 54.48 66.51
C GLU EA 70 -15.80 54.20 67.90
N LEU EA 71 -14.73 53.40 67.96
CA LEU EA 71 -14.06 53.02 69.21
C LEU EA 71 -13.33 54.20 69.87
N GLY EA 72 -12.63 54.99 69.06
CA GLY EA 72 -11.86 56.15 69.52
C GLY EA 72 -10.94 56.72 68.47
N GLY EA 73 -11.12 58.00 68.16
CA GLY EA 73 -10.30 58.72 67.20
C GLY EA 73 -10.49 58.33 65.74
N GLY EA 74 -11.75 58.26 65.31
CA GLY EA 74 -12.12 57.93 63.93
C GLY EA 74 -11.91 56.49 63.50
N ILE EA 75 -11.75 55.57 64.48
CA ILE EA 75 -11.58 54.14 64.21
C ILE EA 75 -12.91 53.41 64.42
N ILE EA 76 -13.57 53.05 63.32
CA ILE EA 76 -14.88 52.38 63.33
C ILE EA 76 -14.70 50.88 63.13
N LEU EA 77 -15.25 50.09 64.07
CA LEU EA 77 -15.21 48.63 64.06
C LEU EA 77 -16.59 48.05 63.80
N SER EA 78 -16.69 47.21 62.76
CA SER EA 78 -17.94 46.54 62.38
C SER EA 78 -17.90 45.09 62.87
N LEU EA 79 -18.83 44.73 63.75
CA LEU EA 79 -18.90 43.40 64.35
C LEU EA 79 -20.19 42.68 63.99
N ARG EA 80 -20.10 41.37 63.77
CA ARG EA 80 -21.24 40.49 63.48
C ARG EA 80 -21.03 39.12 64.10
N LYS EA 81 -21.92 38.75 65.04
CA LYS EA 81 -21.89 37.48 65.77
C LYS EA 81 -22.64 36.38 65.03
N LYS EA 82 -22.02 35.21 64.93
CA LYS EA 82 -22.60 34.02 64.29
C LYS EA 82 -22.39 32.79 65.19
N GLY EA 83 -23.24 32.69 66.21
CA GLY EA 83 -23.18 31.61 67.19
C GLY EA 83 -22.06 31.80 68.20
N THR EA 84 -20.91 31.18 67.95
CA THR EA 84 -19.73 31.21 68.84
C THR EA 84 -18.53 31.94 68.22
N THR EA 85 -18.69 32.49 67.01
CA THR EA 85 -17.64 33.21 66.29
C THR EA 85 -18.13 34.58 65.85
N VAL EA 86 -17.35 35.63 66.16
CA VAL EA 86 -17.68 37.01 65.81
C VAL EA 86 -16.71 37.49 64.71
N GLU EA 87 -17.29 38.02 63.61
CA GLU EA 87 -16.54 38.53 62.46
C GLU EA 87 -16.30 40.02 62.66
N TYR EA 88 -15.02 40.45 62.61
CA TYR EA 88 -14.63 41.84 62.79
C TYR EA 88 -14.16 42.50 61.49
N SER EA 89 -14.36 43.82 61.38
CA SER EA 89 -13.95 44.62 60.23
C SER EA 89 -13.52 46.02 60.70
N ILE EA 90 -12.24 46.35 60.47
CA ILE EA 90 -11.66 47.64 60.86
C ILE EA 90 -11.75 48.62 59.68
N GLY EA 91 -12.31 49.80 59.94
CA GLY EA 91 -12.48 50.84 58.94
C GLY EA 91 -12.34 52.25 59.49
N GLY EA 92 -12.60 53.23 58.64
CA GLY EA 92 -12.51 54.65 58.98
C GLY EA 92 -11.15 55.24 58.73
N GLU EA 93 -10.85 56.37 59.39
CA GLU EA 93 -9.59 57.10 59.28
C GLU EA 93 -9.28 57.79 60.61
N ILE EA 94 -8.02 57.71 61.06
CA ILE EA 94 -7.56 58.32 62.33
C ILE EA 94 -7.56 59.85 62.24
N SER EA 95 -8.40 60.49 63.09
CA SER EA 95 -8.56 61.95 63.16
C SER EA 95 -7.75 62.56 64.30
N SER EA 96 -7.99 62.09 65.55
CA SER EA 96 -7.29 62.57 66.73
C SER EA 96 -6.09 61.69 67.10
N SER EA 97 -5.23 62.16 68.02
CA SER EA 97 -4.05 61.43 68.44
C SER EA 97 -4.38 60.40 69.52
N ILE EA 98 -4.02 59.13 69.23
CA ILE EA 98 -4.20 58.00 70.15
C ILE EA 98 -2.82 57.58 70.65
N LEU EA 99 -2.65 57.63 71.98
CA LEU EA 99 -1.41 57.30 72.68
C LEU EA 99 -1.09 55.79 72.59
N ALA EA 100 0.19 55.43 72.79
CA ALA EA 100 0.65 54.05 72.78
C ALA EA 100 0.19 53.35 74.06
N ASN EA 101 -0.37 52.13 73.93
CA ASN EA 101 -0.91 51.31 75.01
C ASN EA 101 -2.01 52.01 75.84
N SER EA 102 -2.89 52.76 75.14
CA SER EA 102 -3.99 53.52 75.74
C SER EA 102 -5.35 52.97 75.35
N ASN EA 103 -6.34 53.16 76.23
CA ASN EA 103 -7.72 52.72 76.06
C ASN EA 103 -8.53 53.67 75.18
N LEU EA 104 -9.33 53.10 74.27
CA LEU EA 104 -10.24 53.86 73.39
C LEU EA 104 -11.55 54.07 74.15
N VAL EA 105 -11.80 55.30 74.58
CA VAL EA 105 -12.94 55.66 75.44
C VAL EA 105 -14.15 56.35 74.77
N ASN EA 106 -14.22 56.37 73.42
CA ASN EA 106 -15.35 56.98 72.71
C ASN EA 106 -16.61 56.14 72.83
N ARG EA 107 -16.52 54.84 72.50
CA ARG EA 107 -17.61 53.89 72.59
C ARG EA 107 -17.08 52.47 72.83
N SER EA 108 -17.69 51.78 73.81
CA SER EA 108 -17.30 50.44 74.23
C SER EA 108 -18.07 49.34 73.51
N VAL EA 109 -17.45 48.17 73.37
CA VAL EA 109 -18.05 47.00 72.71
C VAL EA 109 -19.09 46.35 73.66
N PRO EA 110 -20.35 46.11 73.18
CA PRO EA 110 -21.38 45.51 74.05
C PRO EA 110 -21.00 44.13 74.57
N ASN EA 111 -21.53 43.77 75.77
CA ASN EA 111 -21.25 42.50 76.45
C ASN EA 111 -21.54 41.23 75.64
N GLU EA 112 -22.56 41.28 74.76
CA GLU EA 112 -22.95 40.15 73.91
C GLU EA 112 -21.92 39.84 72.81
N PHE EA 113 -20.98 40.78 72.56
CA PHE EA 113 -19.89 40.66 71.58
C PHE EA 113 -18.53 40.48 72.27
N CYS EA 114 -18.48 40.71 73.60
CA CYS EA 114 -17.27 40.58 74.40
C CYS EA 114 -16.82 39.12 74.61
N PRO EA 115 -15.56 38.77 74.28
CA PRO EA 115 -15.09 37.39 74.49
C PRO EA 115 -14.69 37.12 75.95
N ARG EA 116 -14.55 35.83 76.33
CA ARG EA 116 -14.15 35.42 77.68
C ARG EA 116 -12.67 35.79 77.94
N ASN EA 117 -11.82 35.51 76.93
CA ASN EA 117 -10.39 35.84 76.97
C ASN EA 117 -10.07 36.99 76.03
N ARG EA 118 -8.94 37.67 76.27
CA ARG EA 118 -8.50 38.80 75.47
C ARG EA 118 -8.10 38.37 74.07
N CYS EA 119 -8.72 39.00 73.05
CA CYS EA 119 -8.45 38.70 71.65
C CYS EA 119 -7.76 39.85 70.94
N SER EA 120 -6.72 39.52 70.15
CA SER EA 120 -5.93 40.49 69.39
C SER EA 120 -6.37 40.54 67.93
N LEU EA 121 -6.70 41.75 67.43
CA LEU EA 121 -7.14 41.91 66.05
C LEU EA 121 -6.04 42.57 65.22
N VAL EA 122 -5.31 41.76 64.44
CA VAL EA 122 -4.20 42.23 63.60
C VAL EA 122 -4.73 43.03 62.41
N GLY EA 123 -4.19 44.24 62.24
CA GLY EA 123 -4.54 45.18 61.18
C GLY EA 123 -3.34 45.76 60.44
N HIS EA 124 -3.60 46.44 59.32
CA HIS EA 124 -2.56 47.07 58.49
C HIS EA 124 -2.92 48.51 58.13
N MET EA 125 -1.92 49.40 58.19
CA MET EA 125 -2.08 50.82 57.88
C MET EA 125 -1.83 51.07 56.40
N VAL EA 126 -2.76 51.80 55.76
CA VAL EA 126 -2.68 52.15 54.34
C VAL EA 126 -1.54 53.15 54.09
N GLY EA 127 -0.64 52.79 53.17
CA GLY EA 127 0.49 53.62 52.79
C GLY EA 127 1.84 52.98 53.05
N GLY EA 128 2.05 52.55 54.30
CA GLY EA 128 3.31 51.92 54.71
C GLY EA 128 3.18 50.46 55.09
N TRP EA 129 4.28 49.88 55.61
CA TRP EA 129 4.38 48.50 56.08
C TRP EA 129 3.95 48.41 57.56
N ASN EA 130 3.27 49.46 58.04
CA ASN EA 130 2.80 49.61 59.40
C ASN EA 130 1.68 48.65 59.79
N ALA EA 131 1.83 48.00 60.96
CA ALA EA 131 0.88 47.04 61.51
C ALA EA 131 0.42 47.45 62.90
N PHE EA 132 -0.79 47.05 63.29
CA PHE EA 132 -1.37 47.36 64.60
C PHE EA 132 -2.30 46.24 65.07
N HIS EA 133 -2.53 46.16 66.39
CA HIS EA 133 -3.45 45.21 66.98
C HIS EA 133 -4.23 45.86 68.12
N ILE EA 134 -5.55 45.59 68.15
CA ILE EA 134 -6.46 46.12 69.17
C ILE EA 134 -6.96 44.96 70.01
N ASP EA 135 -6.73 45.03 71.32
CA ASP EA 135 -7.15 43.97 72.24
C ASP EA 135 -8.57 44.24 72.75
N ILE EA 136 -9.42 43.19 72.72
CA ILE EA 136 -10.79 43.28 73.23
C ILE EA 136 -10.90 42.51 74.56
N PRO EA 137 -10.94 43.22 75.72
CA PRO EA 137 -11.08 42.53 77.00
C PRO EA 137 -12.54 42.15 77.27
N SER EA 138 -12.79 41.47 78.39
CA SER EA 138 -14.15 41.08 78.77
C SER EA 138 -15.02 42.27 79.20
N SER EA 139 -14.37 43.39 79.56
CA SER EA 139 -15.02 44.63 79.99
C SER EA 139 -15.76 45.33 78.85
N GLY EA 140 -15.09 45.51 77.72
CA GLY EA 140 -15.68 46.16 76.56
C GLY EA 140 -14.84 47.28 75.98
N VAL EA 141 -14.06 47.95 76.85
CA VAL EA 141 -13.19 49.08 76.47
C VAL EA 141 -11.96 48.56 75.73
N CYS EA 142 -11.94 48.78 74.40
CA CYS EA 142 -10.86 48.35 73.51
C CYS EA 142 -9.60 49.15 73.77
N GLN EA 143 -8.45 48.47 73.67
CA GLN EA 143 -7.16 49.08 73.93
C GLN EA 143 -6.24 49.04 72.70
N TRP EA 144 -5.76 50.22 72.26
CA TRP EA 144 -4.83 50.38 71.14
C TRP EA 144 -3.43 50.00 71.62
N PHE EA 145 -2.92 48.84 71.15
CA PHE EA 145 -1.63 48.30 71.56
C PHE EA 145 -0.45 48.73 70.69
N GLY EA 146 -0.74 49.45 69.61
CA GLY EA 146 0.28 49.96 68.70
C GLY EA 146 0.95 51.21 69.23
N PRO EA 147 1.83 51.86 68.44
CA PRO EA 147 2.49 53.09 68.92
C PRO EA 147 1.60 54.33 68.79
N THR EA 148 2.10 55.49 69.25
CA THR EA 148 1.36 56.76 69.18
C THR EA 148 1.19 57.20 67.72
N ALA EA 149 -0.05 57.39 67.29
CA ALA EA 149 -0.39 57.81 65.92
C ALA EA 149 -1.51 58.85 65.93
N SER EA 150 -1.48 59.78 64.96
CA SER EA 150 -2.47 60.86 64.82
C SER EA 150 -3.19 60.82 63.47
N SER EA 151 -2.54 60.22 62.45
CA SER EA 151 -3.09 60.10 61.09
C SER EA 151 -2.82 58.73 60.48
N GLY EA 152 -3.69 58.31 59.56
CA GLY EA 152 -3.58 57.04 58.87
C GLY EA 152 -4.90 56.33 58.68
N THR EA 153 -4.93 55.37 57.74
CA THR EA 153 -6.14 54.60 57.45
C THR EA 153 -6.07 53.15 58.02
N PRO EA 154 -6.85 52.84 59.08
CA PRO EA 154 -6.80 51.48 59.64
C PRO EA 154 -7.69 50.50 58.87
N ARG EA 155 -7.14 49.31 58.56
CA ARG EA 155 -7.84 48.26 57.82
C ARG EA 155 -7.52 46.86 58.39
N GLY EA 156 -8.49 45.95 58.36
CA GLY EA 156 -8.33 44.59 58.85
C GLY EA 156 -9.66 43.85 59.00
N THR EA 157 -9.76 42.67 58.39
CA THR EA 157 -10.97 41.82 58.43
C THR EA 157 -10.59 40.37 58.73
N GLY EA 158 -11.34 39.77 59.67
CA GLY EA 158 -11.16 38.39 60.10
C GLY EA 158 -12.25 37.89 61.04
N THR EA 159 -11.91 36.92 61.90
CA THR EA 159 -12.80 36.31 62.88
C THR EA 159 -12.10 36.13 64.22
N TYR EA 160 -12.85 36.21 65.32
CA TYR EA 160 -12.31 36.02 66.67
C TYR EA 160 -13.28 35.20 67.55
N PRO EA 161 -12.77 34.29 68.39
CA PRO EA 161 -13.66 33.50 69.26
C PRO EA 161 -14.28 34.32 70.38
N ILE EA 162 -15.40 33.84 70.93
CA ILE EA 162 -16.12 34.50 72.03
C ILE EA 162 -16.11 33.66 73.34
N ASP EA 163 -15.90 32.34 73.21
CA ASP EA 163 -15.88 31.40 74.33
C ASP EA 163 -14.54 30.66 74.48
N SER EA 164 -14.27 30.12 75.69
CA SER EA 164 -13.06 29.36 75.99
C SER EA 164 -13.21 28.15 76.93
N ALA EA 165 -13.50 28.41 78.23
CA ALA EA 165 -13.65 27.44 79.31
C ALA EA 165 -15.01 27.64 79.95
N ALA FA 2 -40.53 -1.12 67.38
CA ALA FA 2 -41.36 -1.57 68.50
C ALA FA 2 -41.50 -3.09 68.51
N SER FA 3 -41.55 -3.68 69.71
CA SER FA 3 -41.72 -5.12 69.84
C SER FA 3 -43.21 -5.46 69.71
N ILE FA 4 -43.55 -6.20 68.64
CA ILE FA 4 -44.93 -6.59 68.33
C ILE FA 4 -45.11 -8.08 68.21
N LYS FA 5 -46.31 -8.59 68.53
CA LYS FA 5 -46.65 -10.01 68.44
C LYS FA 5 -47.31 -10.31 67.12
N LYS FA 6 -47.11 -11.54 66.61
CA LYS FA 6 -47.69 -11.98 65.35
C LYS FA 6 -49.18 -12.26 65.46
N VAL FA 7 -49.93 -11.88 64.41
CA VAL FA 7 -51.37 -12.07 64.28
C VAL FA 7 -51.64 -13.19 63.25
N TYR FA 8 -52.38 -14.23 63.67
CA TYR FA 8 -52.70 -15.38 62.83
C TYR FA 8 -54.14 -15.85 63.01
N ARG FA 9 -54.63 -16.68 62.09
CA ARG FA 9 -55.98 -17.25 62.16
C ARG FA 9 -56.05 -18.26 63.28
N GLY FA 10 -57.14 -18.20 64.03
CA GLY FA 10 -57.39 -19.09 65.17
C GLY FA 10 -56.54 -18.75 66.38
N MET FA 11 -56.26 -17.47 66.56
CA MET FA 11 -55.43 -16.98 67.64
C MET FA 11 -56.24 -16.68 68.87
N LYS FA 12 -55.77 -17.15 70.03
CA LYS FA 12 -56.46 -16.84 71.27
C LYS FA 12 -56.07 -15.42 71.72
N ASN FA 13 -57.09 -14.61 72.12
CA ASN FA 13 -56.95 -13.19 72.49
C ASN FA 13 -56.45 -12.35 71.33
N GLY FA 14 -57.20 -12.44 70.23
CA GLY FA 14 -56.91 -11.73 68.99
C GLY FA 14 -57.04 -10.22 69.11
N ALA FA 15 -58.20 -9.77 69.57
CA ALA FA 15 -58.50 -8.35 69.74
C ALA FA 15 -57.52 -7.68 70.72
N GLU FA 16 -57.12 -8.43 71.77
CA GLU FA 16 -56.18 -7.99 72.81
C GLU FA 16 -54.78 -7.76 72.22
N THR FA 17 -54.32 -8.70 71.38
CA THR FA 17 -53.02 -8.68 70.72
C THR FA 17 -52.92 -7.48 69.78
N ILE FA 18 -53.95 -7.28 68.95
CA ILE FA 18 -54.00 -6.18 67.98
C ILE FA 18 -53.91 -4.83 68.68
N ASN FA 19 -54.71 -4.66 69.74
CA ASN FA 19 -54.72 -3.43 70.53
C ASN FA 19 -53.36 -3.13 71.14
N ASP FA 20 -52.70 -4.16 71.72
CA ASP FA 20 -51.39 -4.03 72.34
C ASP FA 20 -50.30 -3.70 71.32
N ASP FA 21 -50.46 -4.22 70.09
CA ASP FA 21 -49.54 -3.97 68.98
C ASP FA 21 -49.70 -2.54 68.45
N LEU FA 22 -50.95 -2.08 68.35
CA LEU FA 22 -51.24 -0.74 67.88
C LEU FA 22 -50.77 0.31 68.88
N GLU FA 23 -50.93 0.03 70.18
CA GLU FA 23 -50.52 0.91 71.28
C GLU FA 23 -49.01 1.07 71.35
N ALA FA 24 -48.28 -0.05 71.09
CA ALA FA 24 -46.82 -0.11 71.11
C ALA FA 24 -46.23 0.70 69.97
N ILE FA 25 -46.90 0.65 68.81
CA ILE FA 25 -46.51 1.39 67.61
C ILE FA 25 -46.80 2.88 67.79
N ASN FA 26 -48.01 3.22 68.28
CA ASN FA 26 -48.42 4.60 68.51
C ASN FA 26 -47.56 5.32 69.57
N SER FA 27 -47.02 4.55 70.53
CA SER FA 27 -46.14 5.05 71.58
C SER FA 27 -44.83 5.58 71.00
N GLU FA 28 -44.31 4.87 69.99
CA GLU FA 28 -43.09 5.23 69.29
C GLU FA 28 -43.28 6.44 68.37
N LEU FA 29 -44.54 6.73 67.98
CA LEU FA 29 -44.85 7.88 67.12
C LEU FA 29 -44.76 9.23 67.86
N THR FA 30 -44.86 9.17 69.21
CA THR FA 30 -44.81 10.35 70.07
C THR FA 30 -43.46 10.48 70.79
N SER FA 31 -42.94 9.37 71.36
CA SER FA 31 -41.69 9.37 72.12
C SER FA 31 -40.93 8.05 72.07
N GLY FA 32 -39.60 8.18 72.01
CA GLY FA 32 -38.65 7.08 72.04
C GLY FA 32 -38.56 6.22 70.81
N GLY FA 33 -38.07 4.98 71.00
CA GLY FA 33 -37.87 4.05 69.89
C GLY FA 33 -36.63 4.43 69.10
N ASN FA 34 -36.60 4.03 67.82
CA ASN FA 34 -35.47 4.32 66.94
C ASN FA 34 -35.86 5.33 65.86
N VAL FA 35 -36.62 6.35 66.27
CA VAL FA 35 -37.14 7.40 65.40
C VAL FA 35 -36.95 8.81 65.97
N VAL FA 36 -36.51 9.74 65.12
CA VAL FA 36 -36.30 11.14 65.47
C VAL FA 36 -37.65 11.85 65.56
N HIS FA 37 -37.88 12.55 66.69
CA HIS FA 37 -39.11 13.27 67.01
C HIS FA 37 -38.96 14.79 66.94
N LYS FA 38 -40.10 15.50 66.82
CA LYS FA 38 -40.16 16.96 66.78
C LYS FA 38 -40.01 17.57 68.19
N THR FA 39 -40.12 16.72 69.23
CA THR FA 39 -40.00 17.13 70.63
C THR FA 39 -39.17 16.14 71.43
N GLY FA 40 -38.38 16.69 72.35
CA GLY FA 40 -37.53 15.92 73.25
C GLY FA 40 -36.08 15.84 72.86
N ASP FA 41 -35.23 15.50 73.84
CA ASP FA 41 -33.79 15.36 73.68
C ASP FA 41 -33.48 13.91 73.24
N GLU FA 42 -32.92 13.79 72.02
CA GLU FA 42 -32.59 12.50 71.42
C GLU FA 42 -31.19 12.47 70.85
N THR FA 43 -30.61 11.25 70.79
CA THR FA 43 -29.27 11.01 70.22
C THR FA 43 -29.44 10.33 68.84
N ILE FA 44 -28.82 10.94 67.79
CA ILE FA 44 -28.89 10.48 66.39
C ILE FA 44 -27.55 9.99 65.84
N ALA FA 45 -27.54 8.78 65.24
CA ALA FA 45 -26.36 8.14 64.67
C ALA FA 45 -26.54 7.89 63.18
N GLY FA 46 -25.44 7.94 62.44
CA GLY FA 46 -25.43 7.72 61.00
C GLY FA 46 -25.22 8.99 60.19
N LYS FA 47 -24.77 8.80 58.93
CA LYS FA 47 -24.50 9.89 58.00
C LYS FA 47 -25.80 10.48 57.44
N LYS FA 48 -26.19 11.65 57.98
CA LYS FA 48 -27.42 12.36 57.60
C LYS FA 48 -27.15 13.46 56.59
N THR FA 49 -27.80 13.39 55.42
CA THR FA 49 -27.63 14.36 54.34
C THR FA 49 -28.85 15.25 54.21
N PHE FA 50 -28.70 16.52 54.54
CA PHE FA 50 -29.77 17.51 54.45
C PHE FA 50 -29.66 18.26 53.13
N THR FA 51 -30.53 17.92 52.16
CA THR FA 51 -30.54 18.55 50.84
C THR FA 51 -31.17 19.95 50.89
N GLY FA 52 -32.12 20.14 51.81
CA GLY FA 52 -32.79 21.42 52.02
C GLY FA 52 -32.01 22.36 52.92
N ASN FA 53 -32.59 23.52 53.22
CA ASN FA 53 -31.98 24.54 54.08
C ASN FA 53 -32.24 24.25 55.57
N VAL FA 54 -31.19 24.34 56.39
CA VAL FA 54 -31.25 24.06 57.82
C VAL FA 54 -31.16 25.36 58.61
N GLU FA 55 -32.04 25.54 59.59
CA GLU FA 55 -32.06 26.71 60.45
C GLU FA 55 -31.89 26.28 61.92
N VAL FA 56 -30.96 26.93 62.63
CA VAL FA 56 -30.68 26.67 64.04
C VAL FA 56 -30.98 27.95 64.84
N ASN FA 57 -31.88 27.83 65.81
CA ASN FA 57 -32.31 28.92 66.68
C ASN FA 57 -31.52 28.92 67.98
N GLY FA 58 -31.13 27.72 68.43
CA GLY FA 58 -30.35 27.53 69.63
C GLY FA 58 -28.85 27.66 69.41
N SER FA 59 -28.08 26.74 70.00
CA SER FA 59 -26.62 26.73 69.91
C SER FA 59 -26.12 25.49 69.19
N LEU FA 60 -25.17 25.67 68.25
CA LEU FA 60 -24.57 24.58 67.51
C LEU FA 60 -23.24 24.21 68.18
N THR FA 61 -23.16 22.98 68.68
CA THR FA 61 -21.98 22.45 69.36
C THR FA 61 -21.18 21.56 68.41
N LEU FA 62 -19.87 21.79 68.36
CA LEU FA 62 -18.95 21.01 67.52
C LEU FA 62 -17.85 20.40 68.39
N PRO FA 63 -17.14 19.32 67.95
CA PRO FA 63 -16.09 18.73 68.80
C PRO FA 63 -14.99 19.74 69.11
N THR FA 64 -14.71 19.93 70.41
CA THR FA 64 -13.71 20.89 70.87
C THR FA 64 -12.55 20.22 71.57
N LYS FA 65 -11.33 20.63 71.17
CA LYS FA 65 -10.09 20.16 71.75
C LYS FA 65 -9.15 21.35 71.90
N SER FA 66 -8.59 21.53 73.11
CA SER FA 66 -7.71 22.65 73.40
C SER FA 66 -6.28 22.22 73.71
N TRP FA 67 -5.32 23.08 73.32
CA TRP FA 67 -3.89 22.88 73.53
C TRP FA 67 -3.16 24.22 73.59
N SER FA 68 -2.20 24.33 74.51
CA SER FA 68 -1.38 25.53 74.71
C SER FA 68 0.03 25.13 75.13
N GLY FA 69 1.02 25.81 74.58
CA GLY FA 69 2.41 25.55 74.90
C GLY FA 69 3.37 26.56 74.32
N GLU FA 70 4.53 26.74 74.98
CA GLU FA 70 5.60 27.66 74.54
C GLU FA 70 6.36 27.00 73.39
N LEU FA 71 6.07 27.44 72.15
CA LEU FA 71 6.69 26.93 70.92
C LEU FA 71 8.21 27.09 70.90
N GLY FA 72 8.70 28.22 71.39
CA GLY FA 72 10.13 28.52 71.45
C GLY FA 72 10.44 29.98 71.65
N GLY FA 73 11.42 30.26 72.50
CA GLY FA 73 11.88 31.61 72.79
C GLY FA 73 10.97 32.45 73.67
N GLY FA 74 9.88 31.83 74.15
CA GLY FA 74 8.91 32.48 75.03
C GLY FA 74 7.58 32.81 74.36
N ILE FA 75 7.35 32.26 73.14
CA ILE FA 75 6.11 32.47 72.40
C ILE FA 75 5.15 31.32 72.66
N ILE FA 76 4.03 31.64 73.33
CA ILE FA 76 3.00 30.67 73.71
C ILE FA 76 1.83 30.78 72.73
N LEU FA 77 1.50 29.65 72.10
CA LEU FA 77 0.39 29.58 71.16
C LEU FA 77 -0.76 28.79 71.78
N SER FA 78 -1.95 29.42 71.84
CA SER FA 78 -3.16 28.81 72.37
C SER FA 78 -4.06 28.38 71.20
N LEU FA 79 -4.28 27.07 71.09
CA LEU FA 79 -5.08 26.49 70.01
C LEU FA 79 -6.37 25.89 70.55
N ARG FA 80 -7.45 26.04 69.79
CA ARG FA 80 -8.76 25.51 70.14
C ARG FA 80 -9.44 25.08 68.85
N LYS FA 81 -9.52 23.76 68.64
CA LYS FA 81 -10.10 23.14 67.46
C LYS FA 81 -11.62 23.06 67.58
N LYS FA 82 -12.32 23.46 66.50
CA LYS FA 82 -13.78 23.42 66.39
C LYS FA 82 -14.21 22.91 65.01
N GLY FA 83 -14.41 21.60 64.94
CA GLY FA 83 -14.81 20.94 63.71
C GLY FA 83 -13.65 20.79 62.76
N THR FA 84 -13.64 21.60 61.70
CA THR FA 84 -12.60 21.62 60.67
C THR FA 84 -11.84 22.96 60.64
N THR FA 85 -12.01 23.79 61.69
CA THR FA 85 -11.36 25.10 61.83
C THR FA 85 -10.69 25.23 63.22
N VAL FA 86 -9.40 25.62 63.24
CA VAL FA 86 -8.64 25.77 64.48
C VAL FA 86 -8.45 27.26 64.75
N GLU FA 87 -8.83 27.71 65.97
CA GLU FA 87 -8.73 29.11 66.43
C GLU FA 87 -7.41 29.22 67.14
N TYR FA 88 -6.52 30.10 66.63
CA TYR FA 88 -5.20 30.34 67.20
C TYR FA 88 -5.15 31.63 68.00
N SER FA 89 -4.28 31.68 69.01
CA SER FA 89 -4.06 32.85 69.87
C SER FA 89 -2.59 32.94 70.28
N ILE FA 90 -1.91 33.98 69.78
CA ILE FA 90 -0.49 34.21 70.04
C ILE FA 90 -0.35 35.09 71.28
N GLY FA 91 0.51 34.65 72.19
CA GLY FA 91 0.79 35.34 73.43
C GLY FA 91 2.14 35.04 74.02
N GLY FA 92 2.43 35.70 75.12
CA GLY FA 92 3.68 35.52 75.86
C GLY FA 92 4.62 36.70 75.73
N GLU FA 93 5.92 36.42 75.88
CA GLU FA 93 6.99 37.42 75.83
C GLU FA 93 8.27 36.75 75.36
N ILE FA 94 8.95 37.37 74.38
CA ILE FA 94 10.21 36.85 73.84
C ILE FA 94 11.34 37.04 74.87
N SER FA 95 11.90 35.92 75.33
CA SER FA 95 12.97 35.87 76.33
C SER FA 95 14.36 35.71 75.69
N SER FA 96 14.54 34.67 74.85
CA SER FA 96 15.79 34.38 74.15
C SER FA 96 15.77 34.86 72.69
N SER FA 97 16.95 35.11 72.11
CA SER FA 97 17.11 35.57 70.73
C SER FA 97 16.72 34.49 69.73
N ILE FA 98 15.72 34.81 68.89
CA ILE FA 98 15.21 33.92 67.84
C ILE FA 98 15.70 34.44 66.48
N LEU FA 99 16.40 33.56 65.74
CA LEU FA 99 16.96 33.87 64.42
C LEU FA 99 15.87 33.98 63.36
N ALA FA 100 16.16 34.70 62.26
CA ALA FA 100 15.23 34.86 61.14
C ALA FA 100 15.16 33.55 60.34
N ASN FA 101 13.94 33.12 59.99
CA ASN FA 101 13.64 31.88 59.26
C ASN FA 101 14.16 30.62 59.97
N SER FA 102 14.00 30.58 61.30
CA SER FA 102 14.46 29.49 62.17
C SER FA 102 13.31 28.70 62.78
N ASN FA 103 13.56 27.42 63.10
CA ASN FA 103 12.59 26.50 63.68
C ASN FA 103 12.49 26.66 65.20
N LEU FA 104 11.26 26.53 65.73
CA LEU FA 104 10.96 26.60 67.15
C LEU FA 104 10.87 25.15 67.65
N VAL FA 105 11.88 24.74 68.44
CA VAL FA 105 12.04 23.36 68.91
C VAL FA 105 11.71 23.09 70.39
N ASN FA 106 11.20 24.10 71.13
CA ASN FA 106 10.86 23.94 72.55
C ASN FA 106 9.64 23.05 72.75
N ARG FA 107 8.59 23.29 71.94
CA ARG FA 107 7.34 22.54 71.97
C ARG FA 107 6.76 22.44 70.54
N SER FA 108 6.39 21.21 70.15
CA SER FA 108 5.84 20.93 68.81
C SER FA 108 4.31 20.84 68.85
N VAL FA 109 3.66 21.28 67.75
CA VAL FA 109 2.21 21.27 67.62
C VAL FA 109 1.70 19.82 67.43
N PRO FA 110 0.74 19.33 68.27
CA PRO FA 110 0.23 17.95 68.12
C PRO FA 110 -0.40 17.69 66.76
N ASN FA 111 -0.30 16.43 66.29
CA ASN FA 111 -0.78 15.98 64.98
C ASN FA 111 -2.27 16.25 64.70
N GLU FA 112 -3.11 16.25 65.74
CA GLU FA 112 -4.55 16.51 65.64
C GLU FA 112 -4.88 17.99 65.35
N PHE FA 113 -3.88 18.88 65.52
CA PHE FA 113 -3.98 20.32 65.27
C PHE FA 113 -3.23 20.73 64.00
N CYS FA 114 -2.37 19.82 63.48
CA CYS FA 114 -1.56 20.03 62.27
C CYS FA 114 -2.41 20.10 60.99
N PRO FA 115 -2.29 21.18 60.19
CA PRO FA 115 -3.07 21.26 58.94
C PRO FA 115 -2.44 20.49 57.78
N ARG FA 116 -3.22 20.19 56.72
CA ARG FA 116 -2.70 19.50 55.55
C ARG FA 116 -1.80 20.46 54.73
N ASN FA 117 -2.25 21.72 54.57
CA ASN FA 117 -1.51 22.78 53.86
C ASN FA 117 -0.80 23.72 54.85
N ARG FA 118 0.33 24.32 54.42
CA ARG FA 118 1.11 25.24 55.26
C ARG FA 118 0.37 26.57 55.47
N CYS FA 119 -0.02 26.85 56.73
CA CYS FA 119 -0.76 28.06 57.11
C CYS FA 119 0.10 29.08 57.80
N SER FA 120 -0.13 30.37 57.46
CA SER FA 120 0.60 31.52 57.99
C SER FA 120 -0.23 32.28 59.02
N LEU FA 121 0.31 32.47 60.22
CA LEU FA 121 -0.42 33.19 61.28
C LEU FA 121 0.13 34.59 61.45
N VAL FA 122 -0.56 35.57 60.86
CA VAL FA 122 -0.17 36.98 60.93
C VAL FA 122 -0.39 37.54 62.35
N GLY FA 123 0.67 38.13 62.91
CA GLY FA 123 0.68 38.71 64.24
C GLY FA 123 1.25 40.12 64.28
N HIS FA 124 1.14 40.78 65.44
CA HIS FA 124 1.64 42.14 65.67
C HIS FA 124 2.43 42.25 66.97
N MET FA 125 3.54 43.00 66.92
CA MET FA 125 4.44 43.22 68.05
C MET FA 125 4.04 44.49 68.80
N VAL FA 126 3.85 44.36 70.13
CA VAL FA 126 3.47 45.48 71.00
C VAL FA 126 4.64 46.44 71.16
N GLY FA 127 4.40 47.70 70.82
CA GLY FA 127 5.41 48.75 70.92
C GLY FA 127 5.50 49.63 69.69
N GLY FA 128 5.64 48.98 68.53
CA GLY FA 128 5.77 49.68 67.25
C GLY FA 128 4.83 49.15 66.19
N TRP FA 129 5.17 49.43 64.91
CA TRP FA 129 4.43 49.00 63.73
C TRP FA 129 4.97 47.66 63.20
N ASN FA 130 5.63 46.89 64.07
CA ASN FA 130 6.25 45.63 63.73
C ASN FA 130 5.26 44.47 63.55
N ALA FA 131 5.44 43.69 62.46
CA ALA FA 131 4.60 42.54 62.11
C ALA FA 131 5.39 41.26 61.95
N PHE FA 132 4.77 40.11 62.21
CA PHE FA 132 5.39 38.79 62.11
C PHE FA 132 4.39 37.71 61.70
N HIS FA 133 4.88 36.58 61.18
CA HIS FA 133 4.04 35.44 60.83
C HIS FA 133 4.74 34.13 61.15
N ILE FA 134 4.00 33.17 61.71
CA ILE FA 134 4.52 31.85 62.06
C ILE FA 134 3.86 30.80 61.19
N ASP FA 135 4.66 30.00 60.51
CA ASP FA 135 4.15 28.95 59.63
C ASP FA 135 4.00 27.61 60.34
N ILE FA 136 2.86 26.93 60.11
CA ILE FA 136 2.59 25.61 60.70
C ILE FA 136 2.60 24.56 59.59
N PRO FA 137 3.62 23.67 59.53
CA PRO FA 137 3.63 22.63 58.49
C PRO FA 137 2.84 21.40 58.90
N SER FA 138 2.85 20.35 58.06
CA SER FA 138 2.15 19.10 58.33
C SER FA 138 2.85 18.30 59.45
N SER FA 139 4.16 18.55 59.65
CA SER FA 139 4.99 17.88 60.66
C SER FA 139 4.64 18.36 62.07
N GLY FA 140 4.64 19.67 62.27
CA GLY FA 140 4.32 20.29 63.56
C GLY FA 140 5.35 21.28 64.06
N VAL FA 141 6.58 21.23 63.51
CA VAL FA 141 7.67 22.12 63.91
C VAL FA 141 7.48 23.50 63.27
N CYS FA 142 7.00 24.48 64.09
CA CYS FA 142 6.73 25.85 63.68
C CYS FA 142 7.99 26.61 63.34
N GLN FA 143 7.88 27.58 62.43
CA GLN FA 143 9.01 28.40 61.99
C GLN FA 143 8.74 29.89 62.12
N TRP FA 144 9.70 30.62 62.69
CA TRP FA 144 9.62 32.08 62.85
C TRP FA 144 10.08 32.72 61.55
N PHE FA 145 9.11 33.19 60.74
CA PHE FA 145 9.38 33.79 59.43
C PHE FA 145 9.65 35.29 59.44
N GLY FA 146 9.68 35.88 60.64
CA GLY FA 146 10.02 37.28 60.83
C GLY FA 146 11.52 37.50 60.94
N PRO FA 147 11.99 38.74 61.23
CA PRO FA 147 13.44 38.96 61.36
C PRO FA 147 14.00 38.54 62.72
N THR FA 148 15.32 38.61 62.90
CA THR FA 148 15.98 38.25 64.16
C THR FA 148 15.55 39.20 65.28
N ALA FA 149 14.87 38.65 66.31
CA ALA FA 149 14.37 39.40 67.47
C ALA FA 149 14.79 38.73 68.79
N SER FA 150 15.09 39.54 69.80
CA SER FA 150 15.53 39.08 71.13
C SER FA 150 14.52 39.39 72.23
N SER FA 151 13.75 40.48 72.06
CA SER FA 151 12.74 40.93 73.02
C SER FA 151 11.52 41.51 72.29
N GLY FA 152 10.36 41.40 72.93
CA GLY FA 152 9.10 41.92 72.41
C GLY FA 152 7.89 41.11 72.83
N THR FA 153 6.68 41.68 72.61
CA THR FA 153 5.43 41.02 72.99
C THR FA 153 4.66 40.53 71.73
N PRO FA 154 4.56 39.19 71.52
CA PRO FA 154 3.83 38.69 70.35
C PRO FA 154 2.33 38.56 70.61
N ARG FA 155 1.50 39.11 69.71
CA ARG FA 155 0.03 39.06 69.82
C ARG FA 155 -0.63 38.79 68.46
N GLY FA 156 -1.76 38.09 68.47
CA GLY FA 156 -2.50 37.76 67.26
C GLY FA 156 -3.52 36.65 67.49
N THR FA 157 -4.79 36.93 67.12
CA THR FA 157 -5.91 35.98 67.27
C THR FA 157 -6.72 35.89 65.98
N GLY FA 158 -7.01 34.67 65.56
CA GLY FA 158 -7.76 34.38 64.34
C GLY FA 158 -8.11 32.92 64.19
N THR FA 159 -8.29 32.48 62.92
CA THR FA 159 -8.64 31.11 62.56
C THR FA 159 -7.81 30.63 61.39
N TYR FA 160 -7.58 29.31 61.30
CA TYR FA 160 -6.85 28.70 60.19
C TYR FA 160 -7.43 27.34 59.80
N PRO FA 161 -7.54 27.01 58.49
CA PRO FA 161 -8.09 25.71 58.10
C PRO FA 161 -7.14 24.54 58.41
N ILE FA 162 -7.72 23.34 58.60
CA ILE FA 162 -6.97 22.11 58.89
C ILE FA 162 -6.96 21.13 57.69
N ASP FA 163 -7.99 21.23 56.82
CA ASP FA 163 -8.15 20.41 55.62
C ASP FA 163 -8.04 21.22 54.32
N SER FA 164 -7.53 20.60 53.25
CA SER FA 164 -7.39 21.26 51.96
C SER FA 164 -7.86 20.35 50.79
N ALA FA 165 -7.06 19.32 50.46
CA ALA FA 165 -7.33 18.35 49.39
C ALA FA 165 -7.94 17.07 49.94
N ALA GA 2 -45.95 3.76 54.61
CA ALA GA 2 -45.94 2.32 54.35
C ALA GA 2 -47.11 1.90 53.49
N SER GA 3 -46.87 0.96 52.58
CA SER GA 3 -47.91 0.45 51.70
C SER GA 3 -48.79 -0.54 52.46
N ILE GA 4 -49.99 -0.08 52.88
CA ILE GA 4 -50.91 -0.90 53.66
C ILE GA 4 -52.19 -1.23 52.90
N LYS GA 5 -52.77 -2.40 53.17
CA LYS GA 5 -54.01 -2.84 52.54
C LYS GA 5 -55.22 -2.47 53.39
N LYS GA 6 -56.36 -2.24 52.72
CA LYS GA 6 -57.61 -1.87 53.39
C LYS GA 6 -58.23 -3.08 54.10
N VAL GA 7 -58.65 -2.86 55.35
CA VAL GA 7 -59.32 -3.85 56.20
C VAL GA 7 -60.84 -3.57 56.21
N TYR GA 8 -61.65 -4.56 55.79
CA TYR GA 8 -63.10 -4.43 55.73
C TYR GA 8 -63.81 -5.64 56.31
N ARG GA 9 -65.13 -5.53 56.55
CA ARG GA 9 -65.96 -6.61 57.08
C ARG GA 9 -66.18 -7.69 56.00
N GLY GA 10 -66.04 -8.94 56.39
CA GLY GA 10 -66.18 -10.10 55.51
C GLY GA 10 -65.05 -10.21 54.52
N MET GA 11 -63.83 -9.99 55.01
CA MET GA 11 -62.62 -10.00 54.22
C MET GA 11 -61.97 -11.37 54.20
N LYS GA 12 -61.48 -11.74 53.01
CA LYS GA 12 -60.78 -13.00 52.76
C LYS GA 12 -59.35 -12.90 53.32
N ASN GA 13 -59.04 -13.85 54.24
CA ASN GA 13 -57.77 -13.93 54.97
C ASN GA 13 -57.45 -12.60 55.67
N GLY GA 14 -58.25 -12.30 56.68
CA GLY GA 14 -58.18 -11.07 57.47
C GLY GA 14 -57.02 -11.02 58.43
N ALA GA 15 -56.74 -12.13 59.11
CA ALA GA 15 -55.65 -12.26 60.09
C ALA GA 15 -54.29 -11.94 59.48
N GLU GA 16 -54.07 -12.44 58.24
CA GLU GA 16 -52.83 -12.24 57.49
C GLU GA 16 -52.67 -10.78 57.08
N THR GA 17 -53.75 -10.14 56.62
CA THR GA 17 -53.76 -8.74 56.16
C THR GA 17 -53.37 -7.79 57.29
N ILE GA 18 -53.97 -7.96 58.49
CA ILE GA 18 -53.66 -7.13 59.66
C ILE GA 18 -52.20 -7.28 60.06
N ASN GA 19 -51.73 -8.53 60.15
CA ASN GA 19 -50.36 -8.83 60.51
C ASN GA 19 -49.35 -8.22 59.55
N ASP GA 20 -49.63 -8.33 58.23
CA ASP GA 20 -48.77 -7.79 57.19
C ASP GA 20 -48.74 -6.27 57.21
N ASP GA 21 -49.88 -5.65 57.59
CA ASP GA 21 -50.00 -4.20 57.69
C ASP GA 21 -49.22 -3.69 58.90
N LEU GA 22 -49.30 -4.42 60.03
CA LEU GA 22 -48.61 -4.07 61.26
C LEU GA 22 -47.09 -4.22 61.11
N GLU GA 23 -46.67 -5.28 60.40
CA GLU GA 23 -45.26 -5.56 60.16
C GLU GA 23 -44.63 -4.53 59.22
N ALA GA 24 -45.42 -4.05 58.23
CA ALA GA 24 -45.00 -3.04 57.26
C ALA GA 24 -44.80 -1.70 57.93
N ILE GA 25 -45.67 -1.37 58.89
CA ILE GA 25 -45.62 -0.14 59.67
C ILE GA 25 -44.45 -0.20 60.63
N ASN GA 26 -44.30 -1.33 61.35
CA ASN GA 26 -43.22 -1.53 62.32
C ASN GA 26 -41.82 -1.52 61.68
N SER GA 27 -41.73 -1.98 60.41
CA SER GA 27 -40.48 -1.98 59.64
C SER GA 27 -40.02 -0.57 59.36
N GLU GA 28 -40.97 0.34 59.08
CA GLU GA 28 -40.70 1.75 58.82
C GLU GA 28 -40.35 2.51 60.09
N LEU GA 29 -40.65 1.95 61.26
CA LEU GA 29 -40.34 2.56 62.55
C LEU GA 29 -38.87 2.36 62.92
N THR GA 30 -38.22 1.38 62.29
CA THR GA 30 -36.82 1.03 62.55
C THR GA 30 -35.88 1.46 61.41
N SER GA 31 -36.27 1.20 60.14
CA SER GA 31 -35.46 1.52 58.97
C SER GA 31 -36.28 1.87 57.74
N GLY GA 32 -35.74 2.76 56.92
CA GLY GA 32 -36.36 3.16 55.66
C GLY GA 32 -37.57 4.05 55.77
N GLY GA 33 -38.45 3.95 54.78
CA GLY GA 33 -39.67 4.74 54.72
C GLY GA 33 -39.42 6.21 54.43
N ASN GA 34 -40.32 7.07 54.91
CA ASN GA 34 -40.23 8.53 54.73
C ASN GA 34 -39.86 9.23 56.03
N VAL GA 35 -39.70 8.44 57.11
CA VAL GA 35 -39.37 8.95 58.43
C VAL GA 35 -37.86 8.89 58.74
N VAL GA 36 -37.37 9.90 59.51
CA VAL GA 36 -35.95 10.00 59.92
C VAL GA 36 -35.73 9.15 61.18
N HIS GA 37 -34.72 8.27 61.15
CA HIS GA 37 -34.38 7.35 62.24
C HIS GA 37 -33.15 7.76 63.03
N LYS GA 38 -32.99 7.17 64.22
CA LYS GA 38 -31.86 7.41 65.11
C LYS GA 38 -30.61 6.65 64.64
N THR GA 39 -30.78 5.66 63.73
CA THR GA 39 -29.67 4.88 63.18
C THR GA 39 -29.79 4.72 61.68
N GLY GA 40 -28.63 4.72 61.01
CA GLY GA 40 -28.52 4.54 59.57
C GLY GA 40 -28.31 5.81 58.78
N ASP GA 41 -27.72 5.66 57.57
CA ASP GA 41 -27.46 6.75 56.65
C ASP GA 41 -28.72 7.08 55.87
N GLU GA 42 -29.23 8.31 56.04
CA GLU GA 42 -30.47 8.78 55.42
C GLU GA 42 -30.33 10.15 54.78
N THR GA 43 -31.17 10.43 53.77
CA THR GA 43 -31.23 11.72 53.08
C THR GA 43 -32.52 12.46 53.45
N ILE GA 44 -32.39 13.70 53.92
CA ILE GA 44 -33.49 14.54 54.38
C ILE GA 44 -33.64 15.77 53.49
N ALA GA 45 -34.88 16.06 53.08
CA ALA GA 45 -35.22 17.19 52.24
C ALA GA 45 -36.26 18.06 52.92
N GLY GA 46 -36.15 19.37 52.72
CA GLY GA 46 -37.07 20.34 53.28
C GLY GA 46 -36.42 21.29 54.25
N LYS GA 47 -37.07 22.43 54.50
CA LYS GA 47 -36.60 23.46 55.42
C LYS GA 47 -36.82 23.02 56.88
N LYS GA 48 -35.74 22.53 57.52
CA LYS GA 48 -35.79 22.04 58.90
C LYS GA 48 -35.31 23.12 59.88
N THR GA 49 -36.21 23.53 60.81
CA THR GA 49 -35.92 24.56 61.81
C THR GA 49 -35.74 23.94 63.18
N PHE GA 50 -34.53 24.03 63.73
CA PHE GA 50 -34.20 23.49 65.04
C PHE GA 50 -34.26 24.60 66.08
N THR GA 51 -35.31 24.58 66.93
CA THR GA 51 -35.51 25.58 67.99
C THR GA 51 -34.60 25.30 69.19
N GLY GA 52 -34.26 24.02 69.36
CA GLY GA 52 -33.39 23.56 70.44
C GLY GA 52 -31.91 23.72 70.14
N ASN GA 53 -31.07 23.07 70.94
CA ASN GA 53 -29.62 23.10 70.79
C ASN GA 53 -29.12 21.88 70.03
N VAL GA 54 -28.44 22.12 68.91
CA VAL GA 54 -27.90 21.06 68.05
C VAL GA 54 -26.47 20.73 68.47
N GLU GA 55 -26.17 19.45 68.64
CA GLU GA 55 -24.84 18.99 69.01
C GLU GA 55 -24.35 18.01 67.94
N VAL GA 56 -23.15 18.25 67.39
CA VAL GA 56 -22.53 17.39 66.38
C VAL GA 56 -21.25 16.80 66.96
N ASN GA 57 -21.09 15.48 66.86
CA ASN GA 57 -19.92 14.75 67.35
C ASN GA 57 -19.01 14.32 66.20
N GLY GA 58 -19.59 14.15 65.02
CA GLY GA 58 -18.85 13.75 63.83
C GLY GA 58 -18.30 14.95 63.09
N SER GA 59 -18.53 15.00 61.76
CA SER GA 59 -18.06 16.07 60.89
C SER GA 59 -19.22 16.77 60.20
N LEU GA 60 -19.17 18.12 60.17
CA LEU GA 60 -20.18 18.94 59.51
C LEU GA 60 -19.68 19.34 58.12
N THR GA 61 -20.45 18.98 57.09
CA THR GA 61 -20.10 19.25 55.70
C THR GA 61 -21.03 20.33 55.13
N LEU GA 62 -20.43 21.34 54.50
CA LEU GA 62 -21.13 22.45 53.88
C LEU GA 62 -20.73 22.56 52.40
N PRO GA 63 -21.51 23.21 51.50
CA PRO GA 63 -21.09 23.32 50.09
C PRO GA 63 -19.70 23.98 49.93
N THR GA 64 -18.75 23.25 49.33
CA THR GA 64 -17.35 23.67 49.17
C THR GA 64 -16.95 23.87 47.71
N LYS GA 65 -16.21 24.96 47.45
CA LYS GA 65 -15.69 25.32 46.14
C LYS GA 65 -14.30 25.92 46.32
N SER GA 66 -13.32 25.43 45.56
CA SER GA 66 -11.93 25.89 45.65
C SER GA 66 -11.49 26.70 44.42
N TRP GA 67 -10.61 27.68 44.64
CA TRP GA 67 -10.06 28.54 43.59
C TRP GA 67 -8.66 29.01 43.94
N SER GA 68 -7.76 29.06 42.94
CA SER GA 68 -6.38 29.52 43.10
C SER GA 68 -5.90 30.18 41.82
N GLY GA 69 -5.23 31.32 41.96
CA GLY GA 69 -4.70 32.08 40.84
C GLY GA 69 -3.87 33.28 41.24
N GLU GA 70 -2.94 33.68 40.34
CA GLU GA 70 -2.03 34.81 40.53
C GLU GA 70 -2.78 36.11 40.28
N LEU GA 71 -3.08 36.87 41.36
CA LEU GA 71 -3.82 38.13 41.31
C LEU GA 71 -3.11 39.24 40.53
N GLY GA 72 -1.79 39.34 40.72
CA GLY GA 72 -0.96 40.34 40.06
C GLY GA 72 0.38 40.54 40.72
N GLY GA 73 1.43 40.61 39.91
CA GLY GA 73 2.79 40.83 40.37
C GLY GA 73 3.52 39.61 40.89
N GLY GA 74 2.82 38.47 40.91
CA GLY GA 74 3.37 37.21 41.39
C GLY GA 74 2.76 36.72 42.69
N ILE GA 75 1.68 37.37 43.13
CA ILE GA 75 0.98 37.01 44.37
C ILE GA 75 -0.18 36.06 44.05
N ILE GA 76 -0.07 34.81 44.55
CA ILE GA 76 -1.08 33.77 44.33
C ILE GA 76 -1.95 33.64 45.58
N LEU GA 77 -3.27 33.79 45.41
CA LEU GA 77 -4.25 33.67 46.49
C LEU GA 77 -5.06 32.39 46.33
N SER GA 78 -5.10 31.59 47.41
CA SER GA 78 -5.84 30.34 47.46
C SER GA 78 -7.12 30.53 48.27
N LEU GA 79 -8.26 30.41 47.59
CA LEU GA 79 -9.58 30.58 48.21
C LEU GA 79 -10.37 29.29 48.26
N ARG GA 80 -11.10 29.08 49.38
CA ARG GA 80 -11.96 27.91 49.60
C ARG GA 80 -13.11 28.31 50.52
N LYS GA 81 -14.34 28.39 49.96
CA LYS GA 81 -15.52 28.79 50.71
C LYS GA 81 -16.28 27.59 51.30
N LYS GA 82 -16.75 27.75 52.54
CA LYS GA 82 -17.51 26.76 53.28
C LYS GA 82 -18.75 27.44 53.83
N GLY GA 83 -19.79 27.42 53.01
CA GLY GA 83 -21.08 28.00 53.33
C GLY GA 83 -21.11 29.50 53.15
N THR GA 84 -21.04 30.22 54.26
CA THR GA 84 -21.09 31.69 54.31
C THR GA 84 -19.74 32.31 54.72
N THR GA 85 -18.66 31.49 54.76
CA THR GA 85 -17.30 31.91 55.12
C THR GA 85 -16.28 31.40 54.13
N VAL GA 86 -15.41 32.30 53.66
CA VAL GA 86 -14.38 31.97 52.68
C VAL GA 86 -13.00 31.98 53.35
N GLU GA 87 -12.23 30.90 53.17
CA GLU GA 87 -10.89 30.76 53.74
C GLU GA 87 -9.84 31.20 52.72
N TYR GA 88 -9.01 32.18 53.08
CA TYR GA 88 -7.96 32.70 52.20
C TYR GA 88 -6.55 32.25 52.59
N SER GA 89 -5.66 32.16 51.60
CA SER GA 89 -4.25 31.78 51.80
C SER GA 89 -3.37 32.52 50.79
N ILE GA 90 -2.51 33.42 51.30
CA ILE GA 90 -1.60 34.24 50.49
C ILE GA 90 -0.26 33.50 50.35
N GLY GA 91 0.22 33.41 49.11
CA GLY GA 91 1.48 32.76 48.78
C GLY GA 91 2.11 33.25 47.49
N GLY GA 92 3.30 32.74 47.19
CA GLY GA 92 4.05 33.09 45.99
C GLY GA 92 5.25 33.96 46.24
N GLU GA 93 5.64 34.75 45.22
CA GLU GA 93 6.77 35.67 45.26
C GLU GA 93 6.54 36.86 44.32
N ILE GA 94 6.79 38.08 44.83
CA ILE GA 94 6.63 39.31 44.06
C ILE GA 94 7.77 39.41 43.03
N SER GA 95 7.42 39.31 41.73
CA SER GA 95 8.36 39.37 40.61
C SER GA 95 8.44 40.78 40.00
N SER GA 96 7.28 41.36 39.60
CA SER GA 96 7.19 42.70 39.02
C SER GA 96 6.82 43.77 40.05
N SER GA 97 7.16 45.04 39.77
CA SER GA 97 6.89 46.16 40.66
C SER GA 97 5.40 46.48 40.72
N ILE GA 98 4.84 46.46 41.94
CA ILE GA 98 3.43 46.77 42.22
C ILE GA 98 3.37 48.12 42.92
N LEU GA 99 2.63 49.06 42.33
CA LEU GA 99 2.46 50.43 42.83
C LEU GA 99 1.60 50.47 44.10
N ALA GA 100 1.75 51.54 44.89
CA ALA GA 100 0.99 51.77 46.11
C ALA GA 100 -0.44 52.20 45.74
N ASN GA 101 -1.46 51.57 46.37
CA ASN GA 101 -2.90 51.79 46.14
C ASN GA 101 -3.32 51.55 44.67
N SER GA 102 -2.74 50.50 44.06
CA SER GA 102 -3.00 50.12 42.67
C SER GA 102 -3.80 48.83 42.55
N ASN GA 103 -4.50 48.66 41.42
CA ASN GA 103 -5.33 47.49 41.12
C ASN GA 103 -4.54 46.36 40.50
N LEU GA 104 -4.79 45.12 40.97
CA LEU GA 104 -4.17 43.90 40.45
C LEU GA 104 -4.99 43.43 39.27
N VAL GA 105 -4.40 43.49 38.07
CA VAL GA 105 -5.08 43.20 36.81
C VAL GA 105 -4.81 41.84 36.14
N ASN GA 106 -3.92 41.00 36.72
CA ASN GA 106 -3.58 39.69 36.15
C ASN GA 106 -4.75 38.71 36.17
N ARG GA 107 -5.36 38.48 37.34
CA ARG GA 107 -6.51 37.60 37.53
C ARG GA 107 -7.46 38.19 38.56
N SER GA 108 -8.76 38.21 38.24
CA SER GA 108 -9.82 38.73 39.10
C SER GA 108 -10.51 37.62 39.87
N VAL GA 109 -10.95 37.92 41.10
CA VAL GA 109 -11.65 36.95 41.97
C VAL GA 109 -13.06 36.68 41.42
N PRO GA 110 -13.44 35.39 41.21
CA PRO GA 110 -14.79 35.09 40.69
C PRO GA 110 -15.92 35.59 41.58
N ASN GA 111 -17.08 35.93 40.98
CA ASN GA 111 -18.25 36.48 41.68
C ASN GA 111 -18.79 35.63 42.83
N GLU GA 112 -18.66 34.29 42.73
CA GLU GA 112 -19.10 33.34 43.76
C GLU GA 112 -18.24 33.38 45.04
N PHE GA 113 -17.04 33.98 44.94
CA PHE GA 113 -16.08 34.18 46.05
C PHE GA 113 -16.04 35.64 46.51
N CYS GA 114 -16.66 36.54 45.73
CA CYS GA 114 -16.73 37.98 46.01
C CYS GA 114 -17.67 38.31 47.17
N PRO GA 115 -17.19 39.07 48.19
CA PRO GA 115 -18.09 39.45 49.29
C PRO GA 115 -18.95 40.68 48.97
N ARG GA 116 -20.01 40.91 49.77
CA ARG GA 116 -20.92 42.04 49.62
C ARG GA 116 -20.23 43.35 49.99
N ASN GA 117 -19.39 43.31 51.04
CA ASN GA 117 -18.62 44.45 51.55
C ASN GA 117 -17.10 44.29 51.29
N ARG GA 118 -16.35 45.40 51.36
CA ARG GA 118 -14.89 45.41 51.16
C ARG GA 118 -14.17 44.75 52.34
N CYS GA 119 -13.43 43.66 52.07
CA CYS GA 119 -12.70 42.90 53.09
C CYS GA 119 -11.19 43.09 52.96
N SER GA 120 -10.52 43.36 54.09
CA SER GA 120 -9.08 43.57 54.16
C SER GA 120 -8.36 42.31 54.65
N LEU GA 121 -7.46 41.76 53.84
CA LEU GA 121 -6.71 40.55 54.20
C LEU GA 121 -5.29 40.90 54.61
N VAL GA 122 -5.05 40.96 55.93
CA VAL GA 122 -3.74 41.32 56.50
C VAL GA 122 -2.73 40.19 56.28
N GLY GA 123 -1.55 40.56 55.79
CA GLY GA 123 -0.44 39.65 55.52
C GLY GA 123 0.88 40.15 56.07
N HIS GA 124 1.92 39.29 56.01
CA HIS GA 124 3.26 39.61 56.49
C HIS GA 124 4.34 39.22 55.48
N MET GA 125 5.32 40.11 55.28
CA MET GA 125 6.44 39.93 54.36
C MET GA 125 7.59 39.20 55.07
N VAL GA 126 8.08 38.13 54.44
CA VAL GA 126 9.16 37.30 54.98
C VAL GA 126 10.49 38.07 54.98
N GLY GA 127 11.12 38.18 56.15
CA GLY GA 127 12.41 38.84 56.28
C GLY GA 127 12.45 40.06 57.18
N GLY GA 128 11.34 40.80 57.24
CA GLY GA 128 11.26 41.99 58.06
C GLY GA 128 9.97 42.15 58.83
N TRP GA 129 9.76 43.33 59.42
CA TRP GA 129 8.57 43.70 60.20
C TRP GA 129 7.53 44.36 59.27
N ASN GA 130 7.49 43.93 58.01
CA ASN GA 130 6.63 44.49 56.99
C ASN GA 130 5.25 43.81 56.91
N ALA GA 131 4.19 44.63 56.83
CA ALA GA 131 2.80 44.19 56.74
C ALA GA 131 2.10 44.77 55.52
N PHE GA 132 1.07 44.08 55.02
CA PHE GA 132 0.29 44.49 53.86
C PHE GA 132 -1.15 44.00 53.92
N HIS GA 133 -2.08 44.70 53.24
CA HIS GA 133 -3.48 44.29 53.17
C HIS GA 133 -4.01 44.43 51.76
N ILE GA 134 -4.83 43.47 51.32
CA ILE GA 134 -5.43 43.44 49.99
C ILE GA 134 -6.96 43.57 50.13
N ASP GA 135 -7.55 44.56 49.45
CA ASP GA 135 -8.98 44.80 49.50
C ASP GA 135 -9.70 44.12 48.34
N ILE GA 136 -10.79 43.39 48.65
CA ILE GA 136 -11.59 42.66 47.66
C ILE GA 136 -13.02 43.23 47.63
N PRO GA 137 -13.41 43.89 46.51
CA PRO GA 137 -14.76 44.45 46.42
C PRO GA 137 -15.74 43.45 45.81
N SER GA 138 -16.96 43.91 45.48
CA SER GA 138 -17.99 43.07 44.87
C SER GA 138 -17.67 42.75 43.41
N SER GA 139 -16.82 43.58 42.76
CA SER GA 139 -16.41 43.43 41.36
C SER GA 139 -15.45 42.25 41.16
N GLY GA 140 -14.40 42.19 41.99
CA GLY GA 140 -13.39 41.13 41.92
C GLY GA 140 -11.98 41.62 41.73
N VAL GA 141 -11.81 42.87 41.28
CA VAL GA 141 -10.50 43.49 41.04
C VAL GA 141 -9.86 43.88 42.37
N CYS GA 142 -8.84 43.09 42.77
CA CYS GA 142 -8.11 43.28 44.02
C CYS GA 142 -7.23 44.52 43.99
N GLN GA 143 -6.98 45.11 45.16
CA GLN GA 143 -6.14 46.31 45.28
C GLN GA 143 -5.05 46.14 46.34
N TRP GA 144 -3.80 46.36 45.95
CA TRP GA 144 -2.64 46.30 46.85
C TRP GA 144 -2.55 47.66 47.57
N PHE GA 145 -2.88 47.69 48.87
CA PHE GA 145 -2.87 48.91 49.66
C PHE GA 145 -1.58 49.18 50.45
N GLY GA 146 -0.55 48.37 50.19
CA GLY GA 146 0.77 48.53 50.80
C GLY GA 146 1.63 49.50 50.00
N PRO GA 147 2.93 49.66 50.36
CA PRO GA 147 3.79 50.58 49.60
C PRO GA 147 4.26 49.98 48.27
N THR GA 148 4.95 50.79 47.45
CA THR GA 148 5.47 50.34 46.16
C THR GA 148 6.59 49.29 46.37
N ALA GA 149 6.26 48.02 46.13
CA ALA GA 149 7.20 46.89 46.31
C ALA GA 149 7.45 46.17 44.99
N SER GA 150 8.68 45.70 44.79
CA SER GA 150 9.11 44.99 43.58
C SER GA 150 9.53 43.55 43.88
N SER GA 151 10.00 43.29 45.12
CA SER GA 151 10.46 41.97 45.57
C SER GA 151 10.02 41.69 47.00
N GLY GA 152 9.82 40.40 47.31
CA GLY GA 152 9.42 39.95 48.64
C GLY GA 152 8.49 38.76 48.62
N THR GA 153 8.39 38.06 49.76
CA THR GA 153 7.54 36.88 49.90
C THR GA 153 6.23 37.20 50.67
N PRO GA 154 5.06 37.16 49.98
CA PRO GA 154 3.79 37.43 50.67
C PRO GA 154 3.20 36.19 51.33
N ARG GA 155 2.81 36.30 52.60
CA ARG GA 155 2.21 35.20 53.36
C ARG GA 155 1.06 35.69 54.24
N GLY GA 156 0.06 34.83 54.46
CA GLY GA 156 -1.11 35.14 55.27
C GLY GA 156 -2.25 34.17 55.07
N THR GA 157 -2.77 33.62 56.18
CA THR GA 157 -3.89 32.66 56.17
C THR GA 157 -4.93 33.02 57.23
N GLY GA 158 -6.19 32.99 56.83
CA GLY GA 158 -7.33 33.30 57.68
C GLY GA 158 -8.67 33.04 57.03
N THR GA 159 -9.70 33.79 57.49
CA THR GA 159 -11.08 33.70 57.01
C THR GA 159 -11.69 35.08 56.85
N TYR GA 160 -12.62 35.22 55.90
CA TYR GA 160 -13.33 36.47 55.66
C TYR GA 160 -14.81 36.24 55.31
N PRO GA 161 -15.76 37.07 55.84
CA PRO GA 161 -17.18 36.87 55.50
C PRO GA 161 -17.52 37.21 54.04
N ILE GA 162 -18.60 36.61 53.52
CA ILE GA 162 -19.07 36.82 52.15
C ILE GA 162 -20.38 37.63 52.11
N ASP GA 163 -21.17 37.55 53.19
CA ASP GA 163 -22.46 38.23 53.36
C ASP GA 163 -22.38 39.34 54.42
N SER GA 164 -23.26 40.36 54.30
CA SER GA 164 -23.33 41.48 55.25
C SER GA 164 -24.78 41.91 55.50
N ALA HA 2 -73.44 41.43 -5.07
CA ALA HA 2 -73.85 40.98 -6.41
C ALA HA 2 -75.37 41.05 -6.57
N SER HA 3 -75.84 41.40 -7.77
CA SER HA 3 -77.28 41.47 -8.04
C SER HA 3 -77.78 40.07 -8.35
N ILE HA 4 -78.58 39.51 -7.42
CA ILE HA 4 -79.12 38.16 -7.53
C ILE HA 4 -80.65 38.11 -7.55
N LYS HA 5 -81.20 37.10 -8.24
CA LYS HA 5 -82.64 36.90 -8.33
C LYS HA 5 -83.12 35.98 -7.21
N LYS HA 6 -84.37 36.19 -6.78
CA LYS HA 6 -85.01 35.40 -5.73
C LYS HA 6 -85.43 34.03 -6.24
N VAL HA 7 -85.12 32.99 -5.43
CA VAL HA 7 -85.46 31.59 -5.71
C VAL HA 7 -86.70 31.19 -4.88
N TYR HA 8 -87.74 30.69 -5.55
CA TYR HA 8 -89.00 30.30 -4.92
C TYR HA 8 -89.51 29.03 -5.54
N ARG HA 9 -90.42 28.32 -4.83
CA ARG HA 9 -90.98 27.07 -5.35
C ARG HA 9 -91.88 27.32 -6.53
N GLY HA 10 -91.79 26.47 -7.54
CA GLY HA 10 -92.58 26.59 -8.75
C GLY HA 10 -92.12 27.73 -9.64
N MET HA 11 -90.82 27.95 -9.65
CA MET HA 11 -90.21 28.99 -10.45
C MET HA 11 -89.92 28.47 -11.86
N LYS HA 12 -90.26 29.28 -12.88
CA LYS HA 12 -89.99 28.94 -14.29
C LYS HA 12 -88.50 29.25 -14.51
N ASN HA 13 -87.72 28.27 -15.01
CA ASN HA 13 -86.26 28.41 -15.18
C ASN HA 13 -85.60 28.41 -13.82
N GLY HA 14 -85.94 27.44 -12.98
CA GLY HA 14 -85.35 27.27 -11.66
C GLY HA 14 -83.85 27.07 -11.72
N ALA HA 15 -83.39 26.08 -12.47
CA ALA HA 15 -81.97 25.78 -12.63
C ALA HA 15 -81.13 26.94 -13.24
N GLU HA 16 -81.72 27.61 -14.23
CA GLU HA 16 -81.09 28.68 -14.99
C GLU HA 16 -80.78 29.87 -14.11
N THR HA 17 -81.77 30.25 -13.28
CA THR HA 17 -81.77 31.34 -12.31
C THR HA 17 -80.72 31.08 -11.26
N ILE HA 18 -80.64 29.84 -10.75
CA ILE HA 18 -79.66 29.48 -9.73
C ILE HA 18 -78.25 29.60 -10.30
N ASN HA 19 -78.04 29.07 -11.52
CA ASN HA 19 -76.77 29.09 -12.22
C ASN HA 19 -76.25 30.48 -12.34
N ASP HA 20 -77.07 31.38 -12.90
CA ASP HA 20 -76.70 32.77 -13.09
C ASP HA 20 -76.46 33.50 -11.75
N ASP HA 21 -77.15 33.06 -10.68
CA ASP HA 21 -76.99 33.63 -9.34
C ASP HA 21 -75.66 33.20 -8.76
N LEU HA 22 -75.28 31.94 -9.01
CA LEU HA 22 -74.02 31.38 -8.55
C LEU HA 22 -72.85 31.97 -9.34
N GLU HA 23 -73.06 32.23 -10.64
CA GLU HA 23 -72.10 32.78 -11.60
C GLU HA 23 -71.83 34.23 -11.28
N ALA HA 24 -72.89 34.95 -10.87
CA ALA HA 24 -72.82 36.35 -10.49
C ALA HA 24 -72.04 36.54 -9.20
N ILE HA 25 -72.21 35.59 -8.25
CA ILE HA 25 -71.52 35.59 -6.98
C ILE HA 25 -70.03 35.22 -7.19
N ASN HA 26 -69.79 34.15 -7.97
CA ASN HA 26 -68.44 33.68 -8.29
C ASN HA 26 -67.63 34.71 -9.06
N SER HA 27 -68.31 35.55 -9.88
CA SER HA 27 -67.65 36.61 -10.66
C SER HA 27 -67.06 37.66 -9.73
N GLU HA 28 -67.78 37.98 -8.64
CA GLU HA 28 -67.35 38.94 -7.61
C GLU HA 28 -66.26 38.39 -6.72
N LEU HA 29 -66.13 37.05 -6.63
CA LEU HA 29 -65.10 36.39 -5.82
C LEU HA 29 -63.71 36.47 -6.47
N THR HA 30 -63.66 36.74 -7.79
CA THR HA 30 -62.43 36.84 -8.56
C THR HA 30 -62.07 38.29 -8.92
N SER HA 31 -63.07 39.09 -9.36
CA SER HA 31 -62.88 40.47 -9.78
C SER HA 31 -64.09 41.37 -9.52
N GLY HA 32 -63.80 42.63 -9.19
CA GLY HA 32 -64.80 43.66 -8.98
C GLY HA 32 -65.62 43.51 -7.71
N GLY HA 33 -66.85 44.02 -7.75
CA GLY HA 33 -67.77 43.99 -6.62
C GLY HA 33 -67.39 44.94 -5.52
N ASN HA 34 -67.63 44.53 -4.27
CA ASN HA 34 -67.33 45.34 -3.08
C ASN HA 34 -66.28 44.67 -2.18
N VAL HA 35 -65.58 43.66 -2.71
CA VAL HA 35 -64.55 42.92 -1.96
C VAL HA 35 -63.14 43.18 -2.47
N VAL HA 36 -62.17 43.18 -1.55
CA VAL HA 36 -60.76 43.40 -1.87
C VAL HA 36 -60.15 42.08 -2.32
N HIS HA 37 -59.54 42.08 -3.53
CA HIS HA 37 -58.93 40.90 -4.14
C HIS HA 37 -57.41 40.87 -4.05
N LYS HA 38 -56.83 39.66 -4.21
CA LYS HA 38 -55.40 39.42 -4.21
C LYS HA 38 -54.77 39.81 -5.55
N THR HA 39 -55.62 40.09 -6.56
CA THR HA 39 -55.17 40.48 -7.90
C THR HA 39 -55.98 41.66 -8.44
N GLY HA 40 -55.30 42.56 -9.15
CA GLY HA 40 -55.90 43.73 -9.76
C GLY HA 40 -55.82 45.00 -8.92
N ASP HA 41 -55.98 46.16 -9.60
CA ASP HA 41 -55.93 47.48 -8.98
C ASP HA 41 -57.32 47.85 -8.49
N GLU HA 42 -57.44 48.07 -7.16
CA GLU HA 42 -58.71 48.39 -6.51
C GLU HA 42 -58.61 49.57 -5.53
N THR HA 43 -59.73 50.28 -5.31
CA THR HA 43 -59.84 51.39 -4.36
C THR HA 43 -60.61 50.95 -3.12
N ILE HA 44 -60.03 51.19 -1.94
CA ILE HA 44 -60.59 50.79 -0.64
C ILE HA 44 -60.90 52.02 0.20
N ALA HA 45 -62.09 52.02 0.83
CA ALA HA 45 -62.57 53.11 1.67
C ALA HA 45 -62.92 52.60 3.07
N GLY HA 46 -62.72 53.44 4.08
CA GLY HA 46 -63.01 53.10 5.47
C GLY HA 46 -61.77 52.86 6.30
N LYS HA 47 -61.92 52.89 7.64
CA LYS HA 47 -60.84 52.69 8.60
C LYS HA 47 -60.46 51.21 8.68
N LYS HA 48 -59.27 50.88 8.14
CA LYS HA 48 -58.75 49.51 8.09
C LYS HA 48 -57.66 49.28 9.13
N THR HA 49 -58.01 48.55 10.21
CA THR HA 49 -57.09 48.29 11.33
C THR HA 49 -56.41 46.92 11.16
N PHE HA 50 -55.10 46.94 10.83
CA PHE HA 50 -54.29 45.74 10.66
C PHE HA 50 -53.61 45.37 11.97
N THR HA 51 -54.11 44.34 12.66
CA THR HA 51 -53.57 43.86 13.93
C THR HA 51 -52.28 43.07 13.73
N GLY HA 52 -52.16 42.44 12.56
CA GLY HA 52 -50.99 41.66 12.18
C GLY HA 52 -49.87 42.48 11.57
N ASN HA 53 -48.89 41.80 10.95
CA ASN HA 53 -47.74 42.44 10.33
C ASN HA 53 -47.99 42.71 8.85
N VAL HA 54 -47.66 43.93 8.41
CA VAL HA 54 -47.86 44.36 7.01
C VAL HA 54 -46.52 44.45 6.29
N GLU HA 55 -46.43 43.83 5.11
CA GLU HA 55 -45.22 43.84 4.29
C GLU HA 55 -45.54 44.41 2.91
N VAL HA 56 -44.76 45.43 2.49
CA VAL HA 56 -44.92 46.09 1.19
C VAL HA 56 -43.64 45.86 0.36
N ASN HA 57 -43.80 45.31 -0.85
CA ASN HA 57 -42.71 45.02 -1.77
C ASN HA 57 -42.58 46.14 -2.81
N GLY HA 58 -43.68 46.83 -3.08
CA GLY HA 58 -43.76 47.95 -4.02
C GLY HA 58 -43.39 49.27 -3.37
N SER HA 59 -44.11 50.34 -3.75
CA SER HA 59 -43.87 51.68 -3.22
C SER HA 59 -45.06 52.18 -2.41
N LEU HA 60 -44.79 52.80 -1.27
CA LEU HA 60 -45.81 53.37 -0.40
C LEU HA 60 -45.97 54.86 -0.67
N THR HA 61 -47.21 55.28 -0.97
CA THR HA 61 -47.54 56.67 -1.27
C THR HA 61 -48.38 57.28 -0.15
N LEU HA 62 -48.00 58.46 0.29
CA LEU HA 62 -48.68 59.18 1.36
C LEU HA 62 -48.97 60.62 0.90
N PRO HA 63 -49.94 61.34 1.53
CA PRO HA 63 -50.18 62.75 1.11
C PRO HA 63 -48.91 63.61 1.12
N THR HA 64 -48.60 64.26 -0.02
CA THR HA 64 -47.39 65.07 -0.20
C THR HA 64 -47.69 66.52 -0.58
N LYS HA 65 -46.98 67.46 0.08
CA LYS HA 65 -47.09 68.90 -0.17
C LYS HA 65 -45.73 69.54 0.01
N SER HA 66 -45.30 70.35 -0.97
CA SER HA 66 -44.00 71.01 -0.96
C SER HA 66 -44.09 72.52 -0.79
N TRP HA 67 -43.08 73.12 -0.14
CA TRP HA 67 -42.98 74.56 0.11
C TRP HA 67 -41.52 75.01 0.16
N SER HA 68 -41.24 76.17 -0.44
CA SER HA 68 -39.91 76.77 -0.46
C SER HA 68 -40.01 78.28 -0.42
N GLY HA 69 -39.15 78.91 0.39
CA GLY HA 69 -39.12 80.36 0.55
C GLY HA 69 -38.00 80.84 1.47
N GLU HA 70 -37.57 82.10 1.26
CA GLU HA 70 -36.53 82.75 2.06
C GLU HA 70 -37.09 83.18 3.41
N LEU HA 71 -36.58 82.58 4.51
CA LEU HA 71 -37.03 82.88 5.88
C LEU HA 71 -36.61 84.27 6.34
N GLY HA 72 -35.36 84.64 6.04
CA GLY HA 72 -34.80 85.94 6.41
C GLY HA 72 -33.29 86.03 6.22
N GLY HA 73 -32.88 87.00 5.41
CA GLY HA 73 -31.47 87.26 5.12
C GLY HA 73 -30.77 86.24 4.26
N GLY HA 74 -31.40 85.88 3.15
CA GLY HA 74 -30.87 84.93 2.18
C GLY HA 74 -30.86 83.47 2.61
N ILE HA 75 -31.62 83.11 3.66
CA ILE HA 75 -31.72 81.74 4.16
C ILE HA 75 -33.01 81.09 3.63
N ILE HA 76 -32.87 80.21 2.62
CA ILE HA 76 -34.00 79.54 1.98
C ILE HA 76 -34.16 78.13 2.55
N LEU HA 77 -35.38 77.82 3.04
CA LEU HA 77 -35.73 76.53 3.61
C LEU HA 77 -36.72 75.79 2.70
N SER HA 78 -36.36 74.57 2.31
CA SER HA 78 -37.19 73.71 1.46
C SER HA 78 -37.87 72.66 2.33
N LEU HA 79 -39.20 72.69 2.36
CA LEU HA 79 -40.00 71.76 3.18
C LEU HA 79 -40.88 70.86 2.33
N ARG HA 80 -41.03 69.59 2.76
CA ARG HA 80 -41.89 68.60 2.12
C ARG HA 80 -42.51 67.69 3.17
N LYS HA 81 -43.85 67.72 3.25
CA LYS HA 81 -44.65 66.93 4.21
C LYS HA 81 -45.01 65.56 3.65
N LYS HA 82 -44.82 64.52 4.48
CA LYS HA 82 -45.14 63.13 4.16
C LYS HA 82 -45.90 62.49 5.31
N GLY HA 83 -47.19 62.80 5.39
CA GLY HA 83 -48.08 62.30 6.43
C GLY HA 83 -47.90 63.00 7.75
N THR HA 84 -47.10 62.40 8.64
CA THR HA 84 -46.82 62.92 9.98
C THR HA 84 -45.36 63.38 10.18
N THR HA 85 -44.55 63.31 9.11
CA THR HA 85 -43.14 63.71 9.14
C THR HA 85 -42.82 64.68 7.99
N VAL HA 86 -42.18 65.81 8.33
CA VAL HA 86 -41.81 66.84 7.36
C VAL HA 86 -40.30 66.84 7.17
N GLU HA 87 -39.85 66.76 5.90
CA GLU HA 87 -38.44 66.75 5.53
C GLU HA 87 -37.99 68.18 5.25
N TYR HA 88 -36.91 68.62 5.93
CA TYR HA 88 -36.37 69.97 5.78
C TYR HA 88 -35.03 69.99 5.05
N SER HA 89 -34.74 71.10 4.35
CA SER HA 89 -33.48 71.30 3.62
C SER HA 89 -33.09 72.78 3.68
N ILE HA 90 -31.94 73.07 4.31
CA ILE HA 90 -31.43 74.44 4.47
C ILE HA 90 -30.46 74.76 3.33
N GLY HA 91 -30.69 75.87 2.65
CA GLY HA 91 -29.88 76.33 1.54
C GLY HA 91 -29.74 77.84 1.44
N GLY HA 92 -29.11 78.29 0.38
CA GLY HA 92 -28.87 79.71 0.10
C GLY HA 92 -27.57 80.22 0.67
N GLU HA 93 -27.48 81.54 0.85
CA GLU HA 93 -26.31 82.24 1.39
C GLU HA 93 -26.75 83.49 2.15
N ILE HA 94 -26.16 83.72 3.35
CA ILE HA 94 -26.48 84.87 4.21
C ILE HA 94 -26.00 86.19 3.59
N SER HA 95 -26.97 87.08 3.29
CA SER HA 95 -26.72 88.39 2.69
C SER HA 95 -26.72 89.52 3.72
N SER HA 96 -27.82 89.67 4.48
CA SER HA 96 -27.97 90.69 5.52
C SER HA 96 -27.59 90.16 6.91
N SER HA 97 -27.45 91.06 7.88
CA SER HA 97 -27.09 90.70 9.25
C SER HA 97 -28.29 90.25 10.07
N ILE HA 98 -28.21 89.02 10.61
CA ILE HA 98 -29.24 88.42 11.46
C ILE HA 98 -28.70 88.39 12.89
N LEU HA 99 -29.42 89.05 13.80
CA LEU HA 99 -29.08 89.17 15.22
C LEU HA 99 -29.22 87.82 15.95
N ALA HA 100 -28.53 87.69 17.10
CA ALA HA 100 -28.59 86.48 17.93
C ALA HA 100 -29.93 86.43 18.66
N ASN HA 101 -30.59 85.25 18.64
CA ASN HA 101 -31.91 85.00 19.24
C ASN HA 101 -33.02 85.93 18.71
N SER HA 102 -32.98 86.21 17.39
CA SER HA 102 -33.94 87.08 16.70
C SER HA 102 -34.80 86.31 15.72
N ASN HA 103 -36.04 86.79 15.51
CA ASN HA 103 -37.02 86.18 14.61
C ASN HA 103 -36.83 86.61 13.16
N LEU HA 104 -36.88 85.63 12.23
CA LEU HA 104 -36.75 85.86 10.79
C LEU HA 104 -38.13 86.26 10.27
N VAL HA 105 -38.26 87.54 9.88
CA VAL HA 105 -39.53 88.14 9.47
C VAL HA 105 -39.77 88.35 7.95
N ASN HA 106 -38.94 87.74 7.08
CA ASN HA 106 -39.11 87.88 5.62
C ASN HA 106 -40.32 87.09 5.12
N ARG HA 107 -40.41 85.79 5.49
CA ARG HA 107 -41.50 84.89 5.13
C ARG HA 107 -41.69 83.83 6.21
N SER HA 108 -42.95 83.61 6.61
CA SER HA 108 -43.31 82.65 7.66
C SER HA 108 -43.70 81.29 7.09
N VAL HA 109 -43.49 80.23 7.89
CA VAL HA 109 -43.82 78.85 7.51
C VAL HA 109 -45.34 78.63 7.59
N PRO HA 110 -46.00 78.11 6.52
CA PRO HA 110 -47.45 77.88 6.57
C PRO HA 110 -47.91 76.92 7.67
N ASN HA 111 -49.14 77.11 8.17
CA ASN HA 111 -49.73 76.33 9.26
C ASN HA 111 -49.77 74.81 9.04
N GLU HA 112 -49.91 74.37 7.78
CA GLU HA 112 -49.95 72.95 7.41
C GLU HA 112 -48.59 72.24 7.57
N PHE HA 113 -47.50 73.03 7.72
CA PHE HA 113 -46.13 72.56 7.94
C PHE HA 113 -45.67 72.80 9.37
N CYS HA 114 -46.43 73.63 10.13
CA CYS HA 114 -46.13 73.98 11.52
C CYS HA 114 -46.37 72.82 12.50
N PRO HA 115 -45.34 72.46 13.32
CA PRO HA 115 -45.52 71.36 14.30
C PRO HA 115 -46.24 71.80 15.58
N ARG HA 116 -46.72 70.83 16.37
CA ARG HA 116 -47.42 71.10 17.65
C ARG HA 116 -46.43 71.66 18.69
N ASN HA 117 -45.25 71.05 18.77
CA ASN HA 117 -44.16 71.46 19.66
C ASN HA 117 -43.02 72.12 18.87
N ARG HA 118 -42.19 72.93 19.56
CA ARG HA 118 -41.06 73.64 18.95
C ARG HA 118 -39.97 72.64 18.53
N CYS HA 119 -39.60 72.65 17.24
CA CYS HA 119 -38.59 71.75 16.66
C CYS HA 119 -37.32 72.49 16.29
N SER HA 120 -36.15 71.91 16.65
CA SER HA 120 -34.84 72.47 16.38
C SER HA 120 -34.20 71.81 15.15
N LEU HA 121 -33.78 72.62 14.17
CA LEU HA 121 -33.14 72.10 12.96
C LEU HA 121 -31.65 72.38 12.97
N VAL HA 122 -30.85 71.36 13.33
CA VAL HA 122 -29.39 71.46 13.42
C VAL HA 122 -28.77 71.58 12.00
N GLY HA 123 -27.94 72.62 11.83
CA GLY HA 123 -27.25 72.93 10.58
C GLY HA 123 -25.77 73.20 10.75
N HIS HA 124 -25.04 73.27 9.62
CA HIS HA 124 -23.60 73.52 9.60
C HIS HA 124 -23.22 74.59 8.59
N MET HA 125 -22.30 75.48 8.97
CA MET HA 125 -21.82 76.57 8.14
C MET HA 125 -20.63 76.13 7.30
N VAL HA 126 -20.67 76.42 5.99
CA VAL HA 126 -19.60 76.06 5.04
C VAL HA 126 -18.34 76.89 5.29
N GLY HA 127 -17.21 76.19 5.37
CA GLY HA 127 -15.89 76.76 5.57
C GLY HA 127 -15.59 77.03 7.02
N GLY HA 128 -15.91 76.07 7.89
CA GLY HA 128 -15.71 76.18 9.32
C GLY HA 128 -16.36 75.07 10.13
N TRP HA 129 -16.14 75.10 11.47
CA TRP HA 129 -16.72 74.13 12.41
C TRP HA 129 -18.00 74.73 13.04
N ASN HA 130 -18.49 75.84 12.47
CA ASN HA 130 -19.66 76.57 12.94
C ASN HA 130 -20.98 75.81 12.75
N ALA HA 131 -21.80 75.80 13.82
CA ALA HA 131 -23.10 75.14 13.86
C ALA HA 131 -24.22 76.11 14.23
N PHE HA 132 -25.45 75.83 13.78
CA PHE HA 132 -26.62 76.66 14.05
C PHE HA 132 -27.90 75.82 14.11
N HIS HA 133 -28.92 76.35 14.77
CA HIS HA 133 -30.23 75.72 14.85
C HIS HA 133 -31.34 76.75 14.76
N ILE HA 134 -32.38 76.44 13.95
CA ILE HA 134 -33.54 77.31 13.75
C ILE HA 134 -34.77 76.63 14.34
N ASP HA 135 -35.42 77.32 15.28
CA ASP HA 135 -36.61 76.79 15.95
C ASP HA 135 -37.87 77.14 15.17
N ILE HA 136 -38.76 76.14 14.96
CA ILE HA 136 -40.02 76.35 14.27
C ILE HA 136 -41.17 76.29 15.29
N PRO HA 137 -41.73 77.46 15.69
CA PRO HA 137 -42.84 77.44 16.65
C PRO HA 137 -44.13 77.12 15.90
N SER HA 138 -45.20 76.87 16.65
CA SER HA 138 -46.49 76.56 16.05
C SER HA 138 -47.12 77.78 15.35
N SER HA 139 -46.55 78.98 15.58
CA SER HA 139 -47.00 80.23 14.97
C SER HA 139 -46.61 80.30 13.49
N GLY HA 140 -45.36 80.01 13.18
CA GLY HA 140 -44.86 80.04 11.81
C GLY HA 140 -43.58 80.84 11.63
N VAL HA 141 -43.40 81.88 12.45
CA VAL HA 141 -42.23 82.76 12.40
C VAL HA 141 -41.01 82.06 12.99
N CYS HA 142 -40.07 81.65 12.12
CA CYS HA 142 -38.85 80.97 12.49
C CYS HA 142 -37.89 81.88 13.23
N GLN HA 143 -37.21 81.34 14.24
CA GLN HA 143 -36.28 82.09 15.06
C GLN HA 143 -34.85 81.55 14.96
N TRP HA 144 -33.90 82.42 14.59
CA TRP HA 144 -32.47 82.09 14.51
C TRP HA 144 -31.89 82.07 15.93
N PHE HA 145 -31.57 80.87 16.43
CA PHE HA 145 -31.05 80.67 17.78
C PHE HA 145 -29.51 80.68 17.89
N GLY HA 146 -28.84 80.89 16.76
CA GLY HA 146 -27.38 81.00 16.72
C GLY HA 146 -26.89 82.39 17.06
N PRO HA 147 -25.57 82.65 16.93
CA PRO HA 147 -25.06 84.00 17.22
C PRO HA 147 -25.25 84.98 16.06
N THR HA 148 -24.88 86.25 16.25
CA THR HA 148 -25.00 87.29 15.22
C THR HA 148 -24.04 87.00 14.05
N ALA HA 149 -24.60 86.89 12.84
CA ALA HA 149 -23.85 86.60 11.62
C ALA HA 149 -24.35 87.45 10.46
N SER HA 150 -23.44 87.82 9.54
CA SER HA 150 -23.76 88.64 8.37
C SER HA 150 -23.41 87.93 7.05
N SER HA 151 -22.47 86.97 7.10
CA SER HA 151 -22.01 86.20 5.94
C SER HA 151 -21.81 84.73 6.26
N GLY HA 152 -21.95 83.88 5.24
CA GLY HA 152 -21.78 82.44 5.37
C GLY HA 152 -22.80 81.62 4.59
N THR HA 153 -22.49 80.34 4.36
CA THR HA 153 -23.37 79.44 3.62
C THR HA 153 -24.07 78.43 4.57
N PRO HA 154 -25.41 78.58 4.80
CA PRO HA 154 -26.12 77.63 5.68
C PRO HA 154 -26.51 76.35 4.96
N ARG HA 155 -26.27 75.19 5.60
CA ARG HA 155 -26.59 73.86 5.05
C ARG HA 155 -27.11 72.93 6.15
N GLY HA 156 -28.02 72.03 5.79
CA GLY HA 156 -28.61 71.05 6.71
C GLY HA 156 -29.85 70.38 6.16
N THR HA 157 -29.85 69.04 6.18
CA THR HA 157 -30.97 68.22 5.68
C THR HA 157 -31.30 67.09 6.68
N GLY HA 158 -32.60 66.94 6.96
CA GLY HA 158 -33.12 65.93 7.87
C GLY HA 158 -34.64 65.86 7.88
N THR HA 159 -35.21 65.42 9.02
CA THR HA 159 -36.65 65.26 9.22
C THR HA 159 -37.06 65.78 10.60
N TYR HA 160 -38.28 66.30 10.71
CA TYR HA 160 -38.83 66.80 11.98
C TYR HA 160 -40.30 66.41 12.15
N PRO HA 161 -40.74 66.02 13.38
CA PRO HA 161 -42.14 65.63 13.57
C PRO HA 161 -43.09 66.83 13.53
N ILE HA 162 -44.37 66.56 13.27
CA ILE HA 162 -45.42 67.58 13.19
C ILE HA 162 -46.49 67.42 14.31
N ASP HA 163 -46.61 66.21 14.86
CA ASP HA 163 -47.58 65.86 15.91
C ASP HA 163 -46.93 65.36 17.21
N SER HA 164 -47.66 65.48 18.34
CA SER HA 164 -47.19 65.05 19.66
C SER HA 164 -48.25 64.40 20.57
N ALA HA 165 -49.18 65.23 21.10
CA ALA HA 165 -50.27 64.88 22.02
C ALA HA 165 -51.59 65.16 21.33
N ALA IA 2 -70.01 32.32 5.90
CA ALA IA 2 -71.45 32.39 6.12
C ALA IA 2 -72.03 31.04 6.53
N SER IA 3 -73.01 31.05 7.43
CA SER IA 3 -73.65 29.82 7.89
C SER IA 3 -74.69 29.38 6.85
N ILE IA 4 -74.43 28.24 6.19
CA ILE IA 4 -75.29 27.69 5.14
C ILE IA 4 -75.80 26.29 5.46
N LYS IA 5 -77.00 25.96 4.96
CA LYS IA 5 -77.61 24.65 5.14
C LYS IA 5 -77.30 23.74 3.96
N LYS IA 6 -77.18 22.44 4.21
CA LYS IA 6 -76.88 21.46 3.17
C LYS IA 6 -78.08 21.19 2.26
N VAL IA 7 -77.79 21.02 0.96
CA VAL IA 7 -78.76 20.73 -0.09
C VAL IA 7 -78.62 19.27 -0.53
N TYR IA 8 -79.73 18.51 -0.46
CA TYR IA 8 -79.77 17.09 -0.80
C TYR IA 8 -81.04 16.70 -1.57
N ARG IA 9 -81.05 15.50 -2.16
CA ARG IA 9 -82.18 14.96 -2.91
C ARG IA 9 -83.32 14.59 -1.96
N GLY IA 10 -84.52 14.96 -2.34
CA GLY IA 10 -85.73 14.72 -1.56
C GLY IA 10 -85.82 15.59 -0.33
N MET IA 11 -85.34 16.82 -0.45
CA MET IA 11 -85.32 17.79 0.64
C MET IA 11 -86.58 18.61 0.67
N LYS IA 12 -87.18 18.74 1.86
CA LYS IA 12 -88.38 19.57 2.04
C LYS IA 12 -87.93 21.03 2.08
N ASN IA 13 -88.66 21.90 1.36
CA ASN IA 13 -88.37 23.34 1.21
C ASN IA 13 -87.00 23.56 0.57
N GLY IA 14 -86.82 22.94 -0.58
CA GLY IA 14 -85.59 23.02 -1.37
C GLY IA 14 -85.32 24.41 -1.90
N ALA IA 15 -86.30 24.99 -2.57
CA ALA IA 15 -86.22 26.33 -3.15
C ALA IA 15 -85.96 27.41 -2.09
N GLU IA 16 -86.56 27.20 -0.90
CA GLU IA 16 -86.44 28.10 0.25
C GLU IA 16 -85.01 28.07 0.80
N THR IA 17 -84.43 26.86 0.93
CA THR IA 17 -83.09 26.64 1.45
C THR IA 17 -82.05 27.27 0.55
N ILE IA 18 -82.15 27.03 -0.78
CA ILE IA 18 -81.22 27.57 -1.77
C ILE IA 18 -81.19 29.10 -1.74
N ASN IA 19 -82.39 29.71 -1.73
CA ASN IA 19 -82.54 31.15 -1.68
C ASN IA 19 -81.90 31.75 -0.43
N ASP IA 20 -82.15 31.12 0.74
CA ASP IA 20 -81.60 31.56 2.02
C ASP IA 20 -80.09 31.43 2.08
N ASP IA 21 -79.55 30.39 1.40
CA ASP IA 21 -78.11 30.14 1.31
C ASP IA 21 -77.45 31.16 0.39
N LEU IA 22 -78.10 31.48 -0.73
CA LEU IA 22 -77.58 32.45 -1.67
C LEU IA 22 -77.58 33.87 -1.09
N GLU IA 23 -78.63 34.20 -0.32
CA GLU IA 23 -78.80 35.51 0.32
C GLU IA 23 -77.77 35.73 1.43
N ALA IA 24 -77.44 34.64 2.18
CA ALA IA 24 -76.47 34.66 3.27
C ALA IA 24 -75.06 34.89 2.73
N ILE IA 25 -74.77 34.30 1.57
CA ILE IA 25 -73.50 34.41 0.87
C ILE IA 25 -73.36 35.83 0.28
N ASN IA 26 -74.42 36.30 -0.42
CA ASN IA 26 -74.44 37.62 -1.03
C ASN IA 26 -74.32 38.76 0.00
N SER IA 27 -74.80 38.52 1.24
CA SER IA 27 -74.74 39.49 2.33
C SER IA 27 -73.29 39.74 2.76
N GLU IA 28 -72.49 38.66 2.77
CA GLU IA 28 -71.08 38.72 3.11
C GLU IA 28 -70.24 39.38 2.00
N LEU IA 29 -70.76 39.42 0.76
CA LEU IA 29 -70.08 40.05 -0.38
C LEU IA 29 -70.10 41.58 -0.31
N THR IA 30 -71.07 42.13 0.44
CA THR IA 30 -71.26 43.57 0.61
C THR IA 30 -70.75 44.08 1.96
N SER IA 31 -71.09 43.37 3.07
CA SER IA 31 -70.70 43.76 4.43
C SER IA 31 -70.56 42.60 5.39
N GLY IA 32 -69.63 42.75 6.33
CA GLY IA 32 -69.37 41.80 7.41
C GLY IA 32 -68.67 40.51 7.00
N GLY IA 33 -68.79 39.49 7.86
CA GLY IA 33 -68.19 38.19 7.64
C GLY IA 33 -66.71 38.19 7.94
N ASN IA 34 -65.96 37.25 7.31
CA ASN IA 34 -64.51 37.14 7.48
C ASN IA 34 -63.78 37.55 6.19
N VAL IA 35 -64.28 38.62 5.54
CA VAL IA 35 -63.75 39.14 4.27
C VAL IA 35 -63.58 40.67 4.29
N VAL IA 36 -62.44 41.15 3.75
CA VAL IA 36 -62.10 42.56 3.63
C VAL IA 36 -62.90 43.18 2.48
N HIS IA 37 -63.58 44.30 2.76
CA HIS IA 37 -64.45 45.02 1.81
C HIS IA 37 -63.86 46.36 1.36
N LYS IA 38 -64.37 46.87 0.22
CA LYS IA 38 -63.97 48.15 -0.36
C LYS IA 38 -64.61 49.34 0.40
N THR IA 39 -65.62 49.05 1.23
CA THR IA 39 -66.33 50.05 2.04
C THR IA 39 -66.55 49.56 3.46
N GLY IA 40 -66.45 50.49 4.40
CA GLY IA 40 -66.67 50.26 5.82
C GLY IA 40 -65.41 50.07 6.65
N ASP IA 41 -65.55 50.26 7.98
CA ASP IA 41 -64.49 50.12 8.95
C ASP IA 41 -64.39 48.66 9.40
N GLU IA 42 -63.24 48.02 9.12
CA GLU IA 42 -63.01 46.61 9.43
C GLU IA 42 -61.64 46.38 10.05
N THR IA 43 -61.53 45.30 10.85
CA THR IA 43 -60.28 44.88 11.50
C THR IA 43 -59.73 43.65 10.79
N ILE IA 44 -58.44 43.73 10.41
CA ILE IA 44 -57.73 42.69 9.65
C ILE IA 44 -56.59 42.10 10.50
N ALA IA 45 -56.50 40.76 10.53
CA ALA IA 45 -55.47 40.03 11.27
C ALA IA 45 -54.69 39.12 10.32
N GLY IA 46 -53.41 38.90 10.64
CA GLY IA 46 -52.53 38.04 9.86
C GLY IA 46 -51.49 38.79 9.07
N LYS IA 47 -50.41 38.08 8.68
CA LYS IA 47 -49.29 38.63 7.91
C LYS IA 47 -49.68 38.84 6.44
N LYS IA 48 -49.95 40.10 6.07
CA LYS IA 48 -50.36 40.49 4.72
C LYS IA 48 -49.19 41.03 3.91
N THR IA 49 -48.91 40.40 2.76
CA THR IA 49 -47.81 40.77 1.88
C THR IA 49 -48.31 41.44 0.61
N PHE IA 50 -48.04 42.74 0.47
CA PHE IA 50 -48.44 43.52 -0.69
C PHE IA 50 -47.30 43.59 -1.69
N THR IA 51 -47.37 42.81 -2.77
CA THR IA 51 -46.35 42.78 -3.82
C THR IA 51 -46.43 44.01 -4.72
N GLY IA 52 -47.65 44.56 -4.87
CA GLY IA 52 -47.91 45.74 -5.67
C GLY IA 52 -47.67 47.03 -4.90
N ASN IA 53 -47.93 48.18 -5.57
CA ASN IA 53 -47.75 49.51 -4.98
C ASN IA 53 -48.98 49.91 -4.15
N VAL IA 54 -48.74 50.42 -2.93
CA VAL IA 54 -49.80 50.83 -2.00
C VAL IA 54 -49.88 52.35 -1.92
N GLU IA 55 -51.08 52.89 -2.02
CA GLU IA 55 -51.33 54.33 -1.93
C GLU IA 55 -52.30 54.61 -0.77
N VAL IA 56 -51.92 55.56 0.10
CA VAL IA 56 -52.74 55.97 1.24
C VAL IA 56 -53.10 57.45 1.07
N ASN IA 57 -54.41 57.73 1.07
CA ASN IA 57 -54.94 59.09 0.92
C ASN IA 57 -55.23 59.71 2.28
N GLY IA 58 -55.60 58.86 3.25
CA GLY IA 58 -55.90 59.29 4.60
C GLY IA 58 -54.66 59.39 5.47
N SER IA 59 -54.77 58.91 6.72
CA SER IA 59 -53.69 58.93 7.70
C SER IA 59 -53.22 57.53 8.06
N LEU IA 60 -51.89 57.33 8.07
CA LEU IA 60 -51.28 56.05 8.43
C LEU IA 60 -50.89 56.09 9.91
N THR IA 61 -51.52 55.21 10.71
CA THR IA 61 -51.29 55.11 12.15
C THR IA 61 -50.35 53.95 12.44
N LEU IA 62 -49.32 54.20 13.24
CA LEU IA 62 -48.34 53.19 13.65
C LEU IA 62 -48.28 53.14 15.18
N PRO IA 63 -47.80 52.02 15.82
CA PRO IA 63 -47.75 51.99 17.30
C PRO IA 63 -46.89 53.12 17.86
N THR IA 64 -47.49 53.94 18.77
CA THR IA 64 -46.82 55.10 19.35
C THR IA 64 -46.59 54.95 20.85
N LYS IA 65 -45.36 55.24 21.28
CA LYS IA 65 -44.95 55.20 22.68
C LYS IA 65 -44.04 56.39 22.93
N SER IA 66 -44.37 57.17 23.98
CA SER IA 66 -43.62 58.38 24.33
C SER IA 66 -42.91 58.26 25.68
N TRP IA 67 -41.75 58.90 25.78
CA TRP IA 67 -40.92 58.94 26.99
C TRP IA 67 -40.09 60.21 27.03
N SER IA 68 -39.98 60.80 28.24
CA SER IA 68 -39.20 62.01 28.49
C SER IA 68 -38.58 61.94 29.87
N GLY IA 69 -37.30 62.32 29.96
CA GLY IA 69 -36.55 62.31 31.20
C GLY IA 69 -35.23 63.05 31.12
N GLU IA 70 -34.76 63.56 32.27
CA GLU IA 70 -33.52 64.29 32.40
C GLU IA 70 -32.35 63.30 32.49
N LEU IA 71 -31.66 63.07 31.35
CA LEU IA 71 -30.53 62.14 31.22
C LEU IA 71 -29.40 62.37 32.21
N GLY IA 72 -29.03 63.64 32.42
CA GLY IA 72 -27.98 64.02 33.34
C GLY IA 72 -27.47 65.43 33.11
N GLY IA 73 -27.24 66.14 34.21
CA GLY IA 73 -26.72 67.50 34.19
C GLY IA 73 -27.71 68.58 33.79
N GLY IA 74 -28.96 68.18 33.54
CA GLY IA 74 -30.03 69.09 33.16
C GLY IA 74 -30.47 68.97 31.72
N ILE IA 75 -30.03 67.91 31.02
CA ILE IA 75 -30.40 67.66 29.62
C ILE IA 75 -31.57 66.70 29.56
N ILE IA 76 -32.72 67.21 29.08
CA ILE IA 76 -33.97 66.43 28.96
C ILE IA 76 -34.15 66.00 27.52
N LEU IA 77 -34.28 64.69 27.31
CA LEU IA 77 -34.50 64.10 25.99
C LEU IA 77 -35.92 63.59 25.87
N SER IA 78 -36.63 64.08 24.85
CA SER IA 78 -38.01 63.69 24.55
C SER IA 78 -38.01 62.71 23.39
N LEU IA 79 -38.47 61.47 23.65
CA LEU IA 79 -38.50 60.41 22.65
C LEU IA 79 -39.92 60.00 22.31
N ARG IA 80 -40.15 59.69 21.03
CA ARG IA 80 -41.45 59.25 20.52
C ARG IA 80 -41.23 58.18 19.44
N LYS IA 81 -41.58 56.94 19.78
CA LYS IA 81 -41.42 55.78 18.89
C LYS IA 81 -42.61 55.64 17.95
N LYS IA 82 -42.30 55.43 16.65
CA LYS IA 82 -43.29 55.23 15.60
C LYS IA 82 -42.83 54.12 14.66
N GLY IA 83 -43.26 52.91 14.95
CA GLY IA 83 -42.91 51.72 14.18
C GLY IA 83 -41.50 51.27 14.45
N THR IA 84 -40.59 51.55 13.50
CA THR IA 84 -39.17 51.19 13.57
C THR IA 84 -38.26 52.43 13.59
N THR IA 85 -38.83 53.62 13.83
CA THR IA 85 -38.12 54.89 13.88
C THR IA 85 -38.52 55.69 15.13
N VAL IA 86 -37.54 56.13 15.90
CA VAL IA 86 -37.75 56.90 17.12
C VAL IA 86 -37.35 58.36 16.87
N GLU IA 87 -38.27 59.30 17.17
CA GLU IA 87 -38.05 60.74 16.99
C GLU IA 87 -37.52 61.33 18.29
N TYR IA 88 -36.33 61.94 18.23
CA TYR IA 88 -35.69 62.53 19.41
C TYR IA 88 -35.81 64.05 19.44
N SER IA 89 -35.84 64.62 20.65
CA SER IA 89 -35.92 66.06 20.88
C SER IA 89 -35.10 66.43 22.11
N ILE IA 90 -34.02 67.17 21.89
CA ILE IA 90 -33.11 67.60 22.95
C ILE IA 90 -33.58 68.95 23.48
N GLY IA 91 -33.69 69.05 24.80
CA GLY IA 91 -34.11 70.26 25.49
C GLY IA 91 -33.59 70.37 26.91
N GLY IA 92 -33.91 71.50 27.55
CA GLY IA 92 -33.52 71.77 28.93
C GLY IA 92 -32.45 72.84 29.07
N GLU IA 93 -31.69 72.76 30.17
CA GLU IA 93 -30.61 73.70 30.50
C GLU IA 93 -29.56 72.98 31.36
N ILE IA 94 -28.28 73.13 30.99
CA ILE IA 94 -27.17 72.51 31.73
C ILE IA 94 -26.96 73.24 33.06
N SER IA 95 -27.16 72.51 34.17
CA SER IA 95 -27.06 73.01 35.54
C SER IA 95 -25.70 72.66 36.17
N SER IA 96 -25.32 71.36 36.14
CA SER IA 96 -24.06 70.87 36.70
C SER IA 96 -23.00 70.63 35.61
N SER IA 97 -21.72 70.67 36.00
CA SER IA 97 -20.58 70.45 35.11
C SER IA 97 -20.52 69.00 34.63
N ILE IA 98 -20.60 68.82 33.31
CA ILE IA 98 -20.53 67.50 32.66
C ILE IA 98 -19.17 67.36 31.97
N LEU IA 99 -18.43 66.30 32.33
CA LEU IA 99 -17.11 66.00 31.79
C LEU IA 99 -17.18 65.53 30.33
N ALA IA 100 -16.07 65.67 29.59
CA ALA IA 100 -15.97 65.23 28.20
C ALA IA 100 -15.86 63.71 28.17
N ASN IA 101 -16.62 63.08 27.25
CA ASN IA 101 -16.70 61.62 27.06
C ASN IA 101 -17.13 60.86 28.34
N SER IA 102 -18.11 61.44 29.07
CA SER IA 102 -18.64 60.91 30.32
C SER IA 102 -20.08 60.41 30.19
N ASN IA 103 -20.45 59.45 31.05
CA ASN IA 103 -21.78 58.84 31.08
C ASN IA 103 -22.79 59.67 31.88
N LEU IA 104 -24.03 59.71 31.39
CA LEU IA 104 -25.16 60.40 32.02
C LEU IA 104 -25.93 59.36 32.82
N VAL IA 105 -25.84 59.44 34.15
CA VAL IA 105 -26.41 58.45 35.07
C VAL IA 105 -27.68 58.86 35.85
N ASN IA 106 -28.25 60.06 35.56
CA ASN IA 106 -29.45 60.55 36.25
C ASN IA 106 -30.71 59.76 35.85
N ARG IA 107 -30.86 59.53 34.53
CA ARG IA 107 -31.98 58.79 33.96
C ARG IA 107 -31.50 58.00 32.74
N SER IA 108 -31.85 56.70 32.70
CA SER IA 108 -31.47 55.80 31.62
C SER IA 108 -32.59 55.62 30.60
N VAL IA 109 -32.22 55.45 29.32
CA VAL IA 109 -33.18 55.26 28.22
C VAL IA 109 -33.80 53.85 28.30
N PRO IA 110 -35.16 53.73 28.33
CA PRO IA 110 -35.79 52.40 28.40
C PRO IA 110 -35.43 51.48 27.23
N ASN IA 111 -35.38 50.15 27.48
CA ASN IA 111 -35.00 49.13 26.52
C ASN IA 111 -35.81 49.12 25.22
N GLU IA 112 -37.11 49.53 25.29
CA GLU IA 112 -38.00 49.60 24.13
C GLU IA 112 -37.66 50.74 23.16
N PHE IA 113 -36.81 51.69 23.61
CA PHE IA 113 -36.33 52.84 22.84
C PHE IA 113 -34.86 52.68 22.43
N CYS IA 114 -34.15 51.71 23.05
CA CYS IA 114 -32.74 51.42 22.79
C CYS IA 114 -32.50 50.83 21.40
N PRO IA 115 -31.60 51.43 20.58
CA PRO IA 115 -31.34 50.87 19.24
C PRO IA 115 -30.35 49.70 19.26
N ARG IA 116 -30.33 48.91 18.15
CA ARG IA 116 -29.44 47.77 17.98
C ARG IA 116 -27.99 48.25 17.78
N ASN IA 117 -27.83 49.32 16.95
CA ASN IA 117 -26.56 49.97 16.64
C ASN IA 117 -26.41 51.30 17.39
N ARG IA 118 -25.17 51.72 17.69
CA ARG IA 118 -24.89 52.97 18.41
C ARG IA 118 -25.20 54.18 17.53
N CYS IA 119 -26.20 54.99 17.93
CA CYS IA 119 -26.64 56.17 17.18
C CYS IA 119 -26.18 57.47 17.82
N SER IA 120 -25.79 58.44 16.97
CA SER IA 120 -25.31 59.76 17.36
C SER IA 120 -26.36 60.84 17.12
N LEU IA 121 -26.69 61.61 18.17
CA LEU IA 121 -27.69 62.67 18.04
C LEU IA 121 -27.01 64.04 17.99
N VAL IA 122 -26.87 64.59 16.78
CA VAL IA 122 -26.23 65.89 16.56
C VAL IA 122 -27.15 67.02 17.07
N GLY IA 123 -26.59 67.88 17.92
CA GLY IA 123 -27.29 68.99 18.52
C GLY IA 123 -26.53 70.30 18.42
N HIS IA 124 -27.19 71.42 18.80
CA HIS IA 124 -26.61 72.76 18.78
C HIS IA 124 -26.85 73.50 20.10
N MET IA 125 -25.83 74.22 20.56
CA MET IA 125 -25.85 75.02 21.79
C MET IA 125 -26.27 76.45 21.48
N VAL IA 126 -27.29 76.94 22.21
CA VAL IA 126 -27.81 78.30 22.03
C VAL IA 126 -26.81 79.30 22.58
N GLY IA 127 -26.43 80.26 21.74
CA GLY IA 127 -25.49 81.32 22.09
C GLY IA 127 -24.39 81.52 21.07
N GLY IA 128 -23.72 80.43 20.72
CA GLY IA 128 -22.62 80.45 19.76
C GLY IA 128 -22.74 79.42 18.66
N TRP IA 129 -21.61 79.12 18.02
CA TRP IA 129 -21.46 78.15 16.93
C TRP IA 129 -21.09 76.76 17.50
N ASN IA 130 -21.43 76.53 18.78
CA ASN IA 130 -21.11 75.30 19.50
C ASN IA 130 -22.01 74.12 19.13
N ALA IA 131 -21.40 72.95 18.88
CA ALA IA 131 -22.08 71.70 18.50
C ALA IA 131 -21.75 70.56 19.45
N PHE IA 132 -22.68 69.61 19.62
CA PHE IA 132 -22.52 68.44 20.48
C PHE IA 132 -23.27 67.22 19.94
N HIS IA 133 -22.90 66.02 20.37
CA HIS IA 133 -23.58 64.79 20.00
C HIS IA 133 -23.65 63.82 21.18
N ILE IA 134 -24.81 63.19 21.37
CA ILE IA 134 -25.03 62.22 22.45
C ILE IA 134 -25.24 60.84 21.85
N ASP IA 135 -24.44 59.87 22.30
CA ASP IA 135 -24.50 58.50 21.80
C ASP IA 135 -25.45 57.64 22.65
N ILE IA 136 -26.31 56.85 21.97
CA ILE IA 136 -27.23 55.93 22.63
C ILE IA 136 -26.80 54.48 22.35
N PRO IA 137 -26.28 53.75 23.38
CA PRO IA 137 -25.87 52.37 23.14
C PRO IA 137 -27.04 51.39 23.28
N SER IA 138 -26.76 50.09 23.18
CA SER IA 138 -27.78 49.05 23.33
C SER IA 138 -28.22 48.90 24.79
N SER IA 139 -27.36 49.32 25.75
CA SER IA 139 -27.62 49.28 27.19
C SER IA 139 -28.64 50.32 27.63
N GLY IA 140 -28.42 51.58 27.25
CA GLY IA 140 -29.32 52.68 27.58
C GLY IA 140 -28.64 53.87 28.24
N VAL IA 141 -27.42 53.67 28.77
CA VAL IA 141 -26.66 54.73 29.44
C VAL IA 141 -26.01 55.65 28.40
N CYS IA 142 -26.61 56.84 28.21
CA CYS IA 142 -26.14 57.85 27.26
C CYS IA 142 -24.81 58.45 27.64
N GLN IA 143 -24.03 58.86 26.63
CA GLN IA 143 -22.71 59.46 26.84
C GLN IA 143 -22.57 60.82 26.15
N TRP IA 144 -22.05 61.81 26.90
CA TRP IA 144 -21.82 63.16 26.39
C TRP IA 144 -20.48 63.16 25.66
N PHE IA 145 -20.53 63.13 24.32
CA PHE IA 145 -19.33 63.08 23.47
C PHE IA 145 -18.71 64.44 23.12
N GLY IA 146 -19.30 65.51 23.65
CA GLY IA 146 -18.80 66.87 23.47
C GLY IA 146 -17.73 67.22 24.50
N PRO IA 147 -17.23 68.49 24.53
CA PRO IA 147 -16.21 68.85 25.55
C PRO IA 147 -16.83 69.13 26.92
N THR IA 148 -15.97 69.38 27.93
CA THR IA 148 -16.41 69.68 29.29
C THR IA 148 -17.20 70.98 29.32
N ALA IA 149 -18.51 70.85 29.59
CA ALA IA 149 -19.44 71.97 29.65
C ALA IA 149 -20.14 72.00 31.00
N SER IA 150 -20.47 73.20 31.47
CA SER IA 150 -21.15 73.37 32.75
C SER IA 150 -22.41 74.17 32.64
N SER IA 151 -22.48 75.07 31.63
CA SER IA 151 -23.66 75.89 31.37
C SER IA 151 -23.95 76.00 29.87
N GLY IA 152 -25.23 76.13 29.52
CA GLY IA 152 -25.68 76.26 28.14
C GLY IA 152 -27.04 75.64 27.87
N THR IA 153 -27.62 75.94 26.70
CA THR IA 153 -28.93 75.42 26.29
C THR IA 153 -28.82 74.35 25.19
N PRO IA 154 -29.11 73.07 25.51
CA PRO IA 154 -29.02 72.03 24.47
C PRO IA 154 -30.30 71.93 23.63
N ARG IA 155 -30.15 71.94 22.29
CA ARG IA 155 -31.28 71.85 21.35
C ARG IA 155 -30.93 70.93 20.17
N GLY IA 156 -31.94 70.23 19.65
CA GLY IA 156 -31.78 69.32 18.52
C GLY IA 156 -32.95 68.38 18.35
N THR IA 157 -33.54 68.37 17.14
CA THR IA 157 -34.69 67.52 16.82
C THR IA 157 -34.46 66.78 15.50
N GLY IA 158 -34.72 65.47 15.52
CA GLY IA 158 -34.56 64.60 14.36
C GLY IA 158 -35.12 63.21 14.58
N THR IA 159 -34.56 62.23 13.85
CA THR IA 159 -34.96 60.81 13.90
C THR IA 159 -33.73 59.92 13.93
N TYR IA 160 -33.86 58.73 14.54
CA TYR IA 160 -32.79 57.74 14.60
C TYR IA 160 -33.34 56.31 14.48
N PRO IA 161 -32.66 55.41 13.72
CA PRO IA 161 -33.16 54.03 13.59
C PRO IA 161 -33.02 53.20 14.87
N ILE IA 162 -33.88 52.18 15.03
CA ILE IA 162 -33.88 51.28 16.19
C ILE IA 162 -33.36 49.87 15.83
N ASP IA 163 -33.50 49.48 14.55
CA ASP IA 163 -33.09 48.18 14.00
C ASP IA 163 -31.94 48.32 12.97
N SER IA 164 -31.07 47.29 12.90
CA SER IA 164 -29.94 47.25 11.96
C SER IA 164 -29.77 45.88 11.33
N ALA JA 2 -63.81 30.67 -7.36
CA ALA JA 2 -64.08 29.28 -7.02
C ALA JA 2 -64.44 28.47 -8.26
N SER JA 3 -63.97 27.20 -8.32
CA SER JA 3 -64.29 26.32 -9.43
C SER JA 3 -65.72 25.77 -9.26
N ILE JA 4 -66.67 26.32 -10.04
CA ILE JA 4 -68.07 25.92 -9.95
C ILE JA 4 -68.56 25.25 -11.23
N LYS JA 5 -69.52 24.33 -11.10
CA LYS JA 5 -70.12 23.60 -12.23
C LYS JA 5 -71.41 24.29 -12.69
N LYS JA 6 -71.72 24.21 -13.99
CA LYS JA 6 -72.93 24.84 -14.51
C LYS JA 6 -74.17 24.05 -14.12
N VAL JA 7 -75.24 24.79 -13.76
CA VAL JA 7 -76.56 24.27 -13.37
C VAL JA 7 -77.55 24.43 -14.55
N TYR JA 8 -78.08 23.31 -15.07
CA TYR JA 8 -79.00 23.38 -16.21
C TYR JA 8 -80.24 22.54 -16.00
N ARG JA 9 -81.22 22.73 -16.87
CA ARG JA 9 -82.44 21.94 -16.83
C ARG JA 9 -82.09 20.49 -17.19
N GLY JA 10 -82.82 19.57 -16.57
CA GLY JA 10 -82.69 18.12 -16.79
C GLY JA 10 -81.28 17.62 -16.53
N MET JA 11 -80.72 18.06 -15.42
CA MET JA 11 -79.39 17.72 -14.99
C MET JA 11 -79.38 16.51 -14.08
N LYS JA 12 -78.48 15.55 -14.36
CA LYS JA 12 -78.29 14.36 -13.55
C LYS JA 12 -77.53 14.73 -12.26
N ASN JA 13 -78.14 14.35 -11.11
CA ASN JA 13 -77.68 14.65 -9.74
C ASN JA 13 -77.52 16.16 -9.52
N GLY JA 14 -78.66 16.86 -9.59
CA GLY JA 14 -78.76 18.31 -9.44
C GLY JA 14 -78.51 18.82 -8.04
N ALA JA 15 -79.12 18.15 -7.03
CA ALA JA 15 -79.02 18.51 -5.62
C ALA JA 15 -77.56 18.55 -5.13
N GLU JA 16 -76.75 17.56 -5.57
CA GLU JA 16 -75.34 17.46 -5.20
C GLU JA 16 -74.52 18.59 -5.83
N THR JA 17 -74.80 18.92 -7.11
CA THR JA 17 -74.08 19.96 -7.87
C THR JA 17 -74.24 21.32 -7.21
N ILE JA 18 -75.50 21.68 -6.87
CA ILE JA 18 -75.80 22.97 -6.22
C ILE JA 18 -75.10 23.07 -4.87
N ASN JA 19 -75.22 22.02 -4.04
CA ASN JA 19 -74.61 21.96 -2.72
C ASN JA 19 -73.09 22.10 -2.80
N ASP JA 20 -72.45 21.41 -3.75
CA ASP JA 20 -70.99 21.45 -3.93
C ASP JA 20 -70.54 22.82 -4.42
N ASP JA 21 -71.38 23.49 -5.23
CA ASP JA 21 -71.09 24.83 -5.74
C ASP JA 21 -71.18 25.86 -4.62
N LEU JA 22 -72.21 25.72 -3.76
CA LEU JA 22 -72.43 26.62 -2.62
C LEU JA 22 -71.34 26.46 -1.58
N GLU JA 23 -70.91 25.22 -1.33
CA GLU JA 23 -69.87 24.92 -0.36
C GLU JA 23 -68.50 25.42 -0.82
N ALA JA 24 -68.24 25.37 -2.16
CA ALA JA 24 -67.00 25.83 -2.78
C ALA JA 24 -66.87 27.34 -2.67
N ILE JA 25 -68.01 28.04 -2.83
CA ILE JA 25 -68.11 29.49 -2.74
C ILE JA 25 -67.96 29.92 -1.28
N ASN JA 26 -68.67 29.24 -0.35
CA ASN JA 26 -68.63 29.53 1.09
C ASN JA 26 -67.24 29.30 1.70
N SER JA 27 -66.48 28.32 1.16
CA SER JA 27 -65.12 28.00 1.59
C SER JA 27 -64.17 29.17 1.28
N GLU JA 28 -64.37 29.81 0.11
CA GLU JA 28 -63.59 30.96 -0.33
C GLU JA 28 -63.94 32.23 0.44
N LEU JA 29 -65.10 32.24 1.13
CA LEU JA 29 -65.54 33.38 1.93
C LEU JA 29 -64.83 33.44 3.27
N THR JA 30 -64.25 32.32 3.70
CA THR JA 30 -63.54 32.18 4.98
C THR JA 30 -62.01 32.09 4.81
N SER JA 31 -61.54 31.25 3.87
CA SER JA 31 -60.11 31.05 3.62
C SER JA 31 -59.77 30.76 2.14
N GLY JA 32 -58.59 31.24 1.73
CA GLY JA 32 -58.07 31.00 0.40
C GLY JA 32 -58.72 31.78 -0.72
N GLY JA 33 -58.69 31.21 -1.91
CA GLY JA 33 -59.26 31.82 -3.11
C GLY JA 33 -58.46 33.01 -3.62
N ASN JA 34 -59.16 33.96 -4.27
CA ASN JA 34 -58.56 35.18 -4.82
C ASN JA 34 -58.96 36.41 -4.01
N VAL JA 35 -59.78 36.21 -2.96
CA VAL JA 35 -60.27 37.29 -2.11
C VAL JA 35 -59.44 37.44 -0.81
N VAL JA 36 -59.29 38.69 -0.33
CA VAL JA 36 -58.56 39.04 0.89
C VAL JA 36 -59.49 38.85 2.11
N HIS JA 37 -59.02 38.11 3.12
CA HIS JA 37 -59.77 37.79 4.34
C HIS JA 37 -59.31 38.56 5.56
N LYS JA 38 -60.16 38.57 6.60
CA LYS JA 38 -59.88 39.24 7.87
C LYS JA 38 -58.89 38.44 8.74
N THR JA 39 -58.70 37.14 8.44
CA THR JA 39 -57.80 36.27 9.17
C THR JA 39 -56.94 35.44 8.23
N GLY JA 40 -55.69 35.23 8.65
CA GLY JA 40 -54.72 34.42 7.92
C GLY JA 40 -53.69 35.19 7.12
N ASP JA 41 -52.53 34.54 6.86
CA ASP JA 41 -51.42 35.09 6.10
C ASP JA 41 -51.70 34.96 4.60
N GLU JA 42 -51.82 36.10 3.91
CA GLU JA 42 -52.15 36.17 2.48
C GLU JA 42 -51.24 37.12 1.71
N THR JA 43 -51.09 36.86 0.39
CA THR JA 43 -50.29 37.68 -0.51
C THR JA 43 -51.21 38.44 -1.47
N ILE JA 44 -51.05 39.77 -1.53
CA ILE JA 44 -51.88 40.68 -2.34
C ILE JA 44 -51.04 41.35 -3.43
N ALA JA 45 -51.56 41.37 -4.65
CA ALA JA 45 -50.92 41.99 -5.81
C ALA JA 45 -51.84 43.03 -6.45
N GLY JA 46 -51.25 44.10 -6.97
CA GLY JA 46 -51.99 45.17 -7.62
C GLY JA 46 -51.92 46.49 -6.89
N LYS JA 47 -52.20 47.59 -7.61
CA LYS JA 47 -52.17 48.95 -7.07
C LYS JA 47 -53.40 49.21 -6.18
N LYS JA 48 -53.20 49.12 -4.85
CA LYS JA 48 -54.27 49.32 -3.86
C LYS JA 48 -54.28 50.73 -3.31
N THR JA 49 -55.38 51.48 -3.52
CA THR JA 49 -55.55 52.86 -3.07
C THR JA 49 -56.52 52.94 -1.90
N PHE JA 50 -56.01 53.32 -0.74
CA PHE JA 50 -56.79 53.46 0.48
C PHE JA 50 -57.19 54.91 0.68
N THR JA 51 -58.48 55.23 0.47
CA THR JA 51 -59.02 56.58 0.62
C THR JA 51 -59.25 56.92 2.10
N GLY JA 52 -59.50 55.89 2.91
CA GLY JA 52 -59.71 56.01 4.34
C GLY JA 52 -58.44 56.08 5.16
N ASN JA 53 -58.56 55.90 6.49
CA ASN JA 53 -57.44 55.94 7.41
C ASN JA 53 -56.92 54.53 7.72
N VAL JA 54 -55.63 54.29 7.44
CA VAL JA 54 -54.99 52.98 7.67
C VAL JA 54 -54.36 52.95 9.04
N GLU JA 55 -54.62 51.89 9.81
CA GLU JA 55 -54.07 51.71 11.15
C GLU JA 55 -53.29 50.39 11.20
N VAL JA 56 -52.02 50.44 11.63
CA VAL JA 56 -51.16 49.25 11.75
C VAL JA 56 -50.79 49.06 13.23
N ASN JA 57 -51.00 47.85 13.74
CA ASN JA 57 -50.70 47.49 15.13
C ASN JA 57 -49.44 46.63 15.23
N GLY JA 58 -49.15 45.90 14.16
CA GLY JA 58 -47.97 45.05 14.10
C GLY JA 58 -46.75 45.81 13.62
N SER JA 59 -46.06 45.25 12.61
CA SER JA 59 -44.86 45.83 12.03
C SER JA 59 -45.02 46.10 10.54
N LEU JA 60 -44.57 47.26 10.08
CA LEU JA 60 -44.61 47.64 8.67
C LEU JA 60 -43.24 47.40 8.04
N THR JA 61 -43.20 46.55 6.98
CA THR JA 61 -41.97 46.19 6.28
C THR JA 61 -41.94 46.83 4.89
N LEU JA 62 -40.83 47.47 4.58
CA LEU JA 62 -40.61 48.13 3.29
C LEU JA 62 -39.34 47.58 2.62
N PRO JA 63 -39.13 47.74 1.29
CA PRO JA 63 -37.89 47.22 0.66
C PRO JA 63 -36.63 47.79 1.32
N THR JA 64 -35.77 46.91 1.86
CA THR JA 64 -34.55 47.28 2.58
C THR JA 64 -33.26 46.87 1.86
N LYS JA 65 -32.33 47.81 1.76
CA LYS JA 65 -31.01 47.61 1.16
C LYS JA 65 -29.96 48.33 2.01
N SER JA 66 -28.90 47.62 2.38
CA SER JA 66 -27.84 48.16 3.22
C SER JA 66 -26.52 48.33 2.47
N TRP JA 67 -25.75 49.37 2.84
CA TRP JA 67 -24.45 49.69 2.26
C TRP JA 67 -23.55 50.37 3.28
N SER JA 68 -22.26 50.02 3.26
CA SER JA 68 -21.25 50.60 4.15
C SER JA 68 -19.89 50.62 3.45
N GLY JA 69 -19.18 51.74 3.59
CA GLY JA 69 -17.87 51.94 2.99
C GLY JA 69 -17.20 53.24 3.37
N GLU JA 70 -15.85 53.26 3.32
CA GLU JA 70 -15.03 54.43 3.64
C GLU JA 70 -15.04 55.40 2.47
N LEU JA 71 -15.73 56.55 2.63
CA LEU JA 71 -15.88 57.58 1.60
C LEU JA 71 -14.56 58.25 1.20
N GLY JA 72 -13.73 58.53 2.19
CA GLY JA 72 -12.43 59.18 1.99
C GLY JA 72 -11.86 59.77 3.26
N GLY JA 73 -10.56 59.52 3.46
CA GLY JA 73 -9.81 60.03 4.60
C GLY JA 73 -9.98 59.26 5.89
N GLY JA 74 -10.79 58.21 5.85
CA GLY JA 74 -11.06 57.36 7.01
C GLY JA 74 -12.48 57.49 7.56
N ILE JA 75 -13.36 58.19 6.82
CA ILE JA 75 -14.76 58.38 7.23
C ILE JA 75 -15.64 57.30 6.60
N ILE JA 76 -16.22 56.43 7.44
CA ILE JA 76 -17.08 55.33 7.01
C ILE JA 76 -18.55 55.72 7.22
N LEU JA 77 -19.33 55.67 6.14
CA LEU JA 77 -20.76 55.99 6.15
C LEU JA 77 -21.58 54.72 5.98
N SER JA 78 -22.53 54.51 6.91
CA SER JA 78 -23.44 53.37 6.90
C SER JA 78 -24.82 53.83 6.43
N LEU JA 79 -25.24 53.32 5.27
CA LEU JA 79 -26.52 53.67 4.66
C LEU JA 79 -27.47 52.48 4.64
N ARG JA 80 -28.75 52.76 4.94
CA ARG JA 80 -29.82 51.76 4.93
C ARG JA 80 -31.10 52.39 4.38
N LYS JA 81 -31.53 51.91 3.20
CA LYS JA 81 -32.71 52.40 2.51
C LYS JA 81 -33.98 51.73 3.04
N LYS JA 82 -35.02 52.54 3.31
CA LYS JA 82 -36.33 52.08 3.77
C LYS JA 82 -37.42 52.84 3.00
N GLY JA 83 -37.76 52.30 1.83
CA GLY JA 83 -38.76 52.87 0.94
C GLY JA 83 -38.26 54.07 0.19
N THR JA 84 -38.71 55.27 0.61
CA THR JA 84 -38.36 56.57 0.02
C THR JA 84 -37.46 57.42 0.94
N THR JA 85 -36.95 56.81 2.04
CA THR JA 85 -36.09 57.45 3.02
C THR JA 85 -34.86 56.59 3.33
N VAL JA 86 -33.66 57.20 3.26
CA VAL JA 86 -32.38 56.52 3.52
C VAL JA 86 -31.83 56.99 4.87
N GLU JA 87 -31.51 56.03 5.74
CA GLU JA 87 -30.96 56.28 7.08
C GLU JA 87 -29.44 56.28 7.00
N TYR JA 88 -28.80 57.37 7.45
CA TYR JA 88 -27.34 57.50 7.43
C TYR JA 88 -26.72 57.38 8.81
N SER JA 89 -25.47 56.90 8.87
CA SER JA 89 -24.69 56.76 10.10
C SER JA 89 -23.21 57.03 9.81
N ILE JA 90 -22.69 58.11 10.39
CA ILE JA 90 -21.29 58.53 10.23
C ILE JA 90 -20.44 57.93 11.35
N GLY JA 91 -19.33 57.32 10.97
CA GLY JA 91 -18.38 56.69 11.89
C GLY JA 91 -16.98 56.58 11.34
N GLY JA 92 -16.07 56.07 12.18
CA GLY JA 92 -14.67 55.88 11.83
C GLY JA 92 -13.74 56.87 12.49
N GLU JA 93 -12.60 57.12 11.84
CA GLU JA 93 -11.55 58.04 12.30
C GLU JA 93 -10.78 58.64 11.12
N ILE JA 94 -10.59 59.96 11.15
CA ILE JA 94 -9.87 60.68 10.09
C ILE JA 94 -8.35 60.39 10.24
N SER JA 95 -7.80 59.67 9.23
CA SER JA 95 -6.39 59.27 9.18
C SER JA 95 -5.54 60.24 8.33
N SER JA 96 -5.95 60.48 7.07
CA SER JA 96 -5.27 61.38 6.13
C SER JA 96 -5.92 62.77 6.09
N SER JA 97 -5.15 63.78 5.69
CA SER JA 97 -5.61 65.17 5.60
C SER JA 97 -6.61 65.36 4.46
N ILE JA 98 -7.81 65.87 4.82
CA ILE JA 98 -8.89 66.16 3.88
C ILE JA 98 -9.02 67.67 3.75
N LEU JA 99 -8.91 68.18 2.52
CA LEU JA 99 -8.98 69.61 2.19
C LEU JA 99 -10.40 70.18 2.35
N ALA JA 100 -10.50 71.51 2.54
CA ALA JA 100 -11.78 72.20 2.69
C ALA JA 100 -12.44 72.31 1.31
N ASN JA 101 -13.76 71.97 1.24
CA ASN JA 101 -14.58 71.95 0.02
C ASN JA 101 -14.01 71.04 -1.10
N SER JA 102 -13.48 69.87 -0.69
CA SER JA 102 -12.88 68.88 -1.59
C SER JA 102 -13.72 67.61 -1.71
N ASN JA 103 -13.54 66.88 -2.83
CA ASN JA 103 -14.26 65.65 -3.14
C ASN JA 103 -13.61 64.42 -2.52
N LEU JA 104 -14.43 63.52 -1.95
CA LEU JA 104 -13.98 62.26 -1.35
C LEU JA 104 -13.94 61.23 -2.47
N VAL JA 105 -12.71 60.78 -2.80
CA VAL JA 105 -12.44 59.89 -3.93
C VAL JA 105 -12.19 58.40 -3.63
N ASN JA 106 -12.20 57.99 -2.34
CA ASN JA 106 -11.96 56.60 -1.95
C ASN JA 106 -13.06 55.65 -2.40
N ARG JA 107 -14.32 55.95 -2.02
CA ARG JA 107 -15.50 55.16 -2.38
C ARG JA 107 -16.68 56.09 -2.64
N SER JA 108 -17.39 55.84 -3.76
CA SER JA 108 -18.55 56.63 -4.16
C SER JA 108 -19.86 55.95 -3.76
N VAL JA 109 -20.88 56.74 -3.43
CA VAL JA 109 -22.20 56.25 -3.02
C VAL JA 109 -22.94 55.65 -4.23
N PRO JA 110 -23.44 54.38 -4.14
CA PRO JA 110 -24.15 53.77 -5.28
C PRO JA 110 -25.40 54.54 -5.70
N ASN JA 111 -25.74 54.50 -7.01
CA ASN JA 111 -26.88 55.22 -7.60
C ASN JA 111 -28.24 54.95 -6.95
N GLU JA 112 -28.44 53.74 -6.41
CA GLU JA 112 -29.69 53.33 -5.73
C GLU JA 112 -29.88 54.03 -4.37
N PHE JA 113 -28.80 54.61 -3.82
CA PHE JA 113 -28.78 55.35 -2.55
C PHE JA 113 -28.66 56.86 -2.79
N CYS JA 114 -28.32 57.26 -4.04
CA CYS JA 114 -28.16 58.65 -4.45
C CYS JA 114 -29.48 59.41 -4.53
N PRO JA 115 -29.59 60.59 -3.86
CA PRO JA 115 -30.85 61.36 -3.95
C PRO JA 115 -30.91 62.23 -5.22
N ARG JA 116 -32.13 62.71 -5.55
CA ARG JA 116 -32.37 63.57 -6.72
C ARG JA 116 -31.75 64.96 -6.51
N ASN JA 117 -31.84 65.48 -5.28
CA ASN JA 117 -31.30 66.77 -4.85
C ASN JA 117 -30.10 66.62 -3.91
N ARG JA 118 -29.28 67.70 -3.76
CA ARG JA 118 -28.12 67.72 -2.87
C ARG JA 118 -28.55 67.74 -1.40
N CYS JA 119 -28.14 66.70 -0.63
CA CYS JA 119 -28.50 66.57 0.79
C CYS JA 119 -27.28 66.79 1.69
N SER JA 120 -27.46 67.59 2.75
CA SER JA 120 -26.42 67.91 3.72
C SER JA 120 -26.59 67.09 5.00
N LEU JA 121 -25.56 66.30 5.36
CA LEU JA 121 -25.62 65.46 6.55
C LEU JA 121 -24.77 66.07 7.66
N VAL JA 122 -25.42 66.75 8.61
CA VAL JA 122 -24.76 67.42 9.73
C VAL JA 122 -24.20 66.40 10.74
N GLY JA 123 -22.94 66.59 11.11
CA GLY JA 123 -22.22 65.75 12.06
C GLY JA 123 -21.49 66.54 13.14
N HIS JA 124 -20.94 65.84 14.14
CA HIS JA 124 -20.20 66.43 15.25
C HIS JA 124 -18.88 65.70 15.52
N MET JA 125 -17.82 66.47 15.75
CA MET JA 125 -16.47 65.97 16.03
C MET JA 125 -16.29 65.75 17.53
N VAL JA 126 -15.83 64.55 17.90
CA VAL JA 126 -15.63 64.15 19.30
C VAL JA 126 -14.45 64.93 19.91
N GLY JA 127 -14.72 65.61 21.02
CA GLY JA 127 -13.70 66.36 21.74
C GLY JA 127 -13.93 67.86 21.88
N GLY JA 128 -14.57 68.46 20.88
CA GLY JA 128 -14.84 69.89 20.87
C GLY JA 128 -16.22 70.27 20.39
N TRP JA 129 -16.43 71.58 20.16
CA TRP JA 129 -17.68 72.15 19.66
C TRP JA 129 -17.64 72.24 18.12
N ASN JA 130 -16.98 71.26 17.49
CA ASN JA 130 -16.79 71.22 16.04
C ASN JA 130 -17.91 70.48 15.29
N ALA JA 131 -18.40 71.09 14.19
CA ALA JA 131 -19.45 70.55 13.34
C ALA JA 131 -19.01 70.44 11.88
N PHE JA 132 -19.61 69.52 11.12
CA PHE JA 132 -19.30 69.30 9.70
C PHE JA 132 -20.51 68.78 8.93
N HIS JA 133 -20.54 69.02 7.62
CA HIS JA 133 -21.61 68.52 6.76
C HIS JA 133 -21.04 67.95 5.46
N ILE JA 134 -21.60 66.83 4.99
CA ILE JA 134 -21.18 66.16 3.76
C ILE JA 134 -22.33 66.22 2.74
N ASP JA 135 -22.02 66.74 1.55
CA ASP JA 135 -23.01 66.87 0.48
C ASP JA 135 -22.96 65.67 -0.48
N ILE JA 136 -24.14 65.09 -0.77
CA ILE JA 136 -24.26 63.93 -1.66
C ILE JA 136 -25.09 64.31 -2.89
N PRO JA 137 -24.47 64.36 -4.09
CA PRO JA 137 -25.22 64.71 -5.30
C PRO JA 137 -25.82 63.47 -5.98
N SER JA 138 -26.34 63.64 -7.20
CA SER JA 138 -26.92 62.54 -7.97
C SER JA 138 -25.83 61.61 -8.53
N SER JA 139 -24.59 62.11 -8.64
CA SER JA 139 -23.45 61.36 -9.16
C SER JA 139 -22.96 60.29 -8.17
N GLY JA 140 -22.75 60.69 -6.91
CA GLY JA 140 -22.28 59.79 -5.86
C GLY JA 140 -21.01 60.24 -5.17
N VAL JA 141 -20.25 61.16 -5.81
CA VAL JA 141 -19.00 61.68 -5.27
C VAL JA 141 -19.29 62.69 -4.15
N CYS JA 142 -19.04 62.26 -2.90
CA CYS JA 142 -19.27 63.05 -1.69
C CYS JA 142 -18.29 64.20 -1.57
N GLN JA 143 -18.70 65.28 -0.89
CA GLN JA 143 -17.85 66.47 -0.69
C GLN JA 143 -17.81 66.88 0.77
N TRP JA 144 -16.59 67.00 1.31
CA TRP JA 144 -16.35 67.45 2.70
C TRP JA 144 -16.38 68.98 2.68
N PHE JA 145 -17.45 69.57 3.24
CA PHE JA 145 -17.63 71.03 3.28
C PHE JA 145 -17.14 71.72 4.56
N GLY JA 146 -16.46 70.95 5.42
CA GLY JA 146 -15.86 71.50 6.64
C GLY JA 146 -14.47 72.05 6.39
N PRO JA 147 -13.73 72.45 7.44
CA PRO JA 147 -12.36 72.98 7.23
C PRO JA 147 -11.35 71.86 6.95
N THR JA 148 -10.11 72.24 6.61
CA THR JA 148 -9.04 71.27 6.34
C THR JA 148 -8.66 70.53 7.65
N ALA JA 149 -9.12 69.26 7.77
CA ALA JA 149 -8.86 68.43 8.95
C ALA JA 149 -8.03 67.21 8.61
N SER JA 150 -7.15 66.80 9.53
CA SER JA 150 -6.25 65.66 9.37
C SER JA 150 -6.53 64.57 10.40
N SER JA 151 -7.09 64.96 11.57
CA SER JA 151 -7.41 64.05 12.68
C SER JA 151 -8.72 64.42 13.35
N GLY JA 152 -9.40 63.41 13.89
CA GLY JA 152 -10.66 63.58 14.60
C GLY JA 152 -11.64 62.45 14.38
N THR JA 153 -12.64 62.35 15.27
CA THR JA 153 -13.67 61.31 15.21
C THR JA 153 -15.00 61.85 14.64
N PRO JA 154 -15.40 61.41 13.42
CA PRO JA 154 -16.68 61.88 12.85
C PRO JA 154 -17.86 61.03 13.32
N ARG JA 155 -18.94 61.69 13.78
CA ARG JA 155 -20.15 61.01 14.25
C ARG JA 155 -21.40 61.76 13.80
N GLY JA 156 -22.49 61.02 13.57
CA GLY JA 156 -23.77 61.59 13.14
C GLY JA 156 -24.71 60.55 12.59
N THR JA 157 -25.95 60.53 13.12
CA THR JA 157 -27.00 59.59 12.70
C THR JA 157 -28.32 60.33 12.48
N GLY JA 158 -28.99 60.03 11.37
CA GLY JA 158 -30.26 60.61 11.00
C GLY JA 158 -30.87 59.99 9.76
N THR JA 159 -31.70 60.78 9.04
CA THR JA 159 -32.40 60.36 7.82
C THR JA 159 -32.34 61.47 6.77
N TYR JA 160 -32.35 61.09 5.49
CA TYR JA 160 -32.35 62.04 4.37
C TYR JA 160 -33.25 61.56 3.20
N PRO JA 161 -34.03 62.46 2.54
CA PRO JA 161 -34.89 62.01 1.42
C PRO JA 161 -34.12 61.61 0.18
N ILE JA 162 -34.71 60.73 -0.65
CA ILE JA 162 -34.11 60.25 -1.90
C ILE JA 162 -34.81 60.85 -3.14
N ASP JA 163 -36.09 61.21 -3.01
CA ASP JA 163 -36.94 61.80 -4.06
C ASP JA 163 -37.26 63.27 -3.79
N SER JA 164 -37.54 64.05 -4.86
CA SER JA 164 -37.87 65.47 -4.76
C SER JA 164 -38.96 65.87 -5.75
N ALA KA 2 -32.03 21.27 -79.70
CA ALA KA 2 -31.58 20.19 -80.60
C ALA KA 2 -32.58 19.94 -81.73
N SER KA 3 -32.07 19.62 -82.93
CA SER KA 3 -32.92 19.31 -84.07
C SER KA 3 -33.42 17.87 -83.96
N ILE KA 4 -34.72 17.71 -83.69
CA ILE KA 4 -35.36 16.41 -83.50
C ILE KA 4 -36.49 16.14 -84.49
N LYS KA 5 -36.66 14.85 -84.84
CA LYS KA 5 -37.71 14.41 -85.75
C LYS KA 5 -38.98 14.06 -84.98
N LYS KA 6 -40.13 14.27 -85.64
CA LYS KA 6 -41.44 14.03 -85.06
C LYS KA 6 -41.78 12.55 -85.06
N VAL KA 7 -42.29 12.05 -83.92
CA VAL KA 7 -42.70 10.66 -83.71
C VAL KA 7 -44.23 10.56 -83.86
N TYR KA 8 -44.69 9.66 -84.74
CA TYR KA 8 -46.11 9.45 -85.04
C TYR KA 8 -46.41 7.96 -85.20
N ARG KA 9 -47.70 7.58 -85.12
CA ARG KA 9 -48.12 6.20 -85.25
C ARG KA 9 -47.96 5.71 -86.67
N GLY KA 10 -47.44 4.50 -86.82
CA GLY KA 10 -47.20 3.91 -88.13
C GLY KA 10 -46.00 4.53 -88.82
N MET KA 11 -44.99 4.87 -88.02
CA MET KA 11 -43.79 5.47 -88.54
C MET KA 11 -42.82 4.40 -89.03
N LYS KA 12 -42.34 4.61 -90.26
CA LYS KA 12 -41.34 3.76 -90.82
C LYS KA 12 -40.20 4.08 -89.89
N ASN KA 13 -39.53 3.04 -89.45
CA ASN KA 13 -38.43 3.15 -88.48
C ASN KA 13 -38.84 3.94 -87.24
N GLY KA 14 -39.61 3.26 -86.40
CA GLY KA 14 -40.07 3.78 -85.13
C GLY KA 14 -38.95 3.85 -84.12
N ALA KA 15 -38.29 2.74 -83.86
CA ALA KA 15 -37.20 2.74 -82.89
C ALA KA 15 -35.95 3.53 -83.31
N GLU KA 16 -35.66 3.59 -84.61
CA GLU KA 16 -34.46 4.26 -85.13
C GLU KA 16 -34.48 5.74 -84.93
N THR KA 17 -35.62 6.35 -85.28
CA THR KA 17 -35.92 7.78 -85.17
C THR KA 17 -35.81 8.23 -83.72
N ILE KA 18 -36.38 7.44 -82.76
CA ILE KA 18 -36.35 7.72 -81.33
C ILE KA 18 -34.90 7.73 -80.83
N ASN KA 19 -34.11 6.72 -81.23
CA ASN KA 19 -32.70 6.59 -80.85
C ASN KA 19 -31.87 7.81 -81.28
N ASP KA 20 -32.09 8.28 -82.52
CA ASP KA 20 -31.39 9.45 -83.05
C ASP KA 20 -31.80 10.74 -82.33
N ASP KA 21 -33.07 10.82 -81.91
CA ASP KA 21 -33.62 11.96 -81.18
C ASP KA 21 -33.07 12.01 -79.77
N LEU KA 22 -32.95 10.84 -79.12
CA LEU KA 22 -32.42 10.74 -77.77
C LEU KA 22 -30.92 11.06 -77.74
N GLU KA 23 -30.18 10.62 -78.79
CA GLU KA 23 -28.74 10.84 -78.92
C GLU KA 23 -28.42 12.33 -79.20
N ALA KA 24 -29.30 13.00 -79.96
CA ALA KA 24 -29.19 14.42 -80.31
C ALA KA 24 -29.39 15.30 -79.08
N ILE KA 25 -30.34 14.91 -78.19
CA ILE KA 25 -30.64 15.63 -76.96
C ILE KA 25 -29.49 15.40 -75.95
N ASN KA 26 -29.04 14.13 -75.80
CA ASN KA 26 -27.96 13.76 -74.89
C ASN KA 26 -26.63 14.43 -75.27
N SER KA 27 -26.40 14.68 -76.59
CA SER KA 27 -25.20 15.34 -77.10
C SER KA 27 -25.14 16.78 -76.61
N GLU KA 28 -26.29 17.46 -76.57
CA GLU KA 28 -26.44 18.84 -76.11
C GLU KA 28 -26.35 18.95 -74.58
N LEU KA 29 -26.59 17.85 -73.85
CA LEU KA 29 -26.48 17.79 -72.38
C LEU KA 29 -25.03 17.80 -71.89
N THR KA 30 -24.09 17.45 -72.77
CA THR KA 30 -22.66 17.36 -72.47
C THR KA 30 -21.86 18.52 -73.10
N SER KA 31 -22.13 18.84 -74.39
CA SER KA 31 -21.44 19.88 -75.13
C SER KA 31 -22.31 20.60 -76.18
N GLY KA 32 -22.04 21.89 -76.35
CA GLY KA 32 -22.71 22.74 -77.33
C GLY KA 32 -24.16 23.06 -77.03
N GLY KA 33 -24.93 23.30 -78.11
CA GLY KA 33 -26.34 23.65 -78.02
C GLY KA 33 -26.59 25.06 -77.52
N ASN KA 34 -27.66 25.26 -76.74
CA ASN KA 34 -28.02 26.56 -76.18
C ASN KA 34 -27.97 26.58 -74.65
N VAL KA 35 -27.33 25.56 -74.05
CA VAL KA 35 -27.20 25.42 -72.60
C VAL KA 35 -25.77 25.62 -72.09
N VAL KA 36 -25.64 26.22 -70.90
CA VAL KA 36 -24.35 26.48 -70.26
C VAL KA 36 -23.88 25.21 -69.55
N HIS KA 37 -22.66 24.75 -69.88
CA HIS KA 37 -22.06 23.53 -69.33
C HIS KA 37 -21.00 23.79 -68.27
N LYS KA 38 -20.72 22.76 -67.46
CA LYS KA 38 -19.70 22.77 -66.41
C LYS KA 38 -18.29 22.60 -66.99
N THR KA 39 -18.20 22.24 -68.28
CA THR KA 39 -16.94 22.03 -68.99
C THR KA 39 -16.97 22.69 -70.37
N GLY KA 40 -15.83 23.26 -70.76
CA GLY KA 40 -15.66 23.90 -72.06
C GLY KA 40 -15.88 25.40 -72.07
N ASP KA 41 -15.32 26.06 -73.10
CA ASP KA 41 -15.42 27.50 -73.30
C ASP KA 41 -16.69 27.84 -74.06
N GLU KA 42 -17.58 28.62 -73.43
CA GLU KA 42 -18.87 29.00 -74.00
C GLU KA 42 -19.18 30.50 -73.85
N THR KA 43 -20.03 31.04 -74.76
CA THR KA 43 -20.47 32.43 -74.75
C THR KA 43 -21.93 32.49 -74.28
N ILE KA 44 -22.19 33.35 -73.29
CA ILE KA 44 -23.52 33.53 -72.66
C ILE KA 44 -24.04 34.95 -72.91
N ALA KA 45 -25.31 35.06 -73.29
CA ALA KA 45 -25.99 36.32 -73.57
C ALA KA 45 -27.25 36.45 -72.70
N GLY KA 46 -27.59 37.69 -72.37
CA GLY KA 46 -28.76 38.00 -71.54
C GLY KA 46 -28.42 38.39 -70.12
N LYS KA 47 -29.39 39.02 -69.44
CA LYS KA 47 -29.24 39.46 -68.06
C LYS KA 47 -29.32 38.29 -67.09
N LYS KA 48 -28.16 37.91 -66.53
CA LYS KA 48 -28.03 36.80 -65.59
C LYS KA 48 -27.91 37.32 -64.15
N THR KA 49 -28.98 37.09 -63.36
CA THR KA 49 -29.06 37.52 -61.96
C THR KA 49 -28.72 36.39 -61.00
N PHE KA 50 -27.55 36.47 -60.35
CA PHE KA 50 -27.06 35.49 -59.39
C PHE KA 50 -27.46 35.89 -57.98
N THR KA 51 -28.48 35.21 -57.43
CA THR KA 51 -28.98 35.48 -56.09
C THR KA 51 -28.05 34.89 -55.02
N GLY KA 52 -27.37 33.80 -55.36
CA GLY KA 52 -26.40 33.12 -54.50
C GLY KA 52 -25.02 33.73 -54.52
N ASN KA 53 -24.04 33.00 -53.95
CA ASN KA 53 -22.66 33.45 -53.87
C ASN KA 53 -21.83 32.98 -55.08
N VAL KA 54 -21.07 33.89 -55.67
CA VAL KA 54 -20.23 33.60 -56.84
C VAL KA 54 -18.75 33.56 -56.44
N GLU KA 55 -18.06 32.48 -56.84
CA GLU KA 55 -16.64 32.30 -56.57
C GLU KA 55 -15.88 32.13 -57.89
N VAL KA 56 -14.83 32.94 -58.09
CA VAL KA 56 -13.98 32.91 -59.28
C VAL KA 56 -12.55 32.54 -58.86
N ASN KA 57 -12.03 31.46 -59.47
CA ASN KA 57 -10.68 30.96 -59.21
C ASN KA 57 -9.69 31.46 -60.27
N GLY KA 58 -10.21 31.76 -61.47
CA GLY KA 58 -9.42 32.27 -62.58
C GLY KA 58 -9.29 33.78 -62.55
N SER KA 59 -9.37 34.42 -63.73
CA SER KA 59 -9.26 35.87 -63.86
C SER KA 59 -10.56 36.49 -64.36
N LEU KA 60 -10.97 37.62 -63.75
CA LEU KA 60 -12.17 38.35 -64.12
C LEU KA 60 -11.82 39.49 -65.08
N THR KA 61 -12.49 39.53 -66.25
CA THR KA 61 -12.26 40.54 -67.28
C THR KA 61 -13.48 41.47 -67.39
N LEU KA 62 -13.21 42.78 -67.39
CA LEU KA 62 -14.26 43.79 -67.49
C LEU KA 62 -13.93 44.78 -68.63
N PRO KA 63 -14.92 45.53 -69.19
CA PRO KA 63 -14.59 46.50 -70.25
C PRO KA 63 -13.48 47.49 -69.86
N THR KA 64 -12.44 47.60 -70.70
CA THR KA 64 -11.27 48.44 -70.44
C THR KA 64 -11.03 49.47 -71.55
N LYS KA 65 -10.75 50.72 -71.13
CA LYS KA 65 -10.43 51.83 -72.02
C LYS KA 65 -9.38 52.71 -71.35
N SER KA 66 -8.29 53.02 -72.07
CA SER KA 66 -7.19 53.82 -71.56
C SER KA 66 -7.09 55.20 -72.21
N TRP KA 67 -6.62 56.20 -71.44
CA TRP KA 67 -6.43 57.59 -71.89
C TRP KA 67 -5.27 58.24 -71.15
N SER KA 68 -4.46 59.01 -71.89
CA SER KA 68 -3.31 59.73 -71.35
C SER KA 68 -3.14 61.06 -72.09
N GLY KA 69 -2.87 62.12 -71.33
CA GLY KA 69 -2.68 63.46 -71.86
C GLY KA 69 -2.30 64.50 -70.82
N GLU KA 70 -1.61 65.56 -71.26
CA GLU KA 70 -1.18 66.67 -70.40
C GLU KA 70 -2.36 67.59 -70.09
N LEU KA 71 -2.77 67.66 -68.81
CA LEU KA 71 -3.90 68.48 -68.36
C LEU KA 71 -3.61 69.98 -68.44
N GLY KA 72 -2.40 70.37 -68.03
CA GLY KA 72 -1.94 71.75 -68.04
C GLY KA 72 -0.66 71.99 -67.27
N GLY KA 73 0.34 72.52 -67.97
CA GLY KA 73 1.64 72.85 -67.40
C GLY KA 73 2.51 71.67 -67.04
N GLY KA 74 2.65 70.73 -67.98
CA GLY KA 74 3.48 69.54 -67.83
C GLY KA 74 2.97 68.48 -66.87
N ILE KA 75 1.67 68.54 -66.52
CA ILE KA 75 1.03 67.56 -65.62
C ILE KA 75 0.25 66.54 -66.47
N ILE KA 76 0.81 65.34 -66.62
CA ILE KA 76 0.22 64.26 -67.42
C ILE KA 76 -0.51 63.27 -66.51
N LEU KA 77 -1.81 63.04 -66.82
CA LEU KA 77 -2.66 62.12 -66.08
C LEU KA 77 -3.00 60.90 -66.92
N SER KA 78 -2.71 59.70 -66.38
CA SER KA 78 -2.98 58.43 -67.03
C SER KA 78 -4.24 57.83 -66.42
N LEU KA 79 -5.28 57.65 -67.24
CA LEU KA 79 -6.56 57.11 -66.80
C LEU KA 79 -6.88 55.78 -67.47
N ARG KA 80 -7.49 54.86 -66.71
CA ARG KA 80 -7.93 53.55 -67.20
C ARG KA 80 -9.21 53.14 -66.50
N LYS KA 81 -10.28 52.97 -67.29
CA LYS KA 81 -11.62 52.59 -66.83
C LYS KA 81 -11.79 51.07 -66.77
N LYS KA 82 -12.34 50.60 -65.64
CA LYS KA 82 -12.63 49.18 -65.40
C LYS KA 82 -14.05 49.03 -64.85
N GLY KA 83 -15.02 49.10 -65.75
CA GLY KA 83 -16.43 48.99 -65.43
C GLY KA 83 -17.00 50.25 -64.82
N THR KA 84 -17.03 50.29 -63.48
CA THR KA 84 -17.57 51.41 -62.70
C THR KA 84 -16.51 52.15 -61.87
N THR KA 85 -15.23 51.74 -62.00
CA THR KA 85 -14.11 52.35 -61.28
C THR KA 85 -12.98 52.72 -62.25
N VAL KA 86 -12.50 53.97 -62.17
CA VAL KA 86 -11.43 54.47 -63.03
C VAL KA 86 -10.15 54.64 -62.21
N GLU KA 87 -9.05 54.06 -62.70
CA GLU KA 87 -7.73 54.11 -62.04
C GLU KA 87 -6.95 55.30 -62.60
N TYR KA 88 -6.48 56.19 -61.71
CA TYR KA 88 -5.72 57.38 -62.08
C TYR KA 88 -4.24 57.27 -61.71
N SER KA 89 -3.38 57.94 -62.49
CA SER KA 89 -1.93 57.98 -62.25
C SER KA 89 -1.39 59.36 -62.65
N ILE KA 90 -0.84 60.11 -61.68
CA ILE KA 90 -0.29 61.45 -61.89
C ILE KA 90 1.22 61.33 -62.15
N GLY KA 91 1.67 61.95 -63.25
CA GLY KA 91 3.06 61.95 -63.67
C GLY KA 91 3.50 63.23 -64.34
N GLY KA 92 4.74 63.23 -64.83
CA GLY KA 92 5.35 64.37 -65.50
C GLY KA 92 6.10 65.30 -64.57
N GLU KA 93 6.30 66.55 -65.01
CA GLU KA 93 6.98 67.60 -64.26
C GLU KA 93 6.40 68.98 -64.63
N ILE KA 94 6.16 69.82 -63.62
CA ILE KA 94 5.60 71.18 -63.79
C ILE KA 94 6.59 72.11 -64.50
N SER KA 95 6.20 72.58 -65.71
CA SER KA 95 7.01 73.48 -66.55
C SER KA 95 6.58 74.94 -66.42
N SER KA 96 5.29 75.23 -66.67
CA SER KA 96 4.73 76.58 -66.59
C SER KA 96 4.06 76.84 -65.22
N SER KA 97 3.74 78.11 -64.93
CA SER KA 97 3.11 78.50 -63.67
C SER KA 97 1.60 78.30 -63.70
N ILE KA 98 1.10 77.50 -62.74
CA ILE KA 98 -0.33 77.22 -62.55
C ILE KA 98 -0.80 77.96 -61.30
N LEU KA 99 -1.79 78.84 -61.47
CA LEU KA 99 -2.37 79.66 -60.41
C LEU KA 99 -3.17 78.82 -59.40
N ALA KA 100 -3.38 79.36 -58.18
CA ALA KA 100 -4.16 78.70 -57.14
C ALA KA 100 -5.65 78.79 -57.48
N ASN KA 101 -6.37 77.65 -57.37
CA ASN KA 101 -7.80 77.49 -57.69
C ASN KA 101 -8.15 77.87 -59.15
N SER KA 102 -7.26 77.50 -60.09
CA SER KA 102 -7.41 77.75 -61.53
C SER KA 102 -7.61 76.47 -62.34
N ASN KA 103 -8.33 76.58 -63.46
CA ASN KA 103 -8.64 75.46 -64.35
C ASN KA 103 -7.52 75.17 -65.36
N LEU KA 104 -7.18 73.88 -65.52
CA LEU KA 104 -6.16 73.42 -66.46
C LEU KA 104 -6.82 73.29 -67.84
N VAL KA 105 -6.45 74.19 -68.75
CA VAL KA 105 -7.07 74.30 -70.08
C VAL KA 105 -6.27 73.75 -71.28
N ASN KA 106 -5.21 72.95 -71.04
CA ASN KA 106 -4.41 72.36 -72.13
C ASN KA 106 -5.16 71.24 -72.83
N ARG KA 107 -5.69 70.27 -72.05
CA ARG KA 107 -6.47 69.14 -72.54
C ARG KA 107 -7.49 68.69 -71.49
N SER KA 108 -8.75 68.49 -71.92
CA SER KA 108 -9.85 68.08 -71.05
C SER KA 108 -10.04 66.57 -71.02
N VAL KA 109 -10.58 66.06 -69.89
CA VAL KA 109 -10.84 64.63 -69.69
C VAL KA 109 -12.10 64.22 -70.48
N PRO KA 110 -12.03 63.14 -71.33
CA PRO KA 110 -13.21 62.73 -72.10
C PRO KA 110 -14.43 62.34 -71.25
N ASN KA 111 -15.65 62.51 -71.80
CA ASN KA 111 -16.92 62.26 -71.12
C ASN KA 111 -17.09 60.83 -70.58
N GLU KA 112 -16.51 59.83 -71.27
CA GLU KA 112 -16.57 58.43 -70.86
C GLU KA 112 -15.76 58.12 -69.58
N PHE KA 113 -14.87 59.06 -69.18
CA PHE KA 113 -14.04 58.98 -67.97
C PHE KA 113 -14.53 59.95 -66.88
N CYS KA 114 -15.43 60.89 -67.27
CA CYS KA 114 -15.98 61.90 -66.37
C CYS KA 114 -16.98 61.32 -65.36
N PRO KA 115 -16.77 61.55 -64.04
CA PRO KA 115 -17.72 61.03 -63.02
C PRO KA 115 -18.97 61.90 -62.88
N ARG KA 116 -20.02 61.36 -62.23
CA ARG KA 116 -21.28 62.09 -62.00
C ARG KA 116 -21.07 63.21 -60.98
N ASN KA 117 -20.34 62.90 -59.89
CA ASN KA 117 -19.99 63.86 -58.83
C ASN KA 117 -18.50 64.25 -58.90
N ARG KA 118 -18.14 65.41 -58.33
CA ARG KA 118 -16.76 65.92 -58.32
C ARG KA 118 -15.86 65.05 -57.45
N CYS KA 119 -14.77 64.52 -58.04
CA CYS KA 119 -13.81 63.63 -57.36
C CYS KA 119 -12.46 64.31 -57.17
N SER KA 120 -11.90 64.18 -55.96
CA SER KA 120 -10.60 64.75 -55.57
C SER KA 120 -9.48 63.72 -55.65
N LEU KA 121 -8.40 64.04 -56.38
CA LEU KA 121 -7.26 63.13 -56.52
C LEU KA 121 -6.06 63.62 -55.70
N VAL KA 122 -5.86 63.03 -54.51
CA VAL KA 122 -4.78 63.40 -53.60
C VAL KA 122 -3.41 62.95 -54.15
N GLY KA 123 -2.47 63.90 -54.22
CA GLY KA 123 -1.11 63.69 -54.71
C GLY KA 123 -0.04 64.25 -53.81
N HIS KA 124 1.24 63.90 -54.11
CA HIS KA 124 2.40 64.35 -53.33
C HIS KA 124 3.51 64.87 -54.23
N MET KA 125 4.14 65.98 -53.82
CA MET KA 125 5.23 66.62 -54.55
C MET KA 125 6.57 66.04 -54.13
N VAL KA 126 7.41 65.67 -55.11
CA VAL KA 126 8.74 65.09 -54.88
C VAL KA 126 9.69 66.16 -54.33
N GLY KA 127 10.31 65.86 -53.20
CA GLY KA 127 11.26 66.75 -52.54
C GLY KA 127 10.84 67.17 -51.14
N GLY KA 128 9.63 67.72 -51.04
CA GLY KA 128 9.08 68.19 -49.77
C GLY KA 128 7.88 67.42 -49.28
N TRP KA 129 7.27 67.92 -48.17
CA TRP KA 129 6.07 67.35 -47.55
C TRP KA 129 4.80 67.95 -48.21
N ASN KA 130 4.98 68.57 -49.39
CA ASN KA 130 3.93 69.23 -50.18
C ASN KA 130 2.90 68.27 -50.76
N ALA KA 131 1.60 68.61 -50.61
CA ALA KA 131 0.46 67.84 -51.08
C ALA KA 131 -0.45 68.67 -51.98
N PHE KA 132 -1.16 68.02 -52.91
CA PHE KA 132 -2.08 68.67 -53.84
C PHE KA 132 -3.25 67.77 -54.22
N HIS KA 133 -4.35 68.38 -54.68
CA HIS KA 133 -5.52 67.64 -55.15
C HIS KA 133 -6.13 68.31 -56.38
N ILE KA 134 -6.49 67.50 -57.39
CA ILE KA 134 -7.09 67.97 -58.64
C ILE KA 134 -8.52 67.45 -58.72
N ASP KA 135 -9.49 68.37 -58.85
CA ASP KA 135 -10.90 68.02 -58.92
C ASP KA 135 -11.35 67.75 -60.36
N ILE KA 136 -12.07 66.65 -60.58
CA ILE KA 136 -12.59 66.29 -61.90
C ILE KA 136 -14.10 66.50 -61.94
N PRO KA 137 -14.58 67.59 -62.58
CA PRO KA 137 -16.03 67.82 -62.67
C PRO KA 137 -16.65 66.98 -63.79
N SER KA 138 -17.98 67.07 -63.93
CA SER KA 138 -18.73 66.34 -64.95
C SER KA 138 -18.47 66.90 -66.37
N SER KA 139 -17.96 68.14 -66.45
CA SER KA 139 -17.63 68.85 -67.69
C SER KA 139 -16.40 68.25 -68.40
N GLY KA 140 -15.32 68.07 -67.66
CA GLY KA 140 -14.08 67.52 -68.18
C GLY KA 140 -12.83 68.34 -67.87
N VAL KA 141 -13.00 69.66 -67.72
CA VAL KA 141 -11.91 70.61 -67.43
C VAL KA 141 -11.48 70.47 -65.97
N CYS KA 142 -10.30 69.86 -65.75
CA CYS KA 142 -9.72 69.64 -64.42
C CYS KA 142 -9.28 70.94 -63.79
N GLN KA 143 -9.47 71.07 -62.47
CA GLN KA 143 -9.11 72.26 -61.72
C GLN KA 143 -8.06 71.98 -60.64
N TRP KA 144 -6.94 72.72 -60.69
CA TRP KA 144 -5.85 72.64 -59.70
C TRP KA 144 -6.29 73.39 -58.44
N PHE KA 145 -6.57 72.65 -57.36
CA PHE KA 145 -7.04 73.20 -56.09
C PHE KA 145 -5.94 73.51 -55.07
N GLY KA 146 -4.69 73.26 -55.44
CA GLY KA 146 -3.53 73.55 -54.60
C GLY KA 146 -3.08 75.00 -54.73
N PRO KA 147 -1.94 75.39 -54.12
CA PRO KA 147 -1.48 76.78 -54.25
C PRO KA 147 -0.73 77.04 -55.57
N THR KA 148 -0.31 78.29 -55.81
CA THR KA 148 0.41 78.67 -57.01
C THR KA 148 1.80 78.03 -57.03
N ALA KA 149 2.09 77.27 -58.09
CA ALA KA 149 3.36 76.57 -58.28
C ALA KA 149 3.84 76.67 -59.73
N SER KA 150 5.17 76.73 -59.91
CA SER KA 150 5.81 76.83 -61.23
C SER KA 150 6.75 75.66 -61.51
N SER KA 151 7.28 75.01 -60.45
CA SER KA 151 8.21 73.88 -60.55
C SER KA 151 7.89 72.79 -59.53
N GLY KA 152 8.25 71.55 -59.87
CA GLY KA 152 8.04 70.38 -59.02
C GLY KA 152 7.59 69.15 -59.76
N THR KA 153 7.73 67.98 -59.12
CA THR KA 153 7.34 66.70 -59.71
C THR KA 153 6.04 66.15 -59.09
N PRO KA 154 4.90 66.18 -59.84
CA PRO KA 154 3.64 65.65 -59.28
C PRO KA 154 3.54 64.13 -59.40
N ARG KA 155 3.12 63.48 -58.30
CA ARG KA 155 2.96 62.01 -58.23
C ARG KA 155 1.71 61.63 -57.42
N GLY KA 156 1.06 60.53 -57.80
CA GLY KA 156 -0.15 60.03 -57.15
C GLY KA 156 -0.88 58.99 -57.96
N THR KA 157 -1.14 57.82 -57.34
CA THR KA 157 -1.83 56.69 -57.98
C THR KA 157 -2.92 56.13 -57.04
N GLY KA 158 -4.11 55.91 -57.60
CA GLY KA 158 -5.26 55.39 -56.89
C GLY KA 158 -6.44 55.07 -57.79
N THR KA 159 -7.66 55.12 -57.22
CA THR KA 159 -8.92 54.85 -57.92
C THR KA 159 -9.98 55.87 -57.53
N TYR KA 160 -10.90 56.17 -58.46
CA TYR KA 160 -12.01 57.09 -58.22
C TYR KA 160 -13.31 56.60 -58.85
N PRO KA 161 -14.48 56.76 -58.17
CA PRO KA 161 -15.75 56.28 -58.75
C PRO KA 161 -16.22 57.13 -59.92
N ILE KA 162 -17.08 56.55 -60.77
CA ILE KA 162 -17.64 57.23 -61.94
C ILE KA 162 -19.18 57.44 -61.84
N ASP KA 163 -19.85 56.61 -61.02
CA ASP KA 163 -21.30 56.64 -60.82
C ASP KA 163 -21.70 56.93 -59.37
N SER KA 164 -22.93 57.44 -59.17
CA SER KA 164 -23.49 57.75 -57.85
C SER KA 164 -24.96 57.32 -57.74
N ALA LA 2 -38.50 19.00 -66.68
CA ALA LA 2 -39.68 18.95 -67.55
C ALA LA 2 -40.68 17.89 -67.09
N SER LA 3 -41.97 18.19 -67.22
CA SER LA 3 -43.03 17.25 -66.84
C SER LA 3 -43.22 16.24 -67.97
N ILE LA 4 -42.88 14.97 -67.70
CA ILE LA 4 -42.96 13.87 -68.67
C ILE LA 4 -43.85 12.74 -68.19
N LYS LA 5 -44.49 12.04 -69.14
CA LYS LA 5 -45.36 10.91 -68.85
C LYS LA 5 -44.59 9.59 -68.97
N LYS LA 6 -44.95 8.59 -68.17
CA LYS LA 6 -44.29 7.29 -68.18
C LYS LA 6 -44.65 6.48 -69.41
N VAL LA 7 -43.65 5.75 -69.94
CA VAL LA 7 -43.78 4.86 -71.10
C VAL LA 7 -43.76 3.40 -70.61
N TYR LA 8 -44.81 2.64 -70.95
CA TYR LA 8 -45.00 1.24 -70.55
C TYR LA 8 -45.56 0.36 -71.67
N ARG LA 9 -45.49 -0.98 -71.49
CA ARG LA 9 -46.00 -1.96 -72.46
C ARG LA 9 -47.52 -1.98 -72.45
N GLY LA 10 -48.12 -1.96 -73.63
CA GLY LA 10 -49.56 -1.95 -73.81
C GLY LA 10 -50.18 -0.60 -73.53
N MET LA 11 -49.44 0.45 -73.85
CA MET LA 11 -49.85 1.82 -73.62
C MET LA 11 -50.63 2.37 -74.82
N LYS LA 12 -51.78 2.98 -74.55
CA LYS LA 12 -52.61 3.62 -75.58
C LYS LA 12 -51.94 4.95 -75.94
N ASN LA 13 -51.83 5.25 -77.25
CA ASN LA 13 -51.17 6.45 -77.79
C ASN LA 13 -49.70 6.52 -77.37
N GLY LA 14 -48.97 5.44 -77.68
CA GLY LA 14 -47.56 5.30 -77.37
C GLY LA 14 -46.68 6.29 -78.12
N ALA LA 15 -46.83 6.32 -79.45
CA ALA LA 15 -46.08 7.22 -80.34
C ALA LA 15 -46.34 8.71 -80.00
N GLU LA 16 -47.57 9.02 -79.59
CA GLU LA 16 -48.01 10.36 -79.21
C GLU LA 16 -47.31 10.80 -77.91
N THR LA 17 -47.24 9.89 -76.92
CA THR LA 17 -46.65 10.13 -75.61
C THR LA 17 -45.15 10.40 -75.75
N ILE LA 18 -44.44 9.54 -76.52
CA ILE LA 18 -43.00 9.66 -76.75
C ILE LA 18 -42.66 11.02 -77.38
N ASN LA 19 -43.41 11.38 -78.43
CA ASN LA 19 -43.22 12.65 -79.13
C ASN LA 19 -43.41 13.85 -78.21
N ASP LA 20 -44.48 13.82 -77.38
CA ASP LA 20 -44.79 14.90 -76.43
C ASP LA 20 -43.73 15.01 -75.33
N ASP LA 21 -43.14 13.86 -74.94
CA ASP LA 21 -42.08 13.80 -73.94
C ASP LA 21 -40.77 14.35 -74.51
N LEU LA 22 -40.47 14.00 -75.78
CA LEU LA 22 -39.26 14.46 -76.44
C LEU LA 22 -39.32 15.98 -76.71
N GLU LA 23 -40.51 16.49 -77.08
CA GLU LA 23 -40.74 17.90 -77.36
C GLU LA 23 -40.64 18.76 -76.09
N ALA LA 24 -41.12 18.22 -74.94
CA ALA LA 24 -41.09 18.87 -73.62
C ALA LA 24 -39.67 19.02 -73.12
N ILE LA 25 -38.86 18.00 -73.39
CA ILE LA 25 -37.45 17.96 -73.02
C ILE LA 25 -36.69 18.94 -73.91
N ASN LA 26 -36.84 18.84 -75.24
CA ASN LA 26 -36.17 19.72 -76.19
C ASN LA 26 -36.49 21.20 -75.99
N SER LA 27 -37.70 21.50 -75.46
CA SER LA 27 -38.16 22.86 -75.16
C SER LA 27 -37.32 23.50 -74.05
N GLU LA 28 -36.95 22.69 -73.05
CA GLU LA 28 -36.13 23.12 -71.92
C GLU LA 28 -34.66 23.29 -72.34
N LEU LA 29 -34.24 22.68 -73.47
CA LEU LA 29 -32.87 22.80 -73.99
C LEU LA 29 -32.61 24.16 -74.64
N THR LA 30 -33.70 24.86 -75.05
CA THR LA 30 -33.64 26.16 -75.71
C THR LA 30 -34.02 27.31 -74.76
N SER LA 31 -35.13 27.15 -73.99
CA SER LA 31 -35.64 28.17 -73.08
C SER LA 31 -36.41 27.62 -71.87
N GLY LA 32 -36.30 28.33 -70.75
CA GLY LA 32 -36.99 28.02 -69.50
C GLY LA 32 -36.46 26.83 -68.73
N GLY LA 33 -37.31 26.33 -67.82
CA GLY LA 33 -36.98 25.20 -66.96
C GLY LA 33 -36.06 25.57 -65.82
N ASN LA 34 -35.33 24.59 -65.28
CA ASN LA 34 -34.38 24.80 -64.18
C ASN LA 34 -32.93 24.66 -64.68
N VAL LA 35 -32.67 25.22 -65.87
CA VAL LA 35 -31.37 25.16 -66.55
C VAL LA 35 -30.92 26.52 -67.12
N VAL LA 36 -29.64 26.85 -66.90
CA VAL LA 36 -29.01 28.09 -67.39
C VAL LA 36 -28.75 27.97 -68.89
N HIS LA 37 -29.21 28.97 -69.67
CA HIS LA 37 -29.09 29.03 -71.13
C HIS LA 37 -28.09 30.07 -71.61
N LYS LA 38 -27.66 29.91 -72.88
CA LYS LA 38 -26.73 30.83 -73.55
C LYS LA 38 -27.44 32.11 -74.01
N THR LA 39 -28.78 32.08 -74.04
CA THR LA 39 -29.62 33.21 -74.47
C THR LA 39 -30.79 33.41 -73.52
N GLY LA 40 -31.16 34.68 -73.30
CA GLY LA 40 -32.28 35.08 -72.46
C GLY LA 40 -31.91 35.51 -71.06
N ASP LA 41 -32.84 36.26 -70.41
CA ASP LA 41 -32.69 36.78 -69.05
C ASP LA 41 -33.21 35.74 -68.05
N GLU LA 42 -32.29 35.24 -67.22
CA GLU LA 42 -32.58 34.18 -66.24
C GLU LA 42 -32.01 34.50 -64.86
N THR LA 43 -32.65 33.96 -63.81
CA THR LA 43 -32.24 34.11 -62.42
C THR LA 43 -31.59 32.79 -61.94
N ILE LA 44 -30.39 32.90 -61.36
CA ILE LA 44 -29.59 31.77 -60.88
C ILE LA 44 -29.41 31.83 -59.36
N ALA LA 45 -29.65 30.69 -58.68
CA ALA LA 45 -29.52 30.55 -57.24
C ALA LA 45 -28.53 29.42 -56.91
N GLY LA 46 -27.81 29.59 -55.79
CA GLY LA 46 -26.83 28.62 -55.33
C GLY LA 46 -25.39 29.08 -55.47
N LYS LA 47 -24.49 28.45 -54.69
CA LYS LA 47 -23.06 28.76 -54.68
C LYS LA 47 -22.36 28.18 -55.93
N LYS LA 48 -22.06 29.07 -56.90
CA LYS LA 48 -21.42 28.74 -58.17
C LYS LA 48 -19.92 29.02 -58.13
N THR LA 49 -19.12 27.99 -58.38
CA THR LA 49 -17.65 28.08 -58.36
C THR LA 49 -17.09 28.00 -59.78
N PHE LA 50 -16.53 29.10 -60.27
CA PHE LA 50 -15.93 29.18 -61.60
C PHE LA 50 -14.43 28.99 -61.49
N THR LA 51 -13.95 27.79 -61.85
CA THR LA 51 -12.53 27.43 -61.80
C THR LA 51 -11.76 28.06 -62.96
N GLY LA 52 -12.44 28.27 -64.09
CA GLY LA 52 -11.89 28.89 -65.28
C GLY LA 52 -11.94 30.41 -65.24
N ASN LA 53 -11.50 31.05 -66.33
CA ASN LA 53 -11.48 32.52 -66.45
C ASN LA 53 -12.85 33.05 -66.92
N VAL LA 54 -13.34 34.10 -66.24
CA VAL LA 54 -14.64 34.72 -66.53
C VAL LA 54 -14.44 36.07 -67.22
N GLU LA 55 -15.16 36.31 -68.33
CA GLU LA 55 -15.11 37.56 -69.07
C GLU LA 55 -16.51 38.19 -69.11
N VAL LA 56 -16.60 39.49 -68.76
CA VAL LA 56 -17.85 40.26 -68.76
C VAL LA 56 -17.72 41.39 -69.77
N ASN LA 57 -18.63 41.43 -70.75
CA ASN LA 57 -18.66 42.44 -71.81
C ASN LA 57 -19.63 43.57 -71.46
N GLY LA 58 -20.69 43.23 -70.72
CA GLY LA 58 -21.70 44.18 -70.28
C GLY LA 58 -21.31 44.88 -68.99
N SER LA 59 -22.29 45.01 -68.07
CA SER LA 59 -22.08 45.66 -66.78
C SER LA 59 -22.24 44.69 -65.61
N LEU LA 60 -21.31 44.76 -64.65
CA LEU LA 60 -21.33 43.92 -63.45
C LEU LA 60 -21.98 44.70 -62.31
N THR LA 61 -23.12 44.20 -61.82
CA THR LA 61 -23.88 44.82 -60.74
C THR LA 61 -23.59 44.11 -59.41
N LEU LA 62 -23.27 44.89 -58.38
CA LEU LA 62 -22.96 44.40 -57.03
C LEU LA 62 -23.88 45.07 -56.00
N PRO LA 63 -24.11 44.47 -54.79
CA PRO LA 63 -24.95 45.15 -53.79
C PRO LA 63 -24.39 46.53 -53.40
N THR LA 64 -25.24 47.58 -53.53
CA THR LA 64 -24.86 48.97 -53.25
C THR LA 64 -25.63 49.58 -52.09
N LYS LA 65 -24.89 50.27 -51.20
CA LYS LA 65 -25.43 50.98 -50.04
C LYS LA 65 -24.68 52.29 -49.85
N SER LA 66 -25.42 53.40 -49.73
CA SER LA 66 -24.84 54.73 -49.59
C SER LA 66 -25.14 55.37 -48.24
N TRP LA 67 -24.20 56.19 -47.74
CA TRP LA 67 -24.30 56.91 -46.47
C TRP LA 67 -23.46 58.19 -46.51
N SER LA 68 -23.99 59.28 -45.95
CA SER LA 68 -23.33 60.57 -45.86
C SER LA 68 -23.71 61.27 -44.55
N GLY LA 69 -22.72 61.85 -43.89
CA GLY LA 69 -22.91 62.55 -42.62
C GLY LA 69 -21.72 63.38 -42.19
N GLU LA 70 -21.99 64.44 -41.41
CA GLU LA 70 -20.98 65.35 -40.88
C GLU LA 70 -20.32 64.73 -39.64
N LEU LA 71 -19.14 64.12 -39.84
CA LEU LA 71 -18.36 63.43 -38.79
C LEU LA 71 -18.07 64.29 -37.56
N GLY LA 72 -17.68 65.55 -37.78
CA GLY LA 72 -17.37 66.49 -36.71
C GLY LA 72 -16.56 67.68 -37.19
N GLY LA 73 -16.93 68.86 -36.66
CA GLY LA 73 -16.28 70.12 -36.98
C GLY LA 73 -16.59 70.71 -38.34
N GLY LA 74 -17.47 70.05 -39.09
CA GLY LA 74 -17.88 70.47 -40.42
C GLY LA 74 -17.35 69.62 -41.57
N ILE LA 75 -16.78 68.45 -41.24
CA ILE LA 75 -16.24 67.51 -42.25
C ILE LA 75 -17.28 66.45 -42.57
N ILE LA 76 -17.78 66.46 -43.82
CA ILE LA 76 -18.79 65.54 -44.31
C ILE LA 76 -18.13 64.45 -45.15
N LEU LA 77 -18.34 63.18 -44.76
CA LEU LA 77 -17.81 62.01 -45.46
C LEU LA 77 -18.91 61.27 -46.19
N SER LA 78 -18.75 61.09 -47.50
CA SER LA 78 -19.68 60.38 -48.37
C SER LA 78 -19.15 58.99 -48.65
N LEU LA 79 -19.90 57.97 -48.22
CA LEU LA 79 -19.51 56.56 -48.39
C LEU LA 79 -20.46 55.82 -49.32
N ARG LA 80 -19.91 54.90 -50.13
CA ARG LA 80 -20.66 54.07 -51.06
C ARG LA 80 -20.04 52.67 -51.13
N LYS LA 81 -20.78 51.68 -50.59
CA LYS LA 81 -20.36 50.28 -50.53
C LYS LA 81 -20.67 49.55 -51.83
N LYS LA 82 -19.70 48.75 -52.31
CA LYS LA 82 -19.83 47.93 -53.51
C LYS LA 82 -19.10 46.60 -53.31
N GLY LA 83 -19.84 45.60 -52.85
CA GLY LA 83 -19.31 44.27 -52.57
C GLY LA 83 -18.47 44.24 -51.31
N THR LA 84 -17.13 44.21 -51.47
CA THR LA 84 -16.16 44.18 -50.37
C THR LA 84 -15.25 45.42 -50.34
N THR LA 85 -15.62 46.47 -51.11
CA THR LA 85 -14.87 47.73 -51.20
C THR LA 85 -15.81 48.93 -51.02
N VAL LA 86 -15.43 49.84 -50.11
CA VAL LA 86 -16.20 51.06 -49.81
C VAL LA 86 -15.45 52.27 -50.38
N GLU LA 87 -16.16 53.08 -51.19
CA GLU LA 87 -15.60 54.28 -51.83
C GLU LA 87 -15.89 55.49 -50.95
N TYR LA 88 -14.85 56.19 -50.52
CA TYR LA 88 -14.97 57.37 -49.65
C TYR LA 88 -14.81 58.68 -50.40
N SER LA 89 -15.46 59.75 -49.91
CA SER LA 89 -15.38 61.09 -50.47
C SER LA 89 -15.46 62.13 -49.36
N ILE LA 90 -14.34 62.86 -49.15
CA ILE LA 90 -14.23 63.89 -48.13
C ILE LA 90 -14.66 65.24 -48.71
N GLY LA 91 -15.54 65.92 -47.98
CA GLY LA 91 -16.07 67.23 -48.36
C GLY LA 91 -16.52 68.07 -47.19
N GLY LA 92 -16.95 69.29 -47.50
CA GLY LA 92 -17.45 70.24 -46.51
C GLY LA 92 -16.52 71.42 -46.25
N GLU LA 93 -16.62 71.99 -45.04
CA GLU LA 93 -15.82 73.13 -44.58
C GLU LA 93 -15.68 73.08 -43.05
N ILE LA 94 -14.44 73.26 -42.55
CA ILE LA 94 -14.16 73.26 -41.11
C ILE LA 94 -14.69 74.55 -40.47
N SER LA 95 -15.67 74.39 -39.55
CA SER LA 95 -16.34 75.49 -38.85
C SER LA 95 -15.75 75.70 -37.44
N SER LA 96 -15.70 74.63 -36.62
CA SER LA 96 -15.17 74.66 -35.26
C SER LA 96 -13.74 74.12 -35.19
N SER LA 97 -12.98 74.55 -34.16
CA SER LA 97 -11.60 74.13 -33.93
C SER LA 97 -11.52 72.67 -33.52
N ILE LA 98 -10.80 71.86 -34.32
CA ILE LA 98 -10.59 70.44 -34.09
C ILE LA 98 -9.14 70.23 -33.62
N LEU LA 99 -8.99 69.61 -32.45
CA LEU LA 99 -7.70 69.32 -31.81
C LEU LA 99 -6.95 68.21 -32.55
N ALA LA 100 -5.61 68.16 -32.39
CA ALA LA 100 -4.75 67.14 -32.99
C ALA LA 100 -4.94 65.81 -32.25
N ASN LA 101 -5.10 64.70 -33.00
CA ASN LA 101 -5.34 63.34 -32.49
C ASN LA 101 -6.60 63.25 -31.59
N SER LA 102 -7.65 63.97 -31.99
CA SER LA 102 -8.93 64.07 -31.29
C SER LA 102 -10.03 63.24 -31.98
N ASN LA 103 -11.10 62.97 -31.23
CA ASN LA 103 -12.25 62.17 -31.66
C ASN LA 103 -13.37 63.06 -32.21
N LEU LA 104 -13.92 62.65 -33.36
CA LEU LA 104 -15.04 63.31 -34.02
C LEU LA 104 -16.32 62.60 -33.52
N VAL LA 105 -17.10 63.32 -32.68
CA VAL LA 105 -18.31 62.81 -32.00
C VAL LA 105 -19.68 63.28 -32.55
N ASN LA 106 -19.71 64.08 -33.64
CA ASN LA 106 -20.95 64.60 -34.21
C ASN LA 106 -21.79 63.52 -34.88
N ARG LA 107 -21.15 62.67 -35.70
CA ARG LA 107 -21.79 61.57 -36.42
C ARG LA 107 -20.82 60.38 -36.52
N SER LA 108 -21.30 59.19 -36.17
CA SER LA 108 -20.50 57.95 -36.20
C SER LA 108 -20.78 57.12 -37.46
N VAL LA 109 -19.74 56.43 -37.96
CA VAL LA 109 -19.83 55.59 -39.17
C VAL LA 109 -20.62 54.30 -38.86
N PRO LA 110 -21.69 53.98 -39.64
CA PRO LA 110 -22.48 52.76 -39.37
C PRO LA 110 -21.65 51.47 -39.46
N ASN LA 111 -22.03 50.45 -38.66
CA ASN LA 111 -21.32 49.16 -38.57
C ASN LA 111 -21.15 48.40 -39.90
N GLU LA 112 -22.11 48.59 -40.84
CA GLU LA 112 -22.07 47.96 -42.17
C GLU LA 112 -20.99 48.56 -43.10
N PHE LA 113 -20.44 49.73 -42.72
CA PHE LA 113 -19.39 50.45 -43.44
C PHE LA 113 -18.03 50.36 -42.72
N CYS LA 114 -18.05 49.90 -41.44
CA CYS LA 114 -16.87 49.76 -40.58
C CYS LA 114 -15.93 48.63 -41.05
N PRO LA 115 -14.63 48.93 -41.28
CA PRO LA 115 -13.70 47.87 -41.71
C PRO LA 115 -13.17 47.03 -40.55
N ARG LA 116 -12.61 45.85 -40.87
CA ARG LA 116 -12.03 44.93 -39.88
C ARG LA 116 -10.71 45.50 -39.35
N ASN LA 117 -9.89 46.07 -40.26
CA ASN LA 117 -8.61 46.70 -39.96
C ASN LA 117 -8.72 48.23 -40.01
N ARG LA 118 -7.87 48.94 -39.23
CA ARG LA 118 -7.86 50.41 -39.16
C ARG LA 118 -7.31 50.99 -40.46
N CYS LA 119 -8.19 51.71 -41.21
CA CYS LA 119 -7.85 52.32 -42.50
C CYS LA 119 -7.65 53.83 -42.40
N SER LA 120 -6.65 54.33 -43.14
CA SER LA 120 -6.28 55.75 -43.18
C SER LA 120 -6.73 56.40 -44.48
N LEU LA 121 -7.49 57.51 -44.38
CA LEU LA 121 -7.98 58.20 -45.57
C LEU LA 121 -7.18 59.48 -45.80
N VAL LA 122 -6.22 59.42 -46.73
CA VAL LA 122 -5.35 60.55 -47.08
C VAL LA 122 -6.15 61.61 -47.85
N GLY LA 123 -6.09 62.84 -47.35
CA GLY LA 123 -6.77 63.99 -47.92
C GLY LA 123 -5.88 65.21 -48.11
N HIS LA 124 -6.42 66.25 -48.78
CA HIS LA 124 -5.71 67.50 -49.05
C HIS LA 124 -6.55 68.72 -48.70
N MET LA 125 -5.91 69.74 -48.11
CA MET LA 125 -6.54 71.00 -47.71
C MET LA 125 -6.40 72.04 -48.82
N VAL LA 126 -7.54 72.63 -49.22
CA VAL LA 126 -7.59 73.65 -50.27
C VAL LA 126 -6.97 74.95 -49.76
N GLY LA 127 -5.98 75.45 -50.50
CA GLY LA 127 -5.28 76.68 -50.14
C GLY LA 127 -3.78 76.56 -50.21
N GLY LA 128 -3.23 75.57 -49.52
CA GLY LA 128 -1.79 75.32 -49.45
C GLY LA 128 -1.40 73.89 -49.75
N TRP LA 129 -0.19 73.51 -49.31
CA TRP LA 129 0.40 72.18 -49.48
C TRP LA 129 0.07 71.29 -48.26
N ASN LA 130 -1.01 71.63 -47.54
CA ASN LA 130 -1.45 70.94 -46.32
C ASN LA 130 -2.13 69.60 -46.58
N ALA LA 131 -1.73 68.56 -45.82
CA ALA LA 131 -2.27 67.20 -45.93
C ALA LA 131 -2.81 66.69 -44.58
N PHE LA 132 -3.81 65.80 -44.63
CA PHE LA 132 -4.44 65.20 -43.45
C PHE LA 132 -4.91 63.77 -43.71
N HIS LA 133 -5.11 62.99 -42.63
CA HIS LA 133 -5.64 61.63 -42.73
C HIS LA 133 -6.59 61.34 -41.59
N ILE LA 134 -7.72 60.69 -41.90
CA ILE LA 134 -8.73 60.32 -40.91
C ILE LA 134 -8.78 58.80 -40.79
N ASP LA 135 -8.63 58.28 -39.56
CA ASP LA 135 -8.63 56.85 -39.30
C ASP LA 135 -10.04 56.33 -38.96
N ILE LA 136 -10.42 55.19 -39.56
CA ILE LA 136 -11.72 54.55 -39.31
C ILE LA 136 -11.48 53.23 -38.55
N PRO LA 137 -11.84 53.15 -37.24
CA PRO LA 137 -11.65 51.89 -36.51
C PRO LA 137 -12.81 50.93 -36.70
N SER LA 138 -12.78 49.79 -36.00
CA SER LA 138 -13.82 48.78 -36.05
C SER LA 138 -15.09 49.24 -35.33
N SER LA 139 -14.95 50.18 -34.37
CA SER LA 139 -16.07 50.76 -33.61
C SER LA 139 -16.90 51.70 -34.48
N GLY LA 140 -16.21 52.51 -35.29
CA GLY LA 140 -16.79 53.47 -36.23
C GLY LA 140 -16.65 54.91 -35.80
N VAL LA 141 -15.88 55.18 -34.74
CA VAL LA 141 -15.68 56.53 -34.20
C VAL LA 141 -14.36 57.10 -34.73
N CYS LA 142 -14.46 57.88 -35.82
CA CYS LA 142 -13.34 58.47 -36.56
C CYS LA 142 -12.47 59.41 -35.74
N GLN LA 143 -11.18 59.49 -36.12
CA GLN LA 143 -10.20 60.34 -35.44
C GLN LA 143 -9.43 61.22 -36.40
N TRP LA 144 -9.29 62.52 -36.06
CA TRP LA 144 -8.55 63.50 -36.84
C TRP LA 144 -7.08 63.38 -36.46
N PHE LA 145 -6.28 62.71 -37.32
CA PHE LA 145 -4.85 62.47 -37.08
C PHE LA 145 -3.90 63.59 -37.53
N GLY LA 146 -4.48 64.67 -38.05
CA GLY LA 146 -3.72 65.85 -38.48
C GLY LA 146 -3.47 66.83 -37.34
N PRO LA 147 -2.89 68.01 -37.60
CA PRO LA 147 -2.65 68.96 -36.50
C PRO LA 147 -3.91 69.76 -36.15
N THR LA 148 -3.83 70.61 -35.10
CA THR LA 148 -4.95 71.44 -34.66
C THR LA 148 -5.32 72.47 -35.75
N ALA LA 149 -6.56 72.37 -36.28
CA ALA LA 149 -7.08 73.27 -37.33
C ALA LA 149 -8.46 73.82 -36.95
N SER LA 150 -8.71 75.09 -37.30
CA SER LA 150 -9.96 75.80 -37.03
C SER LA 150 -10.76 76.11 -38.29
N SER LA 151 -10.05 76.31 -39.42
CA SER LA 151 -10.66 76.64 -40.71
C SER LA 151 -9.91 75.97 -41.87
N GLY LA 152 -10.65 75.67 -42.94
CA GLY LA 152 -10.11 75.05 -44.14
C GLY LA 152 -11.10 74.17 -44.88
N THR LA 153 -10.75 73.80 -46.12
CA THR LA 153 -11.61 72.95 -46.96
C THR LA 153 -11.04 71.52 -47.10
N PRO LA 154 -11.71 70.50 -46.51
CA PRO LA 154 -11.20 69.13 -46.63
C PRO LA 154 -11.67 68.43 -47.91
N ARG LA 155 -10.74 67.83 -48.67
CA ARG LA 155 -11.03 67.13 -49.92
C ARG LA 155 -10.21 65.84 -50.03
N GLY LA 156 -10.79 64.82 -50.67
CA GLY LA 156 -10.16 63.53 -50.87
C GLY LA 156 -11.13 62.43 -51.27
N THR LA 157 -10.84 61.76 -52.39
CA THR LA 157 -11.68 60.67 -52.92
C THR LA 157 -10.82 59.45 -53.27
N GLY LA 158 -11.27 58.28 -52.83
CA GLY LA 158 -10.60 57.01 -53.07
C GLY LA 158 -11.42 55.80 -52.65
N THR LA 159 -10.72 54.70 -52.31
CA THR LA 159 -11.33 53.45 -51.89
C THR LA 159 -10.57 52.87 -50.68
N TYR LA 160 -11.27 52.09 -49.84
CA TYR LA 160 -10.69 51.44 -48.68
C TYR LA 160 -11.29 50.05 -48.46
N PRO LA 161 -10.47 49.04 -48.08
CA PRO LA 161 -11.02 47.69 -47.86
C PRO LA 161 -11.87 47.60 -46.59
N ILE LA 162 -12.81 46.64 -46.57
CA ILE LA 162 -13.69 46.40 -45.42
C ILE LA 162 -13.33 45.10 -44.67
N ASP LA 163 -12.71 44.13 -45.39
CA ASP LA 163 -12.30 42.83 -44.86
C ASP LA 163 -10.78 42.67 -44.85
N ALA MA 2 -25.84 12.23 -69.93
CA ALA MA 2 -26.57 11.14 -69.28
C ALA MA 2 -26.25 9.80 -69.93
N SER MA 3 -26.18 8.75 -69.10
CA SER MA 3 -25.90 7.40 -69.59
C SER MA 3 -27.18 6.79 -70.20
N ILE MA 4 -27.26 6.76 -71.53
CA ILE MA 4 -28.42 6.26 -72.26
C ILE MA 4 -28.11 5.00 -73.06
N LYS MA 5 -29.12 4.13 -73.21
CA LYS MA 5 -29.01 2.88 -73.95
C LYS MA 5 -29.49 3.02 -75.38
N LYS MA 6 -28.90 2.23 -76.28
CA LYS MA 6 -29.26 2.25 -77.69
C LYS MA 6 -30.61 1.59 -77.93
N VAL MA 7 -31.45 2.26 -78.76
CA VAL MA 7 -32.78 1.80 -79.14
C VAL MA 7 -32.71 1.25 -80.59
N TYR MA 8 -33.13 -0.01 -80.77
CA TYR MA 8 -33.13 -0.70 -82.06
C TYR MA 8 -34.42 -1.49 -82.31
N ARG MA 9 -34.65 -1.90 -83.56
CA ARG MA 9 -35.83 -2.67 -83.96
C ARG MA 9 -35.74 -4.10 -83.39
N GLY MA 10 -36.85 -4.60 -82.85
CA GLY MA 10 -36.92 -5.94 -82.28
C GLY MA 10 -36.11 -6.08 -81.01
N MET MA 11 -36.22 -5.09 -80.15
CA MET MA 11 -35.52 -4.97 -78.89
C MET MA 11 -36.31 -5.60 -77.76
N LYS MA 12 -35.64 -6.41 -76.91
CA LYS MA 12 -36.24 -7.04 -75.74
C LYS MA 12 -36.49 -5.95 -74.68
N ASN MA 13 -37.77 -5.84 -74.24
CA ASN MA 13 -38.29 -4.83 -73.30
C ASN MA 13 -38.02 -3.38 -73.79
N GLY MA 14 -38.63 -3.04 -74.93
CA GLY MA 14 -38.49 -1.73 -75.57
C GLY MA 14 -39.08 -0.55 -74.81
N ALA MA 15 -40.21 -0.79 -74.12
CA ALA MA 15 -40.91 0.23 -73.33
C ALA MA 15 -40.12 0.71 -72.13
N GLU MA 16 -39.45 -0.23 -71.43
CA GLU MA 16 -38.64 0.08 -70.25
C GLU MA 16 -37.31 0.74 -70.60
N THR MA 17 -36.76 0.45 -71.80
CA THR MA 17 -35.49 1.02 -72.25
C THR MA 17 -35.63 2.50 -72.58
N ILE MA 18 -36.69 2.87 -73.34
CA ILE MA 18 -36.97 4.27 -73.72
C ILE MA 18 -37.35 5.11 -72.50
N ASN MA 19 -38.32 4.62 -71.70
CA ASN MA 19 -38.75 5.28 -70.48
C ASN MA 19 -37.56 5.61 -69.57
N ASP MA 20 -36.63 4.66 -69.36
CA ASP MA 20 -35.45 4.89 -68.52
C ASP MA 20 -34.47 5.89 -69.16
N ASP MA 21 -34.41 5.92 -70.50
CA ASP MA 21 -33.56 6.87 -71.21
C ASP MA 21 -34.11 8.28 -71.05
N LEU MA 22 -35.45 8.42 -71.13
CA LEU MA 22 -36.15 9.70 -70.98
C LEU MA 22 -36.03 10.22 -69.55
N GLU MA 23 -36.15 9.31 -68.56
CA GLU MA 23 -36.05 9.64 -67.14
C GLU MA 23 -34.64 10.08 -66.76
N ALA MA 24 -33.62 9.45 -67.38
CA ALA MA 24 -32.20 9.75 -67.14
C ALA MA 24 -31.82 11.11 -67.67
N ILE MA 25 -32.41 11.48 -68.83
CA ILE MA 25 -32.20 12.77 -69.48
C ILE MA 25 -32.92 13.86 -68.67
N ASN MA 26 -34.19 13.60 -68.29
CA ASN MA 26 -35.01 14.53 -67.51
C ASN MA 26 -34.42 14.84 -66.10
N SER MA 27 -33.73 13.85 -65.51
CA SER MA 27 -33.07 13.98 -64.21
C SER MA 27 -31.91 14.97 -64.30
N GLU MA 28 -31.18 14.96 -65.43
CA GLU MA 28 -30.06 15.86 -65.67
C GLU MA 28 -30.52 17.29 -65.99
N LEU MA 29 -31.82 17.46 -66.34
CA LEU MA 29 -32.41 18.76 -66.64
C LEU MA 29 -32.73 19.55 -65.38
N THR MA 30 -32.81 18.86 -64.23
CA THR MA 30 -33.12 19.43 -62.93
C THR MA 30 -31.91 19.50 -61.99
N SER MA 31 -31.13 18.40 -61.90
CA SER MA 31 -29.97 18.31 -61.02
C SER MA 31 -28.84 17.44 -61.56
N GLY MA 32 -27.61 17.84 -61.24
CA GLY MA 32 -26.39 17.12 -61.60
C GLY MA 32 -26.00 17.18 -63.06
N GLY MA 33 -25.34 16.12 -63.53
CA GLY MA 33 -24.87 16.04 -64.90
C GLY MA 33 -23.71 16.97 -65.20
N ASN MA 34 -23.59 17.38 -66.47
CA ASN MA 34 -22.54 18.29 -66.93
C ASN MA 34 -23.09 19.68 -67.25
N VAL MA 35 -24.42 19.86 -67.07
CA VAL MA 35 -25.10 21.11 -67.36
C VAL MA 35 -25.28 21.98 -66.09
N VAL MA 36 -25.22 23.31 -66.26
CA VAL MA 36 -25.39 24.30 -65.18
C VAL MA 36 -26.89 24.55 -64.97
N HIS MA 37 -27.34 24.44 -63.70
CA HIS MA 37 -28.74 24.62 -63.30
C HIS MA 37 -29.01 25.94 -62.60
N LYS MA 38 -30.29 26.31 -62.52
CA LYS MA 38 -30.74 27.54 -61.86
C LYS MA 38 -30.73 27.41 -60.32
N THR MA 39 -30.69 26.16 -59.82
CA THR MA 39 -30.68 25.89 -58.37
C THR MA 39 -29.61 24.86 -58.03
N GLY MA 40 -28.99 25.04 -56.86
CA GLY MA 40 -27.96 24.15 -56.33
C GLY MA 40 -26.54 24.64 -56.49
N ASP MA 41 -25.65 24.13 -55.61
CA ASP MA 41 -24.23 24.46 -55.59
C ASP MA 41 -23.50 23.60 -56.63
N GLU MA 42 -22.91 24.26 -57.64
CA GLU MA 42 -22.23 23.61 -58.77
C GLU MA 42 -20.86 24.24 -59.06
N THR MA 43 -19.95 23.45 -59.65
CA THR MA 43 -18.62 23.88 -60.05
C THR MA 43 -18.55 23.94 -61.57
N ILE MA 44 -18.12 25.08 -62.11
CA ILE MA 44 -18.03 25.35 -63.55
C ILE MA 44 -16.57 25.57 -63.97
N ALA MA 45 -16.17 24.93 -65.07
CA ALA MA 45 -14.82 25.04 -65.64
C ALA MA 45 -14.89 25.48 -67.09
N GLY MA 46 -13.90 26.28 -67.51
CA GLY MA 46 -13.81 26.78 -68.87
C GLY MA 46 -13.96 28.30 -68.96
N LYS MA 47 -13.49 28.87 -70.08
CA LYS MA 47 -13.55 30.30 -70.36
C LYS MA 47 -14.98 30.73 -70.72
N LYS MA 48 -15.69 31.32 -69.75
CA LYS MA 48 -17.07 31.78 -69.91
C LYS MA 48 -17.13 33.28 -70.21
N THR MA 49 -17.68 33.64 -71.39
CA THR MA 49 -17.81 35.03 -71.84
C THR MA 49 -19.27 35.49 -71.78
N PHE MA 50 -19.54 36.44 -70.89
CA PHE MA 50 -20.88 37.02 -70.71
C PHE MA 50 -21.01 38.31 -71.50
N THR MA 51 -21.76 38.27 -72.61
CA THR MA 51 -21.99 39.43 -73.47
C THR MA 51 -23.05 40.37 -72.88
N GLY MA 52 -23.95 39.81 -72.08
CA GLY MA 52 -25.02 40.54 -71.39
C GLY MA 52 -24.57 41.19 -70.09
N ASN MA 53 -25.55 41.64 -69.29
CA ASN MA 53 -25.28 42.28 -68.00
C ASN MA 53 -25.39 41.29 -66.84
N VAL MA 54 -24.30 41.16 -66.07
CA VAL MA 54 -24.21 40.26 -64.93
C VAL MA 54 -24.63 40.99 -63.66
N GLU MA 55 -25.52 40.37 -62.87
CA GLU MA 55 -26.00 40.93 -61.60
C GLU MA 55 -25.72 39.94 -60.47
N VAL MA 56 -25.03 40.41 -59.42
CA VAL MA 56 -24.69 39.59 -58.25
C VAL MA 56 -25.39 40.18 -57.02
N ASN MA 57 -26.14 39.31 -56.30
CA ASN MA 57 -26.87 39.70 -55.09
C ASN MA 57 -26.17 39.20 -53.83
N GLY MA 58 -25.44 38.09 -53.96
CA GLY MA 58 -24.69 37.49 -52.87
C GLY MA 58 -23.31 38.10 -52.72
N SER MA 59 -22.27 37.25 -52.61
CA SER MA 59 -20.89 37.67 -52.46
C SER MA 59 -20.00 37.18 -53.59
N LEU MA 60 -19.14 38.07 -54.11
CA LEU MA 60 -18.19 37.74 -55.17
C LEU MA 60 -16.81 37.47 -54.56
N THR MA 61 -16.28 36.26 -54.81
CA THR MA 61 -14.98 35.83 -54.30
C THR MA 61 -13.94 35.76 -55.41
N LEU MA 62 -12.77 36.38 -55.17
CA LEU MA 62 -11.66 36.42 -56.13
C LEU MA 62 -10.38 35.85 -55.49
N PRO MA 63 -9.36 35.40 -56.27
CA PRO MA 63 -8.12 34.88 -55.65
C PRO MA 63 -7.44 35.92 -54.75
N THR MA 64 -7.25 35.57 -53.47
CA THR MA 64 -6.67 36.46 -52.46
C THR MA 64 -5.32 35.98 -51.92
N LYS MA 65 -4.35 36.91 -51.86
CA LYS MA 65 -3.01 36.67 -51.34
C LYS MA 65 -2.59 37.88 -50.50
N SER MA 66 -2.14 37.62 -49.27
CA SER MA 66 -1.72 38.66 -48.33
C SER MA 66 -0.22 38.67 -48.07
N TRP MA 67 0.34 39.86 -47.85
CA TRP MA 67 1.76 40.07 -47.56
C TRP MA 67 1.95 41.29 -46.66
N SER MA 68 2.89 41.18 -45.69
CA SER MA 68 3.23 42.27 -44.77
C SER MA 68 4.71 42.17 -44.38
N GLY MA 69 5.38 43.32 -44.37
CA GLY MA 69 6.79 43.43 -44.03
C GLY MA 69 7.32 44.85 -43.97
N GLU MA 70 8.39 45.06 -43.18
CA GLU MA 70 9.05 46.36 -42.99
C GLU MA 70 9.94 46.67 -44.19
N LEU MA 71 9.53 47.63 -45.04
CA LEU MA 71 10.24 48.02 -46.27
C LEU MA 71 11.62 48.63 -46.00
N GLY MA 72 11.71 49.48 -44.97
CA GLY MA 72 12.94 50.15 -44.59
C GLY MA 72 12.71 51.36 -43.69
N GLY MA 73 13.55 51.46 -42.65
CA GLY MA 73 13.52 52.55 -41.69
C GLY MA 73 12.44 52.44 -40.61
N GLY MA 74 11.64 51.39 -40.67
CA GLY MA 74 10.57 51.15 -39.71
C GLY MA 74 9.17 51.28 -40.31
N ILE MA 75 9.07 51.40 -41.64
CA ILE MA 75 7.80 51.53 -42.35
C ILE MA 75 7.32 50.15 -42.81
N ILE MA 76 6.19 49.69 -42.24
CA ILE MA 76 5.58 48.40 -42.55
C ILE MA 76 4.40 48.59 -43.51
N LEU MA 77 4.46 47.90 -44.67
CA LEU MA 77 3.42 47.97 -45.70
C LEU MA 77 2.65 46.65 -45.73
N SER MA 78 1.31 46.75 -45.65
CA SER MA 78 0.41 45.61 -45.69
C SER MA 78 -0.29 45.56 -47.06
N LEU MA 79 0.00 44.50 -47.82
CA LEU MA 79 -0.55 44.31 -49.16
C LEU MA 79 -1.50 43.13 -49.22
N ARG MA 80 -2.64 43.31 -49.94
CA ARG MA 80 -3.66 42.29 -50.19
C ARG MA 80 -4.10 42.34 -51.66
N LYS MA 81 -3.86 41.25 -52.40
CA LYS MA 81 -4.23 41.14 -53.81
C LYS MA 81 -5.66 40.58 -53.95
N LYS MA 82 -6.47 41.25 -54.80
CA LYS MA 82 -7.85 40.85 -55.11
C LYS MA 82 -8.09 40.96 -56.60
N GLY MA 83 -7.77 39.89 -57.33
CA GLY MA 83 -7.90 39.82 -58.77
C GLY MA 83 -6.81 40.59 -59.49
N THR MA 84 -7.16 41.77 -60.05
CA THR MA 84 -6.25 42.66 -60.79
C THR MA 84 -5.98 43.99 -60.04
N THR MA 85 -6.36 44.05 -58.75
CA THR MA 85 -6.18 45.22 -57.89
C THR MA 85 -5.57 44.82 -56.55
N VAL MA 86 -4.50 45.52 -56.14
CA VAL MA 86 -3.80 45.27 -54.87
C VAL MA 86 -4.10 46.41 -53.88
N GLU MA 87 -4.59 46.05 -52.68
CA GLU MA 87 -4.94 47.00 -51.62
C GLU MA 87 -3.73 47.20 -50.72
N TYR MA 88 -3.30 48.46 -50.53
CA TYR MA 88 -2.13 48.80 -49.70
C TYR MA 88 -2.53 49.44 -48.37
N SER MA 89 -1.69 49.27 -47.34
CA SER MA 89 -1.87 49.85 -46.02
C SER MA 89 -0.52 50.20 -45.39
N ILE MA 90 -0.27 51.50 -45.21
CA ILE MA 90 0.99 52.00 -44.63
C ILE MA 90 0.83 52.14 -43.11
N GLY MA 91 1.80 51.61 -42.38
CA GLY MA 91 1.84 51.65 -40.92
C GLY MA 91 3.23 51.53 -40.32
N GLY MA 92 3.30 51.63 -38.99
CA GLY MA 92 4.55 51.52 -38.25
C GLY MA 92 5.04 52.85 -37.69
N GLU MA 93 6.37 52.95 -37.48
CA GLU MA 93 7.05 54.14 -36.96
C GLU MA 93 8.48 54.23 -37.50
N ILE MA 94 8.87 55.43 -37.98
CA ILE MA 94 10.21 55.68 -38.52
C ILE MA 94 11.22 55.73 -37.37
N SER MA 95 12.14 54.74 -37.33
CA SER MA 95 13.17 54.59 -36.30
C SER MA 95 14.51 55.17 -36.76
N SER MA 96 15.02 54.74 -37.94
CA SER MA 96 16.28 55.20 -38.52
C SER MA 96 16.07 56.28 -39.58
N SER MA 97 17.10 57.11 -39.82
CA SER MA 97 17.06 58.20 -40.80
C SER MA 97 17.02 57.68 -42.23
N ILE MA 98 15.97 58.09 -42.97
CA ILE MA 98 15.78 57.73 -44.38
C ILE MA 98 16.04 58.97 -45.22
N LEU MA 99 16.99 58.86 -46.17
CA LEU MA 99 17.41 59.93 -47.07
C LEU MA 99 16.33 60.26 -48.11
N ALA MA 100 16.39 61.48 -48.66
CA ALA MA 100 15.45 61.93 -49.71
C ALA MA 100 15.82 61.27 -51.04
N ASN MA 101 14.81 60.73 -51.75
CA ASN MA 101 14.93 60.00 -53.03
C ASN MA 101 15.91 58.80 -52.94
N SER MA 102 15.81 58.05 -51.81
CA SER MA 102 16.64 56.88 -51.55
C SER MA 102 15.81 55.58 -51.59
N ASN MA 103 16.50 54.46 -51.85
CA ASN MA 103 15.90 53.13 -51.93
C ASN MA 103 15.80 52.45 -50.57
N LEU MA 104 14.65 51.79 -50.32
CA LEU MA 104 14.39 51.02 -49.09
C LEU MA 104 14.92 49.60 -49.30
N VAL MA 105 15.98 49.26 -48.55
CA VAL MA 105 16.71 48.00 -48.70
C VAL MA 105 16.43 46.88 -47.67
N ASN MA 106 15.57 47.13 -46.67
CA ASN MA 106 15.24 46.14 -45.62
C ASN MA 106 14.49 44.93 -46.17
N ARG MA 107 13.36 45.16 -46.84
CA ARG MA 107 12.52 44.12 -47.44
C ARG MA 107 11.94 44.61 -48.76
N SER MA 108 12.03 43.76 -49.80
CA SER MA 108 11.54 44.05 -51.15
C SER MA 108 10.16 43.43 -51.38
N VAL MA 109 9.32 44.11 -52.18
CA VAL MA 109 7.96 43.66 -52.50
C VAL MA 109 8.03 42.45 -53.45
N PRO MA 110 7.34 41.32 -53.12
CA PRO MA 110 7.38 40.12 -54.00
C PRO MA 110 6.83 40.40 -55.40
N ASN MA 111 7.37 39.68 -56.41
CA ASN MA 111 7.00 39.83 -57.83
C ASN MA 111 5.51 39.67 -58.15
N GLU MA 112 4.79 38.84 -57.37
CA GLU MA 112 3.35 38.61 -57.53
C GLU MA 112 2.49 39.82 -57.14
N PHE MA 113 3.08 40.77 -56.36
CA PHE MA 113 2.45 42.02 -55.91
C PHE MA 113 2.96 43.24 -56.69
N CYS MA 114 4.06 43.07 -57.45
CA CYS MA 114 4.70 44.13 -58.24
C CYS MA 114 3.96 44.48 -59.53
N PRO MA 115 3.54 45.76 -59.70
CA PRO MA 115 2.87 46.15 -60.94
C PRO MA 115 3.83 46.38 -62.11
N ARG MA 116 3.29 46.44 -63.33
CA ARG MA 116 4.03 46.65 -64.57
C ARG MA 116 4.62 48.07 -64.66
N ASN MA 117 3.84 49.05 -64.18
CA ASN MA 117 4.20 50.47 -64.16
C ASN MA 117 4.48 50.97 -62.73
N ARG MA 118 5.20 52.11 -62.62
CA ARG MA 118 5.54 52.73 -61.34
C ARG MA 118 4.30 53.37 -60.69
N CYS MA 119 3.94 52.89 -59.49
CA CYS MA 119 2.77 53.38 -58.74
C CYS MA 119 3.18 54.19 -57.53
N SER MA 120 2.53 55.35 -57.34
CA SER MA 120 2.79 56.26 -56.24
C SER MA 120 1.73 56.12 -55.15
N LEU MA 121 2.15 55.77 -53.93
CA LEU MA 121 1.21 55.60 -52.81
C LEU MA 121 1.30 56.79 -51.86
N VAL MA 122 0.33 57.70 -51.98
CA VAL MA 122 0.27 58.92 -51.16
C VAL MA 122 -0.11 58.60 -49.72
N GLY MA 123 0.67 59.15 -48.77
CA GLY MA 123 0.48 58.99 -47.34
C GLY MA 123 0.53 60.29 -46.58
N HIS MA 124 0.19 60.24 -45.27
CA HIS MA 124 0.19 61.39 -44.37
C HIS MA 124 0.89 61.10 -43.04
N MET MA 125 1.72 62.06 -42.58
CA MET MA 125 2.47 61.97 -41.33
C MET MA 125 1.62 62.49 -40.17
N VAL MA 126 1.52 61.69 -39.10
CA VAL MA 126 0.76 62.04 -37.89
C VAL MA 126 1.42 63.19 -37.13
N GLY MA 127 0.66 64.26 -36.91
CA GLY MA 127 1.15 65.42 -36.17
C GLY MA 127 1.17 66.75 -36.91
N GLY MA 128 1.41 66.72 -38.22
CA GLY MA 128 1.47 67.91 -39.05
C GLY MA 128 0.79 67.79 -40.39
N TRP MA 129 1.03 68.77 -41.28
CA TRP MA 129 0.48 68.82 -42.64
C TRP MA 129 1.46 68.18 -43.64
N ASN MA 130 2.22 67.18 -43.17
CA ASN MA 130 3.23 66.47 -43.94
C ASN MA 130 2.71 65.29 -44.78
N ALA MA 131 3.10 65.26 -46.06
CA ALA MA 131 2.72 64.21 -47.01
C ALA MA 131 3.94 63.51 -47.60
N PHE MA 132 3.76 62.26 -48.04
CA PHE MA 132 4.83 61.45 -48.63
C PHE MA 132 4.27 60.44 -49.65
N HIS MA 133 5.10 60.03 -50.60
CA HIS MA 133 4.73 59.01 -51.58
C HIS MA 133 5.86 58.01 -51.79
N ILE MA 134 5.51 56.72 -51.92
CA ILE MA 134 6.46 55.63 -52.13
C ILE MA 134 6.23 55.02 -53.51
N ASP MA 135 7.29 54.96 -54.33
CA ASP MA 135 7.22 54.40 -55.67
C ASP MA 135 7.62 52.92 -55.69
N ILE MA 136 6.80 52.09 -56.34
CA ILE MA 136 7.03 50.64 -56.44
C ILE MA 136 7.22 50.25 -57.92
N PRO MA 137 8.45 49.82 -58.30
CA PRO MA 137 8.68 49.43 -59.70
C PRO MA 137 8.41 47.94 -59.93
N SER MA 138 8.81 47.43 -61.11
CA SER MA 138 8.65 46.02 -61.46
C SER MA 138 9.63 45.12 -60.70
N SER MA 139 10.75 45.71 -60.22
CA SER MA 139 11.80 45.00 -59.47
C SER MA 139 11.36 44.64 -58.05
N GLY MA 140 10.81 45.61 -57.32
CA GLY MA 140 10.35 45.42 -55.96
C GLY MA 140 10.97 46.34 -54.93
N VAL MA 141 12.12 46.95 -55.29
CA VAL MA 141 12.85 47.88 -54.40
C VAL MA 141 12.13 49.23 -54.34
N CYS MA 142 11.47 49.49 -53.20
CA CYS MA 142 10.70 50.71 -52.95
C CYS MA 142 11.60 51.92 -52.78
N GLN MA 143 11.07 53.11 -53.11
CA GLN MA 143 11.81 54.36 -53.01
C GLN MA 143 11.03 55.42 -52.24
N TRP MA 144 11.65 55.98 -51.19
CA TRP MA 144 11.07 57.06 -50.38
C TRP MA 144 11.35 58.38 -51.10
N PHE MA 145 10.29 58.98 -51.69
CA PHE MA 145 10.40 60.23 -52.45
C PHE MA 145 10.13 61.51 -51.64
N GLY MA 146 9.97 61.35 -50.33
CA GLY MA 146 9.76 62.48 -49.43
C GLY MA 146 11.08 63.09 -48.97
N PRO MA 147 11.07 64.05 -48.02
CA PRO MA 147 12.33 64.63 -47.54
C PRO MA 147 13.07 63.72 -46.56
N THR MA 148 14.29 64.10 -46.16
CA THR MA 148 15.10 63.32 -45.22
C THR MA 148 14.44 63.34 -43.83
N ALA MA 149 13.80 62.22 -43.45
CA ALA MA 149 13.10 62.08 -42.17
C ALA MA 149 13.73 60.99 -41.31
N SER MA 150 13.77 61.21 -39.98
CA SER MA 150 14.34 60.28 -39.01
C SER MA 150 13.29 59.76 -38.04
N SER MA 151 12.23 60.55 -37.80
CA SER MA 151 11.12 60.21 -36.88
C SER MA 151 9.77 60.64 -37.44
N GLY MA 152 8.72 59.90 -37.08
CA GLY MA 152 7.36 60.17 -37.51
C GLY MA 152 6.53 58.92 -37.73
N THR MA 153 5.20 59.09 -37.75
CA THR MA 153 4.25 57.98 -37.96
C THR MA 153 3.68 57.98 -39.39
N PRO MA 154 4.05 56.96 -40.22
CA PRO MA 154 3.51 56.89 -41.59
C PRO MA 154 2.16 56.18 -41.65
N ARG MA 155 1.17 56.79 -42.33
CA ARG MA 155 -0.17 56.22 -42.48
C ARG MA 155 -0.72 56.46 -43.90
N GLY MA 156 -1.54 55.54 -44.39
CA GLY MA 156 -2.14 55.61 -45.71
C GLY MA 156 -2.73 54.30 -46.19
N THR MA 157 -4.00 54.32 -46.62
CA THR MA 157 -4.72 53.14 -47.11
C THR MA 157 -5.47 53.47 -48.41
N GLY MA 158 -5.35 52.57 -49.38
CA GLY MA 158 -5.98 52.69 -50.69
C GLY MA 158 -5.81 51.48 -51.57
N THR MA 159 -5.86 51.69 -52.89
CA THR MA 159 -5.72 50.64 -53.91
C THR MA 159 -4.82 51.12 -55.04
N TYR MA 160 -4.11 50.18 -55.67
CA TYR MA 160 -3.24 50.49 -56.81
C TYR MA 160 -3.31 49.38 -57.88
N PRO MA 161 -3.32 49.74 -59.18
CA PRO MA 161 -3.41 48.69 -60.22
C PRO MA 161 -2.15 47.86 -60.40
N ILE MA 162 -2.09 46.59 -60.91
CA ILE MA 162 -0.94 45.69 -61.08
C ILE MA 162 -0.57 45.52 -62.58
N ASP MA 163 -1.57 45.67 -63.47
CA ASP MA 163 -1.42 45.54 -64.92
C ASP MA 163 -1.57 46.88 -65.63
N ALA NA 2 41.48 -22.31 -74.79
CA ALA NA 2 41.94 -23.59 -74.23
C ALA NA 2 42.31 -24.58 -75.34
N SER NA 3 43.34 -25.41 -75.10
CA SER NA 3 43.77 -26.42 -76.07
C SER NA 3 42.83 -27.64 -75.94
N ILE NA 4 41.99 -27.84 -76.95
CA ILE NA 4 41.01 -28.93 -76.98
C ILE NA 4 41.20 -29.90 -78.14
N LYS NA 5 40.84 -31.16 -77.93
CA LYS NA 5 40.93 -32.19 -78.96
C LYS NA 5 39.63 -32.27 -79.76
N LYS NA 6 39.75 -32.61 -81.05
CA LYS NA 6 38.62 -32.70 -81.94
C LYS NA 6 37.85 -33.99 -81.71
N VAL NA 7 36.53 -33.85 -81.57
CA VAL NA 7 35.60 -34.96 -81.39
C VAL NA 7 35.05 -35.35 -82.77
N TYR NA 8 35.17 -36.63 -83.11
CA TYR NA 8 34.72 -37.11 -84.42
C TYR NA 8 33.96 -38.44 -84.34
N ARG NA 9 33.31 -38.82 -85.45
CA ARG NA 9 32.54 -40.05 -85.58
C ARG NA 9 33.47 -41.26 -85.48
N GLY NA 10 33.16 -42.20 -84.58
CA GLY NA 10 33.95 -43.41 -84.36
C GLY NA 10 35.31 -43.16 -83.76
N MET NA 11 35.35 -42.24 -82.79
CA MET NA 11 36.57 -41.86 -82.13
C MET NA 11 36.97 -42.86 -81.06
N LYS NA 12 38.27 -43.23 -81.04
CA LYS NA 12 38.89 -44.12 -80.08
C LYS NA 12 38.83 -43.41 -78.74
N ASN NA 13 37.94 -43.90 -77.88
CA ASN NA 13 37.76 -43.37 -76.54
C ASN NA 13 37.11 -42.01 -76.40
N GLY NA 14 35.92 -41.83 -76.98
CA GLY NA 14 35.20 -40.57 -76.91
C GLY NA 14 34.98 -39.99 -75.54
N ALA NA 15 34.56 -40.84 -74.60
CA ALA NA 15 34.22 -40.44 -73.23
C ALA NA 15 35.32 -39.68 -72.49
N GLU NA 16 36.55 -40.18 -72.61
CA GLU NA 16 37.71 -39.60 -71.95
C GLU NA 16 38.09 -38.28 -72.59
N THR NA 17 37.97 -38.19 -73.93
CA THR NA 17 38.31 -37.02 -74.73
C THR NA 17 37.42 -35.83 -74.40
N ILE NA 18 36.09 -36.07 -74.35
CA ILE NA 18 35.09 -35.03 -74.04
C ILE NA 18 35.29 -34.51 -72.63
N ASN NA 19 35.51 -35.42 -71.66
CA ASN NA 19 35.75 -35.07 -70.26
C ASN NA 19 36.97 -34.16 -70.09
N ASP NA 20 38.06 -34.48 -70.79
CA ASP NA 20 39.30 -33.69 -70.74
C ASP NA 20 39.11 -32.31 -71.38
N ASP NA 21 38.27 -32.24 -72.44
CA ASP NA 21 37.95 -31.00 -73.15
C ASP NA 21 37.09 -30.10 -72.27
N LEU NA 22 36.11 -30.69 -71.57
CA LEU NA 22 35.22 -29.94 -70.69
C LEU NA 22 35.97 -29.39 -69.46
N GLU NA 23 36.91 -30.18 -68.93
CA GLU NA 23 37.72 -29.80 -67.77
C GLU NA 23 38.71 -28.69 -68.11
N ALA NA 24 39.25 -28.70 -69.34
CA ALA NA 24 40.21 -27.72 -69.85
C ALA NA 24 39.53 -26.36 -70.04
N ILE NA 25 38.27 -26.38 -70.50
CA ILE NA 25 37.46 -25.20 -70.72
C ILE NA 25 37.04 -24.61 -69.35
N ASN NA 26 36.55 -25.47 -68.44
CA ASN NA 26 36.13 -25.08 -67.09
C ASN NA 26 37.27 -24.48 -66.23
N SER NA 27 38.52 -24.94 -66.48
CA SER NA 27 39.72 -24.45 -65.80
C SER NA 27 39.98 -22.97 -66.15
N GLU NA 28 39.77 -22.63 -67.44
CA GLU NA 28 39.93 -21.28 -67.98
C GLU NA 28 38.82 -20.33 -67.53
N LEU NA 29 37.66 -20.88 -67.14
CA LEU NA 29 36.51 -20.11 -66.67
C LEU NA 29 36.73 -19.54 -65.25
N THR NA 30 37.66 -20.13 -64.50
CA THR NA 30 37.98 -19.74 -63.11
C THR NA 30 39.31 -18.98 -63.02
N SER NA 31 40.36 -19.49 -63.71
CA SER NA 31 41.71 -18.91 -63.68
C SER NA 31 42.48 -19.07 -64.99
N GLY NA 32 43.30 -18.07 -65.29
CA GLY NA 32 44.18 -18.04 -66.45
C GLY NA 32 43.49 -17.90 -67.79
N GLY NA 33 44.12 -18.44 -68.83
CA GLY NA 33 43.62 -18.38 -70.20
C GLY NA 33 43.78 -17.01 -70.82
N ASN NA 34 42.80 -16.63 -71.67
CA ASN NA 34 42.78 -15.33 -72.35
C ASN NA 34 41.58 -14.47 -71.94
N VAL NA 35 40.93 -14.83 -70.83
CA VAL NA 35 39.76 -14.13 -70.30
C VAL NA 35 40.03 -13.41 -68.98
N VAL NA 36 39.40 -12.24 -68.80
CA VAL NA 36 39.53 -11.42 -67.61
C VAL NA 36 38.59 -11.97 -66.51
N HIS NA 37 39.14 -12.30 -65.33
CA HIS NA 37 38.42 -12.86 -64.21
C HIS NA 37 38.11 -11.85 -63.10
N LYS NA 38 37.13 -12.18 -62.25
CA LYS NA 38 36.70 -11.37 -61.11
C LYS NA 38 37.68 -11.53 -59.93
N THR NA 39 38.58 -12.52 -60.03
CA THR NA 39 39.58 -12.81 -58.99
C THR NA 39 40.96 -13.02 -59.61
N GLY NA 40 41.98 -12.52 -58.92
CA GLY NA 40 43.38 -12.65 -59.32
C GLY NA 40 43.94 -11.48 -60.08
N ASP NA 41 45.27 -11.37 -60.10
CA ASP NA 41 46.02 -10.32 -60.78
C ASP NA 41 46.27 -10.74 -62.23
N GLU NA 42 45.73 -9.96 -63.18
CA GLU NA 42 45.84 -10.24 -64.62
C GLU NA 42 46.24 -9.00 -65.43
N THR NA 43 46.88 -9.23 -66.59
CA THR NA 43 47.31 -8.18 -67.52
C THR NA 43 46.38 -8.18 -68.73
N ILE NA 44 45.85 -6.99 -69.06
CA ILE NA 44 44.90 -6.78 -70.16
C ILE NA 44 45.51 -5.87 -71.23
N ALA NA 45 45.34 -6.28 -72.50
CA ALA NA 45 45.84 -5.55 -73.67
C ALA NA 45 44.71 -5.25 -74.64
N GLY NA 46 44.81 -4.12 -75.33
CA GLY NA 46 43.82 -3.67 -76.31
C GLY NA 46 42.98 -2.50 -75.83
N LYS NA 47 42.31 -1.83 -76.78
CA LYS NA 47 41.45 -0.67 -76.51
C LYS NA 47 40.13 -1.12 -75.88
N LYS NA 48 39.98 -0.87 -74.58
CA LYS NA 48 38.79 -1.24 -73.81
C LYS NA 48 37.89 -0.03 -73.57
N THR NA 49 36.73 -0.01 -74.25
CA THR NA 49 35.75 1.08 -74.16
C THR NA 49 34.62 0.73 -73.19
N PHE NA 50 34.61 1.41 -72.03
CA PHE NA 50 33.61 1.22 -70.98
C PHE NA 50 32.47 2.23 -71.17
N THR NA 51 31.32 1.75 -71.69
CA THR NA 51 30.15 2.60 -71.92
C THR NA 51 29.41 2.89 -70.61
N GLY NA 52 29.51 1.97 -69.65
CA GLY NA 52 28.89 2.09 -68.34
C GLY NA 52 29.73 2.89 -67.35
N ASN NA 53 29.36 2.81 -66.07
CA ASN NA 53 30.04 3.52 -64.99
C ASN NA 53 31.13 2.66 -64.36
N VAL NA 54 32.33 3.23 -64.18
CA VAL NA 54 33.48 2.54 -63.60
C VAL NA 54 33.73 3.02 -62.17
N GLU NA 55 33.85 2.08 -61.23
CA GLU NA 55 34.11 2.38 -59.82
C GLU NA 55 35.40 1.67 -59.38
N VAL NA 56 36.34 2.45 -58.81
CA VAL NA 56 37.63 1.95 -58.31
C VAL NA 56 37.70 2.17 -56.79
N ASN NA 57 37.95 1.09 -56.05
CA ASN NA 57 38.07 1.11 -54.58
C ASN NA 57 39.54 1.17 -54.16
N GLY NA 58 40.42 0.65 -55.01
CA GLY NA 58 41.86 0.65 -54.78
C GLY NA 58 42.54 1.92 -55.24
N SER NA 59 43.73 1.79 -55.84
CA SER NA 59 44.51 2.93 -56.34
C SER NA 59 44.65 2.89 -57.85
N LEU NA 60 44.48 4.06 -58.50
CA LEU NA 60 44.63 4.21 -59.95
C LEU NA 60 46.03 4.71 -60.30
N THR NA 61 46.72 3.99 -61.20
CA THR NA 61 48.06 4.32 -61.65
C THR NA 61 48.05 4.78 -63.11
N LEU NA 62 48.70 5.92 -63.38
CA LEU NA 62 48.78 6.50 -64.73
C LEU NA 62 50.23 6.84 -65.09
N PRO NA 63 50.59 6.98 -66.41
CA PRO NA 63 51.97 7.37 -66.77
C PRO NA 63 52.42 8.70 -66.10
N THR NA 64 53.59 8.65 -65.44
CA THR NA 64 54.14 9.78 -64.67
C THR NA 64 55.56 10.16 -65.10
N LYS NA 65 55.82 11.48 -65.18
CA LYS NA 65 57.13 12.06 -65.52
C LYS NA 65 57.31 13.37 -64.76
N SER NA 66 58.46 13.53 -64.08
CA SER NA 66 58.77 14.71 -63.28
C SER NA 66 59.89 15.57 -63.88
N TRP NA 67 59.84 16.89 -63.65
CA TRP NA 67 60.83 17.87 -64.11
C TRP NA 67 60.92 19.05 -63.14
N SER NA 68 62.14 19.53 -62.90
CA SER NA 68 62.41 20.68 -62.02
C SER NA 68 63.61 21.46 -62.54
N GLY NA 69 63.50 22.78 -62.54
CA GLY NA 69 64.55 23.68 -62.99
C GLY NA 69 64.23 25.15 -62.83
N GLU NA 70 65.28 25.99 -62.72
CA GLU NA 70 65.16 27.45 -62.56
C GLU NA 70 64.82 28.09 -63.91
N LEU NA 71 63.62 28.69 -64.01
CA LEU NA 71 63.14 29.35 -65.24
C LEU NA 71 63.91 30.63 -65.58
N GLY NA 72 64.17 31.43 -64.55
CA GLY NA 72 64.89 32.70 -64.68
C GLY NA 72 64.83 33.58 -63.46
N GLY NA 73 66.00 33.92 -62.92
CA GLY NA 73 66.15 34.78 -61.76
C GLY NA 73 65.72 34.18 -60.44
N GLY NA 74 66.19 32.96 -60.17
CA GLY NA 74 65.90 32.24 -58.93
C GLY NA 74 64.49 31.70 -58.77
N ILE NA 75 63.72 31.62 -59.88
CA ILE NA 75 62.35 31.10 -59.87
C ILE NA 75 62.36 29.65 -60.36
N ILE NA 76 62.23 28.69 -59.43
CA ILE NA 76 62.25 27.26 -59.72
C ILE NA 76 60.82 26.71 -59.79
N LEU NA 77 60.50 26.06 -60.92
CA LEU NA 77 59.19 25.46 -61.18
C LEU NA 77 59.28 23.94 -61.20
N SER NA 78 58.48 23.28 -60.37
CA SER NA 78 58.40 21.82 -60.27
C SER NA 78 57.18 21.33 -61.02
N LEU NA 79 57.40 20.52 -62.06
CA LEU NA 79 56.34 19.99 -62.90
C LEU NA 79 56.25 18.46 -62.82
N ARG NA 80 55.01 17.93 -62.84
CA ARG NA 80 54.73 16.50 -62.84
C ARG NA 80 53.50 16.20 -63.70
N LYS NA 81 53.69 15.40 -64.76
CA LYS NA 81 52.64 15.00 -65.71
C LYS NA 81 51.92 13.72 -65.26
N LYS NA 82 50.59 13.73 -65.33
CA LYS NA 82 49.72 12.60 -64.98
C LYS NA 82 48.64 12.42 -66.06
N GLY NA 83 49.05 11.77 -67.16
CA GLY NA 83 48.17 11.52 -68.30
C GLY NA 83 47.96 12.74 -69.15
N THR NA 84 46.87 13.49 -68.91
CA THR NA 84 46.49 14.70 -69.66
C THR NA 84 46.51 15.99 -68.81
N THR NA 85 46.92 15.87 -67.53
CA THR NA 85 46.98 16.99 -66.60
C THR NA 85 48.36 17.08 -65.95
N VAL NA 86 48.98 18.28 -65.98
CA VAL NA 86 50.30 18.54 -65.41
C VAL NA 86 50.16 19.39 -64.14
N GLU NA 87 50.76 18.93 -63.04
CA GLU NA 87 50.73 19.60 -61.74
C GLU NA 87 51.95 20.50 -61.62
N TYR NA 88 51.74 21.79 -61.34
CA TYR NA 88 52.81 22.78 -61.20
C TYR NA 88 53.02 23.22 -59.75
N SER NA 89 54.26 23.60 -59.41
CA SER NA 89 54.63 24.10 -58.08
C SER NA 89 55.72 25.17 -58.22
N ILE NA 90 55.40 26.41 -57.79
CA ILE NA 90 56.31 27.55 -57.86
C ILE NA 90 57.06 27.68 -56.52
N GLY NA 91 58.39 27.76 -56.62
CA GLY NA 91 59.27 27.88 -55.46
C GLY NA 91 60.50 28.73 -55.71
N GLY NA 92 61.38 28.77 -54.71
CA GLY NA 92 62.63 29.52 -54.75
C GLY NA 92 62.49 30.94 -54.24
N GLU NA 93 63.43 31.81 -54.64
CA GLU NA 93 63.47 33.23 -54.26
C GLU NA 93 64.11 34.05 -55.40
N ILE NA 94 63.50 35.22 -55.71
CA ILE NA 94 63.96 36.13 -56.77
C ILE NA 94 65.30 36.78 -56.42
N SER NA 95 66.35 36.49 -57.21
CA SER NA 95 67.71 36.99 -57.01
C SER NA 95 68.01 38.18 -57.93
N SER NA 96 67.86 38.00 -59.26
CA SER NA 96 68.10 39.04 -60.25
C SER NA 96 66.81 39.78 -60.64
N SER NA 97 66.95 40.91 -61.35
CA SER NA 97 65.81 41.72 -61.77
C SER NA 97 65.17 41.18 -63.06
N ILE NA 98 63.86 40.88 -62.99
CA ILE NA 98 63.06 40.40 -64.12
C ILE NA 98 62.12 41.53 -64.54
N LEU NA 99 62.25 41.95 -65.80
CA LEU NA 99 61.45 43.02 -66.40
C LEU NA 99 59.98 42.64 -66.59
N ALA NA 100 59.09 43.64 -66.71
CA ALA NA 100 57.66 43.44 -66.92
C ALA NA 100 57.41 42.98 -68.36
N ASN NA 101 56.60 41.91 -68.54
CA ASN NA 101 56.27 41.28 -69.82
C ASN NA 101 57.51 40.78 -70.61
N SER NA 102 58.49 40.22 -69.88
CA SER NA 102 59.74 39.68 -70.43
C SER NA 102 59.83 38.17 -70.29
N ASN NA 103 60.54 37.52 -71.23
CA ASN NA 103 60.73 36.07 -71.27
C ASN NA 103 61.88 35.60 -70.37
N LEU NA 104 61.64 34.52 -69.61
CA LEU NA 104 62.64 33.91 -68.73
C LEU NA 104 63.49 32.96 -69.58
N VAL NA 105 64.76 33.34 -69.80
CA VAL NA 105 65.69 32.63 -70.70
C VAL NA 105 66.77 31.74 -70.04
N ASN NA 106 66.65 31.43 -68.73
CA ASN NA 106 67.63 30.59 -68.04
C ASN NA 106 67.49 29.12 -68.44
N ARG NA 107 66.26 28.58 -68.36
CA ARG NA 107 65.93 27.20 -68.74
C ARG NA 107 64.48 27.12 -69.23
N SER NA 108 64.29 26.43 -70.37
CA SER NA 108 62.98 26.27 -71.01
C SER NA 108 62.30 24.97 -70.60
N VAL NA 109 60.96 24.99 -70.63
CA VAL NA 109 60.13 23.83 -70.27
C VAL NA 109 60.14 22.79 -71.42
N PRO NA 110 60.46 21.50 -71.14
CA PRO NA 110 60.49 20.48 -72.21
C PRO NA 110 59.17 20.30 -72.95
N ASN NA 111 59.24 19.90 -74.23
CA ASN NA 111 58.08 19.72 -75.12
C ASN NA 111 57.00 18.76 -74.61
N GLU NA 112 57.40 17.72 -73.85
CA GLU NA 112 56.48 16.73 -73.28
C GLU NA 112 55.59 17.29 -72.15
N PHE NA 113 55.96 18.48 -71.62
CA PHE NA 113 55.23 19.22 -70.58
C PHE NA 113 54.52 20.45 -71.15
N CYS NA 114 54.88 20.86 -72.38
CA CYS NA 114 54.32 22.01 -73.08
C CYS NA 114 52.87 21.79 -73.52
N PRO NA 115 51.94 22.70 -73.13
CA PRO NA 115 50.54 22.55 -73.55
C PRO NA 115 50.29 23.06 -74.98
N ARG NA 116 49.13 22.70 -75.57
CA ARG NA 116 48.75 23.14 -76.93
C ARG NA 116 48.42 24.63 -76.94
N ASN NA 117 47.67 25.08 -75.92
CA ASN NA 117 47.28 26.48 -75.71
C ASN NA 117 48.07 27.10 -74.55
N ARG NA 118 48.23 28.44 -74.54
CA ARG NA 118 48.97 29.14 -73.48
C ARG NA 118 48.19 29.15 -72.16
N CYS NA 119 48.78 28.55 -71.12
CA CYS NA 119 48.20 28.44 -69.77
C CYS NA 119 48.84 29.43 -68.79
N SER NA 120 48.01 30.09 -67.97
CA SER NA 120 48.42 31.06 -66.96
C SER NA 120 48.49 30.42 -65.56
N LEU NA 121 49.64 30.58 -64.88
CA LEU NA 121 49.82 30.01 -63.55
C LEU NA 121 49.78 31.11 -62.48
N VAL NA 122 48.64 31.26 -61.81
CA VAL NA 122 48.43 32.28 -60.78
C VAL NA 122 49.24 31.95 -59.51
N GLY NA 123 50.02 32.92 -59.05
CA GLY NA 123 50.87 32.82 -57.87
C GLY NA 123 50.75 33.99 -56.91
N HIS NA 124 51.34 33.86 -55.72
CA HIS NA 124 51.32 34.89 -54.66
C HIS NA 124 52.70 35.13 -54.07
N MET NA 125 53.03 36.41 -53.85
CA MET NA 125 54.30 36.83 -53.28
C MET NA 125 54.23 36.89 -51.76
N VAL NA 126 55.23 36.28 -51.09
CA VAL NA 126 55.32 36.22 -49.62
C VAL NA 126 55.65 37.61 -49.07
N GLY NA 127 54.81 38.08 -48.15
CA GLY NA 127 54.97 39.38 -47.50
C GLY NA 127 53.80 40.32 -47.71
N GLY NA 128 53.47 40.57 -48.98
CA GLY NA 128 52.39 41.46 -49.37
C GLY NA 128 51.22 40.77 -50.03
N TRP NA 129 50.26 41.58 -50.53
CA TRP NA 129 49.05 41.15 -51.24
C TRP NA 129 49.36 41.01 -52.76
N ASN NA 130 50.66 40.97 -53.10
CA ASN NA 130 51.18 40.89 -54.46
C ASN NA 130 50.89 39.55 -55.15
N ALA NA 131 50.41 39.62 -56.41
CA ALA NA 131 50.06 38.47 -57.24
C ALA NA 131 50.80 38.51 -58.58
N PHE NA 132 51.05 37.33 -59.16
CA PHE NA 132 51.74 37.20 -60.45
C PHE NA 132 51.26 35.98 -61.23
N HIS NA 133 51.45 36.00 -62.55
CA HIS NA 133 51.12 34.87 -63.43
C HIS NA 133 52.18 34.67 -64.50
N ILE NA 134 52.57 33.41 -64.73
CA ILE NA 134 53.56 33.03 -65.73
C ILE NA 134 52.88 32.22 -66.83
N ASP NA 135 52.99 32.69 -68.08
CA ASP NA 135 52.38 32.03 -69.22
C ASP NA 135 53.32 30.99 -69.83
N ILE NA 136 52.79 29.78 -70.10
CA ILE NA 136 53.57 28.70 -70.72
C ILE NA 136 53.15 28.49 -72.17
N PRO NA 137 53.98 28.94 -73.15
CA PRO NA 137 53.64 28.75 -74.57
C PRO NA 137 53.92 27.32 -75.03
N SER NA 138 53.61 27.05 -76.32
CA SER NA 138 53.88 25.75 -76.94
C SER NA 138 55.38 25.58 -77.23
N SER NA 139 56.13 26.70 -77.29
CA SER NA 139 57.57 26.74 -77.54
C SER NA 139 58.40 26.19 -76.37
N GLY NA 140 58.10 26.68 -75.16
CA GLY NA 140 58.79 26.25 -73.93
C GLY NA 140 59.30 27.38 -73.07
N VAL NA 141 59.64 28.53 -73.70
CA VAL NA 141 60.17 29.71 -73.01
C VAL NA 141 59.06 30.43 -72.24
N CYS NA 142 59.08 30.30 -70.90
CA CYS NA 142 58.10 30.92 -70.01
C CYS NA 142 58.24 32.43 -69.97
N GLN NA 143 57.11 33.14 -69.90
CA GLN NA 143 57.09 34.60 -69.88
C GLN NA 143 56.46 35.16 -68.59
N TRP NA 144 57.22 36.01 -67.87
CA TRP NA 144 56.78 36.70 -66.65
C TRP NA 144 55.85 37.85 -67.05
N PHE NA 145 54.55 37.70 -66.78
CA PHE NA 145 53.52 38.69 -67.12
C PHE NA 145 53.21 39.72 -66.04
N GLY NA 146 53.89 39.61 -64.90
CA GLY NA 146 53.75 40.55 -63.79
C GLY NA 146 54.60 41.79 -63.98
N PRO NA 147 54.67 42.69 -62.98
CA PRO NA 147 55.51 43.90 -63.13
C PRO NA 147 56.99 43.63 -62.85
N THR NA 148 57.84 44.67 -63.02
CA THR NA 148 59.28 44.56 -62.78
C THR NA 148 59.57 44.34 -61.30
N ALA NA 149 60.27 43.23 -60.98
CA ALA NA 149 60.63 42.86 -59.61
C ALA NA 149 62.06 42.35 -59.54
N SER NA 150 62.75 42.60 -58.42
CA SER NA 150 64.13 42.18 -58.18
C SER NA 150 64.26 41.28 -56.94
N SER NA 151 63.32 41.39 -56.00
CA SER NA 151 63.30 40.62 -54.76
C SER NA 151 61.89 40.14 -54.39
N GLY NA 152 61.82 39.02 -53.67
CA GLY NA 152 60.58 38.42 -53.22
C GLY NA 152 60.55 36.91 -53.32
N THR NA 153 59.61 36.28 -52.58
CA THR NA 153 59.46 34.82 -52.58
C THR NA 153 58.22 34.38 -53.40
N PRO NA 154 58.43 33.75 -54.60
CA PRO NA 154 57.28 33.29 -55.39
C PRO NA 154 56.74 31.94 -54.93
N ARG NA 155 55.40 31.85 -54.80
CA ARG NA 155 54.71 30.62 -54.37
C ARG NA 155 53.41 30.41 -55.15
N GLY NA 156 53.05 29.15 -55.40
CA GLY NA 156 51.85 28.77 -56.13
C GLY NA 156 51.84 27.32 -56.56
N THR NA 157 50.76 26.60 -56.21
CA THR NA 157 50.58 25.18 -56.55
C THR NA 157 49.17 24.93 -57.09
N GLY NA 158 49.10 24.18 -58.19
CA GLY NA 158 47.86 23.83 -58.86
C GLY NA 158 48.04 22.84 -60.00
N THR NA 159 47.12 22.88 -60.98
CA THR NA 159 47.12 22.00 -62.16
C THR NA 159 46.80 22.80 -63.42
N TYR NA 160 47.35 22.37 -64.57
CA TYR NA 160 47.10 23.01 -65.85
C TYR NA 160 46.94 21.96 -66.97
N PRO NA 161 46.00 22.17 -67.93
CA PRO NA 161 45.82 21.18 -69.01
C PRO NA 161 46.97 21.19 -70.02
N ILE NA 162 47.12 20.09 -70.77
CA ILE NA 162 48.16 19.93 -71.78
C ILE NA 162 47.58 19.81 -73.22
N ASP NA 163 46.31 19.39 -73.32
CA ASP NA 163 45.62 19.19 -74.60
C ASP NA 163 44.34 20.04 -74.75
N SER NA 164 43.93 20.27 -76.01
CA SER NA 164 42.73 21.04 -76.37
C SER NA 164 42.00 20.40 -77.56
N ALA OA 2 27.51 -18.22 -76.32
CA ALA OA 2 27.64 -18.95 -77.59
C ALA OA 2 26.37 -19.72 -77.94
N SER OA 3 26.05 -19.78 -79.24
CA SER OA 3 24.89 -20.53 -79.71
C SER OA 3 25.25 -22.01 -79.79
N ILE OA 4 24.61 -22.82 -78.93
CA ILE OA 4 24.85 -24.26 -78.83
C ILE OA 4 23.60 -25.10 -79.07
N LYS OA 5 23.78 -26.31 -79.62
CA LYS OA 5 22.67 -27.23 -79.88
C LYS OA 5 22.52 -28.22 -78.73
N LYS OA 6 21.29 -28.66 -78.48
CA LYS OA 6 20.99 -29.60 -77.40
C LYS OA 6 21.46 -31.02 -77.74
N VAL OA 7 21.99 -31.72 -76.73
CA VAL OA 7 22.47 -33.10 -76.81
C VAL OA 7 21.46 -34.03 -76.12
N TYR OA 8 20.95 -35.03 -76.86
CA TYR OA 8 19.94 -35.97 -76.38
C TYR OA 8 20.19 -37.39 -76.81
N ARG OA 9 19.46 -38.34 -76.20
CA ARG OA 9 19.52 -39.77 -76.50
C ARG OA 9 18.94 -40.03 -77.89
N GLY OA 10 19.64 -40.86 -78.66
CA GLY OA 10 19.23 -41.24 -80.00
C GLY OA 10 19.36 -40.11 -81.00
N MET OA 11 20.38 -39.28 -80.82
CA MET OA 11 20.63 -38.13 -81.67
C MET OA 11 21.51 -38.49 -82.85
N LYS OA 12 21.09 -38.10 -84.06
CA LYS OA 12 21.91 -38.34 -85.25
C LYS OA 12 22.99 -37.26 -85.30
N ASN OA 13 24.23 -37.69 -85.65
CA ASN OA 13 25.43 -36.86 -85.68
C ASN OA 13 25.74 -36.30 -84.30
N GLY OA 14 25.84 -37.22 -83.35
CA GLY OA 14 26.13 -36.89 -81.95
C GLY OA 14 27.53 -36.33 -81.76
N ALA OA 15 28.55 -37.03 -82.30
CA ALA OA 15 29.94 -36.62 -82.20
C ALA OA 15 30.20 -35.27 -82.90
N GLU OA 16 29.46 -35.03 -84.00
CA GLU OA 16 29.55 -33.80 -84.78
C GLU OA 16 29.00 -32.61 -83.99
N THR OA 17 27.85 -32.81 -83.32
CA THR OA 17 27.17 -31.80 -82.51
C THR OA 17 28.02 -31.38 -81.32
N ILE OA 18 28.57 -32.36 -80.58
CA ILE OA 18 29.41 -32.12 -79.41
C ILE OA 18 30.64 -31.31 -79.78
N ASN OA 19 31.33 -31.71 -80.87
CA ASN OA 19 32.51 -31.03 -81.36
C ASN OA 19 32.23 -29.58 -81.73
N ASP OA 20 31.10 -29.34 -82.44
CA ASP OA 20 30.69 -28.00 -82.86
C ASP OA 20 30.31 -27.13 -81.68
N ASP OA 21 29.76 -27.73 -80.62
CA ASP OA 21 29.38 -27.03 -79.39
C ASP OA 21 30.63 -26.67 -78.58
N LEU OA 22 31.60 -27.59 -78.53
CA LEU OA 22 32.85 -27.36 -77.81
C LEU OA 22 33.71 -26.30 -78.50
N GLU OA 23 33.72 -26.30 -79.85
CA GLU OA 23 34.47 -25.35 -80.67
C GLU OA 23 33.89 -23.95 -80.57
N ALA OA 24 32.55 -23.84 -80.48
CA ALA OA 24 31.83 -22.58 -80.36
C ALA OA 24 32.10 -21.94 -79.01
N ILE OA 25 32.22 -22.77 -77.95
CA ILE OA 25 32.51 -22.34 -76.59
C ILE OA 25 33.98 -21.91 -76.50
N ASN OA 26 34.90 -22.74 -77.04
CA ASN OA 26 36.34 -22.45 -77.04
C ASN OA 26 36.70 -21.20 -77.84
N SER OA 27 35.91 -20.88 -78.89
CA SER OA 27 36.09 -19.70 -79.73
C SER OA 27 35.86 -18.43 -78.94
N GLU OA 28 34.85 -18.46 -78.05
CA GLU OA 28 34.50 -17.35 -77.18
C GLU OA 28 35.52 -17.15 -76.06
N LEU OA 29 36.31 -18.20 -75.73
CA LEU OA 29 37.35 -18.13 -74.69
C LEU OA 29 38.58 -17.34 -75.15
N THR OA 30 38.77 -17.21 -76.48
CA THR OA 30 39.90 -16.51 -77.10
C THR OA 30 39.51 -15.13 -77.65
N SER OA 31 38.38 -15.04 -78.39
CA SER OA 31 37.90 -13.80 -79.01
C SER OA 31 36.38 -13.73 -79.19
N GLY OA 32 35.84 -12.53 -79.09
CA GLY OA 32 34.42 -12.26 -79.30
C GLY OA 32 33.49 -12.70 -78.19
N GLY OA 33 32.20 -12.78 -78.51
CA GLY OA 33 31.15 -13.17 -77.59
C GLY OA 33 30.78 -12.07 -76.62
N ASN OA 34 30.23 -12.46 -75.44
CA ASN OA 34 29.83 -11.51 -74.40
C ASN OA 34 30.76 -11.61 -73.18
N VAL OA 35 32.06 -11.74 -73.44
CA VAL OA 35 33.11 -11.88 -72.43
C VAL OA 35 34.34 -11.00 -72.69
N VAL OA 36 34.84 -10.34 -71.63
CA VAL OA 36 36.02 -9.47 -71.68
C VAL OA 36 37.29 -10.33 -71.76
N HIS OA 37 38.16 -10.03 -72.75
CA HIS OA 37 39.41 -10.76 -73.01
C HIS OA 37 40.67 -9.99 -72.65
N LYS OA 38 41.80 -10.72 -72.49
CA LYS OA 38 43.11 -10.15 -72.18
C LYS OA 38 43.76 -9.52 -73.42
N THR OA 39 43.23 -9.84 -74.62
CA THR OA 39 43.73 -9.34 -75.90
C THR OA 39 42.59 -8.90 -76.81
N GLY OA 40 42.83 -7.83 -77.56
CA GLY OA 40 41.88 -7.28 -78.52
C GLY OA 40 41.08 -6.08 -78.03
N ASP OA 41 40.53 -5.33 -79.00
CA ASP OA 41 39.71 -4.13 -78.76
C ASP OA 41 38.25 -4.54 -78.57
N GLU OA 42 37.71 -4.29 -77.38
CA GLU OA 42 36.35 -4.66 -77.01
C GLU OA 42 35.60 -3.54 -76.29
N THR OA 43 34.26 -3.57 -76.39
CA THR OA 43 33.35 -2.61 -75.75
C THR OA 43 32.66 -3.29 -74.56
N ILE OA 44 32.73 -2.64 -73.39
CA ILE OA 44 32.18 -3.14 -72.12
C ILE OA 44 31.05 -2.22 -71.62
N ALA OA 45 29.93 -2.82 -71.22
CA ALA OA 45 28.76 -2.13 -70.69
C ALA OA 45 28.40 -2.64 -69.29
N GLY OA 46 27.85 -1.75 -68.47
CA GLY OA 46 27.44 -2.07 -67.11
C GLY OA 46 28.32 -1.46 -66.05
N LYS OA 47 27.78 -1.36 -64.82
CA LYS OA 47 28.49 -0.79 -63.66
C LYS OA 47 29.52 -1.79 -63.11
N LYS OA 48 30.81 -1.53 -63.43
CA LYS OA 48 31.94 -2.38 -63.02
C LYS OA 48 32.64 -1.81 -61.80
N THR OA 49 32.71 -2.62 -60.73
CA THR OA 49 33.34 -2.23 -59.45
C THR OA 49 34.65 -2.95 -59.25
N PHE OA 50 35.76 -2.21 -59.31
CA PHE OA 50 37.11 -2.74 -59.12
C PHE OA 50 37.55 -2.53 -57.68
N THR OA 51 37.50 -3.59 -56.88
CA THR OA 51 37.90 -3.56 -55.46
C THR OA 51 39.43 -3.49 -55.30
N GLY OA 52 40.14 -4.09 -56.26
CA GLY OA 52 41.60 -4.10 -56.30
C GLY OA 52 42.19 -2.85 -56.93
N ASN OA 53 43.53 -2.81 -57.05
CA ASN OA 53 44.26 -1.69 -57.62
C ASN OA 53 44.32 -1.78 -59.15
N VAL OA 54 44.04 -0.66 -59.84
CA VAL OA 54 44.02 -0.59 -61.31
C VAL OA 54 45.23 0.21 -61.81
N GLU OA 55 45.93 -0.37 -62.81
CA GLU OA 55 47.09 0.26 -63.43
C GLU OA 55 46.83 0.46 -64.92
N VAL OA 56 47.07 1.70 -65.41
CA VAL OA 56 46.90 2.08 -66.81
C VAL OA 56 48.27 2.49 -67.37
N ASN OA 57 48.71 1.78 -68.42
CA ASN OA 57 49.99 2.03 -69.09
C ASN OA 57 49.81 2.93 -70.30
N GLY OA 58 48.65 2.81 -70.96
CA GLY OA 58 48.30 3.61 -72.12
C GLY OA 58 47.70 4.94 -71.76
N SER OA 59 46.62 5.33 -72.46
CA SER OA 59 45.93 6.60 -72.23
C SER OA 59 44.52 6.40 -71.72
N LEU OA 60 44.12 7.20 -70.70
CA LEU OA 60 42.78 7.16 -70.13
C LEU OA 60 41.92 8.27 -70.75
N THR OA 61 40.87 7.87 -71.47
CA THR OA 61 39.96 8.79 -72.16
C THR OA 61 38.69 9.00 -71.35
N LEU OA 62 38.28 10.26 -71.16
CA LEU OA 62 37.07 10.62 -70.42
C LEU OA 62 36.15 11.49 -71.29
N PRO OA 63 34.82 11.57 -71.00
CA PRO OA 63 33.93 12.42 -71.84
C PRO OA 63 34.36 13.88 -71.83
N THR OA 64 34.54 14.45 -73.03
CA THR OA 64 34.99 15.84 -73.20
C THR OA 64 33.94 16.73 -73.88
N LYS OA 65 33.70 17.89 -73.26
CA LYS OA 65 32.78 18.92 -73.75
C LYS OA 65 33.43 20.28 -73.50
N SER OA 66 33.50 21.10 -74.57
CA SER OA 66 34.11 22.42 -74.51
C SER OA 66 33.10 23.55 -74.74
N TRP OA 67 33.34 24.70 -74.08
CA TRP OA 67 32.52 25.90 -74.17
C TRP OA 67 33.36 27.14 -73.90
N SER OA 68 33.11 28.21 -74.68
CA SER OA 68 33.80 29.49 -74.57
C SER OA 68 32.83 30.63 -74.87
N GLY OA 69 32.87 31.67 -74.05
CA GLY OA 69 32.01 32.83 -74.20
C GLY OA 69 32.43 34.02 -73.36
N GLU OA 70 32.08 35.24 -73.83
CA GLU OA 70 32.38 36.50 -73.14
C GLU OA 70 31.34 36.72 -72.03
N LEU OA 71 31.73 36.40 -70.78
CA LEU OA 71 30.87 36.51 -69.59
C LEU OA 71 30.28 37.91 -69.37
N GLY OA 72 31.10 38.94 -69.55
CA GLY OA 72 30.71 40.33 -69.39
C GLY OA 72 31.87 41.28 -69.24
N GLY OA 73 31.77 42.44 -69.90
CA GLY OA 73 32.77 43.49 -69.86
C GLY OA 73 34.03 43.23 -70.66
N GLY OA 74 34.10 42.09 -71.36
CA GLY OA 74 35.26 41.72 -72.16
C GLY OA 74 36.07 40.56 -71.61
N ILE OA 75 35.50 39.85 -70.64
CA ILE OA 75 36.17 38.70 -70.03
C ILE OA 75 35.63 37.42 -70.66
N ILE OA 76 36.49 36.69 -71.38
CA ILE OA 76 36.15 35.44 -72.06
C ILE OA 76 36.69 34.26 -71.24
N LEU OA 77 35.78 33.35 -70.85
CA LEU OA 77 36.13 32.16 -70.09
C LEU OA 77 36.02 30.92 -70.96
N SER OA 78 37.12 30.15 -71.03
CA SER OA 78 37.22 28.92 -71.80
C SER OA 78 37.12 27.72 -70.85
N LEU OA 79 36.10 26.87 -71.05
CA LEU OA 79 35.87 25.70 -70.22
C LEU OA 79 36.08 24.38 -70.97
N ARG OA 80 36.67 23.39 -70.28
CA ARG OA 80 36.93 22.05 -70.80
C ARG OA 80 36.55 21.00 -69.75
N LYS OA 81 35.37 20.37 -69.93
CA LYS OA 81 34.82 19.35 -69.04
C LYS OA 81 35.49 18.00 -69.28
N LYS OA 82 35.97 17.35 -68.20
CA LYS OA 82 36.61 16.03 -68.27
C LYS OA 82 36.20 15.18 -67.07
N GLY OA 83 35.14 14.41 -67.25
CA GLY OA 83 34.57 13.56 -66.21
C GLY OA 83 33.81 14.34 -65.17
N THR OA 84 34.44 14.51 -63.99
CA THR OA 84 33.88 15.26 -62.85
C THR OA 84 34.69 16.50 -62.50
N THR OA 85 35.61 16.91 -63.40
CA THR OA 85 36.46 18.09 -63.22
C THR OA 85 36.43 18.97 -64.48
N VAL OA 86 36.12 20.27 -64.31
CA VAL OA 86 36.06 21.24 -65.43
C VAL OA 86 37.30 22.15 -65.35
N GLU OA 87 38.06 22.24 -66.45
CA GLU OA 87 39.27 23.05 -66.56
C GLU OA 87 38.90 24.43 -67.08
N TYR OA 88 39.21 25.48 -66.31
CA TYR OA 88 38.89 26.86 -66.68
C TYR OA 88 40.11 27.61 -67.21
N SER OA 89 39.87 28.59 -68.11
CA SER OA 89 40.89 29.45 -68.68
C SER OA 89 40.34 30.86 -68.90
N ILE OA 90 40.87 31.83 -68.13
CA ILE OA 90 40.44 33.23 -68.19
C ILE OA 90 41.29 33.96 -69.23
N GLY OA 91 40.62 34.69 -70.13
CA GLY OA 91 41.25 35.46 -71.18
C GLY OA 91 40.43 36.64 -71.64
N GLY OA 92 41.00 37.42 -72.56
CA GLY OA 92 40.35 38.59 -73.13
C GLY OA 92 40.95 39.92 -72.69
N GLU OA 93 40.12 40.98 -72.73
CA GLU OA 93 40.50 42.34 -72.36
C GLU OA 93 39.26 43.09 -71.88
N ILE OA 94 39.37 43.77 -70.72
CA ILE OA 94 38.27 44.55 -70.14
C ILE OA 94 38.03 45.82 -70.97
N SER OA 95 36.83 45.92 -71.57
CA SER OA 95 36.40 47.03 -72.43
C SER OA 95 35.53 48.05 -71.67
N SER OA 96 34.44 47.57 -71.03
CA SER OA 96 33.51 48.40 -70.25
C SER OA 96 33.78 48.32 -68.75
N SER OA 97 33.38 49.36 -68.01
CA SER OA 97 33.56 49.46 -66.57
C SER OA 97 32.67 48.46 -65.82
N ILE OA 98 33.32 47.55 -65.06
CA ILE OA 98 32.64 46.52 -64.27
C ILE OA 98 32.71 46.92 -62.79
N LEU OA 99 31.53 47.01 -62.15
CA LEU OA 99 31.37 47.38 -60.74
C LEU OA 99 31.85 46.27 -59.81
N ALA OA 100 32.20 46.62 -58.56
CA ALA OA 100 32.63 45.68 -57.54
C ALA OA 100 31.42 44.89 -57.02
N ASN OA 101 31.56 43.55 -56.89
CA ASN OA 101 30.51 42.61 -56.47
C ASN OA 101 29.25 42.66 -57.34
N SER OA 102 29.46 42.75 -58.67
CA SER OA 102 28.39 42.83 -59.68
C SER OA 102 28.31 41.59 -60.56
N ASN OA 103 27.11 41.30 -61.09
CA ASN OA 103 26.83 40.15 -61.95
C ASN OA 103 27.20 40.41 -63.41
N LEU OA 104 27.73 39.37 -64.08
CA LEU OA 104 28.11 39.41 -65.49
C LEU OA 104 26.94 38.80 -66.27
N VAL OA 105 26.20 39.65 -67.00
CA VAL OA 105 24.98 39.26 -67.71
C VAL OA 105 25.08 39.13 -69.25
N ASN OA 106 26.29 39.26 -69.83
CA ASN OA 106 26.49 39.15 -71.28
C ASN OA 106 26.31 37.72 -71.79
N ARG OA 107 26.91 36.75 -71.08
CA ARG OA 107 26.84 35.32 -71.41
C ARG OA 107 26.84 34.51 -70.11
N SER OA 108 25.88 33.57 -69.99
CA SER OA 108 25.73 32.71 -68.83
C SER OA 108 26.38 31.34 -69.04
N VAL OA 109 26.91 30.75 -67.96
CA VAL OA 109 27.57 29.44 -67.98
C VAL OA 109 26.50 28.32 -68.14
N PRO OA 110 26.63 27.43 -69.15
CA PRO OA 110 25.63 26.35 -69.33
C PRO OA 110 25.52 25.43 -68.12
N ASN OA 111 24.31 24.88 -67.89
CA ASN OA 111 24.00 24.00 -66.75
C ASN OA 111 24.88 22.76 -66.61
N GLU OA 112 25.38 22.22 -67.74
CA GLU OA 112 26.27 21.05 -67.76
C GLU OA 112 27.69 21.35 -67.24
N PHE OA 113 28.04 22.64 -67.11
CA PHE OA 113 29.32 23.14 -66.61
C PHE OA 113 29.18 23.74 -65.20
N CYS OA 114 27.92 23.99 -64.76
CA CYS OA 114 27.60 24.56 -63.45
C CYS OA 114 27.89 23.60 -62.29
N PRO OA 115 28.68 24.05 -61.28
CA PRO OA 115 28.98 23.15 -60.14
C PRO OA 115 27.87 23.14 -59.08
N ARG OA 116 27.90 22.12 -58.21
CA ARG OA 116 26.94 21.96 -57.10
C ARG OA 116 27.21 23.02 -56.03
N ASN OA 117 28.50 23.24 -55.70
CA ASN OA 117 28.99 24.21 -54.73
C ASN OA 117 29.60 25.45 -55.42
N ARG OA 118 29.54 26.62 -54.75
CA ARG OA 118 30.07 27.88 -55.27
C ARG OA 118 31.60 27.86 -55.31
N CYS OA 119 32.18 27.89 -56.53
CA CYS OA 119 33.63 27.84 -56.75
C CYS OA 119 34.21 29.19 -57.13
N SER OA 120 35.40 29.49 -56.60
CA SER OA 120 36.14 30.74 -56.83
C SER OA 120 37.32 30.52 -57.78
N LEU OA 121 37.38 31.32 -58.86
CA LEU OA 121 38.45 31.20 -59.83
C LEU OA 121 39.46 32.34 -59.66
N VAL OA 122 40.58 32.04 -58.99
CA VAL OA 122 41.64 33.02 -58.73
C VAL OA 122 42.40 33.34 -60.03
N GLY OA 123 42.48 34.62 -60.34
CA GLY OA 123 43.15 35.15 -61.53
C GLY OA 123 44.12 36.27 -61.23
N HIS OA 124 44.90 36.68 -62.26
CA HIS OA 124 45.89 37.76 -62.17
C HIS OA 124 45.77 38.76 -63.32
N MET OA 125 45.91 40.05 -63.01
CA MET OA 125 45.83 41.16 -63.97
C MET OA 125 47.22 41.50 -64.50
N VAL OA 126 47.35 41.53 -65.83
CA VAL OA 126 48.62 41.84 -66.51
C VAL OA 126 48.94 43.33 -66.34
N GLY OA 127 50.14 43.61 -65.80
CA GLY OA 127 50.60 44.97 -65.58
C GLY OA 127 51.18 45.20 -64.20
N GLY OA 128 50.41 44.84 -63.18
CA GLY OA 128 50.80 45.00 -61.78
C GLY OA 128 50.63 43.74 -60.94
N TRP OA 129 50.58 43.93 -59.61
CA TRP OA 129 50.41 42.86 -58.61
C TRP OA 129 48.91 42.67 -58.30
N ASN OA 130 48.03 43.06 -59.23
CA ASN OA 130 46.57 42.99 -59.07
C ASN OA 130 46.01 41.58 -59.23
N ALA OA 131 45.10 41.19 -58.29
CA ALA OA 131 44.45 39.88 -58.27
C ALA OA 131 42.92 40.00 -58.26
N PHE OA 132 42.24 38.99 -58.82
CA PHE OA 132 40.77 38.94 -58.89
C PHE OA 132 40.25 37.49 -58.82
N HIS OA 133 38.97 37.33 -58.45
CA HIS OA 133 38.32 36.03 -58.42
C HIS OA 133 36.88 36.13 -58.90
N ILE OA 134 36.45 35.16 -59.72
CA ILE OA 134 35.09 35.11 -60.26
C ILE OA 134 34.37 33.89 -59.69
N ASP OA 135 33.21 34.11 -59.08
CA ASP OA 135 32.42 33.04 -58.48
C ASP OA 135 31.40 32.45 -59.45
N ILE OA 136 31.31 31.11 -59.49
CA ILE OA 136 30.35 30.40 -60.35
C ILE OA 136 29.28 29.72 -59.46
N PRO OA 137 28.02 30.22 -59.46
CA PRO OA 137 26.98 29.58 -58.65
C PRO OA 137 26.31 28.40 -59.38
N SER OA 138 25.29 27.81 -58.77
CA SER OA 138 24.54 26.69 -59.35
C SER OA 138 23.66 27.16 -60.52
N SER OA 139 23.29 28.46 -60.52
CA SER OA 139 22.45 29.09 -61.54
C SER OA 139 23.20 29.26 -62.86
N GLY OA 140 24.37 29.87 -62.81
CA GLY OA 140 25.21 30.10 -63.98
C GLY OA 140 25.67 31.54 -64.17
N VAL OA 141 25.00 32.50 -63.49
CA VAL OA 141 25.32 33.93 -63.60
C VAL OA 141 26.55 34.25 -62.74
N CYS OA 142 27.71 34.42 -63.39
CA CYS OA 142 28.99 34.72 -62.76
C CYS OA 142 29.03 36.10 -62.12
N GLN OA 143 29.81 36.26 -61.06
CA GLN OA 143 29.95 37.52 -60.33
C GLN OA 143 31.41 37.96 -60.20
N TRP OA 144 31.68 39.25 -60.50
CA TRP OA 144 33.01 39.85 -60.39
C TRP OA 144 33.19 40.28 -58.94
N PHE OA 145 33.95 39.49 -58.17
CA PHE OA 145 34.20 39.73 -56.74
C PHE OA 145 35.40 40.66 -56.44
N GLY OA 146 36.04 41.17 -57.49
CA GLY OA 146 37.14 42.11 -57.37
C GLY OA 146 36.65 43.54 -57.26
N PRO OA 147 37.56 44.56 -57.25
CA PRO OA 147 37.10 45.95 -57.17
C PRO OA 147 36.64 46.50 -58.52
N THR OA 148 36.12 47.74 -58.53
CA THR OA 148 35.64 48.39 -59.75
C THR OA 148 36.82 48.65 -60.73
N ALA OA 149 36.77 48.01 -61.92
CA ALA OA 149 37.79 48.12 -62.96
C ALA OA 149 37.17 48.44 -64.31
N SER OA 150 37.88 49.26 -65.12
CA SER OA 150 37.43 49.69 -66.45
C SER OA 150 38.31 49.14 -67.57
N SER OA 151 39.60 48.91 -67.28
CA SER OA 151 40.59 48.38 -68.23
C SER OA 151 41.58 47.44 -67.58
N GLY OA 152 42.09 46.48 -68.36
CA GLY OA 152 43.06 45.49 -67.90
C GLY OA 152 42.96 44.16 -68.63
N THR OA 153 43.99 43.30 -68.45
CA THR OA 153 44.03 41.97 -69.09
C THR OA 153 43.81 40.85 -68.07
N PRO OA 154 42.65 40.13 -68.12
CA PRO OA 154 42.41 39.04 -67.17
C PRO OA 154 43.03 37.72 -67.62
N ARG OA 155 43.78 37.06 -66.72
CA ARG OA 155 44.44 35.78 -66.99
C ARG OA 155 44.35 34.83 -65.79
N GLY OA 156 44.27 33.53 -66.06
CA GLY OA 156 44.17 32.49 -65.03
C GLY OA 156 43.70 31.16 -65.58
N THR OA 157 44.48 30.10 -65.31
CA THR OA 157 44.18 28.73 -65.75
C THR OA 157 44.33 27.74 -64.59
N GLY OA 158 43.32 26.88 -64.44
CA GLY OA 158 43.28 25.86 -63.40
C GLY OA 158 42.14 24.89 -63.57
N THR OA 159 41.69 24.29 -62.44
CA THR OA 159 40.60 23.30 -62.41
C THR OA 159 39.67 23.61 -61.25
N TYR OA 160 38.38 23.23 -61.39
CA TYR OA 160 37.37 23.40 -60.35
C TYR OA 160 36.42 22.21 -60.30
N PRO OA 161 36.01 21.73 -59.09
CA PRO OA 161 35.09 20.58 -59.03
C PRO OA 161 33.66 20.94 -59.46
N ILE OA 162 32.92 19.94 -59.95
CA ILE OA 162 31.54 20.10 -60.38
C ILE OA 162 30.53 19.45 -59.40
N ASP OA 163 30.99 18.42 -58.65
CA ASP OA 163 30.19 17.69 -57.67
C ASP OA 163 30.69 17.91 -56.23
N ALA PA 2 32.39 -23.22 -63.36
CA ALA PA 2 31.10 -23.91 -63.43
C ALA PA 2 31.17 -25.31 -62.82
N SER PA 3 30.11 -25.72 -62.11
CA SER PA 3 30.04 -27.04 -61.50
C SER PA 3 29.68 -28.08 -62.55
N ILE PA 4 30.68 -28.88 -62.97
CA ILE PA 4 30.51 -29.90 -64.01
C ILE PA 4 30.71 -31.33 -63.48
N LYS PA 5 30.00 -32.29 -64.08
CA LYS PA 5 30.07 -33.70 -63.72
C LYS PA 5 31.09 -34.45 -64.59
N LYS PA 6 31.71 -35.50 -64.03
CA LYS PA 6 32.72 -36.28 -64.75
C LYS PA 6 32.09 -37.20 -65.78
N VAL PA 7 32.68 -37.25 -66.96
CA VAL PA 7 32.25 -38.09 -68.09
C VAL PA 7 33.22 -39.29 -68.20
N TYR PA 8 32.67 -40.52 -68.15
CA TYR PA 8 33.45 -41.75 -68.24
C TYR PA 8 32.81 -42.77 -69.18
N ARG PA 9 33.55 -43.82 -69.57
CA ARG PA 9 33.07 -44.87 -70.46
C ARG PA 9 32.06 -45.77 -69.72
N GLY PA 10 30.96 -46.09 -70.40
CA GLY PA 10 29.89 -46.93 -69.88
C GLY PA 10 29.12 -46.23 -68.78
N MET PA 11 28.84 -44.95 -69.01
CA MET PA 11 28.14 -44.09 -68.08
C MET PA 11 26.65 -44.15 -68.32
N LYS PA 12 25.87 -44.31 -67.23
CA LYS PA 12 24.42 -44.34 -67.28
C LYS PA 12 23.92 -42.91 -67.52
N ASN PA 13 23.09 -42.73 -68.57
CA ASN PA 13 22.54 -41.46 -69.04
C ASN PA 13 23.65 -40.44 -69.38
N GLY PA 14 24.45 -40.79 -70.39
CA GLY PA 14 25.57 -40.01 -70.88
C GLY PA 14 25.19 -38.75 -71.63
N ALA PA 15 24.15 -38.87 -72.48
CA ALA PA 15 23.60 -37.79 -73.30
C ALA PA 15 23.15 -36.59 -72.47
N GLU PA 16 22.56 -36.84 -71.30
CA GLU PA 16 22.07 -35.81 -70.40
C GLU PA 16 23.21 -35.11 -69.69
N THR PA 17 24.22 -35.88 -69.24
CA THR PA 17 25.37 -35.37 -68.50
C THR PA 17 26.17 -34.37 -69.31
N ILE PA 18 26.48 -34.71 -70.58
CA ILE PA 18 27.23 -33.84 -71.49
C ILE PA 18 26.46 -32.55 -71.75
N ASN PA 19 25.16 -32.67 -72.07
CA ASN PA 19 24.30 -31.53 -72.34
C ASN PA 19 24.24 -30.57 -71.16
N ASP PA 20 24.10 -31.11 -69.94
CA ASP PA 20 24.02 -30.33 -68.70
C ASP PA 20 25.34 -29.62 -68.40
N ASP PA 21 26.46 -30.27 -68.74
CA ASP PA 21 27.80 -29.71 -68.53
C ASP PA 21 28.07 -28.58 -69.51
N LEU PA 22 27.63 -28.75 -70.77
CA LEU PA 22 27.78 -27.75 -71.83
C LEU PA 22 26.92 -26.51 -71.55
N GLU PA 23 25.69 -26.74 -71.05
CA GLU PA 23 24.74 -25.66 -70.73
C GLU PA 23 25.23 -24.84 -69.52
N ALA PA 24 25.87 -25.51 -68.54
CA ALA PA 24 26.41 -24.88 -67.33
C ALA PA 24 27.59 -23.98 -67.66
N ILE PA 25 28.42 -24.43 -68.62
CA ILE PA 25 29.59 -23.70 -69.10
C ILE PA 25 29.13 -22.50 -69.95
N ASN PA 26 28.17 -22.73 -70.88
CA ASN PA 26 27.63 -21.68 -71.75
C ASN PA 26 26.90 -20.58 -70.98
N SER PA 27 26.29 -20.92 -69.83
CA SER PA 27 25.60 -19.97 -68.96
C SER PA 27 26.58 -18.99 -68.34
N GLU PA 28 27.78 -19.47 -67.98
CA GLU PA 28 28.85 -18.67 -67.40
C GLU PA 28 29.53 -17.79 -68.46
N LEU PA 29 29.34 -18.09 -69.75
CA LEU PA 29 29.91 -17.32 -70.86
C LEU PA 29 29.11 -16.05 -71.14
N THR PA 30 27.86 -16.00 -70.66
CA THR PA 30 26.95 -14.88 -70.85
C THR PA 30 26.73 -14.06 -69.57
N SER PA 31 26.50 -14.74 -68.42
CA SER PA 31 26.24 -14.09 -67.13
C SER PA 31 26.75 -14.88 -65.93
N GLY PA 32 27.18 -14.15 -64.90
CA GLY PA 32 27.64 -14.71 -63.64
C GLY PA 32 29.01 -15.38 -63.69
N GLY PA 33 29.19 -16.37 -62.81
CA GLY PA 33 30.44 -17.11 -62.70
C GLY PA 33 31.57 -16.29 -62.09
N ASN PA 34 32.82 -16.61 -62.48
CA ASN PA 34 34.02 -15.91 -62.01
C ASN PA 34 34.65 -15.06 -63.12
N VAL PA 35 34.05 -15.08 -64.32
CA VAL PA 35 34.53 -14.35 -65.47
C VAL PA 35 33.82 -12.99 -65.67
N VAL PA 36 34.57 -11.99 -66.18
CA VAL PA 36 34.07 -10.64 -66.45
C VAL PA 36 33.39 -10.61 -67.84
N HIS PA 37 32.16 -10.10 -67.88
CA HIS PA 37 31.34 -10.02 -69.09
C HIS PA 37 31.24 -8.63 -69.68
N LYS PA 38 30.81 -8.55 -70.96
CA LYS PA 38 30.62 -7.30 -71.69
C LYS PA 38 29.35 -6.58 -71.27
N THR PA 39 28.41 -7.29 -70.62
CA THR PA 39 27.13 -6.73 -70.15
C THR PA 39 26.84 -7.15 -68.72
N GLY PA 40 26.23 -6.24 -67.97
CA GLY PA 40 25.82 -6.46 -66.59
C GLY PA 40 26.74 -5.85 -65.54
N ASP PA 41 26.18 -5.58 -64.35
CA ASP PA 41 26.88 -5.02 -63.20
C ASP PA 41 27.64 -6.12 -62.47
N GLU PA 42 28.97 -6.02 -62.45
CA GLU PA 42 29.87 -7.02 -61.85
C GLU PA 42 30.94 -6.39 -60.95
N THR PA 43 31.42 -7.17 -59.97
CA THR PA 43 32.49 -6.77 -59.05
C THR PA 43 33.76 -7.55 -59.37
N ILE PA 44 34.87 -6.82 -59.57
CA ILE PA 44 36.17 -7.35 -59.94
C ILE PA 44 37.20 -7.10 -58.83
N ALA PA 45 37.97 -8.14 -58.48
CA ALA PA 45 39.02 -8.08 -57.46
C ALA PA 45 40.36 -8.51 -58.06
N GLY PA 46 41.44 -7.88 -57.59
CA GLY PA 46 42.79 -8.16 -58.04
C GLY PA 46 43.45 -7.02 -58.77
N LYS PA 47 44.79 -7.06 -58.84
CA LYS PA 47 45.61 -6.05 -59.51
C LYS PA 47 45.52 -6.20 -61.04
N LYS PA 48 44.70 -5.34 -61.67
CA LYS PA 48 44.48 -5.34 -63.11
C LYS PA 48 45.34 -4.30 -63.82
N THR PA 49 46.22 -4.76 -64.71
CA THR PA 49 47.15 -3.90 -65.47
C THR PA 49 46.71 -3.80 -66.93
N PHE PA 50 46.32 -2.58 -67.34
CA PHE PA 50 45.88 -2.30 -68.70
C PHE PA 50 47.02 -1.70 -69.51
N THR PA 51 47.59 -2.50 -70.43
CA THR PA 51 48.70 -2.07 -71.28
C THR PA 51 48.22 -1.20 -72.45
N GLY PA 52 46.97 -1.44 -72.87
CA GLY PA 52 46.31 -0.70 -73.94
C GLY PA 52 45.72 0.63 -73.49
N ASN PA 53 44.87 1.21 -74.35
CA ASN PA 53 44.22 2.49 -74.06
C ASN PA 53 42.81 2.29 -73.50
N VAL PA 54 42.56 2.83 -72.30
CA VAL PA 54 41.27 2.73 -71.61
C VAL PA 54 40.39 3.93 -71.98
N GLU PA 55 39.14 3.67 -72.36
CA GLU PA 55 38.16 4.70 -72.70
C GLU PA 55 36.93 4.56 -71.80
N VAL PA 56 36.54 5.65 -71.13
CA VAL PA 56 35.38 5.68 -70.23
C VAL PA 56 34.34 6.64 -70.82
N ASN PA 57 33.09 6.18 -70.97
CA ASN PA 57 31.98 6.98 -71.49
C ASN PA 57 31.02 7.40 -70.38
N GLY PA 58 30.97 6.60 -69.31
CA GLY PA 58 30.13 6.87 -68.16
C GLY PA 58 30.83 7.77 -67.15
N SER PA 59 30.79 7.36 -65.87
CA SER PA 59 31.41 8.10 -64.78
C SER PA 59 32.47 7.27 -64.05
N LEU PA 60 33.62 7.90 -63.74
CA LEU PA 60 34.71 7.26 -63.03
C LEU PA 60 34.64 7.63 -61.55
N THR PA 61 34.53 6.62 -60.68
CA THR PA 61 34.43 6.81 -59.23
C THR PA 61 35.72 6.36 -58.54
N LEU PA 62 36.26 7.23 -57.68
CA LEU PA 62 37.48 6.97 -56.92
C LEU PA 62 37.21 7.10 -55.42
N PRO PA 63 38.05 6.55 -54.49
CA PRO PA 63 37.78 6.71 -53.06
C PRO PA 63 37.67 8.18 -52.64
N THR PA 64 36.50 8.56 -52.10
CA THR PA 64 36.19 9.95 -51.71
C THR PA 64 36.07 10.12 -50.20
N LYS PA 65 36.74 11.17 -49.68
CA LYS PA 65 36.72 11.54 -48.28
C LYS PA 65 36.65 13.07 -48.19
N SER PA 66 35.67 13.57 -47.41
CA SER PA 66 35.46 15.00 -47.25
C SER PA 66 35.82 15.49 -45.85
N TRP PA 67 36.32 16.73 -45.77
CA TRP PA 67 36.71 17.38 -44.53
C TRP PA 67 36.51 18.89 -44.64
N SER PA 68 36.02 19.50 -43.55
CA SER PA 68 35.79 20.94 -43.46
C SER PA 68 36.00 21.41 -42.02
N GLY PA 69 36.70 22.53 -41.86
CA GLY PA 69 36.99 23.12 -40.56
C GLY PA 69 37.71 24.45 -40.63
N GLU PA 70 37.53 25.28 -39.57
CA GLU PA 70 38.14 26.61 -39.44
C GLU PA 70 39.60 26.47 -39.03
N LEU PA 71 40.53 26.75 -39.97
CA LEU PA 71 41.98 26.64 -39.76
C LEU PA 71 42.52 27.60 -38.69
N GLY PA 72 42.03 28.84 -38.71
CA GLY PA 72 42.44 29.89 -37.78
C GLY PA 72 42.08 31.28 -38.25
N GLY PA 73 41.55 32.07 -37.31
CA GLY PA 73 41.16 33.47 -37.55
C GLY PA 73 39.82 33.67 -38.23
N GLY PA 74 39.15 32.56 -38.56
CA GLY PA 74 37.85 32.59 -39.21
C GLY PA 74 37.86 32.07 -40.65
N ILE PA 75 38.99 31.48 -41.07
CA ILE PA 75 39.15 30.93 -42.43
C ILE PA 75 38.81 29.44 -42.43
N ILE PA 76 37.72 29.09 -43.14
CA ILE PA 76 37.23 27.71 -43.25
C ILE PA 76 37.67 27.11 -44.59
N LEU PA 77 38.39 25.98 -44.53
CA LEU PA 77 38.87 25.27 -45.71
C LEU PA 77 38.10 23.97 -45.91
N SER PA 78 37.56 23.78 -47.11
CA SER PA 78 36.79 22.59 -47.49
C SER PA 78 37.66 21.71 -48.39
N LEU PA 79 38.00 20.52 -47.88
CA LEU PA 79 38.85 19.57 -48.59
C LEU PA 79 38.06 18.32 -48.99
N ARG PA 80 38.32 17.83 -50.21
CA ARG PA 80 37.70 16.62 -50.75
C ARG PA 80 38.72 15.84 -51.57
N LYS PA 81 39.09 14.65 -51.07
CA LYS PA 81 40.08 13.76 -51.68
C LYS PA 81 39.45 12.90 -52.78
N LYS PA 82 40.13 12.82 -53.92
CA LYS PA 82 39.71 12.01 -55.07
C LYS PA 82 40.94 11.29 -55.65
N GLY PA 83 41.25 10.12 -55.09
CA GLY PA 83 42.38 9.30 -55.49
C GLY PA 83 43.71 9.84 -55.01
N THR PA 84 44.48 10.47 -55.92
CA THR PA 84 45.80 11.06 -55.66
C THR PA 84 45.79 12.60 -55.77
N THR PA 85 44.58 13.20 -55.85
CA THR PA 85 44.38 14.65 -55.95
C THR PA 85 43.32 15.13 -54.94
N VAL PA 86 43.65 16.17 -54.17
CA VAL PA 86 42.74 16.75 -53.16
C VAL PA 86 42.25 18.12 -53.66
N GLU PA 87 40.92 18.29 -53.68
CA GLU PA 87 40.26 19.52 -54.13
C GLU PA 87 40.05 20.44 -52.91
N TYR PA 88 40.55 21.68 -52.99
CA TYR PA 88 40.43 22.64 -51.90
C TYR PA 88 39.43 23.75 -52.21
N SER PA 89 38.81 24.32 -51.16
CA SER PA 89 37.86 25.43 -51.26
C SER PA 89 37.99 26.34 -50.03
N ILE PA 90 38.44 27.59 -50.27
CA ILE PA 90 38.64 28.59 -49.22
C ILE PA 90 37.36 29.42 -49.07
N GLY PA 91 36.90 29.58 -47.82
CA GLY PA 91 35.71 30.34 -47.48
C GLY PA 91 35.70 30.86 -46.05
N GLY PA 92 34.66 31.62 -45.73
CA GLY PA 92 34.47 32.21 -44.41
C GLY PA 92 34.71 33.70 -44.35
N GLU PA 93 35.08 34.20 -43.17
CA GLU PA 93 35.37 35.62 -42.89
C GLU PA 93 36.40 35.76 -41.77
N ILE PA 94 37.42 36.61 -42.00
CA ILE PA 94 38.49 36.87 -41.02
C ILE PA 94 37.92 37.73 -39.87
N SER PA 95 37.84 37.15 -38.67
CA SER PA 95 37.33 37.77 -37.45
C SER PA 95 38.45 38.37 -36.58
N SER PA 96 39.45 37.53 -36.21
CA SER PA 96 40.60 37.93 -35.39
C SER PA 96 41.84 38.23 -36.24
N SER PA 97 42.75 39.05 -35.69
CA SER PA 97 43.98 39.46 -36.37
C SER PA 97 44.96 38.30 -36.53
N ILE PA 98 45.34 38.02 -37.78
CA ILE PA 98 46.30 36.96 -38.13
C ILE PA 98 47.61 37.63 -38.56
N LEU PA 99 48.70 37.28 -37.89
CA LEU PA 99 50.04 37.82 -38.15
C LEU PA 99 50.63 37.33 -39.46
N ALA PA 100 51.60 38.07 -40.02
CA ALA PA 100 52.28 37.71 -41.26
C ALA PA 100 53.28 36.58 -40.98
N ASN PA 101 53.28 35.54 -41.82
CA ASN PA 101 54.12 34.33 -41.71
C ASN PA 101 53.94 33.60 -40.37
N SER PA 102 52.67 33.52 -39.91
CA SER PA 102 52.30 32.86 -38.66
C SER PA 102 51.51 31.56 -38.89
N ASN PA 103 51.55 30.65 -37.89
CA ASN PA 103 50.88 29.37 -37.93
C ASN PA 103 49.42 29.45 -37.46
N LEU PA 104 48.53 28.75 -38.18
CA LEU PA 104 47.10 28.68 -37.85
C LEU PA 104 46.92 27.50 -36.87
N VAL PA 105 46.57 27.84 -35.63
CA VAL PA 105 46.47 26.88 -34.52
C VAL PA 105 45.07 26.40 -34.10
N ASN PA 106 44.00 26.92 -34.74
CA ASN PA 106 42.60 26.55 -34.40
C ASN PA 106 42.29 25.09 -34.73
N ARG PA 107 42.52 24.68 -35.99
CA ARG PA 107 42.29 23.31 -36.47
C ARG PA 107 43.38 22.93 -37.47
N SER PA 108 43.96 21.73 -37.29
CA SER PA 108 45.02 21.19 -38.15
C SER PA 108 44.45 20.23 -39.19
N VAL PA 109 45.06 20.21 -40.38
CA VAL PA 109 44.64 19.35 -41.50
C VAL PA 109 44.98 17.87 -41.18
N PRO PA 110 44.00 16.93 -41.27
CA PRO PA 110 44.30 15.52 -40.97
C PRO PA 110 45.36 14.92 -41.89
N ASN PA 111 46.13 13.94 -41.36
CA ASN PA 111 47.24 13.29 -42.07
C ASN PA 111 46.87 12.64 -43.42
N GLU PA 112 45.62 12.16 -43.55
CA GLU PA 112 45.11 11.54 -44.79
C GLU PA 112 44.92 12.56 -45.93
N PHE PA 113 44.87 13.87 -45.61
CA PHE PA 113 44.73 14.98 -46.54
C PHE PA 113 46.06 15.73 -46.73
N CYS PA 114 47.04 15.46 -45.84
CA CYS PA 114 48.36 16.07 -45.83
C CYS PA 114 49.24 15.61 -47.01
N PRO PA 115 49.81 16.55 -47.81
CA PRO PA 115 50.69 16.14 -48.92
C PRO PA 115 52.12 15.87 -48.47
N ARG PA 116 52.91 15.20 -49.32
CA ARG PA 116 54.31 14.86 -49.07
C ARG PA 116 55.19 16.12 -49.08
N ASN PA 117 54.89 17.05 -50.00
CA ASN PA 117 55.59 18.31 -50.19
C ASN PA 117 54.72 19.52 -49.79
N ARG PA 118 55.35 20.69 -49.57
CA ARG PA 118 54.67 21.93 -49.20
C ARG PA 118 53.90 22.50 -50.40
N CYS PA 119 52.56 22.63 -50.27
CA CYS PA 119 51.68 23.12 -51.34
C CYS PA 119 51.13 24.50 -51.00
N SER PA 120 51.19 25.42 -51.98
CA SER PA 120 50.72 26.79 -51.85
C SER PA 120 49.34 26.96 -52.50
N LEU PA 121 48.35 27.36 -51.71
CA LEU PA 121 46.98 27.56 -52.23
C LEU PA 121 46.69 29.05 -52.40
N VAL PA 122 46.78 29.53 -53.64
CA VAL PA 122 46.56 30.94 -53.99
C VAL PA 122 45.08 31.30 -53.89
N GLY PA 123 44.80 32.40 -53.19
CA GLY PA 123 43.46 32.94 -52.97
C GLY PA 123 43.35 34.43 -53.26
N HIS PA 124 42.11 34.96 -53.25
CA HIS PA 124 41.82 36.37 -53.49
C HIS PA 124 40.86 36.95 -52.45
N MET PA 125 41.16 38.17 -51.98
CA MET PA 125 40.37 38.90 -51.00
C MET PA 125 39.28 39.72 -51.68
N VAL PA 126 38.05 39.57 -51.22
CA VAL PA 126 36.88 40.27 -51.76
C VAL PA 126 36.94 41.77 -51.44
N GLY PA 127 36.89 42.61 -52.48
CA GLY PA 127 36.91 44.05 -52.32
C GLY PA 127 38.05 44.79 -52.99
N GLY PA 128 39.22 44.16 -53.05
CA GLY PA 128 40.41 44.75 -53.65
C GLY PA 128 41.23 43.83 -54.53
N TRP PA 129 42.44 44.28 -54.91
CA TRP PA 129 43.39 43.52 -55.73
C TRP PA 129 44.35 42.71 -54.82
N ASN PA 130 43.84 42.27 -53.67
CA ASN PA 130 44.62 41.54 -52.66
C ASN PA 130 44.64 40.02 -52.86
N ALA PA 131 45.85 39.43 -52.76
CA ALA PA 131 46.09 38.00 -52.91
C ALA PA 131 46.78 37.40 -51.68
N PHE PA 132 46.59 36.10 -51.45
CA PHE PA 132 47.18 35.37 -50.33
C PHE PA 132 47.41 33.90 -50.66
N HIS PA 133 48.36 33.28 -49.96
CA HIS PA 133 48.65 31.85 -50.13
C HIS PA 133 48.85 31.18 -48.77
N ILE PA 134 48.32 29.95 -48.63
CA ILE PA 134 48.43 29.16 -47.40
C ILE PA 134 49.25 27.90 -47.69
N ASP PA 135 50.32 27.70 -46.90
CA ASP PA 135 51.20 26.55 -47.05
C ASP PA 135 50.79 25.39 -46.12
N ILE PA 136 50.69 24.17 -46.69
CA ILE PA 136 50.31 22.98 -45.95
C ILE PA 136 51.46 21.96 -45.97
N PRO PA 137 52.08 21.69 -44.79
CA PRO PA 137 53.19 20.73 -44.75
C PRO PA 137 52.69 19.30 -44.47
N SER PA 138 53.63 18.38 -44.19
CA SER PA 138 53.29 16.98 -43.88
C SER PA 138 52.69 16.85 -42.48
N SER PA 139 52.95 17.84 -41.59
CA SER PA 139 52.46 17.87 -40.21
C SER PA 139 50.97 18.17 -40.13
N GLY PA 140 50.52 19.22 -40.84
CA GLY PA 140 49.12 19.63 -40.86
C GLY PA 140 48.87 21.05 -40.41
N VAL PA 141 49.84 21.66 -39.71
CA VAL PA 141 49.74 23.03 -39.21
C VAL PA 141 49.93 24.02 -40.37
N CYS PA 142 48.82 24.65 -40.79
CA CYS PA 142 48.81 25.61 -41.90
C CYS PA 142 49.48 26.93 -41.53
N GLN PA 143 50.02 27.64 -42.53
CA GLN PA 143 50.70 28.91 -42.32
C GLN PA 143 50.18 29.99 -43.26
N TRP PA 144 49.75 31.14 -42.69
CA TRP PA 144 49.28 32.29 -43.44
C TRP PA 144 50.50 33.10 -43.87
N PHE PA 145 50.84 33.06 -45.17
CA PHE PA 145 52.01 33.76 -45.72
C PHE PA 145 51.73 35.17 -46.28
N GLY PA 146 50.51 35.65 -46.07
CA GLY PA 146 50.13 37.00 -46.49
C GLY PA 146 50.48 38.03 -45.43
N PRO PA 147 50.06 39.31 -45.61
CA PRO PA 147 50.37 40.33 -44.58
C PRO PA 147 49.46 40.22 -43.36
N THR PA 148 49.76 41.02 -42.32
CA THR PA 148 48.96 41.04 -41.09
C THR PA 148 47.55 41.60 -41.37
N ALA PA 149 46.55 40.70 -41.43
CA ALA PA 149 45.16 41.07 -41.72
C ALA PA 149 44.24 40.74 -40.54
N SER PA 150 43.24 41.59 -40.29
CA SER PA 150 42.27 41.44 -39.20
C SER PA 150 40.85 41.24 -39.73
N SER PA 151 40.56 41.77 -40.93
CA SER PA 151 39.25 41.69 -41.59
C SER PA 151 39.37 41.45 -43.08
N GLY PA 152 38.37 40.76 -43.65
CA GLY PA 152 38.32 40.46 -45.08
C GLY PA 152 37.70 39.11 -45.39
N THR PA 153 37.28 38.92 -46.65
CA THR PA 153 36.65 37.68 -47.11
C THR PA 153 37.63 36.82 -47.94
N PRO PA 154 38.06 35.65 -47.40
CA PRO PA 154 38.98 34.78 -48.16
C PRO PA 154 38.23 33.83 -49.11
N ARG PA 155 38.67 33.77 -50.37
CA ARG PA 155 38.07 32.90 -51.39
C ARG PA 155 39.14 32.27 -52.28
N GLY PA 156 38.88 31.06 -52.78
CA GLY PA 156 39.78 30.31 -53.64
C GLY PA 156 39.44 28.84 -53.77
N THR PA 157 39.33 28.36 -55.02
CA THR PA 157 38.99 26.96 -55.31
C THR PA 157 39.93 26.41 -56.40
N GLY PA 158 40.43 25.20 -56.17
CA GLY PA 158 41.33 24.51 -57.08
C GLY PA 158 41.66 23.09 -56.64
N THR PA 159 42.84 22.61 -57.07
CA THR PA 159 43.33 21.26 -56.77
C THR PA 159 44.81 21.30 -56.40
N TYR PA 160 45.25 20.38 -55.54
CA TYR PA 160 46.65 20.26 -55.14
C TYR PA 160 47.08 18.79 -55.01
N PRO PA 161 48.30 18.42 -55.47
CA PRO PA 161 48.73 17.01 -55.35
C PRO PA 161 49.01 16.57 -53.91
N ILE PA 162 48.90 15.26 -53.65
CA ILE PA 162 49.14 14.66 -52.33
C ILE PA 162 50.48 13.89 -52.30
N ASP PA 163 50.91 13.37 -53.47
CA ASP PA 163 52.15 12.61 -53.65
C ASP PA 163 53.16 13.43 -54.51
N SER PA 164 54.47 13.36 -54.20
CA SER PA 164 55.55 14.04 -54.94
C SER PA 164 56.91 13.48 -54.54
N ALA QA 2 -87.44 42.39 47.51
CA ALA QA 2 -88.69 42.26 46.75
C ALA QA 2 -89.83 41.80 47.64
N SER QA 3 -91.05 42.30 47.38
CA SER QA 3 -92.23 41.90 48.14
C SER QA 3 -92.72 40.57 47.59
N ILE QA 4 -92.55 39.50 48.39
CA ILE QA 4 -92.92 38.14 48.00
C ILE QA 4 -93.95 37.52 48.94
N LYS QA 5 -94.83 36.67 48.39
CA LYS QA 5 -95.85 35.97 49.16
C LYS QA 5 -95.29 34.64 49.69
N LYS QA 6 -95.75 34.24 50.88
CA LYS QA 6 -95.31 33.01 51.53
C LYS QA 6 -95.94 31.78 50.88
N VAL QA 7 -95.12 30.76 50.65
CA VAL QA 7 -95.53 29.47 50.07
C VAL QA 7 -95.70 28.43 51.20
N TYR QA 8 -96.87 27.80 51.27
CA TYR QA 8 -97.20 26.82 52.28
C TYR QA 8 -97.98 25.65 51.72
N ARG QA 9 -98.04 24.55 52.48
CA ARG QA 9 -98.78 23.33 52.13
C ARG QA 9 -100.30 23.60 52.18
N GLY QA 10 -101.00 23.19 51.12
CA GLY QA 10 -102.44 23.37 50.99
C GLY QA 10 -102.82 24.79 50.62
N MET QA 11 -101.97 25.45 49.85
CA MET QA 11 -102.17 26.82 49.40
C MET QA 11 -103.06 26.88 48.18
N LYS QA 12 -104.04 27.79 48.20
CA LYS QA 12 -104.96 28.00 47.08
C LYS QA 12 -104.23 28.77 45.98
N ASN QA 13 -104.23 28.18 44.76
CA ASN QA 13 -103.55 28.67 43.56
C ASN QA 13 -102.05 28.92 43.82
N GLY QA 14 -101.32 27.82 44.03
CA GLY QA 14 -99.90 27.83 44.33
C GLY QA 14 -99.01 28.12 43.14
N ALA QA 15 -99.38 27.60 41.96
CA ALA QA 15 -98.61 27.77 40.72
C ALA QA 15 -98.45 29.24 40.32
N GLU QA 16 -99.53 30.03 40.50
CA GLU QA 16 -99.53 31.46 40.19
C GLU QA 16 -98.68 32.21 41.20
N THR QA 17 -98.75 31.81 42.49
CA THR QA 17 -98.03 32.43 43.61
C THR QA 17 -96.53 32.36 43.41
N ILE QA 18 -95.99 31.15 43.09
CA ILE QA 18 -94.56 30.91 42.86
C ILE QA 18 -94.08 31.72 41.65
N ASN QA 19 -94.85 31.66 40.55
CA ASN QA 19 -94.54 32.39 39.32
C ASN QA 19 -94.42 33.89 39.54
N ASP QA 20 -95.35 34.47 40.32
CA ASP QA 20 -95.35 35.89 40.65
C ASP QA 20 -94.17 36.27 41.55
N ASP QA 21 -93.77 35.34 42.44
CA ASP QA 21 -92.64 35.54 43.35
C ASP QA 21 -91.32 35.49 42.60
N LEU QA 22 -91.22 34.57 41.62
CA LEU QA 22 -90.03 34.44 40.80
C LEU QA 22 -89.84 35.64 39.87
N GLU QA 23 -90.95 36.16 39.33
CA GLU QA 23 -90.96 37.32 38.44
C GLU QA 23 -90.60 38.61 39.17
N ALA QA 24 -91.04 38.72 40.44
CA ALA QA 24 -90.78 39.87 41.31
C ALA QA 24 -89.31 39.96 41.69
N ILE QA 25 -88.68 38.78 41.91
CA ILE QA 25 -87.27 38.65 42.25
C ILE QA 25 -86.42 38.97 41.02
N ASN QA 26 -86.78 38.36 39.87
CA ASN QA 26 -86.08 38.56 38.60
C ASN QA 26 -86.12 40.02 38.11
N SER QA 27 -87.20 40.75 38.43
CA SER QA 27 -87.38 42.17 38.09
C SER QA 27 -86.35 43.03 38.81
N GLU QA 28 -86.08 42.69 40.08
CA GLU QA 28 -85.10 43.38 40.93
C GLU QA 28 -83.67 43.06 40.54
N LEU QA 29 -83.45 41.94 39.83
CA LEU QA 29 -82.12 41.52 39.36
C LEU QA 29 -81.64 42.36 38.17
N THR QA 30 -82.58 43.04 37.47
CA THR QA 30 -82.29 43.87 36.30
C THR QA 30 -82.40 45.37 36.61
N SER QA 31 -83.46 45.79 37.33
CA SER QA 31 -83.70 47.19 37.68
C SER QA 31 -84.40 47.38 39.03
N GLY QA 32 -84.05 48.47 39.70
CA GLY QA 32 -84.62 48.88 40.98
C GLY QA 32 -84.23 48.02 42.18
N GLY QA 33 -85.11 47.98 43.17
CA GLY QA 33 -84.91 47.23 44.40
C GLY QA 33 -83.91 47.87 45.34
N ASN QA 34 -83.14 47.05 46.05
CA ASN QA 34 -82.13 47.53 46.99
C ASN QA 34 -80.71 47.10 46.58
N VAL QA 35 -80.55 46.67 45.32
CA VAL QA 35 -79.27 46.22 44.75
C VAL QA 35 -78.72 47.17 43.71
N VAL QA 36 -77.39 47.29 43.68
CA VAL QA 36 -76.69 48.16 42.72
C VAL QA 36 -76.52 47.41 41.39
N HIS QA 37 -77.00 48.02 40.30
CA HIS QA 37 -76.97 47.45 38.94
C HIS QA 37 -75.88 48.04 38.07
N LYS QA 38 -75.54 47.30 36.99
CA LYS QA 38 -74.54 47.70 36.00
C LYS QA 38 -75.14 48.73 35.02
N THR QA 39 -76.46 48.93 35.07
CA THR QA 39 -77.20 49.86 34.21
C THR QA 39 -78.20 50.69 34.99
N GLY QA 40 -78.32 51.97 34.62
CA GLY QA 40 -79.24 52.92 35.23
C GLY QA 40 -78.64 53.77 36.34
N ASP QA 41 -79.32 54.90 36.63
CA ASP QA 41 -78.91 55.85 37.67
C ASP QA 41 -79.51 55.42 39.00
N GLU QA 42 -78.63 55.16 39.98
CA GLU QA 42 -79.03 54.69 41.31
C GLU QA 42 -78.31 55.44 42.44
N THR QA 43 -78.95 55.50 43.62
CA THR QA 43 -78.40 56.12 44.83
C THR QA 43 -77.96 55.03 45.81
N ILE QA 44 -76.70 55.13 46.29
CA ILE QA 44 -76.08 54.17 47.20
C ILE QA 44 -75.75 54.82 48.54
N ALA QA 45 -76.08 54.12 49.65
CA ALA QA 45 -75.85 54.59 51.02
C ALA QA 45 -75.02 53.57 51.80
N GLY QA 46 -74.21 54.06 52.75
CA GLY QA 46 -73.37 53.23 53.60
C GLY QA 46 -71.90 53.29 53.23
N LYS QA 47 -71.03 52.84 54.16
CA LYS QA 47 -69.58 52.82 53.98
C LYS QA 47 -69.15 51.72 53.03
N LYS QA 48 -68.77 52.09 51.80
CA LYS QA 48 -68.35 51.17 50.75
C LYS QA 48 -66.82 51.15 50.62
N THR QA 49 -66.20 50.04 51.05
CA THR QA 49 -64.75 49.87 51.02
C THR QA 49 -64.32 49.06 49.80
N PHE QA 50 -63.67 49.74 48.83
CA PHE QA 50 -63.16 49.13 47.60
C PHE QA 50 -61.72 48.71 47.79
N THR QA 51 -61.49 47.39 47.96
CA THR QA 51 -60.14 46.84 48.13
C THR QA 51 -59.41 46.77 46.80
N GLY QA 52 -60.17 46.63 45.71
CA GLY QA 52 -59.64 46.58 44.35
C GLY QA 52 -59.38 47.93 43.74
N ASN QA 53 -59.13 47.93 42.42
CA ASN QA 53 -58.87 49.16 41.66
C ASN QA 53 -60.15 49.74 41.07
N VAL QA 54 -60.32 51.06 41.23
CA VAL QA 54 -61.51 51.78 40.76
C VAL QA 54 -61.14 52.63 39.54
N GLU QA 55 -61.91 52.50 38.47
CA GLU QA 55 -61.72 53.26 37.25
C GLU QA 55 -63.00 54.04 36.92
N VAL QA 56 -62.85 55.36 36.71
CA VAL QA 56 -63.96 56.28 36.38
C VAL QA 56 -63.70 56.87 34.99
N ASN QA 57 -64.68 56.70 34.10
CA ASN QA 57 -64.63 57.22 32.72
C ASN QA 57 -65.41 58.53 32.60
N GLY QA 58 -66.37 58.74 33.50
CA GLY QA 58 -67.18 59.95 33.55
C GLY QA 58 -66.55 61.04 34.40
N SER QA 59 -67.36 61.74 35.20
CA SER QA 59 -66.89 62.83 36.07
C SER QA 59 -67.12 62.50 37.54
N LEU QA 60 -66.12 62.79 38.39
CA LEU QA 60 -66.19 62.58 39.84
C LEU QA 60 -66.60 63.86 40.56
N THR QA 61 -67.65 63.79 41.39
CA THR QA 61 -68.17 64.93 42.16
C THR QA 61 -67.93 64.74 43.66
N LEU QA 62 -67.44 65.79 44.34
CA LEU QA 62 -67.15 65.74 45.78
C LEU QA 62 -67.82 66.89 46.57
N PRO QA 63 -67.99 66.79 47.93
CA PRO QA 63 -68.64 67.89 48.66
C PRO QA 63 -67.90 69.21 48.48
N THR QA 64 -68.64 70.25 48.09
CA THR QA 64 -68.09 71.57 47.81
C THR QA 64 -68.66 72.65 48.73
N LYS QA 65 -67.78 73.50 49.28
CA LYS QA 65 -68.12 74.62 50.13
C LYS QA 65 -67.22 75.79 49.78
N SER QA 66 -67.80 76.95 49.46
CA SER QA 66 -67.06 78.14 49.06
C SER QA 66 -67.10 79.25 50.11
N TRP QA 67 -66.02 80.04 50.18
CA TRP QA 67 -65.88 81.19 51.09
C TRP QA 67 -64.99 82.26 50.47
N SER QA 68 -65.37 83.53 50.65
CA SER QA 68 -64.62 84.67 50.13
C SER QA 68 -64.77 85.84 51.10
N GLY QA 69 -63.65 86.52 51.36
CA GLY QA 69 -63.59 87.67 52.26
C GLY QA 69 -62.23 88.32 52.33
N GLU QA 70 -62.21 89.61 52.68
CA GLU QA 70 -61.00 90.43 52.80
C GLU QA 70 -60.29 90.09 54.11
N LEU QA 71 -59.08 89.51 54.03
CA LEU QA 71 -58.28 89.13 55.20
C LEU QA 71 -57.75 90.33 55.98
N GLY QA 72 -57.27 91.34 55.24
CA GLY QA 72 -56.72 92.56 55.82
C GLY QA 72 -55.97 93.41 54.82
N GLY QA 73 -56.43 94.65 54.66
CA GLY QA 73 -55.80 95.62 53.77
C GLY QA 73 -56.00 95.36 52.29
N GLY QA 74 -57.26 95.16 51.91
CA GLY QA 74 -57.65 94.93 50.52
C GLY QA 74 -57.20 93.62 49.90
N ILE QA 75 -56.80 92.64 50.74
CA ILE QA 75 -56.38 91.32 50.27
C ILE QA 75 -57.53 90.33 50.45
N ILE QA 76 -58.20 90.00 49.32
CA ILE QA 76 -59.34 89.09 49.31
C ILE QA 76 -58.89 87.69 48.91
N LEU QA 77 -59.21 86.70 49.75
CA LEU QA 77 -58.87 85.29 49.52
C LEU QA 77 -60.13 84.49 49.25
N SER QA 78 -60.16 83.80 48.10
CA SER QA 78 -61.27 82.95 47.67
C SER QA 78 -60.90 81.49 47.95
N LEU QA 79 -61.68 80.85 48.83
CA LEU QA 79 -61.43 79.46 49.23
C LEU QA 79 -62.57 78.55 48.81
N ARG QA 80 -62.22 77.31 48.39
CA ARG QA 80 -63.18 76.29 48.00
C ARG QA 80 -62.67 74.92 48.42
N LYS QA 81 -63.42 74.25 49.30
CA LYS QA 81 -63.08 72.94 49.86
C LYS QA 81 -63.67 71.83 49.00
N LYS QA 82 -62.82 70.85 48.65
CA LYS QA 82 -63.19 69.68 47.88
C LYS QA 82 -62.70 68.42 48.61
N GLY QA 83 -63.48 67.99 49.57
CA GLY QA 83 -63.17 66.82 50.38
C GLY QA 83 -62.10 67.08 51.43
N THR QA 84 -60.85 66.73 51.10
CA THR QA 84 -59.70 66.88 51.98
C THR QA 84 -58.66 67.90 51.46
N THR QA 85 -58.96 68.55 50.33
CA THR QA 85 -58.08 69.54 49.70
C THR QA 85 -58.85 70.84 49.44
N VAL QA 86 -58.28 71.97 49.90
CA VAL QA 86 -58.89 73.29 49.74
C VAL QA 86 -58.13 74.08 48.69
N GLU QA 87 -58.85 74.62 47.68
CA GLU QA 87 -58.28 75.41 46.59
C GLU QA 87 -58.34 76.89 46.99
N TYR QA 88 -57.19 77.57 46.95
CA TYR QA 88 -57.08 78.98 47.31
C TYR QA 88 -56.85 79.87 46.09
N SER QA 89 -57.31 81.12 46.16
CA SER QA 89 -57.15 82.13 45.11
C SER QA 89 -56.97 83.50 45.74
N ILE QA 90 -55.81 84.11 45.52
CA ILE QA 90 -55.46 85.43 46.05
C ILE QA 90 -55.83 86.50 45.02
N GLY QA 91 -56.59 87.49 45.46
CA GLY QA 91 -57.04 88.60 44.63
C GLY QA 91 -57.13 89.93 45.37
N GLY QA 92 -57.63 90.93 44.66
CA GLY QA 92 -57.79 92.28 45.19
C GLY QA 92 -56.57 93.15 44.94
N GLU QA 93 -56.45 94.23 45.74
CA GLU QA 93 -55.36 95.20 45.69
C GLU QA 93 -55.09 95.77 47.09
N ILE QA 94 -53.82 95.89 47.46
CA ILE QA 94 -53.39 96.40 48.77
C ILE QA 94 -53.70 97.90 48.91
N SER QA 95 -54.62 98.21 49.83
CA SER QA 95 -55.11 99.56 50.12
C SER QA 95 -54.46 100.15 51.37
N SER QA 96 -54.32 99.38 52.46
CA SER QA 96 -53.69 99.85 53.70
C SER QA 96 -52.30 99.25 53.93
N SER QA 97 -51.51 99.84 54.85
CA SER QA 97 -50.15 99.33 55.15
C SER QA 97 -50.19 98.15 56.10
N ILE QA 98 -49.63 97.02 55.64
CA ILE QA 98 -49.51 95.78 56.41
C ILE QA 98 -48.04 95.60 56.80
N LEU QA 99 -47.79 95.53 58.11
CA LEU QA 99 -46.47 95.38 58.69
C LEU QA 99 -45.88 93.99 58.41
N ALA QA 100 -44.53 93.88 58.50
CA ALA QA 100 -43.82 92.61 58.29
C ALA QA 100 -44.05 91.70 59.49
N ASN QA 101 -44.39 90.42 59.24
CA ASN QA 101 -44.69 89.39 60.25
C ASN QA 101 -45.85 89.77 61.21
N SER QA 102 -46.89 90.40 60.64
CA SER QA 102 -48.08 90.84 61.37
C SER QA 102 -49.34 90.08 60.95
N ASN QA 103 -50.27 89.93 61.88
CA ASN QA 103 -51.54 89.23 61.68
C ASN QA 103 -52.61 90.10 61.03
N LEU QA 104 -53.31 89.55 60.03
CA LEU QA 104 -54.40 90.22 59.32
C LEU QA 104 -55.68 90.03 60.14
N VAL QA 105 -56.16 91.11 60.75
CA VAL QA 105 -57.29 91.10 61.69
C VAL QA 105 -58.66 91.61 61.17
N ASN QA 106 -58.81 91.80 59.84
CA ASN QA 106 -60.07 92.26 59.25
C ASN QA 106 -61.15 91.18 59.30
N ARG QA 107 -60.82 89.97 58.80
CA ARG QA 107 -61.71 88.81 58.77
C ARG QA 107 -60.89 87.51 58.85
N SER QA 108 -61.31 86.60 59.72
CA SER QA 108 -60.63 85.32 59.95
C SER QA 108 -61.24 84.20 59.12
N VAL QA 109 -60.41 83.19 58.79
CA VAL QA 109 -60.82 82.02 58.00
C VAL QA 109 -61.66 81.07 58.87
N PRO QA 110 -62.87 80.65 58.40
CA PRO QA 110 -63.72 79.73 59.20
C PRO QA 110 -63.06 78.41 59.52
N ASN QA 111 -63.45 77.80 60.65
CA ASN QA 111 -62.90 76.55 61.15
C ASN QA 111 -62.97 75.35 60.19
N GLU QA 112 -64.02 75.30 59.36
CA GLU QA 112 -64.21 74.23 58.37
C GLU QA 112 -63.21 74.29 57.21
N PHE QA 113 -62.49 75.42 57.06
CA PHE QA 113 -61.46 75.66 56.04
C PHE QA 113 -60.05 75.66 56.66
N CYS QA 114 -59.99 75.73 58.01
CA CYS QA 114 -58.74 75.73 58.77
C CYS QA 114 -58.01 74.38 58.76
N PRO QA 115 -56.71 74.34 58.34
CA PRO QA 115 -55.99 73.06 58.34
C PRO QA 115 -55.44 72.69 59.73
N ARG QA 116 -55.04 71.41 59.92
CA ARG QA 116 -54.49 70.92 61.18
C ARG QA 116 -53.11 71.53 61.43
N ASN QA 117 -52.27 71.58 60.37
CA ASN QA 117 -50.92 72.17 60.39
C ASN QA 117 -50.88 73.50 59.64
N ARG QA 118 -49.89 74.35 59.93
CA ARG QA 118 -49.72 75.66 59.30
C ARG QA 118 -49.33 75.51 57.82
N CYS QA 119 -50.13 76.11 56.92
CA CYS QA 119 -49.91 76.06 55.47
C CYS QA 119 -49.49 77.40 54.90
N SER QA 120 -48.47 77.39 54.02
CA SER QA 120 -47.93 78.59 53.37
C SER QA 120 -48.47 78.74 51.94
N LEU QA 121 -49.05 79.90 51.62
CA LEU QA 121 -49.59 80.15 50.29
C LEU QA 121 -48.69 81.11 49.51
N VAL QA 122 -47.87 80.56 48.61
CA VAL QA 122 -46.93 81.33 47.79
C VAL QA 122 -47.67 82.15 46.72
N GLY QA 123 -47.39 83.46 46.69
CA GLY QA 123 -47.99 84.41 45.76
C GLY QA 123 -46.98 85.31 45.06
N HIS QA 124 -47.44 86.06 44.05
CA HIS QA 124 -46.61 86.98 43.27
C HIS QA 124 -47.27 88.35 43.12
N MET QA 125 -46.46 89.40 43.25
CA MET QA 125 -46.90 90.79 43.13
C MET QA 125 -46.81 91.26 41.69
N VAL QA 126 -47.91 91.85 41.18
CA VAL QA 126 -48.00 92.37 39.81
C VAL QA 126 -47.11 93.60 39.64
N GLY QA 127 -46.22 93.53 38.64
CA GLY QA 127 -45.30 94.62 38.33
C GLY QA 127 -43.84 94.24 38.45
N GLY QA 128 -43.46 93.72 39.61
CA GLY QA 128 -42.09 93.32 39.90
C GLY QA 128 -41.91 91.82 40.09
N TRP QA 129 -40.67 91.43 40.48
CA TRP QA 129 -40.28 90.05 40.76
C TRP QA 129 -40.59 89.69 42.23
N ASN QA 130 -41.41 90.53 42.89
CA ASN QA 130 -41.79 90.42 44.29
C ASN QA 130 -42.68 89.20 44.59
N ALA QA 131 -42.33 88.46 45.66
CA ALA QA 131 -43.04 87.27 46.13
C ALA QA 131 -43.46 87.41 47.59
N PHE QA 132 -44.54 86.72 47.98
CA PHE QA 132 -45.08 86.73 49.33
C PHE QA 132 -45.75 85.42 49.71
N HIS QA 133 -45.87 85.14 51.01
CA HIS QA 133 -46.56 83.96 51.51
C HIS QA 133 -47.37 84.29 52.77
N ILE QA 134 -48.61 83.77 52.83
CA ILE QA 134 -49.53 83.97 53.95
C ILE QA 134 -49.75 82.63 54.64
N ASP QA 135 -49.45 82.58 55.95
CA ASP QA 135 -49.60 81.36 56.74
C ASP QA 135 -51.01 81.25 57.34
N ILE QA 136 -51.63 80.07 57.21
CA ILE QA 136 -52.97 79.83 57.76
C ILE QA 136 -52.86 78.89 58.98
N PRO QA 137 -52.97 79.41 60.22
CA PRO QA 137 -52.91 78.54 61.40
C PRO QA 137 -54.25 77.85 61.65
N SER QA 138 -54.30 76.99 62.70
CA SER QA 138 -55.52 76.27 63.07
C SER QA 138 -56.59 77.19 63.69
N SER QA 139 -56.15 78.37 64.16
CA SER QA 139 -57.02 79.39 64.79
C SER QA 139 -57.94 80.07 63.77
N GLY QA 140 -57.37 80.53 62.66
CA GLY QA 140 -58.10 81.20 61.60
C GLY QA 140 -57.52 82.53 61.16
N VAL QA 141 -56.83 83.22 62.08
CA VAL QA 141 -56.21 84.53 61.84
C VAL QA 141 -54.95 84.37 60.98
N CYS QA 142 -55.06 84.76 59.69
CA CYS QA 142 -53.97 84.69 58.73
C CYS QA 142 -52.87 85.69 59.04
N GLN QA 143 -51.62 85.27 58.84
CA GLN QA 143 -50.46 86.11 59.11
C GLN QA 143 -49.63 86.40 57.85
N TRP QA 144 -49.42 87.70 57.55
CA TRP QA 144 -48.60 88.15 56.42
C TRP QA 144 -47.13 88.00 56.80
N PHE QA 145 -46.44 87.02 56.17
CA PHE QA 145 -45.03 86.72 56.43
C PHE QA 145 -44.02 87.44 55.53
N GLY QA 146 -44.52 88.26 54.62
CA GLY QA 146 -43.69 89.07 53.73
C GLY QA 146 -43.22 90.35 54.39
N PRO QA 147 -42.55 91.26 53.62
CA PRO QA 147 -42.11 92.53 54.23
C PRO QA 147 -43.22 93.56 54.32
N THR QA 148 -42.93 94.74 54.91
CA THR QA 148 -43.90 95.84 55.04
C THR QA 148 -44.25 96.41 53.66
N ALA QA 149 -45.54 96.38 53.32
CA ALA QA 149 -46.05 96.87 52.03
C ALA QA 149 -47.33 97.66 52.23
N SER QA 150 -47.55 98.65 51.37
CA SER QA 150 -48.73 99.52 51.40
C SER QA 150 -49.51 99.51 50.08
N SER QA 151 -48.84 99.20 48.97
CA SER QA 151 -49.43 99.16 47.63
C SER QA 151 -48.94 97.94 46.83
N GLY QA 152 -49.77 97.48 45.90
CA GLY QA 152 -49.48 96.35 45.02
C GLY QA 152 -50.66 95.45 44.79
N THR QA 153 -50.57 94.62 43.73
CA THR QA 153 -51.64 93.67 43.38
C THR QA 153 -51.25 92.23 43.74
N PRO QA 154 -51.88 91.63 44.80
CA PRO QA 154 -51.53 90.25 45.16
C PRO QA 154 -52.26 89.22 44.30
N ARG QA 155 -51.52 88.21 43.81
CA ARG QA 155 -52.06 87.13 42.97
C ARG QA 155 -51.42 85.78 43.33
N GLY QA 156 -52.20 84.71 43.20
CA GLY QA 156 -51.75 83.35 43.51
C GLY QA 156 -52.89 82.36 43.62
N THR QA 157 -52.80 81.25 42.86
CA THR QA 157 -53.81 80.18 42.83
C THR QA 157 -53.13 78.81 42.93
N GLY QA 158 -53.67 77.97 43.80
CA GLY QA 158 -53.18 76.62 44.04
C GLY QA 158 -54.08 75.82 44.96
N THR QA 159 -53.50 74.83 45.66
CA THR QA 159 -54.19 73.95 46.60
C THR QA 159 -53.39 73.77 47.87
N TYR QA 160 -54.08 73.56 49.00
CA TYR QA 160 -53.43 73.32 50.29
C TYR QA 160 -54.17 72.23 51.09
N PRO QA 161 -53.45 71.33 51.80
CA PRO QA 161 -54.13 70.28 52.56
C PRO QA 161 -54.84 70.80 53.81
N ILE QA 162 -55.81 70.03 54.32
CA ILE QA 162 -56.58 70.38 55.51
C ILE QA 162 -56.35 69.39 56.69
N ASP QA 163 -55.92 68.17 56.38
CA ASP QA 163 -55.68 67.10 57.35
C ASP QA 163 -54.23 66.61 57.37
N SER QA 164 -53.80 66.00 58.49
CA SER QA 164 -52.46 65.46 58.67
C SER QA 164 -52.48 64.10 59.37
N ALA RA 2 -76.52 32.58 47.59
CA ALA RA 2 -77.34 32.03 48.66
C ALA RA 2 -77.36 30.51 48.63
N SER RA 3 -77.40 29.89 49.83
CA SER RA 3 -77.46 28.45 49.95
C SER RA 3 -78.91 28.00 49.74
N ILE RA 4 -79.14 27.29 48.62
CA ILE RA 4 -80.46 26.79 48.24
C ILE RA 4 -80.49 25.28 48.09
N LYS RA 5 -81.65 24.68 48.39
CA LYS RA 5 -81.87 23.25 48.30
C LYS RA 5 -82.48 22.91 46.95
N LYS RA 6 -82.14 21.73 46.42
CA LYS RA 6 -82.64 21.29 45.11
C LYS RA 6 -84.09 20.89 45.19
N VAL RA 7 -84.85 21.22 44.13
CA VAL RA 7 -86.27 20.89 43.98
C VAL RA 7 -86.39 19.77 42.94
N TYR RA 8 -87.02 18.66 43.35
CA TYR RA 8 -87.19 17.48 42.51
C TYR RA 8 -88.59 16.86 42.64
N ARG RA 9 -88.93 15.96 41.71
CA ARG RA 9 -90.19 15.23 41.69
C ARG RA 9 -90.26 14.25 42.87
N GLY RA 10 -91.38 14.26 43.57
CA GLY RA 10 -91.64 13.39 44.71
C GLY RA 10 -90.87 13.80 45.95
N MET RA 11 -90.72 15.09 46.12
CA MET RA 11 -89.97 15.66 47.22
C MET RA 11 -90.84 15.86 48.47
N LYS RA 12 -90.32 15.41 49.64
CA LYS RA 12 -90.90 15.58 50.97
C LYS RA 12 -90.76 17.06 51.33
N ASN RA 13 -91.83 17.70 51.82
CA ASN RA 13 -91.85 19.13 52.18
C ASN RA 13 -91.48 20.03 50.98
N GLY RA 14 -92.21 19.87 49.88
CA GLY RA 14 -91.99 20.63 48.66
C GLY RA 14 -92.27 22.11 48.80
N ALA RA 15 -93.48 22.44 49.29
CA ALA RA 15 -93.90 23.82 49.50
C ALA RA 15 -92.99 24.56 50.49
N GLU RA 16 -92.48 23.82 51.49
CA GLU RA 16 -91.60 24.33 52.52
C GLU RA 16 -90.24 24.69 51.97
N THR RA 17 -89.69 23.81 51.09
CA THR RA 17 -88.39 23.98 50.46
C THR RA 17 -88.40 25.17 49.52
N ILE RA 18 -89.44 25.29 48.67
CA ILE RA 18 -89.57 26.39 47.72
C ILE RA 18 -89.62 27.74 48.45
N ASN RA 19 -90.44 27.83 49.51
CA ASN RA 19 -90.56 29.03 50.33
C ASN RA 19 -89.25 29.42 50.95
N ASP RA 20 -88.52 28.46 51.53
CA ASP RA 20 -87.23 28.75 52.14
C ASP RA 20 -86.18 29.17 51.12
N ASP RA 21 -86.24 28.60 49.91
CA ASP RA 21 -85.33 28.94 48.82
C ASP RA 21 -85.61 30.34 48.32
N LEU RA 22 -86.89 30.70 48.22
CA LEU RA 22 -87.29 32.02 47.79
C LEU RA 22 -86.93 33.08 48.83
N GLU RA 23 -87.08 32.74 50.13
CA GLU RA 23 -86.76 33.62 51.26
C GLU RA 23 -85.26 33.85 51.38
N ALA RA 24 -84.45 32.81 51.10
CA ALA RA 24 -82.99 32.89 51.16
C ALA RA 24 -82.45 33.76 50.05
N ILE RA 25 -83.10 33.73 48.88
CA ILE RA 25 -82.75 34.54 47.72
C ILE RA 25 -83.17 35.99 47.97
N ASN RA 26 -84.41 36.20 48.44
CA ASN RA 26 -84.95 37.53 48.75
C ASN RA 26 -84.18 38.22 49.87
N SER RA 27 -83.59 37.45 50.81
CA SER RA 27 -82.78 37.96 51.92
C SER RA 27 -81.51 38.60 51.41
N GLU RA 28 -80.90 38.00 50.37
CA GLU RA 28 -79.69 38.50 49.73
C GLU RA 28 -79.98 39.73 48.86
N LEU RA 29 -81.25 39.94 48.45
CA LEU RA 29 -81.66 41.09 47.65
C LEU RA 29 -81.72 42.38 48.48
N THR RA 30 -81.84 42.24 49.82
CA THR RA 30 -81.93 43.36 50.76
C THR RA 30 -80.62 43.57 51.52
N SER RA 31 -80.00 42.49 52.05
CA SER RA 31 -78.76 42.57 52.83
C SER RA 31 -77.88 41.31 52.75
N GLY RA 32 -76.58 41.51 52.82
CA GLY RA 32 -75.60 40.43 52.82
C GLY RA 32 -75.42 39.69 51.50
N GLY RA 33 -74.64 38.61 51.55
CA GLY RA 33 -74.32 37.81 50.38
C GLY RA 33 -73.12 38.33 49.62
N ASN RA 34 -73.01 38.00 48.33
CA ASN RA 34 -71.91 38.45 47.48
C ASN RA 34 -72.40 39.50 46.45
N VAL RA 35 -73.27 40.40 46.91
CA VAL RA 35 -73.89 41.45 46.09
C VAL RA 35 -73.87 42.82 46.76
N VAL RA 36 -73.52 43.86 45.98
CA VAL RA 36 -73.45 45.24 46.42
C VAL RA 36 -74.89 45.80 46.53
N HIS RA 37 -75.21 46.39 47.70
CA HIS RA 37 -76.53 46.94 48.03
C HIS RA 37 -76.56 48.46 48.09
N LYS RA 38 -77.77 49.03 48.00
CA LYS RA 38 -78.03 50.46 48.08
C LYS RA 38 -77.97 50.96 49.53
N THR RA 39 -78.01 50.03 50.50
CA THR RA 39 -77.97 50.34 51.94
C THR RA 39 -77.04 49.39 52.70
N GLY RA 40 -76.35 49.92 53.70
CA GLY RA 40 -75.44 49.17 54.55
C GLY RA 40 -73.96 49.28 54.20
N ASP RA 41 -73.09 48.96 55.18
CA ASP RA 41 -71.64 48.99 55.04
C ASP RA 41 -71.15 47.66 54.49
N GLU RA 42 -70.53 47.71 53.30
CA GLU RA 42 -70.05 46.52 52.60
C GLU RA 42 -68.64 46.71 52.02
N THR RA 43 -67.91 45.59 51.87
CA THR RA 43 -66.56 45.55 51.29
C THR RA 43 -66.65 44.99 49.88
N ILE RA 44 -66.03 45.70 48.93
CA ILE RA 44 -66.04 45.36 47.51
C ILE RA 44 -64.62 45.07 47.02
N ALA RA 45 -64.46 43.96 46.30
CA ALA RA 45 -63.18 43.52 45.73
C ALA RA 45 -63.30 43.36 44.22
N GLY RA 46 -62.21 43.62 43.51
CA GLY RA 46 -62.14 43.51 42.06
C GLY RA 46 -62.06 44.83 41.32
N LYS RA 47 -61.60 44.78 40.07
CA LYS RA 47 -61.45 45.96 39.20
C LYS RA 47 -62.82 46.42 38.66
N LYS RA 48 -63.35 47.50 39.26
CA LYS RA 48 -64.65 48.08 38.90
C LYS RA 48 -64.49 49.30 37.99
N THR RA 49 -65.10 49.21 36.79
CA THR RA 49 -65.04 50.27 35.78
C THR RA 49 -66.37 51.02 35.68
N PHE RA 50 -66.37 52.29 36.11
CA PHE RA 50 -67.55 53.14 36.06
C PHE RA 50 -67.52 54.00 34.80
N THR RA 51 -68.32 53.63 33.79
CA THR RA 51 -68.39 54.35 32.52
C THR RA 51 -69.20 55.65 32.67
N GLY RA 52 -70.16 55.65 33.59
CA GLY RA 52 -71.00 56.81 33.89
C GLY RA 52 -70.35 57.77 34.89
N ASN RA 53 -71.09 58.83 35.26
CA ASN RA 53 -70.61 59.83 36.22
C ASN RA 53 -70.84 59.39 37.66
N VAL RA 54 -69.82 59.57 38.52
CA VAL RA 54 -69.87 59.19 39.93
C VAL RA 54 -69.94 60.42 40.83
N GLU RA 55 -70.86 60.41 41.79
CA GLU RA 55 -71.03 61.48 42.75
C GLU RA 55 -70.84 60.95 44.17
N VAL RA 56 -70.01 61.64 44.96
CA VAL RA 56 -69.73 61.29 46.37
C VAL RA 56 -70.22 62.43 47.26
N ASN RA 57 -71.12 62.12 48.20
CA ASN RA 57 -71.69 63.08 49.14
C ASN RA 57 -70.96 63.02 50.48
N GLY RA 58 -70.39 61.86 50.77
CA GLY RA 58 -69.61 61.64 51.97
C GLY RA 58 -68.14 61.94 51.73
N SER RA 59 -67.26 61.23 52.46
CA SER RA 59 -65.81 61.42 52.38
C SER RA 59 -65.13 60.33 51.56
N LEU RA 60 -64.21 60.73 50.67
CA LEU RA 60 -63.44 59.80 49.85
C LEU RA 60 -62.08 59.55 50.49
N THR RA 61 -61.82 58.29 50.87
CA THR RA 61 -60.59 57.88 51.52
C THR RA 61 -59.64 57.21 50.51
N LEU RA 62 -58.37 57.64 50.49
CA LEU RA 62 -57.33 57.11 49.60
C LEU RA 62 -56.11 56.63 50.39
N PRO RA 63 -55.25 55.73 49.82
CA PRO RA 63 -54.05 55.29 50.56
C PRO RA 63 -53.10 56.44 50.87
N THR RA 64 -52.70 56.56 52.16
CA THR RA 64 -51.85 57.65 52.64
C THR RA 64 -50.49 57.19 53.18
N LYS RA 65 -49.42 57.90 52.80
CA LYS RA 65 -48.04 57.65 53.24
C LYS RA 65 -47.34 58.99 53.48
N SER RA 66 -46.73 59.16 54.67
CA SER RA 66 -46.06 60.40 55.06
C SER RA 66 -44.56 60.24 55.26
N TRP RA 67 -43.79 61.32 54.96
CA TRP RA 67 -42.33 61.38 55.10
C TRP RA 67 -41.88 62.81 55.35
N SER RA 68 -40.88 62.98 56.23
CA SER RA 68 -40.29 64.28 56.56
C SER RA 68 -38.80 64.11 56.86
N GLY RA 69 -37.98 65.02 56.32
CA GLY RA 69 -36.54 65.01 56.50
C GLY RA 69 -35.85 66.29 56.03
N GLU RA 70 -34.68 66.58 56.65
CA GLU RA 70 -33.87 67.76 56.34
C GLU RA 70 -33.04 67.50 55.09
N LEU RA 71 -33.52 68.00 53.92
CA LEU RA 71 -32.89 67.82 52.60
C LEU RA 71 -31.43 68.27 52.54
N GLY RA 72 -31.13 69.42 53.15
CA GLY RA 72 -29.78 69.98 53.17
C GLY RA 72 -29.74 71.44 53.53
N GLY RA 73 -28.78 71.81 54.36
CA GLY RA 73 -28.57 73.18 54.80
C GLY RA 73 -29.54 73.70 55.84
N GLY RA 74 -30.46 72.84 56.27
CA GLY RA 74 -31.47 73.17 57.27
C GLY RA 74 -32.89 73.29 56.73
N ILE RA 75 -33.11 72.86 55.48
CA ILE RA 75 -34.42 72.90 54.83
C ILE RA 75 -35.11 71.54 55.00
N ILE RA 76 -36.23 71.52 55.75
CA ILE RA 76 -37.01 70.32 56.04
C ILE RA 76 -38.25 70.30 55.15
N LEU RA 77 -38.41 69.21 54.36
CA LEU RA 77 -39.55 69.03 53.48
C LEU RA 77 -40.48 67.95 54.01
N SER RA 78 -41.75 68.31 54.20
CA SER RA 78 -42.80 67.41 54.68
C SER RA 78 -43.68 66.96 53.50
N LEU RA 79 -43.67 65.65 53.24
CA LEU RA 79 -44.42 65.06 52.14
C LEU RA 79 -45.54 64.16 52.62
N ARG RA 80 -46.68 64.16 51.89
CA ARG RA 80 -47.84 63.33 52.18
C ARG RA 80 -48.50 62.88 50.88
N LYS RA 81 -48.41 61.57 50.61
CA LYS RA 81 -48.94 60.91 49.41
C LYS RA 81 -50.40 60.53 49.56
N LYS RA 82 -51.21 60.85 48.54
CA LYS RA 82 -52.62 60.54 48.49
C LYS RA 82 -53.01 60.12 47.06
N GLY RA 83 -53.00 58.80 46.82
CA GLY RA 83 -53.30 58.25 45.51
C GLY RA 83 -52.18 58.49 44.51
N THR RA 84 -52.37 59.45 43.59
CA THR RA 84 -51.38 59.82 42.54
C THR RA 84 -50.89 61.27 42.68
N THR RA 85 -51.15 61.89 43.84
CA THR RA 85 -50.76 63.28 44.13
C THR RA 85 -50.07 63.36 45.49
N VAL RA 86 -48.89 64.00 45.52
CA VAL RA 86 -48.08 64.18 46.74
C VAL RA 86 -48.14 65.65 47.15
N GLU RA 87 -48.54 65.90 48.42
CA GLU RA 87 -48.65 67.24 49.00
C GLU RA 87 -47.35 67.60 49.70
N TYR RA 88 -46.69 68.69 49.27
CA TYR RA 88 -45.41 69.13 49.83
C TYR RA 88 -45.56 70.29 50.79
N SER RA 89 -44.65 70.39 51.77
CA SER RA 89 -44.60 71.46 52.77
C SER RA 89 -43.15 71.80 53.12
N ILE RA 90 -42.70 73.00 52.74
CA ILE RA 90 -41.33 73.48 52.97
C ILE RA 90 -41.29 74.21 54.32
N GLY RA 91 -40.31 73.83 55.15
CA GLY RA 91 -40.10 74.42 56.46
C GLY RA 91 -38.68 74.35 56.95
N GLY RA 92 -38.43 74.93 58.13
CA GLY RA 92 -37.11 74.94 58.76
C GLY RA 92 -36.43 76.30 58.76
N GLU RA 93 -35.08 76.28 58.81
CA GLU RA 93 -34.22 77.46 58.84
C GLU RA 93 -32.87 77.13 58.22
N ILE RA 94 -32.38 77.99 57.31
CA ILE RA 94 -31.09 77.81 56.64
C ILE RA 94 -29.95 78.10 57.63
N SER RA 95 -29.14 77.06 57.93
CA SER RA 95 -28.01 77.11 58.85
C SER RA 95 -26.67 77.28 58.13
N SER RA 96 -26.37 76.40 57.15
CA SER RA 96 -25.14 76.43 56.35
C SER RA 96 -25.36 77.08 54.98
N SER RA 97 -24.27 77.62 54.39
CA SER RA 97 -24.30 78.28 53.08
C SER RA 97 -24.56 77.27 51.95
N ILE RA 98 -25.66 77.50 51.21
CA ILE RA 98 -26.07 76.67 50.07
C ILE RA 98 -25.78 77.42 48.77
N LEU RA 99 -24.98 76.80 47.90
CA LEU RA 99 -24.57 77.36 46.60
C LEU RA 99 -25.73 77.38 45.60
N ALA RA 100 -25.64 78.26 44.59
CA ALA RA 100 -26.65 78.38 43.53
C ALA RA 100 -26.52 77.19 42.57
N ASN RA 101 -27.65 76.56 42.21
CA ASN RA 101 -27.75 75.37 41.34
C ASN RA 101 -26.94 74.17 41.86
N SER RA 102 -27.01 73.95 43.19
CA SER RA 102 -26.31 72.87 43.89
C SER RA 102 -27.25 71.81 44.44
N ASN RA 103 -26.73 70.58 44.59
CA ASN RA 103 -27.46 69.42 45.11
C ASN RA 103 -27.49 69.38 46.64
N LEU RA 104 -28.65 68.96 47.19
CA LEU RA 104 -28.87 68.79 48.63
C LEU RA 104 -28.63 67.33 48.96
N VAL RA 105 -27.52 67.04 49.64
CA VAL RA 105 -27.08 65.66 49.93
C VAL RA 105 -27.25 65.15 51.37
N ASN RA 106 -27.89 65.93 52.26
CA ASN RA 106 -28.12 65.54 53.66
C ASN RA 106 -29.14 64.41 53.79
N ARG RA 107 -30.27 64.53 53.07
CA ARG RA 107 -31.34 63.55 53.07
C ARG RA 107 -31.99 63.50 51.67
N SER RA 108 -32.14 62.28 51.13
CA SER RA 108 -32.71 62.06 49.80
C SER RA 108 -34.18 61.66 49.88
N VAL RA 109 -34.96 62.08 48.87
CA VAL RA 109 -36.40 61.80 48.79
C VAL RA 109 -36.62 60.30 48.43
N PRO RA 110 -37.42 59.54 49.23
CA PRO RA 110 -37.65 58.11 48.92
C PRO RA 110 -38.28 57.88 47.56
N ASN RA 111 -37.96 56.73 46.92
CA ASN RA 111 -38.43 56.37 45.58
C ASN RA 111 -39.94 56.35 45.40
N GLU RA 112 -40.70 56.04 46.47
CA GLU RA 112 -42.17 56.01 46.46
C GLU RA 112 -42.81 57.41 46.38
N PHE RA 113 -42.00 58.47 46.64
CA PHE RA 113 -42.41 59.87 46.57
C PHE RA 113 -41.83 60.57 45.34
N CYS RA 114 -40.84 59.93 44.67
CA CYS RA 114 -40.16 60.46 43.47
C CYS RA 114 -41.09 60.50 42.24
N PRO RA 115 -41.23 61.68 41.59
CA PRO RA 115 -42.10 61.74 40.39
C PRO RA 115 -41.40 61.27 39.11
N ARG RA 116 -42.20 60.95 38.08
CA ARG RA 116 -41.70 60.51 36.77
C ARG RA 116 -41.05 61.67 36.03
N ASN RA 117 -41.67 62.87 36.10
CA ASN RA 117 -41.19 64.11 35.50
C ASN RA 117 -40.61 65.06 36.55
N ARG RA 118 -39.67 65.92 36.15
CA ARG RA 118 -39.02 66.89 37.05
C ARG RA 118 -39.98 68.01 37.45
N CYS RA 119 -40.34 68.04 38.76
CA CYS RA 119 -41.28 69.03 39.32
C CYS RA 119 -40.57 70.13 40.09
N SER RA 120 -41.07 71.37 39.95
CA SER RA 120 -40.54 72.56 40.60
C SER RA 120 -41.43 73.01 41.75
N LEU RA 121 -40.86 73.15 42.95
CA LEU RA 121 -41.62 73.57 44.12
C LEU RA 121 -41.35 75.03 44.45
N VAL RA 122 -42.27 75.92 44.03
CA VAL RA 122 -42.15 77.37 44.27
C VAL RA 122 -42.37 77.68 45.76
N GLY RA 123 -41.40 78.39 46.35
CA GLY RA 123 -41.42 78.80 47.75
C GLY RA 123 -41.13 80.27 47.96
N HIS RA 124 -41.29 80.75 49.21
CA HIS RA 124 -41.04 82.14 49.59
C HIS RA 124 -40.19 82.25 50.86
N MET RA 125 -39.26 83.20 50.85
CA MET RA 125 -38.35 83.47 51.97
C MET RA 125 -38.94 84.54 52.89
N VAL RA 126 -39.01 84.23 54.20
CA VAL RA 126 -39.55 85.12 55.23
C VAL RA 126 -38.57 86.28 55.46
N GLY RA 127 -39.07 87.50 55.31
CA GLY RA 127 -38.28 88.70 55.50
C GLY RA 127 -38.45 89.72 54.39
N GLY RA 128 -38.25 89.27 53.14
CA GLY RA 128 -38.37 90.11 51.96
C GLY RA 128 -39.25 89.54 50.87
N TRP RA 129 -39.05 90.05 49.64
CA TRP RA 129 -39.77 89.64 48.42
C TRP RA 129 -39.01 88.51 47.69
N ASN RA 130 -38.17 87.78 48.45
CA ASN RA 130 -37.34 86.71 47.92
C ASN RA 130 -38.09 85.40 47.63
N ALA RA 131 -37.85 84.82 46.45
CA ALA RA 131 -38.48 83.58 45.98
C ALA RA 131 -37.45 82.52 45.60
N PHE RA 132 -37.82 81.24 45.75
CA PHE RA 132 -36.96 80.10 45.44
C PHE RA 132 -37.77 78.90 44.93
N HIS RA 133 -37.11 77.97 44.24
CA HIS RA 133 -37.73 76.74 43.76
C HIS RA 133 -36.77 75.57 43.87
N ILE RA 134 -37.28 74.42 44.34
CA ILE RA 134 -36.48 73.21 44.51
C ILE RA 134 -37.00 72.15 43.53
N ASP RA 135 -36.10 71.61 42.70
CA ASP RA 135 -36.45 70.60 41.71
C ASP RA 135 -36.30 69.18 42.27
N ILE RA 136 -37.30 68.31 42.01
CA ILE RA 136 -37.28 66.91 42.44
C ILE RA 136 -37.14 66.02 41.19
N PRO RA 137 -35.96 65.37 40.99
CA PRO RA 137 -35.82 64.49 39.83
C PRO RA 137 -36.34 63.07 40.10
N SER RA 138 -36.16 62.17 39.13
CA SER RA 138 -36.58 60.77 39.27
C SER RA 138 -35.67 60.00 40.25
N SER RA 139 -34.42 60.49 40.43
CA SER RA 139 -33.42 59.91 41.33
C SER RA 139 -33.77 60.13 42.80
N GLY RA 140 -34.03 61.39 43.18
CA GLY RA 140 -34.39 61.76 44.54
C GLY RA 140 -33.54 62.86 45.14
N VAL RA 141 -32.37 63.13 44.54
CA VAL RA 141 -31.45 64.17 45.02
C VAL RA 141 -31.94 65.55 44.57
N CYS RA 142 -32.53 66.29 45.51
CA CYS RA 142 -33.09 67.63 45.28
C CYS RA 142 -32.01 68.66 44.98
N GLN RA 143 -32.36 69.68 44.18
CA GLN RA 143 -31.43 70.75 43.80
C GLN RA 143 -31.98 72.13 44.11
N TRP RA 144 -31.15 72.98 44.74
CA TRP RA 144 -31.50 74.35 45.10
C TRP RA 144 -31.25 75.22 43.86
N PHE RA 145 -32.34 75.57 43.16
CA PHE RA 145 -32.29 76.37 41.93
C PHE RA 145 -32.29 77.90 42.12
N GLY RA 146 -32.30 78.33 43.38
CA GLY RA 146 -32.23 79.75 43.74
C GLY RA 146 -30.79 80.24 43.82
N PRO RA 147 -30.56 81.51 44.25
CA PRO RA 147 -29.17 82.00 44.33
C PRO RA 147 -28.46 81.53 45.61
N THR RA 148 -27.16 81.85 45.76
CA THR RA 148 -26.37 81.47 46.94
C THR RA 148 -26.91 82.17 48.21
N ALA RA 149 -27.37 81.36 49.18
CA ALA RA 149 -27.94 81.85 50.45
C ALA RA 149 -27.31 81.13 51.65
N SER RA 150 -27.10 81.86 52.75
CA SER RA 150 -26.50 81.34 53.98
C SER RA 150 -27.48 81.32 55.15
N SER RA 151 -28.45 82.26 55.15
CA SER RA 151 -29.48 82.39 56.20
C SER RA 151 -30.84 82.79 55.62
N GLY RA 152 -31.90 82.37 56.31
CA GLY RA 152 -33.28 82.66 55.92
C GLY RA 152 -34.26 81.57 56.29
N THR RA 153 -35.57 81.90 56.20
CA THR RA 153 -36.65 80.95 56.53
C THR RA 153 -37.39 80.47 55.26
N PRO RA 154 -37.24 79.17 54.89
CA PRO RA 154 -37.94 78.67 53.70
C PRO RA 154 -39.37 78.21 54.00
N ARG RA 155 -40.35 78.68 53.21
CA ARG RA 155 -41.77 78.33 53.37
C ARG RA 155 -42.44 78.10 52.01
N GLY RA 156 -43.42 77.20 51.98
CA GLY RA 156 -44.16 76.86 50.77
C GLY RA 156 -44.94 75.56 50.89
N THR RA 157 -46.26 75.63 50.60
CA THR RA 157 -47.16 74.47 50.67
C THR RA 157 -48.01 74.39 49.40
N GLY RA 158 -48.07 73.19 48.82
CA GLY RA 158 -48.83 72.90 47.61
C GLY RA 158 -48.90 71.43 47.27
N THR RA 159 -49.08 71.12 45.97
CA THR RA 159 -49.18 69.75 45.46
C THR RA 159 -48.35 69.59 44.18
N TYR RA 160 -47.88 68.36 43.92
CA TYR RA 160 -47.13 68.04 42.73
C TYR RA 160 -47.46 66.62 42.21
N PRO RA 161 -47.57 66.44 40.87
CA PRO RA 161 -47.89 65.11 40.33
C PRO RA 161 -46.73 64.12 40.46
N ILE RA 162 -47.06 62.82 40.50
CA ILE RA 162 -46.08 61.74 40.61
C ILE RA 162 -45.94 60.93 39.29
N ASP RA 163 -47.00 60.92 38.48
CA ASP RA 163 -47.08 60.22 37.19
C ASP RA 163 -47.20 61.18 36.00
N SER RA 164 -46.64 60.79 34.85
CA SER RA 164 -46.70 61.60 33.62
C SER RA 164 -47.01 60.74 32.37
N ALA RA 165 -46.02 59.96 31.89
CA ALA RA 165 -46.17 59.09 30.71
C ALA RA 165 -46.35 57.64 31.12
N ALA SA 2 -82.10 37.42 34.81
CA ALA SA 2 -81.96 35.99 34.54
C ALA SA 2 -83.09 35.47 33.65
N SER SA 3 -82.75 34.56 32.73
CA SER SA 3 -83.73 33.96 31.82
C SER SA 3 -84.54 32.88 32.56
N ILE SA 4 -85.78 33.20 32.91
CA ILE SA 4 -86.66 32.29 33.64
C ILE SA 4 -87.90 31.87 32.85
N LYS SA 5 -88.38 30.64 33.10
CA LYS SA 5 -89.57 30.08 32.45
C LYS SA 5 -90.83 30.30 33.29
N LYS SA 6 -91.98 30.42 32.62
CA LYS SA 6 -93.27 30.66 33.26
C LYS SA 6 -93.79 29.40 33.94
N VAL SA 7 -94.28 29.56 35.18
CA VAL SA 7 -94.87 28.50 36.00
C VAL SA 7 -96.40 28.65 35.98
N TYR SA 8 -97.10 27.59 35.56
CA TYR SA 8 -98.56 27.59 35.48
C TYR SA 8 -99.15 26.31 36.05
N ARG SA 9 -100.46 26.31 36.29
CA ARG SA 9 -101.20 25.17 36.84
C ARG SA 9 -101.36 24.08 35.78
N GLY SA 10 -101.10 22.85 36.16
CA GLY SA 10 -101.16 21.70 35.26
C GLY SA 10 -100.00 21.67 34.28
N MET SA 11 -98.81 22.00 34.78
CA MET SA 11 -97.58 22.07 34.00
C MET SA 11 -96.84 20.76 34.00
N LYS SA 12 -96.43 20.31 32.80
CA LYS SA 12 -95.64 19.09 32.61
C LYS SA 12 -94.21 19.35 33.10
N ASN SA 13 -93.72 18.48 34.01
CA ASN SA 13 -92.40 18.56 34.66
C ASN SA 13 -92.20 19.92 35.37
N GLY SA 14 -93.03 20.14 36.39
CA GLY SA 14 -93.06 21.34 37.21
C GLY SA 14 -91.88 21.50 38.15
N ALA SA 15 -91.49 20.39 38.80
CA ALA SA 15 -90.38 20.34 39.76
C ALA SA 15 -89.05 20.80 39.13
N GLU SA 16 -88.79 20.39 37.88
CA GLU SA 16 -87.58 20.73 37.15
C GLU SA 16 -87.54 22.21 36.79
N THR SA 17 -88.70 22.74 36.34
CA THR SA 17 -88.85 24.14 35.91
C THR SA 17 -88.53 25.11 37.05
N ILE SA 18 -89.12 24.86 38.23
CA ILE SA 18 -88.92 25.69 39.42
C ILE SA 18 -87.44 25.67 39.84
N ASN SA 19 -86.86 24.47 39.91
CA ASN SA 19 -85.46 24.28 40.30
C ASN SA 19 -84.51 25.00 39.35
N ASP SA 20 -84.76 24.92 38.04
CA ASP SA 20 -83.93 25.57 37.02
C ASP SA 20 -84.04 27.08 37.08
N ASP SA 21 -85.23 27.59 37.44
CA ASP SA 21 -85.49 29.02 37.58
C ASP SA 21 -84.78 29.57 38.82
N LEU SA 22 -84.81 28.81 39.93
CA LEU SA 22 -84.17 29.18 41.19
C LEU SA 22 -82.65 29.18 41.06
N GLU SA 23 -82.11 28.19 40.34
CA GLU SA 23 -80.67 28.04 40.13
C GLU SA 23 -80.13 29.16 39.24
N ALA SA 24 -80.93 29.59 38.24
CA ALA SA 24 -80.58 30.66 37.30
C ALA SA 24 -80.50 32.00 38.00
N ILE SA 25 -81.43 32.22 38.94
CA ILE SA 25 -81.51 33.43 39.75
C ILE SA 25 -80.35 33.45 40.76
N ASN SA 26 -80.11 32.32 41.45
CA ASN SA 26 -79.03 32.17 42.43
C ASN SA 26 -77.63 32.34 41.82
N SER SA 27 -77.47 31.96 40.54
CA SER SA 27 -76.22 32.10 39.78
C SER SA 27 -75.87 33.57 39.57
N GLU SA 28 -76.90 34.40 39.31
CA GLU SA 28 -76.76 35.84 39.10
C GLU SA 28 -76.49 36.57 40.42
N LEU SA 29 -76.77 35.93 41.56
CA LEU SA 29 -76.52 36.50 42.90
C LEU SA 29 -75.06 36.42 43.30
N THR SA 30 -74.29 35.56 42.62
CA THR SA 30 -72.86 35.32 42.88
C THR SA 30 -71.96 35.90 41.78
N SER SA 31 -72.30 35.67 40.50
CA SER SA 31 -71.51 36.14 39.37
C SER SA 31 -72.34 36.47 38.13
N GLY SA 32 -71.87 37.48 37.38
CA GLY SA 32 -72.47 37.91 36.12
C GLY SA 32 -73.79 38.66 36.25
N GLY SA 33 -74.63 38.52 35.22
CA GLY SA 33 -75.93 39.19 35.15
C GLY SA 33 -75.83 40.69 34.96
N ASN SA 34 -76.81 41.43 35.48
CA ASN SA 34 -76.85 42.90 35.39
C ASN SA 34 -76.60 43.55 36.75
N VAL SA 35 -76.38 42.72 37.79
CA VAL SA 35 -76.15 43.18 39.15
C VAL SA 35 -74.64 43.26 39.49
N VAL SA 36 -74.27 44.26 40.34
CA VAL SA 36 -72.90 44.49 40.81
C VAL SA 36 -72.61 43.58 42.01
N HIS SA 37 -71.50 42.84 41.95
CA HIS SA 37 -71.08 41.88 42.98
C HIS SA 37 -69.92 42.39 43.84
N LYS SA 38 -69.71 41.76 45.00
CA LYS SA 38 -68.63 42.07 45.93
C LYS SA 38 -67.27 41.54 45.44
N THR SA 39 -67.30 40.58 44.49
CA THR SA 39 -66.08 39.99 43.94
C THR SA 39 -66.15 39.93 42.41
N GLY SA 40 -65.00 40.13 41.79
CA GLY SA 40 -64.84 40.06 40.34
C GLY SA 40 -64.78 41.39 39.64
N ASP SA 41 -64.15 41.39 38.45
CA ASP SA 41 -63.99 42.56 37.59
C ASP SA 41 -65.28 42.79 36.78
N GLU SA 42 -65.95 43.93 37.04
CA GLU SA 42 -67.23 44.29 36.41
C GLU SA 42 -67.23 45.72 35.88
N THR SA 43 -68.07 45.98 34.85
CA THR SA 43 -68.25 47.29 34.24
C THR SA 43 -69.64 47.83 34.63
N ILE SA 44 -69.67 49.06 35.17
CA ILE SA 44 -70.88 49.72 35.66
C ILE SA 44 -71.16 50.99 34.85
N ALA SA 45 -72.41 51.16 34.43
CA ALA SA 45 -72.88 52.31 33.66
C ALA SA 45 -74.04 53.00 34.38
N GLY SA 46 -74.09 54.32 34.27
CA GLY SA 46 -75.13 55.14 34.88
C GLY SA 46 -74.62 56.08 35.97
N LYS SA 47 -75.41 57.11 36.28
CA LYS SA 47 -75.08 58.12 37.30
C LYS SA 47 -75.27 57.54 38.71
N LYS SA 48 -74.15 57.15 39.35
CA LYS SA 48 -74.15 56.56 40.69
C LYS SA 48 -73.83 57.60 41.77
N THR SA 49 -74.75 57.80 42.70
CA THR SA 49 -74.63 58.77 43.79
C THR SA 49 -74.40 58.06 45.13
N PHE SA 50 -73.22 58.25 45.71
CA PHE SA 50 -72.85 57.66 47.00
C PHE SA 50 -73.06 58.65 48.13
N THR SA 51 -74.12 58.45 48.93
CA THR SA 51 -74.46 59.32 50.06
C THR SA 51 -73.56 59.05 51.28
N GLY SA 52 -73.03 57.83 51.36
CA GLY SA 52 -72.14 57.41 52.44
C GLY SA 52 -70.67 57.75 52.18
N ASN SA 53 -69.78 57.15 52.98
CA ASN SA 53 -68.34 57.37 52.85
C ASN SA 53 -67.67 56.29 52.00
N VAL SA 54 -66.99 56.73 50.92
CA VAL SA 54 -66.29 55.85 49.99
C VAL SA 54 -64.83 55.68 50.42
N GLU SA 55 -64.37 54.43 50.47
CA GLU SA 55 -62.99 54.11 50.84
C GLU SA 55 -62.35 53.31 49.71
N VAL SA 56 -61.20 53.79 49.22
CA VAL SA 56 -60.45 53.13 48.14
C VAL SA 56 -59.09 52.67 48.70
N ASN SA 57 -58.78 51.38 48.52
CA ASN SA 57 -57.53 50.79 48.98
C ASN SA 57 -56.57 50.57 47.82
N GLY SA 58 -57.14 50.38 46.62
CA GLY SA 58 -56.38 50.18 45.39
C GLY SA 58 -55.97 51.48 44.74
N SER SA 59 -56.22 51.59 43.43
CA SER SA 59 -55.87 52.77 42.63
C SER SA 59 -57.09 53.38 41.97
N LEU SA 60 -57.19 54.71 42.03
CA LEU SA 60 -58.29 55.45 41.41
C LEU SA 60 -57.84 56.03 40.08
N THR SA 61 -58.56 55.67 38.99
CA THR SA 61 -58.24 56.12 37.63
C THR SA 61 -59.29 57.12 37.14
N LEU SA 62 -58.83 58.26 36.60
CA LEU SA 62 -59.69 59.33 36.09
C LEU SA 62 -59.36 59.68 34.62
N PRO SA 63 -60.29 60.31 33.85
CA PRO SA 63 -59.96 60.68 32.45
C PRO SA 63 -58.81 61.66 32.38
N THR SA 64 -57.78 61.27 31.62
CA THR SA 64 -56.55 62.04 31.47
C THR SA 64 -56.36 62.56 30.04
N LYS SA 65 -56.06 63.85 29.93
CA LYS SA 65 -55.78 64.53 28.67
C LYS SA 65 -54.56 65.42 28.88
N SER SA 66 -53.56 65.26 28.01
CA SER SA 66 -52.31 66.01 28.10
C SER SA 66 -52.15 67.01 26.96
N TRP SA 67 -51.52 68.15 27.28
CA TRP SA 67 -51.25 69.23 26.33
C TRP SA 67 -49.95 69.94 26.69
N SER SA 68 -49.16 70.29 25.67
CA SER SA 68 -47.90 71.00 25.82
C SER SA 68 -47.65 71.89 24.61
N GLY SA 69 -47.22 73.12 24.87
CA GLY SA 69 -46.96 74.11 23.84
C GLY SA 69 -46.35 75.40 24.37
N GLU SA 70 -45.61 76.09 23.49
CA GLU SA 70 -44.93 77.35 23.80
C GLU SA 70 -45.94 78.49 23.75
N LEU SA 71 -46.30 79.03 24.93
CA LEU SA 71 -47.29 80.11 25.07
C LEU SA 71 -46.85 81.42 24.41
N GLY SA 72 -45.57 81.76 24.56
CA GLY SA 72 -45.00 82.99 24.00
C GLY SA 72 -43.68 83.37 24.62
N GLY SA 73 -42.73 83.75 23.77
CA GLY SA 73 -41.40 84.19 24.19
C GLY SA 73 -40.42 83.08 24.54
N GLY SA 74 -40.87 81.83 24.42
CA GLY SA 74 -40.06 80.65 24.71
C GLY SA 74 -40.47 79.92 25.97
N ILE SA 75 -41.64 80.28 26.53
CA ILE SA 75 -42.18 79.64 27.75
C ILE SA 75 -43.13 78.53 27.37
N ILE SA 76 -42.74 77.28 27.68
CA ILE SA 76 -43.52 76.08 27.38
C ILE SA 76 -44.26 75.62 28.63
N LEU SA 77 -45.59 75.52 28.53
CA LEU SA 77 -46.44 75.07 29.62
C LEU SA 77 -46.98 73.67 29.35
N SER SA 78 -46.79 72.77 30.32
CA SER SA 78 -47.25 71.39 30.23
C SER SA 78 -48.49 71.22 31.12
N LEU SA 79 -49.62 70.93 30.48
CA LEU SA 79 -50.90 70.75 31.17
C LEU SA 79 -51.38 69.32 31.09
N ARG SA 80 -51.91 68.82 32.20
CA ARG SA 80 -52.46 67.48 32.30
C ARG SA 80 -53.72 67.50 33.17
N LYS SA 81 -54.88 67.22 32.54
CA LYS SA 81 -56.20 67.21 33.17
C LYS SA 81 -56.48 65.88 33.87
N LYS SA 82 -56.99 65.96 35.11
CA LYS SA 82 -57.37 64.80 35.92
C LYS SA 82 -58.70 65.08 36.63
N GLY SA 83 -59.80 64.77 35.95
CA GLY SA 83 -61.13 65.01 36.47
C GLY SA 83 -61.54 66.47 36.44
N THR SA 84 -61.54 67.15 37.60
CA THR SA 84 -61.90 68.58 37.76
C THR SA 84 -60.69 69.45 38.19
N THR SA 85 -59.47 68.88 38.10
CA THR SA 85 -58.22 69.55 38.46
C THR SA 85 -57.17 69.37 37.36
N VAL SA 86 -56.57 70.47 36.93
CA VAL SA 86 -55.54 70.49 35.87
C VAL SA 86 -54.17 70.76 36.51
N GLU SA 87 -53.19 69.89 36.23
CA GLU SA 87 -51.83 69.98 36.74
C GLU SA 87 -50.98 70.73 35.73
N TYR SA 88 -50.33 71.83 36.19
CA TYR SA 88 -49.49 72.66 35.33
C TYR SA 88 -48.01 72.47 35.60
N SER SA 89 -47.18 72.69 34.57
CA SER SA 89 -45.72 72.58 34.65
C SER SA 89 -45.08 73.61 33.72
N ILE SA 90 -44.38 74.59 34.31
CA ILE SA 90 -43.71 75.66 33.58
C ILE SA 90 -42.27 75.24 33.28
N GLY SA 91 -41.86 75.40 32.01
CA GLY SA 91 -40.52 75.07 31.55
C GLY SA 91 -40.10 75.84 30.31
N GLY SA 92 -38.86 75.61 29.90
CA GLY SA 92 -38.29 76.25 28.72
C GLY SA 92 -37.26 77.31 29.04
N GLU SA 93 -37.11 78.28 28.13
CA GLU SA 93 -36.17 79.39 28.23
C GLU SA 93 -36.70 80.61 27.48
N ILE SA 94 -36.66 81.78 28.12
CA ILE SA 94 -37.10 83.05 27.52
C ILE SA 94 -36.07 83.50 26.47
N SER SA 95 -36.48 83.50 25.19
CA SER SA 95 -35.66 83.86 24.04
C SER SA 95 -35.88 85.32 23.60
N SER SA 96 -37.15 85.71 23.35
CA SER SA 96 -37.54 87.06 22.94
C SER SA 96 -38.06 87.89 24.12
N SER SA 97 -37.99 89.23 23.99
CA SER SA 97 -38.43 90.16 25.03
C SER SA 97 -39.94 90.16 25.19
N ILE SA 98 -40.40 89.89 26.43
CA ILE SA 98 -41.82 89.86 26.79
C ILE SA 98 -42.09 91.09 27.67
N LEU SA 99 -43.06 91.92 27.23
CA LEU SA 99 -43.45 93.14 27.92
C LEU SA 99 -44.21 92.86 29.22
N ALA SA 100 -44.22 93.83 30.14
CA ALA SA 100 -44.92 93.74 31.42
C ALA SA 100 -46.43 93.91 31.19
N ASN SA 101 -47.25 93.02 31.78
CA ASN SA 101 -48.73 92.98 31.64
C ASN SA 101 -49.19 92.84 30.17
N SER SA 102 -48.47 92.02 29.39
CA SER SA 102 -48.75 91.77 27.98
C SER SA 102 -49.28 90.36 27.72
N ASN SA 103 -50.02 90.18 26.61
CA ASN SA 103 -50.62 88.92 26.20
C ASN SA 103 -49.64 88.04 25.40
N LEU SA 104 -49.63 86.73 25.71
CA LEU SA 104 -48.81 85.73 25.02
C LEU SA 104 -49.61 85.24 23.81
N VAL SA 105 -49.13 85.59 22.62
CA VAL SA 105 -49.82 85.34 21.34
C VAL SA 105 -49.33 84.16 20.48
N ASN SA 106 -48.27 83.44 20.91
CA ASN SA 106 -47.71 82.30 20.16
C ASN SA 106 -48.69 81.12 20.09
N ARG SA 107 -49.12 80.62 21.26
CA ARG SA 107 -50.06 79.50 21.37
C ARG SA 107 -51.04 79.75 22.52
N SER SA 108 -52.33 79.53 22.26
CA SER SA 108 -53.42 79.70 23.20
C SER SA 108 -53.81 78.36 23.84
N VAL SA 109 -54.22 78.41 25.11
CA VAL SA 109 -54.64 77.23 25.88
C VAL SA 109 -55.99 76.72 25.36
N PRO SA 110 -56.13 75.41 24.99
CA PRO SA 110 -57.40 74.88 24.49
C PRO SA 110 -58.55 75.02 25.50
N ASN SA 111 -59.79 75.19 25.00
CA ASN SA 111 -60.99 75.39 25.82
C ASN SA 111 -61.27 74.31 26.87
N GLU SA 112 -60.87 73.05 26.58
CA GLU SA 112 -61.04 71.92 27.50
C GLU SA 112 -60.12 71.98 28.74
N PHE SA 113 -59.08 72.83 28.68
CA PHE SA 113 -58.12 73.09 29.75
C PHE SA 113 -58.35 74.46 30.41
N CYS SA 114 -59.17 75.32 29.77
CA CYS SA 114 -59.50 76.67 30.23
C CYS SA 114 -60.42 76.67 31.46
N PRO SA 115 -60.03 77.39 32.55
CA PRO SA 115 -60.90 77.44 33.73
C PRO SA 115 -62.02 78.49 33.60
N ARG SA 116 -63.04 78.40 34.47
CA ARG SA 116 -64.17 79.33 34.48
C ARG SA 116 -63.74 80.72 34.99
N ASN SA 117 -62.84 80.74 35.99
CA ASN SA 117 -62.28 81.94 36.61
C ASN SA 117 -60.80 82.12 36.27
N ARG SA 118 -60.27 83.35 36.47
CA ARG SA 118 -58.86 83.69 36.22
C ARG SA 118 -57.95 83.06 37.28
N CYS SA 119 -57.02 82.18 36.86
CA CYS SA 119 -56.10 81.49 37.75
C CYS SA 119 -54.66 82.00 37.59
N SER SA 120 -54.00 82.25 38.72
CA SER SA 120 -52.62 82.75 38.77
C SER SA 120 -51.64 81.62 39.07
N LEU SA 121 -50.69 81.37 38.16
CA LEU SA 121 -49.71 80.29 38.35
C LEU SA 121 -48.36 80.89 38.75
N VAL SA 122 -48.04 80.83 40.04
CA VAL SA 122 -46.79 81.37 40.60
C VAL SA 122 -45.59 80.51 40.20
N GLY SA 123 -44.55 81.17 39.69
CA GLY SA 123 -43.30 80.55 39.26
C GLY SA 123 -42.06 81.23 39.82
N HIS SA 124 -40.88 80.62 39.60
CA HIS SA 124 -39.59 81.15 40.05
C HIS SA 124 -38.53 81.11 38.94
N MET SA 125 -37.77 82.20 38.83
CA MET SA 125 -36.69 82.36 37.84
C MET SA 125 -35.38 81.80 38.40
N VAL SA 126 -34.73 80.94 37.62
CA VAL SA 126 -33.47 80.30 37.98
C VAL SA 126 -32.33 81.32 38.01
N GLY SA 127 -31.65 81.43 39.15
CA GLY SA 127 -30.51 82.33 39.31
C GLY SA 127 -30.64 83.38 40.38
N GLY SA 128 -31.86 83.89 40.60
CA GLY SA 128 -32.12 84.93 41.58
C GLY SA 128 -33.37 84.70 42.42
N TRP SA 129 -33.76 85.74 43.18
CA TRP SA 129 -34.94 85.74 44.05
C TRP SA 129 -36.16 86.28 43.26
N ASN SA 130 -36.19 86.02 41.95
CA ASN SA 130 -37.24 86.50 41.05
C ASN SA 130 -38.44 85.58 40.94
N ALA SA 131 -39.66 86.17 41.01
CA ALA SA 131 -40.95 85.47 40.92
C ALA SA 131 -41.83 86.04 39.82
N PHE SA 132 -42.73 85.21 39.27
CA PHE SA 132 -43.66 85.60 38.21
C PHE SA 132 -44.96 84.81 38.28
N HIS SA 133 -46.05 85.39 37.73
CA HIS SA 133 -47.34 84.72 37.67
C HIS SA 133 -47.99 84.91 36.30
N ILE SA 134 -48.63 83.86 35.78
CA ILE SA 134 -49.31 83.87 34.48
C ILE SA 134 -50.80 83.66 34.69
N ASP SA 135 -51.62 84.58 34.17
CA ASP SA 135 -53.08 84.51 34.30
C ASP SA 135 -53.71 83.84 33.09
N ILE SA 136 -54.61 82.87 33.34
CA ILE SA 136 -55.30 82.11 32.29
C ILE SA 136 -56.82 82.37 32.38
N PRO SA 137 -57.41 83.07 31.37
CA PRO SA 137 -58.86 83.33 31.41
C PRO SA 137 -59.65 82.22 30.71
N SER SA 138 -60.95 82.45 30.49
CA SER SA 138 -61.83 81.50 29.82
C SER SA 138 -61.55 81.43 28.31
N SER SA 139 -60.94 82.49 27.76
CA SER SA 139 -60.60 82.60 26.33
C SER SA 139 -59.44 81.69 25.95
N GLY SA 140 -58.36 81.75 26.72
CA GLY SA 140 -57.16 80.94 26.48
C GLY SA 140 -55.88 81.73 26.29
N VAL SA 141 -56.02 83.04 26.01
CA VAL SA 141 -54.87 83.94 25.80
C VAL SA 141 -54.23 84.29 27.15
N CYS SA 142 -53.05 83.70 27.41
CA CYS SA 142 -52.28 83.89 28.64
C CYS SA 142 -51.67 85.28 28.73
N GLN SA 143 -51.45 85.75 29.95
CA GLN SA 143 -50.87 87.07 30.20
C GLN SA 143 -49.71 87.00 31.17
N TRP SA 144 -48.55 87.55 30.76
CA TRP SA 144 -47.35 87.62 31.58
C TRP SA 144 -47.48 88.86 32.48
N PHE SA 145 -47.72 88.66 33.78
CA PHE SA 145 -47.89 89.75 34.74
C PHE SA 145 -46.62 90.18 35.49
N GLY SA 146 -45.48 89.63 35.10
CA GLY SA 146 -44.19 89.98 35.66
C GLY SA 146 -43.58 91.19 34.97
N PRO SA 147 -42.32 91.57 35.29
CA PRO SA 147 -41.71 92.72 34.62
C PRO SA 147 -41.23 92.41 33.20
N THR SA 148 -40.78 93.43 32.46
CA THR SA 148 -40.27 93.26 31.10
C THR SA 148 -38.96 92.46 31.11
N ALA SA 149 -39.05 91.17 30.73
CA ALA SA 149 -37.90 90.25 30.72
C ALA SA 149 -37.58 89.77 29.30
N SER SA 150 -36.30 89.60 28.99
CA SER SA 150 -35.82 89.13 27.69
C SER SA 150 -35.11 87.78 27.78
N SER SA 151 -34.53 87.48 28.95
CA SER SA 151 -33.79 86.24 29.22
C SER SA 151 -34.05 85.69 30.62
N GLY SA 152 -33.98 84.37 30.76
CA GLY SA 152 -34.18 83.68 32.03
C GLY SA 152 -34.86 82.34 31.88
N THR SA 153 -34.75 81.50 32.94
CA THR SA 153 -35.35 80.17 32.96
C THR SA 153 -36.64 80.12 33.81
N PRO SA 154 -37.83 79.93 33.18
CA PRO SA 154 -39.08 79.86 33.96
C PRO SA 154 -39.36 78.44 34.46
N ARG SA 155 -39.67 78.32 35.76
CA ARG SA 155 -39.98 77.02 36.39
C ARG SA 155 -41.15 77.17 37.38
N GLY SA 156 -41.94 76.11 37.52
CA GLY SA 156 -43.09 76.07 38.42
C GLY SA 156 -44.03 74.92 38.14
N THR SA 157 -44.36 74.15 39.19
CA THR SA 157 -45.25 72.99 39.11
C THR SA 157 -46.27 73.02 40.25
N GLY SA 158 -47.52 72.76 39.90
CA GLY SA 158 -48.64 72.73 40.83
C GLY SA 158 -49.95 72.27 40.21
N THR SA 159 -51.06 72.71 40.80
CA THR SA 159 -52.43 72.40 40.37
C THR SA 159 -53.30 73.65 40.41
N TYR SA 160 -54.29 73.69 39.51
CA TYR SA 160 -55.24 74.79 39.45
C TYR SA 160 -56.66 74.29 39.12
N PRO SA 161 -57.71 74.85 39.77
CA PRO SA 161 -59.09 74.40 39.47
C PRO SA 161 -59.59 74.80 38.09
N ILE SA 162 -60.54 74.04 37.54
CA ILE SA 162 -61.13 74.32 36.23
C ILE SA 162 -62.59 74.85 36.35
N ASP SA 163 -63.29 74.47 37.43
CA ASP SA 163 -64.67 74.87 37.72
C ASP SA 163 -64.74 75.87 38.89
N SER SA 164 -65.79 76.71 38.93
CA SER SA 164 -66.01 77.68 40.00
C SER SA 164 -67.48 77.75 40.44
N ALA SA 165 -68.38 78.30 39.60
CA ALA SA 165 -69.81 78.40 39.91
C ALA SA 165 -70.62 77.48 39.03
N ALA TA 2 -13.84 -16.59 108.20
CA ALA TA 2 -15.19 -16.96 108.65
C ALA TA 2 -15.15 -18.15 109.60
N SER TA 3 -16.05 -18.16 110.59
CA SER TA 3 -16.15 -19.27 111.54
C SER TA 3 -16.94 -20.41 110.88
N ILE TA 4 -16.23 -21.51 110.57
CA ILE TA 4 -16.82 -22.67 109.89
C ILE TA 4 -16.70 -23.96 110.71
N LYS TA 5 -17.69 -24.85 110.58
CA LYS TA 5 -17.73 -26.14 111.27
C LYS TA 5 -17.05 -27.20 110.41
N LYS TA 6 -16.42 -28.18 111.07
CA LYS TA 6 -15.72 -29.27 110.39
C LYS TA 6 -16.70 -30.31 109.84
N VAL TA 7 -16.47 -30.74 108.60
CA VAL TA 7 -17.27 -31.76 107.89
C VAL TA 7 -16.53 -33.11 107.94
N TYR TA 8 -17.23 -34.15 108.43
CA TYR TA 8 -16.66 -35.50 108.57
C TYR TA 8 -17.68 -36.57 108.22
N ARG TA 9 -17.20 -37.82 108.06
CA ARG TA 9 -18.06 -38.97 107.75
C ARG TA 9 -18.90 -39.35 108.95
N GLY TA 10 -20.17 -39.62 108.70
CA GLY TA 10 -21.13 -40.00 109.73
C GLY TA 10 -21.51 -38.85 110.64
N MET TA 11 -21.59 -37.67 110.06
CA MET TA 11 -21.93 -36.44 110.76
C MET TA 11 -23.44 -36.31 110.87
N LYS TA 12 -23.90 -35.94 112.07
CA LYS TA 12 -25.33 -35.72 112.33
C LYS TA 12 -25.74 -34.38 111.71
N ASN TA 13 -26.78 -34.42 110.85
CA ASN TA 13 -27.31 -33.27 110.10
C ASN TA 13 -26.20 -32.55 109.30
N GLY TA 14 -25.68 -33.25 108.29
CA GLY TA 14 -24.62 -32.77 107.43
C GLY TA 14 -25.03 -31.73 106.42
N ALA TA 15 -26.25 -31.86 105.87
CA ALA TA 15 -26.79 -30.94 104.85
C ALA TA 15 -26.89 -29.51 105.38
N GLU TA 16 -27.31 -29.36 106.64
CA GLU TA 16 -27.44 -28.05 107.29
C GLU TA 16 -26.05 -27.46 107.57
N THR TA 17 -25.09 -28.32 107.98
CA THR TA 17 -23.72 -27.92 108.32
C THR TA 17 -23.01 -27.29 107.14
N ILE TA 18 -23.05 -27.95 105.97
CA ILE TA 18 -22.42 -27.48 104.73
C ILE TA 18 -23.07 -26.17 104.28
N ASN TA 19 -24.42 -26.11 104.29
CA ASN TA 19 -25.16 -24.92 103.91
C ASN TA 19 -24.80 -23.70 104.76
N ASP TA 20 -24.68 -23.89 106.07
CA ASP TA 20 -24.31 -22.82 107.01
C ASP TA 20 -22.87 -22.36 106.80
N ASP TA 21 -21.97 -23.30 106.42
CA ASP TA 21 -20.57 -23.01 106.15
C ASP TA 21 -20.42 -22.21 104.85
N LEU TA 22 -21.20 -22.59 103.83
CA LEU TA 22 -21.17 -21.92 102.54
C LEU TA 22 -21.75 -20.50 102.64
N GLU TA 23 -22.81 -20.32 103.45
CA GLU TA 23 -23.46 -19.04 103.66
C GLU TA 23 -22.58 -18.08 104.46
N ALA TA 24 -21.80 -18.63 105.41
CA ALA TA 24 -20.88 -17.86 106.26
C ALA TA 24 -19.70 -17.33 105.45
N ILE TA 25 -19.23 -18.13 104.48
CA ILE TA 25 -18.14 -17.77 103.58
C ILE TA 25 -18.65 -16.72 102.58
N ASN TA 26 -19.82 -16.97 101.96
CA ASN TA 26 -20.44 -16.04 101.00
C ASN TA 26 -20.79 -14.69 101.61
N SER TA 27 -21.11 -14.64 102.92
CA SER TA 27 -21.42 -13.41 103.65
C SER TA 27 -20.20 -12.51 103.73
N GLU TA 28 -19.03 -13.12 103.94
CA GLU TA 28 -17.74 -12.44 104.02
C GLU TA 28 -17.24 -11.97 102.64
N LEU TA 29 -17.74 -12.58 101.56
CA LEU TA 29 -17.38 -12.21 100.19
C LEU TA 29 -18.03 -10.90 99.74
N THR TA 30 -19.12 -10.50 100.42
CA THR TA 30 -19.87 -9.28 100.12
C THR TA 30 -19.62 -8.16 101.13
N SER TA 31 -19.62 -8.49 102.44
CA SER TA 31 -19.43 -7.53 103.53
C SER TA 31 -18.73 -8.10 104.75
N GLY TA 32 -17.94 -7.26 105.41
CA GLY TA 32 -17.24 -7.62 106.64
C GLY TA 32 -16.09 -8.58 106.49
N GLY TA 33 -15.81 -9.32 107.56
CA GLY TA 33 -14.73 -10.29 107.62
C GLY TA 33 -13.37 -9.65 107.73
N ASN TA 34 -12.37 -10.25 107.07
CA ASN TA 34 -10.99 -9.76 107.06
C ASN TA 34 -10.53 -9.39 105.65
N VAL TA 35 -11.48 -9.26 104.71
CA VAL TA 35 -11.19 -8.91 103.30
C VAL TA 35 -11.68 -7.52 102.93
N VAL TA 36 -10.92 -6.84 102.04
CA VAL TA 36 -11.25 -5.52 101.55
C VAL TA 36 -12.24 -5.62 100.40
N HIS TA 37 -13.40 -4.92 100.53
CA HIS TA 37 -14.49 -4.94 99.55
C HIS TA 37 -14.54 -3.70 98.66
N LYS TA 38 -15.23 -3.82 97.51
CA LYS TA 38 -15.45 -2.74 96.54
C LYS TA 38 -16.55 -1.80 97.01
N THR TA 39 -17.28 -2.18 98.07
CA THR TA 39 -18.38 -1.41 98.65
C THR TA 39 -18.31 -1.40 100.17
N GLY TA 40 -18.63 -0.25 100.75
CA GLY TA 40 -18.67 -0.04 102.19
C GLY TA 40 -17.41 0.56 102.78
N ASP TA 41 -17.56 1.13 103.99
CA ASP TA 41 -16.48 1.77 104.73
C ASP TA 41 -15.75 0.73 105.57
N GLU TA 42 -14.45 0.54 105.30
CA GLU TA 42 -13.62 -0.45 105.98
C GLU TA 42 -12.26 0.10 106.41
N THR TA 43 -11.67 -0.52 107.47
CA THR TA 43 -10.35 -0.17 108.00
C THR TA 43 -9.34 -1.23 107.61
N ILE TA 44 -8.22 -0.79 107.00
CA ILE TA 44 -7.14 -1.65 106.50
C ILE TA 44 -5.84 -1.40 107.28
N ALA TA 45 -5.18 -2.48 107.70
CA ALA TA 45 -3.93 -2.43 108.44
C ALA TA 45 -2.83 -3.20 107.71
N GLY TA 46 -1.59 -2.75 107.85
CA GLY TA 46 -0.44 -3.37 107.21
C GLY TA 46 0.12 -2.57 106.06
N LYS TA 47 1.37 -2.90 105.68
CA LYS TA 47 2.09 -2.24 104.59
C LYS TA 47 1.56 -2.71 103.24
N LYS TA 48 0.80 -1.84 102.58
CA LYS TA 48 0.18 -2.12 101.29
C LYS TA 48 0.97 -1.45 100.16
N THR TA 49 1.66 -2.27 99.36
CA THR TA 49 2.49 -1.81 98.25
C THR TA 49 1.73 -1.92 96.91
N PHE TA 50 1.36 -0.77 96.35
CA PHE TA 50 0.65 -0.68 95.08
C PHE TA 50 1.65 -0.51 93.94
N THR TA 51 1.87 -1.58 93.17
CA THR TA 51 2.81 -1.57 92.06
C THR TA 51 2.19 -0.88 90.85
N GLY TA 52 0.86 -0.95 90.75
CA GLY TA 52 0.10 -0.33 89.67
C GLY TA 52 -0.21 1.14 89.91
N ASN TA 53 -1.14 1.68 89.11
CA ASN TA 53 -1.56 3.08 89.21
C ASN TA 53 -2.79 3.24 90.11
N VAL TA 54 -2.76 4.21 91.01
CA VAL TA 54 -3.88 4.43 91.95
C VAL TA 54 -4.59 5.71 91.57
N GLU TA 55 -5.90 5.62 91.35
CA GLU TA 55 -6.72 6.76 91.00
C GLU TA 55 -7.68 7.02 92.14
N VAL TA 56 -7.78 8.28 92.57
CA VAL TA 56 -8.66 8.72 93.66
C VAL TA 56 -9.66 9.76 93.12
N ASN TA 57 -10.97 9.54 93.42
CA ASN TA 57 -12.05 10.43 93.00
C ASN TA 57 -12.56 11.27 94.17
N GLY TA 58 -12.42 10.75 95.39
CA GLY TA 58 -12.85 11.44 96.60
C GLY TA 58 -11.76 12.36 97.14
N SER TA 59 -11.58 12.35 98.46
CA SER TA 59 -10.59 13.18 99.12
C SER TA 59 -9.54 12.32 99.81
N LEU TA 60 -8.25 12.69 99.63
CA LEU TA 60 -7.14 12.01 100.26
C LEU TA 60 -6.80 12.70 101.56
N THR TA 61 -6.85 11.93 102.62
CA THR TA 61 -6.59 12.40 103.97
C THR TA 61 -5.26 11.83 104.42
N LEU TA 62 -4.45 12.69 104.98
CA LEU TA 62 -3.13 12.35 105.51
C LEU TA 62 -3.00 12.92 106.92
N PRO TA 63 -2.04 12.47 107.77
CA PRO TA 63 -1.92 13.05 109.13
C PRO TA 63 -1.80 14.60 109.11
N THR TA 64 -2.70 15.29 109.83
CA THR TA 64 -2.79 16.76 109.87
C THR TA 64 -2.63 17.34 111.26
N LYS TA 65 -1.85 18.43 111.35
CA LYS TA 65 -1.60 19.16 112.58
C LYS TA 65 -1.45 20.66 112.24
N SER TA 66 -2.18 21.52 112.93
CA SER TA 66 -2.16 22.97 112.71
C SER TA 66 -1.49 23.73 113.85
N TRP TA 67 -0.83 24.86 113.52
CA TRP TA 67 -0.15 25.73 114.49
C TRP TA 67 -0.15 27.19 114.01
N SER TA 68 -0.35 28.11 114.95
CA SER TA 68 -0.36 29.54 114.67
C SER TA 68 0.19 30.31 115.86
N GLY TA 69 1.04 31.30 115.58
CA GLY TA 69 1.66 32.12 116.61
C GLY TA 69 2.52 33.23 116.04
N GLU TA 70 2.68 34.30 116.84
CA GLU TA 70 3.48 35.47 116.49
C GLU TA 70 4.97 35.15 116.65
N LEU TA 71 5.71 35.14 115.53
CA LEU TA 71 7.15 34.83 115.51
C LEU TA 71 7.99 35.92 116.18
N GLY TA 72 7.66 37.18 115.89
CA GLY TA 72 8.36 38.33 116.44
C GLY TA 72 8.00 39.63 115.76
N GLY TA 73 7.51 40.59 116.54
CA GLY TA 73 7.14 41.91 116.07
C GLY TA 73 5.89 41.97 115.23
N GLY TA 74 4.82 41.34 115.72
CA GLY TA 74 3.51 41.32 115.05
C GLY TA 74 3.42 40.50 113.78
N ILE TA 75 4.41 39.60 113.55
CA ILE TA 75 4.42 38.72 112.36
C ILE TA 75 3.89 37.34 112.77
N ILE TA 76 2.64 37.05 112.38
CA ILE TA 76 1.97 35.79 112.70
C ILE TA 76 2.07 34.84 111.52
N LEU TA 77 2.60 33.63 111.77
CA LEU TA 77 2.75 32.57 110.78
C LEU TA 77 1.80 31.41 111.07
N SER TA 78 0.96 31.07 110.09
CA SER TA 78 0.00 29.97 110.20
C SER TA 78 0.56 28.75 109.47
N LEU TA 79 0.78 27.65 110.20
CA LEU TA 79 1.35 26.43 109.64
C LEU TA 79 0.39 25.25 109.73
N ARG TA 80 0.42 24.37 108.72
CA ARG TA 80 -0.38 23.14 108.67
C ARG TA 80 0.40 22.04 107.95
N LYS TA 81 0.70 20.95 108.68
CA LYS TA 81 1.45 19.81 108.18
C LYS TA 81 0.54 18.78 107.54
N LYS TA 82 0.96 18.26 106.38
CA LYS TA 82 0.24 17.22 105.63
C LYS TA 82 1.23 16.16 105.15
N GLY TA 83 1.61 15.28 106.07
CA GLY TA 83 2.55 14.20 105.81
C GLY TA 83 3.98 14.68 105.74
N THR TA 84 4.45 14.93 104.52
CA THR TA 84 5.82 15.38 104.26
C THR TA 84 5.91 16.83 103.72
N THR TA 85 4.77 17.53 103.64
CA THR TA 85 4.70 18.91 103.14
C THR TA 85 3.94 19.79 104.12
N VAL TA 86 4.51 20.93 104.48
CA VAL TA 86 3.88 21.88 105.40
C VAL TA 86 3.45 23.13 104.62
N GLU TA 87 2.20 23.56 104.81
CA GLU TA 87 1.59 24.73 104.15
C GLU TA 87 1.72 25.94 105.09
N TYR TA 88 2.37 27.03 104.61
CA TYR TA 88 2.61 28.24 105.40
C TYR TA 88 1.75 29.41 104.94
N SER TA 89 1.44 30.33 105.86
CA SER TA 89 0.67 31.55 105.60
C SER TA 89 1.16 32.69 106.49
N ILE TA 90 1.69 33.75 105.86
CA ILE TA 90 2.22 34.92 106.55
C ILE TA 90 1.12 35.97 106.67
N GLY TA 91 0.92 36.46 107.89
CA GLY TA 91 -0.07 37.48 108.18
C GLY TA 91 0.33 38.43 109.30
N GLY TA 92 -0.62 39.27 109.68
CA GLY TA 92 -0.44 40.26 110.74
C GLY TA 92 0.08 41.58 110.22
N GLU TA 93 0.67 42.38 111.12
CA GLU TA 93 1.25 43.69 110.82
C GLU TA 93 2.43 43.95 111.74
N ILE TA 94 3.54 44.47 111.18
CA ILE TA 94 4.77 44.78 111.92
C ILE TA 94 4.56 45.95 112.90
N SER TA 95 4.70 45.68 114.21
CA SER TA 95 4.53 46.64 115.29
C SER TA 95 5.87 47.17 115.78
N SER TA 96 6.78 46.28 116.22
CA SER TA 96 8.11 46.64 116.71
C SER TA 96 9.18 46.58 115.62
N SER TA 97 10.38 47.11 115.89
CA SER TA 97 11.48 47.12 114.93
C SER TA 97 12.25 45.81 114.95
N ILE TA 98 12.34 45.17 113.76
CA ILE TA 98 13.08 43.93 113.53
C ILE TA 98 14.31 44.26 112.72
N LEU TA 99 15.48 43.97 113.29
CA LEU TA 99 16.80 44.22 112.69
C LEU TA 99 17.05 43.31 111.47
N ALA TA 100 17.99 43.73 110.60
CA ALA TA 100 18.36 42.95 109.42
C ALA TA 100 19.22 41.76 109.85
N ASN TA 101 18.90 40.56 109.31
CA ASN TA 101 19.57 39.29 109.61
C ASN TA 101 19.56 38.92 111.12
N SER TA 102 18.41 39.19 111.78
CA SER TA 102 18.19 38.93 113.20
C SER TA 102 17.14 37.86 113.43
N ASN TA 103 17.28 37.12 114.53
CA ASN TA 103 16.39 36.05 114.93
C ASN TA 103 15.14 36.55 115.65
N LEU TA 104 13.96 36.03 115.26
CA LEU TA 104 12.68 36.37 115.88
C LEU TA 104 12.53 35.48 117.13
N VAL TA 105 12.60 36.11 118.31
CA VAL TA 105 12.61 35.39 119.58
C VAL TA 105 11.30 35.41 120.42
N ASN TA 106 10.17 35.84 119.83
CA ASN TA 106 8.88 35.90 120.53
C ASN TA 106 8.32 34.50 120.77
N ARG TA 107 8.24 33.69 119.70
CA ARG TA 107 7.76 32.31 119.74
C ARG TA 107 8.44 31.48 118.64
N SER TA 108 8.97 30.31 119.01
CA SER TA 108 9.68 29.40 118.11
C SER TA 108 8.74 28.37 117.50
N VAL TA 109 9.09 27.90 116.31
CA VAL TA 109 8.31 26.88 115.57
C VAL TA 109 8.54 25.49 116.20
N PRO TA 110 7.46 24.74 116.57
CA PRO TA 110 7.63 23.41 117.18
C PRO TA 110 8.40 22.42 116.31
N ASN TA 111 9.10 21.46 116.96
CA ASN TA 111 9.94 20.47 116.30
C ASN TA 111 9.25 19.60 115.25
N GLU TA 112 7.94 19.33 115.43
CA GLU TA 112 7.13 18.54 114.49
C GLU TA 112 6.87 19.26 113.16
N PHE TA 113 7.10 20.58 113.12
CA PHE TA 113 6.95 21.44 111.94
C PHE TA 113 8.31 21.84 111.36
N CYS TA 114 9.39 21.64 112.14
CA CYS TA 114 10.77 21.97 111.75
C CYS TA 114 11.33 21.04 110.65
N PRO TA 115 11.80 21.61 109.52
CA PRO TA 115 12.37 20.77 108.45
C PRO TA 115 13.81 20.35 108.71
N ARG TA 116 14.30 19.32 107.97
CA ARG TA 116 15.68 18.83 108.11
C ARG TA 116 16.69 19.87 107.61
N ASN TA 117 16.38 20.48 106.44
CA ASN TA 117 17.17 21.54 105.81
C ASN TA 117 16.47 22.89 105.94
N ARG TA 118 17.24 23.98 105.87
CA ARG TA 118 16.73 25.34 105.99
C ARG TA 118 15.82 25.71 104.81
N CYS TA 119 14.58 26.16 105.11
CA CYS TA 119 13.61 26.54 104.08
C CYS TA 119 13.35 28.04 104.09
N SER TA 120 13.34 28.66 102.89
CA SER TA 120 13.10 30.09 102.69
C SER TA 120 11.66 30.36 102.28
N LEU TA 121 10.95 31.23 103.02
CA LEU TA 121 9.56 31.56 102.73
C LEU TA 121 9.46 32.97 102.12
N VAL TA 122 9.34 33.06 100.80
CA VAL TA 122 9.26 34.32 100.06
C VAL TA 122 7.90 35.00 100.33
N GLY TA 123 7.95 36.28 100.70
CA GLY TA 123 6.79 37.10 101.00
C GLY TA 123 6.83 38.48 100.35
N HIS TA 124 5.70 39.21 100.40
CA HIS TA 124 5.58 40.54 99.81
C HIS TA 124 4.94 41.52 100.78
N MET TA 125 5.47 42.74 100.81
CA MET TA 125 4.99 43.81 101.69
C MET TA 125 3.90 44.63 101.00
N VAL TA 126 2.78 44.85 101.70
CA VAL TA 126 1.64 45.60 101.18
C VAL TA 126 1.98 47.09 101.06
N GLY TA 127 1.79 47.64 99.87
CA GLY TA 127 2.07 49.04 99.59
C GLY TA 127 3.11 49.26 98.52
N GLY TA 128 4.27 48.63 98.70
CA GLY TA 128 5.38 48.75 97.78
C GLY TA 128 5.75 47.46 97.06
N TRP TA 129 6.85 47.51 96.30
CA TRP TA 129 7.43 46.38 95.56
C TRP TA 129 8.39 45.59 96.47
N ASN TA 130 8.30 45.83 97.79
CA ASN TA 130 9.14 45.23 98.82
C ASN TA 130 8.91 43.74 99.01
N ALA TA 131 10.00 42.96 99.08
CA ALA TA 131 9.98 41.50 99.27
C ALA TA 131 10.83 41.09 100.46
N PHE TA 132 10.49 39.95 101.07
CA PHE TA 132 11.21 39.42 102.24
C PHE TA 132 11.16 37.90 102.28
N HIS TA 133 12.11 37.29 102.99
CA HIS TA 133 12.15 35.84 103.19
C HIS TA 133 12.56 35.50 104.62
N ILE TA 134 11.85 34.53 105.23
CA ILE TA 134 12.13 34.06 106.59
C ILE TA 134 12.62 32.62 106.54
N ASP TA 135 13.82 32.39 107.07
CA ASP TA 135 14.43 31.06 107.09
C ASP TA 135 14.02 30.27 108.32
N ILE TA 136 13.60 29.01 108.12
CA ILE TA 136 13.22 28.11 109.21
C ILE TA 136 14.31 27.04 109.40
N PRO TA 137 15.17 27.19 110.44
CA PRO TA 137 16.22 26.18 110.66
C PRO TA 137 15.64 24.96 111.39
N SER TA 138 16.49 23.94 111.64
CA SER TA 138 16.07 22.73 112.33
C SER TA 138 15.79 22.97 113.83
N SER TA 139 16.35 24.08 114.36
CA SER TA 139 16.21 24.49 115.76
C SER TA 139 14.78 24.94 116.10
N GLY TA 140 14.23 25.84 115.28
CA GLY TA 140 12.89 26.37 115.48
C GLY TA 140 12.80 27.87 115.47
N VAL TA 141 13.89 28.55 115.88
CA VAL TA 141 13.97 30.01 115.93
C VAL TA 141 14.12 30.58 114.53
N CYS TA 142 13.02 31.18 114.03
CA CYS TA 142 12.95 31.79 112.70
C CYS TA 142 13.81 33.03 112.61
N GLN TA 143 14.47 33.22 111.47
CA GLN TA 143 15.36 34.35 111.25
C GLN TA 143 14.87 35.24 110.10
N TRP TA 144 14.68 36.54 110.37
CA TRP TA 144 14.27 37.54 109.37
C TRP TA 144 15.51 37.91 108.55
N PHE TA 145 15.53 37.47 107.28
CA PHE TA 145 16.65 37.70 106.36
C PHE TA 145 16.52 38.96 105.50
N GLY TA 146 15.44 39.71 105.68
CA GLY TA 146 15.23 40.97 104.99
C GLY TA 146 15.93 42.15 105.68
N PRO TA 147 15.71 43.40 105.22
CA PRO TA 147 16.36 44.55 105.88
C PRO TA 147 15.63 45.01 107.14
N THR TA 148 16.19 46.02 107.85
CA THR TA 148 15.58 46.55 109.07
C THR TA 148 14.25 47.26 108.76
N ALA TA 149 13.18 46.82 109.41
CA ALA TA 149 11.83 47.38 109.22
C ALA TA 149 11.10 47.50 110.56
N SER TA 150 10.26 48.53 110.68
CA SER TA 150 9.48 48.82 111.90
C SER TA 150 7.97 48.81 111.64
N SER TA 151 7.57 49.07 110.37
CA SER TA 151 6.16 49.11 109.95
C SER TA 151 5.94 48.44 108.60
N GLY TA 152 4.73 47.93 108.38
CA GLY TA 152 4.35 47.28 107.13
C GLY TA 152 3.50 46.04 107.32
N THR TA 153 2.82 45.61 106.25
CA THR TA 153 1.95 44.43 106.29
C THR TA 153 2.60 43.22 105.58
N PRO TA 154 3.06 42.18 106.33
CA PRO TA 154 3.67 41.01 105.68
C PRO TA 154 2.62 40.02 105.17
N ARG TA 155 2.81 39.53 103.92
CA ARG TA 155 1.89 38.57 103.29
C ARG TA 155 2.66 37.54 102.47
N GLY TA 156 2.15 36.31 102.40
CA GLY TA 156 2.77 35.22 101.65
C GLY TA 156 2.19 33.86 102.01
N THR TA 157 1.75 33.10 100.98
CA THR TA 157 1.15 31.76 101.16
C THR TA 157 1.76 30.79 100.14
N GLY TA 158 2.15 29.61 100.62
CA GLY TA 158 2.75 28.54 99.83
C GLY TA 158 2.93 27.24 100.59
N THR TA 159 3.93 26.44 100.15
CA THR TA 159 4.27 25.13 100.73
C THR TA 159 5.78 24.97 100.84
N TYR TA 160 6.24 24.25 101.87
CA TYR TA 160 7.66 23.94 102.11
C TYR TA 160 7.82 22.49 102.60
N PRO TA 161 8.82 21.73 102.09
CA PRO TA 161 8.98 20.34 102.51
C PRO TA 161 9.61 20.18 103.88
N ILE TA 162 9.32 19.02 104.51
CA ILE TA 162 9.85 18.56 105.79
C ILE TA 162 11.08 17.61 105.69
N ASP TA 163 11.08 16.79 104.78
CA ASP TA 163 11.98 15.64 104.63
C ASP TA 163 12.85 15.71 103.36
N SER TA 164 14.00 15.02 103.37
CA SER TA 164 14.93 14.99 102.23
C SER TA 164 15.58 13.63 101.91
N ALA UA 2 -7.93 -20.26 95.33
CA ALA UA 2 -7.57 -21.46 96.08
C ALA UA 2 -7.69 -22.72 95.23
N SER UA 3 -6.78 -23.68 95.43
CA SER UA 3 -6.82 -24.94 94.70
C SER UA 3 -7.86 -25.88 95.35
N ILE UA 4 -8.94 -26.18 94.62
CA ILE UA 4 -10.04 -27.01 95.10
C ILE UA 4 -10.29 -28.24 94.22
N LYS UA 5 -10.80 -29.32 94.83
CA LYS UA 5 -11.13 -30.56 94.12
C LYS UA 5 -12.60 -30.59 93.75
N LYS UA 6 -12.91 -31.25 92.63
CA LYS UA 6 -14.28 -31.36 92.14
C LYS UA 6 -15.10 -32.34 92.96
N VAL UA 7 -16.36 -31.98 93.19
CA VAL UA 7 -17.35 -32.77 93.93
C VAL UA 7 -18.35 -33.38 92.92
N TYR UA 8 -18.49 -34.71 92.93
CA TYR UA 8 -19.38 -35.43 92.01
C TYR UA 8 -20.15 -36.53 92.69
N ARG UA 9 -21.17 -37.06 91.99
CA ARG UA 9 -21.97 -38.14 92.56
C ARG UA 9 -21.18 -39.42 92.62
N GLY UA 10 -21.36 -40.15 93.71
CA GLY UA 10 -20.67 -41.41 93.94
C GLY UA 10 -19.18 -41.24 94.16
N MET UA 11 -18.82 -40.17 94.86
CA MET UA 11 -17.44 -39.84 95.13
C MET UA 11 -16.97 -40.50 96.43
N LYS UA 12 -15.80 -41.14 96.37
CA LYS UA 12 -15.13 -41.75 97.52
C LYS UA 12 -14.52 -40.60 98.33
N ASN UA 13 -14.68 -40.64 99.66
CA ASN UA 13 -14.21 -39.60 100.60
C ASN UA 13 -14.86 -38.24 100.28
N GLY UA 14 -16.18 -38.23 100.21
CA GLY UA 14 -16.96 -37.04 99.90
C GLY UA 14 -16.88 -35.99 100.98
N ALA UA 15 -17.15 -36.41 102.22
CA ALA UA 15 -17.12 -35.54 103.39
C ALA UA 15 -15.73 -34.93 103.61
N GLU UA 16 -14.68 -35.70 103.29
CA GLU UA 16 -13.27 -35.31 103.41
C GLU UA 16 -12.92 -34.24 102.41
N THR UA 17 -13.38 -34.40 101.16
CA THR UA 17 -13.15 -33.49 100.04
C THR UA 17 -13.80 -32.15 100.30
N ILE UA 18 -15.09 -32.15 100.70
CA ILE UA 18 -15.85 -30.94 100.99
C ILE UA 18 -15.19 -30.12 102.09
N ASN UA 19 -14.81 -30.79 103.19
CA ASN UA 19 -14.13 -30.15 104.32
C ASN UA 19 -12.81 -29.51 103.90
N ASP UA 20 -11.99 -30.23 103.11
CA ASP UA 20 -10.71 -29.72 102.63
C ASP UA 20 -10.86 -28.55 101.67
N ASP UA 21 -11.95 -28.55 100.89
CA ASP UA 21 -12.27 -27.48 99.96
C ASP UA 21 -12.74 -26.24 100.71
N LEU UA 22 -13.56 -26.43 101.75
CA LEU UA 22 -14.05 -25.33 102.56
C LEU UA 22 -12.94 -24.68 103.37
N GLU UA 23 -12.00 -25.50 103.88
CA GLU UA 23 -10.85 -25.04 104.67
C GLU UA 23 -9.85 -24.24 103.83
N ALA UA 24 -9.66 -24.65 102.57
CA ALA UA 24 -8.77 -24.01 101.61
C ALA UA 24 -9.29 -22.64 101.22
N ILE UA 25 -10.62 -22.54 101.10
CA ILE UA 25 -11.32 -21.29 100.77
C ILE UA 25 -11.28 -20.34 101.96
N ASN UA 26 -11.60 -20.85 103.16
CA ASN UA 26 -11.62 -20.07 104.39
C ASN UA 26 -10.23 -19.54 104.78
N SER UA 27 -9.15 -20.26 104.37
CA SER UA 27 -7.76 -19.87 104.62
C SER UA 27 -7.41 -18.61 103.85
N GLU UA 28 -7.92 -18.49 102.63
CA GLU UA 28 -7.72 -17.34 101.75
C GLU UA 28 -8.53 -16.12 102.22
N LEU UA 29 -9.59 -16.35 103.03
CA LEU UA 29 -10.42 -15.26 103.55
C LEU UA 29 -9.75 -14.49 104.69
N THR UA 30 -8.75 -15.11 105.33
CA THR UA 30 -7.99 -14.54 106.45
C THR UA 30 -6.59 -14.05 106.02
N SER UA 31 -5.84 -14.87 105.24
CA SER UA 31 -4.49 -14.56 104.80
C SER UA 31 -4.10 -15.21 103.47
N GLY UA 32 -3.27 -14.50 102.71
CA GLY UA 32 -2.71 -14.97 101.44
C GLY UA 32 -3.68 -15.00 100.28
N GLY UA 33 -3.31 -15.76 99.25
CA GLY UA 33 -4.10 -15.90 98.02
C GLY UA 33 -3.97 -14.69 97.13
N ASN UA 34 -4.98 -14.47 96.25
CA ASN UA 34 -4.98 -13.33 95.33
C ASN UA 34 -6.05 -12.31 95.73
N VAL UA 35 -6.15 -12.07 97.05
CA VAL UA 35 -7.14 -11.16 97.64
C VAL UA 35 -6.53 -10.22 98.69
N VAL UA 36 -6.91 -8.92 98.62
CA VAL UA 36 -6.47 -7.87 99.54
C VAL UA 36 -7.19 -8.06 100.89
N HIS UA 37 -6.42 -8.08 101.99
CA HIS UA 37 -6.91 -8.27 103.36
C HIS UA 37 -6.84 -7.02 104.22
N LYS UA 38 -7.61 -7.02 105.32
CA LYS UA 38 -7.65 -5.92 106.29
C LYS UA 38 -6.43 -5.94 107.22
N THR UA 39 -5.70 -7.06 107.23
CA THR UA 39 -4.50 -7.24 108.06
C THR UA 39 -3.37 -7.90 107.28
N GLY UA 40 -2.14 -7.48 107.58
CA GLY UA 40 -0.93 -8.01 106.95
C GLY UA 40 -0.38 -7.17 105.83
N ASP UA 41 0.93 -7.40 105.53
CA ASP UA 41 1.67 -6.71 104.49
C ASP UA 41 1.50 -7.46 103.16
N GLU UA 42 0.87 -6.80 102.18
CA GLU UA 42 0.56 -7.38 100.88
C GLU UA 42 0.93 -6.44 99.74
N THR UA 43 1.22 -7.04 98.57
CA THR UA 43 1.54 -6.31 97.33
C THR UA 43 0.34 -6.38 96.38
N ILE UA 44 -0.10 -5.20 95.89
CA ILE UA 44 -1.25 -5.03 95.02
C ILE UA 44 -0.82 -4.51 93.64
N ALA UA 45 -1.31 -5.16 92.58
CA ALA UA 45 -1.02 -4.82 91.19
C ALA UA 45 -2.30 -4.50 90.44
N GLY UA 46 -2.21 -3.59 89.48
CA GLY UA 46 -3.35 -3.18 88.66
C GLY UA 46 -3.86 -1.78 88.98
N LYS UA 47 -4.59 -1.20 88.00
CA LYS UA 47 -5.16 0.14 88.11
C LYS UA 47 -6.39 0.14 89.03
N LYS UA 48 -6.20 0.64 90.26
CA LYS UA 48 -7.24 0.71 91.29
C LYS UA 48 -7.85 2.10 91.38
N THR UA 49 -9.17 2.19 91.17
CA THR UA 49 -9.92 3.45 91.19
C THR UA 49 -10.76 3.56 92.45
N PHE UA 50 -10.40 4.49 93.32
CA PHE UA 50 -11.12 4.71 94.57
C PHE UA 50 -12.10 5.87 94.39
N THR UA 51 -13.40 5.55 94.25
CA THR UA 51 -14.46 6.54 94.06
C THR UA 51 -14.79 7.26 95.37
N GLY UA 52 -14.61 6.55 96.49
CA GLY UA 52 -14.84 7.07 97.83
C GLY UA 52 -13.65 7.84 98.38
N ASN UA 53 -13.77 8.32 99.63
CA ASN UA 53 -12.70 9.07 100.30
C ASN UA 53 -11.68 8.13 100.95
N VAL UA 54 -10.39 8.42 100.73
CA VAL UA 54 -9.28 7.61 101.26
C VAL UA 54 -8.58 8.35 102.39
N GLU UA 55 -8.36 7.62 103.51
CA GLU UA 55 -7.69 8.15 104.68
C GLU UA 55 -6.44 7.30 104.96
N VAL UA 56 -5.29 7.96 105.14
CA VAL UA 56 -4.01 7.33 105.43
C VAL UA 56 -3.57 7.83 106.81
N ASN UA 57 -3.32 6.90 107.74
CA ASN UA 57 -2.90 7.20 109.10
C ASN UA 57 -1.38 7.10 109.22
N GLY UA 58 -0.79 6.20 108.42
CA GLY UA 58 0.65 5.99 108.39
C GLY UA 58 1.36 6.96 107.47
N SER UA 59 2.31 6.41 106.68
CA SER UA 59 3.12 7.18 105.73
C SER UA 59 2.84 6.79 104.29
N LEU UA 60 2.68 7.79 103.42
CA LEU UA 60 2.45 7.58 101.98
C LEU UA 60 3.77 7.73 101.24
N THR UA 61 4.21 6.63 100.60
CA THR UA 61 5.47 6.58 99.84
C THR UA 61 5.19 6.72 98.34
N LEU UA 62 5.93 7.63 97.69
CA LEU UA 62 5.81 7.90 96.25
C LEU UA 62 7.21 7.80 95.60
N PRO UA 63 7.29 7.59 94.26
CA PRO UA 63 8.62 7.61 93.60
C PRO UA 63 9.37 8.94 93.76
N THR UA 64 10.61 8.87 94.24
CA THR UA 64 11.44 10.04 94.56
C THR UA 64 12.75 10.07 93.80
N LYS UA 65 13.14 11.27 93.33
CA LYS UA 65 14.39 11.53 92.62
C LYS UA 65 14.90 12.93 92.99
N SER UA 66 16.17 13.01 93.39
CA SER UA 66 16.79 14.27 93.80
C SER UA 66 17.92 14.72 92.87
N TRP UA 67 18.09 16.04 92.71
CA TRP UA 67 19.13 16.66 91.88
C TRP UA 67 19.49 18.05 92.40
N SER UA 68 20.79 18.39 92.36
CA SER UA 68 21.33 19.67 92.78
C SER UA 68 22.52 20.05 91.91
N GLY UA 69 22.57 21.32 91.49
CA GLY UA 69 23.63 21.83 90.65
C GLY UA 69 23.65 23.35 90.54
N GLU UA 70 24.84 23.92 90.27
CA GLU UA 70 25.06 25.35 90.12
C GLU UA 70 24.65 25.78 88.70
N LEU UA 71 23.41 26.32 88.56
CA LEU UA 71 22.82 26.76 87.29
C LEU UA 71 23.66 27.76 86.51
N GLY UA 72 24.23 28.73 87.20
CA GLY UA 72 25.08 29.75 86.60
C GLY UA 72 25.27 30.98 87.47
N GLY UA 73 26.50 31.48 87.49
CA GLY UA 73 26.86 32.66 88.26
C GLY UA 73 26.99 32.45 89.76
N GLY UA 74 26.81 31.22 90.21
CA GLY UA 74 26.91 30.85 91.62
C GLY UA 74 25.58 30.53 92.28
N ILE UA 75 24.50 30.36 91.47
CA ILE UA 75 23.17 30.04 91.97
C ILE UA 75 22.97 28.54 91.90
N ILE UA 76 22.81 27.90 93.08
CA ILE UA 76 22.62 26.45 93.19
C ILE UA 76 21.14 26.16 93.48
N LEU UA 77 20.51 25.35 92.62
CA LEU UA 77 19.12 24.94 92.74
C LEU UA 77 19.01 23.49 93.15
N SER UA 78 18.31 23.24 94.26
CA SER UA 78 18.08 21.91 94.80
C SER UA 78 16.66 21.44 94.47
N LEU UA 79 16.55 20.35 93.70
CA LEU UA 79 15.27 19.80 93.25
C LEU UA 79 14.99 18.42 93.81
N ARG UA 80 13.72 18.14 94.14
CA ARG UA 80 13.26 16.85 94.67
C ARG UA 80 11.88 16.54 94.10
N LYS UA 81 11.82 15.52 93.23
CA LYS UA 81 10.59 15.07 92.56
C LYS UA 81 9.84 14.05 93.40
N LYS UA 82 8.53 14.24 93.55
CA LYS UA 82 7.63 13.37 94.31
C LYS UA 82 6.30 13.22 93.54
N GLY UA 83 6.24 12.16 92.73
CA GLY UA 83 5.07 11.92 91.89
C GLY UA 83 5.01 12.88 90.70
N THR UA 84 4.12 13.89 90.79
CA THR UA 84 3.88 14.89 89.73
C THR UA 84 4.19 16.32 90.21
N THR UA 85 4.89 16.45 91.36
CA THR UA 85 5.28 17.73 91.95
C THR UA 85 6.74 17.73 92.32
N VAL UA 86 7.46 18.76 91.85
CA VAL UA 86 8.89 18.96 92.11
C VAL UA 86 9.08 20.12 93.08
N GLU UA 87 9.80 19.86 94.18
CA GLU UA 87 10.07 20.84 95.24
C GLU UA 87 11.41 21.50 94.96
N TYR UA 88 11.41 22.83 94.80
CA TYR UA 88 12.62 23.61 94.50
C TYR UA 88 13.18 24.34 95.73
N SER UA 89 14.49 24.55 95.74
CA SER UA 89 15.20 25.28 96.80
C SER UA 89 16.38 26.05 96.21
N ILE UA 90 16.28 27.39 96.25
CA ILE UA 90 17.30 28.30 95.72
C ILE UA 90 18.31 28.62 96.83
N GLY UA 91 19.59 28.48 96.49
CA GLY UA 91 20.68 28.75 97.40
C GLY UA 91 21.98 29.13 96.71
N GLY UA 92 22.98 29.44 97.51
CA GLY UA 92 24.30 29.81 97.02
C GLY UA 92 24.64 31.28 97.21
N GLU UA 93 25.53 31.78 96.34
CA GLU UA 93 26.00 33.17 96.36
C GLU UA 93 26.42 33.56 94.94
N ILE UA 94 25.96 34.74 94.48
CA ILE UA 94 26.30 35.26 93.15
C ILE UA 94 27.78 35.71 93.13
N SER UA 95 28.59 35.05 92.29
CA SER UA 95 30.02 35.30 92.13
C SER UA 95 30.33 36.18 90.91
N SER UA 96 29.82 35.77 89.73
CA SER UA 96 30.01 36.49 88.46
C SER UA 96 28.78 37.32 88.09
N SER UA 97 28.98 38.37 87.29
CA SER UA 97 27.93 39.27 86.85
C SER UA 97 26.96 38.58 85.89
N ILE UA 98 25.67 38.54 86.26
CA ILE UA 98 24.59 37.93 85.49
C ILE UA 98 23.74 39.04 84.87
N LEU UA 99 23.62 39.02 83.54
CA LEU UA 99 22.84 40.01 82.78
C LEU UA 99 21.33 39.81 82.96
N ALA UA 100 20.53 40.87 82.73
CA ALA UA 100 19.08 40.84 82.85
C ALA UA 100 18.50 40.08 81.66
N ASN UA 101 17.54 39.17 81.92
CA ASN UA 101 16.89 38.32 80.92
C ASN UA 101 17.87 37.44 80.13
N SER UA 102 18.88 36.89 80.84
CA SER UA 102 19.93 36.05 80.28
C SER UA 102 19.84 34.59 80.71
N ASN UA 103 20.36 33.69 79.88
CA ASN UA 103 20.39 32.26 80.11
C ASN UA 103 21.53 31.83 81.02
N LEU UA 104 21.26 30.85 81.89
CA LEU UA 104 22.23 30.25 82.80
C LEU UA 104 22.74 28.96 82.15
N VAL UA 105 24.00 28.99 81.69
CA VAL UA 105 24.60 27.91 80.91
C VAL UA 105 25.63 27.00 81.63
N ASN UA 106 25.84 27.19 82.94
CA ASN UA 106 26.81 26.40 83.71
C ASN UA 106 26.34 24.96 83.94
N ARG UA 107 25.06 24.80 84.30
CA ARG UA 107 24.43 23.51 84.54
C ARG UA 107 22.96 23.57 84.12
N SER UA 108 22.53 22.60 83.32
CA SER UA 108 21.16 22.53 82.80
C SER UA 108 20.31 21.57 83.63
N VAL UA 109 19.01 21.87 83.74
CA VAL UA 109 18.05 21.05 84.49
C VAL UA 109 17.75 19.75 83.70
N PRO UA 110 17.91 18.55 84.32
CA PRO UA 110 17.63 17.29 83.61
C PRO UA 110 16.18 17.19 83.12
N ASN UA 111 15.98 16.49 81.98
CA ASN UA 111 14.67 16.33 81.34
C ASN UA 111 13.56 15.72 82.22
N GLU UA 112 13.94 14.87 83.19
CA GLU UA 112 13.00 14.24 84.14
C GLU UA 112 12.43 15.22 85.16
N PHE UA 113 13.06 16.42 85.29
CA PHE UA 113 12.67 17.50 86.19
C PHE UA 113 12.04 18.67 85.44
N CYS UA 114 12.20 18.69 84.10
CA CYS UA 114 11.67 19.74 83.22
C CYS UA 114 10.13 19.71 83.14
N PRO UA 115 9.45 20.85 83.39
CA PRO UA 115 7.98 20.88 83.30
C PRO UA 115 7.46 21.05 81.87
N ARG UA 116 6.18 20.71 81.64
CA ARG UA 116 5.51 20.85 80.34
C ARG UA 116 5.28 22.32 80.02
N ASN UA 117 4.85 23.10 81.04
CA ASN UA 117 4.61 24.55 80.96
C ASN UA 117 5.75 25.34 81.65
N ARG UA 118 6.01 26.58 81.18
CA ARG UA 118 7.05 27.45 81.73
C ARG UA 118 6.69 27.93 83.15
N CYS UA 119 7.47 27.50 84.16
CA CYS UA 119 7.23 27.85 85.55
C CYS UA 119 8.17 28.92 86.05
N SER UA 120 7.67 29.84 86.88
CA SER UA 120 8.41 30.94 87.48
C SER UA 120 8.71 30.69 88.96
N LEU UA 121 9.98 30.73 89.36
CA LEU UA 121 10.35 30.49 90.74
C LEU UA 121 10.69 31.81 91.46
N VAL UA 122 9.72 32.36 92.21
CA VAL UA 122 9.88 33.62 92.95
C VAL UA 122 10.84 33.43 94.12
N GLY UA 123 11.85 34.28 94.16
CA GLY UA 123 12.88 34.27 95.19
C GLY UA 123 13.13 35.64 95.81
N HIS UA 124 13.97 35.69 96.87
CA HIS UA 124 14.31 36.92 97.59
C HIS UA 124 15.80 37.04 97.81
N MET UA 125 16.32 38.25 97.65
CA MET UA 125 17.73 38.58 97.83
C MET UA 125 17.99 39.07 99.26
N VAL UA 126 18.96 38.43 99.94
CA VAL UA 126 19.34 38.77 101.31
C VAL UA 126 20.04 40.11 101.34
N GLY UA 127 19.51 41.01 102.17
CA GLY UA 127 20.07 42.35 102.35
C GLY UA 127 19.05 43.45 102.28
N GLY UA 128 18.24 43.44 101.22
CA GLY UA 128 17.19 44.43 100.98
C GLY UA 128 15.84 43.84 100.64
N TRP UA 129 14.98 44.66 100.03
CA TRP UA 129 13.62 44.31 99.60
C TRP UA 129 13.64 43.79 98.14
N ASN UA 130 14.80 43.30 97.68
CA ASN UA 130 15.00 42.84 96.32
C ASN UA 130 14.38 41.47 96.04
N ALA UA 131 13.66 41.34 94.91
CA ALA UA 131 13.02 40.11 94.47
C ALA UA 131 13.47 39.68 93.07
N PHE UA 132 13.45 38.36 92.79
CA PHE UA 132 13.85 37.79 91.51
C PHE UA 132 13.04 36.53 91.19
N HIS UA 133 13.00 36.16 89.90
CA HIS UA 133 12.32 34.94 89.48
C HIS UA 133 13.11 34.25 88.37
N ILE UA 134 13.23 32.92 88.45
CA ILE UA 134 13.94 32.14 87.44
C ILE UA 134 12.94 31.25 86.70
N ASP UA 135 12.91 31.35 85.37
CA ASP UA 135 12.00 30.57 84.55
C ASP UA 135 12.61 29.25 84.12
N ILE UA 136 11.85 28.15 84.22
CA ILE UA 136 12.29 26.82 83.80
C ILE UA 136 11.48 26.41 82.54
N PRO UA 137 12.13 26.38 81.35
CA PRO UA 137 11.38 25.97 80.15
C PRO UA 137 11.33 24.45 79.98
N SER UA 138 10.75 23.98 78.88
CA SER UA 138 10.69 22.54 78.59
C SER UA 138 12.07 21.99 78.21
N SER UA 139 12.97 22.86 77.71
CA SER UA 139 14.33 22.52 77.30
C SER UA 139 15.24 22.19 78.48
N GLY UA 140 15.26 23.08 79.48
CA GLY UA 140 16.06 22.91 80.68
C GLY UA 140 16.99 24.07 81.01
N VAL UA 141 17.27 24.92 80.01
CA VAL UA 141 18.15 26.09 80.17
C VAL UA 141 17.40 27.20 80.89
N CYS UA 142 17.69 27.37 82.19
CA CYS UA 142 17.07 28.39 83.05
C CYS UA 142 17.45 29.80 82.65
N GLN UA 143 16.54 30.76 82.88
CA GLN UA 143 16.75 32.17 82.55
C GLN UA 143 16.56 33.08 83.76
N TRP UA 144 17.51 34.00 83.99
CA TRP UA 144 17.47 34.97 85.08
C TRP UA 144 16.61 36.14 84.62
N PHE UA 145 15.36 36.20 85.08
CA PHE UA 145 14.40 37.24 84.69
C PHE UA 145 14.44 38.53 85.53
N GLY UA 146 15.37 38.59 86.46
CA GLY UA 146 15.59 39.78 87.29
C GLY UA 146 16.52 40.76 86.62
N PRO UA 147 16.92 41.86 87.29
CA PRO UA 147 17.84 42.82 86.65
C PRO UA 147 19.30 42.37 86.72
N THR UA 148 20.22 43.13 86.08
CA THR UA 148 21.66 42.81 86.07
C THR UA 148 22.23 42.88 87.49
N ALA UA 149 22.72 41.74 88.00
CA ALA UA 149 23.32 41.63 89.35
C ALA UA 149 24.68 40.94 89.31
N SER UA 150 25.63 41.40 90.15
CA SER UA 150 26.98 40.88 90.24
C SER UA 150 27.25 40.17 91.57
N SER UA 151 26.57 40.59 92.64
CA SER UA 151 26.69 40.03 93.99
C SER UA 151 25.36 39.98 94.71
N GLY UA 152 25.23 39.03 95.62
CA GLY UA 152 24.03 38.85 96.42
C GLY UA 152 23.75 37.41 96.80
N THR UA 153 22.84 37.20 97.78
CA THR UA 153 22.47 35.86 98.24
C THR UA 153 21.07 35.47 97.74
N PRO UA 154 20.97 34.49 96.80
CA PRO UA 154 19.65 34.06 96.33
C PRO UA 154 19.01 33.00 97.24
N ARG UA 155 17.75 33.23 97.63
CA ARG UA 155 17.00 32.32 98.49
C ARG UA 155 15.55 32.18 98.03
N GLY UA 156 14.96 31.01 98.24
CA GLY UA 156 13.57 30.71 97.88
C GLY UA 156 13.26 29.24 97.85
N THR UA 157 12.22 28.83 98.58
CA THR UA 157 11.77 27.43 98.67
C THR UA 157 10.25 27.32 98.44
N GLY UA 158 9.88 26.38 97.59
CA GLY UA 158 8.48 26.10 97.23
C GLY UA 158 8.30 24.85 96.40
N THR UA 159 7.22 24.83 95.60
CA THR UA 159 6.84 23.73 94.72
C THR UA 159 6.40 24.25 93.37
N TYR UA 160 6.57 23.43 92.33
CA TYR UA 160 6.15 23.76 90.96
C TYR UA 160 5.64 22.51 90.22
N PRO UA 161 4.54 22.66 89.43
CA PRO UA 161 4.02 21.49 88.69
C PRO UA 161 4.92 21.07 87.53
N ILE UA 162 4.86 19.79 87.15
CA ILE UA 162 5.63 19.21 86.05
C ILE UA 162 4.74 18.91 84.81
N ASP UA 163 3.45 18.66 85.04
CA ASP UA 163 2.43 18.34 84.04
C ASP UA 163 1.38 19.44 83.88
N SER UA 164 0.84 19.59 82.65
CA SER UA 164 -0.20 20.57 82.37
C SER UA 164 -1.31 19.99 81.48
N ALA UA 165 -1.01 19.78 80.18
CA ALA UA 165 -1.94 19.27 79.19
C ALA UA 165 -1.70 17.79 78.93
N ALA VA 2 -21.21 -13.98 95.85
CA ALA VA 2 -21.46 -14.99 94.84
C ALA VA 2 -22.87 -15.54 94.94
N SER VA 3 -23.49 -15.82 93.79
CA SER VA 3 -24.85 -16.38 93.75
C SER VA 3 -24.79 -17.89 94.04
N ILE VA 4 -25.19 -18.27 95.26
CA ILE VA 4 -25.16 -19.66 95.71
C ILE VA 4 -26.55 -20.24 95.99
N LYS VA 5 -26.72 -21.55 95.77
CA LYS VA 5 -27.98 -22.26 95.99
C LYS VA 5 -28.01 -22.88 97.39
N LYS VA 6 -29.22 -23.00 97.95
CA LYS VA 6 -29.43 -23.56 99.29
C LYS VA 6 -29.28 -25.07 99.28
N VAL VA 7 -28.56 -25.60 100.28
CA VAL VA 7 -28.32 -27.02 100.49
C VAL VA 7 -29.22 -27.51 101.64
N TYR VA 8 -30.06 -28.51 101.36
CA TYR VA 8 -31.00 -29.05 102.34
C TYR VA 8 -30.99 -30.57 102.34
N ARG VA 9 -31.58 -31.17 103.39
CA ARG VA 9 -31.67 -32.62 103.54
C ARG VA 9 -32.68 -33.20 102.56
N GLY VA 10 -32.29 -34.25 101.86
CA GLY VA 10 -33.13 -34.91 100.87
C GLY VA 10 -33.25 -34.10 99.59
N MET VA 11 -32.12 -33.54 99.16
CA MET VA 11 -32.02 -32.71 97.97
C MET VA 11 -31.67 -33.52 96.74
N LYS VA 12 -32.42 -33.31 95.66
CA LYS VA 12 -32.18 -33.95 94.37
C LYS VA 12 -30.96 -33.29 93.71
N ASN VA 13 -30.00 -34.14 93.30
CA ASN VA 13 -28.70 -33.76 92.72
C ASN VA 13 -27.91 -32.83 93.65
N GLY VA 14 -27.54 -33.37 94.81
CA GLY VA 14 -26.81 -32.69 95.87
C GLY VA 14 -25.34 -32.43 95.55
N ALA VA 15 -24.67 -33.42 94.96
CA ALA VA 15 -23.25 -33.35 94.59
C ALA VA 15 -22.95 -32.19 93.63
N GLU VA 16 -23.83 -31.98 92.64
CA GLU VA 16 -23.71 -30.92 91.64
C GLU VA 16 -23.86 -29.55 92.28
N THR VA 17 -24.85 -29.40 93.18
CA THR VA 17 -25.17 -28.15 93.86
C THR VA 17 -23.99 -27.65 94.67
N ILE VA 18 -23.40 -28.53 95.49
CA ILE VA 18 -22.25 -28.20 96.34
C ILE VA 18 -21.05 -27.77 95.49
N ASN VA 19 -20.74 -28.57 94.45
CA ASN VA 19 -19.63 -28.28 93.54
C ASN VA 19 -19.77 -26.93 92.86
N ASP VA 20 -20.98 -26.62 92.37
CA ASP VA 20 -21.27 -25.37 91.68
C ASP VA 20 -21.18 -24.18 92.62
N ASP VA 21 -21.56 -24.38 93.89
CA ASP VA 21 -21.49 -23.35 94.92
C ASP VA 21 -20.04 -23.06 95.29
N LEU VA 22 -19.22 -24.11 95.41
CA LEU VA 22 -17.80 -24.00 95.74
C LEU VA 22 -17.00 -23.33 94.62
N GLU VA 23 -17.34 -23.68 93.37
CA GLU VA 23 -16.67 -23.13 92.19
C GLU VA 23 -17.00 -21.64 92.01
N ALA VA 24 -18.24 -21.25 92.36
CA ALA VA 24 -18.72 -19.86 92.27
C ALA VA 24 -18.03 -18.98 93.28
N ILE VA 25 -17.79 -19.53 94.48
CA ILE VA 25 -17.12 -18.85 95.58
C ILE VA 25 -15.63 -18.72 95.24
N ASN VA 26 -15.00 -19.82 94.78
CA ASN VA 26 -13.58 -19.85 94.41
C ASN VA 26 -13.23 -18.90 93.25
N SER VA 27 -14.19 -18.70 92.32
CA SER VA 27 -14.04 -17.80 91.17
C SER VA 27 -13.92 -16.35 91.64
N GLU VA 28 -14.70 -15.99 92.68
CA GLU VA 28 -14.70 -14.66 93.26
C GLU VA 28 -13.45 -14.40 94.09
N LEU VA 29 -12.73 -15.46 94.48
CA LEU VA 29 -11.49 -15.35 95.26
C LEU VA 29 -10.30 -14.93 94.40
N THR VA 30 -10.42 -15.10 93.07
CA THR VA 30 -9.37 -14.81 92.10
C THR VA 30 -9.69 -13.56 91.25
N SER VA 31 -10.95 -13.46 90.76
CA SER VA 31 -11.38 -12.35 89.90
C SER VA 31 -12.84 -11.98 90.06
N GLY VA 32 -13.13 -10.70 89.91
CA GLY VA 32 -14.48 -10.14 89.96
C GLY VA 32 -15.11 -10.09 91.33
N GLY VA 33 -16.44 -10.19 91.34
CA GLY VA 33 -17.24 -10.15 92.56
C GLY VA 33 -17.26 -8.78 93.21
N ASN VA 34 -17.40 -8.75 94.54
CA ASN VA 34 -17.45 -7.53 95.34
C ASN VA 34 -16.18 -7.35 96.16
N VAL VA 35 -15.25 -8.31 96.06
CA VAL VA 35 -13.99 -8.27 96.79
C VAL VA 35 -12.82 -7.70 95.95
N VAL VA 36 -11.89 -6.99 96.63
CA VAL VA 36 -10.70 -6.38 96.02
C VAL VA 36 -9.58 -7.43 95.92
N HIS VA 37 -9.01 -7.58 94.72
CA HIS VA 37 -7.96 -8.55 94.42
C HIS VA 37 -6.58 -7.94 94.31
N LYS VA 38 -5.54 -8.79 94.39
CA LYS VA 38 -4.14 -8.39 94.27
C LYS VA 38 -3.73 -8.10 92.81
N THR VA 39 -4.53 -8.60 91.84
CA THR VA 39 -4.28 -8.42 90.42
C THR VA 39 -5.54 -7.99 89.68
N GLY VA 40 -5.35 -7.13 88.67
CA GLY VA 40 -6.41 -6.63 87.82
C GLY VA 40 -6.92 -5.24 88.15
N ASP VA 41 -7.51 -4.58 87.13
CA ASP VA 41 -8.07 -3.23 87.25
C ASP VA 41 -9.46 -3.30 87.86
N GLU VA 42 -9.62 -2.71 89.06
CA GLU VA 42 -10.88 -2.72 89.82
C GLU VA 42 -11.26 -1.34 90.34
N THR VA 43 -12.57 -1.13 90.58
CA THR VA 43 -13.12 0.11 91.12
C THR VA 43 -13.62 -0.14 92.54
N ILE VA 44 -13.15 0.69 93.48
CA ILE VA 44 -13.47 0.59 94.90
C ILE VA 44 -14.26 1.81 95.39
N ALA VA 45 -15.33 1.58 96.13
CA ALA VA 45 -16.19 2.61 96.69
C ALA VA 45 -16.29 2.47 98.21
N GLY VA 46 -16.38 3.62 98.89
CA GLY VA 46 -16.50 3.66 100.35
C GLY VA 46 -15.31 4.31 101.03
N LYS VA 47 -15.50 4.75 102.28
CA LYS VA 47 -14.46 5.40 103.08
C LYS VA 47 -13.45 4.36 103.60
N LYS VA 48 -12.28 4.28 102.91
CA LYS VA 48 -11.21 3.34 103.24
C LYS VA 48 -10.13 4.00 104.09
N THR VA 49 -9.93 3.47 105.31
CA THR VA 49 -8.95 4.01 106.27
C THR VA 49 -7.76 3.07 106.40
N PHE VA 50 -6.59 3.51 105.96
CA PHE VA 50 -5.36 2.74 106.02
C PHE VA 50 -4.56 3.15 107.26
N THR VA 51 -4.53 2.27 108.27
CA THR VA 51 -3.79 2.52 109.51
C THR VA 51 -2.28 2.29 109.35
N GLY VA 52 -1.93 1.42 108.39
CA GLY VA 52 -0.55 1.08 108.06
C GLY VA 52 0.12 2.07 107.13
N ASN VA 53 1.26 1.67 106.56
CA ASN VA 53 2.02 2.50 105.63
C ASN VA 53 1.70 2.14 104.18
N VAL VA 54 1.24 3.13 103.39
CA VAL VA 54 0.87 2.96 101.99
C VAL VA 54 2.08 3.29 101.09
N GLU VA 55 2.37 2.40 100.13
CA GLU VA 55 3.46 2.58 99.19
C GLU VA 55 2.92 2.53 97.77
N VAL VA 56 3.22 3.56 96.97
CA VAL VA 56 2.80 3.66 95.56
C VAL VA 56 4.05 3.66 94.67
N ASN VA 57 4.08 2.74 93.70
CA ASN VA 57 5.18 2.59 92.76
C ASN VA 57 4.82 3.19 91.40
N GLY VA 58 3.53 3.17 91.07
CA GLY VA 58 3.00 3.71 89.84
C GLY VA 58 2.74 5.20 89.93
N SER VA 59 1.53 5.61 89.50
CA SER VA 59 1.12 7.01 89.51
C SER VA 59 -0.14 7.23 90.34
N LEU VA 60 -0.14 8.30 91.13
CA LEU VA 60 -1.29 8.67 91.96
C LEU VA 60 -2.07 9.79 91.25
N THR VA 61 -3.36 9.53 91.01
CA THR VA 61 -4.26 10.45 90.32
C THR VA 61 -5.27 11.03 91.32
N LEU VA 62 -5.43 12.35 91.29
CA LEU VA 62 -6.37 13.06 92.16
C LEU VA 62 -7.38 13.85 91.30
N PRO VA 63 -8.58 14.27 91.82
CA PRO VA 63 -9.53 15.04 90.98
C PRO VA 63 -8.90 16.29 90.38
N THR VA 64 -8.89 16.42 89.04
CA THR VA 64 -8.24 17.56 88.36
C THR VA 64 -9.23 18.44 87.59
N LYS VA 65 -9.09 19.76 87.75
CA LYS VA 65 -9.88 20.78 87.04
C LYS VA 65 -8.97 21.96 86.74
N SER VA 66 -9.02 22.44 85.49
CA SER VA 66 -8.20 23.56 85.05
C SER VA 66 -9.03 24.80 84.71
N TRP VA 67 -8.46 25.99 84.97
CA TRP VA 67 -9.09 27.28 84.71
C TRP VA 67 -8.04 28.33 84.39
N SER VA 68 -8.33 29.22 83.43
CA SER VA 68 -7.46 30.32 83.01
C SER VA 68 -8.29 31.51 82.55
N GLY VA 69 -7.91 32.69 82.99
CA GLY VA 69 -8.60 33.93 82.64
C GLY VA 69 -7.92 35.18 83.15
N GLU VA 70 -8.15 36.31 82.45
CA GLU VA 70 -7.58 37.62 82.76
C GLU VA 70 -8.34 38.25 83.93
N LEU VA 71 -7.70 38.31 85.11
CA LEU VA 71 -8.30 38.84 86.35
C LEU VA 71 -8.62 40.32 86.27
N GLY VA 72 -7.72 41.10 85.69
CA GLY VA 72 -7.88 42.54 85.54
C GLY VA 72 -6.59 43.25 85.22
N GLY VA 73 -6.65 44.17 84.26
CA GLY VA 73 -5.52 44.98 83.84
C GLY VA 73 -4.55 44.30 82.90
N GLY VA 74 -4.82 43.05 82.56
CA GLY VA 74 -3.99 42.28 81.65
C GLY VA 74 -3.24 41.13 82.32
N ILE VA 75 -3.58 40.85 83.60
CA ILE VA 75 -2.95 39.77 84.37
C ILE VA 75 -3.78 38.49 84.25
N ILE VA 76 -3.21 37.47 83.62
CA ILE VA 76 -3.85 36.18 83.39
C ILE VA 76 -3.33 35.16 84.40
N LEU VA 77 -4.25 34.57 85.17
CA LEU VA 77 -3.91 33.55 86.17
C LEU VA 77 -4.37 32.17 85.71
N SER VA 78 -3.45 31.20 85.72
CA SER VA 78 -3.72 29.82 85.33
C SER VA 78 -3.80 28.94 86.59
N LEU VA 79 -4.98 28.39 86.84
CA LEU VA 79 -5.25 27.56 88.02
C LEU VA 79 -5.50 26.13 87.62
N ARG VA 80 -4.92 25.18 88.39
CA ARG VA 80 -5.06 23.74 88.22
C ARG VA 80 -5.23 23.08 89.60
N LYS VA 81 -6.46 22.61 89.88
CA LYS VA 81 -6.80 21.97 91.16
C LYS VA 81 -6.35 20.52 91.18
N LYS VA 82 -5.65 20.15 92.26
CA LYS VA 82 -5.21 18.78 92.51
C LYS VA 82 -5.56 18.39 93.93
N GLY VA 83 -6.81 17.95 94.01
CA GLY VA 83 -7.49 17.55 95.23
C GLY VA 83 -7.74 18.73 96.14
N THR VA 84 -6.94 18.82 97.21
CA THR VA 84 -7.02 19.83 98.25
C THR VA 84 -6.05 20.99 98.01
N THR VA 85 -5.17 20.86 97.01
CA THR VA 85 -4.19 21.90 96.71
C THR VA 85 -4.32 22.37 95.26
N VAL VA 86 -4.40 23.71 95.08
CA VAL VA 86 -4.54 24.36 93.77
C VAL VA 86 -3.21 24.99 93.34
N GLU VA 87 -2.77 24.64 92.13
CA GLU VA 87 -1.52 25.11 91.54
C GLU VA 87 -1.80 26.38 90.74
N TYR VA 88 -1.11 27.48 91.07
CA TYR VA 88 -1.30 28.77 90.39
C TYR VA 88 -0.14 29.10 89.47
N SER VA 89 -0.42 29.90 88.42
CA SER VA 89 0.57 30.38 87.45
C SER VA 89 0.19 31.78 86.97
N ILE VA 90 1.02 32.78 87.31
CA ILE VA 90 0.80 34.17 86.94
C ILE VA 90 1.51 34.47 85.63
N GLY VA 91 0.79 35.11 84.71
CA GLY VA 91 1.32 35.47 83.41
C GLY VA 91 0.58 36.62 82.75
N GLY VA 92 1.06 37.01 81.57
CA GLY VA 92 0.47 38.08 80.78
C GLY VA 92 1.31 39.34 80.78
N GLU VA 93 0.63 40.50 80.58
CA GLU VA 93 1.24 41.83 80.55
C GLU VA 93 0.25 42.88 81.02
N ILE VA 94 0.68 43.76 81.93
CA ILE VA 94 -0.16 44.86 82.45
C ILE VA 94 -0.34 45.94 81.36
N SER VA 95 -1.60 46.08 80.88
CA SER VA 95 -1.98 47.02 79.83
C SER VA 95 -2.55 48.33 80.40
N SER VA 96 -3.58 48.23 81.26
CA SER VA 96 -4.24 49.37 81.90
C SER VA 96 -3.71 49.60 83.31
N SER VA 97 -3.85 50.84 83.81
CA SER VA 97 -3.40 51.23 85.15
C SER VA 97 -4.24 50.58 86.25
N ILE VA 98 -3.57 49.83 87.14
CA ILE VA 98 -4.19 49.16 88.27
C ILE VA 98 -3.79 49.90 89.54
N LEU VA 99 -4.78 50.37 90.30
CA LEU VA 99 -4.59 51.12 91.54
C LEU VA 99 -4.06 50.25 92.68
N ALA VA 100 -3.42 50.89 93.69
CA ALA VA 100 -2.89 50.20 94.87
C ALA VA 100 -4.04 49.80 95.78
N ASN VA 101 -4.04 48.53 96.25
CA ASN VA 101 -5.07 47.92 97.11
C ASN VA 101 -6.49 47.99 96.49
N SER VA 102 -6.55 47.75 95.16
CA SER VA 102 -7.81 47.78 94.40
C SER VA 102 -8.24 46.39 93.96
N ASN VA 103 -9.56 46.24 93.71
CA ASN VA 103 -10.17 44.99 93.27
C ASN VA 103 -10.10 44.80 91.75
N LEU VA 104 -9.78 43.55 91.33
CA LEU VA 104 -9.72 43.17 89.92
C LEU VA 104 -11.13 42.71 89.52
N VAL VA 105 -11.77 43.50 88.64
CA VAL VA 105 -13.17 43.31 88.24
C VAL VA 105 -13.42 42.66 86.85
N ASN VA 106 -12.36 42.38 86.07
CA ASN VA 106 -12.48 41.80 84.72
C ASN VA 106 -13.07 40.41 84.74
N ARG VA 107 -12.47 39.52 85.54
CA ARG VA 107 -12.92 38.14 85.71
C ARG VA 107 -12.63 37.66 87.11
N SER VA 108 -13.63 37.02 87.72
CA SER VA 108 -13.58 36.50 89.09
C SER VA 108 -13.26 35.02 89.11
N VAL VA 109 -12.54 34.58 90.16
CA VAL VA 109 -12.14 33.18 90.34
C VAL VA 109 -13.37 32.33 90.69
N PRO VA 110 -13.64 31.21 89.95
CA PRO VA 110 -14.81 30.37 90.27
C PRO VA 110 -14.77 29.80 91.69
N ASN VA 111 -15.95 29.59 92.29
CA ASN VA 111 -16.11 29.10 93.66
C ASN VA 111 -15.41 27.77 93.97
N GLU VA 112 -15.28 26.88 92.95
CA GLU VA 112 -14.61 25.59 93.08
C GLU VA 112 -13.08 25.70 93.27
N PHE VA 113 -12.52 26.88 92.92
CA PHE VA 113 -11.10 27.22 93.02
C PHE VA 113 -10.83 28.18 94.19
N CYS VA 114 -11.91 28.75 94.76
CA CYS VA 114 -11.86 29.69 95.89
C CYS VA 114 -11.50 29.00 97.23
N PRO VA 115 -10.47 29.51 97.95
CA PRO VA 115 -10.13 28.92 99.26
C PRO VA 115 -11.00 29.45 100.41
N ARG VA 116 -11.01 28.73 101.57
CA ARG VA 116 -11.78 29.13 102.75
C ARG VA 116 -11.20 30.40 103.39
N ASN VA 117 -9.85 30.49 103.40
CA ASN VA 117 -9.10 31.63 103.95
C ASN VA 117 -8.44 32.46 102.85
N ARG VA 118 -8.02 33.70 103.17
CA ARG VA 118 -7.35 34.60 102.23
C ARG VA 118 -5.90 34.11 101.96
N CYS VA 119 -5.59 33.82 100.68
CA CYS VA 119 -4.28 33.33 100.26
C CYS VA 119 -3.53 34.38 99.46
N SER VA 120 -2.25 34.59 99.80
CA SER VA 120 -1.38 35.56 99.15
C SER VA 120 -0.45 34.86 98.15
N LEU VA 121 -0.53 35.25 96.88
CA LEU VA 121 0.31 34.65 95.84
C LEU VA 121 1.43 35.62 95.45
N VAL VA 122 2.64 35.37 95.98
CA VAL VA 122 3.82 36.21 95.74
C VAL VA 122 4.32 36.03 94.30
N GLY VA 123 4.55 37.15 93.62
CA GLY VA 123 5.05 37.21 92.26
C GLY VA 123 6.21 38.18 92.09
N HIS VA 124 6.83 38.16 90.89
CA HIS VA 124 7.98 39.02 90.57
C HIS VA 124 7.81 39.69 89.20
N MET VA 125 8.12 40.97 89.13
CA MET VA 125 8.03 41.79 87.92
C MET VA 125 9.33 41.70 87.13
N VAL VA 126 9.20 41.37 85.83
CA VAL VA 126 10.34 41.22 84.93
C VAL VA 126 11.02 42.59 84.68
N GLY VA 127 12.33 42.64 84.93
CA GLY VA 127 13.13 43.83 84.70
C GLY VA 127 13.79 44.44 85.90
N GLY VA 128 13.14 44.34 87.06
CA GLY VA 128 13.65 44.90 88.31
C GLY VA 128 13.50 44.01 89.52
N TRP VA 129 13.75 44.58 90.71
CA TRP VA 129 13.65 43.89 92.01
C TRP VA 129 12.22 44.08 92.59
N ASN VA 130 11.23 44.18 91.71
CA ASN VA 130 9.84 44.44 92.09
C ASN VA 130 9.05 43.16 92.39
N ALA VA 131 8.31 43.16 93.50
CA ALA VA 131 7.47 42.05 93.96
C ALA VA 131 6.02 42.50 94.16
N PHE VA 132 5.10 41.54 94.05
CA PHE VA 132 3.67 41.78 94.22
C PHE VA 132 2.96 40.55 94.76
N HIS VA 133 1.81 40.75 95.41
CA HIS VA 133 1.00 39.67 95.92
C HIS VA 133 -0.47 39.93 95.63
N ILE VA 134 -1.21 38.88 95.25
CA ILE VA 134 -2.63 38.95 94.95
C ILE VA 134 -3.41 38.12 95.96
N ASP VA 135 -4.38 38.74 96.63
CA ASP VA 135 -5.19 38.08 97.63
C ASP VA 135 -6.49 37.53 97.03
N ILE VA 136 -6.81 36.26 97.33
CA ILE VA 136 -8.00 35.60 96.83
C ILE VA 136 -8.91 35.23 98.01
N PRO VA 137 -10.10 35.86 98.12
CA PRO VA 137 -11.01 35.52 99.22
C PRO VA 137 -11.97 34.40 98.83
N SER VA 138 -12.98 34.15 99.68
CA SER VA 138 -13.98 33.13 99.43
C SER VA 138 -14.97 33.56 98.33
N SER VA 139 -15.07 34.89 98.07
CA SER VA 139 -15.96 35.47 97.07
C SER VA 139 -15.46 35.22 95.65
N GLY VA 140 -14.17 35.49 95.40
CA GLY VA 140 -13.56 35.30 94.10
C GLY VA 140 -12.95 36.55 93.50
N VAL VA 141 -13.34 37.71 94.02
CA VAL VA 141 -12.85 39.02 93.56
C VAL VA 141 -11.43 39.24 94.09
N CYS VA 142 -10.44 39.10 93.20
CA CYS VA 142 -9.02 39.25 93.50
C CYS VA 142 -8.66 40.70 93.79
N GLN VA 143 -7.61 40.90 94.59
CA GLN VA 143 -7.14 42.24 94.95
C GLN VA 143 -5.65 42.40 94.72
N TRP VA 144 -5.27 43.42 93.96
CA TRP VA 144 -3.88 43.76 93.69
C TRP VA 144 -3.35 44.57 94.87
N PHE VA 145 -2.50 43.97 95.71
CA PHE VA 145 -1.94 44.62 96.90
C PHE VA 145 -0.60 45.33 96.70
N GLY VA 146 -0.15 45.39 95.45
CA GLY VA 146 1.08 46.09 95.11
C GLY VA 146 0.85 47.58 94.87
N PRO VA 147 1.86 48.33 94.41
CA PRO VA 147 1.66 49.76 94.16
C PRO VA 147 0.92 50.03 92.86
N THR VA 148 0.57 51.30 92.59
CA THR VA 148 -0.14 51.68 91.38
C THR VA 148 0.77 51.49 90.15
N ALA VA 149 0.51 50.40 89.38
CA ALA VA 149 1.29 50.05 88.19
C ALA VA 149 0.43 50.10 86.93
N SER VA 150 1.03 50.56 85.82
CA SER VA 150 0.36 50.69 84.53
C SER VA 150 0.98 49.77 83.47
N SER VA 151 2.27 49.42 83.65
CA SER VA 151 3.02 48.56 82.74
C SER VA 151 3.97 47.62 83.49
N GLY VA 152 4.22 46.45 82.91
CA GLY VA 152 5.11 45.44 83.48
C GLY VA 152 4.67 44.02 83.22
N THR VA 153 5.61 43.06 83.36
CA THR VA 153 5.33 41.63 83.14
C THR VA 153 5.17 40.87 84.47
N PRO VA 154 3.94 40.40 84.79
CA PRO VA 154 3.75 39.64 86.05
C PRO VA 154 4.06 38.15 85.88
N ARG VA 155 4.87 37.58 86.80
CA ARG VA 155 5.23 36.16 86.77
C ARG VA 155 5.24 35.56 88.17
N GLY VA 156 4.92 34.27 88.27
CA GLY VA 156 4.88 33.55 89.55
C GLY VA 156 4.15 32.23 89.48
N THR VA 157 4.81 31.15 89.96
CA THR VA 157 4.26 29.79 89.95
C THR VA 157 4.49 29.13 91.32
N GLY VA 158 3.45 28.49 91.83
CA GLY VA 158 3.46 27.79 93.11
C GLY VA 158 2.18 27.02 93.39
N THR VA 159 1.90 26.83 94.70
CA THR VA 159 0.71 26.12 95.18
C THR VA 159 0.08 26.85 96.37
N TYR VA 160 -1.24 26.75 96.50
CA TYR VA 160 -2.02 27.33 97.61
C TYR VA 160 -3.12 26.33 98.02
N PRO VA 161 -3.45 26.16 99.32
CA PRO VA 161 -4.45 25.15 99.68
C PRO VA 161 -5.90 25.57 99.61
N ILE VA 162 -6.78 24.58 99.45
CA ILE VA 162 -8.22 24.84 99.36
C ILE VA 162 -8.75 24.93 100.78
N ASP VA 163 -8.30 24.00 101.63
CA ASP VA 163 -8.73 23.97 103.03
C ASP VA 163 -7.75 24.24 104.16
N ALA WA 2 -73.74 60.85 -54.12
CA ALA WA 2 -74.19 60.39 -55.45
C ALA WA 2 -75.71 60.44 -55.58
N SER WA 3 -76.21 60.76 -56.78
CA SER WA 3 -77.65 60.79 -57.03
C SER WA 3 -78.15 59.35 -57.28
N ILE WA 4 -78.90 58.81 -56.31
CA ILE WA 4 -79.41 57.44 -56.36
C ILE WA 4 -80.93 57.37 -56.30
N LYS WA 5 -81.51 56.36 -56.97
CA LYS WA 5 -82.95 56.12 -56.99
C LYS WA 5 -83.35 55.22 -55.82
N LYS WA 6 -84.57 55.43 -55.32
CA LYS WA 6 -85.10 54.66 -54.21
C LYS WA 6 -85.55 53.27 -54.66
N VAL WA 7 -85.19 52.25 -53.87
CA VAL WA 7 -85.55 50.84 -54.09
C VAL WA 7 -86.72 50.47 -53.16
N TYR WA 8 -87.81 49.95 -53.73
CA TYR WA 8 -89.02 49.58 -52.99
C TYR WA 8 -89.61 48.30 -53.54
N ARG WA 9 -90.50 47.67 -52.76
CA ARG WA 9 -91.22 46.45 -53.11
C ARG WA 9 -92.25 46.73 -54.22
N GLY WA 10 -92.20 45.91 -55.27
CA GLY WA 10 -93.08 46.03 -56.43
C GLY WA 10 -92.63 47.10 -57.39
N MET WA 11 -91.32 47.30 -57.46
CA MET WA 11 -90.71 48.30 -58.31
C MET WA 11 -90.59 47.76 -59.73
N LYS WA 12 -90.96 48.59 -60.71
CA LYS WA 12 -90.85 48.23 -62.12
C LYS WA 12 -89.40 48.40 -62.54
N ASN WA 13 -88.86 47.34 -63.14
CA ASN WA 13 -87.45 47.21 -63.56
C ASN WA 13 -86.47 47.52 -62.41
N GLY WA 14 -86.46 46.63 -61.41
CA GLY WA 14 -85.62 46.74 -60.23
C GLY WA 14 -84.17 46.39 -60.44
N ALA WA 15 -83.88 45.39 -61.28
CA ALA WA 15 -82.51 44.95 -61.57
C ALA WA 15 -81.64 46.07 -62.17
N GLU WA 16 -82.22 46.86 -63.08
CA GLU WA 16 -81.55 47.97 -63.72
C GLU WA 16 -81.30 49.10 -62.71
N THR WA 17 -82.29 49.35 -61.83
CA THR WA 17 -82.26 50.41 -60.83
C THR WA 17 -81.11 50.23 -59.86
N ILE WA 18 -80.97 49.02 -59.30
CA ILE WA 18 -79.90 48.67 -58.34
C ILE WA 18 -78.53 48.79 -59.00
N ASN WA 19 -78.40 48.24 -60.23
CA ASN WA 19 -77.16 48.28 -60.99
C ASN WA 19 -76.69 49.70 -61.24
N ASP WA 20 -77.61 50.59 -61.61
CA ASP WA 20 -77.32 51.99 -61.88
C ASP WA 20 -76.91 52.73 -60.61
N ASP WA 21 -77.51 52.34 -59.46
CA ASP WA 21 -77.22 52.93 -58.15
C ASP WA 21 -75.85 52.50 -57.67
N LEU WA 22 -75.50 51.23 -57.89
CA LEU WA 22 -74.20 50.69 -57.50
C LEU WA 22 -73.06 51.29 -58.34
N GLU WA 23 -73.33 51.51 -59.64
CA GLU WA 23 -72.36 52.09 -60.57
C GLU WA 23 -72.12 53.57 -60.29
N ALA WA 24 -73.17 54.29 -59.85
CA ALA WA 24 -73.13 55.71 -59.50
C ALA WA 24 -72.31 55.95 -58.24
N ILE WA 25 -72.42 55.02 -57.28
CA ILE WA 25 -71.69 55.05 -56.02
C ILE WA 25 -70.22 54.70 -56.28
N ASN WA 26 -69.97 53.63 -57.04
CA ASN WA 26 -68.62 53.18 -57.40
C ASN WA 26 -67.82 54.22 -58.22
N SER WA 27 -68.54 55.04 -59.02
CA SER WA 27 -67.94 56.11 -59.83
C SER WA 27 -67.37 57.20 -58.93
N GLU WA 28 -68.08 57.51 -57.84
CA GLU WA 28 -67.69 58.50 -56.84
C GLU WA 28 -66.53 58.02 -55.96
N LEU WA 29 -66.34 56.68 -55.87
CA LEU WA 29 -65.27 56.08 -55.07
C LEU WA 29 -63.89 56.23 -55.74
N THR WA 30 -63.88 56.50 -57.07
CA THR WA 30 -62.67 56.66 -57.86
C THR WA 30 -62.40 58.13 -58.25
N SER WA 31 -63.46 58.85 -58.69
CA SER WA 31 -63.35 60.25 -59.13
C SER WA 31 -64.61 61.08 -58.85
N GLY WA 32 -64.39 62.35 -58.54
CA GLY WA 32 -65.44 63.34 -58.30
C GLY WA 32 -66.20 63.17 -57.01
N GLY WA 33 -67.45 63.63 -57.03
CA GLY WA 33 -68.35 63.57 -55.88
C GLY WA 33 -68.01 64.57 -54.80
N ASN WA 34 -68.21 64.17 -53.53
CA ASN WA 34 -67.93 65.00 -52.37
C ASN WA 34 -66.83 64.41 -51.48
N VAL WA 35 -66.08 63.43 -52.01
CA VAL WA 35 -64.99 62.76 -51.29
C VAL WA 35 -63.61 63.08 -51.84
N VAL WA 36 -62.62 63.16 -50.95
CA VAL WA 36 -61.24 63.45 -51.31
C VAL WA 36 -60.56 62.16 -51.78
N HIS WA 37 -59.99 62.18 -52.99
CA HIS WA 37 -59.33 61.04 -53.61
C HIS WA 37 -57.81 61.11 -53.56
N LYS WA 38 -57.16 59.95 -53.72
CA LYS WA 38 -55.71 59.80 -53.75
C LYS WA 38 -55.14 60.23 -55.11
N THR WA 39 -56.01 60.45 -56.11
CA THR WA 39 -55.65 60.85 -57.46
C THR WA 39 -56.56 61.97 -57.97
N GLY WA 40 -55.97 62.92 -58.70
CA GLY WA 40 -56.68 64.04 -59.30
C GLY WA 40 -56.65 65.32 -58.48
N ASP WA 41 -56.90 66.46 -59.17
CA ASP WA 41 -56.93 67.80 -58.57
C ASP WA 41 -58.33 68.08 -58.03
N GLU WA 42 -58.43 68.32 -56.72
CA GLU WA 42 -59.71 68.55 -56.04
C GLU WA 42 -59.67 69.74 -55.07
N THR WA 43 -60.84 70.36 -54.81
CA THR WA 43 -61.00 71.48 -53.87
C THR WA 43 -61.68 70.99 -52.60
N ILE WA 44 -61.09 71.28 -51.44
CA ILE WA 44 -61.56 70.87 -50.12
C ILE WA 44 -61.95 72.09 -49.28
N ALA WA 45 -63.12 72.02 -48.62
CA ALA WA 45 -63.64 73.09 -47.76
C ALA WA 45 -63.90 72.55 -46.35
N GLY WA 46 -63.76 73.43 -45.34
CA GLY WA 46 -63.99 73.08 -43.94
C GLY WA 46 -62.71 72.94 -43.13
N LYS WA 47 -62.85 72.98 -41.79
CA LYS WA 47 -61.73 72.86 -40.85
C LYS WA 47 -61.23 71.41 -40.77
N LYS WA 48 -60.05 71.15 -41.37
CA LYS WA 48 -59.43 69.83 -41.41
C LYS WA 48 -58.30 69.73 -40.38
N THR WA 49 -58.52 68.95 -39.31
CA THR WA 49 -57.55 68.76 -38.23
C THR WA 49 -56.76 67.45 -38.41
N PHE WA 50 -55.47 67.56 -38.75
CA PHE WA 50 -54.57 66.43 -38.95
C PHE WA 50 -53.82 66.13 -37.66
N THR WA 51 -54.23 65.07 -36.97
CA THR WA 51 -53.61 64.64 -35.70
C THR WA 51 -52.27 63.94 -35.96
N GLY WA 52 -52.15 63.32 -37.13
CA GLY WA 52 -50.94 62.62 -37.56
C GLY WA 52 -49.91 63.52 -38.21
N ASN WA 53 -48.91 62.90 -38.85
CA ASN WA 53 -47.82 63.60 -39.53
C ASN WA 53 -48.14 63.86 -41.00
N VAL WA 54 -47.92 65.10 -41.46
CA VAL WA 54 -48.19 65.51 -42.84
C VAL WA 54 -46.87 65.68 -43.60
N GLU WA 55 -46.78 65.06 -44.77
CA GLU WA 55 -45.61 65.15 -45.63
C GLU WA 55 -46.01 65.70 -47.00
N VAL WA 56 -45.33 66.77 -47.44
CA VAL WA 56 -45.58 67.42 -48.74
C VAL WA 56 -44.32 67.29 -49.59
N ASN WA 57 -44.50 66.71 -50.79
CA ASN WA 57 -43.43 66.50 -51.77
C ASN WA 57 -43.42 67.62 -52.81
N GLY WA 58 -44.59 68.21 -53.04
CA GLY WA 58 -44.77 69.32 -53.98
C GLY WA 58 -44.50 70.67 -53.34
N SER WA 59 -45.32 71.67 -53.69
CA SER WA 59 -45.16 73.03 -53.17
C SER WA 59 -46.37 73.45 -52.33
N LEU WA 60 -46.11 74.10 -51.20
CA LEU WA 60 -47.13 74.60 -50.29
C LEU WA 60 -47.42 76.08 -50.56
N THR WA 61 -48.70 76.42 -50.78
CA THR WA 61 -49.13 77.79 -51.06
C THR WA 61 -49.96 78.35 -49.91
N LEU WA 62 -49.68 79.60 -49.50
CA LEU WA 62 -50.37 80.27 -48.39
C LEU WA 62 -50.87 81.67 -48.79
N PRO WA 63 -51.88 82.25 -48.07
CA PRO WA 63 -52.35 83.61 -48.42
C PRO WA 63 -51.24 84.64 -48.36
N THR WA 64 -51.15 85.44 -49.44
CA THR WA 64 -50.13 86.46 -49.59
C THR WA 64 -50.72 87.85 -49.83
N LYS WA 65 -50.20 88.84 -49.10
CA LYS WA 65 -50.59 90.26 -49.21
C LYS WA 65 -49.33 91.11 -49.08
N SER WA 66 -49.10 92.00 -50.05
CA SER WA 66 -47.91 92.85 -50.09
C SER WA 66 -48.21 94.31 -49.82
N TRP WA 67 -47.24 95.02 -49.22
CA TRP WA 67 -47.31 96.46 -48.91
C TRP WA 67 -45.93 97.09 -48.95
N SER WA 68 -45.84 98.29 -49.51
CA SER WA 68 -44.60 99.06 -49.61
C SER WA 68 -44.90 100.54 -49.49
N GLY WA 69 -44.08 101.25 -48.72
CA GLY WA 69 -44.22 102.68 -48.49
C GLY WA 69 -43.11 103.27 -47.64
N GLU WA 70 -42.87 104.58 -47.81
CA GLU WA 70 -41.85 105.34 -47.07
C GLU WA 70 -42.36 105.64 -45.66
N LEU WA 71 -41.70 105.06 -44.65
CA LEU WA 71 -42.06 105.26 -43.24
C LEU WA 71 -41.77 106.67 -42.73
N GLY WA 72 -40.62 107.22 -43.12
CA GLY WA 72 -40.20 108.55 -42.73
C GLY WA 72 -38.75 108.85 -43.03
N GLY WA 73 -38.53 109.90 -43.82
CA GLY WA 73 -37.19 110.36 -44.20
C GLY WA 73 -36.45 109.46 -45.16
N GLY WA 74 -37.13 109.06 -46.24
CA GLY WA 74 -36.55 108.21 -47.29
C GLY WA 74 -36.32 106.76 -46.95
N ILE WA 75 -36.94 106.26 -45.85
CA ILE WA 75 -36.81 104.88 -45.41
C ILE WA 75 -38.04 104.10 -45.87
N ILE WA 76 -37.87 103.28 -46.92
CA ILE WA 76 -38.95 102.49 -47.52
C ILE WA 76 -38.89 101.06 -47.00
N LEU WA 77 -40.00 100.58 -46.43
CA LEU WA 77 -40.13 99.22 -45.89
C LEU WA 77 -41.09 98.40 -46.75
N SER WA 78 -40.60 97.25 -47.23
CA SER WA 78 -41.38 96.32 -48.05
C SER WA 78 -41.84 95.16 -47.18
N LEU WA 79 -43.16 95.02 -47.03
CA LEU WA 79 -43.76 93.99 -46.20
C LEU WA 79 -44.56 92.99 -47.02
N ARG WA 80 -44.52 91.72 -46.63
CA ARG WA 80 -45.27 90.65 -47.27
C ARG WA 80 -45.70 89.61 -46.25
N LYS WA 81 -47.00 89.39 -46.18
CA LYS WA 81 -47.67 88.46 -45.29
C LYS WA 81 -47.68 87.03 -45.86
N LYS WA 82 -47.37 86.03 -45.01
CA LYS WA 82 -47.45 84.61 -45.34
C LYS WA 82 -48.05 83.82 -44.18
N GLY WA 83 -49.37 83.92 -44.05
CA GLY WA 83 -50.11 83.28 -42.98
C GLY WA 83 -49.98 84.00 -41.65
N THR WA 84 -49.05 83.52 -40.79
CA THR WA 84 -48.80 84.07 -39.45
C THR WA 84 -47.41 84.73 -39.30
N THR WA 85 -46.66 84.78 -40.41
CA THR WA 85 -45.32 85.37 -40.44
C THR WA 85 -45.22 86.41 -41.55
N VAL WA 86 -44.74 87.60 -41.21
CA VAL WA 86 -44.59 88.71 -42.16
C VAL WA 86 -43.10 88.91 -42.45
N GLU WA 87 -42.75 88.94 -43.75
CA GLU WA 87 -41.38 89.14 -44.22
C GLU WA 87 -41.13 90.63 -44.47
N TYR WA 88 -40.10 91.19 -43.83
CA TYR WA 88 -39.74 92.60 -43.97
C TYR WA 88 -38.48 92.81 -44.79
N SER WA 89 -38.39 93.97 -45.47
CA SER WA 89 -37.24 94.35 -46.27
C SER WA 89 -37.04 95.86 -46.19
N ILE WA 90 -35.91 96.28 -45.63
CA ILE WA 90 -35.56 97.70 -45.47
C ILE WA 90 -34.73 98.18 -46.67
N GLY WA 91 -35.17 99.28 -47.27
CA GLY WA 91 -34.52 99.86 -48.44
C GLY WA 91 -34.58 101.38 -48.46
N GLY WA 92 -34.11 101.95 -49.57
CA GLY WA 92 -34.09 103.39 -49.78
C GLY WA 92 -32.80 104.04 -49.30
N GLU WA 93 -32.88 105.36 -49.04
CA GLU WA 93 -31.76 106.18 -48.56
C GLU WA 93 -32.31 107.34 -47.72
N ILE WA 94 -31.67 107.60 -46.57
CA ILE WA 94 -32.06 108.66 -45.63
C ILE WA 94 -31.82 110.05 -46.23
N SER WA 95 -32.90 110.83 -46.41
CA SER WA 95 -32.87 112.16 -46.99
C SER WA 95 -32.92 113.25 -45.90
N SER WA 96 -33.96 113.23 -45.06
CA SER WA 96 -34.15 114.20 -43.96
C SER WA 96 -33.59 113.68 -42.63
N SER WA 97 -33.47 114.56 -41.63
CA SER WA 97 -32.95 114.20 -40.31
C SER WA 97 -34.01 113.58 -39.42
N ILE WA 98 -33.73 112.35 -38.95
CA ILE WA 98 -34.61 111.58 -38.04
C ILE WA 98 -33.95 111.56 -36.67
N LEU WA 99 -34.68 112.08 -35.66
CA LEU WA 99 -34.24 112.17 -34.27
C LEU WA 99 -34.12 110.81 -33.60
N ALA WA 100 -33.33 110.73 -32.52
CA ALA WA 100 -33.16 109.49 -31.75
C ALA WA 100 -34.40 109.25 -30.90
N ASN WA 101 -34.92 108.00 -30.92
CA ASN WA 101 -36.14 107.57 -30.23
C ASN WA 101 -37.40 108.34 -30.64
N SER WA 102 -37.50 108.67 -31.94
CA SER WA 102 -38.62 109.44 -32.51
C SER WA 102 -39.46 108.60 -33.46
N ASN WA 103 -40.77 108.93 -33.54
CA ASN WA 103 -41.73 108.23 -34.39
C ASN WA 103 -41.72 108.73 -35.83
N LEU WA 104 -41.72 107.78 -36.79
CA LEU WA 104 -41.75 108.07 -38.22
C LEU WA 104 -43.21 108.30 -38.61
N VAL WA 105 -43.54 109.56 -38.93
CA VAL WA 105 -44.92 109.99 -39.20
C VAL WA 105 -45.31 110.22 -40.68
N ASN WA 106 -44.47 109.77 -41.65
CA ASN WA 106 -44.78 109.94 -43.07
C ASN WA 106 -45.91 109.01 -43.52
N ARG WA 107 -45.78 107.70 -43.21
CA ARG WA 107 -46.78 106.68 -43.54
C ARG WA 107 -46.73 105.56 -42.50
N SER WA 108 -47.90 105.17 -42.00
CA SER WA 108 -48.05 104.14 -40.98
C SER WA 108 -48.31 102.76 -41.58
N VAL WA 109 -47.91 101.72 -40.85
CA VAL WA 109 -48.09 100.33 -41.27
C VAL WA 109 -49.56 99.90 -41.08
N PRO WA 110 -50.22 99.33 -42.14
CA PRO WA 110 -51.64 98.93 -42.00
C PRO WA 110 -51.87 97.89 -40.91
N ASN WA 111 -53.08 97.90 -40.32
CA ASN WA 111 -53.48 97.01 -39.22
C ASN WA 111 -53.33 95.51 -39.50
N GLU WA 112 -53.52 95.10 -40.77
CA GLU WA 112 -53.39 93.69 -41.19
C GLU WA 112 -51.96 93.17 -41.16
N PHE WA 113 -50.97 94.09 -41.07
CA PHE WA 113 -49.54 93.79 -40.98
C PHE WA 113 -48.99 94.05 -39.57
N CYS WA 114 -49.79 94.74 -38.73
CA CYS WA 114 -49.43 95.09 -37.35
C CYS WA 114 -49.43 93.87 -36.41
N PRO WA 115 -48.30 93.61 -35.68
CA PRO WA 115 -48.28 92.47 -34.74
C PRO WA 115 -48.93 92.77 -33.40
N ARG WA 116 -49.25 91.72 -32.61
CA ARG WA 116 -49.88 91.87 -31.29
C ARG WA 116 -48.89 92.50 -30.29
N ASN WA 117 -47.62 92.04 -30.32
CA ASN WA 117 -46.53 92.54 -29.49
C ASN WA 117 -45.52 93.37 -30.32
N ARG WA 118 -44.75 94.26 -29.67
CA ARG WA 118 -43.75 95.12 -30.32
C ARG WA 118 -42.59 94.29 -30.86
N CYS WA 119 -42.31 94.41 -32.18
CA CYS WA 119 -41.24 93.67 -32.85
C CYS WA 119 -40.12 94.59 -33.29
N SER WA 120 -38.87 94.17 -33.05
CA SER WA 120 -37.65 94.92 -33.40
C SER WA 120 -37.04 94.41 -34.70
N LEU WA 121 -36.82 95.29 -35.68
CA LEU WA 121 -36.24 94.89 -36.96
C LEU WA 121 -34.79 95.37 -37.07
N VAL WA 122 -33.83 94.45 -36.83
CA VAL WA 122 -32.41 94.76 -36.87
C VAL WA 122 -31.94 95.00 -38.32
N GLY WA 123 -31.26 96.13 -38.52
CA GLY WA 123 -30.74 96.56 -39.81
C GLY WA 123 -29.30 97.01 -39.76
N HIS WA 124 -28.67 97.21 -40.93
CA HIS WA 124 -27.27 97.62 -41.06
C HIS WA 124 -27.12 98.76 -42.05
N MET WA 125 -26.29 99.74 -41.70
CA MET WA 125 -26.02 100.92 -42.52
C MET WA 125 -24.86 100.66 -43.46
N VAL WA 126 -25.06 100.97 -44.76
CA VAL WA 126 -24.03 100.78 -45.80
C VAL WA 126 -22.88 101.77 -45.60
N GLY WA 127 -21.66 101.22 -45.55
CA GLY WA 127 -20.45 102.01 -45.39
C GLY WA 127 -19.69 101.71 -44.11
N GLY WA 128 -20.39 101.76 -42.98
CA GLY WA 128 -19.79 101.51 -41.67
C GLY WA 128 -20.33 100.27 -40.96
N TRP WA 129 -19.90 100.08 -39.70
CA TRP WA 129 -20.31 98.99 -38.81
C TRP WA 129 -21.59 99.40 -38.06
N ASN WA 130 -22.26 100.46 -38.53
CA ASN WA 130 -23.47 101.02 -37.94
C ASN WA 130 -24.69 100.12 -38.04
N ALA WA 131 -25.41 99.96 -36.92
CA ALA WA 131 -26.61 99.13 -36.80
C ALA WA 131 -27.79 99.94 -36.29
N PHE WA 132 -29.02 99.53 -36.65
CA PHE WA 132 -30.25 100.21 -36.23
C PHE WA 132 -31.40 99.23 -36.10
N HIS WA 133 -32.44 99.59 -35.31
CA HIS WA 133 -33.64 98.79 -35.17
C HIS WA 133 -34.88 99.67 -35.12
N ILE WA 134 -35.93 99.26 -35.84
CA ILE WA 134 -37.22 99.97 -35.91
C ILE WA 134 -38.29 99.12 -35.25
N ASP WA 135 -38.95 99.67 -34.22
CA ASP WA 135 -39.99 98.96 -33.50
C ASP WA 135 -41.36 99.16 -34.15
N ILE WA 136 -42.10 98.06 -34.34
CA ILE WA 136 -43.46 98.12 -34.92
C ILE WA 136 -44.49 97.87 -33.82
N PRO WA 137 -45.18 98.92 -33.33
CA PRO WA 137 -46.20 98.71 -32.31
C PRO WA 137 -47.52 98.23 -32.93
N SER WA 138 -48.53 97.95 -32.08
CA SER WA 138 -49.84 97.52 -32.55
C SER WA 138 -50.64 98.64 -33.24
N SER WA 139 -50.23 99.90 -32.98
CA SER WA 139 -50.85 101.10 -33.54
C SER WA 139 -50.58 101.25 -35.05
N GLY WA 140 -49.32 101.11 -35.45
CA GLY WA 140 -48.91 101.23 -36.84
C GLY WA 140 -47.77 102.20 -37.09
N VAL WA 141 -47.67 103.24 -36.24
CA VAL WA 141 -46.63 104.28 -36.34
C VAL WA 141 -45.29 103.71 -35.87
N CYS WA 142 -44.39 103.45 -36.83
CA CYS WA 142 -43.05 102.91 -36.58
C CYS WA 142 -42.16 103.92 -35.87
N GLN WA 143 -41.33 103.43 -34.96
CA GLN WA 143 -40.44 104.28 -34.18
C GLN WA 143 -38.97 103.93 -34.40
N TRP WA 144 -38.16 104.93 -34.82
CA TRP WA 144 -36.71 104.79 -35.04
C TRP WA 144 -36.01 104.79 -33.68
N PHE WA 145 -35.50 103.63 -33.25
CA PHE WA 145 -34.83 103.48 -31.96
C PHE WA 145 -33.30 103.68 -31.96
N GLY WA 146 -32.76 103.99 -33.14
CA GLY WA 146 -31.34 104.26 -33.29
C GLY WA 146 -30.98 105.70 -32.95
N PRO WA 147 -29.73 106.14 -33.20
CA PRO WA 147 -29.36 107.54 -32.88
C PRO WA 147 -29.81 108.52 -33.96
N THR WA 148 -29.60 109.82 -33.73
CA THR WA 148 -29.97 110.87 -34.69
C THR WA 148 -29.10 110.75 -35.96
N ALA WA 149 -29.74 110.59 -37.12
CA ALA WA 149 -29.04 110.47 -38.41
C ALA WA 149 -29.75 111.29 -39.49
N SER WA 150 -28.97 111.82 -40.46
CA SER WA 150 -29.49 112.64 -41.56
C SER WA 150 -29.17 112.02 -42.94
N SER WA 151 -28.12 111.18 -43.00
CA SER WA 151 -27.67 110.53 -44.23
C SER WA 151 -27.26 109.08 -44.00
N GLY WA 152 -27.36 108.26 -45.04
CA GLY WA 152 -26.98 106.85 -44.99
C GLY WA 152 -27.94 105.92 -45.72
N THR WA 153 -27.48 104.70 -46.04
CA THR WA 153 -28.28 103.71 -46.75
C THR WA 153 -28.78 102.58 -45.80
N PRO WA 154 -30.11 102.56 -45.44
CA PRO WA 154 -30.60 101.49 -44.56
C PRO WA 154 -30.90 100.20 -45.30
N ARG WA 155 -30.46 99.06 -44.74
CA ARG WA 155 -30.66 97.73 -45.32
C ARG WA 155 -30.95 96.70 -44.22
N GLY WA 156 -31.77 95.70 -44.56
CA GLY WA 156 -32.15 94.64 -43.63
C GLY WA 156 -33.33 93.82 -44.09
N THR WA 157 -33.15 92.49 -44.15
CA THR WA 157 -34.19 91.55 -44.59
C THR WA 157 -34.29 90.37 -43.61
N GLY WA 158 -35.53 90.05 -43.24
CA GLY WA 158 -35.84 88.95 -42.32
C GLY WA 158 -37.32 88.68 -42.21
N THR WA 159 -37.74 88.14 -41.05
CA THR WA 159 -39.14 87.78 -40.75
C THR WA 159 -39.49 88.19 -39.32
N TYR WA 160 -40.76 88.53 -39.09
CA TYR WA 160 -41.25 88.91 -37.77
C TYR WA 160 -42.65 88.32 -37.49
N PRO WA 161 -42.94 87.84 -36.26
CA PRO WA 161 -44.26 87.27 -35.99
C PRO WA 161 -45.36 88.33 -35.91
N ILE WA 162 -46.62 87.89 -36.10
CA ILE WA 162 -47.80 88.78 -36.07
C ILE WA 162 -48.76 88.46 -34.89
N ASP WA 163 -48.69 87.21 -34.39
CA ASP WA 163 -49.54 86.72 -33.31
C ASP WA 163 -48.73 86.27 -32.07
N SER WA 164 -49.38 86.25 -30.90
CA SER WA 164 -48.78 85.83 -29.62
C SER WA 164 -49.73 84.96 -28.82
N ALA XA 2 -69.62 52.10 -43.13
CA ALA XA 2 -71.06 52.15 -42.86
C ALA XA 2 -71.56 50.80 -42.37
N SER XA 3 -72.51 50.82 -41.41
CA SER XA 3 -73.10 49.59 -40.90
C SER XA 3 -74.15 49.10 -41.90
N ILE XA 4 -73.88 47.95 -42.53
CA ILE XA 4 -74.77 47.38 -43.55
C ILE XA 4 -75.25 45.99 -43.17
N LYS XA 5 -76.48 45.63 -43.62
CA LYS XA 5 -77.06 44.32 -43.35
C LYS XA 5 -76.78 43.39 -44.52
N LYS XA 6 -76.61 42.11 -44.23
CA LYS XA 6 -76.33 41.09 -45.25
C LYS XA 6 -77.55 40.78 -46.10
N VAL XA 7 -77.31 40.60 -47.41
CA VAL XA 7 -78.32 40.27 -48.42
C VAL XA 7 -78.16 38.78 -48.79
N TYR XA 8 -79.24 38.00 -48.64
CA TYR XA 8 -79.26 36.57 -48.91
C TYR XA 8 -80.51 36.10 -49.63
N ARG XA 9 -80.48 34.85 -50.13
CA ARG XA 9 -81.59 34.20 -50.83
C ARG XA 9 -82.76 33.97 -49.86
N GLY XA 10 -83.96 34.36 -50.29
CA GLY XA 10 -85.17 34.19 -49.50
C GLY XA 10 -85.24 35.07 -48.27
N MET XA 11 -84.82 36.30 -48.45
CA MET XA 11 -84.78 37.26 -47.39
C MET XA 11 -86.08 38.05 -47.31
N LYS XA 12 -86.60 38.21 -46.09
CA LYS XA 12 -87.79 39.01 -45.80
C LYS XA 12 -87.35 40.49 -45.86
N ASN XA 13 -88.16 41.33 -46.55
CA ASN XA 13 -87.89 42.76 -46.78
C ASN XA 13 -86.58 42.96 -47.53
N GLY XA 14 -86.47 42.31 -48.69
CA GLY XA 14 -85.28 42.37 -49.52
C GLY XA 14 -85.05 43.74 -50.12
N ALA XA 15 -86.08 44.27 -50.79
CA ALA XA 15 -86.03 45.59 -51.42
C ALA XA 15 -85.76 46.70 -50.40
N GLU XA 16 -86.28 46.53 -49.18
CA GLU XA 16 -86.13 47.48 -48.09
C GLU XA 16 -84.70 47.51 -47.55
N THR XA 17 -84.08 46.32 -47.42
CA THR XA 17 -82.72 46.12 -46.94
C THR XA 17 -81.73 46.73 -47.91
N ILE XA 18 -81.89 46.43 -49.22
CA ILE XA 18 -81.02 46.94 -50.28
C ILE XA 18 -81.02 48.47 -50.29
N ASN XA 19 -82.22 49.07 -50.25
CA ASN XA 19 -82.39 50.51 -50.23
C ASN XA 19 -81.72 51.15 -49.02
N ASP XA 20 -81.89 50.57 -47.82
CA ASP XA 20 -81.28 51.09 -46.58
C ASP XA 20 -79.79 50.92 -46.54
N ASP XA 21 -79.27 49.88 -47.26
CA ASP XA 21 -77.84 49.63 -47.39
C ASP XA 21 -77.22 50.63 -48.37
N LEU XA 22 -77.93 50.91 -49.48
CA LEU XA 22 -77.47 51.87 -50.47
C LEU XA 22 -77.50 53.30 -49.91
N GLU XA 23 -78.54 53.63 -49.11
CA GLU XA 23 -78.70 54.94 -48.49
C GLU XA 23 -77.65 55.18 -47.42
N ALA XA 24 -77.27 54.12 -46.67
CA ALA XA 24 -76.25 54.16 -45.60
C ALA XA 24 -74.87 54.42 -46.18
N ILE XA 25 -74.61 53.82 -47.36
CA ILE XA 25 -73.36 53.98 -48.09
C ILE XA 25 -73.31 55.38 -48.71
N ASN XA 26 -74.38 55.81 -49.39
CA ASN XA 26 -74.47 57.12 -50.01
C ASN XA 26 -74.40 58.26 -49.00
N SER XA 27 -74.85 58.02 -47.73
CA SER XA 27 -74.80 59.00 -46.64
C SER XA 27 -73.36 59.30 -46.25
N GLU XA 28 -72.51 58.27 -46.25
CA GLU XA 28 -71.08 58.39 -45.95
C GLU XA 28 -70.32 59.05 -47.10
N LEU XA 29 -70.89 59.05 -48.33
CA LEU XA 29 -70.26 59.69 -49.49
C LEU XA 29 -70.39 61.21 -49.45
N THR XA 30 -71.34 61.73 -48.66
CA THR XA 30 -71.60 63.16 -48.50
C THR XA 30 -71.07 63.71 -47.16
N SER XA 31 -71.34 63.01 -46.04
CA SER XA 31 -70.92 63.44 -44.70
C SER XA 31 -70.68 62.29 -43.72
N GLY XA 32 -69.72 62.50 -42.82
CA GLY XA 32 -69.38 61.56 -41.76
C GLY XA 32 -68.64 60.31 -42.18
N GLY XA 33 -68.66 59.30 -41.31
CA GLY XA 33 -67.99 58.03 -41.54
C GLY XA 33 -66.50 58.11 -41.29
N ASN XA 34 -65.75 57.19 -41.91
CA ASN XA 34 -64.28 57.16 -41.79
C ASN XA 34 -63.62 57.58 -43.11
N VAL XA 35 -64.20 58.61 -43.75
CA VAL XA 35 -63.75 59.13 -45.04
C VAL XA 35 -63.67 60.67 -45.05
N VAL XA 36 -62.57 61.20 -45.62
CA VAL XA 36 -62.32 62.64 -45.77
C VAL XA 36 -63.19 63.19 -46.91
N HIS XA 37 -63.94 64.27 -46.60
CA HIS XA 37 -64.86 64.92 -47.54
C HIS XA 37 -64.40 66.28 -48.03
N LYS XA 38 -65.00 66.74 -49.14
CA LYS XA 38 -64.73 68.04 -49.75
C LYS XA 38 -65.42 69.19 -48.98
N THR XA 39 -66.37 68.83 -48.11
CA THR XA 39 -67.13 69.80 -47.30
C THR XA 39 -67.27 69.31 -45.86
N GLY XA 40 -67.23 70.26 -44.92
CA GLY XA 40 -67.39 70.00 -43.50
C GLY XA 40 -66.12 69.91 -42.69
N ASP XA 41 -66.24 70.09 -41.36
CA ASP XA 41 -65.14 70.04 -40.40
C ASP XA 41 -64.91 68.60 -39.94
N GLU XA 42 -63.72 68.05 -40.26
CA GLU XA 42 -63.38 66.67 -39.96
C GLU XA 42 -61.97 66.53 -39.36
N THR XA 43 -61.76 65.46 -38.57
CA THR XA 43 -60.48 65.14 -37.96
C THR XA 43 -59.84 63.95 -38.69
N ILE XA 44 -58.57 64.12 -39.10
CA ILE XA 44 -57.81 63.13 -39.86
C ILE XA 44 -56.60 62.62 -39.05
N ALA XA 45 -56.42 61.31 -39.02
CA ALA XA 45 -55.33 60.65 -38.32
C ALA XA 45 -54.53 59.79 -39.27
N GLY XA 46 -53.23 59.68 -39.00
CA GLY XA 46 -52.31 58.88 -39.80
C GLY XA 46 -51.34 59.70 -40.62
N LYS XA 47 -50.22 59.06 -41.04
CA LYS XA 47 -49.18 59.67 -41.86
C LYS XA 47 -49.64 59.83 -43.31
N LYS XA 48 -50.01 61.07 -43.68
CA LYS XA 48 -50.49 61.43 -45.01
C LYS XA 48 -49.38 62.06 -45.86
N THR XA 49 -49.09 61.43 -47.01
CA THR XA 49 -48.04 61.87 -47.93
C THR XA 49 -48.64 62.48 -49.18
N PHE XA 50 -48.47 63.80 -49.34
CA PHE XA 50 -48.98 64.53 -50.50
C PHE XA 50 -47.88 64.71 -51.53
N THR XA 51 -47.93 63.89 -52.59
CA THR XA 51 -46.93 63.93 -53.68
C THR XA 51 -47.13 65.15 -54.59
N GLY XA 52 -48.37 65.59 -54.71
CA GLY XA 52 -48.74 66.75 -55.51
C GLY XA 52 -48.59 68.06 -54.75
N ASN XA 53 -48.97 69.17 -55.39
CA ASN XA 53 -48.88 70.52 -54.80
C ASN XA 53 -50.10 70.83 -53.94
N VAL XA 54 -49.87 71.37 -52.73
CA VAL XA 54 -50.93 71.71 -51.77
C VAL XA 54 -51.11 73.24 -51.69
N GLU XA 55 -52.37 73.69 -51.75
CA GLU XA 55 -52.71 75.10 -51.65
C GLU XA 55 -53.65 75.32 -50.47
N VAL XA 56 -53.32 76.29 -49.61
CA VAL XA 56 -54.13 76.65 -48.44
C VAL XA 56 -54.62 78.09 -48.60
N ASN XA 57 -55.94 78.28 -48.56
CA ASN XA 57 -56.57 79.58 -48.71
C ASN XA 57 -56.92 80.17 -47.33
N GLY XA 58 -57.13 79.31 -46.35
CA GLY XA 58 -57.43 79.70 -44.98
C GLY XA 58 -56.18 79.90 -44.15
N SER XA 59 -56.19 79.43 -42.89
CA SER XA 59 -55.07 79.55 -41.96
C SER XA 59 -54.48 78.19 -41.61
N LEU XA 60 -53.15 78.10 -41.61
CA LEU XA 60 -52.42 76.87 -41.27
C LEU XA 60 -51.97 76.95 -39.81
N THR XA 61 -52.49 76.04 -38.98
CA THR XA 61 -52.19 75.98 -37.54
C THR XA 61 -51.15 74.90 -37.26
N LEU XA 62 -50.11 75.24 -36.49
CA LEU XA 62 -49.03 74.33 -36.12
C LEU XA 62 -48.87 74.26 -34.59
N PRO XA 63 -48.24 73.18 -34.02
CA PRO XA 63 -48.07 73.12 -32.56
C PRO XA 63 -47.24 74.28 -32.01
N THR XA 64 -47.78 74.96 -30.99
CA THR XA 64 -47.15 76.15 -30.39
C THR XA 64 -46.76 75.94 -28.93
N LYS XA 65 -45.55 76.38 -28.57
CA LYS XA 65 -45.01 76.34 -27.21
C LYS XA 65 -44.21 77.62 -26.95
N SER XA 66 -44.52 78.31 -25.84
CA SER XA 66 -43.88 79.57 -25.49
C SER XA 66 -43.06 79.50 -24.21
N TRP XA 67 -41.97 80.29 -24.15
CA TRP XA 67 -41.06 80.39 -23.01
C TRP XA 67 -40.40 81.75 -22.95
N SER XA 68 -40.25 82.30 -21.75
CA SER XA 68 -39.61 83.59 -21.50
C SER XA 68 -38.85 83.56 -20.17
N GLY XA 69 -37.63 84.10 -20.18
CA GLY XA 69 -36.78 84.15 -18.99
C GLY XA 69 -35.57 85.06 -19.14
N GLU XA 70 -35.08 85.57 -18.01
CA GLU XA 70 -33.91 86.46 -17.94
C GLU XA 70 -32.62 85.63 -18.01
N LEU XA 71 -32.03 85.53 -19.21
CA LEU XA 71 -30.80 84.75 -19.48
C LEU XA 71 -29.63 85.09 -18.58
N GLY XA 72 -29.41 86.39 -18.34
CA GLY XA 72 -28.33 86.88 -17.50
C GLY XA 72 -28.01 88.35 -17.70
N GLY XA 73 -27.77 89.04 -16.60
CA GLY XA 73 -27.43 90.46 -16.60
C GLY XA 73 -28.57 91.41 -16.86
N GLY XA 74 -29.78 90.86 -17.01
CA GLY XA 74 -30.99 91.64 -17.27
C GLY XA 74 -31.54 91.51 -18.67
N ILE XA 75 -31.03 90.54 -19.45
CA ILE XA 75 -31.49 90.29 -20.81
C ILE XA 75 -32.54 89.19 -20.82
N ILE XA 76 -33.78 89.55 -21.19
CA ILE XA 76 -34.92 88.64 -21.23
C ILE XA 76 -35.19 88.23 -22.69
N LEU XA 77 -35.19 86.91 -22.94
CA LEU XA 77 -35.44 86.35 -24.26
C LEU XA 77 -36.80 85.67 -24.28
N SER XA 78 -37.65 86.09 -25.23
CA SER XA 78 -38.98 85.54 -25.43
C SER XA 78 -38.97 84.61 -26.65
N LEU XA 79 -39.26 83.33 -26.41
CA LEU XA 79 -39.25 82.31 -27.45
C LEU XA 79 -40.64 81.74 -27.71
N ARG XA 80 -40.93 81.43 -28.99
CA ARG XA 80 -42.20 80.86 -29.42
C ARG XA 80 -41.95 79.87 -30.56
N LYS XA 81 -42.13 78.58 -30.26
CA LYS XA 81 -41.91 77.47 -31.20
C LYS XA 81 -43.14 77.22 -32.06
N LYS XA 82 -42.94 77.09 -33.38
CA LYS XA 82 -43.99 76.79 -34.37
C LYS XA 82 -43.48 75.78 -35.39
N GLY XA 83 -43.75 74.51 -35.10
CA GLY XA 83 -43.32 73.40 -35.95
C GLY XA 83 -41.83 73.14 -35.80
N THR XA 84 -41.03 73.57 -36.80
CA THR XA 84 -39.58 73.39 -36.83
C THR XA 84 -38.80 74.72 -36.82
N THR XA 85 -39.52 75.83 -36.49
CA THR XA 85 -38.95 77.19 -36.44
C THR XA 85 -39.34 77.87 -35.13
N VAL XA 86 -38.34 78.41 -34.43
CA VAL XA 86 -38.54 79.11 -33.16
C VAL XA 86 -38.33 80.62 -33.38
N GLU XA 87 -39.32 81.42 -32.98
CA GLU XA 87 -39.31 82.87 -33.11
C GLU XA 87 -38.74 83.48 -31.83
N TYR XA 88 -37.64 84.23 -31.94
CA TYR XA 88 -36.97 84.86 -30.80
C TYR XA 88 -37.29 86.34 -30.69
N SER XA 89 -37.28 86.87 -29.46
CA SER XA 89 -37.51 88.28 -29.15
C SER XA 89 -36.65 88.72 -27.97
N ILE XA 90 -35.67 89.58 -28.25
CA ILE XA 90 -34.73 90.10 -27.24
C ILE XA 90 -35.31 91.37 -26.61
N GLY XA 91 -35.29 91.40 -25.28
CA GLY XA 91 -35.80 92.53 -24.52
C GLY XA 91 -35.18 92.65 -23.15
N GLY XA 92 -35.57 93.71 -22.45
CA GLY XA 92 -35.10 93.98 -21.09
C GLY XA 92 -34.18 95.17 -20.99
N GLU XA 93 -33.33 95.16 -19.96
CA GLU XA 93 -32.35 96.21 -19.66
C GLU XA 93 -31.16 95.61 -18.92
N ILE XA 94 -29.93 95.94 -19.39
CA ILE XA 94 -28.70 95.45 -18.77
C ILE XA 94 -28.47 96.15 -17.44
N SER XA 95 -28.47 95.36 -16.34
CA SER XA 95 -28.29 95.82 -14.97
C SER XA 95 -26.84 95.63 -14.46
N SER XA 96 -26.33 94.39 -14.58
CA SER XA 96 -24.96 94.04 -14.16
C SER XA 96 -23.99 93.96 -15.35
N SER XA 97 -22.71 94.15 -15.07
CA SER XA 97 -21.65 94.12 -16.08
C SER XA 97 -21.45 92.70 -16.63
N ILE XA 98 -21.63 92.55 -17.94
CA ILE XA 98 -21.46 91.28 -18.65
C ILE XA 98 -20.16 91.34 -19.46
N LEU XA 99 -19.27 90.37 -19.20
CA LEU XA 99 -17.97 90.26 -19.86
C LEU XA 99 -18.10 89.83 -21.32
N ALA XA 100 -17.08 90.14 -22.14
CA ALA XA 100 -17.04 89.76 -23.56
C ALA XA 100 -16.75 88.26 -23.66
N ASN XA 101 -17.50 87.56 -24.54
CA ASN XA 101 -17.42 86.11 -24.77
C ASN XA 101 -17.65 85.28 -23.49
N SER XA 102 -18.63 85.70 -22.68
CA SER XA 102 -18.98 85.07 -21.41
C SER XA 102 -20.35 84.40 -21.45
N ASN XA 103 -20.53 83.37 -20.61
CA ASN XA 103 -21.76 82.60 -20.49
C ASN XA 103 -22.78 83.27 -19.57
N LEU XA 104 -24.06 83.18 -19.96
CA LEU XA 104 -25.20 83.71 -19.20
C LEU XA 104 -25.76 82.55 -18.38
N VAL XA 105 -25.56 82.60 -17.06
CA VAL XA 105 -25.92 81.53 -16.14
C VAL XA 105 -27.16 81.75 -15.24
N ASN XA 106 -27.88 82.87 -15.42
CA ASN XA 106 -29.07 83.17 -14.63
C ASN XA 106 -30.25 82.25 -14.99
N ARG XA 107 -30.47 82.02 -16.28
CA ARG XA 107 -31.52 81.15 -16.80
C ARG XA 107 -31.03 80.45 -18.04
N SER XA 108 -31.33 79.16 -18.15
CA SER XA 108 -30.92 78.34 -19.29
C SER XA 108 -32.10 78.07 -20.22
N VAL XA 109 -31.82 77.97 -21.53
CA VAL XA 109 -32.84 77.69 -22.55
C VAL XA 109 -33.28 76.21 -22.47
N PRO XA 110 -34.61 75.92 -22.35
CA PRO XA 110 -35.07 74.51 -22.28
C PRO XA 110 -34.69 73.70 -23.52
N ASN XA 111 -34.46 72.38 -23.33
CA ASN XA 111 -34.04 71.44 -24.39
C ASN XA 111 -34.97 71.37 -25.61
N GLU XA 112 -36.28 71.62 -25.41
CA GLU XA 112 -37.28 71.62 -26.49
C GLU XA 112 -37.16 72.83 -27.42
N PHE XA 113 -36.41 73.87 -27.00
CA PHE XA 113 -36.13 75.10 -27.75
C PHE XA 113 -34.69 75.13 -28.28
N CYS XA 114 -33.82 74.25 -27.77
CA CYS XA 114 -32.40 74.13 -28.16
C CYS XA 114 -32.22 73.61 -29.60
N PRO XA 115 -31.47 74.34 -30.45
CA PRO XA 115 -31.25 73.87 -31.82
C PRO XA 115 -30.13 72.83 -31.94
N ARG XA 116 -30.11 72.08 -33.06
CA ARG XA 116 -29.10 71.07 -33.35
C ARG XA 116 -27.75 71.74 -33.66
N ASN XA 117 -27.79 72.84 -34.44
CA ASN XA 117 -26.64 73.65 -34.84
C ASN XA 117 -26.60 74.98 -34.05
N ARG XA 118 -25.40 75.54 -33.85
CA ARG XA 118 -25.23 76.80 -33.10
C ARG XA 118 -25.76 78.01 -33.90
N CYS XA 119 -26.81 78.65 -33.39
CA CYS XA 119 -27.46 79.79 -34.04
C CYS XA 119 -27.10 81.12 -33.39
N SER XA 120 -26.90 82.15 -34.22
CA SER XA 120 -26.54 83.51 -33.81
C SER XA 120 -27.74 84.46 -33.91
N LEU XA 121 -28.07 85.14 -32.82
CA LEU XA 121 -29.19 86.07 -32.81
C LEU XA 121 -28.71 87.51 -32.84
N VAL XA 122 -28.74 88.13 -34.03
CA VAL XA 122 -28.30 89.51 -34.25
C VAL XA 122 -29.29 90.49 -33.62
N GLY XA 123 -28.78 91.37 -32.77
CA GLY XA 123 -29.55 92.37 -32.07
C GLY XA 123 -28.97 93.77 -32.17
N HIS XA 124 -29.72 94.78 -31.69
CA HIS XA 124 -29.33 96.20 -31.70
C HIS XA 124 -29.54 96.85 -30.34
N MET XA 125 -28.58 97.68 -29.94
CA MET XA 125 -28.61 98.42 -28.68
C MET XA 125 -29.22 99.81 -28.88
N VAL XA 126 -30.23 100.14 -28.06
CA VAL XA 126 -30.94 101.42 -28.12
C VAL XA 126 -30.01 102.53 -27.62
N GLY XA 127 -29.85 103.57 -28.43
CA GLY XA 127 -29.02 104.72 -28.11
C GLY XA 127 -28.05 105.08 -29.21
N GLY XA 128 -27.37 104.07 -29.73
CA GLY XA 128 -26.39 104.26 -30.80
C GLY XA 128 -26.42 103.24 -31.91
N TRP XA 129 -25.29 103.15 -32.62
CA TRP XA 129 -25.10 102.24 -33.75
C TRP XA 129 -24.52 100.90 -33.26
N ASN XA 130 -24.71 100.59 -31.96
CA ASN XA 130 -24.17 99.38 -31.34
C ASN XA 130 -24.93 98.10 -31.69
N ALA XA 131 -24.20 97.03 -32.04
CA ALA XA 131 -24.74 95.73 -32.41
C ALA XA 131 -24.19 94.60 -31.55
N PHE XA 132 -24.98 93.54 -31.34
CA PHE XA 132 -24.59 92.37 -30.55
C PHE XA 132 -25.25 91.09 -31.08
N HIS XA 133 -24.68 89.93 -30.72
CA HIS XA 133 -25.23 88.63 -31.09
C HIS XA 133 -25.07 87.63 -29.96
N ILE XA 134 -26.11 86.85 -29.71
CA ILE XA 134 -26.12 85.83 -28.66
C ILE XA 134 -26.21 84.44 -29.30
N ASP XA 135 -25.27 83.57 -28.97
CA ASP XA 135 -25.22 82.23 -29.53
C ASP XA 135 -25.97 81.23 -28.65
N ILE XA 136 -26.79 80.36 -29.28
CA ILE XA 136 -27.54 79.31 -28.58
C ILE XA 136 -26.95 77.94 -28.95
N PRO XA 137 -26.25 77.26 -28.01
CA PRO XA 137 -25.69 75.93 -28.33
C PRO XA 137 -26.71 74.81 -28.13
N SER XA 138 -26.27 73.57 -28.32
CA SER XA 138 -27.14 72.40 -28.13
C SER XA 138 -27.44 72.16 -26.64
N SER XA 139 -26.55 72.65 -25.75
CA SER XA 139 -26.67 72.52 -24.29
C SER XA 139 -27.79 73.41 -23.73
N GLY XA 140 -27.76 74.69 -24.07
CA GLY XA 140 -28.75 75.66 -23.62
C GLY XA 140 -28.19 76.89 -22.96
N VAL XA 141 -26.91 76.84 -22.55
CA VAL XA 141 -26.22 77.96 -21.89
C VAL XA 141 -25.78 78.99 -22.94
N CYS XA 142 -26.54 80.10 -23.03
CA CYS XA 142 -26.29 81.18 -23.98
C CYS XA 142 -25.01 81.95 -23.68
N GLN XA 143 -24.37 82.48 -24.74
CA GLN XA 143 -23.12 83.22 -24.62
C GLN XA 143 -23.21 84.61 -25.24
N TRP XA 144 -22.74 85.63 -24.51
CA TRP XA 144 -22.73 87.02 -24.97
C TRP XA 144 -21.47 87.21 -25.80
N PHE XA 145 -21.62 87.20 -27.13
CA PHE XA 145 -20.51 87.35 -28.07
C PHE XA 145 -20.11 88.78 -28.42
N GLY XA 146 -20.77 89.75 -27.80
CA GLY XA 146 -20.45 91.16 -27.96
C GLY XA 146 -19.35 91.61 -27.01
N PRO XA 147 -19.01 92.92 -26.96
CA PRO XA 147 -17.96 93.37 -26.03
C PRO XA 147 -18.49 93.54 -24.60
N THR XA 148 -17.59 93.87 -23.65
CA THR XA 148 -17.96 94.07 -22.24
C THR XA 148 -18.89 95.29 -22.09
N ALA XA 149 -20.14 95.03 -21.63
CA ALA XA 149 -21.17 96.05 -21.43
C ALA XA 149 -21.78 95.98 -20.03
N SER XA 150 -22.08 97.15 -19.44
CA SER XA 150 -22.63 97.28 -18.09
C SER XA 150 -24.07 97.83 -18.10
N SER XA 151 -24.40 98.66 -19.10
CA SER XA 151 -25.72 99.26 -19.26
C SER XA 151 -26.13 99.37 -20.72
N GLY XA 152 -27.43 99.34 -20.97
CA GLY XA 152 -28.01 99.45 -22.31
C GLY XA 152 -29.30 98.67 -22.48
N THR XA 153 -30.01 98.95 -23.59
CA THR XA 153 -31.28 98.28 -23.90
C THR XA 153 -31.13 97.27 -25.07
N PRO XA 154 -31.23 95.95 -24.80
CA PRO XA 154 -31.10 94.97 -25.88
C PRO XA 154 -32.42 94.73 -26.62
N ARG XA 155 -32.39 94.80 -27.95
CA ARG XA 155 -33.58 94.58 -28.80
C ARG XA 155 -33.24 93.76 -30.04
N GLY XA 156 -34.19 92.96 -30.52
CA GLY XA 156 -34.04 92.12 -31.70
C GLY XA 156 -35.08 91.04 -31.80
N THR XA 157 -35.76 90.99 -32.95
CA THR XA 157 -36.83 90.01 -33.23
C THR XA 157 -36.61 89.36 -34.60
N GLY XA 158 -36.71 88.03 -34.64
CA GLY XA 158 -36.55 87.23 -35.84
C GLY XA 158 -36.90 85.77 -35.62
N THR XA 159 -36.28 84.89 -36.45
CA THR XA 159 -36.51 83.44 -36.42
C THR XA 159 -35.18 82.70 -36.53
N TYR XA 160 -35.12 81.48 -35.96
CA TYR XA 160 -33.94 80.63 -36.03
C TYR XA 160 -34.32 79.14 -36.16
N PRO XA 161 -33.60 78.36 -37.01
CA PRO XA 161 -33.93 76.93 -37.16
C PRO XA 161 -33.59 76.10 -35.93
N ILE XA 162 -34.31 74.98 -35.74
CA ILE XA 162 -34.09 74.04 -34.63
C ILE XA 162 -33.43 72.73 -35.09
N ASP XA 163 -33.63 72.35 -36.37
CA ASP XA 163 -33.11 71.14 -36.98
C ASP XA 163 -32.08 71.43 -38.09
N SER XA 164 -31.11 70.52 -38.28
CA SER XA 164 -30.08 70.65 -39.31
C SER XA 164 -29.79 69.31 -39.99
N ALA YA 2 -63.89 50.29 -56.55
CA ALA YA 2 -64.12 48.89 -56.15
C ALA YA 2 -64.55 48.03 -57.33
N SER YA 3 -64.08 46.77 -57.35
CA SER YA 3 -64.43 45.83 -58.41
C SER YA 3 -65.82 45.26 -58.16
N ILE YA 4 -66.80 45.72 -58.94
CA ILE YA 4 -68.19 45.30 -58.82
C ILE YA 4 -68.72 44.57 -60.05
N LYS YA 5 -69.64 43.60 -59.84
CA LYS YA 5 -70.26 42.82 -60.91
C LYS YA 5 -71.58 43.44 -61.37
N LYS YA 6 -71.90 43.25 -62.65
CA LYS YA 6 -73.11 43.81 -63.25
C LYS YA 6 -74.36 43.05 -62.81
N VAL YA 7 -75.41 43.81 -62.44
CA VAL YA 7 -76.71 43.30 -62.02
C VAL YA 7 -77.72 43.46 -63.19
N TYR YA 8 -78.32 42.34 -63.62
CA TYR YA 8 -79.27 42.32 -64.73
C TYR YA 8 -80.51 41.51 -64.38
N ARG YA 9 -81.57 41.66 -65.19
CA ARG YA 9 -82.83 40.93 -65.00
C ARG YA 9 -82.67 39.47 -65.43
N GLY YA 10 -83.19 38.57 -64.60
CA GLY YA 10 -83.09 37.14 -64.82
C GLY YA 10 -81.70 36.61 -64.57
N MET YA 11 -81.08 37.10 -63.50
CA MET YA 11 -79.72 36.76 -63.10
C MET YA 11 -79.71 35.59 -62.12
N LYS YA 12 -78.86 34.60 -62.40
CA LYS YA 12 -78.67 33.44 -61.54
C LYS YA 12 -77.84 33.87 -60.33
N ASN YA 13 -78.35 33.57 -59.12
CA ASN YA 13 -77.78 33.92 -57.83
C ASN YA 13 -77.59 35.45 -57.68
N GLY YA 14 -78.72 36.15 -57.72
CA GLY YA 14 -78.81 37.60 -57.62
C GLY YA 14 -78.49 38.13 -56.24
N ALA YA 15 -79.00 37.41 -55.22
CA ALA YA 15 -78.82 37.73 -53.80
C ALA YA 15 -77.37 37.86 -53.38
N GLU YA 16 -76.53 36.94 -53.85
CA GLU YA 16 -75.11 36.88 -53.54
C GLU YA 16 -74.34 38.01 -54.23
N THR YA 17 -74.68 38.28 -55.51
CA THR YA 17 -74.02 39.30 -56.34
C THR YA 17 -74.15 40.68 -55.73
N ILE YA 18 -75.38 41.04 -55.33
CA ILE YA 18 -75.67 42.35 -54.71
C ILE YA 18 -74.90 42.49 -53.39
N ASN YA 19 -74.97 41.46 -52.53
CA ASN YA 19 -74.30 41.47 -51.24
C ASN YA 19 -72.79 41.64 -51.38
N ASP YA 20 -72.18 40.93 -52.34
CA ASP YA 20 -70.74 40.99 -52.60
C ASP YA 20 -70.31 42.34 -53.14
N ASP YA 21 -71.21 42.98 -53.94
CA ASP YA 21 -70.96 44.30 -54.50
C ASP YA 21 -71.02 45.37 -53.41
N LEU YA 22 -72.00 45.25 -52.49
CA LEU YA 22 -72.20 46.16 -51.38
C LEU YA 22 -71.05 46.05 -50.36
N GLU YA 23 -70.58 44.83 -50.10
CA GLU YA 23 -69.49 44.58 -49.16
C GLU YA 23 -68.16 45.12 -49.70
N ALA YA 24 -67.96 45.03 -51.04
CA ALA YA 24 -66.75 45.51 -51.72
C ALA YA 24 -66.66 47.04 -51.67
N ILE YA 25 -67.82 47.69 -51.80
CA ILE YA 25 -67.95 49.15 -51.76
C ILE YA 25 -67.75 49.61 -50.31
N ASN YA 26 -68.40 48.95 -49.35
CA ASN YA 26 -68.30 49.28 -47.92
C ASN YA 26 -66.89 49.12 -47.35
N SER YA 27 -66.11 48.16 -47.91
CA SER YA 27 -64.72 47.90 -47.53
C SER YA 27 -63.83 49.09 -47.89
N GLU YA 28 -64.10 49.70 -49.05
CA GLU YA 28 -63.37 50.87 -49.55
C GLU YA 28 -63.75 52.15 -48.80
N LEU YA 29 -64.88 52.13 -48.07
CA LEU YA 29 -65.34 53.28 -47.27
C LEU YA 29 -64.58 53.39 -45.95
N THR YA 30 -63.92 52.29 -45.53
CA THR YA 30 -63.19 52.21 -44.27
C THR YA 30 -61.66 52.18 -44.49
N SER YA 31 -61.18 51.37 -45.45
CA SER YA 31 -59.75 51.22 -45.74
C SER YA 31 -59.45 50.93 -47.20
N GLY YA 32 -58.32 51.47 -47.66
CA GLY YA 32 -57.81 51.27 -49.01
C GLY YA 32 -58.55 51.99 -50.11
N GLY YA 33 -58.56 51.40 -51.30
CA GLY YA 33 -59.20 51.97 -52.48
C GLY YA 33 -58.46 53.19 -53.01
N ASN YA 34 -59.19 54.10 -53.65
CA ASN YA 34 -58.63 55.33 -54.21
C ASN YA 34 -59.08 56.56 -53.40
N VAL YA 35 -59.86 56.34 -52.35
CA VAL YA 35 -60.39 57.39 -51.49
C VAL YA 35 -59.54 57.60 -50.23
N VAL YA 36 -59.45 58.88 -49.77
CA VAL YA 36 -58.69 59.28 -48.58
C VAL YA 36 -59.56 59.05 -47.33
N HIS YA 37 -59.01 58.34 -46.34
CA HIS YA 37 -59.70 58.00 -45.09
C HIS YA 37 -59.25 58.82 -43.89
N LYS YA 38 -60.06 58.80 -42.82
CA LYS YA 38 -59.78 59.51 -41.57
C LYS YA 38 -58.72 58.79 -40.72
N THR YA 39 -58.46 57.51 -41.02
CA THR YA 39 -57.49 56.70 -40.31
C THR YA 39 -56.60 55.91 -41.26
N GLY YA 40 -55.33 55.80 -40.89
CA GLY YA 40 -54.31 55.05 -41.62
C GLY YA 40 -53.37 55.89 -42.45
N ASP YA 41 -52.19 55.33 -42.75
CA ASP YA 41 -51.15 55.96 -43.55
C ASP YA 41 -51.48 55.79 -45.03
N GLU YA 42 -51.69 56.91 -45.73
CA GLU YA 42 -52.06 56.94 -47.15
C GLU YA 42 -51.23 57.95 -47.95
N THR YA 43 -51.08 57.70 -49.26
CA THR YA 43 -50.37 58.57 -50.19
C THR YA 43 -51.39 59.23 -51.11
N ILE YA 44 -51.31 60.57 -51.21
CA ILE YA 44 -52.23 61.40 -51.99
C ILE YA 44 -51.49 62.12 -53.12
N ALA YA 45 -52.03 62.07 -54.34
CA ALA YA 45 -51.48 62.73 -55.52
C ALA YA 45 -52.49 63.68 -56.14
N GLY YA 46 -51.99 64.79 -56.67
CA GLY YA 46 -52.82 65.80 -57.31
C GLY YA 46 -52.82 67.14 -56.59
N LYS YA 47 -53.21 68.21 -57.30
CA LYS YA 47 -53.26 69.58 -56.78
C LYS YA 47 -54.48 69.75 -55.85
N LYS YA 48 -54.25 69.71 -54.53
CA LYS YA 48 -55.29 69.83 -53.51
C LYS YA 48 -55.38 71.25 -52.96
N THR YA 49 -56.56 71.89 -53.13
CA THR YA 49 -56.81 73.27 -52.69
C THR YA 49 -57.73 73.28 -51.48
N PHE YA 50 -57.21 73.72 -50.33
CA PHE YA 50 -57.97 73.80 -49.09
C PHE YA 50 -58.47 75.23 -48.87
N THR YA 51 -59.78 75.44 -49.07
CA THR YA 51 -60.41 76.76 -48.89
C THR YA 51 -60.64 77.09 -47.41
N GLY YA 52 -60.76 76.05 -46.58
CA GLY YA 52 -60.96 76.19 -45.15
C GLY YA 52 -59.67 76.34 -44.36
N ASN YA 53 -59.74 76.17 -43.02
CA ASN YA 53 -58.59 76.29 -42.13
C ASN YA 53 -57.96 74.93 -41.84
N VAL YA 54 -56.67 74.78 -42.15
CA VAL YA 54 -55.92 73.54 -41.93
C VAL YA 54 -55.23 73.58 -40.56
N GLU YA 55 -55.37 72.50 -39.79
CA GLU YA 55 -54.75 72.38 -38.47
C GLU YA 55 -53.88 71.13 -38.44
N VAL YA 56 -52.60 71.28 -38.05
CA VAL YA 56 -51.65 70.17 -37.95
C VAL YA 56 -51.21 70.02 -36.49
N ASN YA 57 -51.33 68.79 -35.97
CA ASN YA 57 -50.95 68.47 -34.59
C ASN YA 57 -49.63 67.70 -34.54
N GLY YA 58 -49.32 66.98 -35.62
CA GLY YA 58 -48.09 66.22 -35.76
C GLY YA 58 -46.94 67.05 -36.30
N SER YA 59 -46.24 66.53 -37.32
CA SER YA 59 -45.11 67.20 -37.95
C SER YA 59 -45.33 67.43 -39.43
N LEU YA 60 -44.99 68.63 -39.90
CA LEU YA 60 -45.10 69.01 -41.31
C LEU YA 60 -43.74 68.88 -41.99
N THR YA 61 -43.67 68.05 -43.05
CA THR YA 61 -42.45 67.79 -43.80
C THR YA 61 -42.51 68.45 -45.18
N LEU YA 62 -41.46 69.19 -45.54
CA LEU YA 62 -41.36 69.90 -46.81
C LEU YA 62 -40.06 69.54 -47.54
N PRO YA 63 -39.98 69.74 -48.90
CA PRO YA 63 -38.71 69.48 -49.61
C PRO YA 63 -37.55 70.36 -49.10
N THR YA 64 -36.47 69.69 -48.69
CA THR YA 64 -35.28 70.30 -48.10
C THR YA 64 -34.04 70.11 -48.96
N LYS YA 65 -33.27 71.20 -49.14
CA LYS YA 65 -32.01 71.20 -49.87
C LYS YA 65 -31.00 72.06 -49.09
N SER YA 66 -29.82 71.49 -48.81
CA SER YA 66 -28.77 72.18 -48.06
C SER YA 66 -27.56 72.53 -48.92
N TRP YA 67 -26.90 73.65 -48.58
CA TRP YA 67 -25.71 74.14 -49.27
C TRP YA 67 -24.82 74.90 -48.30
N SER YA 68 -23.50 74.73 -48.44
CA SER YA 68 -22.49 75.40 -47.63
C SER YA 68 -21.21 75.62 -48.43
N GLY YA 69 -20.65 76.81 -48.33
CA GLY YA 69 -19.43 77.18 -49.05
C GLY YA 69 -18.90 78.55 -48.68
N GLU YA 70 -17.58 78.75 -48.86
CA GLU YA 70 -16.87 80.00 -48.56
C GLU YA 70 -17.12 81.01 -49.67
N LEU YA 71 -17.94 82.04 -49.41
CA LEU YA 71 -18.31 83.08 -50.37
C LEU YA 71 -17.13 83.92 -50.85
N GLY YA 72 -16.24 84.28 -49.92
CA GLY YA 72 -15.07 85.10 -50.22
C GLY YA 72 -14.46 85.73 -48.98
N GLY YA 73 -13.14 85.67 -48.90
CA GLY YA 73 -12.38 86.25 -47.79
C GLY YA 73 -12.33 85.41 -46.53
N GLY YA 74 -13.01 84.26 -46.55
CA GLY YA 74 -13.06 83.35 -45.41
C GLY YA 74 -14.42 83.27 -44.75
N ILE YA 75 -15.45 83.86 -45.38
CA ILE YA 75 -16.81 83.87 -44.86
C ILE YA 75 -17.60 82.71 -45.46
N ILE YA 76 -17.99 81.76 -44.60
CA ILE YA 76 -18.74 80.56 -45.00
C ILE YA 76 -20.22 80.75 -44.65
N LEU YA 77 -21.09 80.62 -45.67
CA LEU YA 77 -22.54 80.76 -45.52
C LEU YA 77 -23.20 79.39 -45.65
N SER YA 78 -24.03 79.04 -44.66
CA SER YA 78 -24.77 77.78 -44.63
C SER YA 78 -26.25 78.06 -44.95
N LEU YA 79 -26.71 77.54 -46.09
CA LEU YA 79 -28.07 77.74 -46.56
C LEU YA 79 -28.86 76.45 -46.55
N ARG YA 80 -30.14 76.54 -46.15
CA ARG YA 80 -31.08 75.41 -46.12
C ARG YA 80 -32.47 75.87 -46.54
N LYS YA 81 -32.94 75.34 -47.68
CA LYS YA 81 -34.24 75.66 -48.27
C LYS YA 81 -35.39 74.81 -47.67
N LYS YA 82 -36.52 75.46 -47.39
CA LYS YA 82 -37.73 74.83 -46.86
C LYS YA 82 -38.94 75.32 -47.64
N GLY YA 83 -38.94 74.99 -48.93
CA GLY YA 83 -40.03 75.35 -49.83
C GLY YA 83 -39.88 76.74 -50.43
N THR YA 84 -40.49 77.75 -49.76
CA THR YA 84 -40.43 79.14 -50.23
C THR YA 84 -39.60 80.05 -49.31
N THR YA 85 -38.95 79.47 -48.28
CA THR YA 85 -38.11 80.21 -47.32
C THR YA 85 -36.77 79.52 -47.13
N VAL YA 86 -35.67 80.29 -47.27
CA VAL YA 86 -34.30 79.79 -47.13
C VAL YA 86 -33.70 80.30 -45.81
N GLU YA 87 -33.19 79.37 -44.99
CA GLU YA 87 -32.58 79.66 -43.69
C GLU YA 87 -31.08 79.85 -43.89
N TYR YA 88 -30.55 81.01 -43.47
CA TYR YA 88 -29.13 81.33 -43.61
C TYR YA 88 -28.37 81.25 -42.30
N SER YA 89 -27.06 80.95 -42.36
CA SER YA 89 -26.17 80.88 -41.21
C SER YA 89 -24.77 81.34 -41.61
N ILE YA 90 -24.34 82.47 -41.03
CA ILE YA 90 -23.03 83.08 -41.30
C ILE YA 90 -22.02 82.56 -40.30
N GLY YA 91 -20.87 82.14 -40.80
CA GLY YA 91 -19.78 81.61 -39.99
C GLY YA 91 -18.42 81.70 -40.65
N GLY YA 92 -17.40 81.29 -39.90
CA GLY YA 92 -16.03 81.28 -40.38
C GLY YA 92 -15.17 82.36 -39.76
N GLU YA 93 -14.14 82.78 -40.48
CA GLU YA 93 -13.18 83.80 -40.06
C GLU YA 93 -12.61 84.52 -41.27
N ILE YA 94 -12.59 85.86 -41.21
CA ILE YA 94 -12.03 86.70 -42.29
C ILE YA 94 -10.50 86.59 -42.29
N SER YA 95 -9.95 86.00 -43.37
CA SER YA 95 -8.53 85.78 -43.56
C SER YA 95 -7.88 86.87 -44.42
N SER YA 96 -8.43 87.11 -45.64
CA SER YA 96 -7.95 88.13 -46.58
C SER YA 96 -8.77 89.43 -46.49
N SER YA 97 -8.16 90.56 -46.91
CA SER YA 97 -8.81 91.86 -46.91
C SER YA 97 -9.92 91.95 -47.94
N ILE YA 98 -11.13 92.28 -47.46
CA ILE YA 98 -12.32 92.44 -48.29
C ILE YA 98 -12.65 93.94 -48.34
N LEU YA 99 -12.72 94.48 -49.56
CA LEU YA 99 -13.00 95.89 -49.81
C LEU YA 99 -14.45 96.24 -49.51
N ALA YA 100 -14.72 97.53 -49.25
CA ALA YA 100 -16.07 98.03 -48.98
C ALA YA 100 -16.85 98.09 -50.29
N ASN YA 101 -18.10 97.58 -50.26
CA ASN YA 101 -19.02 97.50 -51.41
C ASN YA 101 -18.43 96.70 -52.60
N SER YA 102 -17.72 95.61 -52.28
CA SER YA 102 -17.08 94.73 -53.26
C SER YA 102 -17.75 93.38 -53.38
N ASN YA 103 -17.59 92.72 -54.53
CA ASN YA 103 -18.17 91.41 -54.85
C ASN YA 103 -17.31 90.26 -54.34
N LEU YA 104 -17.97 89.26 -53.75
CA LEU YA 104 -17.32 88.04 -53.25
C LEU YA 104 -17.24 87.06 -54.42
N VAL YA 105 -16.00 86.78 -54.86
CA VAL YA 105 -15.71 85.98 -56.05
C VAL YA 105 -15.26 84.52 -55.84
N ASN YA 106 -15.08 84.08 -54.58
CA ASN YA 106 -14.63 82.72 -54.28
C ASN YA 106 -15.64 81.65 -54.67
N ARG YA 107 -16.89 81.77 -54.17
CA ARG YA 107 -17.98 80.86 -54.46
C ARG YA 107 -19.30 81.63 -54.58
N SER YA 108 -20.07 81.33 -55.64
CA SER YA 108 -21.35 81.97 -55.91
C SER YA 108 -22.51 81.10 -55.43
N VAL YA 109 -23.59 81.73 -54.97
CA VAL YA 109 -24.78 81.06 -54.47
C VAL YA 109 -25.54 80.39 -55.63
N PRO YA 110 -25.87 79.07 -55.55
CA PRO YA 110 -26.59 78.40 -56.65
C PRO YA 110 -27.96 79.01 -56.93
N ASN YA 111 -28.40 78.96 -58.20
CA ASN YA 111 -29.67 79.54 -58.67
C ASN YA 111 -30.92 79.08 -57.91
N GLU YA 112 -30.91 77.83 -57.42
CA GLU YA 112 -32.04 77.24 -56.66
C GLU YA 112 -32.21 77.87 -55.26
N PHE YA 113 -31.16 78.57 -54.78
CA PHE YA 113 -31.13 79.29 -53.50
C PHE YA 113 -31.22 80.80 -53.69
N CYS YA 114 -31.04 81.26 -54.94
CA CYS YA 114 -31.08 82.68 -55.31
C CYS YA 114 -32.49 83.28 -55.24
N PRO YA 115 -32.68 84.42 -54.53
CA PRO YA 115 -34.02 85.04 -54.49
C PRO YA 115 -34.32 85.92 -55.71
N ARG YA 116 -35.61 86.27 -55.91
CA ARG YA 116 -36.08 87.12 -57.00
C ARG YA 116 -35.60 88.56 -56.80
N ASN YA 117 -35.64 89.03 -55.53
CA ASN YA 117 -35.24 90.38 -55.11
C ASN YA 117 -33.94 90.35 -54.27
N ARG YA 118 -33.25 91.51 -54.15
CA ARG YA 118 -32.02 91.65 -53.36
C ARG YA 118 -32.33 91.56 -51.86
N CYS YA 119 -31.73 90.58 -51.17
CA CYS YA 119 -31.94 90.35 -49.74
C CYS YA 119 -30.71 90.71 -48.92
N SER YA 120 -30.91 91.47 -47.83
CA SER YA 120 -29.84 91.90 -46.93
C SER YA 120 -29.78 91.02 -45.68
N LEU YA 121 -28.65 90.35 -45.45
CA LEU YA 121 -28.49 89.48 -44.29
C LEU YA 121 -27.64 90.16 -43.23
N VAL YA 122 -28.29 90.71 -42.19
CA VAL YA 122 -27.62 91.44 -41.11
C VAL YA 122 -26.86 90.46 -40.19
N GLY YA 123 -25.61 90.79 -39.91
CA GLY YA 123 -24.72 90.02 -39.06
C GLY YA 123 -24.00 90.85 -38.03
N HIS YA 124 -23.28 90.20 -37.10
CA HIS YA 124 -22.52 90.85 -36.02
C HIS YA 124 -21.11 90.28 -35.90
N MET YA 125 -20.12 91.18 -35.72
CA MET YA 125 -18.71 90.84 -35.56
C MET YA 125 -18.38 90.57 -34.10
N VAL YA 126 -17.75 89.42 -33.83
CA VAL YA 126 -17.37 88.99 -32.49
C VAL YA 126 -16.30 89.88 -31.90
N GLY YA 127 -16.63 90.43 -30.73
CA GLY YA 127 -15.76 91.32 -29.98
C GLY YA 127 -15.85 92.74 -30.46
N GLY YA 128 -17.01 93.35 -30.25
CA GLY YA 128 -17.25 94.73 -30.66
C GLY YA 128 -18.69 94.96 -31.06
N TRP YA 129 -19.07 96.22 -31.17
CA TRP YA 129 -20.41 96.64 -31.58
C TRP YA 129 -20.48 96.80 -33.10
N ASN YA 130 -19.82 95.89 -33.84
CA ASN YA 130 -19.74 95.93 -35.31
C ASN YA 130 -20.78 95.08 -36.03
N ALA YA 131 -21.44 95.71 -37.02
CA ALA YA 131 -22.49 95.08 -37.81
C ALA YA 131 -22.14 95.07 -39.30
N PHE YA 132 -22.69 94.10 -40.06
CA PHE YA 132 -22.48 93.98 -41.50
C PHE YA 132 -23.67 93.35 -42.19
N HIS YA 133 -23.84 93.62 -43.49
CA HIS YA 133 -24.90 93.01 -44.28
C HIS YA 133 -24.38 92.57 -45.64
N ILE YA 134 -24.85 91.39 -46.10
CA ILE YA 134 -24.45 90.82 -47.39
C ILE YA 134 -25.67 90.77 -48.31
N ASP YA 135 -25.55 91.36 -49.50
CA ASP YA 135 -26.62 91.39 -50.48
C ASP YA 135 -26.51 90.24 -51.49
N ILE YA 136 -27.62 89.51 -51.70
CA ILE YA 136 -27.67 88.37 -52.62
C ILE YA 136 -28.64 88.67 -53.76
N PRO YA 137 -28.14 88.82 -55.01
CA PRO YA 137 -29.04 89.10 -56.14
C PRO YA 137 -29.53 87.81 -56.81
N SER YA 138 -30.17 87.94 -57.99
CA SER YA 138 -30.67 86.80 -58.75
C SER YA 138 -29.52 86.03 -59.43
N SER YA 139 -28.38 86.71 -59.63
CA SER YA 139 -27.19 86.14 -60.26
C SER YA 139 -26.47 85.13 -59.36
N GLY YA 140 -26.22 85.51 -58.11
CA GLY YA 140 -25.57 84.66 -57.13
C GLY YA 140 -24.31 85.24 -56.53
N VAL YA 141 -23.74 86.26 -57.20
CA VAL YA 141 -22.52 86.94 -56.76
C VAL YA 141 -22.84 87.86 -55.57
N CYS YA 142 -22.44 87.43 -54.37
CA CYS YA 142 -22.67 88.17 -53.11
C CYS YA 142 -21.82 89.42 -53.02
N GLN YA 143 -22.30 90.42 -52.27
CA GLN YA 143 -21.59 91.68 -52.09
C GLN YA 143 -21.48 92.06 -50.61
N TRP YA 144 -20.25 92.31 -50.16
CA TRP YA 144 -19.95 92.74 -48.79
C TRP YA 144 -20.17 94.25 -48.72
N PHE YA 145 -21.27 94.68 -48.06
CA PHE YA 145 -21.61 96.09 -47.94
C PHE YA 145 -21.10 96.80 -46.68
N GLY YA 146 -20.27 96.11 -45.91
CA GLY YA 146 -19.63 96.66 -44.72
C GLY YA 146 -18.35 97.41 -45.07
N PRO YA 147 -17.57 97.87 -44.05
CA PRO YA 147 -16.32 98.58 -44.35
C PRO YA 147 -15.19 97.65 -44.76
N THR YA 148 -14.05 98.22 -45.20
CA THR YA 148 -12.89 97.44 -45.60
C THR YA 148 -12.32 96.70 -44.37
N ALA YA 149 -12.64 95.40 -44.26
CA ALA YA 149 -12.23 94.53 -43.15
C ALA YA 149 -11.24 93.48 -43.63
N SER YA 150 -10.27 93.12 -42.78
CA SER YA 150 -9.25 92.13 -43.08
C SER YA 150 -9.24 90.97 -42.08
N SER YA 151 -9.71 91.23 -40.84
CA SER YA 151 -9.79 90.24 -39.77
C SER YA 151 -11.07 90.39 -38.95
N GLY YA 152 -11.55 89.28 -38.41
CA GLY YA 152 -12.75 89.28 -37.59
C GLY YA 152 -13.61 88.05 -37.77
N THR YA 153 -14.51 87.79 -36.80
CA THR YA 153 -15.41 86.63 -36.83
C THR YA 153 -16.84 87.02 -37.27
N PRO YA 154 -17.30 86.60 -38.47
CA PRO YA 154 -18.67 86.92 -38.90
C PRO YA 154 -19.68 85.90 -38.39
N ARG YA 155 -20.79 86.39 -37.81
CA ARG YA 155 -21.86 85.53 -37.27
C ARG YA 155 -23.24 86.12 -37.59
N GLY YA 156 -24.24 85.25 -37.76
CA GLY YA 156 -25.61 85.67 -38.06
C GLY YA 156 -26.47 84.53 -38.57
N THR YA 157 -27.64 84.35 -37.95
CA THR YA 157 -28.61 83.30 -38.32
C THR YA 157 -30.03 83.87 -38.39
N GLY YA 158 -30.74 83.51 -39.45
CA GLY YA 158 -32.10 83.93 -39.69
C GLY YA 158 -32.73 83.26 -40.91
N THR YA 159 -33.71 83.96 -41.52
CA THR YA 159 -34.45 83.51 -42.70
C THR YA 159 -34.61 84.64 -43.70
N TYR YA 160 -34.68 84.29 -44.99
CA TYR YA 160 -34.88 85.25 -46.06
C TYR YA 160 -35.80 84.68 -47.17
N PRO YA 161 -36.73 85.49 -47.72
CA PRO YA 161 -37.61 84.97 -48.78
C PRO YA 161 -36.90 84.70 -50.11
N ILE YA 162 -37.46 83.80 -50.92
CA ILE YA 162 -36.92 83.44 -52.23
C ILE YA 162 -37.80 83.99 -53.39
N ASP YA 163 -39.12 84.14 -53.16
CA ASP YA 163 -40.10 84.62 -54.14
C ASP YA 163 -40.54 86.08 -53.91
N ALA ZA 2 69.42 -64.12 59.59
CA ALA ZA 2 68.74 -65.10 60.44
C ALA ZA 2 69.33 -66.49 60.30
N SER ZA 3 69.39 -67.26 61.40
CA SER ZA 3 69.90 -68.62 61.35
C SER ZA 3 68.81 -69.55 60.81
N ILE ZA 4 68.99 -70.03 59.58
CA ILE ZA 4 68.02 -70.90 58.91
C ILE ZA 4 68.59 -72.26 58.56
N LYS ZA 5 67.72 -73.29 58.56
CA LYS ZA 5 68.12 -74.65 58.20
C LYS ZA 5 67.96 -74.87 56.70
N LYS ZA 6 68.81 -75.70 56.11
CA LYS ZA 6 68.78 -75.99 54.69
C LYS ZA 6 67.64 -76.97 54.36
N VAL ZA 7 66.89 -76.67 53.29
CA VAL ZA 7 65.78 -77.48 52.77
C VAL ZA 7 66.28 -78.34 51.59
N TYR ZA 8 66.09 -79.65 51.67
CA TYR ZA 8 66.56 -80.58 50.63
C TYR ZA 8 65.54 -81.67 50.38
N ARG ZA 9 65.68 -82.37 49.25
CA ARG ZA 9 64.82 -83.49 48.85
C ARG ZA 9 65.04 -84.69 49.80
N GLY ZA 10 63.93 -85.24 50.31
CA GLY ZA 10 63.94 -86.38 51.23
C GLY ZA 10 64.33 -86.03 52.64
N MET ZA 11 63.94 -84.85 53.06
CA MET ZA 11 64.22 -84.30 54.38
C MET ZA 11 63.21 -84.81 55.39
N LYS ZA 12 63.70 -85.24 56.57
CA LYS ZA 12 62.86 -85.73 57.65
C LYS ZA 12 62.19 -84.52 58.32
N ASN ZA 13 60.84 -84.54 58.41
CA ASN ZA 13 60.00 -83.47 58.98
C ASN ZA 13 60.29 -82.11 58.29
N GLY ZA 14 59.92 -82.04 57.01
CA GLY ZA 14 60.12 -80.84 56.20
C GLY ZA 14 59.19 -79.69 56.50
N ALA ZA 15 57.92 -80.00 56.82
CA ALA ZA 15 56.90 -79.00 57.11
C ALA ZA 15 57.25 -78.10 58.30
N GLU ZA 16 57.83 -78.71 59.35
CA GLU ZA 16 58.26 -78.01 60.55
C GLU ZA 16 59.47 -77.14 60.23
N THR ZA 17 60.40 -77.66 59.39
CA THR ZA 17 61.65 -76.98 59.00
C THR ZA 17 61.37 -75.66 58.29
N ILE ZA 18 60.49 -75.68 57.28
CA ILE ZA 18 60.11 -74.51 56.49
C ILE ZA 18 59.42 -73.48 57.38
N ASN ZA 19 58.47 -73.94 58.20
CA ASN ZA 19 57.72 -73.06 59.11
C ASN ZA 19 58.64 -72.33 60.08
N ASP ZA 20 59.64 -73.03 60.65
CA ASP ZA 20 60.60 -72.46 61.57
C ASP ZA 20 61.52 -71.45 60.87
N ASP ZA 21 61.85 -71.71 59.59
CA ASP ZA 21 62.70 -70.84 58.78
C ASP ZA 21 61.95 -69.56 58.43
N LEU ZA 22 60.66 -69.68 58.10
CA LEU ZA 22 59.82 -68.53 57.76
C LEU ZA 22 59.59 -67.63 58.96
N GLU ZA 23 59.39 -68.24 60.15
CA GLU ZA 23 59.16 -67.54 61.41
C GLU ZA 23 60.41 -66.81 61.89
N ALA ZA 24 61.61 -67.40 61.63
CA ALA ZA 24 62.91 -66.84 61.99
C ALA ZA 24 63.23 -65.61 61.16
N ILE ZA 25 62.84 -65.64 59.88
CA ILE ZA 25 63.02 -64.54 58.93
C ILE ZA 25 62.05 -63.41 59.28
N ASN ZA 26 60.77 -63.75 59.50
CA ASN ZA 26 59.72 -62.79 59.84
C ASN ZA 26 59.98 -62.06 61.18
N SER ZA 27 60.66 -62.75 62.13
CA SER ZA 27 61.04 -62.19 63.42
C SER ZA 27 62.05 -61.07 63.25
N GLU ZA 28 63.00 -61.24 62.31
CA GLU ZA 28 64.04 -60.27 61.99
C GLU ZA 28 63.49 -59.08 61.20
N LEU ZA 29 62.32 -59.25 60.55
CA LEU ZA 29 61.66 -58.18 59.79
C LEU ZA 29 61.00 -57.13 60.70
N THR ZA 30 60.75 -57.50 61.96
CA THR ZA 30 60.11 -56.63 62.96
C THR ZA 30 61.11 -56.11 64.02
N SER ZA 31 61.98 -57.00 64.54
CA SER ZA 31 62.95 -56.68 65.57
C SER ZA 31 64.26 -57.47 65.49
N GLY ZA 32 65.35 -56.81 65.87
CA GLY ZA 32 66.68 -57.40 65.92
C GLY ZA 32 67.31 -57.70 64.57
N GLY ZA 33 68.19 -58.69 64.57
CA GLY ZA 33 68.93 -59.11 63.39
C GLY ZA 33 70.02 -58.14 62.99
N ASN ZA 34 70.23 -57.99 61.67
CA ASN ZA 34 71.25 -57.10 61.12
C ASN ZA 34 70.63 -55.97 60.27
N VAL ZA 35 69.31 -55.76 60.40
CA VAL ZA 35 68.57 -54.73 59.68
C VAL ZA 35 68.09 -53.61 60.55
N VAL ZA 36 68.08 -52.39 60.00
CA VAL ZA 36 67.63 -51.19 60.71
C VAL ZA 36 66.10 -51.10 60.63
N HIS ZA 37 65.44 -51.02 61.80
CA HIS ZA 37 63.98 -50.95 61.91
C HIS ZA 37 63.45 -49.56 62.19
N LYS ZA 38 62.15 -49.35 61.92
CA LYS ZA 38 61.44 -48.11 62.15
C LYS ZA 38 61.08 -47.94 63.63
N THR ZA 39 61.25 -49.02 64.42
CA THR ZA 39 60.95 -49.04 65.85
C THR ZA 39 62.07 -49.72 66.64
N GLY ZA 40 62.37 -49.15 67.81
CA GLY ZA 40 63.39 -49.66 68.73
C GLY ZA 40 64.74 -49.00 68.61
N ASP ZA 41 65.55 -49.14 69.67
CA ASP ZA 41 66.90 -48.59 69.77
C ASP ZA 41 67.91 -49.59 69.19
N GLU ZA 42 68.61 -49.17 68.13
CA GLU ZA 42 69.57 -50.01 67.41
C GLU ZA 42 70.90 -49.30 67.13
N THR ZA 43 71.99 -50.08 67.00
CA THR ZA 43 73.33 -49.58 66.68
C THR ZA 43 73.66 -49.90 65.22
N ILE ZA 44 74.08 -48.87 64.47
CA ILE ZA 44 74.41 -48.95 63.04
C ILE ZA 44 75.90 -48.65 62.82
N ALA ZA 45 76.54 -49.47 61.98
CA ALA ZA 45 77.95 -49.33 61.65
C ALA ZA 45 78.14 -49.25 60.13
N GLY ZA 46 79.18 -48.52 59.71
CA GLY ZA 46 79.50 -48.35 58.29
C GLY ZA 46 79.16 -46.97 57.77
N LYS ZA 47 79.75 -46.62 56.60
CA LYS ZA 47 79.54 -45.33 55.94
C LYS ZA 47 78.17 -45.26 55.29
N LYS ZA 48 77.24 -44.50 55.91
CA LYS ZA 48 75.88 -44.33 55.43
C LYS ZA 48 75.71 -42.99 54.70
N THR ZA 49 75.54 -43.05 53.37
CA THR ZA 49 75.39 -41.86 52.52
C THR ZA 49 73.91 -41.59 52.21
N PHE ZA 50 73.37 -40.52 52.80
CA PHE ZA 50 71.98 -40.11 52.60
C PHE ZA 50 71.90 -39.10 51.47
N THR ZA 51 71.42 -39.52 50.31
CA THR ZA 51 71.27 -38.67 49.13
C THR ZA 51 70.05 -37.76 49.27
N GLY ZA 52 69.05 -38.24 50.01
CA GLY ZA 52 67.81 -37.50 50.27
C GLY ZA 52 67.90 -36.53 51.43
N ASN ZA 53 66.74 -36.03 51.87
CA ASN ZA 53 66.66 -35.09 52.98
C ASN ZA 53 66.46 -35.80 54.31
N VAL ZA 54 67.25 -35.40 55.32
CA VAL ZA 54 67.20 -35.99 56.66
C VAL ZA 54 66.54 -35.02 57.65
N GLU ZA 55 65.55 -35.53 58.40
CA GLU ZA 55 64.84 -34.74 59.40
C GLU ZA 55 64.97 -35.42 60.77
N VAL ZA 56 65.43 -34.66 61.78
CA VAL ZA 56 65.60 -35.14 63.16
C VAL ZA 56 64.67 -34.34 64.08
N ASN ZA 57 63.81 -35.07 64.82
CA ASN ZA 57 62.86 -34.49 65.76
C ASN ZA 57 63.40 -34.52 67.19
N GLY ZA 58 64.29 -35.50 67.46
CA GLY ZA 58 64.94 -35.66 68.76
C GLY ZA 58 66.19 -34.82 68.90
N SER ZA 59 67.24 -35.39 69.53
CA SER ZA 59 68.50 -34.69 69.74
C SER ZA 59 69.65 -35.35 68.98
N LEU ZA 60 70.50 -34.54 68.34
CA LEU ZA 60 71.67 -35.00 67.60
C LEU ZA 60 72.93 -34.93 68.47
N THR ZA 61 73.63 -36.06 68.59
CA THR ZA 61 74.85 -36.17 69.40
C THR ZA 61 76.09 -36.35 68.51
N LEU ZA 62 77.15 -35.60 68.79
CA LEU ZA 62 78.40 -35.65 68.02
C LEU ZA 62 79.62 -35.86 68.93
N PRO ZA 63 80.79 -36.35 68.41
CA PRO ZA 63 81.97 -36.52 69.26
C PRO ZA 63 82.41 -35.23 69.93
N THR ZA 64 82.62 -35.29 71.25
CA THR ZA 64 82.97 -34.14 72.06
C THR ZA 64 84.27 -34.34 72.85
N LYS ZA 65 85.14 -33.34 72.81
CA LYS ZA 65 86.40 -33.30 73.54
C LYS ZA 65 86.62 -31.88 74.06
N SER ZA 66 86.88 -31.76 75.37
CA SER ZA 66 87.08 -30.45 76.03
C SER ZA 66 88.53 -30.22 76.45
N TRP ZA 67 88.94 -28.94 76.43
CA TRP ZA 67 90.28 -28.51 76.83
C TRP ZA 67 90.22 -27.09 77.41
N SER ZA 68 90.97 -26.87 78.49
CA SER ZA 68 91.06 -25.57 79.16
C SER ZA 68 92.46 -25.37 79.72
N GLY ZA 69 92.98 -24.17 79.53
CA GLY ZA 69 94.32 -23.80 79.98
C GLY ZA 69 94.67 -22.34 79.74
N GLU ZA 70 95.58 -21.81 80.56
CA GLU ZA 70 96.06 -20.43 80.48
C GLU ZA 70 97.06 -20.30 79.33
N LEU ZA 71 96.70 -19.52 78.29
CA LEU ZA 71 97.54 -19.30 77.11
C LEU ZA 71 98.78 -18.47 77.41
N GLY ZA 72 98.61 -17.42 78.21
CA GLY ZA 72 99.69 -16.52 78.60
C GLY ZA 72 99.21 -15.24 79.27
N GLY ZA 73 99.67 -15.02 80.49
CA GLY ZA 73 99.34 -13.84 81.28
C GLY ZA 73 97.92 -13.77 81.80
N GLY ZA 74 97.47 -14.86 82.41
CA GLY ZA 74 96.14 -14.95 83.02
C GLY ZA 74 94.97 -15.03 82.05
N ILE ZA 75 95.24 -15.35 80.77
CA ILE ZA 75 94.20 -15.47 79.73
C ILE ZA 75 93.90 -16.97 79.54
N ILE ZA 76 92.76 -17.42 80.08
CA ILE ZA 76 92.33 -18.81 80.01
C ILE ZA 76 91.31 -18.99 78.88
N LEU ZA 77 91.60 -19.92 77.96
CA LEU ZA 77 90.75 -20.23 76.82
C LEU ZA 77 90.14 -21.62 77.00
N SER ZA 78 88.80 -21.67 76.95
CA SER ZA 78 88.04 -22.91 77.08
C SER ZA 78 87.60 -23.38 75.68
N LEU ZA 79 88.09 -24.54 75.27
CA LEU ZA 79 87.77 -25.09 73.96
C LEU ZA 79 86.99 -26.38 74.04
N ARG ZA 80 86.04 -26.56 73.11
CA ARG ZA 80 85.22 -27.76 73.01
C ARG ZA 80 84.93 -28.08 71.54
N LYS ZA 81 85.40 -29.25 71.09
CA LYS ZA 81 85.26 -29.71 69.70
C LYS ZA 81 83.95 -30.49 69.53
N LYS ZA 82 83.23 -30.18 68.44
CA LYS ZA 82 81.98 -30.83 68.05
C LYS ZA 82 82.01 -31.17 66.56
N GLY ZA 83 82.69 -32.27 66.26
CA GLY ZA 83 82.85 -32.74 64.89
C GLY ZA 83 83.87 -31.95 64.10
N THR ZA 84 83.40 -30.96 63.33
CA THR ZA 84 84.24 -30.10 62.47
C THR ZA 84 84.26 -28.63 62.91
N THR ZA 85 83.57 -28.32 64.03
CA THR ZA 85 83.48 -26.96 64.58
C THR ZA 85 83.88 -26.96 66.05
N VAL ZA 86 84.80 -26.06 66.42
CA VAL ZA 86 85.29 -25.93 67.79
C VAL ZA 86 84.73 -24.64 68.41
N GLU ZA 87 84.12 -24.77 69.60
CA GLU ZA 87 83.52 -23.65 70.34
C GLU ZA 87 84.56 -23.11 71.31
N TYR ZA 88 84.82 -21.80 71.23
CA TYR ZA 88 85.80 -21.12 72.08
C TYR ZA 88 85.14 -20.23 73.12
N SER ZA 89 85.80 -20.05 74.28
CA SER ZA 89 85.34 -19.19 75.37
C SER ZA 89 86.55 -18.55 76.05
N ILE ZA 90 86.62 -17.21 75.98
CA ILE ZA 90 87.71 -16.44 76.57
C ILE ZA 90 87.29 -15.98 77.98
N GLY ZA 91 88.17 -16.25 78.96
CA GLY ZA 91 87.94 -15.89 80.35
C GLY ZA 91 89.20 -15.49 81.08
N GLY ZA 92 89.07 -15.38 82.40
CA GLY ZA 92 90.19 -15.01 83.28
C GLY ZA 92 90.38 -13.50 83.41
N GLU ZA 93 91.58 -13.11 83.82
CA GLU ZA 93 91.99 -11.71 84.01
C GLU ZA 93 93.50 -11.57 83.74
N ILE ZA 94 93.89 -10.55 82.96
CA ILE ZA 94 95.28 -10.27 82.59
C ILE ZA 94 96.13 -9.84 83.81
N SER ZA 95 97.11 -10.69 84.18
CA SER ZA 95 98.00 -10.46 85.33
C SER ZA 95 99.33 -9.83 84.90
N SER ZA 96 100.05 -10.47 83.96
CA SER ZA 96 101.34 -9.98 83.46
C SER ZA 96 101.19 -9.16 82.17
N SER ZA 97 102.25 -8.44 81.76
CA SER ZA 97 102.25 -7.62 80.55
C SER ZA 97 102.51 -8.44 79.30
N ILE ZA 98 101.57 -8.38 78.34
CA ILE ZA 98 101.66 -9.03 77.04
C ILE ZA 98 101.90 -7.96 75.97
N LEU ZA 99 103.01 -8.10 75.25
CA LEU ZA 99 103.44 -7.18 74.20
C LEU ZA 99 102.52 -7.24 72.97
N ALA ZA 100 102.53 -6.18 72.14
CA ALA ZA 100 101.75 -6.10 70.92
C ALA ZA 100 102.38 -7.00 69.86
N ASN ZA 101 101.55 -7.82 69.18
CA ASN ZA 101 101.96 -8.80 68.15
C ASN ZA 101 102.98 -9.83 68.65
N SER ZA 102 102.81 -10.30 69.90
CA SER ZA 102 103.68 -11.28 70.55
C SER ZA 102 102.97 -12.61 70.82
N ASN ZA 103 103.73 -13.71 70.81
CA ASN ZA 103 103.24 -15.06 71.03
C ASN ZA 103 103.09 -15.42 72.51
N LEU ZA 104 101.94 -16.03 72.87
CA LEU ZA 104 101.65 -16.48 74.23
C LEU ZA 104 102.30 -17.85 74.42
N VAL ZA 105 103.36 -17.90 75.24
CA VAL ZA 105 104.19 -19.09 75.44
C VAL ZA 105 103.97 -19.88 76.76
N ASN ZA 106 102.88 -19.61 77.50
CA ASN ZA 106 102.59 -20.32 78.76
C ASN ZA 106 102.14 -21.75 78.50
N ARG ZA 107 101.12 -21.92 77.62
CA ARG ZA 107 100.56 -23.21 77.23
C ARG ZA 107 100.02 -23.15 75.80
N SER ZA 108 100.37 -24.16 74.98
CA SER ZA 108 99.98 -24.24 73.58
C SER ZA 108 98.72 -25.08 73.39
N VAL ZA 109 97.95 -24.76 72.33
CA VAL ZA 109 96.71 -25.45 71.99
C VAL ZA 109 97.03 -26.82 71.35
N PRO ZA 110 96.43 -27.94 71.86
CA PRO ZA 110 96.71 -29.27 71.30
C PRO ZA 110 96.35 -29.41 69.82
N ASN ZA 111 97.07 -30.29 69.11
CA ASN ZA 111 96.91 -30.52 67.67
C ASN ZA 111 95.50 -30.91 67.21
N GLU ZA 112 94.75 -31.64 68.07
CA GLU ZA 112 93.38 -32.07 67.79
C GLU ZA 112 92.35 -30.91 67.77
N PHE ZA 113 92.75 -29.73 68.29
CA PHE ZA 113 91.96 -28.51 68.34
C PHE ZA 113 92.50 -27.46 67.35
N CYS ZA 114 93.71 -27.68 66.82
CA CYS ZA 114 94.38 -26.78 65.88
C CYS ZA 114 93.72 -26.80 64.48
N PRO ZA 115 93.33 -25.62 63.94
CA PRO ZA 115 92.73 -25.59 62.59
C PRO ZA 115 93.78 -25.63 61.47
N ARG ZA 116 93.34 -25.94 60.23
CA ARG ZA 116 94.22 -25.99 59.06
C ARG ZA 116 94.72 -24.58 58.68
N ASN ZA 117 93.80 -23.60 58.70
CA ASN ZA 117 94.08 -22.19 58.43
C ASN ZA 117 94.04 -21.35 59.72
N ARG ZA 118 94.69 -20.17 59.72
CA ARG ZA 118 94.74 -19.27 60.87
C ARG ZA 118 93.36 -18.64 61.15
N CYS ZA 119 92.85 -18.82 62.38
CA CYS ZA 119 91.54 -18.32 62.80
C CYS ZA 119 91.67 -17.20 63.83
N SER ZA 120 90.88 -16.12 63.65
CA SER ZA 120 90.85 -14.94 64.53
C SER ZA 120 89.68 -14.99 65.50
N LEU ZA 121 89.95 -14.86 66.81
CA LEU ZA 121 88.89 -14.90 67.81
C LEU ZA 121 88.65 -13.50 68.37
N VAL ZA 122 87.59 -12.83 67.91
CA VAL ZA 122 87.22 -11.47 68.34
C VAL ZA 122 86.68 -11.48 69.78
N GLY ZA 123 87.25 -10.62 70.62
CA GLY ZA 123 86.90 -10.47 72.02
C GLY ZA 123 86.70 -9.02 72.45
N HIS ZA 124 86.16 -8.82 73.67
CA HIS ZA 124 85.88 -7.50 74.23
C HIS ZA 124 86.39 -7.39 75.66
N MET ZA 125 87.00 -6.24 75.98
CA MET ZA 125 87.55 -5.95 77.30
C MET ZA 125 86.50 -5.31 78.19
N VAL ZA 126 86.34 -5.84 79.41
CA VAL ZA 126 85.37 -5.35 80.40
C VAL ZA 126 85.80 -3.97 80.92
N GLY ZA 127 84.89 -3.01 80.82
CA GLY ZA 127 85.12 -1.64 81.27
C GLY ZA 127 85.02 -0.60 80.18
N GLY ZA 128 85.80 -0.79 79.12
CA GLY ZA 128 85.84 0.12 77.98
C GLY ZA 128 85.32 -0.46 76.69
N TRP ZA 129 85.46 0.31 75.59
CA TRP ZA 129 85.06 -0.08 74.24
C TRP ZA 129 86.20 -0.85 73.53
N ASN ZA 130 87.18 -1.32 74.33
CA ASN ZA 130 88.36 -2.04 73.89
C ASN ZA 130 88.06 -3.43 73.31
N ALA ZA 131 88.67 -3.73 72.15
CA ALA ZA 131 88.52 -4.99 71.44
C ALA ZA 131 89.87 -5.65 71.16
N PHE ZA 132 89.90 -6.99 71.05
CA PHE ZA 132 91.11 -7.76 70.80
C PHE ZA 132 90.82 -9.03 70.01
N HIS ZA 133 91.84 -9.57 69.34
CA HIS ZA 133 91.75 -10.83 68.60
C HIS ZA 133 93.01 -11.68 68.77
N ILE ZA 134 92.82 -12.98 68.99
CA ILE ZA 134 93.92 -13.94 69.16
C ILE ZA 134 93.91 -14.93 68.01
N ASP ZA 135 95.03 -15.01 67.27
CA ASP ZA 135 95.16 -15.89 66.12
C ASP ZA 135 95.65 -17.28 66.53
N ILE ZA 136 94.99 -18.33 66.03
CA ILE ZA 136 95.37 -19.72 66.31
C ILE ZA 136 96.00 -20.35 65.07
N PRO ZA 137 97.35 -20.50 65.02
CA PRO ZA 137 97.98 -21.13 63.85
C PRO ZA 137 97.89 -22.66 63.93
N SER ZA 138 98.40 -23.34 62.90
CA SER ZA 138 98.40 -24.81 62.84
C SER ZA 138 99.40 -25.43 63.83
N SER ZA 139 100.38 -24.62 64.30
CA SER ZA 139 101.41 -25.02 65.25
C SER ZA 139 100.85 -25.27 66.66
N GLY ZA 140 100.08 -24.30 67.16
CA GLY ZA 140 99.47 -24.38 68.49
C GLY ZA 140 99.71 -23.17 69.36
N VAL ZA 141 100.84 -22.47 69.15
CA VAL ZA 141 101.23 -21.28 69.91
C VAL ZA 141 100.39 -20.08 69.48
N CYS ZA 142 99.44 -19.67 70.34
CA CYS ZA 142 98.53 -18.55 70.11
C CYS ZA 142 99.26 -17.22 70.15
N GLN ZA 143 98.86 -16.29 69.27
CA GLN ZA 143 99.49 -14.97 69.18
C GLN ZA 143 98.51 -13.83 69.47
N TRP ZA 144 98.85 -12.98 70.45
CA TRP ZA 144 98.06 -11.80 70.82
C TRP ZA 144 98.30 -10.70 69.79
N PHE ZA 145 97.28 -10.42 68.96
CA PHE ZA 145 97.36 -9.43 67.88
C PHE ZA 145 96.89 -8.01 68.27
N GLY ZA 146 96.47 -7.84 69.52
CA GLY ZA 146 96.06 -6.54 70.04
C GLY ZA 146 97.23 -5.70 70.51
N PRO ZA 147 97.00 -4.53 71.14
CA PRO ZA 147 98.13 -3.71 71.61
C PRO ZA 147 98.70 -4.20 72.94
N THR ZA 148 99.78 -3.55 73.42
CA THR ZA 148 100.42 -3.90 74.69
C THR ZA 148 99.48 -3.61 75.87
N ALA ZA 149 99.17 -4.64 76.65
CA ALA ZA 149 98.28 -4.53 77.82
C ALA ZA 149 98.82 -5.33 78.99
N SER ZA 150 98.54 -4.85 80.22
CA SER ZA 150 98.98 -5.49 81.45
C SER ZA 150 97.80 -5.89 82.34
N SER ZA 151 96.66 -5.21 82.16
CA SER ZA 151 95.44 -5.49 82.91
C SER ZA 151 94.20 -5.52 82.03
N GLY ZA 152 93.07 -5.88 82.64
CA GLY ZA 152 91.78 -5.94 81.97
C GLY ZA 152 91.21 -7.34 81.95
N THR ZA 153 89.88 -7.43 81.88
CA THR ZA 153 89.17 -8.70 81.87
C THR ZA 153 88.82 -9.12 80.42
N PRO ZA 154 89.47 -10.18 79.87
CA PRO ZA 154 89.15 -10.62 78.50
C PRO ZA 154 87.90 -11.51 78.45
N ARG ZA 155 86.99 -11.23 77.51
CA ARG ZA 155 85.75 -11.99 77.33
C ARG ZA 155 85.43 -12.17 75.84
N GLY ZA 156 84.82 -13.31 75.49
CA GLY ZA 156 84.46 -13.63 74.11
C GLY ZA 156 84.09 -15.09 73.92
N THR ZA 157 82.90 -15.35 73.36
CA THR ZA 157 82.40 -16.70 73.10
C THR ZA 157 81.82 -16.80 71.68
N GLY ZA 158 82.21 -17.86 70.98
CA GLY ZA 158 81.78 -18.13 69.62
C GLY ZA 158 82.22 -19.50 69.11
N THR ZA 159 82.38 -19.61 67.78
CA THR ZA 159 82.79 -20.84 67.09
C THR ZA 159 83.82 -20.54 66.01
N TYR ZA 160 84.72 -21.49 65.76
CA TYR ZA 160 85.74 -21.38 64.71
C TYR ZA 160 85.93 -22.70 63.95
N PRO ZA 161 86.12 -22.67 62.60
CA PRO ZA 161 86.30 -23.92 61.86
C PRO ZA 161 87.66 -24.58 62.12
N ILE ZA 162 87.75 -25.90 61.85
CA ILE ZA 162 88.97 -26.68 62.04
C ILE ZA 162 89.55 -27.22 60.70
N ASP ZA 163 88.69 -27.34 59.67
CA ASP ZA 163 89.05 -27.87 58.35
C ASP ZA 163 88.82 -26.85 57.22
N SER ZA 164 89.54 -27.03 56.09
CA SER ZA 164 89.41 -26.18 54.91
C SER ZA 164 89.40 -26.99 53.61
N ALA AB 2 64.41 -59.08 46.75
CA ALA AB 2 65.12 -60.27 46.30
C ALA AB 2 64.37 -60.97 45.17
N SER AB 3 65.12 -61.52 44.20
CA SER AB 3 64.52 -62.24 43.09
C SER AB 3 64.17 -63.66 43.55
N ILE AB 4 62.87 -63.96 43.60
CA ILE AB 4 62.36 -65.26 44.05
C ILE AB 4 61.51 -65.96 42.98
N LYS AB 5 61.52 -67.30 42.99
CA LYS AB 5 60.73 -68.10 42.05
C LYS AB 5 59.40 -68.49 42.68
N LYS AB 6 58.38 -68.66 41.84
CA LYS AB 6 57.04 -69.02 42.29
C LYS AB 6 56.97 -70.50 42.70
N VAL AB 7 56.24 -70.77 43.78
CA VAL AB 7 56.00 -72.11 44.33
C VAL AB 7 54.55 -72.51 43.98
N TYR AB 8 54.40 -73.67 43.33
CA TYR AB 8 53.09 -74.19 42.91
C TYR AB 8 52.96 -75.69 43.10
N ARG AB 9 51.73 -76.21 43.00
CA ARG AB 9 51.38 -77.63 43.11
C ARG AB 9 51.97 -78.39 41.94
N GLY AB 10 52.61 -79.51 42.25
CA GLY AB 10 53.23 -80.41 41.29
C GLY AB 10 54.46 -79.83 40.63
N MET AB 11 55.23 -79.10 41.41
CA MET AB 11 56.42 -78.44 40.92
C MET AB 11 57.65 -79.35 40.97
N LYS AB 12 58.42 -79.37 39.86
CA LYS AB 12 59.68 -80.11 39.75
C LYS AB 12 60.71 -79.33 40.56
N ASN AB 13 61.51 -80.03 41.40
CA ASN AB 13 62.51 -79.43 42.28
C ASN AB 13 61.89 -78.45 43.29
N GLY AB 14 60.89 -78.93 44.03
CA GLY AB 14 60.17 -78.12 45.00
C GLY AB 14 61.02 -77.71 46.20
N ALA AB 15 61.67 -78.70 46.83
CA ALA AB 15 62.54 -78.48 47.98
C ALA AB 15 63.71 -77.57 47.64
N GLU AB 16 64.21 -77.69 46.39
CA GLU AB 16 65.33 -76.91 45.87
C GLU AB 16 64.95 -75.44 45.72
N THR AB 17 63.75 -75.20 45.16
CA THR AB 17 63.21 -73.86 44.91
C THR AB 17 62.97 -73.13 46.23
N ILE AB 18 62.32 -73.80 47.21
CA ILE AB 18 62.02 -73.21 48.52
C ILE AB 18 63.30 -72.79 49.24
N ASN AB 19 64.31 -73.69 49.23
CA ASN AB 19 65.61 -73.43 49.85
C ASN AB 19 66.31 -72.23 49.21
N ASP AB 20 66.35 -72.15 47.86
CA ASP AB 20 66.99 -71.03 47.18
C ASP AB 20 66.24 -69.73 47.38
N ASP AB 21 64.91 -69.79 47.54
CA ASP AB 21 64.07 -68.62 47.82
C ASP AB 21 64.31 -68.12 49.24
N LEU AB 22 64.43 -69.05 50.20
CA LEU AB 22 64.70 -68.70 51.58
C LEU AB 22 66.10 -68.13 51.75
N GLU AB 23 67.09 -68.69 51.01
CA GLU AB 23 68.48 -68.26 51.03
C GLU AB 23 68.66 -66.88 50.42
N ALA AB 24 67.89 -66.58 49.35
CA ALA AB 24 67.92 -65.29 48.65
C ALA AB 24 67.36 -64.19 49.53
N ILE AB 25 66.33 -64.52 50.32
CA ILE AB 25 65.69 -63.62 51.26
C ILE AB 25 66.61 -63.37 52.46
N ASN AB 26 67.16 -64.46 53.03
CA ASN AB 26 68.09 -64.39 54.16
C ASN AB 26 69.39 -63.65 53.83
N SER AB 27 69.83 -63.69 52.53
CA SER AB 27 71.02 -62.99 52.05
C SER AB 27 70.84 -61.48 52.13
N GLU AB 28 69.62 -61.01 51.83
CA GLU AB 28 69.26 -59.60 51.89
C GLU AB 28 69.10 -59.13 53.34
N LEU AB 29 68.87 -60.05 54.28
CA LEU AB 29 68.74 -59.71 55.71
C LEU AB 29 70.08 -59.38 56.36
N THR AB 30 71.19 -59.82 55.73
CA THR AB 30 72.56 -59.61 56.22
C THR AB 30 73.30 -58.52 55.42
N SER AB 31 73.23 -58.57 54.08
CA SER AB 31 73.91 -57.62 53.19
C SER AB 31 73.22 -57.39 51.85
N GLY AB 32 73.33 -56.18 51.33
CA GLY AB 32 72.79 -55.79 50.02
C GLY AB 32 71.28 -55.60 49.96
N GLY AB 33 70.76 -55.62 48.73
CA GLY AB 33 69.34 -55.44 48.46
C GLY AB 33 68.89 -53.99 48.59
N ASN AB 34 67.59 -53.79 48.84
CA ASN AB 34 67.02 -52.44 48.99
C ASN AB 34 66.63 -52.18 50.45
N VAL AB 35 67.49 -52.62 51.37
CA VAL AB 35 67.29 -52.52 52.82
C VAL AB 35 68.54 -52.01 53.56
N VAL AB 36 68.34 -51.06 54.49
CA VAL AB 36 69.40 -50.48 55.33
C VAL AB 36 69.80 -51.50 56.40
N HIS AB 37 71.12 -51.76 56.52
CA HIS AB 37 71.71 -52.72 57.44
C HIS AB 37 72.48 -52.07 58.58
N LYS AB 38 72.69 -52.86 59.65
CA LYS AB 38 73.46 -52.45 60.83
C LYS AB 38 74.96 -52.48 60.56
N THR AB 39 75.39 -53.14 59.47
CA THR AB 39 76.79 -53.26 59.08
C THR AB 39 76.97 -53.03 57.59
N GLY AB 40 78.09 -52.40 57.23
CA GLY AB 40 78.46 -52.14 55.85
C GLY AB 40 78.16 -50.74 55.36
N ASP AB 41 78.85 -50.35 54.26
CA ASP AB 41 78.71 -49.04 53.62
C ASP AB 41 77.57 -49.09 52.60
N GLU AB 42 76.53 -48.30 52.84
CA GLU AB 42 75.32 -48.27 52.02
C GLU AB 42 74.87 -46.86 51.67
N THR AB 43 74.18 -46.70 50.53
CA THR AB 43 73.61 -45.44 50.06
C THR AB 43 72.11 -45.46 50.27
N ILE AB 44 71.58 -44.42 50.92
CA ILE AB 44 70.16 -44.27 51.26
C ILE AB 44 69.55 -43.06 50.54
N ALA AB 45 68.38 -43.27 49.94
CA ALA AB 45 67.64 -42.23 49.21
C ALA AB 45 66.24 -42.09 49.80
N GLY AB 46 65.71 -40.87 49.73
CA GLY AB 46 64.37 -40.55 50.23
C GLY AB 46 64.37 -39.73 51.49
N LYS AB 47 63.24 -39.05 51.76
CA LYS AB 47 63.04 -38.21 52.93
C LYS AB 47 62.82 -39.06 54.20
N LYS AB 48 63.88 -39.16 55.03
CA LYS AB 48 63.88 -39.95 56.26
C LYS AB 48 63.65 -39.08 57.48
N THR AB 49 62.60 -39.39 58.25
CA THR AB 49 62.22 -38.64 59.45
C THR AB 49 62.52 -39.44 60.70
N PHE AB 50 63.51 -38.97 61.48
CA PHE AB 50 63.90 -39.61 62.73
C PHE AB 50 63.23 -38.91 63.91
N THR AB 51 62.17 -39.55 64.45
CA THR AB 51 61.40 -39.02 65.58
C THR AB 51 62.16 -39.15 66.91
N GLY AB 52 62.99 -40.19 67.00
CA GLY AB 52 63.84 -40.46 68.16
C GLY AB 52 65.15 -39.70 68.14
N ASN AB 53 66.00 -39.95 69.14
CA ASN AB 53 67.31 -39.29 69.28
C ASN AB 53 68.37 -40.00 68.44
N VAL AB 54 69.18 -39.22 67.70
CA VAL AB 54 70.24 -39.73 66.81
C VAL AB 54 71.62 -39.44 67.42
N GLU AB 55 72.48 -40.47 67.46
CA GLU AB 55 73.84 -40.33 67.97
C GLU AB 55 74.83 -40.71 66.87
N VAL AB 56 75.83 -39.83 66.64
CA VAL AB 56 76.89 -40.04 65.64
C VAL AB 56 78.23 -40.14 66.37
N ASN AB 57 78.92 -41.26 66.19
CA ASN AB 57 80.22 -41.52 66.80
C ASN AB 57 81.36 -41.19 65.83
N GLY AB 58 81.08 -41.28 64.53
CA GLY AB 58 82.05 -40.98 63.49
C GLY AB 58 82.02 -39.52 63.09
N SER AB 59 82.09 -39.25 61.79
CA SER AB 59 82.10 -37.89 61.23
C SER AB 59 80.85 -37.61 60.41
N LEU AB 60 80.23 -36.43 60.61
CA LEU AB 60 79.04 -36.01 59.87
C LEU AB 60 79.47 -35.10 58.72
N THR AB 61 79.20 -35.54 57.50
CA THR AB 61 79.55 -34.80 56.28
C THR AB 61 78.32 -34.07 55.71
N LEU AB 62 78.49 -32.79 55.38
CA LEU AB 62 77.42 -31.96 54.82
C LEU AB 62 77.87 -31.30 53.50
N PRO AB 63 76.94 -30.84 52.62
CA PRO AB 63 77.36 -30.19 51.37
C PRO AB 63 78.21 -28.93 51.61
N THR AB 64 79.40 -28.88 50.97
CA THR AB 64 80.36 -27.79 51.16
C THR AB 64 80.61 -26.99 49.88
N LYS AB 65 80.61 -25.65 50.01
CA LYS AB 65 80.90 -24.71 48.93
C LYS AB 65 81.73 -23.55 49.48
N SER AB 66 82.85 -23.24 48.81
CA SER AB 66 83.77 -22.19 49.24
C SER AB 66 83.86 -21.03 48.25
N TRP AB 67 84.08 -19.81 48.78
CA TRP AB 67 84.22 -18.57 48.01
C TRP AB 67 85.10 -17.57 48.75
N SER AB 68 85.95 -16.85 48.00
CA SER AB 68 86.85 -15.83 48.53
C SER AB 68 87.02 -14.70 47.51
N GLY AB 69 86.95 -13.46 47.99
CA GLY AB 69 87.09 -12.27 47.16
C GLY AB 69 87.28 -10.98 47.94
N GLU AB 70 87.94 -9.99 47.31
CA GLU AB 70 88.23 -8.68 47.89
C GLU AB 70 86.98 -7.79 47.75
N LEU AB 71 86.20 -7.69 48.84
CA LEU AB 71 84.94 -6.92 48.92
C LEU AB 71 85.08 -5.45 48.51
N GLY AB 72 86.16 -4.81 48.98
CA GLY AB 72 86.43 -3.41 48.67
C GLY AB 72 87.44 -2.77 49.61
N GLY AB 73 88.34 -1.98 49.03
CA GLY AB 73 89.37 -1.26 49.78
C GLY AB 73 90.54 -2.11 50.26
N GLY AB 74 90.52 -3.39 49.93
CA GLY AB 74 91.57 -4.34 50.31
C GLY AB 74 91.16 -5.36 51.35
N ILE AB 75 89.84 -5.45 51.64
CA ILE AB 75 89.31 -6.40 52.63
C ILE AB 75 88.83 -7.66 51.91
N ILE AB 76 89.50 -8.80 52.18
CA ILE AB 76 89.18 -10.09 51.57
C ILE AB 76 88.41 -10.96 52.57
N LEU AB 77 87.21 -11.41 52.16
CA LEU AB 77 86.36 -12.26 52.98
C LEU AB 77 86.34 -13.69 52.42
N SER AB 78 86.68 -14.65 53.28
CA SER AB 78 86.70 -16.07 52.95
C SER AB 78 85.46 -16.74 53.54
N LEU AB 79 84.60 -17.28 52.67
CA LEU AB 79 83.35 -17.92 53.06
C LEU AB 79 83.35 -19.42 52.76
N ARG AB 80 82.75 -20.22 53.65
CA ARG AB 80 82.63 -21.67 53.51
C ARG AB 80 81.28 -22.12 54.05
N LYS AB 81 80.39 -22.54 53.14
CA LYS AB 81 79.03 -22.98 53.45
C LYS AB 81 79.01 -24.46 53.83
N LYS AB 82 78.30 -24.76 54.95
CA LYS AB 82 78.12 -26.13 55.45
C LYS AB 82 76.68 -26.31 55.92
N GLY AB 83 75.85 -26.83 55.01
CA GLY AB 83 74.44 -27.05 55.25
C GLY AB 83 73.65 -25.75 55.26
N THR AB 84 73.30 -25.28 56.48
CA THR AB 84 72.53 -24.04 56.69
C THR AB 84 73.32 -22.98 57.50
N THR AB 85 74.65 -23.18 57.62
CA THR AB 85 75.54 -22.27 58.34
C THR AB 85 76.78 -21.96 57.49
N VAL AB 86 77.10 -20.66 57.32
CA VAL AB 86 78.24 -20.20 56.54
C VAL AB 86 79.32 -19.67 57.49
N GLU AB 87 80.55 -20.18 57.34
CA GLU AB 87 81.70 -19.79 58.17
C GLU AB 87 82.46 -18.67 57.47
N TYR AB 88 82.58 -17.52 58.13
CA TYR AB 88 83.27 -16.34 57.57
C TYR AB 88 84.68 -16.16 58.14
N SER AB 89 85.57 -15.57 57.35
CA SER AB 89 86.95 -15.26 57.73
C SER AB 89 87.40 -13.96 57.08
N ILE AB 90 87.62 -12.93 57.90
CA ILE AB 90 88.04 -11.60 57.45
C ILE AB 90 89.57 -11.54 57.41
N GLY AB 91 90.11 -11.07 56.29
CA GLY AB 91 91.55 -10.94 56.09
C GLY AB 91 91.92 -9.87 55.08
N GLY AB 92 93.23 -9.66 54.91
CA GLY AB 92 93.77 -8.68 53.97
C GLY AB 92 94.40 -7.47 54.63
N GLU AB 93 94.43 -6.35 53.89
CA GLU AB 93 95.01 -5.07 54.32
C GLU AB 93 94.30 -3.91 53.61
N ILE AB 94 93.90 -2.89 54.37
CA ILE AB 94 93.20 -1.71 53.84
C ILE AB 94 94.21 -0.84 53.05
N SER AB 95 93.97 -0.70 51.73
CA SER AB 95 94.82 0.06 50.80
C SER AB 95 94.24 1.45 50.52
N SER AB 96 92.96 1.53 50.12
CA SER AB 96 92.26 2.79 49.82
C SER AB 96 91.35 3.23 50.99
N SER AB 97 91.08 4.54 51.07
CA SER AB 97 90.24 5.13 52.11
C SER AB 97 88.77 4.72 51.94
N ILE AB 98 88.23 4.06 52.97
CA ILE AB 98 86.83 3.60 53.02
C ILE AB 98 86.03 4.51 53.95
N LEU AB 99 84.95 5.11 53.43
CA LEU AB 99 84.07 6.03 54.16
C LEU AB 99 83.22 5.28 55.18
N ALA AB 100 82.73 6.01 56.22
CA ALA AB 100 81.87 5.45 57.26
C ALA AB 100 80.46 5.25 56.69
N ASN AB 101 79.86 4.07 56.95
CA ASN AB 101 78.52 3.67 56.49
C ASN AB 101 78.42 3.66 54.93
N SER AB 102 79.47 3.17 54.27
CA SER AB 102 79.58 3.10 52.81
C SER AB 102 79.57 1.68 52.28
N ASN AB 103 79.10 1.51 51.02
CA ASN AB 103 79.03 0.22 50.34
C ASN AB 103 80.35 -0.19 49.71
N LEU AB 104 80.66 -1.50 49.76
CA LEU AB 104 81.86 -2.11 49.17
C LEU AB 104 81.44 -2.67 47.80
N VAL AB 105 81.91 -2.02 46.73
CA VAL AB 105 81.51 -2.34 45.35
C VAL AB 105 82.54 -3.07 44.47
N ASN AB 106 83.70 -3.48 45.04
CA ASN AB 106 84.75 -4.18 44.29
C ASN AB 106 84.34 -5.61 43.92
N ARG AB 107 83.77 -6.34 44.89
CA ARG AB 107 83.33 -7.72 44.73
C ARG AB 107 82.08 -7.95 45.58
N SER AB 108 81.02 -8.52 44.98
CA SER AB 108 79.75 -8.81 45.63
C SER AB 108 79.66 -10.26 46.08
N VAL AB 109 78.97 -10.50 47.22
CA VAL AB 109 78.78 -11.83 47.77
C VAL AB 109 77.76 -12.63 46.92
N PRO AB 110 78.11 -13.86 46.43
CA PRO AB 110 77.18 -14.63 45.61
C PRO AB 110 75.88 -14.97 46.32
N ASN AB 111 74.77 -15.08 45.55
CA ASN AB 111 73.42 -15.34 46.07
C ASN AB 111 73.27 -16.61 46.92
N GLU AB 112 74.07 -17.64 46.65
CA GLU AB 112 74.08 -18.90 47.40
C GLU AB 112 74.67 -18.79 48.81
N PHE AB 113 75.38 -17.66 49.08
CA PHE AB 113 76.00 -17.33 50.36
C PHE AB 113 75.23 -16.21 51.10
N CYS AB 114 74.32 -15.52 50.38
CA CYS AB 114 73.50 -14.42 50.91
C CYS AB 114 72.45 -14.90 51.92
N PRO AB 115 72.43 -14.33 53.14
CA PRO AB 115 71.42 -14.75 54.13
C PRO AB 115 70.06 -14.08 53.93
N ARG AB 116 69.00 -14.66 54.54
CA ARG AB 116 67.64 -14.15 54.48
C ARG AB 116 67.52 -12.87 55.32
N ASN AB 117 68.15 -12.87 56.51
CA ASN AB 117 68.20 -11.74 57.44
C ASN AB 117 69.57 -11.05 57.42
N ARG AB 118 69.61 -9.73 57.72
CA ARG AB 118 70.85 -8.94 57.73
C ARG AB 118 71.75 -9.34 58.90
N CYS AB 119 72.93 -9.91 58.59
CA CYS AB 119 73.89 -10.38 59.59
C CYS AB 119 75.09 -9.46 59.73
N SER AB 120 75.55 -9.27 60.98
CA SER AB 120 76.68 -8.42 61.33
C SER AB 120 77.92 -9.26 61.66
N LEU AB 121 79.05 -8.97 60.99
CA LEU AB 121 80.29 -9.71 61.23
C LEU AB 121 81.26 -8.87 62.06
N VAL AB 122 81.32 -9.14 63.36
CA VAL AB 122 82.19 -8.42 64.30
C VAL AB 122 83.65 -8.81 64.06
N GLY AB 123 84.50 -7.80 63.86
CA GLY AB 123 85.93 -7.96 63.60
C GLY AB 123 86.80 -7.08 64.47
N HIS AB 124 88.13 -7.29 64.39
CA HIS AB 124 89.13 -6.53 65.16
C HIS AB 124 90.29 -6.06 64.27
N MET AB 125 90.73 -4.81 64.50
CA MET AB 125 91.83 -4.18 63.77
C MET AB 125 93.14 -4.40 64.50
N VAL AB 126 94.15 -4.93 63.77
CA VAL AB 126 95.48 -5.20 64.31
C VAL AB 126 96.22 -3.89 64.57
N GLY AB 127 96.68 -3.72 65.81
CA GLY AB 127 97.40 -2.52 66.22
C GLY AB 127 96.89 -1.92 67.52
N GLY AB 128 95.59 -1.67 67.59
CA GLY AB 128 94.95 -1.09 68.76
C GLY AB 128 93.72 -1.85 69.23
N TRP AB 129 92.87 -1.15 70.01
CA TRP AB 129 91.63 -1.67 70.57
C TRP AB 129 90.44 -1.37 69.63
N ASN AB 130 90.74 -1.18 68.33
CA ASN AB 130 89.77 -0.84 67.30
C ASN AB 130 88.90 -2.02 66.84
N ALA AB 131 87.58 -1.80 66.76
CA ALA AB 131 86.58 -2.80 66.36
C ALA AB 131 85.75 -2.34 65.17
N PHE AB 132 85.27 -3.28 64.34
CA PHE AB 132 84.45 -3.01 63.16
C PHE AB 132 83.45 -4.14 62.90
N HIS AB 133 82.39 -3.84 62.14
CA HIS AB 133 81.41 -4.83 61.73
C HIS AB 133 80.94 -4.58 60.30
N ILE AB 134 80.82 -5.65 59.52
CA ILE AB 134 80.38 -5.57 58.12
C ILE AB 134 79.04 -6.28 57.99
N ASP AB 135 78.03 -5.57 57.46
CA ASP AB 135 76.69 -6.11 57.28
C ASP AB 135 76.51 -6.76 55.92
N ILE AB 136 75.89 -7.96 55.89
CA ILE AB 136 75.60 -8.70 54.65
C ILE AB 136 74.08 -8.71 54.42
N PRO AB 137 73.58 -7.97 53.40
CA PRO AB 137 72.14 -7.97 53.13
C PRO AB 137 71.72 -9.14 52.24
N SER AB 138 70.44 -9.19 51.86
CA SER AB 138 69.91 -10.23 50.98
C SER AB 138 70.40 -10.03 49.53
N SER AB 139 70.77 -8.80 49.17
CA SER AB 139 71.27 -8.44 47.84
C SER AB 139 72.68 -8.96 47.59
N GLY AB 140 73.60 -8.69 48.52
CA GLY AB 140 74.98 -9.14 48.43
C GLY AB 140 76.02 -8.04 48.57
N VAL AB 141 75.60 -6.77 48.41
CA VAL AB 141 76.49 -5.61 48.51
C VAL AB 141 76.77 -5.29 49.99
N CYS AB 142 77.97 -5.65 50.47
CA CYS AB 142 78.40 -5.46 51.85
C CYS AB 142 78.61 -3.99 52.19
N GLN AB 143 78.38 -3.62 53.46
CA GLN AB 143 78.53 -2.24 53.94
C GLN AB 143 79.48 -2.15 55.12
N TRP AB 144 80.42 -1.18 55.07
CA TRP AB 144 81.39 -0.93 56.14
C TRP AB 144 80.70 -0.02 57.15
N PHE AB 145 80.26 -0.61 58.28
CA PHE AB 145 79.54 0.10 59.35
C PHE AB 145 80.44 0.76 60.40
N GLY AB 146 81.76 0.64 60.23
CA GLY AB 146 82.73 1.27 61.11
C GLY AB 146 83.03 2.71 60.71
N PRO AB 147 84.00 3.39 61.35
CA PRO AB 147 84.31 4.78 60.96
C PRO AB 147 85.21 4.86 59.73
N THR AB 148 85.48 6.08 59.22
CA THR AB 148 86.32 6.30 58.05
C THR AB 148 87.77 5.87 58.34
N ALA AB 149 88.27 4.87 57.60
CA ALA AB 149 89.61 4.32 57.74
C ALA AB 149 90.32 4.24 56.39
N SER AB 150 91.64 4.50 56.39
CA SER AB 150 92.48 4.48 55.19
C SER AB 150 93.51 3.35 55.21
N SER AB 151 93.96 2.96 56.42
CA SER AB 151 94.95 1.89 56.62
C SER AB 151 94.64 1.05 57.86
N GLY AB 152 95.05 -0.21 57.82
CA GLY AB 152 94.86 -1.16 58.91
C GLY AB 152 94.69 -2.60 58.46
N THR AB 153 94.78 -3.54 59.42
CA THR AB 153 94.64 -4.97 59.13
C THR AB 153 93.30 -5.53 59.67
N PRO AB 154 92.37 -5.92 58.78
CA PRO AB 154 91.08 -6.46 59.25
C PRO AB 154 91.15 -7.97 59.53
N ARG AB 155 90.68 -8.39 60.72
CA ARG AB 155 90.67 -9.80 61.14
C ARG AB 155 89.38 -10.17 61.88
N GLY AB 156 88.94 -11.41 61.74
CA GLY AB 156 87.72 -11.92 62.37
C GLY AB 156 87.21 -13.20 61.75
N THR AB 157 87.01 -14.23 62.60
CA THR AB 157 86.53 -15.56 62.17
C THR AB 157 85.37 -16.02 63.06
N GLY AB 158 84.31 -16.51 62.42
CA GLY AB 158 83.12 -17.00 63.10
C GLY AB 158 82.14 -17.68 62.15
N THR AB 159 80.85 -17.67 62.53
CA THR AB 159 79.75 -18.27 61.77
C THR AB 159 78.55 -17.33 61.74
N TYR AB 160 77.74 -17.43 60.69
CA TYR AB 160 76.52 -16.64 60.53
C TYR AB 160 75.40 -17.45 59.87
N PRO AB 161 74.14 -17.31 60.33
CA PRO AB 161 73.04 -18.09 59.72
C PRO AB 161 72.66 -17.59 58.32
N ILE AB 162 72.11 -18.49 57.50
CA ILE AB 162 71.68 -18.18 56.13
C ILE AB 162 70.14 -18.13 56.01
N ASP AB 163 69.43 -18.86 56.88
CA ASP AB 163 67.97 -18.97 56.90
C ASP AB 163 67.36 -18.33 58.16
N SER AB 164 66.13 -17.81 58.04
CA SER AB 164 65.39 -17.22 59.17
C SER AB 164 63.91 -17.71 59.14
N ALA AB 165 63.04 -17.14 60.00
CA ALA AB 165 61.63 -17.52 60.09
C ALA AB 165 60.84 -17.08 58.86
N ALA BB 2 55.71 -59.07 58.67
CA ALA BB 2 54.76 -59.53 57.65
C ALA BB 2 53.80 -60.57 58.20
N SER BB 3 52.54 -60.49 57.77
CA SER BB 3 51.50 -61.43 58.21
C SER BB 3 51.64 -62.75 57.46
N ILE BB 4 52.17 -63.78 58.15
CA ILE BB 4 52.40 -65.10 57.57
C ILE BB 4 51.55 -66.20 58.19
N LYS BB 5 51.20 -67.23 57.39
CA LYS BB 5 50.40 -68.36 57.84
C LYS BB 5 51.28 -69.53 58.28
N LYS BB 6 50.79 -70.31 59.23
CA LYS BB 6 51.52 -71.45 59.78
C LYS BB 6 51.55 -72.63 58.80
N VAL BB 7 52.73 -73.24 58.65
CA VAL BB 7 52.98 -74.41 57.80
C VAL BB 7 53.09 -75.66 58.71
N TYR BB 8 52.25 -76.67 58.44
CA TYR BB 8 52.21 -77.90 59.22
C TYR BB 8 52.15 -79.14 58.32
N ARG BB 9 52.40 -80.32 58.89
CA ARG BB 9 52.38 -81.59 58.16
C ARG BB 9 50.94 -81.99 57.86
N GLY BB 10 50.71 -82.42 56.63
CA GLY BB 10 49.38 -82.82 56.15
C GLY BB 10 48.45 -81.63 55.96
N MET BB 11 49.00 -80.56 55.39
CA MET BB 11 48.30 -79.31 55.15
C MET BB 11 47.66 -79.28 53.78
N LYS BB 12 46.37 -78.87 53.73
CA LYS BB 12 45.63 -78.74 52.48
C LYS BB 12 46.11 -77.47 51.78
N ASN BB 13 46.49 -77.62 50.49
CA ASN BB 13 47.04 -76.56 49.64
C ASN BB 13 48.28 -75.91 50.27
N GLY BB 14 49.32 -76.73 50.41
CA GLY BB 14 50.60 -76.37 51.00
C GLY BB 14 51.45 -75.47 50.13
N ALA BB 15 51.50 -75.78 48.84
CA ALA BB 15 52.26 -75.04 47.83
C ALA BB 15 51.86 -73.56 47.77
N GLU BB 16 50.56 -73.27 47.85
CA GLU BB 16 50.03 -71.91 47.81
C GLU BB 16 50.40 -71.12 49.06
N THR BB 17 50.30 -71.78 50.23
CA THR BB 17 50.58 -71.18 51.54
C THR BB 17 52.03 -70.69 51.63
N ILE BB 18 52.99 -71.56 51.22
CA ILE BB 18 54.41 -71.24 51.24
C ILE BB 18 54.71 -70.06 50.30
N ASN BB 19 54.17 -70.13 49.07
CA ASN BB 19 54.38 -69.09 48.07
C ASN BB 19 53.87 -67.73 48.54
N ASP BB 20 52.67 -67.72 49.15
CA ASP BB 20 52.06 -66.50 49.68
C ASP BB 20 52.84 -65.91 50.84
N ASP BB 21 53.43 -66.79 51.66
CA ASP BB 21 54.26 -66.39 52.81
C ASP BB 21 55.58 -65.79 52.33
N LEU BB 22 56.18 -66.40 51.29
CA LEU BB 22 57.44 -65.93 50.72
C LEU BB 22 57.27 -64.59 50.00
N GLU BB 23 56.14 -64.42 49.30
CA GLU BB 23 55.83 -63.19 48.58
C GLU BB 23 55.56 -62.02 49.53
N ALA BB 24 54.93 -62.32 50.69
CA ALA BB 24 54.60 -61.35 51.74
C ALA BB 24 55.86 -60.82 52.42
N ILE BB 25 56.83 -61.72 52.62
CA ILE BB 25 58.11 -61.42 53.22
C ILE BB 25 58.95 -60.60 52.23
N ASN BB 26 59.01 -61.04 50.95
CA ASN BB 26 59.77 -60.38 49.90
C ASN BB 26 59.27 -58.95 49.61
N SER BB 27 57.95 -58.72 49.80
CA SER BB 27 57.31 -57.40 49.61
C SER BB 27 57.83 -56.39 50.63
N GLU BB 28 58.03 -56.86 51.87
CA GLU BB 28 58.54 -56.03 52.97
C GLU BB 28 60.02 -55.75 52.83
N LEU BB 29 60.73 -56.53 51.98
CA LEU BB 29 62.16 -56.35 51.75
C LEU BB 29 62.45 -55.18 50.79
N THR BB 30 61.42 -54.76 50.04
CA THR BB 30 61.51 -53.69 49.05
C THR BB 30 60.79 -52.41 49.50
N SER BB 31 59.57 -52.53 50.05
CA SER BB 31 58.76 -51.40 50.50
C SER BB 31 57.86 -51.70 51.70
N GLY BB 32 57.68 -50.69 52.54
CA GLY BB 32 56.81 -50.75 53.71
C GLY BB 32 57.33 -51.59 54.86
N GLY BB 33 56.38 -52.16 55.62
CA GLY BB 33 56.70 -52.98 56.79
C GLY BB 33 57.24 -52.17 57.95
N ASN BB 34 58.07 -52.80 58.78
CA ASN BB 34 58.70 -52.16 59.94
C ASN BB 34 60.19 -51.92 59.73
N VAL BB 35 60.70 -52.33 58.56
CA VAL BB 35 62.10 -52.20 58.20
C VAL BB 35 62.41 -50.95 57.36
N VAL BB 36 63.60 -50.35 57.58
CA VAL BB 36 64.07 -49.15 56.86
C VAL BB 36 64.69 -49.58 55.52
N HIS BB 37 64.24 -48.94 54.43
CA HIS BB 37 64.68 -49.22 53.07
C HIS BB 37 65.63 -48.18 52.50
N LYS BB 38 66.34 -48.54 51.43
CA LYS BB 38 67.27 -47.66 50.72
C LYS BB 38 66.56 -46.62 49.86
N THR BB 39 65.27 -46.85 49.56
CA THR BB 39 64.46 -45.96 48.74
C THR BB 39 63.09 -45.72 49.38
N GLY BB 40 62.60 -44.50 49.23
CA GLY BB 40 61.30 -44.07 49.72
C GLY BB 40 61.32 -43.25 51.00
N ASP BB 41 60.26 -42.44 51.19
CA ASP BB 41 60.08 -41.59 52.37
C ASP BB 41 59.52 -42.43 53.51
N GLU BB 42 60.30 -42.55 54.59
CA GLU BB 42 59.93 -43.36 55.77
C GLU BB 42 60.18 -42.61 57.08
N THR BB 43 59.42 -42.99 58.13
CA THR BB 43 59.54 -42.43 59.47
C THR BB 43 60.17 -43.47 60.39
N ILE BB 44 61.24 -43.07 61.09
CA ILE BB 44 62.01 -43.93 61.99
C ILE BB 44 61.92 -43.43 63.43
N ALA BB 45 61.65 -44.37 64.36
CA ALA BB 45 61.54 -44.08 65.79
C ALA BB 45 62.53 -44.94 66.57
N GLY BB 46 63.08 -44.36 67.63
CA GLY BB 46 64.04 -45.02 68.50
C GLY BB 46 65.42 -44.39 68.49
N LYS BB 47 66.20 -44.69 69.54
CA LYS BB 47 67.56 -44.18 69.71
C LYS BB 47 68.53 -44.92 68.77
N LYS BB 48 68.88 -44.25 67.65
CA LYS BB 48 69.77 -44.80 66.63
C LYS BB 48 71.20 -44.29 66.81
N THR BB 49 72.14 -45.22 67.04
CA THR BB 49 73.56 -44.90 67.26
C THR BB 49 74.40 -45.31 66.06
N PHE BB 50 74.97 -44.32 65.36
CA PHE BB 50 75.81 -44.53 64.18
C PHE BB 50 77.27 -44.51 64.58
N THR BB 51 77.90 -45.69 64.61
CA THR BB 51 79.32 -45.82 64.96
C THR BB 51 80.23 -45.42 63.78
N GLY BB 52 79.71 -45.54 62.56
CA GLY BB 52 80.43 -45.18 61.33
C GLY BB 52 80.34 -43.71 60.97
N ASN BB 53 80.72 -43.38 59.72
CA ASN BB 53 80.69 -42.00 59.22
C ASN BB 53 79.41 -41.71 58.43
N VAL BB 54 78.65 -40.71 58.87
CA VAL BB 54 77.39 -40.31 58.25
C VAL BB 54 77.64 -39.21 57.21
N GLU BB 55 77.08 -39.37 56.02
CA GLU BB 55 77.21 -38.41 54.93
C GLU BB 55 75.82 -37.97 54.47
N VAL BB 56 75.59 -36.66 54.43
CA VAL BB 56 74.30 -36.08 54.01
C VAL BB 56 74.53 -35.24 52.74
N ASN BB 57 73.75 -35.51 51.70
CA ASN BB 57 73.83 -34.80 50.43
C ASN BB 57 72.67 -33.82 50.26
N GLY BB 58 71.54 -34.13 50.90
CA GLY BB 58 70.36 -33.29 50.88
C GLY BB 58 70.39 -32.20 51.95
N SER BB 59 69.29 -32.08 52.71
CA SER BB 59 69.16 -31.08 53.77
C SER BB 59 68.92 -31.73 55.12
N LEU BB 60 69.61 -31.23 56.16
CA LEU BB 60 69.47 -31.71 57.53
C LEU BB 60 68.55 -30.77 58.31
N THR BB 61 67.46 -31.33 58.86
CA THR BB 61 66.47 -30.55 59.62
C THR BB 61 66.54 -30.89 61.10
N LEU BB 62 66.62 -29.86 61.95
CA LEU BB 62 66.70 -30.00 63.41
C LEU BB 62 65.58 -29.22 64.11
N PRO BB 63 65.22 -29.54 65.40
CA PRO BB 63 64.19 -28.76 66.08
C PRO BB 63 64.58 -27.28 66.22
N THR BB 64 63.72 -26.40 65.69
CA THR BB 64 63.93 -24.96 65.66
C THR BB 64 62.90 -24.21 66.52
N LYS BB 65 63.42 -23.28 67.34
CA LYS BB 65 62.62 -22.41 68.20
C LYS BB 65 63.19 -21.00 68.12
N SER BB 66 62.33 -20.02 67.83
CA SER BB 66 62.74 -18.63 67.68
C SER BB 66 62.22 -17.74 68.81
N TRP BB 67 63.00 -16.74 69.18
CA TRP BB 67 62.66 -15.77 70.22
C TRP BB 67 63.31 -14.41 69.92
N SER BB 68 62.55 -13.33 70.17
CA SER BB 68 63.00 -11.95 69.98
C SER BB 68 62.33 -11.06 71.00
N GLY BB 69 63.12 -10.14 71.56
CA GLY BB 69 62.65 -9.19 72.56
C GLY BB 69 63.73 -8.25 73.03
N GLU BB 70 63.30 -7.06 73.48
CA GLU BB 70 64.22 -6.04 73.99
C GLU BB 70 64.66 -6.39 75.39
N LEU BB 71 65.96 -6.62 75.54
CA LEU BB 71 66.59 -6.99 76.81
C LEU BB 71 66.60 -5.84 77.82
N GLY BB 72 66.89 -4.63 77.35
CA GLY BB 72 66.95 -3.44 78.18
C GLY BB 72 67.67 -2.29 77.53
N GLY BB 73 67.09 -1.10 77.66
CA GLY BB 73 67.66 0.14 77.13
C GLY BB 73 67.44 0.38 75.65
N GLY BB 74 66.77 -0.56 75.00
CA GLY BB 74 66.49 -0.48 73.57
C GLY BB 74 67.24 -1.48 72.72
N ILE BB 75 67.92 -2.45 73.37
CA ILE BB 75 68.69 -3.49 72.68
C ILE BB 75 67.83 -4.74 72.50
N ILE BB 76 67.52 -5.06 71.23
CA ILE BB 76 66.70 -6.21 70.85
C ILE BB 76 67.60 -7.35 70.41
N LEU BB 77 67.48 -8.50 71.07
CA LEU BB 77 68.25 -9.71 70.75
C LEU BB 77 67.36 -10.75 70.09
N SER BB 78 67.79 -11.24 68.92
CA SER BB 78 67.08 -12.26 68.15
C SER BB 78 67.79 -13.60 68.31
N LEU BB 79 67.11 -14.55 68.95
CA LEU BB 79 67.65 -15.88 69.21
C LEU BB 79 66.91 -16.96 68.43
N ARG BB 80 67.67 -17.92 67.90
CA ARG BB 80 67.14 -19.06 67.14
C ARG BB 80 67.93 -20.32 67.47
N LYS BB 81 67.26 -21.27 68.13
CA LYS BB 81 67.86 -22.53 68.55
C LYS BB 81 67.85 -23.57 67.42
N LYS BB 82 68.99 -24.27 67.24
CA LYS BB 82 69.14 -25.33 66.24
C LYS BB 82 69.91 -26.49 66.88
N GLY BB 83 69.16 -27.39 67.53
CA GLY BB 83 69.73 -28.54 68.24
C GLY BB 83 70.37 -28.15 69.56
N THR BB 84 71.73 -28.13 69.59
CA THR BB 84 72.55 -27.79 70.77
C THR BB 84 73.32 -26.46 70.60
N THR BB 85 72.98 -25.69 69.56
CA THR BB 85 73.60 -24.41 69.25
C THR BB 85 72.53 -23.34 68.99
N VAL BB 86 72.66 -22.19 69.68
CA VAL BB 86 71.74 -21.06 69.57
C VAL BB 86 72.40 -19.92 68.81
N GLU BB 87 71.74 -19.44 67.74
CA GLU BB 87 72.22 -18.36 66.88
C GLU BB 87 71.69 -17.04 67.42
N TYR BB 88 72.58 -16.08 67.70
CA TYR BB 88 72.22 -14.77 68.23
C TYR BB 88 72.33 -13.67 67.20
N SER BB 89 71.52 -12.61 67.35
CA SER BB 89 71.52 -11.43 66.48
C SER BB 89 71.18 -10.18 67.29
N ILE BB 90 72.14 -9.27 67.41
CA ILE BB 90 71.99 -8.02 68.16
C ILE BB 90 71.52 -6.92 67.22
N GLY BB 91 70.48 -6.21 67.64
CA GLY BB 91 69.89 -5.11 66.88
C GLY BB 91 69.16 -4.10 67.73
N GLY BB 92 68.68 -3.04 67.08
CA GLY BB 92 67.92 -1.98 67.73
C GLY BB 92 68.69 -0.68 67.87
N GLU BB 93 68.31 0.12 68.87
CA GLU BB 93 68.91 1.42 69.17
C GLU BB 93 68.81 1.73 70.66
N ILE BB 94 69.93 2.15 71.28
CA ILE BB 94 69.99 2.50 72.70
C ILE BB 94 69.26 3.83 72.92
N SER BB 95 68.13 3.78 73.66
CA SER BB 95 67.29 4.93 73.98
C SER BB 95 67.59 5.51 75.36
N SER BB 96 67.57 4.67 76.42
CA SER BB 96 67.85 5.06 77.79
C SER BB 96 69.29 4.73 78.20
N SER BB 97 69.81 5.45 79.21
CA SER BB 97 71.17 5.27 79.71
C SER BB 97 71.33 3.94 80.45
N ILE BB 98 72.29 3.13 79.98
CA ILE BB 98 72.63 1.83 80.57
C ILE BB 98 73.98 1.96 81.26
N LEU BB 99 74.00 1.64 82.55
CA LEU BB 99 75.19 1.72 83.40
C LEU BB 99 76.21 0.62 83.06
N ALA BB 100 77.49 0.86 83.41
CA ALA BB 100 78.57 -0.10 83.19
C ALA BB 100 78.46 -1.23 84.20
N ASN BB 101 78.57 -2.50 83.72
CA ASN BB 101 78.45 -3.72 84.53
C ASN BB 101 77.10 -3.83 85.28
N SER BB 102 76.01 -3.43 84.59
CA SER BB 102 74.65 -3.45 85.13
C SER BB 102 73.76 -4.50 84.45
N ASN BB 103 72.71 -4.93 85.15
CA ASN BB 103 71.75 -5.93 84.69
C ASN BB 103 70.63 -5.34 83.84
N LEU BB 104 70.29 -6.03 82.73
CA LEU BB 104 69.20 -5.65 81.83
C LEU BB 104 67.91 -6.27 82.37
N VAL BB 105 67.00 -5.41 82.86
CA VAL BB 105 65.78 -5.82 83.55
C VAL BB 105 64.46 -5.75 82.75
N ASN BB 106 64.50 -5.28 81.48
CA ASN BB 106 63.29 -5.17 80.64
C ASN BB 106 62.69 -6.54 80.31
N ARG BB 107 63.50 -7.42 79.68
CA ARG BB 107 63.09 -8.78 79.30
C ARG BB 107 64.23 -9.76 79.53
N SER BB 108 63.92 -10.89 80.17
CA SER BB 108 64.85 -11.96 80.49
C SER BB 108 64.78 -13.07 79.44
N VAL BB 109 65.93 -13.69 79.16
CA VAL BB 109 66.05 -14.77 78.18
C VAL BB 109 65.36 -16.04 78.73
N PRO BB 110 64.43 -16.68 77.97
CA PRO BB 110 63.76 -17.90 78.46
C PRO BB 110 64.74 -19.03 78.75
N ASN BB 111 64.40 -19.90 79.73
CA ASN BB 111 65.24 -21.02 80.18
C ASN BB 111 65.66 -22.01 79.09
N GLU BB 112 64.82 -22.20 78.06
CA GLU BB 112 65.09 -23.09 76.93
C GLU BB 112 66.21 -22.57 76.00
N PHE BB 113 66.54 -21.26 76.12
CA PHE BB 113 67.60 -20.57 75.36
C PHE BB 113 68.82 -20.27 76.24
N CYS BB 114 68.66 -20.43 77.57
CA CYS BB 114 69.71 -20.20 78.57
C CYS BB 114 70.81 -21.25 78.54
N PRO BB 115 72.11 -20.84 78.44
CA PRO BB 115 73.19 -21.84 78.46
C PRO BB 115 73.58 -22.28 79.88
N ARG BB 116 74.32 -23.40 79.99
CA ARG BB 116 74.80 -23.94 81.27
C ARG BB 116 75.88 -23.04 81.87
N ASN BB 117 76.76 -22.50 81.01
CA ASN BB 117 77.87 -21.60 81.38
C ASN BB 117 77.63 -20.16 80.88
N ARG BB 118 78.38 -19.19 81.44
CA ARG BB 118 78.28 -17.77 81.05
C ARG BB 118 78.91 -17.55 79.66
N CYS BB 119 78.10 -17.06 78.70
CA CYS BB 119 78.55 -16.81 77.32
C CYS BB 119 78.62 -15.32 77.02
N SER BB 120 79.74 -14.89 76.42
CA SER BB 120 79.99 -13.50 76.05
C SER BB 120 79.72 -13.26 74.56
N LEU BB 121 78.78 -12.36 74.24
CA LEU BB 121 78.43 -12.07 72.85
C LEU BB 121 79.04 -10.74 72.43
N VAL BB 122 80.16 -10.81 71.70
CA VAL BB 122 80.89 -9.63 71.22
C VAL BB 122 80.11 -8.91 70.11
N GLY BB 123 79.97 -7.60 70.26
CA GLY BB 123 79.28 -6.72 69.32
C GLY BB 123 80.09 -5.48 68.97
N HIS BB 124 79.59 -4.71 67.98
CA HIS BB 124 80.23 -3.47 67.51
C HIS BB 124 79.22 -2.32 67.38
N MET BB 125 79.62 -1.13 67.83
CA MET BB 125 78.81 0.08 67.79
C MET BB 125 79.03 0.82 66.47
N VAL BB 126 77.92 1.14 65.80
CA VAL BB 126 77.94 1.84 64.51
C VAL BB 126 78.43 3.28 64.67
N GLY BB 127 79.48 3.63 63.93
CA GLY BB 127 80.03 4.99 63.95
C GLY BB 127 81.47 5.12 64.38
N GLY BB 128 81.91 4.25 65.29
CA GLY BB 128 83.27 4.27 65.80
C GLY BB 128 83.93 2.92 65.94
N TRP BB 129 85.09 2.88 66.62
CA TRP BB 129 85.87 1.67 66.89
C TRP BB 129 85.45 1.07 68.26
N ASN BB 130 84.16 1.23 68.61
CA ASN BB 130 83.60 0.79 69.88
C ASN BB 130 83.08 -0.64 69.87
N ALA BB 131 83.44 -1.42 70.91
CA ALA BB 131 83.05 -2.81 71.09
C ALA BB 131 82.34 -3.04 72.43
N PHE BB 132 81.48 -4.06 72.51
CA PHE BB 132 80.74 -4.42 73.72
C PHE BB 132 80.44 -5.90 73.78
N HIS BB 133 80.24 -6.43 75.00
CA HIS BB 133 79.88 -7.83 75.20
C HIS BB 133 78.78 -7.96 76.23
N ILE BB 134 77.82 -8.87 75.99
CA ILE BB 134 76.69 -9.14 76.88
C ILE BB 134 76.80 -10.56 77.42
N ASP BB 135 76.79 -10.71 78.76
CA ASP BB 135 76.89 -12.00 79.41
C ASP BB 135 75.50 -12.58 79.73
N ILE BB 136 75.29 -13.86 79.37
CA ILE BB 136 74.02 -14.56 79.60
C ILE BB 136 74.25 -15.74 80.55
N PRO BB 137 73.68 -15.69 81.78
CA PRO BB 137 73.86 -16.80 82.72
C PRO BB 137 72.74 -17.84 82.59
N SER BB 138 72.67 -18.79 83.55
CA SER BB 138 71.64 -19.82 83.56
C SER BB 138 70.27 -19.28 83.97
N SER BB 139 70.25 -18.12 84.67
CA SER BB 139 69.04 -17.46 85.15
C SER BB 139 68.26 -16.80 84.01
N GLY BB 140 68.96 -16.02 83.17
CA GLY BB 140 68.36 -15.33 82.03
C GLY BB 140 68.55 -13.83 82.04
N VAL BB 141 68.91 -13.26 83.19
CA VAL BB 141 69.13 -11.81 83.36
C VAL BB 141 70.48 -11.42 82.74
N CYS BB 142 70.41 -10.76 81.57
CA CYS BB 142 71.59 -10.31 80.81
C CYS BB 142 72.31 -9.15 81.49
N GLN BB 143 73.61 -9.03 81.24
CA GLN BB 143 74.43 -7.96 81.83
C GLN BB 143 75.25 -7.24 80.78
N TRP BB 144 75.13 -5.90 80.73
CA TRP BB 144 75.88 -5.05 79.81
C TRP BB 144 77.25 -4.78 80.45
N PHE BB 145 78.31 -5.40 79.89
CA PHE BB 145 79.67 -5.26 80.42
C PHE BB 145 80.53 -4.15 79.76
N GLY BB 146 79.90 -3.34 78.91
CA GLY BB 146 80.56 -2.22 78.28
C GLY BB 146 80.51 -0.97 79.14
N PRO BB 147 80.95 0.21 78.64
CA PRO BB 147 80.90 1.42 79.46
C PRO BB 147 79.48 2.02 79.53
N THR BB 148 79.30 3.06 80.37
CA THR BB 148 78.00 3.73 80.53
C THR BB 148 77.62 4.44 79.22
N ALA BB 149 76.68 3.86 78.46
CA ALA BB 149 76.21 4.41 77.19
C ALA BB 149 74.72 4.78 77.23
N SER BB 150 74.36 5.88 76.56
CA SER BB 150 72.98 6.38 76.50
C SER BB 150 72.41 6.34 75.09
N SER BB 151 73.29 6.44 74.07
CA SER BB 151 72.93 6.42 72.64
C SER BB 151 73.92 5.62 71.81
N GLY BB 152 73.43 5.00 70.74
CA GLY BB 152 74.25 4.21 69.82
C GLY BB 152 73.51 3.03 69.23
N THR BB 153 74.05 2.50 68.11
CA THR BB 153 73.46 1.36 67.40
C THR BB 153 74.22 0.04 67.71
N PRO BB 154 73.58 -0.90 68.45
CA PRO BB 154 74.24 -2.18 68.74
C PRO BB 154 74.03 -3.22 67.62
N ARG BB 155 75.12 -3.85 67.16
CA ARG BB 155 75.06 -4.87 66.11
C ARG BB 155 76.01 -6.03 66.42
N GLY BB 156 75.65 -7.23 65.97
CA GLY BB 156 76.44 -8.44 66.18
C GLY BB 156 75.68 -9.72 65.93
N THR BB 157 76.24 -10.60 65.09
CA THR BB 157 75.63 -11.89 64.73
C THR BB 157 76.67 -13.02 64.81
N GLY BB 158 76.26 -14.12 65.42
CA GLY BB 158 77.08 -15.31 65.60
C GLY BB 158 76.34 -16.48 66.21
N THR BB 159 77.08 -17.36 66.89
CA THR BB 159 76.56 -18.57 67.54
C THR BB 159 77.19 -18.75 68.92
N TYR BB 160 76.43 -19.35 69.84
CA TYR BB 160 76.90 -19.64 71.19
C TYR BB 160 76.40 -21.00 71.70
N PRO BB 161 77.25 -21.79 72.40
CA PRO BB 161 76.80 -23.09 72.90
C PRO BB 161 75.78 -23.00 74.04
N ILE BB 162 74.95 -24.04 74.18
CA ILE BB 162 73.93 -24.10 75.24
C ILE BB 162 74.33 -25.10 76.36
N ASP BB 163 75.23 -26.05 76.03
CA ASP BB 163 75.72 -27.08 76.95
C ASP BB 163 77.10 -26.73 77.56
N SER BB 164 77.70 -27.69 78.32
CA SER BB 164 78.97 -27.61 79.05
C SER BB 164 80.17 -26.92 78.39
N ALA BB 165 80.85 -26.04 79.16
CA ALA BB 165 82.09 -25.33 78.78
C ALA BB 165 82.66 -24.70 80.05
N TRP BB 166 83.67 -25.38 80.65
CA TRP BB 166 84.34 -24.99 81.90
C TRP BB 166 85.33 -23.84 81.72
N ALA CB 2 85.34 -48.29 -51.14
CA ALA CB 2 85.58 -49.68 -50.76
C ALA CB 2 85.80 -50.57 -51.99
N SER CB 3 86.68 -51.56 -51.86
CA SER CB 3 86.94 -52.50 -52.96
C SER CB 3 85.83 -53.55 -52.99
N ILE CB 4 84.98 -53.50 -54.03
CA ILE CB 4 83.85 -54.40 -54.20
C ILE CB 4 83.90 -55.21 -55.49
N LYS CB 5 83.38 -56.44 -55.44
CA LYS CB 5 83.33 -57.34 -56.59
C LYS CB 5 82.04 -57.12 -57.37
N LYS CB 6 82.10 -57.33 -58.68
CA LYS CB 6 80.95 -57.15 -59.56
C LYS CB 6 79.99 -58.33 -59.47
N VAL CB 7 78.68 -58.02 -59.39
CA VAL CB 7 77.58 -59.00 -59.32
C VAL CB 7 76.93 -59.13 -60.71
N TYR CB 8 76.85 -60.37 -61.21
CA TYR CB 8 76.29 -60.67 -62.52
C TYR CB 8 75.47 -61.95 -62.51
N ARG CB 9 74.64 -62.16 -63.54
CA ARG CB 9 73.81 -63.35 -63.72
C ARG CB 9 74.67 -64.56 -64.03
N GLY CB 10 74.42 -65.65 -63.31
CA GLY CB 10 75.13 -66.92 -63.45
C GLY CB 10 76.51 -66.88 -62.81
N MET CB 11 76.62 -66.14 -61.71
CA MET CB 11 77.85 -65.98 -60.96
C MET CB 11 78.03 -67.14 -60.00
N LYS CB 12 79.25 -67.70 -59.97
CA LYS CB 12 79.58 -68.81 -59.06
C LYS CB 12 79.74 -68.27 -57.64
N ASN CB 13 79.01 -68.87 -56.69
CA ASN CB 13 78.96 -68.45 -55.28
C ASN CB 13 78.64 -66.96 -55.15
N GLY CB 14 77.39 -66.62 -55.51
CA GLY CB 14 76.88 -65.26 -55.47
C GLY CB 14 76.52 -64.75 -54.09
N ALA CB 15 75.99 -65.65 -53.25
CA ALA CB 15 75.58 -65.32 -51.88
C ALA CB 15 76.74 -64.78 -51.05
N GLU CB 16 77.93 -65.41 -51.18
CA GLU CB 16 79.14 -65.02 -50.47
C GLU CB 16 79.66 -63.69 -50.99
N THR CB 17 79.56 -63.47 -52.33
CA THR CB 17 80.03 -62.27 -53.02
C THR CB 17 79.31 -61.03 -52.52
N ILE CB 18 77.96 -61.08 -52.48
CA ILE CB 18 77.10 -59.97 -52.01
C ILE CB 18 77.39 -59.66 -50.55
N ASN CB 19 77.46 -60.70 -49.72
CA ASN CB 19 77.74 -60.57 -48.29
C ASN CB 19 79.07 -59.87 -48.02
N ASP CB 20 80.11 -60.25 -48.77
CA ASP CB 20 81.44 -59.66 -48.65
C ASP CB 20 81.46 -58.20 -49.09
N ASP CB 21 80.64 -57.87 -50.11
CA ASP CB 21 80.52 -56.51 -50.64
C ASP CB 21 79.78 -55.61 -49.66
N LEU CB 22 78.73 -56.14 -49.02
CA LEU CB 22 77.96 -55.40 -48.03
C LEU CB 22 78.77 -55.15 -46.75
N GLU CB 23 79.59 -56.13 -46.35
CA GLU CB 23 80.44 -56.05 -45.17
C GLU CB 23 81.60 -55.06 -45.36
N ALA CB 24 82.13 -54.98 -46.61
CA ALA CB 24 83.22 -54.09 -47.00
C ALA CB 24 82.78 -52.63 -46.98
N ILE CB 25 81.53 -52.40 -47.41
CA ILE CB 25 80.90 -51.08 -47.44
C ILE CB 25 80.58 -50.64 -46.01
N ASN CB 26 79.94 -51.54 -45.22
CA ASN CB 26 79.57 -51.28 -43.83
C ASN CB 26 80.78 -50.99 -42.93
N SER CB 27 81.94 -51.58 -43.25
CA SER CB 27 83.20 -51.38 -42.52
C SER CB 27 83.69 -49.94 -42.67
N GLU CB 28 83.54 -49.39 -43.89
CA GLU CB 28 83.92 -48.02 -44.22
C GLU CB 28 82.95 -47.00 -43.64
N LEU CB 29 81.71 -47.41 -43.31
CA LEU CB 29 80.68 -46.56 -42.70
C LEU CB 29 80.97 -46.25 -41.23
N THR CB 30 81.80 -47.08 -40.58
CA THR CB 30 82.17 -46.94 -39.17
C THR CB 30 83.60 -46.42 -38.98
N SER CB 31 84.57 -46.97 -39.74
CA SER CB 31 85.99 -46.61 -39.65
C SER CB 31 86.75 -46.70 -40.98
N GLY CB 32 87.71 -45.79 -41.15
CA GLY CB 32 88.59 -45.75 -42.32
C GLY CB 32 87.92 -45.29 -43.62
N GLY CB 33 88.47 -45.76 -44.74
CA GLY CB 33 87.99 -45.42 -46.07
C GLY CB 33 88.35 -44.02 -46.50
N ASN CB 34 87.45 -43.37 -47.26
CA ASN CB 34 87.65 -42.00 -47.73
C ASN CB 34 86.59 -41.03 -47.17
N VAL CB 35 85.88 -41.46 -46.11
CA VAL CB 35 84.83 -40.67 -45.46
C VAL CB 35 85.20 -40.21 -44.06
N VAL CB 36 84.75 -39.00 -43.70
CA VAL CB 36 85.01 -38.40 -42.38
C VAL CB 36 83.98 -38.96 -41.37
N HIS CB 37 84.48 -39.55 -40.27
CA HIS CB 37 83.66 -40.16 -39.22
C HIS CB 37 83.51 -39.31 -37.98
N LYS CB 38 82.48 -39.60 -37.18
CA LYS CB 38 82.18 -38.93 -35.92
C LYS CB 38 83.09 -39.43 -34.80
N THR CB 39 83.84 -40.53 -35.05
CA THR CB 39 84.77 -41.13 -34.11
C THR CB 39 86.10 -41.48 -34.76
N GLY CB 40 87.18 -41.29 -34.02
CA GLY CB 40 88.52 -41.59 -34.47
C GLY CB 40 89.28 -40.41 -35.04
N ASP CB 41 90.62 -40.53 -35.07
CA ASP CB 41 91.53 -39.51 -35.58
C ASP CB 41 91.72 -39.73 -37.08
N GLU CB 42 91.34 -38.71 -37.88
CA GLU CB 42 91.40 -38.76 -39.34
C GLU CB 42 92.02 -37.49 -39.95
N THR CB 43 92.62 -37.65 -41.14
CA THR CB 43 93.21 -36.54 -41.90
C THR CB 43 92.31 -36.20 -43.09
N ILE CB 44 91.99 -34.90 -43.22
CA ILE CB 44 91.08 -34.36 -44.24
C ILE CB 44 91.85 -33.40 -45.17
N ALA CB 45 91.64 -33.57 -46.48
CA ALA CB 45 92.26 -32.76 -47.53
C ALA CB 45 91.20 -32.11 -48.41
N GLY CB 46 91.49 -30.91 -48.91
CA GLY CB 46 90.59 -30.16 -49.77
C GLY CB 46 89.96 -28.96 -49.09
N LYS CB 47 89.40 -28.05 -49.90
CA LYS CB 47 88.74 -26.83 -49.44
C LYS CB 47 87.36 -27.15 -48.88
N LYS CB 48 87.24 -27.09 -47.54
CA LYS CB 48 86.01 -27.37 -46.83
C LYS CB 48 85.32 -26.09 -46.38
N THR CB 49 84.18 -25.78 -47.03
CA THR CB 49 83.41 -24.56 -46.76
C THR CB 49 82.22 -24.87 -45.82
N PHE CB 50 82.31 -24.39 -44.58
CA PHE CB 50 81.28 -24.56 -43.56
C PHE CB 50 80.34 -23.37 -43.57
N THR CB 51 79.14 -23.57 -44.12
CA THR CB 51 78.12 -22.51 -44.20
C THR CB 51 77.43 -22.32 -42.86
N GLY CB 52 77.36 -23.40 -42.07
CA GLY CB 52 76.76 -23.39 -40.75
C GLY CB 52 77.70 -22.92 -39.66
N ASN CB 53 77.29 -23.14 -38.40
CA ASN CB 53 78.07 -22.74 -37.23
C ASN CB 53 79.00 -23.86 -36.76
N VAL CB 54 80.27 -23.52 -36.50
CA VAL CB 54 81.28 -24.49 -36.05
C VAL CB 54 81.59 -24.28 -34.57
N GLU CB 55 81.54 -25.38 -33.79
CA GLU CB 55 81.84 -25.35 -32.36
C GLU CB 55 82.98 -26.32 -32.06
N VAL CB 56 84.03 -25.83 -31.38
CA VAL CB 56 85.21 -26.62 -31.00
C VAL CB 56 85.30 -26.66 -29.47
N ASN CB 57 85.34 -27.88 -28.91
CA ASN CB 57 85.45 -28.13 -27.47
C ASN CB 57 86.90 -28.39 -27.06
N GLY CB 58 87.70 -28.88 -28.00
CA GLY CB 58 89.11 -29.17 -27.80
C GLY CB 58 89.99 -27.96 -28.05
N SER CB 59 91.15 -28.18 -28.68
CA SER CB 59 92.11 -27.13 -28.99
C SER CB 59 92.27 -26.95 -30.49
N LEU CB 60 92.29 -25.68 -30.93
CA LEU CB 60 92.47 -25.32 -32.34
C LEU CB 60 93.94 -25.02 -32.62
N THR CB 61 94.51 -25.71 -33.63
CA THR CB 61 95.90 -25.56 -34.02
C THR CB 61 95.99 -24.88 -35.39
N LEU CB 62 96.82 -23.85 -35.48
CA LEU CB 62 97.03 -23.08 -36.71
C LEU CB 62 98.54 -22.97 -37.01
N PRO CB 63 98.97 -22.69 -38.27
CA PRO CB 63 100.42 -22.53 -38.54
C PRO CB 63 101.10 -21.51 -37.60
N THR CB 64 102.18 -21.94 -36.92
CA THR CB 64 102.91 -21.11 -35.93
C THR CB 64 104.39 -20.95 -36.26
N LYS CB 65 104.90 -19.72 -36.11
CA LYS CB 65 106.29 -19.36 -36.34
C LYS CB 65 106.71 -18.27 -35.34
N SER CB 66 107.84 -18.48 -34.64
CA SER CB 66 108.34 -17.55 -33.64
C SER CB 66 109.63 -16.84 -34.06
N TRP CB 67 109.82 -15.59 -33.58
CA TRP CB 67 110.99 -14.76 -33.86
C TRP CB 67 111.28 -13.82 -32.70
N SER CB 68 112.57 -13.65 -32.37
CA SER CB 68 113.03 -12.77 -31.30
C SER CB 68 114.38 -12.16 -31.68
N GLY CB 69 114.53 -10.87 -31.42
CA GLY CB 69 115.75 -10.12 -31.72
C GLY CB 69 115.71 -8.68 -31.28
N GLU CB 70 116.90 -8.10 -31.03
CA GLU CB 70 117.07 -6.71 -30.60
C GLU CB 70 116.89 -5.77 -31.80
N LEU CB 71 115.84 -4.94 -31.78
CA LEU CB 71 115.53 -3.99 -32.85
C LEU CB 71 116.55 -2.84 -32.94
N GLY CB 72 116.94 -2.30 -31.79
CA GLY CB 72 117.90 -1.21 -31.70
C GLY CB 72 117.97 -0.59 -30.32
N GLY CB 73 119.18 -0.59 -29.74
CA GLY CB 73 119.46 -0.01 -28.44
C GLY CB 73 118.88 -0.75 -27.25
N GLY CB 74 119.09 -2.05 -27.21
CA GLY CB 74 118.63 -2.93 -26.14
C GLY CB 74 117.14 -3.20 -26.06
N ILE CB 75 116.41 -2.91 -27.16
CA ILE CB 75 114.95 -3.14 -27.22
C ILE CB 75 114.70 -4.45 -27.99
N ILE CB 76 114.35 -5.51 -27.24
CA ILE CB 76 114.10 -6.85 -27.79
C ILE CB 76 112.58 -7.07 -27.97
N LEU CB 77 112.17 -7.42 -29.20
CA LEU CB 77 110.78 -7.69 -29.56
C LEU CB 77 110.57 -9.17 -29.87
N SER CB 78 109.63 -9.79 -29.16
CA SER CB 78 109.28 -11.20 -29.33
C SER CB 78 108.00 -11.30 -30.16
N LEU CB 79 108.09 -11.93 -31.33
CA LEU CB 79 106.97 -12.07 -32.25
C LEU CB 79 106.58 -13.52 -32.46
N ARG CB 80 105.26 -13.79 -32.58
CA ARG CB 80 104.72 -15.12 -32.85
C ARG CB 80 103.48 -15.01 -33.74
N LYS CB 81 103.55 -15.60 -34.93
CA LYS CB 81 102.48 -15.60 -35.93
C LYS CB 81 101.52 -16.78 -35.74
N LYS CB 82 100.22 -16.49 -35.79
CA LYS CB 82 99.14 -17.48 -35.67
C LYS CB 82 98.10 -17.23 -36.76
N GLY CB 83 98.43 -17.71 -37.96
CA GLY CB 83 97.58 -17.57 -39.15
C GLY CB 83 97.62 -16.18 -39.74
N THR CB 84 96.65 -15.34 -39.34
CA THR CB 84 96.50 -13.96 -39.83
C THR CB 84 96.72 -12.89 -38.73
N THR CB 85 97.07 -13.33 -37.52
CA THR CB 85 97.32 -12.43 -36.38
C THR CB 85 98.67 -12.73 -35.74
N VAL CB 86 99.49 -11.68 -35.54
CA VAL CB 86 100.83 -11.81 -34.94
C VAL CB 86 100.81 -11.20 -33.53
N GLU CB 87 101.29 -11.97 -32.54
CA GLU CB 87 101.35 -11.55 -31.14
C GLU CB 87 102.73 -10.95 -30.87
N TYR CB 88 102.76 -9.71 -30.34
CA TYR CB 88 104.01 -9.00 -30.02
C TYR CB 88 104.26 -8.89 -28.52
N SER CB 89 105.54 -8.82 -28.12
CA SER CB 89 105.95 -8.66 -26.73
C SER CB 89 107.23 -7.83 -26.67
N ILE CB 90 107.16 -6.65 -26.02
CA ILE CB 90 108.28 -5.72 -25.88
C ILE CB 90 109.00 -5.99 -24.56
N GLY CB 91 110.31 -6.18 -24.63
CA GLY CB 91 111.16 -6.45 -23.48
C GLY CB 91 112.55 -5.84 -23.58
N GLY CB 92 113.39 -6.16 -22.59
CA GLY CB 92 114.76 -5.67 -22.51
C GLY CB 92 114.89 -4.37 -21.73
N GLU CB 93 116.00 -3.64 -21.97
CA GLU CB 93 116.31 -2.36 -21.34
C GLU CB 93 117.12 -1.48 -22.30
N ILE CB 94 116.78 -0.18 -22.39
CA ILE CB 94 117.43 0.79 -23.27
C ILE CB 94 118.86 1.10 -22.80
N SER CB 95 119.86 0.75 -23.64
CA SER CB 95 121.28 0.93 -23.37
C SER CB 95 121.84 2.18 -24.06
N SER CB 96 121.69 2.28 -25.39
CA SER CB 96 122.16 3.41 -26.19
C SER CB 96 121.06 4.44 -26.42
N SER CB 97 121.43 5.64 -26.91
CA SER CB 97 120.49 6.72 -27.18
C SER CB 97 119.81 6.56 -28.54
N ILE CB 98 118.47 6.53 -28.51
CA ILE CB 98 117.62 6.44 -29.70
C ILE CB 98 116.93 7.79 -29.90
N LEU CB 99 117.17 8.40 -31.06
CA LEU CB 99 116.63 9.71 -31.45
C LEU CB 99 115.11 9.66 -31.67
N ALA CB 100 114.44 10.83 -31.59
CA ALA CB 100 113.00 10.96 -31.83
C ALA CB 100 112.72 10.84 -33.32
N ASN CB 101 111.71 10.01 -33.69
CA ASN CB 101 111.31 9.72 -35.07
C ASN CB 101 112.43 9.14 -35.95
N SER CB 102 113.26 8.25 -35.35
CA SER CB 102 114.40 7.59 -36.01
C SER CB 102 114.19 6.09 -36.15
N ASN CB 103 114.79 5.50 -37.20
CA ASN CB 103 114.68 4.08 -37.51
C ASN CB 103 115.69 3.23 -36.73
N LEU CB 104 115.21 2.10 -36.18
CA LEU CB 104 116.04 1.14 -35.43
C LEU CB 104 116.72 0.23 -36.46
N VAL CB 105 118.05 0.38 -36.60
CA VAL CB 105 118.84 -0.32 -37.62
C VAL CB 105 119.71 -1.51 -37.15
N ASN CB 106 119.50 -2.02 -35.91
CA ASN CB 106 120.27 -3.16 -35.40
C ASN CB 106 119.85 -4.47 -36.07
N ARG CB 107 118.53 -4.75 -36.10
CA ARG CB 107 117.94 -5.95 -36.71
C ARG CB 107 116.53 -5.64 -37.20
N SER CB 108 116.23 -6.05 -38.45
CA SER CB 108 114.94 -5.82 -39.10
C SER CB 108 114.00 -7.02 -38.94
N VAL CB 109 112.69 -6.75 -38.94
CA VAL CB 109 111.64 -7.76 -38.82
C VAL CB 109 111.49 -8.55 -40.14
N PRO CB 110 111.54 -9.91 -40.11
CA PRO CB 110 111.41 -10.69 -41.36
C PRO CB 110 110.09 -10.46 -42.10
N ASN CB 111 110.10 -10.63 -43.43
CA ASN CB 111 108.96 -10.41 -44.33
C ASN CB 111 107.70 -11.21 -43.99
N GLU CB 112 107.87 -12.43 -43.45
CA GLU CB 112 106.76 -13.31 -43.05
C GLU CB 112 105.97 -12.79 -41.84
N PHE CB 113 106.55 -11.81 -41.10
CA PHE CB 113 105.95 -11.17 -39.93
C PHE CB 113 105.50 -9.73 -40.25
N CYS CB 114 105.97 -9.20 -41.40
CA CYS CB 114 105.66 -7.84 -41.87
C CYS CB 114 104.20 -7.68 -42.32
N PRO CB 115 103.44 -6.70 -41.76
CA PRO CB 115 102.06 -6.49 -42.19
C PRO CB 115 101.95 -5.69 -43.49
N ARG CB 116 100.76 -5.70 -44.13
CA ARG CB 116 100.50 -4.96 -45.37
C ARG CB 116 100.49 -3.45 -45.11
N ASN CB 117 99.83 -3.04 -44.02
CA ASN CB 117 99.73 -1.65 -43.57
C ASN CB 117 100.58 -1.42 -42.31
N ARG CB 118 100.95 -0.14 -42.05
CA ARG CB 118 101.76 0.25 -40.90
C ARG CB 118 100.99 0.06 -39.59
N CYS CB 119 101.54 -0.74 -38.66
CA CYS CB 119 100.92 -1.04 -37.36
C CYS CB 119 101.68 -0.39 -36.21
N SER CB 120 100.95 0.21 -35.27
CA SER CB 120 101.50 0.90 -34.09
C SER CB 120 101.41 0.01 -32.85
N LEU CB 121 102.54 -0.20 -32.16
CA LEU CB 121 102.57 -1.02 -30.95
C LEU CB 121 102.72 -0.15 -29.70
N VAL CB 122 101.61 0.09 -29.01
CA VAL CB 122 101.58 0.93 -27.80
C VAL CB 122 102.27 0.22 -26.62
N GLY CB 123 103.22 0.91 -25.99
CA GLY CB 123 104.00 0.42 -24.85
C GLY CB 123 104.07 1.40 -23.69
N HIS CB 124 104.59 0.93 -22.54
CA HIS CB 124 104.73 1.74 -21.32
C HIS CB 124 106.12 1.58 -20.71
N MET CB 125 106.69 2.70 -20.24
CA MET CB 125 108.01 2.76 -19.62
C MET CB 125 107.91 2.54 -18.12
N VAL CB 126 108.73 1.63 -17.58
CA VAL CB 126 108.76 1.29 -16.16
C VAL CB 126 109.33 2.44 -15.35
N GLY CB 127 108.57 2.89 -14.35
CA GLY CB 127 108.96 3.99 -13.47
C GLY CB 127 108.03 5.17 -13.50
N GLY CB 128 107.80 5.70 -14.70
CA GLY CB 128 106.93 6.86 -14.91
C GLY CB 128 105.66 6.56 -15.67
N TRP CB 129 104.90 7.62 -16.01
CA TRP CB 129 103.66 7.58 -16.79
C TRP CB 129 103.97 7.66 -18.29
N ASN CB 130 105.25 7.43 -18.65
CA ASN CB 130 105.79 7.49 -20.01
C ASN CB 130 105.26 6.40 -20.93
N ALA CB 131 104.84 6.79 -22.14
CA ALA CB 131 104.30 5.90 -23.17
C ALA CB 131 105.07 6.04 -24.48
N PHE CB 132 105.09 4.97 -25.30
CA PHE CB 132 105.78 4.93 -26.58
C PHE CB 132 105.10 4.01 -27.58
N HIS CB 133 105.33 4.23 -28.87
CA HIS CB 133 104.80 3.37 -29.93
C HIS CB 133 105.84 3.17 -31.03
N ILE CB 134 105.97 1.92 -31.51
CA ILE CB 134 106.91 1.54 -32.57
C ILE CB 134 106.11 1.10 -33.79
N ASP CB 135 106.35 1.78 -34.93
CA ASP CB 135 105.66 1.48 -36.18
C ASP CB 135 106.38 0.41 -36.98
N ILE CB 136 105.63 -0.60 -37.47
CA ILE CB 136 106.19 -1.69 -38.28
C ILE CB 136 105.75 -1.52 -39.74
N PRO CB 137 106.65 -1.03 -40.65
CA PRO CB 137 106.28 -0.89 -42.06
C PRO CB 137 106.38 -2.23 -42.80
N SER CB 138 106.01 -2.22 -44.09
CA SER CB 138 106.08 -3.42 -44.94
C SER CB 138 107.52 -3.83 -45.28
N SER CB 139 108.47 -2.89 -45.11
CA SER CB 139 109.90 -3.09 -45.37
C SER CB 139 110.56 -4.00 -44.34
N GLY CB 140 110.34 -3.72 -43.05
CA GLY CB 140 110.89 -4.48 -41.95
C GLY CB 140 111.61 -3.66 -40.89
N VAL CB 141 112.18 -2.51 -41.31
CA VAL CB 141 112.92 -1.61 -40.41
C VAL CB 141 111.95 -0.83 -39.52
N CYS CB 142 111.90 -1.21 -38.23
CA CYS CB 142 111.04 -0.59 -37.21
C CYS CB 142 111.48 0.84 -36.90
N GLN CB 143 110.51 1.73 -36.68
CA GLN CB 143 110.78 3.13 -36.39
C GLN CB 143 110.25 3.54 -35.01
N TRP CB 144 111.14 4.09 -34.16
CA TRP CB 144 110.80 4.60 -32.82
C TRP CB 144 110.13 5.98 -32.99
N PHE CB 145 108.81 6.04 -32.74
CA PHE CB 145 108.01 7.26 -32.90
C PHE CB 145 107.88 8.11 -31.63
N GLY CB 146 108.49 7.65 -30.53
CA GLY CB 146 108.51 8.38 -29.27
C GLY CB 146 109.60 9.45 -29.23
N PRO CB 147 109.81 10.11 -28.06
CA PRO CB 147 110.88 11.13 -28.00
C PRO CB 147 112.27 10.53 -27.80
N THR CB 148 113.32 11.39 -27.77
CA THR CB 148 114.70 10.95 -27.58
C THR CB 148 114.90 10.40 -26.16
N ALA CB 149 115.35 9.15 -26.06
CA ALA CB 149 115.60 8.47 -24.79
C ALA CB 149 116.89 7.66 -24.83
N SER CB 150 117.58 7.56 -23.68
CA SER CB 150 118.85 6.84 -23.54
C SER CB 150 118.76 5.72 -22.49
N SER CB 151 117.83 5.85 -21.52
CA SER CB 151 117.62 4.87 -20.44
C SER CB 151 116.13 4.62 -20.15
N GLY CB 152 115.83 3.42 -19.66
CA GLY CB 152 114.47 3.02 -19.32
C GLY CB 152 114.14 1.59 -19.69
N THR CB 153 113.07 1.04 -19.08
CA THR CB 153 112.63 -0.33 -19.34
C THR CB 153 111.36 -0.37 -20.23
N PRO CB 154 111.48 -0.79 -21.52
CA PRO CB 154 110.28 -0.86 -22.38
C PRO CB 154 109.47 -2.13 -22.17
N ARG CB 155 108.14 -1.98 -22.06
CA ARG CB 155 107.21 -3.10 -21.85
C ARG CB 155 105.91 -2.90 -22.65
N GLY CB 156 105.33 -3.99 -23.13
CA GLY CB 156 104.08 -3.98 -23.91
C GLY CB 156 103.80 -5.29 -24.61
N THR CB 157 102.59 -5.84 -24.39
CA THR CB 157 102.16 -7.11 -24.98
C THR CB 157 100.74 -6.97 -25.55
N GLY CB 158 100.55 -7.47 -26.77
CA GLY CB 158 99.29 -7.45 -27.49
C GLY CB 158 99.30 -8.23 -28.79
N THR CB 159 98.43 -7.83 -29.74
CA THR CB 159 98.30 -8.45 -31.06
C THR CB 159 98.17 -7.39 -32.14
N TYR CB 160 98.67 -7.71 -33.35
CA TYR CB 160 98.57 -6.80 -34.50
C TYR CB 160 98.24 -7.57 -35.78
N PRO CB 161 97.38 -7.01 -36.68
CA PRO CB 161 97.05 -7.72 -37.93
C PRO CB 161 98.19 -7.76 -38.94
N ILE CB 162 98.15 -8.71 -39.87
CA ILE CB 162 99.16 -8.88 -40.92
C ILE CB 162 98.61 -8.60 -42.35
N ASP CB 163 97.28 -8.74 -42.52
CA ASP CB 163 96.57 -8.55 -43.79
C ASP CB 163 95.52 -7.42 -43.68
N SER CB 164 95.27 -6.69 -44.79
CA SER CB 164 94.26 -5.61 -44.88
C SER CB 164 94.47 -4.77 -46.13
N ALA DB 2 72.15 -41.94 -51.90
CA ALA DB 2 72.20 -42.53 -53.23
C ALA DB 2 70.84 -43.07 -53.66
N SER DB 3 70.51 -42.92 -54.94
CA SER DB 3 69.24 -43.42 -55.48
C SER DB 3 69.38 -44.91 -55.75
N ILE DB 4 68.60 -45.71 -55.00
CA ILE DB 4 68.63 -47.18 -55.09
C ILE DB 4 67.27 -47.78 -55.43
N LYS DB 5 67.27 -48.93 -56.14
CA LYS DB 5 66.05 -49.64 -56.50
C LYS DB 5 65.74 -50.73 -55.49
N LYS DB 6 64.46 -51.02 -55.31
CA LYS DB 6 64.01 -52.04 -54.37
C LYS DB 6 64.27 -53.46 -54.89
N VAL DB 7 64.67 -54.33 -53.97
CA VAL DB 7 64.94 -55.75 -54.24
C VAL DB 7 63.81 -56.60 -53.63
N TYR DB 8 63.14 -57.41 -54.45
CA TYR DB 8 61.99 -58.22 -54.02
C TYR DB 8 62.03 -59.64 -54.58
N ARG DB 9 61.16 -60.52 -54.07
CA ARG DB 9 61.06 -61.92 -54.49
C ARG DB 9 60.48 -61.99 -55.88
N GLY DB 10 61.09 -62.80 -56.74
CA GLY DB 10 60.66 -62.99 -58.12
C GLY DB 10 60.97 -61.81 -59.01
N MET DB 11 62.08 -61.15 -58.74
CA MET DB 11 62.49 -59.97 -59.46
C MET DB 11 63.27 -60.29 -60.74
N LYS DB 12 62.87 -59.64 -61.85
CA LYS DB 12 63.52 -59.70 -63.17
C LYS DB 12 64.79 -58.84 -63.05
N ASN DB 13 65.93 -59.39 -63.52
CA ASN DB 13 67.26 -58.75 -63.44
C ASN DB 13 67.68 -58.46 -61.99
N GLY DB 14 67.66 -59.49 -61.16
CA GLY DB 14 68.03 -59.33 -59.77
C GLY DB 14 69.49 -58.99 -59.55
N ALA DB 15 70.39 -59.83 -60.09
CA ALA DB 15 71.83 -59.64 -59.98
C ALA DB 15 72.29 -58.29 -60.52
N GLU DB 16 71.59 -57.81 -61.57
CA GLU DB 16 71.85 -56.54 -62.22
C GLU DB 16 71.49 -55.37 -61.33
N THR DB 17 70.34 -55.47 -60.65
CA THR DB 17 69.81 -54.47 -59.72
C THR DB 17 70.73 -54.33 -58.51
N ILE DB 18 71.11 -55.48 -57.90
CA ILE DB 18 71.99 -55.53 -56.74
C ILE DB 18 73.32 -54.87 -57.04
N ASN DB 19 73.93 -55.22 -58.18
CA ASN DB 19 75.20 -54.66 -58.61
C ASN DB 19 75.13 -53.15 -58.78
N ASP DB 20 74.07 -52.67 -59.43
CA ASP DB 20 73.86 -51.23 -59.66
C ASP DB 20 73.63 -50.47 -58.37
N ASP DB 21 72.98 -51.12 -57.39
CA ASP DB 21 72.71 -50.54 -56.08
C ASP DB 21 73.99 -50.46 -55.26
N LEU DB 22 74.81 -51.50 -55.34
CA LEU DB 22 76.08 -51.56 -54.62
C LEU DB 22 77.09 -50.55 -55.18
N GLU DB 23 77.09 -50.38 -56.51
CA GLU DB 23 77.97 -49.45 -57.21
C GLU DB 23 77.61 -47.99 -56.91
N ALA DB 24 76.30 -47.71 -56.79
CA ALA DB 24 75.77 -46.37 -56.48
C ALA DB 24 76.13 -45.95 -55.07
N ILE DB 25 76.12 -46.92 -54.15
CA ILE DB 25 76.47 -46.73 -52.75
C ILE DB 25 77.99 -46.52 -52.62
N ASN DB 26 78.78 -47.40 -53.28
CA ASN DB 26 80.24 -47.33 -53.26
C ASN DB 26 80.79 -46.04 -53.89
N SER DB 27 80.05 -45.46 -54.86
CA SER DB 27 80.41 -44.22 -55.53
C SER DB 27 80.37 -43.04 -54.56
N GLU DB 28 79.37 -43.05 -53.68
CA GLU DB 28 79.19 -42.02 -52.65
C GLU DB 28 80.22 -42.14 -51.53
N LEU DB 29 80.84 -43.33 -51.37
CA LEU DB 29 81.88 -43.56 -50.35
C LEU DB 29 83.22 -42.92 -50.70
N THR DB 30 83.42 -42.63 -51.99
CA THR DB 30 84.64 -42.03 -52.52
C THR DB 30 84.48 -40.53 -52.86
N SER DB 31 83.37 -40.17 -53.55
CA SER DB 31 83.09 -38.80 -53.98
C SER DB 31 81.60 -38.47 -54.10
N GLY DB 32 81.27 -37.21 -53.81
CA GLY DB 32 79.93 -36.67 -53.95
C GLY DB 32 78.93 -37.13 -52.90
N GLY DB 33 77.65 -36.95 -53.22
CA GLY DB 33 76.56 -37.31 -52.33
C GLY DB 33 76.36 -36.30 -51.22
N ASN DB 34 75.75 -36.75 -50.11
CA ASN DB 34 75.50 -35.89 -48.93
C ASN DB 34 76.40 -36.32 -47.76
N VAL DB 35 77.66 -36.62 -48.07
CA VAL DB 35 78.66 -37.10 -47.10
C VAL DB 35 80.01 -36.39 -47.27
N VAL DB 36 80.61 -35.99 -46.13
CA VAL DB 36 81.90 -35.32 -46.06
C VAL DB 36 83.01 -36.36 -46.29
N HIS DB 37 83.92 -36.06 -47.23
CA HIS DB 37 85.04 -36.93 -47.63
C HIS DB 37 86.41 -36.42 -47.16
N LYS DB 38 87.40 -37.33 -47.14
CA LYS DB 38 88.79 -37.04 -46.75
C LYS DB 38 89.54 -36.33 -47.89
N THR DB 39 88.97 -36.36 -49.11
CA THR DB 39 89.56 -35.73 -50.31
C THR DB 39 88.51 -34.98 -51.10
N GLY DB 40 88.92 -33.85 -51.67
CA GLY DB 40 88.09 -33.00 -52.51
C GLY DB 40 87.50 -31.79 -51.82
N ASP DB 41 87.09 -30.80 -52.64
CA ASP DB 41 86.49 -29.55 -52.19
C ASP DB 41 84.97 -29.75 -52.06
N GLU DB 42 84.47 -29.61 -50.82
CA GLU DB 42 83.05 -29.82 -50.49
C GLU DB 42 82.51 -28.71 -49.60
N THR DB 43 81.17 -28.51 -49.68
CA THR DB 43 80.45 -27.53 -48.87
C THR DB 43 79.65 -28.27 -47.78
N ILE DB 44 79.81 -27.82 -46.54
CA ILE DB 44 79.16 -28.41 -45.36
C ILE DB 44 78.20 -27.42 -44.71
N ALA DB 45 76.98 -27.88 -44.40
CA ALA DB 45 75.92 -27.10 -43.78
C ALA DB 45 75.47 -27.76 -42.48
N GLY DB 46 75.06 -26.94 -41.51
CA GLY DB 46 74.60 -27.41 -40.21
C GLY DB 46 75.57 -27.14 -39.08
N LYS DB 47 75.04 -27.14 -37.84
CA LYS DB 47 75.81 -26.90 -36.62
C LYS DB 47 76.67 -28.13 -36.25
N LYS DB 48 77.97 -28.04 -36.54
CA LYS DB 48 78.94 -29.10 -36.29
C LYS DB 48 79.73 -28.86 -35.00
N THR DB 49 79.65 -29.83 -34.07
CA THR DB 49 80.31 -29.77 -32.77
C THR DB 49 81.50 -30.71 -32.71
N PHE DB 50 82.72 -30.16 -32.65
CA PHE DB 50 83.95 -30.94 -32.57
C PHE DB 50 84.39 -31.04 -31.13
N THR DB 51 84.16 -32.21 -30.50
CA THR DB 51 84.54 -32.47 -29.11
C THR DB 51 86.04 -32.69 -28.96
N GLY DB 52 86.67 -33.23 -30.01
CA GLY DB 52 88.11 -33.48 -30.06
C GLY DB 52 88.91 -32.26 -30.48
N ASN DB 53 90.24 -32.43 -30.61
CA ASN DB 53 91.15 -31.37 -31.02
C ASN DB 53 91.21 -31.22 -32.53
N VAL DB 54 91.11 -29.97 -33.03
CA VAL DB 54 91.12 -29.66 -34.46
C VAL DB 54 92.45 -29.02 -34.85
N GLU DB 55 93.06 -29.52 -35.93
CA GLU DB 55 94.31 -29.00 -36.47
C GLU DB 55 94.11 -28.52 -37.90
N VAL DB 56 94.56 -27.28 -38.19
CA VAL DB 56 94.48 -26.66 -39.51
C VAL DB 56 95.91 -26.40 -40.01
N ASN DB 57 96.24 -26.97 -41.18
CA ASN DB 57 97.54 -26.83 -41.81
C ASN DB 57 97.53 -25.72 -42.85
N GLY DB 58 96.38 -25.53 -43.50
CA GLY DB 58 96.18 -24.50 -44.51
C GLY DB 58 95.81 -23.15 -43.91
N SER DB 59 94.81 -22.48 -44.52
CA SER DB 59 94.34 -21.18 -44.09
C SER DB 59 92.90 -21.22 -43.60
N LEU DB 60 92.63 -20.56 -42.46
CA LEU DB 60 91.29 -20.47 -41.87
C LEU DB 60 90.65 -19.15 -42.28
N THR DB 61 89.54 -19.23 -43.02
CA THR DB 61 88.80 -18.07 -43.52
C THR DB 61 87.58 -17.79 -42.64
N LEU DB 62 87.43 -16.53 -42.20
CA LEU DB 62 86.31 -16.08 -41.36
C LEU DB 62 85.59 -14.91 -42.01
N PRO DB 63 84.29 -14.64 -41.69
CA PRO DB 63 83.61 -13.47 -42.28
C PRO DB 63 84.31 -12.14 -41.98
N THR DB 64 84.64 -11.37 -43.02
CA THR DB 64 85.37 -10.10 -42.89
C THR DB 64 84.55 -8.88 -43.35
N LYS DB 65 84.59 -7.80 -42.55
CA LYS DB 65 83.92 -6.53 -42.83
C LYS DB 65 84.83 -5.38 -42.38
N SER DB 66 85.08 -4.41 -43.28
CA SER DB 66 85.95 -3.26 -43.01
C SER DB 66 85.21 -1.92 -43.01
N TRP DB 67 85.68 -0.98 -42.17
CA TRP DB 67 85.13 0.37 -42.03
C TRP DB 67 86.20 1.34 -41.56
N SER DB 68 86.18 2.57 -42.12
CA SER DB 68 87.12 3.65 -41.78
C SER DB 68 86.41 4.99 -41.87
N GLY DB 69 86.64 5.85 -40.88
CA GLY DB 69 86.03 7.19 -40.82
C GLY DB 69 86.65 8.09 -39.78
N GLU DB 70 86.58 9.42 -40.01
CA GLU DB 70 87.10 10.45 -39.11
C GLU DB 70 86.11 10.69 -37.97
N LEU DB 71 86.36 10.07 -36.79
CA LEU DB 71 85.51 10.15 -35.60
C LEU DB 71 85.22 11.57 -35.11
N GLY DB 72 86.23 12.42 -35.13
CA GLY DB 72 86.11 13.81 -34.70
C GLY DB 72 87.44 14.47 -34.40
N GLY DB 73 87.58 15.73 -34.83
CA GLY DB 73 88.77 16.53 -34.60
C GLY DB 73 89.98 16.18 -35.46
N GLY DB 74 89.81 15.21 -36.36
CA GLY DB 74 90.86 14.75 -37.27
C GLY DB 74 91.41 13.37 -36.96
N ILE DB 75 90.74 12.62 -36.07
CA ILE DB 75 91.16 11.27 -35.68
C ILE DB 75 90.38 10.24 -36.51
N ILE DB 76 91.11 9.49 -37.36
CA ILE DB 76 90.54 8.48 -38.23
C ILE DB 76 90.81 7.09 -37.65
N LEU DB 77 89.73 6.32 -37.44
CA LEU DB 77 89.79 4.96 -36.90
C LEU DB 77 89.47 3.95 -37.99
N SER DB 78 90.40 2.99 -38.20
CA SER DB 78 90.26 1.92 -39.18
C SER DB 78 89.89 0.62 -38.45
N LEU DB 79 88.71 0.08 -38.77
CA LEU DB 79 88.19 -1.14 -38.15
C LEU DB 79 88.08 -2.29 -39.15
N ARG DB 80 88.36 -3.51 -38.68
CA ARG DB 80 88.28 -4.75 -39.48
C ARG DB 80 87.78 -5.91 -38.61
N LYS DB 81 86.56 -6.37 -38.88
CA LYS DB 81 85.88 -7.45 -38.17
C LYS DB 81 86.30 -8.81 -38.72
N LYS DB 82 86.60 -9.75 -37.80
CA LYS DB 82 86.96 -11.14 -38.12
C LYS DB 82 86.36 -12.10 -37.08
N GLY DB 83 85.17 -12.60 -37.40
CA GLY DB 83 84.42 -13.49 -36.51
C GLY DB 83 83.79 -12.74 -35.35
N THR DB 84 84.39 -12.86 -34.16
CA THR DB 84 83.93 -12.22 -32.91
C THR DB 84 84.98 -11.22 -32.35
N THR DB 85 85.99 -10.86 -33.16
CA THR DB 85 87.06 -9.93 -32.78
C THR DB 85 87.24 -8.86 -33.85
N VAL DB 86 87.24 -7.59 -33.42
CA VAL DB 86 87.42 -6.42 -34.30
C VAL DB 86 88.81 -5.82 -34.07
N GLU DB 87 89.58 -5.66 -35.16
CA GLU DB 87 90.94 -5.11 -35.13
C GLU DB 87 90.87 -3.61 -35.39
N TYR DB 88 91.36 -2.79 -34.45
CA TYR DB 88 91.33 -1.33 -34.55
C TYR DB 88 92.69 -0.74 -34.94
N SER DB 89 92.67 0.42 -35.63
CA SER DB 89 93.86 1.15 -36.04
C SER DB 89 93.61 2.65 -35.98
N ILE DB 90 94.30 3.34 -35.06
CA ILE DB 90 94.17 4.78 -34.86
C ILE DB 90 95.18 5.51 -35.75
N GLY DB 91 94.71 6.51 -36.48
CA GLY DB 91 95.52 7.32 -37.38
C GLY DB 91 94.97 8.71 -37.62
N GLY DB 92 95.72 9.50 -38.38
CA GLY DB 92 95.34 10.86 -38.73
C GLY DB 92 96.16 11.94 -38.06
N GLU DB 93 95.56 13.14 -37.90
CA GLU DB 93 96.19 14.31 -37.28
C GLU DB 93 95.11 15.20 -36.66
N ILE DB 94 95.31 15.63 -35.40
CA ILE DB 94 94.37 16.49 -34.68
C ILE DB 94 94.42 17.91 -35.26
N SER DB 95 93.29 18.36 -35.84
CA SER DB 95 93.14 19.67 -36.46
C SER DB 95 92.46 20.68 -35.53
N SER DB 96 91.27 20.33 -34.98
CA SER DB 96 90.50 21.16 -34.07
C SER DB 96 90.69 20.77 -32.60
N SER DB 97 90.48 21.72 -31.68
CA SER DB 97 90.63 21.51 -30.24
C SER DB 97 89.54 20.59 -29.69
N ILE DB 98 89.96 19.45 -29.12
CA ILE DB 98 89.06 18.45 -28.52
C ILE DB 98 89.17 18.55 -26.99
N LEU DB 99 88.02 18.76 -26.33
CA LEU DB 99 87.90 18.89 -24.88
C LEU DB 99 88.11 17.56 -24.17
N ALA DB 100 88.48 17.61 -22.87
CA ALA DB 100 88.68 16.41 -22.05
C ALA DB 100 87.32 15.81 -21.68
N ASN DB 101 87.19 14.47 -21.81
CA ASN DB 101 85.96 13.70 -21.54
C ASN DB 101 84.76 14.16 -22.40
N SER DB 102 85.03 14.45 -23.69
CA SER DB 102 84.04 14.92 -24.66
C SER DB 102 83.75 13.89 -25.76
N ASN DB 103 82.53 13.98 -26.32
CA ASN DB 103 82.06 13.07 -27.38
C ASN DB 103 82.52 13.52 -28.76
N LEU DB 104 82.85 12.55 -29.62
CA LEU DB 104 83.27 12.75 -31.02
C LEU DB 104 82.03 12.54 -31.89
N VAL DB 105 81.51 13.64 -32.44
CA VAL DB 105 80.26 13.64 -33.21
C VAL DB 105 80.37 13.78 -34.75
N ASN DB 106 81.60 13.76 -35.31
CA ASN DB 106 81.81 13.89 -36.75
C ASN DB 106 81.37 12.63 -37.51
N ARG DB 107 81.74 11.45 -36.99
CA ARG DB 107 81.40 10.14 -37.57
C ARG DB 107 81.19 9.12 -36.45
N SER DB 108 80.07 8.38 -36.50
CA SER DB 108 79.71 7.38 -35.50
C SER DB 108 80.08 5.97 -35.97
N VAL DB 109 80.45 5.09 -35.01
CA VAL DB 109 80.82 3.71 -35.28
C VAL DB 109 79.56 2.88 -35.62
N PRO DB 110 79.52 2.17 -36.79
CA PRO DB 110 78.33 1.37 -37.15
C PRO DB 110 78.00 0.29 -36.12
N ASN DB 111 76.70 -0.04 -35.98
CA ASN DB 111 76.18 -1.01 -35.02
C ASN DB 111 76.77 -2.42 -35.11
N GLU DB 112 77.20 -2.84 -36.32
CA GLU DB 112 77.83 -4.14 -36.56
C GLU DB 112 79.25 -4.25 -36.01
N PHE DB 113 79.87 -3.09 -35.66
CA PHE DB 113 81.20 -2.97 -35.08
C PHE DB 113 81.15 -2.62 -33.59
N CYS DB 114 79.97 -2.20 -33.09
CA CYS DB 114 79.72 -1.82 -31.70
C CYS DB 114 79.78 -3.01 -30.74
N PRO DB 115 80.62 -2.94 -29.68
CA PRO DB 115 80.70 -4.06 -28.72
C PRO DB 115 79.59 -4.03 -27.67
N ARG DB 116 79.36 -5.18 -27.00
CA ARG DB 116 78.37 -5.33 -25.94
C ARG DB 116 78.80 -4.57 -24.69
N ASN DB 117 80.10 -4.67 -24.35
CA ASN DB 117 80.74 -4.01 -23.21
C ASN DB 117 81.60 -2.82 -23.67
N ARG DB 118 81.77 -1.81 -22.79
CA ARG DB 118 82.55 -0.60 -23.10
C ARG DB 118 84.05 -0.93 -23.14
N CYS DB 119 84.66 -0.80 -24.34
CA CYS DB 119 86.08 -1.10 -24.58
C CYS DB 119 86.92 0.16 -24.69
N SER DB 120 88.14 0.10 -24.11
CA SER DB 120 89.11 1.19 -24.12
C SER DB 120 90.24 0.92 -25.10
N LEU DB 121 90.49 1.87 -26.01
CA LEU DB 121 91.56 1.72 -27.00
C LEU DB 121 92.77 2.57 -26.62
N VAL DB 122 93.78 1.94 -26.02
CA VAL DB 122 95.01 2.62 -25.59
C VAL DB 122 95.86 3.01 -26.82
N GLY DB 123 96.21 4.30 -26.89
CA GLY DB 123 97.00 4.88 -27.96
C GLY DB 123 98.18 5.72 -27.46
N HIS DB 124 99.05 6.14 -28.41
CA HIS DB 124 100.23 6.97 -28.12
C HIS DB 124 100.33 8.15 -29.07
N MET DB 125 100.71 9.32 -28.52
CA MET DB 125 100.88 10.57 -29.25
C MET DB 125 102.33 10.73 -29.72
N VAL DB 126 102.51 10.97 -31.02
CA VAL DB 126 103.83 11.14 -31.64
C VAL DB 126 104.44 12.47 -31.20
N GLY DB 127 105.64 12.41 -30.63
CA GLY DB 127 106.35 13.60 -30.16
C GLY DB 127 106.92 13.45 -28.76
N GLY DB 128 106.07 13.06 -27.81
CA GLY DB 128 106.45 12.88 -26.42
C GLY DB 128 106.01 11.55 -25.83
N TRP DB 129 105.95 11.49 -24.49
CA TRP DB 129 105.55 10.32 -23.70
C TRP DB 129 104.03 10.36 -23.41
N ASN DB 130 103.28 11.09 -24.25
CA ASN DB 130 101.84 11.29 -24.11
C ASN DB 130 101.00 10.07 -24.52
N ALA DB 131 100.02 9.70 -23.67
CA ALA DB 131 99.11 8.57 -23.89
C ALA DB 131 97.65 8.99 -23.85
N PHE DB 132 96.78 8.26 -24.59
CA PHE DB 132 95.34 8.52 -24.65
C PHE DB 132 94.55 7.22 -24.84
N HIS DB 133 93.24 7.26 -24.51
CA HIS DB 133 92.35 6.13 -24.71
C HIS DB 133 90.97 6.61 -25.16
N ILE DB 134 90.39 5.91 -26.14
CA ILE DB 134 89.07 6.24 -26.67
C ILE DB 134 88.10 5.10 -26.35
N ASP DB 135 86.99 5.44 -25.69
CA ASP DB 135 85.98 4.46 -25.29
C ASP DB 135 84.90 4.28 -26.36
N ILE DB 136 84.54 3.01 -26.65
CA ILE DB 136 83.48 2.68 -27.62
C ILE DB 136 82.28 2.09 -26.87
N PRO DB 137 81.15 2.83 -26.77
CA PRO DB 137 79.97 2.28 -26.08
C PRO DB 137 79.12 1.42 -27.00
N SER DB 138 77.97 0.94 -26.49
CA SER DB 138 77.05 0.12 -27.28
C SER DB 138 76.30 0.97 -28.32
N SER DB 139 76.22 2.30 -28.10
CA SER DB 139 75.55 3.25 -28.99
C SER DB 139 76.34 3.50 -30.27
N GLY DB 140 77.62 3.86 -30.14
CA GLY DB 140 78.50 4.14 -31.27
C GLY DB 140 79.22 5.47 -31.23
N VAL DB 141 78.81 6.36 -30.31
CA VAL DB 141 79.40 7.69 -30.14
C VAL DB 141 80.64 7.60 -29.24
N CYS DB 142 81.82 7.64 -29.86
CA CYS DB 142 83.12 7.55 -29.19
C CYS DB 142 83.42 8.76 -28.32
N GLN DB 143 84.17 8.55 -27.23
CA GLN DB 143 84.53 9.61 -26.29
C GLN DB 143 86.04 9.72 -26.08
N TRP DB 144 86.56 10.95 -26.14
CA TRP DB 144 87.97 11.24 -25.93
C TRP DB 144 88.20 11.36 -24.42
N PHE DB 145 88.76 10.29 -23.81
CA PHE DB 145 89.01 10.22 -22.38
C PHE DB 145 90.35 10.81 -21.91
N GLY DB 146 91.12 11.36 -22.85
CA GLY DB 146 92.38 12.03 -22.56
C GLY DB 146 92.19 13.49 -22.18
N PRO DB 147 93.26 14.28 -21.99
CA PRO DB 147 93.09 15.70 -21.65
C PRO DB 147 92.80 16.56 -22.88
N THR DB 148 92.54 17.86 -22.67
CA THR DB 148 92.25 18.81 -23.75
C THR DB 148 93.47 18.98 -24.67
N ALA DB 149 93.32 18.59 -25.94
CA ALA DB 149 94.39 18.68 -26.95
C ALA DB 149 93.88 19.37 -28.23
N SER DB 150 94.76 20.17 -28.86
CA SER DB 150 94.45 20.91 -30.08
C SER DB 150 95.24 20.41 -31.29
N SER DB 151 96.45 19.88 -31.05
CA SER DB 151 97.34 19.36 -32.09
C SER DB 151 98.11 18.13 -31.62
N GLY DB 152 98.43 17.24 -32.57
CA GLY DB 152 99.17 16.01 -32.32
C GLY DB 152 98.83 14.88 -33.28
N THR DB 153 99.66 13.82 -33.27
CA THR DB 153 99.46 12.65 -34.13
C THR DB 153 98.97 11.43 -33.33
N PRO DB 154 97.71 10.99 -33.52
CA PRO DB 154 97.22 9.81 -32.78
C PRO DB 154 97.58 8.49 -33.47
N ARG DB 155 98.15 7.55 -32.71
CA ARG DB 155 98.55 6.23 -33.21
C ARG DB 155 98.23 5.11 -32.21
N GLY DB 156 97.90 3.93 -32.72
CA GLY DB 156 97.56 2.76 -31.90
C GLY DB 156 96.86 1.66 -32.68
N THR DB 157 97.40 0.44 -32.62
CA THR DB 157 96.85 -0.73 -33.32
C THR DB 157 96.77 -1.94 -32.36
N GLY DB 158 95.60 -2.59 -32.37
CA GLY DB 158 95.33 -3.75 -31.53
C GLY DB 158 94.02 -4.44 -31.88
N THR DB 159 93.43 -5.13 -30.88
CA THR DB 159 92.17 -5.86 -31.00
C THR DB 159 91.27 -5.59 -29.81
N TYR DB 160 89.95 -5.68 -30.01
CA TYR DB 160 88.96 -5.51 -28.95
C TYR DB 160 87.78 -6.47 -29.13
N PRO DB 161 87.25 -7.06 -28.02
CA PRO DB 161 86.11 -7.99 -28.16
C PRO DB 161 84.81 -7.28 -28.50
N ILE DB 162 83.88 -8.01 -29.15
CA ILE DB 162 82.57 -7.49 -29.54
C ILE DB 162 81.43 -8.08 -28.68
N ASP DB 163 81.65 -9.30 -28.13
CA ASP DB 163 80.69 -10.02 -27.29
C ASP DB 163 81.19 -10.18 -25.84
N SER DB 164 80.25 -10.21 -24.88
CA SER DB 164 80.56 -10.38 -23.46
C SER DB 164 79.59 -11.36 -22.78
N ALA DB 165 78.34 -10.93 -22.54
CA ALA DB 165 77.30 -11.73 -21.91
C ALA DB 165 76.33 -12.28 -22.94
N ALA EB 2 76.15 -49.39 -39.83
CA ALA EB 2 74.77 -49.83 -39.97
C ALA EB 2 74.60 -51.29 -39.55
N SER EB 3 73.45 -51.60 -38.91
CA SER EB 3 73.15 -52.95 -38.49
C SER EB 3 72.67 -53.78 -39.68
N ILE EB 4 73.55 -54.66 -40.19
CA ILE EB 4 73.26 -55.50 -41.36
C ILE EB 4 73.25 -56.99 -41.02
N LYS EB 5 72.40 -57.76 -41.74
CA LYS EB 5 72.26 -59.20 -41.58
C LYS EB 5 73.15 -59.96 -42.56
N LYS EB 6 73.62 -61.14 -42.14
CA LYS EB 6 74.49 -61.99 -42.94
C LYS EB 6 73.73 -62.65 -44.07
N VAL EB 7 74.33 -62.63 -45.28
CA VAL EB 7 73.79 -63.23 -46.50
C VAL EB 7 74.55 -64.55 -46.77
N TYR EB 8 73.79 -65.65 -46.88
CA TYR EB 8 74.34 -66.98 -47.12
C TYR EB 8 73.54 -67.74 -48.18
N ARG EB 9 74.11 -68.83 -48.70
CA ARG EB 9 73.47 -69.66 -49.71
C ARG EB 9 72.40 -70.53 -49.02
N GLY EB 10 71.25 -70.65 -49.66
CA GLY EB 10 70.11 -71.41 -49.15
C GLY EB 10 69.39 -70.68 -48.03
N MET EB 11 69.33 -69.35 -48.16
CA MET EB 11 68.74 -68.45 -47.19
C MET EB 11 67.27 -68.26 -47.41
N LYS EB 12 66.49 -68.47 -46.33
CA LYS EB 12 65.03 -68.27 -46.31
C LYS EB 12 64.75 -66.76 -46.34
N ASN EB 13 63.93 -66.32 -47.31
CA ASN EB 13 63.62 -64.91 -47.55
C ASN EB 13 64.87 -64.04 -47.78
N GLY EB 14 65.58 -64.36 -48.87
CA GLY EB 14 66.82 -63.72 -49.30
C GLY EB 14 66.66 -62.34 -49.88
N ALA EB 15 65.63 -62.17 -50.69
CA ALA EB 15 65.35 -60.91 -51.34
C ALA EB 15 65.10 -59.77 -50.34
N GLU EB 16 64.37 -60.08 -49.27
CA GLU EB 16 64.04 -59.13 -48.23
C GLU EB 16 65.27 -58.70 -47.46
N THR EB 17 66.15 -59.67 -47.12
CA THR EB 17 67.37 -59.46 -46.35
C THR EB 17 68.30 -58.49 -47.04
N ILE EB 18 68.56 -58.71 -48.35
CA ILE EB 18 69.44 -57.87 -49.16
C ILE EB 18 68.90 -56.45 -49.23
N ASN EB 19 67.61 -56.32 -49.53
CA ASN EB 19 66.94 -55.03 -49.64
C ASN EB 19 67.01 -54.23 -48.36
N ASP EB 20 66.77 -54.90 -47.22
CA ASP EB 20 66.81 -54.29 -45.90
C ASP EB 20 68.22 -53.85 -45.52
N ASP EB 21 69.23 -54.62 -45.96
CA ASP EB 21 70.64 -54.31 -45.73
C ASP EB 21 71.08 -53.10 -46.54
N LEU EB 22 70.63 -53.03 -47.80
CA LEU EB 22 70.93 -51.93 -48.71
C LEU EB 22 70.27 -50.64 -48.26
N GLU EB 23 69.03 -50.73 -47.78
CA GLU EB 23 68.26 -49.58 -47.29
C GLU EB 23 68.85 -49.01 -46.01
N ALA EB 24 69.38 -49.90 -45.14
CA ALA EB 24 70.00 -49.52 -43.87
C ALA EB 24 71.31 -48.79 -44.09
N ILE EB 25 72.06 -49.22 -45.11
CA ILE EB 25 73.33 -48.62 -45.51
C ILE EB 25 73.07 -47.25 -46.17
N ASN EB 26 72.10 -47.21 -47.10
CA ASN EB 26 71.73 -45.98 -47.81
C ASN EB 26 71.19 -44.89 -46.89
N SER EB 27 70.52 -45.30 -45.78
CA SER EB 27 69.97 -44.39 -44.78
C SER EB 27 71.08 -43.65 -44.05
N GLU EB 28 72.19 -44.37 -43.77
CA GLU EB 28 73.37 -43.82 -43.11
C GLU EB 28 74.19 -42.92 -44.03
N LEU EB 29 73.97 -43.01 -45.36
CA LEU EB 29 74.66 -42.17 -46.35
C LEU EB 29 74.07 -40.76 -46.43
N THR EB 30 72.85 -40.59 -45.92
CA THR EB 30 72.11 -39.33 -45.94
C THR EB 30 72.01 -38.69 -44.55
N SER EB 31 71.67 -39.48 -43.51
CA SER EB 31 71.50 -38.99 -42.15
C SER EB 31 71.87 -40.01 -41.07
N GLY EB 32 72.39 -39.50 -39.96
CA GLY EB 32 72.75 -40.30 -38.79
C GLY EB 32 73.98 -41.17 -38.96
N GLY EB 33 73.99 -42.29 -38.23
CA GLY EB 33 75.10 -43.24 -38.24
C GLY EB 33 76.34 -42.70 -37.54
N ASN EB 34 77.51 -43.16 -38.01
CA ASN EB 34 78.81 -42.76 -37.46
C ASN EB 34 79.58 -41.87 -38.44
N VAL EB 35 78.98 -41.62 -39.61
CA VAL EB 35 79.60 -40.80 -40.65
C VAL EB 35 79.12 -39.33 -40.62
N VAL EB 36 80.02 -38.39 -40.98
CA VAL EB 36 79.75 -36.95 -41.03
C VAL EB 36 79.10 -36.60 -42.37
N HIS EB 37 77.96 -35.90 -42.33
CA HIS EB 37 77.18 -35.51 -43.50
C HIS EB 37 77.32 -34.03 -43.87
N LYS EB 38 76.93 -33.69 -45.09
CA LYS EB 38 76.97 -32.32 -45.61
C LYS EB 38 75.83 -31.46 -45.06
N THR EB 39 74.77 -32.13 -44.52
CA THR EB 39 73.61 -31.44 -43.95
C THR EB 39 73.22 -32.03 -42.60
N GLY EB 40 72.76 -31.16 -41.72
CA GLY EB 40 72.30 -31.52 -40.38
C GLY EB 40 73.30 -31.23 -39.27
N ASP EB 41 72.76 -31.08 -38.04
CA ASP EB 41 73.55 -30.83 -36.83
C ASP EB 41 74.10 -32.14 -36.31
N GLU EB 42 75.44 -32.26 -36.28
CA GLU EB 42 76.14 -33.46 -35.86
C GLU EB 42 77.29 -33.17 -34.89
N THR EB 43 77.64 -34.16 -34.05
CA THR EB 43 78.75 -34.10 -33.09
C THR EB 43 79.88 -35.01 -33.56
N ILE EB 44 81.08 -34.44 -33.65
CA ILE EB 44 82.29 -35.13 -34.14
C ILE EB 44 83.34 -35.23 -33.02
N ALA EB 45 83.93 -36.41 -32.85
CA ALA EB 45 84.96 -36.69 -31.85
C ALA EB 45 86.22 -37.24 -32.53
N GLY EB 46 87.37 -36.89 -31.97
CA GLY EB 46 88.66 -37.34 -32.48
C GLY EB 46 89.51 -36.21 -33.02
N LYS EB 47 90.83 -36.47 -33.12
CA LYS EB 47 91.80 -35.50 -33.62
C LYS EB 47 91.69 -35.38 -35.15
N LYS EB 48 91.04 -34.31 -35.62
CA LYS EB 48 90.83 -34.05 -37.04
C LYS EB 48 91.86 -33.06 -37.58
N THR EB 49 92.67 -33.51 -38.57
CA THR EB 49 93.72 -32.70 -39.18
C THR EB 49 93.33 -32.29 -40.60
N PHE EB 50 93.13 -30.99 -40.80
CA PHE EB 50 92.76 -30.41 -42.09
C PHE EB 50 94.01 -29.88 -42.81
N THR EB 51 94.45 -30.61 -43.85
CA THR EB 51 95.63 -30.23 -44.64
C THR EB 51 95.30 -29.11 -45.65
N GLY EB 52 94.03 -29.06 -46.06
CA GLY EB 52 93.52 -28.05 -46.99
C GLY EB 52 93.15 -26.74 -46.32
N ASN EB 53 92.41 -25.89 -47.05
CA ASN EB 53 91.98 -24.58 -46.56
C ASN EB 53 90.54 -24.63 -46.02
N VAL EB 54 90.38 -24.26 -44.74
CA VAL EB 54 89.09 -24.26 -44.05
C VAL EB 54 88.42 -22.89 -44.19
N GLU EB 55 87.14 -22.89 -44.58
CA GLU EB 55 86.35 -21.67 -44.74
C GLU EB 55 85.11 -21.74 -43.85
N VAL EB 56 84.92 -20.72 -43.00
CA VAL EB 56 83.77 -20.64 -42.09
C VAL EB 56 82.93 -19.41 -42.48
N ASN EB 57 81.63 -19.64 -42.70
CA ASN EB 57 80.67 -18.59 -43.07
C ASN EB 57 79.79 -18.20 -41.89
N GLY EB 58 79.57 -19.16 -40.99
CA GLY EB 58 78.77 -18.96 -39.79
C GLY EB 58 79.59 -18.38 -38.65
N SER EB 59 79.48 -18.99 -37.46
CA SER EB 59 80.19 -18.55 -36.26
C SER EB 59 81.09 -19.65 -35.69
N LEU EB 60 82.31 -19.28 -35.31
CA LEU EB 60 83.28 -20.20 -34.71
C LEU EB 60 83.25 -20.06 -33.19
N THR EB 61 82.97 -21.17 -32.49
CA THR EB 61 82.87 -21.20 -31.03
C THR EB 61 84.05 -21.96 -30.44
N LEU EB 62 84.70 -21.36 -29.43
CA LEU EB 62 85.85 -21.95 -28.74
C LEU EB 62 85.56 -22.03 -27.23
N PRO EB 63 86.26 -22.88 -26.43
CA PRO EB 63 85.98 -22.94 -24.98
C PRO EB 63 86.10 -21.59 -24.30
N THR EB 64 85.00 -21.12 -23.66
CA THR EB 64 84.94 -19.81 -23.01
C THR EB 64 84.80 -19.89 -21.50
N LYS EB 65 85.62 -19.10 -20.79
CA LYS EB 65 85.64 -19.00 -19.33
C LYS EB 65 85.85 -17.53 -18.96
N SER EB 66 84.98 -17.00 -18.09
CA SER EB 66 85.05 -15.60 -17.66
C SER EB 66 85.44 -15.46 -16.20
N TRP EB 67 86.18 -14.38 -15.88
CA TRP EB 67 86.64 -14.06 -14.54
C TRP EB 67 86.75 -12.55 -14.36
N SER EB 68 86.36 -12.05 -13.17
CA SER EB 68 86.42 -10.64 -12.80
C SER EB 68 86.67 -10.51 -11.31
N GLY EB 69 87.57 -9.60 -10.95
CA GLY EB 69 87.94 -9.34 -9.56
C GLY EB 69 88.90 -8.17 -9.38
N GLU EB 70 88.86 -7.54 -8.20
CA GLU EB 70 89.70 -6.41 -7.83
C GLU EB 70 91.10 -6.91 -7.45
N LEU EB 71 92.09 -6.65 -8.32
CA LEU EB 71 93.48 -7.09 -8.15
C LEU EB 71 94.16 -6.47 -6.93
N GLY EB 72 93.93 -5.17 -6.72
CA GLY EB 72 94.51 -4.42 -5.62
C GLY EB 72 94.44 -2.92 -5.79
N GLY EB 73 94.05 -2.23 -4.73
CA GLY EB 73 93.96 -0.77 -4.70
C GLY EB 73 92.71 -0.18 -5.33
N GLY EB 74 91.83 -1.04 -5.83
CA GLY EB 74 90.58 -0.64 -6.46
C GLY EB 74 90.54 -0.87 -7.97
N ILE EB 75 91.54 -1.58 -8.51
CA ILE EB 75 91.63 -1.89 -9.93
C ILE EB 75 91.01 -3.26 -10.22
N ILE EB 76 89.89 -3.24 -10.97
CA ILE EB 76 89.14 -4.45 -11.34
C ILE EB 76 89.50 -4.86 -12.77
N LEU EB 77 89.98 -6.11 -12.93
CA LEU EB 77 90.35 -6.67 -14.22
C LEU EB 77 89.35 -7.73 -14.66
N SER EB 78 88.82 -7.58 -15.88
CA SER EB 78 87.85 -8.50 -16.47
C SER EB 78 88.55 -9.36 -17.52
N LEU EB 79 88.63 -10.67 -17.24
CA LEU EB 79 89.29 -11.62 -18.13
C LEU EB 79 88.30 -12.59 -18.75
N ARG EB 80 88.48 -12.89 -20.04
CA ARG EB 80 87.66 -13.84 -20.80
C ARG EB 80 88.53 -14.64 -21.75
N LYS EB 81 88.64 -15.95 -21.49
CA LYS EB 81 89.46 -16.89 -22.27
C LYS EB 81 88.72 -17.38 -23.50
N LYS EB 82 89.40 -17.37 -24.66
CA LYS EB 82 88.88 -17.85 -25.94
C LYS EB 82 89.95 -18.67 -26.66
N GLY EB 83 90.01 -19.95 -26.34
CA GLY EB 83 90.96 -20.89 -26.90
C GLY EB 83 92.34 -20.75 -26.31
N THR EB 84 93.25 -20.13 -27.09
CA THR EB 84 94.65 -19.88 -26.73
C THR EB 84 94.95 -18.38 -26.53
N THR EB 85 93.89 -17.54 -26.50
CA THR EB 85 93.99 -16.08 -26.32
C THR EB 85 93.02 -15.60 -25.24
N VAL EB 86 93.51 -14.81 -24.28
CA VAL EB 86 92.71 -14.26 -23.18
C VAL EB 86 92.51 -12.76 -23.40
N GLU EB 87 91.24 -12.32 -23.38
CA GLU EB 87 90.85 -10.92 -23.58
C GLU EB 87 90.78 -10.22 -22.22
N TYR EB 88 91.52 -9.12 -22.05
CA TYR EB 88 91.56 -8.36 -20.81
C TYR EB 88 90.80 -7.04 -20.90
N SER EB 89 90.28 -6.56 -19.75
CA SER EB 89 89.57 -5.29 -19.64
C SER EB 89 89.84 -4.66 -18.27
N ILE EB 90 90.52 -3.51 -18.27
CA ILE EB 90 90.88 -2.77 -17.05
C ILE EB 90 89.80 -1.74 -16.74
N GLY EB 91 89.35 -1.74 -15.49
CA GLY EB 91 88.32 -0.83 -15.00
C GLY EB 91 88.36 -0.59 -13.50
N GLY EB 92 87.49 0.30 -13.04
CA GLY EB 92 87.37 0.65 -11.63
C GLY EB 92 87.90 2.04 -11.30
N GLU EB 93 88.36 2.20 -10.04
CA GLU EB 93 88.90 3.46 -9.52
C GLU EB 93 89.91 3.19 -8.40
N ILE EB 94 91.08 3.85 -8.47
CA ILE EB 94 92.15 3.70 -7.46
C ILE EB 94 91.73 4.43 -6.17
N SER EB 95 91.51 3.65 -5.10
CA SER EB 95 91.09 4.14 -3.79
C SER EB 95 92.25 4.30 -2.81
N SER EB 96 93.06 3.23 -2.63
CA SER EB 96 94.24 3.24 -1.75
C SER EB 96 95.54 3.45 -2.53
N SER EB 97 96.58 3.94 -1.83
CA SER EB 97 97.89 4.22 -2.43
C SER EB 97 98.63 2.93 -2.81
N ILE EB 98 98.99 2.81 -4.10
CA ILE EB 98 99.73 1.68 -4.65
C ILE EB 98 101.14 2.14 -4.96
N LEU EB 99 102.13 1.46 -4.37
CA LEU EB 99 103.56 1.76 -4.52
C LEU EB 99 104.08 1.41 -5.92
N ALA EB 100 105.20 2.04 -6.32
CA ALA EB 100 105.84 1.79 -7.61
C ALA EB 100 106.58 0.45 -7.55
N ASN EB 101 106.40 -0.40 -8.59
CA ASN EB 101 106.98 -1.74 -8.72
C ASN EB 101 106.61 -2.67 -7.54
N SER EB 102 105.34 -2.58 -7.09
CA SER EB 102 104.80 -3.37 -5.98
C SER EB 102 103.78 -4.41 -6.44
N ASN EB 103 103.61 -5.47 -5.64
CA ASN EB 103 102.69 -6.58 -5.90
C ASN EB 103 101.27 -6.29 -5.41
N LEU EB 104 100.27 -6.64 -6.26
CA LEU EB 104 98.84 -6.49 -5.93
C LEU EB 104 98.41 -7.76 -5.18
N VAL EB 105 98.08 -7.60 -3.91
CA VAL EB 105 97.77 -8.70 -2.98
C VAL EB 105 96.29 -8.96 -2.66
N ASN EB 106 95.35 -8.13 -3.19
CA ASN EB 106 93.92 -8.28 -2.92
C ASN EB 106 93.34 -9.57 -3.51
N ARG EB 107 93.51 -9.77 -4.83
CA ARG EB 107 93.05 -10.95 -5.55
C ARG EB 107 94.06 -11.35 -6.62
N SER EB 108 94.39 -12.65 -6.67
CA SER EB 108 95.34 -13.23 -7.62
C SER EB 108 94.62 -13.84 -8.83
N VAL EB 109 95.25 -13.77 -10.00
CA VAL EB 109 94.71 -14.31 -11.25
C VAL EB 109 94.74 -15.84 -11.22
N PRO EB 110 93.60 -16.54 -11.47
CA PRO EB 110 93.59 -18.02 -11.45
C PRO EB 110 94.55 -18.64 -12.47
N ASN EB 111 95.08 -19.84 -12.13
CA ASN EB 111 96.06 -20.56 -12.96
C ASN EB 111 95.62 -20.86 -14.39
N GLU EB 112 94.31 -21.05 -14.62
CA GLU EB 112 93.73 -21.31 -15.94
C GLU EB 112 93.77 -20.08 -16.88
N PHE EB 113 93.98 -18.88 -16.31
CA PHE EB 113 94.09 -17.59 -17.01
C PHE EB 113 95.55 -17.11 -17.06
N CYS EB 114 96.43 -17.73 -16.24
CA CYS EB 114 97.84 -17.40 -16.13
C CYS EB 114 98.65 -17.80 -17.38
N PRO EB 115 99.42 -16.86 -17.99
CA PRO EB 115 100.23 -17.23 -19.15
C PRO EB 115 101.56 -17.87 -18.76
N ARG EB 116 102.23 -18.53 -19.74
CA ARG EB 116 103.53 -19.18 -19.55
C ARG EB 116 104.64 -18.14 -19.34
N ASN EB 117 104.56 -17.02 -20.08
CA ASN EB 117 105.51 -15.90 -20.02
C ASN EB 117 104.88 -14.64 -19.40
N ARG EB 118 105.71 -13.69 -18.96
CA ARG EB 118 105.27 -12.42 -18.36
C ARG EB 118 104.67 -11.50 -19.45
N CYS EB 119 103.39 -11.13 -19.28
CA CYS EB 119 102.66 -10.28 -20.23
C CYS EB 119 102.38 -8.90 -19.65
N SER EB 120 102.66 -7.86 -20.45
CA SER EB 120 102.46 -6.45 -20.06
C SER EB 120 101.17 -5.90 -20.67
N LEU EB 121 100.24 -5.44 -19.80
CA LEU EB 121 98.97 -4.90 -20.27
C LEU EB 121 98.98 -3.37 -20.16
N VAL EB 122 99.21 -2.69 -21.29
CA VAL EB 122 99.28 -1.24 -21.36
C VAL EB 122 97.89 -0.60 -21.18
N GLY EB 123 97.82 0.39 -20.29
CA GLY EB 123 96.60 1.13 -19.97
C GLY EB 123 96.80 2.64 -19.97
N HIS EB 124 95.68 3.39 -19.85
CA HIS EB 124 95.69 4.85 -19.82
C HIS EB 124 94.83 5.41 -18.69
N MET EB 125 95.35 6.44 -18.00
CA MET EB 125 94.69 7.12 -16.89
C MET EB 125 93.82 8.26 -17.41
N VAL EB 126 92.55 8.28 -16.97
CA VAL EB 126 91.57 9.29 -17.37
C VAL EB 126 91.92 10.66 -16.79
N GLY EB 127 92.06 11.67 -17.65
CA GLY EB 127 92.36 13.03 -17.23
C GLY EB 127 93.65 13.62 -17.76
N GLY EB 128 94.67 12.78 -17.94
CA GLY EB 128 95.97 13.23 -18.42
C GLY EB 128 96.62 12.33 -19.46
N TRP EB 129 97.90 12.58 -19.76
CA TRP EB 129 98.72 11.82 -20.70
C TRP EB 129 99.46 10.69 -19.97
N ASN EB 130 98.84 10.15 -18.91
CA ASN EB 130 99.42 9.11 -18.07
C ASN EB 130 99.16 7.68 -18.55
N ALA EB 131 100.22 6.86 -18.56
CA ALA EB 131 100.18 5.45 -18.98
C ALA EB 131 100.70 4.51 -17.89
N PHE EB 132 100.24 3.25 -17.90
CA PHE EB 132 100.64 2.23 -16.94
C PHE EB 132 100.59 0.83 -17.53
N HIS EB 133 101.37 -0.09 -16.98
CA HIS EB 133 101.39 -1.49 -17.41
C HIS EB 133 101.40 -2.43 -16.20
N ILE EB 134 100.65 -3.53 -16.29
CA ILE EB 134 100.55 -4.54 -15.22
C ILE EB 134 101.11 -5.87 -15.75
N ASP EB 135 102.09 -6.42 -15.02
CA ASP EB 135 102.74 -7.67 -15.39
C ASP EB 135 102.08 -8.87 -14.69
N ILE EB 136 101.75 -9.91 -15.46
CA ILE EB 136 101.11 -11.13 -14.95
C ILE EB 136 102.04 -12.33 -15.17
N PRO EB 137 102.56 -12.94 -14.08
CA PRO EB 137 103.45 -14.10 -14.22
C PRO EB 137 102.68 -15.41 -14.21
N SER EB 138 103.40 -16.54 -14.11
CA SER EB 138 102.79 -17.87 -14.06
C SER EB 138 102.12 -18.14 -12.70
N SER EB 139 102.55 -17.41 -11.64
CA SER EB 139 102.04 -17.54 -10.29
C SER EB 139 100.62 -16.96 -10.14
N GLY EB 140 100.42 -15.74 -10.63
CA GLY EB 140 99.13 -15.06 -10.58
C GLY EB 140 99.15 -13.72 -9.87
N VAL EB 141 100.21 -13.45 -9.08
CA VAL EB 141 100.36 -12.20 -8.33
C VAL EB 141 100.78 -11.08 -9.28
N CYS EB 142 99.84 -10.17 -9.57
CA CYS EB 142 100.04 -9.04 -10.48
C CYS EB 142 100.95 -7.98 -9.87
N GLN EB 143 101.64 -7.22 -10.73
CA GLN EB 143 102.56 -6.17 -10.30
C GLN EB 143 102.29 -4.85 -11.02
N TRP EB 144 102.09 -3.78 -10.24
CA TRP EB 144 101.87 -2.43 -10.75
C TRP EB 144 103.25 -1.82 -11.04
N PHE EB 145 103.61 -1.69 -12.33
CA PHE EB 145 104.90 -1.14 -12.75
C PHE EB 145 104.93 0.37 -13.04
N GLY EB 146 103.83 1.04 -12.73
CA GLY EB 146 103.73 2.49 -12.88
C GLY EB 146 104.25 3.23 -11.64
N PRO EB 147 104.10 4.58 -11.58
CA PRO EB 147 104.58 5.31 -10.39
C PRO EB 147 103.64 5.16 -9.20
N THR EB 148 104.04 5.67 -8.03
CA THR EB 148 103.23 5.61 -6.81
C THR EB 148 101.97 6.49 -6.97
N ALA EB 149 100.82 5.85 -7.19
CA ALA EB 149 99.54 6.52 -7.39
C ALA EB 149 98.54 6.17 -6.28
N SER EB 150 97.72 7.15 -5.88
CA SER EB 150 96.71 6.99 -4.83
C SER EB 150 95.29 7.19 -5.37
N SER EB 151 95.15 7.97 -6.46
CA SER EB 151 93.87 8.28 -7.10
C SER EB 151 93.98 8.30 -8.63
N GLY EB 152 92.89 7.96 -9.30
CA GLY EB 152 92.81 7.94 -10.75
C GLY EB 152 91.96 6.82 -11.32
N THR EB 153 91.53 6.97 -12.59
CA THR EB 153 90.70 5.97 -13.27
C THR EB 153 91.52 5.11 -14.25
N PRO EB 154 91.68 3.79 -13.95
CA PRO EB 154 92.43 2.92 -14.87
C PRO EB 154 91.53 2.32 -15.97
N ARG EB 155 91.99 2.42 -17.23
CA ARG EB 155 91.25 1.89 -18.38
C ARG EB 155 92.21 1.23 -19.38
N GLY EB 156 91.71 0.22 -20.09
CA GLY EB 156 92.49 -0.53 -21.09
C GLY EB 156 91.87 -1.85 -21.48
N THR EB 157 91.70 -2.06 -22.80
CA THR EB 157 91.11 -3.29 -23.35
C THR EB 157 91.94 -3.81 -24.52
N GLY EB 158 92.20 -5.12 -24.52
CA GLY EB 158 92.97 -5.80 -25.55
C GLY EB 158 92.99 -7.32 -25.39
N THR EB 159 94.06 -7.94 -25.91
CA THR EB 159 94.27 -9.39 -25.86
C THR EB 159 95.72 -9.71 -25.52
N TYR EB 160 95.94 -10.85 -24.85
CA TYR EB 160 97.27 -11.32 -24.49
C TYR EB 160 97.41 -12.84 -24.64
N PRO EB 161 98.55 -13.36 -25.17
CA PRO EB 161 98.71 -14.82 -25.31
C PRO EB 161 98.84 -15.57 -23.97
N ILE EB 162 98.45 -16.85 -23.96
CA ILE EB 162 98.54 -17.70 -22.77
C ILE EB 162 99.67 -18.75 -22.88
N ASP EB 163 100.01 -19.13 -24.14
CA ASP EB 163 101.05 -20.10 -24.46
C ASP EB 163 102.27 -19.45 -25.12
N SER EB 164 103.46 -20.08 -24.98
CA SER EB 164 104.71 -19.59 -25.56
C SER EB 164 105.57 -20.73 -26.09
N ALA FB 2 5.55 9.54 -118.13
CA ALA FB 2 5.80 8.36 -118.94
C ALA FB 2 4.75 8.18 -120.04
N SER FB 3 5.17 7.72 -121.23
CA SER FB 3 4.24 7.48 -122.34
C SER FB 3 3.53 6.14 -122.12
N ILE FB 4 2.22 6.21 -121.82
CA ILE FB 4 1.40 5.04 -121.54
C ILE FB 4 0.23 4.87 -122.51
N LYS FB 5 -0.14 3.61 -122.77
CA LYS FB 5 -1.27 3.27 -123.65
C LYS FB 5 -2.56 3.18 -122.83
N LYS FB 6 -3.69 3.53 -123.47
CA LYS FB 6 -5.00 3.52 -122.84
C LYS FB 6 -5.54 2.09 -122.73
N VAL FB 7 -6.09 1.75 -121.56
CA VAL FB 7 -6.70 0.44 -121.24
C VAL FB 7 -8.24 0.56 -121.35
N TYR FB 8 -8.86 -0.30 -122.15
CA TYR FB 8 -10.29 -0.31 -122.36
C TYR FB 8 -10.85 -1.72 -122.45
N ARG FB 9 -12.18 -1.87 -122.30
CA ARG FB 9 -12.89 -3.15 -122.39
C ARG FB 9 -12.88 -3.68 -123.84
N GLY FB 10 -12.51 -4.95 -123.99
CA GLY FB 10 -12.43 -5.61 -125.29
C GLY FB 10 -11.17 -5.25 -126.06
N MET FB 11 -10.09 -4.99 -125.32
CA MET FB 11 -8.81 -4.62 -125.88
C MET FB 11 -8.02 -5.84 -126.32
N LYS FB 12 -7.43 -5.75 -127.53
CA LYS FB 12 -6.60 -6.81 -128.10
C LYS FB 12 -5.24 -6.83 -127.38
N ASN FB 13 -4.87 -7.99 -126.82
CA ASN FB 13 -3.65 -8.22 -126.02
C ASN FB 13 -3.52 -7.20 -124.88
N GLY FB 14 -4.41 -7.32 -123.89
CA GLY FB 14 -4.48 -6.46 -122.73
C GLY FB 14 -3.41 -6.70 -121.69
N ALA FB 15 -3.04 -7.98 -121.48
CA ALA FB 15 -2.02 -8.39 -120.50
C ALA FB 15 -0.66 -7.74 -120.77
N GLU FB 16 -0.27 -7.69 -122.06
CA GLU FB 16 1.00 -7.10 -122.49
C GLU FB 16 0.95 -5.58 -122.32
N THR FB 17 -0.21 -4.96 -122.62
CA THR FB 17 -0.42 -3.52 -122.56
C THR FB 17 -0.22 -2.98 -121.15
N ILE FB 18 -0.86 -3.62 -120.15
CA ILE FB 18 -0.77 -3.23 -118.72
C ILE FB 18 0.65 -3.40 -118.22
N ASN FB 19 1.29 -4.54 -118.56
CA ASN FB 19 2.67 -4.83 -118.17
C ASN FB 19 3.65 -3.78 -118.68
N ASP FB 20 3.50 -3.37 -119.94
CA ASP FB 20 4.35 -2.35 -120.57
C ASP FB 20 4.14 -0.98 -119.94
N ASP FB 21 2.89 -0.69 -119.53
CA ASP FB 21 2.53 0.58 -118.88
C ASP FB 21 3.10 0.64 -117.46
N LEU FB 22 3.04 -0.48 -116.73
CA LEU FB 22 3.56 -0.57 -115.37
C LEU FB 22 5.10 -0.47 -115.35
N GLU FB 23 5.75 -1.09 -116.35
CA GLU FB 23 7.20 -1.09 -116.49
C GLU FB 23 7.74 0.29 -116.87
N ALA FB 24 6.97 1.04 -117.68
CA ALA FB 24 7.32 2.38 -118.15
C ALA FB 24 7.24 3.38 -117.00
N ILE FB 25 6.25 3.20 -116.10
CA ILE FB 25 6.05 4.03 -114.91
C ILE FB 25 7.14 3.72 -113.88
N ASN FB 26 7.39 2.42 -113.61
CA ASN FB 26 8.41 1.97 -112.67
C ASN FB 26 9.83 2.38 -113.07
N SER FB 27 10.10 2.49 -114.38
CA SER FB 27 11.40 2.90 -114.92
C SER FB 27 11.68 4.36 -114.55
N GLU FB 28 10.64 5.21 -114.60
CA GLU FB 28 10.69 6.62 -114.25
C GLU FB 28 10.81 6.84 -112.74
N LEU FB 29 10.38 5.85 -111.93
CA LEU FB 29 10.46 5.93 -110.46
C LEU FB 29 11.88 5.74 -109.92
N THR FB 30 12.77 5.15 -110.74
CA THR FB 30 14.16 4.89 -110.39
C THR FB 30 15.14 5.83 -111.09
N SER FB 31 14.95 6.07 -112.41
CA SER FB 31 15.82 6.91 -113.22
C SER FB 31 15.09 7.65 -114.35
N GLY FB 32 15.56 8.86 -114.65
CA GLY FB 32 15.04 9.69 -115.73
C GLY FB 32 13.65 10.26 -115.51
N GLY FB 33 12.96 10.50 -116.62
CA GLY FB 33 11.62 11.07 -116.62
C GLY FB 33 11.60 12.55 -116.28
N ASN FB 34 10.56 12.98 -115.53
CA ASN FB 34 10.38 14.37 -115.12
C ASN FB 34 10.41 14.53 -113.59
N VAL FB 35 10.87 13.49 -112.88
CA VAL FB 35 10.96 13.50 -111.41
C VAL FB 35 12.39 13.52 -110.89
N VAL FB 36 12.60 14.21 -109.75
CA VAL FB 36 13.90 14.31 -109.11
C VAL FB 36 14.15 13.07 -108.24
N HIS FB 37 15.28 12.37 -108.49
CA HIS FB 37 15.66 11.14 -107.79
C HIS FB 37 16.72 11.34 -106.73
N LYS FB 38 16.81 10.36 -105.79
CA LYS FB 38 17.79 10.33 -104.71
C LYS FB 38 19.16 9.87 -105.21
N THR FB 39 19.22 9.35 -106.45
CA THR FB 39 20.44 8.87 -107.08
C THR FB 39 20.55 9.36 -108.52
N GLY FB 40 21.77 9.69 -108.92
CA GLY FB 40 22.09 10.14 -110.27
C GLY FB 40 22.13 11.65 -110.42
N ASP FB 41 22.82 12.10 -111.48
CA ASP FB 41 22.98 13.51 -111.83
C ASP FB 41 21.80 13.96 -112.69
N GLU FB 42 21.04 14.94 -112.18
CA GLU FB 42 19.83 15.45 -112.85
C GLU FB 42 19.77 16.99 -112.87
N THR FB 43 19.06 17.53 -113.87
CA THR FB 43 18.85 18.97 -114.04
C THR FB 43 17.40 19.33 -113.65
N ILE FB 44 17.27 20.32 -112.76
CA ILE FB 44 15.97 20.78 -112.22
C ILE FB 44 15.70 22.23 -112.65
N ALA FB 45 14.48 22.50 -113.10
CA ALA FB 45 14.02 23.81 -113.54
C ALA FB 45 12.78 24.25 -112.76
N GLY FB 46 12.65 25.55 -112.57
CA GLY FB 46 11.53 26.13 -111.83
C GLY FB 46 11.89 26.62 -110.45
N LYS FB 47 11.02 27.47 -109.88
CA LYS FB 47 11.20 28.06 -108.55
C LYS FB 47 10.90 27.03 -107.46
N LYS FB 48 11.96 26.53 -106.82
CA LYS FB 48 11.87 25.53 -105.76
C LYS FB 48 12.01 26.17 -104.38
N THR FB 49 10.90 26.23 -103.63
CA THR FB 49 10.85 26.83 -102.29
C THR FB 49 10.98 25.75 -101.19
N PHE FB 50 12.13 25.73 -100.51
CA PHE FB 50 12.41 24.80 -99.42
C PHE FB 50 12.04 25.43 -98.09
N THR FB 51 10.91 25.00 -97.50
CA THR FB 51 10.42 25.51 -96.22
C THR FB 51 11.21 24.92 -95.06
N GLY FB 52 11.72 23.70 -95.25
CA GLY FB 52 12.52 22.97 -94.28
C GLY FB 52 13.99 23.36 -94.29
N ASN FB 53 14.81 22.55 -93.60
CA ASN FB 53 16.26 22.77 -93.50
C ASN FB 53 17.01 22.01 -94.59
N VAL FB 54 17.93 22.70 -95.26
CA VAL FB 54 18.74 22.14 -96.35
C VAL FB 54 20.16 21.88 -95.88
N GLU FB 55 20.67 20.66 -96.10
CA GLU FB 55 22.03 20.27 -95.74
C GLU FB 55 22.79 19.80 -96.98
N VAL FB 56 23.97 20.39 -97.22
CA VAL FB 56 24.83 20.06 -98.36
C VAL FB 56 26.16 19.50 -97.82
N ASN FB 57 26.51 18.29 -98.28
CA ASN FB 57 27.75 17.59 -97.90
C ASN FB 57 28.85 17.82 -98.92
N GLY FB 58 28.45 18.05 -100.17
CA GLY FB 58 29.35 18.31 -101.29
C GLY FB 58 29.74 19.77 -101.40
N SER FB 59 29.79 20.28 -102.65
CA SER FB 59 30.16 21.66 -102.93
C SER FB 59 29.00 22.42 -103.55
N LEU FB 60 28.76 23.64 -103.06
CA LEU FB 60 27.72 24.52 -103.56
C LEU FB 60 28.32 25.45 -104.61
N THR FB 61 27.79 25.35 -105.85
CA THR FB 61 28.20 26.13 -107.03
C THR FB 61 27.09 27.13 -107.39
N LEU FB 62 27.44 28.40 -107.41
CA LEU FB 62 26.58 29.52 -107.75
C LEU FB 62 27.18 30.21 -109.00
N PRO FB 63 26.46 31.14 -109.70
CA PRO FB 63 27.08 31.80 -110.87
C PRO FB 63 28.41 32.49 -110.52
N THR FB 64 29.51 32.12 -111.23
CA THR FB 64 30.85 32.66 -110.96
C THR FB 64 31.43 33.40 -112.17
N LYS FB 65 32.00 34.58 -111.93
CA LYS FB 65 32.64 35.43 -112.92
C LYS FB 65 33.80 36.16 -112.28
N SER FB 66 34.98 36.11 -112.92
CA SER FB 66 36.21 36.75 -112.42
C SER FB 66 36.64 37.96 -113.26
N TRP FB 67 37.24 38.96 -112.60
CA TRP FB 67 37.75 40.18 -113.23
C TRP FB 67 38.98 40.71 -112.49
N SER FB 68 39.97 41.18 -113.23
CA SER FB 68 41.20 41.75 -112.69
C SER FB 68 41.70 42.86 -113.60
N GLY FB 69 42.13 43.97 -112.99
CA GLY FB 69 42.63 45.13 -113.70
C GLY FB 69 43.14 46.24 -112.79
N GLU FB 70 44.06 47.05 -113.31
CA GLU FB 70 44.66 48.19 -112.60
C GLU FB 70 43.66 49.35 -112.56
N LEU FB 71 43.19 49.72 -111.36
CA LEU FB 71 42.22 50.81 -111.16
C LEU FB 71 42.82 52.19 -111.44
N GLY FB 72 44.05 52.40 -110.96
CA GLY FB 72 44.77 53.65 -111.14
C GLY FB 72 46.02 53.77 -110.28
N GLY FB 73 47.16 53.97 -110.94
CA GLY FB 73 48.45 54.15 -110.29
C GLY FB 73 49.04 52.89 -109.66
N GLY FB 74 49.05 51.80 -110.43
CA GLY FB 74 49.60 50.51 -110.00
C GLY FB 74 48.81 49.75 -108.96
N ILE FB 75 47.52 50.12 -108.76
CA ILE FB 75 46.63 49.44 -107.80
C ILE FB 75 45.73 48.47 -108.56
N ILE FB 76 46.05 47.17 -108.47
CA ILE FB 76 45.30 46.11 -109.15
C ILE FB 76 44.31 45.45 -108.18
N LEU FB 77 43.03 45.43 -108.58
CA LEU FB 77 41.94 44.83 -107.80
C LEU FB 77 41.42 43.57 -108.48
N SER FB 78 41.42 42.46 -107.73
CA SER FB 78 40.93 41.16 -108.22
C SER FB 78 39.54 40.92 -107.65
N LEU FB 79 38.55 40.81 -108.54
CA LEU FB 79 37.16 40.62 -108.17
C LEU FB 79 36.62 39.28 -108.66
N ARG FB 80 35.78 38.63 -107.83
CA ARG FB 80 35.11 37.38 -108.17
C ARG FB 80 33.72 37.37 -107.55
N LYS FB 81 32.70 37.29 -108.42
CA LYS FB 81 31.28 37.30 -108.05
C LYS FB 81 30.79 35.88 -107.77
N LYS FB 82 30.11 35.71 -106.62
CA LYS FB 82 29.51 34.44 -106.20
C LYS FB 82 28.08 34.68 -105.76
N GLY FB 83 27.19 34.72 -106.74
CA GLY FB 83 25.76 34.93 -106.54
C GLY FB 83 25.43 36.36 -106.18
N THR FB 84 25.25 36.63 -104.87
CA THR FB 84 24.91 37.96 -104.34
C THR FB 84 26.05 38.60 -103.52
N THR FB 85 27.22 37.95 -103.48
CA THR FB 85 28.40 38.44 -102.75
C THR FB 85 29.64 38.41 -103.66
N VAL FB 86 30.36 39.53 -103.73
CA VAL FB 86 31.57 39.66 -104.55
C VAL FB 86 32.81 39.71 -103.63
N GLU FB 87 33.79 38.85 -103.91
CA GLU FB 87 35.05 38.75 -103.15
C GLU FB 87 36.09 39.66 -103.79
N TYR FB 88 36.67 40.58 -103.00
CA TYR FB 88 37.68 41.52 -103.47
C TYR FB 88 39.07 41.20 -102.93
N SER FB 89 40.12 41.55 -103.70
CA SER FB 89 41.51 41.36 -103.33
C SER FB 89 42.36 42.52 -103.88
N ILE FB 90 42.97 43.29 -102.98
CA ILE FB 90 43.81 44.45 -103.33
C ILE FB 90 45.27 44.00 -103.41
N GLY FB 91 45.91 44.32 -104.53
CA GLY FB 91 47.31 43.98 -104.79
C GLY FB 91 48.06 45.01 -105.60
N GLY FB 92 49.29 44.69 -105.96
CA GLY FB 92 50.18 45.56 -106.72
C GLY FB 92 51.02 46.48 -105.87
N GLU FB 93 51.51 47.58 -106.48
CA GLU FB 93 52.34 48.60 -105.82
C GLU FB 93 52.08 49.98 -106.46
N ILE FB 94 51.95 51.02 -105.62
CA ILE FB 94 51.69 52.40 -106.07
C ILE FB 94 52.91 52.99 -106.81
N SER FB 95 52.72 53.31 -108.10
CA SER FB 95 53.76 53.87 -108.97
C SER FB 95 53.63 55.39 -109.12
N SER FB 96 52.44 55.87 -109.56
CA SER FB 96 52.17 57.30 -109.74
C SER FB 96 51.47 57.91 -108.53
N SER FB 97 51.40 59.25 -108.47
CA SER FB 97 50.77 59.97 -107.36
C SER FB 97 49.25 60.06 -107.52
N ILE FB 98 48.53 59.55 -106.51
CA ILE FB 98 47.06 59.59 -106.45
C ILE FB 98 46.66 60.61 -105.38
N LEU FB 99 45.89 61.62 -105.79
CA LEU FB 99 45.42 62.71 -104.94
C LEU FB 99 44.39 62.23 -103.91
N ALA FB 100 44.20 63.01 -102.82
CA ALA FB 100 43.23 62.70 -101.77
C ALA FB 100 41.82 63.00 -102.28
N ASN FB 101 40.88 62.06 -102.08
CA ASN FB 101 39.48 62.12 -102.53
C ASN FB 101 39.31 62.30 -104.05
N SER FB 102 40.18 61.61 -104.82
CA SER FB 102 40.20 61.64 -106.28
C SER FB 102 39.80 60.29 -106.89
N ASN FB 103 39.21 60.34 -108.10
CA ASN FB 103 38.75 59.16 -108.83
C ASN FB 103 39.87 58.49 -109.64
N LEU FB 104 39.94 57.15 -109.55
CA LEU FB 104 40.92 56.35 -110.30
C LEU FB 104 40.35 56.12 -111.70
N VAL FB 105 40.97 56.76 -112.70
CA VAL FB 105 40.49 56.76 -114.10
C VAL FB 105 41.24 55.87 -115.11
N ASN FB 106 42.09 54.92 -114.63
CA ASN FB 106 42.83 54.01 -115.52
C ASN FB 106 41.89 52.95 -116.12
N ARG FB 107 41.12 52.26 -115.26
CA ARG FB 107 40.16 51.23 -115.65
C ARG FB 107 38.99 51.17 -114.65
N SER FB 108 37.76 51.14 -115.17
CA SER FB 108 36.54 51.11 -114.37
C SER FB 108 36.03 49.70 -114.13
N VAL FB 109 35.33 49.50 -113.01
CA VAL FB 109 34.75 48.21 -112.61
C VAL FB 109 33.49 47.92 -113.46
N PRO FB 110 33.40 46.73 -114.13
CA PRO FB 110 32.21 46.42 -114.95
C PRO FB 110 30.89 46.43 -114.19
N ASN FB 111 29.78 46.73 -114.88
CA ASN FB 111 28.43 46.84 -114.30
C ASN FB 111 27.92 45.59 -113.57
N GLU FB 112 28.34 44.40 -114.02
CA GLU FB 112 27.97 43.11 -113.42
C GLU FB 112 28.59 42.88 -112.04
N PHE FB 113 29.62 43.69 -111.68
CA PHE FB 113 30.32 43.66 -110.40
C PHE FB 113 29.96 44.88 -109.53
N CYS FB 114 29.32 45.89 -110.14
CA CYS FB 114 28.90 47.13 -109.49
C CYS FB 114 27.72 46.93 -108.51
N PRO FB 115 27.87 47.34 -107.23
CA PRO FB 115 26.77 47.19 -106.27
C PRO FB 115 25.73 48.30 -106.40
N ARG FB 116 24.54 48.11 -105.80
CA ARG FB 116 23.46 49.11 -105.82
C ARG FB 116 23.83 50.33 -104.97
N ASN FB 117 24.39 50.08 -103.78
CA ASN FB 117 24.86 51.11 -102.84
C ASN FB 117 26.40 51.18 -102.82
N ARG FB 118 26.95 52.33 -102.39
CA ARG FB 118 28.39 52.56 -102.31
C ARG FB 118 29.02 51.69 -101.22
N CYS FB 119 30.02 50.86 -101.60
CA CYS FB 119 30.72 49.95 -100.69
C CYS FB 119 32.17 50.38 -100.45
N SER FB 120 32.61 50.34 -99.18
CA SER FB 120 33.95 50.71 -98.75
C SER FB 120 34.84 49.48 -98.55
N LEU FB 121 36.02 49.46 -99.19
CA LEU FB 121 36.95 48.34 -99.06
C LEU FB 121 38.16 48.73 -98.21
N VAL FB 122 38.15 48.33 -96.93
CA VAL FB 122 39.22 48.64 -95.98
C VAL FB 122 40.50 47.85 -96.30
N GLY FB 123 41.61 48.58 -96.43
CA GLY FB 123 42.92 48.02 -96.74
C GLY FB 123 44.03 48.52 -95.82
N HIS FB 124 45.21 47.88 -95.91
CA HIS FB 124 46.39 48.23 -95.09
C HIS FB 124 47.65 48.36 -95.94
N MET FB 125 48.46 49.38 -95.64
CA MET FB 125 49.71 49.66 -96.34
C MET FB 125 50.87 48.93 -95.68
N VAL FB 126 51.68 48.23 -96.50
CA VAL FB 126 52.83 47.47 -96.05
C VAL FB 126 53.94 48.41 -95.58
N GLY FB 127 54.40 48.20 -94.34
CA GLY FB 127 55.47 48.99 -93.73
C GLY FB 127 55.05 49.73 -92.48
N GLY FB 128 53.97 50.51 -92.59
CA GLY FB 128 53.43 51.29 -91.48
C GLY FB 128 52.07 50.87 -91.00
N TRP FB 129 51.49 51.66 -90.07
CA TRP FB 129 50.15 51.46 -89.49
C TRP FB 129 49.08 52.15 -90.38
N ASN FB 130 49.47 52.51 -91.62
CA ASN FB 130 48.65 53.20 -92.60
C ASN FB 130 47.49 52.36 -93.13
N ALA FB 131 46.29 52.98 -93.16
CA ALA FB 131 45.05 52.37 -93.64
C ALA FB 131 44.40 53.19 -94.75
N PHE FB 132 43.63 52.53 -95.63
CA PHE FB 132 42.95 53.17 -96.75
C PHE FB 132 41.66 52.46 -97.10
N HIS FB 133 40.74 53.18 -97.75
CA HIS FB 133 39.47 52.61 -98.23
C HIS FB 133 39.11 53.15 -99.61
N ILE FB 134 38.67 52.26 -100.51
CA ILE FB 134 38.26 52.61 -101.89
C ILE FB 134 36.77 52.36 -102.03
N ASP FB 135 36.03 53.42 -102.41
CA ASP FB 135 34.58 53.35 -102.57
C ASP FB 135 34.21 52.93 -103.99
N ILE FB 136 33.28 51.96 -104.12
CA ILE FB 136 32.81 51.47 -105.41
C ILE FB 136 31.37 51.96 -105.65
N PRO FB 137 31.18 53.01 -106.51
CA PRO FB 137 29.82 53.49 -106.79
C PRO FB 137 29.12 52.61 -107.82
N SER FB 138 27.85 52.93 -108.13
CA SER FB 138 27.06 52.18 -109.11
C SER FB 138 27.55 52.43 -110.55
N SER FB 139 28.31 53.52 -110.76
CA SER FB 139 28.86 53.92 -112.07
C SER FB 139 29.98 52.98 -112.53
N GLY FB 140 30.95 52.73 -111.65
CA GLY FB 140 32.08 51.87 -111.94
C GLY FB 140 33.43 52.47 -111.62
N VAL FB 141 33.54 53.82 -111.70
CA VAL FB 141 34.77 54.56 -111.44
C VAL FB 141 35.06 54.60 -109.94
N CYS FB 142 36.07 53.82 -109.50
CA CYS FB 142 36.49 53.73 -108.10
C CYS FB 142 37.15 55.01 -107.64
N GLN FB 143 36.88 55.39 -106.38
CA GLN FB 143 37.42 56.61 -105.79
C GLN FB 143 38.30 56.33 -104.58
N TRP FB 144 39.55 56.83 -104.62
CA TRP FB 144 40.53 56.71 -103.52
C TRP FB 144 40.16 57.75 -102.45
N PHE FB 145 39.65 57.26 -101.30
CA PHE FB 145 39.21 58.11 -100.19
C PHE FB 145 40.27 58.39 -99.13
N GLY FB 146 41.47 57.83 -99.32
CA GLY FB 146 42.59 58.05 -98.41
C GLY FB 146 43.35 59.34 -98.72
N PRO FB 147 44.50 59.60 -98.05
CA PRO FB 147 45.24 60.84 -98.35
C PRO FB 147 46.12 60.71 -99.61
N THR FB 148 46.81 61.80 -99.99
CA THR FB 148 47.68 61.83 -101.16
C THR FB 148 48.91 60.93 -100.94
N ALA FB 149 49.10 59.95 -101.82
CA ALA FB 149 50.22 59.00 -101.75
C ALA FB 149 50.82 58.76 -103.13
N SER FB 150 52.14 58.53 -103.18
CA SER FB 150 52.88 58.27 -104.42
C SER FB 150 53.58 56.90 -104.42
N SER FB 151 53.88 56.37 -103.22
CA SER FB 151 54.57 55.08 -103.03
C SER FB 151 53.95 54.26 -101.90
N GLY FB 152 54.06 52.94 -101.99
CA GLY FB 152 53.56 52.00 -101.00
C GLY FB 152 52.91 50.76 -101.58
N THR FB 153 52.76 49.71 -100.76
CA THR FB 153 52.16 48.44 -101.18
C THR FB 153 50.73 48.27 -100.63
N PRO FB 154 49.68 48.38 -101.49
CA PRO FB 154 48.31 48.20 -101.00
C PRO FB 154 47.90 46.73 -100.89
N ARG FB 155 47.28 46.37 -99.76
CA ARG FB 155 46.82 45.01 -99.47
C ARG FB 155 45.46 45.02 -98.75
N GLY FB 156 44.63 44.01 -99.03
CA GLY FB 156 43.30 43.87 -98.44
C GLY FB 156 42.43 42.86 -99.16
N THR FB 157 41.90 41.89 -98.40
CA THR FB 157 41.03 40.82 -98.92
C THR FB 157 39.79 40.65 -98.03
N GLY FB 158 38.63 40.58 -98.67
CA GLY FB 158 37.34 40.40 -98.01
C GLY FB 158 36.19 40.17 -98.97
N THR FB 159 34.98 40.56 -98.55
CA THR FB 159 33.73 40.41 -99.32
C THR FB 159 32.88 41.68 -99.22
N TYR FB 160 32.12 41.98 -100.27
CA TYR FB 160 31.21 43.12 -100.29
C TYR FB 160 29.87 42.79 -100.96
N PRO FB 161 28.71 43.29 -100.45
CA PRO FB 161 27.42 42.97 -101.07
C PRO FB 161 27.20 43.66 -102.42
N ILE FB 162 26.28 43.11 -103.23
CA ILE FB 162 25.89 43.61 -104.55
C ILE FB 162 24.36 43.61 -104.68
N ALA GB 2 -1.20 9.55 -105.12
CA ALA GB 2 -2.37 9.59 -105.98
C ALA GB 2 -3.50 8.72 -105.40
N SER GB 3 -4.74 9.18 -105.54
CA SER GB 3 -5.90 8.42 -105.05
C SER GB 3 -6.23 7.33 -106.07
N ILE GB 4 -6.07 6.06 -105.66
CA ILE GB 4 -6.30 4.89 -106.51
C ILE GB 4 -7.33 3.93 -105.93
N LYS GB 5 -8.05 3.23 -106.81
CA LYS GB 5 -9.06 2.25 -106.42
C LYS GB 5 -8.46 0.85 -106.41
N LYS GB 6 -8.95 -0.01 -105.51
CA LYS GB 6 -8.47 -1.38 -105.37
C LYS GB 6 -8.94 -2.26 -106.52
N VAL GB 7 -8.05 -3.15 -106.99
CA VAL GB 7 -8.32 -4.11 -108.06
C VAL GB 7 -8.47 -5.52 -107.44
N TYR GB 8 -9.61 -6.17 -107.71
CA TYR GB 8 -9.91 -7.49 -107.16
C TYR GB 8 -10.55 -8.41 -108.19
N ARG GB 9 -10.59 -9.71 -107.89
CA ARG GB 9 -11.17 -10.76 -108.74
C ARG GB 9 -12.67 -10.56 -108.82
N GLY GB 10 -13.21 -10.59 -110.05
CA GLY GB 10 -14.63 -10.42 -110.29
C GLY GB 10 -15.12 -9.01 -110.09
N MET GB 11 -14.29 -8.05 -110.51
CA MET GB 11 -14.58 -6.64 -110.37
C MET GB 11 -15.32 -6.11 -111.59
N LYS GB 12 -16.39 -5.35 -111.34
CA LYS GB 12 -17.19 -4.67 -112.36
C LYS GB 12 -16.35 -3.47 -112.83
N ASN GB 13 -16.25 -3.28 -114.16
CA ASN GB 13 -15.46 -2.23 -114.82
C ASN GB 13 -13.97 -2.33 -114.46
N GLY GB 14 -13.40 -3.51 -114.69
CA GLY GB 14 -12.00 -3.79 -114.40
C GLY GB 14 -11.04 -2.98 -115.24
N ALA GB 15 -11.21 -3.03 -116.57
CA ALA GB 15 -10.37 -2.32 -117.55
C ALA GB 15 -10.43 -0.79 -117.32
N GLU GB 16 -11.60 -0.30 -116.90
CA GLU GB 16 -11.86 1.12 -116.63
C GLU GB 16 -11.11 1.59 -115.41
N THR GB 17 -11.13 0.76 -114.33
CA THR GB 17 -10.47 1.03 -113.06
C THR GB 17 -8.96 1.08 -113.23
N ILE GB 18 -8.38 0.06 -113.92
CA ILE GB 18 -6.94 -0.02 -114.17
C ILE GB 18 -6.43 1.21 -114.93
N ASN GB 19 -7.15 1.59 -116.00
CA ASN GB 19 -6.80 2.75 -116.81
C ASN GB 19 -6.81 4.03 -116.00
N ASP GB 20 -7.87 4.23 -115.18
CA ASP GB 20 -8.00 5.41 -114.31
C ASP GB 20 -6.92 5.48 -113.24
N ASP GB 21 -6.49 4.29 -112.76
CA ASP GB 21 -5.44 4.19 -111.75
C ASP GB 21 -4.08 4.50 -112.37
N LEU GB 22 -3.84 3.99 -113.59
CA LEU GB 22 -2.59 4.24 -114.30
C LEU GB 22 -2.44 5.70 -114.71
N GLU GB 23 -3.56 6.33 -115.12
CA GLU GB 23 -3.61 7.73 -115.54
C GLU GB 23 -3.36 8.68 -114.37
N ALA GB 24 -3.90 8.33 -113.17
CA ALA GB 24 -3.76 9.10 -111.94
C ALA GB 24 -2.32 9.09 -111.46
N ILE GB 25 -1.65 7.94 -111.62
CA ILE GB 25 -0.25 7.72 -111.26
C ILE GB 25 0.66 8.48 -112.23
N ASN GB 26 0.41 8.32 -113.54
CA ASN GB 26 1.18 8.98 -114.59
C ASN GB 26 1.08 10.52 -114.55
N SER GB 27 -0.07 11.03 -114.05
CA SER GB 27 -0.31 12.47 -113.91
C SER GB 27 0.63 13.07 -112.87
N GLU GB 28 0.86 12.33 -111.77
CA GLU GB 28 1.76 12.73 -110.70
C GLU GB 28 3.24 12.63 -111.10
N LEU GB 29 3.55 11.85 -112.15
CA LEU GB 29 4.93 11.69 -112.65
C LEU GB 29 5.41 12.92 -113.43
N THR GB 30 4.45 13.72 -113.94
CA THR GB 30 4.72 14.92 -114.74
C THR GB 30 4.52 16.22 -113.94
N SER GB 31 3.40 16.32 -113.20
CA SER GB 31 3.04 17.51 -112.40
C SER GB 31 2.20 17.22 -111.17
N GLY GB 32 2.40 18.02 -110.13
CA GLY GB 32 1.65 17.96 -108.89
C GLY GB 32 1.96 16.78 -107.99
N GLY GB 33 1.04 16.51 -107.06
CA GLY GB 33 1.16 15.43 -106.10
C GLY GB 33 2.11 15.78 -104.98
N ASN GB 34 2.68 14.75 -104.34
CA ASN GB 34 3.63 14.91 -103.23
C ASN GB 34 5.05 14.50 -103.66
N VAL GB 35 5.42 14.89 -104.89
CA VAL GB 35 6.70 14.56 -105.51
C VAL GB 35 7.37 15.76 -106.19
N VAL GB 36 8.68 15.91 -105.98
CA VAL GB 36 9.51 16.97 -106.57
C VAL GB 36 9.78 16.65 -108.05
N HIS GB 37 9.52 17.61 -108.94
CA HIS GB 37 9.65 17.50 -110.40
C HIS GB 37 10.83 18.30 -110.97
N LYS GB 38 11.25 17.93 -112.19
CA LYS GB 38 12.34 18.59 -112.91
C LYS GB 38 11.87 19.90 -113.55
N THR GB 39 10.54 20.10 -113.63
CA THR GB 39 9.91 21.29 -114.21
C THR GB 39 8.76 21.79 -113.35
N GLY GB 40 8.62 23.10 -113.30
CA GLY GB 40 7.56 23.77 -112.55
C GLY GB 40 7.97 24.29 -111.20
N ASP GB 41 7.17 25.24 -110.68
CA ASP GB 41 7.37 25.88 -109.38
C ASP GB 41 6.67 25.05 -108.30
N GLU GB 42 7.46 24.52 -107.37
CA GLU GB 42 6.95 23.65 -106.29
C GLU GB 42 7.53 24.03 -104.94
N THR GB 43 6.77 23.72 -103.87
CA THR GB 43 7.16 23.94 -102.47
C THR GB 43 7.56 22.61 -101.83
N ILE GB 44 8.76 22.58 -101.21
CA ILE GB 44 9.34 21.39 -100.58
C ILE GB 44 9.51 21.60 -99.07
N ALA GB 45 9.07 20.61 -98.28
CA ALA GB 45 9.15 20.61 -96.82
C ALA GB 45 9.93 19.39 -96.33
N GLY GB 46 10.62 19.56 -95.19
CA GLY GB 46 11.41 18.51 -94.56
C GLY GB 46 12.90 18.71 -94.69
N LYS GB 47 13.66 18.04 -93.80
CA LYS GB 47 15.12 18.11 -93.76
C LYS GB 47 15.75 17.29 -94.91
N LYS GB 48 16.22 17.99 -95.95
CA LYS GB 48 16.82 17.40 -97.15
C LYS GB 48 18.34 17.42 -97.08
N THR GB 49 18.97 16.24 -97.18
CA THR GB 49 20.43 16.08 -97.10
C THR GB 49 21.00 15.74 -98.48
N PHE GB 50 21.73 16.68 -99.06
CA PHE GB 50 22.37 16.50 -100.36
C PHE GB 50 23.82 16.07 -100.16
N THR GB 51 24.09 14.77 -100.37
CA THR GB 51 25.43 14.18 -100.22
C THR GB 51 26.34 14.57 -101.40
N GLY GB 52 25.73 14.75 -102.58
CA GLY GB 52 26.41 15.15 -103.80
C GLY GB 52 26.63 16.64 -103.91
N ASN GB 53 27.22 17.08 -105.04
CA ASN GB 53 27.48 18.49 -105.31
C ASN GB 53 26.26 19.19 -105.90
N VAL GB 54 25.92 20.37 -105.38
CA VAL GB 54 24.76 21.16 -105.80
C VAL GB 54 25.21 22.38 -106.60
N GLU GB 55 24.56 22.61 -107.76
CA GLU GB 55 24.83 23.74 -108.64
C GLU GB 55 23.55 24.58 -108.82
N VAL GB 56 23.65 25.91 -108.63
CA VAL GB 56 22.52 26.85 -108.79
C VAL GB 56 22.89 27.83 -109.92
N ASN GB 57 22.07 27.87 -110.97
CA ASN GB 57 22.26 28.75 -112.13
C ASN GB 57 21.51 30.05 -111.97
N GLY GB 58 20.38 29.99 -111.26
CA GLY GB 58 19.55 31.15 -110.96
C GLY GB 58 20.03 31.91 -109.74
N SER GB 59 19.06 32.29 -108.88
CA SER GB 59 19.32 33.04 -107.66
C SER GB 59 18.96 32.23 -106.42
N LEU GB 60 19.85 32.23 -105.42
CA LEU GB 60 19.62 31.55 -104.15
C LEU GB 60 19.09 32.57 -103.15
N THR GB 61 17.86 32.35 -102.68
CA THR GB 61 17.18 33.22 -101.73
C THR GB 61 17.28 32.64 -100.33
N LEU GB 62 17.70 33.46 -99.38
CA LEU GB 62 17.82 33.08 -97.97
C LEU GB 62 17.00 34.06 -97.13
N PRO GB 63 16.59 33.73 -95.88
CA PRO GB 63 15.83 34.71 -95.08
C PRO GB 63 16.59 36.05 -94.90
N THR GB 64 15.99 37.17 -95.36
CA THR GB 64 16.61 38.51 -95.32
C THR GB 64 15.90 39.47 -94.38
N LYS GB 65 16.69 40.19 -93.59
CA LYS GB 65 16.23 41.20 -92.64
C LYS GB 65 17.23 42.35 -92.60
N SER GB 66 16.73 43.58 -92.75
CA SER GB 66 17.56 44.78 -92.77
C SER GB 66 17.29 45.72 -91.60
N TRP GB 67 18.34 46.41 -91.14
CA TRP GB 67 18.30 47.37 -90.03
C TRP GB 67 19.39 48.42 -90.19
N SER GB 68 19.04 49.69 -89.86
CA SER GB 68 19.95 50.83 -89.92
C SER GB 68 19.63 51.80 -88.79
N GLY GB 69 20.67 52.29 -88.12
CA GLY GB 69 20.52 53.22 -87.01
C GLY GB 69 21.83 53.88 -86.59
N GLU GB 70 21.72 55.09 -86.01
CA GLU GB 70 22.86 55.87 -85.53
C GLU GB 70 23.28 55.36 -84.15
N LEU GB 71 24.33 54.51 -84.11
CA LEU GB 71 24.86 53.87 -82.90
C LEU GB 71 25.24 54.86 -81.80
N GLY GB 72 25.89 55.96 -82.17
CA GLY GB 72 26.32 57.00 -81.24
C GLY GB 72 27.37 57.92 -81.80
N GLY GB 73 27.22 59.22 -81.52
CA GLY GB 73 28.15 60.26 -81.95
C GLY GB 73 28.06 60.65 -83.42
N GLY GB 74 27.12 60.05 -84.14
CA GLY GB 74 26.90 60.31 -85.56
C GLY GB 74 27.32 59.19 -86.48
N ILE GB 75 27.61 58.00 -85.93
CA ILE GB 75 28.02 56.82 -86.70
C ILE GB 75 26.80 55.93 -86.98
N ILE GB 76 26.42 55.83 -88.26
CA ILE GB 76 25.27 55.03 -88.70
C ILE GB 76 25.75 53.71 -89.29
N LEU GB 77 25.26 52.59 -88.74
CA LEU GB 77 25.60 51.25 -89.18
C LEU GB 77 24.41 50.61 -89.89
N SER GB 78 24.65 50.17 -91.14
CA SER GB 78 23.64 49.51 -91.97
C SER GB 78 23.91 48.00 -91.97
N LEU GB 79 22.95 47.23 -91.46
CA LEU GB 79 23.05 45.78 -91.35
C LEU GB 79 22.03 45.07 -92.23
N ARG GB 80 22.43 43.92 -92.82
CA ARG GB 80 21.59 43.10 -93.67
C ARG GB 80 21.93 41.62 -93.45
N LYS GB 81 21.00 40.91 -92.80
CA LYS GB 81 21.14 39.49 -92.45
C LYS GB 81 20.73 38.58 -93.61
N LYS GB 82 21.57 37.57 -93.90
CA LYS GB 82 21.35 36.58 -94.95
C LYS GB 82 21.79 35.20 -94.46
N GLY GB 83 20.83 34.46 -93.89
CA GLY GB 83 21.07 33.13 -93.37
C GLY GB 83 21.83 33.15 -92.06
N THR GB 84 23.13 32.82 -92.12
CA THR GB 84 24.04 32.79 -90.95
C THR GB 84 25.16 33.84 -91.04
N THR GB 85 25.03 34.80 -91.99
CA THR GB 85 26.00 35.87 -92.21
C THR GB 85 25.32 37.23 -92.30
N VAL GB 86 25.79 38.21 -91.52
CA VAL GB 86 25.27 39.57 -91.50
C VAL GB 86 26.27 40.51 -92.19
N GLU GB 87 25.81 41.27 -93.19
CA GLU GB 87 26.63 42.21 -93.96
C GLU GB 87 26.53 43.59 -93.32
N TYR GB 88 27.67 44.16 -92.90
CA TYR GB 88 27.73 45.46 -92.25
C TYR GB 88 28.20 46.57 -93.18
N SER GB 89 27.75 47.81 -92.93
CA SER GB 89 28.14 49.00 -93.69
C SER GB 89 28.21 50.22 -92.77
N ILE GB 90 29.42 50.74 -92.56
CA ILE GB 90 29.67 51.90 -91.69
C ILE GB 90 29.57 53.17 -92.51
N GLY GB 91 28.80 54.14 -92.01
CA GLY GB 91 28.59 55.43 -92.65
C GLY GB 91 28.24 56.54 -91.67
N GLY GB 92 28.10 57.75 -92.21
CA GLY GB 92 27.75 58.93 -91.44
C GLY GB 92 28.88 59.92 -91.26
N GLU GB 93 28.80 60.72 -90.18
CA GLU GB 93 29.77 61.75 -89.83
C GLU GB 93 29.78 61.96 -88.31
N ILE GB 94 30.98 61.97 -87.70
CA ILE GB 94 31.16 62.17 -86.26
C ILE GB 94 30.85 63.63 -85.89
N SER GB 95 29.80 63.82 -85.07
CA SER GB 95 29.32 65.13 -84.62
C SER GB 95 29.82 65.47 -83.22
N SER GB 96 29.61 64.56 -82.24
CA SER GB 96 30.03 64.72 -80.85
C SER GB 96 31.31 63.95 -80.53
N SER GB 97 32.05 64.40 -79.51
CA SER GB 97 33.31 63.77 -79.08
C SER GB 97 33.05 62.41 -78.43
N ILE GB 98 33.65 61.36 -79.02
CA ILE GB 98 33.55 59.98 -78.55
C ILE GB 98 34.88 59.58 -77.89
N LEU GB 99 34.81 59.16 -76.63
CA LEU GB 99 35.96 58.75 -75.82
C LEU GB 99 36.53 57.40 -76.30
N ALA GB 100 37.82 57.13 -75.98
CA ALA GB 100 38.48 55.88 -76.32
C ALA GB 100 37.98 54.76 -75.41
N ASN GB 101 37.66 53.59 -75.99
CA ASN GB 101 37.12 52.40 -75.30
C ASN GB 101 35.80 52.69 -74.54
N SER GB 102 34.91 53.47 -75.19
CA SER GB 102 33.62 53.87 -74.65
C SER GB 102 32.44 53.23 -75.39
N ASN GB 103 31.31 53.08 -74.68
CA ASN GB 103 30.08 52.49 -75.21
C ASN GB 103 29.22 53.49 -75.98
N LEU GB 104 28.60 53.04 -77.07
CA LEU GB 104 27.70 53.83 -77.92
C LEU GB 104 26.27 53.53 -77.46
N VAL GB 105 25.64 54.51 -76.80
CA VAL GB 105 24.31 54.35 -76.19
C VAL GB 105 23.11 55.05 -76.89
N ASN GB 106 23.34 55.62 -78.09
CA ASN GB 106 22.27 56.30 -78.84
C ASN GB 106 21.26 55.30 -79.44
N ARG GB 107 21.77 54.22 -80.04
CA ARG GB 107 20.97 53.16 -80.63
C ARG GB 107 21.68 51.81 -80.46
N SER GB 108 20.95 50.81 -79.96
CA SER GB 108 21.47 49.46 -79.72
C SER GB 108 21.14 48.50 -80.85
N VAL GB 109 22.04 47.54 -81.12
CA VAL GB 109 21.87 46.54 -82.19
C VAL GB 109 20.81 45.50 -81.76
N PRO GB 110 19.75 45.26 -82.59
CA PRO GB 110 18.72 44.28 -82.21
C PRO GB 110 19.26 42.86 -82.01
N ASN GB 111 18.63 42.09 -81.10
CA ASN GB 111 19.04 40.73 -80.73
C ASN GB 111 19.15 39.74 -81.88
N GLU GB 112 18.32 39.91 -82.94
CA GLU GB 112 18.32 39.06 -84.14
C GLU GB 112 19.57 39.27 -85.02
N PHE GB 113 20.32 40.36 -84.80
CA PHE GB 113 21.55 40.73 -85.50
C PHE GB 113 22.79 40.51 -84.63
N CYS GB 114 22.60 40.32 -83.32
CA CYS GB 114 23.66 40.10 -82.33
C CYS GB 114 24.36 38.74 -82.52
N PRO GB 115 25.71 38.74 -82.66
CA PRO GB 115 26.42 37.46 -82.81
C PRO GB 115 26.68 36.74 -81.48
N ARG GB 116 26.99 35.45 -81.55
CA ARG GB 116 27.30 34.61 -80.38
C ARG GB 116 28.67 35.00 -79.79
N ASN GB 117 29.65 35.22 -80.68
CA ASN GB 117 31.02 35.64 -80.36
C ASN GB 117 31.24 37.13 -80.67
N ARG GB 118 32.15 37.79 -79.94
CA ARG GB 118 32.47 39.21 -80.12
C ARG GB 118 33.21 39.45 -81.44
N CYS GB 119 32.56 40.18 -82.37
CA CYS GB 119 33.11 40.48 -83.69
C CYS GB 119 33.62 41.91 -83.80
N SER GB 120 34.74 42.09 -84.49
CA SER GB 120 35.40 43.37 -84.72
C SER GB 120 35.19 43.86 -86.15
N LEU GB 121 34.67 45.08 -86.30
CA LEU GB 121 34.42 45.65 -87.62
C LEU GB 121 35.49 46.69 -87.97
N VAL GB 122 36.47 46.28 -88.77
CA VAL GB 122 37.57 47.14 -89.20
C VAL GB 122 37.07 48.19 -90.21
N GLY GB 123 37.34 49.46 -89.89
CA GLY GB 123 36.95 50.60 -90.71
C GLY GB 123 38.09 51.58 -91.00
N HIS GB 124 37.84 52.57 -91.87
CA HIS GB 124 38.80 53.60 -92.26
C HIS GB 124 38.21 55.01 -92.21
N MET GB 125 39.00 55.96 -91.71
CA MET GB 125 38.62 57.37 -91.58
C MET GB 125 39.05 58.16 -92.81
N VAL GB 126 38.10 58.88 -93.42
CA VAL GB 126 38.34 59.69 -94.62
C VAL GB 126 39.17 60.91 -94.26
N GLY GB 127 40.30 61.08 -94.94
CA GLY GB 127 41.21 62.19 -94.72
C GLY GB 127 42.67 61.79 -94.61
N GLY GB 128 42.94 60.84 -93.71
CA GLY GB 128 44.29 60.33 -93.45
C GLY GB 128 44.39 58.81 -93.49
N TRP GB 129 45.46 58.29 -92.86
CA TRP GB 129 45.76 56.85 -92.75
C TRP GB 129 45.17 56.28 -91.45
N ASN GB 130 44.13 56.94 -90.91
CA ASN GB 130 43.47 56.58 -89.66
C ASN GB 130 42.54 55.36 -89.78
N ALA GB 131 42.67 54.43 -88.83
CA ALA GB 131 41.88 53.20 -88.77
C ALA GB 131 41.14 53.05 -87.43
N PHE GB 132 39.98 52.36 -87.45
CA PHE GB 132 39.16 52.11 -86.27
C PHE GB 132 38.42 50.77 -86.35
N HIS GB 133 37.99 50.25 -85.20
CA HIS GB 133 37.20 49.02 -85.14
C HIS GB 133 36.13 49.12 -84.06
N ILE GB 134 34.92 48.64 -84.39
CA ILE GB 134 33.79 48.66 -83.46
C ILE GB 134 33.42 47.22 -83.11
N ASP GB 135 33.39 46.91 -81.81
CA ASP GB 135 33.05 45.57 -81.33
C ASP GB 135 31.56 45.40 -81.06
N ILE GB 136 30.99 44.27 -81.51
CA ILE GB 136 29.58 43.94 -81.29
C ILE GB 136 29.48 42.76 -80.32
N PRO GB 137 29.02 42.98 -79.07
CA PRO GB 137 28.89 41.87 -78.12
C PRO GB 137 27.57 41.13 -78.28
N SER GB 138 27.31 40.14 -77.40
CA SER GB 138 26.06 39.36 -77.43
C SER GB 138 24.88 40.21 -76.93
N SER GB 139 25.17 41.27 -76.12
CA SER GB 139 24.17 42.18 -75.57
C SER GB 139 23.58 43.12 -76.62
N GLY GB 140 24.44 43.79 -77.37
CA GLY GB 140 24.04 44.71 -78.43
C GLY GB 140 24.64 46.10 -78.35
N VAL GB 141 25.17 46.47 -77.16
CA VAL GB 141 25.78 47.78 -76.93
C VAL GB 141 27.20 47.81 -77.52
N CYS GB 142 27.33 48.47 -78.69
CA CYS GB 142 28.58 48.61 -79.42
C CYS GB 142 29.60 49.48 -78.69
N GLN GB 143 30.90 49.19 -78.88
CA GLN GB 143 31.99 49.91 -78.23
C GLN GB 143 33.02 50.45 -79.21
N TRP GB 144 33.35 51.75 -79.10
CA TRP GB 144 34.34 52.42 -79.95
C TRP GB 144 35.71 52.10 -79.38
N PHE GB 145 36.42 51.17 -80.03
CA PHE GB 145 37.74 50.70 -79.61
C PHE GB 145 38.91 51.55 -80.09
N GLY GB 146 38.62 52.55 -80.92
CA GLY GB 146 39.63 53.48 -81.43
C GLY GB 146 39.99 54.56 -80.42
N PRO GB 147 40.82 55.56 -80.79
CA PRO GB 147 41.16 56.63 -79.84
C PRO GB 147 40.07 57.70 -79.75
N THR GB 148 40.24 58.68 -78.85
CA THR GB 148 39.29 59.78 -78.67
C THR GB 148 39.22 60.66 -79.93
N ALA GB 149 38.03 60.70 -80.57
CA ALA GB 149 37.79 61.49 -81.78
C ALA GB 149 36.54 62.36 -81.65
N SER GB 150 36.57 63.57 -82.23
CA SER GB 150 35.47 64.53 -82.19
C SER GB 150 34.86 64.76 -83.57
N SER GB 151 35.66 64.63 -84.63
CA SER GB 151 35.24 64.83 -86.02
C SER GB 151 35.91 63.84 -86.97
N GLY GB 152 35.22 63.51 -88.06
CA GLY GB 152 35.71 62.59 -89.08
C GLY GB 152 34.61 61.80 -89.78
N THR GB 153 34.96 61.16 -90.91
CA THR GB 153 34.01 60.35 -91.69
C THR GB 153 34.30 58.84 -91.54
N PRO GB 154 33.39 58.08 -90.87
CA PRO GB 154 33.61 56.64 -90.72
C PRO GB 154 33.09 55.83 -91.92
N ARG GB 155 33.95 54.95 -92.47
CA ARG GB 155 33.60 54.09 -93.61
C ARG GB 155 34.14 52.67 -93.44
N GLY GB 156 33.41 51.69 -93.97
CA GLY GB 156 33.78 50.27 -93.90
C GLY GB 156 32.63 49.34 -94.22
N THR GB 157 32.85 48.44 -95.19
CA THR GB 157 31.85 47.45 -95.63
C THR GB 157 32.46 46.04 -95.69
N GLY GB 158 31.74 45.08 -95.12
CA GLY GB 158 32.16 43.69 -95.09
C GLY GB 158 31.09 42.75 -94.56
N THR GB 159 31.52 41.61 -93.99
CA THR GB 159 30.65 40.58 -93.43
C THR GB 159 31.17 40.10 -92.08
N TYR GB 160 30.27 39.64 -91.20
CA TYR GB 160 30.64 39.10 -89.90
C TYR GB 160 29.75 37.92 -89.51
N PRO GB 161 30.30 36.85 -88.89
CA PRO GB 161 29.47 35.69 -88.52
C PRO GB 161 28.53 35.98 -87.35
N ILE GB 162 27.41 35.22 -87.27
CA ILE GB 162 26.41 35.36 -86.20
C ILE GB 162 26.37 34.14 -85.24
N ASP GB 163 26.87 32.96 -85.70
CA ASP GB 163 26.90 31.69 -84.95
C ASP GB 163 28.29 31.09 -84.80
N ALA HB 2 10.28 0.67 -107.55
CA ALA HB 2 9.42 -0.26 -106.83
C ALA HB 2 9.56 -1.69 -107.36
N SER HB 3 9.51 -2.68 -106.46
CA SER HB 3 9.60 -4.09 -106.84
C SER HB 3 8.24 -4.56 -107.37
N ILE HB 4 8.15 -4.70 -108.71
CA ILE HB 4 6.93 -5.11 -109.40
C ILE HB 4 7.04 -6.46 -110.11
N LYS HB 5 5.91 -7.19 -110.18
CA LYS HB 5 5.82 -8.50 -110.83
C LYS HB 5 5.35 -8.37 -112.27
N LYS HB 6 5.83 -9.29 -113.13
CA LYS HB 6 5.50 -9.29 -114.56
C LYS HB 6 4.07 -9.78 -114.78
N VAL HB 7 3.33 -9.08 -115.65
CA VAL HB 7 1.96 -9.40 -116.04
C VAL HB 7 1.97 -10.05 -117.43
N TYR HB 8 1.42 -11.26 -117.53
CA TYR HB 8 1.35 -12.02 -118.78
C TYR HB 8 -0.02 -12.64 -119.00
N ARG HB 9 -0.28 -13.09 -120.23
CA ARG HB 9 -1.54 -13.71 -120.62
C ARG HB 9 -1.63 -15.12 -120.05
N GLY HB 10 -2.78 -15.46 -119.44
CA GLY HB 10 -3.00 -16.75 -118.79
C GLY HB 10 -2.27 -16.88 -117.47
N MET HB 11 -2.30 -15.78 -116.69
CA MET HB 11 -1.64 -15.67 -115.40
C MET HB 11 -2.56 -16.04 -114.26
N LYS HB 12 -2.07 -16.91 -113.35
CA LYS HB 12 -2.80 -17.32 -112.14
C LYS HB 12 -2.77 -16.16 -111.14
N ASN HB 13 -3.95 -15.77 -110.61
CA ASN HB 13 -4.16 -14.65 -109.69
C ASN HB 13 -3.74 -13.30 -110.32
N GLY HB 14 -4.35 -12.96 -111.47
CA GLY HB 14 -4.07 -11.75 -112.21
C GLY HB 14 -4.48 -10.46 -111.50
N ALA HB 15 -5.70 -10.46 -110.93
CA ALA HB 15 -6.26 -9.31 -110.22
C ALA HB 15 -5.42 -8.85 -109.03
N GLU HB 16 -4.89 -9.82 -108.28
CA GLU HB 16 -4.05 -9.57 -107.11
C GLU HB 16 -2.71 -8.96 -107.50
N THR HB 17 -2.10 -9.49 -108.58
CA THR HB 17 -0.78 -9.07 -109.09
C THR HB 17 -0.81 -7.61 -109.50
N ILE HB 18 -1.82 -7.22 -110.29
CA ILE HB 18 -1.97 -5.84 -110.78
C ILE HB 18 -2.16 -4.88 -109.61
N ASN HB 19 -3.05 -5.24 -108.67
CA ASN HB 19 -3.32 -4.42 -107.49
C ASN HB 19 -2.10 -4.19 -106.62
N ASP HB 20 -1.31 -5.26 -106.39
CA ASP HB 20 -0.09 -5.20 -105.59
C ASP HB 20 0.99 -4.37 -106.27
N ASP HB 21 1.04 -4.41 -107.62
CA ASP HB 21 1.98 -3.63 -108.42
C ASP HB 21 1.62 -2.15 -108.38
N LEU HB 22 0.31 -1.83 -108.48
CA LEU HB 22 -0.19 -0.46 -108.44
C LEU HB 22 -0.01 0.16 -107.06
N GLU HB 23 -0.24 -0.62 -106.00
CA GLU HB 23 -0.11 -0.16 -104.63
C GLU HB 23 1.35 0.11 -104.27
N ALA HB 24 2.28 -0.72 -104.82
CA ALA HB 24 3.72 -0.60 -104.60
C ALA HB 24 4.26 0.67 -105.25
N ILE HB 25 3.74 0.99 -106.43
CA ILE HB 25 4.10 2.18 -107.20
C ILE HB 25 3.54 3.42 -106.51
N ASN HB 26 2.25 3.38 -106.11
CA ASN HB 26 1.58 4.50 -105.43
C ASN HB 26 2.19 4.84 -104.07
N SER HB 27 2.72 3.82 -103.38
CA SER HB 27 3.38 3.98 -102.08
C SER HB 27 4.65 4.82 -102.22
N GLU HB 28 5.39 4.59 -103.32
CA GLU HB 28 6.62 5.30 -103.64
C GLU HB 28 6.35 6.73 -104.11
N LEU HB 29 5.11 7.04 -104.50
CA LEU HB 29 4.71 8.38 -104.94
C LEU HB 29 4.48 9.34 -103.78
N THR HB 30 4.28 8.78 -102.57
CA THR HB 30 4.02 9.54 -101.34
C THR HB 30 5.21 9.53 -100.39
N SER HB 31 5.83 8.35 -100.15
CA SER HB 31 6.95 8.18 -99.23
C SER HB 31 7.94 7.10 -99.64
N GLY HB 32 9.21 7.32 -99.32
CA GLY HB 32 10.29 6.37 -99.57
C GLY HB 32 10.71 6.21 -101.02
N GLY HB 33 11.19 5.02 -101.34
CA GLY HB 33 11.67 4.68 -102.69
C GLY HB 33 12.96 5.40 -103.06
N ASN HB 34 13.12 5.67 -104.37
CA ASN HB 34 14.30 6.34 -104.91
C ASN HB 34 13.98 7.75 -105.39
N VAL HB 35 12.70 8.16 -105.26
CA VAL HB 35 12.25 9.48 -105.69
C VAL HB 35 12.17 10.50 -104.52
N VAL HB 36 12.46 11.78 -104.82
CA VAL HB 36 12.43 12.89 -103.86
C VAL HB 36 11.00 13.41 -103.72
N HIS HB 37 10.51 13.52 -102.46
CA HIS HB 37 9.14 13.95 -102.13
C HIS HB 37 9.07 15.38 -101.60
N LYS HB 38 7.86 15.96 -101.61
CA LYS HB 38 7.58 17.31 -101.10
C LYS HB 38 7.54 17.35 -99.58
N THR HB 39 7.37 16.19 -98.93
CA THR HB 39 7.30 16.07 -97.47
C THR HB 39 8.17 14.93 -96.97
N GLY HB 40 8.78 15.15 -95.80
CA GLY HB 40 9.61 14.18 -95.12
C GLY HB 40 11.10 14.42 -95.27
N ASP HB 41 11.87 13.88 -94.30
CA ASP HB 41 13.33 13.96 -94.26
C ASP HB 41 13.93 12.89 -95.17
N GLU HB 42 14.64 13.32 -96.22
CA GLU HB 42 15.23 12.43 -97.21
C GLU HB 42 16.69 12.78 -97.53
N THR HB 43 17.45 11.78 -98.00
CA THR HB 43 18.86 11.92 -98.40
C THR HB 43 18.97 11.80 -99.93
N ILE HB 44 19.59 12.79 -100.56
CA ILE HB 44 19.76 12.88 -102.01
C ILE HB 44 21.24 12.82 -102.39
N ALA HB 45 21.56 11.99 -103.41
CA ALA HB 45 22.92 11.81 -103.92
C ALA HB 45 22.98 12.10 -105.42
N GLY HB 46 24.09 12.67 -105.86
CA GLY HB 46 24.31 13.01 -107.26
C GLY HB 46 24.41 14.50 -107.51
N LYS HB 47 25.01 14.86 -108.66
CA LYS HB 47 25.21 16.25 -109.08
C LYS HB 47 23.88 16.86 -109.57
N LYS HB 48 23.25 17.67 -108.70
CA LYS HB 48 21.96 18.32 -108.98
C LYS HB 48 22.16 19.75 -109.43
N THR HB 49 21.71 20.06 -110.66
CA THR HB 49 21.84 21.38 -111.28
C THR HB 49 20.48 22.09 -111.34
N PHE HB 50 20.34 23.17 -110.58
CA PHE HB 50 19.11 23.96 -110.53
C PHE HB 50 19.22 25.15 -111.47
N THR HB 51 18.51 25.10 -112.61
CA THR HB 51 18.50 26.18 -113.60
C THR HB 51 17.61 27.35 -113.17
N GLY HB 52 16.60 27.04 -112.36
CA GLY HB 52 15.65 28.02 -111.81
C GLY HB 52 16.17 28.73 -110.58
N ASN HB 53 15.26 29.43 -109.87
CA ASN HB 53 15.60 30.16 -108.65
C ASN HB 53 15.26 29.35 -107.40
N VAL HB 54 16.30 29.10 -106.58
CA VAL HB 54 16.16 28.32 -105.34
C VAL HB 54 15.86 29.25 -104.18
N GLU HB 55 14.85 28.90 -103.37
CA GLU HB 55 14.45 29.68 -102.20
C GLU HB 55 14.51 28.80 -100.94
N VAL HB 56 15.24 29.26 -99.92
CA VAL HB 56 15.39 28.54 -98.65
C VAL HB 56 14.76 29.38 -97.54
N ASN HB 57 13.86 28.77 -96.76
CA ASN HB 57 13.16 29.42 -95.65
C ASN HB 57 13.73 28.99 -94.31
N GLY HB 58 14.27 27.78 -94.26
CA GLY HB 58 14.88 27.19 -93.07
C GLY HB 58 16.32 27.60 -92.92
N SER HB 59 17.19 26.60 -92.65
CA SER HB 59 18.63 26.80 -92.47
C SER HB 59 19.45 26.03 -93.50
N LEU HB 60 20.48 26.68 -94.07
CA LEU HB 60 21.38 26.06 -95.02
C LEU HB 60 22.66 25.61 -94.30
N THR HB 61 22.95 24.30 -94.38
CA THR HB 61 24.10 23.69 -93.74
C THR HB 61 25.15 23.30 -94.78
N LEU HB 62 26.39 23.69 -94.53
CA LEU HB 62 27.52 23.38 -95.40
C LEU HB 62 28.60 22.66 -94.58
N PRO HB 63 29.57 21.93 -95.20
CA PRO HB 63 30.61 21.26 -94.37
C PRO HB 63 31.37 22.24 -93.47
N THR HB 64 31.32 22.03 -92.13
CA THR HB 64 31.92 22.94 -91.14
C THR HB 64 33.10 22.33 -90.37
N LYS HB 65 34.18 23.11 -90.22
CA LYS HB 65 35.38 22.74 -89.48
C LYS HB 65 35.93 23.98 -88.78
N SER HB 66 36.21 23.87 -87.46
CA SER HB 66 36.73 24.98 -86.67
C SER HB 66 38.17 24.78 -86.21
N TRP HB 67 38.94 25.87 -86.12
CA TRP HB 67 40.34 25.87 -85.69
C TRP HB 67 40.70 27.17 -84.99
N SER HB 68 41.50 27.08 -83.93
CA SER HB 68 41.99 28.22 -83.14
C SER HB 68 43.39 27.93 -82.59
N GLY HB 69 44.29 28.89 -82.74
CA GLY HB 69 45.68 28.78 -82.29
C GLY HB 69 46.47 30.08 -82.36
N GLU HB 70 47.47 30.23 -81.47
CA GLU HB 70 48.37 31.39 -81.39
C GLU HB 70 49.39 31.32 -82.53
N LEU HB 71 49.25 32.18 -83.55
CA LEU HB 71 50.13 32.20 -84.73
C LEU HB 71 51.58 32.58 -84.43
N GLY HB 72 51.78 33.63 -83.64
CA GLY HB 72 53.12 34.12 -83.29
C GLY HB 72 53.10 35.46 -82.58
N GLY HB 73 53.78 35.51 -81.42
CA GLY HB 73 53.91 36.73 -80.62
C GLY HB 73 52.76 37.02 -79.67
N GLY HB 74 51.77 36.14 -79.65
CA GLY HB 74 50.59 36.27 -78.80
C GLY HB 74 49.30 36.57 -79.54
N ILE HB 75 49.31 36.48 -80.87
CA ILE HB 75 48.14 36.73 -81.72
C ILE HB 75 47.42 35.41 -82.01
N ILE HB 76 46.18 35.29 -81.50
CA ILE HB 76 45.35 34.09 -81.66
C ILE HB 76 44.31 34.34 -82.76
N LEU HB 77 44.32 33.47 -83.79
CA LEU HB 77 43.40 33.54 -84.92
C LEU HB 77 42.39 32.41 -84.83
N SER HB 78 41.10 32.77 -84.92
CA SER HB 78 39.98 31.83 -84.88
C SER HB 78 39.42 31.67 -86.30
N LEU HB 79 39.55 30.45 -86.84
CA LEU HB 79 39.09 30.12 -88.19
C LEU HB 79 37.94 29.13 -88.18
N ARG HB 80 36.95 29.33 -89.06
CA ARG HB 80 35.80 28.46 -89.23
C ARG HB 80 35.46 28.38 -90.73
N LYS HB 81 35.56 27.17 -91.28
CA LYS HB 81 35.29 26.89 -92.69
C LYS HB 81 33.81 26.62 -92.92
N LYS HB 82 33.24 27.28 -93.95
CA LYS HB 82 31.85 27.13 -94.35
C LYS HB 82 31.76 27.05 -95.87
N GLY HB 83 31.96 25.85 -96.40
CA GLY HB 83 31.93 25.56 -97.82
C GLY HB 83 33.18 25.97 -98.53
N THR HB 84 33.10 27.08 -99.28
CA THR HB 84 34.21 27.66 -100.05
C THR HB 84 34.66 29.02 -99.46
N THR HB 85 34.18 29.37 -98.24
CA THR HB 85 34.50 30.61 -97.54
C THR HB 85 34.91 30.33 -96.08
N VAL HB 86 36.04 30.90 -95.65
CA VAL HB 86 36.54 30.73 -94.29
C VAL HB 86 36.44 32.06 -93.53
N GLU HB 87 35.72 32.05 -92.39
CA GLU HB 87 35.56 33.24 -91.56
C GLU HB 87 36.70 33.31 -90.54
N TYR HB 88 37.36 34.47 -90.47
CA TYR HB 88 38.48 34.70 -89.58
C TYR HB 88 38.12 35.64 -88.42
N SER HB 89 38.83 35.48 -87.28
CA SER HB 89 38.66 36.32 -86.10
C SER HB 89 40.01 36.49 -85.39
N ILE HB 90 40.51 37.74 -85.39
CA ILE HB 90 41.79 38.10 -84.78
C ILE HB 90 41.56 38.53 -83.33
N GLY HB 91 42.34 37.96 -82.42
CA GLY HB 91 42.26 38.25 -80.99
C GLY HB 91 43.55 37.97 -80.23
N GLY HB 92 43.54 38.28 -78.93
CA GLY HB 92 44.68 38.07 -78.05
C GLY HB 92 45.40 39.35 -77.67
N GLU HB 93 46.69 39.22 -77.34
CA GLU HB 93 47.57 40.32 -76.93
C GLU HB 93 49.02 40.05 -77.33
N ILE HB 94 49.67 41.04 -77.96
CA ILE HB 94 51.08 40.94 -78.38
C ILE HB 94 51.99 41.00 -77.15
N SER HB 95 52.68 39.88 -76.85
CA SER HB 95 53.58 39.72 -75.71
C SER HB 95 55.05 39.95 -76.10
N SER HB 96 55.54 39.23 -77.12
CA SER HB 96 56.91 39.33 -77.62
C SER HB 96 57.01 40.23 -78.86
N SER HB 97 58.21 40.79 -79.10
CA SER HB 97 58.47 41.68 -80.23
C SER HB 97 58.44 40.94 -81.56
N ILE HB 98 57.56 41.40 -82.47
CA ILE HB 98 57.40 40.83 -83.82
C ILE HB 98 57.98 41.84 -84.81
N LEU HB 99 58.95 41.38 -85.62
CA LEU HB 99 59.64 42.19 -86.62
C LEU HB 99 58.74 42.52 -87.82
N ALA HB 100 59.08 43.60 -88.55
CA ALA HB 100 58.34 44.02 -89.74
C ALA HB 100 58.66 43.08 -90.90
N ASN HB 101 57.62 42.62 -91.63
CA ASN HB 101 57.70 41.68 -92.76
C ASN HB 101 58.38 40.34 -92.38
N SER HB 102 58.06 39.83 -91.17
CA SER HB 102 58.60 38.58 -90.63
C SER HB 102 57.54 37.48 -90.55
N ASN HB 103 57.99 36.21 -90.54
CA ASN HB 103 57.14 35.03 -90.48
C ASN HB 103 56.79 34.64 -89.05
N LEU HB 104 55.51 34.27 -88.83
CA LEU HB 104 55.00 33.80 -87.53
C LEU HB 104 55.24 32.30 -87.45
N VAL HB 105 56.14 31.89 -86.54
CA VAL HB 105 56.61 30.51 -86.39
C VAL HB 105 56.03 29.67 -85.23
N ASN HB 106 55.16 30.27 -84.38
CA ASN HB 106 54.57 29.56 -83.24
C ASN HB 106 53.63 28.44 -83.65
N ARG HB 107 52.63 28.75 -84.48
CA ARG HB 107 51.65 27.79 -85.00
C ARG HB 107 51.29 28.14 -86.44
N SER HB 108 51.30 27.12 -87.33
CA SER HB 108 50.99 27.26 -88.74
C SER HB 108 49.53 26.89 -89.03
N VAL HB 109 48.91 27.56 -90.01
CA VAL HB 109 47.53 27.31 -90.41
C VAL HB 109 47.43 25.96 -91.15
N PRO HB 110 46.51 25.04 -90.72
CA PRO HB 110 46.39 23.74 -91.41
C PRO HB 110 46.02 23.86 -92.88
N ASN HB 111 46.47 22.89 -93.71
CA ASN HB 111 46.26 22.88 -95.17
C ASN HB 111 44.79 22.95 -95.61
N GLU HB 112 43.86 22.40 -94.81
CA GLU HB 112 42.43 22.42 -95.08
C GLU HB 112 41.80 23.82 -94.97
N PHE HB 113 42.51 24.76 -94.30
CA PHE HB 113 42.11 26.15 -94.10
C PHE HB 113 42.92 27.11 -94.99
N CYS HB 114 44.01 26.59 -95.59
CA CYS HB 114 44.92 27.33 -96.46
C CYS HB 114 44.29 27.68 -97.82
N PRO HB 115 44.31 28.97 -98.24
CA PRO HB 115 43.75 29.31 -99.55
C PRO HB 115 44.74 29.07 -100.69
N ARG HB 116 44.23 29.05 -101.94
CA ARG HB 116 45.03 28.86 -103.16
C ARG HB 116 45.93 30.08 -103.40
N ASN HB 117 45.38 31.29 -103.17
CA ASN HB 117 46.07 32.58 -103.34
C ASN HB 117 46.36 33.26 -101.99
N ARG HB 118 47.29 34.24 -101.99
CA ARG HB 118 47.67 35.00 -100.80
C ARG HB 118 46.54 35.97 -100.40
N CYS HB 119 46.00 35.80 -99.17
CA CYS HB 119 44.91 36.62 -98.65
C CYS HB 119 45.38 37.53 -97.54
N SER HB 120 44.97 38.81 -97.61
CA SER HB 120 45.32 39.84 -96.63
C SER HB 120 44.17 40.09 -95.66
N LEU HB 121 44.42 39.88 -94.36
CA LEU HB 121 43.39 40.09 -93.34
C LEU HB 121 43.64 41.39 -92.58
N VAL HB 122 42.89 42.45 -92.95
CA VAL HB 122 43.03 43.78 -92.35
C VAL HB 122 42.47 43.80 -90.93
N GLY HB 123 43.28 44.35 -90.02
CA GLY HB 123 42.95 44.48 -88.60
C GLY HB 123 43.21 45.87 -88.04
N HIS HB 124 42.79 46.10 -86.78
CA HIS HB 124 42.95 47.38 -86.09
C HIS HB 124 43.48 47.19 -84.66
N MET HB 125 44.44 48.03 -84.27
CA MET HB 125 45.06 48.03 -82.95
C MET HB 125 44.28 48.90 -81.98
N VAL HB 126 43.94 48.34 -80.81
CA VAL HB 126 43.17 49.03 -79.78
C VAL HB 126 44.00 50.15 -79.13
N GLY HB 127 43.46 51.37 -79.16
CA GLY HB 127 44.11 52.53 -78.56
C GLY HB 127 44.46 53.67 -79.49
N GLY HB 128 44.78 53.35 -80.74
CA GLY HB 128 45.15 54.34 -81.74
C GLY HB 128 44.55 54.13 -83.11
N TRP HB 129 45.05 54.90 -84.10
CA TRP HB 129 44.63 54.83 -85.51
C TRP HB 129 45.54 53.84 -86.28
N ASN HB 130 46.01 52.78 -85.59
CA ASN HB 130 46.91 51.79 -86.12
C ASN HB 130 46.22 50.62 -86.82
N ALA HB 131 46.71 50.26 -88.01
CA ALA HB 131 46.20 49.16 -88.84
C ALA HB 131 47.29 48.14 -89.18
N PHE HB 132 46.90 46.88 -89.42
CA PHE HB 132 47.81 45.79 -89.77
C PHE HB 132 47.13 44.75 -90.66
N HIS HB 133 47.93 44.01 -91.44
CA HIS HB 133 47.43 42.94 -92.29
C HIS HB 133 48.35 41.71 -92.21
N ILE HB 134 47.75 40.51 -92.17
CA ILE HB 134 48.46 39.24 -92.10
C ILE HB 134 48.21 38.45 -93.38
N ASP HB 135 49.29 38.04 -94.06
CA ASP HB 135 49.22 37.29 -95.31
C ASP HB 135 49.30 35.78 -95.05
N ILE HB 136 48.38 35.01 -95.65
CA ILE HB 136 48.32 33.56 -95.50
C ILE HB 136 48.53 32.89 -96.86
N PRO HB 137 49.67 32.17 -97.04
CA PRO HB 137 49.92 31.50 -98.33
C PRO HB 137 49.38 30.07 -98.35
N SER HB 138 49.73 29.29 -99.38
CA SER HB 138 49.30 27.90 -99.52
C SER HB 138 50.03 26.98 -98.53
N SER HB 139 51.21 27.42 -98.03
CA SER HB 139 52.04 26.68 -97.08
C SER HB 139 51.43 26.64 -95.68
N GLY HB 140 51.05 27.81 -95.17
CA GLY HB 140 50.46 27.94 -93.84
C GLY HB 140 51.17 28.89 -92.91
N VAL HB 141 52.45 29.21 -93.23
CA VAL HB 141 53.28 30.11 -92.43
C VAL HB 141 52.84 31.57 -92.65
N CYS HB 142 52.16 32.13 -91.65
CA CYS HB 142 51.64 33.51 -91.68
C CYS HB 142 52.76 34.55 -91.60
N GLN HB 143 52.51 35.74 -92.17
CA GLN HB 143 53.48 36.82 -92.18
C GLN HB 143 52.88 38.14 -91.68
N TRP HB 144 53.52 38.75 -90.68
CA TRP HB 144 53.11 40.03 -90.12
C TRP HB 144 53.71 41.13 -91.01
N PHE HB 145 52.85 41.81 -91.80
CA PHE HB 145 53.27 42.86 -92.71
C PHE HB 145 53.21 44.30 -92.16
N GLY HB 146 52.93 44.42 -90.87
CA GLY HB 146 52.89 45.70 -90.18
C GLY HB 146 54.28 46.11 -89.68
N PRO HB 147 54.38 47.21 -88.90
CA PRO HB 147 55.70 47.62 -88.39
C PRO HB 147 56.15 46.76 -87.20
N THR HB 148 57.40 46.96 -86.75
CA THR HB 148 57.95 46.23 -85.60
C THR HB 148 57.22 46.61 -84.31
N ALA HB 149 56.32 45.72 -83.84
CA ALA HB 149 55.52 45.93 -82.63
C ALA HB 149 55.84 44.91 -81.54
N SER HB 150 55.83 45.35 -80.27
CA SER HB 150 56.10 44.51 -79.10
C SER HB 150 54.90 44.37 -78.19
N SER HB 151 54.00 45.38 -78.21
CA SER HB 151 52.77 45.41 -77.40
C SER HB 151 51.59 45.99 -78.17
N GLY HB 152 50.39 45.54 -77.81
CA GLY HB 152 49.15 46.00 -78.41
C GLY HB 152 48.10 44.91 -78.52
N THR HB 153 46.84 45.32 -78.70
CA THR HB 153 45.71 44.41 -78.83
C THR HB 153 45.26 44.26 -80.29
N PRO HB 154 45.47 43.07 -80.91
CA PRO HB 154 45.03 42.88 -82.30
C PRO HB 154 43.57 42.43 -82.38
N ARG HB 155 42.80 43.09 -83.25
CA ARG HB 155 41.38 42.78 -83.47
C ARG HB 155 41.02 42.87 -84.95
N GLY HB 156 40.05 42.04 -85.37
CA GLY HB 156 39.59 41.99 -86.75
C GLY HB 156 38.77 40.75 -87.07
N THR HB 157 37.58 40.94 -87.64
CA THR HB 157 36.67 39.85 -88.00
C THR HB 157 36.10 40.08 -89.42
N GLY HB 158 36.11 39.02 -90.21
CA GLY HB 158 35.61 39.03 -91.58
C GLY HB 158 35.60 37.65 -92.24
N THR HB 159 35.67 37.63 -93.59
CA THR HB 159 35.68 36.41 -94.41
C THR HB 159 36.72 36.50 -95.53
N TYR HB 160 37.33 35.37 -95.89
CA TYR HB 160 38.32 35.29 -96.97
C TYR HB 160 38.11 34.05 -97.87
N PRO HB 161 38.27 34.16 -99.22
CA PRO HB 161 38.07 32.98 -100.08
C PRO HB 161 39.18 31.92 -99.93
N ILE HB 162 38.85 30.66 -100.25
CA ILE HB 162 39.79 29.53 -100.15
C ILE HB 162 40.18 28.95 -101.52
N ASP HB 163 39.33 29.20 -102.58
CA ASP HB 163 39.48 28.70 -103.96
C ASP HB 163 39.50 29.83 -105.01
N ALA IB 2 31.28 -46.10 128.98
CA ALA IB 2 29.86 -46.24 129.33
C ALA IB 2 29.59 -47.52 130.11
N SER IB 3 28.65 -47.46 131.07
CA SER IB 3 28.27 -48.65 131.84
C SER IB 3 27.30 -49.50 131.01
N ILE IB 4 27.78 -50.66 130.55
CA ILE IB 4 27.01 -51.57 129.70
C ILE IB 4 26.81 -52.95 130.33
N LYS IB 5 25.67 -53.58 130.03
CA LYS IB 5 25.34 -54.93 130.51
C LYS IB 5 25.85 -55.98 129.53
N LYS IB 6 26.25 -57.13 130.06
CA LYS IB 6 26.78 -58.24 129.26
C LYS IB 6 25.67 -58.98 128.52
N VAL IB 7 25.91 -59.28 127.23
CA VAL IB 7 24.98 -60.01 126.35
C VAL IB 7 25.43 -61.47 126.24
N TYR IB 8 24.52 -62.40 126.53
CA TYR IB 8 24.77 -63.84 126.52
C TYR IB 8 23.60 -64.62 125.95
N ARG IB 9 23.85 -65.87 125.56
CA ARG IB 9 22.82 -66.76 125.02
C ARG IB 9 21.86 -67.20 126.14
N GLY IB 10 20.57 -67.13 125.84
CA GLY IB 10 19.50 -67.48 126.77
C GLY IB 10 19.25 -66.40 127.79
N MET IB 11 19.46 -65.15 127.39
CA MET IB 11 19.27 -64.00 128.25
C MET IB 11 17.81 -63.59 128.31
N LYS IB 12 17.31 -63.33 129.52
CA LYS IB 12 15.93 -62.89 129.73
C LYS IB 12 15.82 -61.43 129.33
N ASN IB 13 14.86 -61.12 128.43
CA ASN IB 13 14.62 -59.79 127.84
C ASN IB 13 15.92 -59.20 127.22
N GLY IB 14 16.35 -59.83 126.14
CA GLY IB 14 17.56 -59.46 125.42
C GLY IB 14 17.44 -58.21 124.57
N ALA IB 15 16.26 -58.02 123.96
CA ALA IB 15 15.98 -56.88 123.09
C ALA IB 15 16.12 -55.54 123.81
N GLU IB 16 15.63 -55.49 125.05
CA GLU IB 16 15.71 -54.29 125.87
C GLU IB 16 17.16 -54.03 126.31
N THR IB 17 17.91 -55.11 126.63
CA THR IB 17 19.31 -55.04 127.10
C THR IB 17 20.21 -54.40 126.05
N ILE IB 18 20.12 -54.88 124.79
CA ILE IB 18 20.92 -54.37 123.68
C ILE IB 18 20.58 -52.91 123.39
N ASN IB 19 19.27 -52.60 123.35
CA ASN IB 19 18.78 -51.23 123.11
C ASN IB 19 19.32 -50.24 124.14
N ASP IB 20 19.31 -50.63 125.43
CA ASP IB 20 19.81 -49.79 126.52
C ASP IB 20 21.33 -49.61 126.44
N ASP IB 21 22.06 -50.65 125.96
CA ASP IB 21 23.51 -50.62 125.79
C ASP IB 21 23.90 -49.72 124.63
N LEU IB 22 23.13 -49.77 123.53
CA LEU IB 22 23.37 -48.94 122.37
C LEU IB 22 23.09 -47.46 122.66
N GLU IB 23 22.04 -47.19 123.45
CA GLU IB 23 21.64 -45.84 123.82
C GLU IB 23 22.64 -45.20 124.78
N ALA IB 24 23.23 -46.02 125.68
CA ALA IB 24 24.22 -45.60 126.66
C ALA IB 24 25.54 -45.21 125.99
N ILE IB 25 25.89 -45.95 124.92
CA ILE IB 25 27.09 -45.69 124.13
C ILE IB 25 26.89 -44.43 123.28
N ASN IB 26 25.72 -44.33 122.60
CA ASN IB 26 25.36 -43.18 121.76
C ASN IB 26 25.25 -41.88 122.55
N SER IB 27 24.87 -41.95 123.84
CA SER IB 27 24.76 -40.80 124.74
C SER IB 27 26.14 -40.19 125.00
N GLU IB 28 27.15 -41.07 125.16
CA GLU IB 28 28.55 -40.68 125.38
C GLU IB 28 29.21 -40.14 124.12
N LEU IB 29 28.66 -40.46 122.93
CA LEU IB 29 29.18 -39.98 121.64
C LEU IB 29 28.84 -38.51 121.39
N THR IB 30 27.82 -37.99 122.10
CA THR IB 30 27.34 -36.61 121.97
C THR IB 30 27.74 -35.73 123.16
N SER IB 31 27.60 -36.25 124.39
CA SER IB 31 27.91 -35.53 125.63
C SER IB 31 28.41 -36.41 126.77
N GLY IB 32 29.32 -35.85 127.57
CA GLY IB 32 29.88 -36.51 128.75
C GLY IB 32 30.82 -37.66 128.47
N GLY IB 33 30.88 -38.60 129.42
CA GLY IB 33 31.74 -39.76 129.33
C GLY IB 33 33.20 -39.45 129.56
N ASN IB 34 34.08 -40.17 128.85
CA ASN IB 34 35.54 -39.99 128.96
C ASN IB 34 36.16 -39.52 127.63
N VAL IB 35 35.31 -39.06 126.69
CA VAL IB 35 35.74 -38.56 125.39
C VAL IB 35 35.58 -37.06 125.21
N VAL IB 36 36.50 -36.43 124.48
CA VAL IB 36 36.47 -35.00 124.21
C VAL IB 36 35.52 -34.72 123.05
N HIS IB 37 34.54 -33.83 123.26
CA HIS IB 37 33.52 -33.47 122.27
C HIS IB 37 33.76 -32.12 121.61
N LYS IB 38 33.14 -31.91 120.44
CA LYS IB 38 33.20 -30.68 119.67
C LYS IB 38 32.29 -29.60 120.27
N THR IB 39 31.42 -29.99 121.23
CA THR IB 39 30.48 -29.10 121.90
C THR IB 39 30.46 -29.33 123.41
N GLY IB 40 30.35 -28.24 124.15
CA GLY IB 40 30.30 -28.27 125.61
C GLY IB 40 31.62 -28.05 126.31
N ASP IB 41 31.54 -27.66 127.59
CA ASP IB 41 32.69 -27.40 128.45
C ASP IB 41 33.13 -28.69 129.12
N GLU IB 42 34.38 -29.10 128.86
CA GLU IB 42 34.95 -30.35 129.37
C GLU IB 42 36.36 -30.17 129.91
N THR IB 43 36.77 -31.05 130.84
CA THR IB 43 38.10 -31.08 131.45
C THR IB 43 38.91 -32.26 130.89
N ILE IB 44 40.13 -31.98 130.42
CA ILE IB 44 41.02 -32.96 129.80
C ILE IB 44 42.30 -33.12 130.63
N ALA IB 45 42.74 -34.37 130.84
CA ALA IB 45 43.93 -34.71 131.61
C ALA IB 45 44.87 -35.57 130.78
N GLY IB 46 46.17 -35.46 131.07
CA GLY IB 46 47.21 -36.21 130.39
C GLY IB 46 47.99 -35.38 129.40
N LYS IB 47 49.16 -35.89 128.98
CA LYS IB 47 50.05 -35.24 128.03
C LYS IB 47 49.49 -35.35 126.60
N LYS IB 48 48.97 -34.22 126.09
CA LYS IB 48 48.38 -34.13 124.77
C LYS IB 48 49.36 -33.49 123.78
N THR IB 49 49.90 -34.30 122.85
CA THR IB 49 50.87 -33.84 121.85
C THR IB 49 50.18 -33.57 120.50
N PHE IB 50 50.08 -32.28 120.14
CA PHE IB 50 49.47 -31.82 118.89
C PHE IB 50 50.54 -31.67 117.82
N THR IB 51 50.58 -32.62 116.88
CA THR IB 51 51.55 -32.62 115.78
C THR IB 51 51.14 -31.61 114.71
N GLY IB 52 49.83 -31.40 114.58
CA GLY IB 52 49.26 -30.46 113.62
C GLY IB 52 49.24 -29.02 114.11
N ASN IB 53 48.49 -28.17 113.39
CA ASN IB 53 48.37 -26.74 113.71
C ASN IB 53 47.17 -26.49 114.61
N VAL IB 54 47.38 -25.69 115.68
CA VAL IB 54 46.35 -25.36 116.64
C VAL IB 54 45.90 -23.90 116.47
N GLU IB 55 44.57 -23.70 116.36
CA GLU IB 55 43.99 -22.37 116.21
C GLU IB 55 43.00 -22.11 117.35
N VAL IB 56 43.20 -20.97 118.06
CA VAL IB 56 42.35 -20.55 119.18
C VAL IB 56 41.67 -19.22 118.81
N ASN IB 57 40.33 -19.22 118.87
CA ASN IB 57 39.51 -18.06 118.58
C ASN IB 57 39.11 -17.33 119.85
N GLY IB 58 39.07 -18.06 120.97
CA GLY IB 58 38.74 -17.53 122.29
C GLY IB 58 39.95 -16.97 123.02
N SER IB 59 40.05 -17.23 124.33
CA SER IB 59 41.16 -16.75 125.15
C SER IB 59 41.96 -17.91 125.72
N LEU IB 60 43.29 -17.78 125.71
CA LEU IB 60 44.20 -18.79 126.25
C LEU IB 60 44.62 -18.42 127.68
N THR IB 61 44.44 -19.34 128.62
CA THR IB 61 44.76 -19.15 130.04
C THR IB 61 45.94 -20.06 130.44
N LEU IB 62 46.90 -19.48 131.17
CA LEU IB 62 48.09 -20.20 131.66
C LEU IB 62 48.28 -20.03 133.18
N PRO IB 63 49.05 -20.92 133.88
CA PRO IB 63 49.23 -20.76 135.34
C PRO IB 63 49.79 -19.40 135.71
N THR IB 64 49.15 -18.72 136.67
CA THR IB 64 49.51 -17.37 137.09
C THR IB 64 49.81 -17.26 138.59
N LYS IB 65 50.93 -16.61 138.93
CA LYS IB 65 51.36 -16.35 140.30
C LYS IB 65 51.97 -14.96 140.37
N SER IB 66 51.50 -14.13 141.31
CA SER IB 66 51.96 -12.75 141.47
C SER IB 66 52.79 -12.53 142.73
N TRP IB 67 53.75 -11.58 142.67
CA TRP IB 67 54.63 -11.21 143.78
C TRP IB 67 55.03 -9.75 143.69
N SER IB 68 55.06 -9.07 144.83
CA SER IB 68 55.45 -7.66 144.93
C SER IB 68 56.16 -7.39 146.24
N GLY IB 69 57.25 -6.63 146.18
CA GLY IB 69 58.05 -6.28 147.34
C GLY IB 69 59.19 -5.33 147.02
N GLU IB 70 59.63 -4.56 148.04
CA GLU IB 70 60.72 -3.60 147.94
C GLU IB 70 62.07 -4.33 147.95
N LEU IB 71 62.81 -4.26 146.83
CA LEU IB 71 64.11 -4.93 146.68
C LEU IB 71 65.19 -4.29 147.54
N GLY IB 72 65.22 -2.97 147.58
CA GLY IB 72 66.20 -2.20 148.35
C GLY IB 72 66.21 -0.72 148.02
N GLY IB 73 65.97 0.10 149.04
CA GLY IB 73 65.98 1.56 148.92
C GLY IB 73 64.81 2.15 148.16
N GLY IB 74 63.61 1.73 148.52
CA GLY IB 74 62.36 2.22 147.92
C GLY IB 74 62.08 1.78 146.50
N ILE IB 75 62.78 0.74 146.02
CA ILE IB 75 62.58 0.20 144.67
C ILE IB 75 61.70 -1.05 144.76
N ILE IB 76 60.41 -0.90 144.37
CA ILE IB 76 59.42 -1.98 144.41
C ILE IB 76 59.27 -2.62 143.03
N LEU IB 77 59.45 -3.94 142.97
CA LEU IB 77 59.34 -4.73 141.74
C LEU IB 77 58.10 -5.63 141.79
N SER IB 78 57.23 -5.49 140.78
CA SER IB 78 56.02 -6.28 140.65
C SER IB 78 56.25 -7.38 139.62
N LEU IB 79 56.16 -8.63 140.05
CA LEU IB 79 56.39 -9.79 139.20
C LEU IB 79 55.15 -10.64 139.04
N ARG IB 80 54.93 -11.18 137.82
CA ARG IB 80 53.82 -12.08 137.50
C ARG IB 80 54.27 -13.14 136.50
N LYS IB 81 54.21 -14.42 136.92
CA LYS IB 81 54.62 -15.57 136.12
C LYS IB 81 53.46 -16.07 135.26
N LYS IB 82 53.75 -16.36 133.98
CA LYS IB 82 52.81 -16.90 133.00
C LYS IB 82 53.46 -18.05 132.22
N GLY IB 83 53.50 -19.20 132.87
CA GLY IB 83 54.08 -20.41 132.29
C GLY IB 83 55.58 -20.43 132.35
N THR IB 84 56.21 -20.03 131.25
CA THR IB 84 57.67 -19.99 131.10
C THR IB 84 58.22 -18.55 130.96
N THR IB 85 57.35 -17.54 131.06
CA THR IB 85 57.71 -16.13 130.92
C THR IB 85 57.17 -15.32 132.09
N VAL IB 86 58.04 -14.53 132.74
CA VAL IB 86 57.68 -13.69 133.88
C VAL IB 86 57.66 -12.22 133.48
N GLU IB 87 56.54 -11.53 133.76
CA GLU IB 87 56.34 -10.12 133.45
C GLU IB 87 56.79 -9.28 134.65
N TYR IB 88 57.70 -8.33 134.41
CA TYR IB 88 58.23 -7.45 135.46
C TYR IB 88 57.73 -6.02 135.33
N SER IB 89 57.64 -5.29 136.46
CA SER IB 89 57.21 -3.91 136.52
C SER IB 89 57.97 -3.19 137.64
N ILE IB 90 58.77 -2.17 137.27
CA ILE IB 90 59.57 -1.39 138.22
C ILE IB 90 58.79 -0.14 138.63
N GLY IB 91 58.68 0.07 139.93
CA GLY IB 91 57.98 1.21 140.51
C GLY IB 91 58.60 1.73 141.80
N GLY IB 92 57.91 2.68 142.42
CA GLY IB 92 58.34 3.31 143.66
C GLY IB 92 59.21 4.53 143.44
N GLU IB 93 59.97 4.91 144.48
CA GLU IB 93 60.89 6.04 144.49
C GLU IB 93 62.09 5.76 145.39
N ILE IB 94 63.31 6.10 144.92
CA ILE IB 94 64.56 5.88 145.65
C ILE IB 94 64.66 6.80 146.88
N SER IB 95 64.70 6.18 148.07
CA SER IB 95 64.78 6.87 149.37
C SER IB 95 66.20 6.91 149.91
N SER IB 96 66.84 5.73 150.08
CA SER IB 96 68.20 5.60 150.59
C SER IB 96 69.23 5.50 149.46
N SER IB 97 70.53 5.64 149.79
CA SER IB 97 71.61 5.58 148.82
C SER IB 97 72.02 4.14 148.51
N ILE IB 98 71.95 3.78 147.21
CA ILE IB 98 72.34 2.47 146.70
C ILE IB 98 73.65 2.64 145.92
N LEU IB 99 74.69 1.92 146.36
CA LEU IB 99 76.03 1.95 145.77
C LEU IB 99 76.07 1.31 144.37
N ALA IB 100 77.09 1.66 143.58
CA ALA IB 100 77.29 1.13 142.23
C ALA IB 100 77.78 -0.31 142.32
N ASN IB 101 77.17 -1.23 141.55
CA ASN IB 101 77.46 -2.68 141.52
C ASN IB 101 77.29 -3.37 142.90
N SER IB 102 76.25 -2.97 143.64
CA SER IB 102 75.94 -3.50 144.97
C SER IB 102 74.62 -4.26 144.98
N ASN IB 103 74.52 -5.26 145.87
CA ASN IB 103 73.34 -6.12 146.02
C ASN IB 103 72.27 -5.49 146.91
N LEU IB 104 71.01 -5.56 146.45
CA LEU IB 104 69.84 -5.06 147.19
C LEU IB 104 69.43 -6.14 148.18
N VAL IB 105 69.64 -5.86 149.48
CA VAL IB 105 69.43 -6.83 150.57
C VAL IB 105 68.15 -6.66 151.43
N ASN IB 106 67.19 -5.83 150.98
CA ASN IB 106 65.94 -5.61 151.73
C ASN IB 106 65.01 -6.82 151.65
N ARG IB 107 64.75 -7.31 150.41
CA ARG IB 107 63.90 -8.48 150.13
C ARG IB 107 64.37 -9.16 148.85
N SER IB 108 64.50 -10.50 148.91
CA SER IB 108 64.95 -11.33 147.79
C SER IB 108 63.79 -11.89 146.98
N VAL IB 109 64.04 -12.14 145.69
CA VAL IB 109 63.04 -12.69 144.76
C VAL IB 109 62.86 -14.21 145.04
N PRO IB 110 61.60 -14.69 145.22
CA PRO IB 110 61.38 -16.13 145.47
C PRO IB 110 61.87 -17.05 144.35
N ASN IB 111 62.26 -18.29 144.71
CA ASN IB 111 62.81 -19.28 143.79
C ASN IB 111 61.93 -19.65 142.59
N GLU IB 112 60.60 -19.59 142.77
CA GLU IB 112 59.63 -19.87 141.70
C GLU IB 112 59.60 -18.80 140.59
N PHE IB 113 60.20 -17.63 140.86
CA PHE IB 113 60.32 -16.50 139.93
C PHE IB 113 61.76 -16.34 139.43
N CYS IB 114 62.72 -17.02 140.09
CA CYS IB 114 64.14 -16.99 139.75
C CYS IB 114 64.46 -17.73 138.43
N PRO IB 115 65.14 -17.05 137.46
CA PRO IB 115 65.48 -17.72 136.19
C PRO IB 115 66.73 -18.59 136.30
N ARG IB 116 66.96 -19.48 135.32
CA ARG IB 116 68.14 -20.36 135.29
C ARG IB 116 69.42 -19.54 135.03
N ASN IB 117 69.35 -18.60 134.08
CA ASN IB 117 70.43 -17.68 133.72
C ASN IB 117 70.15 -16.26 134.21
N ARG IB 118 71.20 -15.43 134.36
CA ARG IB 118 71.10 -14.04 134.82
C ARG IB 118 70.39 -13.18 133.79
N CYS IB 119 69.28 -12.52 134.21
CA CYS IB 119 68.47 -11.65 133.33
C CYS IB 119 68.58 -10.19 133.71
N SER IB 120 68.74 -9.31 132.71
CA SER IB 120 68.88 -7.87 132.87
C SER IB 120 67.57 -7.14 132.59
N LEU IB 121 67.12 -6.30 133.54
CA LEU IB 121 65.87 -5.55 133.39
C LEU IB 121 66.16 -4.07 133.14
N VAL IB 122 66.09 -3.65 131.87
CA VAL IB 122 66.36 -2.27 131.45
C VAL IB 122 65.23 -1.33 131.91
N GLY IB 123 65.62 -0.26 132.60
CA GLY IB 123 64.72 0.76 133.13
C GLY IB 123 65.13 2.18 132.83
N HIS IB 124 64.24 3.15 133.10
CA HIS IB 124 64.47 4.58 132.85
C HIS IB 124 64.10 5.42 134.05
N MET IB 125 64.94 6.41 134.35
CA MET IB 125 64.76 7.35 135.47
C MET IB 125 63.93 8.56 135.04
N VAL IB 126 62.89 8.89 135.82
CA VAL IB 126 61.99 10.02 135.54
C VAL IB 126 62.73 11.34 135.77
N GLY IB 127 62.72 12.18 134.74
CA GLY IB 127 63.36 13.50 134.78
C GLY IB 127 64.45 13.68 133.74
N GLY IB 128 65.40 12.76 133.73
CA GLY IB 128 66.54 12.80 132.81
C GLY IB 128 66.57 11.66 131.82
N TRP IB 129 67.67 11.59 131.03
CA TRP IB 129 67.94 10.56 130.02
C TRP IB 129 68.64 9.35 130.68
N ASN IB 130 68.60 9.28 132.03
CA ASN IB 130 69.21 8.25 132.86
C ASN IB 130 68.58 6.87 132.71
N ALA IB 131 69.42 5.85 132.53
CA ALA IB 131 69.03 4.44 132.38
C ALA IB 131 69.70 3.54 133.41
N PHE IB 132 69.05 2.43 133.75
CA PHE IB 132 69.56 1.46 134.73
C PHE IB 132 69.11 0.04 134.42
N HIS IB 133 69.85 -0.95 134.93
CA HIS IB 133 69.49 -2.36 134.78
C HIS IB 133 69.77 -3.13 136.06
N ILE IB 134 68.82 -4.00 136.45
CA ILE IB 134 68.92 -4.83 137.65
C ILE IB 134 69.01 -6.29 137.23
N ASP IB 135 70.08 -6.96 137.64
CA ASP IB 135 70.32 -8.36 137.31
C ASP IB 135 69.68 -9.29 138.33
N ILE IB 136 68.95 -10.32 137.84
CA ILE IB 136 68.30 -11.31 138.71
C ILE IB 136 69.05 -12.65 138.61
N PRO IB 137 69.87 -13.01 139.63
CA PRO IB 137 70.58 -14.30 139.58
C PRO IB 137 69.67 -15.45 140.00
N SER IB 138 70.19 -16.68 139.96
CA SER IB 138 69.43 -17.87 140.36
C SER IB 138 69.21 -17.94 141.88
N SER IB 139 70.02 -17.19 142.65
CA SER IB 139 69.95 -17.12 144.10
C SER IB 139 68.70 -16.38 144.61
N GLY IB 140 68.45 -15.19 144.05
CA GLY IB 140 67.30 -14.38 144.42
C GLY IB 140 67.63 -12.94 144.77
N VAL IB 141 68.85 -12.70 145.28
CA VAL IB 141 69.33 -11.36 145.67
C VAL IB 141 69.65 -10.53 144.44
N CYS IB 142 68.79 -9.55 144.13
CA CYS IB 142 68.93 -8.64 143.00
C CYS IB 142 70.09 -7.69 143.18
N GLN IB 143 70.81 -7.42 142.09
CA GLN IB 143 71.98 -6.54 142.10
C GLN IB 143 71.79 -5.30 141.21
N TRP IB 144 71.95 -4.10 141.80
CA TRP IB 144 71.87 -2.82 141.10
C TRP IB 144 73.18 -2.61 140.33
N PHE IB 145 73.11 -2.71 138.99
CA PHE IB 145 74.27 -2.59 138.11
C PHE IB 145 74.54 -1.17 137.57
N GLY IB 146 73.68 -0.22 137.96
CA GLY IB 146 73.83 1.17 137.59
C GLY IB 146 74.81 1.91 138.50
N PRO IB 147 74.94 3.25 138.35
CA PRO IB 147 75.86 4.00 139.23
C PRO IB 147 75.25 4.32 140.59
N THR IB 148 76.04 4.94 141.50
CA THR IB 148 75.57 5.31 142.84
C THR IB 148 74.50 6.40 142.76
N ALA IB 149 73.31 6.12 143.32
CA ALA IB 149 72.17 7.04 143.32
C ALA IB 149 71.47 7.03 144.68
N SER IB 150 70.92 8.20 145.07
CA SER IB 150 70.22 8.39 146.35
C SER IB 150 68.77 8.85 146.15
N SER IB 151 68.47 9.49 145.01
CA SER IB 151 67.14 10.00 144.68
C SER IB 151 66.77 9.76 143.22
N GLY IB 152 65.47 9.67 142.94
CA GLY IB 152 64.94 9.45 141.60
C GLY IB 152 63.79 8.48 141.54
N THR IB 153 63.03 8.50 140.42
CA THR IB 153 61.88 7.62 140.22
C THR IB 153 62.20 6.49 139.22
N PRO IB 154 62.34 5.22 139.67
CA PRO IB 154 62.62 4.12 138.74
C PRO IB 154 61.36 3.60 138.05
N ARG IB 155 61.42 3.39 136.73
CA ARG IB 155 60.31 2.88 135.92
C ARG IB 155 60.80 1.92 134.84
N GLY IB 156 59.98 0.92 134.51
CA GLY IB 156 60.31 -0.10 133.50
C GLY IB 156 59.39 -1.30 133.54
N THR IB 157 58.79 -1.63 132.39
CA THR IB 157 57.86 -2.77 132.26
C THR IB 157 58.20 -3.59 131.01
N GLY IB 158 58.26 -4.91 131.18
CA GLY IB 158 58.56 -5.86 130.11
C GLY IB 158 58.38 -7.31 130.53
N THR IB 159 59.15 -8.22 129.88
CA THR IB 159 59.12 -9.66 130.14
C THR IB 159 60.54 -10.23 130.17
N TYR IB 160 60.76 -11.29 130.96
CA TYR IB 160 62.05 -11.98 131.04
C TYR IB 160 61.88 -13.50 131.11
N PRO IB 161 62.74 -14.30 130.42
CA PRO IB 161 62.59 -15.77 130.47
C PRO IB 161 62.99 -16.36 131.83
N ILE IB 162 62.50 -17.57 132.12
CA ILE IB 162 62.78 -18.29 133.37
C ILE IB 162 63.59 -19.58 133.14
N ASP IB 163 63.50 -20.14 131.92
CA ASP IB 163 64.17 -21.38 131.52
C ASP IB 163 65.16 -21.19 130.36
N SER IB 164 66.13 -22.12 130.25
CA SER IB 164 67.15 -22.11 129.19
C SER IB 164 67.41 -23.51 128.66
N ALA JB 2 37.14 -49.02 115.88
CA ALA JB 2 37.22 -50.36 116.46
C ALA JB 2 36.92 -51.44 115.43
N SER JB 3 37.62 -52.58 115.53
CA SER JB 3 37.39 -53.71 114.63
C SER JB 3 36.16 -54.48 115.11
N ILE JB 4 35.08 -54.45 114.31
CA ILE JB 4 33.82 -55.11 114.64
C ILE JB 4 33.41 -56.15 113.60
N LYS JB 5 32.69 -57.19 114.03
CA LYS JB 5 32.19 -58.24 113.16
C LYS JB 5 30.76 -57.95 112.74
N LYS JB 6 30.39 -58.35 111.53
CA LYS JB 6 29.06 -58.13 110.99
C LYS JB 6 28.02 -59.04 111.63
N VAL JB 7 26.82 -58.47 111.88
CA VAL JB 7 25.68 -59.15 112.47
C VAL JB 7 24.62 -59.40 111.37
N TYR JB 8 24.23 -60.67 111.20
CA TYR JB 8 23.26 -61.09 110.17
C TYR JB 8 22.28 -62.14 110.70
N ARG JB 9 21.17 -62.35 109.97
CA ARG JB 9 20.15 -63.33 110.34
C ARG JB 9 20.70 -64.75 110.14
N GLY JB 10 20.46 -65.61 111.13
CA GLY JB 10 20.92 -66.99 111.12
C GLY JB 10 22.40 -67.13 111.35
N MET JB 11 22.92 -66.27 112.23
CA MET JB 11 24.33 -66.23 112.55
C MET JB 11 24.61 -67.13 113.74
N LYS JB 12 25.68 -67.94 113.63
CA LYS JB 12 26.12 -68.80 114.73
C LYS JB 12 26.86 -67.90 115.74
N ASN JB 13 26.55 -68.07 117.03
CA ASN JB 13 27.08 -67.30 118.15
C ASN JB 13 26.75 -65.82 118.00
N GLY JB 14 25.46 -65.55 117.87
CA GLY JB 14 24.92 -64.21 117.71
C GLY JB 14 25.10 -63.35 118.94
N ALA JB 15 24.66 -63.87 120.10
CA ALA JB 15 24.78 -63.18 121.38
C ALA JB 15 26.24 -62.87 121.76
N GLU JB 16 27.15 -63.79 121.37
CA GLU JB 16 28.60 -63.69 121.62
C GLU JB 16 29.20 -62.56 120.78
N THR JB 17 28.81 -62.49 119.49
CA THR JB 17 29.29 -61.50 118.54
C THR JB 17 28.87 -60.10 118.95
N ILE JB 18 27.58 -59.91 119.29
CA ILE JB 18 27.03 -58.62 119.72
C ILE JB 18 27.76 -58.09 120.95
N ASN JB 19 27.92 -58.95 121.96
CA ASN JB 19 28.62 -58.61 123.19
C ASN JB 19 30.06 -58.18 122.94
N ASP JB 20 30.79 -58.93 122.08
CA ASP JB 20 32.18 -58.64 121.73
C ASP JB 20 32.31 -57.34 120.95
N ASP JB 21 31.29 -57.03 120.12
CA ASP JB 21 31.25 -55.80 119.33
C ASP JB 21 30.95 -54.60 120.23
N LEU JB 22 30.04 -54.76 121.19
CA LEU JB 22 29.71 -53.70 122.13
C LEU JB 22 30.87 -53.40 123.06
N GLU JB 23 31.60 -54.44 123.49
CA GLU JB 23 32.75 -54.32 124.38
C GLU JB 23 33.94 -53.65 123.69
N ALA JB 24 34.13 -53.93 122.38
CA ALA JB 24 35.20 -53.35 121.55
C ALA JB 24 34.97 -51.86 121.33
N ILE JB 25 33.70 -51.48 121.19
CA ILE JB 25 33.28 -50.09 121.01
C ILE JB 25 33.42 -49.34 122.35
N ASN JB 26 32.92 -49.94 123.45
CA ASN JB 26 33.00 -49.36 124.79
C ASN JB 26 34.45 -49.20 125.27
N SER JB 27 35.38 -50.06 124.80
CA SER JB 27 36.80 -50.01 125.13
C SER JB 27 37.45 -48.75 124.55
N GLU JB 28 37.04 -48.37 123.34
CA GLU JB 28 37.53 -47.17 122.67
C GLU JB 28 36.95 -45.90 123.29
N LEU JB 29 35.81 -46.00 124.02
CA LEU JB 29 35.19 -44.86 124.69
C LEU JB 29 35.95 -44.44 125.94
N THR JB 30 36.77 -45.35 126.49
CA THR JB 30 37.57 -45.13 127.70
C THR JB 30 39.05 -44.87 127.39
N SER JB 31 39.66 -45.71 126.52
CA SER JB 31 41.09 -45.62 126.16
C SER JB 31 41.41 -46.13 124.76
N GLY JB 32 42.41 -45.50 124.13
CA GLY JB 32 42.93 -45.88 122.82
C GLY JB 32 42.04 -45.54 121.64
N GLY JB 33 42.31 -46.20 120.51
CA GLY JB 33 41.59 -45.97 119.25
C GLY JB 33 42.01 -44.70 118.56
N ASN JB 34 41.13 -44.16 117.70
CA ASN JB 34 41.40 -42.91 116.96
C ASN JB 34 40.52 -41.76 117.50
N VAL JB 35 40.40 -41.70 118.84
CA VAL JB 35 39.59 -40.72 119.54
C VAL JB 35 40.32 -40.09 120.74
N VAL JB 36 40.20 -38.76 120.86
CA VAL JB 36 40.80 -37.98 121.95
C VAL JB 36 39.97 -38.20 123.23
N HIS JB 37 40.67 -38.57 124.33
CA HIS JB 37 40.07 -38.86 125.63
C HIS JB 37 40.33 -37.80 126.69
N LYS JB 38 39.52 -37.82 127.76
CA LYS JB 38 39.65 -36.91 128.90
C LYS JB 38 40.79 -37.34 129.82
N THR JB 39 41.27 -38.58 129.67
CA THR JB 39 42.35 -39.15 130.48
C THR JB 39 43.36 -39.91 129.62
N GLY JB 40 44.64 -39.80 130.00
CA GLY JB 40 45.74 -40.49 129.32
C GLY JB 40 46.54 -39.62 128.36
N ASP JB 41 47.77 -40.08 128.06
CA ASP JB 41 48.71 -39.41 127.14
C ASP JB 41 48.44 -39.88 125.72
N GLU JB 42 48.04 -38.94 124.86
CA GLU JB 42 47.69 -39.22 123.47
C GLU JB 42 48.30 -38.21 122.50
N THR JB 43 48.52 -38.65 121.25
CA THR JB 43 49.05 -37.82 120.15
C THR JB 43 47.91 -37.47 119.21
N ILE JB 44 47.78 -36.17 118.90
CA ILE JB 44 46.73 -35.62 118.04
C ILE JB 44 47.34 -34.99 116.78
N ALA JB 45 46.76 -35.33 115.63
CA ALA JB 45 47.17 -34.84 114.32
C ALA JB 45 46.01 -34.16 113.62
N GLY JB 46 46.33 -33.13 112.84
CA GLY JB 46 45.35 -32.36 112.09
C GLY JB 46 45.15 -30.95 112.61
N LYS JB 47 44.59 -30.08 111.75
CA LYS JB 47 44.30 -28.68 112.06
C LYS JB 47 43.05 -28.57 112.94
N LYS JB 48 43.28 -28.32 114.25
CA LYS JB 48 42.23 -28.20 115.25
C LYS JB 48 41.91 -26.75 115.56
N THR JB 49 40.63 -26.37 115.35
CA THR JB 49 40.15 -25.00 115.56
C THR JB 49 39.28 -24.92 116.81
N PHE JB 50 39.77 -24.24 117.85
CA PHE JB 50 39.06 -24.05 119.10
C PHE JB 50 38.36 -22.70 119.10
N THR JB 51 37.04 -22.71 118.88
CA THR JB 51 36.22 -21.49 118.84
C THR JB 51 35.98 -20.92 120.25
N GLY JB 52 35.94 -21.83 121.25
CA GLY JB 52 35.76 -21.48 122.64
C GLY JB 52 37.06 -21.10 123.34
N ASN JB 53 36.99 -20.84 124.65
CA ASN JB 53 38.14 -20.46 125.47
C ASN JB 53 38.92 -21.69 125.95
N VAL JB 54 40.25 -21.66 125.83
CA VAL JB 54 41.14 -22.75 126.22
C VAL JB 54 41.91 -22.39 127.49
N GLU JB 55 41.94 -23.31 128.46
CA GLU JB 55 42.64 -23.13 129.71
C GLU JB 55 43.68 -24.25 129.88
N VAL JB 56 44.92 -23.87 130.21
CA VAL JB 56 46.03 -24.81 130.42
C VAL JB 56 46.50 -24.68 131.87
N ASN JB 57 46.47 -25.80 132.61
CA ASN JB 57 46.88 -25.86 134.02
C ASN JB 57 48.32 -26.37 134.15
N GLY JB 58 48.76 -27.17 133.19
CA GLY JB 58 50.12 -27.71 133.17
C GLY JB 58 51.09 -26.79 132.47
N SER JB 59 51.95 -27.38 131.62
CA SER JB 59 52.96 -26.63 130.86
C SER JB 59 52.69 -26.69 129.36
N LEU JB 60 52.78 -25.54 128.68
CA LEU JB 60 52.59 -25.45 127.23
C LEU JB 60 53.95 -25.48 126.55
N THR JB 61 54.18 -26.52 125.73
CA THR JB 61 55.43 -26.72 125.00
C THR JB 61 55.26 -26.25 123.55
N LEU JB 62 56.21 -25.41 123.09
CA LEU JB 62 56.22 -24.87 121.73
C LEU JB 62 57.56 -25.18 121.06
N PRO JB 63 57.66 -25.19 119.70
CA PRO JB 63 58.97 -25.44 119.05
C PRO JB 63 60.05 -24.43 119.50
N THR JB 64 61.17 -24.96 120.03
CA THR JB 64 62.28 -24.15 120.56
C THR JB 64 63.57 -24.32 119.76
N LYS JB 65 64.24 -23.19 119.49
CA LYS JB 65 65.51 -23.13 118.78
C LYS JB 65 66.37 -22.04 119.42
N SER JB 66 67.62 -22.39 119.75
CA SER JB 66 68.55 -21.47 120.40
C SER JB 66 69.77 -21.13 119.55
N TRP JB 67 70.27 -19.90 119.68
CA TRP JB 67 71.44 -19.39 118.97
C TRP JB 67 72.15 -18.31 119.79
N SER JB 68 73.50 -18.34 119.77
CA SER JB 68 74.34 -17.37 120.46
C SER JB 68 75.61 -17.12 119.64
N GLY JB 69 75.98 -15.86 119.53
CA GLY JB 69 77.16 -15.44 118.78
C GLY JB 69 77.57 -14.00 119.03
N GLU JB 70 78.87 -13.71 118.85
CA GLU JB 70 79.46 -12.38 119.03
C GLU JB 70 79.20 -11.56 117.77
N LEU JB 71 78.16 -10.69 117.82
CA LEU JB 71 77.72 -9.84 116.71
C LEU JB 71 78.83 -8.93 116.14
N GLY JB 72 79.63 -8.34 117.03
CA GLY JB 72 80.73 -7.46 116.65
C GLY JB 72 81.23 -6.59 117.78
N GLY JB 73 82.55 -6.46 117.87
CA GLY JB 73 83.22 -5.64 118.87
C GLY JB 73 83.25 -6.22 120.28
N GLY JB 74 82.73 -7.43 120.45
CA GLY JB 74 82.69 -8.12 121.72
C GLY JB 74 81.31 -8.23 122.35
N ILE JB 75 80.26 -7.91 121.58
CA ILE JB 75 78.87 -7.97 122.04
C ILE JB 75 78.26 -9.31 121.62
N ILE JB 76 77.93 -10.16 122.60
CA ILE JB 76 77.35 -11.48 122.38
C ILE JB 76 75.85 -11.42 122.65
N LEU JB 77 75.05 -11.82 121.65
CA LEU JB 77 73.59 -11.85 121.75
C LEU JB 77 73.10 -13.29 121.81
N SER JB 78 72.33 -13.61 122.86
CA SER JB 78 71.75 -14.92 123.08
C SER JB 78 70.27 -14.90 122.71
N LEU JB 79 69.90 -15.69 121.70
CA LEU JB 79 68.53 -15.76 121.20
C LEU JB 79 67.89 -17.13 121.45
N ARG JB 80 66.59 -17.12 121.75
CA ARG JB 80 65.80 -18.34 122.00
C ARG JB 80 64.39 -18.14 121.46
N LYS JB 81 64.08 -18.85 120.36
CA LYS JB 81 62.79 -18.79 119.67
C LYS JB 81 61.76 -19.73 120.30
N LYS JB 82 60.55 -19.20 120.54
CA LYS JB 82 59.42 -19.94 121.09
C LYS JB 82 58.14 -19.57 120.36
N GLY JB 83 57.82 -20.37 119.33
CA GLY JB 83 56.64 -20.14 118.50
C GLY JB 83 56.82 -18.96 117.57
N THR JB 84 56.18 -17.82 117.90
CA THR JB 84 56.24 -16.58 117.11
C THR JB 84 56.89 -15.41 117.88
N THR JB 85 57.60 -15.72 118.99
CA THR JB 85 58.30 -14.75 119.83
C THR JB 85 59.72 -15.22 120.15
N VAL JB 86 60.72 -14.35 119.92
CA VAL JB 86 62.12 -14.64 120.16
C VAL JB 86 62.60 -13.85 121.38
N GLU JB 87 63.20 -14.54 122.37
CA GLU JB 87 63.72 -13.94 123.59
C GLU JB 87 65.20 -13.60 123.42
N TYR JB 88 65.55 -12.31 123.58
CA TYR JB 88 66.93 -11.84 123.42
C TYR JB 88 67.63 -11.60 124.74
N SER JB 89 68.96 -11.75 124.76
CA SER JB 89 69.81 -11.51 125.92
C SER JB 89 71.17 -10.94 125.49
N ILE JB 90 71.43 -9.68 125.86
CA ILE JB 90 72.67 -8.98 125.53
C ILE JB 90 73.70 -9.21 126.62
N GLY JB 91 74.90 -9.60 126.21
CA GLY JB 91 76.01 -9.87 127.11
C GLY JB 91 77.37 -9.70 126.47
N GLY JB 92 78.41 -9.86 127.28
CA GLY JB 92 79.80 -9.73 126.84
C GLY JB 92 80.51 -8.50 127.36
N GLU JB 93 81.54 -8.07 126.60
CA GLU JB 93 82.37 -6.90 126.92
C GLU JB 93 82.92 -6.30 125.63
N ILE JB 94 82.80 -4.97 125.48
CA ILE JB 94 83.28 -4.23 124.31
C ILE JB 94 84.82 -4.19 124.32
N SER JB 95 85.44 -4.83 123.30
CA SER JB 95 86.88 -4.92 123.13
C SER JB 95 87.41 -3.89 122.13
N SER JB 96 86.84 -3.85 120.91
CA SER JB 96 87.24 -2.92 119.85
C SER JB 96 86.27 -1.73 119.73
N SER JB 97 86.78 -0.60 119.19
CA SER JB 97 85.99 0.62 119.02
C SER JB 97 84.91 0.45 117.96
N ILE JB 98 83.64 0.63 118.36
CA ILE JB 98 82.46 0.53 117.49
C ILE JB 98 81.93 1.93 117.21
N LEU JB 99 81.84 2.29 115.92
CA LEU JB 99 81.37 3.60 115.46
C LEU JB 99 79.85 3.76 115.66
N ALA JB 100 79.37 5.01 115.72
CA ALA JB 100 77.96 5.33 115.87
C ALA JB 100 77.24 5.07 114.55
N ASN JB 101 76.06 4.42 114.62
CA ASN JB 101 75.23 4.02 113.46
C ASN JB 101 75.98 3.14 112.45
N SER JB 102 76.78 2.19 112.97
CA SER JB 102 77.60 1.26 112.18
C SER JB 102 77.11 -0.18 112.26
N ASN JB 103 77.40 -0.96 111.22
CA ASN JB 103 77.01 -2.36 111.10
C ASN JB 103 78.00 -3.29 111.81
N LEU JB 104 77.46 -4.33 112.46
CA LEU JB 104 78.21 -5.38 113.17
C LEU JB 104 78.36 -6.55 112.20
N VAL JB 105 79.59 -6.75 111.70
CA VAL JB 105 79.90 -7.75 110.66
C VAL JB 105 80.65 -9.02 111.12
N ASN JB 106 80.88 -9.20 112.44
CA ASN JB 106 81.58 -10.37 112.98
C ASN JB 106 80.74 -11.63 112.87
N ARG JB 107 79.45 -11.54 113.24
CA ARG JB 107 78.49 -12.64 113.19
C ARG JB 107 77.10 -12.11 112.86
N SER JB 108 76.44 -12.71 111.86
CA SER JB 108 75.10 -12.32 111.41
C SER JB 108 74.01 -13.19 112.03
N VAL JB 109 72.83 -12.59 112.28
CA VAL JB 109 71.68 -13.27 112.86
C VAL JB 109 71.04 -14.23 111.82
N PRO JB 110 70.87 -15.54 112.14
CA PRO JB 110 70.28 -16.48 111.16
C PRO JB 110 68.87 -16.08 110.72
N ASN JB 111 68.50 -16.41 109.48
CA ASN JB 111 67.21 -16.07 108.86
C ASN JB 111 65.97 -16.55 109.63
N GLU JB 112 66.08 -17.68 110.35
CA GLU JB 112 65.01 -18.24 111.17
C GLU JB 112 64.69 -17.41 112.43
N PHE JB 113 65.61 -16.50 112.80
CA PHE JB 113 65.50 -15.58 113.95
C PHE JB 113 65.22 -14.14 113.51
N CYS JB 114 65.39 -13.86 112.20
CA CYS JB 114 65.17 -12.54 111.59
C CYS JB 114 63.68 -12.15 111.55
N PRO JB 115 63.32 -10.96 112.11
CA PRO JB 115 61.92 -10.54 112.08
C PRO JB 115 61.49 -9.90 110.77
N ARG JB 116 60.18 -9.81 110.53
CA ARG JB 116 59.60 -9.19 109.33
C ARG JB 116 59.77 -7.67 109.36
N ASN JB 117 59.56 -7.07 110.54
CA ASN JB 117 59.71 -5.64 110.82
C ASN JB 117 60.99 -5.35 111.63
N ARG JB 118 61.57 -4.16 111.47
CA ARG JB 118 62.80 -3.76 112.17
C ARG JB 118 62.55 -3.54 113.66
N CYS JB 119 63.16 -4.40 114.51
CA CYS JB 119 63.00 -4.35 115.97
C CYS JB 119 64.20 -3.73 116.67
N SER JB 120 63.93 -2.93 117.71
CA SER JB 120 64.94 -2.24 118.52
C SER JB 120 65.10 -2.91 119.88
N LEU JB 121 66.34 -3.29 120.23
CA LEU JB 121 66.61 -3.93 121.51
C LEU JB 121 67.26 -2.96 122.49
N VAL JB 122 66.45 -2.40 123.40
CA VAL JB 122 66.92 -1.43 124.39
C VAL JB 122 67.78 -2.13 125.45
N GLY JB 123 69.00 -1.60 125.65
CA GLY JB 123 69.97 -2.12 126.60
C GLY JB 123 70.56 -1.06 127.52
N HIS JB 124 71.34 -1.48 128.52
CA HIS JB 124 71.98 -0.59 129.50
C HIS JB 124 73.45 -0.94 129.69
N MET JB 125 74.29 0.10 129.79
CA MET JB 125 75.74 -0.02 129.99
C MET JB 125 76.09 0.03 131.47
N VAL JB 126 76.84 -0.98 131.93
CA VAL JB 126 77.27 -1.10 133.33
C VAL JB 126 78.31 -0.03 133.65
N GLY JB 127 78.04 0.77 134.67
CA GLY JB 127 78.93 1.83 135.12
C GLY JB 127 78.23 3.16 135.35
N GLY JB 128 77.49 3.61 134.34
CA GLY JB 128 76.75 4.87 134.39
C GLY JB 128 75.29 4.75 133.99
N TRP JB 129 74.68 5.90 133.62
CA TRP JB 129 73.29 6.03 133.18
C TRP JB 129 73.20 5.90 131.64
N ASN JB 130 74.19 5.23 131.04
CA ASN JB 130 74.31 5.06 129.59
C ASN JB 130 73.36 4.00 129.02
N ALA JB 131 72.66 4.34 127.93
CA ALA JB 131 71.70 3.47 127.24
C ALA JB 131 72.05 3.28 125.77
N PHE JB 132 71.68 2.13 125.20
CA PHE JB 132 71.93 1.77 123.80
C PHE JB 132 70.81 0.90 123.23
N HIS JB 133 70.69 0.86 121.90
CA HIS JB 133 69.73 0.00 121.22
C HIS JB 133 70.33 -0.58 119.95
N ILE JB 134 70.09 -1.88 119.71
CA ILE JB 134 70.59 -2.57 118.51
C ILE JB 134 69.40 -2.96 117.63
N ASP JB 135 69.44 -2.55 116.36
CA ASP JB 135 68.36 -2.84 115.42
C ASP JB 135 68.63 -4.13 114.64
N ILE JB 136 67.58 -4.96 114.51
CA ILE JB 136 67.64 -6.22 113.76
C ILE JB 136 66.79 -6.10 112.49
N PRO JB 137 67.42 -6.02 111.29
CA PRO JB 137 66.62 -5.93 110.06
C PRO JB 137 66.19 -7.30 109.55
N SER JB 138 65.52 -7.33 108.38
CA SER JB 138 65.09 -8.58 107.76
C SER JB 138 66.28 -9.37 107.20
N SER JB 139 67.39 -8.67 106.89
CA SER JB 139 68.61 -9.25 106.34
C SER JB 139 69.38 -10.07 107.38
N GLY JB 140 69.63 -9.47 108.55
CA GLY JB 140 70.34 -10.12 109.65
C GLY JB 140 71.52 -9.35 110.19
N VAL JB 141 72.04 -8.38 109.42
CA VAL JB 141 73.18 -7.56 109.80
C VAL JB 141 72.75 -6.49 110.80
N CYS JB 142 73.06 -6.72 112.09
CA CYS JB 142 72.73 -5.82 113.19
C CYS JB 142 73.48 -4.50 113.13
N GLN JB 143 72.85 -3.44 113.63
CA GLN JB 143 73.44 -2.09 113.63
C GLN JB 143 73.46 -1.49 115.03
N TRP JB 144 74.61 -0.94 115.42
CA TRP JB 144 74.81 -0.26 116.71
C TRP JB 144 74.31 1.17 116.56
N PHE JB 145 73.10 1.43 117.08
CA PHE JB 145 72.45 2.74 116.98
C PHE JB 145 72.81 3.75 118.09
N GLY JB 146 73.71 3.33 118.99
CA GLY JB 146 74.21 4.18 120.06
C GLY JB 146 75.40 5.02 119.61
N PRO JB 147 76.06 5.78 120.51
CA PRO JB 147 77.22 6.58 120.09
C PRO JB 147 78.51 5.76 120.00
N THR JB 148 79.61 6.38 119.52
CA THR JB 148 80.90 5.68 119.42
C THR JB 148 81.42 5.25 120.79
N ALA JB 149 81.63 3.96 120.96
CA ALA JB 149 82.14 3.39 122.21
C ALA JB 149 83.28 2.41 121.95
N SER JB 150 84.29 2.43 122.83
CA SER JB 150 85.47 1.56 122.74
C SER JB 150 85.51 0.51 123.85
N SER JB 151 84.95 0.83 125.02
CA SER JB 151 84.91 -0.05 126.19
C SER JB 151 83.59 0.08 126.96
N GLY JB 152 83.18 -1.01 127.63
CA GLY JB 152 81.97 -1.07 128.43
C GLY JB 152 81.31 -2.43 128.45
N THR JB 153 80.34 -2.62 129.38
CA THR JB 153 79.61 -3.88 129.52
C THR JB 153 78.16 -3.77 129.01
N PRO JB 154 77.82 -4.45 127.89
CA PRO JB 154 76.44 -4.38 127.38
C PRO JB 154 75.52 -5.41 128.04
N ARG JB 155 74.36 -4.95 128.53
CA ARG JB 155 73.36 -5.81 129.19
C ARG JB 155 71.93 -5.44 128.77
N GLY JB 156 71.05 -6.44 128.71
CA GLY JB 156 69.65 -6.27 128.34
C GLY JB 156 68.96 -7.56 127.96
N THR JB 157 67.82 -7.83 128.62
CA THR JB 157 67.03 -9.05 128.39
C THR JB 157 65.54 -8.70 128.21
N GLY JB 158 64.94 -9.28 127.18
CA GLY JB 158 63.54 -9.09 126.83
C GLY JB 158 63.04 -10.02 125.74
N THR JB 159 62.00 -9.56 125.01
CA THR JB 159 61.36 -10.30 123.92
C THR JB 159 61.10 -9.37 122.74
N TYR JB 160 61.07 -9.93 121.52
CA TYR JB 160 60.78 -9.18 120.31
C TYR JB 160 59.97 -10.01 119.30
N PRO JB 161 58.96 -9.42 118.61
CA PRO JB 161 58.17 -10.19 117.65
C PRO JB 161 58.94 -10.56 116.39
N ILE JB 162 58.53 -11.65 115.73
CA ILE JB 162 59.15 -12.13 114.48
C ILE JB 162 58.25 -11.89 113.25
N ASP JB 163 56.92 -11.84 113.47
CA ASP JB 163 55.91 -11.63 112.43
C ASP JB 163 55.18 -10.28 112.59
N SER JB 164 54.73 -9.67 111.47
CA SER JB 164 53.99 -8.40 111.47
C SER JB 164 52.82 -8.43 110.50
N ALA KB 2 25.31 -40.32 116.94
CA ALA KB 2 24.93 -41.12 115.78
C ALA KB 2 23.43 -41.40 115.75
N SER KB 3 22.85 -41.38 114.54
CA SER KB 3 21.42 -41.65 114.38
C SER KB 3 21.18 -43.16 114.44
N ILE KB 4 20.63 -43.62 115.56
CA ILE KB 4 20.36 -45.05 115.78
C ILE KB 4 18.87 -45.38 115.90
N LYS KB 5 18.47 -46.58 115.48
CA LYS KB 5 17.08 -47.05 115.55
C LYS KB 5 16.82 -47.83 116.83
N LYS KB 6 15.57 -47.78 117.31
CA LYS KB 6 15.18 -48.46 118.54
C LYS KB 6 15.04 -49.96 118.33
N VAL KB 7 15.57 -50.75 119.28
CA VAL KB 7 15.53 -52.22 119.29
C VAL KB 7 14.46 -52.66 120.31
N TYR KB 8 13.47 -53.44 119.84
CA TYR KB 8 12.37 -53.93 120.69
C TYR KB 8 12.09 -55.42 120.44
N ARG KB 9 11.30 -56.04 121.33
CA ARG KB 9 10.95 -57.45 121.21
C ARG KB 9 9.94 -57.68 120.10
N GLY KB 10 10.18 -58.71 119.29
CA GLY KB 10 9.32 -59.04 118.16
C GLY KB 10 9.46 -58.06 117.01
N MET KB 11 10.70 -57.68 116.74
CA MET KB 11 11.06 -56.72 115.72
C MET KB 11 11.38 -57.41 114.41
N LYS KB 12 10.75 -56.92 113.32
CA LYS KB 12 10.99 -57.41 111.96
C LYS KB 12 12.37 -56.87 111.54
N ASN KB 13 13.28 -57.76 111.08
CA ASN KB 13 14.67 -57.44 110.71
C ASN KB 13 15.47 -56.97 111.93
N GLY KB 14 15.56 -57.85 112.94
CA GLY KB 14 16.29 -57.55 114.17
C GLY KB 14 17.80 -57.49 113.96
N ALA KB 15 18.34 -58.54 113.31
CA ALA KB 15 19.76 -58.70 112.99
C ALA KB 15 20.34 -57.51 112.20
N GLU KB 16 19.57 -57.02 111.23
CA GLU KB 16 19.93 -55.93 110.34
C GLU KB 16 19.99 -54.60 111.08
N THR KB 17 18.99 -54.36 111.98
CA THR KB 17 18.89 -53.14 112.78
C THR KB 17 20.08 -52.97 113.69
N ILE KB 18 20.44 -54.03 114.42
CA ILE KB 18 21.57 -54.03 115.35
C ILE KB 18 22.88 -53.74 114.61
N ASN KB 19 23.10 -54.45 113.49
CA ASN KB 19 24.30 -54.27 112.68
C ASN KB 19 24.45 -52.85 112.16
N ASP KB 20 23.34 -52.27 111.69
CA ASP KB 20 23.33 -50.90 111.15
C ASP KB 20 23.59 -49.86 112.24
N ASP KB 21 23.10 -50.14 113.47
CA ASP KB 21 23.30 -49.28 114.63
C ASP KB 21 24.74 -49.33 115.10
N LEU KB 22 25.34 -50.53 115.11
CA LEU KB 22 26.73 -50.74 115.50
C LEU KB 22 27.70 -50.10 114.52
N GLU KB 23 27.40 -50.21 113.23
CA GLU KB 23 28.22 -49.65 112.16
C GLU KB 23 28.20 -48.12 112.18
N ALA KB 24 27.02 -47.54 112.54
CA ALA KB 24 26.81 -46.09 112.63
C ALA KB 24 27.61 -45.49 113.78
N ILE KB 25 27.66 -46.24 114.90
CA ILE KB 25 28.39 -45.86 116.09
C ILE KB 25 29.90 -45.97 115.83
N ASN KB 26 30.34 -47.11 115.23
CA ASN KB 26 31.74 -47.36 114.91
C ASN KB 26 32.33 -46.34 113.92
N SER KB 27 31.49 -45.83 112.99
CA SER KB 27 31.86 -44.82 112.01
C SER KB 27 32.23 -43.50 112.68
N GLU KB 28 31.48 -43.15 113.74
CA GLU KB 28 31.70 -41.93 114.52
C GLU KB 28 32.93 -42.04 115.42
N LEU KB 29 33.42 -43.27 115.65
CA LEU KB 29 34.61 -43.52 116.48
C LEU KB 29 35.91 -43.24 115.71
N THR KB 30 35.82 -43.20 114.37
CA THR KB 30 36.95 -42.96 113.47
C THR KB 30 36.93 -41.58 112.82
N SER KB 31 35.75 -41.15 112.32
CA SER KB 31 35.58 -39.86 111.64
C SER KB 31 34.21 -39.24 111.83
N GLY KB 32 34.20 -37.91 111.88
CA GLY KB 32 32.99 -37.10 111.99
C GLY KB 32 32.31 -37.13 113.34
N GLY KB 33 30.99 -36.96 113.33
CA GLY KB 33 30.16 -36.94 114.52
C GLY KB 33 30.37 -35.69 115.35
N ASN KB 34 30.17 -35.83 116.68
CA ASN KB 34 30.32 -34.72 117.63
C ASN KB 34 31.57 -34.91 118.50
N VAL KB 35 32.30 -36.02 118.28
CA VAL KB 35 33.49 -36.37 119.02
C VAL KB 35 34.80 -35.93 118.32
N VAL KB 36 35.80 -35.55 119.12
CA VAL KB 36 37.12 -35.11 118.64
C VAL KB 36 38.01 -36.35 118.40
N HIS KB 37 38.61 -36.44 117.20
CA HIS KB 37 39.45 -37.56 116.78
C HIS KB 37 40.93 -37.22 116.78
N LYS KB 38 41.78 -38.27 116.74
CA LYS KB 38 43.24 -38.14 116.71
C LYS KB 38 43.76 -37.72 115.33
N THR KB 39 42.92 -37.89 114.29
CA THR KB 39 43.27 -37.54 112.91
C THR KB 39 42.15 -36.75 112.24
N GLY KB 40 42.56 -35.79 111.41
CA GLY KB 40 41.68 -34.94 110.62
C GLY KB 40 41.48 -33.54 111.16
N ASP KB 41 41.09 -32.62 110.28
CA ASP KB 41 40.81 -31.22 110.61
C ASP KB 41 39.39 -31.11 111.17
N GLU KB 42 39.29 -30.68 112.44
CA GLU KB 42 38.02 -30.56 113.16
C GLU KB 42 37.91 -29.22 113.90
N THR KB 43 36.65 -28.77 114.12
CA THR KB 43 36.34 -27.53 114.84
C THR KB 43 35.72 -27.90 116.20
N ILE KB 44 36.28 -27.35 117.27
CA ILE KB 44 35.89 -27.60 118.66
C ILE KB 44 35.35 -26.33 119.32
N ALA KB 45 34.20 -26.44 120.00
CA ALA KB 45 33.54 -25.35 120.71
C ALA KB 45 33.35 -25.70 122.18
N GLY KB 46 33.47 -24.70 123.04
CA GLY KB 46 33.30 -24.86 124.48
C GLY KB 46 34.57 -24.61 125.27
N LYS KB 47 34.41 -24.33 126.58
CA LYS KB 47 35.51 -24.06 127.50
C LYS KB 47 36.26 -25.37 127.86
N LYS KB 48 37.41 -25.59 127.20
CA LYS KB 48 38.26 -26.77 127.40
C LYS KB 48 39.40 -26.51 128.36
N THR KB 49 39.42 -27.23 129.47
CA THR KB 49 40.43 -27.09 130.53
C THR KB 49 41.40 -28.28 130.53
N PHE KB 50 42.66 -28.01 130.21
CA PHE KB 50 43.71 -29.04 130.15
C PHE KB 50 44.50 -29.03 131.45
N THR KB 51 44.29 -30.05 132.29
CA THR KB 51 44.99 -30.20 133.59
C THR KB 51 46.42 -30.73 133.40
N GLY KB 52 46.64 -31.46 132.32
CA GLY KB 52 47.94 -32.04 131.97
C GLY KB 52 48.84 -31.09 131.21
N ASN KB 53 49.92 -31.63 130.63
CA ASN KB 53 50.88 -30.84 129.86
C ASN KB 53 50.59 -30.87 128.35
N VAL KB 54 50.38 -29.68 127.77
CA VAL KB 54 50.06 -29.53 126.35
C VAL KB 54 51.35 -29.33 125.55
N GLU KB 55 51.51 -30.08 124.45
CA GLU KB 55 52.67 -29.98 123.57
C GLU KB 55 52.21 -29.68 122.15
N VAL KB 56 52.76 -28.59 121.56
CA VAL KB 56 52.44 -28.17 120.19
C VAL KB 56 53.70 -28.27 119.33
N ASN KB 57 53.57 -28.99 118.20
CA ASN KB 57 54.66 -29.20 117.26
C ASN KB 57 54.49 -28.32 116.03
N GLY KB 58 53.24 -28.01 115.69
CA GLY KB 58 52.88 -27.16 114.57
C GLY KB 58 52.92 -25.68 114.90
N SER KB 59 51.87 -24.97 114.51
CA SER KB 59 51.75 -23.52 114.75
C SER KB 59 50.54 -23.18 115.60
N LEU KB 60 50.73 -22.28 116.59
CA LEU KB 60 49.67 -21.82 117.47
C LEU KB 60 49.14 -20.46 117.00
N THR KB 61 47.82 -20.39 116.72
CA THR KB 61 47.18 -19.18 116.23
C THR KB 61 46.28 -18.57 117.31
N LEU KB 62 46.44 -17.25 117.56
CA LEU KB 62 45.68 -16.48 118.56
C LEU KB 62 44.99 -15.26 117.92
N PRO KB 63 43.90 -14.70 118.53
CA PRO KB 63 43.28 -13.48 117.98
C PRO KB 63 44.24 -12.28 117.94
N THR KB 64 44.42 -11.73 116.73
CA THR KB 64 45.34 -10.63 116.47
C THR KB 64 44.63 -9.35 116.02
N LYS KB 65 45.03 -8.21 116.62
CA LYS KB 65 44.52 -6.88 116.28
C LYS KB 65 45.71 -5.92 116.26
N SER KB 66 45.85 -5.17 115.17
CA SER KB 66 46.94 -4.23 114.99
C SER KB 66 46.48 -2.78 115.02
N TRP KB 67 47.35 -1.90 115.54
CA TRP KB 67 47.10 -0.45 115.62
C TRP KB 67 48.40 0.32 115.52
N SER KB 68 48.38 1.44 114.79
CA SER KB 68 49.52 2.32 114.60
C SER KB 68 49.04 3.77 114.46
N GLY KB 69 49.72 4.68 115.14
CA GLY KB 69 49.40 6.11 115.12
C GLY KB 69 50.39 6.98 115.86
N GLU KB 70 50.48 8.26 115.47
CA GLU KB 70 51.37 9.27 116.06
C GLU KB 70 50.77 9.77 117.37
N LEU KB 71 51.36 9.36 118.50
CA LEU KB 71 50.90 9.72 119.85
C LEU KB 71 50.99 11.22 120.15
N GLY KB 72 52.09 11.85 119.72
CA GLY KB 72 52.32 13.27 119.93
C GLY KB 72 53.76 13.67 119.74
N GLY KB 73 53.97 14.78 119.03
CA GLY KB 73 55.28 15.35 118.76
C GLY KB 73 56.05 14.70 117.63
N GLY KB 74 55.47 13.66 117.02
CA GLY KB 74 56.08 12.93 115.92
C GLY KB 74 56.49 11.51 116.28
N ILE KB 75 56.05 11.03 117.46
CA ILE KB 75 56.36 9.67 117.93
C ILE KB 75 55.23 8.72 117.56
N ILE KB 76 55.53 7.77 116.66
CA ILE KB 76 54.57 6.78 116.18
C ILE KB 76 54.78 5.45 116.92
N LEU KB 77 53.71 4.94 117.55
CA LEU KB 77 53.74 3.68 118.28
C LEU KB 77 52.94 2.61 117.53
N SER KB 78 53.58 1.47 117.29
CA SER KB 78 52.97 0.33 116.61
C SER KB 78 52.62 -0.75 117.63
N LEU KB 79 51.32 -1.00 117.79
CA LEU KB 79 50.81 -1.98 118.75
C LEU KB 79 50.16 -3.16 118.05
N ARG KB 80 50.42 -4.37 118.58
CA ARG KB 80 49.85 -5.62 118.07
C ARG KB 80 49.49 -6.56 119.22
N LYS KB 81 48.18 -6.83 119.39
CA LYS KB 81 47.63 -7.68 120.43
C LYS KB 81 47.67 -9.16 120.04
N LYS KB 82 48.15 -10.01 120.96
CA LYS KB 82 48.23 -11.47 120.80
C LYS KB 82 47.78 -12.14 122.10
N GLY KB 83 46.47 -12.38 122.20
CA GLY KB 83 45.87 -12.97 123.39
C GLY KB 83 45.78 -11.97 124.55
N THR KB 84 46.65 -12.14 125.57
CA THR KB 84 46.71 -11.30 126.79
C THR KB 84 48.01 -10.46 126.87
N THR KB 85 48.76 -10.39 125.76
CA THR KB 85 50.01 -9.65 125.66
C THR KB 85 50.01 -8.79 124.40
N VAL KB 86 50.33 -7.49 124.56
CA VAL KB 86 50.42 -6.50 123.48
C VAL KB 86 51.89 -6.16 123.21
N GLU KB 87 52.30 -6.34 121.94
CA GLU KB 87 53.66 -6.08 121.48
C GLU KB 87 53.74 -4.62 121.01
N TYR KB 88 54.71 -3.86 121.56
CA TYR KB 88 54.89 -2.46 121.21
C TYR KB 88 56.12 -2.22 120.36
N SER KB 89 56.09 -1.16 119.53
CA SER KB 89 57.20 -0.74 118.67
C SER KB 89 57.21 0.78 118.53
N ILE KB 90 58.27 1.42 119.06
CA ILE KB 90 58.44 2.87 119.04
C ILE KB 90 59.23 3.26 117.79
N GLY KB 91 58.74 4.26 117.07
CA GLY KB 91 59.37 4.76 115.85
C GLY KB 91 58.98 6.18 115.51
N GLY KB 92 59.59 6.70 114.43
CA GLY KB 92 59.32 8.04 113.95
C GLY KB 92 60.46 9.01 114.22
N GLU KB 93 60.12 10.31 114.31
CA GLU KB 93 61.05 11.41 114.56
C GLU KB 93 60.35 12.55 115.29
N ILE KB 94 60.97 13.05 116.37
CA ILE KB 94 60.45 14.17 117.16
C ILE KB 94 60.58 15.47 116.36
N SER KB 95 59.42 16.05 115.98
CA SER KB 95 59.34 17.29 115.19
C SER KB 95 59.11 18.52 116.08
N SER KB 96 58.06 18.49 116.92
CA SER KB 96 57.72 19.57 117.84
C SER KB 96 58.24 19.31 119.25
N SER KB 97 58.43 20.39 120.04
CA SER KB 97 58.94 20.31 121.40
C SER KB 97 57.92 19.67 122.35
N ILE KB 98 58.36 18.60 123.03
CA ILE KB 98 57.54 17.88 124.02
C ILE KB 98 58.11 18.17 125.40
N LEU KB 99 57.25 18.68 126.29
CA LEU KB 99 57.61 19.05 127.66
C LEU KB 99 57.86 17.82 128.55
N ALA KB 100 58.63 18.02 129.65
CA ALA KB 100 58.93 16.95 130.60
C ALA KB 100 57.69 16.67 131.47
N ASN KB 101 57.33 15.38 131.63
CA ASN KB 101 56.16 14.90 132.38
C ASN KB 101 54.82 15.47 131.84
N SER KB 102 54.71 15.56 130.52
CA SER KB 102 53.53 16.09 129.82
C SER KB 102 52.77 15.01 129.07
N ASN KB 103 51.47 15.26 128.83
CA ASN KB 103 50.56 14.34 128.12
C ASN KB 103 50.62 14.51 126.61
N LEU KB 104 50.63 13.38 125.88
CA LEU KB 104 50.61 13.33 124.42
C LEU KB 104 49.15 13.40 123.96
N VAL KB 105 48.77 14.50 123.33
CA VAL KB 105 47.38 14.79 122.94
C VAL KB 105 46.99 14.59 121.46
N ASN KB 106 47.95 14.19 120.59
CA ASN KB 106 47.70 13.99 119.15
C ASN KB 106 46.77 12.82 118.88
N ARG KB 107 47.12 11.62 119.39
CA ARG KB 107 46.33 10.40 119.24
C ARG KB 107 46.40 9.57 120.53
N SER KB 108 45.24 9.11 120.99
CA SER KB 108 45.11 8.31 122.21
C SER KB 108 45.02 6.82 121.88
N VAL KB 109 45.58 5.98 122.76
CA VAL KB 109 45.59 4.52 122.60
C VAL KB 109 44.16 3.96 122.81
N PRO KB 110 43.63 3.15 121.84
CA PRO KB 110 42.27 2.59 122.01
C PRO KB 110 42.12 1.69 123.25
N ASN KB 111 40.92 1.66 123.83
CA ASN KB 111 40.61 0.92 125.05
C ASN KB 111 40.93 -0.59 125.00
N GLU KB 112 40.82 -1.21 123.82
CA GLU KB 112 41.12 -2.63 123.60
C GLU KB 112 42.62 -2.97 123.72
N PHE KB 113 43.49 -1.92 123.65
CA PHE KB 113 44.94 -2.01 123.77
C PHE KB 113 45.43 -1.45 125.13
N CYS KB 114 44.52 -0.76 125.86
CA CYS KB 114 44.80 -0.16 127.16
C CYS KB 114 44.95 -1.20 128.28
N PRO KB 115 46.07 -1.16 129.06
CA PRO KB 115 46.21 -2.12 130.17
C PRO KB 115 45.48 -1.66 131.45
N ARG KB 116 45.28 -2.60 132.39
CA ARG KB 116 44.61 -2.32 133.68
C ARG KB 116 45.50 -1.43 134.57
N ASN KB 117 46.81 -1.69 134.55
CA ASN KB 117 47.83 -0.95 135.32
C ASN KB 117 48.72 -0.08 134.41
N ARG KB 118 49.44 0.90 135.01
CA ARG KB 118 50.34 1.81 134.29
C ARG KB 118 51.62 1.05 133.87
N CYS KB 119 51.87 1.00 132.55
CA CYS KB 119 53.03 0.30 131.98
C CYS KB 119 54.05 1.27 131.42
N SER KB 120 55.33 1.06 131.75
CA SER KB 120 56.45 1.90 131.31
C SER KB 120 57.19 1.24 130.14
N LEU KB 121 57.23 1.93 128.99
CA LEU KB 121 57.91 1.38 127.81
C LEU KB 121 59.26 2.08 127.61
N VAL KB 122 60.34 1.40 128.02
CA VAL KB 122 61.70 1.92 127.94
C VAL KB 122 62.18 1.96 126.49
N GLY KB 123 62.73 3.11 126.09
CA GLY KB 123 63.26 3.36 124.77
C GLY KB 123 64.64 4.00 124.77
N HIS KB 124 65.26 4.10 123.59
CA HIS KB 124 66.60 4.69 123.41
C HIS KB 124 66.63 5.68 122.25
N MET KB 125 67.29 6.82 122.48
CA MET KB 125 67.45 7.90 121.50
C MET KB 125 68.69 7.66 120.65
N VAL KB 126 68.52 7.70 119.33
CA VAL KB 126 69.59 7.47 118.36
C VAL KB 126 70.61 8.61 118.39
N GLY KB 127 71.87 8.27 118.62
CA GLY KB 127 72.96 9.24 118.62
C GLY KB 127 73.75 9.35 119.92
N GLY KB 128 73.06 9.14 121.04
CA GLY KB 128 73.68 9.24 122.36
C GLY KB 128 73.29 8.15 123.34
N TRP KB 129 73.66 8.34 124.61
CA TRP KB 129 73.35 7.42 125.71
C TRP KB 129 72.03 7.84 126.39
N ASN KB 130 71.10 8.39 125.60
CA ASN KB 130 69.82 8.89 126.09
C ASN KB 130 68.70 7.85 126.12
N ALA KB 131 67.96 7.79 127.24
CA ALA KB 131 66.85 6.86 127.46
C ALA KB 131 65.56 7.60 127.81
N PHE KB 132 64.41 6.98 127.51
CA PHE KB 132 63.09 7.54 127.79
C PHE KB 132 62.05 6.45 128.06
N HIS KB 133 60.98 6.80 128.78
CA HIS KB 133 59.89 5.87 129.05
C HIS KB 133 58.55 6.57 128.89
N ILE KB 134 57.57 5.86 128.30
CA ILE KB 134 56.21 6.38 128.07
C ILE KB 134 55.22 5.56 128.89
N ASP KB 135 54.42 6.24 129.73
CA ASP KB 135 53.43 5.60 130.58
C ASP KB 135 52.06 5.56 129.91
N ILE KB 136 51.42 4.37 129.91
CA ILE KB 136 50.09 4.18 129.31
C ILE KB 136 49.08 3.78 130.40
N PRO KB 137 48.10 4.66 130.70
CA PRO KB 137 47.10 4.32 131.72
C PRO KB 137 45.89 3.61 131.12
N SER KB 138 44.82 3.44 131.93
CA SER KB 138 43.58 2.81 131.48
C SER KB 138 42.77 3.73 130.55
N SER KB 139 43.02 5.05 130.62
CA SER KB 139 42.35 6.07 129.80
C SER KB 139 42.81 6.05 128.34
N GLY KB 140 44.12 6.02 128.13
CA GLY KB 140 44.70 5.99 126.79
C GLY KB 140 45.64 7.13 126.48
N VAL KB 141 45.57 8.22 127.26
CA VAL KB 141 46.41 9.42 127.09
C VAL KB 141 47.82 9.12 127.59
N CYS KB 142 48.77 8.96 126.65
CA CYS KB 142 50.17 8.65 126.96
C CYS KB 142 50.89 9.84 127.56
N GLN KB 143 51.94 9.56 128.35
CA GLN KB 143 52.73 10.61 129.01
C GLN KB 143 54.22 10.42 128.78
N TRP KB 144 54.88 11.48 128.27
CA TRP KB 144 56.32 11.49 128.03
C TRP KB 144 57.01 11.84 129.36
N PHE KB 145 57.67 10.85 129.99
CA PHE KB 145 58.34 11.04 131.28
C PHE KB 145 59.84 11.39 131.21
N GLY KB 146 60.31 11.62 129.99
CA GLY KB 146 61.69 12.03 129.75
C GLY KB 146 61.87 13.53 129.88
N PRO KB 147 63.06 14.08 129.55
CA PRO KB 147 63.26 15.53 129.65
C PRO KB 147 62.62 16.27 128.47
N THR KB 148 62.61 17.62 128.54
CA THR KB 148 62.06 18.46 127.46
C THR KB 148 62.91 18.31 126.20
N ALA KB 149 62.39 17.58 125.21
CA ALA KB 149 63.08 17.33 123.93
C ALA KB 149 62.30 17.88 122.75
N SER KB 150 63.03 18.40 121.73
CA SER KB 150 62.44 18.97 120.52
C SER KB 150 62.82 18.18 119.27
N SER KB 151 63.97 17.50 119.31
CA SER KB 151 64.49 16.69 118.20
C SER KB 151 65.13 15.39 118.68
N GLY KB 152 65.11 14.38 117.81
CA GLY KB 152 65.68 13.07 118.09
C GLY KB 152 64.87 11.92 117.52
N THR KB 153 65.52 10.75 117.41
CA THR KB 153 64.88 9.54 116.90
C THR KB 153 64.50 8.56 118.03
N PRO KB 154 63.17 8.38 118.28
CA PRO KB 154 62.76 7.43 119.33
C PRO KB 154 62.66 6.00 118.81
N ARG KB 155 63.26 5.04 119.53
CA ARG KB 155 63.25 3.62 119.15
C ARG KB 155 63.06 2.74 120.39
N GLY KB 156 62.41 1.58 120.21
CA GLY KB 156 62.16 0.62 121.28
C GLY KB 156 61.10 -0.40 120.93
N THR KB 157 61.45 -1.69 121.10
CA THR KB 157 60.56 -2.81 120.81
C THR KB 157 60.57 -3.83 121.95
N GLY KB 158 59.38 -4.27 122.35
CA GLY KB 158 59.17 -5.24 123.41
C GLY KB 158 57.73 -5.68 123.57
N THR KB 159 57.38 -6.11 124.79
CA THR KB 159 56.03 -6.58 125.14
C THR KB 159 55.61 -6.00 126.48
N TYR KB 160 54.29 -5.81 126.67
CA TYR KB 160 53.72 -5.32 127.92
C TYR KB 160 52.39 -6.01 128.24
N PRO KB 161 52.13 -6.35 129.53
CA PRO KB 161 50.86 -7.01 129.87
C PRO KB 161 49.64 -6.10 129.78
N ILE KB 162 48.45 -6.69 129.55
CA ILE KB 162 47.18 -5.95 129.45
C ILE KB 162 46.25 -6.16 130.68
N ASP KB 163 46.44 -7.29 131.35
CA ASP KB 163 45.67 -7.69 132.53
C ASP KB 163 46.55 -7.71 133.79
N ALA LB 2 -85.86 38.40 100.35
CA ALA LB 2 -87.07 38.16 99.54
C ALA LB 2 -88.19 37.54 100.36
N SER LB 3 -89.45 37.92 100.08
CA SER LB 3 -90.60 37.35 100.79
C SER LB 3 -90.94 35.99 100.17
N ILE LB 4 -90.69 34.93 100.93
CA ILE LB 4 -90.92 33.54 100.49
C ILE LB 4 -91.94 32.79 101.36
N LYS LB 5 -92.67 31.85 100.72
CA LYS LB 5 -93.65 31.02 101.42
C LYS LB 5 -92.97 29.74 101.93
N LYS LB 6 -93.47 29.23 103.05
CA LYS LB 6 -92.94 28.03 103.70
C LYS LB 6 -93.41 26.77 102.97
N VAL LB 7 -92.47 25.83 102.77
CA VAL LB 7 -92.70 24.54 102.11
C VAL LB 7 -92.83 23.43 103.17
N TYR LB 8 -93.94 22.67 103.10
CA TYR LB 8 -94.25 21.59 104.03
C TYR LB 8 -94.89 20.41 103.28
N ARG LB 9 -94.87 19.22 103.90
CA ARG LB 9 -95.48 18.04 103.31
C ARG LB 9 -97.01 18.11 103.41
N GLY LB 10 -97.68 17.70 102.35
CA GLY LB 10 -99.12 17.75 102.22
C GLY LB 10 -99.61 19.15 101.91
N MET LB 11 -98.78 19.93 101.22
CA MET LB 11 -99.08 21.30 100.86
C MET LB 11 -99.93 21.34 99.60
N LYS LB 12 -100.99 22.17 99.62
CA LYS LB 12 -101.88 22.35 98.47
C LYS LB 12 -101.16 23.20 97.41
N ASN LB 13 -101.05 22.67 96.18
CA ASN LB 13 -100.35 23.28 95.03
C ASN LB 13 -98.90 23.67 95.40
N GLY LB 14 -98.08 22.62 95.61
CA GLY LB 14 -96.68 22.77 95.99
C GLY LB 14 -95.75 23.21 94.88
N ALA LB 15 -96.01 22.74 93.65
CA ALA LB 15 -95.20 23.05 92.47
C ALA LB 15 -95.17 24.55 92.18
N GLU LB 16 -96.33 25.22 92.31
CA GLU LB 16 -96.46 26.65 92.09
C GLU LB 16 -95.74 27.43 93.18
N THR LB 17 -95.84 26.93 94.44
CA THR LB 17 -95.24 27.57 95.63
C THR LB 17 -93.72 27.67 95.51
N ILE LB 18 -93.06 26.54 95.16
CA ILE LB 18 -91.61 26.46 94.99
C ILE LB 18 -91.16 27.37 93.84
N ASN LB 19 -91.88 27.31 92.70
CA ASN LB 19 -91.58 28.13 91.53
C ASN LB 19 -91.62 29.63 91.83
N ASP LB 20 -92.63 30.06 92.58
CA ASP LB 20 -92.80 31.46 92.98
C ASP LB 20 -91.69 31.90 93.94
N ASP LB 21 -91.24 30.98 94.82
CA ASP LB 21 -90.16 31.22 95.79
C ASP LB 21 -88.82 31.34 95.08
N LEU LB 22 -88.58 30.48 94.09
CA LEU LB 22 -87.34 30.49 93.32
C LEU LB 22 -87.23 31.73 92.44
N GLU LB 23 -88.37 32.16 91.87
CA GLU LB 23 -88.44 33.35 91.00
C GLU LB 23 -88.25 34.64 91.81
N ALA LB 24 -88.75 34.67 93.06
CA ALA LB 24 -88.65 35.79 93.97
C ALA LB 24 -87.20 36.00 94.43
N ILE LB 25 -86.49 34.88 94.64
CA ILE LB 25 -85.08 34.89 95.04
C ILE LB 25 -84.22 35.32 93.84
N ASN LB 26 -84.46 34.71 92.66
CA ASN LB 26 -83.73 35.03 91.42
C ASN LB 26 -83.90 36.48 90.98
N SER LB 27 -85.07 37.09 91.28
CA SER LB 27 -85.36 38.49 90.96
C SER LB 27 -84.45 39.44 91.73
N GLU LB 28 -84.19 39.09 93.02
CA GLU LB 28 -83.32 39.84 93.91
C GLU LB 28 -81.84 39.67 93.56
N LEU LB 29 -81.49 38.58 92.84
CA LEU LB 29 -80.12 38.30 92.41
C LEU LB 29 -79.67 39.22 91.25
N THR LB 30 -80.65 39.81 90.53
CA THR LB 30 -80.40 40.69 89.39
C THR LB 30 -80.65 42.17 89.71
N SER LB 31 -81.78 42.47 90.42
CA SER LB 31 -82.17 43.84 90.76
C SER LB 31 -82.92 43.94 92.09
N GLY LB 32 -82.69 45.05 92.79
CA GLY LB 32 -83.35 45.38 94.04
C GLY LB 32 -82.94 44.53 95.23
N GLY LB 33 -83.86 44.39 96.18
CA GLY LB 33 -83.64 43.62 97.40
C GLY LB 33 -82.74 44.34 98.38
N ASN LB 34 -81.91 43.57 99.12
CA ASN LB 34 -80.98 44.11 100.12
C ASN LB 34 -79.52 43.83 99.75
N VAL LB 35 -79.28 43.43 98.48
CA VAL LB 35 -77.94 43.13 97.97
C VAL LB 35 -77.42 44.14 96.97
N VAL LB 36 -76.11 44.38 96.99
CA VAL LB 36 -75.45 45.32 96.09
C VAL LB 36 -75.17 44.62 94.75
N HIS LB 37 -75.65 45.22 93.65
CA HIS LB 37 -75.51 44.68 92.29
C HIS LB 37 -74.43 45.38 91.47
N LYS LB 38 -73.98 44.70 90.39
CA LYS LB 38 -72.98 45.20 89.44
C LYS LB 38 -73.60 46.19 88.44
N THR LB 39 -74.96 46.28 88.44
CA THR LB 39 -75.71 47.16 87.56
C THR LB 39 -76.82 47.88 88.34
N GLY LB 40 -77.03 49.14 87.99
CA GLY LB 40 -78.06 49.99 88.58
C GLY LB 40 -77.58 50.89 89.71
N ASP LB 41 -78.36 51.94 89.98
CA ASP LB 41 -78.08 52.92 91.03
C ASP LB 41 -78.70 52.43 92.35
N GLU LB 42 -77.85 52.19 93.36
CA GLU LB 42 -78.27 51.68 94.66
C GLU LB 42 -77.66 52.47 95.83
N THR LB 43 -78.35 52.46 96.99
CA THR LB 43 -77.91 53.11 98.22
C THR LB 43 -77.43 52.04 99.21
N ILE LB 44 -76.21 52.23 99.73
CA ILE LB 44 -75.54 51.31 100.65
C ILE LB 44 -75.33 51.97 102.02
N ALA LB 45 -75.65 51.23 103.09
CA ALA LB 45 -75.52 51.68 104.47
C ALA LB 45 -74.66 50.71 105.27
N GLY LB 46 -73.93 51.26 106.25
CA GLY LB 46 -73.05 50.49 107.11
C GLY LB 46 -71.59 50.68 106.81
N LYS LB 47 -70.72 50.29 107.76
CA LYS LB 47 -69.27 50.39 107.65
C LYS LB 47 -68.72 49.33 106.69
N LYS LB 48 -68.32 49.77 105.48
CA LYS LB 48 -67.78 48.89 104.45
C LYS LB 48 -66.26 49.00 104.39
N THR LB 49 -65.55 47.94 104.83
CA THR LB 49 -64.09 47.88 104.86
C THR LB 49 -63.54 47.12 103.65
N PHE LB 50 -62.91 47.86 102.72
CA PHE LB 50 -62.32 47.31 101.51
C PHE LB 50 -60.85 46.98 101.75
N THR LB 51 -60.53 45.69 101.90
CA THR LB 51 -59.15 45.23 102.14
C THR LB 51 -58.34 45.24 100.85
N GLY LB 52 -59.02 45.07 99.72
CA GLY LB 52 -58.39 45.07 98.41
C GLY LB 52 -58.24 46.47 97.82
N ASN LB 53 -57.92 46.51 96.51
CA ASN LB 53 -57.73 47.78 95.78
C ASN LB 53 -59.03 48.28 95.15
N VAL LB 54 -59.32 49.57 95.34
CA VAL LB 54 -60.54 50.20 94.82
C VAL LB 54 -60.18 51.13 93.64
N GLU LB 55 -60.90 50.96 92.53
CA GLU LB 55 -60.71 51.77 91.34
C GLU LB 55 -62.01 52.46 90.97
N VAL LB 56 -61.96 53.81 90.81
CA VAL LB 56 -63.11 54.63 90.44
C VAL LB 56 -62.83 55.29 89.09
N ASN LB 57 -63.74 55.05 88.13
CA ASN LB 57 -63.67 55.59 86.77
C ASN LB 57 -64.51 56.87 86.66
N GLY LB 58 -65.57 56.95 87.46
CA GLY LB 58 -66.48 58.09 87.52
C GLY LB 58 -65.99 59.20 88.43
N SER LB 59 -66.92 59.82 89.16
CA SER LB 59 -66.59 60.92 90.08
C SER LB 59 -66.86 60.54 91.53
N LEU LB 60 -65.93 60.90 92.42
CA LEU LB 60 -66.05 60.64 93.87
C LEU LB 60 -66.59 61.88 94.59
N THR LB 61 -67.67 61.70 95.36
CA THR LB 61 -68.30 62.79 96.11
C THR LB 61 -68.10 62.62 97.61
N LEU LB 62 -67.68 63.69 98.30
CA LEU LB 62 -67.42 63.67 99.75
C LEU LB 62 -68.14 64.82 100.47
N PRO LB 63 -68.40 64.72 101.82
CA PRO LB 63 -69.04 65.84 102.54
C PRO LB 63 -68.26 67.15 102.41
N THR LB 64 -68.99 68.22 102.01
CA THR LB 64 -68.41 69.55 101.80
C THR LB 64 -69.10 70.63 102.63
N LYS LB 65 -68.29 71.49 103.26
CA LYS LB 65 -68.74 72.63 104.06
C LYS LB 65 -67.81 73.80 103.82
N SER LB 66 -68.38 74.97 103.48
CA SER LB 66 -67.61 76.17 103.19
C SER LB 66 -67.79 77.26 104.25
N TRP LB 67 -66.73 78.06 104.46
CA TRP LB 67 -66.71 79.19 105.40
C TRP LB 67 -65.79 80.29 104.90
N SER LB 68 -66.22 81.55 105.07
CA SER LB 68 -65.46 82.71 104.66
C SER LB 68 -65.70 83.85 105.64
N GLY LB 69 -64.63 84.55 106.01
CA GLY LB 69 -64.68 85.67 106.94
C GLY LB 69 -63.35 86.37 107.15
N GLU LB 70 -63.41 87.65 107.53
CA GLU LB 70 -62.23 88.49 107.79
C GLU LB 70 -61.64 88.14 109.16
N LEU LB 71 -60.42 87.58 109.17
CA LEU LB 71 -59.72 87.17 110.39
C LEU LB 71 -59.29 88.36 111.25
N GLY LB 72 -58.77 89.42 110.59
CA GLY LB 72 -58.31 90.63 111.25
C GLY LB 72 -57.50 91.54 110.36
N GLY LB 73 -57.97 92.78 110.21
CA GLY LB 73 -57.31 93.81 109.42
C GLY LB 73 -57.37 93.61 107.91
N GLY LB 74 -58.56 93.33 107.40
CA GLY LB 74 -58.82 93.13 105.98
C GLY LB 74 -58.29 91.85 105.36
N ILE LB 75 -57.92 90.86 106.21
CA ILE LB 75 -57.41 89.56 105.74
C ILE LB 75 -58.55 88.54 105.78
N ILE LB 76 -59.09 88.21 104.60
CA ILE LB 76 -60.21 87.27 104.45
C ILE LB 76 -59.69 85.89 104.06
N LEU LB 77 -60.06 84.86 104.85
CA LEU LB 77 -59.68 83.47 104.62
C LEU LB 77 -60.89 82.64 104.21
N SER LB 78 -60.78 81.96 103.07
CA SER LB 78 -61.82 81.09 102.53
C SER LB 78 -61.46 79.62 102.79
N LEU LB 79 -62.35 78.87 103.48
CA LEU LB 79 -62.11 77.46 103.81
C LEU LB 79 -63.12 76.53 103.15
N ARG LB 80 -62.67 75.31 102.79
CA ARG LB 80 -63.50 74.28 102.17
C ARG LB 80 -63.09 72.88 102.69
N LYS LB 81 -63.92 72.30 103.62
CA LYS LB 81 -63.66 70.98 104.19
C LYS LB 81 -64.11 69.87 103.23
N LYS LB 82 -63.23 68.87 103.00
CA LYS LB 82 -63.48 67.70 102.15
C LYS LB 82 -63.03 66.45 102.88
N GLY LB 83 -63.89 65.98 103.78
CA GLY LB 83 -63.62 64.79 104.59
C GLY LB 83 -62.65 65.07 105.74
N THR LB 84 -61.35 64.79 105.51
CA THR LB 84 -60.28 64.96 106.51
C THR LB 84 -59.23 66.01 106.10
N THR LB 85 -59.47 66.69 104.97
CA THR LB 85 -58.56 67.72 104.45
C THR LB 85 -59.34 69.00 104.15
N VAL LB 86 -58.87 70.13 104.71
CA VAL LB 86 -59.48 71.44 104.53
C VAL LB 86 -58.60 72.28 103.59
N GLU LB 87 -59.22 72.86 102.55
CA GLU LB 87 -58.57 73.69 101.53
C GLU LB 87 -58.69 75.15 101.95
N TYR LB 88 -57.56 75.86 102.03
CA TYR LB 88 -57.52 77.26 102.44
C TYR LB 88 -57.20 78.19 101.27
N SER LB 89 -57.70 79.44 101.34
CA SER LB 89 -57.45 80.47 100.33
C SER LB 89 -57.37 81.84 101.02
N ILE LB 90 -56.21 82.49 100.91
CA ILE LB 90 -55.96 83.80 101.51
C ILE LB 90 -56.24 84.89 100.48
N GLY LB 91 -57.06 85.87 100.87
CA GLY LB 91 -57.44 86.99 100.02
C GLY LB 91 -57.64 88.30 100.77
N GLY LB 92 -58.11 89.31 100.04
CA GLY LB 92 -58.35 90.64 100.58
C GLY LB 92 -57.15 91.55 100.50
N GLU LB 93 -57.16 92.62 101.30
CA GLU LB 93 -56.10 93.63 101.39
C GLU LB 93 -55.98 94.16 102.82
N ILE LB 94 -54.74 94.30 103.32
CA ILE LB 94 -54.45 94.78 104.67
C ILE LB 94 -54.80 96.27 104.82
N SER LB 95 -55.77 96.57 105.71
CA SER LB 95 -56.25 97.93 105.97
C SER LB 95 -55.65 98.53 107.25
N SER LB 96 -55.80 97.83 108.39
CA SER LB 96 -55.26 98.27 109.68
C SER LB 96 -53.90 97.63 109.99
N SER LB 97 -53.21 98.15 111.01
CA SER LB 97 -51.89 97.64 111.40
C SER LB 97 -51.99 96.41 112.30
N ILE LB 98 -51.36 95.30 111.85
CA ILE LB 98 -51.29 94.04 112.58
C ILE LB 98 -49.86 93.87 113.11
N LEU LB 99 -49.74 93.75 114.43
CA LEU LB 99 -48.47 93.60 115.14
C LEU LB 99 -47.81 92.24 114.87
N ALA LB 100 -46.48 92.15 115.09
CA ALA LB 100 -45.72 90.91 114.90
C ALA LB 100 -46.02 89.96 116.06
N ASN LB 101 -46.31 88.67 115.73
CA ASN LB 101 -46.68 87.61 116.68
C ASN LB 101 -47.93 87.92 117.53
N SER LB 102 -48.93 88.55 116.89
CA SER LB 102 -50.19 88.95 117.52
C SER LB 102 -51.39 88.17 116.97
N ASN LB 103 -52.41 87.97 117.81
CA ASN LB 103 -53.63 87.25 117.46
C ASN LB 103 -54.66 88.11 116.74
N LEU LB 104 -55.24 87.57 115.67
CA LEU LB 104 -56.29 88.24 114.88
C LEU LB 104 -57.63 87.99 115.58
N VAL LB 105 -58.18 89.05 116.18
CA VAL LB 105 -59.40 88.98 117.00
C VAL LB 105 -60.72 89.48 116.36
N ASN LB 106 -60.74 89.70 115.03
CA ASN LB 106 -61.96 90.16 114.34
C ASN LB 106 -63.01 89.05 114.25
N ARG LB 107 -62.60 87.86 113.76
CA ARG LB 107 -63.45 86.68 113.62
C ARG LB 107 -62.62 85.40 113.73
N SER LB 108 -63.11 84.45 114.53
CA SER LB 108 -62.43 83.18 114.80
C SER LB 108 -62.93 82.06 113.88
N VAL LB 109 -62.04 81.09 113.60
CA VAL LB 109 -62.33 79.93 112.75
C VAL LB 109 -63.22 78.93 113.52
N PRO LB 110 -64.38 78.48 112.92
CA PRO LB 110 -65.27 77.53 113.62
C PRO LB 110 -64.60 76.20 113.97
N ASN LB 111 -65.07 75.54 115.05
CA ASN LB 111 -64.53 74.28 115.57
C ASN LB 111 -64.48 73.12 114.57
N GLU LB 112 -65.46 73.08 113.64
CA GLU LB 112 -65.55 72.05 112.59
C GLU LB 112 -64.43 72.15 111.53
N PHE LB 113 -63.73 73.30 111.48
CA PHE LB 113 -62.61 73.58 110.58
C PHE LB 113 -61.27 73.60 111.33
N CYS LB 114 -61.31 73.64 112.68
CA CYS LB 114 -60.14 73.67 113.55
C CYS LB 114 -59.39 72.33 113.58
N PRO LB 115 -58.06 72.32 113.29
CA PRO LB 115 -57.30 71.05 113.35
C PRO LB 115 -56.89 70.67 114.77
N ARG LB 116 -56.46 69.41 114.98
CA ARG LB 116 -56.01 68.95 116.30
C ARG LB 116 -54.67 69.59 116.68
N ASN LB 117 -53.74 69.66 115.71
CA ASN LB 117 -52.42 70.27 115.86
C ASN LB 117 -52.35 71.61 115.13
N ARG LB 118 -51.41 72.48 115.53
CA ARG LB 118 -51.21 73.82 114.95
C ARG LB 118 -50.67 73.70 113.51
N CYS LB 119 -51.40 74.30 112.54
CA CYS LB 119 -51.04 74.28 111.13
C CYS LB 119 -50.61 75.65 110.63
N SER LB 120 -49.52 75.69 109.86
CA SER LB 120 -48.95 76.91 109.29
C SER LB 120 -49.37 77.09 107.82
N LEU LB 121 -49.94 78.26 107.48
CA LEU LB 121 -50.36 78.53 106.11
C LEU LB 121 -49.42 79.53 105.43
N VAL LB 122 -48.50 79.04 104.61
CA VAL LB 122 -47.51 79.86 103.91
C VAL LB 122 -48.17 80.69 102.80
N GLY LB 123 -47.92 82.00 102.83
CA GLY LB 123 -48.47 82.97 101.88
C GLY LB 123 -47.42 83.91 101.30
N HIS LB 124 -47.81 84.68 100.27
CA HIS LB 124 -46.93 85.65 99.59
C HIS LB 124 -47.61 86.99 99.41
N MET LB 125 -46.84 88.07 99.65
CA MET LB 125 -47.32 89.45 99.52
C MET LB 125 -47.11 89.97 98.09
N VAL LB 126 -48.16 90.55 97.51
CA VAL LB 126 -48.15 91.09 96.15
C VAL LB 126 -47.27 92.36 96.09
N GLY LB 127 -46.32 92.34 95.17
CA GLY LB 127 -45.41 93.46 94.94
C GLY LB 127 -43.96 93.11 95.17
N GLY LB 128 -43.70 92.46 96.30
CA GLY LB 128 -42.36 92.09 96.70
C GLY LB 128 -42.11 90.61 96.92
N TRP LB 129 -40.91 90.29 97.44
CA TRP LB 129 -40.48 88.93 97.75
C TRP LB 129 -40.92 88.54 99.18
N ASN LB 130 -41.83 89.33 99.77
CA ASN LB 130 -42.35 89.16 101.13
C ASN LB 130 -43.20 87.92 101.33
N ALA LB 131 -42.94 87.17 102.41
CA ALA LB 131 -43.65 85.94 102.77
C ALA LB 131 -44.22 86.02 104.18
N PHE LB 132 -45.31 85.29 104.44
CA PHE LB 132 -45.97 85.27 105.75
C PHE LB 132 -46.64 83.92 106.02
N HIS LB 133 -46.87 83.60 107.29
CA HIS LB 133 -47.57 82.38 107.71
C HIS LB 133 -48.50 82.65 108.88
N ILE LB 134 -49.72 82.10 108.80
CA ILE LB 134 -50.75 82.25 109.85
C ILE LB 134 -51.00 80.89 110.49
N ASP LB 135 -50.82 80.80 111.81
CA ASP LB 135 -51.02 79.56 112.55
C ASP LB 135 -52.46 79.41 113.01
N ILE LB 136 -53.05 78.22 112.79
CA ILE LB 136 -54.43 77.92 113.21
C ILE LB 136 -54.42 76.96 114.40
N PRO LB 137 -54.65 77.45 115.64
CA PRO LB 137 -54.68 76.56 116.81
C PRO LB 137 -56.02 75.83 116.92
N SER LB 138 -56.16 74.94 117.93
CA SER LB 138 -57.38 74.18 118.17
C SER LB 138 -58.51 75.06 118.70
N SER LB 139 -58.17 76.24 119.25
CA SER LB 139 -59.10 77.21 119.82
C SER LB 139 -59.95 77.90 118.74
N GLY LB 140 -59.29 78.40 117.69
CA GLY LB 140 -59.95 79.09 116.59
C GLY LB 140 -59.37 80.43 116.24
N VAL LB 141 -58.78 81.13 117.23
CA VAL LB 141 -58.19 82.46 117.07
C VAL LB 141 -56.85 82.35 116.33
N CYS LB 142 -56.84 82.76 115.05
CA CYS LB 142 -55.66 82.74 114.19
C CYS LB 142 -54.61 83.76 114.62
N GLN LB 143 -53.34 83.38 114.53
CA GLN LB 143 -52.23 84.23 114.94
C GLN LB 143 -51.30 84.57 113.77
N TRP LB 144 -51.09 85.88 113.52
CA TRP LB 144 -50.18 86.40 112.48
C TRP LB 144 -48.74 86.27 112.98
N PHE LB 145 -47.98 85.32 112.40
CA PHE LB 145 -46.60 85.05 112.81
C PHE LB 145 -45.52 85.82 112.02
N GLY LB 146 -45.96 86.66 111.09
CA GLY LB 146 -45.07 87.50 110.30
C GLY LB 146 -44.70 88.79 111.03
N PRO LB 147 -43.99 89.73 110.36
CA PRO LB 147 -43.64 90.99 111.05
C PRO LB 147 -44.78 92.01 111.05
N THR LB 148 -44.58 93.17 111.69
CA THR LB 148 -45.58 94.24 111.76
C THR LB 148 -45.82 94.85 110.38
N ALA LB 149 -47.07 94.81 109.91
CA ALA LB 149 -47.47 95.34 108.60
C ALA LB 149 -48.79 96.10 108.69
N SER LB 150 -48.94 97.15 107.87
CA SER LB 150 -50.14 97.99 107.81
C SER LB 150 -50.80 97.99 106.43
N SER LB 151 -50.01 97.71 105.37
CA SER LB 151 -50.49 97.68 103.98
C SER LB 151 -49.90 96.51 103.18
N GLY LB 152 -50.64 96.07 102.16
CA GLY LB 152 -50.22 94.98 101.28
C GLY LB 152 -51.34 94.02 100.92
N THR LB 153 -51.13 93.22 99.87
CA THR LB 153 -52.13 92.25 99.41
C THR LB 153 -51.73 90.80 99.77
N PRO LB 154 -52.42 90.16 100.75
CA PRO LB 154 -52.08 88.77 101.11
C PRO LB 154 -52.69 87.74 100.15
N ARG LB 155 -51.88 86.76 99.71
CA ARG LB 155 -52.32 85.70 98.80
C ARG LB 155 -51.69 84.35 99.19
N GLY LB 156 -52.44 83.26 98.96
CA GLY LB 156 -51.98 81.91 99.27
C GLY LB 156 -53.09 80.88 99.25
N THR LB 157 -52.90 79.80 98.47
CA THR LB 157 -53.87 78.71 98.33
C THR LB 157 -53.17 77.34 98.44
N GLY LB 158 -53.77 76.45 99.24
CA GLY LB 158 -53.27 75.11 99.49
C GLY LB 158 -54.24 74.25 100.29
N THR LB 159 -53.69 73.27 101.02
CA THR LB 159 -54.45 72.34 101.86
C THR LB 159 -53.77 72.13 103.19
N TYR LB 160 -54.56 71.88 104.24
CA TYR LB 160 -54.04 71.60 105.57
C TYR LB 160 -54.82 70.47 106.27
N PRO LB 161 -54.13 69.57 107.00
CA PRO LB 161 -54.84 68.46 107.67
C PRO LB 161 -55.68 68.92 108.87
N ILE LB 162 -56.68 68.12 109.25
CA ILE LB 162 -57.56 68.41 110.39
C ILE LB 162 -57.39 67.40 111.57
N ASP LB 163 -56.87 66.19 111.25
CA ASP LB 163 -56.64 65.08 112.19
C ASP LB 163 -55.60 65.40 113.25
N ALA MB 2 -74.04 29.67 100.60
CA ALA MB 2 -74.84 29.00 101.63
C ALA MB 2 -74.68 27.49 101.56
N SER MB 3 -74.69 26.83 102.73
CA SER MB 3 -74.58 25.37 102.78
C SER MB 3 -75.95 24.76 102.51
N ILE MB 4 -76.08 24.06 101.37
CA ILE MB 4 -77.35 23.45 100.94
C ILE MB 4 -77.23 21.95 100.73
N LYS MB 5 -78.34 21.23 100.96
CA LYS MB 5 -78.41 19.78 100.78
C LYS MB 5 -78.95 19.44 99.39
N LYS MB 6 -78.48 18.32 98.82
CA LYS MB 6 -78.90 17.88 97.49
C LYS MB 6 -80.32 17.33 97.49
N VAL MB 7 -81.06 17.64 96.42
CA VAL MB 7 -82.44 17.19 96.20
C VAL MB 7 -82.44 16.11 95.10
N TYR MB 8 -82.98 14.92 95.40
CA TYR MB 8 -83.03 13.78 94.48
C TYR MB 8 -84.37 13.05 94.53
N ARG MB 9 -84.63 12.17 93.54
CA ARG MB 9 -85.86 11.38 93.47
C ARG MB 9 -85.85 10.29 94.56
N GLY MB 10 -86.99 10.17 95.24
CA GLY MB 10 -87.20 9.22 96.32
C GLY MB 10 -86.44 9.60 97.58
N MET MB 11 -86.39 10.89 97.85
CA MET MB 11 -85.69 11.42 99.00
C MET MB 11 -86.61 11.49 100.22
N LYS MB 12 -86.11 11.03 101.38
CA LYS MB 12 -86.88 11.11 102.62
C LYS MB 12 -86.81 12.57 103.12
N ASN MB 13 -87.96 13.12 103.55
CA ASN MB 13 -88.12 14.50 104.01
C ASN MB 13 -87.75 15.50 102.90
N GLY MB 14 -88.41 15.33 101.76
CA GLY MB 14 -88.21 16.17 100.59
C GLY MB 14 -88.65 17.60 100.79
N ALA MB 15 -89.90 17.78 101.25
CA ALA MB 15 -90.47 19.11 101.51
C ALA MB 15 -89.68 19.89 102.58
N GLU MB 16 -89.14 19.15 103.57
CA GLU MB 16 -88.34 19.70 104.67
C GLU MB 16 -87.01 20.22 104.15
N THR MB 17 -86.35 19.43 103.28
CA THR MB 17 -85.05 19.75 102.67
C THR MB 17 -85.14 21.00 101.81
N ILE MB 18 -86.16 21.05 100.92
CA ILE MB 18 -86.38 22.18 100.02
C ILE MB 18 -86.57 23.48 100.79
N ASN MB 19 -87.44 23.43 101.82
CA ASN MB 19 -87.73 24.58 102.67
C ASN MB 19 -86.47 25.08 103.37
N ASP MB 20 -85.67 24.15 103.94
CA ASP MB 20 -84.43 24.49 104.63
C ASP MB 20 -83.38 25.09 103.69
N ASP MB 21 -83.37 24.61 102.43
CA ASP MB 21 -82.45 25.11 101.41
C ASP MB 21 -82.86 26.50 100.94
N LEU MB 22 -84.16 26.72 100.79
CA LEU MB 22 -84.69 28.03 100.36
C LEU MB 22 -84.47 29.08 101.45
N GLU MB 23 -84.64 28.69 102.73
CA GLU MB 23 -84.47 29.56 103.89
C GLU MB 23 -83.00 29.96 104.09
N ALA MB 24 -82.07 29.01 103.82
CA ALA MB 24 -80.63 29.22 103.94
C ALA MB 24 -80.13 30.21 102.89
N ILE MB 25 -80.73 30.13 101.68
CA ILE MB 25 -80.42 31.01 100.57
C ILE MB 25 -80.99 32.40 100.84
N ASN MB 26 -82.27 32.48 101.26
CA ASN MB 26 -82.96 33.73 101.57
C ASN MB 26 -82.30 34.49 102.74
N SER MB 27 -81.67 33.75 103.68
CA SER MB 27 -80.96 34.32 104.83
C SER MB 27 -79.73 35.11 104.39
N GLU MB 28 -79.03 34.58 103.36
CA GLU MB 28 -77.86 35.22 102.79
C GLU MB 28 -78.23 36.45 101.93
N LEU MB 29 -79.50 36.54 101.48
CA LEU MB 29 -79.98 37.68 100.68
C LEU MB 29 -80.20 38.94 101.52
N THR MB 30 -80.35 38.76 102.86
CA THR MB 30 -80.59 39.83 103.81
C THR MB 30 -79.32 40.18 104.62
N SER MB 31 -78.63 39.15 105.15
CA SER MB 31 -77.43 39.32 105.98
C SER MB 31 -76.44 38.15 105.91
N GLY MB 32 -75.16 38.48 106.04
CA GLY MB 32 -74.08 37.50 106.06
C GLY MB 32 -73.77 36.84 104.73
N GLY MB 33 -72.95 35.80 104.80
CA GLY MB 33 -72.51 35.05 103.63
C GLY MB 33 -71.33 35.70 102.95
N ASN MB 34 -71.15 35.41 101.65
CA ASN MB 34 -70.05 35.97 100.86
C ASN MB 34 -70.58 36.98 99.83
N VAL MB 35 -71.56 37.81 100.26
CA VAL MB 35 -72.23 38.80 99.43
C VAL MB 35 -72.35 40.16 100.13
N VAL MB 36 -72.06 41.24 99.38
CA VAL MB 36 -72.14 42.62 99.86
C VAL MB 36 -73.62 43.04 99.93
N HIS MB 37 -74.04 43.57 101.09
CA HIS MB 37 -75.41 44.00 101.37
C HIS MB 37 -75.58 45.52 101.44
N LYS MB 38 -76.83 45.98 101.30
CA LYS MB 38 -77.20 47.39 101.38
C LYS MB 38 -77.24 47.88 102.84
N THR MB 39 -77.26 46.93 103.80
CA THR MB 39 -77.31 47.23 105.23
C THR MB 39 -76.33 46.35 106.01
N GLY MB 40 -75.73 46.92 107.06
CA GLY MB 40 -74.80 46.22 107.92
C GLY MB 40 -73.34 46.49 107.64
N ASP MB 41 -72.48 46.22 108.65
CA ASP MB 41 -71.03 46.40 108.58
C ASP MB 41 -70.40 45.12 108.04
N GLU MB 42 -69.75 45.22 106.87
CA GLU MB 42 -69.15 44.08 106.17
C GLU MB 42 -67.74 44.40 105.67
N THR MB 43 -66.92 43.35 105.53
CA THR MB 43 -65.55 43.43 105.01
C THR MB 43 -65.51 42.88 103.59
N ILE MB 44 -64.94 43.67 102.66
CA ILE MB 44 -64.85 43.34 101.23
C ILE MB 44 -63.40 43.18 100.79
N ALA MB 45 -63.10 42.12 100.05
CA ALA MB 45 -61.77 41.79 99.54
C ALA MB 45 -61.80 41.65 98.03
N GLY MB 46 -60.70 42.00 97.39
CA GLY MB 46 -60.55 41.91 95.93
C GLY MB 46 -60.56 43.26 95.23
N LYS MB 47 -60.03 43.28 94.00
CA LYS MB 47 -59.95 44.48 93.16
C LYS MB 47 -61.32 44.84 92.57
N LYS MB 48 -61.96 45.86 93.17
CA LYS MB 48 -63.28 46.35 92.78
C LYS MB 48 -63.18 47.59 91.88
N THR MB 49 -63.74 47.50 90.66
CA THR MB 49 -63.71 48.57 89.67
C THR MB 49 -65.08 49.20 89.54
N PHE MB 50 -65.20 50.46 89.97
CA PHE MB 50 -66.44 51.22 89.88
C PHE MB 50 -66.42 52.11 88.65
N THR MB 51 -67.15 51.70 87.59
CA THR MB 51 -67.24 52.45 86.34
C THR MB 51 -68.14 53.67 86.48
N GLY MB 52 -69.16 53.55 87.34
CA GLY MB 52 -70.10 54.63 87.64
C GLY MB 52 -69.58 55.62 88.67
N ASN MB 53 -70.43 56.61 89.02
CA ASN MB 53 -70.08 57.65 90.01
C ASN MB 53 -70.35 57.17 91.44
N VAL MB 54 -69.39 57.40 92.33
CA VAL MB 54 -69.46 56.98 93.73
C VAL MB 54 -69.68 58.20 94.65
N GLU MB 55 -70.65 58.08 95.56
CA GLU MB 55 -70.96 59.13 96.51
C GLU MB 55 -70.78 58.60 97.94
N VAL MB 56 -70.04 59.35 98.77
CA VAL MB 56 -69.78 59.01 100.17
C VAL MB 56 -70.38 60.11 101.05
N ASN MB 57 -71.30 59.70 101.94
CA ASN MB 57 -71.98 60.59 102.87
C ASN MB 57 -71.29 60.59 104.23
N GLY MB 58 -70.67 59.46 104.57
CA GLY MB 58 -69.94 59.29 105.82
C GLY MB 58 -68.50 59.75 105.72
N SER MB 59 -67.58 58.97 106.29
CA SER MB 59 -66.15 59.29 106.30
C SER MB 59 -65.35 58.27 105.52
N LEU MB 60 -64.40 58.75 104.69
CA LEU MB 60 -63.52 57.89 103.90
C LEU MB 60 -62.18 57.73 104.62
N THR MB 61 -61.88 56.48 105.01
CA THR MB 61 -60.65 56.14 105.74
C THR MB 61 -59.61 55.55 104.78
N LEU MB 62 -58.37 56.04 104.87
CA LEU MB 62 -57.26 55.56 104.05
C LEU MB 62 -56.08 55.07 104.93
N PRO MB 63 -55.14 54.22 104.41
CA PRO MB 63 -54.00 53.77 105.24
C PRO MB 63 -53.15 54.93 105.74
N THR MB 64 -52.90 54.98 107.06
CA THR MB 64 -52.15 56.06 107.68
C THR MB 64 -50.85 55.60 108.35
N LYS MB 65 -49.75 56.31 108.05
CA LYS MB 65 -48.42 56.06 108.61
C LYS MB 65 -47.78 57.41 108.95
N SER MB 66 -47.28 57.54 110.19
CA SER MB 66 -46.68 58.78 110.66
C SER MB 66 -45.20 58.65 110.97
N TRP MB 67 -44.44 59.74 110.76
CA TRP MB 67 -43.00 59.83 111.02
C TRP MB 67 -42.60 61.26 111.34
N SER MB 68 -41.71 61.43 112.32
CA SER MB 68 -41.18 62.73 112.74
C SER MB 68 -39.73 62.58 113.17
N GLY MB 69 -38.90 63.53 112.72
CA GLY MB 69 -37.47 63.55 113.03
C GLY MB 69 -36.78 64.85 112.68
N GLU MB 70 -35.68 65.16 113.40
CA GLU MB 70 -34.87 66.36 113.20
C GLU MB 70 -33.93 66.15 112.01
N LEU MB 71 -34.31 66.68 110.83
CA LEU MB 71 -33.57 66.56 109.58
C LEU MB 71 -32.11 67.04 109.66
N GLY MB 72 -31.89 68.17 110.31
CA GLY MB 72 -30.58 68.77 110.49
C GLY MB 72 -30.62 70.22 110.88
N GLY MB 73 -29.74 70.59 111.82
CA GLY MB 73 -29.61 71.96 112.31
C GLY MB 73 -30.69 72.42 113.27
N GLY MB 74 -31.62 71.52 113.59
CA GLY MB 74 -32.72 71.81 114.50
C GLY MB 74 -34.09 71.90 113.84
N ILE MB 75 -34.18 71.49 112.55
CA ILE MB 75 -35.43 71.53 111.79
C ILE MB 75 -36.10 70.15 111.85
N ILE MB 76 -37.27 70.09 112.51
CA ILE MB 76 -38.05 68.86 112.68
C ILE MB 76 -39.21 68.84 111.68
N LEU MB 77 -39.26 67.78 110.86
CA LEU MB 77 -40.31 67.60 109.86
C LEU MB 77 -41.25 66.48 110.29
N SER MB 78 -42.55 66.79 110.37
CA SER MB 78 -43.60 65.86 110.74
C SER MB 78 -44.34 65.41 109.47
N LEU MB 79 -44.28 64.13 109.16
CA LEU MB 79 -44.90 63.55 107.97
C LEU MB 79 -46.03 62.60 108.33
N ARG MB 80 -47.10 62.61 107.52
CA ARG MB 80 -48.27 61.75 107.71
C ARG MB 80 -48.79 61.32 106.34
N LYS MB 81 -48.62 60.04 106.01
CA LYS MB 81 -49.02 59.46 104.74
C LYS MB 81 -50.49 59.02 104.76
N LYS MB 82 -51.24 59.40 103.70
CA LYS MB 82 -52.64 59.05 103.52
C LYS MB 82 -52.90 58.67 102.06
N GLY MB 83 -52.80 57.38 101.78
CA GLY MB 83 -52.98 56.82 100.45
C GLY MB 83 -51.79 57.10 99.55
N THR MB 84 -51.96 58.06 98.63
CA THR MB 84 -50.92 58.47 97.66
C THR MB 84 -50.47 59.95 97.88
N THR MB 85 -50.83 60.53 99.04
CA THR MB 85 -50.50 61.91 99.40
C THR MB 85 -49.92 61.97 100.82
N VAL MB 86 -48.76 62.61 100.97
CA VAL MB 86 -48.08 62.76 102.27
C VAL MB 86 -48.21 64.21 102.73
N GLU MB 87 -48.72 64.40 103.97
CA GLU MB 87 -48.92 65.72 104.57
C GLU MB 87 -47.69 66.08 105.38
N TYR MB 88 -47.04 67.21 105.05
CA TYR MB 88 -45.82 67.66 105.73
C TYR MB 88 -46.10 68.80 106.71
N SER MB 89 -45.28 68.88 107.78
CA SER MB 89 -45.37 69.93 108.80
C SER MB 89 -43.96 70.29 109.30
N ILE MB 90 -43.52 71.51 108.99
CA ILE MB 90 -42.20 72.02 109.37
C ILE MB 90 -42.29 72.69 110.73
N GLY MB 91 -41.38 72.32 111.62
CA GLY MB 91 -41.30 72.86 112.97
C GLY MB 91 -39.91 72.80 113.58
N GLY MB 92 -39.78 73.35 114.79
CA GLY MB 92 -38.53 73.37 115.53
C GLY MB 92 -37.89 74.74 115.64
N GLU MB 93 -36.55 74.77 115.81
CA GLU MB 93 -35.74 75.97 115.93
C GLU MB 93 -34.33 75.70 115.44
N ILE MB 94 -33.79 76.59 114.59
CA ILE MB 94 -32.45 76.48 114.03
C ILE MB 94 -31.41 76.77 115.13
N SER MB 95 -30.60 75.74 115.47
CA SER MB 95 -29.56 75.81 116.50
C SER MB 95 -28.17 76.04 115.91
N SER MB 96 -27.76 75.21 114.93
CA SER MB 96 -26.47 75.30 114.25
C SER MB 96 -26.58 75.98 112.88
N SER MB 97 -25.46 76.57 112.41
CA SER MB 97 -25.37 77.25 111.12
C SER MB 97 -25.47 76.27 109.94
N ILE MB 98 -26.51 76.45 109.10
CA ILE MB 98 -26.78 75.63 107.92
C ILE MB 98 -26.39 76.44 106.68
N LEU MB 99 -25.50 75.88 105.85
CA LEU MB 99 -25.01 76.49 104.62
C LEU MB 99 -26.07 76.50 103.52
N ALA MB 100 -25.93 77.42 102.54
CA ALA MB 100 -26.85 77.53 101.40
C ALA MB 100 -26.59 76.38 100.43
N ASN MB 101 -27.67 75.73 99.95
CA ASN MB 101 -27.64 74.57 99.04
C ASN MB 101 -26.85 73.37 99.60
N SER MB 102 -27.03 73.10 100.91
CA SER MB 102 -26.36 72.03 101.64
C SER MB 102 -27.33 70.91 102.08
N ASN MB 103 -26.78 69.69 102.25
CA ASN MB 103 -27.54 68.51 102.65
C ASN MB 103 -27.72 68.41 104.16
N LEU MB 104 -28.89 67.93 104.60
CA LEU MB 104 -29.24 67.73 106.01
C LEU MB 104 -29.00 66.23 106.30
N VAL MB 105 -27.94 65.95 107.08
CA VAL MB 105 -27.48 64.59 107.37
C VAL MB 105 -27.77 64.03 108.79
N ASN MB 106 -28.52 64.78 109.63
CA ASN MB 106 -28.85 64.35 110.99
C ASN MB 106 -29.86 63.20 110.99
N ARG MB 107 -30.92 63.32 110.18
CA ARG MB 107 -31.97 62.30 110.04
C ARG MB 107 -32.48 62.28 108.59
N SER MB 108 -32.54 61.08 108.00
CA SER MB 108 -32.99 60.86 106.62
C SER MB 108 -34.45 60.45 106.56
N VAL MB 109 -35.15 60.86 105.48
CA VAL MB 109 -36.56 60.54 105.27
C VAL MB 109 -36.72 59.06 104.86
N PRO MB 110 -37.56 58.26 105.56
CA PRO MB 110 -37.73 56.84 105.19
C PRO MB 110 -38.25 56.64 103.76
N ASN MB 111 -37.85 55.52 103.12
CA ASN MB 111 -38.19 55.18 101.74
C ASN MB 111 -39.69 55.14 101.42
N GLU MB 112 -40.52 54.77 102.41
CA GLU MB 112 -41.99 54.71 102.28
C GLU MB 112 -42.65 56.09 102.18
N PHE MB 113 -41.89 57.16 102.53
CA PHE MB 113 -42.31 58.56 102.48
C PHE MB 113 -41.66 59.31 101.32
N CYS MB 114 -40.61 58.72 100.72
CA CYS MB 114 -39.84 59.29 99.60
C CYS MB 114 -40.66 59.35 98.31
N PRO MB 115 -40.77 60.55 97.67
CA PRO MB 115 -41.52 60.64 96.41
C PRO MB 115 -40.71 60.21 95.19
N ARG MB 116 -41.42 59.92 94.07
CA ARG MB 116 -40.80 59.53 92.79
C ARG MB 116 -40.09 60.73 92.16
N ASN MB 117 -40.76 61.91 92.20
CA ASN MB 117 -40.27 63.18 91.67
C ASN MB 117 -39.79 64.11 92.82
N ARG MB 118 -38.83 65.00 92.51
CA ARG MB 118 -38.27 65.95 93.50
C ARG MB 118 -39.30 67.04 93.86
N CYS MB 119 -39.75 67.03 95.13
CA CYS MB 119 -40.77 67.96 95.65
C CYS MB 119 -40.16 69.04 96.51
N SER MB 120 -40.68 70.28 96.36
CA SER MB 120 -40.25 71.47 97.10
C SER MB 120 -41.26 71.85 98.18
N LEU MB 121 -40.80 71.98 99.44
CA LEU MB 121 -41.68 72.34 100.55
C LEU MB 121 -41.47 73.81 100.94
N VAL MB 122 -42.38 74.68 100.47
CA VAL MB 122 -42.33 76.11 100.74
C VAL MB 122 -42.69 76.38 102.21
N GLY MB 123 -41.81 77.10 102.90
CA GLY MB 123 -41.96 77.47 104.30
C GLY MB 123 -41.74 78.95 104.57
N HIS MB 124 -42.02 79.38 105.81
CA HIS MB 124 -41.86 80.76 106.25
C HIS MB 124 -41.14 80.86 107.60
N MET MB 125 -40.23 81.83 107.71
CA MET MB 125 -39.43 82.09 108.90
C MET MB 125 -40.13 83.11 109.80
N VAL MB 126 -40.33 82.76 111.08
CA VAL MB 126 -40.98 83.62 112.07
C VAL MB 126 -40.06 84.78 112.42
N GLY MB 127 -40.58 85.99 112.27
CA GLY MB 127 -39.84 87.22 112.57
C GLY MB 127 -39.92 88.26 111.47
N GLY MB 128 -39.60 87.85 110.24
CA GLY MB 128 -39.62 88.72 109.08
C GLY MB 128 -40.38 88.16 107.90
N TRP MB 129 -40.10 88.70 106.71
CA TRP MB 129 -40.70 88.31 105.43
C TRP MB 129 -39.84 87.23 104.74
N ASN MB 130 -39.04 86.49 105.54
CA ASN MB 130 -38.13 85.46 105.06
C ASN MB 130 -38.82 84.15 104.66
N ALA MB 131 -38.45 83.61 103.49
CA ALA MB 131 -39.00 82.36 102.94
C ALA MB 131 -37.91 81.34 102.64
N PHE MB 132 -38.26 80.04 102.71
CA PHE MB 132 -37.34 78.94 102.44
C PHE MB 132 -38.07 77.73 101.83
N HIS MB 133 -37.32 76.85 101.18
CA HIS MB 133 -37.86 75.61 100.62
C HIS MB 133 -36.87 74.46 100.78
N ILE MB 134 -37.38 73.28 101.17
CA ILE MB 134 -36.57 72.09 101.37
C ILE MB 134 -36.97 71.05 100.32
N ASP MB 135 -35.99 70.55 99.56
CA ASP MB 135 -36.23 69.56 98.51
C ASP MB 135 -36.08 68.14 99.04
N ILE MB 136 -37.03 67.25 98.66
CA ILE MB 136 -37.01 65.83 99.04
C ILE MB 136 -36.75 64.98 97.78
N PRO MB 137 -35.55 64.37 97.66
CA PRO MB 137 -35.27 63.53 96.48
C PRO MB 137 -35.77 62.10 96.67
N SER MB 138 -35.50 61.23 95.69
CA SER MB 138 -35.90 59.81 95.76
C SER MB 138 -35.06 59.04 96.79
N SER MB 139 -33.85 59.54 97.09
CA SER MB 139 -32.91 58.94 98.05
C SER MB 139 -33.39 59.12 99.50
N GLY MB 140 -33.71 60.36 99.89
CA GLY MB 140 -34.19 60.69 101.22
C GLY MB 140 -33.44 61.79 101.92
N VAL MB 141 -32.22 62.10 101.43
CA VAL MB 141 -31.36 63.15 102.01
C VAL MB 141 -31.86 64.53 101.57
N CYS MB 142 -32.54 65.24 102.48
CA CYS MB 142 -33.10 66.56 102.25
C CYS MB 142 -32.03 67.64 102.09
N GLN MB 143 -32.34 68.67 101.30
CA GLN MB 143 -31.41 69.78 101.03
C GLN MB 143 -32.02 71.13 101.35
N TRP MB 144 -31.27 71.98 102.06
CA TRP MB 144 -31.69 73.34 102.42
C TRP MB 144 -31.36 74.24 101.24
N PHE MB 145 -32.40 74.59 100.45
CA PHE MB 145 -32.25 75.42 99.25
C PHE MB 145 -32.31 76.94 99.49
N GLY MB 146 -32.45 77.34 100.76
CA GLY MB 146 -32.46 78.73 101.16
C GLY MB 146 -31.05 79.28 101.37
N PRO MB 147 -30.90 80.53 101.86
CA PRO MB 147 -29.53 81.06 102.10
C PRO MB 147 -28.94 80.57 103.41
N THR MB 148 -27.66 80.92 103.67
CA THR MB 148 -26.97 80.53 104.90
C THR MB 148 -27.64 81.19 106.11
N ALA MB 149 -28.25 80.35 106.97
CA ALA MB 149 -28.95 80.78 108.17
C ALA MB 149 -28.40 80.02 109.37
N SER MB 150 -28.39 80.66 110.55
CA SER MB 150 -27.88 80.08 111.80
C SER MB 150 -28.91 80.08 112.93
N SER MB 151 -29.86 81.02 112.87
CA SER MB 151 -30.95 81.13 113.84
C SER MB 151 -32.27 81.51 113.18
N GLY MB 152 -33.38 81.03 113.75
CA GLY MB 152 -34.72 81.30 113.26
C GLY MB 152 -35.70 80.17 113.52
N THR MB 153 -37.00 80.46 113.33
CA THR MB 153 -38.07 79.48 113.53
C THR MB 153 -38.69 79.00 112.19
N PRO MB 154 -38.47 77.73 111.80
CA PRO MB 154 -39.04 77.24 110.54
C PRO MB 154 -40.47 76.75 110.70
N ARG MB 155 -41.39 77.22 109.84
CA ARG MB 155 -42.80 76.83 109.85
C ARG MB 155 -43.36 76.64 108.43
N GLY MB 156 -44.31 75.71 108.29
CA GLY MB 156 -44.92 75.40 107.01
C GLY MB 156 -45.67 74.07 107.01
N THR MB 157 -46.95 74.11 106.61
CA THR MB 157 -47.82 72.92 106.56
C THR MB 157 -48.55 72.85 105.22
N GLY MB 158 -48.52 71.67 104.62
CA GLY MB 158 -49.17 71.40 103.33
C GLY MB 158 -49.18 69.94 102.95
N THR MB 159 -49.21 69.66 101.65
CA THR MB 159 -49.23 68.31 101.08
C THR MB 159 -48.28 68.22 99.89
N TYR MB 160 -47.75 67.01 99.62
CA TYR MB 160 -46.87 66.76 98.48
C TYR MB 160 -47.13 65.36 97.89
N PRO MB 161 -47.12 65.22 96.53
CA PRO MB 161 -47.36 63.90 95.94
C PRO MB 161 -46.21 62.92 96.13
N ILE MB 162 -46.50 61.62 96.12
CA ILE MB 162 -45.51 60.55 96.28
C ILE MB 162 -45.24 59.80 94.94
N ASP MB 163 -46.24 59.78 94.04
CA ASP MB 163 -46.19 59.12 92.75
C ASP MB 163 -46.23 60.11 91.58
N ALA NB 2 -79.52 34.39 87.82
CA ALA NB 2 -79.21 32.99 87.49
C ALA NB 2 -80.23 32.41 86.52
N SER NB 3 -79.76 31.57 85.59
CA SER NB 3 -80.63 30.92 84.62
C SER NB 3 -81.34 29.74 85.28
N ILE NB 4 -82.63 29.94 85.60
CA ILE NB 4 -83.45 28.93 86.26
C ILE NB 4 -84.60 28.42 85.38
N LYS NB 5 -84.98 27.16 85.56
CA LYS NB 5 -86.07 26.52 84.81
C LYS NB 5 -87.38 26.62 85.59
N LYS NB 6 -88.49 26.68 84.86
CA LYS NB 6 -89.82 26.81 85.45
C LYS NB 6 -90.26 25.49 86.09
N VAL NB 7 -90.83 25.58 87.29
CA VAL NB 7 -91.36 24.43 88.05
C VAL NB 7 -92.90 24.44 87.93
N TYR NB 8 -93.47 23.34 87.43
CA TYR NB 8 -94.90 23.22 87.23
C TYR NB 8 -95.42 21.86 87.71
N ARG NB 9 -96.76 21.70 87.87
CA ARG NB 9 -97.35 20.44 88.30
C ARG NB 9 -97.30 19.43 87.19
N GLY NB 10 -96.95 18.19 87.54
CA GLY NB 10 -96.81 17.09 86.60
C GLY NB 10 -95.58 17.20 85.72
N MET NB 11 -94.49 17.62 86.32
CA MET NB 11 -93.23 17.86 85.64
C MET NB 11 -92.33 16.63 85.66
N LYS NB 12 -91.77 16.28 84.47
CA LYS NB 12 -90.80 15.19 84.29
C LYS NB 12 -89.47 15.69 84.89
N ASN NB 13 -88.86 14.91 85.82
CA ASN NB 13 -87.64 15.28 86.58
C ASN NB 13 -87.91 16.46 87.50
N GLY NB 14 -88.85 16.30 88.41
CA GLY NB 14 -89.18 17.38 89.33
C GLY NB 14 -88.05 17.70 90.29
N ALA NB 15 -87.57 16.68 91.02
CA ALA NB 15 -86.52 16.86 92.02
C ALA NB 15 -85.19 17.36 91.45
N GLU NB 16 -84.85 16.87 90.22
CA GLU NB 16 -83.63 17.22 89.50
C GLU NB 16 -83.66 18.68 89.11
N THR NB 17 -84.82 19.18 88.63
CA THR NB 17 -85.03 20.57 88.23
C THR NB 17 -84.85 21.52 89.40
N ILE NB 18 -85.48 21.19 90.54
CA ILE NB 18 -85.39 21.99 91.76
C ILE NB 18 -83.94 22.06 92.24
N ASN NB 19 -83.26 20.91 92.30
CA ASN NB 19 -81.87 20.83 92.74
C ASN NB 19 -80.95 21.66 91.87
N ASP NB 20 -81.13 21.59 90.53
CA ASP NB 20 -80.33 22.34 89.57
C ASP NB 20 -80.58 23.83 89.67
N ASP NB 21 -81.82 24.22 89.98
CA ASP NB 21 -82.20 25.62 90.15
C ASP NB 21 -81.59 26.19 91.44
N LEU NB 22 -81.62 25.39 92.52
CA LEU NB 22 -81.06 25.77 93.82
C LEU NB 22 -79.55 25.91 93.77
N GLU NB 23 -78.89 24.98 93.03
CA GLU NB 23 -77.43 24.97 92.89
C GLU NB 23 -76.96 26.16 92.05
N ALA NB 24 -77.76 26.56 91.03
CA ALA NB 24 -77.48 27.69 90.15
C ALA NB 24 -77.56 29.01 90.88
N ILE NB 25 -78.54 29.11 91.80
CA ILE NB 25 -78.77 30.27 92.64
C ILE NB 25 -77.65 30.37 93.70
N ASN NB 26 -77.33 29.22 94.36
CA ASN NB 26 -76.29 29.16 95.37
C ASN NB 26 -74.88 29.48 94.83
N SER NB 27 -74.63 29.14 93.53
CA SER NB 27 -73.37 29.42 92.85
C SER NB 27 -73.17 30.92 92.69
N GLU NB 28 -74.25 31.66 92.40
CA GLU NB 28 -74.24 33.11 92.25
C GLU NB 28 -74.12 33.83 93.59
N LEU NB 29 -74.37 33.13 94.71
CA LEU NB 29 -74.26 33.69 96.05
C LEU NB 29 -72.81 33.75 96.51
N THR NB 30 -71.92 32.97 95.86
CA THR NB 30 -70.49 32.87 96.18
C THR NB 30 -69.60 33.57 95.13
N SER NB 31 -69.88 33.33 93.83
CA SER NB 31 -69.09 33.90 92.73
C SER NB 31 -69.89 34.18 91.47
N GLY NB 32 -69.50 35.23 90.77
CA GLY NB 32 -70.10 35.62 89.50
C GLY NB 32 -71.47 36.27 89.59
N GLY NB 33 -72.25 36.09 88.52
CA GLY NB 33 -73.59 36.64 88.41
C GLY NB 33 -73.61 38.16 88.25
N ASN NB 34 -74.69 38.78 88.73
CA ASN NB 34 -74.87 40.24 88.68
C ASN NB 34 -74.72 40.89 90.06
N VAL NB 35 -74.48 40.04 91.08
CA VAL NB 35 -74.33 40.49 92.45
C VAL NB 35 -72.86 40.70 92.87
N VAL NB 36 -72.61 41.70 93.73
CA VAL NB 36 -71.27 42.04 94.25
C VAL NB 36 -70.97 41.14 95.46
N HIS NB 37 -69.79 40.50 95.43
CA HIS NB 37 -69.34 39.56 96.46
C HIS NB 37 -68.25 40.14 97.37
N LYS NB 38 -68.05 39.49 98.53
CA LYS NB 38 -67.04 39.88 99.51
C LYS NB 38 -65.64 39.46 99.07
N THR NB 39 -65.53 38.54 98.10
CA THR NB 39 -64.26 38.06 97.58
C THR NB 39 -64.25 38.02 96.07
N GLY NB 40 -63.08 38.33 95.49
CA GLY NB 40 -62.85 38.30 94.05
C GLY NB 40 -62.87 39.65 93.37
N ASP NB 41 -62.21 39.72 92.20
CA ASP NB 41 -62.12 40.93 91.38
C ASP NB 41 -63.39 41.07 90.53
N GLU NB 42 -64.15 42.14 90.78
CA GLU NB 42 -65.42 42.41 90.09
C GLU NB 42 -65.53 43.86 89.60
N THR NB 43 -66.35 44.06 88.55
CA THR NB 43 -66.61 45.38 87.97
C THR NB 43 -68.04 45.79 88.29
N ILE NB 44 -68.20 46.99 88.86
CA ILE NB 44 -69.48 47.55 89.31
C ILE NB 44 -69.83 48.81 88.51
N ALA NB 45 -71.07 48.87 88.03
CA ALA NB 45 -71.60 50.00 87.26
C ALA NB 45 -72.84 50.56 87.94
N GLY NB 46 -73.00 51.88 87.85
CA GLY NB 46 -74.14 52.59 88.43
C GLY NB 46 -73.74 53.55 89.53
N LYS NB 47 -74.64 54.49 89.83
CA LYS NB 47 -74.44 55.50 90.87
C LYS NB 47 -74.64 54.88 92.26
N LYS NB 48 -73.53 54.58 92.94
CA LYS NB 48 -73.53 53.97 94.28
C LYS NB 48 -73.34 55.01 95.38
N THR NB 49 -74.34 55.12 96.27
CA THR NB 49 -74.35 56.10 97.37
C THR NB 49 -74.12 55.39 98.70
N PHE NB 50 -72.99 55.67 99.34
CA PHE NB 50 -72.62 55.10 100.63
C PHE NB 50 -72.97 56.07 101.75
N THR NB 51 -74.04 55.75 102.50
CA THR NB 51 -74.49 56.57 103.63
C THR NB 51 -73.63 56.36 104.88
N GLY NB 52 -73.02 55.18 104.98
CA GLY NB 52 -72.14 54.79 106.07
C GLY NB 52 -70.71 55.26 105.88
N ASN NB 53 -69.78 54.70 106.69
CA ASN NB 53 -68.36 55.04 106.65
C ASN NB 53 -67.57 54.04 105.81
N VAL NB 54 -66.89 54.55 104.78
CA VAL NB 54 -66.08 53.73 103.86
C VAL NB 54 -64.64 53.67 104.34
N GLU NB 55 -64.08 52.46 104.41
CA GLU NB 55 -62.71 52.24 104.84
C GLU NB 55 -61.94 51.51 103.73
N VAL NB 56 -60.80 52.06 103.31
CA VAL NB 56 -59.96 51.47 102.27
C VAL NB 56 -58.61 51.08 102.88
N ASN NB 57 -58.20 49.83 102.68
CA ASN NB 57 -56.92 49.30 103.19
C ASN NB 57 -55.91 49.16 102.07
N GLY NB 58 -56.39 49.00 100.84
CA GLY NB 58 -55.54 48.88 99.66
C GLY NB 58 -55.21 50.22 99.06
N SER NB 59 -55.37 50.34 97.74
CA SER NB 59 -55.08 51.56 97.00
C SER NB 59 -56.31 52.09 96.29
N LEU NB 60 -56.55 53.41 96.39
CA LEU NB 60 -57.66 54.10 95.74
C LEU NB 60 -57.19 54.73 94.44
N THR NB 61 -57.82 54.35 93.33
CA THR NB 61 -57.48 54.85 91.99
C THR NB 61 -58.56 55.78 91.47
N LEU NB 62 -58.15 56.97 91.01
CA LEU NB 62 -59.04 58.01 90.47
C LEU NB 62 -58.60 58.41 89.06
N PRO NB 63 -59.49 59.00 88.21
CA PRO NB 63 -59.05 59.47 86.88
C PRO NB 63 -57.88 60.48 86.95
N THR NB 64 -56.76 60.12 86.29
CA THR NB 64 -55.51 60.89 86.28
C THR NB 64 -55.16 61.44 84.90
N LYS NB 65 -54.76 62.73 84.87
CA LYS NB 65 -54.34 63.44 83.67
C LYS NB 65 -53.14 64.33 84.01
N SER NB 66 -52.06 64.22 83.23
CA SER NB 66 -50.83 64.98 83.46
C SER NB 66 -50.58 66.01 82.37
N TRP NB 67 -49.96 67.14 82.77
CA TRP NB 67 -49.62 68.25 81.88
C TRP NB 67 -48.37 68.97 82.37
N SER NB 68 -47.49 69.37 81.43
CA SER NB 68 -46.26 70.10 81.71
C SER NB 68 -45.93 71.03 80.56
N GLY NB 69 -45.53 72.26 80.89
CA GLY NB 69 -45.18 73.28 79.91
C GLY NB 69 -44.64 74.56 80.51
N GLU NB 70 -43.82 75.29 79.74
CA GLU NB 70 -43.21 76.56 80.13
C GLU NB 70 -44.23 77.68 80.02
N LEU NB 71 -44.71 78.19 81.17
CA LEU NB 71 -45.73 79.24 81.25
C LEU NB 71 -45.28 80.58 80.66
N GLY NB 72 -44.03 80.96 80.94
CA GLY NB 72 -43.44 82.20 80.46
C GLY NB 72 -42.20 82.60 81.21
N GLY NB 73 -41.18 83.03 80.46
CA GLY NB 73 -39.91 83.49 81.00
C GLY NB 73 -38.93 82.41 81.40
N GLY NB 74 -39.34 81.15 81.25
CA GLY NB 74 -38.53 79.99 81.59
C GLY NB 74 -39.04 79.21 82.78
N ILE NB 75 -40.26 79.52 83.24
CA ILE NB 75 -40.89 78.83 84.38
C ILE NB 75 -41.78 77.70 83.88
N ILE NB 76 -41.40 76.45 84.21
CA ILE NB 76 -42.13 75.25 83.80
C ILE NB 76 -42.97 74.74 84.97
N LEU NB 77 -44.28 74.61 84.74
CA LEU NB 77 -45.23 74.11 85.74
C LEU NB 77 -45.71 72.72 85.37
N SER NB 78 -45.59 71.78 86.32
CA SER NB 78 -46.01 70.39 86.17
C SER NB 78 -47.33 70.17 86.93
N LEU NB 79 -48.39 69.88 86.19
CA LEU NB 79 -49.72 69.66 86.75
C LEU NB 79 -50.17 68.21 86.59
N ARG NB 80 -50.81 67.67 87.64
CA ARG NB 80 -51.37 66.32 87.66
C ARG NB 80 -52.69 66.29 88.41
N LYS NB 81 -53.79 66.02 87.67
CA LYS NB 81 -55.16 65.97 88.19
C LYS NB 81 -55.49 64.62 88.82
N LYS NB 82 -56.10 64.64 90.01
CA LYS NB 82 -56.53 63.45 90.75
C LYS NB 82 -57.92 63.68 91.34
N GLY NB 83 -58.95 63.40 90.53
CA GLY NB 83 -60.34 63.61 90.92
C GLY NB 83 -60.74 65.08 90.90
N THR NB 84 -60.84 65.70 92.09
CA THR NB 84 -61.23 67.10 92.28
C THR NB 84 -60.07 67.98 92.82
N THR NB 85 -58.84 67.42 92.85
CA THR NB 85 -57.63 68.10 93.33
C THR NB 85 -56.49 67.97 92.32
N VAL NB 86 -55.87 69.11 91.97
CA VAL NB 86 -54.76 69.18 91.02
C VAL NB 86 -53.47 69.46 91.77
N GLU NB 87 -52.45 68.61 91.56
CA GLU NB 87 -51.13 68.71 92.19
C GLU NB 87 -50.21 69.52 91.28
N TYR NB 88 -49.63 70.60 91.82
CA TYR NB 88 -48.73 71.49 91.07
C TYR NB 88 -47.26 71.32 91.46
N SER NB 89 -46.35 71.58 90.52
CA SER NB 89 -44.90 71.52 90.73
C SER NB 89 -44.20 72.60 89.89
N ILE NB 90 -43.59 73.57 90.57
CA ILE NB 90 -42.87 74.68 89.93
C ILE NB 90 -41.40 74.30 89.76
N GLY NB 91 -40.88 74.51 88.55
CA GLY NB 91 -39.49 74.23 88.21
C GLY NB 91 -38.97 75.02 87.02
N GLY NB 92 -37.69 74.84 86.73
CA GLY NB 92 -37.02 75.52 85.62
C GLY NB 92 -36.05 76.59 86.06
N GLU NB 93 -35.84 77.59 85.17
CA GLU NB 93 -34.94 78.73 85.39
C GLU NB 93 -35.43 79.96 84.60
N ILE NB 94 -35.48 81.12 85.28
CA ILE NB 94 -35.90 82.38 84.67
C ILE NB 94 -34.78 82.89 83.74
N SER NB 95 -35.09 82.91 82.42
CA SER NB 95 -34.16 83.34 81.36
C SER NB 95 -34.40 84.80 80.94
N SER NB 96 -35.64 85.15 80.58
CA SER NB 96 -36.03 86.51 80.18
C SER NB 96 -36.68 87.29 81.33
N SER NB 97 -36.63 88.64 81.25
CA SER NB 97 -37.19 89.53 82.26
C SER NB 97 -38.71 89.48 82.28
N ILE NB 98 -39.28 89.15 83.46
CA ILE NB 98 -40.72 89.09 83.69
C ILE NB 98 -41.11 90.27 84.56
N LEU NB 99 -42.04 91.09 84.08
CA LEU NB 99 -42.54 92.28 84.76
C LEU NB 99 -43.41 91.95 85.96
N ALA NB 100 -43.53 92.90 86.91
CA ALA NB 100 -44.35 92.74 88.11
C ALA NB 100 -45.83 92.88 87.73
N ASN NB 101 -46.69 91.97 88.22
CA ASN NB 101 -48.13 91.90 87.95
C ASN NB 101 -48.46 91.81 86.44
N SER NB 102 -47.64 91.01 85.72
CA SER NB 102 -47.78 90.80 84.27
C SER NB 102 -48.25 89.38 83.94
N ASN NB 103 -48.86 89.22 82.77
CA ASN NB 103 -49.39 87.94 82.27
C ASN NB 103 -48.32 87.11 81.54
N LEU NB 104 -48.30 85.80 81.82
CA LEU NB 104 -47.40 84.84 81.18
C LEU NB 104 -48.08 84.36 79.89
N VAL NB 105 -47.48 84.73 78.74
CA VAL NB 105 -48.04 84.50 77.41
C VAL NB 105 -47.43 83.35 76.58
N ASN NB 106 -46.40 82.64 77.10
CA ASN NB 106 -45.75 81.53 76.37
C ASN NB 106 -46.67 80.33 76.19
N ARG NB 107 -47.24 79.80 77.29
CA ARG NB 107 -48.15 78.66 77.29
C ARG NB 107 -49.24 78.87 78.36
N SER NB 108 -50.49 78.64 77.96
CA SER NB 108 -51.67 78.77 78.82
C SER NB 108 -52.09 77.42 79.40
N VAL NB 109 -52.62 77.43 80.63
CA VAL NB 109 -53.09 76.22 81.33
C VAL NB 109 -54.39 75.70 80.67
N PRO NB 110 -54.46 74.41 80.28
CA PRO NB 110 -55.68 73.87 79.65
C PRO NB 110 -56.92 73.96 80.56
N ASN NB 111 -58.11 74.12 79.95
CA ASN NB 111 -59.40 74.28 80.66
C ASN NB 111 -59.74 73.16 81.65
N GLU NB 112 -59.30 71.92 81.37
CA GLU NB 112 -59.52 70.76 82.24
C GLU NB 112 -58.73 70.81 83.55
N PHE NB 113 -57.69 71.67 83.61
CA PHE NB 113 -56.85 71.91 84.78
C PHE NB 113 -57.16 73.25 85.45
N CYS NB 114 -57.94 74.11 84.75
CA CYS NB 114 -58.33 75.43 85.21
C CYS NB 114 -59.36 75.37 86.37
N PRO NB 115 -59.09 76.09 87.50
CA PRO NB 115 -60.06 76.10 88.59
C PRO NB 115 -61.18 77.13 88.40
N ARG NB 116 -62.27 77.01 89.17
CA ARG NB 116 -63.43 77.91 89.12
C ARG NB 116 -63.06 79.29 89.70
N ASN NB 117 -62.27 79.29 90.78
CA ASN NB 117 -61.78 80.48 91.48
C ASN NB 117 -60.27 80.71 91.27
N ARG NB 118 -59.79 81.94 91.54
CA ARG NB 118 -58.38 82.31 91.40
C ARG NB 118 -57.55 81.66 92.52
N CYS NB 119 -56.57 80.81 92.15
CA CYS NB 119 -55.71 80.10 93.11
C CYS NB 119 -54.29 80.64 93.09
N SER NB 120 -53.72 80.89 94.28
CA SER NB 120 -52.37 81.41 94.46
C SER NB 120 -51.40 80.30 94.82
N LEU NB 121 -50.37 80.09 93.99
CA LEU NB 121 -49.38 79.04 94.24
C LEU NB 121 -48.08 79.64 94.77
N VAL NB 122 -47.88 79.56 96.08
CA VAL NB 122 -46.71 80.11 96.77
C VAL NB 122 -45.45 79.29 96.46
N GLY NB 123 -44.39 80.00 96.08
CA GLY NB 123 -43.10 79.42 95.75
C GLY NB 123 -41.94 80.12 96.43
N HIS NB 124 -40.73 79.54 96.29
CA HIS NB 124 -39.49 80.09 96.88
C HIS NB 124 -38.33 80.10 95.87
N MET NB 125 -37.58 81.21 95.86
CA MET NB 125 -36.44 81.42 94.99
C MET NB 125 -35.16 80.89 95.63
N VAL NB 126 -34.43 80.06 94.89
CA VAL NB 126 -33.18 79.44 95.35
C VAL NB 126 -32.07 80.49 95.50
N GLY NB 127 -31.50 80.58 96.70
CA GLY NB 127 -30.40 81.49 96.99
C GLY NB 127 -30.66 82.52 98.07
N GLY NB 128 -31.91 82.97 98.19
CA GLY NB 128 -32.30 83.98 99.17
C GLY NB 128 -33.60 83.72 99.90
N TRP NB 129 -34.10 84.72 100.65
CA TRP NB 129 -35.36 84.67 101.40
C TRP NB 129 -36.51 85.20 100.53
N ASN NB 130 -36.42 84.98 99.20
CA ASN NB 130 -37.39 85.47 98.23
C ASN NB 130 -38.56 84.52 97.99
N ALA NB 131 -39.79 85.07 97.96
CA ALA NB 131 -41.04 84.34 97.74
C ALA NB 131 -41.83 84.92 96.57
N PHE NB 132 -42.66 84.08 95.92
CA PHE NB 132 -43.49 84.48 94.78
C PHE NB 132 -44.78 83.66 94.72
N HIS NB 133 -45.81 84.22 94.09
CA HIS NB 133 -47.08 83.52 93.89
C HIS NB 133 -47.61 83.74 92.47
N ILE NB 134 -48.17 82.68 91.87
CA ILE NB 134 -48.72 82.72 90.51
C ILE NB 134 -50.22 82.48 90.59
N ASP NB 135 -51.01 83.40 90.02
CA ASP NB 135 -52.47 83.30 90.02
C ASP NB 135 -52.98 82.64 88.74
N ILE NB 136 -53.87 81.64 88.88
CA ILE NB 136 -54.45 80.90 87.76
C ILE NB 136 -55.97 81.14 87.72
N PRO NB 137 -56.48 81.84 86.69
CA PRO NB 137 -57.92 82.09 86.60
C PRO NB 137 -58.63 80.98 85.81
N SER NB 138 -59.91 81.20 85.48
CA SER NB 138 -60.71 80.25 84.71
C SER NB 138 -60.30 80.22 83.24
N SER NB 139 -59.66 81.32 82.77
CA SER NB 139 -59.21 81.46 81.38
C SER NB 139 -58.00 80.58 81.07
N GLY NB 140 -56.98 80.63 81.93
CA GLY NB 140 -55.76 79.85 81.77
C GLY NB 140 -54.48 80.67 81.72
N VAL NB 141 -54.62 81.98 81.46
CA VAL NB 141 -53.48 82.91 81.38
C VAL NB 141 -52.96 83.23 82.78
N CYS NB 142 -51.80 82.65 83.11
CA CYS NB 142 -51.15 82.83 84.42
C CYS NB 142 -50.59 84.23 84.61
N GLN NB 143 -50.50 84.68 85.86
CA GLN NB 143 -49.97 86.00 86.19
C GLN NB 143 -48.90 85.93 87.27
N TRP NB 144 -47.72 86.50 86.97
CA TRP NB 144 -46.61 86.58 87.91
C TRP NB 144 -46.85 87.80 88.82
N PHE NB 145 -47.21 87.56 90.09
CA PHE NB 145 -47.50 88.62 91.05
C PHE NB 145 -46.31 89.06 91.93
N GLY NB 146 -45.12 88.54 91.62
CA GLY NB 146 -43.90 88.91 92.32
C GLY NB 146 -43.27 90.16 91.71
N PRO NB 147 -42.05 90.54 92.15
CA PRO NB 147 -41.41 91.73 91.56
C PRO NB 147 -40.79 91.45 90.20
N THR NB 148 -40.31 92.50 89.52
CA THR NB 148 -39.68 92.37 88.20
C THR NB 148 -38.36 91.60 88.33
N ALA NB 149 -38.36 90.32 87.92
CA ALA NB 149 -37.19 89.44 87.98
C ALA NB 149 -36.74 89.00 86.59
N SER NB 150 -35.41 88.89 86.39
CA SER NB 150 -34.81 88.48 85.12
C SER NB 150 -34.06 87.15 85.24
N SER NB 151 -33.59 86.83 86.46
CA SER NB 151 -32.85 85.61 86.77
C SER NB 151 -33.23 85.01 88.13
N GLY NB 152 -33.13 83.69 88.24
CA GLY NB 152 -33.44 82.97 89.46
C GLY NB 152 -34.07 81.60 89.23
N THR NB 153 -34.03 80.75 90.27
CA THR NB 153 -34.60 79.39 90.19
C THR NB 153 -35.95 79.29 90.93
N PRO NB 154 -37.06 79.10 90.18
CA PRO NB 154 -38.38 78.97 90.84
C PRO NB 154 -38.67 77.53 91.28
N ARG NB 155 -39.11 77.37 92.54
CA ARG NB 155 -39.45 76.06 93.11
C ARG NB 155 -40.70 76.15 93.98
N GLY NB 156 -41.48 75.06 94.03
CA GLY NB 156 -42.71 74.98 94.81
C GLY NB 156 -43.59 73.81 94.41
N THR NB 157 -43.98 73.00 95.41
CA THR NB 157 -44.84 71.82 95.21
C THR NB 157 -45.95 71.79 96.26
N GLY NB 158 -47.17 71.52 95.79
CA GLY NB 158 -48.36 71.43 96.62
C GLY NB 158 -49.60 70.96 95.87
N THR NB 159 -50.77 71.37 96.37
CA THR NB 159 -52.08 71.02 95.81
C THR NB 159 -52.99 72.25 95.80
N TYR NB 160 -53.90 72.30 94.82
CA TYR NB 160 -54.87 73.39 94.71
C TYR NB 160 -56.24 72.87 94.24
N PRO NB 161 -57.36 73.38 94.82
CA PRO NB 161 -58.68 72.91 94.38
C PRO NB 161 -59.08 73.37 92.98
N ILE NB 162 -59.97 72.63 92.33
CA ILE NB 162 -60.54 72.96 91.01
C ILE NB 162 -61.96 73.54 91.20
N ASP NB 163 -62.69 73.02 92.21
CA ASP NB 163 -64.04 73.44 92.58
C ASP NB 163 -64.06 74.27 93.88
N SER NB 164 -64.95 75.29 93.93
CA SER NB 164 -65.14 76.19 95.09
C SER NB 164 -66.62 76.63 95.22
N ALA NB 165 -66.89 77.70 96.01
CA ALA NB 165 -68.22 78.24 96.24
C ALA NB 165 -68.72 79.01 95.02
N ALA OB 2 -108.29 81.61 -17.47
CA ALA OB 2 -108.60 81.11 -18.81
C ALA OB 2 -110.09 80.97 -19.03
N SER OB 3 -110.57 81.23 -20.26
CA SER OB 3 -112.00 81.06 -20.54
C SER OB 3 -112.29 79.58 -20.83
N ILE OB 4 -113.02 78.95 -19.90
CA ILE OB 4 -113.36 77.53 -19.97
C ILE OB 4 -114.87 77.27 -20.01
N LYS OB 5 -115.27 76.19 -20.71
CA LYS OB 5 -116.66 75.80 -20.80
C LYS OB 5 -117.04 74.83 -19.68
N LYS OB 6 -118.31 74.88 -19.27
CA LYS OB 6 -118.84 74.05 -18.21
C LYS OB 6 -119.09 72.62 -18.68
N VAL OB 7 -118.65 71.64 -17.85
CA VAL OB 7 -118.79 70.21 -18.08
C VAL OB 7 -119.97 69.67 -17.25
N TYR OB 8 -120.92 69.00 -17.92
CA TYR OB 8 -122.11 68.46 -17.30
C TYR OB 8 -122.46 67.11 -17.91
N ARG OB 9 -123.30 66.34 -17.21
CA ARG OB 9 -123.79 65.04 -17.64
C ARG OB 9 -124.74 65.20 -18.83
N GLY OB 10 -124.50 64.39 -19.85
CA GLY OB 10 -125.27 64.38 -21.08
C GLY OB 10 -124.91 65.52 -22.00
N MET OB 11 -123.65 65.90 -21.98
CA MET OB 11 -123.13 67.00 -22.76
C MET OB 11 -122.92 66.62 -24.24
N LYS OB 12 -123.43 67.46 -25.17
CA LYS OB 12 -123.27 67.30 -26.63
C LYS OB 12 -121.78 67.57 -26.94
N ASN OB 13 -121.09 66.56 -27.52
CA ASN OB 13 -119.67 66.61 -27.83
C ASN OB 13 -118.82 67.02 -26.59
N GLY OB 14 -118.79 66.11 -25.61
CA GLY OB 14 -118.07 66.29 -24.35
C GLY OB 14 -116.57 66.09 -24.44
N ALA OB 15 -116.12 65.17 -25.29
CA ALA OB 15 -114.69 64.89 -25.46
C ALA OB 15 -113.91 66.11 -25.96
N GLU OB 16 -114.51 66.82 -26.93
CA GLU OB 16 -113.91 68.01 -27.51
C GLU OB 16 -113.88 69.14 -26.49
N THR OB 17 -114.95 69.26 -25.68
CA THR OB 17 -115.11 70.32 -24.66
C THR OB 17 -114.01 70.27 -23.61
N ILE OB 18 -113.73 69.07 -23.06
CA ILE OB 18 -112.69 68.89 -22.05
C ILE OB 18 -111.31 69.16 -22.62
N ASN OB 19 -111.06 68.62 -23.80
CA ASN OB 19 -109.80 68.81 -24.50
C ASN OB 19 -109.48 70.28 -24.70
N ASP OB 20 -110.49 71.05 -25.13
CA ASP OB 20 -110.35 72.49 -25.36
C ASP OB 20 -110.11 73.26 -24.06
N ASP OB 21 -110.74 72.78 -22.96
CA ASP OB 21 -110.59 73.38 -21.63
C ASP OB 21 -109.20 73.13 -21.07
N LEU OB 22 -108.69 71.91 -21.27
CA LEU OB 22 -107.36 71.53 -20.79
C LEU OB 22 -106.26 72.27 -21.56
N GLU OB 23 -106.48 72.45 -22.88
CA GLU OB 23 -105.54 73.15 -23.76
C GLU OB 23 -105.47 74.65 -23.45
N ALA OB 24 -106.64 75.24 -23.08
CA ALA OB 24 -106.77 76.64 -22.73
C ALA OB 24 -106.06 76.97 -21.43
N ILE OB 25 -106.13 76.03 -20.46
CA ILE OB 25 -105.48 76.14 -19.16
C ILE OB 25 -103.96 75.98 -19.33
N ASN OB 26 -103.54 74.94 -20.08
CA ASN OB 26 -102.14 74.65 -20.33
C ASN OB 26 -101.42 75.79 -21.11
N SER OB 27 -102.18 76.51 -21.97
CA SER OB 27 -101.66 77.64 -22.74
C SER OB 27 -101.26 78.78 -21.83
N GLU OB 28 -102.07 79.02 -20.77
CA GLU OB 28 -101.85 80.04 -19.76
C GLU OB 28 -100.73 79.68 -18.80
N LEU OB 29 -100.40 78.38 -18.68
CA LEU OB 29 -99.31 77.90 -17.82
C LEU OB 29 -97.91 78.20 -18.40
N THR OB 30 -97.85 78.46 -19.72
CA THR OB 30 -96.61 78.75 -20.44
C THR OB 30 -96.48 80.23 -20.82
N SER OB 31 -97.57 80.84 -21.33
CA SER OB 31 -97.59 82.23 -21.77
C SER OB 31 -98.94 82.92 -21.59
N GLY OB 32 -98.88 84.21 -21.28
CA GLY OB 32 -100.05 85.07 -21.12
C GLY OB 32 -100.86 84.82 -19.87
N GLY OB 33 -102.15 85.15 -19.95
CA GLY OB 33 -103.08 84.98 -18.86
C GLY OB 33 -102.90 85.99 -17.75
N ASN OB 34 -103.12 85.55 -16.52
CA ASN OB 34 -103.02 86.40 -15.35
C ASN OB 34 -101.90 85.96 -14.40
N VAL OB 35 -101.07 85.01 -14.87
CA VAL OB 35 -99.95 84.46 -14.08
C VAL OB 35 -98.58 84.91 -14.57
N VAL OB 36 -97.70 85.20 -13.62
CA VAL OB 36 -96.34 85.64 -13.91
C VAL OB 36 -95.49 84.44 -14.31
N HIS OB 37 -94.86 84.52 -15.48
CA HIS OB 37 -94.03 83.44 -16.04
C HIS OB 37 -92.53 83.68 -15.91
N LYS OB 38 -91.75 82.60 -16.01
CA LYS OB 38 -90.28 82.63 -15.96
C LYS OB 38 -89.69 83.11 -17.30
N THR OB 39 -90.53 83.20 -18.34
CA THR OB 39 -90.14 83.64 -19.68
C THR OB 39 -91.12 84.64 -20.26
N GLY OB 40 -90.58 85.64 -20.95
CA GLY OB 40 -91.34 86.68 -21.61
C GLY OB 40 -91.50 87.95 -20.81
N ASP OB 41 -91.84 89.04 -21.53
CA ASP OB 41 -92.06 90.37 -20.95
C ASP OB 41 -93.50 90.48 -20.51
N GLU OB 42 -93.71 90.70 -19.20
CA GLU OB 42 -95.05 90.79 -18.60
C GLU OB 42 -95.17 91.97 -17.63
N THR OB 43 -96.42 92.35 -17.32
CA THR OB 43 -96.70 93.42 -16.36
C THR OB 43 -97.48 92.86 -15.17
N ILE OB 44 -97.04 93.25 -13.96
CA ILE OB 44 -97.54 92.80 -12.67
C ILE OB 44 -98.13 93.97 -11.90
N ALA OB 45 -99.31 93.75 -11.31
CA ALA OB 45 -100.02 94.74 -10.49
C ALA OB 45 -100.31 94.20 -9.09
N GLY OB 46 -100.35 95.13 -8.13
CA GLY OB 46 -100.62 94.83 -6.74
C GLY OB 46 -99.38 94.86 -5.87
N LYS OB 47 -99.58 94.92 -4.54
CA LYS OB 47 -98.51 94.96 -3.54
C LYS OB 47 -97.85 93.58 -3.41
N LYS OB 48 -96.64 93.45 -3.97
CA LYS OB 48 -95.86 92.20 -3.97
C LYS OB 48 -94.77 92.24 -2.90
N THR OB 49 -94.96 91.46 -1.82
CA THR OB 49 -94.04 91.40 -0.68
C THR OB 49 -93.09 90.19 -0.80
N PHE OB 50 -91.81 90.46 -1.08
CA PHE OB 50 -90.78 89.44 -1.22
C PHE OB 50 -90.06 89.24 0.11
N THR OB 51 -90.38 88.13 0.80
CA THR OB 51 -89.77 87.80 2.09
C THR OB 51 -88.36 87.27 1.92
N GLY OB 52 -88.12 86.62 0.77
CA GLY OB 52 -86.82 86.07 0.44
C GLY OB 52 -85.86 87.07 -0.16
N ASN OB 53 -84.76 86.57 -0.73
CA ASN OB 53 -83.73 87.41 -1.36
C ASN OB 53 -84.01 87.61 -2.84
N VAL OB 54 -83.90 88.86 -3.30
CA VAL OB 54 -84.13 89.22 -4.70
C VAL OB 54 -82.80 89.54 -5.40
N GLU OB 55 -82.54 88.88 -6.52
CA GLU OB 55 -81.33 89.08 -7.30
C GLU OB 55 -81.71 89.58 -8.70
N VAL OB 56 -81.15 90.74 -9.09
CA VAL OB 56 -81.39 91.37 -10.39
C VAL OB 56 -80.07 91.40 -11.18
N ASN OB 57 -80.09 90.78 -12.37
CA ASN OB 57 -78.93 90.70 -13.27
C ASN OB 57 -78.97 91.83 -14.29
N GLY OB 58 -80.18 92.26 -14.67
CA GLY OB 58 -80.43 93.33 -15.62
C GLY OB 58 -80.37 94.72 -15.01
N SER OB 59 -81.27 95.61 -15.43
CA SER OB 59 -81.33 96.99 -14.94
C SER OB 59 -82.62 97.27 -14.20
N LEU OB 60 -82.53 98.00 -13.08
CA LEU OB 60 -83.69 98.37 -12.26
C LEU OB 60 -84.16 99.79 -12.61
N THR OB 61 -85.44 99.93 -12.95
CA THR OB 61 -86.05 101.21 -13.32
C THR OB 61 -87.04 101.68 -12.25
N LEU OB 62 -86.95 102.95 -11.87
CA LEU OB 62 -87.82 103.55 -10.85
C LEU OB 62 -88.49 104.83 -11.38
N PRO OB 63 -89.64 105.30 -10.78
CA PRO OB 63 -90.30 106.51 -11.31
C PRO OB 63 -89.39 107.72 -11.31
N THR OB 64 -89.32 108.42 -12.45
CA THR OB 64 -88.43 109.57 -12.63
C THR OB 64 -89.18 110.84 -13.03
N LYS OB 65 -88.85 111.95 -12.36
CA LYS OB 65 -89.41 113.28 -12.61
C LYS OB 65 -88.30 114.31 -12.42
N SER OB 66 -88.10 115.18 -13.42
CA SER OB 66 -87.06 116.20 -13.41
C SER OB 66 -87.60 117.61 -13.25
N TRP OB 67 -86.82 118.48 -12.61
CA TRP OB 67 -87.16 119.90 -12.38
C TRP OB 67 -85.89 120.73 -12.35
N SER OB 68 -85.94 121.92 -12.96
CA SER OB 68 -84.83 122.86 -13.00
C SER OB 68 -85.36 124.28 -12.98
N GLY OB 69 -84.72 125.13 -12.18
CA GLY OB 69 -85.10 126.54 -12.03
C GLY OB 69 -84.18 127.33 -11.14
N GLU OB 70 -84.13 128.65 -11.36
CA GLU OB 70 -83.31 129.59 -10.59
C GLU OB 70 -83.98 129.87 -9.24
N LEU OB 71 -83.32 129.45 -8.14
CA LEU OB 71 -83.84 129.63 -6.78
C LEU OB 71 -83.82 131.10 -6.33
N GLY OB 72 -82.74 131.80 -6.65
CA GLY OB 72 -82.55 133.20 -6.30
C GLY OB 72 -81.13 133.71 -6.50
N GLY OB 73 -81.00 134.74 -7.33
CA GLY OB 73 -79.73 135.40 -7.63
C GLY OB 73 -78.76 134.58 -8.48
N GLY OB 74 -79.28 134.05 -9.58
CA GLY OB 74 -78.51 133.26 -10.54
C GLY OB 74 -78.08 131.87 -10.09
N ILE OB 75 -78.71 131.34 -9.03
CA ILE OB 75 -78.41 130.00 -8.51
C ILE OB 75 -79.46 129.01 -9.02
N ILE OB 76 -79.08 128.20 -10.01
CA ILE OB 76 -79.98 127.22 -10.64
C ILE OB 76 -79.73 125.83 -10.05
N LEU OB 77 -80.81 125.21 -9.54
CA LEU OB 77 -80.77 123.88 -8.95
C LEU OB 77 -81.51 122.88 -9.84
N SER OB 78 -80.81 121.80 -10.22
CA SER OB 78 -81.36 120.72 -11.04
C SER OB 78 -81.72 119.54 -10.15
N LEU OB 79 -83.01 119.20 -10.10
CA LEU OB 79 -83.51 118.12 -9.26
C LEU OB 79 -84.09 116.99 -10.08
N ARG OB 80 -83.87 115.74 -9.63
CA ARG OB 80 -84.40 114.54 -10.26
C ARG OB 80 -84.75 113.51 -9.20
N LYS OB 81 -86.05 113.15 -9.13
CA LYS OB 81 -86.59 112.20 -8.16
C LYS OB 81 -86.50 110.77 -8.69
N LYS OB 82 -86.03 109.85 -7.83
CA LYS OB 82 -85.91 108.43 -8.12
C LYS OB 82 -86.45 107.62 -6.94
N GLY OB 83 -87.77 107.52 -6.89
CA GLY OB 83 -88.49 106.79 -5.86
C GLY OB 83 -88.57 107.54 -4.55
N THR OB 84 -87.64 107.22 -3.64
CA THR OB 84 -87.57 107.83 -2.30
C THR OB 84 -86.31 108.69 -2.11
N THR OB 85 -85.49 108.84 -3.16
CA THR OB 85 -84.25 109.62 -3.13
C THR OB 85 -84.23 110.62 -4.30
N VAL OB 86 -83.95 111.89 -3.99
CA VAL OB 86 -83.89 112.96 -4.99
C VAL OB 86 -82.43 113.39 -5.18
N GLU OB 87 -81.98 113.41 -6.44
CA GLU OB 87 -80.62 113.79 -6.83
C GLU OB 87 -80.58 115.28 -7.14
N TYR OB 88 -79.69 116.02 -6.46
CA TYR OB 88 -79.56 117.46 -6.64
C TYR OB 88 -78.27 117.83 -7.37
N SER OB 89 -78.29 118.96 -8.10
CA SER OB 89 -77.15 119.50 -8.84
C SER OB 89 -77.19 121.03 -8.81
N ILE OB 90 -76.17 121.65 -8.20
CA ILE OB 90 -76.07 123.10 -8.08
C ILE OB 90 -75.23 123.65 -9.24
N GLY OB 91 -75.78 124.65 -9.92
CA GLY OB 91 -75.12 125.29 -11.06
C GLY OB 91 -75.42 126.77 -11.18
N GLY OB 92 -74.94 127.36 -12.28
CA GLY OB 92 -75.11 128.79 -12.57
C GLY OB 92 -74.00 129.65 -12.01
N GLU OB 93 -74.29 130.96 -11.88
CA GLU OB 93 -73.37 131.98 -11.35
C GLU OB 93 -74.15 133.06 -10.59
N ILE OB 94 -73.64 133.47 -9.42
CA ILE OB 94 -74.26 134.49 -8.56
C ILE OB 94 -74.19 135.88 -9.20
N SER OB 95 -75.37 136.46 -9.51
CA SER OB 95 -75.50 137.77 -10.14
C SER OB 95 -75.82 138.87 -9.12
N SER OB 96 -76.92 138.72 -8.37
CA SER OB 96 -77.35 139.67 -7.34
C SER OB 96 -76.84 139.30 -5.95
N SER OB 97 -76.96 140.22 -4.98
CA SER OB 97 -76.50 140.01 -3.62
C SER OB 97 -77.53 139.25 -2.78
N ILE OB 98 -77.10 138.12 -2.22
CA ILE OB 98 -77.91 137.27 -1.34
C ILE OB 98 -77.38 137.41 0.09
N LEU OB 99 -78.25 137.87 0.99
CA LEU OB 99 -77.95 138.10 2.40
C LEU OB 99 -77.71 136.79 3.17
N ALA OB 100 -77.01 136.88 4.31
CA ALA OB 100 -76.72 135.72 5.17
C ALA OB 100 -78.01 135.31 5.91
N ASN OB 101 -78.32 134.00 5.92
CA ASN OB 101 -79.52 133.40 6.53
C ASN OB 101 -80.85 133.97 5.98
N SER OB 102 -80.88 134.22 4.66
CA SER OB 102 -82.04 134.77 3.96
C SER OB 102 -82.66 133.76 2.98
N ASN OB 103 -83.98 133.87 2.76
CA ASN OB 103 -84.74 132.99 1.89
C ASN OB 103 -84.67 133.42 0.42
N LEU OB 104 -84.45 132.45 -0.48
CA LEU OB 104 -84.40 132.67 -1.93
C LEU OB 104 -85.84 132.65 -2.44
N VAL OB 105 -86.34 133.82 -2.85
CA VAL OB 105 -87.74 134.02 -3.25
C VAL OB 105 -88.03 134.14 -4.78
N ASN OB 106 -87.06 133.79 -5.65
CA ASN OB 106 -87.25 133.85 -7.10
C ASN OB 106 -88.19 132.73 -7.59
N ARG OB 107 -87.90 131.48 -7.20
CA ARG OB 107 -88.69 130.29 -7.54
C ARG OB 107 -88.57 129.24 -6.44
N SER OB 108 -89.71 128.68 -6.02
CA SER OB 108 -89.79 127.68 -4.97
C SER OB 108 -89.78 126.25 -5.51
N VAL OB 109 -89.28 125.30 -4.69
CA VAL OB 109 -89.21 123.88 -5.04
C VAL OB 109 -90.61 123.24 -4.94
N PRO OB 110 -91.07 122.53 -6.02
CA PRO OB 110 -92.41 121.89 -5.97
C PRO OB 110 -92.57 120.87 -4.84
N ASN OB 111 -93.81 120.70 -4.36
CA ASN OB 111 -94.17 119.80 -3.25
C ASN OB 111 -93.77 118.33 -3.45
N GLU OB 112 -93.77 117.85 -4.70
CA GLU OB 112 -93.39 116.47 -5.05
C GLU OB 112 -91.89 116.19 -4.87
N PHE OB 113 -91.07 117.26 -4.73
CA PHE OB 113 -89.63 117.20 -4.52
C PHE OB 113 -89.27 117.61 -3.07
N CYS OB 114 -90.22 118.18 -2.34
CA CYS OB 114 -90.05 118.64 -0.96
C CYS OB 114 -89.96 117.47 0.04
N PRO OB 115 -88.91 117.40 0.88
CA PRO OB 115 -88.84 116.34 1.89
C PRO OB 115 -89.64 116.69 3.16
N ARG OB 116 -89.87 115.71 4.06
CA ARG OB 116 -90.59 115.96 5.32
C ARG OB 116 -89.72 116.72 6.31
N ASN OB 117 -88.45 116.31 6.44
CA ASN OB 117 -87.48 116.97 7.30
C ASN OB 117 -86.57 117.91 6.48
N ARG OB 118 -85.98 118.91 7.14
CA ARG OB 118 -85.08 119.89 6.50
C ARG OB 118 -83.77 119.23 6.09
N CYS OB 119 -83.42 119.33 4.80
CA CYS OB 119 -82.19 118.73 4.24
C CYS OB 119 -81.19 119.80 3.83
N SER OB 120 -79.91 119.58 4.18
CA SER OB 120 -78.80 120.49 3.88
C SER OB 120 -78.00 120.01 2.67
N LEU OB 121 -77.82 120.90 1.68
CA LEU OB 121 -77.07 120.56 0.47
C LEU OB 121 -75.71 121.25 0.47
N VAL OB 122 -74.65 120.51 0.82
CA VAL OB 122 -73.29 121.03 0.90
C VAL OB 122 -72.72 121.30 -0.51
N GLY OB 123 -72.23 122.51 -0.72
CA GLY OB 123 -71.65 122.97 -1.98
C GLY OB 123 -70.29 123.64 -1.83
N HIS OB 124 -69.62 123.89 -2.96
CA HIS OB 124 -68.29 124.52 -2.99
C HIS OB 124 -68.24 125.64 -4.03
N MET OB 125 -67.60 126.76 -3.66
CA MET OB 125 -67.44 127.93 -4.52
C MET OB 125 -66.18 127.82 -5.35
N VAL OB 126 -66.29 128.05 -6.67
CA VAL OB 126 -65.18 127.98 -7.61
C VAL OB 126 -64.22 129.16 -7.38
N GLY OB 127 -62.94 128.82 -7.18
CA GLY OB 127 -61.89 129.81 -6.97
C GLY OB 127 -61.20 129.67 -5.63
N GLY OB 128 -61.99 129.68 -4.56
CA GLY OB 128 -61.48 129.57 -3.20
C GLY OB 128 -61.89 128.30 -2.48
N TRP OB 129 -61.55 128.23 -1.17
CA TRP OB 129 -61.86 127.12 -0.26
C TRP OB 129 -63.25 127.33 0.37
N ASN OB 130 -64.03 128.25 -0.20
CA ASN OB 130 -65.37 128.64 0.25
C ASN OB 130 -66.42 127.53 0.09
N ALA OB 131 -67.21 127.32 1.16
CA ALA OB 131 -68.27 126.31 1.22
C ALA OB 131 -69.61 126.93 1.59
N PHE OB 132 -70.72 126.31 1.16
CA PHE OB 132 -72.08 126.79 1.43
C PHE OB 132 -73.07 125.65 1.51
N HIS OB 133 -74.20 125.87 2.20
CA HIS OB 133 -75.27 124.90 2.29
C HIS OB 133 -76.64 125.56 2.18
N ILE OB 134 -77.55 124.95 1.39
CA ILE OB 134 -78.91 125.46 1.18
C ILE OB 134 -79.89 124.48 1.80
N ASP OB 135 -80.73 124.96 2.73
CA ASP OB 135 -81.71 124.13 3.41
C ASP OB 135 -83.03 124.09 2.64
N ILE OB 136 -83.59 122.88 2.45
CA ILE OB 136 -84.86 122.70 1.77
C ILE OB 136 -85.95 122.32 2.78
N PRO OB 137 -86.83 123.27 3.17
CA PRO OB 137 -87.91 122.95 4.12
C PRO OB 137 -89.07 122.24 3.41
N SER OB 138 -90.10 121.84 4.19
CA SER OB 138 -91.29 121.17 3.65
C SER OB 138 -92.16 122.13 2.82
N SER OB 139 -92.00 123.46 3.04
CA SER OB 139 -92.72 124.52 2.35
C SER OB 139 -92.34 124.64 0.88
N GLY OB 140 -91.05 124.70 0.60
CA GLY OB 140 -90.53 124.82 -0.77
C GLY OB 140 -89.54 125.94 -0.97
N VAL OB 141 -89.66 127.02 -0.17
CA VAL OB 141 -88.78 128.20 -0.24
C VAL OB 141 -87.42 127.87 0.37
N CYS OB 142 -86.41 127.73 -0.51
CA CYS OB 142 -85.03 127.42 -0.12
C CYS OB 142 -84.37 128.59 0.60
N GLN OB 143 -83.57 128.29 1.62
CA GLN OB 143 -82.89 129.29 2.42
C GLN OB 143 -81.36 129.17 2.34
N TRP OB 144 -80.69 130.26 1.94
CA TRP OB 144 -79.22 130.34 1.84
C TRP OB 144 -78.67 130.52 3.26
N PHE OB 145 -78.02 129.48 3.80
CA PHE OB 145 -77.45 129.48 5.14
C PHE OB 145 -75.98 129.92 5.25
N GLY OB 146 -75.38 130.26 4.11
CA GLY OB 146 -74.01 130.75 4.05
C GLY OB 146 -73.93 132.24 4.34
N PRO OB 147 -72.73 132.87 4.20
CA PRO OB 147 -72.63 134.31 4.46
C PRO OB 147 -73.10 135.18 3.28
N THR OB 148 -73.09 136.51 3.45
CA THR OB 148 -73.52 137.45 2.40
C THR OB 148 -72.53 137.42 1.22
N ALA OB 149 -73.03 137.10 0.02
CA ALA OB 149 -72.24 137.02 -1.20
C ALA OB 149 -72.97 137.68 -2.38
N SER OB 150 -72.21 138.27 -3.31
CA SER OB 150 -72.74 138.95 -4.50
C SER OB 150 -72.20 138.34 -5.80
N SER OB 151 -71.02 137.70 -5.74
CA SER OB 151 -70.37 137.07 -6.90
C SER OB 151 -69.75 135.72 -6.54
N GLY OB 152 -69.64 134.83 -7.53
CA GLY OB 152 -69.07 133.50 -7.39
C GLY OB 152 -69.82 132.42 -8.15
N THR OB 153 -69.15 131.27 -8.36
CA THR OB 153 -69.75 130.13 -9.07
C THR OB 153 -70.14 128.99 -8.10
N PRO OB 154 -71.47 128.77 -7.87
CA PRO OB 154 -71.87 127.68 -6.97
C PRO OB 154 -71.89 126.31 -7.66
N ARG OB 155 -71.33 125.28 -7.00
CA ARG OB 155 -71.27 123.92 -7.52
C ARG OB 155 -71.50 122.90 -6.40
N GLY OB 156 -72.13 121.77 -6.73
CA GLY OB 156 -72.42 120.69 -5.78
C GLY OB 156 -73.42 119.69 -6.31
N THR OB 157 -73.05 118.39 -6.27
CA THR OB 157 -73.89 117.27 -6.75
C THR OB 157 -73.89 116.13 -5.72
N GLY OB 158 -75.09 115.63 -5.42
CA GLY OB 158 -75.31 114.54 -4.49
C GLY OB 158 -76.75 114.03 -4.47
N THR OB 159 -77.17 113.47 -3.32
CA THR OB 159 -78.51 112.94 -3.11
C THR OB 159 -79.05 113.34 -1.75
N TYR OB 160 -80.37 113.50 -1.64
CA TYR OB 160 -81.02 113.84 -0.37
C TYR OB 160 -82.33 113.06 -0.17
N PRO OB 161 -82.64 112.57 1.05
CA PRO OB 161 -83.89 111.82 1.26
C PRO OB 161 -85.14 112.70 1.18
N ILE OB 162 -86.29 112.06 0.92
CA ILE OB 162 -87.59 112.73 0.82
C ILE OB 162 -88.58 112.30 1.93
N ASP OB 163 -88.35 111.11 2.52
CA ASP OB 163 -89.20 110.54 3.58
C ASP OB 163 -88.44 110.27 4.88
N SER OB 164 -89.16 110.20 6.01
CA SER OB 164 -88.60 109.92 7.34
C SER OB 164 -89.49 108.97 8.14
N ALA PB 2 -103.84 73.42 -6.13
CA ALA PB 2 -105.28 73.30 -5.96
C ALA PB 2 -105.67 71.89 -5.51
N SER PB 3 -106.67 71.80 -4.64
CA SER PB 3 -107.17 70.51 -4.17
C SER PB 3 -108.11 69.92 -5.23
N ILE PB 4 -107.67 68.80 -5.83
CA ILE PB 4 -108.41 68.11 -6.88
C ILE PB 4 -108.73 66.66 -6.53
N LYS PB 5 -109.86 66.16 -7.05
CA LYS PB 5 -110.27 64.77 -6.82
C LYS PB 5 -109.81 63.89 -7.97
N LYS PB 6 -109.53 62.62 -7.67
CA LYS PB 6 -109.07 61.67 -8.68
C LYS PB 6 -110.20 61.22 -9.60
N VAL PB 7 -109.87 61.09 -10.90
CA VAL PB 7 -110.77 60.63 -11.96
C VAL PB 7 -110.39 59.19 -12.35
N TYR PB 8 -111.36 58.28 -12.27
CA TYR PB 8 -111.17 56.86 -12.58
C TYR PB 8 -112.36 56.29 -13.35
N ARG PB 9 -112.20 55.11 -13.95
CA ARG PB 9 -113.25 54.44 -14.70
C ARG PB 9 -114.31 53.90 -13.75
N GLY PB 10 -115.56 54.12 -14.12
CA GLY PB 10 -116.75 53.71 -13.36
C GLY PB 10 -116.96 54.56 -12.13
N MET PB 11 -116.66 55.83 -12.25
CA MET PB 11 -116.78 56.80 -11.18
C MET PB 11 -118.15 57.41 -11.14
N LYS PB 12 -118.74 57.50 -9.95
CA LYS PB 12 -120.04 58.15 -9.77
C LYS PB 12 -119.82 59.66 -9.80
N ASN PB 13 -120.68 60.38 -10.55
CA ASN PB 13 -120.62 61.83 -10.77
C ASN PB 13 -119.31 62.24 -11.43
N GLY PB 14 -119.04 61.61 -12.57
CA GLY PB 14 -117.84 61.84 -13.36
C GLY PB 14 -117.75 63.23 -13.94
N ALA PB 15 -118.81 63.64 -14.65
CA ALA PB 15 -118.88 64.96 -15.28
C ALA PB 15 -118.81 66.10 -14.25
N GLU PB 16 -119.38 65.86 -13.06
CA GLU PB 16 -119.41 66.80 -11.94
C GLU PB 16 -118.00 67.01 -11.39
N THR PB 17 -117.26 65.89 -11.20
CA THR PB 17 -115.89 65.87 -10.66
C THR PB 17 -114.94 66.60 -11.58
N ILE PB 18 -114.99 66.31 -12.89
CA ILE PB 18 -114.13 66.93 -13.90
C ILE PB 18 -114.32 68.45 -13.91
N ASN PB 19 -115.59 68.88 -13.96
CA ASN PB 19 -115.94 70.29 -13.96
C ASN PB 19 -115.41 71.01 -12.71
N ASP PB 20 -115.59 70.40 -11.53
CA ASP PB 20 -115.13 70.95 -10.25
C ASP PB 20 -113.62 71.03 -10.18
N ASP PB 21 -112.93 70.06 -10.82
CA ASP PB 21 -111.47 70.01 -10.88
C ASP PB 21 -110.93 71.07 -11.82
N LEU PB 22 -111.62 71.25 -12.96
CA LEU PB 22 -111.22 72.27 -13.93
C LEU PB 22 -111.44 73.69 -13.40
N GLU PB 23 -112.54 73.88 -12.66
CA GLU PB 23 -112.90 75.17 -12.07
C GLU PB 23 -111.94 75.56 -10.92
N ALA PB 24 -111.48 74.54 -10.14
CA ALA PB 24 -110.55 74.72 -9.03
C ALA PB 24 -109.17 75.12 -9.53
N ILE PB 25 -108.78 74.57 -10.68
CA ILE PB 25 -107.52 74.86 -11.35
C ILE PB 25 -107.58 76.25 -11.97
N ASN PB 26 -108.67 76.55 -12.70
CA ASN PB 26 -108.87 77.85 -13.34
C ASN PB 26 -108.96 79.00 -12.32
N SER PB 27 -109.46 78.71 -11.09
CA SER PB 27 -109.56 79.69 -10.00
C SER PB 27 -108.19 80.14 -9.55
N GLU PB 28 -107.22 79.20 -9.50
CA GLU PB 28 -105.85 79.49 -9.13
C GLU PB 28 -105.09 80.22 -10.23
N LEU PB 29 -105.57 80.18 -11.48
CA LEU PB 29 -104.96 80.87 -12.62
C LEU PB 29 -105.22 82.38 -12.59
N THR PB 30 -106.28 82.79 -11.87
CA THR PB 30 -106.70 84.20 -11.73
C THR PB 30 -106.32 84.80 -10.38
N SER PB 31 -106.57 84.06 -9.27
CA SER PB 31 -106.31 84.52 -7.90
C SER PB 31 -106.00 83.41 -6.91
N GLY PB 32 -105.14 83.73 -5.94
CA GLY PB 32 -104.77 82.85 -4.84
C GLY PB 32 -103.87 81.69 -5.20
N GLY PB 33 -103.85 80.69 -4.33
CA GLY PB 33 -103.02 79.49 -4.49
C GLY PB 33 -101.56 79.74 -4.16
N ASN PB 34 -100.67 78.91 -4.73
CA ASN PB 34 -99.22 79.06 -4.51
C ASN PB 34 -98.53 79.56 -5.79
N VAL PB 35 -99.19 80.52 -6.48
CA VAL PB 35 -98.73 81.09 -7.75
C VAL PB 35 -98.82 82.63 -7.77
N VAL PB 36 -97.75 83.27 -8.27
CA VAL PB 36 -97.65 84.73 -8.41
C VAL PB 36 -98.50 85.17 -9.61
N HIS PB 37 -99.37 86.16 -9.36
CA HIS PB 37 -100.30 86.73 -10.35
C HIS PB 37 -99.95 88.14 -10.80
N LYS PB 38 -100.57 88.56 -11.91
CA LYS PB 38 -100.43 89.88 -12.50
C LYS PB 38 -101.38 90.88 -11.82
N THR PB 39 -102.20 90.38 -10.88
CA THR PB 39 -103.17 91.17 -10.14
C THR PB 39 -103.28 90.71 -8.70
N GLY PB 40 -103.54 91.67 -7.81
CA GLY PB 40 -103.74 91.44 -6.38
C GLY PB 40 -102.48 91.50 -5.54
N ASP PB 41 -102.68 91.68 -4.21
CA ASP PB 41 -101.61 91.75 -3.22
C ASP PB 41 -101.23 90.36 -2.75
N GLU PB 42 -99.98 89.95 -2.99
CA GLU PB 42 -99.49 88.62 -2.66
C GLU PB 42 -98.12 88.65 -2.00
N THR PB 43 -97.83 87.62 -1.17
CA THR PB 43 -96.54 87.44 -0.47
C THR PB 43 -95.74 86.34 -1.17
N ILE PB 44 -94.48 86.66 -1.52
CA ILE PB 44 -93.57 85.77 -2.24
C ILE PB 44 -92.35 85.41 -1.37
N ALA PB 45 -92.04 84.12 -1.30
CA ALA PB 45 -90.93 83.58 -0.53
C ALA PB 45 -89.98 82.81 -1.43
N GLY PB 46 -88.69 82.84 -1.09
CA GLY PB 46 -87.65 82.15 -1.83
C GLY PB 46 -86.74 83.08 -2.60
N LYS PB 47 -85.55 82.58 -2.95
CA LYS PB 47 -84.52 83.31 -3.70
C LYS PB 47 -84.91 83.41 -5.19
N LYS PB 48 -85.40 84.60 -5.60
CA LYS PB 48 -85.83 84.89 -6.95
C LYS PB 48 -84.74 85.62 -7.73
N THR PB 49 -84.31 85.01 -8.86
CA THR PB 49 -83.26 85.56 -9.70
C THR PB 49 -83.84 86.10 -11.01
N PHE PB 50 -83.80 87.43 -11.17
CA PHE PB 50 -84.30 88.08 -12.37
C PHE PB 50 -83.16 88.37 -13.33
N THR PB 51 -83.04 87.56 -14.39
CA THR PB 51 -82.00 87.70 -15.41
C THR PB 51 -82.26 88.89 -16.34
N GLY PB 52 -83.54 89.17 -16.56
CA GLY PB 52 -83.99 90.29 -17.39
C GLY PB 52 -84.02 91.63 -16.64
N ASN PB 53 -84.49 92.69 -17.32
CA ASN PB 53 -84.59 94.02 -16.75
C ASN PB 53 -85.90 94.20 -15.97
N VAL PB 54 -85.81 94.76 -14.75
CA VAL PB 54 -86.97 94.96 -13.86
C VAL PB 54 -87.36 96.46 -13.82
N GLU PB 55 -88.66 96.77 -13.96
CA GLU PB 55 -89.16 98.14 -13.92
C GLU PB 55 -90.20 98.22 -12.81
N VAL PB 56 -90.11 99.26 -12.00
CA VAL PB 56 -91.04 99.49 -10.89
C VAL PB 56 -91.72 100.84 -11.12
N ASN PB 57 -93.07 100.85 -11.13
CA ASN PB 57 -93.88 102.05 -11.33
C ASN PB 57 -94.34 102.63 -9.99
N GLY PB 58 -94.49 101.77 -8.99
CA GLY PB 58 -94.90 102.18 -7.66
C GLY PB 58 -93.71 102.55 -6.79
N SER PB 59 -93.74 102.11 -5.52
CA SER PB 59 -92.69 102.38 -4.54
C SER PB 59 -91.95 101.12 -4.12
N LEU PB 60 -90.62 101.19 -4.08
CA LEU PB 60 -89.78 100.06 -3.68
C LEU PB 60 -89.42 100.25 -2.21
N THR PB 61 -89.91 99.36 -1.34
CA THR PB 61 -89.61 99.44 0.09
C THR PB 61 -88.63 98.38 0.51
N LEU PB 62 -87.56 98.80 1.14
CA LEU PB 62 -86.44 97.99 1.59
C LEU PB 62 -86.38 97.99 3.13
N PRO PB 63 -85.64 97.06 3.78
CA PRO PB 63 -85.56 97.10 5.26
C PRO PB 63 -85.00 98.44 5.79
N THR PB 64 -85.77 99.10 6.67
CA THR PB 64 -85.44 100.41 7.23
C THR PB 64 -85.18 100.37 8.74
N LYS PB 65 -84.09 101.03 9.15
CA LYS PB 65 -83.68 101.16 10.55
C LYS PB 65 -83.14 102.59 10.77
N SER PB 66 -83.66 103.27 11.80
CA SER PB 66 -83.27 104.63 12.12
C SER PB 66 -82.56 104.75 13.48
N TRP PB 67 -81.62 105.70 13.56
CA TRP PB 67 -80.82 105.99 14.76
C TRP PB 67 -80.39 107.46 14.77
N SER PB 68 -80.44 108.07 15.96
CA SER PB 68 -80.03 109.46 16.17
C SER PB 68 -79.40 109.60 17.56
N GLY PB 69 -78.28 110.32 17.63
CA GLY PB 69 -77.56 110.55 18.87
C GLY PB 69 -76.50 111.63 18.77
N GLU PB 70 -76.20 112.26 19.91
CA GLU PB 70 -75.20 113.32 20.04
C GLU PB 70 -73.81 112.70 20.12
N LEU PB 71 -73.09 112.66 18.98
CA LEU PB 71 -71.75 112.08 18.85
C LEU PB 71 -70.71 112.64 19.84
N GLY PB 72 -70.72 113.96 20.02
CA GLY PB 72 -69.81 114.65 20.92
C GLY PB 72 -69.72 116.14 20.66
N GLY PB 73 -69.69 116.91 21.75
CA GLY PB 73 -69.58 118.36 21.69
C GLY PB 73 -70.84 119.10 21.28
N GLY PB 74 -71.92 118.37 21.07
CA GLY PB 74 -73.21 118.93 20.68
C GLY PB 74 -73.61 118.67 19.24
N ILE PB 75 -72.89 117.75 18.56
CA ILE PB 75 -73.15 117.38 17.17
C ILE PB 75 -74.02 116.13 17.13
N ILE PB 76 -75.26 116.27 16.65
CA ILE PB 76 -76.24 115.19 16.56
C ILE PB 76 -76.30 114.69 15.12
N LEU PB 77 -76.06 113.39 14.93
CA LEU PB 77 -76.12 112.74 13.62
C LEU PB 77 -77.34 111.84 13.52
N SER PB 78 -78.17 112.10 12.49
CA SER PB 78 -79.38 111.33 12.22
C SER PB 78 -79.11 110.36 11.07
N LEU PB 79 -79.21 109.06 11.35
CA LEU PB 79 -78.95 108.00 10.38
C LEU PB 79 -80.21 107.20 10.05
N ARG PB 80 -80.34 106.79 8.77
CA ARG PB 80 -81.46 106.00 8.28
C ARG PB 80 -80.95 105.02 7.22
N LYS PB 81 -80.94 103.72 7.59
CA LYS PB 81 -80.46 102.63 6.74
C LYS PB 81 -81.56 102.13 5.81
N LYS PB 82 -81.22 101.98 4.52
CA LYS PB 82 -82.12 101.46 3.49
C LYS PB 82 -81.36 100.49 2.58
N GLY PB 83 -81.44 99.20 2.93
CA GLY PB 83 -80.75 98.14 2.21
C GLY PB 83 -79.26 98.15 2.46
N THR PB 84 -78.50 98.66 1.47
CA THR PB 84 -77.03 98.73 1.53
C THR PB 84 -76.50 100.18 1.50
N THR PB 85 -77.40 101.16 1.72
CA THR PB 85 -77.06 102.59 1.74
C THR PB 85 -77.67 103.26 2.97
N VAL PB 86 -76.84 104.00 3.72
CA VAL PB 86 -77.25 104.72 4.92
C VAL PB 86 -77.27 106.23 4.63
N GLU PB 87 -78.41 106.88 4.92
CA GLU PB 87 -78.60 108.30 4.71
C GLU PB 87 -78.27 109.06 5.99
N TYR PB 88 -77.29 109.98 5.92
CA TYR PB 88 -76.85 110.76 7.07
C TYR PB 88 -77.40 112.18 7.08
N SER PB 89 -77.58 112.75 8.29
CA SER PB 89 -78.05 114.12 8.49
C SER PB 89 -77.37 114.73 9.71
N ILE PB 90 -76.52 115.74 9.48
CA ILE PB 90 -75.77 116.44 10.52
C ILE PB 90 -76.60 117.62 11.04
N GLY PB 91 -76.73 117.70 12.36
CA GLY PB 91 -77.47 118.76 13.03
C GLY PB 91 -76.99 119.03 14.45
N GLY PB 92 -77.60 120.03 15.08
CA GLY PB 92 -77.26 120.42 16.44
C GLY PB 92 -76.47 121.71 16.51
N GLU PB 93 -75.85 121.94 17.67
CA GLU PB 93 -75.05 123.14 17.95
C GLU PB 93 -73.86 122.77 18.80
N ILE PB 94 -72.66 123.26 18.42
CA ILE PB 94 -71.42 123.01 19.15
C ILE PB 94 -71.42 123.77 20.48
N SER PB 95 -71.41 123.03 21.60
CA SER PB 95 -71.44 123.56 22.96
C SER PB 95 -70.04 123.62 23.57
N SER PB 96 -69.32 122.48 23.58
CA SER PB 96 -67.96 122.36 24.13
C SER PB 96 -66.89 122.41 23.04
N SER PB 97 -65.67 122.81 23.43
CA SER PB 97 -64.53 122.91 22.51
C SER PB 97 -64.06 121.54 22.06
N ILE PB 98 -64.09 121.32 20.73
CA ILE PB 98 -63.66 120.07 20.11
C ILE PB 98 -62.32 120.32 19.41
N LEU PB 99 -61.30 119.52 19.78
CA LEU PB 99 -59.95 119.60 19.25
C LEU PB 99 -59.87 119.11 17.80
N ALA PB 100 -58.85 119.54 17.05
CA ALA PB 100 -58.62 119.11 15.68
C ALA PB 100 -58.08 117.68 15.66
N ASN PB 101 -58.65 116.83 14.77
CA ASN PB 101 -58.32 115.41 14.60
C ASN PB 101 -58.52 114.59 15.91
N SER PB 102 -59.63 114.88 16.61
CA SER PB 102 -59.99 114.25 17.88
C SER PB 102 -61.22 113.35 17.77
N ASN PB 103 -61.31 112.34 18.64
CA ASN PB 103 -62.41 111.38 18.70
C ASN PB 103 -63.61 111.91 19.48
N LEU PB 104 -64.82 111.60 19.00
CA LEU PB 104 -66.09 111.97 19.63
C LEU PB 104 -66.53 110.76 20.46
N VAL PB 105 -66.45 110.90 21.80
CA VAL PB 105 -66.73 109.81 22.75
C VAL PB 105 -68.04 109.87 23.53
N ASN PB 106 -68.94 110.82 23.21
CA ASN PB 106 -70.24 110.97 23.90
C ASN PB 106 -71.21 109.84 23.54
N ARG PB 107 -71.38 109.57 22.22
CA ARG PB 107 -72.23 108.49 21.72
C ARG PB 107 -71.56 107.86 20.50
N SER PB 108 -71.48 106.52 20.47
CA SER PB 108 -70.85 105.76 19.39
C SER PB 108 -71.89 105.25 18.38
N VAL PB 109 -71.49 105.15 17.10
CA VAL PB 109 -72.35 104.68 16.01
C VAL PB 109 -72.57 103.16 16.12
N PRO PB 110 -73.83 102.66 16.16
CA PRO PB 110 -74.06 101.21 16.27
C PRO PB 110 -73.45 100.41 15.12
N ASN PB 111 -73.04 99.16 15.40
CA ASN PB 111 -72.38 98.26 14.44
C ASN PB 111 -73.17 97.99 13.16
N GLU PB 112 -74.52 98.02 13.23
CA GLU PB 112 -75.41 97.81 12.08
C GLU PB 112 -75.40 98.98 11.08
N PHE PB 113 -74.86 100.14 11.50
CA PHE PB 113 -74.73 101.37 10.71
C PHE PB 113 -73.27 101.62 10.29
N CYS PB 114 -72.32 100.89 10.92
CA CYS PB 114 -70.88 101.01 10.65
C CYS PB 114 -70.50 100.47 9.26
N PRO PB 115 -69.80 101.28 8.42
CA PRO PB 115 -69.40 100.79 7.10
C PRO PB 115 -68.12 99.94 7.12
N ARG PB 116 -67.89 99.17 6.04
CA ARG PB 116 -66.69 98.32 5.89
C ARG PB 116 -65.45 99.18 5.65
N ASN PB 117 -65.59 100.24 4.81
CA ASN PB 117 -64.56 101.21 4.48
C ASN PB 117 -64.79 102.56 5.21
N ARG PB 118 -63.71 103.31 5.47
CA ARG PB 118 -63.80 104.61 6.16
C ARG PB 118 -64.43 105.68 5.26
N CYS PB 119 -65.63 106.16 5.65
CA CYS PB 119 -66.38 107.16 4.88
C CYS PB 119 -66.30 108.54 5.49
N SER PB 120 -66.19 109.57 4.63
CA SER PB 120 -66.09 110.98 5.01
C SER PB 120 -67.40 111.72 4.75
N LEU PB 121 -67.94 112.39 5.79
CA LEU PB 121 -69.19 113.12 5.66
C LEU PB 121 -68.92 114.62 5.58
N VAL PB 122 -68.94 115.17 4.35
CA VAL PB 122 -68.71 116.59 4.11
C VAL PB 122 -69.89 117.43 4.60
N GLY PB 123 -69.59 118.42 5.45
CA GLY PB 123 -70.57 119.32 6.04
C GLY PB 123 -70.20 120.79 5.91
N HIS PB 124 -71.15 121.68 6.28
CA HIS PB 124 -70.96 123.14 6.23
C HIS PB 124 -71.40 123.81 7.53
N MET PB 125 -70.61 124.80 7.96
CA MET PB 125 -70.85 125.58 9.18
C MET PB 125 -71.65 126.84 8.86
N VAL PB 126 -72.76 127.04 9.58
CA VAL PB 126 -73.65 128.20 9.39
C VAL PB 126 -72.98 129.46 9.92
N GLY PB 127 -72.87 130.47 9.05
CA GLY PB 127 -72.26 131.74 9.38
C GLY PB 127 -71.25 132.22 8.35
N GLY PB 128 -70.29 131.35 8.01
CA GLY PB 128 -69.26 131.67 7.04
C GLY PB 128 -69.08 130.63 5.96
N TRP PB 129 -67.91 130.64 5.31
CA TRP PB 129 -67.51 129.73 4.23
C TRP PB 129 -66.78 128.50 4.82
N ASN PB 130 -67.03 128.20 6.11
CA ASN PB 130 -66.38 127.12 6.84
C ASN PB 130 -66.91 125.73 6.50
N ALA PB 131 -66.01 124.77 6.26
CA ALA PB 131 -66.32 123.38 5.92
C ALA PB 131 -65.68 122.38 6.88
N PHE PB 132 -66.31 121.22 7.07
CA PHE PB 132 -65.83 120.15 7.95
C PHE PB 132 -66.22 118.77 7.44
N HIS PB 133 -65.51 117.73 7.89
CA HIS PB 133 -65.82 116.35 7.54
C HIS PB 133 -65.61 115.44 8.74
N ILE PB 134 -66.55 114.50 8.94
CA ILE PB 134 -66.49 113.54 10.04
C ILE PB 134 -66.31 112.14 9.47
N ASP PB 135 -65.27 111.44 9.91
CA ASP PB 135 -64.96 110.09 9.45
C ASP PB 135 -65.62 109.03 10.31
N ILE PB 136 -66.22 108.00 9.66
CA ILE PB 136 -66.86 106.88 10.35
C ILE PB 136 -66.03 105.60 10.09
N PRO PB 137 -65.32 105.07 11.12
CA PRO PB 137 -64.55 103.85 10.91
C PRO PB 137 -65.40 102.60 11.10
N SER PB 138 -64.77 101.42 11.01
CA SER PB 138 -65.46 100.15 11.19
C SER PB 138 -65.83 99.91 12.67
N SER PB 139 -65.11 100.58 13.60
CA SER PB 139 -65.34 100.49 15.05
C SER PB 139 -66.62 101.20 15.48
N GLY PB 140 -66.76 102.47 15.06
CA GLY PB 140 -67.93 103.28 15.38
C GLY PB 140 -67.62 104.62 16.01
N VAL PB 141 -66.38 104.78 16.54
CA VAL PB 141 -65.94 106.02 17.18
C VAL PB 141 -65.57 107.07 16.12
N CYS PB 142 -66.48 108.04 15.92
CA CYS PB 142 -66.33 109.12 14.93
C CYS PB 142 -65.23 110.09 15.29
N GLN PB 143 -64.59 110.68 14.27
CA GLN PB 143 -63.50 111.62 14.45
C GLN PB 143 -63.76 112.95 13.75
N TRP PB 144 -63.52 114.07 14.47
CA TRP PB 144 -63.68 115.42 13.94
C TRP PB 144 -62.39 115.79 13.21
N PHE PB 145 -62.42 115.71 11.87
CA PHE PB 145 -61.26 115.98 11.02
C PHE PB 145 -61.05 117.45 10.64
N GLY PB 146 -61.92 118.32 11.14
CA GLY PB 146 -61.82 119.77 10.93
C GLY PB 146 -60.89 120.42 11.95
N PRO PB 147 -60.77 121.78 11.95
CA PRO PB 147 -59.90 122.42 12.94
C PRO PB 147 -60.56 122.57 14.32
N THR PB 148 -59.82 123.07 15.32
CA THR PB 148 -60.33 123.26 16.67
C THR PB 148 -61.47 124.30 16.69
N ALA PB 149 -62.69 123.87 17.08
CA ALA PB 149 -63.87 124.73 17.13
C ALA PB 149 -64.58 124.60 18.48
N SER PB 150 -65.10 125.73 18.99
CA SER PB 150 -65.80 125.80 20.28
C SER PB 150 -67.28 126.11 20.11
N SER PB 151 -67.64 126.85 19.05
CA SER PB 151 -69.02 127.24 18.75
C SER PB 151 -69.31 127.22 17.25
N GLY PB 152 -70.57 126.96 16.89
CA GLY PB 152 -71.03 126.93 15.51
C GLY PB 152 -72.17 125.95 15.28
N THR PB 153 -72.80 126.06 14.09
CA THR PB 153 -73.92 125.20 13.71
C THR PB 153 -73.51 124.19 12.61
N PRO PB 154 -73.36 122.88 12.94
CA PRO PB 154 -73.01 121.89 11.91
C PRO PB 154 -74.23 121.41 11.11
N ARG PB 155 -74.12 121.42 9.77
CA ARG PB 155 -75.19 121.00 8.85
C ARG PB 155 -74.60 120.19 7.68
N GLY PB 156 -75.38 119.23 7.17
CA GLY PB 156 -74.98 118.38 6.05
C GLY PB 156 -75.84 117.13 5.92
N THR PB 157 -76.40 116.93 4.71
CA THR PB 157 -77.26 115.78 4.41
C THR PB 157 -76.83 115.11 3.10
N GLY PB 158 -76.73 113.78 3.14
CA GLY PB 158 -76.33 112.96 2.00
C GLY PB 158 -76.48 111.47 2.24
N THR PB 159 -75.68 110.67 1.52
CA THR PB 159 -75.67 109.20 1.60
C THR PB 159 -74.24 108.68 1.64
N TYR PB 160 -74.04 107.52 2.27
CA TYR PB 160 -72.73 106.86 2.34
C TYR PB 160 -72.86 105.33 2.24
N PRO PB 161 -71.96 104.64 1.51
CA PRO PB 161 -72.06 103.17 1.40
C PRO PB 161 -71.69 102.45 2.70
N ILE PB 162 -72.23 101.24 2.89
CA ILE PB 162 -71.97 100.40 4.07
C ILE PB 162 -71.07 99.19 3.73
N ASP PB 163 -71.09 98.74 2.46
CA ASP PB 163 -70.32 97.60 1.96
C ASP PB 163 -69.27 98.04 0.91
N SER PB 164 -68.10 97.36 0.89
CA SER PB 164 -67.01 97.65 -0.07
C SER PB 164 -66.02 96.49 -0.14
N ALA QB 2 -97.14 72.36 -19.21
CA ALA QB 2 -97.21 70.96 -18.84
C ALA QB 2 -97.44 70.07 -20.06
N SER QB 3 -96.83 68.88 -20.07
CA SER QB 3 -97.01 67.94 -21.17
C SER QB 3 -98.33 67.19 -21.01
N ILE QB 4 -99.33 67.55 -21.82
CA ILE QB 4 -100.66 66.94 -21.75
C ILE QB 4 -101.04 66.15 -23.01
N LYS QB 5 -101.88 65.12 -22.86
CA LYS QB 5 -102.34 64.27 -23.96
C LYS QB 5 -103.68 64.72 -24.51
N LYS QB 6 -103.90 64.49 -25.81
CA LYS QB 6 -105.12 64.90 -26.50
C LYS QB 6 -106.30 64.00 -26.13
N VAL QB 7 -107.44 64.62 -25.85
CA VAL QB 7 -108.71 63.97 -25.52
C VAL QB 7 -109.65 64.01 -26.76
N TYR QB 8 -110.08 62.84 -27.23
CA TYR QB 8 -110.94 62.70 -28.41
C TYR QB 8 -112.09 61.75 -28.17
N ARG QB 9 -113.06 61.71 -29.08
CA ARG QB 9 -114.20 60.81 -28.90
C ARG QB 9 -113.81 59.41 -29.22
N GLY QB 10 -114.33 58.50 -28.41
CA GLY QB 10 -114.07 57.06 -28.55
C GLY QB 10 -112.64 56.70 -28.19
N MET QB 11 -112.16 57.31 -27.12
CA MET QB 11 -110.80 57.14 -26.66
C MET QB 11 -110.68 56.00 -25.64
N LYS QB 12 -109.71 55.11 -25.84
CA LYS QB 12 -109.40 54.01 -24.92
C LYS QB 12 -108.66 54.65 -23.74
N ASN QB 13 -109.15 54.42 -22.49
CA ASN QB 13 -108.60 55.03 -21.25
C ASN QB 13 -108.97 56.48 -21.05
N GLY QB 14 -110.22 56.83 -21.38
CA GLY QB 14 -110.66 58.19 -21.23
C GLY QB 14 -110.40 58.85 -19.88
N ALA QB 15 -110.92 58.22 -18.83
CA ALA QB 15 -110.80 58.74 -17.46
C ALA QB 15 -109.36 58.85 -16.97
N GLU QB 16 -108.53 57.87 -17.35
CA GLU QB 16 -107.13 57.82 -16.97
C GLU QB 16 -106.36 58.97 -17.61
N THR QB 17 -106.65 59.27 -18.89
CA THR QB 17 -106.02 60.35 -19.65
C THR QB 17 -106.34 61.70 -19.03
N ILE QB 18 -107.61 61.94 -18.72
CA ILE QB 18 -108.06 63.19 -18.11
C ILE QB 18 -107.40 63.38 -16.74
N ASN QB 19 -107.41 62.34 -15.91
CA ASN QB 19 -106.80 62.39 -14.57
C ASN QB 19 -105.33 62.72 -14.63
N ASP QB 20 -104.59 62.08 -15.55
CA ASP QB 20 -103.15 62.29 -15.73
C ASP QB 20 -102.85 63.69 -16.23
N ASP QB 21 -103.74 64.24 -17.06
CA ASP QB 21 -103.62 65.60 -17.59
C ASP QB 21 -103.86 66.64 -16.51
N LEU QB 22 -104.88 66.39 -15.66
CA LEU QB 22 -105.24 67.28 -14.55
C LEU QB 22 -104.15 67.30 -13.48
N GLU QB 23 -103.57 66.13 -13.19
CA GLU QB 23 -102.51 66.00 -12.19
C GLU QB 23 -101.23 66.69 -12.64
N ALA QB 24 -100.94 66.65 -13.96
CA ALA QB 24 -99.78 67.27 -14.59
C ALA QB 24 -99.85 68.78 -14.52
N ILE QB 25 -101.06 69.30 -14.72
CA ILE QB 25 -101.36 70.73 -14.67
C ILE QB 25 -101.30 71.22 -13.22
N ASN QB 26 -101.94 70.47 -12.29
CA ASN QB 26 -101.96 70.80 -10.86
C ASN QB 26 -100.57 70.81 -10.22
N SER QB 27 -99.67 69.95 -10.72
CA SER QB 27 -98.28 69.85 -10.25
C SER QB 27 -97.52 71.13 -10.57
N GLU QB 28 -97.78 71.70 -11.74
CA GLU QB 28 -97.17 72.96 -12.19
C GLU QB 28 -97.72 74.18 -11.46
N LEU QB 29 -98.88 74.03 -10.80
CA LEU QB 29 -99.51 75.11 -10.03
C LEU QB 29 -98.86 75.30 -8.66
N THR QB 30 -98.12 74.29 -8.20
CA THR QB 30 -97.44 74.29 -6.90
C THR QB 30 -95.93 74.42 -7.03
N SER QB 31 -95.31 73.67 -7.94
CA SER QB 31 -93.86 73.67 -8.14
C SER QB 31 -93.44 73.44 -9.59
N GLY QB 32 -92.34 74.09 -9.97
CA GLY QB 32 -91.73 73.94 -11.29
C GLY QB 32 -92.48 74.57 -12.43
N GLY QB 33 -92.34 73.98 -13.62
CA GLY QB 33 -92.96 74.47 -14.85
C GLY QB 33 -92.32 75.77 -15.34
N ASN QB 34 -93.12 76.59 -16.02
CA ASN QB 34 -92.66 77.87 -16.57
C ASN QB 34 -93.29 79.03 -15.79
N VAL QB 35 -94.10 78.72 -14.78
CA VAL QB 35 -94.79 79.70 -13.96
C VAL QB 35 -94.04 80.03 -12.66
N VAL QB 36 -94.13 81.30 -12.21
CA VAL QB 36 -93.51 81.79 -10.98
C VAL QB 36 -94.43 81.48 -9.78
N HIS QB 37 -93.86 80.84 -8.74
CA HIS QB 37 -94.59 80.42 -7.53
C HIS QB 37 -94.30 81.30 -6.33
N LYS QB 38 -95.15 81.20 -5.31
CA LYS QB 38 -95.02 81.94 -4.06
C LYS QB 38 -93.93 81.35 -3.14
N THR QB 39 -93.53 80.10 -3.40
CA THR QB 39 -92.50 79.40 -2.63
C THR QB 39 -91.48 78.72 -3.52
N GLY QB 40 -90.22 78.74 -3.06
CA GLY QB 40 -89.10 78.11 -3.74
C GLY QB 40 -88.20 79.07 -4.51
N ASP QB 41 -86.95 78.64 -4.72
CA ASP QB 41 -85.93 79.38 -5.47
C ASP QB 41 -86.15 79.16 -6.96
N GLU QB 42 -86.46 80.26 -7.69
CA GLU QB 42 -86.74 80.23 -9.12
C GLU QB 42 -85.98 81.32 -9.88
N THR QB 43 -85.71 81.07 -11.18
CA THR QB 43 -85.04 82.01 -12.07
C THR QB 43 -86.06 82.54 -13.07
N ILE QB 44 -86.15 83.88 -13.17
CA ILE QB 44 -87.10 84.60 -14.03
C ILE QB 44 -86.36 85.39 -15.11
N ALA QB 45 -86.83 85.27 -16.36
CA ALA QB 45 -86.27 85.95 -17.52
C ALA QB 45 -87.34 86.79 -18.20
N GLY QB 46 -86.93 87.96 -18.71
CA GLY QB 46 -87.83 88.87 -19.40
C GLY QB 46 -88.02 90.20 -18.70
N LYS QB 47 -88.47 91.21 -19.46
CA LYS QB 47 -88.72 92.56 -18.96
C LYS QB 47 -90.01 92.59 -18.12
N LYS QB 48 -89.85 92.58 -16.78
CA LYS QB 48 -90.96 92.59 -15.84
C LYS QB 48 -91.24 93.99 -15.31
N THR QB 49 -92.48 94.47 -15.51
CA THR QB 49 -92.89 95.79 -15.06
C THR QB 49 -93.87 95.66 -13.89
N PHE QB 50 -93.57 96.35 -12.79
CA PHE QB 50 -94.40 96.29 -11.59
C PHE QB 50 -95.18 97.59 -11.39
N THR QB 51 -96.49 97.57 -11.72
CA THR QB 51 -97.32 98.77 -11.59
C THR QB 51 -97.65 99.11 -10.14
N GLY QB 52 -97.68 98.08 -9.29
CA GLY QB 52 -97.95 98.24 -7.86
C GLY QB 52 -96.73 98.58 -7.04
N ASN QB 53 -96.83 98.42 -5.72
CA ASN QB 53 -95.74 98.71 -4.79
C ASN QB 53 -94.97 97.44 -4.42
N VAL QB 54 -93.66 97.44 -4.69
CA VAL QB 54 -92.77 96.31 -4.41
C VAL QB 54 -92.18 96.44 -3.01
N GLU QB 55 -92.24 95.35 -2.22
CA GLU QB 55 -91.69 95.32 -0.87
C GLU QB 55 -90.67 94.17 -0.79
N VAL QB 56 -89.45 94.49 -0.34
CA VAL QB 56 -88.36 93.52 -0.18
C VAL QB 56 -87.99 93.45 1.31
N ASN QB 57 -87.98 92.23 1.86
CA ASN QB 57 -87.66 91.98 3.26
C ASN QB 57 -86.25 91.39 3.40
N GLY QB 58 -85.82 90.67 2.36
CA GLY QB 58 -84.51 90.05 2.30
C GLY QB 58 -83.44 91.01 1.81
N SER QB 59 -82.64 90.56 0.84
CA SER QB 59 -81.54 91.35 0.27
C SER QB 59 -81.71 91.54 -1.23
N LEU QB 60 -81.47 92.77 -1.71
CA LEU QB 60 -81.52 93.13 -3.13
C LEU QB 60 -80.10 93.28 -3.66
N THR QB 61 -79.74 92.54 -4.73
CA THR QB 61 -78.40 92.62 -5.32
C THR QB 61 -78.43 93.24 -6.72
N LEU QB 62 -77.50 94.16 -7.00
CA LEU QB 62 -77.44 94.84 -8.30
C LEU QB 62 -76.08 94.65 -8.98
N PRO QB 63 -75.97 94.77 -10.34
CA PRO QB 63 -74.65 94.66 -10.98
C PRO QB 63 -73.65 95.72 -10.46
N THR QB 64 -72.52 95.21 -9.96
CA THR QB 64 -71.46 96.00 -9.33
C THR QB 64 -70.15 95.96 -10.09
N LYS QB 65 -69.52 97.14 -10.23
CA LYS QB 65 -68.22 97.33 -10.86
C LYS QB 65 -67.42 98.34 -10.04
N SER QB 66 -66.19 97.97 -9.66
CA SER QB 66 -65.32 98.82 -8.84
C SER QB 66 -64.11 99.33 -9.61
N TRP QB 67 -63.66 100.55 -9.26
CA TRP QB 67 -62.51 101.20 -9.86
C TRP QB 67 -61.82 102.13 -8.87
N SER QB 68 -60.49 102.16 -8.89
CA SER QB 68 -59.67 103.02 -8.03
C SER QB 68 -58.37 103.41 -8.74
N GLY QB 69 -58.01 104.67 -8.64
CA GLY QB 69 -56.81 105.22 -9.27
C GLY QB 69 -56.53 106.66 -8.93
N GLU QB 70 -55.25 107.06 -9.00
CA GLU QB 70 -54.76 108.42 -8.71
C GLU QB 70 -55.06 109.32 -9.91
N LEU QB 71 -56.04 110.24 -9.75
CA LEU QB 71 -56.47 111.17 -10.80
C LEU QB 71 -55.40 112.17 -11.23
N GLY QB 72 -54.66 112.69 -10.24
CA GLY QB 72 -53.60 113.66 -10.47
C GLY QB 72 -53.19 114.41 -9.23
N GLY QB 73 -51.88 114.55 -9.03
CA GLY QB 73 -51.31 115.28 -7.90
C GLY QB 73 -51.26 114.51 -6.59
N GLY QB 74 -51.74 113.27 -6.60
CA GLY QB 74 -51.77 112.41 -5.43
C GLY QB 74 -53.16 112.16 -4.88
N ILE QB 75 -54.21 112.56 -5.62
CA ILE QB 75 -55.60 112.38 -5.22
C ILE QB 75 -56.15 111.09 -5.82
N ILE QB 76 -56.47 110.12 -4.95
CA ILE QB 76 -57.00 108.82 -5.35
C ILE QB 76 -58.51 108.80 -5.14
N LEU QB 77 -59.25 108.48 -6.21
CA LEU QB 77 -60.70 108.40 -6.19
C LEU QB 77 -61.15 106.93 -6.31
N SER QB 78 -61.99 106.49 -5.36
CA SER QB 78 -62.54 105.14 -5.33
C SER QB 78 -64.00 105.18 -5.79
N LEU QB 79 -64.26 104.54 -6.93
CA LEU QB 79 -65.60 104.50 -7.53
C LEU QB 79 -66.18 103.09 -7.52
N ARG QB 80 -67.49 103.01 -7.22
CA ARG QB 80 -68.24 101.76 -7.19
C ARG QB 80 -69.65 101.97 -7.74
N LYS QB 81 -69.94 101.35 -8.89
CA LYS QB 81 -71.22 101.44 -9.59
C LYS QB 81 -72.24 100.45 -9.04
N LYS QB 82 -73.47 100.92 -8.78
CA LYS QB 82 -74.59 100.11 -8.30
C LYS QB 82 -75.88 100.49 -9.06
N GLY QB 83 -76.09 99.81 -10.18
CA GLY QB 83 -77.23 100.11 -11.05
C GLY QB 83 -77.05 101.38 -11.85
N THR QB 84 -77.77 102.45 -11.47
CA THR QB 84 -77.75 103.77 -12.12
C THR QB 84 -77.12 104.88 -11.23
N THR QB 85 -76.49 104.46 -10.12
CA THR QB 85 -75.84 105.36 -9.16
C THR QB 85 -74.42 104.89 -8.84
N VAL QB 86 -73.44 105.82 -8.94
CA VAL QB 86 -72.03 105.54 -8.68
C VAL QB 86 -71.62 106.19 -7.36
N GLU QB 87 -71.04 105.38 -6.45
CA GLU QB 87 -70.59 105.82 -5.13
C GLU QB 87 -69.12 106.23 -5.21
N TYR QB 88 -68.81 107.47 -4.80
CA TYR QB 88 -67.45 108.01 -4.86
C TYR QB 88 -66.81 108.10 -3.48
N SER QB 89 -65.46 108.01 -3.43
CA SER QB 89 -64.67 108.13 -2.20
C SER QB 89 -63.33 108.81 -2.51
N ILE QB 90 -63.13 110.01 -1.97
CA ILE QB 90 -61.91 110.80 -2.17
C ILE QB 90 -60.92 110.48 -1.04
N GLY QB 91 -59.68 110.21 -1.43
CA GLY QB 91 -58.61 109.88 -0.50
C GLY QB 91 -57.22 110.14 -1.04
N GLY QB 92 -56.22 109.91 -0.20
CA GLY QB 92 -54.82 110.10 -0.56
C GLY QB 92 -54.20 111.33 0.09
N GLU QB 93 -53.17 111.88 -0.58
CA GLU QB 93 -52.43 113.06 -0.13
C GLU QB 93 -51.86 113.82 -1.33
N ILE QB 94 -52.05 115.16 -1.35
CA ILE QB 94 -51.55 116.02 -2.42
C ILE QB 94 -50.01 116.15 -2.28
N SER QB 95 -49.28 115.59 -3.27
CA SER QB 95 -47.81 115.59 -3.33
C SER QB 95 -47.28 116.73 -4.20
N SER QB 96 -47.74 116.82 -5.46
CA SER QB 96 -47.34 117.86 -6.42
C SER QB 96 -48.35 119.01 -6.48
N SER QB 97 -47.88 120.20 -6.90
CA SER QB 97 -48.71 121.40 -7.00
C SER QB 97 -49.75 121.28 -8.12
N ILE QB 98 -51.03 121.45 -7.76
CA ILE QB 98 -52.17 121.41 -8.68
C ILE QB 98 -52.70 122.83 -8.85
N LEU QB 99 -52.74 123.31 -10.10
CA LEU QB 99 -53.21 124.65 -10.46
C LEU QB 99 -54.72 124.79 -10.30
N ALA QB 100 -55.20 126.05 -10.13
CA ALA QB 100 -56.63 126.35 -9.99
C ALA QB 100 -57.30 126.25 -11.37
N ASN QB 101 -58.46 125.56 -11.42
CA ASN QB 101 -59.25 125.31 -12.64
C ASN QB 101 -58.44 124.58 -13.74
N SER QB 102 -57.62 123.60 -13.31
CA SER QB 102 -56.76 122.79 -14.19
C SER QB 102 -57.22 121.34 -14.28
N ASN QB 103 -56.85 120.67 -15.39
CA ASN QB 103 -57.19 119.28 -15.67
C ASN QB 103 -56.23 118.29 -15.04
N LEU QB 104 -56.76 117.20 -14.45
CA LEU QB 104 -55.99 116.12 -13.84
C LEU QB 104 -55.66 115.12 -14.94
N VAL QB 105 -54.36 115.03 -15.29
CA VAL QB 105 -53.86 114.23 -16.40
C VAL QB 105 -53.19 112.87 -16.08
N ASN QB 106 -53.09 112.50 -14.78
CA ASN QB 106 -52.45 111.24 -14.38
C ASN QB 106 -53.25 110.02 -14.80
N ARG QB 107 -54.54 109.97 -14.40
CA ARG QB 107 -55.46 108.88 -14.73
C ARG QB 107 -56.86 109.44 -15.01
N SER QB 108 -57.48 108.97 -16.10
CA SER QB 108 -58.81 109.38 -16.52
C SER QB 108 -59.87 108.36 -16.08
N VAL QB 109 -61.07 108.85 -15.74
CA VAL QB 109 -62.20 108.02 -15.30
C VAL QB 109 -62.74 107.20 -16.50
N PRO QB 110 -62.87 105.85 -16.37
CA PRO QB 110 -63.39 105.03 -17.48
C PRO QB 110 -64.80 105.42 -17.90
N ASN QB 111 -65.12 105.25 -19.20
CA ASN QB 111 -66.41 105.62 -19.79
C ASN QB 111 -67.64 104.99 -19.13
N GLU QB 112 -67.50 103.77 -18.57
CA GLU QB 112 -68.58 103.06 -17.87
C GLU QB 112 -68.96 103.69 -16.52
N PHE QB 113 -68.08 104.57 -15.98
CA PHE QB 113 -68.26 105.32 -14.74
C PHE QB 113 -68.56 106.79 -15.01
N CYS QB 114 -68.34 107.24 -16.26
CA CYS QB 114 -68.57 108.62 -16.71
C CYS QB 114 -70.05 108.98 -16.79
N PRO QB 115 -70.48 110.10 -16.15
CA PRO QB 115 -71.89 110.50 -16.24
C PRO QB 115 -72.20 111.28 -17.52
N ARG QB 116 -73.50 111.39 -17.86
CA ARG QB 116 -73.98 112.11 -19.04
C ARG QB 116 -73.78 113.62 -18.88
N ASN QB 117 -74.00 114.13 -17.64
CA ASN QB 117 -73.84 115.54 -17.26
C ASN QB 117 -72.64 115.76 -16.33
N ARG QB 118 -72.17 117.01 -16.20
CA ARG QB 118 -71.04 117.38 -15.32
C ARG QB 118 -71.48 117.32 -13.84
N CYS QB 119 -70.79 116.46 -13.05
CA CYS QB 119 -71.08 116.27 -11.63
C CYS QB 119 -69.99 116.83 -10.74
N SER QB 120 -70.38 117.59 -9.70
CA SER QB 120 -69.47 118.22 -8.74
C SER QB 120 -69.38 117.41 -7.45
N LEU QB 121 -68.18 116.94 -7.09
CA LEU QB 121 -67.99 116.15 -5.88
C LEU QB 121 -67.34 116.99 -4.79
N VAL QB 122 -68.16 117.47 -3.85
CA VAL QB 122 -67.71 118.34 -2.75
C VAL QB 122 -66.90 117.53 -1.73
N GLY QB 123 -65.74 118.07 -1.37
CA GLY QB 123 -64.81 117.48 -0.41
C GLY QB 123 -64.32 118.47 0.63
N HIS QB 124 -63.59 117.96 1.65
CA HIS QB 124 -63.05 118.77 2.74
C HIS QB 124 -61.58 118.43 3.01
N MET QB 125 -60.77 119.49 3.21
CA MET QB 125 -59.35 119.38 3.49
C MET QB 125 -59.10 119.24 4.99
N VAL QB 126 -58.33 118.21 5.37
CA VAL QB 126 -58.02 117.92 6.78
C VAL QB 126 -57.11 119.00 7.37
N GLY QB 127 -57.55 119.61 8.46
CA GLY QB 127 -56.77 120.63 9.16
C GLY QB 127 -57.40 121.99 9.27
N GLY QB 128 -58.20 122.36 8.27
CA GLY QB 128 -58.86 123.66 8.24
C GLY QB 128 -60.30 123.64 7.77
N TRP QB 129 -60.86 124.84 7.52
CA TRP QB 129 -62.23 125.03 7.03
C TRP QB 129 -62.22 125.11 5.49
N ASN QB 130 -61.30 124.35 4.86
CA ASN QB 130 -61.12 124.34 3.42
C ASN QB 130 -61.99 123.31 2.69
N ALA QB 131 -62.63 123.74 1.59
CA ALA QB 131 -63.49 122.90 0.75
C ALA QB 131 -63.04 122.91 -0.70
N PHE QB 132 -63.36 121.83 -1.44
CA PHE QB 132 -63.00 121.67 -2.85
C PHE QB 132 -64.02 120.82 -3.60
N HIS QB 133 -64.12 121.01 -4.92
CA HIS QB 133 -65.00 120.22 -5.76
C HIS QB 133 -64.29 119.80 -7.06
N ILE QB 134 -64.53 118.55 -7.50
CA ILE QB 134 -63.94 118.00 -8.72
C ILE QB 134 -65.06 117.72 -9.72
N ASP QB 135 -64.93 118.27 -10.93
CA ASP QB 135 -65.92 118.09 -11.99
C ASP QB 135 -65.54 116.94 -12.92
N ILE QB 136 -66.50 116.04 -13.20
CA ILE QB 136 -66.30 114.87 -14.06
C ILE QB 136 -67.21 114.97 -15.28
N PRO QB 137 -66.62 115.16 -16.50
CA PRO QB 137 -67.45 115.25 -17.71
C PRO QB 137 -67.67 113.88 -18.35
N SER QB 138 -68.23 113.87 -19.56
CA SER QB 138 -68.48 112.63 -20.31
C SER QB 138 -67.17 112.02 -20.86
N SER QB 139 -66.12 112.85 -21.00
CA SER QB 139 -64.81 112.45 -21.51
C SER QB 139 -64.03 111.60 -20.50
N GLY QB 140 -63.95 112.05 -19.26
CA GLY QB 140 -63.26 111.36 -18.19
C GLY QB 140 -62.16 112.15 -17.52
N VAL QB 141 -61.69 113.23 -18.18
CA VAL QB 141 -60.63 114.10 -17.67
C VAL QB 141 -61.19 115.01 -16.57
N CYS QB 142 -60.84 114.70 -15.31
CA CYS QB 142 -61.28 115.43 -14.13
C CYS QB 142 -60.65 116.81 -14.03
N GLN QB 143 -61.35 117.74 -13.38
CA GLN QB 143 -60.86 119.11 -13.21
C GLN QB 143 -60.92 119.57 -11.75
N TRP QB 144 -59.78 120.02 -11.22
CA TRP QB 144 -59.68 120.55 -9.86
C TRP QB 144 -60.14 122.02 -9.90
N PHE QB 145 -61.32 122.30 -9.34
CA PHE QB 145 -61.89 123.65 -9.33
C PHE QB 145 -61.61 124.48 -8.06
N GLY QB 146 -60.76 123.95 -7.20
CA GLY QB 146 -60.33 124.64 -5.99
C GLY QB 146 -59.14 125.56 -6.27
N PRO QB 147 -58.54 126.18 -5.22
CA PRO QB 147 -57.38 127.06 -5.45
C PRO QB 147 -56.09 126.28 -5.72
N THR QB 148 -55.01 126.99 -6.08
CA THR QB 148 -53.71 126.36 -6.33
C THR QB 148 -53.14 125.78 -5.02
N ALA QB 149 -53.21 124.44 -4.88
CA ALA QB 149 -52.74 123.74 -3.69
C ALA QB 149 -51.60 122.78 -4.02
N SER QB 150 -50.64 122.65 -3.09
CA SER QB 150 -49.46 121.78 -3.24
C SER QB 150 -49.43 120.66 -2.20
N SER QB 151 -50.06 120.91 -1.03
CA SER QB 151 -50.12 119.97 0.10
C SER QB 151 -51.49 119.98 0.76
N GLY QB 152 -51.85 118.83 1.35
CA GLY QB 152 -53.11 118.67 2.05
C GLY QB 152 -53.73 117.31 1.87
N THR QB 153 -54.65 116.95 2.77
CA THR QB 153 -55.36 115.66 2.74
C THR QB 153 -56.78 115.80 2.17
N PRO QB 154 -57.05 115.25 0.95
CA PRO QB 154 -58.40 115.35 0.39
C PRO QB 154 -59.30 114.20 0.87
N ARG QB 155 -60.51 114.54 1.35
CA ARG QB 155 -61.48 113.56 1.84
C ARG QB 155 -62.90 113.91 1.38
N GLY QB 156 -63.75 112.89 1.16
CA GLY QB 156 -65.13 113.07 0.74
C GLY QB 156 -65.76 111.80 0.21
N THR QB 157 -66.94 111.45 0.74
CA THR QB 157 -67.68 110.25 0.35
C THR QB 157 -69.17 110.57 0.15
N GLY QB 158 -69.72 110.06 -0.95
CA GLY QB 158 -71.11 110.26 -1.33
C GLY QB 158 -71.53 109.46 -2.55
N THR QB 159 -72.54 109.98 -3.25
CA THR QB 159 -73.10 109.36 -4.47
C THR QB 159 -73.35 110.42 -5.54
N TYR QB 160 -73.25 110.01 -6.80
CA TYR QB 160 -73.51 110.89 -7.94
C TYR QB 160 -74.23 110.14 -9.07
N PRO QB 161 -75.21 110.79 -9.75
CA PRO QB 161 -75.92 110.11 -10.85
C PRO QB 161 -75.07 109.89 -12.10
N ILE QB 162 -75.39 108.86 -12.89
CA ILE QB 162 -74.69 108.54 -14.13
C ILE QB 162 -75.52 108.90 -15.39
N ASP QB 163 -76.85 108.89 -15.25
CA ASP QB 163 -77.81 109.21 -16.31
C ASP QB 163 -78.52 110.55 -16.07
N SER QB 164 -79.00 111.20 -17.16
CA SER QB 164 -79.75 112.47 -17.10
C SER QB 164 -80.88 112.50 -18.12
N ALA RB 2 -37.05 43.36 -128.77
CA ALA RB 2 -36.59 42.18 -129.51
C ALA RB 2 -37.61 41.76 -130.58
N SER RB 3 -37.11 41.29 -131.74
CA SER RB 3 -37.97 40.85 -132.82
C SER RB 3 -38.50 39.45 -132.54
N ILE RB 4 -39.81 39.34 -132.28
CA ILE RB 4 -40.46 38.07 -131.94
C ILE RB 4 -41.60 37.68 -132.88
N LYS RB 5 -41.80 36.36 -133.06
CA LYS RB 5 -42.88 35.80 -133.89
C LYS RB 5 -44.12 35.56 -133.05
N LYS RB 6 -45.29 35.67 -133.69
CA LYS RB 6 -46.59 35.48 -133.03
C LYS RB 6 -46.92 33.99 -132.84
N VAL RB 7 -47.34 33.63 -131.61
CA VAL RB 7 -47.76 32.27 -131.19
C VAL RB 7 -49.28 32.14 -131.37
N TYR RB 8 -49.74 31.05 -132.01
CA TYR RB 8 -51.16 30.85 -132.28
C TYR RB 8 -51.48 29.37 -132.28
N ARG RB 9 -52.78 29.05 -132.19
CA ARG RB 9 -53.29 27.68 -132.20
C ARG RB 9 -53.22 27.09 -133.61
N GLY RB 10 -52.65 25.89 -133.68
CA GLY RB 10 -52.45 25.16 -134.93
C GLY RB 10 -51.28 25.71 -135.71
N MET RB 11 -50.24 26.10 -134.98
CA MET RB 11 -49.02 26.65 -135.53
C MET RB 11 -48.10 25.51 -135.93
N LYS RB 12 -47.56 25.55 -137.17
CA LYS RB 12 -46.63 24.52 -137.64
C LYS RB 12 -45.25 24.80 -137.02
N ASN RB 13 -44.69 23.76 -136.36
CA ASN RB 13 -43.44 23.82 -135.60
C ASN RB 13 -43.48 24.97 -134.57
N GLY RB 14 -44.34 24.77 -133.57
CA GLY RB 14 -44.58 25.71 -132.49
C GLY RB 14 -43.49 25.73 -131.43
N ALA RB 15 -42.94 24.55 -131.15
CA ALA RB 15 -41.89 24.38 -130.15
C ALA RB 15 -40.62 25.20 -130.49
N GLU RB 16 -40.23 25.21 -131.77
CA GLU RB 16 -39.06 25.94 -132.24
C GLU RB 16 -39.32 27.44 -132.18
N THR RB 17 -40.56 27.86 -132.52
CA THR RB 17 -41.00 29.26 -132.56
C THR RB 17 -40.88 29.92 -131.17
N ILE RB 18 -41.43 29.25 -130.13
CA ILE RB 18 -41.40 29.72 -128.74
C ILE RB 18 -39.95 29.79 -128.25
N ASN RB 19 -39.15 28.73 -128.53
CA ASN RB 19 -37.75 28.66 -128.13
C ASN RB 19 -36.92 29.82 -128.70
N ASP RB 20 -37.14 30.15 -129.98
CA ASP RB 20 -36.45 31.25 -130.66
C ASP RB 20 -36.86 32.61 -130.09
N ASP RB 21 -38.14 32.73 -129.69
CA ASP RB 21 -38.69 33.95 -129.10
C ASP RB 21 -38.12 34.17 -127.70
N LEU RB 22 -38.00 33.09 -126.92
CA LEU RB 22 -37.47 33.13 -125.56
C LEU RB 22 -35.96 33.47 -125.57
N GLU RB 23 -35.23 32.92 -126.55
CA GLU RB 23 -33.79 33.14 -126.71
C GLU RB 23 -33.47 34.57 -127.15
N ALA RB 24 -34.35 35.15 -128.00
CA ALA RB 24 -34.22 36.51 -128.51
C ALA RB 24 -34.43 37.55 -127.40
N ILE RB 25 -35.38 37.25 -126.50
CA ILE RB 25 -35.71 38.09 -125.35
C ILE RB 25 -34.58 38.01 -124.32
N ASN RB 26 -34.13 36.77 -124.00
CA ASN RB 26 -33.06 36.53 -123.04
C ASN RB 26 -31.72 37.15 -123.45
N SER RB 27 -31.46 37.25 -124.78
CA SER RB 27 -30.25 37.86 -125.34
C SER RB 27 -30.19 39.36 -125.01
N GLU RB 28 -31.36 40.02 -125.09
CA GLU RB 28 -31.52 41.44 -124.78
C GLU RB 28 -31.44 41.73 -123.29
N LEU RB 29 -31.71 40.72 -122.44
CA LEU RB 29 -31.65 40.86 -120.97
C LEU RB 29 -30.22 40.91 -120.44
N THR RB 30 -29.25 40.45 -121.25
CA THR RB 30 -27.82 40.42 -120.89
C THR RB 30 -27.00 41.50 -121.61
N SER RB 31 -27.24 41.67 -122.93
CA SER RB 31 -26.52 42.63 -123.77
C SER RB 31 -27.35 43.21 -124.90
N GLY RB 32 -27.09 44.47 -125.23
CA GLY RB 32 -27.73 45.19 -126.33
C GLY RB 32 -29.19 45.54 -126.11
N GLY RB 33 -29.93 45.64 -127.22
CA GLY RB 33 -31.35 46.00 -127.21
C GLY RB 33 -31.58 47.46 -126.90
N ASN RB 34 -32.66 47.76 -126.17
CA ASN RB 34 -33.02 49.13 -125.79
C ASN RB 34 -33.02 49.33 -124.27
N VAL RB 35 -32.40 48.38 -123.54
CA VAL RB 35 -32.34 48.42 -122.07
C VAL RB 35 -30.92 48.68 -121.54
N VAL RB 36 -30.84 49.40 -120.42
CA VAL RB 36 -29.59 49.74 -119.77
C VAL RB 36 -29.14 48.56 -118.89
N HIS RB 37 -27.92 48.05 -119.13
CA HIS RB 37 -27.35 46.92 -118.41
C HIS RB 37 -26.34 47.30 -117.34
N LYS RB 38 -26.09 46.37 -116.41
CA LYS RB 38 -25.13 46.51 -115.31
C LYS RB 38 -23.70 46.27 -115.81
N THR RB 39 -23.56 45.77 -117.05
CA THR RB 39 -22.27 45.48 -117.68
C THR RB 39 -22.23 45.98 -119.11
N GLY RB 40 -21.08 46.51 -119.50
CA GLY RB 40 -20.83 47.02 -120.85
C GLY RB 40 -21.03 48.51 -121.00
N ASP RB 41 -20.43 49.07 -122.06
CA ASP RB 41 -20.50 50.49 -122.40
C ASP RB 41 -21.73 50.72 -123.27
N GLU RB 42 -22.66 51.56 -122.77
CA GLU RB 42 -23.92 51.86 -123.45
C GLU RB 42 -24.23 53.37 -123.47
N THR RB 43 -25.02 53.80 -124.48
CA THR RB 43 -25.46 55.19 -124.66
C THR RB 43 -26.93 55.30 -124.28
N ILE RB 44 -27.25 56.25 -123.39
CA ILE RB 44 -28.60 56.50 -122.87
C ILE RB 44 -29.09 57.88 -123.29
N ALA RB 45 -30.34 57.94 -123.77
CA ALA RB 45 -31.01 59.16 -124.22
C ALA RB 45 -32.31 59.37 -123.45
N GLY RB 46 -32.65 60.64 -123.24
CA GLY RB 46 -33.86 61.03 -122.51
C GLY RB 46 -33.59 61.58 -121.13
N LYS RB 47 -34.60 62.27 -120.57
CA LYS RB 47 -34.55 62.88 -119.24
C LYS RB 47 -34.67 61.82 -118.14
N LYS RB 48 -33.55 61.52 -117.48
CA LYS RB 48 -33.47 60.51 -116.41
C LYS RB 48 -33.45 61.17 -115.04
N THR RB 49 -34.57 61.03 -114.30
CA THR RB 49 -34.73 61.62 -112.97
C THR RB 49 -34.45 60.60 -111.86
N PHE RB 50 -33.31 60.76 -111.16
CA PHE RB 50 -32.89 59.88 -110.06
C PHE RB 50 -33.39 60.42 -108.74
N THR RB 51 -34.43 59.79 -108.18
CA THR RB 51 -35.03 60.20 -106.89
C THR RB 51 -34.17 59.73 -105.71
N GLY RB 52 -33.44 58.64 -105.92
CA GLY RB 52 -32.54 58.07 -104.91
C GLY RB 52 -31.15 58.69 -104.92
N ASN RB 53 -30.22 58.04 -104.22
CA ASN RB 53 -28.83 58.50 -104.12
C ASN RB 53 -27.95 57.90 -105.21
N VAL RB 54 -27.16 58.75 -105.87
CA VAL RB 54 -26.27 58.33 -106.95
C VAL RB 54 -24.83 58.31 -106.47
N GLU RB 55 -24.11 57.21 -106.70
CA GLU RB 55 -22.71 57.04 -106.32
C GLU RB 55 -21.87 56.72 -107.56
N VAL RB 56 -20.80 57.49 -107.79
CA VAL RB 56 -19.89 57.29 -108.92
C VAL RB 56 -18.49 56.96 -108.38
N ASN RB 57 -17.92 55.83 -108.83
CA ASN RB 57 -16.59 55.37 -108.43
C ASN RB 57 -15.53 55.77 -109.45
N GLY RB 58 -15.96 55.93 -110.70
CA GLY RB 58 -15.10 56.34 -111.81
C GLY RB 58 -14.98 57.84 -111.91
N SER RB 59 -14.99 58.34 -113.17
CA SER RB 59 -14.87 59.77 -113.45
C SER RB 59 -16.13 60.32 -114.09
N LEU RB 60 -16.58 61.49 -113.60
CA LEU RB 60 -17.76 62.18 -114.12
C LEU RB 60 -17.35 63.22 -115.16
N THR RB 61 -17.94 63.13 -116.36
CA THR RB 61 -17.66 64.03 -117.48
C THR RB 61 -18.87 64.93 -117.73
N LEU RB 62 -18.63 66.24 -117.79
CA LEU RB 62 -19.68 67.23 -118.03
C LEU RB 62 -19.27 68.14 -119.19
N PRO RB 63 -20.21 68.87 -119.87
CA PRO RB 63 -19.78 69.79 -120.94
C PRO RB 63 -18.70 70.80 -120.47
N THR RB 64 -17.55 70.78 -121.16
CA THR RB 64 -16.38 71.61 -120.83
C THR RB 64 -16.01 72.53 -121.98
N LYS RB 65 -15.74 73.79 -121.63
CA LYS RB 65 -15.31 74.83 -122.55
C LYS RB 65 -14.29 75.72 -121.84
N SER RB 66 -13.13 75.93 -122.47
CA SER RB 66 -12.05 76.74 -121.91
C SER RB 66 -11.86 78.05 -122.66
N TRP RB 67 -11.45 79.10 -121.93
CA TRP RB 67 -11.19 80.43 -122.47
C TRP RB 67 -10.09 81.12 -121.68
N SER RB 68 -9.20 81.82 -122.40
CA SER RB 68 -8.09 82.56 -121.81
C SER RB 68 -7.81 83.80 -122.64
N GLY RB 69 -7.60 84.92 -121.96
CA GLY RB 69 -7.33 86.21 -122.58
C GLY RB 69 -7.04 87.32 -121.58
N GLU RB 70 -6.29 88.34 -122.04
CA GLU RB 70 -5.91 89.51 -121.25
C GLU RB 70 -7.10 90.47 -121.14
N LEU RB 71 -7.63 90.65 -119.92
CA LEU RB 71 -8.77 91.53 -119.65
C LEU RB 71 -8.43 93.01 -119.84
N GLY RB 72 -7.27 93.42 -119.34
CA GLY RB 72 -6.78 94.79 -119.42
C GLY RB 72 -5.57 95.06 -118.56
N GLY RB 73 -4.49 95.50 -119.20
CA GLY RB 73 -3.24 95.86 -118.53
C GLY RB 73 -2.44 94.69 -117.98
N GLY RB 74 -2.23 93.68 -118.82
CA GLY RB 74 -1.45 92.50 -118.48
C GLY RB 74 -2.09 91.52 -117.49
N ILE RB 75 -3.42 91.64 -117.27
CA ILE RB 75 -4.16 90.76 -116.37
C ILE RB 75 -4.88 89.69 -117.19
N ILE RB 76 -4.33 88.47 -117.19
CA ILE RB 76 -4.86 87.34 -117.95
C ILE RB 76 -5.71 86.45 -117.03
N LEU RB 77 -6.97 86.21 -117.44
CA LEU RB 77 -7.92 85.38 -116.71
C LEU RB 77 -8.21 84.10 -117.48
N SER RB 78 -7.99 82.95 -116.82
CA SER RB 78 -8.23 81.63 -117.38
C SER RB 78 -9.55 81.10 -116.85
N LEU RB 79 -10.50 80.88 -117.75
CA LEU RB 79 -11.83 80.39 -117.39
C LEU RB 79 -12.12 79.03 -117.98
N ARG RB 80 -12.83 78.19 -117.21
CA ARG RB 80 -13.24 76.86 -117.63
C ARG RB 80 -14.61 76.54 -117.04
N LYS RB 81 -15.61 76.32 -117.93
CA LYS RB 81 -16.99 76.02 -117.56
C LYS RB 81 -17.20 74.51 -117.42
N LYS RB 82 -17.87 74.13 -116.33
CA LYS RB 82 -18.21 72.73 -116.02
C LYS RB 82 -19.68 72.66 -115.60
N GLY RB 83 -20.56 72.66 -116.60
CA GLY RB 83 -22.00 72.61 -116.40
C GLY RB 83 -22.58 73.93 -115.93
N THR RB 84 -22.74 74.08 -114.60
CA THR RB 84 -23.32 75.27 -113.98
C THR RB 84 -22.32 76.05 -113.10
N THR RB 85 -21.06 75.61 -113.06
CA THR RB 85 -20.00 76.25 -112.28
C THR RB 85 -18.78 76.52 -113.16
N VAL RB 86 -18.28 77.76 -113.13
CA VAL RB 86 -17.12 78.17 -113.92
C VAL RB 86 -15.92 78.39 -112.98
N GLU RB 87 -14.78 77.75 -113.31
CA GLU RB 87 -13.55 77.84 -112.54
C GLU RB 87 -12.69 78.96 -113.11
N TYR RB 88 -12.28 79.91 -112.24
CA TYR RB 88 -11.46 81.06 -112.64
C TYR RB 88 -10.02 80.96 -112.12
N SER RB 89 -9.07 81.54 -112.86
CA SER RB 89 -7.66 81.58 -112.48
C SER RB 89 -7.05 82.90 -112.95
N ILE RB 90 -6.59 83.72 -111.99
CA ILE RB 90 -5.98 85.03 -112.27
C ILE RB 90 -4.46 84.87 -112.37
N GLY RB 91 -3.90 85.38 -113.47
CA GLY RB 91 -2.47 85.31 -113.75
C GLY RB 91 -1.93 86.52 -114.47
N GLY RB 92 -0.66 86.45 -114.85
CA GLY RB 92 0.04 87.52 -115.56
C GLY RB 92 0.70 88.52 -114.62
N GLU RB 93 1.02 89.71 -115.16
CA GLU RB 93 1.65 90.83 -114.44
C GLU RB 93 1.12 92.15 -114.98
N ILE RB 94 0.81 93.10 -114.08
CA ILE RB 94 0.30 94.43 -114.42
C ILE RB 94 1.39 95.28 -115.10
N SER RB 95 1.13 95.66 -116.37
CA SER RB 95 2.04 96.46 -117.20
C SER RB 95 1.63 97.94 -117.24
N SER RB 96 0.38 98.22 -117.66
CA SER RB 96 -0.16 99.59 -117.75
C SER RB 96 -0.96 99.96 -116.50
N SER RB 97 -1.28 101.26 -116.34
CA SER RB 97 -2.02 101.76 -115.19
C SER RB 97 -3.52 101.58 -115.35
N ILE RB 98 -4.14 100.90 -114.37
CA ILE RB 98 -5.58 100.65 -114.30
C ILE RB 98 -6.15 101.50 -113.17
N LEU RB 99 -7.10 102.38 -113.51
CA LEU RB 99 -7.75 103.30 -112.59
C LEU RB 99 -8.67 102.58 -111.60
N ALA RB 100 -8.98 103.22 -110.46
CA ALA RB 100 -9.87 102.68 -109.44
C ALA RB 100 -11.32 102.76 -109.93
N ASN RB 101 -12.07 101.64 -109.79
CA ASN RB 101 -13.47 101.49 -110.24
C ASN RB 101 -13.67 101.73 -111.75
N SER RB 102 -12.71 101.26 -112.56
CA SER RB 102 -12.71 101.40 -114.02
C SER RB 102 -12.85 100.06 -114.73
N ASN RB 103 -13.47 100.08 -115.92
CA ASN RB 103 -13.71 98.90 -116.75
C ASN RB 103 -12.50 98.51 -117.60
N LEU RB 104 -12.17 97.21 -117.61
CA LEU RB 104 -11.07 96.65 -118.40
C LEU RB 104 -11.60 96.42 -119.83
N VAL RB 105 -11.11 97.24 -120.77
CA VAL RB 105 -11.59 97.25 -122.16
C VAL RB 105 -10.70 96.58 -123.22
N ASN RB 106 -9.68 95.78 -122.82
CA ASN RB 106 -8.80 95.09 -123.77
C ASN RB 106 -9.53 93.92 -124.45
N ARG RB 107 -10.16 93.04 -123.65
CA ARG RB 107 -10.91 91.87 -124.12
C ARG RB 107 -12.03 91.54 -123.12
N SER RB 108 -13.24 91.32 -123.65
CA SER RB 108 -14.43 91.02 -122.86
C SER RB 108 -14.66 89.52 -122.72
N VAL RB 109 -15.31 89.11 -121.62
CA VAL RB 109 -15.63 87.71 -121.33
C VAL RB 109 -16.83 87.25 -122.20
N PRO RB 110 -16.70 86.11 -122.95
CA PRO RB 110 -17.81 85.65 -123.80
C PRO RB 110 -19.10 85.36 -123.04
N ASN RB 111 -20.25 85.51 -123.73
CA ASN RB 111 -21.59 85.32 -123.15
C ASN RB 111 -21.85 83.95 -122.51
N GLU RB 112 -21.22 82.89 -123.05
CA GLU RB 112 -21.35 81.52 -122.53
C GLU RB 112 -20.69 81.32 -121.16
N PHE RB 113 -19.82 82.27 -120.75
CA PHE RB 113 -19.13 82.29 -119.46
C PHE RB 113 -19.70 83.35 -118.52
N CYS RB 114 -20.51 84.27 -119.07
CA CYS RB 114 -21.15 85.36 -118.32
C CYS RB 114 -22.26 84.88 -117.38
N PRO RB 115 -22.16 85.22 -116.06
CA PRO RB 115 -23.22 84.81 -115.12
C PRO RB 115 -24.46 85.71 -115.18
N ARG RB 116 -25.59 85.24 -114.61
CA ARG RB 116 -26.85 86.00 -114.56
C ARG RB 116 -26.71 87.21 -113.62
N ASN RB 117 -26.09 86.99 -112.45
CA ASN RB 117 -25.81 88.01 -111.44
C ASN RB 117 -24.32 88.38 -111.40
N ARG RB 118 -23.98 89.57 -110.89
CA ARG RB 118 -22.62 90.07 -110.78
C ARG RB 118 -21.81 89.26 -109.75
N CYS RB 119 -20.68 88.68 -110.17
CA CYS RB 119 -19.82 87.85 -109.32
C CYS RB 119 -18.48 88.52 -109.04
N SER RB 120 -18.04 88.48 -107.78
CA SER RB 120 -16.78 89.07 -107.32
C SER RB 120 -15.69 88.01 -107.19
N LEU RB 121 -14.52 88.25 -107.83
CA LEU RB 121 -13.41 87.30 -107.77
C LEU RB 121 -12.28 87.85 -106.88
N VAL RB 122 -12.20 87.35 -105.64
CA VAL RB 122 -11.21 87.79 -104.66
C VAL RB 122 -9.81 87.27 -105.03
N GLY RB 123 -8.85 88.19 -105.10
CA GLY RB 123 -7.46 87.91 -105.44
C GLY RB 123 -6.45 88.54 -104.48
N HIS RB 124 -5.17 88.16 -104.62
CA HIS RB 124 -4.08 88.65 -103.76
C HIS RB 124 -2.87 89.06 -104.60
N MET RB 125 -2.26 90.19 -104.23
CA MET RB 125 -1.09 90.74 -104.91
C MET RB 125 0.21 90.19 -104.30
N VAL RB 126 1.11 89.71 -105.17
CA VAL RB 126 2.40 89.14 -104.76
C VAL RB 126 3.32 90.24 -104.21
N GLY RB 127 3.82 90.03 -102.99
CA GLY RB 127 4.73 90.96 -102.32
C GLY RB 127 4.19 91.51 -101.02
N GLY RB 128 2.98 92.08 -101.07
CA GLY RB 128 2.33 92.68 -99.91
C GLY RB 128 1.06 91.98 -99.48
N TRP RB 129 0.35 92.58 -98.50
CA TRP RB 129 -0.92 92.11 -97.95
C TRP RB 129 -2.10 92.66 -98.78
N ASN RB 130 -1.79 93.16 -99.99
CA ASN RB 130 -2.73 93.76 -100.93
C ASN RB 130 -3.74 92.76 -101.53
N ALA RB 131 -5.02 93.14 -101.52
CA ALA RB 131 -6.14 92.34 -102.03
C ALA RB 131 -6.93 93.11 -103.09
N PHE RB 132 -7.57 92.39 -104.01
CA PHE RB 132 -8.37 92.96 -105.09
C PHE RB 132 -9.52 92.06 -105.50
N HIS RB 133 -10.57 92.64 -106.11
CA HIS RB 133 -11.70 91.88 -106.63
C HIS RB 133 -12.17 92.44 -107.97
N ILE RB 134 -12.46 91.56 -108.93
CA ILE RB 134 -12.92 91.93 -110.27
C ILE RB 134 -14.35 91.43 -110.45
N ASP RB 135 -15.26 92.35 -110.76
CA ASP RB 135 -16.68 92.02 -110.95
C ASP RB 135 -16.98 91.63 -112.39
N ILE RB 136 -17.70 90.52 -112.59
CA ILE RB 136 -18.09 90.05 -113.92
C ILE RB 136 -19.59 90.28 -114.14
N PRO RB 137 -19.98 91.32 -114.92
CA PRO RB 137 -21.40 91.56 -115.17
C PRO RB 137 -21.93 90.64 -116.26
N SER RB 138 -23.25 90.73 -116.55
CA SER RB 138 -23.89 89.93 -117.59
C SER RB 138 -23.47 90.36 -119.01
N SER RB 139 -22.94 91.59 -119.14
CA SER RB 139 -22.48 92.18 -120.41
C SER RB 139 -21.20 91.51 -120.93
N GLY RB 140 -20.20 91.37 -120.06
CA GLY RB 140 -18.92 90.76 -120.40
C GLY RB 140 -17.71 91.58 -120.04
N VAL RB 141 -17.86 92.92 -120.03
CA VAL RB 141 -16.77 93.86 -119.70
C VAL RB 141 -16.49 93.84 -118.20
N CYS RB 142 -15.35 93.23 -117.82
CA CYS RB 142 -14.91 93.12 -116.43
C CYS RB 142 -14.50 94.46 -115.86
N GLN RB 143 -14.83 94.70 -114.59
CA GLN RB 143 -14.51 95.95 -113.91
C GLN RB 143 -13.58 95.76 -112.70
N TRP RB 144 -12.44 96.46 -112.70
CA TRP RB 144 -11.46 96.45 -111.61
C TRP RB 144 -11.99 97.32 -110.47
N PHE RB 145 -12.40 96.68 -109.37
CA PHE RB 145 -12.97 97.35 -108.19
C PHE RB 145 -11.97 97.73 -107.11
N GLY RB 146 -10.70 97.42 -107.33
CA GLY RB 146 -9.62 97.78 -106.41
C GLY RB 146 -9.12 99.20 -106.63
N PRO RB 147 -8.03 99.63 -105.94
CA PRO RB 147 -7.52 101.00 -106.15
C PRO RB 147 -6.65 101.12 -107.40
N THR RB 148 -6.19 102.34 -107.71
CA THR RB 148 -5.34 102.60 -108.87
C THR RB 148 -3.97 101.94 -108.71
N ALA RB 149 -3.61 101.06 -109.67
CA ALA RB 149 -2.35 100.33 -109.66
C ALA RB 149 -1.73 100.29 -111.05
N SER RB 150 -0.39 100.31 -111.12
CA SER RB 150 0.38 100.28 -112.36
C SER RB 150 1.32 99.07 -112.46
N SER RB 151 1.73 98.52 -111.30
CA SER RB 151 2.62 97.36 -111.21
C SER RB 151 2.19 96.38 -110.12
N GLY RB 152 2.57 95.11 -110.30
CA GLY RB 152 2.25 94.04 -109.38
C GLY RB 152 1.85 92.74 -110.05
N THR RB 153 1.89 91.63 -109.29
CA THR RB 153 1.53 90.31 -109.82
C THR RB 153 0.15 89.85 -109.27
N PRO RB 154 -0.90 89.83 -110.14
CA PRO RB 154 -2.22 89.38 -109.66
C PRO RB 154 -2.36 87.86 -109.64
N ARG RB 155 -2.90 87.30 -108.53
CA ARG RB 155 -3.10 85.86 -108.36
C ARG RB 155 -4.43 85.58 -107.65
N GLY RB 156 -5.07 84.46 -108.00
CA GLY RB 156 -6.34 84.04 -107.43
C GLY RB 156 -7.02 82.94 -108.21
N THR RB 157 -7.36 81.83 -107.52
CA THR RB 157 -8.01 80.67 -108.13
C THR RB 157 -9.20 80.21 -107.26
N GLY RB 158 -10.34 79.97 -107.92
CA GLY RB 158 -11.56 79.52 -107.28
C GLY RB 158 -12.66 79.15 -108.26
N THR RB 159 -13.92 79.27 -107.82
CA THR RB 159 -15.11 78.95 -108.62
C THR RB 159 -16.18 80.02 -108.43
N TYR RB 160 -16.99 80.26 -109.47
CA TYR RB 160 -18.09 81.22 -109.42
C TYR RB 160 -19.34 80.69 -110.13
N PRO RB 161 -20.55 80.93 -109.59
CA PRO RB 161 -21.76 80.42 -110.26
C PRO RB 161 -22.12 81.17 -111.54
N ILE RB 162 -22.95 80.57 -112.34
CA ILE RB 162 -23.42 81.20 -113.58
C ILE RB 162 -24.95 81.44 -113.59
N ASP RB 163 -25.69 80.67 -112.78
CA ASP RB 163 -27.15 80.72 -112.69
C ASP RB 163 -27.67 81.06 -111.28
N ALA SB 2 -43.70 42.83 -115.67
CA ALA SB 2 -44.87 42.67 -116.52
C ALA SB 2 -45.85 41.69 -115.91
N SER SB 3 -47.16 41.97 -116.05
CA SER SB 3 -48.19 41.07 -115.53
C SER SB 3 -48.37 39.92 -116.50
N ILE SB 4 -48.00 38.71 -116.06
CA ILE SB 4 -48.07 37.50 -116.87
C ILE SB 4 -48.96 36.44 -116.24
N LYS SB 5 -49.62 35.64 -117.07
CA LYS SB 5 -50.47 34.54 -116.61
C LYS SB 5 -49.70 33.23 -116.58
N LYS SB 6 -50.04 32.36 -115.64
CA LYS SB 6 -49.36 31.08 -115.48
C LYS SB 6 -49.74 30.11 -116.60
N VAL SB 7 -48.74 29.32 -117.05
CA VAL SB 7 -48.88 28.28 -118.07
C VAL SB 7 -48.82 26.91 -117.37
N TYR SB 8 -49.87 26.09 -117.56
CA TYR SB 8 -49.97 24.77 -116.94
C TYR SB 8 -50.52 23.72 -117.91
N ARG SB 9 -50.40 22.44 -117.53
CA ARG SB 9 -50.90 21.32 -118.31
C ARG SB 9 -52.43 21.29 -118.29
N GLY SB 10 -53.02 21.15 -119.48
CA GLY SB 10 -54.46 21.12 -119.70
C GLY SB 10 -55.11 22.47 -119.57
N MET SB 11 -54.42 23.50 -120.04
CA MET SB 11 -54.87 24.86 -119.96
C MET SB 11 -55.69 25.25 -121.18
N LYS SB 12 -56.85 25.89 -120.97
CA LYS SB 12 -57.69 26.37 -122.08
C LYS SB 12 -57.02 27.65 -122.61
N ASN SB 13 -56.93 27.78 -123.95
CA ASN SB 13 -56.30 28.91 -124.66
C ASN SB 13 -54.82 29.03 -124.30
N GLY SB 14 -54.10 27.93 -124.49
CA GLY SB 14 -52.67 27.85 -124.21
C GLY SB 14 -51.82 28.73 -125.11
N ALA SB 15 -52.01 28.58 -126.42
CA ALA SB 15 -51.29 29.35 -127.44
C ALA SB 15 -51.53 30.87 -127.30
N GLU SB 16 -52.76 31.25 -126.88
CA GLU SB 16 -53.20 32.62 -126.68
C GLU SB 16 -52.46 33.25 -125.49
N THR SB 17 -52.38 32.47 -124.39
CA THR SB 17 -51.75 32.87 -123.14
C THR SB 17 -50.25 33.10 -123.34
N ILE SB 18 -49.55 32.15 -124.01
CA ILE SB 18 -48.11 32.22 -124.28
C ILE SB 18 -47.77 33.48 -125.07
N ASN SB 19 -48.53 33.71 -126.15
CA ASN SB 19 -48.35 34.86 -127.01
C ASN SB 19 -48.51 36.17 -126.26
N ASP SB 20 -49.58 36.27 -125.44
CA ASP SB 20 -49.87 37.47 -124.64
C ASP SB 20 -48.80 37.72 -123.60
N ASP SB 21 -48.21 36.63 -123.05
CA ASP SB 21 -47.15 36.71 -122.05
C ASP SB 21 -45.85 37.17 -122.70
N LEU SB 22 -45.55 36.65 -123.91
CA LEU SB 22 -44.35 37.01 -124.64
C LEU SB 22 -44.40 38.48 -125.11
N GLU SB 23 -45.59 38.92 -125.54
CA GLU SB 23 -45.83 40.28 -126.03
C GLU SB 23 -45.72 41.31 -124.90
N ALA SB 24 -46.20 40.94 -123.69
CA ALA SB 24 -46.17 41.79 -122.49
C ALA SB 24 -44.75 41.99 -122.02
N ILE SB 25 -43.92 40.94 -122.13
CA ILE SB 25 -42.52 40.95 -121.77
C ILE SB 25 -41.72 41.78 -122.79
N ASN SB 26 -41.94 41.54 -124.09
CA ASN SB 26 -41.26 42.27 -125.16
C ASN SB 26 -41.58 43.76 -125.16
N SER SB 27 -42.79 44.13 -124.69
CA SER SB 27 -43.25 45.52 -124.59
C SER SB 27 -42.42 46.30 -123.58
N GLU SB 28 -42.07 45.62 -122.47
CA GLU SB 28 -41.26 46.19 -121.40
C GLU SB 28 -39.79 46.31 -121.80
N LEU SB 29 -39.34 45.55 -122.82
CA LEU SB 29 -37.96 45.60 -123.32
C LEU SB 29 -37.67 46.87 -124.13
N THR SB 30 -38.74 47.51 -124.66
CA THR SB 30 -38.66 48.71 -125.48
C THR SB 30 -39.07 49.99 -124.70
N SER SB 31 -40.20 49.92 -123.97
CA SER SB 31 -40.74 51.06 -123.22
C SER SB 31 -41.55 50.67 -121.97
N GLY SB 32 -41.48 51.52 -120.95
CA GLY SB 32 -42.23 51.37 -119.72
C GLY SB 32 -41.74 50.28 -118.78
N GLY SB 33 -42.62 49.90 -117.86
CA GLY SB 33 -42.34 48.87 -116.85
C GLY SB 33 -41.47 49.37 -115.73
N ASN SB 34 -40.75 48.44 -115.07
CA ASN SB 34 -39.84 48.76 -113.97
C ASN SB 34 -38.37 48.56 -114.39
N VAL SB 35 -38.06 48.99 -115.62
CA VAL SB 35 -36.73 48.86 -116.22
C VAL SB 35 -36.27 50.14 -116.92
N VAL SB 36 -35.01 50.51 -116.69
CA VAL SB 36 -34.36 51.68 -117.29
C VAL SB 36 -34.03 51.38 -118.77
N HIS SB 37 -34.45 52.29 -119.67
CA HIS SB 37 -34.27 52.17 -121.12
C HIS SB 37 -33.25 53.15 -121.69
N LYS SB 38 -32.74 52.85 -122.91
CA LYS SB 38 -31.78 53.69 -123.63
C LYS SB 38 -32.46 54.90 -124.27
N THR SB 39 -33.81 54.87 -124.36
CA THR SB 39 -34.61 55.94 -124.94
C THR SB 39 -35.84 56.26 -124.09
N GLY SB 40 -36.19 57.54 -124.04
CA GLY SB 40 -37.34 58.03 -123.30
C GLY SB 40 -37.05 58.63 -121.93
N ASP SB 41 -38.00 59.44 -121.43
CA ASP SB 41 -37.92 60.10 -120.13
C ASP SB 41 -38.48 59.18 -119.06
N GLU SB 42 -37.63 58.78 -118.11
CA GLU SB 42 -37.99 57.85 -117.04
C GLU SB 42 -37.50 58.31 -115.68
N THR SB 43 -38.20 57.87 -114.61
CA THR SB 43 -37.87 58.16 -113.21
C THR SB 43 -37.24 56.92 -112.56
N ILE SB 44 -36.09 57.10 -111.93
CA ILE SB 44 -35.31 56.03 -111.29
C ILE SB 44 -35.21 56.25 -109.77
N ALA SB 45 -35.47 55.20 -108.99
CA ALA SB 45 -35.42 55.21 -107.54
C ALA SB 45 -34.45 54.15 -107.02
N GLY SB 46 -33.82 54.42 -105.88
CA GLY SB 46 -32.86 53.53 -105.25
C GLY SB 46 -31.42 53.98 -105.36
N LYS SB 47 -30.57 53.44 -104.47
CA LYS SB 47 -29.14 53.75 -104.41
C LYS SB 47 -28.38 53.06 -105.55
N LYS SB 48 -28.04 53.83 -106.60
CA LYS SB 48 -27.33 53.34 -107.78
C LYS SB 48 -25.84 53.62 -107.71
N THR SB 49 -25.02 52.56 -107.79
CA THR SB 49 -23.57 52.66 -107.71
C THR SB 49 -22.93 52.41 -109.08
N PHE SB 50 -22.35 53.46 -109.66
CA PHE SB 50 -21.67 53.38 -110.95
C PHE SB 50 -20.18 53.19 -110.74
N THR SB 51 -19.68 51.96 -110.94
CA THR SB 51 -18.26 51.61 -110.78
C THR SB 51 -17.41 52.12 -111.94
N GLY SB 52 -18.00 52.17 -113.14
CA GLY SB 52 -17.34 52.66 -114.34
C GLY SB 52 -17.38 54.18 -114.44
N ASN SB 53 -16.94 54.71 -115.59
CA ASN SB 53 -16.93 56.15 -115.85
C ASN SB 53 -18.25 56.63 -116.46
N VAL SB 54 -18.79 57.74 -115.92
CA VAL SB 54 -20.07 58.33 -116.35
C VAL SB 54 -19.83 59.61 -117.14
N GLU SB 55 -20.50 59.72 -118.30
CA GLU SB 55 -20.41 60.90 -119.17
C GLU SB 55 -21.81 61.52 -119.35
N VAL SB 56 -21.91 62.84 -119.13
CA VAL SB 56 -23.15 63.60 -119.28
C VAL SB 56 -22.94 64.64 -120.38
N ASN SB 57 -23.78 64.58 -121.43
CA ASN SB 57 -23.74 65.48 -122.57
C ASN SB 57 -24.70 66.64 -122.40
N GLY SB 58 -25.82 66.37 -121.71
CA GLY SB 58 -26.85 67.36 -121.42
C GLY SB 58 -26.55 68.18 -120.19
N SER SB 59 -27.57 68.41 -119.36
CA SER SB 59 -27.46 69.20 -118.13
C SER SB 59 -27.69 68.36 -116.89
N LEU SB 60 -26.84 68.54 -115.86
CA LEU SB 60 -26.95 67.83 -114.59
C LEU SB 60 -27.67 68.73 -113.58
N THR SB 61 -28.84 68.30 -113.12
CA THR SB 61 -29.68 69.04 -112.17
C THR SB 61 -29.52 68.48 -110.76
N LEU SB 62 -29.31 69.38 -109.78
CA LEU SB 62 -29.15 69.02 -108.37
C LEU SB 62 -30.17 69.78 -107.51
N PRO SB 63 -30.53 69.29 -106.28
CA PRO SB 63 -31.50 70.03 -105.44
C PRO SB 63 -31.02 71.44 -105.10
N THR SB 64 -31.86 72.46 -105.37
CA THR SB 64 -31.50 73.86 -105.15
C THR SB 64 -32.37 74.56 -104.11
N LYS SB 65 -31.73 75.30 -103.20
CA LYS SB 65 -32.37 76.09 -102.15
C LYS SB 65 -31.62 77.41 -102.00
N SER SB 66 -32.35 78.53 -102.03
CA SER SB 66 -31.76 79.87 -101.94
C SER SB 66 -32.19 80.64 -100.69
N TRP SB 67 -31.28 81.48 -100.17
CA TRP SB 67 -31.49 82.33 -98.99
C TRP SB 67 -30.62 83.58 -99.06
N SER SB 68 -31.17 84.73 -98.66
CA SER SB 68 -30.49 86.03 -98.62
C SER SB 68 -31.00 86.84 -97.44
N GLY SB 69 -30.07 87.45 -96.70
CA GLY SB 69 -30.37 88.28 -95.54
C GLY SB 69 -29.22 89.13 -95.05
N GLU SB 70 -29.54 90.26 -94.40
CA GLU SB 70 -28.56 91.21 -93.85
C GLU SB 70 -28.03 90.68 -92.50
N LEU SB 71 -26.85 90.04 -92.52
CA LEU SB 71 -26.19 89.43 -91.34
C LEU SB 71 -26.00 90.40 -90.17
N GLY SB 72 -25.57 91.62 -90.46
CA GLY SB 72 -25.34 92.65 -89.46
C GLY SB 72 -24.47 93.78 -89.95
N GLY SB 73 -24.86 94.99 -89.58
CA GLY SB 73 -24.13 96.21 -89.93
C GLY SB 73 -24.29 96.68 -91.37
N GLY SB 74 -25.12 95.97 -92.14
CA GLY SB 74 -25.38 96.28 -93.54
C GLY SB 74 -24.77 95.32 -94.53
N ILE SB 75 -24.26 94.17 -94.05
CA ILE SB 75 -23.65 93.14 -94.90
C ILE SB 75 -24.70 92.08 -95.24
N ILE SB 76 -25.05 91.99 -96.54
CA ILE SB 76 -26.04 91.03 -97.03
C ILE SB 76 -25.32 89.86 -97.72
N LEU SB 77 -25.60 88.63 -97.24
CA LEU SB 77 -25.03 87.42 -97.78
C LEU SB 77 -26.07 86.62 -98.55
N SER SB 78 -25.77 86.32 -99.83
CA SER SB 78 -26.63 85.55 -100.71
C SER SB 78 -26.10 84.12 -100.81
N LEU SB 79 -26.91 83.15 -100.35
CA LEU SB 79 -26.54 81.74 -100.36
C LEU SB 79 -27.41 80.92 -101.30
N ARG SB 80 -26.80 79.93 -101.98
CA ARG SB 80 -27.47 79.04 -102.92
C ARG SB 80 -26.87 77.64 -102.79
N LYS SB 81 -27.65 76.71 -102.23
CA LYS SB 81 -27.26 75.32 -102.01
C LYS SB 81 -27.48 74.46 -103.24
N LYS SB 82 -26.46 73.67 -103.62
CA LYS SB 82 -26.49 72.75 -104.76
C LYS SB 82 -25.80 71.43 -104.37
N GLY SB 83 -26.60 70.49 -103.92
CA GLY SB 83 -26.14 69.18 -103.49
C GLY SB 83 -25.46 69.24 -102.13
N THR SB 84 -24.12 69.15 -102.14
CA THR SB 84 -23.28 69.18 -100.94
C THR SB 84 -22.34 70.41 -100.92
N THR SB 85 -22.61 71.39 -101.79
CA THR SB 85 -21.82 72.63 -101.90
C THR SB 85 -22.74 73.86 -101.92
N VAL SB 86 -22.45 74.84 -101.04
CA VAL SB 86 -23.22 76.08 -100.94
C VAL SB 86 -22.39 77.23 -101.55
N GLU SB 87 -23.00 77.97 -102.49
CA GLU SB 87 -22.36 79.09 -103.19
C GLU SB 87 -22.71 80.38 -102.45
N TYR SB 88 -21.69 81.10 -101.97
CA TYR SB 88 -21.88 82.35 -101.22
C TYR SB 88 -21.61 83.59 -102.07
N SER SB 89 -22.29 84.70 -101.76
CA SER SB 89 -22.13 85.99 -102.43
C SER SB 89 -22.28 87.13 -101.41
N ILE SB 90 -21.18 87.86 -101.16
CA ILE SB 90 -21.14 88.97 -100.21
C ILE SB 90 -21.48 90.26 -100.95
N GLY SB 91 -22.41 91.02 -100.38
CA GLY SB 91 -22.87 92.30 -100.92
C GLY SB 91 -23.41 93.25 -99.88
N GLY SB 92 -23.76 94.45 -100.34
CA GLY SB 92 -24.33 95.49 -99.50
C GLY SB 92 -23.41 96.66 -99.25
N GLU SB 93 -23.62 97.35 -98.11
CA GLU SB 93 -22.84 98.52 -97.68
C GLU SB 93 -22.86 98.61 -96.16
N ILE SB 94 -21.67 98.80 -95.55
CA ILE SB 94 -21.53 98.92 -94.09
C ILE SB 94 -22.09 100.27 -93.62
N SER SB 95 -23.16 100.22 -92.80
CA SER SB 95 -23.86 101.39 -92.26
C SER SB 95 -23.42 101.72 -90.82
N SER SB 96 -23.46 100.72 -89.92
CA SER SB 96 -23.07 100.88 -88.51
C SER SB 96 -21.67 100.32 -88.24
N SER SB 97 -21.01 100.83 -87.18
CA SER SB 97 -19.66 100.41 -86.79
C SER SB 97 -19.65 98.98 -86.25
N ILE SB 98 -18.89 98.10 -86.91
CA ILE SB 98 -18.73 96.70 -86.53
C ILE SB 98 -17.35 96.50 -85.90
N LEU SB 99 -17.33 95.99 -84.67
CA LEU SB 99 -16.13 95.73 -83.89
C LEU SB 99 -15.32 94.55 -84.45
N ALA SB 100 -14.00 94.51 -84.13
CA ALA SB 100 -13.11 93.42 -84.56
C ALA SB 100 -13.40 92.17 -83.72
N ASN SB 101 -13.50 91.00 -84.39
CA ASN SB 101 -13.81 89.68 -83.79
C ASN SB 101 -15.16 89.67 -83.01
N SER SB 102 -16.18 90.32 -83.61
CA SER SB 102 -17.53 90.44 -83.05
C SER SB 102 -18.58 89.65 -83.85
N ASN SB 103 -19.66 89.26 -83.17
CA ASN SB 103 -20.77 88.49 -83.75
C ASN SB 103 -21.79 89.39 -84.45
N LEU SB 104 -22.34 88.90 -85.57
CA LEU SB 104 -23.38 89.57 -86.37
C LEU SB 104 -24.71 88.98 -85.94
N VAL SB 105 -25.52 89.77 -85.22
CA VAL SB 105 -26.78 89.34 -84.62
C VAL SB 105 -28.09 89.83 -85.28
N ASN SB 106 -28.00 90.56 -86.41
CA ASN SB 106 -29.17 91.07 -87.13
C ASN SB 106 -29.97 89.94 -87.79
N ARG SB 107 -29.27 89.01 -88.48
CA ARG SB 107 -29.88 87.87 -89.14
C ARG SB 107 -28.95 86.65 -89.07
N SER SB 108 -29.50 85.49 -88.66
CA SER SB 108 -28.76 84.23 -88.51
C SER SB 108 -28.92 83.31 -89.73
N VAL SB 109 -27.86 82.56 -90.06
CA VAL SB 109 -27.83 81.62 -91.19
C VAL SB 109 -28.68 80.37 -90.85
N PRO SB 110 -29.67 80.00 -91.71
CA PRO SB 110 -30.50 78.81 -91.42
C PRO SB 110 -29.69 77.52 -91.31
N ASN SB 111 -30.17 76.57 -90.47
CA ASN SB 111 -29.51 75.28 -90.19
C ASN SB 111 -29.22 74.41 -91.42
N GLU SB 112 -30.06 74.51 -92.48
CA GLU SB 112 -29.90 73.76 -93.72
C GLU SB 112 -28.71 74.26 -94.59
N PHE SB 113 -28.19 75.46 -94.26
CA PHE SB 113 -27.05 76.11 -94.93
C PHE SB 113 -25.78 76.07 -94.05
N CYS SB 114 -25.94 75.75 -92.75
CA CYS SB 114 -24.86 75.66 -91.77
C CYS SB 114 -23.91 74.47 -92.03
N PRO SB 115 -22.59 74.72 -92.14
CA PRO SB 115 -21.66 73.60 -92.37
C PRO SB 115 -21.27 72.89 -91.07
N ARG SB 116 -20.71 71.66 -91.18
CA ARG SB 116 -20.24 70.89 -90.02
C ARG SB 116 -19.00 71.58 -89.46
N ASN SB 117 -18.03 71.86 -90.34
CA ASN SB 117 -16.77 72.52 -90.00
C ASN SB 117 -16.85 74.04 -90.21
N ARG SB 118 -16.07 74.80 -89.43
CA ARG SB 118 -16.03 76.27 -89.50
C ARG SB 118 -15.35 76.73 -90.79
N CYS SB 119 -16.13 77.38 -91.68
CA CYS SB 119 -15.64 77.86 -92.97
C CYS SB 119 -15.41 79.36 -92.99
N SER SB 120 -14.33 79.78 -93.66
CA SER SB 120 -13.92 81.18 -93.80
C SER SB 120 -14.23 81.71 -95.19
N LEU SB 121 -14.96 82.83 -95.27
CA LEU SB 121 -15.32 83.43 -96.55
C LEU SB 121 -14.45 84.66 -96.82
N VAL SB 122 -13.41 84.49 -97.64
CA VAL SB 122 -12.48 85.58 -98.00
C VAL SB 122 -13.18 86.58 -98.93
N GLY SB 123 -13.15 87.85 -98.54
CA GLY SB 123 -13.74 88.95 -99.28
C GLY SB 123 -12.81 90.13 -99.48
N HIS SB 124 -13.25 91.12 -100.30
CA HIS SB 124 -12.48 92.33 -100.60
C HIS SB 124 -13.33 93.60 -100.46
N MET SB 125 -12.72 94.64 -99.89
CA MET SB 125 -13.35 95.94 -99.67
C MET SB 125 -13.08 96.88 -100.84
N VAL SB 126 -14.15 97.46 -101.41
CA VAL SB 126 -14.07 98.37 -102.54
C VAL SB 126 -13.47 99.70 -102.10
N GLY SB 127 -12.39 100.11 -102.77
CA GLY SB 127 -11.70 101.36 -102.47
C GLY SB 127 -10.19 101.21 -102.37
N GLY SB 128 -9.75 100.27 -101.54
CA GLY SB 128 -8.33 100.01 -101.31
C GLY SB 128 -7.95 98.55 -101.45
N TRP SB 129 -6.79 98.18 -100.85
CA TRP SB 129 -6.23 96.83 -100.84
C TRP SB 129 -6.70 96.06 -99.57
N ASN SB 130 -7.84 96.49 -99.01
CA ASN SB 130 -8.41 95.93 -97.79
C ASN SB 130 -9.11 94.58 -97.99
N ALA SB 131 -8.80 93.61 -97.11
CA ALA SB 131 -9.36 92.26 -97.13
C ALA SB 131 -10.06 91.88 -95.82
N PHE SB 132 -11.06 91.00 -95.88
CA PHE SB 132 -11.83 90.53 -94.72
C PHE SB 132 -12.30 89.10 -94.90
N HIS SB 133 -12.63 88.42 -93.80
CA HIS SB 133 -13.17 87.07 -93.82
C HIS SB 133 -14.25 86.89 -92.75
N ILE SB 134 -15.35 86.23 -93.11
CA ILE SB 134 -16.46 85.98 -92.19
C ILE SB 134 -16.56 84.47 -91.95
N ASP SB 135 -16.54 84.08 -90.67
CA ASP SB 135 -16.62 82.67 -90.28
C ASP SB 135 -18.05 82.22 -90.04
N ILE SB 136 -18.40 81.03 -90.57
CA ILE SB 136 -19.74 80.45 -90.39
C ILE SB 136 -19.62 79.20 -89.50
N PRO SB 137 -20.12 79.26 -88.24
CA PRO SB 137 -20.04 78.08 -87.36
C PRO SB 137 -21.20 77.12 -87.59
N SER SB 138 -21.27 76.05 -86.78
CA SER SB 138 -22.35 75.07 -86.87
C SER SB 138 -23.68 75.64 -86.34
N SER SB 139 -23.59 76.66 -85.46
CA SER SB 139 -24.74 77.33 -84.86
C SER SB 139 -25.49 78.21 -85.86
N GLY SB 140 -24.76 79.09 -86.56
CA GLY SB 140 -25.33 79.99 -87.55
C GLY SB 140 -25.00 81.46 -87.36
N VAL SB 141 -24.54 81.83 -86.16
CA VAL SB 141 -24.18 83.22 -85.82
C VAL SB 141 -22.79 83.55 -86.39
N CYS SB 142 -22.77 84.30 -87.51
CA CYS SB 142 -21.56 84.71 -88.22
C CYS SB 142 -20.72 85.70 -87.41
N GLN SB 143 -19.40 85.66 -87.62
CA GLN SB 143 -18.45 86.53 -86.91
C GLN SB 143 -17.56 87.31 -87.88
N TRP SB 144 -17.42 88.62 -87.64
CA TRP SB 144 -16.58 89.52 -88.43
C TRP SB 144 -15.15 89.40 -87.90
N PHE SB 145 -14.30 88.65 -88.60
CA PHE SB 145 -12.92 88.41 -88.21
C PHE SB 145 -11.90 89.46 -88.68
N GLY SB 146 -12.40 90.50 -89.36
CA GLY SB 146 -11.58 91.62 -89.80
C GLY SB 146 -11.43 92.68 -88.72
N PRO SB 147 -10.78 93.84 -89.02
CA PRO SB 147 -10.65 94.89 -88.00
C PRO SB 147 -11.90 95.74 -87.84
N THR SB 148 -11.91 96.67 -86.87
CA THR SB 148 -13.05 97.56 -86.61
C THR SB 148 -13.28 98.50 -87.81
N ALA SB 149 -14.46 98.37 -88.45
CA ALA SB 149 -14.85 99.17 -89.62
C ALA SB 149 -16.24 99.79 -89.43
N SER SB 150 -16.43 101.02 -89.93
CA SER SB 150 -17.68 101.76 -89.84
C SER SB 150 -18.35 101.97 -91.20
N SER SB 151 -17.54 102.06 -92.27
CA SER SB 151 -18.01 102.27 -93.64
C SER SB 151 -17.17 101.50 -94.66
N GLY SB 152 -17.80 101.13 -95.78
CA GLY SB 152 -17.15 100.39 -96.86
C GLY SB 152 -18.10 99.45 -97.61
N THR SB 153 -17.64 98.95 -98.77
CA THR SB 153 -18.43 98.05 -99.61
C THR SB 153 -17.88 96.60 -99.56
N PRO SB 154 -18.62 95.65 -98.95
CA PRO SB 154 -18.15 94.27 -98.89
C PRO SB 154 -18.51 93.46 -100.15
N ARG SB 155 -17.52 92.79 -100.75
CA ARG SB 155 -17.71 91.98 -101.95
C ARG SB 155 -16.91 90.66 -101.87
N GLY SB 156 -17.45 89.59 -102.48
CA GLY SB 156 -16.83 88.28 -102.50
C GLY SB 156 -17.78 87.18 -102.90
N THR SB 157 -17.40 86.39 -103.92
CA THR SB 157 -18.21 85.27 -104.43
C THR SB 157 -17.34 84.01 -104.59
N GLY SB 158 -17.86 82.90 -104.10
CA GLY SB 158 -17.19 81.61 -104.14
C GLY SB 158 -18.08 80.46 -103.69
N THR SB 159 -17.44 79.38 -103.20
CA THR SB 159 -18.12 78.16 -102.72
C THR SB 159 -17.50 77.71 -101.41
N TYR SB 160 -18.30 77.02 -100.57
CA TYR SB 160 -17.84 76.46 -99.30
C TYR SB 160 -18.51 75.10 -99.01
N PRO SB 161 -17.75 74.11 -98.47
CA PRO SB 161 -18.36 72.79 -98.19
C PRO SB 161 -19.34 72.83 -97.00
N ILE SB 162 -20.30 71.87 -96.98
CA ILE SB 162 -21.33 71.74 -95.94
C ILE SB 162 -21.20 70.44 -95.09
N ASP SB 163 -20.47 69.44 -95.61
CA ASP SB 163 -20.23 68.15 -94.95
C ASP SB 163 -18.74 67.80 -94.80
N ALA TB 2 -31.05 35.67 -117.88
CA ALA TB 2 -31.76 34.66 -117.12
C ALA TB 2 -31.40 33.25 -117.61
N SER TB 3 -31.28 32.30 -116.68
CA SER TB 3 -30.98 30.91 -117.01
C SER TB 3 -32.26 30.23 -117.50
N ILE TB 4 -32.35 30.03 -118.82
CA ILE TB 4 -33.53 29.43 -119.45
C ILE TB 4 -33.22 28.07 -120.08
N LYS TB 5 -34.22 27.18 -120.09
CA LYS TB 5 -34.09 25.85 -120.66
C LYS TB 5 -34.57 25.81 -122.11
N LYS TB 6 -33.97 24.92 -122.92
CA LYS TB 6 -34.30 24.79 -124.34
C LYS TB 6 -35.66 24.11 -124.50
N VAL TB 7 -36.49 24.67 -125.40
CA VAL TB 7 -37.82 24.16 -125.75
C VAL TB 7 -37.72 23.42 -127.11
N TYR TB 8 -38.12 22.15 -127.15
CA TYR TB 8 -38.07 21.31 -128.35
C TYR TB 8 -39.37 20.53 -128.53
N ARG TB 9 -39.65 19.99 -129.74
CA ARG TB 9 -40.89 19.24 -129.95
C ARG TB 9 -40.83 17.88 -129.27
N GLY TB 10 -41.94 17.47 -128.70
CA GLY TB 10 -42.04 16.20 -127.98
C GLY TB 10 -41.31 16.25 -126.66
N MET TB 11 -41.46 17.38 -125.99
CA MET TB 11 -40.79 17.63 -124.73
C MET TB 11 -41.65 17.19 -123.54
N LYS TB 12 -41.01 16.47 -122.59
CA LYS TB 12 -41.62 16.07 -121.31
C LYS TB 12 -41.66 17.38 -120.48
N ASN TB 13 -42.83 17.73 -119.92
CA ASN TB 13 -43.07 18.99 -119.18
C ASN TB 13 -43.06 20.23 -120.06
N GLY TB 14 -43.81 20.15 -121.16
CA GLY TB 14 -43.94 21.22 -122.14
C GLY TB 14 -44.41 22.53 -121.54
N ALA TB 15 -45.61 22.51 -120.95
CA ALA TB 15 -46.22 23.69 -120.31
C ALA TB 15 -45.38 24.24 -119.14
N GLU TB 16 -44.76 23.33 -118.33
CA GLU TB 16 -43.95 23.63 -117.15
C GLU TB 16 -42.65 24.34 -117.46
N THR TB 17 -41.91 23.88 -118.50
CA THR TB 17 -40.64 24.46 -118.94
C THR TB 17 -40.89 25.87 -119.47
N ILE TB 18 -41.96 26.06 -120.28
CA ILE TB 18 -42.31 27.38 -120.82
C ILE TB 18 -42.63 28.36 -119.69
N ASN TB 19 -43.49 27.94 -118.73
CA ASN TB 19 -43.88 28.76 -117.59
C ASN TB 19 -42.69 29.16 -116.73
N ASP TB 20 -41.77 28.21 -116.46
CA ASP TB 20 -40.58 28.46 -115.66
C ASP TB 20 -39.60 29.39 -116.37
N ASP TB 21 -39.54 29.30 -117.71
CA ASP TB 21 -38.68 30.15 -118.54
C ASP TB 21 -39.24 31.57 -118.55
N LEU TB 22 -40.56 31.70 -118.67
CA LEU TB 22 -41.25 32.99 -118.68
C LEU TB 22 -41.17 33.70 -117.32
N GLU TB 23 -41.29 32.91 -116.23
CA GLU TB 23 -41.22 33.44 -114.87
C GLU TB 23 -39.81 33.90 -114.54
N ALA TB 24 -38.77 33.20 -115.06
CA ALA TB 24 -37.36 33.52 -114.86
C ALA TB 24 -37.00 34.82 -115.55
N ILE TB 25 -37.56 35.03 -116.75
CA ILE TB 25 -37.38 36.23 -117.56
C ILE TB 25 -38.12 37.40 -116.91
N ASN TB 26 -39.39 37.19 -116.51
CA ASN TB 26 -40.22 38.22 -115.87
C ASN TB 26 -39.66 38.68 -114.52
N SER TB 27 -38.97 37.76 -113.78
CA SER TB 27 -38.34 38.06 -112.49
C SER TB 27 -37.21 39.05 -112.67
N GLU TB 28 -36.45 38.91 -113.77
CA GLU TB 28 -35.34 39.79 -114.13
C GLU TB 28 -35.83 41.14 -114.63
N LEU TB 29 -37.12 41.25 -115.03
CA LEU TB 29 -37.70 42.50 -115.50
C LEU TB 29 -38.09 43.42 -114.36
N THR TB 30 -38.20 42.86 -113.14
CA THR TB 30 -38.58 43.59 -111.94
C THR TB 30 -37.40 43.80 -110.98
N SER TB 31 -36.61 42.74 -110.71
CA SER TB 31 -35.48 42.79 -109.79
C SER TB 31 -34.32 41.86 -110.17
N GLY TB 32 -33.10 42.28 -109.88
CA GLY TB 32 -31.90 41.50 -110.12
C GLY TB 32 -31.46 41.39 -111.56
N GLY TB 33 -30.78 40.29 -111.86
CA GLY TB 33 -30.26 40.01 -113.19
C GLY TB 33 -29.10 40.90 -113.59
N ASN TB 34 -28.97 41.17 -114.90
CA ASN TB 34 -27.92 42.00 -115.46
C ASN TB 34 -28.47 43.33 -115.96
N VAL TB 35 -29.79 43.52 -115.85
CA VAL TB 35 -30.46 44.74 -116.29
C VAL TB 35 -30.68 45.76 -115.14
N VAL TB 36 -30.62 47.08 -115.46
CA VAL TB 36 -30.83 48.18 -114.52
C VAL TB 36 -32.32 48.46 -114.39
N HIS TB 37 -32.83 48.51 -113.14
CA HIS TB 37 -34.25 48.72 -112.83
C HIS TB 37 -34.56 50.11 -112.30
N LYS TB 38 -35.86 50.47 -112.32
CA LYS TB 38 -36.36 51.74 -111.82
C LYS TB 38 -36.43 51.77 -110.30
N THR TB 39 -36.41 50.59 -109.64
CA THR TB 39 -36.47 50.47 -108.19
C THR TB 39 -35.44 49.49 -107.67
N GLY TB 40 -34.90 49.81 -106.49
CA GLY TB 40 -33.91 48.99 -105.81
C GLY TB 40 -32.48 49.46 -105.95
N ASP TB 41 -31.64 49.06 -104.97
CA ASP TB 41 -30.22 49.38 -104.92
C ASP TB 41 -29.43 48.43 -105.81
N GLU TB 42 -28.79 48.98 -106.85
CA GLU TB 42 -28.05 48.20 -107.84
C GLU TB 42 -26.68 48.78 -108.15
N THR TB 43 -25.74 47.92 -108.61
CA THR TB 43 -24.39 48.29 -109.01
C THR TB 43 -24.23 48.18 -110.52
N ILE TB 44 -23.79 49.27 -111.16
CA ILE TB 44 -23.63 49.38 -112.61
C ILE TB 44 -22.15 49.55 -112.99
N ALA TB 45 -21.70 48.80 -113.99
CA ALA TB 45 -20.32 48.84 -114.50
C ALA TB 45 -20.31 49.12 -116.00
N GLY TB 46 -19.31 49.86 -116.45
CA GLY TB 46 -19.14 50.22 -117.85
C GLY TB 46 -19.28 51.70 -118.11
N LYS TB 47 -18.74 52.16 -119.25
CA LYS TB 47 -18.77 53.57 -119.65
C LYS TB 47 -20.18 53.95 -120.15
N LYS TB 48 -20.95 54.64 -119.27
CA LYS TB 48 -22.32 55.07 -119.55
C LYS TB 48 -22.37 56.52 -120.01
N THR TB 49 -22.85 56.75 -121.26
CA THR TB 49 -22.95 58.09 -121.86
C THR TB 49 -24.40 58.55 -121.92
N PHE TB 50 -24.72 59.59 -121.16
CA PHE TB 50 -26.06 60.18 -121.11
C PHE TB 50 -26.13 61.39 -122.03
N THR TB 51 -26.81 61.23 -123.18
CA THR TB 51 -26.98 62.30 -124.16
C THR TB 51 -28.06 63.30 -123.72
N GLY TB 52 -29.03 62.82 -122.93
CA GLY TB 52 -30.13 63.61 -122.39
C GLY TB 52 -29.75 64.40 -121.14
N ASN TB 53 -30.78 64.93 -120.45
CA ASN TB 53 -30.59 65.71 -119.23
C ASN TB 53 -30.78 64.85 -117.97
N VAL TB 54 -29.74 64.81 -117.13
CA VAL TB 54 -29.73 64.03 -115.89
C VAL TB 54 -30.22 64.89 -114.72
N GLU TB 55 -31.16 64.37 -113.94
CA GLU TB 55 -31.71 65.06 -112.78
C GLU TB 55 -31.51 64.19 -111.53
N VAL TB 56 -30.90 64.78 -110.48
CA VAL TB 56 -30.64 64.09 -109.21
C VAL TB 56 -31.44 64.77 -108.10
N ASN TB 57 -32.22 63.98 -107.34
CA ASN TB 57 -33.04 64.48 -106.24
C ASN TB 57 -32.42 64.12 -104.89
N GLY TB 58 -31.65 63.04 -104.86
CA GLY TB 58 -30.96 62.57 -103.66
C GLY TB 58 -29.61 63.23 -103.48
N SER TB 59 -28.58 62.40 -103.23
CA SER TB 59 -27.21 62.86 -103.04
C SER TB 59 -26.25 62.26 -104.06
N LEU TB 60 -25.35 63.08 -104.61
CA LEU TB 60 -24.34 62.63 -105.57
C LEU TB 60 -23.03 62.39 -104.85
N THR TB 61 -22.51 61.15 -104.93
CA THR TB 61 -21.28 60.74 -104.27
C THR TB 61 -20.19 60.52 -105.32
N LEU TB 62 -19.03 61.11 -105.07
CA LEU TB 62 -17.88 60.99 -105.93
C LEU TB 62 -16.71 60.41 -105.09
N PRO TB 63 -15.60 59.89 -105.70
CA PRO TB 63 -14.50 59.36 -104.86
C PRO TB 63 -13.96 60.41 -103.89
N THR TB 64 -14.05 60.13 -102.56
CA THR TB 64 -13.64 61.07 -101.51
C THR TB 64 -12.39 60.62 -100.76
N LYS TB 65 -11.44 61.56 -100.58
CA LYS TB 65 -10.19 61.36 -99.86
C LYS TB 65 -9.86 62.62 -99.09
N SER TB 66 -9.56 62.47 -97.80
CA SER TB 66 -9.24 63.59 -96.91
C SER TB 66 -7.78 63.62 -96.49
N TRP TB 67 -7.22 64.83 -96.32
CA TRP TB 67 -5.84 65.05 -95.91
C TRP TB 67 -5.72 66.34 -95.12
N SER TB 68 -4.88 66.32 -94.06
CA SER TB 68 -4.62 67.48 -93.20
C SER TB 68 -3.19 67.40 -92.66
N GLY TB 69 -2.49 68.53 -92.69
CA GLY TB 69 -1.12 68.63 -92.22
C GLY TB 69 -0.57 70.05 -92.23
N GLU TB 70 0.42 70.30 -91.36
CA GLU TB 70 1.10 71.61 -91.21
C GLU TB 70 2.11 71.79 -92.35
N LEU TB 71 1.80 72.67 -93.32
CA LEU TB 71 2.64 72.93 -94.50
C LEU TB 71 4.01 73.53 -94.16
N GLY TB 72 4.01 74.47 -93.20
CA GLY TB 72 5.22 75.16 -92.76
C GLY TB 72 4.93 76.44 -92.00
N GLY TB 73 5.65 76.62 -90.90
CA GLY TB 73 5.54 77.79 -90.04
C GLY TB 73 4.37 77.81 -89.08
N GLY TB 74 3.54 76.77 -89.12
CA GLY TB 74 2.37 76.63 -88.26
C GLY TB 74 1.05 76.74 -89.00
N ILE TB 75 1.09 76.73 -90.35
CA ILE TB 75 -0.09 76.81 -91.19
C ILE TB 75 -0.57 75.41 -91.57
N ILE TB 76 -1.77 75.04 -91.08
CA ILE TB 76 -2.37 73.72 -91.32
C ILE TB 76 -3.44 73.85 -92.40
N LEU TB 77 -3.28 73.06 -93.49
CA LEU TB 77 -4.22 73.04 -94.61
C LEU TB 77 -5.01 71.75 -94.61
N SER TB 78 -6.35 71.88 -94.66
CA SER TB 78 -7.28 70.75 -94.70
C SER TB 78 -7.82 70.58 -96.12
N LEU TB 79 -7.47 69.46 -96.75
CA LEU TB 79 -7.87 69.16 -98.12
C LEU TB 79 -8.83 67.97 -98.17
N ARG TB 80 -9.86 68.07 -99.03
CA ARG TB 80 -10.85 67.02 -99.25
C ARG TB 80 -11.21 66.97 -100.75
N LYS TB 81 -10.82 65.86 -101.40
CA LYS TB 81 -11.04 65.63 -102.83
C LYS TB 81 -12.45 65.11 -103.10
N LYS TB 82 -13.11 65.69 -104.09
CA LYS TB 82 -14.44 65.31 -104.54
C LYS TB 82 -14.49 65.29 -106.07
N GLY TB 83 -14.05 64.17 -106.63
CA GLY TB 83 -14.02 63.94 -108.07
C GLY TB 83 -12.90 64.65 -108.75
N THR TB 84 -13.24 65.76 -109.44
CA THR TB 84 -12.30 66.62 -110.16
C THR TB 84 -12.10 68.00 -109.50
N THR TB 85 -12.61 68.16 -108.26
CA THR TB 85 -12.52 69.39 -107.47
C THR TB 85 -12.05 69.09 -106.04
N VAL TB 86 -11.02 69.80 -105.57
CA VAL TB 86 -10.49 69.64 -104.21
C VAL TB 86 -10.88 70.86 -103.37
N GLU TB 87 -11.50 70.60 -102.19
CA GLU TB 87 -11.94 71.64 -101.25
C GLU TB 87 -10.82 71.91 -100.25
N TYR TB 88 -10.39 73.18 -100.14
CA TYR TB 88 -9.32 73.57 -99.21
C TYR TB 88 -9.83 74.34 -98.00
N SER TB 89 -9.11 74.25 -96.88
CA SER TB 89 -9.42 74.96 -95.64
C SER TB 89 -8.11 75.35 -94.91
N ILE TB 90 -7.85 76.65 -94.81
CA ILE TB 90 -6.66 77.20 -94.17
C ILE TB 90 -6.95 77.48 -92.69
N GLY TB 91 -6.06 77.01 -91.82
CA GLY TB 91 -6.17 77.18 -90.38
C GLY TB 91 -4.85 77.09 -89.65
N GLY TB 92 -4.90 77.31 -88.34
CA GLY TB 92 -3.74 77.26 -87.47
C GLY TB 92 -3.28 78.61 -86.98
N GLU TB 93 -1.97 78.71 -86.66
CA GLU TB 93 -1.32 79.93 -86.17
C GLU TB 93 0.16 79.95 -86.58
N ILE TB 94 0.62 81.09 -87.12
CA ILE TB 94 2.01 81.27 -87.54
C ILE TB 94 2.91 81.41 -86.30
N SER TB 95 3.78 80.41 -86.07
CA SER TB 95 4.71 80.34 -84.94
C SER TB 95 6.11 80.86 -85.31
N SER TB 96 6.71 80.31 -86.38
CA SER TB 96 8.04 80.69 -86.88
C SER TB 96 7.97 81.67 -88.05
N SER TB 97 9.04 82.44 -88.26
CA SER TB 97 9.13 83.43 -89.33
C SER TB 97 9.22 82.77 -90.71
N ILE TB 98 8.26 83.12 -91.58
CA ILE TB 98 8.20 82.62 -92.97
C ILE TB 98 8.58 83.78 -93.90
N LEU TB 99 9.60 83.56 -94.73
CA LEU TB 99 10.13 84.54 -95.67
C LEU TB 99 9.16 84.80 -96.84
N ALA TB 100 9.30 85.97 -97.50
CA ALA TB 100 8.48 86.34 -98.65
C ALA TB 100 8.96 85.56 -99.88
N ASN TB 101 8.00 84.96 -100.64
CA ASN TB 101 8.24 84.14 -101.83
C ASN TB 101 9.16 82.92 -101.53
N SER TB 102 8.94 82.28 -100.36
CA SER TB 102 9.71 81.12 -99.92
C SER TB 102 8.88 79.84 -99.91
N ASN TB 103 9.56 78.69 -100.00
CA ASN TB 103 8.95 77.36 -100.02
C ASN TB 103 8.69 76.82 -98.62
N LEU TB 104 7.51 76.21 -98.43
CA LEU TB 104 7.11 75.58 -97.16
C LEU TB 104 7.63 74.13 -97.19
N VAL TB 105 8.60 73.85 -96.31
CA VAL TB 105 9.31 72.57 -96.26
C VAL TB 105 8.91 71.56 -95.17
N ASN TB 106 7.95 71.92 -94.28
CA ASN TB 106 7.50 71.04 -93.18
C ASN TB 106 6.78 69.78 -93.69
N ARG TB 107 5.73 69.98 -94.50
CA ARG TB 107 4.93 68.89 -95.07
C ARG TB 107 4.51 69.27 -96.50
N SER TB 108 4.69 68.34 -97.44
CA SER TB 108 4.35 68.52 -98.85
C SER TB 108 2.99 67.91 -99.16
N VAL TB 109 2.24 68.54 -100.10
CA VAL TB 109 0.91 68.07 -100.52
C VAL TB 109 1.04 66.78 -101.34
N PRO TB 110 0.32 65.69 -100.98
CA PRO TB 110 0.42 64.43 -101.75
C PRO TB 110 0.02 64.58 -103.22
N ASN TB 111 0.64 63.77 -104.11
CA ASN TB 111 0.42 63.80 -105.56
C ASN TB 111 -1.04 63.63 -106.01
N GLU TB 112 -1.85 62.88 -105.23
CA GLU TB 112 -3.27 62.66 -105.51
C GLU TB 112 -4.13 63.90 -105.30
N PHE TB 113 -3.60 64.91 -104.57
CA PHE TB 113 -4.25 66.21 -104.29
C PHE TB 113 -3.63 67.34 -105.12
N CYS TB 114 -2.47 67.07 -105.75
CA CYS TB 114 -1.72 68.01 -106.57
C CYS TB 114 -2.40 68.32 -107.92
N PRO TB 115 -2.62 69.62 -108.24
CA PRO TB 115 -3.23 69.95 -109.53
C PRO TB 115 -2.23 69.97 -110.68
N ARG TB 116 -2.73 69.93 -111.93
CA ARG TB 116 -1.91 69.98 -113.14
C ARG TB 116 -1.25 71.35 -113.33
N ASN TB 117 -2.01 72.42 -113.00
CA ASN TB 117 -1.58 73.82 -113.07
C ASN TB 117 -1.41 74.45 -111.68
N ARG TB 118 -0.68 75.58 -111.59
CA ARG TB 118 -0.44 76.31 -110.35
C ARG TB 118 -1.72 77.03 -109.89
N CYS TB 119 -2.22 76.67 -108.68
CA CYS TB 119 -3.44 77.24 -108.10
C CYS TB 119 -3.14 78.15 -106.94
N SER TB 120 -3.77 79.33 -106.92
CA SER TB 120 -3.61 80.33 -105.87
C SER TB 120 -4.78 80.32 -104.90
N LEU TB 121 -4.49 80.07 -103.61
CA LEU TB 121 -5.53 80.01 -102.59
C LEU TB 121 -5.51 81.28 -101.74
N VAL TB 122 -6.43 82.20 -102.03
CA VAL TB 122 -6.54 83.49 -101.35
C VAL TB 122 -7.07 83.31 -99.92
N GLY TB 123 -6.38 83.92 -98.96
CA GLY TB 123 -6.71 83.90 -97.54
C GLY TB 123 -6.70 85.27 -96.89
N HIS TB 124 -7.17 85.34 -95.63
CA HIS TB 124 -7.23 86.58 -94.84
C HIS TB 124 -6.67 86.40 -93.44
N MET TB 125 -5.86 87.37 -92.99
CA MET TB 125 -5.25 87.38 -91.67
C MET TB 125 -6.17 88.04 -90.65
N VAL TB 126 -6.40 87.35 -89.52
CA VAL TB 126 -7.28 87.81 -88.45
C VAL TB 126 -6.66 89.02 -87.72
N GLY TB 127 -7.42 90.12 -87.67
CA GLY TB 127 -6.98 91.32 -86.99
C GLY TB 127 -6.86 92.58 -87.84
N GLY TB 128 -6.49 92.40 -89.11
CA GLY TB 128 -6.31 93.52 -90.03
C GLY TB 128 -6.87 93.28 -91.42
N TRP TB 129 -6.53 94.19 -92.36
CA TRP TB 129 -6.93 94.14 -93.76
C TRP TB 129 -5.86 93.39 -94.58
N ASN TB 130 -5.21 92.40 -93.97
CA ASN TB 130 -4.13 91.63 -94.57
C ASN TB 130 -4.61 90.40 -95.35
N ALA TB 131 -4.07 90.21 -96.57
CA ALA TB 131 -4.38 89.09 -97.46
C ALA TB 131 -3.13 88.32 -97.87
N PHE TB 132 -3.29 87.03 -98.20
CA PHE TB 132 -2.19 86.15 -98.62
C PHE TB 132 -2.68 85.07 -99.58
N HIS TB 133 -1.76 84.54 -100.40
CA HIS TB 133 -2.06 83.46 -101.33
C HIS TB 133 -0.94 82.42 -101.33
N ILE TB 134 -1.32 81.13 -101.37
CA ILE TB 134 -0.38 80.01 -101.38
C ILE TB 134 -0.48 79.28 -102.72
N ASP TB 135 0.64 79.13 -103.42
CA ASP TB 135 0.70 78.46 -104.71
C ASP TB 135 1.06 76.98 -104.55
N ILE TB 136 0.29 76.09 -105.21
CA ILE TB 136 0.50 74.65 -105.16
C ILE TB 136 0.83 74.12 -106.57
N PRO TB 137 2.08 73.64 -106.79
CA PRO TB 137 2.44 73.13 -108.11
C PRO TB 137 2.16 71.62 -108.24
N SER TB 138 2.66 71.00 -109.32
CA SER TB 138 2.49 69.56 -109.55
C SER TB 138 3.37 68.73 -108.62
N SER TB 139 4.46 69.33 -108.10
CA SER TB 139 5.41 68.68 -107.19
C SER TB 139 4.83 68.45 -105.80
N GLY TB 140 4.24 69.49 -105.21
CA GLY TB 140 3.64 69.43 -103.88
C GLY TB 140 4.19 70.43 -102.88
N VAL TB 141 5.38 70.99 -103.18
CA VAL TB 141 6.04 71.98 -102.31
C VAL TB 141 5.34 73.33 -102.43
N CYS TB 142 4.58 73.70 -101.40
CA CYS TB 142 3.81 74.95 -101.33
C CYS TB 142 4.72 76.17 -101.19
N GLN TB 143 4.25 77.33 -101.68
CA GLN TB 143 5.00 78.57 -101.61
C GLN TB 143 4.17 79.71 -101.02
N TRP TB 144 4.70 80.36 -99.98
CA TRP TB 144 4.06 81.51 -99.33
C TRP TB 144 4.44 82.75 -100.14
N PHE TB 145 3.47 83.31 -100.88
CA PHE TB 145 3.69 84.49 -101.73
C PHE TB 145 3.37 85.85 -101.08
N GLY TB 146 3.07 85.82 -99.78
CA GLY TB 146 2.82 87.02 -99.00
C GLY TB 146 4.11 87.63 -98.47
N PRO TB 147 4.02 88.68 -97.62
CA PRO TB 147 5.26 89.28 -97.06
C PRO TB 147 5.87 88.44 -95.93
N THR TB 148 7.08 88.81 -95.44
CA THR TB 148 7.74 88.07 -94.36
C THR TB 148 6.99 88.22 -93.04
N ALA TB 149 6.22 87.21 -92.67
CA ALA TB 149 5.42 87.20 -91.45
C ALA TB 149 5.94 86.19 -90.44
N SER TB 150 5.86 86.56 -89.15
CA SER TB 150 6.31 85.72 -88.03
C SER TB 150 5.15 85.32 -87.12
N SER TB 151 4.08 86.14 -87.09
CA SER TB 151 2.89 85.92 -86.26
C SER TB 151 1.60 86.31 -86.99
N GLY TB 152 0.51 85.62 -86.65
CA GLY TB 152 -0.80 85.88 -87.23
C GLY TB 152 -1.64 84.64 -87.42
N THR TB 153 -2.97 84.82 -87.58
CA THR TB 153 -3.91 83.71 -87.78
C THR TB 153 -4.33 83.58 -89.26
N PRO TB 154 -3.91 82.48 -89.95
CA PRO TB 154 -4.32 82.31 -91.35
C PRO TB 154 -5.67 81.60 -91.48
N ARG TB 155 -6.56 82.16 -92.31
CA ARG TB 155 -7.90 81.61 -92.55
C ARG TB 155 -8.29 81.72 -94.03
N GLY TB 156 -9.09 80.77 -94.51
CA GLY TB 156 -9.56 80.73 -95.89
C GLY TB 156 -10.13 79.39 -96.30
N THR TB 157 -11.35 79.39 -96.85
CA THR TB 157 -12.04 78.19 -97.30
C THR TB 157 -12.64 78.40 -98.69
N GLY TB 158 -12.45 77.41 -99.56
CA GLY TB 158 -12.95 77.42 -100.93
C GLY TB 158 -12.71 76.13 -101.68
N THR TB 159 -12.63 76.22 -103.02
CA THR TB 159 -12.41 75.09 -103.92
C THR TB 159 -11.39 75.46 -105.00
N TYR TB 160 -10.63 74.46 -105.48
CA TYR TB 160 -9.66 74.65 -106.55
C TYR TB 160 -9.63 73.46 -107.52
N PRO TB 161 -9.52 73.70 -108.86
CA PRO TB 161 -9.48 72.57 -109.81
C PRO TB 161 -8.20 71.73 -109.74
N ILE TB 162 -8.30 70.45 -110.12
CA ILE TB 162 -7.18 69.51 -110.13
C ILE TB 162 -6.68 69.19 -111.56
N ASP TB 163 -7.59 69.30 -112.55
CA ASP TB 163 -7.31 69.07 -113.97
C ASP TB 163 -7.34 70.37 -114.80
N SER TB 164 -6.61 70.38 -115.92
CA SER TB 164 -6.55 71.55 -116.82
C SER TB 164 -6.56 71.11 -118.28
N ALA TB 165 -5.44 70.50 -118.76
CA ALA TB 165 -5.29 70.04 -120.13
C ALA TB 165 -5.35 68.51 -120.17
N ALA UB 2 88.20 -30.66 -101.64
CA ALA UB 2 88.43 -32.04 -101.20
C ALA UB 2 88.55 -33.00 -102.37
N SER UB 3 89.43 -34.00 -102.25
CA SER UB 3 89.60 -35.02 -103.29
C SER UB 3 88.48 -36.06 -103.18
N ILE UB 4 87.56 -36.04 -104.16
CA ILE UB 4 86.40 -36.93 -104.21
C ILE UB 4 86.38 -37.83 -105.44
N LYS UB 5 85.83 -39.05 -105.28
CA LYS UB 5 85.67 -40.02 -106.36
C LYS UB 5 84.33 -39.83 -107.06
N LYS UB 6 84.30 -40.11 -108.37
CA LYS UB 6 83.11 -39.97 -109.20
C LYS UB 6 82.13 -41.12 -108.95
N VAL UB 7 80.84 -40.78 -108.81
CA VAL UB 7 79.73 -41.72 -108.60
C VAL UB 7 78.99 -41.95 -109.93
N TYR UB 8 78.87 -43.23 -110.33
CA TYR UB 8 78.22 -43.63 -111.58
C TYR UB 8 77.38 -44.89 -111.40
N ARG UB 9 76.47 -45.14 -112.35
CA ARG UB 9 75.60 -46.32 -112.36
C ARG UB 9 76.42 -47.57 -112.70
N GLY UB 10 76.21 -48.62 -111.90
CA GLY UB 10 76.90 -49.89 -112.05
C GLY UB 10 78.29 -49.86 -111.47
N MET UB 11 78.48 -49.03 -110.43
CA MET UB 11 79.76 -48.86 -109.75
C MET UB 11 79.96 -49.97 -108.73
N LYS UB 12 81.15 -50.57 -108.73
CA LYS UB 12 81.49 -51.63 -107.78
C LYS UB 12 81.76 -50.99 -106.41
N ASN UB 13 81.07 -51.49 -105.36
CA ASN UB 13 81.12 -50.98 -103.97
C ASN UB 13 80.83 -49.46 -103.92
N GLY UB 14 79.58 -49.12 -104.25
CA GLY UB 14 79.11 -47.74 -104.27
C GLY UB 14 78.87 -47.12 -102.91
N ALA UB 15 78.39 -47.94 -101.96
CA ALA UB 15 78.09 -47.52 -100.59
C ALA UB 15 79.34 -46.95 -99.87
N GLU UB 16 80.48 -47.62 -100.05
CA GLU UB 16 81.75 -47.20 -99.44
C GLU UB 16 82.26 -45.91 -100.10
N THR UB 17 82.08 -45.80 -101.43
CA THR UB 17 82.54 -44.66 -102.25
C THR UB 17 81.87 -43.36 -101.80
N ILE UB 18 80.53 -43.38 -101.66
CA ILE UB 18 79.74 -42.22 -101.23
C ILE UB 18 80.13 -41.81 -99.80
N ASN UB 19 80.23 -42.80 -98.90
CA ASN UB 19 80.61 -42.58 -97.50
C ASN UB 19 81.97 -41.90 -97.37
N ASP UB 20 82.96 -42.36 -98.16
CA ASP UB 20 84.30 -41.80 -98.16
C ASP UB 20 84.32 -40.36 -98.71
N ASP UB 21 83.45 -40.09 -99.70
CA ASP UB 21 83.31 -38.76 -100.31
C ASP UB 21 82.66 -37.79 -99.34
N LEU UB 22 81.64 -38.24 -98.61
CA LEU UB 22 80.94 -37.42 -97.63
C LEU UB 22 81.84 -37.10 -96.43
N GLU UB 23 82.66 -38.08 -96.01
CA GLU UB 23 83.59 -37.92 -94.88
C GLU UB 23 84.74 -36.98 -95.23
N ALA UB 24 85.20 -37.00 -96.50
CA ALA UB 24 86.28 -36.14 -97.01
C ALA UB 24 85.83 -34.69 -97.08
N ILE UB 25 84.57 -34.45 -97.43
CA ILE UB 25 83.96 -33.13 -97.50
C ILE UB 25 83.73 -32.61 -96.08
N ASN UB 26 83.15 -33.44 -95.19
CA ASN UB 26 82.87 -33.09 -93.80
C ASN UB 26 84.16 -32.78 -93.00
N SER UB 27 85.28 -33.42 -93.37
CA SER UB 27 86.59 -33.20 -92.73
C SER UB 27 87.09 -31.78 -93.01
N GLU UB 28 86.86 -31.29 -94.24
CA GLU UB 28 87.24 -29.95 -94.68
C GLU UB 28 86.32 -28.87 -94.09
N LEU UB 29 85.10 -29.25 -93.66
CA LEU UB 29 84.13 -28.33 -93.04
C LEU UB 29 84.52 -27.95 -91.61
N THR UB 30 85.38 -28.77 -90.97
CA THR UB 30 85.85 -28.57 -89.59
C THR UB 30 87.30 -28.07 -89.52
N SER UB 31 88.21 -28.67 -90.32
CA SER UB 31 89.62 -28.32 -90.35
C SER UB 31 90.29 -28.50 -91.72
N GLY UB 32 91.25 -27.62 -92.00
CA GLY UB 32 92.04 -27.66 -93.23
C GLY UB 32 91.31 -27.25 -94.49
N GLY UB 33 91.78 -27.79 -95.62
CA GLY UB 33 91.21 -27.51 -96.93
C GLY UB 33 91.57 -26.13 -97.46
N ASN UB 34 90.62 -25.50 -98.18
CA ASN UB 34 90.80 -24.16 -98.74
C ASN UB 34 89.80 -23.15 -98.16
N VAL UB 35 89.14 -23.52 -97.05
CA VAL UB 35 88.16 -22.66 -96.37
C VAL UB 35 88.63 -22.15 -95.03
N VAL UB 36 88.22 -20.91 -94.69
CA VAL UB 36 88.56 -20.25 -93.43
C VAL UB 36 87.60 -20.75 -92.33
N HIS UB 37 88.16 -21.28 -91.24
CA HIS UB 37 87.40 -21.82 -90.10
C HIS UB 37 87.35 -20.90 -88.91
N LYS UB 38 86.37 -21.14 -88.01
CA LYS UB 38 86.16 -20.41 -86.76
C LYS UB 38 87.15 -20.87 -85.68
N THR UB 39 87.86 -21.99 -85.95
CA THR UB 39 88.85 -22.57 -85.03
C THR UB 39 90.12 -22.96 -85.76
N GLY UB 40 91.26 -22.74 -85.10
CA GLY UB 40 92.57 -23.07 -85.63
C GLY UB 40 93.30 -21.93 -86.31
N ASP UB 41 94.63 -22.06 -86.40
CA ASP UB 41 95.52 -21.09 -87.03
C ASP UB 41 95.61 -21.38 -88.53
N GLU UB 42 95.17 -20.41 -89.36
CA GLU UB 42 95.14 -20.54 -90.82
C GLU UB 42 95.72 -19.30 -91.53
N THR UB 43 96.23 -19.52 -92.76
CA THR UB 43 96.79 -18.46 -93.62
C THR UB 43 95.79 -18.17 -94.75
N ILE UB 44 95.47 -16.88 -94.92
CA ILE UB 44 94.51 -16.38 -95.91
C ILE UB 44 95.22 -15.48 -96.93
N ALA UB 45 94.91 -15.71 -98.22
CA ALA UB 45 95.48 -14.96 -99.34
C ALA UB 45 94.36 -14.35 -100.19
N GLY UB 46 94.62 -13.18 -100.76
CA GLY UB 46 93.67 -12.46 -101.59
C GLY UB 46 93.09 -11.22 -100.93
N LYS UB 47 92.50 -10.35 -101.75
CA LYS UB 47 91.88 -9.09 -101.31
C LYS UB 47 90.54 -9.36 -100.64
N LYS UB 48 90.52 -9.24 -99.30
CA LYS UB 48 89.32 -9.48 -98.48
C LYS UB 48 88.69 -8.16 -98.07
N THR UB 49 87.51 -7.86 -98.64
CA THR UB 49 86.75 -6.63 -98.38
C THR UB 49 85.64 -6.87 -97.36
N PHE UB 50 85.82 -6.33 -96.13
CA PHE UB 50 84.87 -6.45 -95.04
C PHE UB 50 83.93 -5.24 -95.04
N THR UB 51 82.69 -5.44 -95.51
CA THR UB 51 81.67 -4.38 -95.57
C THR UB 51 81.07 -4.11 -94.19
N GLY UB 52 81.06 -5.14 -93.35
CA GLY UB 52 80.56 -5.07 -91.98
C GLY UB 52 81.57 -4.55 -90.97
N ASN UB 53 81.25 -4.71 -89.68
CA ASN UB 53 82.12 -4.27 -88.59
C ASN UB 53 83.07 -5.38 -88.13
N VAL UB 54 84.36 -5.04 -87.98
CA VAL UB 54 85.40 -5.98 -87.56
C VAL UB 54 85.80 -5.72 -86.11
N GLU UB 55 85.81 -6.76 -85.28
CA GLU UB 55 86.20 -6.69 -83.88
C GLU UB 55 87.37 -7.65 -83.61
N VAL UB 56 88.47 -7.12 -83.05
CA VAL UB 56 89.67 -7.90 -82.71
C VAL UB 56 89.86 -7.88 -81.18
N ASN UB 57 89.94 -9.07 -80.58
CA ASN UB 57 90.15 -9.24 -79.13
C ASN UB 57 91.62 -9.51 -78.82
N GLY UB 58 92.35 -10.05 -79.80
CA GLY UB 58 93.78 -10.35 -79.68
C GLY UB 58 94.64 -9.17 -80.05
N SER UB 59 95.75 -9.43 -80.75
CA SER UB 59 96.69 -8.40 -81.19
C SER UB 59 96.74 -8.28 -82.71
N LEU UB 60 96.75 -7.05 -83.22
CA LEU UB 60 96.82 -6.76 -84.65
C LEU UB 60 98.27 -6.49 -85.05
N THR UB 61 98.76 -7.22 -86.07
CA THR UB 61 100.14 -7.08 -86.58
C THR UB 61 100.13 -6.47 -87.97
N LEU UB 62 100.96 -5.44 -88.19
CA LEU UB 62 101.07 -4.73 -89.47
C LEU UB 62 102.53 -4.64 -89.91
N PRO UB 63 102.83 -4.42 -91.22
CA PRO UB 63 104.23 -4.24 -91.66
C PRO UB 63 104.98 -3.14 -90.88
N THR UB 64 106.15 -3.50 -90.32
CA THR UB 64 106.96 -2.61 -89.49
C THR UB 64 108.40 -2.46 -90.01
N LYS UB 65 108.89 -1.20 -90.02
CA LYS UB 65 110.24 -0.84 -90.42
C LYS UB 65 110.74 0.30 -89.55
N SER UB 66 111.94 0.15 -88.97
CA SER UB 66 112.54 1.13 -88.08
C SER UB 66 113.76 1.83 -88.69
N TRP UB 67 113.97 3.10 -88.31
CA TRP UB 67 115.10 3.93 -88.77
C TRP UB 67 115.50 4.93 -87.69
N SER UB 68 116.81 5.13 -87.51
CA SER UB 68 117.37 6.08 -86.55
C SER UB 68 118.66 6.67 -87.10
N GLY UB 69 118.82 7.98 -86.93
CA GLY UB 69 119.99 8.72 -87.39
C GLY UB 69 119.98 10.19 -87.01
N GLU UB 70 121.18 10.78 -86.93
CA GLU UB 70 121.38 12.19 -86.58
C GLU UB 70 121.07 13.07 -87.80
N LEU UB 71 120.00 13.90 -87.69
CA LEU UB 71 119.57 14.79 -88.77
C LEU UB 71 120.55 15.93 -89.01
N GLY UB 72 121.06 16.53 -87.93
CA GLY UB 72 122.01 17.63 -88.00
C GLY UB 72 122.22 18.33 -86.67
N GLY UB 73 123.48 18.37 -86.22
CA GLY UB 73 123.89 19.01 -84.98
C GLY UB 73 123.45 18.32 -83.71
N GLY UB 74 123.68 17.01 -83.64
CA GLY UB 74 123.35 16.19 -82.48
C GLY UB 74 121.88 15.91 -82.25
N ILE UB 75 121.02 16.15 -83.27
CA ILE UB 75 119.57 15.90 -83.17
C ILE UB 75 119.26 14.56 -83.84
N ILE UB 76 119.01 13.52 -83.02
CA ILE UB 76 118.71 12.16 -83.48
C ILE UB 76 117.20 11.93 -83.48
N LEU UB 77 116.66 11.51 -84.64
CA LEU UB 77 115.24 11.21 -84.82
C LEU UB 77 115.03 9.71 -85.03
N SER UB 78 114.18 9.11 -84.20
CA SER UB 78 113.84 7.70 -84.26
C SER UB 78 112.48 7.55 -84.92
N LEU UB 79 112.45 6.86 -86.07
CA LEU UB 79 111.23 6.66 -86.84
C LEU UB 79 110.84 5.19 -86.94
N ARG UB 80 109.53 4.90 -86.88
CA ARG UB 80 108.98 3.56 -87.02
C ARG UB 80 107.64 3.61 -87.78
N LYS UB 81 107.59 2.94 -88.95
CA LYS UB 81 106.42 2.88 -89.83
C LYS UB 81 105.51 1.71 -89.47
N LYS UB 82 104.20 1.98 -89.40
CA LYS UB 82 103.16 1.00 -89.11
C LYS UB 82 102.00 1.17 -90.10
N GLY UB 83 102.19 0.62 -91.29
CA GLY UB 83 101.20 0.70 -92.36
C GLY UB 83 101.18 2.05 -93.04
N THR UB 84 100.26 2.94 -92.61
CA THR UB 84 100.07 4.28 -93.16
C THR UB 84 100.38 5.41 -92.16
N THR UB 85 100.86 5.04 -90.95
CA THR UB 85 101.21 6.00 -89.90
C THR UB 85 102.63 5.73 -89.38
N VAL UB 86 103.45 6.80 -89.33
CA VAL UB 86 104.85 6.71 -88.86
C VAL UB 86 104.97 7.40 -87.50
N GLU UB 87 105.55 6.67 -86.52
CA GLU UB 87 105.75 7.17 -85.16
C GLU UB 87 107.15 7.79 -85.06
N TYR UB 88 107.22 9.06 -84.60
CA TYR UB 88 108.48 9.79 -84.47
C TYR UB 88 108.89 9.99 -83.02
N SER UB 89 110.20 10.08 -82.76
CA SER UB 89 110.77 10.31 -81.44
C SER UB 89 112.03 11.16 -81.55
N ILE UB 90 112.00 12.37 -80.96
CA ILE UB 90 113.13 13.31 -80.98
C ILE UB 90 113.98 13.10 -79.73
N GLY UB 91 115.29 12.94 -79.95
CA GLY UB 91 116.26 12.72 -78.88
C GLY UB 91 117.61 13.35 -79.16
N GLY UB 92 118.56 13.08 -78.27
CA GLY UB 92 119.92 13.58 -78.36
C GLY UB 92 120.10 14.92 -77.67
N GLU UB 93 121.19 15.62 -78.03
CA GLU UB 93 121.55 16.94 -77.48
C GLU UB 93 122.24 17.77 -78.57
N ILE UB 94 121.87 19.06 -78.66
CA ILE UB 94 122.42 20.01 -79.65
C ILE UB 94 123.89 20.34 -79.35
N SER UB 95 124.79 19.96 -80.28
CA SER UB 95 126.23 20.17 -80.17
C SER UB 95 126.70 21.39 -80.97
N SER UB 96 126.41 21.44 -82.29
CA SER UB 96 126.79 22.54 -83.16
C SER UB 96 125.64 23.56 -83.32
N SER UB 97 125.95 24.73 -83.89
CA SER UB 97 124.96 25.80 -84.09
C SER UB 97 124.13 25.58 -85.36
N ILE UB 98 122.80 25.51 -85.17
CA ILE UB 98 121.82 25.36 -86.26
C ILE UB 98 121.10 26.69 -86.45
N LEU UB 99 121.21 27.26 -87.66
CA LEU UB 99 120.61 28.54 -88.04
C LEU UB 99 119.08 28.47 -88.10
N ALA UB 100 118.42 29.64 -88.01
CA ALA UB 100 116.96 29.74 -88.09
C ALA UB 100 116.50 29.55 -89.54
N ASN UB 101 115.48 28.69 -89.75
CA ASN UB 101 114.92 28.33 -91.06
C ASN UB 101 115.98 27.72 -92.03
N SER UB 102 116.87 26.88 -91.49
CA SER UB 102 117.94 26.21 -92.23
C SER UB 102 117.74 24.70 -92.28
N ASN UB 103 118.23 24.06 -93.36
CA ASN UB 103 118.11 22.63 -93.60
C ASN UB 103 119.20 21.83 -92.89
N LEU UB 104 118.80 20.71 -92.25
CA LEU UB 104 119.72 19.80 -91.57
C LEU UB 104 120.30 18.85 -92.62
N VAL UB 105 121.60 19.01 -92.92
CA VAL UB 105 122.30 18.28 -93.99
C VAL UB 105 123.22 17.12 -93.57
N ASN UB 106 123.15 16.66 -92.31
CA ASN UB 106 123.98 15.55 -91.84
C ASN UB 106 123.51 14.20 -92.40
N ARG UB 107 122.20 13.91 -92.27
CA ARG UB 107 121.56 12.69 -92.78
C ARG UB 107 120.10 12.96 -93.12
N SER UB 108 119.67 12.48 -94.30
CA SER UB 108 118.31 12.66 -94.81
C SER UB 108 117.41 11.46 -94.49
N VAL UB 109 116.10 11.73 -94.36
CA VAL UB 109 115.08 10.71 -94.06
C VAL UB 109 114.81 9.86 -95.33
N PRO UB 110 114.88 8.49 -95.24
CA PRO UB 110 114.63 7.65 -96.42
C PRO UB 110 113.25 7.82 -97.04
N ASN UB 111 113.13 7.58 -98.35
CA ASN UB 111 111.88 7.75 -99.12
C ASN UB 111 110.68 6.95 -98.62
N GLU UB 112 110.93 5.76 -98.04
CA GLU UB 112 109.88 4.89 -97.49
C GLU UB 112 109.23 5.46 -96.22
N PHE UB 113 109.87 6.48 -95.60
CA PHE UB 113 109.39 7.19 -94.40
C PHE UB 113 108.91 8.60 -94.74
N CYS UB 114 109.23 9.08 -95.95
CA CYS UB 114 108.85 10.42 -96.43
C CYS UB 114 107.36 10.55 -96.75
N PRO UB 115 106.66 11.56 -96.15
CA PRO UB 115 105.21 11.73 -96.44
C PRO UB 115 104.97 12.47 -97.75
N ARG UB 116 103.71 12.40 -98.27
CA ARG UB 116 103.32 13.08 -99.50
C ARG UB 116 103.30 14.60 -99.30
N ASN UB 117 102.74 15.05 -98.16
CA ASN UB 117 102.66 16.46 -97.77
C ASN UB 117 103.65 16.78 -96.63
N ARG UB 118 104.02 18.06 -96.46
CA ARG UB 118 104.95 18.52 -95.43
C ARG UB 118 104.32 18.39 -94.03
N CYS UB 119 104.99 17.65 -93.13
CA CYS UB 119 104.52 17.39 -91.76
C CYS UB 119 105.40 18.10 -90.73
N SER UB 120 104.75 18.76 -89.75
CA SER UB 120 105.41 19.49 -88.67
C SER UB 120 105.48 18.66 -87.39
N LEU UB 121 106.68 18.50 -86.82
CA LEU UB 121 106.85 17.72 -85.59
C LEU UB 121 107.11 18.65 -84.40
N VAL UB 122 106.08 18.92 -83.60
CA VAL UB 122 106.17 19.81 -82.43
C VAL UB 122 106.98 19.15 -81.31
N GLY UB 123 107.99 19.88 -80.82
CA GLY UB 123 108.89 19.45 -79.75
C GLY UB 123 109.07 20.48 -78.65
N HIS UB 124 109.72 20.07 -77.54
CA HIS UB 124 109.98 20.92 -76.38
C HIS UB 124 111.43 20.80 -75.91
N MET UB 125 112.02 21.94 -75.56
CA MET UB 125 113.41 22.04 -75.09
C MET UB 125 113.47 21.88 -73.58
N VAL UB 126 114.35 20.99 -73.10
CA VAL UB 126 114.56 20.72 -71.67
C VAL UB 126 115.20 21.92 -70.98
N GLY UB 127 114.55 22.41 -69.92
CA GLY UB 127 115.02 23.54 -69.14
C GLY UB 127 114.06 24.71 -69.12
N GLY UB 128 113.70 25.19 -70.31
CA GLY UB 128 112.80 26.33 -70.46
C GLY UB 128 111.46 25.98 -71.08
N TRP UB 129 110.65 27.03 -71.37
CA TRP UB 129 109.33 26.95 -72.00
C TRP UB 129 109.47 26.96 -73.54
N ASN UB 130 110.71 26.73 -74.02
CA ASN UB 130 111.09 26.74 -75.43
C ASN UB 130 110.49 25.60 -76.25
N ALA UB 131 109.93 25.94 -77.42
CA ALA UB 131 109.29 25.00 -78.34
C ALA UB 131 109.92 25.09 -79.73
N PHE UB 132 109.86 23.99 -80.49
CA PHE UB 132 110.42 23.90 -81.84
C PHE UB 132 109.63 22.93 -82.72
N HIS UB 133 109.73 23.09 -84.04
CA HIS UB 133 109.10 22.18 -84.99
C HIS UB 133 110.02 21.93 -86.19
N ILE UB 134 110.12 20.66 -86.62
CA ILE UB 134 110.94 20.24 -87.76
C ILE UB 134 110.03 19.76 -88.87
N ASP UB 135 110.14 20.37 -90.06
CA ASP UB 135 109.31 20.01 -91.21
C ASP UB 135 109.96 18.90 -92.03
N ILE UB 136 109.18 17.87 -92.39
CA ILE UB 136 109.66 16.75 -93.21
C ILE UB 136 109.06 16.85 -94.61
N PRO UB 137 109.85 17.31 -95.62
CA PRO UB 137 109.32 17.38 -96.99
C PRO UB 137 109.36 16.01 -97.68
N SER UB 138 108.86 15.95 -98.92
CA SER UB 138 108.84 14.70 -99.70
C SER UB 138 110.24 14.30 -100.17
N SER UB 139 111.19 15.26 -100.17
CA SER UB 139 112.59 15.07 -100.58
C SER UB 139 113.37 14.21 -99.57
N GLY UB 140 113.28 14.55 -98.29
CA GLY UB 140 113.95 13.84 -97.22
C GLY UB 140 114.77 14.72 -96.28
N VAL UB 141 115.27 15.86 -96.81
CA VAL UB 141 116.10 16.80 -96.05
C VAL UB 141 115.22 17.61 -95.09
N CYS UB 142 115.33 17.29 -93.79
CA CYS UB 142 114.58 17.95 -92.72
C CYS UB 142 115.03 19.38 -92.51
N GLN UB 143 114.08 20.27 -92.23
CA GLN UB 143 114.36 21.69 -92.03
C GLN UB 143 113.97 22.16 -90.63
N TRP UB 144 114.93 22.76 -89.90
CA TRP UB 144 114.74 23.33 -88.56
C TRP UB 144 114.03 24.68 -88.71
N PHE UB 145 112.75 24.74 -88.33
CA PHE UB 145 111.93 25.94 -88.44
C PHE UB 145 111.91 26.85 -87.19
N GLY UB 146 112.65 26.46 -86.16
CA GLY UB 146 112.80 27.24 -84.94
C GLY UB 146 113.86 28.32 -85.07
N PRO UB 147 114.21 29.04 -83.97
CA PRO UB 147 115.25 30.07 -84.07
C PRO UB 147 116.66 29.49 -83.99
N THR UB 148 117.69 30.35 -84.11
CA THR UB 148 119.10 29.95 -84.05
C THR UB 148 119.46 29.46 -82.64
N ALA UB 149 119.93 28.21 -82.54
CA ALA UB 149 120.32 27.58 -81.27
C ALA UB 149 121.61 26.80 -81.42
N SER UB 150 122.43 26.76 -80.35
CA SER UB 150 123.72 26.06 -80.31
C SER UB 150 123.75 24.98 -79.22
N SER UB 151 122.92 25.14 -78.17
CA SER UB 151 122.84 24.20 -77.04
C SER UB 151 121.40 23.95 -76.58
N GLY UB 152 121.17 22.77 -76.00
CA GLY UB 152 119.86 22.37 -75.49
C GLY UB 152 119.52 20.92 -75.76
N THR UB 153 118.52 20.39 -75.05
CA THR UB 153 118.08 19.00 -75.20
C THR UB 153 116.72 18.91 -75.93
N PRO UB 154 116.69 18.45 -77.21
CA PRO UB 154 115.42 18.34 -77.93
C PRO UB 154 114.64 17.07 -77.57
N ARG UB 155 113.33 17.20 -77.32
CA ARG UB 155 112.44 16.08 -76.97
C ARG UB 155 111.07 16.24 -77.63
N GLY UB 156 110.44 15.12 -78.00
CA GLY UB 156 109.13 15.10 -78.64
C GLY UB 156 108.80 13.75 -79.25
N THR UB 157 107.63 13.19 -78.87
CA THR UB 157 107.15 11.89 -79.36
C THR UB 157 105.67 12.00 -79.78
N GLY UB 158 105.37 11.44 -80.95
CA GLY UB 158 104.03 11.42 -81.52
C GLY UB 158 103.92 10.58 -82.78
N THR UB 159 102.95 10.94 -83.64
CA THR UB 159 102.68 10.25 -84.91
C THR UB 159 102.44 11.26 -86.03
N TYR UB 160 102.79 10.89 -87.26
CA TYR UB 160 102.57 11.73 -88.43
C TYR UB 160 102.12 10.90 -89.64
N PRO UB 161 101.17 11.41 -90.47
CA PRO UB 161 100.72 10.64 -91.63
C PRO UB 161 101.75 10.56 -92.75
N ILE UB 162 101.62 9.56 -93.64
CA ILE UB 162 102.53 9.36 -94.77
C ILE UB 162 101.83 9.56 -96.14
N ASP UB 163 100.50 9.39 -96.17
CA ASP UB 163 99.68 9.50 -97.37
C ASP UB 163 98.62 10.61 -97.28
N SER UB 164 98.14 11.11 -98.45
CA SER UB 164 97.11 12.15 -98.55
C SER UB 164 96.11 11.84 -99.65
N ALA VB 2 75.10 -24.09 -101.91
CA ALA VB 2 75.06 -24.74 -103.22
C ALA VB 2 73.67 -25.27 -103.54
N SER VB 3 73.25 -25.15 -104.80
CA SER VB 3 71.94 -25.65 -105.24
C SER VB 3 72.02 -27.17 -105.44
N ILE VB 4 71.30 -27.92 -104.62
CA ILE VB 4 71.30 -29.38 -104.65
C ILE VB 4 69.90 -29.97 -104.86
N LYS VB 5 69.84 -31.15 -105.50
CA LYS VB 5 68.59 -31.85 -105.76
C LYS VB 5 68.33 -32.88 -104.68
N LYS VB 6 67.04 -33.13 -104.38
CA LYS VB 6 66.63 -34.08 -103.35
C LYS VB 6 66.83 -35.52 -103.80
N VAL VB 7 67.28 -36.38 -102.88
CA VAL VB 7 67.51 -37.81 -103.10
C VAL VB 7 66.40 -38.61 -102.38
N TYR VB 8 65.68 -39.46 -103.14
CA TYR VB 8 64.57 -40.28 -102.63
C TYR VB 8 64.57 -41.70 -103.20
N ARG VB 9 63.77 -42.59 -102.58
CA ARG VB 9 63.65 -44.00 -102.98
C ARG VB 9 62.88 -44.11 -104.31
N GLY VB 10 63.44 -44.88 -105.23
CA GLY VB 10 62.84 -45.08 -106.55
C GLY VB 10 63.03 -43.88 -107.45
N MET VB 11 64.18 -43.23 -107.31
CA MET VB 11 64.53 -42.06 -108.09
C MET VB 11 65.24 -42.45 -109.38
N LYS VB 12 64.81 -41.87 -110.50
CA LYS VB 12 65.44 -42.08 -111.80
C LYS VB 12 66.74 -41.27 -111.82
N ASN VB 13 67.84 -41.89 -112.28
CA ASN VB 13 69.19 -41.33 -112.33
C ASN VB 13 69.68 -40.93 -110.93
N GLY VB 14 69.66 -41.91 -110.03
CA GLY VB 14 70.11 -41.76 -108.64
C GLY VB 14 71.60 -41.50 -108.54
N ALA VB 15 72.41 -42.34 -109.20
CA ALA VB 15 73.87 -42.27 -109.26
C ALA VB 15 74.37 -40.94 -109.85
N GLU VB 16 73.60 -40.39 -110.81
CA GLU VB 16 73.86 -39.13 -111.50
C GLU VB 16 73.61 -37.95 -110.57
N THR VB 17 72.48 -38.00 -109.84
CA THR VB 17 72.04 -36.94 -108.91
C THR VB 17 73.02 -36.78 -107.77
N ILE VB 18 73.41 -37.89 -107.13
CA ILE VB 18 74.35 -37.91 -106.00
C ILE VB 18 75.70 -37.30 -106.41
N ASN VB 19 76.23 -37.74 -107.56
CA ASN VB 19 77.49 -37.25 -108.09
C ASN VB 19 77.45 -35.74 -108.35
N ASP VB 20 76.35 -35.25 -108.97
CA ASP VB 20 76.17 -33.83 -109.27
C ASP VB 20 76.03 -32.99 -108.00
N ASP VB 21 75.43 -33.56 -106.96
CA ASP VB 21 75.25 -32.90 -105.67
C ASP VB 21 76.58 -32.81 -104.93
N LEU VB 22 77.37 -33.88 -104.98
CA LEU VB 22 78.68 -33.93 -104.34
C LEU VB 22 79.66 -32.96 -105.01
N GLU VB 23 79.60 -32.88 -106.35
CA GLU VB 23 80.47 -32.01 -107.16
C GLU VB 23 80.15 -30.52 -106.93
N ALA VB 24 78.85 -30.20 -106.75
CA ALA VB 24 78.35 -28.85 -106.50
C ALA VB 24 78.81 -28.34 -105.13
N ILE VB 25 78.84 -29.26 -104.16
CA ILE VB 25 79.28 -28.98 -102.79
C ILE VB 25 80.80 -28.80 -102.76
N ASN VB 26 81.54 -29.73 -103.41
CA ASN VB 26 83.00 -29.69 -103.48
C ASN VB 26 83.53 -28.45 -104.22
N SER VB 27 82.73 -27.91 -105.17
CA SER VB 27 83.07 -26.70 -105.94
C SER VB 27 83.10 -25.47 -105.03
N GLU VB 28 82.15 -25.41 -104.08
CA GLU VB 28 82.05 -24.33 -103.11
C GLU VB 28 83.15 -24.40 -102.04
N LEU VB 29 83.76 -25.59 -101.85
CA LEU VB 29 84.85 -25.79 -100.89
C LEU VB 29 86.17 -25.17 -101.36
N THR VB 30 86.30 -24.96 -102.68
CA THR VB 30 87.50 -24.40 -103.31
C THR VB 30 87.32 -22.92 -103.72
N SER VB 31 86.18 -22.59 -104.36
CA SER VB 31 85.88 -21.23 -104.84
C SER VB 31 84.40 -20.89 -104.89
N GLY VB 32 84.10 -19.61 -104.65
CA GLY VB 32 82.75 -19.05 -104.73
C GLY VB 32 81.83 -19.44 -103.59
N GLY VB 33 80.52 -19.26 -103.83
CA GLY VB 33 79.48 -19.55 -102.86
C GLY VB 33 79.37 -18.49 -101.79
N ASN VB 34 78.82 -18.86 -100.62
CA ASN VB 34 78.66 -17.95 -99.48
C ASN VB 34 79.62 -18.32 -98.34
N VAL VB 35 80.86 -18.66 -98.71
CA VAL VB 35 81.91 -19.10 -97.79
C VAL VB 35 83.26 -18.42 -98.07
N VAL VB 36 83.93 -17.96 -96.99
CA VAL VB 36 85.24 -17.32 -97.04
C VAL VB 36 86.33 -18.38 -97.30
N HIS VB 37 87.17 -18.14 -98.31
CA HIS VB 37 88.25 -19.04 -98.74
C HIS VB 37 89.65 -18.53 -98.39
N LYS VB 38 90.63 -19.45 -98.40
CA LYS VB 38 92.04 -19.15 -98.13
C LYS VB 38 92.71 -18.51 -99.34
N THR VB 39 92.07 -18.60 -100.52
CA THR VB 39 92.58 -18.05 -101.78
C THR VB 39 91.49 -17.32 -102.54
N GLY VB 40 91.87 -16.23 -103.19
CA GLY VB 40 90.98 -15.41 -104.01
C GLY VB 40 90.45 -14.16 -103.35
N ASP VB 41 90.00 -13.21 -104.18
CA ASP VB 41 89.42 -11.93 -103.76
C ASP VB 41 87.93 -12.10 -103.50
N GLU VB 42 87.51 -11.90 -102.24
CA GLU VB 42 86.13 -12.07 -101.81
C GLU VB 42 85.64 -10.92 -100.95
N THR VB 43 84.32 -10.68 -100.96
CA THR VB 43 83.64 -9.66 -100.16
C THR VB 43 82.91 -10.32 -98.99
N ILE VB 44 83.16 -9.82 -97.77
CA ILE VB 44 82.60 -10.34 -96.52
C ILE VB 44 81.70 -9.30 -95.84
N ALA VB 45 80.50 -9.74 -95.43
CA ALA VB 45 79.51 -8.91 -94.76
C ALA VB 45 79.15 -9.51 -93.40
N GLY VB 46 78.81 -8.63 -92.45
CA GLY VB 46 78.42 -9.03 -91.10
C GLY VB 46 79.46 -8.71 -90.04
N LYS VB 47 79.02 -8.66 -88.77
CA LYS VB 47 79.87 -8.37 -87.62
C LYS VB 47 80.74 -9.58 -87.26
N LYS VB 48 82.02 -9.52 -87.63
CA LYS VB 48 83.02 -10.58 -87.40
C LYS VB 48 83.87 -10.29 -86.18
N THR VB 49 83.86 -11.21 -85.21
CA THR VB 49 84.61 -11.08 -83.96
C THR VB 49 85.79 -12.06 -83.93
N PHE VB 50 87.01 -11.50 -83.99
CA PHE VB 50 88.23 -12.29 -83.96
C PHE VB 50 88.80 -12.32 -82.55
N THR VB 51 88.60 -13.46 -81.85
CA THR VB 51 89.08 -13.65 -80.48
C THR VB 51 90.59 -13.89 -80.42
N GLY VB 52 91.13 -14.48 -81.48
CA GLY VB 52 92.55 -14.76 -81.63
C GLY VB 52 93.33 -13.56 -82.17
N ASN VB 53 94.64 -13.76 -82.38
CA ASN VB 53 95.54 -12.72 -82.91
C ASN VB 53 95.48 -12.65 -84.43
N VAL VB 54 95.38 -11.42 -84.98
CA VAL VB 54 95.28 -11.18 -86.42
C VAL VB 54 96.58 -10.57 -86.95
N GLU VB 55 97.11 -11.13 -88.04
CA GLU VB 55 98.33 -10.66 -88.68
C GLU VB 55 98.03 -10.24 -90.13
N VAL VB 56 98.46 -9.03 -90.50
CA VAL VB 56 98.28 -8.47 -91.85
C VAL VB 56 99.68 -8.24 -92.46
N ASN VB 57 99.91 -8.88 -93.61
CA ASN VB 57 101.17 -8.79 -94.35
C ASN VB 57 101.08 -7.74 -95.45
N GLY VB 58 99.89 -7.57 -96.01
CA GLY VB 58 99.61 -6.59 -97.06
C GLY VB 58 99.29 -5.22 -96.50
N SER VB 59 98.26 -4.57 -97.06
CA SER VB 59 97.84 -3.22 -96.66
C SER VB 59 96.44 -3.23 -96.06
N LEU VB 60 96.26 -2.50 -94.95
CA LEU VB 60 94.97 -2.37 -94.27
C LEU VB 60 94.31 -1.05 -94.69
N THR VB 61 93.14 -1.15 -95.34
CA THR VB 61 92.39 0.00 -95.83
C THR VB 61 91.23 0.33 -94.89
N LEU VB 62 91.09 1.62 -94.52
CA LEU VB 62 90.03 2.11 -93.62
C LEU VB 62 89.24 3.26 -94.28
N PRO VB 63 87.97 3.53 -93.86
CA PRO VB 63 87.21 4.65 -94.46
C PRO VB 63 87.89 6.00 -94.24
N THR VB 64 88.07 6.75 -95.33
CA THR VB 64 88.75 8.05 -95.30
C THR VB 64 87.86 9.22 -95.72
N LYS VB 65 87.92 10.31 -94.95
CA LYS VB 65 87.19 11.56 -95.21
C LYS VB 65 88.11 12.74 -94.89
N SER VB 66 88.24 13.68 -95.83
CA SER VB 66 89.11 14.84 -95.69
C SER VB 66 88.35 16.17 -95.67
N TRP VB 67 88.88 17.15 -94.92
CA TRP VB 67 88.31 18.49 -94.79
C TRP VB 67 89.42 19.50 -94.47
N SER VB 68 89.32 20.70 -95.08
CA SER VB 68 90.27 21.80 -94.87
C SER VB 68 89.53 23.14 -94.95
N GLY VB 69 89.84 24.02 -94.02
CA GLY VB 69 89.23 25.35 -93.93
C GLY VB 69 89.95 26.31 -92.99
N GLU VB 70 89.82 27.62 -93.27
CA GLU VB 70 90.42 28.70 -92.48
C GLU VB 70 89.49 28.88 -91.28
N LEU VB 71 89.96 28.46 -90.08
CA LEU VB 71 89.21 28.52 -88.81
C LEU VB 71 88.95 29.95 -88.36
N GLY VB 72 89.95 30.83 -88.51
CA GLY VB 72 89.86 32.24 -88.15
C GLY VB 72 91.20 32.92 -88.00
N GLY VB 73 91.27 34.15 -88.50
CA GLY VB 73 92.47 34.98 -88.42
C GLY VB 73 93.59 34.61 -89.40
N GLY VB 74 93.34 33.60 -90.24
CA GLY VB 74 94.29 33.12 -91.22
C GLY VB 74 94.89 31.76 -90.92
N ILE VB 75 94.33 31.04 -89.93
CA ILE VB 75 94.80 29.70 -89.53
C ILE VB 75 93.97 28.63 -90.24
N ILE VB 76 94.61 27.86 -91.12
CA ILE VB 76 93.97 26.81 -91.90
C ILE VB 76 94.31 25.44 -91.30
N LEU VB 77 93.28 24.67 -90.93
CA LEU VB 77 93.42 23.35 -90.35
C LEU VB 77 93.00 22.28 -91.36
N SER VB 78 93.91 21.34 -91.64
CA SER VB 78 93.69 20.22 -92.55
C SER VB 78 93.43 18.95 -91.74
N LEU VB 79 92.22 18.39 -91.91
CA LEU VB 79 91.79 17.19 -91.19
C LEU VB 79 91.60 16.01 -92.12
N ARG VB 80 91.96 14.80 -91.64
CA ARG VB 80 91.82 13.54 -92.39
C ARG VB 80 91.44 12.41 -91.43
N LYS VB 81 90.19 11.94 -91.53
CA LYS VB 81 89.62 10.89 -90.68
C LYS VB 81 89.95 9.49 -91.22
N LYS VB 82 90.41 8.61 -90.33
CA LYS VB 82 90.75 7.21 -90.63
C LYS VB 82 90.26 6.29 -89.50
N GLY VB 83 89.06 5.75 -89.70
CA GLY VB 83 88.43 4.90 -88.71
C GLY VB 83 87.91 5.68 -87.51
N THR VB 84 88.64 5.60 -86.38
CA THR VB 84 88.30 6.29 -85.11
C THR VB 84 89.38 7.31 -84.69
N THR VB 85 90.29 7.66 -85.62
CA THR VB 85 91.38 8.60 -85.38
C THR VB 85 91.44 9.64 -86.51
N VAL VB 86 91.46 10.93 -86.13
CA VAL VB 86 91.51 12.05 -87.07
C VAL VB 86 92.91 12.68 -87.02
N GLU VB 87 93.57 12.80 -88.18
CA GLU VB 87 94.91 13.38 -88.32
C GLU VB 87 94.78 14.86 -88.64
N TYR VB 88 95.36 15.73 -87.77
CA TYR VB 88 95.29 17.18 -87.94
C TYR VB 88 96.59 17.75 -88.49
N SER VB 89 96.49 18.88 -89.22
CA SER VB 89 97.62 19.61 -89.79
C SER VB 89 97.35 21.11 -89.77
N ILE VB 90 98.12 21.84 -88.95
CA ILE VB 90 97.99 23.29 -88.79
C ILE VB 90 98.90 23.99 -89.81
N GLY VB 91 98.31 24.95 -90.53
CA GLY VB 91 99.02 25.73 -91.55
C GLY VB 91 98.43 27.11 -91.77
N GLY VB 92 99.08 27.88 -92.63
CA GLY VB 92 98.62 29.22 -92.98
C GLY VB 92 99.51 30.34 -92.45
N GLU VB 93 98.92 31.53 -92.28
CA GLU VB 93 99.58 32.74 -91.78
C GLU VB 93 98.57 33.64 -91.09
N ILE VB 94 98.90 34.12 -89.88
CA ILE VB 94 98.03 35.00 -89.09
C ILE VB 94 98.00 36.40 -89.73
N SER VB 95 96.81 36.80 -90.20
CA SER VB 95 96.57 38.09 -90.87
C SER VB 95 95.98 39.14 -89.91
N SER VB 96 94.87 38.78 -89.23
CA SER VB 96 94.19 39.66 -88.27
C SER VB 96 94.54 39.32 -86.82
N SER VB 97 94.42 40.31 -85.92
CA SER VB 97 94.71 40.16 -84.50
C SER VB 97 93.70 39.24 -83.81
N ILE VB 98 94.20 38.14 -83.24
CA ILE VB 98 93.38 37.16 -82.51
C ILE VB 98 93.65 37.32 -81.01
N LEU VB 99 92.57 37.55 -80.25
CA LEU VB 99 92.61 37.74 -78.79
C LEU VB 99 92.91 36.43 -78.06
N ALA VB 100 93.42 36.54 -76.82
CA ALA VB 100 93.73 35.39 -75.97
C ALA VB 100 92.43 34.79 -75.44
N ASN VB 101 92.30 33.45 -75.49
CA ASN VB 101 91.13 32.67 -75.07
C ASN VB 101 89.84 33.08 -75.81
N SER VB 102 89.95 33.32 -77.12
CA SER VB 102 88.86 33.74 -78.00
C SER VB 102 88.45 32.66 -79.01
N ASN VB 103 87.18 32.71 -79.45
CA ASN VB 103 86.61 31.77 -80.41
C ASN VB 103 86.91 32.15 -81.87
N LEU VB 104 87.17 31.12 -82.70
CA LEU VB 104 87.43 31.27 -84.14
C LEU VB 104 86.11 31.01 -84.86
N VAL VB 105 85.51 32.08 -85.40
CA VAL VB 105 84.18 32.04 -86.03
C VAL VB 105 84.12 32.12 -87.57
N ASN VB 106 85.29 32.10 -88.26
CA ASN VB 106 85.36 32.16 -89.72
C ASN VB 106 84.86 30.88 -90.38
N ARG VB 107 85.30 29.72 -89.86
CA ARG VB 107 84.92 28.40 -90.34
C ARG VB 107 84.85 27.41 -89.17
N SER VB 108 83.74 26.67 -89.07
CA SER VB 108 83.50 25.69 -88.01
C SER VB 108 83.84 24.27 -88.45
N VAL VB 109 84.32 23.45 -87.50
CA VAL VB 109 84.69 22.05 -87.76
C VAL VB 109 83.41 21.19 -87.94
N PRO VB 110 83.27 20.43 -89.06
CA PRO VB 110 82.07 19.60 -89.26
C PRO VB 110 81.86 18.55 -88.16
N ASN VB 111 80.58 18.23 -87.87
CA ASN VB 111 80.18 17.29 -86.82
C ASN VB 111 80.80 15.89 -86.92
N GLU VB 112 81.09 15.42 -88.14
CA GLU VB 112 81.71 14.11 -88.40
C GLU VB 112 83.20 14.04 -88.00
N PHE VB 113 83.81 15.22 -87.76
CA PHE VB 113 85.20 15.39 -87.33
C PHE VB 113 85.30 15.81 -85.86
N CYS VB 114 84.17 16.23 -85.26
CA CYS VB 114 84.06 16.68 -83.87
C CYS VB 114 84.24 15.52 -82.86
N PRO VB 115 85.19 15.66 -81.89
CA PRO VB 115 85.38 14.58 -80.91
C PRO VB 115 84.38 14.64 -79.76
N ARG VB 116 84.25 13.52 -79.01
CA ARG VB 116 83.37 13.39 -77.85
C ARG VB 116 83.95 14.23 -76.69
N ASN VB 117 85.27 14.14 -76.47
CA ASN VB 117 86.02 14.86 -75.45
C ASN VB 117 86.81 16.04 -76.04
N ARG VB 118 87.05 17.09 -75.23
CA ARG VB 118 87.78 18.29 -75.65
C ARG VB 118 89.27 17.98 -75.85
N CYS VB 119 89.74 18.06 -77.12
CA CYS VB 119 91.13 17.77 -77.49
C CYS VB 119 91.94 19.03 -77.74
N SER VB 120 93.21 19.01 -77.30
CA SER VB 120 94.15 20.12 -77.44
C SER VB 120 95.18 19.82 -78.53
N LEU VB 121 95.33 20.73 -79.51
CA LEU VB 121 96.28 20.55 -80.59
C LEU VB 121 97.51 21.42 -80.38
N VAL VB 122 98.60 20.83 -79.87
CA VAL VB 122 99.84 21.54 -79.60
C VAL VB 122 100.55 21.88 -80.92
N GLY VB 123 100.88 23.17 -81.08
CA GLY VB 123 101.54 23.71 -82.26
C GLY VB 123 102.75 24.57 -81.93
N HIS VB 124 103.50 24.97 -82.97
CA HIS VB 124 104.70 25.81 -82.85
C HIS VB 124 104.68 26.97 -83.85
N MET VB 125 105.11 28.15 -83.40
CA MET VB 125 105.18 29.37 -84.19
C MET VB 125 106.57 29.53 -84.82
N VAL VB 126 106.61 29.70 -86.15
CA VAL VB 126 107.85 29.87 -86.91
C VAL VB 126 108.48 31.22 -86.60
N GLY VB 127 109.74 31.19 -86.15
CA GLY VB 127 110.48 32.39 -85.81
C GLY VB 127 111.20 32.31 -84.49
N GLY VB 128 110.46 31.97 -83.44
CA GLY VB 128 110.99 31.86 -82.09
C GLY VB 128 110.64 30.55 -81.39
N TRP VB 129 110.72 30.55 -80.06
CA TRP VB 129 110.42 29.42 -79.19
C TRP VB 129 108.94 29.45 -78.73
N ASN VB 130 108.09 30.13 -79.52
CA ASN VB 130 106.67 30.33 -79.22
C ASN VB 130 105.81 29.09 -79.49
N ALA VB 131 104.93 28.74 -78.53
CA ALA VB 131 104.03 27.60 -78.60
C ALA VB 131 102.57 28.00 -78.42
N PHE VB 132 101.64 27.23 -79.03
CA PHE VB 132 100.20 27.47 -78.95
C PHE VB 132 99.41 26.17 -78.99
N HIS VB 133 98.15 26.20 -78.53
CA HIS VB 133 97.24 25.06 -78.59
C HIS VB 133 95.82 25.50 -78.91
N ILE VB 134 95.15 24.76 -79.79
CA ILE VB 134 93.77 25.05 -80.19
C ILE VB 134 92.86 23.92 -79.71
N ASP VB 135 91.82 24.26 -78.96
CA ASP VB 135 90.87 23.30 -78.41
C ASP VB 135 89.69 23.05 -79.35
N ILE VB 136 89.32 21.78 -79.55
CA ILE VB 136 88.17 21.38 -80.38
C ILE VB 136 87.06 20.81 -79.48
N PRO VB 137 85.94 21.54 -79.29
CA PRO VB 137 84.85 21.01 -78.46
C PRO VB 137 83.91 20.10 -79.25
N SER VB 138 82.83 19.63 -78.60
CA SER VB 138 81.83 18.77 -79.25
C SER VB 138 80.98 19.56 -80.25
N SER VB 139 80.88 20.89 -80.06
CA SER VB 139 80.11 21.80 -80.92
C SER VB 139 80.78 22.00 -82.28
N GLY VB 140 82.06 22.36 -82.26
CA GLY VB 140 82.83 22.59 -83.48
C GLY VB 140 83.56 23.92 -83.54
N VAL VB 141 83.14 24.88 -82.69
CA VAL VB 141 83.75 26.23 -82.64
C VAL VB 141 85.08 26.19 -81.88
N CYS VB 142 86.19 26.22 -82.62
CA CYS VB 142 87.55 26.18 -82.09
C CYS VB 142 87.92 27.43 -81.31
N GLN VB 143 88.80 27.28 -80.30
CA GLN VB 143 89.24 28.38 -79.45
C GLN VB 143 90.76 28.51 -79.41
N TRP VB 144 91.26 29.74 -79.57
CA TRP VB 144 92.69 30.06 -79.53
C TRP VB 144 93.08 30.24 -78.07
N PHE VB 145 93.71 29.21 -77.48
CA PHE VB 145 94.12 29.21 -76.07
C PHE VB 145 95.49 29.83 -75.78
N GLY VB 146 96.14 30.34 -76.82
CA GLY VB 146 97.42 31.03 -76.69
C GLY VB 146 97.24 32.51 -76.36
N PRO VB 147 98.33 33.32 -76.32
CA PRO VB 147 98.17 34.75 -76.03
C PRO VB 147 97.74 35.55 -77.25
N THR VB 148 97.47 36.87 -77.05
CA THR VB 148 97.05 37.77 -78.14
C THR VB 148 98.17 37.92 -79.18
N ALA VB 149 97.90 37.46 -80.42
CA ALA VB 149 98.84 37.51 -81.54
C ALA VB 149 98.19 38.14 -82.77
N SER VB 150 98.99 38.92 -83.52
CA SER VB 150 98.55 39.63 -84.72
C SER VB 150 99.21 39.09 -85.99
N SER VB 151 100.45 38.57 -85.85
CA SER VB 151 101.23 38.02 -86.97
C SER VB 151 102.06 36.80 -86.54
N GLY VB 152 102.29 35.88 -87.48
CA GLY VB 152 103.07 34.67 -87.26
C GLY VB 152 102.64 33.50 -88.12
N THR VB 153 103.48 32.44 -88.17
CA THR VB 153 103.20 31.23 -88.95
C THR VB 153 102.83 30.04 -88.06
N PRO VB 154 101.56 29.58 -88.08
CA PRO VB 154 101.18 28.43 -87.25
C PRO VB 154 101.46 27.08 -87.92
N ARG VB 155 102.14 26.18 -87.20
CA ARG VB 155 102.50 24.84 -87.70
C ARG VB 155 102.31 23.76 -86.63
N GLY VB 156 101.94 22.55 -87.05
CA GLY VB 156 101.72 21.42 -86.15
C GLY VB 156 100.95 20.29 -86.80
N THR VB 157 101.51 19.07 -86.75
CA THR VB 157 100.91 17.86 -87.32
C THR VB 157 100.94 16.71 -86.32
N GLY VB 158 99.80 16.03 -86.18
CA GLY VB 158 99.63 14.90 -85.27
C GLY VB 158 98.31 14.21 -85.44
N THR VB 159 97.83 13.56 -84.36
CA THR VB 159 96.58 12.81 -84.34
C THR VB 159 95.80 13.12 -83.05
N TYR VB 160 94.47 13.00 -83.12
CA TYR VB 160 93.59 13.21 -81.97
C TYR VB 160 92.41 12.23 -81.98
N PRO VB 161 92.01 11.68 -80.81
CA PRO VB 161 90.88 10.73 -80.79
C PRO VB 161 89.53 11.42 -81.02
N ILE VB 162 88.56 10.65 -81.54
CA ILE VB 162 87.20 11.14 -81.81
C ILE VB 162 86.16 10.58 -80.79
N ASP VB 163 86.45 9.39 -80.24
CA ASP VB 163 85.60 8.70 -79.28
C ASP VB 163 86.23 8.62 -77.89
N ALA WB 2 79.79 -30.89 -89.71
CA ALA WB 2 78.39 -31.32 -89.73
C ALA WB 2 78.23 -32.74 -89.20
N SER WB 3 77.13 -32.98 -88.45
CA SER WB 3 76.84 -34.29 -87.91
C SER WB 3 76.24 -35.18 -89.02
N ILE WB 4 77.05 -36.09 -89.55
CA ILE WB 4 76.67 -36.99 -90.63
C ILE WB 4 76.65 -38.45 -90.21
N LYS WB 5 75.74 -39.23 -90.81
CA LYS WB 5 75.58 -40.66 -90.54
C LYS WB 5 76.41 -41.49 -91.52
N LYS WB 6 76.88 -42.65 -91.05
CA LYS WB 6 77.70 -43.56 -91.85
C LYS WB 6 76.86 -44.28 -92.89
N VAL WB 7 77.38 -44.35 -94.13
CA VAL WB 7 76.75 -45.04 -95.26
C VAL WB 7 77.47 -46.38 -95.47
N TYR WB 8 76.72 -47.49 -95.42
CA TYR WB 8 77.27 -48.84 -95.57
C TYR WB 8 76.45 -49.69 -96.54
N ARG WB 9 77.00 -50.83 -96.95
CA ARG WB 9 76.35 -51.79 -97.85
C ARG WB 9 75.18 -52.49 -97.14
N GLY WB 10 74.03 -52.53 -97.82
CA GLY WB 10 72.79 -53.13 -97.29
C GLY WB 10 72.14 -52.28 -96.21
N MET WB 11 72.10 -50.98 -96.44
CA MET WB 11 71.58 -50.00 -95.50
C MET WB 11 70.09 -49.71 -95.65
N LYS WB 12 69.37 -49.77 -94.50
CA LYS WB 12 67.95 -49.41 -94.34
C LYS WB 12 67.91 -47.87 -94.46
N ASN WB 13 67.01 -47.34 -95.30
CA ASN WB 13 66.89 -45.91 -95.62
C ASN WB 13 68.16 -45.45 -96.34
N GLY WB 14 68.46 -46.15 -97.44
CA GLY WB 14 69.62 -45.87 -98.29
C GLY WB 14 69.63 -44.45 -98.77
N ALA WB 15 68.62 -44.08 -99.58
CA ALA WB 15 68.47 -42.74 -100.17
C ALA WB 15 68.15 -41.62 -99.17
N GLU WB 16 67.46 -41.96 -98.09
CA GLU WB 16 67.08 -40.98 -97.06
C GLU WB 16 68.28 -40.48 -96.27
N THR WB 17 69.19 -41.41 -95.89
CA THR WB 17 70.41 -41.09 -95.14
C THR WB 17 71.35 -40.20 -95.95
N ILE WB 18 71.55 -40.53 -97.24
CA ILE WB 18 72.39 -39.75 -98.15
C ILE WB 18 71.84 -38.33 -98.30
N ASN WB 19 70.52 -38.20 -98.55
CA ASN WB 19 69.86 -36.90 -98.68
C ASN WB 19 70.01 -36.05 -97.43
N ASP WB 20 69.82 -36.66 -96.25
CA ASP WB 20 69.94 -35.97 -94.96
C ASP WB 20 71.37 -35.53 -94.68
N ASP WB 21 72.35 -36.34 -95.12
CA ASP WB 21 73.77 -36.03 -94.97
C ASP WB 21 74.18 -34.88 -95.88
N LEU WB 22 73.66 -34.88 -97.12
CA LEU WB 22 73.94 -33.83 -98.10
C LEU WB 22 73.32 -32.51 -97.69
N GLU WB 23 72.09 -32.55 -97.14
CA GLU WB 23 71.38 -31.36 -96.68
C GLU WB 23 72.06 -30.73 -95.45
N ALA WB 24 72.63 -31.58 -94.57
CA ALA WB 24 73.33 -31.15 -93.36
C ALA WB 24 74.64 -30.45 -93.70
N ILE WB 25 75.32 -30.96 -94.74
CA ILE WB 25 76.58 -30.41 -95.23
C ILE WB 25 76.29 -29.08 -95.95
N ASN WB 26 75.26 -29.06 -96.83
CA ASN WB 26 74.86 -27.87 -97.60
C ASN WB 26 74.38 -26.73 -96.69
N SER WB 27 73.78 -27.06 -95.54
CA SER WB 27 73.30 -26.09 -94.55
C SER WB 27 74.48 -25.33 -93.93
N GLU WB 28 75.59 -26.05 -93.68
CA GLU WB 28 76.82 -25.50 -93.12
C GLU WB 28 77.58 -24.66 -94.14
N LEU WB 29 77.27 -24.80 -95.44
CA LEU WB 29 77.92 -24.04 -96.52
C LEU WB 29 77.35 -22.63 -96.63
N THR WB 30 76.15 -22.41 -96.04
CA THR WB 30 75.43 -21.13 -96.08
C THR WB 30 75.43 -20.42 -94.72
N SER WB 31 75.14 -21.15 -93.63
CA SER WB 31 75.07 -20.60 -92.28
C SER WB 31 75.49 -21.58 -91.18
N GLY WB 32 76.10 -21.04 -90.12
CA GLY WB 32 76.52 -21.79 -88.95
C GLY WB 32 77.75 -22.67 -89.15
N GLY WB 33 77.80 -23.76 -88.37
CA GLY WB 33 78.90 -24.71 -88.41
C GLY WB 33 80.18 -24.17 -87.83
N ASN WB 34 81.33 -24.68 -88.33
CA ASN WB 34 82.66 -24.27 -87.89
C ASN WB 34 83.37 -23.43 -88.96
N VAL WB 35 82.71 -23.23 -90.11
CA VAL WB 35 83.25 -22.48 -91.23
C VAL WB 35 82.80 -21.00 -91.24
N VAL WB 36 83.68 -20.09 -91.70
CA VAL WB 36 83.42 -18.65 -91.80
C VAL WB 36 82.68 -18.36 -93.13
N HIS WB 37 81.56 -17.64 -93.04
CA HIS WB 37 80.70 -17.30 -94.17
C HIS WB 37 80.83 -15.85 -94.62
N LYS WB 38 80.36 -15.55 -95.84
CA LYS WB 38 80.37 -14.22 -96.43
C LYS WB 38 79.27 -13.32 -95.84
N THR WB 39 78.26 -13.94 -95.20
CA THR WB 39 77.13 -13.21 -94.59
C THR WB 39 76.83 -13.73 -93.19
N GLY WB 40 76.45 -12.80 -92.32
CA GLY WB 40 76.09 -13.10 -90.93
C GLY WB 40 77.15 -12.78 -89.90
N ASP WB 41 76.70 -12.57 -88.65
CA ASP WB 41 77.55 -12.27 -87.49
C ASP WB 41 78.14 -13.57 -86.94
N GLU WB 42 79.47 -13.70 -87.00
CA GLU WB 42 80.19 -14.89 -86.56
C GLU WB 42 81.41 -14.56 -85.69
N THR WB 43 81.80 -15.52 -84.83
CA THR WB 43 82.97 -15.42 -83.96
C THR WB 43 84.07 -16.36 -84.46
N ILE WB 44 85.27 -15.81 -84.66
CA ILE WB 44 86.44 -16.53 -85.18
C ILE WB 44 87.56 -16.59 -84.14
N ALA WB 45 88.16 -17.77 -83.96
CA ALA WB 45 89.24 -18.01 -83.02
C ALA WB 45 90.45 -18.62 -83.75
N GLY WB 46 91.63 -18.25 -83.30
CA GLY WB 46 92.89 -18.73 -83.87
C GLY WB 46 93.70 -17.64 -84.53
N LYS WB 47 95.01 -17.91 -84.70
CA LYS WB 47 95.96 -16.99 -85.32
C LYS WB 47 95.76 -16.95 -86.84
N LYS WB 48 95.07 -15.89 -87.32
CA LYS WB 48 94.77 -15.69 -88.74
C LYS WB 48 95.76 -14.74 -89.40
N THR WB 49 96.50 -15.25 -90.41
CA THR WB 49 97.52 -14.50 -91.15
C THR WB 49 97.02 -14.15 -92.55
N PHE WB 50 96.83 -12.86 -92.81
CA PHE WB 50 96.37 -12.34 -94.10
C PHE WB 50 97.55 -11.86 -94.92
N THR WB 51 97.92 -12.64 -95.95
CA THR WB 51 99.04 -12.33 -96.85
C THR WB 51 98.65 -11.26 -97.88
N GLY WB 52 97.35 -11.21 -98.21
CA GLY WB 52 96.78 -10.24 -99.13
C GLY WB 52 96.47 -8.89 -98.51
N ASN WB 53 95.69 -8.07 -99.23
CA ASN WB 53 95.30 -6.74 -98.77
C ASN WB 53 93.92 -6.75 -98.13
N VAL WB 54 93.84 -6.30 -96.86
CA VAL WB 54 92.60 -6.25 -96.08
C VAL WB 54 91.94 -4.88 -96.24
N GLU WB 55 90.64 -4.88 -96.54
CA GLU WB 55 89.86 -3.66 -96.70
C GLU WB 55 88.67 -3.68 -95.73
N VAL WB 56 88.55 -2.61 -94.91
CA VAL WB 56 87.46 -2.47 -93.94
C VAL WB 56 86.60 -1.27 -94.33
N ASN WB 57 85.28 -1.49 -94.44
CA ASN WB 57 84.32 -0.45 -94.79
C ASN WB 57 83.52 -0.01 -93.57
N GLY WB 58 83.37 -0.90 -92.60
CA GLY WB 58 82.65 -0.63 -91.36
C GLY WB 58 83.55 0.00 -90.31
N SER WB 59 83.51 -0.55 -89.09
CA SER WB 59 84.31 -0.05 -87.96
C SER WB 59 85.24 -1.13 -87.41
N LEU WB 60 86.50 -0.75 -87.13
CA LEU WB 60 87.51 -1.66 -86.56
C LEU WB 60 87.59 -1.45 -85.05
N THR WB 61 87.36 -2.52 -84.28
CA THR WB 61 87.39 -2.48 -82.82
C THR WB 61 88.61 -3.23 -82.27
N LEU WB 62 89.33 -2.58 -81.35
CA LEU WB 62 90.53 -3.14 -80.73
C LEU WB 62 90.38 -3.16 -79.19
N PRO WB 63 91.16 -3.98 -78.42
CA PRO WB 63 91.02 -3.97 -76.95
C PRO WB 63 91.25 -2.59 -76.35
N THR WB 64 90.25 -2.09 -75.61
CA THR WB 64 90.28 -0.74 -75.01
C THR WB 64 90.31 -0.76 -73.48
N LYS WB 65 91.22 0.03 -72.91
CA LYS WB 65 91.38 0.19 -71.47
C LYS WB 65 91.63 1.67 -71.19
N SER WB 66 90.86 2.24 -70.26
CA SER WB 66 90.96 3.65 -69.90
C SER WB 66 91.51 3.85 -68.49
N TRP WB 67 92.27 4.95 -68.31
CA TRP WB 67 92.87 5.33 -67.03
C TRP WB 67 92.99 6.84 -66.93
N SER WB 68 92.73 7.38 -65.73
CA SER WB 68 92.82 8.81 -65.44
C SER WB 68 93.22 9.02 -63.97
N GLY WB 69 94.15 9.95 -63.75
CA GLY WB 69 94.66 10.28 -62.42
C GLY WB 69 95.62 11.44 -62.40
N GLU WB 70 95.71 12.13 -61.23
CA GLU WB 70 96.58 13.29 -61.00
C GLU WB 70 98.00 12.81 -60.77
N LEU WB 71 98.90 13.03 -61.76
CA LEU WB 71 100.31 12.60 -61.71
C LEU WB 71 101.11 13.29 -60.60
N GLY WB 72 100.89 14.59 -60.43
CA GLY WB 72 101.58 15.39 -59.43
C GLY WB 72 101.48 16.88 -59.67
N GLY WB 73 101.20 17.61 -58.60
CA GLY WB 73 101.10 19.08 -58.63
C GLY WB 73 99.78 19.63 -59.14
N GLY WB 74 98.87 18.74 -59.50
CA GLY WB 74 97.55 19.10 -60.02
C GLY WB 74 97.35 18.81 -61.49
N ILE WB 75 98.29 18.07 -62.10
CA ILE WB 75 98.23 17.70 -63.52
C ILE WB 75 97.59 16.32 -63.68
N ILE WB 76 96.40 16.29 -64.31
CA ILE WB 76 95.63 15.06 -64.53
C ILE WB 76 95.84 14.58 -65.97
N LEU WB 77 96.32 13.34 -66.13
CA LEU WB 77 96.55 12.73 -67.43
C LEU WB 77 95.51 11.64 -67.70
N SER WB 78 94.84 11.74 -68.87
CA SER WB 78 93.83 10.79 -69.31
C SER WB 78 94.43 9.89 -70.39
N LEU WB 79 94.55 8.60 -70.08
CA LEU WB 79 95.11 7.61 -70.99
C LEU WB 79 94.07 6.61 -71.46
N ARG WB 80 94.12 6.26 -72.75
CA ARG WB 80 93.22 5.28 -73.37
C ARG WB 80 94.00 4.44 -74.37
N LYS WB 81 94.14 3.14 -74.07
CA LYS WB 81 94.87 2.16 -74.88
C LYS WB 81 94.00 1.62 -76.01
N LYS WB 82 94.56 1.57 -77.23
CA LYS WB 82 93.91 1.04 -78.43
C LYS WB 82 94.91 0.18 -79.21
N GLY WB 83 94.99 -1.09 -78.83
CA GLY WB 83 95.90 -2.05 -79.45
C GLY WB 83 97.34 -1.86 -79.02
N THR WB 84 98.16 -1.30 -79.91
CA THR WB 84 99.60 -1.02 -79.70
C THR WB 84 99.90 0.50 -79.61
N THR WB 85 98.84 1.33 -79.50
CA THR WB 85 98.95 2.79 -79.41
C THR WB 85 98.08 3.32 -78.25
N VAL WB 86 98.69 4.15 -77.38
CA VAL WB 86 98.00 4.75 -76.23
C VAL WB 86 97.77 6.24 -76.50
N GLU WB 87 96.51 6.69 -76.37
CA GLU WB 87 96.08 8.07 -76.60
C GLU WB 87 96.15 8.82 -75.27
N TYR WB 88 96.90 9.93 -75.23
CA TYR WB 88 97.06 10.75 -74.02
C TYR WB 88 96.29 12.06 -74.09
N SER WB 89 95.89 12.59 -72.92
CA SER WB 89 95.18 13.86 -72.78
C SER WB 89 95.59 14.55 -71.48
N ILE WB 90 96.26 15.70 -71.60
CA ILE WB 90 96.74 16.48 -70.46
C ILE WB 90 95.68 17.53 -70.07
N GLY WB 91 95.36 17.59 -68.78
CA GLY WB 91 94.38 18.52 -68.23
C GLY WB 91 94.58 18.82 -66.76
N GLY WB 92 93.75 19.72 -66.24
CA GLY WB 92 93.78 20.14 -64.84
C GLY WB 92 94.32 21.54 -64.63
N GLU WB 93 94.90 21.77 -63.43
CA GLU WB 93 95.49 23.05 -63.02
C GLU WB 93 96.62 22.83 -62.01
N ILE WB 94 97.77 23.49 -62.23
CA ILE WB 94 98.94 23.40 -61.35
C ILE WB 94 98.66 24.18 -60.06
N SER WB 95 98.55 23.45 -58.92
CA SER WB 95 98.27 24.00 -57.59
C SER WB 95 99.55 24.22 -56.78
N SER WB 96 100.38 23.16 -56.63
CA SER WB 96 101.65 23.20 -55.89
C SER WB 96 102.86 23.38 -56.82
N SER WB 97 103.97 23.92 -56.27
CA SER WB 97 105.19 24.18 -57.01
C SER WB 97 105.89 22.88 -57.41
N ILE WB 98 106.12 22.71 -58.73
CA ILE WB 98 106.80 21.54 -59.30
C ILE WB 98 108.18 22.01 -59.78
N LEU WB 99 109.23 21.36 -59.27
CA LEU WB 99 110.63 21.67 -59.58
C LEU WB 99 111.01 21.25 -61.01
N ALA WB 100 112.07 21.87 -61.56
CA ALA WB 100 112.57 21.57 -62.90
C ALA WB 100 113.33 20.24 -62.87
N ASN WB 101 113.04 19.34 -63.83
CA ASN WB 101 113.61 18.00 -63.97
C ASN WB 101 113.38 17.12 -62.71
N SER WB 102 112.17 17.22 -62.13
CA SER WB 102 111.77 16.47 -60.93
C SER WB 102 110.71 15.41 -61.24
N ASN WB 103 110.63 14.39 -60.38
CA ASN WB 103 109.70 13.27 -60.50
C ASN WB 103 108.34 13.57 -59.88
N LEU WB 104 107.26 13.17 -60.58
CA LEU WB 104 105.87 13.32 -60.12
C LEU WB 104 105.53 12.09 -59.28
N VAL WB 105 105.35 12.31 -57.97
CA VAL WB 105 105.14 11.25 -56.97
C VAL WB 105 103.71 11.01 -56.47
N ASN WB 106 102.71 11.80 -56.95
CA ASN WB 106 101.31 11.65 -56.51
C ASN WB 106 100.67 10.34 -56.98
N ARG WB 107 100.72 10.09 -58.29
CA ARG WB 107 100.17 8.87 -58.91
C ARG WB 107 101.08 8.42 -60.06
N SER WB 108 101.40 7.12 -60.08
CA SER WB 108 102.26 6.50 -61.10
C SER WB 108 101.42 5.83 -62.20
N VAL WB 109 101.92 5.85 -63.44
CA VAL WB 109 101.24 5.25 -64.59
C VAL WB 109 101.29 3.72 -64.50
N PRO WB 110 100.13 3.00 -64.60
CA PRO WB 110 100.15 1.53 -64.52
C PRO WB 110 100.99 0.87 -65.61
N ASN WB 111 101.58 -0.31 -65.29
CA ASN WB 111 102.46 -1.07 -66.18
C ASN WB 111 101.88 -1.43 -67.55
N GLU WB 112 100.55 -1.63 -67.62
CA GLU WB 112 99.83 -1.95 -68.86
C GLU WB 112 99.76 -0.77 -69.85
N PHE WB 113 100.03 0.46 -69.36
CA PHE WB 113 100.04 1.70 -70.14
C PHE WB 113 101.48 2.20 -70.37
N CYS WB 114 102.45 1.63 -69.63
CA CYS WB 114 103.87 2.01 -69.71
C CYS WB 114 104.57 1.49 -70.97
N PRO WB 115 105.18 2.39 -71.78
CA PRO WB 115 105.95 1.92 -72.95
C PRO WB 115 107.34 1.42 -72.52
N ARG WB 116 108.02 0.65 -73.40
CA ARG WB 116 109.37 0.16 -73.09
C ARG WB 116 110.38 1.30 -73.18
N ASN WB 117 110.21 2.18 -74.18
CA ASN WB 117 111.09 3.33 -74.37
C ASN WB 117 110.51 4.63 -73.79
N ARG WB 118 111.38 5.60 -73.49
CA ARG WB 118 110.99 6.89 -72.92
C ARG WB 118 110.27 7.76 -73.97
N CYS WB 119 109.01 8.13 -73.68
CA CYS WB 119 108.18 8.94 -74.57
C CYS WB 119 107.95 10.34 -74.03
N SER WB 120 108.13 11.35 -74.89
CA SER WB 120 107.96 12.77 -74.53
C SER WB 120 106.60 13.28 -75.02
N LEU WB 121 105.77 13.77 -74.08
CA LEU WB 121 104.44 14.29 -74.43
C LEU WB 121 104.45 15.82 -74.38
N VAL WB 122 104.54 16.44 -75.57
CA VAL WB 122 104.59 17.90 -75.70
C VAL WB 122 103.23 18.53 -75.40
N GLY WB 123 103.24 19.55 -74.55
CA GLY WB 123 102.06 20.30 -74.13
C GLY WB 123 102.24 21.81 -74.21
N HIS WB 124 101.13 22.56 -74.00
CA HIS WB 124 101.11 24.02 -74.04
C HIS WB 124 100.37 24.62 -72.85
N MET WB 125 100.96 25.69 -72.27
CA MET WB 125 100.41 26.40 -71.12
C MET WB 125 99.47 27.52 -71.58
N VAL WB 126 98.25 27.54 -71.03
CA VAL WB 126 97.22 28.52 -71.36
C VAL WB 126 97.61 29.92 -70.86
N GLY WB 127 97.65 30.89 -71.78
CA GLY WB 127 97.96 32.27 -71.45
C GLY WB 127 99.18 32.86 -72.14
N GLY WB 128 100.19 32.02 -72.39
CA GLY WB 128 101.43 32.46 -73.03
C GLY WB 128 101.97 31.52 -74.09
N TRP WB 129 103.21 31.78 -74.53
CA TRP WB 129 103.93 30.98 -75.53
C TRP WB 129 104.77 29.89 -74.83
N ASN WB 130 104.27 29.38 -73.70
CA ASN WB 130 104.96 28.39 -72.87
C ASN WB 130 104.67 26.94 -73.27
N ALA WB 131 105.73 26.12 -73.35
CA ALA WB 131 105.66 24.70 -73.72
C ALA WB 131 106.31 23.81 -72.65
N PHE WB 132 105.87 22.55 -72.56
CA PHE WB 132 106.39 21.56 -71.60
C PHE WB 132 106.29 20.14 -72.13
N HIS WB 133 107.14 19.24 -71.62
CA HIS WB 133 107.11 17.84 -72.00
C HIS WB 133 107.27 16.95 -70.77
N ILE WB 134 106.52 15.84 -70.72
CA ILE WB 134 106.55 14.88 -69.61
C ILE WB 134 107.08 13.54 -70.13
N ASP WB 135 108.13 13.02 -69.50
CA ASP WB 135 108.74 11.75 -69.88
C ASP WB 135 108.18 10.58 -69.07
N ILE WB 136 107.79 9.50 -69.77
CA ILE WB 136 107.22 8.30 -69.14
C ILE WB 136 108.13 7.10 -69.39
N PRO WB 137 108.77 6.55 -68.32
CA PRO WB 137 109.65 5.39 -68.51
C PRO WB 137 108.89 4.07 -68.35
N SER WB 138 109.62 2.95 -68.27
CA SER WB 138 109.05 1.61 -68.09
C SER WB 138 108.51 1.42 -66.66
N SER WB 139 109.05 2.19 -65.70
CA SER WB 139 108.68 2.14 -64.28
C SER WB 139 107.28 2.71 -64.01
N GLY WB 140 107.02 3.90 -64.54
CA GLY WB 140 105.73 4.58 -64.39
C GLY WB 140 105.81 5.94 -63.75
N VAL WB 141 106.94 6.25 -63.08
CA VAL WB 141 107.17 7.53 -62.42
C VAL WB 141 107.48 8.62 -63.46
N CYS WB 142 106.51 9.50 -63.69
CA CYS WB 142 106.59 10.59 -64.67
C CYS WB 142 107.55 11.68 -64.20
N GLN WB 143 108.15 12.40 -65.16
CA GLN WB 143 109.10 13.48 -64.87
C GLN WB 143 108.75 14.77 -65.61
N TRP WB 144 108.62 15.87 -64.86
CA TRP WB 144 108.33 17.19 -65.41
C TRP WB 144 109.66 17.80 -65.87
N PHE WB 145 109.87 17.88 -67.20
CA PHE WB 145 111.11 18.41 -67.77
C PHE WB 145 111.09 19.90 -68.12
N GLY WB 146 110.02 20.59 -67.73
CA GLY WB 146 109.89 22.03 -67.92
C GLY WB 146 110.53 22.82 -66.79
N PRO WB 147 110.37 24.16 -66.76
CA PRO WB 147 110.97 24.95 -65.67
C PRO WB 147 110.16 24.85 -64.38
N THR WB 148 110.69 25.42 -63.29
CA THR WB 148 110.02 25.42 -61.98
C THR WB 148 108.74 26.28 -62.05
N ALA WB 149 107.57 25.62 -62.11
CA ALA WB 149 106.27 26.28 -62.20
C ALA WB 149 105.40 25.95 -60.99
N SER WB 150 104.62 26.95 -60.54
CA SER WB 150 103.72 26.83 -59.39
C SER WB 150 102.25 27.00 -59.77
N SER WB 151 102.00 27.73 -60.87
CA SER WB 151 100.65 28.00 -61.40
C SER WB 151 100.60 27.95 -62.92
N GLY WB 152 99.44 27.57 -63.45
CA GLY WB 152 99.20 27.48 -64.89
C GLY WB 152 98.30 26.33 -65.29
N THR WB 153 97.74 26.42 -66.52
CA THR WB 153 96.84 25.39 -67.05
C THR WB 153 97.56 24.49 -68.07
N PRO WB 154 97.77 23.19 -67.74
CA PRO WB 154 98.43 22.28 -68.69
C PRO WB 154 97.44 21.63 -69.67
N ARG WB 155 97.75 21.67 -70.97
CA ARG WB 155 96.91 21.09 -72.01
C ARG WB 155 97.75 20.39 -73.08
N GLY WB 156 97.20 19.33 -73.69
CA GLY WB 156 97.88 18.56 -74.73
C GLY WB 156 97.23 17.22 -75.00
N THR WB 157 96.92 16.95 -76.28
CA THR WB 157 96.29 15.69 -76.71
C THR WB 157 97.00 15.12 -77.95
N GLY WB 158 97.27 13.82 -77.92
CA GLY WB 158 97.93 13.10 -78.99
C GLY WB 158 98.00 11.60 -78.77
N THR WB 159 99.00 10.96 -79.38
CA THR WB 159 99.24 9.51 -79.29
C THR WB 159 100.72 9.22 -79.08
N TYR WB 160 101.01 8.11 -78.40
CA TYR WB 160 102.39 7.67 -78.16
C TYR WB 160 102.51 6.13 -78.25
N PRO WB 161 103.60 5.59 -78.87
CA PRO WB 161 103.75 4.13 -78.96
C PRO WB 161 104.01 3.44 -77.61
N ILE WB 162 103.65 2.15 -77.52
CA ILE WB 162 103.86 1.33 -76.33
C ILE WB 162 104.95 0.25 -76.55
N ASP WB 163 105.19 -0.14 -77.79
CA ASP WB 163 106.21 -1.13 -78.16
C ASP WB 163 107.37 -0.49 -78.94
N ALA XB 2 114.17 -74.72 29.64
CA ALA XB 2 113.43 -75.58 30.57
C ALA XB 2 113.87 -77.03 30.46
N SER XB 3 113.91 -77.76 31.59
CA SER XB 3 114.29 -79.17 31.58
C SER XB 3 113.09 -80.02 31.16
N ILE XB 4 113.16 -80.60 29.94
CA ILE XB 4 112.08 -81.39 29.37
C ILE XB 4 112.47 -82.84 29.07
N LYS XB 5 111.50 -83.76 29.17
CA LYS XB 5 111.71 -85.19 28.88
C LYS XB 5 111.44 -85.46 27.39
N LYS XB 6 112.15 -86.44 26.84
CA LYS XB 6 112.02 -86.83 25.44
C LYS XB 6 110.75 -87.66 25.22
N VAL XB 7 110.01 -87.34 24.16
CA VAL XB 7 108.79 -88.02 23.73
C VAL XB 7 109.13 -88.99 22.59
N TYR XB 8 108.78 -90.27 22.76
CA TYR XB 8 109.08 -91.30 21.78
C TYR XB 8 107.90 -92.23 21.62
N ARG XB 9 107.87 -92.97 20.51
CA ARG XB 9 106.82 -93.94 20.21
C ARG XB 9 106.94 -95.16 21.12
N GLY XB 10 105.83 -95.53 21.76
CA GLY XB 10 105.76 -96.65 22.69
C GLY XB 10 106.24 -96.29 24.08
N MET XB 11 106.03 -95.05 24.46
CA MET XB 11 106.43 -94.49 25.74
C MET XB 11 105.42 -94.84 26.83
N LYS XB 12 105.94 -95.30 27.98
CA LYS XB 12 105.12 -95.64 29.14
C LYS XB 12 104.69 -94.33 29.82
N ASN XB 13 103.37 -94.17 30.02
CA ASN XB 13 102.73 -92.98 30.59
C ASN XB 13 103.12 -91.71 29.82
N GLY XB 14 102.68 -91.63 28.56
CA GLY XB 14 102.96 -90.51 27.67
C GLY XB 14 102.13 -89.27 27.94
N ALA XB 15 100.91 -89.49 28.43
CA ALA XB 15 99.97 -88.42 28.74
C ALA XB 15 100.52 -87.49 29.82
N GLU XB 16 101.13 -88.06 30.85
CA GLU XB 16 101.70 -87.31 31.93
C GLU XB 16 102.97 -86.58 31.49
N THR XB 17 103.79 -87.25 30.64
CA THR XB 17 105.09 -86.75 30.15
C THR XB 17 104.94 -85.45 29.38
N ILE XB 18 104.03 -85.43 28.38
CA ILE XB 18 103.78 -84.25 27.56
C ILE XB 18 103.21 -83.10 28.40
N ASN XB 19 102.25 -83.42 29.29
CA ASN XB 19 101.64 -82.43 30.17
C ASN XB 19 102.67 -81.74 31.06
N ASP XB 20 103.61 -82.52 31.62
CA ASP XB 20 104.68 -82.00 32.48
C ASP XB 20 105.66 -81.14 31.69
N ASP XB 21 105.90 -81.51 30.40
CA ASP XB 21 106.80 -80.79 29.51
C ASP XB 21 106.19 -79.44 29.09
N LEU XB 22 104.88 -79.44 28.83
CA LEU XB 22 104.17 -78.23 28.44
C LEU XB 22 104.06 -77.24 29.62
N GLU XB 23 103.88 -77.77 30.83
CA GLU XB 23 103.78 -76.97 32.06
C GLU XB 23 105.12 -76.33 32.44
N ALA XB 24 106.23 -77.07 32.17
CA ALA XB 24 107.60 -76.62 32.46
C ALA XB 24 107.99 -75.47 31.54
N ILE XB 25 107.55 -75.53 30.28
CA ILE XB 25 107.79 -74.52 29.26
C ILE XB 25 106.95 -73.28 29.58
N ASN XB 26 105.65 -73.48 29.86
CA ASN XB 26 104.71 -72.39 30.19
C ASN XB 26 105.10 -71.61 31.45
N SER XB 27 105.76 -72.29 32.42
CA SER XB 27 106.24 -71.69 33.65
C SER XB 27 107.33 -70.66 33.37
N GLU XB 28 108.23 -70.99 32.41
CA GLU XB 28 109.32 -70.13 31.99
C GLU XB 28 108.84 -68.95 31.14
N LEU XB 29 107.65 -69.06 30.54
CA LEU XB 29 107.05 -68.00 29.72
C LEU XB 29 106.53 -66.83 30.56
N THR XB 30 106.28 -67.08 31.86
CA THR XB 30 105.75 -66.09 32.81
C THR XB 30 106.82 -65.58 33.79
N SER XB 31 107.64 -66.51 34.34
CA SER XB 31 108.68 -66.19 35.32
C SER XB 31 109.91 -67.09 35.25
N GLY XB 32 111.06 -66.51 35.54
CA GLY XB 32 112.33 -67.20 35.60
C GLY XB 32 112.89 -67.66 34.26
N GLY XB 33 113.68 -68.73 34.32
CA GLY XB 33 114.31 -69.29 33.13
C GLY XB 33 115.48 -68.46 32.63
N ASN XB 34 115.64 -68.41 31.29
CA ASN XB 34 116.70 -67.66 30.63
C ASN XB 34 116.16 -66.55 29.73
N VAL XB 35 114.87 -66.23 29.88
CA VAL XB 35 114.20 -65.20 29.09
C VAL XB 35 113.85 -63.95 29.90
N VAL XB 36 113.93 -62.78 29.25
CA VAL XB 36 113.62 -61.51 29.89
C VAL XB 36 112.11 -61.29 29.84
N HIS XB 37 111.51 -61.06 31.02
CA HIS XB 37 110.06 -60.86 31.18
C HIS XB 37 109.67 -59.40 31.35
N LYS XB 38 108.38 -59.12 31.10
CA LYS XB 38 107.78 -57.79 31.24
C LYS XB 38 107.49 -57.47 32.71
N THR XB 39 107.61 -58.50 33.58
CA THR XB 39 107.36 -58.36 35.02
C THR XB 39 108.44 -59.06 35.82
N GLY XB 40 108.81 -58.44 36.94
CA GLY XB 40 109.81 -58.96 37.87
C GLY XB 40 111.21 -58.41 37.67
N ASP XB 41 112.03 -58.53 38.73
CA ASP XB 41 113.42 -58.09 38.74
C ASP XB 41 114.30 -59.21 38.20
N GLU XB 42 115.00 -58.94 37.09
CA GLU XB 42 115.86 -59.93 36.43
C GLU XB 42 117.22 -59.35 36.05
N THR XB 43 118.24 -60.24 35.96
CA THR XB 43 119.61 -59.89 35.55
C THR XB 43 119.87 -60.35 34.13
N ILE XB 44 120.36 -59.43 33.29
CA ILE XB 44 120.63 -59.66 31.86
C ILE XB 44 122.12 -59.51 31.57
N ALA XB 45 122.67 -60.46 30.81
CA ALA XB 45 124.07 -60.50 30.42
C ALA XB 45 124.21 -60.57 28.89
N GLY XB 46 125.29 -59.98 28.38
CA GLY XB 46 125.57 -59.95 26.95
C GLY XB 46 125.34 -58.59 26.32
N LYS XB 47 125.92 -58.39 25.13
CA LYS XB 47 125.82 -57.15 24.36
C LYS XB 47 124.42 -57.02 23.73
N LYS XB 48 123.60 -56.13 24.31
CA LYS XB 48 122.23 -55.87 23.84
C LYS XB 48 122.16 -54.59 23.02
N THR XB 49 121.95 -54.74 21.70
CA THR XB 49 121.89 -53.62 20.74
C THR XB 49 120.42 -53.26 20.44
N PHE XB 50 119.98 -52.10 20.95
CA PHE XB 50 118.63 -51.58 20.75
C PHE XB 50 118.60 -50.66 19.54
N THR XB 51 118.04 -51.15 18.43
CA THR XB 51 117.93 -50.38 17.18
C THR XB 51 116.80 -49.36 17.26
N GLY XB 52 115.78 -49.68 18.05
CA GLY XB 52 114.62 -48.80 18.27
C GLY XB 52 114.85 -47.76 19.35
N ASN XB 53 113.76 -47.12 19.79
CA ASN XB 53 113.81 -46.09 20.82
C ASN XB 53 113.60 -46.68 22.22
N VAL XB 54 114.44 -46.27 23.16
CA VAL XB 54 114.38 -46.74 24.56
C VAL XB 54 113.84 -45.65 25.47
N GLU XB 55 112.83 -45.98 26.28
CA GLU XB 55 112.22 -45.07 27.22
C GLU XB 55 112.31 -45.63 28.64
N VAL XB 56 112.87 -44.83 29.56
CA VAL XB 56 113.02 -45.20 30.98
C VAL XB 56 112.18 -44.23 31.85
N ASN XB 57 111.29 -44.80 32.66
CA ASN XB 57 110.40 -44.04 33.55
C ASN XB 57 110.99 -43.98 34.96
N GLY XB 58 111.79 -45.01 35.31
CA GLY XB 58 112.47 -45.12 36.59
C GLY XB 58 113.79 -44.38 36.63
N SER XB 59 114.80 -45.00 37.26
CA SER XB 59 116.13 -44.41 37.40
C SER XB 59 117.17 -45.25 36.68
N LEU XB 60 118.06 -44.58 35.95
CA LEU XB 60 119.16 -45.22 35.22
C LEU XB 60 120.43 -45.18 36.07
N THR XB 61 121.04 -46.35 36.30
CA THR XB 61 122.25 -46.49 37.09
C THR XB 61 123.42 -46.86 36.21
N LEU XB 62 124.54 -46.16 36.38
CA LEU XB 62 125.76 -46.39 35.61
C LEU XB 62 126.95 -46.56 36.56
N PRO XB 63 128.07 -47.20 36.14
CA PRO XB 63 129.23 -47.32 37.05
C PRO XB 63 129.71 -45.99 37.61
N THR XB 64 129.81 -45.90 38.95
CA THR XB 64 130.18 -44.67 39.66
C THR XB 64 131.42 -44.85 40.54
N LYS XB 65 132.35 -43.89 40.46
CA LYS XB 65 133.56 -43.85 41.27
C LYS XB 65 133.87 -42.39 41.61
N SER XB 66 134.10 -42.10 42.90
CA SER XB 66 134.37 -40.76 43.39
C SER XB 66 135.81 -40.58 43.85
N TRP XB 67 136.37 -39.37 43.69
CA TRP XB 67 137.73 -39.00 44.09
C TRP XB 67 137.80 -37.53 44.49
N SER XB 68 138.56 -37.24 45.54
CA SER XB 68 138.76 -35.88 46.05
C SER XB 68 140.16 -35.73 46.62
N GLY XB 69 140.81 -34.61 46.31
CA GLY XB 69 142.16 -34.31 46.76
C GLY XB 69 142.67 -32.95 46.33
N GLU XB 70 143.62 -32.40 47.11
CA GLU XB 70 144.24 -31.10 46.86
C GLU XB 70 145.27 -31.21 45.73
N LEU XB 71 145.01 -30.55 44.59
CA LEU XB 71 145.90 -30.57 43.42
C LEU XB 71 147.21 -29.82 43.66
N GLY XB 72 147.12 -28.66 44.31
CA GLY XB 72 148.28 -27.82 44.62
C GLY XB 72 147.92 -26.43 45.09
N GLY XB 73 148.39 -26.09 46.29
CA GLY XB 73 148.18 -24.78 46.89
C GLY XB 73 146.77 -24.50 47.37
N GLY XB 74 146.19 -25.45 48.09
CA GLY XB 74 144.84 -25.35 48.66
C GLY XB 74 143.69 -25.45 47.67
N ILE XB 75 143.95 -25.95 46.45
CA ILE XB 75 142.92 -26.12 45.41
C ILE XB 75 142.47 -27.59 45.38
N ILE XB 76 141.29 -27.85 45.94
CA ILE XB 76 140.71 -29.19 46.04
C ILE XB 76 139.72 -29.43 44.91
N LEU XB 77 139.92 -30.50 44.14
CA LEU XB 77 139.05 -30.90 43.02
C LEU XB 77 138.29 -32.18 43.35
N SER XB 78 136.96 -32.13 43.26
CA SER XB 78 136.08 -33.26 43.51
C SER XB 78 135.63 -33.85 42.17
N LEU XB 79 135.99 -35.10 41.92
CA LEU XB 79 135.66 -35.78 40.68
C LEU XB 79 134.75 -36.98 40.90
N ARG XB 80 133.81 -37.19 39.97
CA ARG XB 80 132.89 -38.33 39.98
C ARG XB 80 132.63 -38.81 38.55
N LYS XB 81 133.01 -40.06 38.26
CA LYS XB 81 132.86 -40.69 36.96
C LYS XB 81 131.50 -41.37 36.82
N LYS XB 82 130.84 -41.14 35.67
CA LYS XB 82 129.56 -41.74 35.33
C LYS XB 82 129.61 -42.27 33.89
N GLY XB 83 130.21 -43.43 33.73
CA GLY XB 83 130.37 -44.09 32.44
C GLY XB 83 131.45 -43.49 31.59
N THR XB 84 131.04 -42.60 30.67
CA THR XB 84 131.94 -41.92 29.73
C THR XB 84 132.09 -40.41 30.00
N THR XB 85 131.43 -39.91 31.07
CA THR XB 85 131.46 -38.50 31.44
C THR XB 85 131.84 -38.34 32.91
N VAL XB 86 132.80 -37.47 33.21
CA VAL XB 86 133.26 -37.21 34.57
C VAL XB 86 132.81 -35.81 35.00
N GLU XB 87 132.17 -35.73 36.17
CA GLU XB 87 131.67 -34.47 36.75
C GLU XB 87 132.73 -33.89 37.68
N TYR XB 88 133.13 -32.63 37.43
CA TYR XB 88 134.15 -31.95 38.23
C TYR XB 88 133.57 -30.85 39.11
N SER XB 89 134.22 -30.59 40.25
CA SER XB 89 133.84 -29.54 41.20
C SER XB 89 135.08 -28.93 41.85
N ILE XB 90 135.32 -27.65 41.61
CA ILE XB 90 136.47 -26.90 42.14
C ILE XB 90 136.08 -26.24 43.46
N GLY XB 91 136.90 -26.46 44.49
CA GLY XB 91 136.68 -25.90 45.81
C GLY XB 91 137.96 -25.55 46.55
N GLY XB 92 137.81 -25.16 47.82
CA GLY XB 92 138.91 -24.79 48.69
C GLY XB 92 139.27 -23.32 48.62
N GLU XB 93 140.49 -22.98 49.07
CA GLU XB 93 141.03 -21.61 49.09
C GLU XB 93 142.54 -21.65 48.82
N ILE XB 94 143.04 -20.73 47.97
CA ILE XB 94 144.46 -20.63 47.62
C ILE XB 94 145.30 -20.14 48.81
N SER XB 95 146.22 -21.00 49.28
CA SER XB 95 147.11 -20.73 50.41
C SER XB 95 148.50 -20.27 49.95
N SER XB 96 149.18 -21.11 49.15
CA SER XB 96 150.53 -20.83 48.62
C SER XB 96 150.48 -20.18 47.23
N SER XB 97 151.62 -19.63 46.77
CA SER XB 97 151.71 -18.98 45.47
C SER XB 97 151.91 -19.98 44.34
N ILE XB 98 151.00 -19.96 43.36
CA ILE XB 98 151.04 -20.81 42.16
C ILE XB 98 151.41 -19.93 40.97
N LEU XB 99 152.52 -20.28 40.31
CA LEU XB 99 153.06 -19.56 39.15
C LEU XB 99 152.17 -19.71 37.91
N ALA XB 100 152.31 -18.77 36.95
CA ALA XB 100 151.57 -18.80 35.69
C ALA XB 100 152.13 -19.89 34.78
N ASN XB 101 151.23 -20.71 34.19
CA ASN XB 101 151.56 -21.85 33.32
C ASN XB 101 152.46 -22.90 33.99
N SER XB 102 152.21 -23.18 35.28
CA SER XB 102 152.96 -24.13 36.09
C SER XB 102 152.11 -25.33 36.50
N ASN XB 103 152.76 -26.49 36.68
CA ASN XB 103 152.12 -27.74 37.06
C ASN XB 103 151.90 -27.86 38.56
N LEU XB 104 150.70 -28.30 38.96
CA LEU XB 104 150.33 -28.53 40.37
C LEU XB 104 150.85 -29.92 40.76
N VAL XB 105 151.88 -29.95 41.62
CA VAL XB 105 152.59 -31.17 42.00
C VAL XB 105 152.26 -31.77 43.39
N ASN XB 106 151.18 -31.32 44.05
CA ASN XB 106 150.79 -31.85 45.36
C ASN XB 106 150.21 -33.25 45.27
N ARG XB 107 149.16 -33.44 44.44
CA ARG XB 107 148.49 -34.71 44.20
C ARG XB 107 148.02 -34.77 42.74
N SER XB 108 148.23 -35.91 42.08
CA SER XB 108 147.87 -36.12 40.69
C SER XB 108 146.53 -36.85 40.54
N VAL XB 109 145.83 -36.62 39.43
CA VAL XB 109 144.54 -37.23 39.12
C VAL XB 109 144.74 -38.71 38.69
N PRO XB 110 144.02 -39.68 39.31
CA PRO XB 110 144.18 -41.10 38.93
C PRO XB 110 143.85 -41.40 37.47
N ASN XB 111 144.50 -42.44 36.90
CA ASN XB 111 144.35 -42.83 35.49
C ASN XB 111 142.93 -43.15 35.04
N GLU XB 112 142.10 -43.68 35.95
CA GLU XB 112 140.69 -44.02 35.69
C GLU XB 112 139.80 -42.79 35.47
N PHE XB 113 140.29 -41.59 35.86
CA PHE XB 113 139.62 -40.30 35.71
C PHE XB 113 140.27 -39.45 34.61
N CYS XB 114 141.48 -39.85 34.17
CA CYS XB 114 142.25 -39.15 33.13
C CYS XB 114 141.64 -39.29 31.72
N PRO XB 115 141.38 -38.17 31.02
CA PRO XB 115 140.82 -38.25 29.65
C PRO XB 115 141.88 -38.52 28.58
N ARG XB 116 141.43 -38.89 27.36
CA ARG XB 116 142.33 -39.17 26.23
C ARG XB 116 142.98 -37.89 25.72
N ASN XB 117 142.19 -36.83 25.55
CA ASN XB 117 142.67 -35.51 25.16
C ASN XB 117 142.58 -34.62 26.39
N ARG XB 118 143.47 -33.62 26.49
CA ARG XB 118 143.46 -32.70 27.64
C ARG XB 118 142.28 -31.72 27.63
N CYS XB 119 141.49 -31.75 28.71
CA CYS XB 119 140.29 -30.93 28.88
C CYS XB 119 140.52 -29.71 29.76
N SER XB 120 139.87 -28.60 29.40
CA SER XB 120 139.96 -27.33 30.13
C SER XB 120 138.75 -27.13 31.05
N LEU XB 121 139.02 -26.87 32.33
CA LEU XB 121 137.95 -26.66 33.30
C LEU XB 121 137.83 -25.19 33.68
N VAL XB 122 136.85 -24.49 33.08
CA VAL XB 122 136.63 -23.06 33.30
C VAL XB 122 136.07 -22.82 34.71
N GLY XB 123 136.72 -21.92 35.45
CA GLY XB 123 136.37 -21.55 36.81
C GLY XB 123 136.30 -20.05 37.03
N HIS XB 124 135.77 -19.65 38.20
CA HIS XB 124 135.62 -18.24 38.57
C HIS XB 124 136.11 -17.98 39.99
N MET XB 125 136.82 -16.86 40.18
CA MET XB 125 137.37 -16.45 41.46
C MET XB 125 136.37 -15.60 42.22
N VAL XB 126 136.13 -15.95 43.50
CA VAL XB 126 135.21 -15.24 44.38
C VAL XB 126 135.75 -13.84 44.73
N GLY XB 127 134.95 -12.82 44.48
CA GLY XB 127 135.31 -11.44 44.76
C GLY XB 127 135.35 -10.55 43.53
N GLY XB 128 136.12 -10.98 42.53
CA GLY XB 128 136.27 -10.24 41.28
C GLY XB 128 135.70 -10.94 40.06
N TRP XB 129 135.93 -10.34 38.88
CA TRP XB 129 135.52 -10.85 37.57
C TRP XB 129 136.59 -11.82 37.02
N ASN XB 130 137.50 -12.26 37.90
CA ASN XB 130 138.62 -13.13 37.59
C ASN XB 130 138.20 -14.55 37.19
N ALA XB 131 138.78 -15.05 36.10
CA ALA XB 131 138.52 -16.39 35.56
C ALA XB 131 139.80 -17.19 35.44
N PHE XB 132 139.70 -18.53 35.51
CA PHE XB 132 140.84 -19.44 35.40
C PHE XB 132 140.43 -20.77 34.77
N HIS XB 133 141.40 -21.49 34.21
CA HIS XB 133 141.16 -22.82 33.65
C HIS XB 133 142.34 -23.75 33.97
N ILE XB 134 142.02 -24.99 34.36
CA ILE XB 134 143.01 -26.02 34.70
C ILE XB 134 142.92 -27.14 33.67
N ASP XB 135 144.04 -27.43 33.01
CA ASP XB 135 144.10 -28.47 31.99
C ASP XB 135 144.46 -29.82 32.63
N ILE XB 136 143.69 -30.88 32.30
CA ILE XB 136 143.96 -32.22 32.81
C ILE XB 136 144.52 -33.09 31.67
N PRO XB 137 145.85 -33.34 31.64
CA PRO XB 137 146.43 -34.18 30.58
C PRO XB 137 146.20 -35.66 30.84
N SER XB 138 146.65 -36.53 29.92
CA SER XB 138 146.51 -37.98 30.03
C SER XB 138 147.41 -38.56 31.15
N SER XB 139 148.43 -37.78 31.55
CA SER XB 139 149.41 -38.14 32.58
C SER XB 139 148.81 -38.14 33.99
N GLY XB 140 148.12 -37.06 34.34
CA GLY XB 140 147.49 -36.90 35.64
C GLY XB 140 147.83 -35.62 36.35
N VAL XB 141 149.03 -35.06 36.09
CA VAL XB 141 149.51 -33.82 36.72
C VAL XB 141 148.81 -32.61 36.09
N CYS XB 142 147.89 -32.01 36.86
CA CYS XB 142 147.11 -30.85 36.45
C CYS XB 142 147.97 -29.60 36.33
N GLN XB 143 147.69 -28.77 35.32
CA GLN XB 143 148.45 -27.55 35.07
C GLN XB 143 147.58 -26.30 35.17
N TRP XB 144 147.98 -25.36 36.03
CA TRP XB 144 147.31 -24.06 36.23
C TRP XB 144 147.68 -23.14 35.06
N PHE XB 145 146.71 -22.89 34.16
CA PHE XB 145 146.91 -22.07 32.97
C PHE XB 145 146.59 -20.58 33.14
N GLY XB 146 146.16 -20.19 34.34
CA GLY XB 146 145.88 -18.81 34.67
C GLY XB 146 147.13 -18.03 35.06
N PRO XB 147 146.99 -16.76 35.52
CA PRO XB 147 148.19 -16.01 35.92
C PRO XB 147 148.68 -16.35 37.33
N THR XB 148 149.79 -15.74 37.76
CA THR XB 148 150.36 -15.98 39.09
C THR XB 148 149.44 -15.42 40.18
N ALA XB 149 149.02 -16.29 41.11
CA ALA XB 149 148.13 -15.93 42.22
C ALA XB 149 148.59 -16.59 43.52
N SER XB 150 148.36 -15.91 44.65
CA SER XB 150 148.73 -16.38 45.99
C SER XB 150 147.51 -16.51 46.93
N SER XB 151 146.44 -15.74 46.65
CA SER XB 151 145.21 -15.72 47.43
C SER XB 151 143.96 -15.66 46.55
N GLY XB 152 142.86 -16.20 47.08
CA GLY XB 152 141.56 -16.22 46.39
C GLY XB 152 140.80 -17.52 46.58
N THR XB 153 139.48 -17.50 46.29
CA THR XB 153 138.62 -18.67 46.41
C THR XB 153 138.25 -19.26 45.03
N PRO XB 154 138.80 -20.43 44.64
CA PRO XB 154 138.45 -21.02 43.34
C PRO XB 154 137.13 -21.80 43.37
N ARG XB 155 136.28 -21.57 42.35
CA ARG XB 155 134.98 -22.25 42.22
C ARG XB 155 134.68 -22.59 40.76
N GLY XB 156 133.97 -23.69 40.54
CA GLY XB 156 133.59 -24.16 39.20
C GLY XB 156 133.08 -25.58 39.18
N THR XB 157 131.88 -25.78 38.61
CA THR XB 157 131.23 -27.10 38.51
C THR XB 157 130.68 -27.33 37.10
N GLY XB 158 130.94 -28.51 36.56
CA GLY XB 158 130.51 -28.93 35.23
C GLY XB 158 130.82 -30.38 34.94
N THR XB 159 130.98 -30.69 33.65
CA THR XB 159 131.28 -32.04 33.14
C THR XB 159 132.35 -32.00 32.07
N TYR XB 160 133.17 -33.06 31.97
CA TYR XB 160 134.20 -33.17 30.95
C TYR XB 160 134.29 -34.59 30.37
N PRO XB 161 134.51 -34.75 29.05
CA PRO XB 161 134.59 -36.10 28.47
C PRO XB 161 135.87 -36.83 28.84
N ILE XB 162 135.84 -38.17 28.74
CA ILE XB 162 136.98 -39.02 29.06
C ILE XB 162 137.53 -39.77 27.82
N ASP XB 163 136.67 -39.94 26.79
CA ASP XB 163 136.98 -40.65 25.55
C ASP XB 163 136.86 -39.78 24.29
N SER XB 164 137.57 -40.15 23.21
CA SER XB 164 137.56 -39.45 21.92
C SER XB 164 137.48 -40.44 20.75
N ALA YB 2 109.11 -69.97 16.74
CA ALA YB 2 109.67 -71.25 16.29
C ALA YB 2 108.78 -71.90 15.22
N SER YB 3 109.40 -72.54 14.22
CA SER YB 3 108.63 -73.23 13.18
C SER YB 3 108.20 -74.58 13.71
N ILE YB 4 106.88 -74.75 13.86
CA ILE YB 4 106.28 -75.98 14.40
C ILE YB 4 105.31 -76.62 13.43
N LYS YB 5 105.20 -77.96 13.48
CA LYS YB 5 104.29 -78.73 12.63
C LYS YB 5 102.97 -78.97 13.37
N LYS YB 6 101.88 -79.00 12.62
CA LYS YB 6 100.55 -79.21 13.18
C LYS YB 6 100.35 -80.64 13.64
N VAL YB 7 99.66 -80.80 14.79
CA VAL YB 7 99.32 -82.08 15.39
C VAL YB 7 97.82 -82.35 15.15
N TYR YB 8 97.49 -83.50 14.54
CA TYR YB 8 96.12 -83.88 14.21
C TYR YB 8 95.86 -85.36 14.49
N ARG YB 9 94.58 -85.74 14.50
CA ARG YB 9 94.16 -87.13 14.72
C ARG YB 9 94.52 -88.00 13.50
N GLY YB 10 95.12 -89.17 13.79
CA GLY YB 10 95.56 -90.12 12.77
C GLY YB 10 96.78 -89.66 12.01
N MET YB 11 97.69 -89.00 12.73
CA MET YB 11 98.91 -88.48 12.15
C MET YB 11 100.02 -89.49 12.20
N LYS YB 12 100.74 -89.65 11.08
CA LYS YB 12 101.89 -90.56 11.02
C LYS YB 12 103.07 -89.86 11.73
N ASN YB 13 103.77 -90.62 12.57
CA ASN YB 13 104.90 -90.17 13.40
C ASN YB 13 104.46 -89.05 14.34
N GLY YB 14 103.44 -89.35 15.13
CA GLY YB 14 102.86 -88.42 16.10
C GLY YB 14 103.80 -88.08 17.24
N ALA YB 15 104.32 -89.12 17.90
CA ALA YB 15 105.28 -88.98 19.00
C ALA YB 15 106.52 -88.18 18.58
N GLU YB 16 107.01 -88.43 17.35
CA GLU YB 16 108.17 -87.81 16.73
C GLU YB 16 107.94 -86.30 16.53
N THR YB 17 106.75 -85.95 15.99
CA THR YB 17 106.34 -84.58 15.69
C THR YB 17 106.25 -83.75 16.98
N ILE YB 18 105.57 -84.29 18.01
CA ILE YB 18 105.40 -83.62 19.32
C ILE YB 18 106.76 -83.32 19.94
N ASN YB 19 107.64 -84.33 19.98
CA ASN YB 19 108.99 -84.18 20.52
C ASN YB 19 109.80 -83.10 19.80
N ASP YB 20 109.74 -83.10 18.45
CA ASP YB 20 110.45 -82.11 17.63
C ASP YB 20 109.89 -80.70 17.82
N ASP YB 21 108.57 -80.60 18.07
CA ASP YB 21 107.91 -79.32 18.32
C ASP YB 21 108.26 -78.80 19.70
N LEU YB 22 108.32 -79.68 20.70
CA LEU YB 22 108.68 -79.32 22.06
C LEU YB 22 110.15 -78.88 22.16
N GLU YB 23 111.03 -79.57 21.41
CA GLU YB 23 112.47 -79.29 21.38
C GLU YB 23 112.75 -77.95 20.67
N ALA YB 24 111.98 -77.63 19.61
CA ALA YB 24 112.10 -76.40 18.85
C ALA YB 24 111.70 -75.19 19.68
N ILE YB 25 110.67 -75.38 20.52
CA ILE YB 25 110.16 -74.36 21.43
C ILE YB 25 111.15 -74.14 22.58
N ASN YB 26 111.63 -75.24 23.20
CA ASN YB 26 112.59 -75.19 24.29
C ASN YB 26 113.93 -74.58 23.87
N SER YB 27 114.31 -74.73 22.57
CA SER YB 27 115.55 -74.18 22.01
C SER YB 27 115.51 -72.67 22.02
N GLU YB 28 114.33 -72.10 21.71
CA GLU YB 28 114.11 -70.67 21.69
C GLU YB 28 114.05 -70.07 23.10
N LEU YB 29 113.78 -70.90 24.13
CA LEU YB 29 113.73 -70.45 25.52
C LEU YB 29 115.13 -70.18 26.10
N THR YB 30 116.16 -70.78 25.48
CA THR YB 30 117.56 -70.65 25.91
C THR YB 30 118.37 -69.70 25.01
N SER YB 31 118.23 -69.84 23.67
CA SER YB 31 118.98 -69.05 22.69
C SER YB 31 118.25 -68.86 21.36
N GLY YB 32 118.48 -67.69 20.75
CA GLY YB 32 117.96 -67.34 19.44
C GLY YB 32 116.47 -67.04 19.40
N GLY YB 33 115.91 -67.10 18.19
CA GLY YB 33 114.50 -66.82 17.95
C GLY YB 33 114.18 -65.34 17.96
N ASN YB 34 112.91 -64.99 18.23
CA ASN YB 34 112.47 -63.60 18.29
C ASN YB 34 112.16 -63.20 19.75
N VAL YB 35 113.03 -63.65 20.68
CA VAL YB 35 112.88 -63.40 22.12
C VAL YB 35 114.19 -62.95 22.77
N VAL YB 36 114.10 -61.93 23.65
CA VAL YB 36 115.24 -61.38 24.41
C VAL YB 36 115.60 -62.33 25.54
N HIS YB 37 116.89 -62.71 25.64
CA HIS YB 37 117.42 -63.64 26.63
C HIS YB 37 118.27 -62.99 27.69
N LYS YB 38 118.46 -63.69 28.83
CA LYS YB 38 119.29 -63.25 29.95
C LYS YB 38 120.78 -63.44 29.64
N THR YB 39 121.11 -64.22 28.60
CA THR YB 39 122.48 -64.51 28.19
C THR YB 39 122.62 -64.44 26.67
N GLY YB 40 123.78 -63.94 26.23
CA GLY YB 40 124.12 -63.83 24.81
C GLY YB 40 123.95 -62.45 24.22
N ASP YB 41 124.64 -62.20 23.08
CA ASP YB 41 124.60 -60.95 22.34
C ASP YB 41 123.44 -60.98 21.35
N GLU YB 42 122.46 -60.08 21.55
CA GLU YB 42 121.25 -60.02 20.74
C GLU YB 42 120.92 -58.60 20.31
N THR YB 43 120.21 -58.46 19.18
CA THR YB 43 119.74 -57.20 18.62
C THR YB 43 118.22 -57.08 18.87
N ILE YB 44 117.81 -55.94 19.46
CA ILE YB 44 116.42 -55.65 19.82
C ILE YB 44 115.89 -54.46 19.02
N ALA YB 45 114.68 -54.60 18.45
CA ALA YB 45 114.01 -53.59 17.66
C ALA YB 45 112.64 -53.26 18.26
N GLY YB 46 112.23 -52.01 18.10
CA GLY YB 46 110.95 -51.53 18.60
C GLY YB 46 111.06 -50.61 19.81
N LYS YB 47 110.01 -49.83 20.04
CA LYS YB 47 109.92 -48.87 21.15
C LYS YB 47 109.68 -49.59 22.49
N LYS YB 48 110.75 -49.73 23.28
CA LYS YB 48 110.72 -50.40 24.59
C LYS YB 48 110.60 -49.42 25.73
N THR YB 49 109.55 -49.57 26.55
CA THR YB 49 109.26 -48.69 27.67
C THR YB 49 109.53 -49.40 28.99
N PHE YB 50 110.57 -48.95 29.70
CA PHE YB 50 110.95 -49.51 31.00
C PHE YB 50 110.36 -48.66 32.12
N THR YB 51 109.28 -49.15 32.75
CA THR YB 51 108.59 -48.45 33.84
C THR YB 51 109.38 -48.53 35.14
N GLY YB 52 110.11 -49.63 35.31
CA GLY YB 52 110.95 -49.87 36.47
C GLY YB 52 112.32 -49.23 36.35
N ASN YB 53 113.18 -49.46 37.36
CA ASN YB 53 114.54 -48.92 37.41
C ASN YB 53 115.51 -49.79 36.63
N VAL YB 54 116.35 -49.18 35.80
CA VAL YB 54 117.34 -49.86 34.95
C VAL YB 54 118.74 -49.64 35.49
N GLU YB 55 119.51 -50.71 35.60
CA GLU YB 55 120.90 -50.65 36.07
C GLU YB 55 121.84 -51.21 34.99
N VAL YB 56 122.89 -50.46 34.67
CA VAL YB 56 123.90 -50.84 33.67
C VAL YB 56 125.25 -50.97 34.39
N ASN YB 57 125.85 -52.16 34.30
CA ASN YB 57 127.14 -52.47 34.91
C ASN YB 57 128.28 -52.29 33.91
N GLY YB 58 127.97 -52.51 32.62
CA GLY YB 58 128.93 -52.36 31.54
C GLY YB 58 129.01 -50.94 31.02
N SER YB 59 129.05 -50.80 29.68
CA SER YB 59 129.15 -49.52 29.00
C SER YB 59 127.90 -49.22 28.19
N LEU YB 60 127.39 -47.99 28.29
CA LEU YB 60 126.23 -47.55 27.53
C LEU YB 60 126.71 -46.80 26.28
N THR YB 61 126.39 -47.33 25.11
CA THR YB 61 126.78 -46.75 23.82
C THR YB 61 125.62 -45.98 23.21
N LEU YB 62 125.88 -44.76 22.76
CA LEU YB 62 124.89 -43.89 22.13
C LEU YB 62 125.38 -43.46 20.75
N PRO YB 63 124.51 -43.01 19.81
CA PRO YB 63 125.00 -42.56 18.49
C PRO YB 63 126.02 -41.42 18.61
N THR YB 64 127.23 -41.62 18.05
CA THR YB 64 128.33 -40.66 18.14
C THR YB 64 128.72 -40.07 16.79
N LYS YB 65 128.87 -38.74 16.74
CA LYS YB 65 129.27 -37.99 15.56
C LYS YB 65 130.23 -36.88 15.99
N SER YB 66 131.38 -36.78 15.33
CA SER YB 66 132.40 -35.78 15.65
C SER YB 66 132.63 -34.77 14.52
N TRP YB 67 132.97 -33.53 14.91
CA TRP YB 67 133.25 -32.43 14.00
C TRP YB 67 134.21 -31.43 14.64
N SER YB 68 135.15 -30.92 13.83
CA SER YB 68 136.14 -29.93 14.25
C SER YB 68 136.45 -28.98 13.10
N GLY YB 69 136.51 -27.69 13.40
CA GLY YB 69 136.79 -26.65 12.41
C GLY YB 69 137.10 -25.30 13.03
N GLU YB 70 137.88 -24.48 12.29
CA GLU YB 70 138.28 -23.14 12.70
C GLU YB 70 137.10 -22.22 12.40
N LEU YB 71 136.38 -21.79 13.46
CA LEU YB 71 135.19 -20.94 13.38
C LEU YB 71 135.48 -19.55 12.80
N GLY YB 72 136.61 -18.97 13.20
CA GLY YB 72 137.04 -17.66 12.74
C GLY YB 72 138.10 -17.03 13.62
N GLY YB 73 139.08 -16.40 12.99
CA GLY YB 73 140.17 -15.71 13.67
C GLY YB 73 141.24 -16.60 14.29
N GLY YB 74 141.10 -17.91 14.12
CA GLY YB 74 142.03 -18.89 14.66
C GLY YB 74 141.49 -19.71 15.81
N ILE YB 75 140.17 -19.63 16.07
CA ILE YB 75 139.51 -20.38 17.14
C ILE YB 75 138.92 -21.66 16.58
N ILE YB 76 139.46 -22.81 17.01
CA ILE YB 76 139.02 -24.13 16.57
C ILE YB 76 138.14 -24.77 17.64
N LEU YB 77 136.92 -25.14 17.27
CA LEU YB 77 135.95 -25.78 18.17
C LEU YB 77 135.79 -27.25 17.80
N SER YB 78 136.01 -28.12 18.80
CA SER YB 78 135.89 -29.57 18.65
C SER YB 78 134.56 -30.02 19.28
N LEU YB 79 133.66 -30.57 18.45
CA LEU YB 79 132.35 -31.03 18.89
C LEU YB 79 132.21 -32.54 18.78
N ARG YB 80 131.51 -33.15 19.75
CA ARG YB 80 131.24 -34.58 19.79
C ARG YB 80 129.85 -34.83 20.34
N LYS YB 81 128.93 -35.25 19.46
CA LYS YB 81 127.54 -35.51 19.78
C LYS YB 81 127.34 -36.91 20.36
N LYS YB 82 126.60 -36.99 21.47
CA LYS YB 82 126.26 -38.24 22.15
C LYS YB 82 124.81 -38.23 22.59
N GLY YB 83 123.95 -38.75 21.73
CA GLY YB 83 122.51 -38.80 21.97
C GLY YB 83 121.85 -37.45 21.80
N THR YB 84 121.54 -36.81 22.94
CA THR YB 84 120.90 -35.49 22.99
C THR YB 84 121.78 -34.43 23.65
N THR YB 85 123.08 -34.74 23.83
CA THR YB 85 124.08 -33.84 24.45
C THR YB 85 125.34 -33.75 23.58
N VAL YB 86 125.78 -32.54 23.27
CA VAL YB 86 126.98 -32.30 22.46
C VAL YB 86 128.08 -31.75 23.37
N GLU YB 87 129.27 -32.41 23.34
CA GLU YB 87 130.43 -32.03 24.14
C GLU YB 87 131.31 -31.09 23.32
N TYR YB 88 131.54 -29.88 23.83
CA TYR YB 88 132.36 -28.88 23.15
C TYR YB 88 133.77 -28.76 23.72
N SER YB 89 134.74 -28.38 22.89
CA SER YB 89 136.14 -28.17 23.28
C SER YB 89 136.73 -27.01 22.48
N ILE YB 90 137.05 -25.92 23.17
CA ILE YB 90 137.63 -24.71 22.57
C ILE YB 90 139.15 -24.82 22.57
N GLY YB 91 139.75 -24.56 21.42
CA GLY YB 91 141.20 -24.60 21.25
C GLY YB 91 141.69 -23.72 20.13
N GLY YB 92 143.02 -23.67 19.98
CA GLY YB 92 143.68 -22.90 18.95
C GLY YB 92 144.42 -21.67 19.46
N GLU YB 93 144.58 -20.67 18.58
CA GLU YB 93 145.28 -19.41 18.86
C GLU YB 93 144.71 -18.31 17.98
N ILE YB 94 144.39 -17.15 18.60
CA ILE YB 94 143.85 -15.99 17.88
C ILE YB 94 144.96 -15.33 17.02
N SER YB 95 144.77 -15.37 15.70
CA SER YB 95 145.71 -14.83 14.70
C SER YB 95 145.28 -13.43 14.23
N SER YB 96 144.03 -13.30 13.75
CA SER YB 96 143.46 -12.04 13.26
C SER YB 96 142.58 -11.38 14.31
N SER YB 97 142.50 -10.04 14.28
CA SER YB 97 141.72 -9.28 15.26
C SER YB 97 140.21 -9.46 15.07
N ILE YB 98 139.55 -9.94 16.14
CA ILE YB 98 138.10 -10.20 16.17
C ILE YB 98 137.39 -9.11 16.95
N LEU YB 99 136.39 -8.48 16.31
CA LEU YB 99 135.59 -7.40 16.88
C LEU YB 99 134.62 -7.92 17.96
N ALA YB 100 134.19 -7.03 18.86
CA ALA YB 100 133.25 -7.36 19.93
C ALA YB 100 131.84 -7.50 19.34
N ASN YB 101 131.11 -8.55 19.75
CA ASN YB 101 129.76 -8.90 19.28
C ASN YB 101 129.68 -9.09 17.75
N SER YB 102 130.70 -9.75 17.18
CA SER YB 102 130.82 -10.02 15.76
C SER YB 102 130.67 -11.50 15.41
N ASN YB 103 130.22 -11.77 14.17
CA ASN YB 103 130.01 -13.13 13.66
C ASN YB 103 131.30 -13.75 13.12
N LEU YB 104 131.47 -15.07 13.36
CA LEU YB 104 132.60 -15.86 12.89
C LEU YB 104 132.15 -16.55 11.60
N VAL YB 105 132.70 -16.11 10.46
CA VAL YB 105 132.30 -16.57 9.13
C VAL YB 105 133.27 -17.51 8.38
N ASN YB 106 134.36 -17.93 9.05
CA ASN YB 106 135.35 -18.84 8.43
C ASN YB 106 134.82 -20.25 8.24
N ARG YB 107 134.16 -20.78 9.29
CA ARG YB 107 133.56 -22.12 9.29
C ARG YB 107 132.27 -22.10 10.13
N SER YB 108 131.18 -22.63 9.56
CA SER YB 108 129.87 -22.69 10.21
C SER YB 108 129.61 -24.05 10.84
N VAL YB 109 128.88 -24.07 11.97
CA VAL YB 109 128.53 -25.30 12.69
C VAL YB 109 127.45 -26.09 11.92
N PRO YB 110 127.69 -27.40 11.61
CA PRO YB 110 126.68 -28.18 10.87
C PRO YB 110 125.34 -28.27 11.60
N ASN YB 111 124.23 -28.38 10.82
CA ASN YB 111 122.86 -28.43 11.32
C ASN YB 111 122.57 -29.55 12.33
N GLU YB 112 123.27 -30.69 12.22
CA GLU YB 112 123.13 -31.84 13.11
C GLU YB 112 123.71 -31.59 14.52
N PHE YB 113 124.52 -30.52 14.67
CA PHE YB 113 125.15 -30.08 15.92
C PHE YB 113 124.47 -28.81 16.47
N CYS YB 114 123.66 -28.13 15.65
CA CYS YB 114 122.94 -26.91 16.00
C CYS YB 114 121.83 -27.14 17.03
N PRO YB 115 121.82 -26.40 18.16
CA PRO YB 115 120.74 -26.55 19.13
C PRO YB 115 119.53 -25.71 18.76
N ARG YB 116 118.36 -26.07 19.30
CA ARG YB 116 117.12 -25.34 19.05
C ARG YB 116 117.11 -24.03 19.84
N ASN YB 117 117.71 -24.05 21.05
CA ASN YB 117 117.87 -22.85 21.89
C ASN YB 117 119.33 -22.33 21.83
N ARG YB 118 119.50 -21.00 21.95
CA ARG YB 118 120.81 -20.35 21.91
C ARG YB 118 121.65 -20.69 23.14
N CYS YB 119 122.77 -21.42 22.94
CA CYS YB 119 123.65 -21.84 24.02
C CYS YB 119 124.93 -21.03 24.10
N SER YB 120 125.38 -20.73 25.32
CA SER YB 120 126.58 -19.94 25.61
C SER YB 120 127.72 -20.84 26.09
N LEU YB 121 128.88 -20.76 25.43
CA LEU YB 121 130.04 -21.57 25.80
C LEU YB 121 131.07 -20.73 26.53
N VAL YB 122 131.08 -20.82 27.86
CA VAL YB 122 132.00 -20.08 28.72
C VAL YB 122 133.42 -20.65 28.59
N GLY YB 123 134.37 -19.76 28.28
CA GLY YB 123 135.79 -20.10 28.10
C GLY YB 123 136.73 -19.19 28.87
N HIS YB 124 138.02 -19.54 28.88
CA HIS YB 124 139.09 -18.79 29.57
C HIS YB 124 140.30 -18.55 28.67
N MET YB 125 140.86 -17.34 28.76
CA MET YB 125 142.03 -16.92 27.99
C MET YB 125 143.31 -17.16 28.78
N VAL YB 126 144.27 -17.89 28.18
CA VAL YB 126 145.56 -18.22 28.79
C VAL YB 126 146.42 -16.98 28.90
N GLY YB 127 146.87 -16.68 30.11
CA GLY YB 127 147.72 -15.52 30.39
C GLY YB 127 147.24 -14.70 31.57
N GLY YB 128 145.96 -14.32 31.55
CA GLY YB 128 145.36 -13.52 32.61
C GLY YB 128 144.06 -14.08 33.15
N TRP YB 129 143.27 -13.21 33.79
CA TRP YB 129 141.95 -13.52 34.38
C TRP YB 129 140.83 -13.24 33.35
N ASN YB 130 141.17 -13.26 32.06
CA ASN YB 130 140.25 -12.96 30.97
C ASN YB 130 139.28 -14.10 30.65
N ALA YB 131 137.98 -13.77 30.49
CA ALA YB 131 136.91 -14.72 30.18
C ALA YB 131 136.14 -14.33 28.91
N PHE YB 132 135.59 -15.33 28.20
CA PHE YB 132 134.83 -15.12 26.98
C PHE YB 132 133.72 -16.17 26.81
N HIS YB 133 132.72 -15.87 25.98
CA HIS YB 133 131.65 -16.80 25.68
C HIS YB 133 131.24 -16.70 24.22
N ILE YB 134 131.02 -17.87 23.58
CA ILE YB 134 130.61 -17.93 22.17
C ILE YB 134 129.20 -18.51 22.09
N ASP YB 135 128.30 -17.79 21.43
CA ASP YB 135 126.91 -18.21 21.29
C ASP YB 135 126.68 -19.02 20.01
N ILE YB 136 125.93 -20.13 20.11
CA ILE YB 136 125.59 -20.99 18.97
C ILE YB 136 124.08 -20.88 18.68
N PRO YB 137 123.68 -20.22 17.58
CA PRO YB 137 122.24 -20.12 17.27
C PRO YB 137 121.71 -21.34 16.53
N SER YB 138 120.43 -21.29 16.12
CA SER YB 138 119.81 -22.38 15.37
C SER YB 138 120.35 -22.46 13.93
N SER YB 139 120.86 -21.32 13.41
CA SER YB 139 121.43 -21.18 12.07
C SER YB 139 122.78 -21.90 11.94
N GLY YB 140 123.70 -21.59 12.84
CA GLY YB 140 125.03 -22.17 12.87
C GLY YB 140 126.17 -21.19 12.90
N VAL YB 141 125.89 -19.91 12.57
CA VAL YB 141 126.89 -18.85 12.54
C VAL YB 141 127.18 -18.35 13.96
N CYS YB 142 128.32 -18.78 14.52
CA CYS YB 142 128.76 -18.43 15.88
C CYS YB 142 129.12 -16.97 16.02
N GLN YB 143 128.91 -16.42 17.23
CA GLN YB 143 129.20 -15.02 17.53
C GLN YB 143 130.13 -14.87 18.73
N TRP YB 144 131.16 -14.03 18.58
CA TRP YB 144 132.13 -13.73 19.64
C TRP YB 144 131.53 -12.64 20.51
N PHE YB 145 131.00 -13.03 21.68
CA PHE YB 145 130.34 -12.11 22.61
C PHE YB 145 131.28 -11.41 23.62
N GLY YB 146 132.58 -11.67 23.50
CA GLY YB 146 133.60 -11.03 24.32
C GLY YB 146 134.04 -9.70 23.73
N PRO YB 147 135.06 -9.03 24.33
CA PRO YB 147 135.52 -7.75 23.76
C PRO YB 147 136.45 -7.91 22.57
N THR YB 148 136.85 -6.80 21.93
CA THR YB 148 137.75 -6.81 20.77
C THR YB 148 139.14 -7.33 21.17
N ALA YB 149 139.54 -8.49 20.61
CA ALA YB 149 140.82 -9.15 20.88
C ALA YB 149 141.57 -9.46 19.59
N SER YB 150 142.89 -9.29 19.64
CA SER YB 150 143.82 -9.49 18.53
C SER YB 150 144.63 -10.78 18.67
N SER YB 151 145.07 -11.09 19.90
CA SER YB 151 145.90 -12.24 20.23
C SER YB 151 145.50 -12.87 21.57
N GLY YB 152 145.76 -14.17 21.69
CA GLY YB 152 145.45 -14.94 22.91
C GLY YB 152 145.14 -16.39 22.63
N THR YB 153 145.11 -17.20 23.70
CA THR YB 153 144.83 -18.64 23.61
C THR YB 153 143.43 -18.97 24.17
N PRO YB 154 142.46 -19.37 23.30
CA PRO YB 154 141.13 -19.72 23.80
C PRO YB 154 141.04 -21.18 24.27
N ARG YB 155 140.52 -21.38 25.49
CA ARG YB 155 140.36 -22.72 26.08
C ARG YB 155 139.02 -22.84 26.82
N GLY YB 156 138.45 -24.05 26.82
CA GLY YB 156 137.18 -24.34 27.46
C GLY YB 156 136.55 -25.63 27.01
N THR YB 157 136.23 -26.52 27.97
CA THR YB 157 135.63 -27.83 27.70
C THR YB 157 134.41 -28.06 28.60
N GLY YB 158 133.31 -28.50 28.01
CA GLY YB 158 132.06 -28.78 28.70
C GLY YB 158 131.03 -29.48 27.82
N THR YB 159 129.74 -29.28 28.16
CA THR YB 159 128.59 -29.87 27.46
C THR YB 159 127.50 -28.84 27.26
N TYR YB 160 126.69 -29.00 26.21
CA TYR YB 160 125.55 -28.12 25.92
C TYR YB 160 124.37 -28.90 25.33
N PRO YB 161 123.11 -28.60 25.74
CA PRO YB 161 121.96 -29.34 25.20
C PRO YB 161 121.65 -28.99 23.74
N ILE YB 162 121.01 -29.92 23.03
CA ILE YB 162 120.63 -29.76 21.63
C ILE YB 162 119.10 -29.59 21.46
N ASP YB 163 118.32 -30.14 22.40
CA ASP YB 163 116.86 -30.08 22.42
C ASP YB 163 116.31 -29.24 23.60
N SER YB 164 115.16 -28.57 23.40
CA SER YB 164 114.53 -27.74 24.43
C SER YB 164 113.01 -27.96 24.46
N ALA ZB 2 101.05 -68.39 28.87
CA ALA ZB 2 100.02 -68.81 27.93
C ALA ZB 2 98.97 -69.69 28.59
N SER ZB 3 97.70 -69.50 28.21
CA SER ZB 3 96.61 -70.30 28.77
C SER ZB 3 96.59 -71.68 28.11
N ILE ZB 4 97.03 -72.70 28.85
CA ILE ZB 4 97.11 -74.07 28.36
C ILE ZB 4 96.18 -75.03 29.09
N LYS ZB 5 95.71 -76.07 28.39
CA LYS ZB 5 94.83 -77.10 28.96
C LYS ZB 5 95.63 -78.32 29.42
N LYS ZB 6 95.11 -79.01 30.43
CA LYS ZB 6 95.74 -80.19 31.00
C LYS ZB 6 95.58 -81.41 30.09
N VAL ZB 7 96.68 -82.16 29.94
CA VAL ZB 7 96.76 -83.40 29.16
C VAL ZB 7 96.76 -84.59 30.13
N TYR ZB 8 95.81 -85.51 29.97
CA TYR ZB 8 95.66 -86.69 30.84
C TYR ZB 8 95.41 -87.96 30.06
N ARG ZB 9 95.49 -89.10 30.75
CA ARG ZB 9 95.25 -90.44 30.20
C ARG ZB 9 93.77 -90.58 29.86
N GLY ZB 10 93.49 -91.13 28.68
CA GLY ZB 10 92.13 -91.38 28.19
C GLY ZB 10 91.34 -90.11 27.92
N MET ZB 11 92.01 -89.17 27.28
CA MET ZB 11 91.46 -87.87 26.97
C MET ZB 11 90.79 -87.87 25.60
N LYS ZB 12 89.55 -87.35 25.53
CA LYS ZB 12 88.79 -87.19 24.28
C LYS ZB 12 89.40 -85.93 23.59
N ASN ZB 13 89.74 -86.02 22.28
CA ASN ZB 13 90.41 -84.91 21.55
C ASN ZB 13 91.83 -84.64 22.05
N GLY ZB 14 92.63 -85.70 22.09
CA GLY ZB 14 93.99 -85.59 22.58
C GLY ZB 14 94.87 -84.74 21.68
N ALA ZB 15 94.93 -85.10 20.41
CA ALA ZB 15 95.74 -84.42 19.40
C ALA ZB 15 95.41 -82.93 19.27
N GLU ZB 16 94.12 -82.60 19.32
CA GLU ZB 16 93.61 -81.23 19.20
C GLU ZB 16 94.08 -80.38 20.36
N THR ZB 17 94.01 -80.94 21.59
CA THR ZB 17 94.42 -80.27 22.84
C THR ZB 17 95.91 -79.93 22.81
N ILE ZB 18 96.75 -80.92 22.44
CA ILE ZB 18 98.21 -80.76 22.35
C ILE ZB 18 98.56 -79.68 21.33
N ASN ZB 19 97.96 -79.75 20.13
CA ASN ZB 19 98.20 -78.78 19.06
C ASN ZB 19 97.85 -77.38 19.48
N ASP ZB 20 96.71 -77.21 20.15
CA ASP ZB 20 96.23 -75.91 20.61
C ASP ZB 20 97.13 -75.35 21.70
N ASP ZB 21 97.69 -76.23 22.55
CA ASP ZB 21 98.60 -75.85 23.63
C ASP ZB 21 99.94 -75.40 23.06
N LEU ZB 22 100.44 -76.12 22.05
CA LEU ZB 22 101.70 -75.82 21.39
C LEU ZB 22 101.62 -74.52 20.60
N GLU ZB 23 100.48 -74.28 19.94
CA GLU ZB 23 100.25 -73.08 19.15
C GLU ZB 23 100.16 -71.85 20.03
N ALA ZB 24 99.55 -72.01 21.23
CA ALA ZB 24 99.38 -70.94 22.20
C ALA ZB 24 100.72 -70.51 22.79
N ILE ZB 25 101.60 -71.48 23.02
CA ILE ZB 25 102.95 -71.27 23.53
C ILE ZB 25 103.81 -70.62 22.46
N ASN ZB 26 103.77 -71.16 21.22
CA ASN ZB 26 104.53 -70.64 20.08
C ASN ZB 26 104.14 -69.20 19.71
N SER ZB 27 102.86 -68.83 19.92
CA SER ZB 27 102.35 -67.48 19.64
C SER ZB 27 103.00 -66.46 20.57
N GLU ZB 28 103.22 -66.86 21.85
CA GLU ZB 28 103.86 -66.03 22.86
C GLU ZB 28 105.37 -65.91 22.65
N LEU ZB 29 105.95 -66.81 21.83
CA LEU ZB 29 107.38 -66.78 21.52
C LEU ZB 29 107.73 -65.73 20.46
N THR ZB 30 106.71 -65.28 19.72
CA THR ZB 30 106.85 -64.29 18.64
C THR ZB 30 106.29 -62.92 19.03
N SER ZB 31 105.06 -62.88 19.61
CA SER ZB 31 104.40 -61.63 20.00
C SER ZB 31 103.53 -61.77 21.24
N GLY ZB 32 103.46 -60.68 22.01
CA GLY ZB 32 102.63 -60.58 23.21
C GLY ZB 32 103.12 -61.38 24.41
N GLY ZB 33 102.17 -61.81 25.24
CA GLY ZB 33 102.44 -62.57 26.45
C GLY ZB 33 103.10 -61.75 27.54
N ASN ZB 34 103.91 -62.40 28.37
CA ASN ZB 34 104.63 -61.73 29.47
C ASN ZB 34 106.13 -61.66 29.19
N VAL ZB 35 106.55 -62.19 28.04
CA VAL ZB 35 107.95 -62.21 27.63
C VAL ZB 35 108.33 -61.05 26.68
N VAL ZB 36 109.57 -60.55 26.81
CA VAL ZB 36 110.12 -59.46 25.99
C VAL ZB 36 110.65 -60.03 24.67
N HIS ZB 37 110.22 -59.44 23.54
CA HIS ZB 37 110.59 -59.88 22.19
C HIS ZB 37 111.60 -58.97 21.50
N LYS ZB 38 112.23 -59.48 20.44
CA LYS ZB 38 113.22 -58.75 19.65
C LYS ZB 38 112.56 -57.74 18.70
N THR ZB 39 111.24 -57.89 18.45
CA THR ZB 39 110.48 -56.99 17.58
C THR ZB 39 109.17 -56.58 18.22
N GLY ZB 40 108.77 -55.34 17.96
CA GLY ZB 40 107.53 -54.75 18.45
C GLY ZB 40 107.68 -53.86 19.66
N ASP ZB 41 106.71 -52.94 19.82
CA ASP ZB 41 106.65 -51.99 20.94
C ASP ZB 41 106.07 -52.69 22.17
N GLU ZB 42 106.86 -52.77 23.24
CA GLU ZB 42 106.48 -53.45 24.48
C GLU ZB 42 106.81 -52.62 25.72
N THR ZB 43 106.07 -52.86 26.82
CA THR ZB 43 106.28 -52.20 28.11
C THR ZB 43 106.84 -53.22 29.10
N ILE ZB 44 107.96 -52.87 29.74
CA ILE ZB 44 108.70 -53.71 30.69
C ILE ZB 44 108.69 -53.08 32.08
N ALA ZB 45 108.39 -53.90 33.09
CA ALA ZB 45 108.34 -53.48 34.49
C ALA ZB 45 109.27 -54.34 35.34
N GLY ZB 46 109.88 -53.73 36.34
CA GLY ZB 46 110.80 -54.40 37.24
C GLY ZB 46 112.23 -53.90 37.14
N LYS ZB 47 113.02 -54.17 38.19
CA LYS ZB 47 114.42 -53.76 38.28
C LYS ZB 47 115.29 -54.66 37.38
N LYS ZB 48 115.65 -54.14 36.20
CA LYS ZB 48 116.46 -54.85 35.21
C LYS ZB 48 117.93 -54.45 35.31
N THR ZB 49 118.80 -55.43 35.60
CA THR ZB 49 120.25 -55.21 35.76
C THR ZB 49 121.00 -55.79 34.57
N PHE ZB 50 121.63 -54.91 33.78
CA PHE ZB 50 122.42 -55.29 32.61
C PHE ZB 50 123.90 -55.37 32.97
N THR ZB 51 124.44 -56.59 33.07
CA THR ZB 51 125.84 -56.81 33.40
C THR ZB 51 126.74 -56.59 32.19
N GLY ZB 52 126.17 -56.78 31.00
CA GLY ZB 52 126.86 -56.60 29.72
C GLY ZB 52 126.89 -55.17 29.25
N ASN ZB 53 127.27 -54.98 27.96
CA ASN ZB 53 127.35 -53.66 27.36
C ASN ZB 53 126.08 -53.34 26.57
N VAL ZB 54 125.41 -52.24 26.94
CA VAL ZB 54 124.17 -51.80 26.30
C VAL ZB 54 124.49 -50.82 25.16
N GLU ZB 55 123.89 -51.05 23.99
CA GLU ZB 55 124.07 -50.19 22.82
C GLU ZB 55 122.71 -49.67 22.35
N VAL ZB 56 122.60 -48.36 22.19
CA VAL ZB 56 121.36 -47.70 21.74
C VAL ZB 56 121.63 -47.00 20.40
N ASN ZB 57 120.78 -47.29 19.40
CA ASN ZB 57 120.88 -46.71 18.06
C ASN ZB 57 119.83 -45.63 17.84
N GLY ZB 58 118.69 -45.77 18.53
CA GLY ZB 58 117.59 -44.82 18.47
C GLY ZB 58 117.76 -43.67 19.43
N SER ZB 59 116.71 -43.39 20.21
CA SER ZB 59 116.69 -42.30 21.19
C SER ZB 59 116.43 -42.80 22.60
N LEU ZB 60 117.19 -42.30 23.57
CA LEU ZB 60 117.03 -42.63 24.99
C LEU ZB 60 116.23 -41.53 25.69
N THR ZB 61 115.09 -41.93 26.29
CA THR ZB 61 114.18 -41.02 26.99
C THR ZB 61 114.24 -41.24 28.49
N LEU ZB 62 114.43 -40.16 29.23
CA LEU ZB 62 114.52 -40.16 30.70
C LEU ZB 62 113.47 -39.20 31.27
N PRO ZB 63 113.07 -39.32 32.56
CA PRO ZB 63 112.09 -38.35 33.11
C PRO ZB 63 112.58 -36.88 33.00
N THR ZB 64 111.79 -36.04 32.28
CA THR ZB 64 112.12 -34.64 32.01
C THR ZB 64 111.17 -33.66 32.71
N LYS ZB 65 111.76 -32.61 33.31
CA LYS ZB 65 111.05 -31.55 33.99
C LYS ZB 65 111.76 -30.22 33.70
N SER ZB 66 111.02 -29.21 33.25
CA SER ZB 66 111.59 -27.91 32.91
C SER ZB 66 111.15 -26.81 33.87
N TRP ZB 67 112.04 -25.83 34.09
CA TRP ZB 67 111.77 -24.68 34.98
C TRP ZB 67 112.55 -23.45 34.52
N SER ZB 68 111.93 -22.28 34.63
CA SER ZB 68 112.53 -20.99 34.26
C SER ZB 68 111.95 -19.87 35.15
N GLY ZB 69 112.83 -19.00 35.64
CA GLY ZB 69 112.44 -17.89 36.51
C GLY ZB 69 113.58 -16.95 36.83
N GLU ZB 70 113.24 -15.68 37.13
CA GLU ZB 70 114.18 -14.61 37.46
C GLU ZB 70 114.65 -14.78 38.90
N LEU ZB 71 115.90 -15.23 39.11
CA LEU ZB 71 116.49 -15.48 40.42
C LEU ZB 71 116.60 -14.23 41.29
N GLY ZB 72 117.01 -13.12 40.68
CA GLY ZB 72 117.18 -11.84 41.37
C GLY ZB 72 118.05 -10.88 40.60
N GLY ZB 73 117.62 -9.63 40.56
CA GLY ZB 73 118.33 -8.54 39.89
C GLY ZB 73 118.14 -8.47 38.39
N GLY ZB 74 117.38 -9.43 37.84
CA GLY ZB 74 117.11 -9.51 36.41
C GLY ZB 74 117.76 -10.69 35.72
N ILE ZB 75 118.33 -11.62 36.51
CA ILE ZB 75 119.01 -12.81 36.00
C ILE ZB 75 118.02 -13.98 35.94
N ILE ZB 76 117.70 -14.44 34.72
CA ILE ZB 76 116.77 -15.55 34.49
C ILE ZB 76 117.56 -16.82 34.23
N LEU ZB 77 117.29 -17.86 35.03
CA LEU ZB 77 117.94 -19.16 34.89
C LEU ZB 77 116.95 -20.19 34.33
N SER ZB 78 117.35 -20.88 33.25
CA SER ZB 78 116.54 -21.91 32.61
C SER ZB 78 117.10 -23.29 32.96
N LEU ZB 79 116.31 -24.09 33.68
CA LEU ZB 79 116.72 -25.41 34.13
C LEU ZB 79 115.88 -26.51 33.48
N ARG ZB 80 116.54 -27.62 33.12
CA ARG ZB 80 115.90 -28.81 32.54
C ARG ZB 80 116.56 -30.08 33.06
N LYS ZB 81 115.80 -30.86 33.84
CA LYS ZB 81 116.25 -32.10 34.47
C LYS ZB 81 116.15 -33.28 33.51
N LYS ZB 82 117.21 -34.08 33.42
CA LYS ZB 82 117.28 -35.29 32.60
C LYS ZB 82 117.93 -36.40 33.41
N GLY ZB 83 117.11 -37.09 34.19
CA GLY ZB 83 117.54 -38.15 35.09
C GLY ZB 83 118.24 -37.63 36.33
N THR ZB 84 119.57 -37.79 36.36
CA THR ZB 84 120.44 -37.40 37.48
C THR ZB 84 121.34 -36.17 37.13
N THR ZB 85 121.06 -35.53 35.97
CA THR ZB 85 121.80 -34.36 35.49
C THR ZB 85 120.84 -33.25 35.06
N VAL ZB 86 121.06 -32.04 35.60
CA VAL ZB 86 120.25 -30.86 35.32
C VAL ZB 86 121.03 -29.91 34.41
N GLU ZB 87 120.43 -29.52 33.28
CA GLU ZB 87 121.02 -28.62 32.29
C GLU ZB 87 120.61 -27.19 32.62
N TYR ZB 88 121.60 -26.29 32.81
CA TYR ZB 88 121.35 -24.89 33.15
C TYR ZB 88 121.61 -23.93 31.98
N SER ZB 89 120.90 -22.79 31.96
CA SER ZB 89 121.07 -21.75 30.96
C SER ZB 89 120.83 -20.38 31.59
N ILE ZB 90 121.89 -19.56 31.62
CA ILE ZB 90 121.84 -18.22 32.21
C ILE ZB 90 121.50 -17.20 31.12
N GLY ZB 91 120.55 -16.33 31.42
CA GLY ZB 91 120.10 -15.30 30.50
C GLY ZB 91 119.46 -14.10 31.20
N GLY ZB 92 119.09 -13.11 30.39
CA GLY ZB 92 118.44 -11.90 30.88
C GLY ZB 92 119.35 -10.69 30.86
N GLU ZB 93 119.07 -9.74 31.74
CA GLU ZB 93 119.81 -8.49 31.89
C GLU ZB 93 119.71 -7.98 33.32
N ILE ZB 94 120.86 -7.59 33.90
CA ILE ZB 94 120.94 -7.06 35.26
C ILE ZB 94 120.35 -5.64 35.29
N SER ZB 95 119.22 -5.48 35.98
CA SER ZB 95 118.49 -4.22 36.10
C SER ZB 95 118.83 -3.46 37.39
N SER ZB 96 118.68 -4.14 38.55
CA SER ZB 96 118.96 -3.59 39.89
C SER ZB 96 120.33 -4.03 40.39
N SER ZB 97 120.90 -3.27 41.34
CA SER ZB 97 122.21 -3.56 41.91
C SER ZB 97 122.24 -4.84 42.75
N ILE ZB 98 123.18 -5.76 42.39
CA ILE ZB 98 123.39 -7.04 43.07
C ILE ZB 98 124.71 -6.96 43.83
N LEU ZB 99 124.64 -7.04 45.18
CA LEU ZB 99 125.79 -6.95 46.07
C LEU ZB 99 126.69 -8.16 45.94
N ALA ZB 100 127.98 -8.02 46.30
CA ALA ZB 100 128.97 -9.09 46.25
C ALA ZB 100 128.71 -10.06 47.40
N ASN ZB 101 128.71 -11.37 47.09
CA ASN ZB 101 128.45 -12.47 48.03
C ASN ZB 101 127.07 -12.36 48.73
N SER ZB 102 126.04 -11.92 47.96
CA SER ZB 102 124.68 -11.73 48.44
C SER ZB 102 123.72 -12.77 47.88
N ASN ZB 103 122.62 -13.00 48.60
CA ASN ZB 103 121.58 -13.97 48.26
C ASN ZB 103 120.55 -13.38 47.30
N LEU ZB 104 120.16 -14.17 46.27
CA LEU ZB 104 119.14 -13.79 45.29
C LEU ZB 104 117.79 -14.21 45.86
N VAL ZB 105 116.96 -13.21 46.19
CA VAL ZB 105 115.69 -13.40 46.90
C VAL ZB 105 114.39 -13.34 46.08
N ASN ZB 106 114.48 -13.06 44.74
CA ASN ZB 106 113.30 -12.93 43.87
C ASN ZB 106 112.59 -14.26 43.66
N ARG ZB 107 113.33 -15.27 43.20
CA ARG ZB 107 112.80 -16.61 42.97
C ARG ZB 107 113.83 -17.65 43.40
N SER ZB 108 113.37 -18.63 44.17
CA SER ZB 108 114.21 -19.72 44.67
C SER ZB 108 114.05 -20.95 43.78
N VAL ZB 109 115.14 -21.71 43.63
CA VAL ZB 109 115.15 -22.93 42.81
C VAL ZB 109 114.33 -24.03 43.51
N PRO ZB 110 113.35 -24.67 42.82
CA PRO ZB 110 112.55 -25.74 43.44
C PRO ZB 110 113.39 -26.92 43.92
N ASN ZB 111 112.96 -27.57 45.00
CA ASN ZB 111 113.66 -28.70 45.63
C ASN ZB 111 114.00 -29.85 44.70
N GLU ZB 112 113.16 -30.10 43.68
CA GLU ZB 112 113.36 -31.18 42.69
C GLU ZB 112 114.53 -30.91 41.74
N PHE ZB 113 114.99 -29.64 41.68
CA PHE ZB 113 116.12 -29.19 40.87
C PHE ZB 113 117.36 -28.89 41.74
N CYS ZB 114 117.15 -28.83 43.08
CA CYS ZB 114 118.21 -28.56 44.05
C CYS ZB 114 119.19 -29.72 44.21
N PRO ZB 115 120.53 -29.47 44.10
CA PRO ZB 115 121.50 -30.56 44.28
C PRO ZB 115 121.82 -30.83 45.75
N ARG ZB 116 122.42 -32.02 46.04
CA ARG ZB 116 122.83 -32.43 47.39
C ARG ZB 116 124.00 -31.54 47.89
N ASN ZB 117 124.95 -31.24 46.99
CA ASN ZB 117 126.13 -30.41 47.24
C ASN ZB 117 126.04 -29.03 46.55
N ARG ZB 118 126.87 -28.06 46.98
CA ARG ZB 118 126.91 -26.71 46.42
C ARG ZB 118 127.58 -26.74 45.03
N CYS ZB 119 126.84 -26.31 43.99
CA CYS ZB 119 127.33 -26.30 42.61
C CYS ZB 119 127.56 -24.89 42.11
N SER ZB 120 128.72 -24.65 41.48
CA SER ZB 120 129.11 -23.36 40.94
C SER ZB 120 128.89 -23.30 39.43
N LEU ZB 121 128.04 -22.35 38.97
CA LEU ZB 121 127.76 -22.23 37.55
C LEU ZB 121 128.51 -21.03 36.97
N VAL ZB 122 129.62 -21.31 36.28
CA VAL ZB 122 130.47 -20.28 35.68
C VAL ZB 122 129.79 -19.64 34.46
N GLY ZB 123 129.77 -18.30 34.44
CA GLY ZB 123 129.19 -17.50 33.38
C GLY ZB 123 130.12 -16.40 32.89
N HIS ZB 124 129.73 -15.72 31.80
CA HIS ZB 124 130.50 -14.62 31.20
C HIS ZB 124 129.62 -13.41 30.88
N MET ZB 125 130.13 -12.23 31.19
CA MET ZB 125 129.46 -10.94 30.97
C MET ZB 125 129.76 -10.41 29.57
N VAL ZB 126 128.71 -10.06 28.82
CA VAL ZB 126 128.81 -9.55 27.45
C VAL ZB 126 129.45 -8.16 27.44
N GLY ZB 127 130.53 -8.02 26.68
CA GLY ZB 127 131.22 -6.74 26.55
C GLY ZB 127 132.67 -6.69 27.01
N GLY ZB 128 132.98 -7.47 28.05
CA GLY ZB 128 134.34 -7.50 28.59
C GLY ZB 128 134.85 -8.89 28.93
N TRP ZB 129 135.98 -8.94 29.64
CA TRP ZB 129 136.64 -10.17 30.10
C TRP ZB 129 136.14 -10.53 31.51
N ASN ZB 130 134.86 -10.22 31.79
CA ASN ZB 130 134.25 -10.42 33.10
C ASN ZB 130 133.59 -11.81 33.25
N ALA ZB 131 133.86 -12.46 34.41
CA ALA ZB 131 133.32 -13.78 34.74
C ALA ZB 131 132.58 -13.76 36.07
N PHE ZB 132 131.63 -14.69 36.25
CA PHE ZB 132 130.83 -14.80 37.47
C PHE ZB 132 130.38 -16.25 37.72
N HIS ZB 133 130.09 -16.57 38.98
CA HIS ZB 133 129.59 -17.89 39.35
C HIS ZB 133 128.46 -17.77 40.37
N ILE ZB 134 127.43 -18.60 40.20
CA ILE ZB 134 126.25 -18.63 41.10
C ILE ZB 134 126.21 -19.97 41.82
N ASP ZB 135 126.18 -19.93 43.15
CA ASP ZB 135 126.15 -21.14 43.98
C ASP ZB 135 124.71 -21.52 44.33
N ILE ZB 136 124.38 -22.81 44.14
CA ILE ZB 136 123.03 -23.33 44.43
C ILE ZB 136 123.12 -24.37 45.55
N PRO ZB 137 122.56 -24.08 46.75
CA PRO ZB 137 122.60 -25.06 47.83
C PRO ZB 137 121.40 -26.00 47.82
N SER ZB 138 121.22 -26.78 48.89
CA SER ZB 138 120.09 -27.71 49.02
C SER ZB 138 118.79 -26.97 49.33
N SER ZB 139 118.89 -25.74 49.85
CA SER ZB 139 117.74 -24.89 50.19
C SER ZB 139 117.05 -24.33 48.95
N GLY ZB 140 117.84 -23.76 48.02
CA GLY ZB 140 117.32 -23.20 46.79
C GLY ZB 140 117.65 -21.73 46.59
N VAL ZB 141 118.05 -21.04 47.68
CA VAL ZB 141 118.39 -19.61 47.65
C VAL ZB 141 119.78 -19.45 47.01
N CYS ZB 142 119.81 -18.98 45.76
CA CYS ZB 142 121.03 -18.77 44.99
C CYS ZB 142 121.85 -17.61 45.54
N GLN ZB 143 123.17 -17.65 45.32
CA GLN ZB 143 124.08 -16.61 45.77
C GLN ZB 143 124.99 -16.11 44.65
N TRP ZB 144 124.99 -14.80 44.45
CA TRP ZB 144 125.85 -14.14 43.45
C TRP ZB 144 127.22 -13.94 44.09
N PHE ZB 145 128.22 -14.72 43.64
CA PHE ZB 145 129.58 -14.66 44.19
C PHE ZB 145 130.55 -13.73 43.43
N GLY ZB 146 130.02 -12.98 42.47
CA GLY ZB 146 130.80 -12.01 41.72
C GLY ZB 146 130.87 -10.66 42.43
N PRO ZB 147 131.43 -9.62 41.80
CA PRO ZB 147 131.49 -8.30 42.46
C PRO ZB 147 130.16 -7.58 42.43
N THR ZB 148 130.07 -6.44 43.11
CA THR ZB 148 128.84 -5.63 43.15
C THR ZB 148 128.55 -5.06 41.75
N ALA ZB 149 127.56 -5.64 41.04
CA ALA ZB 149 127.19 -5.22 39.70
C ALA ZB 149 125.77 -4.69 39.64
N SER ZB 150 125.52 -3.65 38.82
CA SER ZB 150 124.21 -3.03 38.64
C SER ZB 150 123.69 -3.20 37.22
N SER ZB 151 124.60 -3.36 36.25
CA SER ZB 151 124.27 -3.51 34.83
C SER ZB 151 125.18 -4.51 34.14
N GLY ZB 152 124.64 -5.19 33.12
CA GLY ZB 152 125.38 -6.16 32.33
C GLY ZB 152 124.53 -7.32 31.85
N THR ZB 153 125.02 -8.05 30.84
CA THR ZB 153 124.31 -9.20 30.28
C THR ZB 153 124.91 -10.54 30.76
N PRO ZB 154 124.17 -11.31 31.60
CA PRO ZB 154 124.69 -12.60 32.06
C PRO ZB 154 124.38 -13.74 31.08
N ARG ZB 155 125.40 -14.54 30.75
CA ARG ZB 155 125.25 -15.67 29.83
C ARG ZB 155 126.07 -16.87 30.33
N GLY ZB 156 125.58 -18.07 30.02
CA GLY ZB 156 126.25 -19.32 30.41
C GLY ZB 156 125.35 -20.53 30.30
N THR ZB 157 125.86 -21.57 29.61
CA THR ZB 157 125.12 -22.83 29.40
C THR ZB 157 126.01 -24.03 29.67
N GLY ZB 158 125.47 -25.00 30.41
CA GLY ZB 158 126.16 -26.23 30.78
C GLY ZB 158 125.29 -27.23 31.49
N THR ZB 159 125.94 -28.09 32.31
CA THR ZB 159 125.30 -29.14 33.11
C THR ZB 159 125.89 -29.19 34.50
N TYR ZB 160 125.08 -29.61 35.47
CA TYR ZB 160 125.51 -29.76 36.85
C TYR ZB 160 124.88 -30.97 37.52
N PRO ZB 161 125.63 -31.74 38.35
CA PRO ZB 161 125.04 -32.91 39.01
C PRO ZB 161 124.04 -32.55 40.11
N ILE ZB 162 123.09 -33.46 40.38
CA ILE ZB 162 122.06 -33.27 41.40
C ILE ZB 162 122.33 -34.16 42.66
N ASP ZB 163 123.02 -35.30 42.46
CA ASP ZB 163 123.37 -36.27 43.49
C ASP ZB 163 124.87 -36.29 43.77
#